data_4Y5Z
#
_entry.id   4Y5Z
#
_cell.length_a   186.480
_cell.length_b   187.420
_cell.length_c   187.930
_cell.angle_alpha   61.090
_cell.angle_beta   89.240
_cell.angle_gamma   60.200
#
_symmetry.space_group_name_H-M   'P 1'
#
loop_
_entity.id
_entity.type
_entity.pdbx_description
1 polymer 'Immunoglobulin G-binding protein A,Coat protein'
2 non-polymer 'SULFATE ION'
3 water water
#
_entity_poly.entity_id   1
_entity_poly.type   'polypeptide(L)'
_entity_poly.pdbx_seq_one_letter_code
;MRGSHHHHHHGMASMDNKFNKEQQNAFYEILNMPNLNEEQRNGFIQSLKDDPSQSANLLSEAKKLNESQAPKEGSELEMA
VSSSRGGITVLTHSELSAEIGVTDSIVVSSELVMPYTVGTWLRGVAANWSKYSWLSVRYTYIPSCPSSTAGSIHMGFQYD
MADTVPVSVNQLSNLRGYVSGQVWSGSAGLCFINGTRCSDTSTAISTTLDVSKLGKKWYPYKTSADYATAVGVDVNIATP
LVPARLVIALLDGSSSTAVAAGRIYCTYTIQMIEPTASALNN
;
_entity_poly.pdbx_strand_id   A,B,C,D,E,F,G,H,I,J,K,L,M,N,O,P,Q,R,S,T,U,V,W,X,Y,Z,a,c,e,g,i,k,m,o,q,r,s,t,u,v,w,x,y,z,0,1,2,3,4,5,6,7,b,d,f,h,j,l,n,p
#
# COMPACT_ATOMS: atom_id res chain seq x y z
N GLY A 86 41.88 -25.86 32.62
CA GLY A 86 42.47 -24.74 33.34
C GLY A 86 43.46 -25.16 34.42
N GLY A 87 43.05 -26.05 35.32
CA GLY A 87 43.91 -26.50 36.39
C GLY A 87 43.55 -25.96 37.76
N ILE A 88 42.55 -25.08 37.82
CA ILE A 88 42.13 -24.45 39.08
C ILE A 88 41.05 -25.20 39.89
N THR A 89 41.40 -25.60 41.12
CA THR A 89 40.43 -26.15 42.07
C THR A 89 39.89 -25.05 42.99
N VAL A 90 38.60 -24.75 42.87
CA VAL A 90 37.97 -23.70 43.66
C VAL A 90 37.31 -24.23 44.92
N LEU A 91 37.59 -23.58 46.04
CA LEU A 91 37.09 -24.00 47.34
C LEU A 91 36.48 -22.88 48.17
N THR A 92 35.28 -23.14 48.69
CA THR A 92 34.60 -22.24 49.60
C THR A 92 34.34 -22.98 50.92
N HIS A 93 34.75 -22.39 52.03
CA HIS A 93 34.67 -23.04 53.35
C HIS A 93 34.76 -22.00 54.48
N SER A 94 34.21 -22.37 55.63
CA SER A 94 34.33 -21.59 56.86
C SER A 94 34.97 -22.48 57.91
N GLU A 95 35.88 -21.95 58.71
CA GLU A 95 36.40 -22.75 59.83
C GLU A 95 36.93 -21.90 60.97
N LEU A 96 37.09 -22.50 62.15
CA LEU A 96 37.61 -21.77 63.28
C LEU A 96 39.04 -21.33 62.96
N SER A 97 39.32 -20.05 63.23
CA SER A 97 40.59 -19.43 62.91
C SER A 97 41.31 -18.85 64.12
N ALA A 98 40.56 -18.54 65.17
CA ALA A 98 41.16 -17.95 66.37
C ALA A 98 40.18 -17.99 67.53
N GLU A 99 40.70 -18.22 68.74
CA GLU A 99 39.92 -18.11 69.98
C GLU A 99 40.34 -16.85 70.75
N ILE A 100 39.36 -16.15 71.32
CA ILE A 100 39.53 -14.78 71.80
C ILE A 100 39.14 -14.57 73.27
N GLY A 101 40.01 -13.93 74.03
CA GLY A 101 39.74 -13.63 75.43
C GLY A 101 40.02 -12.17 75.67
N VAL A 102 39.33 -11.55 76.63
CA VAL A 102 39.46 -10.11 76.76
C VAL A 102 40.01 -9.69 78.13
N THR A 103 40.86 -8.67 78.14
CA THR A 103 41.44 -8.12 79.37
C THR A 103 41.23 -6.62 79.56
N ASP A 104 41.70 -6.08 80.68
CA ASP A 104 41.51 -4.68 81.00
C ASP A 104 42.62 -3.80 80.42
N SER A 105 43.60 -4.44 79.79
CA SER A 105 44.66 -3.74 79.06
C SER A 105 44.68 -4.28 77.63
N ILE A 106 45.07 -3.43 76.69
CA ILE A 106 45.03 -3.79 75.28
C ILE A 106 45.98 -4.96 75.02
N VAL A 107 45.50 -5.96 74.28
CA VAL A 107 46.39 -7.03 73.81
C VAL A 107 46.23 -7.17 72.30
N VAL A 108 47.31 -6.93 71.57
CA VAL A 108 47.25 -6.94 70.13
C VAL A 108 47.89 -8.19 69.51
N SER A 109 47.08 -8.94 68.77
CA SER A 109 47.56 -10.12 68.07
C SER A 109 47.33 -10.01 66.56
N SER A 110 47.87 -10.95 65.80
CA SER A 110 47.71 -10.91 64.36
C SER A 110 47.67 -12.30 63.74
N GLU A 111 47.23 -12.36 62.49
CA GLU A 111 47.20 -13.60 61.73
C GLU A 111 47.55 -13.32 60.27
N LEU A 112 48.50 -14.06 59.73
CA LEU A 112 48.83 -13.88 58.34
C LEU A 112 47.66 -14.41 57.53
N VAL A 113 47.24 -13.65 56.53
CA VAL A 113 46.17 -14.11 55.65
C VAL A 113 46.77 -14.97 54.55
N MET A 114 47.12 -16.20 54.93
CA MET A 114 47.64 -17.21 54.02
C MET A 114 47.14 -18.54 54.55
N PRO A 115 46.86 -19.50 53.62
CA PRO A 115 46.17 -20.75 53.97
C PRO A 115 46.73 -21.43 55.23
N TYR A 116 48.04 -21.49 55.36
CA TYR A 116 48.67 -22.16 56.49
C TYR A 116 48.19 -21.63 57.83
N THR A 117 47.83 -20.35 57.87
CA THR A 117 47.56 -19.74 59.15
C THR A 117 46.13 -19.31 59.34
N VAL A 118 45.27 -19.56 58.35
CA VAL A 118 43.88 -19.15 58.56
C VAL A 118 43.20 -20.21 59.41
N GLY A 119 43.55 -21.48 59.24
CA GLY A 119 42.85 -22.54 59.95
C GLY A 119 43.50 -23.90 59.74
N THR A 120 43.31 -24.82 60.68
CA THR A 120 44.03 -26.08 60.58
C THR A 120 43.56 -26.91 59.37
N TRP A 121 42.27 -26.90 59.08
CA TRP A 121 41.78 -27.68 57.98
C TRP A 121 42.34 -27.19 56.64
N LEU A 122 42.20 -25.89 56.35
CA LEU A 122 42.71 -25.34 55.09
C LEU A 122 44.20 -25.54 54.96
N ARG A 123 44.87 -25.46 56.11
CA ARG A 123 46.30 -25.67 56.15
C ARG A 123 46.59 -27.00 55.49
N GLY A 124 45.86 -28.03 55.90
CA GLY A 124 46.05 -29.35 55.33
C GLY A 124 45.66 -29.48 53.87
N VAL A 125 44.54 -28.88 53.51
CA VAL A 125 44.01 -28.99 52.16
C VAL A 125 44.95 -28.32 51.14
N ALA A 126 45.24 -27.05 51.36
CA ALA A 126 45.99 -26.24 50.39
C ALA A 126 47.47 -26.61 50.26
N ALA A 127 47.98 -27.38 51.22
CA ALA A 127 49.37 -27.81 51.21
C ALA A 127 49.64 -28.70 49.98
N ASN A 128 48.57 -29.30 49.45
CA ASN A 128 48.64 -30.17 48.28
C ASN A 128 48.82 -29.37 46.98
N TRP A 129 48.77 -28.05 47.07
CA TRP A 129 49.02 -27.21 45.90
C TRP A 129 50.20 -26.26 46.15
N SER A 130 50.84 -25.79 45.08
CA SER A 130 52.03 -24.94 45.22
C SER A 130 51.68 -23.45 45.30
N LYS A 131 50.68 -23.06 44.53
CA LYS A 131 50.26 -21.68 44.50
C LYS A 131 48.75 -21.64 44.77
N TYR A 132 48.28 -20.47 45.19
CA TYR A 132 46.86 -20.21 45.38
C TYR A 132 46.53 -18.75 45.05
N SER A 133 45.23 -18.46 44.97
CA SER A 133 44.71 -17.10 44.79
C SER A 133 43.48 -16.86 45.63
N TRP A 134 43.46 -15.78 46.41
CA TRP A 134 42.23 -15.43 47.14
C TRP A 134 41.21 -14.79 46.21
N LEU A 135 40.02 -15.40 46.12
CA LEU A 135 38.92 -14.79 45.40
C LEU A 135 38.08 -13.99 46.40
N SER A 136 38.06 -14.47 47.66
CA SER A 136 37.42 -13.77 48.79
C SER A 136 37.91 -14.27 50.13
N VAL A 137 38.16 -13.36 51.08
CA VAL A 137 38.47 -13.77 52.46
C VAL A 137 37.75 -12.86 53.44
N ARG A 138 36.96 -13.46 54.34
CA ARG A 138 36.21 -12.72 55.38
C ARG A 138 36.50 -13.24 56.79
N TYR A 139 36.85 -12.34 57.71
CA TYR A 139 37.05 -12.70 59.11
C TYR A 139 35.90 -12.24 59.98
N THR A 140 35.30 -13.15 60.72
CA THR A 140 34.12 -12.82 61.51
C THR A 140 34.23 -13.26 62.99
N TYR A 141 34.05 -12.31 63.88
CA TYR A 141 34.07 -12.58 65.30
C TYR A 141 32.66 -12.93 65.72
N ILE A 142 32.51 -14.07 66.39
CA ILE A 142 31.22 -14.44 66.98
C ILE A 142 31.35 -14.51 68.48
N PRO A 143 30.48 -13.81 69.22
CA PRO A 143 30.56 -13.81 70.69
C PRO A 143 30.10 -15.11 71.30
N SER A 144 30.55 -15.39 72.52
CA SER A 144 30.15 -16.58 73.26
C SER A 144 30.01 -16.32 74.76
N CYS A 145 29.84 -15.05 75.11
CA CYS A 145 29.81 -14.57 76.50
C CYS A 145 28.45 -13.94 76.87
N PRO A 146 28.22 -13.67 78.16
CA PRO A 146 27.04 -12.89 78.55
C PRO A 146 27.02 -11.48 77.94
N SER A 147 25.84 -10.86 77.83
CA SER A 147 25.75 -9.49 77.30
C SER A 147 26.31 -8.48 78.30
N SER A 148 26.58 -8.97 79.52
CA SER A 148 27.06 -8.14 80.61
C SER A 148 28.59 -8.16 80.69
N THR A 149 29.20 -8.77 79.68
CA THR A 149 30.65 -8.90 79.60
C THR A 149 31.35 -7.60 79.20
N ALA A 150 32.27 -7.13 80.02
CA ALA A 150 33.06 -5.95 79.66
C ALA A 150 34.13 -6.32 78.64
N GLY A 151 34.37 -5.41 77.70
CA GLY A 151 35.34 -5.64 76.67
C GLY A 151 34.91 -5.21 75.28
N SER A 152 35.87 -5.01 74.39
CA SER A 152 35.59 -4.80 72.97
C SER A 152 36.64 -5.50 72.08
N ILE A 153 36.26 -5.81 70.85
CA ILE A 153 37.19 -6.39 69.89
C ILE A 153 37.36 -5.46 68.68
N HIS A 154 38.57 -5.41 68.13
CA HIS A 154 38.89 -4.55 66.99
C HIS A 154 39.69 -5.34 65.98
N MET A 155 39.39 -5.20 64.69
CA MET A 155 40.10 -5.95 63.63
C MET A 155 40.40 -5.07 62.40
N GLY A 156 41.56 -5.30 61.77
CA GLY A 156 41.89 -4.59 60.55
C GLY A 156 43.01 -5.29 59.77
N PHE A 157 43.22 -4.86 58.52
CA PHE A 157 44.25 -5.48 57.66
C PHE A 157 45.48 -4.59 57.45
N GLN A 158 46.66 -5.20 57.50
CA GLN A 158 47.88 -4.53 57.04
C GLN A 158 48.29 -5.23 55.74
N TYR A 159 48.71 -4.49 54.72
CA TYR A 159 49.01 -5.12 53.44
C TYR A 159 50.50 -5.07 53.08
N ASP A 160 51.29 -4.53 54.00
CA ASP A 160 52.73 -4.53 53.83
C ASP A 160 53.29 -5.13 55.10
N MET A 161 54.00 -6.24 54.95
CA MET A 161 54.51 -6.99 56.08
C MET A 161 55.52 -6.18 56.91
N ALA A 162 56.11 -5.16 56.30
CA ALA A 162 57.09 -4.34 56.98
C ALA A 162 56.39 -3.34 57.93
N ASP A 163 55.10 -3.12 57.72
CA ASP A 163 54.31 -2.30 58.64
C ASP A 163 54.46 -2.91 60.02
N THR A 164 54.71 -2.08 61.04
CA THR A 164 54.77 -2.57 62.43
C THR A 164 53.36 -2.75 62.98
N VAL A 165 53.19 -3.77 63.82
CA VAL A 165 51.88 -4.01 64.42
C VAL A 165 51.47 -2.83 65.32
N PRO A 166 50.22 -2.36 65.12
CA PRO A 166 49.67 -1.24 65.86
C PRO A 166 49.70 -1.46 67.36
N VAL A 167 49.65 -0.35 68.10
CA VAL A 167 49.76 -0.41 69.55
C VAL A 167 48.55 0.21 70.22
N SER A 168 47.78 0.97 69.44
CA SER A 168 46.59 1.64 69.95
C SER A 168 45.36 1.46 69.05
N VAL A 169 44.20 1.51 69.67
CA VAL A 169 42.94 1.45 68.95
C VAL A 169 42.91 2.57 67.91
N ASN A 170 43.46 3.73 68.29
CA ASN A 170 43.54 4.89 67.39
C ASN A 170 44.25 4.58 66.08
N GLN A 171 45.40 3.94 66.18
CA GLN A 171 46.11 3.44 65.02
C GLN A 171 45.30 2.42 64.23
N LEU A 172 44.76 1.41 64.91
CA LEU A 172 44.03 0.33 64.25
C LEU A 172 42.90 0.87 63.38
N SER A 173 42.21 1.87 63.91
CA SER A 173 41.01 2.41 63.27
C SER A 173 41.25 2.96 61.89
N ASN A 174 42.52 3.22 61.58
CA ASN A 174 42.86 3.81 60.29
C ASN A 174 43.03 2.77 59.20
N LEU A 175 43.14 1.50 59.59
CA LEU A 175 43.32 0.41 58.61
C LEU A 175 42.10 0.10 57.73
N ARG A 176 42.38 -0.30 56.50
CA ARG A 176 41.41 -0.89 55.59
C ARG A 176 40.69 -2.05 56.26
N GLY A 177 39.36 -1.97 56.26
CA GLY A 177 38.54 -3.06 56.75
C GLY A 177 38.42 -3.05 58.25
N TYR A 178 38.76 -1.92 58.88
CA TYR A 178 38.64 -1.79 60.32
C TYR A 178 37.19 -1.90 60.78
N VAL A 179 36.96 -2.78 61.74
CA VAL A 179 35.67 -2.94 62.36
C VAL A 179 35.84 -3.10 63.88
N SER A 180 34.79 -2.86 64.64
CA SER A 180 34.88 -2.88 66.12
C SER A 180 33.54 -3.10 66.80
N GLY A 181 33.57 -3.82 67.93
CA GLY A 181 32.37 -4.04 68.71
C GLY A 181 32.57 -4.68 70.07
N GLN A 182 31.49 -4.66 70.86
CA GLN A 182 31.49 -5.31 72.15
C GLN A 182 31.83 -6.78 72.01
N VAL A 183 32.54 -7.32 72.99
CA VAL A 183 32.97 -8.71 72.92
C VAL A 183 31.74 -9.59 73.06
N TRP A 184 30.58 -9.00 73.37
CA TRP A 184 29.33 -9.76 73.43
C TRP A 184 28.39 -9.49 72.24
N SER A 185 28.75 -8.60 71.32
CA SER A 185 28.01 -8.42 70.05
C SER A 185 28.66 -9.21 68.93
N GLY A 186 28.00 -9.23 67.78
CA GLY A 186 28.56 -9.79 66.57
C GLY A 186 27.81 -11.00 66.04
N SER A 187 26.81 -11.44 66.80
CA SER A 187 26.02 -12.62 66.46
C SER A 187 25.53 -12.57 65.01
N ALA A 188 25.16 -11.39 64.53
CA ALA A 188 24.60 -11.27 63.18
C ALA A 188 25.60 -11.61 62.08
N GLY A 189 26.84 -11.85 62.44
CA GLY A 189 27.85 -12.21 61.46
C GLY A 189 27.73 -13.65 61.06
N LEU A 190 26.92 -14.39 61.83
CA LEU A 190 26.78 -15.84 61.66
C LEU A 190 26.30 -16.23 60.27
N CYS A 191 25.41 -15.45 59.68
CA CYS A 191 24.89 -15.78 58.36
C CYS A 191 26.01 -15.82 57.31
N PHE A 192 27.10 -15.12 57.56
CA PHE A 192 28.25 -15.18 56.65
C PHE A 192 28.91 -16.57 56.66
N ILE A 193 28.87 -17.20 57.83
CA ILE A 193 29.62 -18.42 58.09
C ILE A 193 29.01 -19.66 57.49
N ASN A 194 27.68 -19.77 57.56
CA ASN A 194 26.99 -20.92 57.00
C ASN A 194 26.49 -20.53 55.62
N GLY A 195 26.96 -19.37 55.16
CA GLY A 195 26.70 -18.89 53.80
C GLY A 195 25.24 -18.72 53.46
N THR A 196 24.41 -18.37 54.44
CA THR A 196 22.98 -18.27 54.17
C THR A 196 22.60 -16.82 53.79
N ARG A 197 21.30 -16.57 53.62
CA ARG A 197 20.82 -15.24 53.26
C ARG A 197 21.19 -14.19 54.30
N CYS A 198 21.96 -13.20 53.89
CA CYS A 198 22.30 -12.12 54.82
C CYS A 198 21.48 -10.85 54.57
N SER A 199 20.83 -10.36 55.63
CA SER A 199 20.01 -9.15 55.54
C SER A 199 20.48 -8.11 56.56
N ASP A 200 20.08 -8.29 57.83
CA ASP A 200 20.45 -7.35 58.89
C ASP A 200 21.86 -7.58 59.44
N THR A 201 22.87 -7.28 58.64
CA THR A 201 24.24 -7.58 59.03
C THR A 201 25.00 -6.36 59.54
N SER A 202 24.30 -5.28 59.86
CA SER A 202 24.97 -4.04 60.25
C SER A 202 25.76 -4.15 61.53
N THR A 203 25.34 -5.07 62.41
CA THR A 203 26.00 -5.27 63.69
C THR A 203 27.12 -6.29 63.60
N ALA A 204 27.28 -6.86 62.42
CA ALA A 204 28.27 -7.89 62.21
C ALA A 204 29.68 -7.32 62.41
N ILE A 205 30.46 -7.99 63.24
CA ILE A 205 31.86 -7.66 63.41
C ILE A 205 32.63 -8.49 62.39
N SER A 206 32.49 -8.08 61.14
CA SER A 206 32.99 -8.83 60.00
C SER A 206 33.80 -7.95 59.07
N THR A 207 34.87 -8.49 58.52
CA THR A 207 35.65 -7.71 57.59
C THR A 207 36.25 -8.59 56.49
N THR A 208 36.50 -7.98 55.33
CA THR A 208 36.93 -8.74 54.16
C THR A 208 38.22 -8.18 53.55
N LEU A 209 39.00 -9.07 52.95
CA LEU A 209 40.27 -8.72 52.36
C LEU A 209 40.10 -8.00 51.01
N ASP A 210 40.91 -6.98 50.73
CA ASP A 210 40.86 -6.37 49.40
C ASP A 210 41.61 -7.26 48.46
N VAL A 211 40.98 -8.30 47.95
CA VAL A 211 41.70 -9.22 47.08
C VAL A 211 42.15 -8.45 45.84
N SER A 212 41.35 -7.47 45.45
CA SER A 212 41.62 -6.63 44.28
C SER A 212 42.88 -5.76 44.38
N LYS A 213 43.40 -5.60 45.59
CA LYS A 213 44.48 -4.65 45.81
C LYS A 213 45.75 -5.32 46.30
N LEU A 214 45.77 -6.65 46.22
CA LEU A 214 46.92 -7.43 46.66
C LEU A 214 48.06 -7.19 45.68
N GLY A 215 49.31 -7.40 46.11
CA GLY A 215 50.46 -7.18 45.24
C GLY A 215 50.40 -7.93 43.89
N LYS A 216 50.17 -9.24 43.99
CA LYS A 216 50.03 -10.11 42.82
C LYS A 216 48.72 -10.93 42.93
N LYS A 217 48.45 -11.83 41.98
CA LYS A 217 47.23 -12.67 42.05
C LYS A 217 47.53 -14.00 42.66
N TRP A 218 48.60 -14.61 42.18
CA TRP A 218 48.98 -15.94 42.61
C TRP A 218 50.09 -15.93 43.63
N TYR A 219 49.79 -16.36 44.84
CA TYR A 219 50.83 -16.41 45.86
C TYR A 219 51.28 -17.85 46.02
N PRO A 220 52.52 -18.05 46.46
CA PRO A 220 52.97 -19.40 46.82
C PRO A 220 52.41 -19.84 48.16
N TYR A 221 52.07 -21.11 48.33
CA TYR A 221 51.73 -21.64 49.65
C TYR A 221 52.99 -21.57 50.51
N LYS A 222 52.90 -20.93 51.67
CA LYS A 222 54.05 -20.83 52.56
C LYS A 222 53.68 -21.21 53.99
N THR A 223 54.66 -21.69 54.76
CA THR A 223 54.43 -21.95 56.17
C THR A 223 54.90 -20.81 57.06
N SER A 224 54.58 -20.91 58.35
CA SER A 224 55.08 -19.95 59.32
C SER A 224 56.61 -19.94 59.40
N ALA A 225 57.21 -21.13 59.34
CA ALA A 225 58.66 -21.24 59.32
C ALA A 225 59.21 -20.44 58.15
N ASP A 226 58.63 -20.64 56.96
CA ASP A 226 59.04 -19.93 55.75
C ASP A 226 58.96 -18.44 56.00
N TYR A 227 57.91 -18.02 56.71
CA TYR A 227 57.71 -16.62 56.98
C TYR A 227 58.84 -16.08 57.85
N ALA A 228 59.08 -16.76 58.96
CA ALA A 228 60.09 -16.36 59.94
C ALA A 228 61.47 -16.27 59.30
N THR A 229 61.82 -17.32 58.56
CA THR A 229 63.10 -17.38 57.88
C THR A 229 63.24 -16.22 56.90
N ALA A 230 62.22 -15.99 56.10
CA ALA A 230 62.25 -14.90 55.13
C ALA A 230 62.44 -13.55 55.84
N VAL A 231 61.68 -13.34 56.92
CA VAL A 231 61.74 -12.08 57.64
C VAL A 231 63.05 -11.89 58.40
N GLY A 232 63.68 -13.01 58.78
CA GLY A 232 64.96 -13.00 59.48
C GLY A 232 66.08 -12.44 58.62
N VAL A 233 65.98 -12.71 57.32
CA VAL A 233 66.94 -12.23 56.34
C VAL A 233 66.64 -10.76 56.01
N ASP A 234 65.37 -10.49 55.68
CA ASP A 234 64.90 -9.14 55.41
C ASP A 234 63.38 -9.16 55.38
N VAL A 235 62.74 -8.32 56.18
CA VAL A 235 61.30 -8.36 56.28
C VAL A 235 60.62 -8.12 54.91
N ASN A 236 61.31 -7.43 54.01
CA ASN A 236 60.73 -7.10 52.70
C ASN A 236 60.64 -8.29 51.73
N ILE A 237 61.37 -9.37 52.01
CA ILE A 237 61.29 -10.62 51.24
C ILE A 237 59.89 -11.22 51.34
N ALA A 238 59.19 -10.88 52.42
CA ALA A 238 57.85 -11.41 52.70
C ALA A 238 56.77 -10.86 51.79
N THR A 239 57.00 -9.68 51.22
CA THR A 239 55.99 -9.01 50.40
C THR A 239 55.48 -9.87 49.24
N PRO A 240 56.38 -10.60 48.54
CA PRO A 240 55.72 -11.46 47.56
C PRO A 240 55.15 -12.77 48.12
N LEU A 241 55.31 -13.04 49.41
CA LEU A 241 54.91 -14.33 49.94
C LEU A 241 53.61 -14.32 50.72
N VAL A 242 53.27 -13.19 51.35
CA VAL A 242 52.04 -13.08 52.12
C VAL A 242 51.16 -11.95 51.58
N PRO A 243 49.89 -12.25 51.26
CA PRO A 243 49.05 -11.17 50.71
C PRO A 243 48.70 -10.10 51.75
N ALA A 244 48.53 -10.50 53.01
CA ALA A 244 48.16 -9.54 54.04
C ALA A 244 48.31 -10.13 55.43
N ARG A 245 48.16 -9.27 56.44
CA ARG A 245 48.12 -9.64 57.85
C ARG A 245 46.87 -9.11 58.50
N LEU A 246 46.22 -9.94 59.31
CA LEU A 246 45.03 -9.55 60.04
C LEU A 246 45.44 -9.02 61.38
N VAL A 247 45.01 -7.83 61.75
CA VAL A 247 45.40 -7.32 63.05
C VAL A 247 44.21 -7.36 63.99
N ILE A 248 44.42 -7.83 65.23
CA ILE A 248 43.35 -7.99 66.21
C ILE A 248 43.72 -7.34 67.54
N ALA A 249 42.84 -6.50 68.07
CA ALA A 249 43.05 -5.93 69.40
C ALA A 249 41.86 -6.14 70.36
N LEU A 250 42.16 -6.48 71.60
CA LEU A 250 41.16 -6.58 72.65
C LEU A 250 41.49 -5.80 73.88
N LEU A 251 40.52 -5.08 74.40
CA LEU A 251 40.74 -4.28 75.58
C LEU A 251 39.43 -4.01 76.28
N ASP A 252 39.48 -3.13 77.26
CA ASP A 252 38.27 -2.68 77.92
C ASP A 252 37.60 -3.78 78.73
N GLY A 253 38.31 -4.87 79.03
CA GLY A 253 37.76 -5.96 79.84
C GLY A 253 37.74 -5.58 81.31
N SER A 254 37.12 -6.37 82.17
CA SER A 254 37.01 -5.98 83.59
C SER A 254 37.98 -6.73 84.52
N SER A 255 38.69 -7.72 83.96
CA SER A 255 39.61 -8.54 84.75
C SER A 255 41.06 -8.45 84.20
N SER A 256 42.02 -8.75 85.06
CA SER A 256 43.44 -8.76 84.67
C SER A 256 43.78 -10.07 83.99
N THR A 257 42.98 -11.09 84.27
CA THR A 257 43.06 -12.39 83.62
C THR A 257 41.99 -12.52 82.55
N ALA A 258 42.35 -13.09 81.40
CA ALA A 258 41.44 -13.19 80.25
C ALA A 258 40.13 -13.92 80.59
N VAL A 259 39.04 -13.27 80.23
CA VAL A 259 37.70 -13.85 80.31
C VAL A 259 37.29 -14.36 78.94
N ALA A 260 36.65 -15.53 78.89
CA ALA A 260 36.19 -16.07 77.61
C ALA A 260 35.18 -15.16 76.88
N ALA A 261 35.57 -14.68 75.69
CA ALA A 261 34.75 -13.73 74.93
C ALA A 261 34.12 -14.34 73.70
N GLY A 262 34.92 -14.75 72.73
CA GLY A 262 34.41 -15.34 71.51
C GLY A 262 35.50 -15.96 70.64
N ARG A 263 35.22 -16.07 69.34
CA ARG A 263 36.13 -16.69 68.39
C ARG A 263 36.05 -15.97 67.04
N ILE A 264 37.13 -16.02 66.26
CA ILE A 264 37.10 -15.52 64.89
C ILE A 264 37.07 -16.65 63.84
N TYR A 265 36.08 -16.64 62.95
CA TYR A 265 35.97 -17.64 61.87
C TYR A 265 36.37 -17.03 60.55
N CYS A 266 36.90 -17.85 59.65
CA CYS A 266 37.29 -17.39 58.33
C CYS A 266 36.45 -18.02 57.24
N THR A 267 35.85 -17.19 56.42
CA THR A 267 35.06 -17.64 55.30
C THR A 267 35.73 -17.20 54.03
N TYR A 268 36.24 -18.18 53.28
CA TYR A 268 37.08 -17.91 52.12
C TYR A 268 36.66 -18.64 50.86
N THR A 269 37.01 -18.05 49.73
CA THR A 269 37.01 -18.73 48.46
C THR A 269 38.40 -18.67 47.89
N ILE A 270 39.04 -19.83 47.80
CA ILE A 270 40.42 -19.91 47.38
C ILE A 270 40.53 -20.67 46.06
N GLN A 271 41.32 -20.14 45.13
CA GLN A 271 41.69 -20.86 43.91
C GLN A 271 43.02 -21.52 44.11
N MET A 272 43.06 -22.83 44.02
CA MET A 272 44.32 -23.54 44.24
C MET A 272 44.82 -24.10 42.93
N ILE A 273 46.09 -23.82 42.61
CA ILE A 273 46.66 -24.30 41.36
C ILE A 273 48.02 -24.98 41.57
N GLU A 274 48.39 -25.79 40.57
CA GLU A 274 49.68 -26.43 40.46
C GLU A 274 49.95 -27.37 41.64
N PRO A 275 49.36 -28.59 41.58
CA PRO A 275 49.50 -29.63 42.60
C PRO A 275 50.93 -29.99 42.90
N THR A 276 51.19 -30.54 44.08
CA THR A 276 52.54 -30.93 44.49
C THR A 276 52.55 -32.14 45.45
N ALA A 277 53.61 -32.96 45.37
CA ALA A 277 53.78 -34.11 46.27
C ALA A 277 55.09 -33.97 47.05
N GLY B 86 42.29 18.60 37.57
CA GLY B 86 41.42 19.41 38.41
C GLY B 86 42.17 20.11 39.53
N GLY B 87 42.94 19.33 40.29
CA GLY B 87 43.71 19.87 41.38
C GLY B 87 43.06 19.46 42.69
N ILE B 88 41.87 18.89 42.56
CA ILE B 88 41.08 18.47 43.70
C ILE B 88 41.46 17.05 44.07
N THR B 89 42.02 16.83 45.25
CA THR B 89 42.25 15.47 45.71
C THR B 89 41.12 15.00 46.64
N VAL B 90 40.35 14.00 46.19
CA VAL B 90 39.23 13.49 46.97
C VAL B 90 39.61 12.23 47.75
N LEU B 91 39.33 12.28 49.05
CA LEU B 91 39.72 11.26 50.02
C LEU B 91 38.51 10.79 50.84
N THR B 92 38.36 9.50 51.02
CA THR B 92 37.31 8.98 51.89
C THR B 92 37.92 8.08 52.95
N HIS B 93 37.59 8.32 54.22
CA HIS B 93 38.26 7.60 55.31
C HIS B 93 37.42 7.58 56.58
N SER B 94 37.67 6.59 57.43
CA SER B 94 37.10 6.51 58.77
C SER B 94 38.24 6.40 59.78
N GLU B 95 38.14 7.11 60.90
CA GLU B 95 39.12 6.88 61.98
C GLU B 95 38.55 7.22 63.35
N LEU B 96 39.24 6.78 64.41
CA LEU B 96 38.86 7.12 65.79
C LEU B 96 38.95 8.62 66.01
N SER B 97 37.93 9.19 66.64
CA SER B 97 37.86 10.63 66.85
C SER B 97 37.74 11.05 68.31
N ALA B 98 37.28 10.15 69.16
CA ALA B 98 37.06 10.45 70.58
C ALA B 98 36.85 9.16 71.35
N GLU B 99 37.33 9.15 72.59
CA GLU B 99 37.07 8.07 73.53
C GLU B 99 36.03 8.59 74.52
N ILE B 100 35.05 7.76 74.87
CA ILE B 100 33.86 8.25 75.56
C ILE B 100 33.60 7.49 76.87
N GLY B 101 33.43 8.21 77.99
CA GLY B 101 33.17 7.60 79.30
C GLY B 101 32.00 8.22 80.04
N VAL B 102 31.33 7.47 80.93
CA VAL B 102 30.11 7.96 81.58
C VAL B 102 30.15 8.14 83.09
N THR B 103 29.56 9.26 83.52
CA THR B 103 29.44 9.62 84.92
C THR B 103 27.99 9.87 85.28
N ASP B 104 27.71 10.16 86.55
CA ASP B 104 26.33 10.35 86.99
C ASP B 104 25.87 11.80 86.90
N SER B 105 26.74 12.67 86.42
CA SER B 105 26.34 14.05 86.20
C SER B 105 26.64 14.40 84.76
N ILE B 106 25.86 15.30 84.19
CA ILE B 106 26.02 15.64 82.79
C ILE B 106 27.42 16.24 82.57
N VAL B 107 28.09 15.74 81.55
CA VAL B 107 29.37 16.27 81.15
C VAL B 107 29.32 16.60 79.67
N VAL B 108 29.45 17.87 79.31
CA VAL B 108 29.34 18.24 77.90
C VAL B 108 30.70 18.66 77.29
N SER B 109 31.11 17.95 76.23
CA SER B 109 32.32 18.27 75.49
C SER B 109 31.96 18.57 74.02
N SER B 110 32.93 19.05 73.25
CA SER B 110 32.68 19.34 71.84
C SER B 110 33.95 19.22 71.01
N GLU B 111 33.79 19.13 69.70
CA GLU B 111 34.93 19.00 68.81
C GLU B 111 34.75 19.81 67.52
N LEU B 112 35.77 20.58 67.13
CA LEU B 112 35.63 21.30 65.88
C LEU B 112 35.61 20.33 64.71
N VAL B 113 34.64 20.51 63.83
CA VAL B 113 34.51 19.68 62.64
C VAL B 113 35.40 20.20 61.53
N MET B 114 36.71 20.03 61.73
CA MET B 114 37.75 20.47 60.80
C MET B 114 38.93 19.48 60.86
N PRO B 115 39.66 19.33 59.74
CA PRO B 115 40.67 18.27 59.59
C PRO B 115 41.58 18.06 60.78
N TYR B 116 42.10 19.14 61.33
CA TYR B 116 43.06 19.09 62.44
C TYR B 116 42.48 18.36 63.65
N THR B 117 41.17 18.42 63.80
CA THR B 117 40.55 17.89 65.01
C THR B 117 39.58 16.70 64.85
N VAL B 118 39.37 16.18 63.64
CA VAL B 118 38.46 15.04 63.52
C VAL B 118 39.24 13.80 63.88
N GLY B 119 40.54 13.83 63.63
CA GLY B 119 41.38 12.67 63.87
C GLY B 119 42.84 12.95 63.60
N THR B 120 43.71 12.18 64.24
CA THR B 120 45.14 12.42 64.17
C THR B 120 45.61 12.11 62.77
N TRP B 121 45.04 11.08 62.15
CA TRP B 121 45.51 10.69 60.82
C TRP B 121 45.20 11.73 59.76
N LEU B 122 43.93 12.12 59.67
CA LEU B 122 43.54 13.16 58.72
C LEU B 122 44.26 14.47 59.01
N ARG B 123 44.47 14.77 60.29
CA ARG B 123 45.15 15.98 60.69
C ARG B 123 46.45 16.09 59.97
N GLY B 124 47.19 15.00 59.96
CA GLY B 124 48.48 14.97 59.28
C GLY B 124 48.36 15.05 57.77
N VAL B 125 47.41 14.30 57.21
CA VAL B 125 47.27 14.25 55.78
C VAL B 125 46.89 15.60 55.15
N ALA B 126 45.84 16.24 55.66
CA ALA B 126 45.28 17.44 55.07
C ALA B 126 46.15 18.72 55.26
N ALA B 127 47.07 18.68 56.23
CA ALA B 127 47.97 19.83 56.48
C ALA B 127 48.85 20.11 55.27
N ASN B 128 48.96 19.13 54.38
CA ASN B 128 49.71 19.20 53.11
C ASN B 128 49.01 20.01 52.03
N TRP B 129 47.77 20.43 52.31
CA TRP B 129 46.99 21.32 51.45
C TRP B 129 46.56 22.59 52.22
N SER B 130 46.22 23.64 51.48
CA SER B 130 45.82 24.90 52.11
C SER B 130 44.30 24.96 52.33
N LYS B 131 43.54 24.43 51.40
CA LYS B 131 42.09 24.47 51.51
C LYS B 131 41.43 23.12 51.34
N TYR B 132 40.23 23.00 51.90
CA TYR B 132 39.42 21.80 51.77
C TYR B 132 37.95 22.11 51.67
N SER B 133 37.16 21.10 51.34
CA SER B 133 35.72 21.19 51.37
C SER B 133 35.20 19.87 51.87
N TRP B 134 34.30 19.91 52.86
CA TRP B 134 33.61 18.69 53.31
C TRP B 134 32.53 18.28 52.30
N LEU B 135 32.63 17.06 51.75
CA LEU B 135 31.56 16.55 50.90
C LEU B 135 30.59 15.74 51.72
N SER B 136 31.12 15.06 52.73
CA SER B 136 30.31 14.38 53.73
C SER B 136 31.10 14.12 54.99
N VAL B 137 30.46 14.32 56.12
CA VAL B 137 31.03 14.01 57.41
C VAL B 137 30.00 13.32 58.27
N ARG B 138 30.37 12.15 58.78
CA ARG B 138 29.53 11.39 59.68
C ARG B 138 30.33 10.97 60.93
N TYR B 139 29.78 11.29 62.10
CA TYR B 139 30.33 10.89 63.39
C TYR B 139 29.53 9.74 63.92
N THR B 140 30.18 8.63 64.28
CA THR B 140 29.48 7.42 64.71
C THR B 140 29.97 6.90 66.08
N TYR B 141 29.07 6.78 67.04
CA TYR B 141 29.42 6.22 68.35
C TYR B 141 29.20 4.71 68.38
N ILE B 142 30.25 3.98 68.76
CA ILE B 142 30.26 2.52 68.92
C ILE B 142 30.54 2.14 70.36
N PRO B 143 29.69 1.30 70.96
CA PRO B 143 29.85 0.94 72.38
C PRO B 143 30.98 -0.06 72.65
N SER B 144 31.44 -0.11 73.90
CA SER B 144 32.41 -1.12 74.27
C SER B 144 32.11 -1.59 75.70
N CYS B 145 30.91 -1.31 76.17
CA CYS B 145 30.57 -1.59 77.56
C CYS B 145 29.52 -2.66 77.67
N PRO B 146 29.39 -3.28 78.87
CA PRO B 146 28.32 -4.25 79.13
C PRO B 146 26.91 -3.67 78.98
N SER B 147 25.96 -4.55 78.72
CA SER B 147 24.57 -4.15 78.56
C SER B 147 23.93 -3.60 79.82
N SER B 148 24.63 -3.80 80.96
CA SER B 148 24.16 -3.40 82.29
C SER B 148 24.68 -2.02 82.71
N THR B 149 25.33 -1.36 81.74
CA THR B 149 25.93 -0.06 81.95
C THR B 149 24.92 1.08 81.99
N ALA B 150 24.92 1.82 83.09
CA ALA B 150 24.07 2.99 83.16
C ALA B 150 24.71 4.07 82.32
N GLY B 151 23.90 4.84 81.64
CA GLY B 151 24.41 5.92 80.82
C GLY B 151 23.79 6.09 79.45
N SER B 152 23.87 7.31 78.96
CA SER B 152 23.45 7.67 77.61
C SER B 152 24.41 8.67 76.95
N ILE B 153 24.43 8.66 75.63
CA ILE B 153 25.27 9.60 74.90
C ILE B 153 24.35 10.48 74.07
N HIS B 154 24.75 11.75 73.94
CA HIS B 154 23.99 12.71 73.16
C HIS B 154 24.99 13.47 72.33
N MET B 155 24.68 13.65 71.05
CA MET B 155 25.56 14.32 70.10
C MET B 155 24.81 15.30 69.22
N GLY B 156 25.43 16.41 68.86
CA GLY B 156 24.81 17.35 67.96
C GLY B 156 25.75 18.33 67.29
N PHE B 157 25.24 19.05 66.31
CA PHE B 157 26.03 20.03 65.57
C PHE B 157 25.63 21.47 65.90
N GLN B 158 26.64 22.31 66.07
CA GLN B 158 26.47 23.73 66.11
C GLN B 158 27.14 24.25 64.86
N TYR B 159 26.54 25.22 64.19
CA TYR B 159 27.13 25.72 62.93
C TYR B 159 27.59 27.18 63.06
N ASP B 160 27.43 27.77 64.24
CA ASP B 160 27.94 29.12 64.51
C ASP B 160 28.80 29.10 65.78
N MET B 161 30.07 29.45 65.63
CA MET B 161 31.04 29.34 66.71
C MET B 161 30.75 30.17 67.96
N ALA B 162 29.96 31.23 67.77
CA ALA B 162 29.62 32.16 68.85
C ALA B 162 28.54 31.63 69.77
N ASP B 163 27.78 30.64 69.28
CA ASP B 163 26.78 29.97 70.11
C ASP B 163 27.46 29.37 71.35
N THR B 164 26.86 29.51 72.52
CA THR B 164 27.41 28.87 73.70
C THR B 164 27.12 27.37 73.61
N VAL B 165 28.06 26.52 74.01
CA VAL B 165 27.80 25.09 74.00
C VAL B 165 26.70 24.72 75.02
N PRO B 166 25.71 23.89 74.59
CA PRO B 166 24.57 23.53 75.45
C PRO B 166 24.99 22.95 76.77
N VAL B 167 24.11 23.11 77.74
CA VAL B 167 24.36 22.70 79.10
C VAL B 167 23.33 21.68 79.56
N SER B 168 22.27 21.52 78.77
CA SER B 168 21.23 20.54 79.11
C SER B 168 20.89 19.63 77.93
N VAL B 169 20.45 18.42 78.22
CA VAL B 169 19.99 17.50 77.19
C VAL B 169 18.84 18.17 76.44
N ASN B 170 18.04 18.92 77.19
CA ASN B 170 16.88 19.64 76.63
C ASN B 170 17.30 20.53 75.47
N GLN B 171 18.31 21.35 75.73
CA GLN B 171 18.92 22.21 74.72
C GLN B 171 19.51 21.41 73.56
N LEU B 172 20.31 20.41 73.89
CA LEU B 172 20.97 19.61 72.89
C LEU B 172 19.96 19.01 71.93
N SER B 173 18.83 18.59 72.49
CA SER B 173 17.81 17.85 71.74
C SER B 173 17.32 18.64 70.51
N ASN B 174 17.62 19.94 70.49
CA ASN B 174 17.19 20.80 69.38
C ASN B 174 18.21 20.93 68.24
N LEU B 175 19.46 20.54 68.47
CA LEU B 175 20.49 20.74 67.45
C LEU B 175 20.24 19.86 66.26
N ARG B 176 20.58 20.38 65.08
CA ARG B 176 20.63 19.58 63.87
C ARG B 176 21.52 18.38 64.12
N GLY B 177 20.97 17.21 63.83
CA GLY B 177 21.70 15.97 63.95
C GLY B 177 21.74 15.45 65.37
N TYR B 178 20.85 15.95 66.23
CA TYR B 178 20.80 15.42 67.58
C TYR B 178 20.41 13.95 67.51
N VAL B 179 21.24 13.12 68.13
CA VAL B 179 20.98 11.70 68.25
C VAL B 179 21.25 11.29 69.69
N SER B 180 20.67 10.17 70.09
CA SER B 180 20.70 9.76 71.49
C SER B 180 20.46 8.26 71.65
N GLY B 181 21.13 7.65 72.63
CA GLY B 181 20.88 6.25 72.91
C GLY B 181 21.54 5.76 74.19
N GLN B 182 21.17 4.56 74.63
CA GLN B 182 21.84 3.92 75.77
C GLN B 182 23.32 3.86 75.44
N VAL B 183 24.16 3.98 76.45
CA VAL B 183 25.57 4.06 76.17
C VAL B 183 26.16 2.69 75.71
N TRP B 184 25.34 1.65 75.81
CA TRP B 184 25.73 0.30 75.37
C TRP B 184 25.04 -0.06 74.06
N SER B 185 24.28 0.88 73.53
CA SER B 185 23.68 0.72 72.19
C SER B 185 24.59 1.40 71.15
N GLY B 186 24.28 1.20 69.88
CA GLY B 186 24.96 1.91 68.81
C GLY B 186 25.75 1.00 67.89
N SER B 187 25.78 -0.28 68.22
CA SER B 187 26.51 -1.30 67.46
C SER B 187 26.19 -1.28 65.98
N ALA B 188 24.93 -1.07 65.65
CA ALA B 188 24.50 -1.12 64.25
C ALA B 188 25.10 0.02 63.39
N GLY B 189 25.85 0.92 64.02
CA GLY B 189 26.48 1.99 63.26
C GLY B 189 27.75 1.58 62.55
N LEU B 190 28.27 0.41 62.89
CA LEU B 190 29.55 -0.05 62.39
C LEU B 190 29.60 -0.10 60.85
N CYS B 191 28.49 -0.49 60.22
CA CYS B 191 28.47 -0.61 58.76
C CYS B 191 28.77 0.72 58.05
N PHE B 192 28.51 1.83 58.74
CA PHE B 192 28.84 3.17 58.24
C PHE B 192 30.33 3.36 58.16
N ILE B 193 31.02 2.72 59.10
CA ILE B 193 32.43 2.96 59.30
C ILE B 193 33.22 2.21 58.25
N ASN B 194 32.82 0.98 57.93
CA ASN B 194 33.56 0.23 56.90
C ASN B 194 32.91 0.33 55.51
N GLY B 195 31.92 1.20 55.39
CA GLY B 195 31.27 1.47 54.12
C GLY B 195 30.62 0.31 53.41
N THR B 196 30.12 -0.65 54.20
CA THR B 196 29.52 -1.88 53.66
C THR B 196 28.01 -1.69 53.49
N ARG B 197 27.29 -2.73 53.08
CA ARG B 197 25.83 -2.65 52.94
C ARG B 197 25.18 -2.38 54.29
N CYS B 198 24.51 -1.24 54.38
CA CYS B 198 23.81 -0.86 55.58
C CYS B 198 22.34 -1.26 55.42
N SER B 199 21.80 -1.89 56.47
CA SER B 199 20.43 -2.37 56.46
C SER B 199 19.71 -1.78 57.67
N ASP B 200 19.88 -2.46 58.79
CA ASP B 200 19.26 -2.12 60.06
C ASP B 200 19.99 -1.02 60.83
N THR B 201 19.89 0.21 60.36
CA THR B 201 20.63 1.32 60.94
C THR B 201 19.80 2.20 61.86
N SER B 202 18.62 1.73 62.26
CA SER B 202 17.73 2.54 63.07
C SER B 202 18.25 2.84 64.48
N THR B 203 19.01 1.90 65.04
CA THR B 203 19.54 2.03 66.39
C THR B 203 20.92 2.72 66.40
N ALA B 204 21.43 3.01 65.20
CA ALA B 204 22.75 3.60 65.06
C ALA B 204 22.82 4.99 65.71
N ILE B 205 23.81 5.20 66.57
CA ILE B 205 24.05 6.53 67.10
C ILE B 205 25.02 7.25 66.19
N SER B 206 24.56 7.63 65.01
CA SER B 206 25.45 8.21 64.03
C SER B 206 24.80 9.46 63.43
N THR B 207 25.59 10.49 63.17
CA THR B 207 25.05 11.75 62.71
C THR B 207 25.94 12.41 61.68
N THR B 208 25.35 13.21 60.79
CA THR B 208 26.07 13.77 59.65
C THR B 208 25.98 15.29 59.59
N LEU B 209 27.00 15.93 59.03
CA LEU B 209 27.08 17.38 58.93
C LEU B 209 26.22 17.88 57.76
N ASP B 210 25.49 18.98 57.91
CA ASP B 210 24.77 19.51 56.76
C ASP B 210 25.72 20.24 55.83
N VAL B 211 26.39 19.52 54.92
CA VAL B 211 27.40 20.15 54.10
C VAL B 211 26.87 21.29 53.23
N SER B 212 25.62 21.16 52.78
CA SER B 212 24.95 22.16 51.96
C SER B 212 24.68 23.50 52.66
N LYS B 213 24.77 23.54 53.98
CA LYS B 213 24.31 24.69 54.75
C LYS B 213 25.48 25.41 55.42
N LEU B 214 26.69 25.08 54.97
CA LEU B 214 27.91 25.66 55.51
C LEU B 214 28.03 27.12 55.07
N GLY B 215 28.79 27.92 55.81
CA GLY B 215 28.98 29.32 55.44
C GLY B 215 29.49 29.45 54.02
N LYS B 216 30.58 28.75 53.74
CA LYS B 216 31.15 28.71 52.39
C LYS B 216 31.51 27.29 51.99
N LYS B 217 32.13 27.15 50.82
CA LYS B 217 32.49 25.82 50.34
C LYS B 217 33.92 25.44 50.66
N TRP B 218 34.85 26.35 50.37
CA TRP B 218 36.25 26.07 50.56
C TRP B 218 36.79 26.72 51.82
N TYR B 219 37.18 25.88 52.77
CA TYR B 219 37.74 26.37 54.02
C TYR B 219 39.25 26.28 54.09
N PRO B 220 39.88 27.21 54.80
CA PRO B 220 41.30 27.07 55.07
C PRO B 220 41.55 26.06 56.20
N TYR B 221 42.64 25.29 56.12
CA TYR B 221 43.12 24.41 57.19
C TYR B 221 43.55 25.22 58.40
N LYS B 222 43.00 24.96 59.57
CA LYS B 222 43.39 25.74 60.73
C LYS B 222 43.71 24.82 61.89
N THR B 223 44.53 25.33 62.80
CA THR B 223 44.90 24.61 64.00
C THR B 223 44.00 25.01 65.15
N SER B 224 44.05 24.26 66.25
CA SER B 224 43.36 24.67 67.46
C SER B 224 43.93 26.02 67.87
N ALA B 225 45.24 26.14 67.72
CA ALA B 225 45.96 27.37 68.01
C ALA B 225 45.38 28.57 67.24
N ASP B 226 45.20 28.41 65.92
CA ASP B 226 44.62 29.49 65.13
C ASP B 226 43.23 29.82 65.61
N TYR B 227 42.47 28.78 65.93
CA TYR B 227 41.10 28.96 66.38
C TYR B 227 41.05 29.76 67.67
N ALA B 228 41.86 29.33 68.64
CA ALA B 228 41.92 29.98 69.95
C ALA B 228 42.30 31.46 69.77
N THR B 229 43.31 31.69 68.92
CA THR B 229 43.78 33.04 68.59
C THR B 229 42.67 33.86 67.98
N ALA B 230 41.97 33.25 67.04
CA ALA B 230 40.89 33.93 66.36
C ALA B 230 39.79 34.38 67.32
N VAL B 231 39.37 33.50 68.23
CA VAL B 231 38.32 33.87 69.16
C VAL B 231 38.87 34.84 70.23
N GLY B 232 40.20 34.85 70.39
CA GLY B 232 40.83 35.80 71.30
C GLY B 232 40.65 37.25 70.89
N VAL B 233 40.63 37.49 69.58
CA VAL B 233 40.35 38.80 69.03
C VAL B 233 38.83 39.06 68.90
N ASP B 234 38.11 38.12 68.29
CA ASP B 234 36.65 38.17 68.17
C ASP B 234 36.13 36.81 67.72
N VAL B 235 35.16 36.26 68.45
CA VAL B 235 34.68 34.90 68.16
C VAL B 235 34.12 34.74 66.75
N ASN B 236 33.60 35.81 66.18
CA ASN B 236 32.98 35.74 64.85
C ASN B 236 34.03 35.61 63.75
N ILE B 237 35.27 35.93 64.09
CA ILE B 237 36.38 35.74 63.17
C ILE B 237 36.57 34.26 62.82
N ALA B 238 36.19 33.42 63.77
CA ALA B 238 36.37 31.98 63.65
C ALA B 238 35.39 31.37 62.66
N THR B 239 34.24 32.02 62.45
CA THR B 239 33.18 31.43 61.62
C THR B 239 33.65 31.07 60.21
N PRO B 240 34.42 31.96 59.55
CA PRO B 240 34.94 31.51 58.25
C PRO B 240 36.12 30.56 58.33
N LEU B 241 36.52 30.12 59.53
CA LEU B 241 37.67 29.21 59.67
C LEU B 241 37.23 27.77 59.96
N VAL B 242 36.13 27.63 60.70
CA VAL B 242 35.61 26.32 61.07
C VAL B 242 34.17 26.19 60.57
N PRO B 243 33.85 25.08 59.87
CA PRO B 243 32.50 24.87 59.31
C PRO B 243 31.42 24.59 60.35
N ALA B 244 31.76 23.87 61.43
CA ALA B 244 30.77 23.56 62.46
C ALA B 244 31.45 22.99 63.69
N ARG B 245 30.67 22.81 64.76
CA ARG B 245 31.16 22.17 65.98
C ARG B 245 30.29 20.98 66.34
N LEU B 246 30.92 19.88 66.72
CA LEU B 246 30.18 18.72 67.19
C LEU B 246 30.07 18.87 68.70
N VAL B 247 28.86 18.79 69.23
CA VAL B 247 28.63 18.86 70.67
C VAL B 247 28.25 17.48 71.18
N ILE B 248 28.81 17.09 72.32
CA ILE B 248 28.61 15.76 72.91
C ILE B 248 28.18 15.85 74.37
N ALA B 249 27.12 15.15 74.74
CA ALA B 249 26.73 15.10 76.15
C ALA B 249 26.66 13.67 76.64
N LEU B 250 27.17 13.44 77.85
CA LEU B 250 27.02 12.16 78.52
C LEU B 250 26.55 12.35 79.94
N LEU B 251 25.57 11.56 80.34
CA LEU B 251 25.01 11.65 81.68
C LEU B 251 24.34 10.34 82.00
N ASP B 252 23.66 10.27 83.13
CA ASP B 252 22.89 9.08 83.53
C ASP B 252 23.78 7.89 83.81
N GLY B 253 25.08 8.13 84.02
CA GLY B 253 25.96 7.02 84.34
C GLY B 253 25.73 6.63 85.78
N SER B 254 26.29 5.51 86.21
CA SER B 254 26.00 5.04 87.56
C SER B 254 27.15 5.39 88.50
N SER B 255 28.23 5.92 87.94
CA SER B 255 29.42 6.23 88.73
C SER B 255 29.80 7.72 88.76
N SER B 256 30.53 8.12 89.81
CA SER B 256 31.03 9.50 89.90
C SER B 256 32.34 9.64 89.13
N THR B 257 33.02 8.52 88.95
CA THR B 257 34.22 8.43 88.12
C THR B 257 33.78 7.83 86.77
N ALA B 258 34.31 8.34 85.66
CA ALA B 258 33.87 7.89 84.33
C ALA B 258 34.02 6.37 84.11
N VAL B 259 32.95 5.73 83.65
CA VAL B 259 32.97 4.31 83.31
C VAL B 259 33.24 4.16 81.82
N ALA B 260 34.05 3.19 81.41
CA ALA B 260 34.34 3.01 79.99
C ALA B 260 33.06 2.76 79.22
N ALA B 261 32.73 3.67 78.30
CA ALA B 261 31.45 3.63 77.62
C ALA B 261 31.62 3.20 76.17
N GLY B 262 32.30 4.04 75.40
CA GLY B 262 32.54 3.72 74.00
C GLY B 262 33.48 4.67 73.29
N ARG B 263 33.36 4.71 71.97
CA ARG B 263 34.20 5.54 71.11
C ARG B 263 33.38 6.20 69.99
N ILE B 264 33.79 7.41 69.58
CA ILE B 264 33.18 8.06 68.41
C ILE B 264 34.18 8.08 67.25
N TYR B 265 33.78 7.47 66.13
CA TYR B 265 34.61 7.45 64.93
C TYR B 265 34.06 8.45 63.93
N CYS B 266 34.92 9.06 63.12
CA CYS B 266 34.47 9.98 62.09
C CYS B 266 34.69 9.40 60.71
N THR B 267 33.65 9.40 59.90
CA THR B 267 33.75 8.91 58.55
C THR B 267 33.52 10.08 57.63
N TYR B 268 34.54 10.46 56.86
CA TYR B 268 34.44 11.69 56.07
C TYR B 268 34.81 11.47 54.61
N THR B 269 34.28 12.34 53.75
CA THR B 269 34.78 12.50 52.39
C THR B 269 35.21 13.93 52.19
N ILE B 270 36.51 14.14 51.97
CA ILE B 270 37.02 15.51 51.91
C ILE B 270 37.63 15.84 50.55
N GLN B 271 37.33 17.02 50.03
CA GLN B 271 38.01 17.50 48.83
C GLN B 271 39.12 18.42 49.26
N MET B 272 40.36 18.07 48.95
CA MET B 272 41.48 18.87 49.38
C MET B 272 42.15 19.53 48.19
N ILE B 273 42.34 20.84 48.25
CA ILE B 273 42.94 21.53 47.11
C ILE B 273 44.07 22.45 47.52
N GLU B 274 44.90 22.82 46.54
CA GLU B 274 45.97 23.79 46.72
C GLU B 274 47.04 23.40 47.72
N PRO B 275 47.96 22.51 47.31
CA PRO B 275 49.09 22.05 48.13
C PRO B 275 49.91 23.20 48.72
N THR B 276 50.63 22.90 49.79
CA THR B 276 51.42 23.86 50.54
C THR B 276 52.64 23.14 51.05
N ALA B 277 53.77 23.85 51.14
CA ALA B 277 55.01 23.25 51.63
C ALA B 277 55.50 23.89 52.93
N SER B 278 56.60 23.37 53.47
CA SER B 278 57.16 23.88 54.71
C SER B 278 58.70 23.97 54.69
N ALA B 279 59.26 24.65 55.70
CA ALA B 279 60.71 24.87 55.88
C ALA B 279 61.42 25.36 54.61
N GLY C 86 -0.10 32.51 50.47
CA GLY C 86 -0.85 31.63 51.35
C GLY C 86 -0.88 32.07 52.80
N GLY C 87 0.29 32.30 53.40
CA GLY C 87 0.33 32.73 54.79
C GLY C 87 0.80 31.65 55.75
N ILE C 88 0.99 30.43 55.25
CA ILE C 88 1.40 29.28 56.07
C ILE C 88 2.92 29.08 56.19
N THR C 89 3.46 29.15 57.41
CA THR C 89 4.85 28.77 57.66
C THR C 89 4.96 27.35 58.23
N VAL C 90 5.53 26.44 57.45
CA VAL C 90 5.68 25.04 57.87
C VAL C 90 7.02 24.71 58.53
N LEU C 91 6.94 24.07 59.69
CA LEU C 91 8.08 23.76 60.54
C LEU C 91 8.12 22.28 60.89
N THR C 92 9.27 21.64 60.68
CA THR C 92 9.47 20.23 61.05
C THR C 92 10.64 20.15 62.05
N HIS C 93 10.45 19.49 63.19
CA HIS C 93 11.47 19.54 64.24
C HIS C 93 11.33 18.41 65.25
N SER C 94 12.43 18.10 65.94
CA SER C 94 12.45 17.14 67.05
C SER C 94 12.97 17.79 68.33
N GLU C 95 12.34 17.54 69.47
CA GLU C 95 12.90 18.02 70.73
C GLU C 95 12.47 17.22 71.96
N LEU C 96 13.22 17.38 73.04
CA LEU C 96 12.87 16.70 74.29
C LEU C 96 11.52 17.18 74.76
N SER C 97 10.69 16.22 75.16
CA SER C 97 9.33 16.51 75.56
C SER C 97 8.96 16.08 76.97
N ALA C 98 9.68 15.10 77.49
CA ALA C 98 9.39 14.57 78.83
C ALA C 98 10.51 13.64 79.28
N GLU C 99 10.83 13.68 80.57
CA GLU C 99 11.79 12.72 81.12
C GLU C 99 11.12 11.67 82.00
N ILE C 100 11.58 10.44 81.88
CA ILE C 100 10.88 9.26 82.35
C ILE C 100 11.65 8.47 83.42
N GLY C 101 10.95 8.13 84.49
CA GLY C 101 11.50 7.31 85.57
C GLY C 101 10.52 6.22 85.94
N VAL C 102 11.02 5.08 86.40
CA VAL C 102 10.14 3.93 86.67
C VAL C 102 10.15 3.52 88.15
N THR C 103 8.98 3.20 88.67
CA THR C 103 8.87 2.73 90.04
C THR C 103 8.13 1.41 90.05
N ASP C 104 7.93 0.80 91.21
CA ASP C 104 7.33 -0.53 91.29
C ASP C 104 5.80 -0.47 91.37
N SER C 105 5.25 0.74 91.38
CA SER C 105 3.80 0.90 91.37
C SER C 105 3.37 1.77 90.19
N ILE C 106 2.17 1.55 89.67
CA ILE C 106 1.75 2.25 88.45
C ILE C 106 1.63 3.74 88.73
N VAL C 107 2.28 4.53 87.87
CA VAL C 107 2.17 5.99 87.86
C VAL C 107 1.80 6.43 86.47
N VAL C 108 0.64 7.08 86.34
CA VAL C 108 0.13 7.49 85.04
C VAL C 108 0.32 8.99 84.86
N SER C 109 1.04 9.36 83.80
CA SER C 109 1.31 10.74 83.49
C SER C 109 0.63 11.09 82.18
N SER C 110 0.54 12.36 81.83
CA SER C 110 -0.08 12.72 80.55
C SER C 110 0.46 14.06 80.04
N GLU C 111 0.25 14.32 78.76
CA GLU C 111 0.71 15.56 78.18
C GLU C 111 -0.21 16.08 77.09
N LEU C 112 -0.48 17.38 77.12
CA LEU C 112 -1.28 18.00 76.09
C LEU C 112 -0.54 18.02 74.76
N VAL C 113 -1.19 17.56 73.69
CA VAL C 113 -0.58 17.60 72.37
C VAL C 113 -0.87 18.94 71.67
N MET C 114 -0.21 19.99 72.17
CA MET C 114 -0.33 21.35 71.65
C MET C 114 1.02 22.04 71.84
N PRO C 115 1.36 22.98 70.96
CA PRO C 115 2.71 23.55 70.96
C PRO C 115 3.19 23.93 72.36
N TYR C 116 2.33 24.56 73.15
CA TYR C 116 2.74 25.05 74.46
C TYR C 116 3.29 23.94 75.37
N THR C 117 2.81 22.71 75.22
CA THR C 117 3.21 21.66 76.17
C THR C 117 4.07 20.55 75.58
N VAL C 118 4.40 20.59 74.28
CA VAL C 118 5.21 19.50 73.72
C VAL C 118 6.69 19.71 73.97
N GLY C 119 7.13 20.97 74.05
CA GLY C 119 8.54 21.23 74.24
C GLY C 119 8.80 22.70 74.39
N THR C 120 9.89 23.06 75.04
CA THR C 120 10.16 24.46 75.31
C THR C 120 10.47 25.25 74.03
N TRP C 121 11.19 24.65 73.08
CA TRP C 121 11.58 25.37 71.88
C TRP C 121 10.32 25.69 71.10
N LEU C 122 9.54 24.65 70.80
CA LEU C 122 8.29 24.85 70.07
C LEU C 122 7.36 25.76 70.85
N ARG C 123 7.37 25.63 72.17
CA ARG C 123 6.53 26.48 73.00
C ARG C 123 6.73 27.97 72.68
N GLY C 124 7.99 28.41 72.68
CA GLY C 124 8.36 29.79 72.38
C GLY C 124 8.16 30.19 70.93
N VAL C 125 8.48 29.30 70.02
CA VAL C 125 8.41 29.58 68.58
C VAL C 125 6.99 29.87 68.10
N ALA C 126 6.09 28.91 68.34
CA ALA C 126 4.73 28.96 67.81
C ALA C 126 3.85 30.04 68.48
N ALA C 127 4.32 30.58 69.59
CA ALA C 127 3.60 31.66 70.27
C ALA C 127 3.52 32.93 69.40
N ASN C 128 4.42 33.04 68.43
CA ASN C 128 4.40 34.19 67.52
C ASN C 128 3.30 34.12 66.47
N TRP C 129 2.57 33.03 66.44
CA TRP C 129 1.42 32.87 65.54
C TRP C 129 0.14 32.61 66.34
N SER C 130 -1.01 32.85 65.72
CA SER C 130 -2.25 32.72 66.44
C SER C 130 -2.76 31.30 66.42
N LYS C 131 -2.59 30.68 65.26
CA LYS C 131 -3.14 29.36 65.00
C LYS C 131 -2.05 28.45 64.47
N TYR C 132 -2.29 27.15 64.60
CA TYR C 132 -1.39 26.15 64.07
C TYR C 132 -2.19 24.95 63.57
N SER C 133 -1.52 24.04 62.87
CA SER C 133 -2.14 22.78 62.53
C SER C 133 -1.11 21.65 62.56
N TRP C 134 -1.48 20.53 63.18
CA TRP C 134 -0.64 19.35 63.15
C TRP C 134 -0.75 18.65 61.78
N LEU C 135 0.39 18.50 61.11
CA LEU C 135 0.47 17.68 59.92
C LEU C 135 0.93 16.31 60.37
N SER C 136 1.75 16.32 61.41
CA SER C 136 2.20 15.09 62.04
C SER C 136 2.69 15.33 63.48
N VAL C 137 2.36 14.41 64.37
CA VAL C 137 2.93 14.40 65.71
C VAL C 137 3.33 13.01 66.07
N ARG C 138 4.59 12.82 66.40
CA ARG C 138 5.10 11.50 66.79
C ARG C 138 5.80 11.61 68.13
N TYR C 139 5.41 10.78 69.08
CA TYR C 139 6.09 10.74 70.38
C TYR C 139 6.92 9.49 70.41
N THR C 140 8.21 9.65 70.65
CA THR C 140 9.11 8.51 70.58
C THR C 140 9.89 8.35 71.87
N TYR C 141 9.74 7.20 72.52
CA TYR C 141 10.47 6.91 73.75
C TYR C 141 11.80 6.28 73.40
N ILE C 142 12.87 6.87 73.92
CA ILE C 142 14.21 6.37 73.78
C ILE C 142 14.74 6.06 75.21
N PRO C 143 15.29 4.86 75.43
CA PRO C 143 15.81 4.45 76.74
C PRO C 143 17.19 5.06 77.11
N SER C 144 17.51 5.10 78.40
CA SER C 144 18.81 5.56 78.88
C SER C 144 19.32 4.71 80.05
N CYS C 145 18.78 3.51 80.19
CA CYS C 145 19.05 2.60 81.31
C CYS C 145 19.75 1.30 80.90
N PRO C 146 20.26 0.53 81.86
CA PRO C 146 20.79 -0.82 81.58
C PRO C 146 19.72 -1.77 81.04
N SER C 147 20.12 -2.83 80.34
CA SER C 147 19.18 -3.83 79.85
C SER C 147 18.59 -4.66 80.99
N SER C 148 19.17 -4.52 82.19
CA SER C 148 18.74 -5.28 83.37
C SER C 148 17.79 -4.48 84.26
N THR C 149 17.41 -3.31 83.75
CA THR C 149 16.51 -2.39 84.45
C THR C 149 15.07 -2.91 84.41
N ALA C 150 14.47 -3.08 85.59
CA ALA C 150 13.09 -3.54 85.64
C ALA C 150 12.16 -2.41 85.28
N GLY C 151 11.09 -2.74 84.55
CA GLY C 151 10.15 -1.72 84.14
C GLY C 151 9.63 -1.79 82.72
N SER C 152 8.48 -1.18 82.50
CA SER C 152 7.92 -1.02 81.16
C SER C 152 7.28 0.35 81.00
N ILE C 153 7.16 0.82 79.77
CA ILE C 153 6.49 2.09 79.53
C ILE C 153 5.25 1.85 78.64
N HIS C 154 4.21 2.65 78.85
CA HIS C 154 2.99 2.53 78.06
C HIS C 154 2.48 3.90 77.60
N MET C 155 2.10 4.00 76.34
CA MET C 155 1.62 5.27 75.76
C MET C 155 0.39 5.07 74.87
N GLY C 156 -0.51 6.05 74.88
CA GLY C 156 -1.64 6.06 73.98
C GLY C 156 -2.20 7.47 73.92
N PHE C 157 -3.07 7.76 72.96
CA PHE C 157 -3.67 9.09 72.81
C PHE C 157 -5.14 9.11 73.24
N GLN C 158 -5.53 10.19 73.92
CA GLN C 158 -6.94 10.47 74.08
C GLN C 158 -7.25 11.71 73.26
N TYR C 159 -8.38 11.71 72.58
CA TYR C 159 -8.68 12.79 71.66
C TYR C 159 -9.86 13.63 72.18
N ASP C 160 -10.31 13.31 73.39
CA ASP C 160 -11.35 14.09 74.06
C ASP C 160 -10.88 14.49 75.47
N MET C 161 -10.79 15.79 75.72
CA MET C 161 -10.29 16.28 76.99
C MET C 161 -11.17 15.87 78.17
N ALA C 162 -12.43 15.53 77.89
CA ALA C 162 -13.37 15.14 78.93
C ALA C 162 -13.15 13.69 79.39
N ASP C 163 -12.47 12.90 78.56
CA ASP C 163 -12.13 11.50 78.87
C ASP C 163 -11.40 11.34 80.20
N THR C 164 -11.75 10.31 80.97
CA THR C 164 -10.99 10.06 82.20
C THR C 164 -9.61 9.52 81.84
N VAL C 165 -8.61 10.00 82.56
CA VAL C 165 -7.26 9.49 82.39
C VAL C 165 -7.32 8.04 82.87
N PRO C 166 -6.78 7.10 82.08
CA PRO C 166 -6.76 5.70 82.49
C PRO C 166 -5.99 5.45 83.79
N VAL C 167 -6.34 4.34 84.44
CA VAL C 167 -5.77 3.93 85.71
C VAL C 167 -5.12 2.54 85.62
N SER C 168 -5.36 1.85 84.52
CA SER C 168 -4.77 0.52 84.34
C SER C 168 -4.12 0.38 82.96
N VAL C 169 -3.15 -0.53 82.85
CA VAL C 169 -2.59 -0.88 81.56
C VAL C 169 -3.71 -1.43 80.69
N ASN C 170 -4.61 -2.17 81.34
CA ASN C 170 -5.75 -2.74 80.67
C ASN C 170 -6.54 -1.71 79.88
N GLN C 171 -6.93 -0.64 80.56
CA GLN C 171 -7.61 0.49 79.93
C GLN C 171 -6.80 1.13 78.84
N LEU C 172 -5.59 1.53 79.21
CA LEU C 172 -4.72 2.26 78.31
C LEU C 172 -4.53 1.48 77.02
N SER C 173 -4.45 0.15 77.14
CA SER C 173 -4.12 -0.73 76.01
C SER C 173 -5.13 -0.61 74.87
N ASN C 174 -6.29 -0.02 75.16
CA ASN C 174 -7.32 0.16 74.14
C ASN C 174 -7.18 1.43 73.31
N LEU C 175 -6.33 2.35 73.76
CA LEU C 175 -6.22 3.65 73.09
C LEU C 175 -5.58 3.54 71.71
N ARG C 176 -6.05 4.38 70.78
CA ARG C 176 -5.40 4.57 69.49
C ARG C 176 -3.95 4.88 69.70
N GLY C 177 -3.09 4.11 69.02
CA GLY C 177 -1.66 4.33 69.03
C GLY C 177 -0.97 3.75 70.26
N TYR C 178 -1.62 2.82 70.95
CA TYR C 178 -1.00 2.22 72.11
C TYR C 178 0.31 1.51 71.76
N VAL C 179 1.32 1.82 72.54
CA VAL C 179 2.58 1.13 72.44
C VAL C 179 2.99 0.73 73.85
N SER C 180 3.88 -0.25 73.94
CA SER C 180 4.25 -0.84 75.20
C SER C 180 5.57 -1.52 74.99
N GLY C 181 6.46 -1.43 75.97
CA GLY C 181 7.71 -2.14 75.86
C GLY C 181 8.55 -2.09 77.11
N GLN C 182 9.58 -2.91 77.14
CA GLN C 182 10.53 -2.83 78.23
C GLN C 182 11.06 -1.40 78.31
N VAL C 183 11.35 -0.98 79.53
CA VAL C 183 11.74 0.38 79.82
C VAL C 183 13.16 0.64 79.24
N TRP C 184 13.82 -0.43 78.83
CA TRP C 184 15.13 -0.34 78.19
C TRP C 184 15.10 -0.62 76.67
N SER C 185 13.92 -0.86 76.11
CA SER C 185 13.78 -0.99 74.66
C SER C 185 13.47 0.34 74.02
N GLY C 186 13.48 0.38 72.70
CA GLY C 186 13.03 1.54 71.94
C GLY C 186 14.10 2.21 71.11
N SER C 187 15.32 1.70 71.20
CA SER C 187 16.46 2.24 70.49
C SER C 187 16.13 2.43 69.01
N ALA C 188 15.31 1.54 68.46
CA ALA C 188 15.00 1.58 67.03
C ALA C 188 14.19 2.80 66.64
N GLY C 189 13.75 3.58 67.63
CA GLY C 189 13.01 4.81 67.36
C GLY C 189 13.87 6.00 66.98
N LEU C 190 15.19 5.89 67.17
CA LEU C 190 16.09 7.00 66.94
C LEU C 190 15.99 7.54 65.52
N CYS C 191 15.82 6.65 64.57
CA CYS C 191 15.78 7.03 63.16
C CYS C 191 14.65 8.00 62.83
N PHE C 192 13.55 7.92 63.59
CA PHE C 192 12.45 8.87 63.38
C PHE C 192 12.87 10.27 63.78
N ILE C 193 13.72 10.36 64.80
CA ILE C 193 13.97 11.65 65.42
C ILE C 193 14.88 12.52 64.57
N ASN C 194 15.89 11.93 63.96
CA ASN C 194 16.75 12.72 63.08
C ASN C 194 16.28 12.54 61.65
N GLY C 195 15.11 11.93 61.51
CA GLY C 195 14.46 11.80 60.22
C GLY C 195 15.21 10.99 59.17
N THR C 196 15.91 9.95 59.57
CA THR C 196 16.67 9.15 58.61
C THR C 196 15.84 7.95 58.09
N ARG C 197 16.44 7.15 57.21
CA ARG C 197 15.77 5.96 56.63
C ARG C 197 15.44 4.93 57.70
N CYS C 198 14.14 4.66 57.87
CA CYS C 198 13.70 3.71 58.88
C CYS C 198 13.46 2.30 58.34
N SER C 199 14.07 1.33 59.01
CA SER C 199 14.01 -0.07 58.60
C SER C 199 13.56 -0.98 59.76
N ASP C 200 14.48 -1.34 60.63
CA ASP C 200 14.20 -2.26 61.73
C ASP C 200 13.52 -1.53 62.89
N THR C 201 12.35 -1.00 62.62
CA THR C 201 11.66 -0.19 63.59
C THR C 201 10.54 -0.92 64.28
N SER C 202 10.51 -2.25 64.16
CA SER C 202 9.41 -3.05 64.71
C SER C 202 9.33 -2.94 66.22
N THR C 203 10.48 -2.70 66.83
CA THR C 203 10.66 -2.55 68.26
C THR C 203 10.48 -1.14 68.78
N ALA C 204 10.26 -0.19 67.86
CA ALA C 204 10.17 1.22 68.23
C ALA C 204 8.99 1.47 69.13
N ILE C 205 9.27 2.10 70.27
CA ILE C 205 8.23 2.55 71.16
C ILE C 205 7.92 3.98 70.75
N SER C 206 7.25 4.09 69.61
CA SER C 206 6.98 5.37 68.99
C SER C 206 5.50 5.37 68.58
N THR C 207 4.83 6.51 68.74
CA THR C 207 3.41 6.56 68.46
C THR C 207 2.98 7.87 67.82
N THR C 208 1.96 7.82 66.98
CA THR C 208 1.64 8.98 66.16
C THR C 208 0.15 9.43 66.24
N LEU C 209 -0.06 10.73 66.12
CA LEU C 209 -1.37 11.35 66.26
C LEU C 209 -2.27 11.15 65.03
N ASP C 210 -3.54 10.86 65.24
CA ASP C 210 -4.46 10.77 64.11
C ASP C 210 -4.89 12.18 63.70
N VAL C 211 -4.05 12.85 62.92
CA VAL C 211 -4.33 14.22 62.53
C VAL C 211 -5.60 14.30 61.68
N SER C 212 -5.88 13.24 60.92
CA SER C 212 -7.06 13.16 60.08
C SER C 212 -8.36 13.19 60.88
N LYS C 213 -8.26 12.91 62.17
CA LYS C 213 -9.44 12.68 62.98
C LYS C 213 -9.61 13.75 64.05
N LEU C 214 -8.82 14.81 63.97
CA LEU C 214 -8.92 15.86 64.98
C LEU C 214 -10.26 16.61 64.85
N GLY C 215 -10.68 17.28 65.91
CA GLY C 215 -11.92 18.03 65.91
C GLY C 215 -12.01 19.03 64.76
N LYS C 216 -10.98 19.87 64.66
CA LYS C 216 -10.89 20.80 63.55
C LYS C 216 -9.48 20.78 62.98
N LYS C 217 -9.21 21.64 62.00
CA LYS C 217 -7.88 21.72 61.42
C LYS C 217 -7.09 22.86 62.03
N TRP C 218 -7.68 24.05 62.11
CA TRP C 218 -6.90 25.16 62.65
C TRP C 218 -7.26 25.41 64.13
N TYR C 219 -6.28 25.12 64.98
CA TYR C 219 -6.38 25.30 66.43
C TYR C 219 -5.65 26.54 66.90
N PRO C 220 -6.16 27.16 67.95
CA PRO C 220 -5.47 28.28 68.59
C PRO C 220 -4.30 27.84 69.49
N TYR C 221 -3.26 28.68 69.50
CA TYR C 221 -2.19 28.54 70.46
C TYR C 221 -2.81 28.88 71.83
N LYS C 222 -2.65 27.99 72.80
CA LYS C 222 -3.17 28.21 74.14
C LYS C 222 -2.07 27.88 75.13
N THR C 223 -2.11 28.46 76.31
CA THR C 223 -1.18 28.06 77.38
C THR C 223 -1.88 27.09 78.34
N SER C 224 -1.11 26.52 79.28
CA SER C 224 -1.69 25.71 80.37
C SER C 224 -2.62 26.51 81.29
N ALA C 225 -2.27 27.76 81.52
CA ALA C 225 -3.10 28.68 82.30
C ALA C 225 -4.49 28.76 81.71
N ASP C 226 -4.55 28.99 80.40
CA ASP C 226 -5.78 29.07 79.64
C ASP C 226 -6.56 27.75 79.71
N TYR C 227 -5.84 26.64 79.65
CA TYR C 227 -6.44 25.32 79.68
C TYR C 227 -7.16 25.06 80.99
N ALA C 228 -6.51 25.39 82.09
CA ALA C 228 -7.05 25.19 83.44
C ALA C 228 -8.38 25.93 83.65
N THR C 229 -8.40 27.20 83.26
CA THR C 229 -9.56 28.06 83.39
C THR C 229 -10.76 27.51 82.62
N ALA C 230 -10.52 27.09 81.38
CA ALA C 230 -11.56 26.51 80.53
C ALA C 230 -12.12 25.24 81.17
N VAL C 231 -11.24 24.43 81.76
CA VAL C 231 -11.67 23.22 82.45
C VAL C 231 -12.40 23.59 83.75
N GLY C 232 -12.12 24.80 84.26
CA GLY C 232 -12.84 25.34 85.41
C GLY C 232 -14.31 25.65 85.15
N VAL C 233 -14.62 26.11 83.94
CA VAL C 233 -16.00 26.41 83.54
C VAL C 233 -16.77 25.18 83.06
N ASP C 234 -16.17 24.44 82.13
CA ASP C 234 -16.75 23.21 81.60
C ASP C 234 -15.64 22.50 80.81
N VAL C 235 -15.34 21.24 81.14
CA VAL C 235 -14.21 20.56 80.50
C VAL C 235 -14.35 20.50 78.96
N ASN C 236 -15.59 20.55 78.49
CA ASN C 236 -15.89 20.40 77.07
C ASN C 236 -15.50 21.68 76.28
N ILE C 237 -15.37 22.80 76.99
CA ILE C 237 -14.89 24.04 76.40
C ILE C 237 -13.44 23.86 75.93
N ALA C 238 -12.73 22.96 76.59
CA ALA C 238 -11.33 22.72 76.30
C ALA C 238 -11.13 21.97 74.98
N THR C 239 -12.12 21.16 74.60
CA THR C 239 -12.00 20.29 73.44
C THR C 239 -11.70 21.02 72.12
N PRO C 240 -12.36 22.17 71.88
CA PRO C 240 -11.89 22.87 70.68
C PRO C 240 -10.56 23.65 70.89
N LEU C 241 -9.92 23.53 72.05
CA LEU C 241 -8.70 24.28 72.31
C LEU C 241 -7.43 23.43 72.14
N VAL C 242 -7.51 22.15 72.52
CA VAL C 242 -6.36 21.24 72.36
C VAL C 242 -6.79 19.97 71.60
N PRO C 243 -6.03 19.60 70.56
CA PRO C 243 -6.37 18.47 69.68
C PRO C 243 -6.33 17.08 70.33
N ALA C 244 -5.45 16.83 71.30
CA ALA C 244 -5.37 15.51 71.94
C ALA C 244 -4.55 15.52 73.22
N ARG C 245 -4.54 14.39 73.91
CA ARG C 245 -3.70 14.19 75.07
C ARG C 245 -2.87 12.93 74.92
N LEU C 246 -1.59 13.01 75.25
CA LEU C 246 -0.74 11.81 75.29
C LEU C 246 -0.79 11.25 76.69
N VAL C 247 -1.15 9.98 76.84
CA VAL C 247 -1.23 9.32 78.15
C VAL C 247 -0.09 8.33 78.34
N ILE C 248 0.54 8.38 79.51
CA ILE C 248 1.74 7.59 79.81
C ILE C 248 1.63 6.79 81.10
N ALA C 249 1.92 5.50 81.04
CA ALA C 249 1.95 4.71 82.27
C ALA C 249 3.31 4.03 82.42
N LEU C 250 3.84 4.06 83.64
CA LEU C 250 5.05 3.32 84.00
C LEU C 250 4.87 2.50 85.27
N LEU C 251 5.31 1.23 85.19
CA LEU C 251 5.16 0.27 86.29
C LEU C 251 6.16 -0.88 86.13
N ASP C 252 6.05 -1.93 86.95
CA ASP C 252 6.91 -3.13 86.83
C ASP C 252 8.39 -2.86 87.15
N GLY C 253 8.65 -1.71 87.79
CA GLY C 253 9.98 -1.33 88.22
C GLY C 253 10.40 -2.00 89.52
N SER C 254 11.65 -1.83 89.91
CA SER C 254 12.20 -2.53 91.06
C SER C 254 12.23 -1.72 92.33
N SER C 255 12.01 -0.42 92.21
CA SER C 255 12.20 0.49 93.34
C SER C 255 10.97 1.29 93.76
N SER C 256 10.99 1.77 95.01
CA SER C 256 9.95 2.66 95.54
C SER C 256 10.31 4.08 95.09
N THR C 257 11.58 4.25 94.78
CA THR C 257 12.15 5.49 94.26
C THR C 257 12.27 5.42 92.75
N ALA C 258 12.00 6.53 92.06
CA ALA C 258 12.10 6.56 90.60
C ALA C 258 13.49 6.16 90.17
N VAL C 259 13.57 5.13 89.32
CA VAL C 259 14.85 4.75 88.72
C VAL C 259 14.90 5.34 87.34
N ALA C 260 16.04 5.93 86.97
CA ALA C 260 16.19 6.55 85.65
C ALA C 260 15.95 5.55 84.50
N ALA C 261 14.93 5.88 83.71
CA ALA C 261 14.43 5.02 82.64
C ALA C 261 14.71 5.55 81.24
N GLY C 262 14.17 6.71 80.91
CA GLY C 262 14.35 7.20 79.58
C GLY C 262 13.86 8.61 79.33
N ARG C 263 13.56 8.87 78.07
CA ARG C 263 13.11 10.17 77.61
C ARG C 263 12.06 10.03 76.51
N ILE C 264 11.13 10.98 76.47
CA ILE C 264 10.22 11.05 75.36
C ILE C 264 10.55 12.27 74.51
N TYR C 265 10.77 12.05 73.22
CA TYR C 265 10.98 13.15 72.28
C TYR C 265 9.74 13.36 71.42
N CYS C 266 9.55 14.57 70.94
CA CYS C 266 8.45 14.83 70.00
C CYS C 266 9.00 15.23 68.63
N THR C 267 8.54 14.53 67.59
CA THR C 267 8.90 14.87 66.23
C THR C 267 7.61 15.27 65.52
N TYR C 268 7.51 16.54 65.15
CA TYR C 268 6.25 17.10 64.65
C TYR C 268 6.41 17.83 63.31
N THR C 269 5.33 17.88 62.53
CA THR C 269 5.29 18.81 61.41
C THR C 269 4.12 19.74 61.62
N ILE C 270 4.40 21.01 61.88
CA ILE C 270 3.36 21.97 62.24
C ILE C 270 3.24 23.10 61.22
N GLN C 271 1.98 23.40 60.85
CA GLN C 271 1.63 24.55 60.01
C GLN C 271 1.23 25.69 60.91
N MET C 272 1.96 26.78 60.83
CA MET C 272 1.72 27.93 61.67
C MET C 272 1.20 29.12 60.86
N ILE C 273 0.09 29.71 61.27
CA ILE C 273 -0.51 30.83 60.53
C ILE C 273 -0.94 31.97 61.42
N GLU C 274 -1.13 33.14 60.77
CA GLU C 274 -1.70 34.36 61.36
C GLU C 274 -0.93 34.90 62.57
N PRO C 275 0.20 35.60 62.30
CA PRO C 275 1.15 36.22 63.25
C PRO C 275 0.55 37.16 64.31
N THR C 276 1.29 37.39 65.39
CA THR C 276 0.87 38.22 66.52
C THR C 276 2.00 38.98 67.18
N ALA C 277 1.69 40.17 67.70
CA ALA C 277 2.67 40.95 68.44
C ALA C 277 2.21 41.12 69.90
N GLY D 86 -25.33 -4.98 54.26
CA GLY D 86 -24.77 -6.29 54.58
C GLY D 86 -25.26 -6.91 55.88
N GLY D 87 -25.15 -6.12 56.96
CA GLY D 87 -25.55 -6.54 58.29
C GLY D 87 -24.30 -6.82 59.12
N ILE D 88 -23.14 -6.84 58.46
CA ILE D 88 -21.85 -7.11 59.12
C ILE D 88 -21.13 -5.85 59.58
N THR D 89 -20.88 -5.76 60.89
CA THR D 89 -20.03 -4.69 61.43
C THR D 89 -18.59 -5.24 61.56
N VAL D 90 -17.66 -4.70 60.80
CA VAL D 90 -16.28 -5.19 60.84
C VAL D 90 -15.45 -4.33 61.80
N LEU D 91 -14.79 -5.00 62.75
CA LEU D 91 -14.06 -4.34 63.81
C LEU D 91 -12.60 -4.83 63.88
N THR D 92 -11.65 -3.91 63.94
CA THR D 92 -10.25 -4.29 64.12
C THR D 92 -9.64 -3.56 65.33
N HIS D 93 -9.02 -4.31 66.25
CA HIS D 93 -8.63 -3.72 67.52
C HIS D 93 -7.51 -4.51 68.23
N SER D 94 -6.75 -3.83 69.09
CA SER D 94 -5.73 -4.48 69.93
C SER D 94 -6.01 -4.24 71.41
N GLU D 95 -5.93 -5.26 72.26
CA GLU D 95 -6.12 -5.00 73.70
C GLU D 95 -5.43 -6.01 74.61
N LEU D 96 -5.28 -5.62 75.87
CA LEU D 96 -4.67 -6.48 76.87
C LEU D 96 -5.50 -7.73 77.04
N SER D 97 -4.87 -8.90 77.01
CA SER D 97 -5.61 -10.16 77.12
C SER D 97 -5.16 -11.04 78.30
N ALA D 98 -3.93 -10.82 78.78
CA ALA D 98 -3.39 -11.62 79.88
C ALA D 98 -2.11 -11.01 80.46
N GLU D 99 -1.95 -11.07 81.77
CA GLU D 99 -0.65 -10.69 82.36
C GLU D 99 0.11 -11.95 82.81
N ILE D 100 1.39 -11.98 82.53
CA ILE D 100 2.12 -13.23 82.55
C ILE D 100 3.32 -13.21 83.50
N GLY D 101 3.45 -14.25 84.33
CA GLY D 101 4.57 -14.37 85.25
C GLY D 101 5.24 -15.74 85.20
N VAL D 102 6.52 -15.80 85.56
CA VAL D 102 7.31 -17.03 85.49
C VAL D 102 7.78 -17.59 86.82
N THR D 103 7.71 -18.92 86.92
CA THR D 103 8.20 -19.67 88.07
C THR D 103 9.20 -20.68 87.55
N ASP D 104 9.79 -21.45 88.45
CA ASP D 104 10.84 -22.39 88.07
C ASP D 104 10.30 -23.76 87.67
N SER D 105 8.99 -23.91 87.79
CA SER D 105 8.30 -25.14 87.36
C SER D 105 7.21 -24.79 86.37
N ILE D 106 6.91 -25.72 85.46
CA ILE D 106 5.97 -25.41 84.39
C ILE D 106 4.59 -25.13 84.94
N VAL D 107 4.00 -24.05 84.45
CA VAL D 107 2.62 -23.70 84.76
C VAL D 107 1.86 -23.51 83.45
N VAL D 108 0.85 -24.34 83.23
CA VAL D 108 0.13 -24.28 81.98
C VAL D 108 -1.26 -23.69 82.18
N SER D 109 -1.53 -22.60 81.47
CA SER D 109 -2.84 -21.90 81.50
C SER D 109 -3.47 -21.88 80.11
N SER D 110 -4.68 -21.34 80.02
CA SER D 110 -5.31 -21.24 78.71
C SER D 110 -6.36 -20.12 78.59
N GLU D 111 -6.74 -19.80 77.36
CA GLU D 111 -7.78 -18.79 77.10
C GLU D 111 -8.62 -19.26 75.91
N LEU D 112 -9.94 -19.20 76.06
CA LEU D 112 -10.86 -19.52 74.98
C LEU D 112 -10.78 -18.43 73.92
N VAL D 113 -10.62 -18.77 72.66
CA VAL D 113 -10.53 -17.73 71.63
C VAL D 113 -11.94 -17.32 71.17
N MET D 114 -12.62 -16.57 72.04
CA MET D 114 -13.96 -16.08 71.79
C MET D 114 -14.10 -14.73 72.48
N PRO D 115 -14.93 -13.83 71.93
CA PRO D 115 -15.02 -12.43 72.35
C PRO D 115 -15.10 -12.24 73.87
N TYR D 116 -15.90 -13.06 74.55
CA TYR D 116 -16.07 -12.91 75.99
C TYR D 116 -14.74 -13.00 76.78
N THR D 117 -13.78 -13.77 76.29
CA THR D 117 -12.56 -14.01 77.05
C THR D 117 -11.25 -13.48 76.46
N VAL D 118 -11.28 -12.81 75.30
CA VAL D 118 -10.03 -12.26 74.76
C VAL D 118 -9.70 -10.92 75.42
N GLY D 119 -10.72 -10.17 75.84
CA GLY D 119 -10.49 -8.89 76.47
C GLY D 119 -11.77 -8.25 76.97
N THR D 120 -11.67 -7.43 78.01
CA THR D 120 -12.87 -6.90 78.63
C THR D 120 -13.58 -5.96 77.68
N TRP D 121 -12.83 -5.20 76.88
CA TRP D 121 -13.46 -4.28 75.96
C TRP D 121 -14.24 -5.02 74.88
N LEU D 122 -13.58 -5.94 74.16
CA LEU D 122 -14.27 -6.72 73.15
C LEU D 122 -15.42 -7.47 73.75
N ARG D 123 -15.24 -7.93 74.98
CA ARG D 123 -16.30 -8.64 75.66
C ARG D 123 -17.58 -7.80 75.68
N GLY D 124 -17.47 -6.54 76.08
CA GLY D 124 -18.62 -5.66 76.15
C GLY D 124 -19.20 -5.32 74.79
N VAL D 125 -18.33 -5.00 73.85
CA VAL D 125 -18.77 -4.57 72.52
C VAL D 125 -19.54 -5.67 71.80
N ALA D 126 -18.92 -6.84 71.69
CA ALA D 126 -19.45 -7.94 70.88
C ALA D 126 -20.71 -8.60 71.50
N ALA D 127 -20.97 -8.32 72.77
CA ALA D 127 -22.16 -8.85 73.42
C ALA D 127 -23.43 -8.30 72.78
N ASN D 128 -23.30 -7.12 72.14
CA ASN D 128 -24.42 -6.46 71.45
C ASN D 128 -24.79 -7.12 70.13
N TRP D 129 -24.02 -8.13 69.75
CA TRP D 129 -24.30 -8.98 68.60
C TRP D 129 -24.43 -10.45 69.06
N SER D 130 -25.13 -11.26 68.26
CA SER D 130 -25.42 -12.66 68.60
C SER D 130 -24.34 -13.61 68.10
N LYS D 131 -23.79 -13.27 66.94
CA LYS D 131 -22.78 -14.09 66.29
C LYS D 131 -21.57 -13.24 65.90
N TYR D 132 -20.46 -13.92 65.66
CA TYR D 132 -19.26 -13.28 65.17
C TYR D 132 -18.52 -14.21 64.21
N SER D 133 -17.51 -13.66 63.55
CA SER D 133 -16.62 -14.47 62.77
C SER D 133 -15.25 -13.84 62.89
N TRP D 134 -14.25 -14.64 63.23
CA TRP D 134 -12.88 -14.16 63.25
C TRP D 134 -12.36 -14.05 61.80
N LEU D 135 -11.88 -12.90 61.40
CA LEU D 135 -11.20 -12.78 60.11
C LEU D 135 -9.72 -12.96 60.37
N SER D 136 -9.32 -12.47 61.53
CA SER D 136 -7.97 -12.64 62.02
C SER D 136 -7.98 -12.46 63.52
N VAL D 137 -7.26 -13.35 64.18
CA VAL D 137 -6.97 -13.31 65.61
C VAL D 137 -5.52 -13.59 65.80
N ARG D 138 -4.83 -12.63 66.38
CA ARG D 138 -3.42 -12.71 66.67
C ARG D 138 -3.12 -12.40 68.13
N TYR D 139 -2.40 -13.32 68.78
CA TYR D 139 -1.91 -13.16 70.15
C TYR D 139 -0.42 -12.82 70.17
N THR D 140 -0.07 -11.73 70.83
CA THR D 140 1.32 -11.25 70.82
C THR D 140 1.88 -11.01 72.23
N TYR D 141 2.99 -11.66 72.54
CA TYR D 141 3.62 -11.48 73.85
C TYR D 141 4.62 -10.31 73.83
N ILE D 142 4.46 -9.39 74.77
CA ILE D 142 5.38 -8.26 74.99
C ILE D 142 6.02 -8.31 76.39
N PRO D 143 7.36 -8.28 76.45
CA PRO D 143 8.07 -8.35 77.73
C PRO D 143 8.08 -7.03 78.54
N SER D 144 8.26 -7.13 79.86
CA SER D 144 8.39 -5.94 80.71
C SER D 144 9.47 -6.17 81.75
N CYS D 145 10.31 -7.17 81.52
CA CYS D 145 11.28 -7.56 82.52
C CYS D 145 12.68 -7.29 82.02
N PRO D 146 13.68 -7.34 82.93
CA PRO D 146 15.11 -7.23 82.59
C PRO D 146 15.63 -8.34 81.67
N SER D 147 16.68 -8.05 80.91
CA SER D 147 17.25 -9.04 80.01
C SER D 147 17.91 -10.16 80.80
N SER D 148 18.06 -9.94 82.10
CA SER D 148 18.73 -10.88 82.96
C SER D 148 17.71 -11.81 83.61
N THR D 149 16.46 -11.64 83.21
CA THR D 149 15.34 -12.42 83.76
C THR D 149 15.27 -13.84 83.20
N ALA D 150 15.31 -14.82 84.10
CA ALA D 150 15.20 -16.20 83.68
C ALA D 150 13.77 -16.58 83.34
N GLY D 151 13.61 -17.42 82.32
CA GLY D 151 12.31 -17.88 81.90
C GLY D 151 12.14 -17.91 80.39
N SER D 152 11.19 -18.75 79.97
CA SER D 152 10.76 -18.81 78.58
C SER D 152 9.21 -18.96 78.54
N ILE D 153 8.60 -18.52 77.44
CA ILE D 153 7.16 -18.61 77.25
C ILE D 153 6.83 -19.47 76.02
N HIS D 154 5.72 -20.21 76.09
CA HIS D 154 5.28 -21.08 75.01
C HIS D 154 3.80 -20.90 74.75
N MET D 155 3.42 -20.77 73.48
CA MET D 155 2.02 -20.61 73.07
C MET D 155 1.66 -21.39 71.81
N GLY D 156 0.46 -21.95 71.78
CA GLY D 156 -0.05 -22.66 70.61
C GLY D 156 -1.55 -22.80 70.70
N PHE D 157 -2.20 -23.22 69.61
CA PHE D 157 -3.66 -23.34 69.62
C PHE D 157 -4.18 -24.78 69.61
N GLN D 158 -5.24 -25.03 70.39
CA GLN D 158 -6.04 -26.24 70.24
C GLN D 158 -7.38 -25.85 69.64
N TYR D 159 -7.82 -26.67 68.69
CA TYR D 159 -8.99 -26.39 67.87
C TYR D 159 -10.14 -27.39 68.14
N ASP D 160 -9.92 -28.25 69.12
CA ASP D 160 -10.93 -29.21 69.57
C ASP D 160 -11.07 -29.07 71.07
N MET D 161 -12.24 -28.64 71.54
CA MET D 161 -12.41 -28.36 72.97
C MET D 161 -12.21 -29.58 73.85
N ALA D 162 -12.33 -30.76 73.25
CA ALA D 162 -12.19 -32.02 73.95
C ALA D 162 -10.73 -32.41 74.18
N ASP D 163 -9.82 -31.82 73.41
CA ASP D 163 -8.38 -32.08 73.59
C ASP D 163 -7.97 -31.78 75.02
N THR D 164 -7.20 -32.65 75.65
CA THR D 164 -6.70 -32.29 76.98
C THR D 164 -5.60 -31.26 76.76
N VAL D 165 -5.52 -30.28 77.65
CA VAL D 165 -4.46 -29.28 77.61
C VAL D 165 -3.10 -29.93 77.89
N PRO D 166 -2.08 -29.60 77.07
CA PRO D 166 -0.74 -30.16 77.20
C PRO D 166 -0.15 -29.92 78.58
N VAL D 167 0.82 -30.75 78.94
CA VAL D 167 1.42 -30.70 80.26
C VAL D 167 2.93 -30.43 80.24
N SER D 168 3.53 -30.56 79.07
CA SER D 168 4.96 -30.35 78.86
C SER D 168 5.20 -29.47 77.64
N VAL D 169 6.34 -28.79 77.56
CA VAL D 169 6.70 -28.02 76.35
C VAL D 169 6.68 -28.92 75.13
N ASN D 170 7.14 -30.14 75.32
CA ASN D 170 7.20 -31.11 74.23
C ASN D 170 5.86 -31.34 73.50
N GLN D 171 4.81 -31.60 74.26
CA GLN D 171 3.47 -31.74 73.72
C GLN D 171 3.05 -30.47 73.02
N LEU D 172 3.19 -29.38 73.76
CA LEU D 172 2.75 -28.08 73.31
C LEU D 172 3.42 -27.75 71.95
N SER D 173 4.67 -28.16 71.78
CA SER D 173 5.45 -27.83 70.57
C SER D 173 4.87 -28.38 69.26
N ASN D 174 4.01 -29.39 69.36
CA ASN D 174 3.46 -30.00 68.16
C ASN D 174 2.23 -29.28 67.61
N LEU D 175 1.70 -28.38 68.43
CA LEU D 175 0.49 -27.63 68.11
C LEU D 175 0.70 -26.62 67.01
N ARG D 176 -0.35 -26.46 66.18
CA ARG D 176 -0.44 -25.36 65.23
C ARG D 176 -0.25 -24.02 65.93
N GLY D 177 0.68 -23.22 65.44
CA GLY D 177 0.89 -21.89 65.97
C GLY D 177 1.76 -21.85 67.21
N TYR D 178 2.51 -22.92 67.44
CA TYR D 178 3.44 -22.94 68.55
C TYR D 178 4.48 -21.83 68.37
N VAL D 179 4.68 -21.05 69.42
CA VAL D 179 5.76 -20.05 69.42
C VAL D 179 6.49 -20.16 70.78
N SER D 180 7.71 -19.65 70.83
CA SER D 180 8.49 -19.85 72.03
C SER D 180 9.56 -18.78 72.10
N GLY D 181 9.85 -18.29 73.29
CA GLY D 181 10.92 -17.33 73.39
C GLY D 181 11.30 -16.97 74.80
N GLN D 182 12.45 -16.33 74.95
CA GLN D 182 12.88 -15.79 76.23
C GLN D 182 11.81 -14.85 76.72
N VAL D 183 11.61 -14.87 78.03
CA VAL D 183 10.52 -14.16 78.65
C VAL D 183 10.74 -12.63 78.57
N TRP D 184 11.97 -12.27 78.20
CA TRP D 184 12.41 -10.89 78.00
C TRP D 184 12.59 -10.55 76.52
N SER D 185 12.26 -11.51 75.66
CA SER D 185 12.18 -11.29 74.22
C SER D 185 10.75 -10.94 73.80
N GLY D 186 10.57 -10.53 72.55
CA GLY D 186 9.23 -10.32 72.02
C GLY D 186 8.88 -8.88 71.65
N SER D 187 9.81 -7.98 71.94
CA SER D 187 9.64 -6.56 71.71
C SER D 187 9.17 -6.31 70.29
N ALA D 188 9.75 -7.06 69.35
CA ALA D 188 9.48 -6.86 67.94
C ALA D 188 8.05 -7.22 67.59
N GLY D 189 7.30 -7.73 68.56
CA GLY D 189 5.90 -8.05 68.31
C GLY D 189 5.02 -6.81 68.32
N LEU D 190 5.58 -5.70 68.79
CA LEU D 190 4.81 -4.47 68.98
C LEU D 190 4.12 -3.95 67.73
N CYS D 191 4.79 -4.03 66.58
CA CYS D 191 4.26 -3.44 65.36
C CYS D 191 2.94 -4.08 65.00
N PHE D 192 2.73 -5.33 65.43
CA PHE D 192 1.46 -5.98 65.19
C PHE D 192 0.33 -5.31 65.96
N ILE D 193 0.67 -4.79 67.12
CA ILE D 193 -0.32 -4.24 68.04
C ILE D 193 -0.75 -2.83 67.65
N ASN D 194 0.17 -2.00 67.16
CA ASN D 194 -0.22 -0.65 66.74
C ASN D 194 -0.44 -0.56 65.23
N GLY D 195 -0.44 -1.72 64.57
CA GLY D 195 -0.71 -1.77 63.15
C GLY D 195 0.28 -0.96 62.32
N THR D 196 1.54 -0.91 62.77
CA THR D 196 2.55 -0.11 62.09
C THR D 196 3.25 -0.96 61.03
N ARG D 197 4.16 -0.36 60.27
CA ARG D 197 4.90 -1.08 59.22
C ARG D 197 5.79 -2.18 59.81
N CYS D 198 5.55 -3.42 59.42
CA CYS D 198 6.34 -4.52 59.97
C CYS D 198 7.52 -4.94 59.10
N SER D 199 8.68 -5.02 59.71
CA SER D 199 9.91 -5.42 59.01
C SER D 199 10.59 -6.57 59.74
N ASP D 200 11.39 -6.24 60.76
CA ASP D 200 12.15 -7.21 61.54
C ASP D 200 11.30 -7.89 62.61
N THR D 201 10.37 -8.73 62.17
CA THR D 201 9.47 -9.37 63.11
C THR D 201 9.85 -10.81 63.40
N SER D 202 11.06 -11.20 63.02
CA SER D 202 11.44 -12.61 63.18
C SER D 202 11.54 -13.01 64.65
N THR D 203 11.89 -12.03 65.50
CA THR D 203 12.08 -12.26 66.93
C THR D 203 10.80 -12.10 67.75
N ALA D 204 9.71 -11.76 67.07
CA ALA D 204 8.40 -11.54 67.68
C ALA D 204 7.79 -12.83 68.27
N ILE D 205 7.37 -12.81 69.53
CA ILE D 205 6.70 -14.00 70.08
C ILE D 205 5.19 -13.85 69.84
N SER D 206 4.79 -14.05 68.60
CA SER D 206 3.41 -13.83 68.18
C SER D 206 2.89 -14.97 67.32
N THR D 207 1.62 -15.34 67.49
CA THR D 207 1.02 -16.40 66.68
C THR D 207 -0.44 -16.09 66.34
N THR D 208 -0.87 -16.61 65.21
CA THR D 208 -2.14 -16.22 64.62
C THR D 208 -3.02 -17.45 64.40
N LEU D 209 -4.33 -17.25 64.50
CA LEU D 209 -5.30 -18.33 64.41
C LEU D 209 -5.61 -18.76 62.96
N ASP D 210 -5.77 -20.07 62.73
CA ASP D 210 -6.18 -20.58 61.41
C ASP D 210 -7.65 -20.33 61.22
N VAL D 211 -8.04 -19.15 60.76
CA VAL D 211 -9.45 -18.89 60.59
C VAL D 211 -10.04 -19.79 59.52
N SER D 212 -9.25 -20.14 58.52
CA SER D 212 -9.68 -20.98 57.40
C SER D 212 -10.10 -22.39 57.81
N LYS D 213 -9.69 -22.80 59.00
CA LYS D 213 -9.83 -24.19 59.34
C LYS D 213 -10.77 -24.37 60.52
N LEU D 214 -11.49 -23.31 60.86
CA LEU D 214 -12.43 -23.42 61.97
C LEU D 214 -13.60 -24.32 61.56
N GLY D 215 -14.28 -24.88 62.55
CA GLY D 215 -15.40 -25.78 62.30
C GLY D 215 -16.41 -25.14 61.39
N LYS D 216 -16.85 -23.94 61.76
CA LYS D 216 -17.75 -23.14 60.92
C LYS D 216 -17.27 -21.68 60.82
N LYS D 217 -18.07 -20.83 60.18
CA LYS D 217 -17.69 -19.44 60.02
C LYS D 217 -18.32 -18.55 61.08
N TRP D 218 -19.61 -18.74 61.32
CA TRP D 218 -20.32 -17.89 62.27
C TRP D 218 -20.53 -18.56 63.63
N TYR D 219 -19.83 -18.04 64.63
CA TYR D 219 -19.96 -18.61 65.95
C TYR D 219 -20.88 -17.75 66.79
N PRO D 220 -21.64 -18.40 67.67
CA PRO D 220 -22.46 -17.65 68.61
C PRO D 220 -21.61 -17.06 69.71
N TYR D 221 -21.95 -15.85 70.13
CA TYR D 221 -21.36 -15.25 71.31
C TYR D 221 -21.81 -16.04 72.53
N LYS D 222 -20.86 -16.57 73.30
CA LYS D 222 -21.20 -17.31 74.51
C LYS D 222 -20.36 -16.75 75.65
N THR D 223 -20.82 -16.90 76.88
CA THR D 223 -20.02 -16.46 78.03
C THR D 223 -19.22 -17.61 78.65
N SER D 224 -18.34 -17.28 79.61
CA SER D 224 -17.65 -18.32 80.36
C SER D 224 -18.63 -19.22 81.11
N ALA D 225 -19.68 -18.60 81.62
CA ALA D 225 -20.76 -19.35 82.24
C ALA D 225 -21.33 -20.40 81.27
N ASP D 226 -21.69 -19.94 80.08
CA ASP D 226 -22.24 -20.82 79.05
C ASP D 226 -21.30 -21.93 78.64
N TYR D 227 -20.01 -21.63 78.57
CA TYR D 227 -19.02 -22.64 78.22
C TYR D 227 -19.00 -23.78 79.23
N ALA D 228 -18.94 -23.43 80.52
CA ALA D 228 -18.90 -24.40 81.60
C ALA D 228 -20.12 -25.36 81.61
N THR D 229 -21.32 -24.82 81.50
CA THR D 229 -22.53 -25.66 81.49
C THR D 229 -22.52 -26.63 80.32
N ALA D 230 -22.16 -26.14 79.13
CA ALA D 230 -22.12 -26.98 77.92
C ALA D 230 -21.16 -28.15 78.09
N VAL D 231 -20.01 -27.89 78.69
CA VAL D 231 -19.00 -28.92 78.95
C VAL D 231 -19.40 -29.90 80.07
N GLY D 232 -20.24 -29.43 81.00
CA GLY D 232 -20.76 -30.28 82.05
C GLY D 232 -21.68 -31.38 81.54
N VAL D 233 -22.41 -31.06 80.48
CA VAL D 233 -23.32 -31.98 79.82
C VAL D 233 -22.55 -32.89 78.86
N ASP D 234 -21.76 -32.28 77.97
CA ASP D 234 -20.89 -33.04 77.06
C ASP D 234 -19.89 -32.06 76.47
N VAL D 235 -18.61 -32.40 76.61
CA VAL D 235 -17.52 -31.54 76.19
C VAL D 235 -17.62 -31.22 74.69
N ASN D 236 -18.22 -32.12 73.95
CA ASN D 236 -18.30 -31.97 72.52
C ASN D 236 -19.34 -30.92 72.13
N ILE D 237 -20.26 -30.61 73.05
CA ILE D 237 -21.22 -29.52 72.84
C ILE D 237 -20.51 -28.16 72.84
N ALA D 238 -19.41 -28.06 73.58
CA ALA D 238 -18.73 -26.77 73.69
C ALA D 238 -18.01 -26.44 72.39
N THR D 239 -17.62 -27.47 71.64
CA THR D 239 -16.86 -27.29 70.39
C THR D 239 -17.57 -26.44 69.32
N PRO D 240 -18.89 -26.62 69.13
CA PRO D 240 -19.52 -25.68 68.19
C PRO D 240 -19.75 -24.28 68.79
N LEU D 241 -19.29 -24.07 70.02
CA LEU D 241 -19.49 -22.81 70.71
C LEU D 241 -18.25 -21.92 70.71
N VAL D 242 -17.07 -22.52 70.76
CA VAL D 242 -15.85 -21.73 70.73
C VAL D 242 -14.96 -22.26 69.60
N PRO D 243 -14.37 -21.34 68.82
CA PRO D 243 -13.53 -21.70 67.66
C PRO D 243 -12.20 -22.41 67.98
N ALA D 244 -11.57 -22.06 69.09
CA ALA D 244 -10.28 -22.67 69.44
C ALA D 244 -9.95 -22.26 70.84
N ARG D 245 -8.85 -22.79 71.38
CA ARG D 245 -8.33 -22.31 72.66
C ARG D 245 -6.85 -21.99 72.52
N LEU D 246 -6.40 -20.95 73.21
CA LEU D 246 -4.98 -20.62 73.26
C LEU D 246 -4.36 -21.38 74.45
N VAL D 247 -3.28 -22.10 74.20
CA VAL D 247 -2.61 -22.82 75.27
C VAL D 247 -1.30 -22.10 75.59
N ILE D 248 -1.03 -21.92 76.88
CA ILE D 248 0.16 -21.21 77.35
C ILE D 248 0.90 -21.94 78.47
N ALA D 249 2.21 -22.09 78.31
CA ALA D 249 3.03 -22.64 79.40
C ALA D 249 4.18 -21.68 79.74
N LEU D 250 4.46 -21.50 81.03
CA LEU D 250 5.64 -20.73 81.39
C LEU D 250 6.45 -21.55 82.35
N LEU D 251 7.75 -21.62 82.09
CA LEU D 251 8.67 -22.43 82.88
C LEU D 251 10.06 -21.86 82.71
N ASP D 252 11.06 -22.59 83.22
CA ASP D 252 12.47 -22.20 83.09
C ASP D 252 12.79 -20.93 83.89
N GLY D 253 11.93 -20.55 84.82
CA GLY D 253 12.15 -19.39 85.65
C GLY D 253 13.13 -19.66 86.77
N SER D 254 13.55 -18.61 87.47
CA SER D 254 14.54 -18.72 88.51
C SER D 254 13.96 -18.69 89.93
N SER D 255 12.68 -18.40 90.04
CA SER D 255 12.03 -18.29 91.34
C SER D 255 10.88 -19.27 91.48
N SER D 256 10.57 -19.65 92.71
CA SER D 256 9.41 -20.52 92.94
C SER D 256 8.19 -19.63 93.00
N THR D 257 8.44 -18.34 93.26
CA THR D 257 7.40 -17.32 93.26
C THR D 257 7.41 -16.61 91.92
N ALA D 258 6.21 -16.42 91.36
CA ALA D 258 6.06 -15.85 90.01
C ALA D 258 6.72 -14.47 89.88
N VAL D 259 7.54 -14.33 88.85
CA VAL D 259 8.14 -13.03 88.55
C VAL D 259 7.45 -12.34 87.38
N ALA D 260 7.20 -11.04 87.51
CA ALA D 260 6.56 -10.29 86.45
C ALA D 260 7.43 -10.38 85.20
N ALA D 261 6.82 -10.92 84.15
CA ALA D 261 7.51 -11.19 82.90
C ALA D 261 7.04 -10.28 81.76
N GLY D 262 5.77 -10.40 81.40
CA GLY D 262 5.20 -9.59 80.34
C GLY D 262 3.69 -9.67 80.24
N ARG D 263 3.19 -9.39 79.03
CA ARG D 263 1.76 -9.38 78.74
C ARG D 263 1.45 -10.01 77.38
N ILE D 264 0.28 -10.61 77.31
CA ILE D 264 -0.21 -11.11 76.04
C ILE D 264 -1.32 -10.19 75.55
N TYR D 265 -1.16 -9.66 74.33
CA TYR D 265 -2.19 -8.82 73.71
C TYR D 265 -2.91 -9.59 72.64
N CYS D 266 -4.15 -9.25 72.39
CA CYS D 266 -4.87 -9.86 71.30
C CYS D 266 -5.19 -8.78 70.25
N THR D 267 -4.80 -9.06 69.02
CA THR D 267 -5.04 -8.18 67.88
C THR D 267 -5.90 -8.94 66.89
N TYR D 268 -7.13 -8.49 66.70
CA TYR D 268 -8.09 -9.26 65.94
C TYR D 268 -8.80 -8.40 64.94
N THR D 269 -9.33 -9.04 63.91
CA THR D 269 -10.33 -8.44 63.03
C THR D 269 -11.62 -9.28 63.10
N ILE D 270 -12.69 -8.72 63.64
CA ILE D 270 -13.89 -9.53 63.86
C ILE D 270 -15.10 -9.05 63.05
N GLN D 271 -15.85 -10.02 62.51
CA GLN D 271 -17.12 -9.73 61.86
C GLN D 271 -18.27 -9.98 62.83
N MET D 272 -19.05 -8.94 63.10
CA MET D 272 -20.18 -9.07 64.02
C MET D 272 -21.52 -8.92 63.32
N ILE D 273 -22.41 -9.89 63.50
CA ILE D 273 -23.69 -9.87 62.80
C ILE D 273 -24.86 -10.13 63.75
N GLU D 274 -26.06 -9.72 63.31
CA GLU D 274 -27.34 -9.98 63.98
C GLU D 274 -27.42 -9.43 65.42
N PRO D 275 -27.64 -8.11 65.57
CA PRO D 275 -27.77 -7.42 66.87
C PRO D 275 -28.83 -8.02 67.82
N THR D 276 -28.65 -7.76 69.10
CA THR D 276 -29.53 -8.28 70.16
C THR D 276 -29.64 -7.31 71.34
N ALA D 277 -30.79 -7.30 72.02
CA ALA D 277 -30.97 -6.42 73.19
C ALA D 277 -31.17 -7.23 74.48
N GLY E 87 1.37 -42.35 45.53
CA GLY E 87 1.58 -43.17 46.71
C GLY E 87 2.26 -42.41 47.83
N ILE E 88 2.68 -41.18 47.54
CA ILE E 88 3.42 -40.34 48.50
C ILE E 88 2.61 -39.41 49.43
N THR E 89 2.75 -39.61 50.74
CA THR E 89 2.19 -38.68 51.71
C THR E 89 3.24 -37.64 52.16
N VAL E 90 3.01 -36.37 51.80
CA VAL E 90 3.93 -35.31 52.19
C VAL E 90 3.48 -34.64 53.47
N LEU E 91 4.41 -34.55 54.42
CA LEU E 91 4.15 -34.05 55.76
C LEU E 91 5.16 -32.97 56.17
N THR E 92 4.65 -31.83 56.66
CA THR E 92 5.47 -30.75 57.18
C THR E 92 5.13 -30.38 58.60
N HIS E 93 6.12 -30.35 59.48
CA HIS E 93 5.82 -30.11 60.88
C HIS E 93 7.08 -29.63 61.61
N SER E 94 6.85 -28.96 62.74
CA SER E 94 7.90 -28.57 63.67
C SER E 94 7.59 -29.18 65.03
N GLU E 95 8.61 -29.71 65.70
CA GLU E 95 8.42 -30.20 67.06
C GLU E 95 9.69 -30.13 67.91
N LEU E 96 9.51 -30.24 69.22
CA LEU E 96 10.63 -30.23 70.15
C LEU E 96 11.52 -31.39 69.82
N SER E 97 12.82 -31.15 69.75
CA SER E 97 13.71 -32.21 69.37
C SER E 97 14.77 -32.51 70.45
N ALA E 98 15.08 -31.53 71.28
CA ALA E 98 16.15 -31.63 72.28
C ALA E 98 16.10 -30.55 73.34
N GLU E 99 16.41 -30.92 74.57
CA GLU E 99 16.55 -29.93 75.64
C GLU E 99 18.03 -29.70 75.84
N ILE E 100 18.42 -28.44 76.02
CA ILE E 100 19.82 -28.07 75.95
C ILE E 100 20.27 -27.36 77.23
N GLY E 101 21.38 -27.83 77.80
CA GLY E 101 21.99 -27.24 78.99
C GLY E 101 23.49 -26.97 78.89
N VAL E 102 23.97 -25.95 79.58
CA VAL E 102 25.37 -25.58 79.41
C VAL E 102 26.20 -25.64 80.70
N THR E 103 27.43 -26.14 80.57
CA THR E 103 28.44 -26.16 81.64
C THR E 103 29.74 -25.53 81.17
N ASP E 104 30.77 -25.52 82.03
CA ASP E 104 32.04 -24.84 81.73
C ASP E 104 33.04 -25.71 80.99
N SER E 105 32.70 -26.97 80.77
CA SER E 105 33.56 -27.82 79.99
C SER E 105 32.79 -28.37 78.81
N ILE E 106 33.47 -28.64 77.70
CA ILE E 106 32.79 -29.04 76.48
C ILE E 106 32.05 -30.37 76.66
N VAL E 107 30.81 -30.38 76.20
CA VAL E 107 29.98 -31.56 76.18
C VAL E 107 29.48 -31.72 74.76
N VAL E 108 29.81 -32.84 74.11
CA VAL E 108 29.35 -33.05 72.74
C VAL E 108 28.28 -34.13 72.69
N SER E 109 27.10 -33.79 72.19
CA SER E 109 26.04 -34.75 72.03
C SER E 109 25.66 -34.87 70.57
N SER E 110 24.81 -35.84 70.25
CA SER E 110 24.39 -36.01 68.87
C SER E 110 22.98 -36.60 68.76
N GLU E 111 22.40 -36.45 67.57
CA GLU E 111 21.07 -36.99 67.28
C GLU E 111 21.03 -37.52 65.85
N LEU E 112 20.49 -38.71 65.67
CA LEU E 112 20.30 -39.27 64.34
C LEU E 112 19.18 -38.50 63.61
N VAL E 113 19.45 -38.13 62.36
CA VAL E 113 18.47 -37.43 61.53
C VAL E 113 17.54 -38.43 60.83
N MET E 114 16.64 -39.04 61.60
CA MET E 114 15.67 -40.00 61.08
C MET E 114 14.42 -39.93 61.92
N PRO E 115 13.25 -40.25 61.33
CA PRO E 115 11.97 -40.05 61.99
C PRO E 115 11.97 -40.54 63.43
N TYR E 116 12.53 -41.71 63.71
CA TYR E 116 12.51 -42.25 65.06
C TYR E 116 13.14 -41.31 66.09
N THR E 117 14.13 -40.53 65.68
CA THR E 117 14.88 -39.76 66.66
C THR E 117 14.80 -38.24 66.55
N VAL E 118 14.05 -37.68 65.61
CA VAL E 118 13.97 -36.21 65.55
C VAL E 118 12.95 -35.69 66.54
N GLY E 119 11.92 -36.48 66.83
CA GLY E 119 10.90 -36.04 67.78
C GLY E 119 9.91 -37.14 68.06
N THR E 120 9.30 -37.11 69.25
CA THR E 120 8.41 -38.20 69.67
C THR E 120 7.12 -38.26 68.86
N TRP E 121 6.60 -37.12 68.44
CA TRP E 121 5.41 -37.11 67.58
C TRP E 121 5.69 -37.71 66.21
N LEU E 122 6.72 -37.26 65.51
CA LEU E 122 7.04 -37.83 64.19
C LEU E 122 7.32 -39.33 64.25
N ARG E 123 7.93 -39.75 65.35
CA ARG E 123 8.28 -41.14 65.58
C ARG E 123 7.06 -42.01 65.40
N GLY E 124 5.96 -41.61 66.04
CA GLY E 124 4.72 -42.36 65.97
C GLY E 124 4.10 -42.33 64.58
N VAL E 125 4.09 -41.17 63.95
CA VAL E 125 3.48 -41.02 62.64
C VAL E 125 4.18 -41.86 61.57
N ALA E 126 5.49 -41.66 61.43
CA ALA E 126 6.25 -42.24 60.33
C ALA E 126 6.43 -43.76 60.43
N ALA E 127 6.16 -44.31 61.61
CA ALA E 127 6.26 -45.73 61.84
C ALA E 127 5.25 -46.50 60.98
N ASN E 128 4.17 -45.81 60.62
CA ASN E 128 3.09 -46.38 59.83
C ASN E 128 3.45 -46.52 58.38
N TRP E 129 4.65 -46.06 58.03
CA TRP E 129 5.21 -46.27 56.71
C TRP E 129 6.56 -46.99 56.80
N SER E 130 6.97 -47.65 55.71
CA SER E 130 8.22 -48.44 55.67
C SER E 130 9.41 -47.56 55.30
N LYS E 131 9.14 -46.59 54.43
CA LYS E 131 10.16 -45.69 53.91
C LYS E 131 9.76 -44.20 53.98
N TYR E 132 10.78 -43.35 53.96
CA TYR E 132 10.64 -41.91 53.94
C TYR E 132 11.75 -41.24 53.10
N SER E 133 11.57 -39.96 52.85
CA SER E 133 12.57 -39.15 52.18
C SER E 133 12.54 -37.76 52.81
N TRP E 134 13.68 -37.26 53.24
CA TRP E 134 13.73 -35.88 53.73
C TRP E 134 13.67 -34.97 52.51
N LEU E 135 12.69 -34.06 52.46
CA LEU E 135 12.70 -33.01 51.44
C LEU E 135 13.34 -31.82 52.05
N SER E 136 13.16 -31.66 53.35
CA SER E 136 13.83 -30.57 54.05
C SER E 136 13.94 -30.88 55.54
N VAL E 137 15.11 -30.66 56.13
CA VAL E 137 15.27 -30.78 57.59
C VAL E 137 16.06 -29.65 58.19
N ARG E 138 15.46 -28.96 59.16
CA ARG E 138 16.10 -27.85 59.86
C ARG E 138 16.09 -27.97 61.39
N TYR E 139 17.26 -27.79 62.02
CA TYR E 139 17.41 -27.76 63.48
C TYR E 139 17.54 -26.32 63.88
N THR E 140 16.70 -25.88 64.80
CA THR E 140 16.70 -24.47 65.14
C THR E 140 16.88 -24.39 66.67
N TYR E 141 17.91 -23.69 67.14
CA TYR E 141 18.12 -23.53 68.59
C TYR E 141 17.38 -22.30 69.07
N ILE E 142 16.54 -22.48 70.07
CA ILE E 142 15.83 -21.34 70.65
C ILE E 142 16.25 -21.19 72.10
N PRO E 143 16.70 -19.99 72.49
CA PRO E 143 17.18 -19.78 73.85
C PRO E 143 16.05 -19.69 74.87
N SER E 144 16.34 -19.96 76.14
CA SER E 144 15.34 -19.79 77.20
C SER E 144 15.95 -19.21 78.47
N CYS E 145 17.13 -18.60 78.33
CA CYS E 145 17.91 -18.12 79.47
C CYS E 145 18.06 -16.59 79.48
N PRO E 146 18.56 -16.03 80.61
CA PRO E 146 18.91 -14.61 80.72
C PRO E 146 20.02 -14.19 79.74
N SER E 147 20.09 -12.91 79.41
CA SER E 147 21.13 -12.42 78.51
C SER E 147 22.52 -12.48 79.13
N SER E 148 22.55 -12.69 80.44
CA SER E 148 23.78 -12.69 81.23
C SER E 148 24.32 -14.12 81.43
N THR E 149 23.70 -15.09 80.76
CA THR E 149 24.10 -16.48 80.83
C THR E 149 25.35 -16.79 80.01
N ALA E 150 26.39 -17.34 80.65
CA ALA E 150 27.59 -17.74 79.91
C ALA E 150 27.32 -19.04 79.16
N GLY E 151 27.90 -19.18 77.97
CA GLY E 151 27.74 -20.38 77.17
C GLY E 151 27.52 -20.17 75.67
N SER E 152 27.88 -21.19 74.89
CA SER E 152 27.64 -21.20 73.46
C SER E 152 27.19 -22.56 73.00
N ILE E 153 26.46 -22.60 71.90
CA ILE E 153 26.01 -23.86 71.34
C ILE E 153 26.57 -23.96 69.95
N HIS E 154 26.89 -25.18 69.54
CA HIS E 154 27.42 -25.45 68.20
C HIS E 154 26.72 -26.65 67.60
N MET E 155 26.38 -26.53 66.33
CA MET E 155 25.68 -27.59 65.62
C MET E 155 26.29 -27.78 64.23
N GLY E 156 26.29 -29.02 63.76
CA GLY E 156 26.74 -29.32 62.41
C GLY E 156 26.30 -30.70 62.01
N PHE E 157 26.43 -31.05 60.73
CA PHE E 157 26.01 -32.37 60.30
C PHE E 157 27.18 -33.28 59.91
N GLN E 158 27.05 -34.55 60.27
CA GLN E 158 27.91 -35.61 59.74
C GLN E 158 27.07 -36.47 58.83
N TYR E 159 27.63 -36.87 57.70
CA TYR E 159 26.85 -37.59 56.71
C TYR E 159 27.33 -39.02 56.52
N ASP E 160 28.31 -39.41 57.32
CA ASP E 160 28.83 -40.76 57.32
C ASP E 160 28.83 -41.31 58.75
N MET E 161 28.07 -42.37 58.99
CA MET E 161 27.92 -42.87 60.36
C MET E 161 29.24 -43.37 60.96
N ALA E 162 30.21 -43.66 60.11
CA ALA E 162 31.49 -44.15 60.57
C ALA E 162 32.39 -43.04 61.12
N ASP E 163 32.10 -41.80 60.75
CA ASP E 163 32.84 -40.65 61.28
C ASP E 163 32.73 -40.64 62.82
N THR E 164 33.81 -40.35 63.55
CA THR E 164 33.71 -40.23 65.01
C THR E 164 33.09 -38.89 65.36
N VAL E 165 32.24 -38.84 66.39
CA VAL E 165 31.69 -37.56 66.80
C VAL E 165 32.87 -36.69 67.24
N PRO E 166 32.94 -35.43 66.76
CA PRO E 166 34.00 -34.46 67.00
C PRO E 166 34.22 -34.19 68.48
N VAL E 167 35.39 -33.68 68.82
CA VAL E 167 35.73 -33.45 70.22
C VAL E 167 36.05 -31.97 70.53
N SER E 168 36.21 -31.14 69.52
CA SER E 168 36.47 -29.72 69.77
C SER E 168 35.61 -28.85 68.87
N VAL E 169 35.41 -27.61 69.30
CA VAL E 169 34.79 -26.61 68.45
C VAL E 169 35.58 -26.47 67.13
N ASN E 170 36.91 -26.62 67.19
CA ASN E 170 37.73 -26.52 65.98
C ASN E 170 37.29 -27.49 64.89
N GLN E 171 37.15 -28.76 65.26
CA GLN E 171 36.63 -29.76 64.32
C GLN E 171 35.23 -29.46 63.81
N LEU E 172 34.32 -29.25 64.75
CA LEU E 172 32.92 -29.08 64.47
C LEU E 172 32.71 -27.93 63.49
N SER E 173 33.56 -26.91 63.60
CA SER E 173 33.43 -25.71 62.77
C SER E 173 33.59 -25.99 61.28
N ASN E 174 34.16 -27.15 60.95
CA ASN E 174 34.41 -27.57 59.56
C ASN E 174 33.25 -28.32 58.88
N LEU E 175 32.22 -28.69 59.64
CA LEU E 175 31.05 -29.45 59.14
C LEU E 175 30.12 -28.62 58.26
N ARG E 176 29.52 -29.24 57.25
CA ARG E 176 28.43 -28.62 56.51
C ARG E 176 27.31 -28.18 57.44
N GLY E 177 26.95 -26.90 57.36
CA GLY E 177 25.83 -26.38 58.11
C GLY E 177 26.23 -26.05 59.53
N TYR E 178 27.53 -25.90 59.77
CA TYR E 178 28.02 -25.52 61.10
C TYR E 178 27.47 -24.16 61.53
N VAL E 179 26.92 -24.09 62.73
CA VAL E 179 26.45 -22.83 63.28
C VAL E 179 26.86 -22.68 64.73
N SER E 180 26.89 -21.45 65.22
CA SER E 180 27.38 -21.21 66.57
C SER E 180 26.88 -19.89 67.10
N GLY E 181 26.59 -19.87 68.40
CA GLY E 181 26.20 -18.64 69.05
C GLY E 181 26.10 -18.73 70.56
N GLN E 182 25.94 -17.57 71.19
CA GLN E 182 25.63 -17.50 72.61
C GLN E 182 24.36 -18.31 72.92
N VAL E 183 24.28 -18.89 74.11
CA VAL E 183 23.13 -19.71 74.44
C VAL E 183 21.86 -18.85 74.66
N TRP E 184 22.05 -17.54 74.77
CA TRP E 184 20.94 -16.62 74.98
C TRP E 184 20.57 -15.91 73.69
N SER E 185 21.28 -16.24 72.63
CA SER E 185 20.97 -15.76 71.28
C SER E 185 20.13 -16.81 70.54
N GLY E 186 19.59 -16.45 69.39
CA GLY E 186 18.94 -17.43 68.53
C GLY E 186 17.44 -17.23 68.35
N SER E 187 16.90 -16.23 69.04
CA SER E 187 15.48 -15.86 69.03
C SER E 187 14.93 -15.68 67.62
N ALA E 188 15.74 -15.08 66.75
CA ALA E 188 15.28 -14.79 65.41
C ALA E 188 15.01 -16.05 64.60
N GLY E 189 15.36 -17.20 65.16
CA GLY E 189 15.10 -18.47 64.50
C GLY E 189 13.67 -18.94 64.60
N LEU E 190 12.89 -18.29 65.45
CA LEU E 190 11.51 -18.69 65.74
C LEU E 190 10.63 -18.72 64.50
N CYS E 191 10.84 -17.75 63.62
CA CYS E 191 10.02 -17.63 62.42
C CYS E 191 10.16 -18.86 61.53
N PHE E 192 11.30 -19.55 61.61
CA PHE E 192 11.48 -20.79 60.86
C PHE E 192 10.56 -21.86 61.36
N ILE E 193 10.25 -21.83 62.64
CA ILE E 193 9.52 -22.92 63.27
C ILE E 193 8.01 -22.90 62.98
N ASN E 194 7.43 -21.71 63.00
CA ASN E 194 6.02 -21.54 62.71
C ASN E 194 5.73 -21.11 61.26
N GLY E 195 6.71 -21.25 60.37
CA GLY E 195 6.55 -20.95 58.96
C GLY E 195 6.19 -19.52 58.58
N THR E 196 6.71 -18.52 59.30
CA THR E 196 6.35 -17.12 59.06
C THR E 196 7.26 -16.43 58.03
N ARG E 197 6.97 -15.18 57.70
CA ARG E 197 7.82 -14.37 56.83
C ARG E 197 9.15 -14.14 57.58
N CYS E 198 10.23 -14.70 57.03
CA CYS E 198 11.52 -14.54 57.67
C CYS E 198 12.32 -13.43 57.03
N SER E 199 12.79 -12.52 57.88
CA SER E 199 13.50 -11.34 57.45
C SER E 199 14.84 -11.28 58.15
N ASP E 200 14.85 -10.77 59.38
CA ASP E 200 16.09 -10.62 60.12
C ASP E 200 16.53 -11.93 60.77
N THR E 201 16.92 -12.89 59.95
CA THR E 201 17.31 -14.19 60.48
C THR E 201 18.83 -14.37 60.58
N SER E 202 19.56 -13.27 60.48
CA SER E 202 21.02 -13.31 60.45
C SER E 202 21.58 -13.89 61.75
N THR E 203 20.85 -13.66 62.83
CA THR E 203 21.26 -14.09 64.15
C THR E 203 20.77 -15.49 64.49
N ALA E 204 20.00 -16.09 63.57
CA ALA E 204 19.39 -17.40 63.80
C ALA E 204 20.45 -18.50 63.93
N ILE E 205 20.35 -19.27 65.00
CA ILE E 205 21.15 -20.48 65.19
C ILE E 205 20.37 -21.67 64.65
N SER E 206 20.24 -21.69 63.33
CA SER E 206 19.39 -22.66 62.67
C SER E 206 20.19 -23.23 61.49
N THR E 207 20.04 -24.52 61.26
CA THR E 207 20.80 -25.17 60.21
C THR E 207 20.01 -26.27 59.49
N THR E 208 20.35 -26.52 58.22
CA THR E 208 19.57 -27.43 57.40
C THR E 208 20.39 -28.52 56.75
N LEU E 209 19.76 -29.66 56.51
CA LEU E 209 20.38 -30.84 55.94
C LEU E 209 20.57 -30.76 54.41
N ASP E 210 21.71 -31.19 53.87
CA ASP E 210 21.87 -31.24 52.42
C ASP E 210 21.17 -32.46 51.91
N VAL E 211 19.85 -32.37 51.76
CA VAL E 211 19.01 -33.48 51.29
C VAL E 211 19.41 -33.89 49.89
N SER E 212 19.86 -32.89 49.12
CA SER E 212 20.27 -33.07 47.75
C SER E 212 21.49 -34.00 47.60
N LYS E 213 22.21 -34.19 48.69
CA LYS E 213 23.47 -34.93 48.62
C LYS E 213 23.51 -36.17 49.49
N LEU E 214 22.36 -36.64 49.95
CA LEU E 214 22.31 -37.83 50.77
C LEU E 214 22.69 -39.04 49.90
N GLY E 215 23.08 -40.15 50.54
CA GLY E 215 23.44 -41.35 49.81
C GLY E 215 22.39 -41.86 48.83
N LYS E 216 21.16 -42.02 49.31
CA LYS E 216 20.02 -42.44 48.49
C LYS E 216 18.84 -41.50 48.71
N LYS E 217 17.70 -41.79 48.09
CA LYS E 217 16.53 -40.94 48.30
C LYS E 217 15.62 -41.51 49.35
N TRP E 218 15.33 -42.81 49.23
CA TRP E 218 14.39 -43.47 50.12
C TRP E 218 15.10 -44.29 51.19
N TYR E 219 14.95 -43.86 52.44
CA TYR E 219 15.54 -44.57 53.57
C TYR E 219 14.49 -45.39 54.28
N PRO E 220 14.90 -46.52 54.85
CA PRO E 220 13.96 -47.26 55.71
C PRO E 220 13.79 -46.59 57.05
N TYR E 221 12.56 -46.65 57.58
CA TYR E 221 12.27 -46.25 58.96
C TYR E 221 13.02 -47.18 59.88
N LYS E 222 13.87 -46.65 60.74
CA LYS E 222 14.60 -47.52 61.63
C LYS E 222 14.50 -47.02 63.07
N THR E 223 14.63 -47.91 64.04
CA THR E 223 14.62 -47.46 65.41
C THR E 223 16.06 -47.29 65.90
N SER E 224 16.21 -46.77 67.10
CA SER E 224 17.52 -46.73 67.71
C SER E 224 18.04 -48.14 67.82
N ALA E 225 17.12 -49.05 68.14
CA ALA E 225 17.44 -50.47 68.22
C ALA E 225 18.05 -51.02 66.94
N ASP E 226 17.40 -50.78 65.80
CA ASP E 226 17.89 -51.27 64.51
C ASP E 226 19.28 -50.76 64.22
N TYR E 227 19.51 -49.49 64.49
CA TYR E 227 20.81 -48.86 64.29
C TYR E 227 21.87 -49.46 65.21
N ALA E 228 21.55 -49.58 66.49
CA ALA E 228 22.50 -50.07 67.47
C ALA E 228 22.99 -51.46 67.12
N THR E 229 22.06 -52.37 66.83
CA THR E 229 22.42 -53.73 66.44
C THR E 229 23.21 -53.71 65.15
N ALA E 230 22.76 -52.93 64.17
CA ALA E 230 23.42 -52.85 62.87
C ALA E 230 24.88 -52.41 62.97
N VAL E 231 25.16 -51.40 63.78
CA VAL E 231 26.52 -50.92 63.95
C VAL E 231 27.35 -51.92 64.78
N GLY E 232 26.67 -52.79 65.52
CA GLY E 232 27.33 -53.86 66.26
C GLY E 232 28.02 -54.86 65.36
N VAL E 233 27.46 -55.04 64.16
CA VAL E 233 28.04 -55.91 63.16
C VAL E 233 29.17 -55.23 62.41
N ASP E 234 28.87 -54.03 61.88
CA ASP E 234 29.82 -53.16 61.16
C ASP E 234 29.19 -51.77 60.99
N VAL E 235 29.93 -50.74 61.36
CA VAL E 235 29.39 -49.38 61.34
C VAL E 235 28.88 -48.92 59.95
N ASN E 236 29.43 -49.48 58.89
CA ASN E 236 29.11 -49.06 57.53
C ASN E 236 27.71 -49.54 57.06
N ILE E 237 27.17 -50.56 57.71
CA ILE E 237 25.82 -51.06 57.41
C ILE E 237 24.78 -49.99 57.72
N ALA E 238 25.13 -49.08 58.65
CA ALA E 238 24.24 -48.02 59.12
C ALA E 238 24.08 -46.95 58.04
N THR E 239 25.10 -46.80 57.19
CA THR E 239 25.09 -45.77 56.16
C THR E 239 23.90 -45.89 55.17
N PRO E 240 23.53 -47.12 54.76
CA PRO E 240 22.29 -47.10 53.97
C PRO E 240 21.00 -46.95 54.81
N LEU E 241 21.12 -46.83 56.13
CA LEU E 241 19.96 -46.77 57.03
C LEU E 241 19.58 -45.38 57.56
N VAL E 242 20.58 -44.54 57.85
CA VAL E 242 20.27 -43.20 58.36
C VAL E 242 20.96 -42.14 57.51
N PRO E 243 20.21 -41.11 57.08
CA PRO E 243 20.80 -40.11 56.18
C PRO E 243 21.91 -39.27 56.79
N ALA E 244 21.83 -38.91 58.07
CA ALA E 244 22.85 -38.07 58.66
C ALA E 244 22.75 -38.03 60.17
N ARG E 245 23.77 -37.46 60.80
CA ARG E 245 23.72 -37.27 62.22
C ARG E 245 24.01 -35.82 62.54
N LEU E 246 23.25 -35.26 63.47
CA LEU E 246 23.40 -33.90 63.93
C LEU E 246 24.38 -33.91 65.09
N VAL E 247 25.41 -33.07 65.03
CA VAL E 247 26.39 -32.98 66.09
C VAL E 247 26.17 -31.68 66.87
N ILE E 248 26.15 -31.79 68.21
CA ILE E 248 25.85 -30.66 69.07
C ILE E 248 26.85 -30.50 70.19
N ALA E 249 27.43 -29.31 70.33
CA ALA E 249 28.38 -29.01 71.43
C ALA E 249 27.98 -27.80 72.26
N LEU E 250 28.17 -27.92 73.56
CA LEU E 250 27.99 -26.79 74.45
C LEU E 250 29.17 -26.61 75.40
N LEU E 251 29.64 -25.38 75.53
CA LEU E 251 30.75 -25.06 76.41
C LEU E 251 30.67 -23.57 76.74
N ASP E 252 31.73 -23.04 77.36
CA ASP E 252 31.87 -21.62 77.69
C ASP E 252 30.88 -21.15 78.76
N GLY E 253 30.30 -22.11 79.49
CA GLY E 253 29.39 -21.82 80.59
C GLY E 253 30.16 -21.44 81.85
N SER E 254 29.46 -21.00 82.89
CA SER E 254 30.15 -20.54 84.10
C SER E 254 30.10 -21.54 85.27
N SER E 255 29.34 -22.61 85.14
CA SER E 255 29.20 -23.59 86.21
C SER E 255 29.59 -25.01 85.80
N SER E 256 29.91 -25.83 86.80
CA SER E 256 30.22 -27.22 86.53
C SER E 256 28.91 -28.00 86.43
N THR E 257 27.82 -27.42 86.96
CA THR E 257 26.49 -28.03 86.85
C THR E 257 25.72 -27.44 85.68
N ALA E 258 24.99 -28.29 84.96
CA ALA E 258 24.25 -27.81 83.79
C ALA E 258 23.30 -26.70 84.20
N VAL E 259 23.40 -25.58 83.49
CA VAL E 259 22.48 -24.45 83.63
C VAL E 259 21.50 -24.43 82.45
N ALA E 260 20.22 -24.20 82.72
CA ALA E 260 19.22 -24.18 81.66
C ALA E 260 19.53 -23.10 80.60
N ALA E 261 19.72 -23.53 79.35
CA ALA E 261 20.10 -22.66 78.24
C ALA E 261 18.98 -22.48 77.22
N GLY E 262 18.59 -23.58 76.58
CA GLY E 262 17.56 -23.51 75.57
C GLY E 262 17.01 -24.85 75.11
N ARG E 263 16.51 -24.87 73.89
CA ARG E 263 15.94 -26.04 73.25
C ARG E 263 16.27 -26.04 71.77
N ILE E 264 16.38 -27.24 71.20
CA ILE E 264 16.52 -27.38 69.74
C ILE E 264 15.21 -27.90 69.14
N TYR E 265 14.67 -27.18 68.16
CA TYR E 265 13.46 -27.63 67.45
C TYR E 265 13.77 -28.20 66.08
N CYS E 266 12.95 -29.15 65.65
CA CYS E 266 13.16 -29.66 64.30
C CYS E 266 11.98 -29.37 63.39
N THR E 267 12.30 -28.78 62.24
CA THR E 267 11.35 -28.47 61.17
C THR E 267 11.67 -29.28 59.90
N TYR E 268 10.74 -30.16 59.55
CA TYR E 268 10.97 -31.12 58.47
C TYR E 268 9.84 -31.13 57.44
N THR E 269 10.20 -31.48 56.21
CA THR E 269 9.23 -31.86 55.20
C THR E 269 9.58 -33.25 54.71
N ILE E 270 8.71 -34.21 55.00
CA ILE E 270 8.97 -35.61 54.73
C ILE E 270 7.99 -36.22 53.73
N GLN E 271 8.53 -37.02 52.80
CA GLN E 271 7.73 -37.83 51.91
C GLN E 271 7.68 -39.23 52.48
N MET E 272 6.47 -39.69 52.79
CA MET E 272 6.33 -41.01 53.37
C MET E 272 5.67 -41.92 52.35
N ILE E 273 6.29 -43.08 52.13
CA ILE E 273 5.76 -44.00 51.13
C ILE E 273 5.68 -45.40 51.68
N GLU E 274 4.82 -46.20 51.05
CA GLU E 274 4.66 -47.64 51.31
C GLU E 274 4.25 -47.99 52.75
N PRO E 275 2.94 -47.89 53.01
CA PRO E 275 2.28 -48.18 54.29
C PRO E 275 2.62 -49.57 54.84
N THR E 276 2.48 -49.77 56.14
CA THR E 276 2.78 -51.06 56.77
C THR E 276 1.91 -51.26 58.01
N ALA E 277 1.53 -52.50 58.31
CA ALA E 277 0.76 -52.78 59.51
C ALA E 277 1.54 -53.68 60.48
N GLY F 86 26.80 -24.21 46.89
CA GLY F 86 26.60 -25.62 46.57
C GLY F 86 27.26 -26.57 47.56
N GLY F 87 28.56 -26.39 47.82
CA GLY F 87 29.29 -27.21 48.76
C GLY F 87 30.24 -28.20 48.10
N ILE F 88 30.18 -28.26 46.77
CA ILE F 88 30.98 -29.16 45.93
C ILE F 88 32.33 -28.61 45.47
N THR F 89 33.43 -29.24 45.87
CA THR F 89 34.75 -28.87 45.36
C THR F 89 35.23 -29.79 44.22
N VAL F 90 35.34 -29.23 43.02
CA VAL F 90 35.70 -30.01 41.84
C VAL F 90 37.18 -30.01 41.48
N LEU F 91 37.72 -31.20 41.26
CA LEU F 91 39.15 -31.42 41.00
C LEU F 91 39.38 -32.21 39.72
N THR F 92 40.26 -31.73 38.84
CA THR F 92 40.58 -32.52 37.67
C THR F 92 42.08 -32.73 37.70
N HIS F 93 42.51 -33.99 37.65
CA HIS F 93 43.92 -34.32 37.84
C HIS F 93 44.28 -35.66 37.25
N SER F 94 45.57 -35.78 36.91
CA SER F 94 46.18 -37.01 36.46
C SER F 94 47.32 -37.33 37.39
N GLU F 95 47.46 -38.60 37.76
CA GLU F 95 48.62 -39.01 38.54
C GLU F 95 48.97 -40.47 38.31
N LEU F 96 50.18 -40.86 38.72
CA LEU F 96 50.60 -42.24 38.63
C LEU F 96 49.66 -43.04 39.53
N SER F 97 49.18 -44.16 39.02
CA SER F 97 48.25 -45.00 39.74
C SER F 97 48.79 -46.42 39.93
N ALA F 98 49.66 -46.83 39.01
CA ALA F 98 50.20 -48.18 39.03
C ALA F 98 51.42 -48.34 38.08
N GLU F 99 52.41 -49.10 38.55
CA GLU F 99 53.60 -49.45 37.76
C GLU F 99 53.44 -50.88 37.22
N ILE F 100 53.86 -51.10 35.98
CA ILE F 100 53.49 -52.33 35.30
C ILE F 100 54.69 -53.14 34.75
N GLY F 101 54.72 -54.43 35.08
CA GLY F 101 55.75 -55.31 34.56
C GLY F 101 55.22 -56.63 33.99
N VAL F 102 55.90 -57.17 32.99
CA VAL F 102 55.40 -58.35 32.32
C VAL F 102 56.22 -59.57 32.47
N THR F 103 55.51 -60.69 32.64
CA THR F 103 56.11 -62.00 32.68
C THR F 103 55.42 -62.85 31.65
N ASP F 104 55.86 -64.10 31.55
CA ASP F 104 55.40 -65.03 30.54
C ASP F 104 54.17 -65.84 30.94
N SER F 105 53.69 -65.61 32.15
CA SER F 105 52.50 -66.27 32.63
C SER F 105 51.50 -65.20 33.04
N ILE F 106 50.21 -65.49 32.98
CA ILE F 106 49.21 -64.49 33.30
C ILE F 106 49.35 -64.07 34.78
N VAL F 107 49.36 -62.76 35.02
CA VAL F 107 49.37 -62.21 36.37
C VAL F 107 48.25 -61.20 36.44
N VAL F 108 47.26 -61.48 37.29
CA VAL F 108 46.11 -60.58 37.34
C VAL F 108 46.09 -59.80 38.63
N SER F 109 46.13 -58.48 38.49
CA SER F 109 46.05 -57.61 39.64
C SER F 109 44.82 -56.72 39.52
N SER F 110 44.47 -56.01 40.58
CA SER F 110 43.31 -55.13 40.47
C SER F 110 43.42 -53.89 41.37
N GLU F 111 42.63 -52.87 41.07
CA GLU F 111 42.67 -51.65 41.88
C GLU F 111 41.26 -51.13 42.14
N LEU F 112 40.99 -50.80 43.39
CA LEU F 112 39.71 -50.23 43.77
C LEU F 112 39.56 -48.84 43.18
N VAL F 113 38.46 -48.58 42.50
CA VAL F 113 38.27 -47.27 41.93
C VAL F 113 37.71 -46.32 43.00
N MET F 114 38.57 -45.96 43.95
CA MET F 114 38.19 -45.07 45.01
C MET F 114 39.43 -44.23 45.36
N PRO F 115 39.23 -42.95 45.75
CA PRO F 115 40.31 -41.97 45.91
C PRO F 115 41.47 -42.51 46.68
N TYR F 116 41.22 -43.24 47.77
CA TYR F 116 42.27 -43.77 48.61
C TYR F 116 43.27 -44.62 47.85
N THR F 117 42.81 -45.32 46.82
CA THR F 117 43.65 -46.30 46.16
C THR F 117 43.99 -45.98 44.72
N VAL F 118 43.55 -44.84 44.17
CA VAL F 118 43.93 -44.54 42.80
C VAL F 118 45.35 -43.90 42.76
N GLY F 119 45.76 -43.19 43.80
CA GLY F 119 47.05 -42.54 43.77
C GLY F 119 47.39 -41.88 45.09
N THR F 120 48.68 -41.68 45.35
CA THR F 120 49.10 -41.18 46.67
C THR F 120 48.65 -39.73 46.90
N TRP F 121 48.65 -38.92 45.84
CA TRP F 121 48.25 -37.51 45.98
C TRP F 121 46.76 -37.35 46.30
N LEU F 122 45.91 -37.95 45.46
CA LEU F 122 44.47 -37.88 45.65
C LEU F 122 44.03 -38.49 46.99
N ARG F 123 44.74 -39.52 47.43
CA ARG F 123 44.43 -40.11 48.71
C ARG F 123 44.48 -39.08 49.80
N GLY F 124 45.57 -38.32 49.84
CA GLY F 124 45.76 -37.30 50.87
C GLY F 124 44.79 -36.14 50.72
N VAL F 125 44.59 -35.67 49.50
CA VAL F 125 43.68 -34.58 49.22
C VAL F 125 42.25 -34.98 49.60
N ALA F 126 41.77 -36.11 49.08
CA ALA F 126 40.35 -36.49 49.22
C ALA F 126 39.96 -36.91 50.62
N ALA F 127 40.97 -37.24 51.44
CA ALA F 127 40.75 -37.64 52.82
C ALA F 127 40.17 -36.51 53.61
N ASN F 128 40.36 -35.28 53.10
CA ASN F 128 39.84 -34.09 53.74
C ASN F 128 38.35 -33.91 53.54
N TRP F 129 37.73 -34.80 52.76
CA TRP F 129 36.28 -34.78 52.62
C TRP F 129 35.68 -36.11 53.03
N SER F 130 34.40 -36.11 53.41
CA SER F 130 33.76 -37.31 53.93
C SER F 130 33.19 -38.13 52.79
N LYS F 131 32.65 -37.44 51.79
CA LYS F 131 32.05 -38.11 50.64
C LYS F 131 32.57 -37.51 49.34
N TYR F 132 32.47 -38.27 48.25
CA TYR F 132 32.85 -37.84 46.92
C TYR F 132 31.92 -38.42 45.85
N SER F 133 32.09 -37.94 44.62
CA SER F 133 31.43 -38.52 43.45
C SER F 133 32.36 -38.48 42.22
N TRP F 134 32.50 -39.61 41.52
CA TRP F 134 33.27 -39.63 40.28
C TRP F 134 32.44 -38.98 39.16
N LEU F 135 32.98 -37.94 38.51
CA LEU F 135 32.34 -37.43 37.31
C LEU F 135 32.97 -38.09 36.09
N SER F 136 34.25 -38.39 36.19
CA SER F 136 34.95 -39.12 35.15
C SER F 136 36.18 -39.78 35.73
N VAL F 137 36.42 -41.02 35.36
CA VAL F 137 37.63 -41.73 35.72
C VAL F 137 38.15 -42.50 34.53
N ARG F 138 39.39 -42.18 34.14
CA ARG F 138 40.06 -42.81 33.00
C ARG F 138 41.42 -43.39 33.36
N TYR F 139 41.62 -44.66 33.07
CA TYR F 139 42.91 -45.28 33.31
C TYR F 139 43.66 -45.44 32.01
N THR F 140 44.88 -44.90 31.96
CA THR F 140 45.68 -44.89 30.74
C THR F 140 47.02 -45.54 30.96
N TYR F 141 47.32 -46.54 30.14
CA TYR F 141 48.60 -47.21 30.17
C TYR F 141 49.57 -46.54 29.19
N ILE F 142 50.71 -46.12 29.71
CA ILE F 142 51.75 -45.53 28.89
C ILE F 142 52.98 -46.41 28.93
N PRO F 143 53.51 -46.79 27.75
CA PRO F 143 54.67 -47.70 27.69
C PRO F 143 55.99 -47.03 28.05
N SER F 144 56.95 -47.85 28.46
CA SER F 144 58.28 -47.35 28.75
C SER F 144 59.32 -48.35 28.29
N CYS F 145 58.91 -49.29 27.48
CA CYS F 145 59.78 -50.39 27.08
C CYS F 145 60.07 -50.33 25.60
N PRO F 146 61.10 -51.08 25.16
CA PRO F 146 61.39 -51.14 23.73
C PRO F 146 60.24 -51.73 22.92
N SER F 147 60.26 -51.44 21.63
CA SER F 147 59.22 -51.94 20.73
C SER F 147 59.29 -53.44 20.57
N SER F 148 60.38 -54.01 21.04
CA SER F 148 60.66 -55.43 20.92
C SER F 148 60.34 -56.18 22.21
N THR F 149 59.71 -55.48 23.14
CA THR F 149 59.34 -56.09 24.41
C THR F 149 58.16 -57.01 24.23
N ALA F 150 58.33 -58.26 24.64
CA ALA F 150 57.22 -59.22 24.62
C ALA F 150 56.21 -58.91 25.74
N GLY F 151 54.93 -59.09 25.45
CA GLY F 151 53.89 -58.82 26.43
C GLY F 151 52.66 -58.08 25.91
N SER F 152 51.54 -58.24 26.62
CA SER F 152 50.32 -57.48 26.34
C SER F 152 49.64 -57.07 27.64
N ILE F 153 48.89 -55.98 27.61
CA ILE F 153 48.21 -55.55 28.82
C ILE F 153 46.71 -55.51 28.53
N HIS F 154 45.90 -55.90 29.52
CA HIS F 154 44.45 -56.00 29.36
C HIS F 154 43.81 -55.31 30.55
N MET F 155 42.82 -54.46 30.31
CA MET F 155 42.17 -53.76 31.42
C MET F 155 40.66 -53.75 31.34
N GLY F 156 40.01 -53.79 32.50
CA GLY F 156 38.56 -53.69 32.55
C GLY F 156 37.97 -53.37 33.90
N PHE F 157 36.67 -53.08 33.91
CA PHE F 157 36.01 -52.74 35.15
C PHE F 157 35.08 -53.84 35.65
N GLN F 158 35.11 -54.04 36.95
CA GLN F 158 34.08 -54.81 37.63
C GLN F 158 33.28 -53.86 38.49
N TYR F 159 31.95 -54.02 38.49
CA TYR F 159 31.13 -53.08 39.23
C TYR F 159 30.43 -53.74 40.44
N ASP F 160 30.67 -55.03 40.65
CA ASP F 160 30.12 -55.71 41.84
C ASP F 160 31.27 -56.33 42.59
N MET F 161 31.47 -55.87 43.82
CA MET F 161 32.63 -56.28 44.58
C MET F 161 32.63 -57.79 44.81
N ALA F 162 31.44 -58.38 44.72
CA ALA F 162 31.30 -59.81 44.94
C ALA F 162 31.73 -60.65 43.74
N ASP F 163 31.80 -60.02 42.56
CA ASP F 163 32.28 -60.71 41.37
C ASP F 163 33.69 -61.22 41.64
N THR F 164 33.96 -62.46 41.21
CA THR F 164 35.31 -63.02 41.33
C THR F 164 36.24 -62.39 40.31
N VAL F 165 37.48 -62.12 40.71
CA VAL F 165 38.46 -61.57 39.78
C VAL F 165 38.72 -62.57 38.67
N PRO F 166 38.78 -62.07 37.42
CA PRO F 166 39.06 -62.93 36.27
C PRO F 166 40.38 -63.69 36.39
N VAL F 167 40.48 -64.81 35.67
CA VAL F 167 41.66 -65.66 35.68
C VAL F 167 42.24 -65.81 34.29
N SER F 168 41.47 -65.42 33.28
CA SER F 168 41.91 -65.53 31.90
C SER F 168 41.63 -64.27 31.13
N VAL F 169 42.40 -64.05 30.08
CA VAL F 169 42.15 -62.97 29.15
C VAL F 169 40.75 -63.16 28.55
N ASN F 170 40.34 -64.40 28.32
CA ASN F 170 39.00 -64.67 27.80
C ASN F 170 37.88 -64.08 28.64
N GLN F 171 37.93 -64.34 29.95
CA GLN F 171 36.97 -63.74 30.88
C GLN F 171 37.02 -62.25 30.77
N LEU F 172 38.24 -61.74 30.91
CA LEU F 172 38.52 -60.32 30.95
C LEU F 172 37.97 -59.57 29.74
N SER F 173 38.06 -60.20 28.58
CA SER F 173 37.65 -59.57 27.33
C SER F 173 36.19 -59.17 27.30
N ASN F 174 35.39 -59.74 28.21
CA ASN F 174 33.95 -59.45 28.25
C ASN F 174 33.56 -58.23 29.09
N LEU F 175 34.48 -57.71 29.91
CA LEU F 175 34.16 -56.57 30.79
C LEU F 175 33.95 -55.25 30.04
N ARG F 176 33.06 -54.41 30.57
CA ARG F 176 32.91 -53.01 30.15
C ARG F 176 34.23 -52.29 30.21
N GLY F 177 34.60 -51.70 29.08
CA GLY F 177 35.80 -50.91 29.03
C GLY F 177 37.03 -51.78 28.88
N TYR F 178 36.86 -53.04 28.50
CA TYR F 178 38.01 -53.90 28.24
C TYR F 178 38.79 -53.29 27.13
N VAL F 179 40.09 -53.12 27.36
CA VAL F 179 41.01 -52.66 26.32
C VAL F 179 42.26 -53.50 26.38
N SER F 180 42.98 -53.57 25.27
CA SER F 180 44.10 -54.48 25.19
C SER F 180 45.09 -54.07 24.12
N GLY F 181 46.38 -54.28 24.39
CA GLY F 181 47.40 -53.98 23.39
C GLY F 181 48.76 -54.52 23.77
N GLN F 182 49.70 -54.46 22.83
CA GLN F 182 51.10 -54.81 23.11
C GLN F 182 51.58 -53.98 24.27
N VAL F 183 52.45 -54.57 25.06
CA VAL F 183 52.91 -53.96 26.26
C VAL F 183 53.84 -52.77 25.91
N TRP F 184 54.19 -52.66 24.64
CA TRP F 184 54.97 -51.53 24.15
C TRP F 184 54.14 -50.56 23.35
N SER F 185 52.85 -50.83 23.24
CA SER F 185 51.94 -49.93 22.57
C SER F 185 51.27 -48.99 23.56
N GLY F 186 50.58 -47.98 23.07
CA GLY F 186 49.78 -47.14 23.94
C GLY F 186 50.20 -45.69 24.04
N SER F 187 51.29 -45.32 23.36
CA SER F 187 51.82 -43.96 23.41
C SER F 187 50.72 -42.93 23.18
N ALA F 188 49.80 -43.26 22.28
CA ALA F 188 48.77 -42.32 21.87
C ALA F 188 47.78 -41.96 22.97
N GLY F 189 47.83 -42.64 24.10
CA GLY F 189 46.95 -42.29 25.18
C GLY F 189 47.37 -41.06 25.95
N LEU F 190 48.58 -40.57 25.70
CA LEU F 190 49.15 -39.48 26.49
C LEU F 190 48.32 -38.20 26.49
N CYS F 191 47.68 -37.89 25.36
CA CYS F 191 46.92 -36.66 25.27
C CYS F 191 45.76 -36.58 26.29
N PHE F 192 45.22 -37.73 26.71
CA PHE F 192 44.20 -37.81 27.75
C PHE F 192 44.78 -37.34 29.08
N ILE F 193 46.08 -37.54 29.27
CA ILE F 193 46.75 -37.28 30.53
C ILE F 193 47.12 -35.81 30.74
N ASN F 194 47.56 -35.11 29.69
CA ASN F 194 47.80 -33.67 29.86
C ASN F 194 46.59 -32.86 29.37
N GLY F 195 45.51 -33.56 29.02
CA GLY F 195 44.26 -32.95 28.59
C GLY F 195 44.32 -32.09 27.33
N THR F 196 45.18 -32.47 26.39
CA THR F 196 45.37 -31.67 25.18
C THR F 196 44.50 -32.17 24.04
N ARG F 197 44.65 -31.56 22.85
CA ARG F 197 43.87 -31.97 21.67
C ARG F 197 44.18 -33.43 21.28
N CYS F 198 43.14 -34.25 21.38
CA CYS F 198 43.25 -35.66 21.09
C CYS F 198 42.82 -35.87 19.65
N SER F 199 43.66 -36.55 18.89
CA SER F 199 43.42 -36.73 17.50
C SER F 199 43.43 -38.22 17.19
N ASP F 200 44.63 -38.73 16.95
CA ASP F 200 44.85 -40.12 16.62
C ASP F 200 44.88 -41.01 17.86
N THR F 201 43.74 -41.22 18.50
CA THR F 201 43.79 -41.95 19.76
C THR F 201 43.40 -43.43 19.65
N SER F 202 43.35 -43.97 18.45
CA SER F 202 42.84 -45.33 18.27
C SER F 202 43.64 -46.36 19.00
N THR F 203 44.93 -46.08 19.16
CA THR F 203 45.85 -47.01 19.77
C THR F 203 45.91 -46.84 21.27
N ALA F 204 45.14 -45.92 21.79
CA ALA F 204 45.20 -45.66 23.21
C ALA F 204 44.78 -46.90 24.00
N ILE F 205 45.63 -47.31 24.92
CA ILE F 205 45.22 -48.35 25.83
C ILE F 205 44.66 -47.61 27.04
N SER F 206 43.50 -46.99 26.84
CA SER F 206 42.91 -46.17 27.87
C SER F 206 41.45 -46.54 28.01
N THR F 207 40.94 -46.48 29.23
CA THR F 207 39.57 -46.88 29.50
C THR F 207 38.85 -46.06 30.56
N THR F 208 37.52 -46.00 30.45
CA THR F 208 36.76 -45.09 31.30
C THR F 208 35.67 -45.80 32.08
N LEU F 209 35.41 -45.28 33.27
CA LEU F 209 34.41 -45.78 34.19
C LEU F 209 33.00 -45.37 33.78
N ASP F 210 32.03 -46.27 33.88
CA ASP F 210 30.64 -45.88 33.63
C ASP F 210 30.10 -45.15 34.84
N VAL F 211 30.34 -43.85 34.93
CA VAL F 211 29.90 -43.09 36.08
C VAL F 211 28.38 -43.10 36.12
N SER F 212 27.81 -43.15 34.92
CA SER F 212 26.37 -43.19 34.66
C SER F 212 25.64 -44.45 35.14
N LYS F 213 26.38 -45.52 35.44
CA LYS F 213 25.79 -46.82 35.75
C LYS F 213 26.22 -47.29 37.14
N LEU F 214 26.81 -46.39 37.93
CA LEU F 214 27.28 -46.73 39.26
C LEU F 214 26.09 -46.94 40.18
N GLY F 215 26.29 -47.69 41.26
CA GLY F 215 25.24 -47.94 42.24
C GLY F 215 24.59 -46.68 42.80
N LYS F 216 25.40 -45.74 43.27
CA LYS F 216 24.94 -44.43 43.74
C LYS F 216 25.81 -43.28 43.23
N LYS F 217 25.56 -42.07 43.71
CA LYS F 217 26.38 -40.93 43.31
C LYS F 217 27.43 -40.56 44.37
N TRP F 218 27.01 -40.45 45.61
CA TRP F 218 27.92 -39.98 46.63
C TRP F 218 28.41 -41.17 47.43
N TYR F 219 29.71 -41.44 47.29
CA TYR F 219 30.35 -42.55 48.01
C TYR F 219 31.16 -42.03 49.18
N PRO F 220 31.27 -42.82 50.25
CA PRO F 220 32.14 -42.44 51.35
C PRO F 220 33.62 -42.63 51.04
N TYR F 221 34.46 -41.73 51.54
CA TYR F 221 35.90 -41.94 51.51
C TYR F 221 36.15 -43.10 52.46
N LYS F 222 36.75 -44.16 51.93
CA LYS F 222 37.07 -45.34 52.70
C LYS F 222 38.50 -45.74 52.41
N THR F 223 39.14 -46.41 53.37
CA THR F 223 40.49 -46.93 53.17
C THR F 223 40.47 -48.38 52.73
N SER F 224 41.63 -48.92 52.38
CA SER F 224 41.70 -50.36 52.12
C SER F 224 41.29 -51.11 53.39
N ALA F 225 41.70 -50.57 54.53
CA ALA F 225 41.34 -51.10 55.85
C ALA F 225 39.82 -51.21 56.02
N ASP F 226 39.11 -50.13 55.74
CA ASP F 226 37.67 -50.15 55.85
C ASP F 226 37.08 -51.18 54.90
N TYR F 227 37.63 -51.27 53.69
CA TYR F 227 37.19 -52.23 52.68
C TYR F 227 37.39 -53.66 53.14
N ALA F 228 38.58 -53.91 53.66
CA ALA F 228 39.01 -55.22 54.13
C ALA F 228 38.08 -55.76 55.22
N THR F 229 37.83 -54.93 56.22
CA THR F 229 36.96 -55.28 57.34
C THR F 229 35.53 -55.57 56.87
N ALA F 230 35.01 -54.71 56.00
CA ALA F 230 33.66 -54.86 55.52
C ALA F 230 33.48 -56.22 54.84
N VAL F 231 34.42 -56.63 54.00
CA VAL F 231 34.29 -57.95 53.37
C VAL F 231 34.60 -59.05 54.38
N GLY F 232 35.31 -58.73 55.46
CA GLY F 232 35.57 -59.70 56.50
C GLY F 232 34.26 -60.16 57.08
N VAL F 233 33.30 -59.26 57.14
CA VAL F 233 31.97 -59.56 57.61
C VAL F 233 31.06 -60.17 56.53
N ASP F 234 31.01 -59.49 55.39
CA ASP F 234 30.22 -59.91 54.24
C ASP F 234 30.67 -59.12 53.02
N VAL F 235 30.98 -59.81 51.94
CA VAL F 235 31.54 -59.15 50.75
C VAL F 235 30.63 -58.02 50.24
N ASN F 236 29.33 -58.14 50.52
CA ASN F 236 28.33 -57.20 50.04
C ASN F 236 28.26 -55.87 50.77
N ILE F 237 28.85 -55.83 51.97
CA ILE F 237 28.96 -54.58 52.72
C ILE F 237 29.83 -53.58 51.94
N ALA F 238 30.77 -54.11 51.18
CA ALA F 238 31.70 -53.27 50.50
C ALA F 238 31.11 -52.53 49.31
N THR F 239 30.14 -53.12 48.61
CA THR F 239 29.63 -52.51 47.37
C THR F 239 29.04 -51.11 47.54
N PRO F 240 28.33 -50.87 48.64
CA PRO F 240 27.96 -49.45 48.80
C PRO F 240 29.12 -48.55 49.26
N LEU F 241 30.31 -49.10 49.40
CA LEU F 241 31.46 -48.32 49.85
C LEU F 241 32.33 -47.98 48.66
N VAL F 242 32.36 -48.90 47.69
CA VAL F 242 33.25 -48.81 46.55
C VAL F 242 32.50 -48.82 45.23
N PRO F 243 32.77 -47.83 44.37
CA PRO F 243 32.05 -47.66 43.10
C PRO F 243 32.38 -48.70 42.05
N ALA F 244 33.64 -49.13 41.99
CA ALA F 244 34.07 -50.11 40.99
C ALA F 244 35.44 -50.70 41.28
N ARG F 245 35.79 -51.72 40.51
CA ARG F 245 37.12 -52.32 40.54
C ARG F 245 37.73 -52.35 39.16
N LEU F 246 38.98 -51.88 39.07
CA LEU F 246 39.76 -51.96 37.83
C LEU F 246 40.50 -53.27 37.90
N VAL F 247 40.38 -54.08 36.84
CA VAL F 247 41.08 -55.36 36.76
C VAL F 247 42.17 -55.26 35.70
N ILE F 248 43.35 -55.77 36.03
CA ILE F 248 44.52 -55.69 35.17
C ILE F 248 45.13 -57.07 34.88
N ALA F 249 45.43 -57.34 33.62
CA ALA F 249 46.16 -58.55 33.26
C ALA F 249 47.48 -58.26 32.50
N LEU F 250 48.55 -58.95 32.88
CA LEU F 250 49.79 -58.87 32.12
C LEU F 250 50.21 -60.29 31.77
N LEU F 251 50.56 -60.54 30.51
CA LEU F 251 51.01 -61.87 30.09
C LEU F 251 51.81 -61.77 28.79
N ASP F 252 52.16 -62.92 28.20
CA ASP F 252 52.88 -62.95 26.92
C ASP F 252 54.34 -62.40 27.01
N GLY F 253 54.91 -62.35 28.20
CA GLY F 253 56.28 -61.88 28.32
C GLY F 253 57.32 -62.92 27.94
N SER F 254 58.58 -62.48 27.82
CA SER F 254 59.66 -63.36 27.41
C SER F 254 60.54 -63.69 28.62
N SER F 255 60.20 -63.06 29.76
CA SER F 255 60.94 -63.29 31.01
C SER F 255 60.02 -63.86 32.08
N SER F 256 60.57 -64.64 33.00
CA SER F 256 59.77 -65.14 34.10
C SER F 256 59.77 -64.16 35.26
N THR F 257 60.74 -63.26 35.30
CA THR F 257 60.75 -62.20 36.29
C THR F 257 60.22 -60.93 35.66
N ALA F 258 59.46 -60.15 36.44
CA ALA F 258 58.81 -58.97 35.87
C ALA F 258 59.79 -58.00 35.23
N VAL F 259 59.52 -57.67 33.98
CA VAL F 259 60.24 -56.69 33.16
C VAL F 259 59.54 -55.34 33.13
N ALA F 260 60.25 -54.22 33.29
CA ALA F 260 59.58 -52.91 33.29
C ALA F 260 58.88 -52.65 31.98
N ALA F 261 57.56 -52.50 32.06
CA ALA F 261 56.71 -52.37 30.89
C ALA F 261 56.13 -50.96 30.75
N GLY F 262 55.37 -50.56 31.74
CA GLY F 262 54.80 -49.25 31.66
C GLY F 262 54.20 -48.83 32.97
N ARG F 263 53.28 -47.89 32.85
CA ARG F 263 52.60 -47.31 33.99
C ARG F 263 51.15 -47.01 33.65
N ILE F 264 50.29 -47.12 34.66
CA ILE F 264 48.91 -46.71 34.50
C ILE F 264 48.68 -45.40 35.23
N TYR F 265 48.19 -44.41 34.49
CA TYR F 265 47.84 -43.14 35.08
C TYR F 265 46.33 -43.09 35.19
N CYS F 266 45.86 -42.37 36.19
CA CYS F 266 44.45 -42.14 36.37
C CYS F 266 44.18 -40.68 36.15
N THR F 267 43.23 -40.38 35.27
CA THR F 267 42.80 -39.02 34.98
C THR F 267 41.34 -38.87 35.39
N TYR F 268 41.10 -38.08 36.42
CA TYR F 268 39.78 -38.06 37.01
C TYR F 268 39.23 -36.67 37.20
N THR F 269 37.90 -36.55 37.22
CA THR F 269 37.26 -35.35 37.72
C THR F 269 36.40 -35.80 38.87
N ILE F 270 36.74 -35.33 40.06
CA ILE F 270 36.05 -35.81 41.24
C ILE F 270 35.34 -34.67 41.91
N GLN F 271 34.11 -34.93 42.32
CA GLN F 271 33.36 -34.00 43.15
C GLN F 271 33.50 -34.40 44.59
N MET F 272 34.06 -33.51 45.40
CA MET F 272 34.26 -33.73 46.81
C MET F 272 33.35 -32.84 47.67
N ILE F 273 32.66 -33.47 48.62
CA ILE F 273 31.74 -32.74 49.47
C ILE F 273 31.90 -33.10 50.94
N GLU F 274 31.39 -32.19 51.77
CA GLU F 274 31.23 -32.35 53.21
C GLU F 274 32.54 -32.67 53.92
N PRO F 275 33.35 -31.62 54.11
CA PRO F 275 34.66 -31.66 54.76
C PRO F 275 34.61 -32.29 56.15
N THR F 276 35.79 -32.71 56.58
CA THR F 276 35.98 -33.36 57.87
C THR F 276 37.37 -33.09 58.43
N ALA F 277 37.50 -33.13 59.76
CA ALA F 277 38.80 -32.97 60.41
C ALA F 277 39.18 -34.28 61.10
N GLY G 86 7.60 -55.75 20.50
CA GLY G 86 8.31 -56.22 19.32
C GLY G 86 8.85 -57.64 19.42
N GLY G 87 9.64 -57.92 20.47
CA GLY G 87 10.19 -59.26 20.67
C GLY G 87 11.67 -59.43 20.41
N ILE G 88 12.30 -58.39 19.86
CA ILE G 88 13.72 -58.40 19.56
C ILE G 88 14.60 -57.89 20.69
N THR G 89 15.43 -58.75 21.24
CA THR G 89 16.40 -58.30 22.22
C THR G 89 17.71 -58.01 21.48
N VAL G 90 18.09 -56.74 21.46
CA VAL G 90 19.26 -56.31 20.72
C VAL G 90 20.46 -56.27 21.63
N LEU G 91 21.53 -56.89 21.19
CA LEU G 91 22.74 -56.99 21.99
C LEU G 91 23.98 -56.51 21.21
N THR G 92 24.79 -55.69 21.87
CA THR G 92 26.08 -55.26 21.33
C THR G 92 27.18 -55.60 22.33
N HIS G 93 28.24 -56.27 21.90
CA HIS G 93 29.25 -56.78 22.83
C HIS G 93 30.52 -57.03 22.06
N SER G 94 31.63 -57.04 22.79
CA SER G 94 32.89 -57.46 22.24
C SER G 94 33.45 -58.56 23.10
N GLU G 95 34.01 -59.60 22.48
CA GLU G 95 34.73 -60.58 23.28
C GLU G 95 35.83 -61.31 22.49
N LEU G 96 36.69 -61.99 23.22
CA LEU G 96 37.73 -62.80 22.62
C LEU G 96 37.15 -63.93 21.79
N SER G 97 37.67 -64.10 20.57
CA SER G 97 37.15 -65.10 19.65
C SER G 97 38.19 -66.14 19.21
N ALA G 98 39.47 -65.81 19.26
CA ALA G 98 40.52 -66.71 18.82
C ALA G 98 41.88 -66.21 19.27
N GLU G 99 42.75 -67.13 19.68
CA GLU G 99 44.13 -66.73 20.00
C GLU G 99 45.04 -67.17 18.87
N ILE G 100 46.01 -66.34 18.54
CA ILE G 100 46.68 -66.49 17.26
C ILE G 100 48.18 -66.68 17.32
N GLY G 101 48.69 -67.68 16.62
CA GLY G 101 50.12 -67.92 16.62
C GLY G 101 50.60 -68.09 15.19
N VAL G 102 51.85 -67.72 14.94
CA VAL G 102 52.39 -67.78 13.58
C VAL G 102 53.62 -68.70 13.46
N THR G 103 53.65 -69.44 12.35
CA THR G 103 54.76 -70.34 12.00
C THR G 103 55.30 -69.97 10.64
N ASP G 104 56.32 -70.68 10.19
CA ASP G 104 56.98 -70.29 8.96
C ASP G 104 56.36 -70.86 7.73
N SER G 105 55.35 -71.69 7.92
CA SER G 105 54.60 -72.21 6.78
C SER G 105 53.11 -71.90 6.96
N ILE G 106 52.38 -71.75 5.85
CA ILE G 106 50.99 -71.27 5.92
C ILE G 106 50.04 -72.20 6.66
N VAL G 107 49.25 -71.63 7.54
CA VAL G 107 48.24 -72.39 8.24
C VAL G 107 46.89 -71.71 8.08
N VAL G 108 45.94 -72.41 7.47
CA VAL G 108 44.64 -71.80 7.26
C VAL G 108 43.61 -72.44 8.20
N SER G 109 42.99 -71.58 9.01
CA SER G 109 41.92 -71.98 9.91
C SER G 109 40.68 -71.17 9.58
N SER G 110 39.57 -71.48 10.22
CA SER G 110 38.32 -70.79 9.98
C SER G 110 37.38 -70.78 11.17
N GLU G 111 36.42 -69.88 11.17
CA GLU G 111 35.45 -69.83 12.27
C GLU G 111 34.06 -69.53 11.70
N LEU G 112 33.07 -70.30 12.14
CA LEU G 112 31.70 -70.06 11.70
C LEU G 112 31.19 -68.78 12.33
N VAL G 113 30.64 -67.88 11.53
CA VAL G 113 30.09 -66.62 12.08
C VAL G 113 28.66 -66.80 12.55
N MET G 114 28.53 -67.46 13.68
CA MET G 114 27.27 -67.76 14.33
C MET G 114 27.54 -67.77 15.84
N PRO G 115 26.54 -67.40 16.64
CA PRO G 115 26.67 -67.18 18.08
C PRO G 115 27.48 -68.29 18.79
N TYR G 116 27.24 -69.53 18.42
CA TYR G 116 27.89 -70.65 19.09
C TYR G 116 29.41 -70.60 19.04
N THR G 117 29.97 -70.07 17.94
CA THR G 117 31.41 -70.18 17.72
C THR G 117 32.14 -68.84 17.71
N VAL G 118 31.40 -67.75 17.92
CA VAL G 118 32.03 -66.45 17.92
C VAL G 118 32.74 -66.23 19.22
N GLY G 119 32.18 -66.73 20.30
CA GLY G 119 32.81 -66.52 21.59
C GLY G 119 32.06 -67.27 22.63
N THR G 120 32.71 -67.65 23.71
CA THR G 120 32.06 -68.48 24.71
C THR G 120 30.94 -67.75 25.44
N TRP G 121 31.09 -66.45 25.63
CA TRP G 121 30.03 -65.68 26.31
C TRP G 121 28.75 -65.63 25.45
N LEU G 122 28.87 -65.18 24.20
CA LEU G 122 27.71 -65.08 23.33
C LEU G 122 27.07 -66.42 23.15
N ARG G 123 27.89 -67.46 23.15
CA ARG G 123 27.39 -68.82 23.01
C ARG G 123 26.33 -69.15 24.03
N GLY G 124 26.64 -68.87 25.28
CA GLY G 124 25.69 -69.15 26.33
C GLY G 124 24.50 -68.23 26.23
N VAL G 125 24.76 -66.94 25.98
CA VAL G 125 23.71 -65.92 25.95
C VAL G 125 22.67 -66.19 24.85
N ALA G 126 23.14 -66.35 23.63
CA ALA G 126 22.24 -66.51 22.50
C ALA G 126 21.51 -67.88 22.52
N ALA G 127 22.01 -68.79 23.35
CA ALA G 127 21.42 -70.12 23.48
C ALA G 127 19.98 -70.05 23.99
N ASN G 128 19.67 -68.98 24.71
CA ASN G 128 18.34 -68.76 25.25
C ASN G 128 17.35 -68.28 24.19
N TRP G 129 17.80 -68.03 22.98
CA TRP G 129 16.86 -67.71 21.91
C TRP G 129 17.03 -68.73 20.78
N SER G 130 15.99 -68.93 19.97
CA SER G 130 16.03 -69.96 18.92
C SER G 130 16.54 -69.39 17.58
N LYS G 131 16.29 -68.11 17.35
CA LYS G 131 16.74 -67.46 16.14
C LYS G 131 17.52 -66.16 16.43
N TYR G 132 18.35 -65.73 15.48
CA TYR G 132 19.08 -64.46 15.58
C TYR G 132 19.24 -63.79 14.21
N SER G 133 19.73 -62.57 14.21
CA SER G 133 20.09 -61.87 12.98
C SER G 133 21.35 -61.03 13.21
N TRP G 134 22.32 -61.11 12.30
CA TRP G 134 23.45 -60.20 12.44
C TRP G 134 23.13 -58.77 11.96
N LEU G 135 23.30 -57.76 12.82
CA LEU G 135 23.18 -56.36 12.37
C LEU G 135 24.52 -55.85 11.98
N SER G 136 25.52 -56.32 12.74
CA SER G 136 26.91 -56.03 12.40
C SER G 136 27.82 -57.06 13.03
N VAL G 137 28.78 -57.56 12.25
CA VAL G 137 29.81 -58.45 12.79
C VAL G 137 31.21 -58.04 12.33
N ARG G 138 32.08 -57.78 13.29
CA ARG G 138 33.46 -57.38 13.04
C ARG G 138 34.50 -58.21 13.79
N TYR G 139 35.46 -58.71 13.03
CA TYR G 139 36.59 -59.43 13.56
C TYR G 139 37.78 -58.50 13.52
N THR G 140 38.45 -58.33 14.67
CA THR G 140 39.57 -57.39 14.79
C THR G 140 40.81 -58.05 15.37
N TYR G 141 41.93 -58.01 14.65
CA TYR G 141 43.15 -58.63 15.17
C TYR G 141 43.91 -57.64 15.99
N ILE G 142 44.22 -58.01 17.22
CA ILE G 142 45.03 -57.14 18.09
C ILE G 142 46.29 -57.88 18.45
N PRO G 143 47.44 -57.29 18.10
CA PRO G 143 48.72 -57.97 18.33
C PRO G 143 49.18 -57.92 19.79
N SER G 144 50.05 -58.87 20.16
CA SER G 144 50.61 -58.93 21.50
C SER G 144 52.07 -59.31 21.42
N CYS G 145 52.68 -59.13 20.27
CA CYS G 145 54.04 -59.59 20.08
C CYS G 145 55.00 -58.41 19.89
N PRO G 146 56.30 -58.68 19.92
CA PRO G 146 57.30 -57.64 19.59
C PRO G 146 57.18 -57.07 18.17
N SER G 147 57.70 -55.87 17.96
CA SER G 147 57.71 -55.27 16.64
C SER G 147 58.66 -55.98 15.70
N SER G 148 59.46 -56.88 16.25
CA SER G 148 60.46 -57.60 15.49
C SER G 148 59.98 -58.96 15.02
N THR G 149 58.71 -59.26 15.26
CA THR G 149 58.16 -60.57 14.90
C THR G 149 57.80 -60.76 13.44
N ALA G 150 58.37 -61.77 12.82
CA ALA G 150 57.99 -62.12 11.45
C ALA G 150 56.67 -62.83 11.47
N GLY G 151 55.92 -62.59 10.42
CA GLY G 151 54.62 -63.19 10.22
C GLY G 151 53.63 -62.18 9.74
N SER G 152 52.63 -62.68 9.02
CA SER G 152 51.51 -61.88 8.56
C SER G 152 50.26 -62.70 8.78
N ILE G 153 49.14 -62.00 8.92
CA ILE G 153 47.84 -62.61 9.13
C ILE G 153 46.89 -62.17 8.01
N HIS G 154 46.00 -63.09 7.60
CA HIS G 154 45.03 -62.80 6.56
C HIS G 154 43.64 -63.26 6.91
N MET G 155 42.66 -62.41 6.65
CA MET G 155 41.29 -62.74 6.98
C MET G 155 40.33 -62.37 5.85
N GLY G 156 39.31 -63.17 5.65
CA GLY G 156 38.31 -62.88 4.65
C GLY G 156 37.09 -63.71 4.91
N PHE G 157 36.00 -63.38 4.24
CA PHE G 157 34.76 -64.11 4.46
C PHE G 157 34.42 -65.02 3.28
N GLN G 158 33.89 -66.19 3.59
CA GLN G 158 33.20 -67.00 2.59
C GLN G 158 31.76 -67.00 2.99
N TYR G 159 30.88 -66.88 2.01
CA TYR G 159 29.45 -66.79 2.28
C TYR G 159 28.68 -68.00 1.80
N ASP G 160 29.39 -69.00 1.29
CA ASP G 160 28.75 -70.22 0.85
C ASP G 160 29.44 -71.41 1.52
N MET G 161 28.73 -72.12 2.38
CA MET G 161 29.35 -73.17 3.17
C MET G 161 29.95 -74.28 2.31
N ALA G 162 29.48 -74.38 1.07
CA ALA G 162 29.94 -75.37 0.11
C ALA G 162 31.26 -74.99 -0.56
N ASP G 163 31.63 -73.72 -0.51
CA ASP G 163 32.93 -73.26 -1.03
C ASP G 163 34.08 -73.95 -0.30
N THR G 164 35.12 -74.37 -1.00
CA THR G 164 36.29 -74.89 -0.28
C THR G 164 37.12 -73.77 0.34
N VAL G 165 37.64 -74.04 1.53
CA VAL G 165 38.52 -73.12 2.23
C VAL G 165 39.81 -72.89 1.43
N PRO G 166 40.22 -71.62 1.28
CA PRO G 166 41.40 -71.25 0.50
C PRO G 166 42.69 -71.89 1.00
N VAL G 167 43.67 -72.04 0.12
CA VAL G 167 44.91 -72.71 0.52
C VAL G 167 46.11 -71.79 0.31
N SER G 168 45.89 -70.68 -0.37
CA SER G 168 46.95 -69.72 -0.58
C SER G 168 46.45 -68.32 -0.27
N VAL G 169 47.39 -67.44 0.05
CA VAL G 169 47.09 -66.03 0.22
C VAL G 169 46.45 -65.49 -1.05
N ASN G 170 46.90 -66.00 -2.19
CA ASN G 170 46.37 -65.58 -3.49
C ASN G 170 44.86 -65.74 -3.59
N GLN G 171 44.37 -66.92 -3.24
CA GLN G 171 42.93 -67.23 -3.22
C GLN G 171 42.23 -66.31 -2.26
N LEU G 172 42.77 -66.27 -1.05
CA LEU G 172 42.22 -65.50 0.04
C LEU G 172 42.07 -64.02 -0.30
N SER G 173 43.04 -63.47 -1.03
CA SER G 173 43.06 -62.03 -1.32
C SER G 173 41.84 -61.58 -2.12
N ASN G 174 41.15 -62.53 -2.74
CA ASN G 174 39.99 -62.18 -3.55
C ASN G 174 38.69 -62.05 -2.77
N LEU G 175 38.68 -62.53 -1.52
CA LEU G 175 37.46 -62.54 -0.70
C LEU G 175 36.96 -61.17 -0.27
N ARG G 176 35.64 -61.06 -0.20
CA ARG G 176 35.00 -59.91 0.43
C ARG G 176 35.55 -59.69 1.85
N GLY G 177 36.02 -58.47 2.09
CA GLY G 177 36.47 -58.06 3.40
C GLY G 177 37.88 -58.52 3.68
N TYR G 178 38.60 -58.88 2.62
CA TYR G 178 39.99 -59.30 2.75
C TYR G 178 40.81 -58.19 3.38
N VAL G 179 41.52 -58.56 4.43
CA VAL G 179 42.41 -57.64 5.09
C VAL G 179 43.70 -58.40 5.40
N SER G 180 44.78 -57.66 5.60
CA SER G 180 46.09 -58.27 5.74
C SER G 180 47.10 -57.40 6.44
N GLY G 181 47.93 -58.01 7.27
CA GLY G 181 48.97 -57.20 7.87
C GLY G 181 50.02 -57.99 8.62
N GLN G 182 51.09 -57.28 8.96
CA GLN G 182 52.13 -57.83 9.82
C GLN G 182 51.47 -58.30 11.09
N VAL G 183 52.03 -59.36 11.65
CA VAL G 183 51.53 -59.96 12.86
C VAL G 183 51.74 -59.05 14.11
N TRP G 184 52.56 -58.01 13.97
CA TRP G 184 52.76 -57.06 15.04
C TRP G 184 52.07 -55.70 14.83
N SER G 185 51.35 -55.57 13.70
CA SER G 185 50.56 -54.40 13.39
C SER G 185 49.14 -54.64 13.91
N GLY G 186 48.28 -53.63 13.92
CA GLY G 186 46.90 -53.87 14.29
C GLY G 186 46.38 -53.21 15.56
N SER G 187 47.22 -52.47 16.28
CA SER G 187 46.78 -51.78 17.49
C SER G 187 45.61 -50.86 17.23
N ALA G 188 45.63 -50.18 16.09
CA ALA G 188 44.63 -49.15 15.80
C ALA G 188 43.25 -49.75 15.70
N GLY G 189 43.18 -51.06 15.72
CA GLY G 189 41.88 -51.69 15.68
C GLY G 189 41.19 -51.65 17.02
N LEU G 190 41.93 -51.28 18.06
CA LEU G 190 41.39 -51.32 19.42
C LEU G 190 40.14 -50.45 19.54
N CYS G 191 40.10 -49.32 18.83
CA CYS G 191 39.00 -48.39 19.00
C CYS G 191 37.62 -48.99 18.67
N PHE G 192 37.59 -50.02 17.83
CA PHE G 192 36.35 -50.76 17.50
C PHE G 192 35.82 -51.62 18.60
N ILE G 193 36.74 -52.16 19.40
CA ILE G 193 36.39 -53.18 20.36
C ILE G 193 35.74 -52.60 21.61
N ASN G 194 36.23 -51.44 22.05
CA ASN G 194 35.57 -50.77 23.17
C ASN G 194 34.61 -49.70 22.64
N GLY G 195 34.46 -49.65 21.32
CA GLY G 195 33.52 -48.74 20.68
C GLY G 195 33.78 -47.25 20.91
N THR G 196 35.05 -46.86 20.98
CA THR G 196 35.32 -45.44 21.23
C THR G 196 35.49 -44.69 19.92
N ARG G 197 35.72 -43.38 19.99
CA ARG G 197 35.82 -42.53 18.81
C ARG G 197 36.97 -43.00 17.90
N CYS G 198 36.62 -43.42 16.69
CA CYS G 198 37.63 -43.94 15.80
C CYS G 198 38.16 -42.85 14.88
N SER G 199 39.48 -42.83 14.81
CA SER G 199 40.23 -41.74 14.22
C SER G 199 41.16 -42.21 13.14
N ASP G 200 42.35 -42.63 13.59
CA ASP G 200 43.45 -43.16 12.79
C ASP G 200 43.28 -44.66 12.54
N THR G 201 42.28 -45.06 11.76
CA THR G 201 41.98 -46.48 11.66
C THR G 201 42.48 -47.24 10.41
N SER G 202 43.30 -46.59 9.60
CA SER G 202 43.70 -47.16 8.31
C SER G 202 44.52 -48.43 8.42
N THR G 203 45.25 -48.53 9.54
CA THR G 203 46.13 -49.68 9.80
C THR G 203 45.40 -50.83 10.49
N ALA G 204 44.09 -50.69 10.75
CA ALA G 204 43.34 -51.74 11.43
C ALA G 204 43.30 -53.02 10.59
N ILE G 205 43.67 -54.13 11.19
CA ILE G 205 43.51 -55.42 10.56
C ILE G 205 42.12 -55.90 10.99
N SER G 206 41.11 -55.19 10.51
CA SER G 206 39.78 -55.43 11.00
C SER G 206 38.84 -55.56 9.84
N THR G 207 37.87 -56.46 9.97
CA THR G 207 36.98 -56.73 8.87
C THR G 207 35.56 -56.96 9.36
N THR G 208 34.60 -56.69 8.48
CA THR G 208 33.17 -56.74 8.83
C THR G 208 32.39 -57.62 7.88
N LEU G 209 31.33 -58.22 8.41
CA LEU G 209 30.45 -59.10 7.63
C LEU G 209 29.45 -58.34 6.74
N ASP G 210 29.18 -58.81 5.53
CA ASP G 210 28.13 -58.20 4.69
C ASP G 210 26.74 -58.67 5.08
N VAL G 211 26.14 -58.08 6.11
CA VAL G 211 24.81 -58.49 6.57
C VAL G 211 23.78 -58.25 5.47
N SER G 212 24.02 -57.22 4.67
CA SER G 212 23.16 -56.87 3.55
C SER G 212 23.05 -57.93 2.43
N LYS G 213 23.98 -58.88 2.40
CA LYS G 213 24.01 -59.80 1.28
C LYS G 213 23.80 -61.23 1.74
N LEU G 214 23.43 -61.42 3.00
CA LEU G 214 23.27 -62.77 3.48
C LEU G 214 22.07 -63.42 2.81
N GLY G 215 22.04 -64.75 2.81
CA GLY G 215 20.94 -65.50 2.23
C GLY G 215 19.57 -65.11 2.77
N LYS G 216 19.44 -65.13 4.10
CA LYS G 216 18.21 -64.69 4.73
C LYS G 216 18.54 -63.72 5.87
N LYS G 217 17.53 -63.28 6.61
CA LYS G 217 17.78 -62.35 7.72
C LYS G 217 17.81 -63.07 9.08
N TRP G 218 16.85 -63.95 9.32
CA TRP G 218 16.77 -64.62 10.61
C TRP G 218 17.34 -66.02 10.53
N TYR G 219 18.43 -66.24 11.26
CA TYR G 219 19.03 -67.56 11.29
C TYR G 219 18.71 -68.33 12.57
N PRO G 220 18.59 -69.65 12.46
CA PRO G 220 18.46 -70.45 13.68
C PRO G 220 19.76 -70.62 14.44
N TYR G 221 19.71 -70.57 15.76
CA TYR G 221 20.87 -70.91 16.59
C TYR G 221 21.18 -72.41 16.48
N LYS G 222 22.40 -72.73 16.05
CA LYS G 222 22.85 -74.11 15.91
C LYS G 222 24.17 -74.27 16.61
N THR G 223 24.49 -75.50 16.99
CA THR G 223 25.81 -75.77 17.54
C THR G 223 26.73 -76.25 16.44
N SER G 224 28.01 -76.41 16.79
CA SER G 224 28.97 -77.01 15.90
C SER G 224 28.55 -78.43 15.53
N ALA G 225 28.02 -79.16 16.52
CA ALA G 225 27.49 -80.49 16.31
C ALA G 225 26.43 -80.49 15.21
N ASP G 226 25.47 -79.58 15.33
CA ASP G 226 24.40 -79.42 14.34
C ASP G 226 24.95 -79.11 12.96
N TYR G 227 26.01 -78.32 12.92
CA TYR G 227 26.65 -78.02 11.65
C TYR G 227 27.21 -79.31 11.05
N ALA G 228 27.91 -80.08 11.88
CA ALA G 228 28.59 -81.30 11.43
C ALA G 228 27.64 -82.27 10.76
N THR G 229 26.49 -82.48 11.40
CA THR G 229 25.45 -83.38 10.89
C THR G 229 24.93 -82.96 9.53
N ALA G 230 24.62 -81.68 9.38
CA ALA G 230 24.11 -81.17 8.12
C ALA G 230 25.11 -81.43 6.99
N VAL G 231 26.39 -81.20 7.26
CA VAL G 231 27.44 -81.37 6.26
C VAL G 231 27.64 -82.86 5.93
N GLY G 232 27.33 -83.72 6.90
CA GLY G 232 27.38 -85.15 6.69
C GLY G 232 26.36 -85.62 5.70
N VAL G 233 25.20 -84.99 5.69
CA VAL G 233 24.10 -85.32 4.78
C VAL G 233 24.21 -84.65 3.38
N ASP G 234 24.38 -83.33 3.37
CA ASP G 234 24.61 -82.54 2.14
C ASP G 234 25.10 -81.17 2.61
N VAL G 235 26.26 -80.75 2.08
CA VAL G 235 26.92 -79.54 2.55
C VAL G 235 26.00 -78.33 2.43
N ASN G 236 25.12 -78.38 1.44
CA ASN G 236 24.20 -77.28 1.14
C ASN G 236 23.04 -77.16 2.14
N ILE G 237 22.79 -78.21 2.93
CA ILE G 237 21.81 -78.11 3.99
C ILE G 237 22.31 -77.11 5.05
N ALA G 238 23.63 -77.00 5.16
CA ALA G 238 24.27 -76.16 6.15
C ALA G 238 24.17 -74.67 5.79
N THR G 239 24.08 -74.38 4.51
CA THR G 239 24.03 -73.01 4.01
C THR G 239 22.86 -72.18 4.57
N PRO G 240 21.66 -72.75 4.68
CA PRO G 240 20.66 -71.94 5.38
C PRO G 240 20.84 -71.92 6.90
N LEU G 241 21.90 -72.56 7.41
CA LEU G 241 22.13 -72.62 8.85
C LEU G 241 23.21 -71.62 9.33
N VAL G 242 24.20 -71.37 8.49
CA VAL G 242 25.30 -70.50 8.86
C VAL G 242 25.42 -69.31 7.93
N PRO G 243 25.53 -68.10 8.51
CA PRO G 243 25.55 -66.89 7.67
C PRO G 243 26.79 -66.75 6.77
N ALA G 244 27.96 -67.14 7.26
CA ALA G 244 29.21 -67.03 6.49
C ALA G 244 30.33 -67.73 7.24
N ARG G 245 31.51 -67.86 6.66
CA ARG G 245 32.62 -68.35 7.48
C ARG G 245 33.80 -67.42 7.40
N LEU G 246 34.46 -67.24 8.52
CA LEU G 246 35.64 -66.40 8.55
C LEU G 246 36.84 -67.28 8.23
N VAL G 247 37.63 -66.89 7.25
CA VAL G 247 38.83 -67.64 6.91
C VAL G 247 40.05 -66.88 7.37
N ILE G 248 40.98 -67.63 7.96
CA ILE G 248 42.18 -67.06 8.54
C ILE G 248 43.39 -67.80 8.01
N ALA G 249 44.38 -67.06 7.51
CA ALA G 249 45.65 -67.66 7.10
C ALA G 249 46.81 -67.00 7.83
N LEU G 250 47.76 -67.78 8.31
CA LEU G 250 48.97 -67.23 8.92
C LEU G 250 50.25 -67.79 8.35
N LEU G 251 51.17 -66.92 7.98
CA LEU G 251 52.38 -67.39 7.38
C LEU G 251 53.47 -66.36 7.54
N ASP G 252 54.60 -66.54 6.87
CA ASP G 252 55.72 -65.60 6.90
C ASP G 252 56.41 -65.51 8.27
N GLY G 253 56.11 -66.47 9.14
CA GLY G 253 56.73 -66.50 10.46
C GLY G 253 58.15 -67.01 10.41
N SER G 254 58.87 -66.88 11.53
CA SER G 254 60.30 -67.23 11.57
C SER G 254 60.58 -68.56 12.23
N SER G 255 59.59 -69.15 12.88
CA SER G 255 59.80 -70.40 13.58
C SER G 255 58.91 -71.51 12.98
N SER G 256 59.34 -72.76 13.13
CA SER G 256 58.55 -73.87 12.66
C SER G 256 57.50 -74.17 13.72
N THR G 257 57.78 -73.67 14.92
CA THR G 257 56.82 -73.76 16.01
C THR G 257 56.07 -72.45 16.20
N ALA G 258 54.78 -72.54 16.46
CA ALA G 258 53.94 -71.37 16.59
C ALA G 258 54.50 -70.40 17.63
N VAL G 259 54.66 -69.14 17.22
CA VAL G 259 54.99 -68.05 18.12
C VAL G 259 53.71 -67.32 18.41
N ALA G 260 53.45 -66.97 19.65
CA ALA G 260 52.24 -66.20 19.97
C ALA G 260 52.31 -64.86 19.27
N ALA G 261 51.30 -64.56 18.47
CA ALA G 261 51.25 -63.34 17.68
C ALA G 261 50.19 -62.40 18.25
N GLY G 262 48.95 -62.85 18.33
CA GLY G 262 47.87 -62.02 18.82
C GLY G 262 46.55 -62.72 19.12
N ARG G 263 45.46 -61.97 19.07
CA ARG G 263 44.12 -62.46 19.35
C ARG G 263 43.13 -61.84 18.39
N ILE G 264 42.08 -62.58 18.07
CA ILE G 264 40.99 -62.02 17.29
C ILE G 264 39.81 -61.80 18.23
N TYR G 265 39.35 -60.56 18.31
CA TYR G 265 38.17 -60.22 19.09
C TYR G 265 37.01 -60.05 18.15
N CYS G 266 35.81 -60.34 18.65
CA CYS G 266 34.62 -60.12 17.87
C CYS G 266 33.77 -59.04 18.50
N THR G 267 33.38 -58.07 17.67
CA THR G 267 32.49 -56.99 18.06
C THR G 267 31.27 -57.13 17.19
N TYR G 268 30.14 -57.44 17.82
CA TYR G 268 28.93 -57.76 17.06
C TYR G 268 27.74 -56.99 17.60
N THR G 269 26.76 -56.76 16.74
CA THR G 269 25.44 -56.35 17.20
C THR G 269 24.46 -57.39 16.70
N ILE G 270 23.85 -58.09 17.64
CA ILE G 270 22.96 -59.21 17.31
C ILE G 270 21.53 -58.92 17.78
N GLN G 271 20.55 -59.24 16.95
CA GLN G 271 19.13 -59.18 17.32
C GLN G 271 18.69 -60.57 17.69
N MET G 272 18.21 -60.75 18.91
CA MET G 272 17.80 -62.08 19.33
C MET G 272 16.29 -62.19 19.53
N ILE G 273 15.66 -63.19 18.89
CA ILE G 273 14.20 -63.34 18.97
C ILE G 273 13.73 -64.74 19.26
N GLU G 274 12.46 -64.84 19.70
CA GLU G 274 11.76 -66.10 19.94
C GLU G 274 12.49 -66.97 20.99
N PRO G 275 12.28 -66.65 22.27
CA PRO G 275 12.86 -67.40 23.39
C PRO G 275 12.59 -68.90 23.35
N THR G 276 13.41 -69.66 24.05
CA THR G 276 13.25 -71.10 24.11
C THR G 276 13.68 -71.63 25.48
N ALA G 277 13.00 -72.67 25.94
CA ALA G 277 13.35 -73.32 27.21
C ALA G 277 13.73 -74.78 26.96
N GLY H 86 23.56 -50.14 -22.51
CA GLY H 86 24.91 -49.61 -22.71
C GLY H 86 25.96 -50.61 -23.20
N GLY H 87 26.09 -51.74 -22.51
CA GLY H 87 27.04 -52.78 -22.87
C GLY H 87 28.24 -52.87 -21.94
N ILE H 88 28.37 -51.90 -21.04
CA ILE H 88 29.50 -51.83 -20.12
C ILE H 88 29.27 -52.55 -18.79
N THR H 89 30.09 -53.55 -18.53
CA THR H 89 30.09 -54.18 -17.22
C THR H 89 31.20 -53.55 -16.34
N VAL H 90 30.81 -52.88 -15.26
CA VAL H 90 31.76 -52.25 -14.36
C VAL H 90 32.15 -53.15 -13.18
N LEU H 91 33.46 -53.32 -12.99
CA LEU H 91 33.97 -54.23 -11.98
C LEU H 91 34.96 -53.55 -11.07
N THR H 92 34.78 -53.71 -9.77
CA THR H 92 35.76 -53.22 -8.79
C THR H 92 36.22 -54.36 -7.88
N HIS H 93 37.51 -54.51 -7.71
CA HIS H 93 38.03 -55.64 -6.95
C HIS H 93 39.47 -55.40 -6.44
N SER H 94 39.84 -56.15 -5.42
CA SER H 94 41.22 -56.15 -4.92
C SER H 94 41.77 -57.55 -5.05
N GLU H 95 43.02 -57.69 -5.48
CA GLU H 95 43.66 -59.01 -5.41
C GLU H 95 45.16 -58.94 -5.33
N LEU H 96 45.75 -60.06 -4.88
CA LEU H 96 47.20 -60.18 -4.81
C LEU H 96 47.74 -60.03 -6.20
N SER H 97 48.79 -59.24 -6.37
CA SER H 97 49.33 -59.00 -7.71
C SER H 97 50.79 -59.41 -7.84
N ALA H 98 51.50 -59.44 -6.70
CA ALA H 98 52.94 -59.73 -6.70
C ALA H 98 53.42 -59.99 -5.29
N GLU H 99 54.35 -60.94 -5.13
CA GLU H 99 54.98 -61.14 -3.83
C GLU H 99 56.41 -60.62 -3.84
N ILE H 100 56.82 -60.02 -2.73
CA ILE H 100 58.01 -59.18 -2.75
C ILE H 100 59.09 -59.66 -1.78
N GLY H 101 60.31 -59.74 -2.29
CA GLY H 101 61.43 -60.11 -1.46
C GLY H 101 62.52 -59.08 -1.67
N VAL H 102 63.37 -58.88 -0.66
CA VAL H 102 64.39 -57.85 -0.76
C VAL H 102 65.82 -58.41 -0.64
N THR H 103 66.75 -57.89 -1.44
CA THR H 103 68.16 -58.25 -1.30
C THR H 103 68.97 -56.97 -1.17
N ASP H 104 70.28 -57.08 -1.01
CA ASP H 104 71.14 -55.92 -0.76
C ASP H 104 71.65 -55.21 -2.00
N SER H 105 71.28 -55.71 -3.18
CA SER H 105 71.62 -55.02 -4.42
C SER H 105 70.32 -54.72 -5.17
N ILE H 106 70.29 -53.65 -5.97
CA ILE H 106 69.04 -53.28 -6.61
C ILE H 106 68.63 -54.40 -7.59
N VAL H 107 67.36 -54.77 -7.49
CA VAL H 107 66.70 -55.70 -8.39
C VAL H 107 65.43 -55.00 -8.86
N VAL H 108 65.29 -54.84 -10.18
CA VAL H 108 64.15 -54.15 -10.77
C VAL H 108 63.21 -55.09 -11.51
N SER H 109 61.95 -55.11 -11.12
CA SER H 109 60.96 -55.91 -11.81
C SER H 109 59.86 -55.02 -12.38
N SER H 110 58.97 -55.59 -13.16
CA SER H 110 57.89 -54.77 -13.68
C SER H 110 56.63 -55.60 -13.99
N GLU H 111 55.51 -54.92 -14.17
CA GLU H 111 54.27 -55.62 -14.45
C GLU H 111 53.47 -54.84 -15.49
N LEU H 112 52.96 -55.51 -16.51
CA LEU H 112 52.12 -54.79 -17.43
C LEU H 112 50.81 -54.45 -16.71
N VAL H 113 50.35 -53.19 -16.82
CA VAL H 113 49.06 -52.83 -16.21
C VAL H 113 47.94 -53.16 -17.21
N MET H 114 47.64 -54.44 -17.31
CA MET H 114 46.59 -54.91 -18.17
C MET H 114 46.00 -56.16 -17.51
N PRO H 115 44.70 -56.40 -17.75
CA PRO H 115 43.94 -57.43 -17.05
C PRO H 115 44.68 -58.74 -16.96
N TYR H 116 45.30 -59.17 -18.05
CA TYR H 116 45.96 -60.47 -18.07
C TYR H 116 46.99 -60.62 -16.96
N THR H 117 47.63 -59.52 -16.59
CA THR H 117 48.75 -59.59 -15.66
C THR H 117 48.61 -58.90 -14.30
N VAL H 118 47.47 -58.28 -13.99
CA VAL H 118 47.41 -57.66 -12.67
C VAL H 118 47.09 -58.75 -11.64
N GLY H 119 46.39 -59.79 -12.06
CA GLY H 119 45.97 -60.84 -11.13
C GLY H 119 45.33 -62.04 -11.80
N THR H 120 45.40 -63.21 -11.15
CA THR H 120 44.95 -64.44 -11.76
C THR H 120 43.43 -64.41 -11.91
N TRP H 121 42.75 -63.81 -10.94
CA TRP H 121 41.29 -63.71 -10.96
C TRP H 121 40.77 -62.80 -12.06
N LEU H 122 41.23 -61.54 -12.09
CA LEU H 122 40.86 -60.61 -13.15
C LEU H 122 41.28 -61.13 -14.50
N ARG H 123 42.41 -61.84 -14.55
CA ARG H 123 42.91 -62.40 -15.80
C ARG H 123 41.84 -63.27 -16.45
N GLY H 124 41.25 -64.13 -15.64
CA GLY H 124 40.19 -65.04 -16.06
C GLY H 124 38.87 -64.35 -16.38
N VAL H 125 38.49 -63.39 -15.55
CA VAL H 125 37.25 -62.67 -15.72
C VAL H 125 37.25 -61.84 -17.00
N ALA H 126 38.26 -61.00 -17.16
CA ALA H 126 38.28 -60.03 -18.26
C ALA H 126 38.50 -60.72 -19.61
N ALA H 127 38.91 -61.98 -19.57
CA ALA H 127 39.10 -62.71 -20.81
C ALA H 127 37.79 -62.89 -21.59
N ASN H 128 36.66 -62.85 -20.88
CA ASN H 128 35.34 -63.02 -21.49
C ASN H 128 34.85 -61.79 -22.26
N TRP H 129 35.65 -60.73 -22.25
CA TRP H 129 35.35 -59.55 -23.03
C TRP H 129 36.52 -59.23 -23.99
N SER H 130 36.27 -58.47 -25.06
CA SER H 130 37.31 -58.18 -26.06
C SER H 130 38.14 -56.93 -25.74
N LYS H 131 37.48 -55.93 -25.18
CA LYS H 131 38.12 -54.66 -24.84
C LYS H 131 37.83 -54.28 -23.39
N TYR H 132 38.64 -53.38 -22.84
CA TYR H 132 38.39 -52.88 -21.50
C TYR H 132 38.82 -51.42 -21.40
N SER H 133 38.47 -50.77 -20.30
CA SER H 133 38.95 -49.43 -19.97
C SER H 133 39.16 -49.32 -18.45
N TRP H 134 40.31 -48.83 -18.04
CA TRP H 134 40.61 -48.58 -16.63
C TRP H 134 39.90 -47.34 -16.15
N LEU H 135 39.10 -47.45 -15.11
CA LEU H 135 38.55 -46.24 -14.50
C LEU H 135 39.48 -45.86 -13.36
N SER H 136 40.07 -46.89 -12.75
CA SER H 136 41.03 -46.72 -11.67
C SER H 136 41.94 -47.93 -11.49
N VAL H 137 43.25 -47.70 -11.32
CA VAL H 137 44.18 -48.77 -10.97
C VAL H 137 45.16 -48.30 -9.90
N ARG H 138 45.13 -48.98 -8.76
CA ARG H 138 45.98 -48.66 -7.65
C ARG H 138 46.70 -49.88 -7.20
N TYR H 139 48.01 -49.73 -7.11
CA TYR H 139 48.92 -50.73 -6.60
C TYR H 139 49.36 -50.35 -5.19
N THR H 140 49.22 -51.30 -4.26
CA THR H 140 49.51 -51.08 -2.83
C THR H 140 50.47 -52.11 -2.25
N TYR H 141 51.54 -51.64 -1.62
CA TYR H 141 52.47 -52.55 -0.95
C TYR H 141 52.00 -52.76 0.48
N ILE H 142 51.86 -54.00 0.91
CA ILE H 142 51.55 -54.30 2.31
C ILE H 142 52.70 -55.16 2.84
N PRO H 143 53.31 -54.76 3.95
CA PRO H 143 54.45 -55.49 4.52
C PRO H 143 54.08 -56.73 5.32
N SER H 144 55.00 -57.67 5.45
CA SER H 144 54.77 -58.87 6.24
C SER H 144 56.03 -59.27 7.04
N CYS H 145 56.93 -58.31 7.22
CA CYS H 145 58.21 -58.61 7.85
C CYS H 145 58.30 -57.85 9.14
N PRO H 146 59.29 -58.18 9.97
CA PRO H 146 59.56 -57.43 11.20
C PRO H 146 59.95 -56.00 10.98
N SER H 147 59.76 -55.17 12.00
CA SER H 147 60.15 -53.77 11.95
C SER H 147 61.65 -53.60 11.90
N SER H 148 62.37 -54.69 12.05
CA SER H 148 63.82 -54.67 12.05
C SER H 148 64.43 -55.06 10.71
N THR H 149 63.57 -55.20 9.68
CA THR H 149 64.02 -55.63 8.35
C THR H 149 64.72 -54.55 7.56
N ALA H 150 65.89 -54.82 7.05
CA ALA H 150 66.58 -53.87 6.17
C ALA H 150 65.96 -53.89 4.78
N GLY H 151 65.89 -52.74 4.13
CA GLY H 151 65.35 -52.70 2.77
C GLY H 151 64.34 -51.61 2.46
N SER H 152 64.19 -51.29 1.18
CA SER H 152 63.14 -50.37 0.70
C SER H 152 62.49 -50.82 -0.62
N ILE H 153 61.27 -50.38 -0.87
CA ILE H 153 60.58 -50.70 -2.11
C ILE H 153 60.27 -49.39 -2.85
N HIS H 154 60.31 -49.45 -4.18
CA HIS H 154 60.07 -48.30 -5.03
C HIS H 154 59.14 -48.68 -6.20
N MET H 155 58.16 -47.83 -6.49
CA MET H 155 57.20 -48.07 -7.56
C MET H 155 56.92 -46.80 -8.37
N GLY H 156 56.75 -46.96 -9.67
CA GLY H 156 56.41 -45.86 -10.54
C GLY H 156 55.84 -46.43 -11.82
N PHE H 157 55.24 -45.58 -12.63
CA PHE H 157 54.66 -46.02 -13.88
C PHE H 157 55.42 -45.52 -15.09
N GLN H 158 55.57 -46.37 -16.08
CA GLN H 158 56.00 -45.92 -17.39
C GLN H 158 54.82 -46.03 -18.34
N TYR H 159 54.68 -45.08 -19.25
CA TYR H 159 53.52 -45.08 -20.13
C TYR H 159 53.86 -45.30 -21.62
N ASP H 160 55.13 -45.53 -21.92
CA ASP H 160 55.55 -45.86 -23.29
C ASP H 160 56.32 -47.17 -23.22
N MET H 161 55.82 -48.19 -23.91
CA MET H 161 56.43 -49.50 -23.83
C MET H 161 57.86 -49.53 -24.34
N ALA H 162 58.20 -48.55 -25.19
CA ALA H 162 59.51 -48.49 -25.82
C ALA H 162 60.57 -47.99 -24.88
N ASP H 163 60.12 -47.38 -23.78
CA ASP H 163 60.98 -46.88 -22.70
C ASP H 163 61.82 -48.01 -22.10
N THR H 164 63.11 -47.76 -21.86
CA THR H 164 63.93 -48.76 -21.19
C THR H 164 63.52 -48.76 -19.72
N VAL H 165 63.45 -49.95 -19.14
CA VAL H 165 63.12 -50.05 -17.73
C VAL H 165 64.26 -49.44 -16.89
N PRO H 166 63.93 -48.63 -15.88
CA PRO H 166 64.96 -47.99 -15.05
C PRO H 166 65.91 -49.00 -14.40
N VAL H 167 67.11 -48.51 -14.08
CA VAL H 167 68.15 -49.34 -13.49
C VAL H 167 68.60 -48.75 -12.15
N SER H 168 68.18 -47.53 -11.87
CA SER H 168 68.55 -46.89 -10.62
C SER H 168 67.34 -46.31 -9.95
N VAL H 169 67.41 -46.21 -8.62
CA VAL H 169 66.39 -45.52 -7.84
C VAL H 169 66.24 -44.09 -8.33
N ASN H 170 67.35 -43.48 -8.74
CA ASN H 170 67.37 -42.11 -9.23
C ASN H 170 66.42 -41.85 -10.38
N GLN H 171 66.55 -42.66 -11.42
CA GLN H 171 65.65 -42.65 -12.58
C GLN H 171 64.22 -42.92 -12.14
N LEU H 172 64.04 -44.01 -11.40
CA LEU H 172 62.72 -44.42 -10.95
C LEU H 172 61.99 -43.30 -10.24
N SER H 173 62.72 -42.53 -9.45
CA SER H 173 62.13 -41.48 -8.66
C SER H 173 61.44 -40.43 -9.52
N ASN H 174 61.77 -40.37 -10.81
CA ASN H 174 61.19 -39.32 -11.62
C ASN H 174 59.85 -39.65 -12.21
N LEU H 175 59.46 -40.91 -12.14
CA LEU H 175 58.20 -41.33 -12.77
C LEU H 175 56.99 -40.75 -12.06
N ARG H 176 55.94 -40.44 -12.83
CA ARG H 176 54.60 -40.19 -12.29
C ARG H 176 54.18 -41.34 -11.37
N GLY H 177 53.69 -40.99 -10.19
CA GLY H 177 53.20 -42.01 -9.27
C GLY H 177 54.32 -42.69 -8.51
N TYR H 178 55.51 -42.07 -8.52
CA TYR H 178 56.63 -42.58 -7.77
C TYR H 178 56.29 -42.55 -6.29
N VAL H 179 56.53 -43.68 -5.65
CA VAL H 179 56.42 -43.81 -4.21
C VAL H 179 57.59 -44.65 -3.72
N SER H 180 57.90 -44.56 -2.44
CA SER H 180 59.07 -45.22 -1.88
C SER H 180 58.90 -45.39 -0.38
N GLY H 181 59.37 -46.50 0.15
CA GLY H 181 59.26 -46.65 1.60
C GLY H 181 60.01 -47.81 2.17
N GLN H 182 60.14 -47.83 3.50
CA GLN H 182 60.74 -48.96 4.19
C GLN H 182 59.96 -50.20 3.83
N VAL H 183 60.69 -51.29 3.73
CA VAL H 183 60.12 -52.54 3.29
C VAL H 183 59.19 -53.11 4.35
N TRP H 184 59.25 -52.55 5.57
CA TRP H 184 58.39 -52.94 6.71
C TRP H 184 57.30 -51.89 7.05
N SER H 185 57.30 -50.82 6.27
CA SER H 185 56.29 -49.77 6.34
C SER H 185 55.15 -50.07 5.35
N GLY H 186 54.07 -49.31 5.40
CA GLY H 186 53.04 -49.41 4.37
C GLY H 186 51.68 -49.92 4.82
N SER H 187 51.59 -50.31 6.09
CA SER H 187 50.36 -50.82 6.68
C SER H 187 49.17 -49.91 6.42
N ALA H 188 49.37 -48.59 6.43
CA ALA H 188 48.26 -47.68 6.31
C ALA H 188 47.54 -47.79 4.97
N GLY H 189 48.12 -48.53 4.03
CA GLY H 189 47.47 -48.72 2.73
C GLY H 189 46.34 -49.74 2.74
N LEU H 190 46.22 -50.48 3.83
CA LEU H 190 45.27 -51.58 3.92
C LEU H 190 43.84 -51.11 3.64
N CYS H 191 43.55 -49.88 4.06
CA CYS H 191 42.20 -49.33 3.89
C CYS H 191 41.79 -49.18 2.43
N PHE H 192 42.78 -48.99 1.55
CA PHE H 192 42.48 -48.94 0.13
C PHE H 192 41.99 -50.24 -0.40
N ILE H 193 42.47 -51.33 0.21
CA ILE H 193 42.22 -52.65 -0.34
C ILE H 193 40.81 -53.14 -0.02
N ASN H 194 40.33 -52.91 1.19
CA ASN H 194 38.96 -53.30 1.54
C ASN H 194 37.97 -52.13 1.37
N GLY H 195 38.45 -51.05 0.74
CA GLY H 195 37.65 -49.89 0.40
C GLY H 195 36.96 -49.22 1.56
N THR H 196 37.58 -49.28 2.73
CA THR H 196 36.97 -48.73 3.92
C THR H 196 37.43 -47.29 4.16
N ARG H 197 37.01 -46.69 5.28
CA ARG H 197 37.36 -45.30 5.58
C ARG H 197 38.86 -45.11 5.70
N CYS H 198 39.39 -44.34 4.77
CA CYS H 198 40.81 -44.05 4.76
C CYS H 198 40.99 -42.70 5.42
N SER H 199 41.86 -42.63 6.43
CA SER H 199 42.10 -41.38 7.13
C SER H 199 43.59 -41.11 7.09
N ASP H 200 44.33 -41.74 7.98
CA ASP H 200 45.77 -41.54 8.07
C ASP H 200 46.54 -42.38 7.04
N THR H 201 46.47 -42.00 5.77
CA THR H 201 47.14 -42.80 4.75
C THR H 201 48.45 -42.20 4.27
N SER H 202 49.05 -41.29 5.03
CA SER H 202 50.26 -40.61 4.54
C SER H 202 51.42 -41.55 4.36
N THR H 203 51.45 -42.61 5.15
CA THR H 203 52.53 -43.57 5.10
C THR H 203 52.25 -44.69 4.10
N ALA H 204 51.11 -44.62 3.44
CA ALA H 204 50.74 -45.66 2.48
C ALA H 204 51.77 -45.71 1.35
N ILE H 205 52.31 -46.91 1.11
CA ILE H 205 53.16 -47.10 -0.05
C ILE H 205 52.25 -47.59 -1.14
N SER H 206 51.43 -46.67 -1.64
CA SER H 206 50.39 -46.98 -2.61
C SER H 206 50.41 -45.94 -3.71
N THR H 207 50.14 -46.35 -4.94
CA THR H 207 50.25 -45.45 -6.08
C THR H 207 49.15 -45.73 -7.12
N THR H 208 48.79 -44.73 -7.93
CA THR H 208 47.68 -44.90 -8.89
C THR H 208 48.05 -44.50 -10.33
N LEU H 209 47.38 -45.14 -11.28
CA LEU H 209 47.57 -44.91 -12.72
C LEU H 209 46.86 -43.65 -13.23
N ASP H 210 47.52 -42.86 -14.08
CA ASP H 210 46.89 -41.70 -14.73
C ASP H 210 45.98 -42.15 -15.87
N VAL H 211 44.77 -42.57 -15.53
CA VAL H 211 43.85 -43.10 -16.52
C VAL H 211 43.49 -42.07 -17.57
N SER H 212 43.46 -40.79 -17.19
CA SER H 212 43.12 -39.67 -18.09
C SER H 212 44.13 -39.43 -19.18
N LYS H 213 45.33 -39.98 -19.04
CA LYS H 213 46.39 -39.66 -19.99
C LYS H 213 46.84 -40.86 -20.81
N LEU H 214 46.11 -41.95 -20.75
CA LEU H 214 46.52 -43.14 -21.48
C LEU H 214 46.41 -42.83 -22.98
N GLY H 215 47.08 -43.61 -23.80
CA GLY H 215 47.06 -43.39 -25.25
C GLY H 215 45.64 -43.32 -25.80
N LYS H 216 44.85 -44.34 -25.50
CA LYS H 216 43.45 -44.36 -25.87
C LYS H 216 42.58 -44.79 -24.67
N LYS H 217 41.27 -44.93 -24.87
CA LYS H 217 40.36 -45.34 -23.80
C LYS H 217 40.05 -46.81 -23.80
N TRP H 218 39.70 -47.36 -24.95
CA TRP H 218 39.34 -48.76 -24.98
C TRP H 218 40.50 -49.55 -25.52
N TYR H 219 41.07 -50.35 -24.63
CA TYR H 219 42.17 -51.23 -24.94
C TYR H 219 41.61 -52.60 -25.14
N PRO H 220 42.20 -53.34 -26.06
CA PRO H 220 41.89 -54.75 -26.27
C PRO H 220 42.55 -55.59 -25.19
N TYR H 221 41.89 -56.66 -24.75
CA TYR H 221 42.51 -57.66 -23.89
C TYR H 221 43.57 -58.47 -24.65
N LYS H 222 44.80 -58.47 -24.12
CA LYS H 222 45.91 -59.18 -24.73
C LYS H 222 46.55 -60.05 -23.67
N THR H 223 47.22 -61.11 -24.08
CA THR H 223 48.00 -61.90 -23.13
C THR H 223 49.47 -61.46 -23.19
N SER H 224 50.30 -62.02 -22.31
CA SER H 224 51.73 -61.80 -22.37
C SER H 224 52.31 -62.24 -23.71
N ALA H 225 51.83 -63.37 -24.22
CA ALA H 225 52.23 -63.89 -25.51
C ALA H 225 52.03 -62.85 -26.60
N ASP H 226 50.85 -62.22 -26.62
CA ASP H 226 50.52 -61.17 -27.60
C ASP H 226 51.49 -60.02 -27.50
N TYR H 227 51.81 -59.68 -26.26
CA TYR H 227 52.74 -58.60 -25.99
C TYR H 227 54.09 -58.98 -26.58
N ALA H 228 54.50 -60.22 -26.33
CA ALA H 228 55.81 -60.70 -26.75
C ALA H 228 56.03 -60.55 -28.25
N THR H 229 55.11 -61.10 -29.04
CA THR H 229 55.22 -61.03 -30.50
C THR H 229 55.20 -59.59 -30.99
N ALA H 230 54.31 -58.78 -30.43
CA ALA H 230 54.20 -57.38 -30.81
C ALA H 230 55.53 -56.65 -30.57
N VAL H 231 56.15 -56.90 -29.42
CA VAL H 231 57.45 -56.27 -29.11
C VAL H 231 58.56 -56.88 -29.97
N GLY H 232 58.37 -58.12 -30.39
CA GLY H 232 59.30 -58.77 -31.28
C GLY H 232 59.36 -58.13 -32.65
N VAL H 233 58.21 -57.65 -33.11
CA VAL H 233 58.12 -57.00 -34.41
C VAL H 233 58.54 -55.54 -34.33
N ASP H 234 57.94 -54.82 -33.39
CA ASP H 234 58.27 -53.43 -33.10
C ASP H 234 57.65 -53.11 -31.77
N VAL H 235 58.47 -52.67 -30.84
CA VAL H 235 58.01 -52.43 -29.49
C VAL H 235 56.91 -51.35 -29.52
N ASN H 236 56.95 -50.52 -30.55
CA ASN H 236 56.03 -49.42 -30.66
C ASN H 236 54.63 -49.93 -31.07
N ILE H 237 54.57 -51.16 -31.59
CA ILE H 237 53.30 -51.81 -31.85
C ILE H 237 52.58 -52.10 -30.54
N ALA H 238 53.36 -52.30 -29.47
CA ALA H 238 52.80 -52.70 -28.19
C ALA H 238 52.08 -51.56 -27.50
N THR H 239 52.48 -50.33 -27.74
CA THR H 239 51.90 -49.18 -27.01
C THR H 239 50.37 -49.08 -27.18
N PRO H 240 49.81 -49.40 -28.38
CA PRO H 240 48.34 -49.48 -28.37
C PRO H 240 47.78 -50.78 -27.74
N LEU H 241 48.61 -51.67 -27.24
CA LEU H 241 48.08 -52.92 -26.71
C LEU H 241 48.04 -52.88 -25.19
N VAL H 242 48.97 -52.18 -24.58
CA VAL H 242 49.00 -52.05 -23.14
C VAL H 242 49.04 -50.61 -22.68
N PRO H 243 48.17 -50.24 -21.73
CA PRO H 243 48.15 -48.83 -21.32
C PRO H 243 49.43 -48.35 -20.60
N ALA H 244 50.04 -49.19 -19.79
CA ALA H 244 51.24 -48.77 -19.07
C ALA H 244 51.92 -49.97 -18.43
N ARG H 245 53.11 -49.78 -17.88
CA ARG H 245 53.76 -50.82 -17.10
C ARG H 245 54.16 -50.25 -15.74
N LEU H 246 54.00 -51.06 -14.72
CA LEU H 246 54.36 -50.69 -13.37
C LEU H 246 55.79 -51.11 -13.17
N VAL H 247 56.65 -50.19 -12.71
CA VAL H 247 58.05 -50.54 -12.49
C VAL H 247 58.37 -50.66 -10.99
N ILE H 248 59.08 -51.73 -10.61
CA ILE H 248 59.37 -51.99 -9.20
C ILE H 248 60.87 -52.20 -8.93
N ALA H 249 61.40 -51.49 -7.93
CA ALA H 249 62.77 -51.73 -7.47
C ALA H 249 62.82 -52.06 -5.97
N LEU H 250 63.65 -53.04 -5.60
CA LEU H 250 63.95 -53.35 -4.20
C LEU H 250 65.43 -53.37 -3.89
N LEU H 251 65.82 -52.72 -2.81
CA LEU H 251 67.23 -52.68 -2.46
C LEU H 251 67.38 -52.38 -0.98
N ASP H 252 68.60 -52.09 -0.56
CA ASP H 252 68.88 -51.73 0.83
C ASP H 252 68.70 -52.91 1.78
N GLY H 253 68.68 -54.13 1.24
CA GLY H 253 68.53 -55.32 2.06
C GLY H 253 69.80 -55.75 2.78
N SER H 254 69.67 -56.71 3.68
CA SER H 254 70.81 -57.10 4.49
C SER H 254 71.44 -58.39 4.03
N SER H 255 70.78 -59.08 3.11
CA SER H 255 71.23 -60.38 2.63
C SER H 255 71.42 -60.38 1.11
N SER H 256 72.20 -61.32 0.58
CA SER H 256 72.29 -61.42 -0.88
C SER H 256 71.17 -62.29 -1.41
N THR H 257 70.58 -63.12 -0.54
CA THR H 257 69.43 -63.93 -0.91
C THR H 257 68.16 -63.22 -0.45
N ALA H 258 67.10 -63.29 -1.25
CA ALA H 258 65.86 -62.57 -0.95
C ALA H 258 65.26 -62.93 0.41
N VAL H 259 64.99 -61.88 1.22
CA VAL H 259 64.27 -61.98 2.49
C VAL H 259 62.85 -61.58 2.21
N ALA H 260 61.88 -62.36 2.70
CA ALA H 260 60.45 -62.07 2.47
C ALA H 260 60.07 -60.70 3.02
N ALA H 261 59.54 -59.88 2.13
CA ALA H 261 59.28 -58.49 2.45
C ALA H 261 57.80 -58.18 2.61
N GLY H 262 57.04 -58.30 1.52
CA GLY H 262 55.62 -58.01 1.53
C GLY H 262 54.89 -58.43 0.28
N ARG H 263 53.77 -57.77 0.01
CA ARG H 263 52.98 -58.11 -1.15
C ARG H 263 52.45 -56.85 -1.78
N ILE H 264 52.25 -56.92 -3.08
CA ILE H 264 51.59 -55.84 -3.79
C ILE H 264 50.20 -56.32 -4.17
N TYR H 265 49.20 -55.56 -3.74
CA TYR H 265 47.85 -55.85 -4.16
C TYR H 265 47.48 -54.82 -5.20
N CYS H 266 46.61 -55.20 -6.12
CA CYS H 266 46.07 -54.27 -7.10
C CYS H 266 44.59 -54.07 -6.84
N THR H 267 44.18 -52.81 -6.76
CA THR H 267 42.78 -52.45 -6.59
C THR H 267 42.30 -51.70 -7.81
N TYR H 268 41.39 -52.31 -8.56
CA TYR H 268 41.03 -51.76 -9.85
C TYR H 268 39.54 -51.53 -10.01
N THR H 269 39.19 -50.56 -10.84
CA THR H 269 37.84 -50.43 -11.34
C THR H 269 37.93 -50.47 -12.85
N ILE H 270 37.42 -51.55 -13.44
CA ILE H 270 37.53 -51.80 -14.87
C ILE H 270 36.16 -51.82 -15.55
N GLN H 271 36.09 -51.22 -16.73
CA GLN H 271 34.94 -51.33 -17.60
C GLN H 271 35.21 -52.36 -18.65
N MET H 272 34.41 -53.41 -18.69
CA MET H 272 34.60 -54.46 -19.69
C MET H 272 33.48 -54.38 -20.71
N ILE H 273 33.87 -54.36 -21.98
CA ILE H 273 32.91 -54.28 -23.08
C ILE H 273 33.17 -55.30 -24.20
N GLU H 274 32.12 -55.54 -24.97
CA GLU H 274 32.13 -56.38 -26.16
C GLU H 274 32.53 -57.83 -25.86
N PRO H 275 31.57 -58.61 -25.34
CA PRO H 275 31.75 -60.02 -25.00
C PRO H 275 32.33 -60.81 -26.15
N THR H 276 32.94 -61.95 -25.81
CA THR H 276 33.59 -62.83 -26.76
C THR H 276 33.40 -64.25 -26.31
N ALA H 277 33.27 -65.18 -27.25
CA ALA H 277 33.10 -66.59 -26.91
C ALA H 277 34.27 -67.47 -27.37
N SER H 278 34.16 -68.77 -27.07
CA SER H 278 35.16 -69.77 -27.48
C SER H 278 34.46 -71.09 -27.83
N GLY I 86 52.76 -15.07 -21.64
CA GLY I 86 53.53 -14.73 -20.46
C GLY I 86 55.03 -14.96 -20.63
N GLY I 87 55.39 -16.18 -21.05
CA GLY I 87 56.76 -16.57 -21.28
C GLY I 87 57.17 -17.53 -20.20
N ILE I 88 56.30 -17.70 -19.22
CA ILE I 88 56.59 -18.57 -18.09
C ILE I 88 56.16 -20.03 -18.26
N THR I 89 57.11 -20.96 -18.21
CA THR I 89 56.75 -22.37 -18.12
C THR I 89 56.82 -22.94 -16.68
N VAL I 90 55.66 -23.30 -16.12
CA VAL I 90 55.60 -23.81 -14.75
C VAL I 90 55.68 -25.32 -14.69
N LEU I 91 56.59 -25.81 -13.86
CA LEU I 91 56.92 -27.23 -13.73
C LEU I 91 56.81 -27.67 -12.29
N THR I 92 56.12 -28.78 -12.05
CA THR I 92 56.08 -29.37 -10.69
C THR I 92 56.62 -30.82 -10.72
N HIS I 93 57.55 -31.14 -9.82
CA HIS I 93 58.18 -32.43 -9.90
C HIS I 93 58.84 -32.88 -8.61
N SER I 94 59.00 -34.20 -8.48
CA SER I 94 59.78 -34.80 -7.43
C SER I 94 60.84 -35.68 -8.00
N GLU I 95 62.02 -35.64 -7.41
CA GLU I 95 63.08 -36.57 -7.79
C GLU I 95 64.07 -36.84 -6.64
N LEU I 96 64.88 -37.89 -6.79
CA LEU I 96 65.91 -38.18 -5.82
C LEU I 96 66.86 -37.02 -5.78
N SER I 97 67.19 -36.55 -4.58
CA SER I 97 68.02 -35.34 -4.48
C SER I 97 69.34 -35.57 -3.73
N ALA I 98 69.38 -36.59 -2.89
CA ALA I 98 70.55 -36.87 -2.06
C ALA I 98 70.41 -38.24 -1.39
N GLU I 99 71.51 -38.96 -1.24
CA GLU I 99 71.46 -40.19 -0.47
C GLU I 99 72.14 -40.06 0.87
N ILE I 100 71.52 -40.66 1.88
CA ILE I 100 71.86 -40.36 3.27
C ILE I 100 72.29 -41.60 4.08
N GLY I 101 73.43 -41.46 4.78
CA GLY I 101 73.97 -42.50 5.66
C GLY I 101 74.37 -41.96 7.03
N VAL I 102 74.31 -42.79 8.07
CA VAL I 102 74.57 -42.28 9.41
C VAL I 102 75.74 -42.98 10.10
N THR I 103 76.55 -42.21 10.84
CA THR I 103 77.68 -42.73 11.64
C THR I 103 77.57 -42.27 13.07
N ASP I 104 78.57 -42.55 13.90
CA ASP I 104 78.47 -42.19 15.32
C ASP I 104 79.03 -40.81 15.65
N SER I 105 79.54 -40.09 14.66
CA SER I 105 79.92 -38.69 14.88
C SER I 105 79.26 -37.77 13.83
N ILE I 106 79.02 -36.50 14.19
CA ILE I 106 78.28 -35.59 13.32
C ILE I 106 79.02 -35.39 12.03
N VAL I 107 78.28 -35.51 10.94
CA VAL I 107 78.80 -35.24 9.61
C VAL I 107 77.86 -34.22 9.00
N VAL I 108 78.38 -33.05 8.67
CA VAL I 108 77.52 -31.99 8.16
C VAL I 108 77.76 -31.75 6.67
N SER I 109 76.74 -31.93 5.86
CA SER I 109 76.83 -31.67 4.41
C SER I 109 75.83 -30.61 3.98
N SER I 110 75.88 -30.22 2.71
CA SER I 110 74.96 -29.20 2.20
C SER I 110 74.66 -29.32 0.73
N GLU I 111 73.59 -28.68 0.28
CA GLU I 111 73.21 -28.67 -1.13
C GLU I 111 72.68 -27.28 -1.48
N LEU I 112 73.14 -26.73 -2.59
CA LEU I 112 72.66 -25.44 -3.06
C LEU I 112 71.21 -25.60 -3.53
N VAL I 113 70.33 -24.70 -3.12
CA VAL I 113 68.95 -24.81 -3.56
C VAL I 113 68.78 -24.19 -4.94
N MET I 114 69.34 -24.85 -5.94
CA MET I 114 69.25 -24.31 -7.28
C MET I 114 69.19 -25.48 -8.28
N PRO I 115 68.48 -25.29 -9.41
CA PRO I 115 68.15 -26.37 -10.34
C PRO I 115 69.32 -27.27 -10.69
N TYR I 116 70.49 -26.71 -10.94
CA TYR I 116 71.62 -27.54 -11.36
C TYR I 116 71.91 -28.67 -10.38
N THR I 117 71.71 -28.41 -9.09
CA THR I 117 72.13 -29.33 -8.04
C THR I 117 71.00 -29.94 -7.22
N VAL I 118 69.75 -29.68 -7.59
CA VAL I 118 68.62 -30.23 -6.86
C VAL I 118 68.38 -31.68 -7.31
N GLY I 119 68.68 -31.97 -8.57
CA GLY I 119 68.43 -33.30 -9.10
C GLY I 119 68.98 -33.41 -10.51
N THR I 120 69.30 -34.62 -10.95
CA THR I 120 69.94 -34.79 -12.25
C THR I 120 68.96 -34.42 -13.34
N TRP I 121 67.69 -34.75 -13.12
CA TRP I 121 66.60 -34.46 -14.07
C TRP I 121 66.28 -32.96 -14.22
N LEU I 122 66.02 -32.26 -13.11
CA LEU I 122 65.76 -30.82 -13.23
C LEU I 122 66.98 -30.11 -13.85
N ARG I 123 68.16 -30.59 -13.49
CA ARG I 123 69.40 -30.04 -14.01
C ARG I 123 69.38 -30.02 -15.52
N GLY I 124 69.04 -31.15 -16.13
CA GLY I 124 69.01 -31.24 -17.57
C GLY I 124 67.92 -30.37 -18.20
N VAL I 125 66.75 -30.37 -17.57
CA VAL I 125 65.59 -29.63 -18.04
C VAL I 125 65.75 -28.11 -18.01
N ALA I 126 66.04 -27.58 -16.82
CA ALA I 126 66.01 -26.14 -16.54
C ALA I 126 67.16 -25.39 -17.20
N ALA I 127 68.14 -26.14 -17.68
CA ALA I 127 69.30 -25.56 -18.37
C ALA I 127 68.85 -24.89 -19.65
N ASN I 128 67.70 -25.30 -20.15
CA ASN I 128 67.13 -24.74 -21.37
C ASN I 128 66.52 -23.37 -21.13
N TRP I 129 66.57 -22.93 -19.88
CA TRP I 129 66.17 -21.58 -19.57
C TRP I 129 67.32 -20.79 -18.89
N SER I 130 67.28 -19.46 -18.97
CA SER I 130 68.35 -18.62 -18.41
C SER I 130 68.05 -18.25 -16.95
N LYS I 131 66.77 -18.02 -16.68
CA LYS I 131 66.33 -17.65 -15.35
C LYS I 131 65.19 -18.56 -14.86
N TYR I 132 65.02 -18.65 -13.54
CA TYR I 132 63.93 -19.40 -12.94
C TYR I 132 63.49 -18.69 -11.67
N SER I 133 62.34 -19.09 -11.15
CA SER I 133 61.88 -18.61 -9.87
C SER I 133 61.26 -19.78 -9.12
N TRP I 134 61.64 -19.96 -7.87
CA TRP I 134 61.01 -20.99 -7.05
C TRP I 134 59.62 -20.51 -6.58
N LEU I 135 58.56 -21.26 -6.89
CA LEU I 135 57.23 -20.96 -6.35
C LEU I 135 57.03 -21.72 -5.04
N SER I 136 57.69 -22.89 -4.97
CA SER I 136 57.78 -23.71 -3.75
C SER I 136 58.92 -24.71 -3.84
N VAL I 137 59.65 -24.91 -2.74
CA VAL I 137 60.65 -25.99 -2.68
C VAL I 137 60.56 -26.75 -1.38
N ARG I 138 60.41 -28.07 -1.49
CA ARG I 138 60.35 -28.94 -0.34
C ARG I 138 61.36 -30.09 -0.39
N TYR I 139 62.13 -30.25 0.69
CA TYR I 139 63.05 -31.38 0.88
C TYR I 139 62.43 -32.33 1.90
N THR I 140 62.31 -33.59 1.51
CA THR I 140 61.65 -34.59 2.33
C THR I 140 62.53 -35.80 2.47
N TYR I 141 62.82 -36.16 3.71
CA TYR I 141 63.64 -37.34 3.99
C TYR I 141 62.73 -38.56 4.16
N ILE I 142 62.99 -39.60 3.37
CA ILE I 142 62.25 -40.88 3.45
C ILE I 142 63.22 -41.95 3.87
N PRO I 143 62.90 -42.72 4.92
CA PRO I 143 63.80 -43.77 5.39
C PRO I 143 63.80 -45.08 4.59
N SER I 144 64.90 -45.83 4.72
CA SER I 144 65.05 -47.15 4.12
C SER I 144 65.77 -48.15 5.05
N CYS I 145 65.80 -47.86 6.35
CA CYS I 145 66.55 -48.68 7.30
C CYS I 145 65.62 -49.37 8.31
N PRO I 146 66.14 -50.34 9.07
CA PRO I 146 65.33 -50.89 10.16
C PRO I 146 64.98 -49.86 11.24
N SER I 147 63.91 -50.16 12.00
CA SER I 147 63.46 -49.30 13.08
C SER I 147 64.45 -49.27 14.21
N SER I 148 65.39 -50.19 14.15
CA SER I 148 66.38 -50.38 15.20
C SER I 148 67.69 -49.70 14.83
N THR I 149 67.66 -48.90 13.77
CA THR I 149 68.83 -48.15 13.34
C THR I 149 69.09 -46.91 14.18
N ALA I 150 70.28 -46.84 14.79
CA ALA I 150 70.66 -45.67 15.55
C ALA I 150 71.04 -44.59 14.59
N GLY I 151 70.70 -43.36 14.97
CA GLY I 151 70.98 -42.19 14.16
C GLY I 151 69.82 -41.21 14.11
N SER I 152 70.14 -39.95 13.81
CA SER I 152 69.12 -38.96 13.57
C SER I 152 69.52 -38.07 12.39
N ILE I 153 68.55 -37.42 11.75
CA ILE I 153 68.90 -36.50 10.68
C ILE I 153 68.36 -35.09 11.04
N HIS I 154 69.13 -34.06 10.67
CA HIS I 154 68.77 -32.67 10.94
C HIS I 154 68.96 -31.87 9.66
N MET I 155 68.00 -31.03 9.32
CA MET I 155 68.02 -30.23 8.10
C MET I 155 67.54 -28.82 8.36
N GLY I 156 68.12 -27.87 7.61
CA GLY I 156 67.71 -26.49 7.69
C GLY I 156 68.24 -25.73 6.50
N PHE I 157 67.75 -24.50 6.35
CA PHE I 157 68.20 -23.66 5.27
C PHE I 157 69.09 -22.54 5.76
N GLN I 158 70.13 -22.25 4.98
CA GLN I 158 70.90 -21.02 5.13
C GLN I 158 70.54 -20.18 3.92
N TYR I 159 70.33 -18.89 4.12
CA TYR I 159 69.89 -18.04 3.02
C TYR I 159 70.95 -17.04 2.61
N ASP I 160 72.11 -17.14 3.25
CA ASP I 160 73.27 -16.31 2.94
C ASP I 160 74.50 -17.17 2.69
N MET I 161 75.00 -17.17 1.46
CA MET I 161 76.09 -18.08 1.09
C MET I 161 77.34 -17.84 1.91
N ALA I 162 77.45 -16.65 2.47
CA ALA I 162 78.62 -16.33 3.24
C ALA I 162 78.58 -16.97 4.62
N ASP I 163 77.39 -17.30 5.13
CA ASP I 163 77.28 -17.94 6.43
C ASP I 163 78.08 -19.24 6.45
N THR I 164 78.85 -19.47 7.51
CA THR I 164 79.60 -20.73 7.59
C THR I 164 78.64 -21.84 7.93
N VAL I 165 78.86 -22.98 7.30
CA VAL I 165 78.06 -24.17 7.54
C VAL I 165 78.26 -24.64 8.97
N PRO I 166 77.15 -24.97 9.63
CA PRO I 166 77.09 -25.36 11.05
C PRO I 166 78.00 -26.52 11.41
N VAL I 167 78.36 -26.62 12.69
CA VAL I 167 79.26 -27.67 13.14
C VAL I 167 78.62 -28.51 14.23
N SER I 168 77.52 -28.01 14.80
CA SER I 168 76.78 -28.72 15.83
C SER I 168 75.27 -28.68 15.55
N VAL I 169 74.54 -29.67 16.06
CA VAL I 169 73.08 -29.67 16.01
C VAL I 169 72.49 -28.42 16.68
N ASN I 170 73.11 -27.98 17.77
CA ASN I 170 72.67 -26.77 18.46
C ASN I 170 72.56 -25.55 17.54
N GLN I 171 73.62 -25.29 16.77
CA GLN I 171 73.63 -24.23 15.76
C GLN I 171 72.54 -24.45 14.73
N LEU I 172 72.52 -25.66 14.20
CA LEU I 172 71.61 -26.02 13.13
C LEU I 172 70.16 -25.81 13.55
N SER I 173 69.90 -26.09 14.82
CA SER I 173 68.55 -26.08 15.37
C SER I 173 67.88 -24.73 15.24
N ASN I 174 68.68 -23.68 15.03
CA ASN I 174 68.15 -22.32 14.96
C ASN I 174 67.70 -21.85 13.57
N LEU I 175 68.11 -22.58 12.54
CA LEU I 175 67.84 -22.17 11.18
C LEU I 175 66.34 -22.22 10.88
N ARG I 176 65.86 -21.31 10.04
CA ARG I 176 64.53 -21.43 9.47
C ARG I 176 64.36 -22.78 8.84
N GLY I 177 63.28 -23.45 9.24
CA GLY I 177 62.90 -24.72 8.65
C GLY I 177 63.62 -25.92 9.22
N TYR I 178 64.24 -25.74 10.39
CA TYR I 178 64.95 -26.83 11.05
C TYR I 178 63.97 -27.95 11.35
N VAL I 179 64.32 -29.15 10.91
CA VAL I 179 63.54 -30.34 11.22
C VAL I 179 64.49 -31.44 11.64
N SER I 180 63.98 -32.44 12.35
CA SER I 180 64.85 -33.44 12.95
C SER I 180 64.09 -34.72 13.25
N GLY I 181 64.73 -35.87 13.08
CA GLY I 181 64.08 -37.13 13.40
C GLY I 181 64.99 -38.34 13.38
N GLN I 182 64.51 -39.48 13.91
CA GLN I 182 65.23 -40.75 13.82
C GLN I 182 65.47 -41.09 12.35
N VAL I 183 66.59 -41.73 12.00
CA VAL I 183 66.86 -41.99 10.60
C VAL I 183 65.88 -43.01 10.04
N TRP I 184 65.14 -43.65 10.94
CA TRP I 184 64.15 -44.65 10.52
C TRP I 184 62.73 -44.08 10.57
N SER I 185 62.61 -42.82 10.96
CA SER I 185 61.35 -42.11 10.92
C SER I 185 61.26 -41.33 9.59
N GLY I 186 60.09 -40.76 9.30
CA GLY I 186 59.94 -39.87 8.16
C GLY I 186 59.05 -40.36 7.04
N SER I 187 58.59 -41.60 7.15
CA SER I 187 57.72 -42.21 6.16
C SER I 187 56.49 -41.35 5.83
N ALA I 188 55.94 -40.66 6.80
CA ALA I 188 54.72 -39.87 6.57
C ALA I 188 54.91 -38.70 5.60
N GLY I 189 56.15 -38.43 5.21
CA GLY I 189 56.42 -37.38 4.24
C GLY I 189 56.15 -37.82 2.81
N LEU I 190 55.91 -39.12 2.65
CA LEU I 190 55.76 -39.71 1.33
C LEU I 190 54.63 -39.02 0.55
N CYS I 191 53.56 -38.66 1.26
CA CYS I 191 52.43 -38.03 0.60
C CYS I 191 52.82 -36.68 -0.03
N PHE I 192 53.86 -36.03 0.48
CA PHE I 192 54.38 -34.81 -0.15
C PHE I 192 54.98 -35.14 -1.52
N ILE I 193 55.55 -36.33 -1.65
CA ILE I 193 56.33 -36.66 -2.84
C ILE I 193 55.47 -36.98 -4.06
N ASN I 194 54.36 -37.70 -3.88
CA ASN I 194 53.47 -37.97 -5.02
C ASN I 194 52.30 -36.97 -5.12
N GLY I 195 52.38 -35.90 -4.33
CA GLY I 195 51.40 -34.83 -4.31
C GLY I 195 50.00 -35.26 -3.94
N THR I 196 49.85 -36.28 -3.08
CA THR I 196 48.51 -36.79 -2.73
C THR I 196 47.99 -36.15 -1.43
N ARG I 197 46.78 -36.55 -1.02
CA ARG I 197 46.14 -36.01 0.17
C ARG I 197 46.94 -36.32 1.43
N CYS I 198 47.38 -35.26 2.09
CA CYS I 198 48.19 -35.41 3.31
C CYS I 198 47.37 -35.25 4.58
N SER I 199 47.53 -36.20 5.49
CA SER I 199 46.80 -36.22 6.75
C SER I 199 47.75 -36.24 7.94
N ASP I 200 48.25 -37.43 8.26
CA ASP I 200 49.14 -37.64 9.40
C ASP I 200 50.62 -37.30 9.10
N THR I 201 50.91 -36.01 8.93
CA THR I 201 52.25 -35.60 8.57
C THR I 201 53.05 -35.01 9.74
N SER I 202 52.63 -35.25 10.97
CA SER I 202 53.35 -34.66 12.12
C SER I 202 54.78 -35.18 12.20
N THR I 203 54.96 -36.44 11.80
CA THR I 203 56.27 -37.11 11.85
C THR I 203 57.12 -36.93 10.59
N ALA I 204 56.60 -36.18 9.62
CA ALA I 204 57.31 -35.97 8.37
C ALA I 204 58.62 -35.21 8.65
N ILE I 205 59.73 -35.76 8.19
CA ILE I 205 60.97 -35.04 8.29
C ILE I 205 61.15 -34.29 6.98
N SER I 206 60.30 -33.27 6.83
CA SER I 206 60.19 -32.52 5.58
C SER I 206 60.22 -31.05 5.92
N THR I 207 60.84 -30.26 5.05
CA THR I 207 61.00 -28.85 5.33
C THR I 207 60.91 -28.04 4.02
N THR I 208 60.54 -26.76 4.10
CA THR I 208 60.32 -25.95 2.91
C THR I 208 61.11 -24.65 2.91
N LEU I 209 61.41 -24.15 1.71
CA LEU I 209 62.11 -22.88 1.47
C LEU I 209 61.20 -21.63 1.61
N ASP I 210 61.68 -20.56 2.24
CA ASP I 210 60.92 -19.30 2.29
C ASP I 210 60.98 -18.60 0.97
N VAL I 211 60.12 -18.95 0.04
CA VAL I 211 60.19 -18.35 -1.27
C VAL I 211 59.98 -16.83 -1.24
N SER I 212 59.14 -16.35 -0.33
CA SER I 212 58.88 -14.91 -0.19
C SER I 212 60.06 -14.10 0.31
N LYS I 213 61.05 -14.76 0.88
CA LYS I 213 62.06 -14.05 1.65
C LYS I 213 63.40 -14.13 0.92
N LEU I 214 63.36 -14.59 -0.33
CA LEU I 214 64.59 -14.71 -1.09
C LEU I 214 65.01 -13.28 -1.46
N GLY I 215 66.29 -13.10 -1.79
CA GLY I 215 66.82 -11.81 -2.19
C GLY I 215 66.04 -11.19 -3.34
N LYS I 216 65.84 -11.99 -4.39
CA LYS I 216 65.04 -11.60 -5.55
C LYS I 216 64.09 -12.71 -5.96
N LYS I 217 63.37 -12.52 -7.06
CA LYS I 217 62.45 -13.54 -7.55
C LYS I 217 63.13 -14.34 -8.65
N TRP I 218 63.78 -13.65 -9.58
CA TRP I 218 64.36 -14.34 -10.73
C TRP I 218 65.88 -14.54 -10.62
N TYR I 219 66.30 -15.80 -10.51
CA TYR I 219 67.73 -16.17 -10.42
C TYR I 219 68.23 -16.71 -11.75
N PRO I 220 69.52 -16.48 -12.03
CA PRO I 220 70.10 -17.10 -13.23
C PRO I 220 70.36 -18.58 -13.02
N TYR I 221 70.16 -19.40 -14.04
CA TYR I 221 70.58 -20.79 -13.97
C TYR I 221 72.10 -20.79 -13.90
N LYS I 222 72.65 -21.40 -12.87
CA LYS I 222 74.08 -21.43 -12.69
C LYS I 222 74.52 -22.85 -12.39
N THR I 223 75.77 -23.17 -12.71
CA THR I 223 76.32 -24.47 -12.40
C THR I 223 77.12 -24.44 -11.12
N SER I 224 77.56 -25.61 -10.66
CA SER I 224 78.49 -25.74 -9.54
C SER I 224 79.83 -25.10 -9.82
N ALA I 225 80.29 -25.24 -11.07
CA ALA I 225 81.50 -24.58 -11.54
C ALA I 225 81.36 -23.06 -11.35
N ASP I 226 80.22 -22.51 -11.77
CA ASP I 226 79.95 -21.10 -11.58
C ASP I 226 79.98 -20.68 -10.13
N TYR I 227 79.42 -21.50 -9.26
CA TYR I 227 79.41 -21.16 -7.85
C TYR I 227 80.84 -21.13 -7.36
N ALA I 228 81.57 -22.18 -7.69
CA ALA I 228 82.95 -22.35 -7.24
C ALA I 228 83.78 -21.16 -7.66
N THR I 229 83.64 -20.81 -8.93
CA THR I 229 84.35 -19.69 -9.51
C THR I 229 84.01 -18.36 -8.87
N ALA I 230 82.71 -18.09 -8.72
CA ALA I 230 82.30 -16.82 -8.18
C ALA I 230 82.79 -16.64 -6.74
N VAL I 231 82.61 -17.66 -5.91
CA VAL I 231 83.04 -17.60 -4.51
C VAL I 231 84.56 -17.68 -4.39
N GLY I 232 85.22 -18.12 -5.46
CA GLY I 232 86.68 -18.09 -5.51
C GLY I 232 87.16 -16.65 -5.53
N VAL I 233 86.38 -15.77 -6.15
CA VAL I 233 86.68 -14.33 -6.21
C VAL I 233 86.24 -13.60 -4.95
N ASP I 234 84.98 -13.78 -4.58
CA ASP I 234 84.40 -13.21 -3.37
C ASP I 234 83.08 -13.90 -3.09
N VAL I 235 82.96 -14.49 -1.91
CA VAL I 235 81.79 -15.33 -1.62
C VAL I 235 80.46 -14.60 -1.82
N ASN I 236 80.46 -13.28 -1.67
CA ASN I 236 79.21 -12.53 -1.72
C ASN I 236 78.66 -12.39 -3.13
N ILE I 237 79.52 -12.61 -4.13
CA ILE I 237 79.10 -12.62 -5.51
C ILE I 237 78.05 -13.72 -5.72
N ALA I 238 78.08 -14.72 -4.85
CA ALA I 238 77.15 -15.83 -4.93
C ALA I 238 75.76 -15.42 -4.51
N THR I 239 75.66 -14.41 -3.64
CA THR I 239 74.37 -14.00 -3.05
C THR I 239 73.29 -13.71 -4.13
N PRO I 240 73.66 -13.02 -5.23
CA PRO I 240 72.66 -12.90 -6.29
C PRO I 240 72.55 -14.13 -7.19
N LEU I 241 73.31 -15.19 -6.93
CA LEU I 241 73.31 -16.35 -7.82
C LEU I 241 72.51 -17.55 -7.29
N VAL I 242 72.53 -17.73 -5.98
CA VAL I 242 71.83 -18.84 -5.35
C VAL I 242 70.86 -18.35 -4.28
N PRO I 243 69.62 -18.82 -4.34
CA PRO I 243 68.61 -18.34 -3.38
C PRO I 243 68.86 -18.78 -1.94
N ALA I 244 69.40 -19.97 -1.71
CA ALA I 244 69.67 -20.46 -0.35
C ALA I 244 70.48 -21.75 -0.38
N ARG I 245 70.94 -22.22 0.78
CA ARG I 245 71.56 -23.55 0.87
C ARG I 245 70.93 -24.38 1.99
N LEU I 246 70.73 -25.66 1.70
CA LEU I 246 70.18 -26.62 2.65
C LEU I 246 71.31 -27.25 3.41
N VAL I 247 71.24 -27.24 4.74
CA VAL I 247 72.29 -27.85 5.51
C VAL I 247 71.75 -29.17 6.09
N ILE I 248 72.56 -30.23 6.04
CA ILE I 248 72.18 -31.59 6.49
C ILE I 248 73.21 -32.14 7.48
N ALA I 249 72.75 -32.59 8.65
CA ALA I 249 73.65 -33.21 9.62
C ALA I 249 73.17 -34.62 9.98
N LEU I 250 74.12 -35.55 10.03
CA LEU I 250 73.82 -36.88 10.52
C LEU I 250 74.72 -37.35 11.66
N LEU I 251 74.10 -37.87 12.72
CA LEU I 251 74.84 -38.30 13.91
C LEU I 251 74.02 -39.30 14.71
N ASP I 252 74.51 -39.63 15.91
CA ASP I 252 73.84 -40.53 16.84
C ASP I 252 73.74 -41.96 16.30
N GLY I 253 74.54 -42.26 15.28
CA GLY I 253 74.59 -43.60 14.73
C GLY I 253 75.38 -44.55 15.63
N SER I 254 75.40 -45.83 15.29
CA SER I 254 76.07 -46.80 16.17
C SER I 254 77.45 -47.25 15.68
N SER I 255 77.79 -46.95 14.44
CA SER I 255 79.08 -47.39 13.93
C SER I 255 79.88 -46.19 13.41
N SER I 256 81.20 -46.32 13.30
CA SER I 256 81.98 -45.24 12.72
C SER I 256 81.90 -45.35 11.20
N THR I 257 81.44 -46.49 10.70
CA THR I 257 81.22 -46.63 9.26
C THR I 257 79.74 -46.34 8.89
N ALA I 258 79.53 -45.63 7.79
CA ALA I 258 78.20 -45.23 7.38
C ALA I 258 77.22 -46.38 7.18
N VAL I 259 76.08 -46.33 7.87
CA VAL I 259 75.01 -47.33 7.68
C VAL I 259 73.98 -46.72 6.76
N ALA I 260 73.49 -47.44 5.77
CA ALA I 260 72.49 -46.86 4.86
C ALA I 260 71.24 -46.44 5.63
N ALA I 261 70.90 -45.15 5.56
CA ALA I 261 69.82 -44.61 6.39
C ALA I 261 68.56 -44.34 5.58
N GLY I 262 68.67 -43.44 4.61
CA GLY I 262 67.56 -43.09 3.75
C GLY I 262 67.97 -42.26 2.55
N ARG I 263 67.01 -41.51 2.01
CA ARG I 263 67.21 -40.67 0.84
C ARG I 263 66.46 -39.37 1.03
N ILE I 264 66.98 -38.27 0.48
CA ILE I 264 66.24 -37.00 0.51
C ILE I 264 65.70 -36.69 -0.87
N TYR I 265 64.38 -36.50 -0.96
CA TYR I 265 63.76 -36.15 -2.23
C TYR I 265 63.46 -34.66 -2.26
N CYS I 266 63.42 -34.12 -3.46
CA CYS I 266 63.04 -32.73 -3.60
C CYS I 266 61.76 -32.59 -4.35
N THR I 267 60.83 -31.85 -3.79
CA THR I 267 59.57 -31.57 -4.44
C THR I 267 59.41 -30.09 -4.71
N TYR I 268 59.44 -29.70 -5.98
CA TYR I 268 59.51 -28.28 -6.33
C TYR I 268 58.48 -27.85 -7.37
N THR I 269 58.09 -26.58 -7.29
CA THR I 269 57.36 -25.92 -8.37
C THR I 269 58.21 -24.77 -8.86
N ILE I 270 58.66 -24.88 -10.10
CA ILE I 270 59.61 -23.94 -10.68
C ILE I 270 59.00 -23.19 -11.87
N GLN I 271 59.23 -21.89 -11.92
CA GLN I 271 58.89 -21.09 -13.09
C GLN I 271 60.11 -20.85 -13.93
N MET I 272 60.11 -21.37 -15.15
CA MET I 272 61.27 -21.24 -16.03
C MET I 272 60.98 -20.23 -17.14
N ILE I 273 61.88 -19.27 -17.32
CA ILE I 273 61.70 -18.23 -18.33
C ILE I 273 62.96 -17.97 -19.17
N GLU I 274 62.76 -17.35 -20.32
CA GLU I 274 63.83 -16.86 -21.19
C GLU I 274 64.76 -17.94 -21.66
N PRO I 275 64.28 -18.70 -22.66
CA PRO I 275 64.95 -19.84 -23.30
C PRO I 275 66.35 -19.51 -23.79
N THR I 276 67.15 -20.54 -23.97
CA THR I 276 68.52 -20.35 -24.38
C THR I 276 68.99 -21.51 -25.22
N ALA I 277 69.90 -21.22 -26.15
CA ALA I 277 70.47 -22.26 -27.00
C ALA I 277 71.96 -22.40 -26.73
N GLY J 87 57.16 -0.51 22.24
CA GLY J 87 58.48 -0.93 22.67
C GLY J 87 58.66 -2.45 22.70
N ILE J 88 57.58 -3.17 22.44
CA ILE J 88 57.56 -4.62 22.54
C ILE J 88 58.03 -5.30 21.27
N THR J 89 59.14 -6.02 21.37
CA THR J 89 59.62 -6.83 20.27
C THR J 89 59.17 -8.28 20.41
N VAL J 90 58.35 -8.77 19.49
CA VAL J 90 57.86 -10.15 19.56
C VAL J 90 58.72 -11.10 18.75
N LEU J 91 59.17 -12.16 19.38
CA LEU J 91 60.06 -13.14 18.80
C LEU J 91 59.48 -14.53 18.98
N THR J 92 59.39 -15.29 17.91
CA THR J 92 58.94 -16.69 18.00
C THR J 92 60.02 -17.54 17.37
N HIS J 93 60.46 -18.56 18.08
CA HIS J 93 61.62 -19.29 17.64
C HIS J 93 61.61 -20.64 18.28
N SER J 94 62.28 -21.59 17.64
CA SER J 94 62.51 -22.92 18.20
C SER J 94 64.01 -23.15 18.30
N GLU J 95 64.47 -23.71 19.42
CA GLU J 95 65.88 -24.06 19.45
C GLU J 95 66.18 -25.26 20.35
N LEU J 96 67.38 -25.83 20.16
CA LEU J 96 67.82 -26.91 20.99
C LEU J 96 67.94 -26.39 22.40
N SER J 97 67.39 -27.12 23.35
CA SER J 97 67.38 -26.64 24.73
C SER J 97 68.11 -27.58 25.69
N ALA J 98 68.20 -28.86 25.33
CA ALA J 98 68.81 -29.88 26.18
C ALA J 98 69.04 -31.15 25.39
N GLU J 99 70.17 -31.81 25.63
CA GLU J 99 70.45 -33.12 25.02
C GLU J 99 70.28 -34.20 26.05
N ILE J 100 69.67 -35.30 25.64
CA ILE J 100 69.14 -36.25 26.61
C ILE J 100 69.72 -37.66 26.47
N GLY J 101 70.14 -38.22 27.61
CA GLY J 101 70.63 -39.57 27.66
C GLY J 101 69.95 -40.33 28.79
N VAL J 102 69.77 -41.64 28.62
CA VAL J 102 69.03 -42.44 29.57
C VAL J 102 69.84 -43.56 30.21
N THR J 103 69.60 -43.76 31.50
CA THR J 103 70.20 -44.82 32.27
C THR J 103 69.15 -45.69 32.97
N ASP J 104 69.63 -46.65 33.74
CA ASP J 104 68.76 -47.61 34.43
C ASP J 104 68.32 -47.18 35.80
N SER J 105 68.71 -46.01 36.23
CA SER J 105 68.25 -45.48 37.51
C SER J 105 67.68 -44.11 37.26
N ILE J 106 66.77 -43.65 38.11
CA ILE J 106 66.15 -42.36 37.88
C ILE J 106 67.20 -41.25 37.96
N VAL J 107 67.18 -40.37 36.97
CA VAL J 107 68.05 -39.21 36.99
C VAL J 107 67.17 -37.98 36.82
N VAL J 108 67.19 -37.10 37.81
CA VAL J 108 66.32 -35.94 37.78
C VAL J 108 67.09 -34.64 37.49
N SER J 109 66.81 -33.99 36.38
CA SER J 109 67.45 -32.71 36.10
C SER J 109 66.39 -31.67 35.91
N SER J 110 66.78 -30.40 35.84
CA SER J 110 65.79 -29.35 35.65
C SER J 110 66.37 -28.23 34.89
N GLU J 111 65.51 -27.37 34.36
CA GLU J 111 65.95 -26.22 33.59
C GLU J 111 65.07 -25.03 33.96
N LEU J 112 65.66 -23.90 34.29
CA LEU J 112 64.87 -22.70 34.62
C LEU J 112 64.15 -22.16 33.36
N VAL J 113 62.86 -21.84 33.46
CA VAL J 113 62.19 -21.31 32.27
C VAL J 113 62.42 -19.79 32.12
N MET J 114 63.63 -19.42 31.72
CA MET J 114 64.00 -18.02 31.52
C MET J 114 65.04 -17.95 30.38
N PRO J 115 65.03 -16.86 29.60
CA PRO J 115 65.78 -16.79 28.35
C PRO J 115 67.22 -17.28 28.48
N TYR J 116 67.89 -16.96 29.57
CA TYR J 116 69.28 -17.34 29.72
C TYR J 116 69.52 -18.84 29.62
N THR J 117 68.54 -19.63 30.07
CA THR J 117 68.73 -21.08 30.18
C THR J 117 67.88 -21.89 29.20
N VAL J 118 67.11 -21.19 28.38
CA VAL J 118 66.28 -21.89 27.44
C VAL J 118 67.11 -22.37 26.26
N GLY J 119 68.11 -21.58 25.89
CA GLY J 119 68.91 -21.89 24.74
C GLY J 119 69.99 -20.86 24.57
N THR J 120 71.08 -21.24 23.90
CA THR J 120 72.24 -20.34 23.79
C THR J 120 71.85 -19.15 22.94
N TRP J 121 71.00 -19.36 21.96
CA TRP J 121 70.61 -18.29 21.06
C TRP J 121 69.76 -17.25 21.74
N LEU J 122 68.67 -17.68 22.36
CA LEU J 122 67.81 -16.74 23.06
C LEU J 122 68.59 -16.06 24.15
N ARG J 123 69.50 -16.80 24.77
CA ARG J 123 70.35 -16.20 25.81
C ARG J 123 71.06 -14.95 25.29
N GLY J 124 71.70 -15.08 24.12
CA GLY J 124 72.38 -13.98 23.49
C GLY J 124 71.44 -12.90 22.99
N VAL J 125 70.34 -13.30 22.37
CA VAL J 125 69.38 -12.33 21.86
C VAL J 125 68.73 -11.55 22.99
N ALA J 126 68.14 -12.26 23.94
CA ALA J 126 67.29 -11.62 24.92
C ALA J 126 68.08 -10.79 25.91
N ALA J 127 69.39 -11.00 25.96
CA ALA J 127 70.23 -10.24 26.88
C ALA J 127 70.20 -8.74 26.57
N ASN J 128 69.83 -8.38 25.34
CA ASN J 128 69.73 -6.99 24.91
C ASN J 128 68.50 -6.24 25.42
N TRP J 129 67.64 -6.93 26.13
CA TRP J 129 66.51 -6.29 26.76
C TRP J 129 66.56 -6.51 28.29
N SER J 130 65.88 -5.65 29.05
CA SER J 130 65.96 -5.71 30.51
C SER J 130 64.92 -6.66 31.09
N LYS J 131 63.72 -6.63 30.51
CA LYS J 131 62.57 -7.44 30.94
C LYS J 131 61.93 -8.18 29.75
N TYR J 132 61.22 -9.28 30.04
CA TYR J 132 60.53 -10.09 29.00
C TYR J 132 59.20 -10.64 29.52
N SER J 133 58.40 -11.17 28.62
CA SER J 133 57.22 -11.91 29.01
C SER J 133 57.02 -13.09 28.08
N TRP J 134 56.80 -14.27 28.65
CA TRP J 134 56.48 -15.45 27.88
C TRP J 134 55.05 -15.38 27.43
N LEU J 135 54.78 -15.50 26.13
CA LEU J 135 53.41 -15.62 25.65
C LEU J 135 53.09 -17.08 25.55
N SER J 136 54.12 -17.82 25.16
CA SER J 136 54.09 -19.26 25.02
C SER J 136 55.48 -19.84 25.23
N VAL J 137 55.56 -20.92 26.00
CA VAL J 137 56.79 -21.68 26.10
C VAL J 137 56.41 -23.12 26.02
N ARG J 138 56.95 -23.82 25.04
CA ARG J 138 56.65 -25.23 24.87
C ARG J 138 57.95 -26.01 24.79
N TYR J 139 58.06 -27.08 25.61
CA TYR J 139 59.20 -28.00 25.54
C TYR J 139 58.80 -29.30 24.85
N THR J 140 59.55 -29.63 23.80
CA THR J 140 59.24 -30.80 22.99
C THR J 140 60.41 -31.76 22.91
N TYR J 141 60.17 -32.98 23.35
CA TYR J 141 61.18 -34.03 23.30
C TYR J 141 61.07 -34.72 21.97
N ILE J 142 62.21 -34.80 21.29
CA ILE J 142 62.34 -35.49 20.01
C ILE J 142 63.30 -36.67 20.14
N PRO J 143 62.87 -37.87 19.73
CA PRO J 143 63.75 -39.05 19.85
C PRO J 143 64.85 -39.07 18.80
N SER J 144 65.91 -39.79 19.09
CA SER J 144 66.99 -39.98 18.15
C SER J 144 67.59 -41.38 18.30
N CYS J 145 66.81 -42.29 18.88
CA CYS J 145 67.31 -43.63 19.17
C CYS J 145 66.56 -44.72 18.41
N PRO J 146 67.13 -45.93 18.38
CA PRO J 146 66.40 -47.06 17.79
C PRO J 146 65.10 -47.35 18.52
N SER J 147 64.17 -48.04 17.85
CA SER J 147 62.90 -48.43 18.47
C SER J 147 63.09 -49.46 19.59
N SER J 148 64.30 -50.00 19.70
CA SER J 148 64.63 -51.05 20.67
C SER J 148 65.29 -50.47 21.92
N THR J 149 65.34 -49.14 21.99
CA THR J 149 65.99 -48.51 23.13
C THR J 149 65.10 -48.52 24.35
N ALA J 150 65.58 -49.08 25.45
CA ALA J 150 64.81 -49.09 26.71
C ALA J 150 64.89 -47.75 27.44
N GLY J 151 63.77 -47.35 28.03
CA GLY J 151 63.71 -46.07 28.70
C GLY J 151 62.45 -45.23 28.49
N SER J 152 62.20 -44.35 29.44
CA SER J 152 61.10 -43.40 29.35
C SER J 152 61.57 -42.03 29.82
N ILE J 153 60.87 -41.00 29.35
CA ILE J 153 61.22 -39.63 29.71
C ILE J 153 60.06 -38.95 30.42
N HIS J 154 60.37 -38.07 31.36
CA HIS J 154 59.32 -37.37 32.09
C HIS J 154 59.58 -35.89 32.23
N MET J 155 58.53 -35.10 31.96
CA MET J 155 58.60 -33.65 32.01
C MET J 155 57.37 -33.09 32.68
N GLY J 156 57.58 -32.03 33.45
CA GLY J 156 56.52 -31.28 34.12
C GLY J 156 57.08 -29.92 34.54
N PHE J 157 56.22 -29.04 35.01
CA PHE J 157 56.65 -27.73 35.47
C PHE J 157 56.49 -27.55 36.99
N GLN J 158 57.45 -26.91 37.63
CA GLN J 158 57.30 -26.42 39.00
C GLN J 158 57.22 -24.91 38.95
N TYR J 159 56.35 -24.32 39.75
CA TYR J 159 56.19 -22.90 39.61
C TYR J 159 56.68 -22.13 40.85
N ASP J 160 57.28 -22.84 41.80
CA ASP J 160 57.88 -22.22 42.97
C ASP J 160 59.34 -22.64 43.12
N MET J 161 60.26 -21.67 43.09
CA MET J 161 61.67 -22.00 43.16
C MET J 161 62.05 -22.72 44.46
N ALA J 162 61.23 -22.53 45.47
CA ALA J 162 61.51 -23.14 46.76
C ALA J 162 61.15 -24.62 46.76
N ASP J 163 60.31 -25.07 45.83
CA ASP J 163 60.01 -26.50 45.75
C ASP J 163 61.25 -27.34 45.61
N THR J 164 61.25 -28.46 46.31
CA THR J 164 62.29 -29.43 46.15
C THR J 164 62.07 -30.08 44.81
N VAL J 165 63.14 -30.35 44.11
CA VAL J 165 63.02 -31.06 42.87
C VAL J 165 62.56 -32.49 43.21
N PRO J 166 61.56 -33.03 42.46
CA PRO J 166 60.99 -34.35 42.68
C PRO J 166 62.01 -35.47 42.57
N VAL J 167 61.74 -36.60 43.22
CA VAL J 167 62.67 -37.72 43.25
C VAL J 167 62.05 -39.00 42.68
N SER J 168 60.75 -38.99 42.45
CA SER J 168 60.13 -40.18 41.91
C SER J 168 59.23 -39.82 40.75
N VAL J 169 59.06 -40.75 39.83
CA VAL J 169 58.09 -40.54 38.77
C VAL J 169 56.73 -40.28 39.43
N ASN J 170 56.46 -40.94 40.56
CA ASN J 170 55.19 -40.77 41.27
C ASN J 170 54.89 -39.32 41.56
N GLN J 171 55.85 -38.66 42.20
CA GLN J 171 55.70 -37.26 42.51
C GLN J 171 55.54 -36.44 41.26
N LEU J 172 56.52 -36.58 40.36
CA LEU J 172 56.58 -35.78 39.17
C LEU J 172 55.26 -35.87 38.38
N SER J 173 54.62 -37.03 38.39
CA SER J 173 53.37 -37.26 37.63
C SER J 173 52.26 -36.32 38.02
N ASN J 174 52.39 -35.68 39.17
CA ASN J 174 51.37 -34.76 39.66
C ASN J 174 51.51 -33.31 39.19
N LEU J 175 52.67 -32.96 38.64
CA LEU J 175 52.95 -31.59 38.24
C LEU J 175 52.15 -31.21 36.98
N ARG J 176 51.72 -29.96 36.92
CA ARG J 176 51.18 -29.35 35.71
C ARG J 176 52.13 -29.55 34.53
N GLY J 177 51.57 -30.03 33.44
CA GLY J 177 52.30 -30.19 32.19
C GLY J 177 53.07 -31.49 32.18
N TYR J 178 52.74 -32.36 33.13
CA TYR J 178 53.38 -33.64 33.16
C TYR J 178 53.08 -34.41 31.91
N VAL J 179 54.13 -34.88 31.26
CA VAL J 179 53.98 -35.78 30.12
C VAL J 179 54.99 -36.91 30.29
N SER J 180 54.83 -37.99 29.55
CA SER J 180 55.71 -39.14 29.76
C SER J 180 55.71 -40.07 28.56
N GLY J 181 56.85 -40.66 28.23
CA GLY J 181 56.82 -41.60 27.13
C GLY J 181 58.05 -42.44 26.90
N GLN J 182 57.93 -43.46 26.04
CA GLN J 182 59.10 -44.23 25.63
C GLN J 182 60.09 -43.25 25.10
N VAL J 183 61.33 -43.54 25.37
CA VAL J 183 62.40 -42.64 25.10
C VAL J 183 62.62 -42.59 23.59
N TRP J 184 61.98 -43.50 22.87
CA TRP J 184 62.11 -43.55 21.41
C TRP J 184 60.87 -43.07 20.66
N SER J 185 59.86 -42.66 21.41
CA SER J 185 58.65 -42.05 20.90
C SER J 185 58.75 -40.53 20.90
N GLY J 186 57.78 -39.84 20.31
CA GLY J 186 57.69 -38.39 20.40
C GLY J 186 57.87 -37.67 19.07
N SER J 187 58.12 -38.44 18.02
CA SER J 187 58.35 -37.90 16.69
C SER J 187 57.27 -36.94 16.21
N ALA J 188 56.02 -37.28 16.51
CA ALA J 188 54.89 -36.51 16.06
C ALA J 188 54.87 -35.11 16.69
N GLY J 189 55.80 -34.84 17.60
CA GLY J 189 55.93 -33.52 18.17
C GLY J 189 56.66 -32.58 17.22
N LEU J 190 57.24 -33.13 16.15
CA LEU J 190 58.06 -32.33 15.27
C LEU J 190 57.26 -31.18 14.72
N CYS J 191 55.98 -31.37 14.47
CA CYS J 191 55.23 -30.30 13.82
C CYS J 191 55.15 -29.04 14.68
N PHE J 192 55.22 -29.18 16.01
CA PHE J 192 55.24 -28.01 16.88
C PHE J 192 56.50 -27.23 16.68
N ILE J 193 57.58 -27.90 16.33
CA ILE J 193 58.86 -27.25 16.32
C ILE J 193 59.07 -26.33 15.14
N ASN J 194 58.67 -26.75 13.94
CA ASN J 194 58.83 -25.87 12.79
C ASN J 194 57.53 -25.13 12.51
N GLY J 195 56.61 -25.17 13.48
CA GLY J 195 55.39 -24.39 13.40
C GLY J 195 54.48 -24.72 12.23
N THR J 196 54.45 -25.99 11.84
CA THR J 196 53.60 -26.41 10.73
C THR J 196 52.24 -26.89 11.23
N ARG J 197 51.37 -27.30 10.30
CA ARG J 197 50.04 -27.80 10.65
C ARG J 197 50.17 -29.06 11.48
N CYS J 198 49.55 -29.04 12.64
CA CYS J 198 49.57 -30.19 13.52
C CYS J 198 48.32 -31.04 13.36
N SER J 199 48.50 -32.35 13.23
CA SER J 199 47.38 -33.28 13.04
C SER J 199 47.41 -34.34 14.14
N ASP J 200 48.18 -35.39 13.86
CA ASP J 200 48.33 -36.53 14.74
C ASP J 200 49.39 -36.29 15.83
N THR J 201 49.07 -35.43 16.80
CA THR J 201 50.04 -35.08 17.81
C THR J 201 49.87 -35.82 19.12
N SER J 202 49.12 -36.93 19.12
CA SER J 202 48.80 -37.67 20.35
C SER J 202 50.00 -38.30 21.06
N THR J 203 50.98 -38.70 20.27
CA THR J 203 52.18 -39.31 20.79
C THR J 203 53.27 -38.30 21.14
N ALA J 204 53.00 -37.01 20.92
CA ALA J 204 53.95 -35.95 21.18
C ALA J 204 54.29 -35.91 22.65
N ILE J 205 55.59 -35.96 22.95
CA ILE J 205 56.09 -35.74 24.30
C ILE J 205 56.46 -34.27 24.37
N SER J 206 55.42 -33.44 24.43
CA SER J 206 55.53 -31.98 24.36
C SER J 206 54.74 -31.36 25.48
N THR J 207 55.24 -30.30 26.08
CA THR J 207 54.47 -29.72 27.16
C THR J 207 54.67 -28.21 27.17
N THR J 208 53.71 -27.50 27.75
CA THR J 208 53.68 -26.03 27.70
C THR J 208 53.53 -25.30 29.04
N LEU J 209 54.10 -24.10 29.10
CA LEU J 209 54.06 -23.30 30.30
C LEU J 209 52.69 -22.63 30.46
N ASP J 210 52.15 -22.62 31.68
CA ASP J 210 50.92 -21.89 31.98
C ASP J 210 51.23 -20.40 32.13
N VAL J 211 51.35 -19.70 31.01
CA VAL J 211 51.75 -18.31 31.04
C VAL J 211 50.72 -17.46 31.77
N SER J 212 49.45 -17.85 31.67
CA SER J 212 48.37 -17.14 32.33
C SER J 212 48.45 -17.19 33.85
N LYS J 213 49.26 -18.11 34.38
CA LYS J 213 49.28 -18.39 35.82
C LYS J 213 50.61 -18.03 36.51
N LEU J 214 51.49 -17.35 35.79
CA LEU J 214 52.78 -16.99 36.35
C LEU J 214 52.58 -15.95 37.44
N GLY J 215 53.56 -15.81 38.33
CA GLY J 215 53.49 -14.84 39.42
C GLY J 215 53.19 -13.43 38.93
N LYS J 216 53.98 -12.96 37.97
CA LYS J 216 53.73 -11.68 37.33
C LYS J 216 53.86 -11.83 35.82
N LYS J 217 53.76 -10.72 35.09
CA LYS J 217 53.87 -10.76 33.63
C LYS J 217 55.25 -10.44 33.10
N TRP J 218 55.82 -9.36 33.61
CA TRP J 218 57.11 -8.95 33.10
C TRP J 218 58.18 -9.37 34.08
N TYR J 219 59.03 -10.29 33.65
CA TYR J 219 60.16 -10.76 34.45
C TYR J 219 61.47 -10.12 34.01
N PRO J 220 62.40 -9.89 34.95
CA PRO J 220 63.74 -9.41 34.58
C PRO J 220 64.58 -10.53 33.99
N TYR J 221 65.38 -10.19 32.99
CA TYR J 221 66.35 -11.13 32.44
C TYR J 221 67.39 -11.42 33.51
N LYS J 222 67.58 -12.69 33.86
CA LYS J 222 68.57 -13.04 34.89
C LYS J 222 69.49 -14.17 34.40
N THR J 223 70.71 -14.26 34.94
CA THR J 223 71.59 -15.39 34.59
C THR J 223 71.53 -16.50 35.63
N SER J 224 72.19 -17.61 35.35
CA SER J 224 72.26 -18.70 36.31
C SER J 224 72.91 -18.21 37.60
N ALA J 225 73.95 -17.40 37.41
CA ALA J 225 74.70 -16.73 38.46
C ALA J 225 73.80 -15.87 39.35
N ASP J 226 72.95 -15.07 38.71
CA ASP J 226 72.03 -14.24 39.45
C ASP J 226 71.12 -15.10 40.31
N TYR J 227 70.66 -16.22 39.73
CA TYR J 227 69.79 -17.17 40.42
C TYR J 227 70.46 -17.83 41.61
N ALA J 228 71.68 -18.31 41.37
CA ALA J 228 72.49 -19.00 42.37
C ALA J 228 72.73 -18.12 43.59
N THR J 229 73.11 -16.87 43.35
CA THR J 229 73.35 -15.88 44.40
C THR J 229 72.13 -15.59 45.28
N ALA J 230 70.98 -15.42 44.64
CA ALA J 230 69.72 -15.17 45.34
C ALA J 230 69.37 -16.35 46.26
N VAL J 231 69.53 -17.56 45.75
CA VAL J 231 69.17 -18.75 46.51
C VAL J 231 70.12 -18.94 47.68
N GLY J 232 71.35 -18.42 47.54
CA GLY J 232 72.35 -18.46 48.59
C GLY J 232 71.92 -17.65 49.78
N VAL J 233 71.18 -16.58 49.51
CA VAL J 233 70.67 -15.73 50.57
C VAL J 233 69.39 -16.31 51.16
N ASP J 234 68.42 -16.54 50.28
CA ASP J 234 67.11 -17.12 50.60
C ASP J 234 66.44 -17.49 49.29
N VAL J 235 66.00 -18.73 49.19
CA VAL J 235 65.45 -19.23 47.94
C VAL J 235 64.25 -18.42 47.45
N ASN J 236 63.52 -17.78 48.37
CA ASN J 236 62.29 -17.09 47.99
C ASN J 236 62.55 -15.79 47.24
N ILE J 237 63.78 -15.29 47.36
CA ILE J 237 64.22 -14.11 46.61
C ILE J 237 64.17 -14.44 45.11
N ALA J 238 64.26 -15.73 44.81
CA ALA J 238 64.28 -16.22 43.42
C ALA J 238 62.90 -16.14 42.77
N THR J 239 61.84 -16.19 43.58
CA THR J 239 60.47 -16.23 43.08
C THR J 239 60.06 -15.03 42.20
N PRO J 240 60.42 -13.80 42.60
CA PRO J 240 60.03 -12.77 41.62
C PRO J 240 60.93 -12.68 40.38
N LEU J 241 61.93 -13.55 40.28
CA LEU J 241 62.91 -13.46 39.21
C LEU J 241 62.74 -14.50 38.13
N VAL J 242 62.23 -15.67 38.50
CA VAL J 242 62.06 -16.76 37.54
C VAL J 242 60.63 -17.24 37.53
N PRO J 243 60.02 -17.30 36.34
CA PRO J 243 58.60 -17.67 36.25
C PRO J 243 58.28 -19.12 36.64
N ALA J 244 59.14 -20.08 36.27
CA ALA J 244 58.93 -21.50 36.58
C ALA J 244 60.17 -22.30 36.26
N ARG J 245 60.19 -23.55 36.68
CA ARG J 245 61.28 -24.46 36.34
C ARG J 245 60.71 -25.75 35.73
N LEU J 246 61.39 -26.24 34.70
CA LEU J 246 61.02 -27.47 34.04
C LEU J 246 61.73 -28.62 34.68
N VAL J 247 60.99 -29.64 35.07
CA VAL J 247 61.60 -30.82 35.66
C VAL J 247 61.61 -31.96 34.65
N ILE J 248 62.74 -32.64 34.59
CA ILE J 248 62.99 -33.69 33.62
C ILE J 248 63.41 -34.95 34.34
N ALA J 249 62.78 -36.08 34.06
CA ALA J 249 63.25 -37.34 34.65
C ALA J 249 63.57 -38.40 33.59
N LEU J 250 64.68 -39.09 33.77
CA LEU J 250 65.00 -40.22 32.92
C LEU J 250 65.33 -41.48 33.71
N LEU J 251 64.74 -42.60 33.31
CA LEU J 251 64.97 -43.88 33.98
C LEU J 251 64.58 -45.03 33.03
N ASP J 252 64.60 -46.26 33.53
CA ASP J 252 64.18 -47.46 32.77
C ASP J 252 65.12 -47.89 31.63
N GLY J 253 66.32 -47.34 31.59
CA GLY J 253 67.30 -47.72 30.58
C GLY J 253 68.04 -49.02 30.89
N SER J 254 68.82 -49.51 29.94
CA SER J 254 69.41 -50.80 30.14
C SER J 254 70.82 -50.74 30.67
N SER J 255 71.42 -49.56 30.62
CA SER J 255 72.79 -49.36 31.13
C SER J 255 72.90 -48.27 32.19
N SER J 256 73.96 -48.32 32.98
CA SER J 256 74.19 -47.26 33.94
C SER J 256 74.89 -46.16 33.20
N THR J 257 75.42 -46.49 32.04
CA THR J 257 76.08 -45.50 31.22
C THR J 257 75.04 -44.95 30.28
N ALA J 258 74.90 -43.63 30.25
CA ALA J 258 73.82 -42.98 29.49
C ALA J 258 73.89 -43.37 28.06
N VAL J 259 72.76 -43.86 27.53
CA VAL J 259 72.65 -44.16 26.12
C VAL J 259 72.02 -42.98 25.45
N ALA J 260 72.53 -42.56 24.29
CA ALA J 260 71.92 -41.42 23.61
C ALA J 260 70.47 -41.71 23.31
N ALA J 261 69.58 -40.88 23.85
CA ALA J 261 68.16 -41.09 23.73
C ALA J 261 67.53 -40.09 22.74
N GLY J 262 67.56 -38.81 23.08
CA GLY J 262 66.99 -37.79 22.23
C GLY J 262 67.31 -36.35 22.61
N ARG J 263 66.46 -35.42 22.19
CA ARG J 263 66.66 -34.01 22.45
C ARG J 263 65.37 -33.27 22.79
N ILE J 264 65.50 -32.28 23.67
CA ILE J 264 64.38 -31.38 24.01
C ILE J 264 64.57 -30.05 23.33
N TYR J 265 63.58 -29.65 22.55
CA TYR J 265 63.62 -28.35 21.92
C TYR J 265 62.66 -27.43 22.64
N CYS J 266 62.98 -26.13 22.63
CA CYS J 266 62.07 -25.15 23.21
C CYS J 266 61.48 -24.27 22.12
N THR J 267 60.15 -24.20 22.08
CA THR J 267 59.45 -23.35 21.13
C THR J 267 58.69 -22.28 21.88
N TYR J 268 59.12 -21.04 21.67
CA TYR J 268 58.64 -19.93 22.47
C TYR J 268 58.21 -18.75 21.63
N THR J 269 57.30 -17.98 22.21
CA THR J 269 57.03 -16.66 21.74
C THR J 269 57.32 -15.75 22.92
N ILE J 270 58.32 -14.90 22.75
CA ILE J 270 58.72 -14.05 23.84
C ILE J 270 58.50 -12.58 23.46
N GLN J 271 57.95 -11.80 24.40
CA GLN J 271 57.86 -10.36 24.24
C GLN J 271 59.03 -9.75 24.97
N MET J 272 59.89 -9.05 24.24
CA MET J 272 61.07 -8.45 24.86
C MET J 272 60.95 -6.96 24.87
N ILE J 273 61.15 -6.34 26.04
CA ILE J 273 60.99 -4.88 26.17
C ILE J 273 62.16 -4.21 26.91
N GLU J 274 62.28 -2.89 26.75
CA GLU J 274 63.26 -2.09 27.50
C GLU J 274 64.71 -2.50 27.27
N PRO J 275 65.27 -2.05 26.15
CA PRO J 275 66.64 -2.32 25.70
C PRO J 275 67.66 -1.95 26.76
N THR J 276 68.84 -2.53 26.65
CA THR J 276 69.90 -2.30 27.62
C THR J 276 71.22 -2.40 26.89
N ALA J 277 72.19 -1.62 27.34
CA ALA J 277 73.54 -1.67 26.78
C ALA J 277 74.59 -2.03 27.83
N SER J 278 75.60 -2.79 27.41
CA SER J 278 76.72 -3.15 28.29
C SER J 278 78.01 -2.44 27.78
N ALA J 279 79.08 -2.50 28.59
CA ALA J 279 80.38 -1.87 28.28
C ALA J 279 80.31 -0.35 28.11
N GLY K 86 -33.72 17.33 -46.17
CA GLY K 86 -35.01 16.92 -45.62
C GLY K 86 -36.18 17.24 -46.54
N GLY K 87 -36.27 18.51 -46.95
CA GLY K 87 -37.34 19.02 -47.80
C GLY K 87 -38.24 19.94 -47.02
N ILE K 88 -38.01 19.99 -45.72
CA ILE K 88 -38.84 20.79 -44.84
C ILE K 88 -38.36 22.24 -44.70
N THR K 89 -39.21 23.20 -45.05
CA THR K 89 -38.95 24.58 -44.69
C THR K 89 -39.70 24.95 -43.41
N VAL K 90 -39.02 25.20 -42.31
CA VAL K 90 -39.71 25.55 -41.07
C VAL K 90 -39.83 27.06 -40.96
N LEU K 91 -41.03 27.55 -40.71
CA LEU K 91 -41.32 28.99 -40.69
C LEU K 91 -41.99 29.36 -39.38
N THR K 92 -41.57 30.45 -38.77
CA THR K 92 -42.28 30.98 -37.59
C THR K 92 -42.69 32.45 -37.81
N HIS K 93 -43.96 32.74 -37.59
CA HIS K 93 -44.46 34.07 -37.92
C HIS K 93 -45.74 34.41 -37.17
N SER K 94 -45.97 35.71 -37.03
CA SER K 94 -47.20 36.24 -36.46
C SER K 94 -47.87 37.12 -37.44
N GLU K 95 -49.18 36.99 -37.58
CA GLU K 95 -49.91 37.96 -38.38
C GLU K 95 -51.36 38.12 -37.90
N LEU K 96 -51.98 39.19 -38.36
CA LEU K 96 -53.38 39.45 -38.08
C LEU K 96 -54.21 38.35 -38.69
N SER K 97 -55.13 37.80 -37.91
CA SER K 97 -55.95 36.68 -38.37
C SER K 97 -57.45 37.01 -38.36
N ALA K 98 -57.87 37.99 -37.56
CA ALA K 98 -59.29 38.34 -37.43
C ALA K 98 -59.51 39.70 -36.75
N GLU K 99 -60.52 40.44 -37.19
CA GLU K 99 -60.89 41.68 -36.53
C GLU K 99 -62.14 41.44 -35.69
N ILE K 100 -62.17 41.97 -34.48
CA ILE K 100 -63.15 41.51 -33.52
C ILE K 100 -64.03 42.66 -33.02
N GLY K 101 -65.34 42.44 -33.07
CA GLY K 101 -66.30 43.42 -32.61
C GLY K 101 -67.32 42.76 -31.72
N VAL K 102 -67.85 43.50 -30.76
CA VAL K 102 -68.79 42.93 -29.79
C VAL K 102 -70.18 43.60 -29.79
N THR K 103 -71.26 42.80 -29.66
CA THR K 103 -72.61 43.36 -29.52
C THR K 103 -73.27 42.80 -28.26
N ASP K 104 -74.54 43.14 -28.01
CA ASP K 104 -75.17 42.67 -26.79
C ASP K 104 -75.82 41.30 -26.89
N SER K 105 -75.79 40.66 -28.07
CA SER K 105 -76.30 39.29 -28.19
C SER K 105 -75.19 38.40 -28.74
N ILE K 106 -75.22 37.10 -28.43
CA ILE K 106 -74.10 36.25 -28.77
C ILE K 106 -73.91 36.19 -30.28
N VAL K 107 -72.67 36.35 -30.71
CA VAL K 107 -72.32 36.22 -32.11
C VAL K 107 -71.20 35.21 -32.24
N VAL K 108 -71.45 34.14 -32.97
CA VAL K 108 -70.45 33.07 -33.11
C VAL K 108 -69.82 32.97 -34.50
N SER K 109 -68.51 33.16 -34.59
CA SER K 109 -67.78 33.02 -35.84
C SER K 109 -66.72 31.92 -35.69
N SER K 110 -66.07 31.54 -36.79
CA SER K 110 -65.05 30.49 -36.70
C SER K 110 -63.98 30.59 -37.77
N GLU K 111 -62.86 29.93 -37.55
CA GLU K 111 -61.80 29.95 -38.54
C GLU K 111 -61.16 28.58 -38.66
N LEU K 112 -60.98 28.13 -39.90
CA LEU K 112 -60.33 26.87 -40.15
C LEU K 112 -58.85 27.03 -39.79
N VAL K 113 -58.29 26.10 -39.03
CA VAL K 113 -56.88 26.22 -38.66
C VAL K 113 -56.01 25.63 -39.77
N MET K 114 -55.91 26.36 -40.86
CA MET K 114 -55.12 25.92 -41.98
C MET K 114 -54.56 27.14 -42.70
N PRO K 115 -53.37 27.01 -43.34
CA PRO K 115 -52.66 28.13 -43.95
C PRO K 115 -53.52 29.09 -44.77
N TYR K 116 -54.42 28.57 -45.58
CA TYR K 116 -55.22 29.44 -46.44
C TYR K 116 -55.99 30.48 -45.66
N THR K 117 -56.43 30.12 -44.46
CA THR K 117 -57.35 30.94 -43.70
C THR K 117 -56.84 31.51 -42.37
N VAL K 118 -55.57 31.29 -42.01
CA VAL K 118 -55.13 31.89 -40.76
C VAL K 118 -54.76 33.34 -41.07
N GLY K 119 -54.32 33.61 -42.29
CA GLY K 119 -53.90 34.96 -42.57
C GLY K 119 -53.52 35.13 -44.01
N THR K 120 -53.62 36.36 -44.51
CA THR K 120 -53.37 36.57 -45.94
C THR K 120 -51.92 36.39 -46.31
N TRP K 121 -50.98 36.74 -45.41
CA TRP K 121 -49.56 36.53 -45.70
C TRP K 121 -49.18 35.06 -45.78
N LEU K 122 -49.49 34.28 -44.74
CA LEU K 122 -49.17 32.83 -44.76
C LEU K 122 -49.84 32.12 -45.92
N ARG K 123 -51.05 32.58 -46.26
CA ARG K 123 -51.83 32.02 -47.32
C ARG K 123 -51.03 31.97 -48.60
N GLY K 124 -50.39 33.09 -48.95
CA GLY K 124 -49.58 33.15 -50.15
C GLY K 124 -48.32 32.30 -50.05
N VAL K 125 -47.66 32.38 -48.90
CA VAL K 125 -46.38 31.69 -48.67
C VAL K 125 -46.55 30.19 -48.80
N ALA K 126 -47.48 29.65 -48.02
CA ALA K 126 -47.68 28.21 -47.86
C ALA K 126 -48.24 27.57 -49.11
N ALA K 127 -48.83 28.41 -49.96
CA ALA K 127 -49.45 27.96 -51.20
C ALA K 127 -48.44 27.36 -52.17
N ASN K 128 -47.17 27.75 -52.04
CA ASN K 128 -46.11 27.21 -52.87
C ASN K 128 -45.69 25.80 -52.45
N TRP K 129 -46.24 25.33 -51.33
CA TRP K 129 -45.96 23.97 -50.91
C TRP K 129 -47.25 23.15 -50.91
N SER K 130 -47.11 21.82 -50.99
CA SER K 130 -48.25 20.93 -51.14
C SER K 130 -48.81 20.48 -49.79
N LYS K 131 -47.91 20.24 -48.85
CA LYS K 131 -48.31 19.77 -47.53
C LYS K 131 -47.63 20.59 -46.43
N TYR K 132 -48.24 20.58 -45.25
CA TYR K 132 -47.68 21.27 -44.11
C TYR K 132 -47.92 20.50 -42.84
N SER K 133 -47.25 20.89 -41.77
CA SER K 133 -47.55 20.35 -40.47
C SER K 133 -47.42 21.46 -39.44
N TRP K 134 -48.43 21.61 -38.61
CA TRP K 134 -48.36 22.58 -37.53
C TRP K 134 -47.43 22.02 -36.45
N LEU K 135 -46.37 22.75 -36.09
CA LEU K 135 -45.56 22.35 -34.95
C LEU K 135 -46.12 23.08 -33.74
N SER K 136 -46.68 24.25 -34.00
CA SER K 136 -47.37 25.02 -33.00
C SER K 136 -48.31 26.04 -33.63
N VAL K 137 -49.51 26.16 -33.08
CA VAL K 137 -50.45 27.21 -33.46
C VAL K 137 -51.09 27.89 -32.26
N ARG K 138 -50.89 29.19 -32.17
CA ARG K 138 -51.46 29.99 -31.10
C ARG K 138 -52.28 31.16 -31.61
N TYR K 139 -53.52 31.24 -31.12
CA TYR K 139 -54.41 32.36 -31.39
C TYR K 139 -54.47 33.24 -30.15
N THR K 140 -54.19 34.53 -30.34
CA THR K 140 -54.13 35.51 -29.25
C THR K 140 -55.02 36.68 -29.50
N TYR K 141 -55.92 36.97 -28.57
CA TYR K 141 -56.75 38.19 -28.70
C TYR K 141 -56.06 39.38 -28.04
N ILE K 142 -55.93 40.49 -28.77
CA ILE K 142 -55.38 41.72 -28.19
C ILE K 142 -56.48 42.82 -28.25
N PRO K 143 -56.80 43.45 -27.12
CA PRO K 143 -57.83 44.50 -27.14
C PRO K 143 -57.37 45.85 -27.74
N SER K 144 -58.32 46.66 -28.21
CA SER K 144 -58.04 48.00 -28.72
C SER K 144 -59.15 48.95 -28.28
N CYS K 145 -59.86 48.58 -27.23
CA CYS K 145 -60.99 49.38 -26.80
C CYS K 145 -60.75 49.98 -25.41
N PRO K 146 -61.61 50.89 -24.99
CA PRO K 146 -61.55 51.35 -23.61
C PRO K 146 -61.83 50.26 -22.56
N SER K 147 -61.38 50.53 -21.33
CA SER K 147 -61.63 49.67 -20.19
C SER K 147 -63.09 49.72 -19.81
N SER K 148 -63.81 50.63 -20.45
CA SER K 148 -65.22 50.84 -20.15
C SER K 148 -66.13 50.10 -21.13
N THR K 149 -65.54 49.33 -22.02
CA THR K 149 -66.27 48.60 -23.05
C THR K 149 -66.92 47.33 -22.51
N ALA K 150 -68.22 47.21 -22.66
CA ALA K 150 -68.91 45.99 -22.27
C ALA K 150 -68.65 44.91 -23.31
N GLY K 151 -68.52 43.68 -22.84
CA GLY K 151 -68.28 42.56 -23.71
C GLY K 151 -67.21 41.59 -23.22
N SER K 152 -67.33 40.36 -23.72
CA SER K 152 -66.32 39.35 -23.46
C SER K 152 -66.05 38.53 -24.74
N ILE K 153 -64.88 37.92 -24.79
CA ILE K 153 -64.52 37.09 -25.92
C ILE K 153 -64.31 35.65 -25.41
N HIS K 154 -64.67 34.68 -26.26
CA HIS K 154 -64.50 33.26 -25.97
C HIS K 154 -63.89 32.56 -27.18
N MET K 155 -62.89 31.72 -26.94
CA MET K 155 -62.24 30.98 -28.01
C MET K 155 -61.95 29.57 -27.55
N GLY K 156 -62.08 28.64 -28.49
CA GLY K 156 -61.76 27.26 -28.23
C GLY K 156 -61.68 26.55 -29.54
N PHE K 157 -61.19 25.32 -29.53
CA PHE K 157 -61.05 24.55 -30.75
C PHE K 157 -62.04 23.40 -30.90
N GLN K 158 -62.49 23.20 -32.13
CA GLN K 158 -63.19 21.99 -32.48
C GLN K 158 -62.27 21.18 -33.35
N TYR K 159 -62.21 19.86 -33.13
CA TYR K 159 -61.23 19.05 -33.84
C TYR K 159 -61.87 18.09 -34.83
N ASP K 160 -63.18 18.11 -34.92
CA ASP K 160 -63.92 17.33 -35.90
C ASP K 160 -64.83 18.25 -36.72
N MET K 161 -64.60 18.33 -38.02
CA MET K 161 -65.29 19.32 -38.86
C MET K 161 -66.79 19.15 -38.84
N ALA K 162 -67.24 17.95 -38.52
CA ALA K 162 -68.67 17.65 -38.51
C ALA K 162 -69.36 18.18 -37.26
N ASP K 163 -68.59 18.52 -36.22
CA ASP K 163 -69.12 19.10 -35.00
C ASP K 163 -69.95 20.31 -35.37
N THR K 164 -71.13 20.47 -34.78
CA THR K 164 -71.90 21.65 -35.10
C THR K 164 -71.22 22.80 -34.35
N VAL K 165 -71.15 24.00 -34.94
CA VAL K 165 -70.55 25.14 -34.22
C VAL K 165 -71.41 25.49 -33.02
N PRO K 166 -70.77 25.74 -31.89
CA PRO K 166 -71.48 26.01 -30.63
C PRO K 166 -72.43 27.19 -30.70
N VAL K 167 -73.42 27.22 -29.82
CA VAL K 167 -74.38 28.30 -29.82
C VAL K 167 -74.40 29.03 -28.49
N SER K 168 -73.82 28.43 -27.46
CA SER K 168 -73.81 29.11 -26.16
C SER K 168 -72.42 29.12 -25.53
N VAL K 169 -72.18 30.10 -24.66
CA VAL K 169 -70.93 30.12 -23.92
C VAL K 169 -70.78 28.79 -23.15
N ASN K 170 -71.89 28.27 -22.61
CA ASN K 170 -71.84 27.03 -21.87
C ASN K 170 -71.18 25.86 -22.63
N GLN K 171 -71.62 25.63 -23.86
CA GLN K 171 -71.04 24.63 -24.72
C GLN K 171 -69.57 24.92 -24.98
N LEU K 172 -69.31 26.15 -25.43
CA LEU K 172 -67.98 26.55 -25.87
C LEU K 172 -66.98 26.34 -24.73
N SER K 173 -67.45 26.53 -23.51
CA SER K 173 -66.62 26.43 -22.33
C SER K 173 -66.02 25.04 -22.19
N ASN K 174 -66.60 24.05 -22.88
CA ASN K 174 -66.14 22.68 -22.75
C ASN K 174 -65.02 22.29 -23.71
N LEU K 175 -64.77 23.12 -24.70
CA LEU K 175 -63.80 22.81 -25.72
C LEU K 175 -62.39 22.84 -25.16
N ARG K 176 -61.54 21.92 -25.62
CA ARG K 176 -60.10 22.02 -25.39
C ARG K 176 -59.61 23.39 -25.75
N GLY K 177 -58.87 23.99 -24.81
CA GLY K 177 -58.20 25.25 -25.03
C GLY K 177 -59.15 26.42 -24.88
N TYR K 178 -60.30 26.16 -24.25
CA TYR K 178 -61.26 27.24 -24.01
C TYR K 178 -60.64 28.32 -23.17
N VAL K 179 -60.75 29.55 -23.64
CA VAL K 179 -60.26 30.73 -22.91
C VAL K 179 -61.33 31.81 -22.96
N SER K 180 -61.25 32.78 -22.05
CA SER K 180 -62.29 33.78 -21.97
C SER K 180 -61.81 35.02 -21.22
N GLY K 181 -62.28 36.19 -21.66
CA GLY K 181 -61.95 37.43 -20.96
C GLY K 181 -62.74 38.65 -21.38
N GLN K 182 -62.62 39.76 -20.64
CA GLN K 182 -63.21 41.05 -21.05
C GLN K 182 -62.67 41.50 -22.41
N VAL K 183 -63.46 42.20 -23.21
CA VAL K 183 -62.93 42.57 -24.52
C VAL K 183 -61.81 43.62 -24.37
N TRP K 184 -61.67 44.18 -23.18
CA TRP K 184 -60.61 45.16 -22.95
C TRP K 184 -59.42 44.55 -22.17
N SER K 185 -59.53 43.27 -21.83
CA SER K 185 -58.42 42.53 -21.23
C SER K 185 -57.61 41.85 -22.32
N GLY K 186 -56.45 41.30 -22.00
CA GLY K 186 -55.76 40.46 -22.96
C GLY K 186 -54.43 40.98 -23.45
N SER K 187 -54.07 42.18 -23.01
CA SER K 187 -52.81 42.79 -23.40
C SER K 187 -51.59 41.90 -23.15
N ALA K 188 -51.58 41.15 -22.04
CA ALA K 188 -50.40 40.35 -21.67
C ALA K 188 -50.04 39.24 -22.68
N GLY K 189 -50.87 39.03 -23.68
CA GLY K 189 -50.60 38.09 -24.76
C GLY K 189 -49.67 38.65 -25.83
N LEU K 190 -49.40 39.94 -25.72
CA LEU K 190 -48.55 40.59 -26.70
C LEU K 190 -47.15 39.93 -26.69
N CYS K 191 -46.69 39.51 -25.51
CA CYS K 191 -45.35 38.92 -25.43
C CYS K 191 -45.24 37.63 -26.26
N PHE K 192 -46.37 36.96 -26.50
CA PHE K 192 -46.42 35.83 -27.41
C PHE K 192 -46.21 36.26 -28.86
N ILE K 193 -46.69 37.44 -29.20
CA ILE K 193 -46.71 37.83 -30.61
C ILE K 193 -45.34 38.16 -31.18
N ASN K 194 -44.48 38.83 -30.41
CA ASN K 194 -43.11 39.11 -30.86
C ASN K 194 -42.07 38.12 -30.31
N GLY K 195 -42.57 37.06 -29.67
CA GLY K 195 -41.75 35.98 -29.12
C GLY K 195 -40.78 36.42 -28.05
N THR K 196 -41.16 37.40 -27.23
CA THR K 196 -40.26 37.95 -26.22
C THR K 196 -40.39 37.25 -24.86
N ARG K 197 -39.63 37.69 -23.87
CA ARG K 197 -39.67 37.09 -22.54
C ARG K 197 -41.05 37.26 -21.89
N CYS K 198 -41.70 36.13 -21.66
CA CYS K 198 -43.02 36.10 -21.04
C CYS K 198 -42.93 35.83 -19.54
N SER K 199 -43.64 36.64 -18.77
CA SER K 199 -43.67 36.49 -17.32
C SER K 199 -45.11 36.43 -16.85
N ASP K 200 -45.73 37.62 -16.72
CA ASP K 200 -47.09 37.75 -16.22
C ASP K 200 -48.13 37.52 -17.31
N THR K 201 -48.30 36.27 -17.75
CA THR K 201 -49.23 36.03 -18.83
C THR K 201 -50.57 35.44 -18.34
N SER K 202 -50.86 35.52 -17.05
CA SER K 202 -52.05 34.83 -16.54
C SER K 202 -53.35 35.33 -17.14
N THR K 203 -53.36 36.61 -17.48
CA THR K 203 -54.55 37.25 -18.01
C THR K 203 -54.63 37.16 -19.52
N ALA K 204 -53.64 36.53 -20.16
CA ALA K 204 -53.59 36.46 -21.62
C ALA K 204 -54.77 35.68 -22.13
N ILE K 205 -55.53 36.30 -23.03
CA ILE K 205 -56.63 35.62 -23.68
C ILE K 205 -56.07 35.01 -24.95
N SER K 206 -55.28 33.95 -24.77
CA SER K 206 -54.52 33.29 -25.82
C SER K 206 -54.67 31.81 -25.64
N THR K 207 -54.73 31.07 -26.73
CA THR K 207 -54.89 29.62 -26.62
C THR K 207 -54.16 28.90 -27.75
N THR K 208 -53.83 27.63 -27.52
CA THR K 208 -53.02 26.87 -28.48
C THR K 208 -53.66 25.55 -28.90
N LEU K 209 -53.30 25.14 -30.11
CA LEU K 209 -53.73 23.90 -30.76
C LEU K 209 -53.00 22.65 -30.22
N ASP K 210 -53.70 21.52 -30.09
CA ASP K 210 -53.06 20.25 -29.74
C ASP K 210 -52.46 19.63 -30.98
N VAL K 211 -51.29 20.07 -31.39
CA VAL K 211 -50.71 19.57 -32.63
C VAL K 211 -50.45 18.06 -32.52
N SER K 212 -50.18 17.66 -31.29
CA SER K 212 -49.90 16.26 -30.93
C SER K 212 -51.06 15.28 -31.12
N LYS K 213 -52.29 15.79 -31.15
CA LYS K 213 -53.46 14.92 -31.10
C LYS K 213 -54.23 15.02 -32.38
N LEU K 214 -53.67 15.64 -33.41
CA LEU K 214 -54.39 15.79 -34.68
C LEU K 214 -54.54 14.45 -35.40
N GLY K 215 -55.48 14.40 -36.34
CA GLY K 215 -55.78 13.17 -37.05
C GLY K 215 -54.53 12.55 -37.62
N LYS K 216 -53.79 13.37 -38.37
CA LYS K 216 -52.48 13.02 -38.91
C LYS K 216 -51.45 14.16 -38.72
N LYS K 217 -50.24 14.02 -39.24
CA LYS K 217 -49.23 15.07 -39.13
C LYS K 217 -49.18 15.93 -40.40
N TRP K 218 -49.18 15.30 -41.58
CA TRP K 218 -49.06 16.05 -42.81
C TRP K 218 -50.42 16.27 -43.50
N TYR K 219 -50.85 17.52 -43.58
CA TYR K 219 -52.10 17.89 -44.23
C TYR K 219 -51.83 18.52 -45.59
N PRO K 220 -52.74 18.33 -46.55
CA PRO K 220 -52.62 19.00 -47.84
C PRO K 220 -53.00 20.47 -47.75
N TYR K 221 -52.33 21.32 -48.50
CA TYR K 221 -52.75 22.71 -48.61
C TYR K 221 -54.07 22.76 -49.40
N LYS K 222 -55.09 23.35 -48.78
CA LYS K 222 -56.42 23.47 -49.35
C LYS K 222 -56.93 24.90 -49.24
N THR K 223 -57.83 25.27 -50.15
CA THR K 223 -58.48 26.58 -50.08
C THR K 223 -59.85 26.47 -49.43
N SER K 224 -60.48 27.62 -49.17
CA SER K 224 -61.85 27.66 -48.67
C SER K 224 -62.83 27.05 -49.68
N ALA K 225 -62.57 27.30 -50.96
CA ALA K 225 -63.36 26.69 -52.01
C ALA K 225 -63.31 25.16 -51.89
N ASP K 226 -62.11 24.60 -51.78
CA ASP K 226 -61.93 23.15 -51.65
C ASP K 226 -62.67 22.60 -50.47
N TYR K 227 -62.63 23.35 -49.37
CA TYR K 227 -63.32 22.94 -48.16
C TYR K 227 -64.79 22.87 -48.44
N ALA K 228 -65.32 23.94 -49.05
CA ALA K 228 -66.73 24.09 -49.35
C ALA K 228 -67.26 22.95 -50.22
N THR K 229 -66.52 22.64 -51.27
CA THR K 229 -66.85 21.54 -52.17
C THR K 229 -66.83 20.18 -51.48
N ALA K 230 -65.77 19.92 -50.73
CA ALA K 230 -65.58 18.66 -50.05
C ALA K 230 -66.75 18.42 -49.10
N VAL K 231 -67.11 19.48 -48.37
CA VAL K 231 -68.23 19.45 -47.42
C VAL K 231 -69.58 19.42 -48.15
N GLY K 232 -69.60 19.87 -49.39
CA GLY K 232 -70.79 19.79 -50.21
C GLY K 232 -71.19 18.35 -50.49
N VAL K 233 -70.18 17.48 -50.59
CA VAL K 233 -70.43 16.06 -50.84
C VAL K 233 -70.76 15.29 -49.59
N ASP K 234 -69.88 15.41 -48.59
CA ASP K 234 -70.03 14.77 -47.27
C ASP K 234 -69.05 15.46 -46.34
N VAL K 235 -69.57 15.98 -45.22
CA VAL K 235 -68.77 16.82 -44.34
C VAL K 235 -67.50 16.14 -43.83
N ASN K 236 -67.54 14.81 -43.74
CA ASN K 236 -66.43 14.02 -43.20
C ASN K 236 -65.23 13.93 -44.17
N ILE K 237 -65.47 14.27 -45.43
CA ILE K 237 -64.39 14.33 -46.39
C ILE K 237 -63.39 15.41 -45.99
N ALA K 238 -63.86 16.42 -45.28
CA ALA K 238 -62.99 17.53 -44.91
C ALA K 238 -62.01 17.14 -43.83
N THR K 239 -62.39 16.18 -43.00
CA THR K 239 -61.58 15.81 -41.82
C THR K 239 -60.14 15.45 -42.16
N PRO K 240 -59.90 14.70 -43.24
CA PRO K 240 -58.48 14.58 -43.54
C PRO K 240 -57.89 15.79 -44.26
N LEU K 241 -58.65 16.87 -44.44
CA LEU K 241 -58.14 18.07 -45.13
C LEU K 241 -57.82 19.22 -44.15
N VAL K 242 -58.60 19.38 -43.08
CA VAL K 242 -58.36 20.43 -42.11
C VAL K 242 -58.21 19.89 -40.69
N PRO K 243 -57.09 20.24 -40.04
CA PRO K 243 -56.78 19.69 -38.71
C PRO K 243 -57.73 20.13 -37.60
N ALA K 244 -58.24 21.36 -37.63
CA ALA K 244 -59.15 21.82 -36.58
C ALA K 244 -59.82 23.13 -36.98
N ARG K 245 -60.84 23.53 -36.23
CA ARG K 245 -61.45 24.84 -36.44
C ARG K 245 -61.51 25.56 -35.13
N LEU K 246 -61.22 26.85 -35.18
CA LEU K 246 -61.26 27.73 -34.03
C LEU K 246 -62.62 28.35 -33.97
N VAL K 247 -63.26 28.26 -32.81
CA VAL K 247 -64.59 28.82 -32.63
C VAL K 247 -64.48 30.08 -31.80
N ILE K 248 -65.19 31.14 -32.19
CA ILE K 248 -65.11 32.41 -31.48
C ILE K 248 -66.49 32.93 -31.10
N ALA K 249 -66.69 33.25 -29.83
CA ALA K 249 -67.95 33.86 -29.41
C ALA K 249 -67.74 35.20 -28.75
N LEU K 250 -68.58 36.15 -29.15
CA LEU K 250 -68.61 37.47 -28.56
C LEU K 250 -69.99 37.87 -28.05
N LEU K 251 -70.04 38.36 -26.82
CA LEU K 251 -71.31 38.75 -26.22
C LEU K 251 -71.03 39.71 -25.07
N ASP K 252 -72.07 40.04 -24.32
CA ASP K 252 -72.02 40.90 -23.14
C ASP K 252 -71.71 42.34 -23.53
N GLY K 253 -71.82 42.67 -24.81
CA GLY K 253 -71.58 44.03 -25.28
C GLY K 253 -72.75 44.93 -24.92
N SER K 254 -72.64 46.24 -25.11
CA SER K 254 -73.72 47.09 -24.64
C SER K 254 -74.69 47.60 -25.72
N SER K 255 -74.34 47.47 -26.98
CA SER K 255 -75.22 47.92 -28.07
C SER K 255 -75.54 46.76 -29.01
N SER K 256 -76.59 46.89 -29.80
CA SER K 256 -76.86 45.85 -30.76
C SER K 256 -75.95 46.12 -31.96
N THR K 257 -75.36 47.30 -32.02
CA THR K 257 -74.39 47.54 -33.08
C THR K 257 -72.97 47.22 -32.60
N ALA K 258 -72.22 46.55 -33.48
CA ALA K 258 -70.89 46.10 -33.13
C ALA K 258 -69.98 47.24 -32.69
N VAL K 259 -69.41 47.12 -31.50
CA VAL K 259 -68.42 48.09 -31.04
C VAL K 259 -67.07 47.47 -31.30
N ALA K 260 -66.13 48.25 -31.84
CA ALA K 260 -64.81 47.69 -32.12
C ALA K 260 -64.16 47.21 -30.83
N ALA K 261 -63.79 45.93 -30.80
CA ALA K 261 -63.31 45.30 -29.58
C ALA K 261 -61.80 45.04 -29.57
N GLY K 262 -61.33 44.23 -30.52
CA GLY K 262 -59.93 43.89 -30.60
C GLY K 262 -59.58 43.18 -31.88
N ARG K 263 -58.50 42.41 -31.84
CA ARG K 263 -58.02 41.67 -32.99
C ARG K 263 -57.45 40.35 -32.50
N ILE K 264 -57.56 39.31 -33.32
CA ILE K 264 -56.94 38.03 -33.00
C ILE K 264 -55.74 37.86 -33.93
N TYR K 265 -54.58 37.62 -33.35
CA TYR K 265 -53.37 37.36 -34.11
C TYR K 265 -53.08 35.87 -34.05
N CYS K 266 -52.42 35.34 -35.06
CA CYS K 266 -52.02 33.96 -35.02
C CYS K 266 -50.51 33.83 -34.99
N THR K 267 -50.00 33.06 -34.04
CA THR K 267 -48.56 32.82 -33.97
C THR K 267 -48.24 31.35 -34.24
N TYR K 268 -47.60 31.08 -35.36
CA TYR K 268 -47.45 29.70 -35.76
C TYR K 268 -46.03 29.29 -36.08
N THR K 269 -45.75 28.01 -35.89
CA THR K 269 -44.54 27.43 -36.44
C THR K 269 -45.01 26.31 -37.39
N ILE K 270 -44.74 26.54 -38.67
CA ILE K 270 -45.22 25.63 -39.69
C ILE K 270 -44.08 24.96 -40.47
N GLN K 271 -44.23 23.66 -40.69
CA GLN K 271 -43.34 22.90 -41.54
C GLN K 271 -43.93 22.75 -42.92
N MET K 272 -43.24 23.28 -43.92
CA MET K 272 -43.72 23.22 -45.29
C MET K 272 -42.84 22.27 -46.07
N ILE K 273 -43.47 21.34 -46.78
CA ILE K 273 -42.73 20.34 -47.56
C ILE K 273 -43.28 20.15 -48.98
N GLU K 274 -42.42 19.63 -49.86
CA GLU K 274 -42.81 19.22 -51.21
C GLU K 274 -43.41 20.35 -52.01
N PRO K 275 -42.53 21.22 -52.55
CA PRO K 275 -42.86 22.40 -53.35
C PRO K 275 -43.75 22.09 -54.54
N THR K 276 -44.48 23.09 -55.02
CA THR K 276 -45.37 22.91 -56.17
C THR K 276 -45.40 24.18 -56.97
N ALA K 277 -45.52 24.07 -58.27
CA ALA K 277 -45.56 25.25 -59.09
C ALA K 277 -46.89 25.44 -59.83
N GLY L 86 -57.57 -1.37 -12.04
CA GLY L 86 -57.90 -0.56 -10.88
C GLY L 86 -59.39 -0.26 -10.79
N GLY L 87 -59.94 0.29 -11.88
CA GLY L 87 -61.35 0.63 -11.97
C GLY L 87 -61.66 2.11 -11.97
N ILE L 88 -60.63 2.91 -11.70
CA ILE L 88 -60.79 4.36 -11.62
C ILE L 88 -60.55 5.07 -12.93
N THR L 89 -61.56 5.78 -13.41
CA THR L 89 -61.43 6.66 -14.56
C THR L 89 -61.17 8.09 -14.05
N VAL L 90 -60.00 8.63 -14.35
CA VAL L 90 -59.66 9.97 -13.85
C VAL L 90 -60.00 11.04 -14.87
N LEU L 91 -60.72 12.07 -14.45
CA LEU L 91 -61.13 13.11 -15.38
C LEU L 91 -60.77 14.50 -14.87
N THR L 92 -60.14 15.28 -15.73
CA THR L 92 -59.78 16.66 -15.44
C THR L 92 -60.41 17.56 -16.52
N HIS L 93 -61.15 18.56 -16.10
CA HIS L 93 -61.91 19.35 -17.05
C HIS L 93 -62.26 20.66 -16.44
N SER L 94 -62.52 21.64 -17.30
CA SER L 94 -63.08 22.93 -16.91
C SER L 94 -64.40 23.19 -17.63
N GLU L 95 -65.39 23.72 -16.94
CA GLU L 95 -66.61 24.10 -17.65
C GLU L 95 -67.36 25.25 -16.98
N LEU L 96 -68.27 25.86 -17.71
CA LEU L 96 -69.10 26.89 -17.14
C LEU L 96 -69.87 26.27 -16.00
N SER L 97 -69.94 26.95 -14.86
CA SER L 97 -70.66 26.41 -13.70
C SER L 97 -71.79 27.33 -13.24
N ALA L 98 -71.69 28.62 -13.57
CA ALA L 98 -72.65 29.62 -13.12
C ALA L 98 -72.50 30.94 -13.87
N GLU L 99 -73.62 31.57 -14.21
CA GLU L 99 -73.52 32.90 -14.77
C GLU L 99 -73.96 33.94 -13.75
N ILE L 100 -73.18 35.02 -13.73
CA ILE L 100 -73.18 35.91 -12.59
C ILE L 100 -73.56 37.33 -12.95
N GLY L 101 -74.48 37.88 -12.17
CA GLY L 101 -74.93 39.26 -12.35
C GLY L 101 -74.98 39.97 -11.01
N VAL L 102 -74.81 41.29 -10.97
CA VAL L 102 -74.73 41.98 -9.69
C VAL L 102 -75.85 43.02 -9.53
N THR L 103 -76.38 43.11 -8.31
CA THR L 103 -77.41 44.07 -7.94
C THR L 103 -76.97 44.91 -6.75
N ASP L 104 -77.79 45.85 -6.29
CA ASP L 104 -77.33 46.72 -5.21
C ASP L 104 -77.65 46.20 -3.81
N SER L 105 -78.22 45.03 -3.71
CA SER L 105 -78.47 44.40 -2.43
C SER L 105 -77.81 43.06 -2.43
N ILE L 106 -77.45 42.58 -1.25
CA ILE L 106 -76.75 41.29 -1.16
C ILE L 106 -77.68 40.23 -1.67
N VAL L 107 -77.17 39.39 -2.55
CA VAL L 107 -77.93 38.24 -3.01
C VAL L 107 -77.04 37.02 -2.84
N VAL L 108 -77.48 36.07 -2.03
CA VAL L 108 -76.64 34.92 -1.72
C VAL L 108 -77.10 33.66 -2.45
N SER L 109 -76.26 33.07 -3.30
CA SER L 109 -76.65 31.82 -3.95
C SER L 109 -75.70 30.75 -3.55
N SER L 110 -76.00 29.51 -3.88
CA SER L 110 -75.07 28.42 -3.55
C SER L 110 -75.17 27.28 -4.53
N GLU L 111 -74.14 26.45 -4.52
CA GLU L 111 -74.11 25.33 -5.42
C GLU L 111 -73.54 24.12 -4.72
N LEU L 112 -74.26 23.01 -4.80
CA LEU L 112 -73.77 21.78 -4.20
C LEU L 112 -72.55 21.35 -5.00
N VAL L 113 -71.48 20.99 -4.27
CA VAL L 113 -70.24 20.54 -4.91
C VAL L 113 -70.28 19.07 -5.23
N MET L 114 -71.06 18.72 -6.24
CA MET L 114 -71.23 17.35 -6.70
C MET L 114 -71.45 17.40 -8.20
N PRO L 115 -71.04 16.33 -8.92
CA PRO L 115 -71.03 16.31 -10.38
C PRO L 115 -72.32 16.84 -11.03
N TYR L 116 -73.47 16.48 -10.46
CA TYR L 116 -74.73 16.88 -11.06
C TYR L 116 -74.90 18.39 -11.20
N THR L 117 -74.34 19.15 -10.28
CA THR L 117 -74.56 20.60 -10.24
C THR L 117 -73.33 21.47 -10.49
N VAL L 118 -72.16 20.89 -10.78
CA VAL L 118 -71.03 21.76 -11.06
C VAL L 118 -71.10 22.22 -12.52
N GLY L 119 -71.71 21.41 -13.37
CA GLY L 119 -71.79 21.77 -14.78
C GLY L 119 -72.55 20.72 -15.54
N THR L 120 -73.15 21.11 -16.66
CA THR L 120 -74.00 20.20 -17.42
C THR L 120 -73.22 19.06 -18.07
N TRP L 121 -71.98 19.34 -18.48
CA TRP L 121 -71.19 18.30 -19.13
C TRP L 121 -70.82 17.18 -18.17
N LEU L 122 -70.21 17.52 -17.06
CA LEU L 122 -69.87 16.54 -16.05
C LEU L 122 -71.14 15.88 -15.54
N ARG L 123 -72.23 16.62 -15.50
CA ARG L 123 -73.47 15.98 -15.05
C ARG L 123 -73.79 14.74 -15.88
N GLY L 124 -73.75 14.89 -17.19
CA GLY L 124 -74.00 13.79 -18.10
C GLY L 124 -72.90 12.74 -18.03
N VAL L 125 -71.66 13.19 -18.00
CA VAL L 125 -70.52 12.28 -17.95
C VAL L 125 -70.54 11.45 -16.70
N ALA L 126 -70.56 12.08 -15.54
CA ALA L 126 -70.41 11.35 -14.29
C ALA L 126 -71.64 10.47 -13.98
N ALA L 127 -72.72 10.69 -14.70
CA ALA L 127 -73.94 9.92 -14.50
C ALA L 127 -73.73 8.44 -14.79
N ASN L 128 -72.73 8.13 -15.62
CA ASN L 128 -72.40 6.75 -16.02
C ASN L 128 -71.66 5.95 -14.97
N TRP L 129 -71.31 6.61 -13.88
CA TRP L 129 -70.66 5.94 -12.78
C TRP L 129 -71.51 6.07 -11.51
N SER L 130 -71.27 5.19 -10.54
CA SER L 130 -72.08 5.15 -9.33
C SER L 130 -71.56 6.06 -8.23
N LYS L 131 -70.23 6.05 -8.08
CA LYS L 131 -69.54 6.81 -7.06
C LYS L 131 -68.38 7.58 -7.68
N TYR L 132 -67.96 8.66 -7.00
CA TYR L 132 -66.84 9.49 -7.46
C TYR L 132 -66.02 9.98 -6.28
N SER L 133 -64.86 10.56 -6.59
CA SER L 133 -64.03 11.21 -5.59
C SER L 133 -63.44 12.46 -6.21
N TRP L 134 -63.50 13.56 -5.47
CA TRP L 134 -62.83 14.81 -5.83
C TRP L 134 -61.34 14.76 -5.46
N LEU L 135 -60.46 14.99 -6.43
CA LEU L 135 -59.03 15.10 -6.17
C LEU L 135 -58.69 16.56 -5.99
N SER L 136 -59.39 17.37 -6.76
CA SER L 136 -59.27 18.81 -6.70
C SER L 136 -60.54 19.44 -7.27
N VAL L 137 -61.11 20.44 -6.59
CA VAL L 137 -62.22 21.18 -7.16
C VAL L 137 -61.98 22.62 -6.98
N ARG L 138 -61.86 23.33 -8.08
CA ARG L 138 -61.58 24.76 -8.07
C ARG L 138 -62.58 25.56 -8.87
N TYR L 139 -63.14 26.57 -8.20
CA TYR L 139 -64.11 27.53 -8.76
C TYR L 139 -63.41 28.86 -9.05
N THR L 140 -63.56 29.35 -10.28
CA THR L 140 -62.86 30.58 -10.69
C THR L 140 -63.82 31.58 -11.31
N TYR L 141 -63.85 32.79 -10.78
CA TYR L 141 -64.69 33.85 -11.36
C TYR L 141 -63.90 34.60 -12.42
N ILE L 142 -64.48 34.70 -13.61
CA ILE L 142 -63.90 35.47 -14.71
C ILE L 142 -64.87 36.60 -15.03
N PRO L 143 -64.40 37.85 -15.03
CA PRO L 143 -65.31 38.97 -15.29
C PRO L 143 -65.65 39.13 -16.77
N SER L 144 -66.75 39.81 -17.07
CA SER L 144 -67.11 40.13 -18.45
C SER L 144 -67.70 41.54 -18.60
N CYS L 145 -67.44 42.39 -17.61
CA CYS L 145 -68.04 43.71 -17.56
C CYS L 145 -67.03 44.86 -17.69
N PRO L 146 -67.52 46.09 -17.93
CA PRO L 146 -66.56 47.18 -17.95
C PRO L 146 -65.87 47.34 -16.62
N SER L 147 -64.69 47.96 -16.65
CA SER L 147 -63.91 48.23 -15.43
C SER L 147 -64.62 49.23 -14.53
N SER L 148 -65.72 49.80 -15.05
CA SER L 148 -66.51 50.80 -14.36
C SER L 148 -67.73 50.21 -13.67
N THR L 149 -67.82 48.89 -13.66
CA THR L 149 -68.94 48.22 -13.03
C THR L 149 -68.83 48.15 -11.50
N ALA L 150 -69.84 48.66 -10.80
CA ALA L 150 -69.87 48.54 -9.33
C ALA L 150 -70.33 47.14 -8.91
N GLY L 151 -69.76 46.66 -7.82
CA GLY L 151 -70.12 45.35 -7.29
C GLY L 151 -68.92 44.54 -6.85
N SER L 152 -69.14 43.62 -5.92
CA SER L 152 -68.08 42.72 -5.52
C SER L 152 -68.66 41.33 -5.40
N ILE L 153 -67.81 40.32 -5.60
CA ILE L 153 -68.30 38.94 -5.53
C ILE L 153 -67.62 38.19 -4.40
N HIS L 154 -68.36 37.30 -3.75
CA HIS L 154 -67.83 36.56 -2.62
C HIS L 154 -68.14 35.07 -2.71
N MET L 155 -67.15 34.25 -2.43
CA MET L 155 -67.26 32.80 -2.48
C MET L 155 -66.59 32.18 -1.27
N GLY L 156 -67.17 31.09 -0.79
CA GLY L 156 -66.61 30.31 0.29
C GLY L 156 -67.29 28.94 0.31
N PHE L 157 -66.74 28.02 1.07
CA PHE L 157 -67.31 26.68 1.16
C PHE L 157 -67.98 26.43 2.49
N GLN L 158 -69.09 25.73 2.46
CA GLN L 158 -69.66 25.14 3.66
C GLN L 158 -69.50 23.63 3.55
N TYR L 159 -69.12 22.98 4.65
CA TYR L 159 -68.85 21.55 4.59
C TYR L 159 -69.87 20.73 5.38
N ASP L 160 -70.91 21.40 5.87
CA ASP L 160 -72.02 20.75 6.56
C ASP L 160 -73.36 21.17 5.97
N MET L 161 -74.10 20.23 5.39
CA MET L 161 -75.34 20.58 4.70
C MET L 161 -76.40 21.23 5.59
N ALA L 162 -76.29 21.00 6.89
CA ALA L 162 -77.21 21.58 7.86
C ALA L 162 -76.88 23.04 8.18
N ASP L 163 -75.66 23.50 7.86
CA ASP L 163 -75.30 24.90 8.11
C ASP L 163 -76.25 25.86 7.50
N THR L 164 -76.55 26.92 8.24
CA THR L 164 -77.37 27.98 7.71
C THR L 164 -76.53 28.66 6.65
N VAL L 165 -77.12 28.97 5.51
CA VAL L 165 -76.44 29.73 4.48
C VAL L 165 -76.19 31.16 4.96
N PRO L 166 -74.96 31.71 4.77
CA PRO L 166 -74.65 33.04 5.27
C PRO L 166 -75.57 34.11 4.70
N VAL L 167 -75.71 35.19 5.43
CA VAL L 167 -76.59 36.25 5.03
C VAL L 167 -75.82 37.56 4.92
N SER L 168 -74.60 37.56 5.42
CA SER L 168 -73.78 38.75 5.33
C SER L 168 -72.43 38.42 4.79
N VAL L 169 -71.78 39.41 4.18
CA VAL L 169 -70.38 39.25 3.82
C VAL L 169 -69.58 38.96 5.09
N ASN L 170 -69.95 39.59 6.20
CA ASN L 170 -69.27 39.36 7.46
C ASN L 170 -69.25 37.88 7.81
N GLN L 171 -70.41 37.24 7.76
CA GLN L 171 -70.46 35.82 7.99
C GLN L 171 -69.63 35.04 7.00
N LEU L 172 -69.86 35.34 5.73
CA LEU L 172 -69.21 34.61 4.66
C LEU L 172 -67.68 34.68 4.79
N SER L 173 -67.16 35.81 5.25
CA SER L 173 -65.71 36.03 5.29
C SER L 173 -64.98 34.99 6.14
N ASN L 174 -65.73 34.25 6.95
CA ASN L 174 -65.15 33.24 7.85
C ASN L 174 -64.97 31.81 7.29
N LEU L 175 -65.57 31.55 6.14
CA LEU L 175 -65.58 30.23 5.53
C LEU L 175 -64.21 29.86 5.00
N ARG L 176 -63.85 28.59 5.11
CA ARG L 176 -62.69 28.08 4.39
C ARG L 176 -62.83 28.45 2.92
N GLY L 177 -61.78 29.01 2.36
CA GLY L 177 -61.72 29.29 0.93
C GLY L 177 -62.40 30.58 0.51
N TYR L 178 -62.68 31.44 1.47
CA TYR L 178 -63.26 32.73 1.19
C TYR L 178 -62.33 33.57 0.34
N VAL L 179 -62.86 34.07 -0.76
CA VAL L 179 -62.12 34.98 -1.64
C VAL L 179 -63.10 36.07 -2.00
N SER L 180 -62.62 37.20 -2.52
CA SER L 180 -63.50 38.34 -2.75
C SER L 180 -62.88 39.29 -3.76
N GLY L 181 -63.70 39.91 -4.59
CA GLY L 181 -63.13 40.88 -5.50
C GLY L 181 -64.12 41.73 -6.23
N GLN L 182 -63.64 42.77 -6.90
CA GLN L 182 -64.47 43.58 -7.77
C GLN L 182 -65.06 42.67 -8.84
N VAL L 183 -66.30 42.93 -9.26
CA VAL L 183 -66.95 42.05 -10.21
C VAL L 183 -66.27 42.17 -11.55
N TRP L 184 -65.38 43.16 -11.69
CA TRP L 184 -64.60 43.32 -12.92
C TRP L 184 -63.14 42.89 -12.79
N SER L 185 -62.74 42.42 -11.60
CA SER L 185 -61.43 41.84 -11.39
C SER L 185 -61.50 40.33 -11.53
N GLY L 186 -60.35 39.65 -11.58
CA GLY L 186 -60.35 38.21 -11.56
C GLY L 186 -59.80 37.55 -12.80
N SER L 187 -59.40 38.38 -13.77
CA SER L 187 -58.87 37.96 -15.06
C SER L 187 -57.75 36.93 -14.95
N ALA L 188 -56.90 37.10 -13.94
CA ALA L 188 -55.73 36.24 -13.80
C ALA L 188 -56.07 34.79 -13.51
N GLY L 189 -57.33 34.51 -13.24
CA GLY L 189 -57.72 33.14 -12.97
C GLY L 189 -57.78 32.31 -14.23
N LEU L 190 -57.71 32.99 -15.38
CA LEU L 190 -57.91 32.30 -16.63
C LEU L 190 -56.93 31.15 -16.76
N CYS L 191 -55.71 31.39 -16.32
CA CYS L 191 -54.66 30.40 -16.45
C CYS L 191 -55.00 29.13 -15.69
N PHE L 192 -55.82 29.23 -14.65
CA PHE L 192 -56.27 28.03 -13.95
C PHE L 192 -57.20 27.24 -14.82
N ILE L 193 -57.94 27.93 -15.64
CA ILE L 193 -59.01 27.27 -16.34
C ILE L 193 -58.46 26.44 -17.48
N ASN L 194 -57.49 26.95 -18.22
CA ASN L 194 -56.98 26.10 -19.28
C ASN L 194 -55.66 25.43 -18.86
N GLY L 195 -55.40 25.45 -17.57
CA GLY L 195 -54.26 24.77 -16.97
C GLY L 195 -52.87 25.19 -17.47
N THR L 196 -52.71 26.46 -17.80
CA THR L 196 -51.42 26.92 -18.33
C THR L 196 -50.49 27.42 -17.22
N ARG L 197 -49.33 27.93 -17.62
CA ARG L 197 -48.35 28.42 -16.66
C ARG L 197 -48.99 29.55 -15.88
N CYS L 198 -49.12 29.32 -14.59
CA CYS L 198 -49.67 30.34 -13.72
C CYS L 198 -48.58 31.12 -13.01
N SER L 199 -48.67 32.44 -13.10
CA SER L 199 -47.69 33.32 -12.52
C SER L 199 -48.36 34.31 -11.58
N ASP L 200 -48.80 35.41 -12.16
CA ASP L 200 -49.40 36.52 -11.42
C ASP L 200 -50.86 36.26 -11.11
N THR L 201 -51.06 35.32 -10.21
CA THR L 201 -52.39 34.86 -9.88
C THR L 201 -52.90 35.43 -8.57
N SER L 202 -52.28 36.48 -8.05
CA SER L 202 -52.68 37.02 -6.74
C SER L 202 -54.07 37.64 -6.78
N THR L 203 -54.43 38.18 -7.94
CA THR L 203 -55.72 38.83 -8.06
C THR L 203 -56.83 37.87 -8.46
N ALA L 204 -56.48 36.60 -8.65
CA ALA L 204 -57.44 35.61 -9.07
C ALA L 204 -58.51 35.47 -8.02
N ILE L 205 -59.76 35.58 -8.45
CA ILE L 205 -60.89 35.29 -7.59
C ILE L 205 -61.22 33.80 -7.81
N SER L 206 -60.36 32.94 -7.29
CA SER L 206 -60.43 31.50 -7.52
C SER L 206 -60.31 30.79 -6.21
N THR L 207 -61.05 29.73 -6.01
CA THR L 207 -60.95 29.09 -4.71
C THR L 207 -61.11 27.57 -4.85
N THR L 208 -60.53 26.83 -3.90
CA THR L 208 -60.49 25.37 -4.02
C THR L 208 -61.04 24.61 -2.82
N LEU L 209 -61.59 23.45 -3.12
CA LEU L 209 -62.20 22.58 -2.14
C LEU L 209 -61.16 21.84 -1.31
N ASP L 210 -61.41 21.73 0.00
CA ASP L 210 -60.55 20.94 0.87
C ASP L 210 -60.86 19.46 0.74
N VAL L 211 -60.33 18.83 -0.30
CA VAL L 211 -60.59 17.42 -0.54
C VAL L 211 -60.05 16.58 0.61
N SER L 212 -58.96 17.04 1.21
CA SER L 212 -58.33 16.38 2.34
C SER L 212 -59.22 16.30 3.59
N LYS L 213 -60.25 17.13 3.69
CA LYS L 213 -61.00 17.22 4.94
C LYS L 213 -62.46 16.82 4.78
N LEU L 214 -62.81 16.23 3.64
CA LEU L 214 -64.19 15.85 3.44
C LEU L 214 -64.52 14.70 4.40
N GLY L 215 -65.81 14.51 4.68
CA GLY L 215 -66.26 13.47 5.58
C GLY L 215 -65.75 12.09 5.21
N LYS L 216 -65.93 11.72 3.94
CA LYS L 216 -65.38 10.48 3.40
C LYS L 216 -64.74 10.75 2.04
N LYS L 217 -64.27 9.68 1.39
CA LYS L 217 -63.61 9.85 0.10
C LYS L 217 -64.51 9.61 -1.10
N TRP L 218 -65.24 8.51 -1.09
CA TRP L 218 -66.08 8.17 -2.23
C TRP L 218 -67.52 8.50 -1.97
N TYR L 219 -68.03 9.47 -2.71
CA TYR L 219 -69.42 9.88 -2.57
C TYR L 219 -70.28 9.27 -3.64
N PRO L 220 -71.56 8.98 -3.31
CA PRO L 220 -72.52 8.50 -4.31
C PRO L 220 -72.99 9.63 -5.24
N TYR L 221 -73.16 9.34 -6.54
CA TYR L 221 -73.71 10.30 -7.49
C TYR L 221 -75.16 10.58 -7.14
N LYS L 222 -75.54 11.85 -6.90
CA LYS L 222 -76.93 12.17 -6.56
C LYS L 222 -77.43 13.31 -7.41
N THR L 223 -78.74 13.40 -7.63
CA THR L 223 -79.30 14.56 -8.32
C THR L 223 -79.84 15.59 -7.32
N SER L 224 -80.22 16.76 -7.84
CA SER L 224 -80.84 17.79 -7.03
C SER L 224 -82.08 17.24 -6.37
N ALA L 225 -82.83 16.47 -7.17
CA ALA L 225 -84.02 15.76 -6.74
C ALA L 225 -83.73 14.84 -5.55
N ASP L 226 -82.64 14.07 -5.64
CA ASP L 226 -82.23 13.19 -4.55
C ASP L 226 -81.95 14.01 -3.29
N TYR L 227 -81.27 15.14 -3.45
CA TYR L 227 -80.94 16.01 -2.33
C TYR L 227 -82.16 16.58 -1.64
N ALA L 228 -83.08 17.12 -2.43
CA ALA L 228 -84.29 17.77 -1.92
C ALA L 228 -85.10 16.83 -1.03
N THR L 229 -85.32 15.60 -1.51
CA THR L 229 -86.08 14.62 -0.76
C THR L 229 -85.41 14.29 0.58
N ALA L 230 -84.09 14.12 0.55
CA ALA L 230 -83.34 13.78 1.76
C ALA L 230 -83.45 14.87 2.83
N VAL L 231 -83.30 16.14 2.46
CA VAL L 231 -83.40 17.23 3.42
C VAL L 231 -84.86 17.47 3.78
N GLY L 232 -85.78 17.00 2.94
CA GLY L 232 -87.19 17.04 3.27
C GLY L 232 -87.53 16.13 4.46
N VAL L 233 -86.76 15.04 4.59
CA VAL L 233 -86.88 14.08 5.69
C VAL L 233 -86.09 14.51 6.94
N ASP L 234 -84.81 14.79 6.73
CA ASP L 234 -83.87 15.29 7.75
C ASP L 234 -82.64 15.78 7.04
N VAL L 235 -82.29 17.04 7.27
CA VAL L 235 -81.20 17.65 6.53
C VAL L 235 -79.88 16.89 6.64
N ASN L 236 -79.69 16.17 7.74
CA ASN L 236 -78.42 15.50 8.02
C ASN L 236 -78.17 14.25 7.17
N ILE L 237 -79.24 13.72 6.57
CA ILE L 237 -79.16 12.61 5.65
C ILE L 237 -78.33 13.00 4.44
N ALA L 238 -78.27 14.30 4.18
CA ALA L 238 -77.58 14.83 3.01
C ALA L 238 -76.07 14.72 3.15
N THR L 239 -75.57 14.75 4.39
CA THR L 239 -74.12 14.76 4.63
C THR L 239 -73.35 13.56 4.07
N PRO L 240 -73.90 12.33 4.12
CA PRO L 240 -73.11 11.35 3.37
C PRO L 240 -73.32 11.43 1.86
N LEU L 241 -74.11 12.39 1.39
CA LEU L 241 -74.47 12.46 -0.01
C LEU L 241 -73.71 13.53 -0.77
N VAL L 242 -73.45 14.65 -0.10
CA VAL L 242 -72.78 15.81 -0.68
C VAL L 242 -71.57 16.21 0.11
N PRO L 243 -70.40 16.36 -0.55
CA PRO L 243 -69.13 16.70 0.12
C PRO L 243 -69.04 18.13 0.70
N ALA L 244 -69.65 19.11 0.03
CA ALA L 244 -69.65 20.49 0.49
C ALA L 244 -70.62 21.30 -0.35
N ARG L 245 -70.89 22.53 0.05
CA ARG L 245 -71.66 23.42 -0.81
C ARG L 245 -70.89 24.72 -1.02
N LEU L 246 -70.90 25.24 -2.24
CA LEU L 246 -70.21 26.47 -2.54
C LEU L 246 -71.16 27.62 -2.30
N VAL L 247 -70.73 28.60 -1.52
CA VAL L 247 -71.57 29.73 -1.22
C VAL L 247 -71.14 30.95 -2.00
N ILE L 248 -72.10 31.64 -2.60
CA ILE L 248 -71.84 32.80 -3.43
C ILE L 248 -72.68 34.00 -3.02
N ALA L 249 -72.04 35.15 -2.78
CA ALA L 249 -72.77 36.38 -2.53
C ALA L 249 -72.36 37.51 -3.49
N LEU L 250 -73.37 38.21 -4.02
CA LEU L 250 -73.13 39.37 -4.84
C LEU L 250 -73.85 40.60 -4.33
N LEU L 251 -73.11 41.71 -4.26
CA LEU L 251 -73.63 42.97 -3.75
C LEU L 251 -72.79 44.11 -4.25
N ASP L 252 -73.12 45.32 -3.80
CA ASP L 252 -72.41 46.58 -4.13
C ASP L 252 -72.55 47.06 -5.57
N GLY L 253 -73.55 46.53 -6.27
CA GLY L 253 -73.88 46.95 -7.63
C GLY L 253 -74.68 48.25 -7.61
N SER L 254 -74.92 48.82 -8.78
CA SER L 254 -75.54 50.12 -8.83
C SER L 254 -77.01 50.07 -9.17
N SER L 255 -77.47 48.91 -9.59
CA SER L 255 -78.85 48.76 -9.98
C SER L 255 -79.53 47.67 -9.19
N SER L 256 -80.85 47.72 -9.11
CA SER L 256 -81.59 46.67 -8.44
C SER L 256 -81.81 45.57 -9.46
N THR L 257 -81.63 45.93 -10.73
CA THR L 257 -81.75 44.98 -11.82
C THR L 257 -80.33 44.47 -12.09
N ALA L 258 -80.15 43.16 -12.08
CA ALA L 258 -78.82 42.60 -12.20
C ALA L 258 -78.14 42.97 -13.50
N VAL L 259 -76.91 43.48 -13.38
CA VAL L 259 -76.05 43.79 -14.52
C VAL L 259 -75.13 42.64 -14.76
N ALA L 260 -74.94 42.28 -16.01
CA ALA L 260 -74.06 41.15 -16.32
C ALA L 260 -72.66 41.42 -15.78
N ALA L 261 -72.21 40.53 -14.91
CA ALA L 261 -70.97 40.73 -14.19
C ALA L 261 -69.83 39.87 -14.70
N GLY L 262 -69.97 38.55 -14.56
CA GLY L 262 -68.97 37.61 -15.02
C GLY L 262 -69.53 36.20 -15.02
N ARG L 263 -68.64 35.20 -14.92
CA ARG L 263 -69.02 33.79 -14.88
C ARG L 263 -68.14 33.01 -13.90
N ILE L 264 -68.67 31.95 -13.30
CA ILE L 264 -67.84 31.06 -12.51
C ILE L 264 -67.56 29.75 -13.26
N TYR L 265 -66.29 29.43 -13.45
CA TYR L 265 -65.94 28.19 -14.10
C TYR L 265 -65.48 27.21 -13.06
N CYS L 266 -65.67 25.92 -13.32
CA CYS L 266 -65.20 24.91 -12.38
C CYS L 266 -64.12 24.06 -13.00
N THR L 267 -62.98 23.96 -12.35
CA THR L 267 -61.89 23.11 -12.81
C THR L 267 -61.65 22.02 -11.78
N TYR L 268 -61.94 20.79 -12.20
CA TYR L 268 -61.98 19.66 -11.28
C TYR L 268 -61.14 18.53 -11.80
N THR L 269 -60.63 17.74 -10.87
CA THR L 269 -60.10 16.44 -11.19
C THR L 269 -60.89 15.45 -10.34
N ILE L 270 -61.65 14.62 -11.04
CA ILE L 270 -62.56 13.69 -10.41
C ILE L 270 -62.19 12.23 -10.75
N GLN L 271 -62.25 11.37 -9.74
CA GLN L 271 -62.09 9.94 -9.93
C GLN L 271 -63.45 9.27 -10.01
N MET L 272 -63.75 8.63 -11.14
CA MET L 272 -65.05 7.99 -11.31
C MET L 272 -64.92 6.48 -11.31
N ILE L 273 -65.72 5.81 -10.48
CA ILE L 273 -65.66 4.37 -10.34
C ILE L 273 -67.04 3.71 -10.43
N GLU L 274 -67.04 2.40 -10.70
CA GLU L 274 -68.24 1.54 -10.64
C GLU L 274 -69.36 1.96 -11.56
N PRO L 275 -69.23 1.65 -12.85
CA PRO L 275 -70.22 2.00 -13.87
C PRO L 275 -71.64 1.53 -13.57
N THR L 276 -72.61 2.16 -14.24
CA THR L 276 -74.02 1.85 -14.04
C THR L 276 -74.78 2.13 -15.32
N ALA L 277 -75.80 1.32 -15.60
CA ALA L 277 -76.64 1.53 -16.78
C ALA L 277 -78.09 1.82 -16.39
N GLY M 86 -48.42 22.02 26.80
CA GLY M 86 -48.09 23.43 26.66
C GLY M 86 -49.17 24.40 27.14
N GLY M 87 -50.39 24.22 26.62
CA GLY M 87 -51.52 25.07 27.01
C GLY M 87 -51.92 26.06 25.91
N ILE M 88 -51.09 26.11 24.87
CA ILE M 88 -51.26 27.01 23.73
C ILE M 88 -52.15 26.43 22.63
N THR M 89 -53.28 27.08 22.39
CA THR M 89 -54.10 26.77 21.23
C THR M 89 -53.81 27.75 20.10
N VAL M 90 -53.23 27.28 19.00
CA VAL M 90 -52.86 28.17 17.90
C VAL M 90 -53.87 28.21 16.78
N LEU M 91 -54.27 29.42 16.40
CA LEU M 91 -55.29 29.66 15.39
C LEU M 91 -54.83 30.57 14.26
N THR M 92 -55.04 30.16 13.02
CA THR M 92 -54.77 31.02 11.87
C THR M 92 -56.04 31.22 11.05
N HIS M 93 -56.38 32.50 10.84
CA HIS M 93 -57.67 32.85 10.26
C HIS M 93 -57.76 34.25 9.63
N SER M 94 -58.68 34.36 8.67
CA SER M 94 -59.04 35.64 8.07
C SER M 94 -60.52 35.91 8.27
N GLU M 95 -60.86 37.14 8.64
CA GLU M 95 -62.27 37.52 8.70
C GLU M 95 -62.41 39.00 8.38
N LEU M 96 -63.63 39.41 8.02
CA LEU M 96 -63.93 40.81 7.73
C LEU M 96 -63.69 41.60 8.98
N SER M 97 -63.01 42.74 8.85
CA SER M 97 -62.66 43.53 10.02
C SER M 97 -63.23 44.96 10.00
N ALA M 98 -63.56 45.46 8.80
CA ALA M 98 -64.04 46.82 8.62
C ALA M 98 -64.61 47.00 7.22
N GLU M 99 -65.70 47.74 7.08
CA GLU M 99 -66.28 48.00 5.77
C GLU M 99 -65.83 49.42 5.45
N ILE M 100 -65.46 49.73 4.21
CA ILE M 100 -64.83 51.03 4.00
C ILE M 100 -65.55 51.91 2.98
N GLY M 101 -65.79 53.17 3.36
CA GLY M 101 -66.39 54.13 2.47
C GLY M 101 -65.65 55.45 2.36
N VAL M 102 -65.70 56.03 1.17
CA VAL M 102 -64.90 57.20 0.90
C VAL M 102 -65.74 58.46 0.60
N THR M 103 -65.26 59.59 1.15
CA THR M 103 -65.82 60.91 0.91
C THR M 103 -64.72 61.87 0.50
N ASP M 104 -65.10 63.11 0.28
CA ASP M 104 -64.21 64.14 -0.22
C ASP M 104 -63.43 64.86 0.86
N SER M 105 -63.64 64.44 2.11
CA SER M 105 -62.92 65.02 3.22
C SER M 105 -62.19 63.95 4.00
N ILE M 106 -61.05 64.26 4.58
CA ILE M 106 -60.32 63.23 5.31
C ILE M 106 -61.18 62.77 6.50
N VAL M 107 -61.32 61.46 6.62
CA VAL M 107 -62.04 60.87 7.73
C VAL M 107 -61.09 59.87 8.35
N VAL M 108 -60.68 60.12 9.59
CA VAL M 108 -59.70 59.25 10.21
C VAL M 108 -60.39 58.41 11.27
N SER M 109 -60.37 57.09 11.09
CA SER M 109 -60.92 56.15 12.06
C SER M 109 -59.83 55.22 12.56
N SER M 110 -60.10 54.45 13.60
CA SER M 110 -59.08 53.53 14.08
C SER M 110 -59.64 52.28 14.73
N GLU M 111 -58.80 51.26 14.89
CA GLU M 111 -59.24 49.99 15.46
C GLU M 111 -58.23 49.39 16.42
N LEU M 112 -58.68 48.92 17.58
CA LEU M 112 -57.73 48.27 18.47
C LEU M 112 -57.30 46.91 17.92
N VAL M 113 -55.99 46.67 17.86
CA VAL M 113 -55.47 45.39 17.38
C VAL M 113 -55.45 44.42 18.55
N MET M 114 -56.64 43.99 18.94
CA MET M 114 -56.83 43.04 20.05
C MET M 114 -58.08 42.23 19.68
N PRO M 115 -58.13 40.95 20.10
CA PRO M 115 -59.11 40.02 19.55
C PRO M 115 -60.53 40.55 19.47
N TYR M 116 -61.01 41.20 20.53
CA TYR M 116 -62.38 41.70 20.63
C TYR M 116 -62.86 42.63 19.48
N THR M 117 -61.94 43.43 18.94
CA THR M 117 -62.29 44.50 18.02
C THR M 117 -61.80 44.22 16.61
N VAL M 118 -61.17 43.06 16.44
CA VAL M 118 -60.61 42.68 15.16
C VAL M 118 -61.69 42.07 14.26
N GLY M 119 -62.65 41.38 14.85
CA GLY M 119 -63.70 40.73 14.08
C GLY M 119 -64.69 40.05 14.97
N THR M 120 -65.91 39.87 14.47
CA THR M 120 -67.02 39.35 15.27
C THR M 120 -66.75 37.91 15.69
N TRP M 121 -66.11 37.16 14.79
CA TRP M 121 -65.84 35.74 15.04
C TRP M 121 -64.80 35.51 16.11
N LEU M 122 -63.61 36.05 15.89
CA LEU M 122 -62.51 35.88 16.83
C LEU M 122 -62.87 36.37 18.21
N ARG M 123 -63.68 37.44 18.27
CA ARG M 123 -64.10 38.02 19.55
C ARG M 123 -64.71 36.98 20.45
N GLY M 124 -65.67 36.21 19.89
CA GLY M 124 -66.35 35.14 20.60
C GLY M 124 -65.41 33.96 20.89
N VAL M 125 -64.61 33.59 19.90
CA VAL M 125 -63.66 32.49 20.07
C VAL M 125 -62.62 32.76 21.14
N ALA M 126 -61.91 33.89 21.04
CA ALA M 126 -60.75 34.18 21.92
C ALA M 126 -61.16 34.50 23.36
N ALA M 127 -62.44 34.82 23.54
CA ALA M 127 -62.99 35.14 24.83
C ALA M 127 -62.89 33.98 25.79
N ASN M 128 -62.83 32.78 25.24
CA ASN M 128 -62.75 31.58 26.06
C ASN M 128 -61.38 31.40 26.65
N TRP M 129 -60.46 32.29 26.28
CA TRP M 129 -59.13 32.26 26.87
C TRP M 129 -58.90 33.58 27.61
N SER M 130 -58.04 33.59 28.62
CA SER M 130 -57.87 34.78 29.46
C SER M 130 -56.83 35.69 28.84
N LYS M 131 -55.83 35.06 28.22
CA LYS M 131 -54.66 35.71 27.63
C LYS M 131 -54.42 35.26 26.18
N TYR M 132 -53.72 36.08 25.40
CA TYR M 132 -53.36 35.76 24.02
C TYR M 132 -51.97 36.31 23.60
N SER M 133 -51.51 35.91 22.42
CA SER M 133 -50.30 36.47 21.81
C SER M 133 -50.44 36.56 20.29
N TRP M 134 -50.14 37.72 19.72
CA TRP M 134 -50.12 37.82 18.25
C TRP M 134 -48.80 37.22 17.69
N LEU M 135 -48.91 36.21 16.84
CA LEU M 135 -47.73 35.70 16.14
C LEU M 135 -47.64 36.42 14.83
N SER M 136 -48.80 36.77 14.28
CA SER M 136 -48.81 37.61 13.10
C SER M 136 -50.17 38.29 12.94
N VAL M 137 -50.16 39.57 12.59
CA VAL M 137 -51.40 40.27 12.28
C VAL M 137 -51.29 41.11 11.01
N ARG M 138 -52.17 40.84 10.06
CA ARG M 138 -52.21 41.57 8.80
C ARG M 138 -53.61 42.13 8.43
N TYR M 139 -53.64 43.43 8.14
CA TYR M 139 -54.86 44.09 7.66
C TYR M 139 -54.71 44.27 6.16
N THR M 140 -55.66 43.74 5.40
CA THR M 140 -55.56 43.80 3.96
C THR M 140 -56.82 44.46 3.46
N TYR M 141 -56.65 45.51 2.66
CA TYR M 141 -57.78 46.18 2.04
C TYR M 141 -58.04 45.59 0.68
N ILE M 142 -59.26 45.10 0.50
CA ILE M 142 -59.73 44.57 -0.77
C ILE M 142 -60.86 45.47 -1.25
N PRO M 143 -60.76 46.01 -2.50
CA PRO M 143 -61.74 46.95 -3.07
C PRO M 143 -63.05 46.32 -3.53
N SER M 144 -64.09 47.14 -3.66
CA SER M 144 -65.35 46.66 -4.24
C SER M 144 -65.96 47.73 -5.15
N CYS M 145 -65.16 48.67 -5.63
CA CYS M 145 -65.72 49.79 -6.38
C CYS M 145 -65.24 49.84 -7.80
N PRO M 146 -65.94 50.61 -8.65
CA PRO M 146 -65.48 50.81 -10.03
C PRO M 146 -64.09 51.46 -10.12
N SER M 147 -63.43 51.26 -11.26
CA SER M 147 -62.11 51.80 -11.51
C SER M 147 -62.15 53.32 -11.62
N SER M 148 -63.36 53.85 -11.69
CA SER M 148 -63.57 55.27 -11.82
C SER M 148 -63.92 55.94 -10.50
N THR M 149 -63.85 55.19 -9.41
CA THR M 149 -64.16 55.75 -8.11
C THR M 149 -63.04 56.64 -7.59
N ALA M 150 -63.35 57.90 -7.31
CA ALA M 150 -62.37 58.80 -6.72
C ALA M 150 -62.21 58.48 -5.24
N GLY M 151 -60.97 58.62 -4.75
CA GLY M 151 -60.62 58.34 -3.37
C GLY M 151 -59.35 57.54 -3.17
N SER M 152 -58.75 57.68 -1.99
CA SER M 152 -57.61 56.86 -1.61
C SER M 152 -57.73 56.46 -0.14
N ILE M 153 -57.09 55.35 0.22
CA ILE M 153 -57.08 54.81 1.58
C ILE M 153 -55.65 54.72 2.12
N HIS M 154 -55.49 55.01 3.42
CA HIS M 154 -54.19 55.02 4.10
C HIS M 154 -54.29 54.28 5.42
N MET M 155 -53.31 53.43 5.71
CA MET M 155 -53.31 52.64 6.94
C MET M 155 -51.96 52.63 7.62
N GLY M 156 -51.96 52.62 8.94
CA GLY M 156 -50.73 52.55 9.72
C GLY M 156 -50.98 52.16 11.15
N PHE M 157 -49.91 51.84 11.86
CA PHE M 157 -50.00 51.39 13.23
C PHE M 157 -49.49 52.42 14.22
N GLN M 158 -50.20 52.53 15.33
CA GLN M 158 -49.67 53.24 16.49
C GLN M 158 -49.43 52.18 17.55
N TYR M 159 -48.32 52.26 18.25
CA TYR M 159 -48.04 51.18 19.19
C TYR M 159 -48.07 51.68 20.65
N ASP M 160 -48.41 52.96 20.83
CA ASP M 160 -48.53 53.61 22.13
C ASP M 160 -49.91 54.19 22.29
N MET M 161 -50.64 53.71 23.29
CA MET M 161 -52.04 54.09 23.37
C MET M 161 -52.27 55.59 23.60
N ALA M 162 -51.29 56.27 24.17
CA ALA M 162 -51.45 57.68 24.51
C ALA M 162 -51.27 58.64 23.33
N ASP M 163 -50.62 58.16 22.27
CA ASP M 163 -50.44 58.97 21.07
C ASP M 163 -51.77 59.46 20.59
N THR M 164 -51.86 60.73 20.21
CA THR M 164 -53.09 61.27 19.60
C THR M 164 -53.22 60.71 18.19
N VAL M 165 -54.43 60.39 17.78
CA VAL M 165 -54.69 59.87 16.45
C VAL M 165 -54.34 60.88 15.36
N PRO M 166 -53.71 60.41 14.27
CA PRO M 166 -53.31 61.30 13.19
C PRO M 166 -54.48 62.05 12.58
N VAL M 167 -54.20 63.22 12.01
CA VAL M 167 -55.25 64.03 11.40
C VAL M 167 -54.94 64.30 9.94
N SER M 168 -53.71 64.04 9.51
CA SER M 168 -53.42 64.27 8.10
C SER M 168 -52.69 63.10 7.49
N VAL M 169 -52.81 62.96 6.17
CA VAL M 169 -52.06 61.96 5.43
C VAL M 169 -50.56 62.14 5.70
N ASN M 170 -50.12 63.39 5.83
CA ASN M 170 -48.72 63.67 6.14
C ASN M 170 -48.22 62.99 7.41
N GLN M 171 -48.97 63.15 8.50
CA GLN M 171 -48.65 62.50 9.76
C GLN M 171 -48.67 60.99 9.61
N LEU M 172 -49.78 60.50 9.07
CA LEU M 172 -50.03 59.09 8.94
C LEU M 172 -48.92 58.41 8.10
N SER M 173 -48.42 59.11 7.09
CA SER M 173 -47.42 58.54 6.20
C SER M 173 -46.16 58.12 6.95
N ASN M 174 -45.99 58.63 8.18
CA ASN M 174 -44.80 58.31 8.95
C ASN M 174 -44.89 57.03 9.79
N LEU M 175 -46.10 56.50 9.94
CA LEU M 175 -46.33 55.34 10.78
C LEU M 175 -45.70 54.06 10.25
N ARG M 176 -45.24 53.18 11.15
CA ARG M 176 -44.82 51.83 10.79
C ARG M 176 -45.90 51.10 10.02
N GLY M 177 -45.53 50.57 8.86
CA GLY M 177 -46.46 49.76 8.10
C GLY M 177 -47.45 50.58 7.34
N TYR M 178 -47.15 51.86 7.15
CA TYR M 178 -48.00 52.74 6.37
C TYR M 178 -48.12 52.22 4.94
N VAL M 179 -49.36 52.08 4.50
CA VAL M 179 -49.66 51.70 3.14
C VAL M 179 -50.70 52.67 2.61
N SER M 180 -50.78 52.78 1.29
CA SER M 180 -51.61 53.81 0.68
C SER M 180 -51.94 53.43 -0.74
N GLY M 181 -53.16 53.74 -1.16
CA GLY M 181 -53.50 53.47 -2.55
C GLY M 181 -54.81 54.03 -2.99
N GLN M 182 -55.08 53.97 -4.30
CA GLN M 182 -56.40 54.29 -4.84
C GLN M 182 -57.38 53.43 -4.14
N VAL M 183 -58.55 53.99 -3.95
CA VAL M 183 -59.58 53.31 -3.20
C VAL M 183 -60.13 52.14 -4.03
N TRP M 184 -59.77 52.09 -5.33
CA TRP M 184 -60.18 51.01 -6.24
C TRP M 184 -59.04 50.03 -6.57
N SER M 185 -57.87 50.29 -6.00
CA SER M 185 -56.73 49.41 -6.12
C SER M 185 -56.75 48.41 -4.97
N GLY M 186 -55.87 47.40 -5.00
CA GLY M 186 -55.72 46.51 -3.87
C GLY M 186 -56.09 45.07 -4.14
N SER M 187 -56.55 44.80 -5.35
CA SER M 187 -56.96 43.45 -5.73
C SER M 187 -55.88 42.43 -5.39
N ALA M 188 -54.62 42.82 -5.60
CA ALA M 188 -53.51 41.89 -5.43
C ALA M 188 -53.27 41.42 -3.99
N GLY M 189 -53.97 42.01 -3.03
CA GLY M 189 -53.81 41.56 -1.66
C GLY M 189 -54.61 40.30 -1.32
N LEU M 190 -55.49 39.87 -2.22
CA LEU M 190 -56.41 38.77 -1.94
C LEU M 190 -55.70 37.49 -1.54
N CYS M 191 -54.55 37.23 -2.15
CA CYS M 191 -53.81 36.00 -1.89
C CYS M 191 -53.36 35.85 -0.42
N PHE M 192 -53.16 36.97 0.27
CA PHE M 192 -52.82 36.97 1.69
C PHE M 192 -53.96 36.41 2.51
N ILE M 193 -55.16 36.62 2.04
CA ILE M 193 -56.33 36.31 2.84
C ILE M 193 -56.66 34.81 2.82
N ASN M 194 -56.54 34.15 1.67
CA ASN M 194 -56.82 32.70 1.60
C ASN M 194 -55.54 31.87 1.71
N GLY M 195 -54.44 32.57 2.01
CA GLY M 195 -53.14 31.96 2.25
C GLY M 195 -52.52 31.18 1.12
N THR M 196 -52.79 31.60 -0.10
CA THR M 196 -52.28 30.87 -1.26
C THR M 196 -50.95 31.48 -1.74
N ARG M 197 -50.45 30.97 -2.86
CA ARG M 197 -49.20 31.47 -3.46
C ARG M 197 -49.33 32.94 -3.84
N CYS M 198 -48.53 33.75 -3.16
CA CYS M 198 -48.55 35.18 -3.36
C CYS M 198 -47.45 35.45 -4.35
N SER M 199 -47.74 36.26 -5.33
CA SER M 199 -46.79 36.49 -6.40
C SER M 199 -46.50 37.98 -6.57
N ASP M 200 -47.34 38.58 -7.41
CA ASP M 200 -47.29 39.99 -7.76
C ASP M 200 -48.04 40.85 -6.73
N THR M 201 -47.50 40.96 -5.53
CA THR M 201 -48.24 41.62 -4.49
C THR M 201 -47.77 43.06 -4.27
N SER M 202 -47.04 43.63 -5.22
CA SER M 202 -46.52 44.98 -5.00
C SER M 202 -47.65 46.01 -4.85
N THR M 203 -48.80 45.76 -5.49
CA THR M 203 -49.92 46.70 -5.46
C THR M 203 -50.84 46.49 -4.26
N ALA M 204 -50.54 45.49 -3.45
CA ALA M 204 -51.39 45.16 -2.33
C ALA M 204 -51.45 46.28 -1.28
N ILE M 205 -52.66 46.68 -0.92
CA ILE M 205 -52.81 47.63 0.18
C ILE M 205 -52.95 46.83 1.49
N SER M 206 -51.83 46.20 1.87
CA SER M 206 -51.82 45.30 3.02
C SER M 206 -50.64 45.62 3.94
N THR M 207 -50.88 45.50 5.24
CA THR M 207 -49.88 45.85 6.23
C THR M 207 -49.88 44.96 7.48
N THR M 208 -48.74 44.85 8.14
CA THR M 208 -48.57 43.88 9.20
C THR M 208 -48.09 44.50 10.50
N LEU M 209 -48.45 43.87 11.61
CA LEU M 209 -48.08 44.33 12.95
C LEU M 209 -46.62 43.96 13.28
N ASP M 210 -45.88 44.85 13.93
CA ASP M 210 -44.55 44.44 14.39
C ASP M 210 -44.68 43.61 15.66
N VAL M 211 -44.92 42.31 15.55
CA VAL M 211 -45.13 41.52 16.76
C VAL M 211 -43.92 41.51 17.65
N SER M 212 -42.73 41.57 17.07
CA SER M 212 -41.47 41.59 17.83
C SER M 212 -41.23 42.84 18.69
N LYS M 213 -41.96 43.92 18.43
CA LYS M 213 -41.66 45.23 18.99
C LYS M 213 -42.72 45.65 19.98
N LEU M 214 -43.57 44.70 20.33
CA LEU M 214 -44.65 44.96 21.27
C LEU M 214 -44.10 45.09 22.69
N GLY M 215 -44.86 45.77 23.54
CA GLY M 215 -44.50 45.94 24.94
C GLY M 215 -44.27 44.61 25.64
N LYS M 216 -45.25 43.71 25.56
CA LYS M 216 -45.10 42.38 26.12
C LYS M 216 -45.54 41.28 25.16
N LYS M 217 -45.49 40.03 25.59
CA LYS M 217 -45.94 38.95 24.71
C LYS M 217 -47.40 38.50 25.00
N TRP M 218 -47.72 38.34 26.28
CA TRP M 218 -49.02 37.85 26.62
C TRP M 218 -49.88 39.00 27.08
N TYR M 219 -50.93 39.29 26.32
CA TYR M 219 -51.86 40.34 26.67
C TYR M 219 -53.12 39.72 27.22
N PRO M 220 -53.77 40.39 28.17
CA PRO M 220 -55.08 39.90 28.61
C PRO M 220 -56.16 40.15 27.57
N TYR M 221 -57.14 39.27 27.49
CA TYR M 221 -58.30 39.54 26.67
C TYR M 221 -59.00 40.74 27.32
N LYS M 222 -59.23 41.79 26.54
CA LYS M 222 -59.93 42.94 27.06
C LYS M 222 -61.02 43.30 26.08
N THR M 223 -62.10 43.88 26.60
CA THR M 223 -63.19 44.38 25.77
C THR M 223 -63.02 45.85 25.54
N SER M 224 -63.85 46.42 24.68
CA SER M 224 -63.83 47.86 24.47
C SER M 224 -64.16 48.63 25.75
N ALA M 225 -65.16 48.13 26.47
CA ALA M 225 -65.61 48.68 27.74
C ALA M 225 -64.49 48.72 28.79
N ASP M 226 -63.82 47.60 28.97
CA ASP M 226 -62.72 47.54 29.91
C ASP M 226 -61.65 48.55 29.45
N TYR M 227 -61.40 48.62 28.15
CA TYR M 227 -60.45 49.59 27.62
C TYR M 227 -60.85 51.05 27.87
N ALA M 228 -62.10 51.38 27.54
CA ALA M 228 -62.60 52.75 27.70
C ALA M 228 -62.43 53.18 29.16
N THR M 229 -62.78 52.26 30.06
CA THR M 229 -62.66 52.48 31.49
C THR M 229 -61.24 52.79 31.94
N ALA M 230 -60.26 52.07 31.39
CA ALA M 230 -58.87 52.31 31.75
C ALA M 230 -58.41 53.73 31.39
N VAL M 231 -58.77 54.22 30.19
CA VAL M 231 -58.32 55.56 29.79
C VAL M 231 -59.03 56.65 30.56
N GLY M 232 -60.21 56.35 31.10
CA GLY M 232 -60.94 57.31 31.92
C GLY M 232 -60.15 57.60 33.17
N VAL M 233 -59.44 56.58 33.63
CA VAL M 233 -58.60 56.76 34.79
C VAL M 233 -57.27 57.35 34.36
N ASP M 234 -56.63 56.68 33.40
CA ASP M 234 -55.36 57.11 32.81
C ASP M 234 -55.05 56.31 31.56
N VAL M 235 -54.85 57.00 30.45
CA VAL M 235 -54.64 56.36 29.17
C VAL M 235 -53.45 55.37 29.17
N ASN M 236 -52.49 55.60 30.06
CA ASN M 236 -51.28 54.79 30.07
C ASN M 236 -51.54 53.42 30.62
N ILE M 237 -52.63 53.29 31.38
CA ILE M 237 -53.08 52.00 31.89
C ILE M 237 -53.48 51.08 30.73
N ALA M 238 -53.89 51.68 29.62
CA ALA M 238 -54.36 50.91 28.49
C ALA M 238 -53.22 50.22 27.78
N THR M 239 -52.03 50.81 27.82
CA THR M 239 -50.89 50.24 27.07
C THR M 239 -50.54 48.78 27.41
N PRO M 240 -50.58 48.40 28.70
CA PRO M 240 -50.41 46.95 28.87
C PRO M 240 -51.67 46.13 28.53
N LEU M 241 -52.73 46.77 28.07
CA LEU M 241 -53.97 46.06 27.79
C LEU M 241 -54.13 45.80 26.29
N VAL M 242 -53.65 46.72 25.48
CA VAL M 242 -53.78 46.58 24.04
C VAL M 242 -52.43 46.68 23.39
N PRO M 243 -52.13 45.73 22.50
CA PRO M 243 -50.82 45.73 21.83
C PRO M 243 -50.63 46.87 20.83
N ALA M 244 -51.67 47.25 20.12
CA ALA M 244 -51.51 48.30 19.12
C ALA M 244 -52.85 48.81 18.65
N ARG M 245 -52.82 49.93 17.90
CA ARG M 245 -54.01 50.42 17.24
C ARG M 245 -53.70 50.65 15.79
N LEU M 246 -54.65 50.26 14.95
CA LEU M 246 -54.58 50.48 13.52
C LEU M 246 -55.23 51.82 13.23
N VAL M 247 -54.57 52.68 12.48
CA VAL M 247 -55.15 53.98 12.11
C VAL M 247 -55.55 53.99 10.64
N ILE M 248 -56.74 54.53 10.35
CA ILE M 248 -57.26 54.50 8.99
C ILE M 248 -57.68 55.89 8.50
N ALA M 249 -57.24 56.27 7.30
CA ALA M 249 -57.72 57.51 6.69
C ALA M 249 -58.32 57.28 5.30
N LEU M 250 -59.46 57.91 5.06
CA LEU M 250 -60.12 57.93 3.76
C LEU M 250 -60.37 59.38 3.36
N LEU M 251 -60.03 59.72 2.13
CA LEU M 251 -60.20 61.07 1.61
C LEU M 251 -60.18 61.00 0.10
N ASP M 252 -60.14 62.15 -0.56
CA ASP M 252 -59.99 62.22 -2.01
C ASP M 252 -61.17 61.69 -2.83
N GLY M 253 -62.34 61.54 -2.21
CA GLY M 253 -63.54 61.06 -2.88
C GLY M 253 -64.29 62.10 -3.71
N SER M 254 -65.29 61.65 -4.45
CA SER M 254 -66.06 62.53 -5.33
C SER M 254 -67.43 62.88 -4.75
N SER M 255 -67.79 62.27 -3.62
CA SER M 255 -69.10 62.50 -2.98
C SER M 255 -68.93 63.08 -1.58
N SER M 256 -69.93 63.79 -1.08
CA SER M 256 -69.80 64.29 0.29
C SER M 256 -70.28 63.25 1.28
N THR M 257 -71.14 62.34 0.81
CA THR M 257 -71.62 61.21 1.59
C THR M 257 -70.83 59.92 1.24
N ALA M 258 -70.67 59.00 2.20
CA ALA M 258 -69.83 57.83 2.02
C ALA M 258 -70.18 57.00 0.80
N VAL M 259 -69.22 56.75 -0.06
CA VAL M 259 -69.44 55.86 -1.21
C VAL M 259 -68.79 54.54 -0.90
N ALA M 260 -69.47 53.43 -1.16
CA ALA M 260 -68.85 52.13 -0.90
C ALA M 260 -67.56 51.91 -1.71
N ALA M 261 -66.46 51.71 -0.98
CA ALA M 261 -65.12 51.55 -1.55
C ALA M 261 -64.58 50.11 -1.39
N GLY M 262 -64.45 49.66 -0.15
CA GLY M 262 -63.99 48.31 0.05
C GLY M 262 -64.19 47.79 1.46
N ARG M 263 -63.38 46.81 1.80
CA ARG M 263 -63.45 46.16 3.08
C ARG M 263 -62.04 45.88 3.54
N ILE M 264 -61.83 45.92 4.85
CA ILE M 264 -60.55 45.53 5.42
C ILE M 264 -60.72 44.20 6.10
N TYR M 265 -59.90 43.23 5.68
CA TYR M 265 -59.88 41.92 6.33
C TYR M 265 -58.65 41.83 7.19
N CYS M 266 -58.78 41.05 8.27
CA CYS M 266 -57.66 40.77 9.14
C CYS M 266 -57.28 39.32 9.07
N THR M 267 -56.01 39.05 8.80
CA THR M 267 -55.42 37.70 8.76
C THR M 267 -54.40 37.49 9.89
N TYR M 268 -54.72 36.62 10.82
CA TYR M 268 -53.90 36.51 11.99
C TYR M 268 -53.52 35.11 12.38
N THR M 269 -52.40 34.98 13.09
CA THR M 269 -52.07 33.77 13.81
C THR M 269 -51.96 34.14 15.26
N ILE M 270 -52.83 33.59 16.07
CA ILE M 270 -52.90 33.96 17.47
C ILE M 270 -52.56 32.75 18.34
N GLN M 271 -51.83 32.99 19.41
CA GLN M 271 -51.63 32.00 20.45
C GLN M 271 -52.60 32.30 21.59
N MET M 272 -53.49 31.38 21.88
CA MET M 272 -54.41 31.62 22.97
C MET M 272 -54.08 30.68 24.13
N ILE M 273 -53.95 31.23 25.34
CA ILE M 273 -53.59 30.40 26.48
C ILE M 273 -54.49 30.63 27.69
N GLU M 274 -54.52 29.62 28.57
CA GLU M 274 -55.19 29.70 29.87
C GLU M 274 -56.69 30.01 29.82
N PRO M 275 -57.51 28.99 29.51
CA PRO M 275 -58.96 29.11 29.44
C PRO M 275 -59.64 29.71 30.68
N THR M 276 -60.86 30.16 30.44
CA THR M 276 -61.71 30.75 31.46
C THR M 276 -63.14 30.40 31.12
N ALA M 277 -63.97 30.17 32.12
CA ALA M 277 -65.35 29.80 31.83
C ALA M 277 -66.34 30.87 32.31
N SER M 278 -67.62 30.50 32.38
CA SER M 278 -68.66 31.44 32.82
C SER M 278 -69.72 30.76 33.70
N GLY N 86 -18.41 54.15 16.14
CA GLY N 86 -18.37 54.76 14.82
C GLY N 86 -18.81 56.22 14.76
N GLY N 87 -20.01 56.50 15.28
CA GLY N 87 -20.52 57.86 15.30
C GLY N 87 -21.63 58.16 14.31
N ILE N 88 -21.90 57.21 13.42
CA ILE N 88 -22.94 57.38 12.41
C ILE N 88 -24.29 56.85 12.88
N THR N 89 -25.28 57.71 12.96
CA THR N 89 -26.62 57.24 13.27
C THR N 89 -27.34 56.96 11.94
N VAL N 90 -27.61 55.70 11.66
CA VAL N 90 -28.19 55.33 10.37
C VAL N 90 -29.70 55.23 10.45
N LEU N 91 -30.39 55.90 9.52
CA LEU N 91 -31.84 56.01 9.50
C LEU N 91 -32.50 55.64 8.17
N THR N 92 -33.54 54.81 8.23
CA THR N 92 -34.35 54.49 7.07
C THR N 92 -35.82 54.76 7.35
N HIS N 93 -36.47 55.48 6.44
CA HIS N 93 -37.84 55.90 6.69
C HIS N 93 -38.52 56.24 5.37
N SER N 94 -39.85 56.19 5.36
CA SER N 94 -40.66 56.66 4.24
C SER N 94 -41.58 57.74 4.73
N GLU N 95 -41.75 58.80 3.97
CA GLU N 95 -42.74 59.80 4.33
C GLU N 95 -43.25 60.58 3.16
N LEU N 96 -44.38 61.26 3.36
CA LEU N 96 -44.96 62.11 2.33
C LEU N 96 -44.03 63.26 2.00
N SER N 97 -43.81 63.50 0.72
CA SER N 97 -42.91 64.55 0.29
C SER N 97 -43.60 65.61 -0.58
N ALA N 98 -44.67 65.26 -1.27
CA ALA N 98 -45.36 66.22 -2.13
C ALA N 98 -46.74 65.71 -2.56
N GLU N 99 -47.71 66.63 -2.61
CA GLU N 99 -49.02 66.30 -3.11
C GLU N 99 -49.13 66.88 -4.51
N ILE N 100 -49.72 66.10 -5.40
CA ILE N 100 -49.62 66.31 -6.83
C ILE N 100 -50.98 66.52 -7.48
N GLY N 101 -51.08 67.53 -8.34
CA GLY N 101 -52.31 67.81 -9.06
C GLY N 101 -52.01 68.03 -10.51
N VAL N 102 -52.96 67.74 -11.39
CA VAL N 102 -52.71 67.84 -12.83
C VAL N 102 -53.66 68.84 -13.50
N THR N 103 -53.13 69.61 -14.46
CA THR N 103 -53.90 70.54 -15.31
C THR N 103 -53.67 70.24 -16.76
N ASP N 104 -54.28 71.01 -17.66
CA ASP N 104 -54.16 70.70 -19.08
C ASP N 104 -52.96 71.36 -19.72
N SER N 105 -52.20 72.12 -18.94
CA SER N 105 -50.94 72.69 -19.42
C SER N 105 -49.80 72.25 -18.53
N ILE N 106 -48.60 72.16 -19.11
CA ILE N 106 -47.45 71.62 -18.40
C ILE N 106 -47.10 72.49 -17.21
N VAL N 107 -46.88 71.87 -16.05
CA VAL N 107 -46.44 72.62 -14.89
C VAL N 107 -45.19 71.96 -14.31
N VAL N 108 -44.07 72.68 -14.32
CA VAL N 108 -42.80 72.11 -13.88
C VAL N 108 -42.37 72.61 -12.51
N SER N 109 -42.26 71.67 -11.57
CA SER N 109 -41.82 71.98 -10.21
C SER N 109 -40.58 71.18 -9.89
N SER N 110 -40.01 71.42 -8.71
CA SER N 110 -38.81 70.71 -8.26
C SER N 110 -38.72 70.60 -6.74
N GLU N 111 -37.87 69.70 -6.26
CA GLU N 111 -37.66 69.56 -4.83
C GLU N 111 -36.18 69.32 -4.55
N LEU N 112 -35.63 70.05 -3.59
CA LEU N 112 -34.23 69.82 -3.24
C LEU N 112 -34.10 68.48 -2.54
N VAL N 113 -33.16 67.65 -2.97
CA VAL N 113 -32.99 66.36 -2.30
C VAL N 113 -32.07 66.52 -1.09
N MET N 114 -32.59 67.16 -0.05
CA MET N 114 -31.83 67.36 1.17
C MET N 114 -32.81 67.30 2.35
N PRO N 115 -32.33 66.83 3.51
CA PRO N 115 -33.20 66.51 4.64
C PRO N 115 -34.28 67.55 4.90
N TYR N 116 -33.96 68.83 4.81
CA TYR N 116 -34.93 69.89 5.13
C TYR N 116 -36.19 69.85 4.29
N THR N 117 -36.06 69.44 3.03
CA THR N 117 -37.15 69.63 2.08
C THR N 117 -37.78 68.35 1.59
N VAL N 118 -37.33 67.20 2.09
CA VAL N 118 -37.94 65.96 1.62
C VAL N 118 -39.23 65.70 2.37
N GLY N 119 -39.32 66.10 3.63
CA GLY N 119 -40.52 65.82 4.40
C GLY N 119 -40.45 66.43 5.77
N THR N 120 -41.58 66.72 6.38
CA THR N 120 -41.52 67.48 7.61
C THR N 120 -40.87 66.69 8.73
N TRP N 121 -41.04 65.36 8.72
CA TRP N 121 -40.49 64.53 9.80
C TRP N 121 -38.97 64.51 9.79
N LEU N 122 -38.39 64.10 8.66
CA LEU N 122 -36.93 64.02 8.51
C LEU N 122 -36.28 65.38 8.71
N ARG N 123 -36.99 66.43 8.31
CA ARG N 123 -36.51 67.78 8.51
C ARG N 123 -36.19 68.04 9.95
N GLY N 124 -37.13 67.70 10.83
CA GLY N 124 -36.93 67.91 12.25
C GLY N 124 -35.84 67.01 12.82
N VAL N 125 -35.87 65.76 12.40
CA VAL N 125 -34.94 64.76 12.90
C VAL N 125 -33.49 65.13 12.56
N ALA N 126 -33.20 65.32 11.28
CA ALA N 126 -31.83 65.51 10.81
C ALA N 126 -31.21 66.84 11.25
N ALA N 127 -32.06 67.74 11.74
CA ALA N 127 -31.61 69.05 12.20
C ALA N 127 -30.68 68.92 13.39
N ASN N 128 -30.81 67.80 14.10
CA ASN N 128 -29.98 67.52 15.26
C ASN N 128 -28.57 67.10 14.91
N TRP N 129 -28.28 66.91 13.63
CA TRP N 129 -26.91 66.60 13.21
C TRP N 129 -26.48 67.65 12.20
N SER N 130 -25.16 67.83 12.05
CA SER N 130 -24.58 68.88 11.20
C SER N 130 -24.43 68.44 9.77
N LYS N 131 -24.07 67.17 9.62
CA LYS N 131 -23.83 66.60 8.30
C LYS N 131 -24.58 65.31 8.10
N TYR N 132 -24.78 64.96 6.83
CA TYR N 132 -25.42 63.71 6.49
C TYR N 132 -24.84 63.14 5.21
N SER N 133 -25.27 61.92 4.91
CA SER N 133 -24.96 61.30 3.66
C SER N 133 -26.16 60.49 3.17
N TRP N 134 -26.54 60.69 1.91
CA TRP N 134 -27.55 59.83 1.35
C TRP N 134 -26.95 58.45 0.98
N LEU N 135 -27.49 57.38 1.54
CA LEU N 135 -27.11 56.03 1.10
C LEU N 135 -28.08 55.61 -0.01
N SER N 136 -29.31 56.05 0.14
CA SER N 136 -30.34 55.81 -0.86
C SER N 136 -31.48 56.81 -0.77
N VAL N 137 -31.90 57.34 -1.91
CA VAL N 137 -33.10 58.18 -1.98
C VAL N 137 -33.98 57.78 -3.16
N ARG N 138 -35.22 57.42 -2.83
CA ARG N 138 -36.20 57.02 -3.82
C ARG N 138 -37.48 57.82 -3.70
N TYR N 139 -37.86 58.42 -4.81
CA TYR N 139 -39.09 59.16 -4.92
C TYR N 139 -40.10 58.34 -5.72
N THR N 140 -41.25 58.06 -5.11
CA THR N 140 -42.25 57.16 -5.65
C THR N 140 -43.60 57.83 -5.73
N TYR N 141 -44.19 57.89 -6.90
CA TYR N 141 -45.51 58.50 -7.07
C TYR N 141 -46.55 57.44 -6.85
N ILE N 142 -47.50 57.71 -5.97
CA ILE N 142 -48.60 56.82 -5.74
C ILE N 142 -49.89 57.53 -6.06
N PRO N 143 -50.71 56.95 -6.96
CA PRO N 143 -51.93 57.61 -7.44
C PRO N 143 -53.09 57.61 -6.45
N SER N 144 -54.01 58.54 -6.63
CA SER N 144 -55.23 58.58 -5.82
C SER N 144 -56.45 58.95 -6.64
N CYS N 145 -56.36 58.86 -7.97
CA CYS N 145 -57.45 59.30 -8.83
C CYS N 145 -58.08 58.17 -9.63
N PRO N 146 -59.26 58.40 -10.20
CA PRO N 146 -59.86 57.36 -11.03
C PRO N 146 -59.04 57.00 -12.25
N SER N 147 -59.24 55.79 -12.77
CA SER N 147 -58.50 55.30 -13.91
C SER N 147 -58.80 56.09 -15.16
N SER N 148 -59.82 56.90 -15.06
CA SER N 148 -60.31 57.68 -16.17
C SER N 148 -59.74 59.11 -16.18
N THR N 149 -58.83 59.39 -15.23
CA THR N 149 -58.26 60.71 -15.10
C THR N 149 -57.20 60.95 -16.14
N ALA N 150 -57.35 61.98 -16.94
CA ALA N 150 -56.33 62.31 -17.93
C ALA N 150 -55.14 62.95 -17.24
N GLY N 151 -53.97 62.75 -17.81
CA GLY N 151 -52.74 63.31 -17.27
C GLY N 151 -51.56 62.36 -17.25
N SER N 152 -50.35 62.92 -17.24
CA SER N 152 -49.12 62.14 -17.08
C SER N 152 -48.18 62.83 -16.12
N ILE N 153 -47.32 62.05 -15.47
CA ILE N 153 -46.37 62.64 -14.55
C ILE N 153 -44.93 62.33 -14.97
N HIS N 154 -44.03 63.29 -14.77
CA HIS N 154 -42.64 63.10 -15.15
C HIS N 154 -41.70 63.54 -14.07
N MET N 155 -40.69 62.71 -13.82
CA MET N 155 -39.68 62.99 -12.80
C MET N 155 -38.29 62.64 -13.26
N GLY N 156 -37.32 63.45 -12.84
CA GLY N 156 -35.93 63.16 -13.16
C GLY N 156 -35.03 63.92 -12.24
N PHE N 157 -33.74 63.60 -12.25
CA PHE N 157 -32.82 64.31 -11.37
C PHE N 157 -31.85 65.24 -12.13
N GLN N 158 -31.60 66.40 -11.53
CA GLN N 158 -30.50 67.27 -11.91
C GLN N 158 -29.46 67.24 -10.80
N TYR N 159 -28.18 67.21 -11.15
CA TYR N 159 -27.17 67.07 -10.09
C TYR N 159 -26.31 68.34 -9.98
N ASP N 160 -26.64 69.36 -10.78
CA ASP N 160 -25.92 70.63 -10.76
C ASP N 160 -26.89 71.77 -10.54
N MET N 161 -26.72 72.49 -9.44
CA MET N 161 -27.67 73.52 -9.09
C MET N 161 -27.79 74.64 -10.12
N ALA N 162 -26.76 74.78 -10.95
CA ALA N 162 -26.70 75.82 -11.97
C ALA N 162 -27.51 75.50 -13.22
N ASP N 163 -27.88 74.22 -13.37
CA ASP N 163 -28.73 73.75 -14.48
C ASP N 163 -30.07 74.50 -14.47
N THR N 164 -30.57 74.96 -15.61
CA THR N 164 -31.90 75.57 -15.59
C THR N 164 -32.94 74.46 -15.53
N VAL N 165 -34.01 74.69 -14.79
CA VAL N 165 -35.04 73.67 -14.71
C VAL N 165 -35.70 73.48 -16.09
N PRO N 166 -35.85 72.20 -16.53
CA PRO N 166 -36.40 71.91 -17.87
C PRO N 166 -37.78 72.53 -18.12
N VAL N 167 -38.12 72.75 -19.37
CA VAL N 167 -39.35 73.43 -19.69
C VAL N 167 -40.29 72.58 -20.52
N SER N 168 -39.75 71.50 -21.05
CA SER N 168 -40.53 70.59 -21.86
C SER N 168 -40.22 69.16 -21.45
N VAL N 169 -41.19 68.29 -21.67
CA VAL N 169 -41.03 66.87 -21.45
C VAL N 169 -39.82 66.36 -22.24
N ASN N 170 -39.61 66.92 -23.43
CA ASN N 170 -38.49 66.49 -24.26
C ASN N 170 -37.17 66.57 -23.50
N GLN N 171 -36.92 67.73 -22.91
CA GLN N 171 -35.73 67.94 -22.10
C GLN N 171 -35.69 66.99 -20.95
N LEU N 172 -36.79 66.95 -20.22
CA LEU N 172 -36.88 66.19 -19.00
C LEU N 172 -36.53 64.71 -19.26
N SER N 173 -36.94 64.19 -20.43
CA SER N 173 -36.75 62.78 -20.74
C SER N 173 -35.27 62.36 -20.80
N ASN N 174 -34.38 63.33 -20.91
CA ASN N 174 -32.94 63.04 -21.01
C ASN N 174 -32.24 62.94 -19.64
N LEU N 175 -32.91 63.40 -18.60
CA LEU N 175 -32.36 63.40 -17.26
C LEU N 175 -32.23 61.99 -16.74
N ARG N 176 -31.17 61.79 -15.98
CA ARG N 176 -30.95 60.61 -15.15
C ARG N 176 -32.14 60.32 -14.23
N GLY N 177 -32.63 59.10 -14.30
CA GLY N 177 -33.69 58.64 -13.41
C GLY N 177 -35.04 59.07 -13.92
N TYR N 178 -35.07 59.44 -15.19
CA TYR N 178 -36.33 59.86 -15.78
C TYR N 178 -37.37 58.75 -15.72
N VAL N 179 -38.54 59.10 -15.20
CA VAL N 179 -39.67 58.16 -15.26
C VAL N 179 -40.90 58.92 -15.67
N SER N 180 -41.89 58.18 -16.15
CA SER N 180 -43.09 58.76 -16.73
C SER N 180 -44.20 57.74 -16.72
N GLY N 181 -45.40 58.20 -16.43
CA GLY N 181 -46.54 57.31 -16.51
C GLY N 181 -47.80 58.11 -16.35
N GLN N 182 -48.93 57.46 -16.68
CA GLN N 182 -50.28 58.02 -16.48
C GLN N 182 -50.44 58.39 -15.03
N VAL N 183 -51.20 59.44 -14.79
CA VAL N 183 -51.34 59.97 -13.46
C VAL N 183 -52.18 59.07 -12.52
N TRP N 184 -52.84 58.07 -13.10
CA TRP N 184 -53.61 57.11 -12.32
C TRP N 184 -52.89 55.77 -12.23
N SER N 185 -51.72 55.70 -12.85
CA SER N 185 -50.86 54.53 -12.78
C SER N 185 -49.93 54.74 -11.62
N GLY N 186 -49.17 53.71 -11.25
CA GLY N 186 -48.09 53.84 -10.29
C GLY N 186 -48.22 53.11 -8.97
N SER N 187 -49.36 52.47 -8.71
CA SER N 187 -49.60 51.76 -7.46
C SER N 187 -48.50 50.78 -7.04
N ALA N 188 -47.92 50.10 -8.03
CA ALA N 188 -46.95 49.03 -7.79
C ALA N 188 -45.66 49.56 -7.14
N GLY N 189 -45.58 50.87 -7.01
CA GLY N 189 -44.45 51.46 -6.32
C GLY N 189 -44.63 51.33 -4.82
N LEU N 190 -45.83 50.92 -4.39
CA LEU N 190 -46.14 50.87 -2.96
C LEU N 190 -45.18 49.95 -2.22
N CYS N 191 -44.75 48.86 -2.84
CA CYS N 191 -43.89 47.95 -2.08
C CYS N 191 -42.56 48.59 -1.67
N PHE N 192 -42.10 49.60 -2.42
CA PHE N 192 -40.88 50.32 -2.03
C PHE N 192 -41.11 51.11 -0.78
N ILE N 193 -42.32 51.60 -0.59
CA ILE N 193 -42.59 52.55 0.47
C ILE N 193 -42.68 51.87 1.81
N ASN N 194 -43.29 50.69 1.87
CA ASN N 194 -43.34 49.97 3.14
C ASN N 194 -42.21 48.92 3.23
N GLY N 195 -41.28 48.99 2.29
CA GLY N 195 -40.11 48.14 2.29
C GLY N 195 -40.40 46.66 2.26
N THR N 196 -41.46 46.25 1.59
CA THR N 196 -41.79 44.82 1.56
C THR N 196 -41.16 44.19 0.32
N ARG N 197 -41.37 42.87 0.18
CA ARG N 197 -40.84 42.09 -0.93
C ARG N 197 -41.40 42.62 -2.24
N CYS N 198 -40.52 43.12 -3.08
CA CYS N 198 -40.93 43.71 -4.34
C CYS N 198 -40.86 42.72 -5.52
N SER N 199 -41.94 42.63 -6.27
CA SER N 199 -42.02 41.67 -7.36
C SER N 199 -42.31 42.36 -8.69
N ASP N 200 -43.59 42.64 -8.93
CA ASP N 200 -44.07 43.26 -10.14
C ASP N 200 -43.96 44.78 -10.13
N THR N 201 -42.75 45.33 -10.16
CA THR N 201 -42.64 46.78 -10.03
C THR N 201 -42.42 47.53 -11.33
N SER N 202 -42.63 46.88 -12.46
CA SER N 202 -42.33 47.48 -13.74
C SER N 202 -43.14 48.73 -14.05
N THR N 203 -44.34 48.81 -13.50
CA THR N 203 -45.19 49.96 -13.78
C THR N 203 -44.97 51.07 -12.77
N ALA N 204 -44.10 50.82 -11.82
CA ALA N 204 -43.84 51.77 -10.77
C ALA N 204 -43.26 53.07 -11.33
N ILE N 205 -43.93 54.18 -11.00
CA ILE N 205 -43.42 55.50 -11.34
C ILE N 205 -42.55 55.94 -10.17
N SER N 206 -41.40 55.25 -10.07
CA SER N 206 -40.51 55.39 -8.95
C SER N 206 -39.12 55.59 -9.50
N THR N 207 -38.35 56.46 -8.86
CA THR N 207 -37.00 56.79 -9.31
C THR N 207 -36.02 57.03 -8.15
N THR N 208 -34.74 56.77 -8.39
CA THR N 208 -33.73 56.81 -7.33
C THR N 208 -32.52 57.68 -7.65
N LEU N 209 -31.93 58.25 -6.61
CA LEU N 209 -30.76 59.11 -6.74
C LEU N 209 -29.44 58.31 -6.94
N ASP N 210 -28.58 58.80 -7.83
CA ASP N 210 -27.26 58.21 -8.03
C ASP N 210 -26.35 58.69 -6.91
N VAL N 211 -26.37 58.03 -5.78
CA VAL N 211 -25.55 58.49 -4.68
C VAL N 211 -24.01 58.41 -5.01
N SER N 212 -23.59 57.41 -5.78
CA SER N 212 -22.17 57.24 -6.15
C SER N 212 -21.63 58.37 -7.01
N LYS N 213 -22.48 59.25 -7.48
CA LYS N 213 -22.02 60.22 -8.44
C LYS N 213 -22.19 61.61 -7.87
N LEU N 214 -22.56 61.70 -6.60
CA LEU N 214 -22.75 63.02 -6.01
C LEU N 214 -21.39 63.72 -5.89
N GLY N 215 -21.39 65.04 -5.77
CA GLY N 215 -20.16 65.80 -5.65
C GLY N 215 -19.27 65.32 -4.51
N LYS N 216 -19.86 65.21 -3.33
CA LYS N 216 -19.18 64.69 -2.15
C LYS N 216 -20.03 63.68 -1.38
N LYS N 217 -19.52 63.18 -0.26
CA LYS N 217 -20.28 62.22 0.53
C LYS N 217 -20.95 62.91 1.71
N TRP N 218 -20.21 63.74 2.43
CA TRP N 218 -20.80 64.34 3.60
C TRP N 218 -21.28 65.77 3.33
N TYR N 219 -22.60 65.93 3.36
CA TYR N 219 -23.24 67.20 3.12
C TYR N 219 -23.73 67.85 4.40
N PRO N 220 -23.68 69.18 4.45
CA PRO N 220 -24.26 69.92 5.57
C PRO N 220 -25.78 69.99 5.54
N TYR N 221 -26.39 69.89 6.71
CA TYR N 221 -27.81 70.17 6.81
C TYR N 221 -27.98 71.67 6.52
N LYS N 222 -28.80 71.98 5.53
CA LYS N 222 -29.04 73.36 5.14
C LYS N 222 -30.54 73.61 5.07
N THR N 223 -30.93 74.88 5.19
CA THR N 223 -32.32 75.29 5.08
C THR N 223 -32.59 75.71 3.64
N SER N 224 -33.87 75.92 3.34
CA SER N 224 -34.28 76.55 2.10
C SER N 224 -33.70 77.97 2.10
N ALA N 225 -33.75 78.60 3.28
CA ALA N 225 -33.19 79.91 3.53
C ALA N 225 -31.71 79.96 3.19
N ASP N 226 -30.95 78.99 3.70
CA ASP N 226 -29.51 78.91 3.43
C ASP N 226 -29.21 78.80 1.94
N TYR N 227 -30.00 77.99 1.25
CA TYR N 227 -29.87 77.82 -0.18
C TYR N 227 -30.16 79.13 -0.91
N ALA N 228 -31.25 79.77 -0.51
CA ALA N 228 -31.69 81.00 -1.14
C ALA N 228 -30.62 82.05 -1.12
N THR N 229 -30.08 82.31 0.07
CA THR N 229 -29.03 83.29 0.24
C THR N 229 -27.77 82.94 -0.56
N ALA N 230 -27.39 81.67 -0.52
CA ALA N 230 -26.19 81.22 -1.20
C ALA N 230 -26.23 81.46 -2.70
N VAL N 231 -27.36 81.17 -3.34
CA VAL N 231 -27.47 81.42 -4.79
C VAL N 231 -27.64 82.92 -5.02
N GLY N 232 -28.03 83.64 -3.95
CA GLY N 232 -28.13 85.09 -4.00
C GLY N 232 -26.75 85.67 -4.24
N VAL N 233 -25.73 85.02 -3.70
CA VAL N 233 -24.35 85.42 -3.94
C VAL N 233 -23.80 84.85 -5.25
N ASP N 234 -23.90 83.53 -5.40
CA ASP N 234 -23.44 82.80 -6.59
C ASP N 234 -24.04 81.39 -6.63
N VAL N 235 -24.69 81.04 -7.74
CA VAL N 235 -25.43 79.78 -7.84
C VAL N 235 -24.57 78.56 -7.54
N ASN N 236 -23.29 78.65 -7.84
CA ASN N 236 -22.38 77.53 -7.66
C ASN N 236 -21.94 77.32 -6.19
N ILE N 237 -22.17 78.32 -5.34
CA ILE N 237 -21.95 78.16 -3.91
C ILE N 237 -22.91 77.10 -3.37
N ALA N 238 -24.07 76.99 -4.04
CA ALA N 238 -25.12 76.06 -3.63
C ALA N 238 -24.77 74.62 -3.97
N THR N 239 -23.94 74.43 -4.98
CA THR N 239 -23.62 73.06 -5.41
C THR N 239 -23.02 72.17 -4.32
N PRO N 240 -22.10 72.72 -3.51
CA PRO N 240 -21.67 71.86 -2.40
C PRO N 240 -22.65 71.81 -1.25
N LEU N 241 -23.81 72.43 -1.38
CA LEU N 241 -24.74 72.46 -0.26
C LEU N 241 -25.87 71.44 -0.44
N VAL N 242 -26.29 71.20 -1.68
CA VAL N 242 -27.36 70.24 -1.91
C VAL N 242 -26.91 69.18 -2.92
N PRO N 243 -27.13 67.89 -2.60
CA PRO N 243 -26.64 66.80 -3.46
C PRO N 243 -27.27 66.70 -4.87
N ALA N 244 -28.54 67.04 -5.04
CA ALA N 244 -29.20 66.99 -6.35
C ALA N 244 -30.54 67.70 -6.28
N ARG N 245 -31.21 67.85 -7.41
CA ARG N 245 -32.55 68.40 -7.44
C ARG N 245 -33.51 67.42 -8.09
N LEU N 246 -34.71 67.26 -7.52
CA LEU N 246 -35.75 66.44 -8.16
C LEU N 246 -36.61 67.32 -9.05
N VAL N 247 -36.73 66.98 -10.31
CA VAL N 247 -37.57 67.77 -11.20
C VAL N 247 -38.89 67.04 -11.55
N ILE N 248 -39.98 67.78 -11.53
CA ILE N 248 -41.31 67.22 -11.77
C ILE N 248 -42.08 67.97 -12.81
N ALA N 249 -42.65 67.24 -13.77
CA ALA N 249 -43.56 67.88 -14.73
C ALA N 249 -44.91 67.20 -14.75
N LEU N 250 -45.98 67.98 -14.76
CA LEU N 250 -47.32 67.43 -14.92
C LEU N 250 -48.07 68.04 -16.08
N LEU N 251 -48.71 67.22 -16.90
CA LEU N 251 -49.45 67.76 -18.03
C LEU N 251 -50.47 66.73 -18.53
N ASP N 252 -51.09 66.98 -19.67
CA ASP N 252 -52.05 66.05 -20.31
C ASP N 252 -53.36 65.87 -19.53
N GLY N 253 -53.62 66.76 -18.58
CA GLY N 253 -54.85 66.69 -17.83
C GLY N 253 -55.96 67.27 -18.65
N SER N 254 -57.19 67.10 -18.17
CA SER N 254 -58.37 67.51 -18.94
C SER N 254 -58.96 68.81 -18.44
N SER N 255 -58.47 69.29 -17.31
CA SER N 255 -59.01 70.51 -16.72
C SER N 255 -57.96 71.62 -16.67
N SER N 256 -58.42 72.86 -16.65
CA SER N 256 -57.51 73.97 -16.57
C SER N 256 -57.17 74.23 -15.13
N THR N 257 -58.04 73.76 -14.26
CA THR N 257 -57.79 73.83 -12.82
C THR N 257 -57.32 72.46 -12.30
N ALA N 258 -56.39 72.49 -11.35
CA ALA N 258 -55.76 71.30 -10.83
C ALA N 258 -56.75 70.23 -10.36
N VAL N 259 -56.54 69.00 -10.86
CA VAL N 259 -57.28 67.82 -10.42
C VAL N 259 -56.43 67.04 -9.45
N ALA N 260 -56.97 66.62 -8.32
CA ALA N 260 -56.17 65.83 -7.38
C ALA N 260 -55.73 64.54 -8.07
N ALA N 261 -54.42 64.36 -8.19
CA ALA N 261 -53.90 63.22 -8.93
C ALA N 261 -53.28 62.17 -7.99
N GLY N 262 -52.24 62.53 -7.27
CA GLY N 262 -51.60 61.58 -6.38
C GLY N 262 -50.62 62.23 -5.43
N ARG N 263 -49.68 61.45 -4.92
CA ARG N 263 -48.73 61.95 -3.94
C ARG N 263 -47.38 61.38 -4.23
N ILE N 264 -46.35 62.13 -3.87
CA ILE N 264 -44.98 61.65 -3.99
C ILE N 264 -44.46 61.32 -2.60
N TYR N 265 -44.03 60.08 -2.40
CA TYR N 265 -43.40 59.70 -1.12
C TYR N 265 -41.91 59.59 -1.27
N CYS N 266 -41.16 59.88 -0.21
CA CYS N 266 -39.71 59.73 -0.19
C CYS N 266 -39.30 58.64 0.74
N THR N 267 -38.51 57.70 0.22
CA THR N 267 -37.99 56.56 0.96
C THR N 267 -36.47 56.62 0.97
N TYR N 268 -35.89 56.86 2.14
CA TYR N 268 -34.46 57.14 2.20
C TYR N 268 -33.72 56.32 3.24
N THR N 269 -32.43 56.13 3.01
CA THR N 269 -31.53 55.67 4.03
C THR N 269 -30.49 56.74 4.18
N ILE N 270 -30.48 57.40 5.34
CA ILE N 270 -29.62 58.55 5.57
C ILE N 270 -28.63 58.24 6.69
N GLN N 271 -27.38 58.63 6.48
CA GLN N 271 -26.37 58.55 7.52
C GLN N 271 -26.27 59.88 8.19
N MET N 272 -26.52 59.94 9.49
CA MET N 272 -26.43 61.23 10.19
C MET N 272 -25.26 61.27 11.18
N ILE N 273 -24.41 62.28 11.05
CA ILE N 273 -23.25 62.41 11.93
C ILE N 273 -23.07 63.81 12.50
N GLU N 274 -22.24 63.90 13.55
CA GLU N 274 -21.83 65.17 14.17
C GLU N 274 -22.99 66.00 14.73
N PRO N 275 -23.48 65.59 15.91
CA PRO N 275 -24.56 66.25 16.66
C PRO N 275 -24.29 67.71 16.91
N THR N 276 -25.36 68.46 17.16
CA THR N 276 -25.31 69.90 17.42
C THR N 276 -26.49 70.33 18.29
N ALA N 277 -26.29 71.31 19.17
CA ALA N 277 -27.38 71.76 20.03
C ALA N 277 -27.79 73.21 19.77
N GLY O 86 -8.90 51.59 -29.17
CA GLY O 86 -9.93 51.16 -30.09
C GLY O 86 -10.55 52.30 -30.90
N GLY O 87 -11.03 53.33 -30.20
CA GLY O 87 -11.63 54.46 -30.89
C GLY O 87 -13.14 54.50 -30.75
N ILE O 88 -13.71 53.48 -30.11
CA ILE O 88 -15.15 53.42 -29.95
C ILE O 88 -15.63 54.10 -28.67
N THR O 89 -16.46 55.12 -28.83
CA THR O 89 -17.17 55.71 -27.71
C THR O 89 -18.55 55.09 -27.59
N VAL O 90 -18.82 54.38 -26.50
CA VAL O 90 -20.10 53.73 -26.30
C VAL O 90 -21.10 54.55 -25.46
N LEU O 91 -22.32 54.73 -25.97
CA LEU O 91 -23.35 55.54 -25.31
C LEU O 91 -24.68 54.79 -25.13
N THR O 92 -25.22 54.84 -23.91
CA THR O 92 -26.55 54.30 -23.58
C THR O 92 -27.44 55.40 -22.98
N HIS O 93 -28.62 55.57 -23.56
CA HIS O 93 -29.47 56.67 -23.18
C HIS O 93 -30.92 56.41 -23.58
N SER O 94 -31.83 57.09 -22.89
CA SER O 94 -33.25 57.10 -23.22
C SER O 94 -33.67 58.52 -23.47
N GLU O 95 -34.45 58.78 -24.51
CA GLU O 95 -35.00 60.12 -24.65
C GLU O 95 -36.30 60.06 -25.39
N LEU O 96 -37.09 61.14 -25.29
CA LEU O 96 -38.37 61.26 -26.01
C LEU O 96 -38.14 61.19 -27.50
N SER O 97 -38.95 60.39 -28.19
CA SER O 97 -38.73 60.22 -29.63
C SER O 97 -39.93 60.63 -30.50
N ALA O 98 -41.14 60.62 -29.93
CA ALA O 98 -42.35 60.93 -30.69
C ALA O 98 -43.55 61.18 -29.78
N GLU O 99 -44.38 62.12 -30.15
CA GLU O 99 -45.57 62.40 -29.40
C GLU O 99 -46.72 61.76 -30.16
N ILE O 100 -47.63 61.10 -29.47
CA ILE O 100 -48.57 60.25 -30.19
C ILE O 100 -50.02 60.65 -29.94
N GLY O 101 -50.79 60.80 -31.01
CA GLY O 101 -52.19 61.13 -30.90
C GLY O 101 -53.01 60.17 -31.72
N VAL O 102 -54.25 59.92 -31.29
CA VAL O 102 -55.11 58.90 -31.94
C VAL O 102 -56.37 59.50 -32.57
N THR O 103 -56.76 58.94 -33.72
CA THR O 103 -57.97 59.32 -34.46
C THR O 103 -58.87 58.13 -34.65
N ASP O 104 -60.01 58.34 -35.28
CA ASP O 104 -60.94 57.25 -35.56
C ASP O 104 -60.62 56.63 -36.93
N SER O 105 -59.61 57.17 -37.61
CA SER O 105 -59.13 56.61 -38.87
C SER O 105 -57.66 56.29 -38.79
N ILE O 106 -57.23 55.27 -39.54
CA ILE O 106 -55.84 54.84 -39.49
C ILE O 106 -54.96 55.99 -39.97
N VAL O 107 -53.90 56.27 -39.23
CA VAL O 107 -52.88 57.25 -39.60
C VAL O 107 -51.54 56.54 -39.51
N VAL O 108 -50.82 56.46 -40.63
CA VAL O 108 -49.53 55.78 -40.62
C VAL O 108 -48.36 56.75 -40.77
N SER O 109 -47.50 56.78 -39.77
CA SER O 109 -46.29 57.59 -39.77
C SER O 109 -45.08 56.71 -39.65
N SER O 110 -43.91 57.32 -39.75
CA SER O 110 -42.67 56.58 -39.59
C SER O 110 -41.50 57.44 -39.07
N GLU O 111 -40.46 56.78 -38.59
CA GLU O 111 -39.26 57.47 -38.12
C GLU O 111 -38.07 56.69 -38.56
N LEU O 112 -37.06 57.36 -39.12
CA LEU O 112 -35.83 56.66 -39.51
C LEU O 112 -35.09 56.21 -38.27
N VAL O 113 -34.62 54.96 -38.27
CA VAL O 113 -33.86 54.49 -37.11
C VAL O 113 -32.38 54.90 -37.26
N MET O 114 -32.11 56.19 -37.06
CA MET O 114 -30.75 56.70 -37.15
C MET O 114 -30.61 57.90 -36.19
N PRO O 115 -29.39 58.15 -35.67
CA PRO O 115 -29.18 59.13 -34.60
C PRO O 115 -29.90 60.44 -34.84
N TYR O 116 -29.85 60.93 -36.07
CA TYR O 116 -30.41 62.23 -36.39
C TYR O 116 -31.88 62.38 -36.03
N THR O 117 -32.62 61.29 -36.12
CA THR O 117 -34.07 61.32 -36.02
C THR O 117 -34.70 60.59 -34.83
N VAL O 118 -33.89 59.96 -33.98
CA VAL O 118 -34.48 59.26 -32.85
C VAL O 118 -34.76 60.24 -31.70
N GLY O 119 -33.99 61.33 -31.63
CA GLY O 119 -34.15 62.28 -30.55
C GLY O 119 -33.29 63.52 -30.73
N THR O 120 -33.69 64.63 -30.12
CA THR O 120 -32.99 65.89 -30.35
C THR O 120 -31.60 65.84 -29.76
N TRP O 121 -31.48 65.18 -28.61
CA TRP O 121 -30.22 65.08 -27.91
C TRP O 121 -29.22 64.23 -28.65
N LEU O 122 -29.60 63.00 -28.99
CA LEU O 122 -28.68 62.12 -29.72
C LEU O 122 -28.33 62.72 -31.07
N ARG O 123 -29.27 63.43 -31.68
CA ARG O 123 -29.02 64.10 -32.95
C ARG O 123 -27.81 64.98 -32.87
N GLY O 124 -27.78 65.78 -31.81
CA GLY O 124 -26.67 66.68 -31.58
C GLY O 124 -25.40 65.97 -31.20
N VAL O 125 -25.51 65.02 -30.27
CA VAL O 125 -24.34 64.34 -29.74
C VAL O 125 -23.59 63.58 -30.83
N ALA O 126 -24.30 62.69 -31.52
CA ALA O 126 -23.68 61.77 -32.46
C ALA O 126 -23.17 62.45 -33.73
N ALA O 127 -23.59 63.69 -33.96
CA ALA O 127 -23.16 64.44 -35.13
C ALA O 127 -21.66 64.65 -35.09
N ASN O 128 -21.07 64.58 -33.89
CA ASN O 128 -19.65 64.78 -33.68
C ASN O 128 -18.80 63.61 -34.13
N TRP O 129 -19.45 62.55 -34.59
CA TRP O 129 -18.76 61.41 -35.16
C TRP O 129 -19.22 61.19 -36.60
N SER O 130 -18.43 60.47 -37.40
CA SER O 130 -18.76 60.25 -38.81
C SER O 130 -19.63 59.01 -39.04
N LYS O 131 -19.37 57.98 -38.25
CA LYS O 131 -20.06 56.71 -38.38
C LYS O 131 -20.59 56.18 -37.04
N TYR O 132 -21.58 55.31 -37.11
CA TYR O 132 -22.11 54.68 -35.91
C TYR O 132 -22.55 53.23 -36.16
N SER O 133 -22.79 52.52 -35.08
CA SER O 133 -23.32 51.19 -35.14
C SER O 133 -24.25 51.06 -33.97
N TRP O 134 -25.47 50.59 -34.25
CA TRP O 134 -26.45 50.29 -33.23
C TRP O 134 -26.10 48.96 -32.58
N LEU O 135 -25.94 48.93 -31.26
CA LEU O 135 -25.79 47.67 -30.55
C LEU O 135 -27.17 47.23 -30.09
N SER O 136 -28.00 48.24 -29.79
CA SER O 136 -29.37 48.03 -29.36
C SER O 136 -30.21 49.28 -29.57
N VAL O 137 -31.40 49.09 -30.13
CA VAL O 137 -32.43 50.14 -30.28
C VAL O 137 -33.82 49.61 -29.91
N ARG O 138 -34.43 50.23 -28.92
CA ARG O 138 -35.75 49.86 -28.46
C ARG O 138 -36.68 51.04 -28.42
N TYR O 139 -37.84 50.89 -29.05
CA TYR O 139 -38.88 51.91 -29.01
C TYR O 139 -39.97 51.46 -28.06
N THR O 140 -40.30 52.31 -27.10
CA THR O 140 -41.24 51.92 -26.05
C THR O 140 -42.36 52.92 -25.98
N TYR O 141 -43.61 52.46 -26.08
CA TYR O 141 -44.75 53.36 -25.97
C TYR O 141 -45.16 53.48 -24.52
N ILE O 142 -45.29 54.70 -24.02
CA ILE O 142 -45.80 54.96 -22.68
C ILE O 142 -47.06 55.83 -22.78
N PRO O 143 -48.18 55.38 -22.17
CA PRO O 143 -49.46 56.10 -22.26
C PRO O 143 -49.55 57.31 -21.34
N SER O 144 -50.42 58.25 -21.68
CA SER O 144 -50.66 59.39 -20.81
C SER O 144 -52.13 59.75 -20.83
N CYS O 145 -52.98 58.79 -21.21
CA CYS O 145 -54.42 59.02 -21.39
C CYS O 145 -55.20 58.21 -20.39
N PRO O 146 -56.50 58.51 -20.24
CA PRO O 146 -57.37 57.70 -19.39
C PRO O 146 -57.53 56.27 -19.87
N SER O 147 -57.91 55.39 -18.96
CA SER O 147 -58.14 53.98 -19.29
C SER O 147 -59.38 53.84 -20.14
N SER O 148 -60.12 54.93 -20.29
CA SER O 148 -61.36 54.93 -21.06
C SER O 148 -61.16 55.44 -22.49
N THR O 149 -59.92 55.69 -22.86
CA THR O 149 -59.58 56.27 -24.14
C THR O 149 -59.71 55.29 -25.25
N ALA O 150 -60.49 55.61 -26.25
CA ALA O 150 -60.58 54.71 -27.40
C ALA O 150 -59.34 54.87 -28.31
N GLY O 151 -58.86 53.75 -28.86
CA GLY O 151 -57.68 53.74 -29.71
C GLY O 151 -56.66 52.63 -29.49
N SER O 152 -55.87 52.35 -30.53
CA SER O 152 -54.75 51.42 -30.43
C SER O 152 -53.54 51.96 -31.19
N ILE O 153 -52.36 51.53 -30.78
CA ILE O 153 -51.14 51.90 -31.47
C ILE O 153 -50.49 50.62 -31.94
N HIS O 154 -49.81 50.71 -33.08
CA HIS O 154 -49.12 49.60 -33.72
C HIS O 154 -47.72 50.06 -34.12
N MET O 155 -46.71 49.23 -33.92
CA MET O 155 -45.33 49.59 -34.25
C MET O 155 -44.62 48.41 -34.91
N GLY O 156 -43.75 48.69 -35.86
CA GLY O 156 -42.98 47.63 -36.51
C GLY O 156 -41.79 48.16 -37.28
N PHE O 157 -40.93 47.26 -37.70
CA PHE O 157 -39.77 47.69 -38.47
C PHE O 157 -39.79 47.25 -39.94
N GLN O 158 -39.34 48.16 -40.80
CA GLN O 158 -38.96 47.84 -42.18
C GLN O 158 -37.44 47.98 -42.31
N TYR O 159 -36.81 47.08 -43.02
CA TYR O 159 -35.35 47.11 -43.12
C TYR O 159 -34.89 47.40 -44.56
N ASP O 160 -35.82 47.72 -45.45
CA ASP O 160 -35.47 48.08 -46.80
C ASP O 160 -36.11 49.42 -47.17
N MET O 161 -35.31 50.43 -47.46
CA MET O 161 -35.87 51.76 -47.69
C MET O 161 -36.82 51.85 -48.89
N ALA O 162 -36.68 50.92 -49.84
CA ALA O 162 -37.52 50.92 -51.02
C ALA O 162 -38.87 50.33 -50.71
N ASP O 163 -38.98 49.66 -49.58
CA ASP O 163 -40.26 49.10 -49.15
C ASP O 163 -41.29 50.23 -49.10
N THR O 164 -42.47 49.99 -49.66
CA THR O 164 -43.49 51.00 -49.52
C THR O 164 -44.00 50.93 -48.08
N VAL O 165 -44.25 52.10 -47.49
CA VAL O 165 -44.79 52.15 -46.14
C VAL O 165 -46.21 51.55 -46.14
N PRO O 166 -46.53 50.72 -45.14
CA PRO O 166 -47.80 50.02 -44.98
C PRO O 166 -49.02 50.93 -44.92
N VAL O 167 -50.18 50.37 -45.22
CA VAL O 167 -51.44 51.11 -45.20
C VAL O 167 -52.51 50.52 -44.28
N SER O 168 -52.28 49.30 -43.80
CA SER O 168 -53.25 48.61 -42.95
C SER O 168 -52.61 47.96 -41.73
N VAL O 169 -53.40 47.72 -40.68
CA VAL O 169 -52.88 46.96 -39.55
C VAL O 169 -52.44 45.59 -40.00
N ASN O 170 -53.19 45.03 -40.95
CA ASN O 170 -52.90 43.70 -41.47
C ASN O 170 -51.47 43.54 -41.99
N GLN O 171 -51.06 44.44 -42.86
CA GLN O 171 -49.68 44.50 -43.37
C GLN O 171 -48.70 44.72 -42.23
N LEU O 172 -48.94 45.73 -41.42
CA LEU O 172 -48.06 46.07 -40.32
C LEU O 172 -47.77 44.85 -39.45
N SER O 173 -48.81 44.06 -39.24
CA SER O 173 -48.72 42.94 -38.33
C SER O 173 -47.67 41.95 -38.76
N ASN O 174 -47.31 41.99 -40.04
CA ASN O 174 -46.38 41.00 -40.56
C ASN O 174 -44.94 41.39 -40.36
N LEU O 175 -44.70 42.66 -40.03
CA LEU O 175 -43.34 43.15 -39.88
C LEU O 175 -42.69 42.56 -38.63
N ARG O 176 -41.39 42.28 -38.71
CA ARG O 176 -40.58 41.93 -37.56
C ARG O 176 -40.76 42.94 -36.46
N GLY O 177 -41.04 42.44 -35.26
CA GLY O 177 -41.10 43.30 -34.08
C GLY O 177 -42.41 44.03 -33.96
N TYR O 178 -43.40 43.55 -34.67
CA TYR O 178 -44.71 44.12 -34.59
C TYR O 178 -45.21 43.97 -33.18
N VAL O 179 -45.72 45.07 -32.66
CA VAL O 179 -46.37 45.09 -31.37
C VAL O 179 -47.64 45.92 -31.48
N SER O 180 -48.57 45.72 -30.56
CA SER O 180 -49.88 46.38 -30.66
C SER O 180 -50.55 46.42 -29.30
N GLY O 181 -51.20 47.54 -29.00
CA GLY O 181 -51.92 47.62 -27.74
C GLY O 181 -52.80 48.85 -27.63
N GLN O 182 -53.68 48.84 -26.64
CA GLN O 182 -54.53 49.99 -26.36
C GLN O 182 -53.66 51.21 -26.12
N VAL O 183 -54.11 52.39 -26.53
CA VAL O 183 -53.29 53.58 -26.34
C VAL O 183 -53.23 53.95 -24.87
N TRP O 184 -54.01 53.28 -24.03
CA TRP O 184 -53.91 53.53 -22.59
C TRP O 184 -53.17 52.38 -21.85
N SER O 185 -52.71 51.39 -22.62
CA SER O 185 -51.87 50.31 -22.14
C SER O 185 -50.41 50.73 -22.33
N GLY O 186 -49.47 49.96 -21.78
CA GLY O 186 -48.06 50.16 -22.08
C GLY O 186 -47.17 50.61 -20.93
N SER O 187 -47.78 50.86 -19.77
CA SER O 187 -47.06 51.30 -18.57
C SER O 187 -45.88 50.41 -18.19
N ALA O 188 -46.04 49.10 -18.34
CA ALA O 188 -45.01 48.15 -17.94
C ALA O 188 -43.71 48.27 -18.73
N GLY O 189 -43.69 49.10 -19.76
CA GLY O 189 -42.46 49.33 -20.50
C GLY O 189 -41.49 50.28 -19.82
N LEU O 190 -41.96 50.98 -18.80
CA LEU O 190 -41.17 52.04 -18.17
C LEU O 190 -39.83 51.54 -17.66
N CYS O 191 -39.82 50.31 -17.15
CA CYS O 191 -38.63 49.74 -16.58
C CYS O 191 -37.50 49.64 -17.60
N PHE O 192 -37.85 49.58 -18.89
CA PHE O 192 -36.86 49.63 -19.95
C PHE O 192 -36.18 50.99 -20.04
N ILE O 193 -36.92 52.03 -19.72
CA ILE O 193 -36.44 53.38 -19.95
C ILE O 193 -35.46 53.84 -18.87
N ASN O 194 -35.72 53.49 -17.62
CA ASN O 194 -34.79 53.83 -16.55
C ASN O 194 -33.85 52.67 -16.23
N GLY O 195 -33.83 51.65 -17.10
CA GLY O 195 -32.90 50.53 -17.00
C GLY O 195 -32.95 49.74 -15.70
N THR O 196 -34.12 49.66 -15.08
CA THR O 196 -34.27 48.99 -13.79
C THR O 196 -34.68 47.51 -13.95
N ARG O 197 -34.91 46.83 -12.81
CA ARG O 197 -35.30 45.42 -12.86
C ARG O 197 -36.63 45.24 -13.62
N CYS O 198 -36.57 44.56 -14.76
CA CYS O 198 -37.76 44.34 -15.53
C CYS O 198 -38.30 42.94 -15.24
N SER O 199 -39.57 42.87 -14.87
CA SER O 199 -40.17 41.60 -14.50
C SER O 199 -41.43 41.38 -15.34
N ASP O 200 -42.52 42.01 -14.93
CA ASP O 200 -43.80 41.87 -15.61
C ASP O 200 -43.91 42.75 -16.86
N THR O 201 -43.17 42.42 -17.92
CA THR O 201 -43.18 43.26 -19.10
C THR O 201 -44.05 42.75 -20.24
N SER O 202 -44.90 41.76 -19.97
CA SER O 202 -45.67 41.11 -21.04
C SER O 202 -46.65 42.03 -21.72
N THR O 203 -47.09 43.04 -20.98
CA THR O 203 -48.01 44.05 -21.50
C THR O 203 -47.34 45.26 -22.15
N ALA O 204 -46.01 45.29 -22.13
CA ALA O 204 -45.24 46.40 -22.65
C ALA O 204 -45.43 46.61 -24.14
N ILE O 205 -45.75 47.83 -24.55
CA ILE O 205 -45.76 48.11 -25.99
C ILE O 205 -44.38 48.63 -26.41
N SER O 206 -43.43 47.70 -26.45
CA SER O 206 -42.02 48.00 -26.68
C SER O 206 -41.41 47.03 -27.69
N THR O 207 -40.55 47.54 -28.57
CA THR O 207 -40.04 46.73 -29.65
C THR O 207 -38.58 47.03 -29.90
N THR O 208 -37.86 46.07 -30.46
CA THR O 208 -36.41 46.23 -30.61
C THR O 208 -35.90 46.01 -32.03
N LEU O 209 -34.85 46.73 -32.39
CA LEU O 209 -34.27 46.60 -33.71
C LEU O 209 -33.38 45.37 -33.77
N ASP O 210 -33.46 44.62 -34.87
CA ASP O 210 -32.51 43.53 -35.11
C ASP O 210 -31.19 44.04 -35.63
N VAL O 211 -30.32 44.42 -34.70
CA VAL O 211 -29.02 44.98 -35.04
C VAL O 211 -28.19 43.96 -35.79
N SER O 212 -28.42 42.68 -35.48
CA SER O 212 -27.72 41.57 -36.14
C SER O 212 -27.99 41.37 -37.63
N LYS O 213 -29.06 41.98 -38.14
CA LYS O 213 -29.55 41.62 -39.47
C LYS O 213 -29.45 42.80 -40.40
N LEU O 214 -28.74 43.84 -39.97
CA LEU O 214 -28.57 45.04 -40.77
C LEU O 214 -27.67 44.80 -41.97
N GLY O 215 -27.81 45.65 -42.99
CA GLY O 215 -27.01 45.53 -44.19
C GLY O 215 -25.53 45.49 -43.88
N LYS O 216 -25.08 46.50 -43.13
CA LYS O 216 -23.70 46.59 -42.68
C LYS O 216 -23.63 46.94 -41.21
N LYS O 217 -22.43 47.11 -40.65
CA LYS O 217 -22.30 47.46 -39.24
C LYS O 217 -22.09 48.94 -39.01
N TRP O 218 -21.21 49.56 -39.79
CA TRP O 218 -20.92 50.97 -39.56
C TRP O 218 -21.68 51.79 -40.60
N TYR O 219 -22.64 52.55 -40.11
CA TYR O 219 -23.41 53.45 -40.93
C TYR O 219 -22.90 54.84 -40.77
N PRO O 220 -22.88 55.60 -41.85
CA PRO O 220 -22.52 57.01 -41.74
C PRO O 220 -23.65 57.83 -41.13
N TYR O 221 -23.29 58.83 -40.31
CA TYR O 221 -24.26 59.80 -39.82
C TYR O 221 -24.75 60.66 -40.98
N LYS O 222 -26.05 60.60 -41.23
CA LYS O 222 -26.67 61.39 -42.27
C LYS O 222 -27.86 62.07 -41.67
N THR O 223 -28.26 63.18 -42.28
CA THR O 223 -29.45 63.92 -41.89
C THR O 223 -30.67 63.55 -42.75
N SER O 224 -31.83 64.08 -42.38
CA SER O 224 -33.02 63.91 -43.20
C SER O 224 -32.79 64.48 -44.60
N ALA O 225 -32.06 65.60 -44.62
CA ALA O 225 -31.67 66.27 -45.85
C ALA O 225 -30.91 65.34 -46.77
N ASP O 226 -29.90 64.69 -46.23
CA ASP O 226 -29.08 63.74 -46.99
C ASP O 226 -29.92 62.59 -47.53
N TYR O 227 -30.85 62.15 -46.70
CA TYR O 227 -31.72 61.06 -47.05
C TYR O 227 -32.57 61.41 -48.26
N ALA O 228 -33.19 62.59 -48.19
CA ALA O 228 -34.12 63.07 -49.20
C ALA O 228 -33.46 63.15 -50.55
N THR O 229 -32.27 63.75 -50.55
CA THR O 229 -31.51 63.91 -51.77
C THR O 229 -31.20 62.54 -52.38
N ALA O 230 -30.75 61.62 -51.55
CA ALA O 230 -30.39 60.28 -51.99
C ALA O 230 -31.58 59.52 -52.57
N VAL O 231 -32.73 59.57 -51.90
CA VAL O 231 -33.92 58.88 -52.42
C VAL O 231 -34.49 59.63 -53.62
N GLY O 232 -34.12 60.89 -53.76
CA GLY O 232 -34.48 61.70 -54.92
C GLY O 232 -33.83 61.17 -56.19
N VAL O 233 -32.63 60.63 -56.02
CA VAL O 233 -31.88 60.04 -57.12
C VAL O 233 -32.34 58.60 -57.39
N ASP O 234 -32.31 57.79 -56.35
CA ASP O 234 -32.71 56.38 -56.38
C ASP O 234 -32.86 55.91 -54.93
N VAL O 235 -34.02 55.36 -54.59
CA VAL O 235 -34.26 55.01 -53.20
C VAL O 235 -33.25 54.02 -52.64
N ASN O 236 -32.67 53.22 -53.50
CA ASN O 236 -31.80 52.15 -53.03
C ASN O 236 -30.46 52.68 -52.56
N ILE O 237 -30.13 53.89 -52.99
CA ILE O 237 -28.92 54.58 -52.53
C ILE O 237 -29.05 54.88 -51.04
N ALA O 238 -30.29 54.99 -50.57
CA ALA O 238 -30.58 55.30 -49.18
C ALA O 238 -30.33 54.11 -48.25
N THR O 239 -30.41 52.89 -48.79
CA THR O 239 -30.28 51.66 -48.00
C THR O 239 -28.95 51.52 -47.23
N PRO O 240 -27.81 51.90 -47.84
CA PRO O 240 -26.62 51.91 -46.98
C PRO O 240 -26.53 53.15 -46.06
N LEU O 241 -27.51 54.03 -46.09
CA LEU O 241 -27.48 55.27 -45.30
C LEU O 241 -28.32 55.14 -44.05
N VAL O 242 -29.41 54.37 -44.14
CA VAL O 242 -30.31 54.16 -43.01
C VAL O 242 -30.46 52.69 -42.69
N PRO O 243 -30.28 52.31 -41.43
CA PRO O 243 -30.39 50.89 -41.07
C PRO O 243 -31.83 50.36 -41.12
N ALA O 244 -32.79 51.19 -40.76
CA ALA O 244 -34.17 50.74 -40.73
C ALA O 244 -35.11 51.91 -40.54
N ARG O 245 -36.41 51.63 -40.70
CA ARG O 245 -37.40 52.63 -40.38
C ARG O 245 -38.43 52.06 -39.42
N LEU O 246 -38.82 52.89 -38.47
CA LEU O 246 -39.84 52.51 -37.54
C LEU O 246 -41.14 52.93 -38.17
N VAL O 247 -42.08 51.99 -38.30
CA VAL O 247 -43.39 52.29 -38.87
C VAL O 247 -44.46 52.30 -37.78
N ILE O 248 -45.27 53.37 -37.77
CA ILE O 248 -46.26 53.57 -36.73
C ILE O 248 -47.67 53.84 -37.26
N ALA O 249 -48.65 53.08 -36.77
CA ALA O 249 -50.07 53.29 -37.08
C ALA O 249 -50.94 53.51 -35.83
N LEU O 250 -51.82 54.50 -35.91
CA LEU O 250 -52.81 54.73 -34.87
C LEU O 250 -54.22 54.74 -35.43
N LEU O 251 -55.11 54.03 -34.77
CA LEU O 251 -56.49 53.97 -35.21
C LEU O 251 -57.38 53.56 -34.07
N ASP O 252 -58.63 53.30 -34.40
CA ASP O 252 -59.64 52.81 -33.46
C ASP O 252 -60.03 53.86 -32.43
N GLY O 253 -59.72 55.12 -32.74
CA GLY O 253 -60.07 56.24 -31.88
C GLY O 253 -61.53 56.67 -32.01
N SER O 254 -61.93 57.57 -31.12
CA SER O 254 -63.29 58.04 -31.00
C SER O 254 -63.52 59.41 -31.60
N SER O 255 -62.44 60.07 -32.02
CA SER O 255 -62.56 61.40 -32.59
C SER O 255 -61.94 61.49 -33.99
N SER O 256 -62.37 62.43 -34.81
CA SER O 256 -61.69 62.60 -36.08
C SER O 256 -60.51 63.56 -35.87
N THR O 257 -60.53 64.33 -34.79
CA THR O 257 -59.40 65.21 -34.48
C THR O 257 -58.55 64.47 -33.45
N ALA O 258 -57.23 64.52 -33.58
CA ALA O 258 -56.33 63.73 -32.75
C ALA O 258 -56.53 63.91 -31.26
N VAL O 259 -56.65 62.78 -30.55
CA VAL O 259 -56.72 62.76 -29.08
C VAL O 259 -55.35 62.40 -28.46
N ALA O 260 -54.94 63.15 -27.46
CA ALA O 260 -53.66 62.87 -26.82
C ALA O 260 -53.65 61.50 -26.15
N ALA O 261 -52.75 60.64 -26.64
CA ALA O 261 -52.64 59.26 -26.20
C ALA O 261 -51.37 58.95 -25.36
N GLY O 262 -50.20 59.13 -25.96
CA GLY O 262 -48.98 58.83 -25.24
C GLY O 262 -47.71 59.28 -25.94
N ARG O 263 -46.60 58.62 -25.61
CA ARG O 263 -45.35 59.02 -26.20
C ARG O 263 -44.53 57.81 -26.48
N ILE O 264 -43.70 57.89 -27.52
CA ILE O 264 -42.73 56.82 -27.78
C ILE O 264 -41.33 57.31 -27.42
N TYR O 265 -40.65 56.54 -26.57
CA TYR O 265 -39.27 56.82 -26.20
C TYR O 265 -38.33 55.87 -26.89
N CYS O 266 -37.11 56.34 -27.12
CA CYS O 266 -36.08 55.49 -27.69
C CYS O 266 -35.04 55.25 -26.66
N THR O 267 -34.73 53.99 -26.48
CA THR O 267 -33.71 53.57 -25.57
C THR O 267 -32.66 52.93 -26.43
N TYR O 268 -31.50 53.54 -26.53
CA TYR O 268 -30.50 53.09 -27.48
C TYR O 268 -29.15 52.86 -26.83
N THR O 269 -28.38 51.94 -27.40
CA THR O 269 -26.96 51.82 -27.12
C THR O 269 -26.21 51.95 -28.43
N ILE O 270 -25.42 53.02 -28.56
CA ILE O 270 -24.75 53.31 -29.82
C ILE O 270 -23.21 53.29 -29.70
N GLN O 271 -22.55 52.74 -30.71
CA GLN O 271 -21.12 52.86 -30.83
C GLN O 271 -20.76 53.97 -31.80
N MET O 272 -20.07 54.98 -31.33
CA MET O 272 -19.74 56.10 -32.20
C MET O 272 -18.24 56.11 -32.47
N ILE O 273 -17.89 56.18 -33.74
CA ILE O 273 -16.48 56.15 -34.13
C ILE O 273 -16.18 57.21 -35.16
N GLU O 274 -14.89 57.49 -35.30
CA GLU O 274 -14.35 58.40 -36.31
C GLU O 274 -14.91 59.82 -36.20
N PRO O 275 -14.39 60.60 -35.20
CA PRO O 275 -14.74 61.99 -34.89
C PRO O 275 -14.59 62.91 -36.09
N THR O 276 -15.27 64.05 -36.04
CA THR O 276 -15.26 65.03 -37.11
C THR O 276 -15.40 66.44 -36.57
N ALA O 277 -14.77 67.40 -37.23
CA ALA O 277 -14.80 68.79 -36.79
C ALA O 277 -15.53 69.68 -37.79
N GLY P 86 -33.87 34.87 -33.85
CA GLY P 86 -34.36 33.97 -34.87
C GLY P 86 -35.01 34.80 -35.95
N GLY P 87 -36.00 34.22 -36.64
CA GLY P 87 -36.70 34.97 -37.67
C GLY P 87 -36.25 34.54 -39.04
N ILE P 88 -35.27 33.66 -39.06
CA ILE P 88 -34.70 33.21 -40.33
C ILE P 88 -35.44 31.99 -40.89
N THR P 89 -36.06 32.13 -42.06
CA THR P 89 -36.65 30.99 -42.74
C THR P 89 -35.65 30.43 -43.74
N VAL P 90 -35.16 29.22 -43.46
CA VAL P 90 -34.16 28.57 -44.30
C VAL P 90 -34.77 27.64 -45.34
N LEU P 91 -34.36 27.84 -46.59
CA LEU P 91 -34.94 27.11 -47.70
C LEU P 91 -33.84 26.42 -48.54
N THR P 92 -34.05 25.15 -48.86
CA THR P 92 -33.14 24.43 -49.77
C THR P 92 -33.98 23.86 -50.90
N HIS P 93 -33.57 24.09 -52.14
CA HIS P 93 -34.39 23.72 -53.32
C HIS P 93 -33.58 23.62 -54.62
N SER P 94 -34.09 22.83 -55.56
CA SER P 94 -33.52 22.76 -56.88
C SER P 94 -34.60 23.11 -57.89
N GLU P 95 -34.29 23.92 -58.89
CA GLU P 95 -35.30 24.16 -59.93
C GLU P 95 -34.67 24.54 -61.26
N LEU P 96 -35.45 24.43 -62.33
CA LEU P 96 -34.99 24.83 -63.66
C LEU P 96 -34.67 26.28 -63.66
N SER P 97 -33.54 26.66 -64.25
CA SER P 97 -33.10 28.05 -64.27
C SER P 97 -32.87 28.66 -65.66
N ALA P 98 -32.61 27.83 -66.68
CA ALA P 98 -32.33 28.33 -68.03
C ALA P 98 -32.42 27.21 -69.03
N GLU P 99 -32.92 27.50 -70.23
CA GLU P 99 -32.93 26.49 -71.31
C GLU P 99 -31.83 26.80 -72.32
N ILE P 100 -31.14 25.77 -72.79
CA ILE P 100 -29.90 26.03 -73.51
C ILE P 100 -29.89 25.38 -74.90
N GLY P 101 -29.55 26.15 -75.92
CA GLY P 101 -29.43 25.62 -77.26
C GLY P 101 -28.10 26.10 -77.81
N VAL P 102 -27.49 25.36 -78.71
CA VAL P 102 -26.15 25.73 -79.20
C VAL P 102 -26.07 26.00 -80.72
N THR P 103 -25.26 27.01 -81.09
CA THR P 103 -25.02 27.35 -82.50
C THR P 103 -23.54 27.31 -82.79
N ASP P 104 -23.15 27.62 -84.02
CA ASP P 104 -21.74 27.48 -84.40
C ASP P 104 -20.89 28.71 -84.12
N SER P 105 -21.49 29.77 -83.61
CA SER P 105 -20.71 30.94 -83.23
C SER P 105 -21.04 31.30 -81.79
N ILE P 106 -20.10 31.96 -81.12
CA ILE P 106 -20.27 32.22 -79.69
C ILE P 106 -21.51 33.09 -79.39
N VAL P 107 -22.30 32.62 -78.44
CA VAL P 107 -23.43 33.36 -77.95
C VAL P 107 -23.31 33.50 -76.43
N VAL P 108 -23.18 34.72 -75.94
CA VAL P 108 -23.00 34.90 -74.51
C VAL P 108 -24.23 35.46 -73.81
N SER P 109 -24.75 34.71 -72.85
CA SER P 109 -25.90 35.15 -72.07
C SER P 109 -25.53 35.23 -70.59
N SER P 110 -26.40 35.81 -69.76
CA SER P 110 -26.08 35.91 -68.34
C SER P 110 -27.30 35.90 -67.44
N GLU P 111 -27.09 35.62 -66.15
CA GLU P 111 -28.19 35.59 -65.22
C GLU P 111 -27.82 36.19 -63.87
N LEU P 112 -28.68 37.08 -63.39
CA LEU P 112 -28.48 37.69 -62.09
C LEU P 112 -28.68 36.64 -60.99
N VAL P 113 -27.70 36.52 -60.08
CA VAL P 113 -27.83 35.55 -58.98
C VAL P 113 -28.56 36.15 -57.78
N MET P 114 -29.86 36.28 -57.96
CA MET P 114 -30.76 36.81 -56.95
C MET P 114 -32.12 36.14 -57.13
N PRO P 115 -32.91 36.02 -56.04
CA PRO P 115 -34.14 35.24 -56.07
C PRO P 115 -34.99 35.54 -57.28
N TYR P 116 -35.16 36.80 -57.64
CA TYR P 116 -36.06 37.11 -58.75
C TYR P 116 -35.71 36.38 -60.04
N THR P 117 -34.44 36.07 -60.22
CA THR P 117 -34.03 35.54 -61.50
C THR P 117 -33.49 34.12 -61.55
N VAL P 118 -33.41 33.41 -60.43
CA VAL P 118 -32.80 32.08 -60.54
C VAL P 118 -33.83 31.13 -61.10
N GLY P 119 -35.10 31.37 -60.78
CA GLY P 119 -36.15 30.48 -61.24
C GLY P 119 -37.50 31.00 -60.83
N THR P 120 -38.52 30.66 -61.61
CA THR P 120 -39.84 31.26 -61.41
C THR P 120 -40.41 30.84 -60.09
N TRP P 121 -40.11 29.63 -59.61
CA TRP P 121 -40.68 29.18 -58.33
C TRP P 121 -40.15 29.99 -57.16
N LEU P 122 -38.82 30.09 -57.07
CA LEU P 122 -38.17 30.88 -56.01
C LEU P 122 -38.53 32.36 -56.09
N ARG P 123 -38.72 32.86 -57.31
CA ARG P 123 -39.12 34.24 -57.47
C ARG P 123 -40.37 34.52 -56.61
N GLY P 124 -41.35 33.64 -56.69
CA GLY P 124 -42.57 33.77 -55.91
C GLY P 124 -42.43 33.61 -54.40
N VAL P 125 -41.68 32.60 -53.97
CA VAL P 125 -41.51 32.33 -52.55
C VAL P 125 -40.84 33.51 -51.82
N ALA P 126 -39.67 33.91 -52.32
CA ALA P 126 -38.83 34.88 -51.65
C ALA P 126 -39.39 36.29 -51.69
N ALA P 127 -40.37 36.50 -52.58
CA ALA P 127 -41.01 37.82 -52.73
C ALA P 127 -41.76 38.18 -51.44
N ASN P 128 -42.09 37.17 -50.66
CA ASN P 128 -42.76 37.35 -49.38
C ASN P 128 -41.86 37.86 -48.28
N TRP P 129 -40.57 37.96 -48.58
CA TRP P 129 -39.59 38.52 -47.65
C TRP P 129 -38.89 39.75 -48.27
N SER P 130 -38.31 40.59 -47.42
CA SER P 130 -37.68 41.83 -47.87
C SER P 130 -36.21 41.64 -48.21
N LYS P 131 -35.55 40.80 -47.43
CA LYS P 131 -34.13 40.50 -47.59
C LYS P 131 -33.88 39.00 -47.62
N TYR P 132 -32.75 38.61 -48.17
CA TYR P 132 -32.29 37.21 -48.18
C TYR P 132 -30.77 37.14 -48.03
N SER P 133 -30.27 35.95 -47.79
CA SER P 133 -28.84 35.69 -47.76
C SER P 133 -28.58 34.33 -48.39
N TRP P 134 -27.68 34.30 -49.37
CA TRP P 134 -27.27 33.02 -49.95
C TRP P 134 -26.35 32.26 -49.02
N LEU P 135 -26.74 31.04 -48.66
CA LEU P 135 -25.87 30.13 -47.93
C LEU P 135 -25.15 29.27 -48.92
N SER P 136 -25.84 28.96 -50.00
CA SER P 136 -25.28 28.20 -51.11
C SER P 136 -26.05 28.42 -52.42
N VAL P 137 -25.32 28.57 -53.51
CA VAL P 137 -25.95 28.65 -54.81
C VAL P 137 -25.13 27.80 -55.77
N ARG P 138 -25.78 26.82 -56.40
CA ARG P 138 -25.11 25.97 -57.37
C ARG P 138 -25.90 25.89 -58.66
N TYR P 139 -25.22 26.19 -59.77
CA TYR P 139 -25.79 26.06 -61.11
C TYR P 139 -25.24 24.81 -61.77
N THR P 140 -26.12 23.93 -62.25
CA THR P 140 -25.70 22.64 -62.81
C THR P 140 -26.24 22.43 -64.22
N TYR P 141 -25.36 22.20 -65.20
CA TYR P 141 -25.81 21.92 -66.57
C TYR P 141 -26.05 20.43 -66.82
N ILE P 142 -27.24 20.10 -67.28
CA ILE P 142 -27.61 18.73 -67.61
C ILE P 142 -27.92 18.61 -69.10
N PRO P 143 -27.25 17.67 -69.79
CA PRO P 143 -27.43 17.55 -71.23
C PRO P 143 -28.74 16.86 -71.54
N SER P 144 -29.28 17.10 -72.74
CA SER P 144 -30.48 16.43 -73.18
C SER P 144 -30.34 16.09 -74.65
N CYS P 145 -29.12 16.11 -75.14
CA CYS P 145 -28.87 15.91 -76.56
C CYS P 145 -28.09 14.64 -76.81
N PRO P 146 -28.04 14.22 -78.08
CA PRO P 146 -27.21 13.07 -78.48
C PRO P 146 -25.73 13.28 -78.25
N SER P 147 -24.98 12.18 -78.12
CA SER P 147 -23.54 12.23 -77.94
C SER P 147 -22.82 12.71 -79.20
N SER P 148 -23.57 12.78 -80.30
CA SER P 148 -23.02 13.15 -81.59
C SER P 148 -23.22 14.65 -81.87
N THR P 149 -23.68 15.36 -80.84
CA THR P 149 -23.92 16.80 -80.92
C THR P 149 -22.63 17.63 -80.82
N ALA P 150 -22.33 18.46 -81.81
CA ALA P 150 -21.19 19.37 -81.69
C ALA P 150 -21.58 20.54 -80.81
N GLY P 151 -20.63 21.04 -80.03
CA GLY P 151 -20.91 22.17 -79.17
C GLY P 151 -20.32 22.04 -77.79
N SER P 152 -20.11 23.18 -77.15
CA SER P 152 -19.67 23.21 -75.76
C SER P 152 -20.33 24.35 -74.98
N ILE P 153 -20.38 24.19 -73.66
CA ILE P 153 -20.96 25.18 -72.78
C ILE P 153 -19.86 25.66 -71.81
N HIS P 154 -19.92 26.94 -71.44
CA HIS P 154 -18.97 27.53 -70.49
C HIS P 154 -19.73 28.37 -69.46
N MET P 155 -19.33 28.27 -68.21
CA MET P 155 -19.96 29.02 -67.14
C MET P 155 -18.94 29.59 -66.17
N GLY P 156 -19.24 30.76 -65.63
CA GLY P 156 -18.45 31.36 -64.59
C GLY P 156 -19.25 32.48 -63.94
N PHE P 157 -18.76 32.98 -62.80
CA PHE P 157 -19.42 34.05 -62.08
C PHE P 157 -18.65 35.38 -62.17
N GLN P 158 -19.39 36.47 -62.33
CA GLN P 158 -18.84 37.81 -62.15
C GLN P 158 -19.46 38.38 -60.91
N TYR P 159 -18.66 39.02 -60.07
CA TYR P 159 -19.16 39.46 -58.79
C TYR P 159 -19.24 40.98 -58.68
N ASP P 160 -18.96 41.67 -59.78
CA ASP P 160 -19.09 43.14 -59.86
C ASP P 160 -19.98 43.52 -61.02
N MET P 161 -21.08 44.20 -60.73
CA MET P 161 -22.04 44.50 -61.78
C MET P 161 -21.49 45.40 -62.87
N ALA P 162 -20.46 46.16 -62.54
CA ALA P 162 -19.86 47.08 -63.49
C ALA P 162 -18.95 46.33 -64.46
N ASP P 163 -18.54 45.11 -64.08
CA ASP P 163 -17.69 44.29 -64.95
C ASP P 163 -18.37 44.18 -66.29
N THR P 164 -17.64 44.36 -67.37
CA THR P 164 -18.26 44.12 -68.65
C THR P 164 -18.35 42.59 -68.87
N VAL P 165 -19.47 42.11 -69.40
CA VAL P 165 -19.65 40.69 -69.70
C VAL P 165 -18.69 40.19 -70.80
N PRO P 166 -17.99 39.08 -70.53
CA PRO P 166 -16.98 38.55 -71.47
C PRO P 166 -17.52 38.23 -72.84
N VAL P 167 -16.64 38.27 -73.82
CA VAL P 167 -17.02 38.06 -75.21
C VAL P 167 -16.24 36.90 -75.81
N SER P 168 -15.25 36.38 -75.08
CA SER P 168 -14.50 35.21 -75.55
C SER P 168 -14.37 34.10 -74.49
N VAL P 169 -14.25 32.86 -74.96
CA VAL P 169 -14.00 31.73 -74.08
C VAL P 169 -12.74 32.00 -73.26
N ASN P 170 -11.75 32.59 -73.92
CA ASN P 170 -10.47 32.94 -73.30
C ASN P 170 -10.67 33.78 -72.05
N GLN P 171 -11.45 34.84 -72.20
CA GLN P 171 -11.81 35.70 -71.10
C GLN P 171 -12.56 34.96 -70.02
N LEU P 172 -13.65 34.31 -70.44
CA LEU P 172 -14.54 33.63 -69.52
C LEU P 172 -13.76 32.64 -68.68
N SER P 173 -12.73 32.03 -69.27
CA SER P 173 -11.95 30.99 -68.60
C SER P 173 -11.27 31.48 -67.32
N ASN P 174 -11.16 32.79 -67.15
CA ASN P 174 -10.47 33.32 -65.97
C ASN P 174 -11.34 33.50 -64.76
N LEU P 175 -12.66 33.39 -64.95
CA LEU P 175 -13.60 33.65 -63.87
C LEU P 175 -13.55 32.63 -62.78
N ARG P 176 -13.79 33.09 -61.56
CA ARG P 176 -14.06 32.19 -60.46
C ARG P 176 -15.18 31.26 -60.87
N GLY P 177 -14.92 29.97 -60.73
CA GLY P 177 -15.93 28.96 -60.96
C GLY P 177 -16.11 28.61 -62.41
N TYR P 178 -15.12 28.97 -63.22
CA TYR P 178 -15.20 28.63 -64.64
C TYR P 178 -15.28 27.13 -64.79
N VAL P 179 -16.28 26.70 -65.56
CA VAL P 179 -16.40 25.30 -65.93
C VAL P 179 -16.74 25.19 -67.42
N SER P 180 -16.45 24.03 -67.99
CA SER P 180 -16.51 23.84 -69.41
C SER P 180 -16.68 22.36 -69.73
N GLY P 181 -17.46 22.08 -70.77
CA GLY P 181 -17.61 20.70 -71.19
C GLY P 181 -18.35 20.58 -72.50
N GLN P 182 -18.31 19.37 -73.07
CA GLN P 182 -19.11 19.03 -74.24
C GLN P 182 -20.58 19.29 -73.92
N VAL P 183 -21.32 19.68 -74.94
CA VAL P 183 -22.69 20.08 -74.75
C VAL P 183 -23.62 18.87 -74.45
N TRP P 184 -23.10 17.66 -74.66
CA TRP P 184 -23.82 16.44 -74.35
C TRP P 184 -23.23 15.77 -73.11
N SER P 185 -22.23 16.41 -72.51
CA SER P 185 -21.67 15.92 -71.24
C SER P 185 -22.41 16.55 -70.08
N GLY P 186 -22.16 16.05 -68.87
CA GLY P 186 -22.66 16.67 -67.65
C GLY P 186 -23.62 15.91 -66.78
N SER P 187 -24.01 14.70 -67.22
CA SER P 187 -24.98 13.86 -66.54
C SER P 187 -24.65 13.73 -65.06
N ALA P 188 -23.37 13.56 -64.77
CA ALA P 188 -22.90 13.29 -63.42
C ALA P 188 -23.16 14.44 -62.43
N GLY P 189 -23.67 15.57 -62.94
CA GLY P 189 -24.05 16.67 -62.08
C GLY P 189 -25.42 16.47 -61.44
N LEU P 190 -26.19 15.52 -61.94
CA LEU P 190 -27.57 15.32 -61.48
C LEU P 190 -27.71 15.08 -59.98
N CYS P 191 -26.77 14.35 -59.40
CA CYS P 191 -26.82 14.03 -57.97
C CYS P 191 -26.78 15.26 -57.05
N PHE P 192 -26.27 16.38 -57.58
CA PHE P 192 -26.35 17.66 -56.89
C PHE P 192 -27.78 18.18 -56.83
N ILE P 193 -28.54 17.85 -57.88
CA ILE P 193 -29.89 18.36 -58.08
C ILE P 193 -30.94 17.63 -57.23
N ASN P 194 -30.82 16.30 -57.09
CA ASN P 194 -31.77 15.59 -56.22
C ASN P 194 -31.15 15.38 -54.84
N GLY P 195 -29.99 16.00 -54.64
CA GLY P 195 -29.30 16.02 -53.36
C GLY P 195 -28.92 14.69 -52.73
N THR P 196 -28.64 13.68 -53.55
CA THR P 196 -28.30 12.33 -53.08
C THR P 196 -26.78 12.16 -52.96
N ARG P 197 -26.31 10.97 -52.56
CA ARG P 197 -24.86 10.74 -52.38
C ARG P 197 -24.06 10.93 -53.66
N CYS P 198 -23.18 11.93 -53.66
CA CYS P 198 -22.36 12.21 -54.83
C CYS P 198 -20.97 11.57 -54.70
N SER P 199 -20.58 10.88 -55.77
CA SER P 199 -19.31 10.17 -55.85
C SER P 199 -18.54 10.65 -57.07
N ASP P 200 -18.87 10.10 -58.22
CA ASP P 200 -18.21 10.42 -59.47
C ASP P 200 -18.73 11.70 -60.13
N THR P 201 -18.42 12.84 -59.52
CA THR P 201 -18.91 14.11 -60.02
C THR P 201 -17.83 14.82 -60.82
N SER P 202 -16.77 14.13 -61.20
CA SER P 202 -15.64 14.82 -61.85
C SER P 202 -16.05 15.42 -63.18
N THR P 203 -16.99 14.76 -63.86
CA THR P 203 -17.44 15.20 -65.17
C THR P 203 -18.60 16.19 -65.13
N ALA P 204 -19.07 16.48 -63.92
CA ALA P 204 -20.18 17.38 -63.73
C ALA P 204 -19.81 18.79 -64.19
N ILE P 205 -20.63 19.34 -65.07
CA ILE P 205 -20.50 20.73 -65.48
C ILE P 205 -21.34 21.57 -64.51
N SER P 206 -20.84 21.68 -63.30
CA SER P 206 -21.55 22.30 -62.19
C SER P 206 -20.61 23.28 -61.48
N THR P 207 -21.15 24.41 -61.05
CA THR P 207 -20.32 25.40 -60.38
C THR P 207 -21.10 26.13 -59.32
N THR P 208 -20.42 26.65 -58.30
CA THR P 208 -21.08 27.25 -57.15
C THR P 208 -20.58 28.66 -56.86
N LEU P 209 -21.44 29.47 -56.24
CA LEU P 209 -21.16 30.86 -55.86
C LEU P 209 -20.28 30.97 -54.60
N ASP P 210 -19.33 31.89 -54.59
CA ASP P 210 -18.53 32.12 -53.37
C ASP P 210 -19.27 32.96 -52.34
N VAL P 211 -20.12 32.33 -51.55
CA VAL P 211 -20.94 33.07 -50.62
C VAL P 211 -20.10 33.86 -49.62
N SER P 212 -18.93 33.34 -49.27
CA SER P 212 -18.01 33.99 -48.32
C SER P 212 -17.43 35.34 -48.80
N LYS P 213 -17.50 35.61 -50.09
CA LYS P 213 -16.76 36.73 -50.67
C LYS P 213 -17.72 37.79 -51.19
N LEU P 214 -18.98 37.66 -50.83
CA LEU P 214 -19.98 38.61 -51.28
C LEU P 214 -19.75 40.00 -50.64
N GLY P 215 -20.27 41.03 -51.26
CA GLY P 215 -20.16 42.39 -50.74
C GLY P 215 -20.66 42.49 -49.31
N LYS P 216 -21.89 42.00 -49.12
CA LYS P 216 -22.56 41.94 -47.81
C LYS P 216 -23.17 40.58 -47.53
N LYS P 217 -23.88 40.46 -46.41
CA LYS P 217 -24.55 39.20 -46.08
C LYS P 217 -26.03 39.24 -46.45
N TRP P 218 -26.70 40.32 -46.06
CA TRP P 218 -28.12 40.45 -46.29
C TRP P 218 -28.41 41.36 -47.48
N TYR P 219 -28.96 40.79 -48.54
CA TYR P 219 -29.29 41.57 -49.72
C TYR P 219 -30.78 41.80 -49.75
N PRO P 220 -31.20 42.95 -50.26
CA PRO P 220 -32.64 43.15 -50.44
C PRO P 220 -33.16 42.38 -51.68
N TYR P 221 -34.36 41.82 -51.62
CA TYR P 221 -35.03 41.20 -52.77
C TYR P 221 -35.31 42.27 -53.79
N LYS P 222 -34.82 42.07 -54.99
CA LYS P 222 -35.02 43.05 -56.05
C LYS P 222 -35.49 42.34 -57.29
N THR P 223 -36.20 43.07 -58.16
CA THR P 223 -36.65 42.56 -59.45
C THR P 223 -35.68 42.97 -60.55
N SER P 224 -35.87 42.44 -61.76
CA SER P 224 -35.10 42.90 -62.90
C SER P 224 -35.37 44.38 -63.14
N ALA P 225 -36.64 44.74 -62.95
CA ALA P 225 -37.08 46.12 -63.08
C ALA P 225 -36.24 47.01 -62.18
N ASP P 226 -36.09 46.61 -60.92
CA ASP P 226 -35.29 47.36 -59.97
C ASP P 226 -33.85 47.45 -60.45
N TYR P 227 -33.33 46.35 -60.95
CA TYR P 227 -31.95 46.32 -61.43
C TYR P 227 -31.74 47.26 -62.59
N ALA P 228 -32.62 47.14 -63.58
CA ALA P 228 -32.50 47.91 -64.80
C ALA P 228 -32.50 49.42 -64.53
N THR P 229 -33.46 49.88 -63.73
CA THR P 229 -33.55 51.30 -63.39
C THR P 229 -32.30 51.77 -62.64
N ALA P 230 -31.85 50.97 -61.69
CA ALA P 230 -30.69 51.32 -60.85
C ALA P 230 -29.45 51.54 -61.69
N VAL P 231 -29.21 50.68 -62.67
CA VAL P 231 -28.07 50.84 -63.55
C VAL P 231 -28.34 51.98 -64.52
N GLY P 232 -29.61 52.34 -64.68
CA GLY P 232 -29.97 53.49 -65.50
C GLY P 232 -29.42 54.78 -64.92
N VAL P 233 -29.36 54.85 -63.59
CA VAL P 233 -28.77 56.00 -62.90
C VAL P 233 -27.24 55.90 -62.78
N ASP P 234 -26.77 54.77 -62.27
CA ASP P 234 -25.35 54.48 -62.09
C ASP P 234 -25.21 53.00 -61.82
N VAL P 235 -24.40 52.31 -62.62
CA VAL P 235 -24.26 50.86 -62.53
C VAL P 235 -23.79 50.36 -61.16
N ASN P 236 -23.07 51.21 -60.45
CA ASN P 236 -22.48 50.85 -59.15
C ASN P 236 -23.54 50.81 -58.05
N ILE P 237 -24.67 51.48 -58.31
CA ILE P 237 -25.81 51.44 -57.40
C ILE P 237 -26.33 50.01 -57.32
N ALA P 238 -26.10 49.24 -58.38
CA ALA P 238 -26.58 47.88 -58.48
C ALA P 238 -25.79 46.91 -57.59
N THR P 239 -24.53 47.23 -57.32
CA THR P 239 -23.67 46.33 -56.57
C THR P 239 -24.19 45.99 -55.17
N PRO P 240 -24.74 46.98 -54.43
CA PRO P 240 -25.28 46.50 -53.14
C PRO P 240 -26.63 45.82 -53.26
N LEU P 241 -27.16 45.69 -54.48
CA LEU P 241 -28.48 45.10 -54.67
C LEU P 241 -28.49 43.67 -55.22
N VAL P 242 -27.51 43.34 -56.08
CA VAL P 242 -27.37 41.98 -56.64
C VAL P 242 -25.96 41.43 -56.36
N PRO P 243 -25.86 40.23 -55.77
CA PRO P 243 -24.57 39.65 -55.33
C PRO P 243 -23.59 39.21 -56.43
N ALA P 244 -24.09 38.70 -57.54
CA ALA P 244 -23.21 38.27 -58.61
C ALA P 244 -24.01 38.01 -59.87
N ARG P 245 -23.34 37.80 -60.99
CA ARG P 245 -24.02 37.36 -62.20
C ARG P 245 -23.32 36.12 -62.75
N LEU P 246 -24.13 35.21 -63.28
CA LEU P 246 -23.64 33.99 -63.93
C LEU P 246 -23.47 34.28 -65.41
N VAL P 247 -22.29 33.97 -65.95
CA VAL P 247 -22.01 34.17 -67.35
C VAL P 247 -22.01 32.84 -68.10
N ILE P 248 -22.63 32.82 -69.28
CA ILE P 248 -22.76 31.62 -70.09
C ILE P 248 -22.30 31.81 -71.52
N ALA P 249 -21.42 30.93 -72.00
CA ALA P 249 -21.07 30.97 -73.42
C ALA P 249 -21.35 29.62 -74.07
N LEU P 250 -21.91 29.66 -75.28
CA LEU P 250 -22.11 28.48 -76.09
C LEU P 250 -21.60 28.68 -77.49
N LEU P 251 -20.88 27.70 -77.98
CA LEU P 251 -20.27 27.78 -79.29
C LEU P 251 -19.96 26.38 -79.78
N ASP P 252 -19.22 26.29 -80.88
CA ASP P 252 -18.77 24.98 -81.37
C ASP P 252 -19.90 24.13 -81.89
N GLY P 253 -21.05 24.76 -82.16
CA GLY P 253 -22.17 24.03 -82.69
C GLY P 253 -21.94 23.73 -84.15
N SER P 254 -22.78 22.89 -84.73
CA SER P 254 -22.58 22.52 -86.12
C SER P 254 -23.58 23.28 -86.99
N SER P 255 -24.53 23.95 -86.34
CA SER P 255 -25.60 24.67 -87.04
C SER P 255 -25.65 26.16 -86.75
N SER P 256 -26.25 26.90 -87.68
CA SER P 256 -26.43 28.33 -87.50
C SER P 256 -27.66 28.61 -86.66
N THR P 257 -28.60 27.66 -86.66
CA THR P 257 -29.80 27.76 -85.81
C THR P 257 -29.62 26.89 -84.57
N ALA P 258 -30.01 27.41 -83.41
CA ALA P 258 -29.78 26.71 -82.15
C ALA P 258 -30.37 25.31 -82.15
N VAL P 259 -29.53 24.35 -81.80
CA VAL P 259 -29.93 22.96 -81.61
C VAL P 259 -30.08 22.73 -80.12
N ALA P 260 -31.14 22.02 -79.72
CA ALA P 260 -31.39 21.74 -78.33
C ALA P 260 -30.20 21.05 -77.68
N ALA P 261 -29.65 21.69 -76.67
CA ALA P 261 -28.47 21.18 -76.03
C ALA P 261 -28.84 20.64 -74.66
N GLY P 262 -29.26 21.53 -73.77
CA GLY P 262 -29.61 21.14 -72.41
C GLY P 262 -30.29 22.20 -71.59
N ARG P 263 -30.17 22.08 -70.26
CA ARG P 263 -30.82 22.98 -69.31
C ARG P 263 -29.88 23.28 -68.15
N ILE P 264 -29.99 24.47 -67.56
CA ILE P 264 -29.24 24.77 -66.32
C ILE P 264 -30.21 24.81 -65.11
N TYR P 265 -29.90 24.01 -64.10
CA TYR P 265 -30.69 23.99 -62.88
C TYR P 265 -29.92 24.75 -61.79
N CYS P 266 -30.67 25.34 -60.87
CA CYS P 266 -30.07 26.04 -59.75
C CYS P 266 -30.44 25.30 -58.47
N THR P 267 -29.42 24.96 -57.68
CA THR P 267 -29.64 24.36 -56.37
C THR P 267 -29.10 25.27 -55.28
N TYR P 268 -29.98 25.85 -54.48
CA TYR P 268 -29.56 26.89 -53.56
C TYR P 268 -30.06 26.59 -52.16
N THR P 269 -29.37 27.11 -51.16
CA THR P 269 -29.92 27.16 -49.82
C THR P 269 -29.96 28.62 -49.40
N ILE P 270 -31.17 29.14 -49.22
CA ILE P 270 -31.36 30.58 -48.99
C ILE P 270 -31.92 30.87 -47.59
N GLN P 271 -31.44 31.94 -46.98
CA GLN P 271 -32.02 32.45 -45.73
C GLN P 271 -32.96 33.62 -46.01
N MET P 272 -34.22 33.49 -45.65
CA MET P 272 -35.10 34.60 -45.94
C MET P 272 -35.60 35.23 -44.63
N ILE P 273 -35.46 36.55 -44.51
CA ILE P 273 -35.86 37.23 -43.28
C ILE P 273 -36.69 38.48 -43.54
N GLU P 274 -37.45 38.88 -42.52
CA GLU P 274 -38.25 40.10 -42.49
C GLU P 274 -39.34 40.14 -43.57
N PRO P 275 -40.46 39.43 -43.32
CA PRO P 275 -41.63 39.32 -44.19
C PRO P 275 -42.19 40.66 -44.62
N THR P 276 -42.98 40.63 -45.68
CA THR P 276 -43.58 41.83 -46.26
C THR P 276 -44.95 41.52 -46.83
N ALA P 277 -45.84 42.49 -46.75
CA ALA P 277 -47.19 42.34 -47.26
C ALA P 277 -47.41 43.29 -48.41
N GLY Q 86 8.56 37.73 -46.30
CA GLY Q 86 9.11 36.89 -47.35
C GLY Q 86 9.24 37.60 -48.69
N GLY Q 87 8.15 38.20 -49.17
CA GLY Q 87 8.18 38.88 -50.45
C GLY Q 87 7.45 38.05 -51.49
N ILE Q 88 7.04 36.86 -51.09
CA ILE Q 88 6.37 35.93 -52.01
C ILE Q 88 4.86 36.12 -52.09
N THR Q 89 4.36 36.43 -53.28
CA THR Q 89 2.93 36.41 -53.53
C THR Q 89 2.54 35.08 -54.19
N VAL Q 90 1.75 34.27 -53.49
CA VAL Q 90 1.32 33.00 -54.04
C VAL Q 90 -0.03 33.11 -54.75
N LEU Q 91 -0.05 32.64 -55.99
CA LEU Q 91 -1.19 32.76 -56.86
C LEU Q 91 -1.60 31.39 -57.39
N THR Q 92 -2.90 31.09 -57.30
CA THR Q 92 -3.44 29.85 -57.87
C THR Q 92 -4.57 30.20 -58.87
N HIS Q 93 -4.51 29.64 -60.07
CA HIS Q 93 -5.44 30.04 -61.11
C HIS Q 93 -5.51 29.02 -62.25
N SER Q 94 -6.63 29.01 -62.96
CA SER Q 94 -6.82 28.23 -64.18
C SER Q 94 -7.20 29.16 -65.33
N GLU Q 95 -6.63 28.93 -66.50
CA GLU Q 95 -7.04 29.71 -67.67
C GLU Q 95 -6.83 28.98 -68.98
N LEU Q 96 -7.47 29.50 -70.04
CA LEU Q 96 -7.33 28.94 -71.38
C LEU Q 96 -5.86 29.08 -71.78
N SER Q 97 -5.27 28.01 -72.29
CA SER Q 97 -3.84 28.03 -72.63
C SER Q 97 -3.61 27.70 -74.11
N ALA Q 98 -4.55 26.97 -74.73
CA ALA Q 98 -4.42 26.57 -76.12
C ALA Q 98 -5.73 26.02 -76.64
N GLU Q 99 -6.02 26.30 -77.90
CA GLU Q 99 -7.18 25.72 -78.58
C GLU Q 99 -6.73 24.64 -79.53
N ILE Q 100 -7.49 23.57 -79.61
CA ILE Q 100 -7.00 22.33 -80.19
C ILE Q 100 -7.83 21.88 -81.37
N GLY Q 101 -7.15 21.56 -82.48
CA GLY Q 101 -7.83 21.07 -83.66
C GLY Q 101 -7.13 19.84 -84.19
N VAL Q 102 -7.89 18.93 -84.80
CA VAL Q 102 -7.36 17.66 -85.29
C VAL Q 102 -7.56 17.43 -86.80
N THR Q 103 -6.52 16.90 -87.45
CA THR Q 103 -6.52 16.54 -88.88
C THR Q 103 -6.13 15.09 -89.07
N ASP Q 104 -6.03 14.65 -90.32
CA ASP Q 104 -5.78 13.24 -90.63
C ASP Q 104 -4.31 12.87 -90.66
N SER Q 105 -3.45 13.86 -90.47
CA SER Q 105 -2.02 13.62 -90.36
C SER Q 105 -1.49 14.25 -89.06
N ILE Q 106 -0.42 13.71 -88.51
CA ILE Q 106 0.11 14.21 -87.23
C ILE Q 106 0.58 15.66 -87.34
N VAL Q 107 0.13 16.47 -86.38
CA VAL Q 107 0.54 17.87 -86.25
C VAL Q 107 1.07 18.07 -84.83
N VAL Q 108 2.36 18.39 -84.71
CA VAL Q 108 2.97 18.52 -83.38
C VAL Q 108 3.26 19.98 -83.08
N SER Q 109 2.64 20.51 -82.02
CA SER Q 109 2.87 21.89 -81.58
C SER Q 109 3.45 21.86 -80.16
N SER Q 110 3.86 23.01 -79.65
CA SER Q 110 4.41 23.02 -78.29
C SER Q 110 4.19 24.34 -77.60
N GLU Q 111 4.37 24.35 -76.28
CA GLU Q 111 4.20 25.55 -75.48
C GLU Q 111 5.27 25.62 -74.41
N LEU Q 112 5.89 26.79 -74.28
CA LEU Q 112 6.85 26.99 -73.21
C LEU Q 112 6.09 27.06 -71.91
N VAL Q 113 6.54 26.31 -70.92
CA VAL Q 113 5.89 26.31 -69.61
C VAL Q 113 6.45 27.45 -68.77
N MET Q 114 6.08 28.68 -69.13
CA MET Q 114 6.54 29.89 -68.43
C MET Q 114 5.43 30.93 -68.49
N PRO Q 115 5.34 31.78 -67.46
CA PRO Q 115 4.18 32.66 -67.33
C PRO Q 115 3.78 33.35 -68.62
N TYR Q 116 4.77 33.85 -69.36
CA TYR Q 116 4.50 34.61 -70.58
C TYR Q 116 3.69 33.83 -71.61
N THR Q 117 3.84 32.51 -71.67
CA THR Q 117 3.24 31.71 -72.74
C THR Q 117 2.14 30.76 -72.24
N VAL Q 118 1.84 30.83 -70.96
CA VAL Q 118 0.86 29.94 -70.37
C VAL Q 118 -0.55 30.41 -70.61
N GLY Q 119 -0.77 31.71 -70.61
CA GLY Q 119 -2.11 32.23 -70.79
C GLY Q 119 -2.05 33.74 -70.79
N THR Q 120 -3.00 34.40 -71.41
CA THR Q 120 -2.92 35.85 -71.52
C THR Q 120 -3.02 36.55 -70.17
N TRP Q 121 -3.85 36.04 -69.26
CA TRP Q 121 -4.02 36.67 -67.95
C TRP Q 121 -2.74 36.60 -67.12
N LEU Q 122 -2.24 35.38 -66.93
CA LEU Q 122 -1.01 35.19 -66.17
C LEU Q 122 0.14 35.91 -66.82
N ARG Q 123 0.15 35.94 -68.15
CA ARG Q 123 1.21 36.62 -68.86
C ARG Q 123 1.30 38.04 -68.36
N GLY Q 124 0.15 38.71 -68.33
CA GLY Q 124 0.09 40.08 -67.85
C GLY Q 124 0.37 40.22 -66.36
N VAL Q 125 -0.21 39.34 -65.56
CA VAL Q 125 -0.08 39.43 -64.10
C VAL Q 125 1.39 39.26 -63.66
N ALA Q 126 2.03 38.18 -64.09
CA ALA Q 126 3.36 37.82 -63.60
C ALA Q 126 4.45 38.78 -64.07
N ALA Q 127 4.12 39.61 -65.06
CA ALA Q 127 5.09 40.57 -65.62
C ALA Q 127 5.53 41.61 -64.59
N ASN Q 128 4.69 41.83 -63.58
CA ASN Q 128 4.97 42.82 -62.54
C ASN Q 128 6.00 42.35 -61.54
N TRP Q 129 6.43 41.10 -61.69
CA TRP Q 129 7.53 40.53 -60.89
C TRP Q 129 8.69 40.07 -61.80
N SER Q 130 9.88 39.95 -61.24
CA SER Q 130 11.03 39.57 -62.04
C SER Q 130 11.26 38.07 -62.10
N LYS Q 131 10.97 37.40 -61.00
CA LYS Q 131 11.19 35.96 -60.94
C LYS Q 131 9.93 35.27 -60.44
N TYR Q 132 9.79 34.00 -60.77
CA TYR Q 132 8.68 33.20 -60.31
C TYR Q 132 9.17 31.79 -60.02
N SER Q 133 8.36 31.01 -59.32
CA SER Q 133 8.67 29.61 -59.12
C SER Q 133 7.39 28.81 -59.23
N TRP Q 134 7.48 27.71 -60.00
CA TRP Q 134 6.36 26.79 -60.10
C TRP Q 134 6.24 25.91 -58.87
N LEU Q 135 5.09 25.96 -58.21
CA LEU Q 135 4.80 25.02 -57.16
C LEU Q 135 4.00 23.90 -57.78
N SER Q 136 3.19 24.24 -58.76
CA SER Q 136 2.44 23.24 -59.49
C SER Q 136 2.00 23.79 -60.84
N VAL Q 137 2.13 22.95 -61.86
CA VAL Q 137 1.62 23.24 -63.18
C VAL Q 137 0.94 22.03 -63.75
N ARG Q 138 -0.33 22.19 -64.11
CA ARG Q 138 -1.09 21.11 -64.71
C ARG Q 138 -1.72 21.57 -66.04
N TYR Q 139 -1.52 20.78 -67.09
CA TYR Q 139 -2.21 21.01 -68.36
C TYR Q 139 -3.35 20.00 -68.52
N THR Q 140 -4.53 20.51 -68.75
CA THR Q 140 -5.68 19.65 -68.79
C THR Q 140 -6.42 19.88 -70.11
N TYR Q 141 -6.55 18.84 -70.91
CA TYR Q 141 -7.32 18.95 -72.15
C TYR Q 141 -8.79 18.63 -71.87
N ILE Q 142 -9.67 19.55 -72.24
CA ILE Q 142 -11.10 19.32 -72.11
C ILE Q 142 -11.68 19.29 -73.51
N PRO Q 143 -12.41 18.23 -73.87
CA PRO Q 143 -12.92 18.10 -75.25
C PRO Q 143 -14.12 19.00 -75.50
N SER Q 144 -14.40 19.30 -76.77
CA SER Q 144 -15.58 20.09 -77.11
C SER Q 144 -16.30 19.57 -78.37
N CYS Q 145 -16.02 18.32 -78.72
CA CYS Q 145 -16.53 17.74 -79.96
C CYS Q 145 -17.47 16.55 -79.69
N PRO Q 146 -18.20 16.11 -80.75
CA PRO Q 146 -19.03 14.90 -80.67
C PRO Q 146 -18.23 13.64 -80.36
N SER Q 147 -18.93 12.64 -79.84
CA SER Q 147 -18.33 11.35 -79.55
C SER Q 147 -17.99 10.61 -80.82
N SER Q 148 -18.44 11.15 -81.96
CA SER Q 148 -18.20 10.49 -83.24
C SER Q 148 -16.99 11.09 -83.98
N THR Q 149 -16.33 12.04 -83.32
CA THR Q 149 -15.20 12.73 -83.93
C THR Q 149 -13.96 11.86 -83.95
N ALA Q 150 -13.37 11.65 -85.12
CA ALA Q 150 -12.12 10.90 -85.20
C ALA Q 150 -10.97 11.76 -84.73
N GLY Q 151 -10.00 11.14 -84.09
CA GLY Q 151 -8.83 11.85 -83.59
C GLY Q 151 -8.41 11.47 -82.19
N SER Q 152 -7.13 11.68 -81.93
CA SER Q 152 -6.55 11.49 -80.61
C SER Q 152 -5.59 12.64 -80.35
N ILE Q 153 -5.40 12.95 -79.08
CA ILE Q 153 -4.48 13.98 -78.67
C ILE Q 153 -3.43 13.34 -77.78
N HIS Q 154 -2.20 13.84 -77.83
CA HIS Q 154 -1.10 13.36 -77.01
C HIS Q 154 -0.38 14.56 -76.40
N MET Q 155 -0.02 14.48 -75.11
CA MET Q 155 0.72 15.55 -74.45
C MET Q 155 1.82 14.97 -73.58
N GLY Q 156 2.98 15.62 -73.57
CA GLY Q 156 4.10 15.22 -72.75
C GLY Q 156 5.12 16.32 -72.58
N PHE Q 157 6.04 16.18 -71.63
CA PHE Q 157 7.00 17.24 -71.31
C PHE Q 157 8.46 17.02 -71.71
N GLN Q 158 9.09 18.06 -72.22
CA GLN Q 158 10.53 18.06 -72.35
C GLN Q 158 11.03 19.08 -71.32
N TYR Q 159 12.10 18.73 -70.62
CA TYR Q 159 12.58 19.58 -69.55
C TYR Q 159 13.93 20.16 -69.96
N ASP Q 160 14.33 19.89 -71.20
CA ASP Q 160 15.55 20.47 -71.76
C ASP Q 160 15.29 21.19 -73.08
N MET Q 161 15.58 22.49 -73.12
CA MET Q 161 15.26 23.29 -74.29
C MET Q 161 16.02 22.82 -75.52
N ALA Q 162 17.12 22.12 -75.28
CA ALA Q 162 17.96 21.62 -76.38
C ALA Q 162 17.37 20.39 -77.04
N ASP Q 163 16.45 19.72 -76.35
CA ASP Q 163 15.80 18.52 -76.88
C ASP Q 163 15.13 18.79 -78.23
N THR Q 164 15.28 17.87 -79.18
CA THR Q 164 14.56 18.02 -80.45
C THR Q 164 13.09 17.67 -80.21
N VAL Q 165 12.19 18.44 -80.79
CA VAL Q 165 10.78 18.17 -80.64
C VAL Q 165 10.41 16.86 -81.30
N PRO Q 166 9.64 16.02 -80.59
CA PRO Q 166 9.23 14.71 -81.09
C PRO Q 166 8.46 14.82 -82.39
N VAL Q 167 8.50 13.77 -83.20
CA VAL Q 167 7.84 13.76 -84.50
C VAL Q 167 6.83 12.61 -84.66
N SER Q 168 6.87 11.65 -83.74
CA SER Q 168 5.94 10.51 -83.77
C SER Q 168 5.29 10.26 -82.39
N VAL Q 169 4.09 9.69 -82.37
CA VAL Q 169 3.45 9.30 -81.11
C VAL Q 169 4.37 8.35 -80.36
N ASN Q 170 5.07 7.50 -81.09
CA ASN Q 170 6.05 6.59 -80.49
C ASN Q 170 7.09 7.28 -79.62
N GLN Q 171 7.73 8.30 -80.17
CA GLN Q 171 8.67 9.09 -79.42
C GLN Q 171 8.04 9.76 -78.20
N LEU Q 172 6.96 10.47 -78.47
CA LEU Q 172 6.29 11.27 -77.47
C LEU Q 172 5.90 10.39 -76.30
N SER Q 173 5.53 9.13 -76.57
CA SER Q 173 5.00 8.21 -75.55
C SER Q 173 5.99 7.95 -74.43
N ASN Q 174 7.26 8.27 -74.66
CA ASN Q 174 8.32 8.07 -73.69
C ASN Q 174 8.51 9.24 -72.72
N LEU Q 175 7.87 10.37 -73.01
CA LEU Q 175 8.02 11.56 -72.19
C LEU Q 175 7.36 11.43 -70.83
N ARG Q 176 7.99 12.03 -69.82
CA ARG Q 176 7.37 12.23 -68.51
C ARG Q 176 6.01 12.90 -68.62
N GLY Q 177 5.02 12.31 -67.97
CA GLY Q 177 3.71 12.92 -67.87
C GLY Q 177 2.94 12.74 -69.14
N TYR Q 178 3.40 11.81 -69.95
CA TYR Q 178 2.73 11.51 -71.19
C TYR Q 178 1.30 11.05 -70.92
N VAL Q 179 0.36 11.68 -71.65
CA VAL Q 179 -1.04 11.25 -71.65
C VAL Q 179 -1.58 11.19 -73.09
N SER Q 180 -2.67 10.47 -73.28
CA SER Q 180 -3.23 10.25 -74.60
C SER Q 180 -4.70 9.85 -74.49
N GLY Q 181 -5.52 10.34 -75.41
CA GLY Q 181 -6.91 9.93 -75.45
C GLY Q 181 -7.62 10.43 -76.69
N GLN Q 182 -8.81 9.86 -76.92
CA GLN Q 182 -9.70 10.28 -77.99
C GLN Q 182 -9.97 11.76 -77.86
N VAL Q 183 -10.19 12.47 -78.98
CA VAL Q 183 -10.37 13.92 -78.92
C VAL Q 183 -11.66 14.29 -78.25
N TRP Q 184 -12.52 13.30 -78.05
CA TRP Q 184 -13.80 13.54 -77.40
C TRP Q 184 -13.82 13.02 -75.97
N SER Q 185 -12.71 12.45 -75.54
CA SER Q 185 -12.55 12.04 -74.16
C SER Q 185 -11.90 13.17 -73.37
N GLY Q 186 -11.88 13.05 -72.04
CA GLY Q 186 -11.14 13.98 -71.20
C GLY Q 186 -11.98 14.83 -70.27
N SER Q 187 -13.30 14.66 -70.36
CA SER Q 187 -14.26 15.39 -69.56
C SER Q 187 -13.99 15.35 -68.05
N ALA Q 188 -13.49 14.21 -67.57
CA ALA Q 188 -13.22 14.01 -66.14
C ALA Q 188 -12.12 14.90 -65.60
N GLY Q 189 -11.44 15.62 -66.48
CA GLY Q 189 -10.40 16.53 -66.06
C GLY Q 189 -10.90 17.85 -65.52
N LEU Q 190 -12.18 18.13 -65.73
CA LEU Q 190 -12.73 19.42 -65.33
C LEU Q 190 -12.54 19.69 -63.85
N CYS Q 191 -12.62 18.65 -63.03
CA CYS Q 191 -12.54 18.81 -61.58
C CYS Q 191 -11.19 19.37 -61.15
N PHE Q 192 -10.15 19.14 -61.96
CA PHE Q 192 -8.84 19.76 -61.67
C PHE Q 192 -8.87 21.26 -61.86
N ILE Q 193 -9.65 21.69 -62.84
CA ILE Q 193 -9.63 23.08 -63.29
C ILE Q 193 -10.33 24.01 -62.30
N ASN Q 194 -11.47 23.60 -61.75
CA ASN Q 194 -12.10 24.43 -60.74
C ASN Q 194 -11.79 23.92 -59.34
N GLY Q 195 -10.83 22.99 -59.24
CA GLY Q 195 -10.33 22.52 -57.97
C GLY Q 195 -11.29 21.81 -57.02
N THR Q 196 -12.21 21.02 -57.56
CA THR Q 196 -13.23 20.40 -56.71
C THR Q 196 -12.73 19.00 -56.28
N ARG Q 197 -13.53 18.28 -55.49
CA ARG Q 197 -13.17 16.93 -55.06
C ARG Q 197 -13.05 16.00 -56.28
N CYS Q 198 -11.84 15.47 -56.50
CA CYS Q 198 -11.61 14.60 -57.65
C CYS Q 198 -11.71 13.12 -57.26
N SER Q 199 -12.49 12.39 -58.04
CA SER Q 199 -12.72 10.99 -57.79
C SER Q 199 -12.40 10.17 -59.03
N ASP Q 200 -13.36 10.14 -59.93
CA ASP Q 200 -13.25 9.37 -61.17
C ASP Q 200 -12.42 10.12 -62.18
N THR Q 201 -11.12 10.21 -61.94
CA THR Q 201 -10.29 10.95 -62.86
C THR Q 201 -9.45 10.05 -63.76
N SER Q 202 -9.76 8.75 -63.85
CA SER Q 202 -8.94 7.82 -64.64
C SER Q 202 -8.89 8.16 -66.11
N THR Q 203 -9.97 8.76 -66.62
CA THR Q 203 -10.05 9.08 -68.04
C THR Q 203 -9.52 10.47 -68.38
N ALA Q 204 -9.11 11.23 -67.36
CA ALA Q 204 -8.67 12.61 -67.54
C ALA Q 204 -7.44 12.74 -68.43
N ILE Q 205 -7.52 13.57 -69.46
CA ILE Q 205 -6.35 13.82 -70.27
C ILE Q 205 -5.61 15.00 -69.71
N SER Q 206 -5.00 14.79 -68.55
CA SER Q 206 -4.40 15.87 -67.80
C SER Q 206 -2.99 15.47 -67.38
N THR Q 207 -2.07 16.42 -67.40
CA THR Q 207 -0.69 16.10 -67.15
C THR Q 207 -0.03 17.16 -66.27
N THR Q 208 0.91 16.73 -65.46
CA THR Q 208 1.43 17.64 -64.46
C THR Q 208 2.98 17.76 -64.52
N LEU Q 209 3.47 18.98 -64.24
CA LEU Q 209 4.90 19.29 -64.31
C LEU Q 209 5.67 18.79 -63.08
N ASP Q 210 6.84 18.18 -63.27
CA ASP Q 210 7.66 17.80 -62.12
C ASP Q 210 8.44 18.99 -61.57
N VAL Q 211 7.80 19.79 -60.73
CA VAL Q 211 8.46 21.00 -60.26
C VAL Q 211 9.72 20.62 -59.50
N SER Q 212 9.67 19.46 -58.86
CA SER Q 212 10.76 18.91 -58.07
C SER Q 212 12.05 18.62 -58.86
N LYS Q 213 11.96 18.53 -60.18
CA LYS Q 213 13.10 18.07 -60.97
C LYS Q 213 13.59 19.16 -61.92
N LEU Q 214 13.07 20.37 -61.74
CA LEU Q 214 13.45 21.47 -62.60
C LEU Q 214 14.90 21.83 -62.37
N GLY Q 215 15.51 22.50 -63.35
CA GLY Q 215 16.89 22.93 -63.23
C GLY Q 215 17.12 23.73 -61.96
N LYS Q 216 16.27 24.74 -61.76
CA LYS Q 216 16.30 25.53 -60.55
C LYS Q 216 14.93 25.83 -59.96
N LYS Q 217 14.88 26.62 -58.89
CA LYS Q 217 13.60 26.96 -58.30
C LYS Q 217 13.14 28.33 -58.79
N TRP Q 218 14.04 29.30 -58.82
CA TRP Q 218 13.64 30.65 -59.22
C TRP Q 218 14.06 30.96 -60.65
N TYR Q 219 13.06 31.11 -61.52
CA TYR Q 219 13.28 31.48 -62.91
C TYR Q 219 12.94 32.95 -63.13
N PRO Q 220 13.66 33.61 -64.05
CA PRO Q 220 13.32 34.96 -64.48
C PRO Q 220 12.13 34.96 -65.45
N TYR Q 221 11.29 35.98 -65.37
CA TYR Q 221 10.22 36.21 -66.33
C TYR Q 221 10.87 36.61 -67.65
N LYS Q 222 10.54 35.88 -68.72
CA LYS Q 222 11.10 36.17 -70.03
C LYS Q 222 9.99 36.15 -71.09
N THR Q 223 10.25 36.81 -72.21
CA THR Q 223 9.32 36.82 -73.34
C THR Q 223 9.68 35.72 -74.36
N SER Q 224 8.79 35.48 -75.32
CA SER Q 224 9.12 34.61 -76.45
C SER Q 224 10.29 35.22 -77.19
N ALA Q 225 10.27 36.54 -77.28
CA ALA Q 225 11.36 37.31 -77.87
C ALA Q 225 12.68 37.01 -77.18
N ASP Q 226 12.68 37.08 -75.85
CA ASP Q 226 13.87 36.80 -75.06
C ASP Q 226 14.33 35.40 -75.36
N TYR Q 227 13.36 34.49 -75.48
CA TYR Q 227 13.66 33.10 -75.79
C TYR Q 227 14.33 33.00 -77.15
N ALA Q 228 13.73 33.66 -78.15
CA ALA Q 228 14.25 33.63 -79.52
C ALA Q 228 15.68 34.13 -79.63
N THR Q 229 15.96 35.30 -79.04
CA THR Q 229 17.30 35.88 -79.08
C THR Q 229 18.33 34.97 -78.40
N ALA Q 230 17.98 34.48 -77.22
CA ALA Q 230 18.85 33.57 -76.46
C ALA Q 230 19.11 32.25 -77.20
N VAL Q 231 18.06 31.67 -77.79
CA VAL Q 231 18.20 30.40 -78.50
C VAL Q 231 18.95 30.63 -79.83
N GLY Q 232 18.92 31.88 -80.29
CA GLY Q 232 19.66 32.30 -81.47
C GLY Q 232 21.17 32.26 -81.29
N VAL Q 233 21.63 32.55 -80.08
CA VAL Q 233 23.06 32.56 -79.77
C VAL Q 233 23.59 31.15 -79.53
N ASP Q 234 22.89 30.43 -78.66
CA ASP Q 234 23.15 29.02 -78.36
C ASP Q 234 21.92 28.51 -77.62
N VAL Q 235 21.32 27.44 -78.15
CA VAL Q 235 20.05 26.94 -77.62
C VAL Q 235 20.12 26.65 -76.13
N ASN Q 236 21.33 26.35 -75.67
CA ASN Q 236 21.55 25.98 -74.27
C ASN Q 236 21.48 27.18 -73.32
N ILE Q 237 21.62 28.40 -73.84
CA ILE Q 237 21.46 29.58 -73.01
C ILE Q 237 20.03 29.68 -72.49
N ALA Q 238 19.12 29.08 -73.26
CA ALA Q 238 17.67 29.12 -72.97
C ALA Q 238 17.25 28.23 -71.79
N THR Q 239 18.01 27.17 -71.54
CA THR Q 239 17.66 26.20 -70.49
C THR Q 239 17.52 26.82 -69.09
N PRO Q 240 18.41 27.77 -68.72
CA PRO Q 240 18.12 28.45 -67.45
C PRO Q 240 17.04 29.53 -67.56
N LEU Q 241 16.39 29.69 -68.71
CA LEU Q 241 15.38 30.75 -68.80
C LEU Q 241 13.95 30.23 -68.68
N VAL Q 242 13.66 29.09 -69.30
CA VAL Q 242 12.32 28.51 -69.26
C VAL Q 242 12.39 27.07 -68.75
N PRO Q 243 11.55 26.71 -67.75
CA PRO Q 243 11.64 25.42 -67.08
C PRO Q 243 11.34 24.17 -67.90
N ALA Q 244 10.42 24.24 -68.85
CA ALA Q 244 10.11 23.06 -69.67
C ALA Q 244 9.24 23.49 -70.86
N ARG Q 245 9.02 22.58 -71.80
CA ARG Q 245 8.08 22.84 -72.90
C ARG Q 245 7.04 21.73 -72.97
N LEU Q 246 5.80 22.13 -73.20
CA LEU Q 246 4.73 21.15 -73.32
C LEU Q 246 4.67 20.76 -74.79
N VAL Q 247 4.72 19.47 -75.07
CA VAL Q 247 4.64 18.99 -76.44
C VAL Q 247 3.26 18.42 -76.67
N ILE Q 248 2.68 18.78 -77.80
CA ILE Q 248 1.32 18.38 -78.17
C ILE Q 248 1.29 17.78 -79.57
N ALA Q 249 0.74 16.58 -79.69
CA ALA Q 249 0.56 16.00 -81.02
C ALA Q 249 -0.91 15.63 -81.22
N LEU Q 250 -1.44 15.97 -82.41
CA LEU Q 250 -2.79 15.57 -82.78
C LEU Q 250 -2.84 14.89 -84.13
N LEU Q 251 -3.58 13.80 -84.19
CA LEU Q 251 -3.66 13.02 -85.42
C LEU Q 251 -4.90 12.13 -85.39
N ASP Q 252 -5.02 11.23 -86.37
CA ASP Q 252 -6.14 10.27 -86.42
C ASP Q 252 -7.48 10.95 -86.65
N GLY Q 253 -7.46 12.19 -87.13
CA GLY Q 253 -8.68 12.93 -87.43
C GLY Q 253 -9.24 12.47 -88.75
N SER Q 254 -10.45 12.90 -89.10
CA SER Q 254 -11.10 12.40 -90.31
C SER Q 254 -10.93 13.29 -91.51
N SER Q 255 -10.55 14.53 -91.28
CA SER Q 255 -10.40 15.46 -92.40
C SER Q 255 -8.98 16.01 -92.39
N SER Q 256 -8.52 16.44 -93.56
CA SER Q 256 -7.21 17.04 -93.70
C SER Q 256 -7.29 18.49 -93.27
N THR Q 257 -8.50 19.00 -93.17
CA THR Q 257 -8.75 20.35 -92.66
C THR Q 257 -9.00 20.25 -91.16
N ALA Q 258 -8.39 21.16 -90.38
CA ALA Q 258 -8.49 21.08 -88.93
C ALA Q 258 -9.93 21.09 -88.45
N VAL Q 259 -10.29 20.05 -87.70
CA VAL Q 259 -11.63 19.96 -87.09
C VAL Q 259 -11.55 20.34 -85.61
N ALA Q 260 -12.49 21.18 -85.17
CA ALA Q 260 -12.54 21.64 -83.79
C ALA Q 260 -12.71 20.48 -82.78
N ALA Q 261 -11.74 20.34 -81.87
CA ALA Q 261 -11.68 19.20 -80.93
C ALA Q 261 -11.96 19.53 -79.48
N GLY Q 262 -11.13 20.39 -78.91
CA GLY Q 262 -11.28 20.77 -77.52
C GLY Q 262 -10.39 21.94 -77.23
N ARG Q 263 -10.01 22.07 -75.96
CA ARG Q 263 -9.16 23.14 -75.45
C ARG Q 263 -8.21 22.60 -74.37
N ILE Q 264 -7.02 23.17 -74.25
CA ILE Q 264 -6.12 22.83 -73.15
C ILE Q 264 -6.13 23.98 -72.17
N TYR Q 265 -6.41 23.68 -70.91
CA TYR Q 265 -6.34 24.67 -69.84
C TYR Q 265 -5.11 24.48 -68.94
N CYS Q 266 -4.59 25.57 -68.38
CA CYS Q 266 -3.46 25.45 -67.46
C CYS Q 266 -3.90 25.81 -66.05
N THR Q 267 -3.61 24.91 -65.12
CA THR Q 267 -3.91 25.11 -63.70
C THR Q 267 -2.60 25.14 -62.92
N TYR Q 268 -2.27 26.29 -62.35
CA TYR Q 268 -0.97 26.50 -61.71
C TYR Q 268 -1.04 27.07 -60.28
N THR Q 269 0.02 26.76 -59.52
CA THR Q 269 0.31 27.48 -58.29
C THR Q 269 1.71 28.03 -58.45
N ILE Q 270 1.79 29.36 -58.49
CA ILE Q 270 3.03 30.05 -58.80
C ILE Q 270 3.49 30.91 -57.61
N GLN Q 271 4.80 30.88 -57.34
CA GLN Q 271 5.39 31.83 -56.40
C GLN Q 271 6.05 32.95 -57.17
N MET Q 272 5.59 34.18 -56.99
CA MET Q 272 6.12 35.34 -57.69
C MET Q 272 6.89 36.27 -56.77
N ILE Q 273 8.10 36.66 -57.16
CA ILE Q 273 8.91 37.50 -56.30
C ILE Q 273 9.60 38.70 -56.95
N GLU Q 274 9.95 39.66 -56.07
CA GLU Q 274 10.80 40.83 -56.38
C GLU Q 274 10.22 41.73 -57.47
N PRO Q 275 9.25 42.60 -57.11
CA PRO Q 275 8.55 43.50 -58.04
C PRO Q 275 9.47 44.35 -58.92
N THR Q 276 8.91 44.85 -60.03
CA THR Q 276 9.66 45.67 -60.96
C THR Q 276 8.71 46.66 -61.65
N ALA Q 277 9.22 47.85 -61.98
CA ALA Q 277 8.38 48.81 -62.70
C ALA Q 277 8.93 49.09 -64.09
N GLY R 87 24.09 -5.83 -58.18
CA GLY R 87 23.99 -4.58 -58.90
C GLY R 87 22.75 -4.50 -59.78
N ILE R 88 21.58 -4.42 -59.14
CA ILE R 88 20.29 -4.35 -59.84
C ILE R 88 19.89 -2.89 -60.15
N THR R 89 19.70 -2.60 -61.42
CA THR R 89 19.13 -1.32 -61.80
C THR R 89 17.62 -1.41 -62.02
N VAL R 90 16.84 -0.75 -61.19
CA VAL R 90 15.38 -0.80 -61.34
C VAL R 90 14.85 0.39 -62.13
N LEU R 91 14.09 0.09 -63.17
CA LEU R 91 13.56 1.09 -64.08
C LEU R 91 12.05 0.88 -64.20
N THR R 92 11.30 1.97 -64.11
CA THR R 92 9.86 1.92 -64.38
C THR R 92 9.50 2.96 -65.48
N HIS R 93 8.77 2.52 -66.49
CA HIS R 93 8.54 3.35 -67.67
C HIS R 93 7.33 2.92 -68.50
N SER R 94 6.74 3.86 -69.24
CA SER R 94 5.72 3.54 -70.25
C SER R 94 6.14 4.03 -71.64
N GLU R 95 5.88 3.20 -72.65
CA GLU R 95 6.11 3.56 -74.07
C GLU R 95 5.16 2.84 -75.02
N LEU R 96 5.07 3.34 -76.24
CA LEU R 96 4.25 2.71 -77.27
C LEU R 96 4.75 1.31 -77.63
N SER R 97 3.85 0.32 -77.66
CA SER R 97 4.24 -1.05 -77.98
C SER R 97 3.52 -1.62 -79.18
N ALA R 98 2.37 -1.06 -79.55
CA ALA R 98 1.58 -1.61 -80.64
C ALA R 98 0.54 -0.63 -81.16
N GLU R 99 0.37 -0.58 -82.48
CA GLU R 99 -0.69 0.24 -83.05
C GLU R 99 -1.77 -0.69 -83.62
N ILE R 100 -3.02 -0.35 -83.41
CA ILE R 100 -4.07 -1.33 -83.58
C ILE R 100 -5.11 -0.91 -84.62
N GLY R 101 -5.42 -1.81 -85.54
CA GLY R 101 -6.44 -1.57 -86.55
C GLY R 101 -7.41 -2.74 -86.57
N VAL R 102 -8.67 -2.47 -86.88
CA VAL R 102 -9.72 -3.47 -86.79
C VAL R 102 -10.41 -3.72 -88.14
N THR R 103 -10.72 -4.99 -88.42
CA THR R 103 -11.45 -5.37 -89.64
C THR R 103 -12.70 -6.22 -89.32
N ASP R 104 -13.41 -6.67 -90.36
CA ASP R 104 -14.66 -7.41 -90.15
C ASP R 104 -14.44 -8.90 -89.95
N SER R 105 -13.19 -9.34 -90.06
CA SER R 105 -12.82 -10.73 -89.76
C SER R 105 -11.68 -10.73 -88.76
N ILE R 106 -11.59 -11.81 -87.96
CA ILE R 106 -10.61 -11.89 -86.89
C ILE R 106 -9.22 -11.85 -87.48
N VAL R 107 -8.37 -11.04 -86.87
CA VAL R 107 -6.95 -10.98 -87.18
C VAL R 107 -6.19 -11.21 -85.89
N VAL R 108 -5.38 -12.26 -85.83
CA VAL R 108 -4.67 -12.55 -84.58
C VAL R 108 -3.16 -12.32 -84.64
N SER R 109 -2.68 -11.43 -83.77
CA SER R 109 -1.26 -11.15 -83.68
C SER R 109 -0.75 -11.47 -82.29
N SER R 110 0.57 -11.38 -82.12
CA SER R 110 1.18 -11.60 -80.82
C SER R 110 2.49 -10.80 -80.65
N GLU R 111 2.93 -10.67 -79.41
CA GLU R 111 4.15 -9.96 -79.08
C GLU R 111 4.91 -10.71 -77.99
N LEU R 112 6.21 -10.90 -78.19
CA LEU R 112 7.04 -11.51 -77.17
C LEU R 112 7.19 -10.53 -76.01
N VAL R 113 6.89 -10.98 -74.81
CA VAL R 113 7.00 -10.12 -73.65
C VAL R 113 8.43 -10.17 -73.11
N MET R 114 9.30 -9.48 -73.84
CA MET R 114 10.73 -9.36 -73.52
C MET R 114 11.22 -8.00 -74.00
N PRO R 115 12.23 -7.43 -73.33
CA PRO R 115 12.73 -6.08 -73.55
C PRO R 115 12.91 -5.72 -75.02
N TYR R 116 13.43 -6.65 -75.82
CA TYR R 116 13.67 -6.36 -77.23
C TYR R 116 12.40 -5.91 -77.98
N THR R 117 11.26 -6.44 -77.58
CA THR R 117 10.03 -6.22 -78.35
C THR R 117 8.93 -5.46 -77.61
N VAL R 118 9.15 -5.03 -76.38
CA VAL R 118 8.08 -4.32 -75.70
C VAL R 118 8.00 -2.88 -76.17
N GLY R 119 9.11 -2.32 -76.63
CA GLY R 119 9.10 -0.94 -77.07
C GLY R 119 10.44 -0.56 -77.66
N THR R 120 10.46 0.45 -78.54
CA THR R 120 11.70 0.76 -79.25
C THR R 120 12.74 1.29 -78.26
N TRP R 121 12.29 2.08 -77.29
CA TRP R 121 13.14 2.67 -76.26
C TRP R 121 13.74 1.64 -75.32
N LEU R 122 12.90 0.81 -74.70
CA LEU R 122 13.38 -0.23 -73.78
C LEU R 122 14.32 -1.19 -74.48
N ARG R 123 14.04 -1.46 -75.75
CA ARG R 123 14.88 -2.34 -76.55
C ARG R 123 16.31 -1.86 -76.48
N GLY R 124 16.51 -0.58 -76.71
CA GLY R 124 17.83 -0.01 -76.64
C GLY R 124 18.37 0.01 -75.23
N VAL R 125 17.55 0.42 -74.28
CA VAL R 125 18.03 0.56 -72.92
C VAL R 125 18.51 -0.79 -72.37
N ALA R 126 17.66 -1.80 -72.44
CA ALA R 126 17.93 -3.09 -71.80
C ALA R 126 19.05 -3.90 -72.47
N ALA R 127 19.44 -3.51 -73.69
CA ALA R 127 20.51 -4.22 -74.39
C ALA R 127 21.85 -4.12 -73.68
N ASN R 128 22.02 -3.06 -72.89
CA ASN R 128 23.24 -2.76 -72.12
C ASN R 128 23.45 -3.65 -70.90
N TRP R 129 22.48 -4.51 -70.63
CA TRP R 129 22.59 -5.53 -69.60
C TRP R 129 22.37 -6.93 -70.26
N SER R 130 22.84 -8.00 -69.62
CA SER R 130 22.76 -9.33 -70.22
C SER R 130 21.46 -10.01 -69.83
N LYS R 131 21.02 -9.77 -68.60
CA LYS R 131 19.84 -10.40 -68.04
C LYS R 131 18.87 -9.39 -67.43
N TYR R 132 17.63 -9.80 -67.28
CA TYR R 132 16.61 -8.99 -66.65
C TYR R 132 15.60 -9.86 -65.89
N SER R 133 14.73 -9.22 -65.13
CA SER R 133 13.59 -9.89 -64.52
C SER R 133 12.41 -8.95 -64.50
N TRP R 134 11.26 -9.40 -64.97
CA TRP R 134 10.05 -8.59 -64.87
C TRP R 134 9.51 -8.60 -63.43
N LEU R 135 9.33 -7.41 -62.87
CA LEU R 135 8.65 -7.27 -61.58
C LEU R 135 7.16 -6.98 -61.81
N SER R 136 6.91 -6.29 -62.91
CA SER R 136 5.57 -5.95 -63.37
C SER R 136 5.59 -5.66 -64.88
N VAL R 137 4.60 -6.19 -65.59
CA VAL R 137 4.40 -5.86 -67.00
C VAL R 137 2.93 -5.68 -67.27
N ARG R 138 2.54 -4.51 -67.74
CA ARG R 138 1.14 -4.23 -68.02
C ARG R 138 0.94 -3.69 -69.42
N TYR R 139 0.02 -4.30 -70.16
CA TYR R 139 -0.36 -3.84 -71.49
C TYR R 139 -1.70 -3.15 -71.39
N THR R 140 -1.76 -1.92 -71.89
CA THR R 140 -2.97 -1.12 -71.79
C THR R 140 -3.37 -0.63 -73.18
N TYR R 141 -4.58 -0.97 -73.60
CA TYR R 141 -5.11 -0.49 -74.87
C TYR R 141 -5.83 0.83 -74.61
N ILE R 142 -5.46 1.85 -75.38
CA ILE R 142 -6.13 3.15 -75.34
C ILE R 142 -6.78 3.44 -76.67
N PRO R 143 -8.09 3.74 -76.69
CA PRO R 143 -8.73 3.99 -77.98
C PRO R 143 -8.36 5.33 -78.60
N SER R 144 -8.51 5.43 -79.91
CA SER R 144 -8.27 6.69 -80.62
C SER R 144 -9.31 6.88 -81.73
N CYS R 145 -10.42 6.14 -81.66
CA CYS R 145 -11.42 6.15 -82.72
C CYS R 145 -12.73 6.77 -82.21
N PRO R 146 -13.67 7.07 -83.12
CA PRO R 146 -15.01 7.55 -82.71
C PRO R 146 -15.78 6.53 -81.85
N SER R 147 -16.76 6.99 -81.08
CA SER R 147 -17.54 6.07 -80.25
C SER R 147 -18.38 5.19 -81.11
N SER R 148 -18.46 5.56 -82.38
CA SER R 148 -19.30 4.90 -83.36
C SER R 148 -18.56 3.85 -84.17
N THR R 149 -17.32 3.54 -83.76
CA THR R 149 -16.50 2.53 -84.44
C THR R 149 -16.84 1.09 -84.07
N ALA R 150 -17.15 0.28 -85.07
CA ALA R 150 -17.35 -1.14 -84.81
C ALA R 150 -16.02 -1.85 -84.70
N GLY R 151 -15.98 -2.85 -83.81
CA GLY R 151 -14.79 -3.64 -83.57
C GLY R 151 -14.56 -3.89 -82.09
N SER R 152 -13.85 -4.97 -81.77
CA SER R 152 -13.46 -5.19 -80.38
C SER R 152 -12.05 -5.72 -80.37
N ILE R 153 -11.36 -5.50 -79.26
CA ILE R 153 -10.00 -5.97 -79.11
C ILE R 153 -9.98 -7.01 -77.99
N HIS R 154 -9.12 -8.01 -78.12
CA HIS R 154 -9.00 -9.07 -77.12
C HIS R 154 -7.53 -9.29 -76.86
N MET R 155 -7.17 -9.43 -75.58
CA MET R 155 -5.79 -9.67 -75.16
C MET R 155 -5.69 -10.72 -74.07
N GLY R 156 -4.62 -11.54 -74.13
CA GLY R 156 -4.33 -12.55 -73.13
C GLY R 156 -2.89 -13.02 -73.22
N PHE R 157 -2.45 -13.79 -72.22
CA PHE R 157 -1.07 -14.29 -72.22
C PHE R 157 -0.89 -15.80 -72.44
N GLN R 158 0.14 -16.13 -73.21
CA GLN R 158 0.63 -17.50 -73.29
C GLN R 158 1.98 -17.52 -72.58
N TYR R 159 2.23 -18.54 -71.76
CA TYR R 159 3.45 -18.58 -70.97
C TYR R 159 4.34 -19.74 -71.44
N ASP R 160 3.88 -20.43 -72.47
CA ASP R 160 4.64 -21.51 -73.02
C ASP R 160 4.83 -21.22 -74.50
N MET R 161 6.08 -21.07 -74.94
CA MET R 161 6.37 -20.72 -76.32
C MET R 161 5.90 -21.79 -77.31
N ALA R 162 5.75 -23.02 -76.83
CA ALA R 162 5.30 -24.11 -77.69
C ALA R 162 3.77 -24.03 -77.92
N ASP R 163 3.05 -23.30 -77.06
CA ASP R 163 1.60 -23.13 -77.22
C ASP R 163 1.33 -22.59 -78.59
N THR R 164 0.33 -23.15 -79.27
CA THR R 164 -0.07 -22.62 -80.57
C THR R 164 -0.88 -21.33 -80.35
N VAL R 165 -0.69 -20.34 -81.20
CA VAL R 165 -1.42 -19.08 -81.08
C VAL R 165 -2.93 -19.29 -81.28
N PRO R 166 -3.76 -18.71 -80.39
CA PRO R 166 -5.21 -18.87 -80.50
C PRO R 166 -5.77 -18.37 -81.84
N VAL R 167 -6.89 -18.94 -82.24
CA VAL R 167 -7.49 -18.61 -83.52
C VAL R 167 -8.92 -18.10 -83.36
N SER R 168 -9.48 -18.27 -82.17
CA SER R 168 -10.83 -17.81 -81.92
C SER R 168 -10.90 -16.99 -80.64
N VAL R 169 -11.89 -16.10 -80.57
CA VAL R 169 -12.16 -15.36 -79.35
C VAL R 169 -12.40 -16.35 -78.21
N ASN R 170 -13.07 -17.45 -78.53
CA ASN R 170 -13.37 -18.47 -77.56
C ASN R 170 -12.13 -18.99 -76.81
N GLN R 171 -11.14 -19.44 -77.57
CA GLN R 171 -9.85 -19.88 -77.03
C GLN R 171 -9.15 -18.75 -76.30
N LEU R 172 -9.06 -17.60 -76.93
CA LEU R 172 -8.40 -16.46 -76.34
C LEU R 172 -8.99 -16.18 -74.98
N SER R 173 -10.30 -16.40 -74.85
CA SER R 173 -11.01 -16.12 -73.62
C SER R 173 -10.53 -16.94 -72.41
N ASN R 174 -9.86 -18.07 -72.64
CA ASN R 174 -9.44 -18.92 -71.52
C ASN R 174 -8.10 -18.54 -70.90
N LEU R 175 -7.35 -17.72 -71.63
CA LEU R 175 -6.00 -17.34 -71.25
C LEU R 175 -6.05 -16.48 -70.02
N ARG R 176 -5.05 -16.64 -69.16
CA ARG R 176 -4.81 -15.76 -68.02
C ARG R 176 -4.81 -14.31 -68.45
N GLY R 177 -5.61 -13.49 -67.77
CA GLY R 177 -5.56 -12.07 -67.99
C GLY R 177 -6.29 -11.64 -69.24
N TYR R 178 -7.15 -12.52 -69.74
CA TYR R 178 -7.94 -12.22 -70.91
C TYR R 178 -8.77 -10.99 -70.64
N VAL R 179 -8.70 -10.02 -71.54
CA VAL R 179 -9.57 -8.86 -71.48
C VAL R 179 -10.10 -8.51 -72.86
N SER R 180 -11.20 -7.81 -72.91
CA SER R 180 -11.82 -7.54 -74.18
C SER R 180 -12.72 -6.31 -74.05
N GLY R 181 -12.80 -5.55 -75.13
CA GLY R 181 -13.66 -4.38 -75.14
C GLY R 181 -13.82 -3.78 -76.52
N GLN R 182 -14.76 -2.85 -76.62
CA GLN R 182 -14.98 -2.07 -77.82
C GLN R 182 -13.73 -1.33 -78.21
N VAL R 183 -13.48 -1.16 -79.49
CA VAL R 183 -12.25 -0.49 -79.90
C VAL R 183 -12.30 0.99 -79.49
N TRP R 184 -13.48 1.46 -79.07
CA TRP R 184 -13.61 2.84 -78.61
C TRP R 184 -13.65 2.97 -77.06
N SER R 185 -13.54 1.84 -76.37
CA SER R 185 -13.43 1.80 -74.91
C SER R 185 -11.98 1.73 -74.47
N GLY R 186 -11.72 1.93 -73.18
CA GLY R 186 -10.39 1.72 -72.62
C GLY R 186 -9.68 2.95 -72.06
N SER R 187 -10.31 4.11 -72.21
CA SER R 187 -9.77 5.39 -71.76
C SER R 187 -9.30 5.39 -70.31
N ALA R 188 -10.07 4.73 -69.45
CA ALA R 188 -9.78 4.70 -68.03
C ALA R 188 -8.48 3.96 -67.70
N GLY R 189 -7.88 3.34 -68.71
CA GLY R 189 -6.62 2.64 -68.56
C GLY R 189 -5.45 3.61 -68.50
N LEU R 190 -5.74 4.86 -68.84
CA LEU R 190 -4.75 5.92 -68.92
C LEU R 190 -3.99 6.13 -67.62
N CYS R 191 -4.67 5.96 -66.49
CA CYS R 191 -4.04 6.20 -65.20
C CYS R 191 -2.87 5.24 -64.95
N PHE R 192 -2.90 4.08 -65.61
CA PHE R 192 -1.77 3.17 -65.51
C PHE R 192 -0.54 3.72 -66.24
N ILE R 193 -0.77 4.42 -67.34
CA ILE R 193 0.30 4.84 -68.23
C ILE R 193 1.07 6.04 -67.70
N ASN R 194 0.38 6.99 -67.09
CA ASN R 194 1.09 8.14 -66.50
C ASN R 194 1.26 7.93 -65.01
N GLY R 195 0.97 6.70 -64.55
CA GLY R 195 1.22 6.31 -63.18
C GLY R 195 0.52 7.15 -62.13
N THR R 196 -0.68 7.64 -62.42
CA THR R 196 -1.39 8.50 -61.48
C THR R 196 -2.34 7.73 -60.54
N ARG R 197 -3.07 8.46 -59.70
CA ARG R 197 -4.04 7.88 -58.78
C ARG R 197 -5.14 7.15 -59.55
N CYS R 198 -5.29 5.86 -59.29
CA CYS R 198 -6.32 5.10 -60.01
C CYS R 198 -7.65 4.89 -59.26
N SER R 199 -8.77 5.18 -59.93
CA SER R 199 -10.09 5.06 -59.33
C SER R 199 -11.04 4.19 -60.15
N ASP R 200 -11.69 4.82 -61.12
CA ASP R 200 -12.67 4.15 -61.96
C ASP R 200 -12.02 3.37 -63.09
N THR R 201 -11.33 2.29 -62.76
CA THR R 201 -10.61 1.53 -63.77
C THR R 201 -11.34 0.26 -64.16
N SER R 202 -12.62 0.15 -63.81
CA SER R 202 -13.39 -1.06 -64.10
C SER R 202 -13.57 -1.26 -65.59
N THR R 203 -13.61 -0.16 -66.32
CA THR R 203 -13.83 -0.22 -67.77
C THR R 203 -12.52 -0.36 -68.54
N ALA R 204 -11.41 -0.30 -67.80
CA ALA R 204 -10.07 -0.32 -68.38
C ALA R 204 -9.74 -1.61 -69.11
N ILE R 205 -9.27 -1.50 -70.35
CA ILE R 205 -8.81 -2.69 -71.05
C ILE R 205 -7.29 -2.89 -70.82
N SER R 206 -6.94 -3.28 -69.62
CA SER R 206 -5.53 -3.39 -69.23
C SER R 206 -5.27 -4.71 -68.56
N THR R 207 -4.16 -5.35 -68.90
CA THR R 207 -3.91 -6.65 -68.32
C THR R 207 -2.44 -6.83 -67.99
N THR R 208 -2.18 -7.65 -66.99
CA THR R 208 -0.86 -7.70 -66.40
C THR R 208 -0.21 -9.10 -66.39
N LEU R 209 1.11 -9.15 -66.50
CA LEU R 209 1.82 -10.41 -66.57
C LEU R 209 1.95 -11.09 -65.20
N ASP R 210 1.74 -12.42 -65.15
CA ASP R 210 1.93 -13.18 -63.91
C ASP R 210 3.39 -13.44 -63.65
N VAL R 211 4.09 -12.47 -63.11
CA VAL R 211 5.52 -12.60 -62.85
C VAL R 211 5.78 -13.68 -61.79
N SER R 212 4.80 -13.89 -60.92
CA SER R 212 4.89 -14.92 -59.89
C SER R 212 4.98 -16.33 -60.48
N LYS R 213 4.58 -16.50 -61.74
CA LYS R 213 4.41 -17.84 -62.27
C LYS R 213 5.31 -18.13 -63.44
N LEU R 214 6.28 -17.24 -63.67
CA LEU R 214 7.20 -17.44 -64.80
C LEU R 214 8.14 -18.62 -64.55
N GLY R 215 8.69 -19.20 -65.61
CA GLY R 215 9.57 -20.35 -65.49
C GLY R 215 10.73 -20.16 -64.51
N LYS R 216 11.47 -19.07 -64.71
CA LYS R 216 12.54 -18.66 -63.78
C LYS R 216 12.44 -17.16 -63.51
N LYS R 217 13.41 -16.62 -62.78
CA LYS R 217 13.40 -15.20 -62.50
C LYS R 217 14.27 -14.45 -63.48
N TRP R 218 15.48 -14.94 -63.69
CA TRP R 218 16.39 -14.18 -64.54
C TRP R 218 16.43 -14.74 -65.95
N TYR R 219 15.95 -13.93 -66.89
CA TYR R 219 15.91 -14.30 -68.29
C TYR R 219 17.04 -13.63 -69.03
N PRO R 220 17.55 -14.28 -70.08
CA PRO R 220 18.51 -13.59 -70.95
C PRO R 220 17.84 -12.59 -71.91
N TYR R 221 18.50 -11.46 -72.12
CA TYR R 221 18.08 -10.51 -73.14
C TYR R 221 18.33 -11.19 -74.47
N LYS R 222 17.29 -11.33 -75.28
CA LYS R 222 17.45 -11.95 -76.58
C LYS R 222 16.73 -11.08 -77.60
N THR R 223 17.17 -11.14 -78.85
CA THR R 223 16.49 -10.39 -79.90
C THR R 223 15.46 -11.27 -80.59
N SER R 224 14.69 -10.70 -81.50
CA SER R 224 13.76 -11.51 -82.29
C SER R 224 14.51 -12.58 -83.06
N ALA R 225 15.67 -12.19 -83.58
CA ALA R 225 16.57 -13.10 -84.27
C ALA R 225 16.95 -14.31 -83.41
N ASP R 226 17.37 -14.06 -82.17
CA ASP R 226 17.74 -15.13 -81.24
C ASP R 226 16.60 -16.10 -81.01
N TYR R 227 15.39 -15.56 -80.90
CA TYR R 227 14.19 -16.35 -80.71
C TYR R 227 13.96 -17.23 -81.91
N ALA R 228 14.02 -16.62 -83.09
CA ALA R 228 13.76 -17.34 -84.33
C ALA R 228 14.72 -18.51 -84.53
N THR R 229 16.01 -18.26 -84.38
CA THR R 229 16.99 -19.33 -84.55
C THR R 229 16.76 -20.46 -83.54
N ALA R 230 16.57 -20.08 -82.28
CA ALA R 230 16.38 -21.04 -81.20
C ALA R 230 15.17 -21.94 -81.43
N VAL R 231 14.05 -21.38 -81.90
CA VAL R 231 12.89 -22.23 -82.18
C VAL R 231 13.08 -23.03 -83.48
N GLY R 232 13.97 -22.53 -84.35
CA GLY R 232 14.29 -23.23 -85.58
C GLY R 232 14.94 -24.58 -85.32
N VAL R 233 15.72 -24.67 -84.24
CA VAL R 233 16.32 -25.93 -83.87
C VAL R 233 15.30 -26.76 -83.09
N ASP R 234 14.63 -26.15 -82.11
CA ASP R 234 13.54 -26.79 -81.35
C ASP R 234 12.77 -25.73 -80.55
N VAL R 235 11.44 -25.71 -80.69
CA VAL R 235 10.61 -24.68 -80.04
C VAL R 235 10.75 -24.60 -78.51
N ASN R 236 11.12 -25.72 -77.89
CA ASN R 236 11.17 -25.79 -76.43
C ASN R 236 12.35 -25.03 -75.83
N ILE R 237 13.36 -24.81 -76.67
CA ILE R 237 14.55 -24.04 -76.30
C ILE R 237 14.23 -22.59 -76.02
N ALA R 238 13.14 -22.11 -76.61
CA ALA R 238 12.76 -20.72 -76.47
C ALA R 238 12.21 -20.42 -75.08
N THR R 239 11.61 -21.42 -74.43
CA THR R 239 10.97 -21.21 -73.12
C THR R 239 11.91 -20.66 -72.05
N PRO R 240 13.16 -21.14 -72.00
CA PRO R 240 13.99 -20.42 -71.02
C PRO R 240 14.45 -19.04 -71.50
N LEU R 241 14.00 -18.57 -72.68
CA LEU R 241 14.44 -17.29 -73.22
C LEU R 241 13.43 -16.14 -73.11
N VAL R 242 12.14 -16.43 -73.25
CA VAL R 242 11.13 -15.39 -73.13
C VAL R 242 10.06 -15.83 -72.13
N PRO R 243 9.74 -14.96 -71.14
CA PRO R 243 8.84 -15.26 -70.02
C PRO R 243 7.39 -15.52 -70.42
N ALA R 244 6.91 -14.88 -71.48
CA ALA R 244 5.55 -15.09 -71.95
C ALA R 244 5.37 -14.43 -73.31
N ARG R 245 4.26 -14.68 -73.96
CA ARG R 245 3.92 -13.94 -75.17
C ARG R 245 2.52 -13.37 -75.02
N LEU R 246 2.33 -12.13 -75.48
CA LEU R 246 1.02 -11.48 -75.43
C LEU R 246 0.22 -11.81 -76.67
N VAL R 247 -1.01 -12.31 -76.52
CA VAL R 247 -1.80 -12.61 -77.70
C VAL R 247 -2.94 -11.58 -77.87
N ILE R 248 -3.11 -11.08 -79.10
CA ILE R 248 -4.09 -10.04 -79.41
C ILE R 248 -4.93 -10.38 -80.64
N ALA R 249 -6.26 -10.30 -80.51
CA ALA R 249 -7.18 -10.53 -81.63
C ALA R 249 -8.11 -9.35 -81.87
N LEU R 250 -8.31 -8.98 -83.13
CA LEU R 250 -9.30 -7.96 -83.42
C LEU R 250 -10.32 -8.39 -84.46
N LEU R 251 -11.59 -8.13 -84.18
CA LEU R 251 -12.67 -8.53 -85.06
C LEU R 251 -13.90 -7.66 -84.84
N ASP R 252 -15.03 -8.04 -85.46
CA ASP R 252 -16.34 -7.38 -85.32
C ASP R 252 -16.33 -5.98 -85.92
N GLY R 253 -15.31 -5.69 -86.76
CA GLY R 253 -15.15 -4.39 -87.39
C GLY R 253 -16.09 -4.21 -88.54
N SER R 254 -16.18 -3.00 -89.05
CA SER R 254 -17.16 -2.73 -90.09
C SER R 254 -16.62 -2.60 -91.53
N SER R 255 -15.30 -2.56 -91.71
CA SER R 255 -14.73 -2.41 -93.05
C SER R 255 -13.82 -3.61 -93.35
N SER R 256 -13.60 -3.88 -94.63
CA SER R 256 -12.70 -4.97 -94.96
C SER R 256 -11.27 -4.47 -94.92
N THR R 257 -11.12 -3.16 -95.05
CA THR R 257 -9.83 -2.52 -94.90
C THR R 257 -9.70 -1.99 -93.47
N ALA R 258 -8.49 -2.15 -92.91
CA ALA R 258 -8.23 -1.81 -91.52
C ALA R 258 -8.58 -0.36 -91.22
N VAL R 259 -9.40 -0.18 -90.20
CA VAL R 259 -9.76 1.15 -89.72
C VAL R 259 -8.92 1.47 -88.48
N ALA R 260 -8.40 2.69 -88.41
CA ALA R 260 -7.62 3.13 -87.27
C ALA R 260 -8.44 3.06 -85.99
N ALA R 261 -8.00 2.22 -85.04
CA ALA R 261 -8.72 1.95 -83.79
C ALA R 261 -8.01 2.51 -82.56
N GLY R 262 -6.82 2.00 -82.26
CA GLY R 262 -6.10 2.46 -81.09
C GLY R 262 -4.64 2.02 -80.95
N ARG R 263 -4.16 1.99 -79.71
CA ARG R 263 -2.79 1.66 -79.39
C ARG R 263 -2.65 0.80 -78.13
N ILE R 264 -1.62 -0.03 -78.08
CA ILE R 264 -1.25 -0.74 -76.86
C ILE R 264 0.04 -0.16 -76.27
N TYR R 265 -0.01 0.26 -75.02
CA TYR R 265 1.17 0.77 -74.34
C TYR R 265 1.66 -0.27 -73.37
N CYS R 266 2.96 -0.23 -73.05
CA CYS R 266 3.52 -1.13 -72.04
C CYS R 266 4.00 -0.35 -70.81
N THR R 267 3.57 -0.76 -69.63
CA THR R 267 4.03 -0.17 -68.41
C THR R 267 4.73 -1.25 -67.60
N TYR R 268 6.05 -1.14 -67.49
CA TYR R 268 6.85 -2.21 -66.92
C TYR R 268 7.74 -1.73 -65.81
N THR R 269 8.04 -2.65 -64.90
CA THR R 269 9.10 -2.46 -63.95
C THR R 269 10.06 -3.60 -64.17
N ILE R 270 11.26 -3.26 -64.62
CA ILE R 270 12.22 -4.30 -64.98
C ILE R 270 13.46 -4.19 -64.08
N GLN R 271 13.96 -5.33 -63.63
CA GLN R 271 15.23 -5.38 -62.95
C GLN R 271 16.30 -5.81 -63.94
N MET R 272 17.27 -4.94 -64.18
CA MET R 272 18.32 -5.22 -65.15
C MET R 272 19.64 -5.48 -64.44
N ILE R 273 20.25 -6.61 -64.74
CA ILE R 273 21.51 -6.95 -64.09
C ILE R 273 22.54 -7.43 -65.12
N GLU R 274 23.81 -7.34 -64.70
CA GLU R 274 24.98 -7.82 -65.43
C GLU R 274 25.21 -7.14 -66.79
N PRO R 275 25.81 -5.93 -66.74
CA PRO R 275 26.18 -5.07 -67.87
C PRO R 275 27.01 -5.79 -68.90
N THR R 276 27.01 -5.25 -70.11
CA THR R 276 27.75 -5.81 -71.22
C THR R 276 28.11 -4.63 -72.11
N ALA R 277 29.22 -4.71 -72.83
CA ALA R 277 29.60 -3.60 -73.70
C ALA R 277 29.55 -3.97 -75.18
N GLY S 87 -11.12 -34.37 -50.48
CA GLY S 87 -11.39 -34.93 -51.80
C GLY S 87 -11.78 -33.91 -52.87
N ILE S 88 -11.91 -32.65 -52.45
CA ILE S 88 -12.38 -31.59 -53.32
C ILE S 88 -11.33 -30.87 -54.16
N THR S 89 -11.48 -30.91 -55.47
CA THR S 89 -10.66 -30.06 -56.33
C THR S 89 -11.40 -28.76 -56.67
N VAL S 90 -10.91 -27.63 -56.16
CA VAL S 90 -11.51 -26.32 -56.39
C VAL S 90 -10.88 -25.53 -57.54
N LEU S 91 -11.74 -25.04 -58.45
CA LEU S 91 -11.35 -24.35 -59.68
C LEU S 91 -12.04 -22.99 -59.88
N THR S 92 -11.26 -21.96 -60.22
CA THR S 92 -11.79 -20.63 -60.58
C THR S 92 -11.29 -20.21 -61.96
N HIS S 93 -12.21 -19.80 -62.84
CA HIS S 93 -11.88 -19.52 -64.25
C HIS S 93 -12.94 -18.65 -64.90
N SER S 94 -12.58 -17.97 -65.98
CA SER S 94 -13.55 -17.24 -66.80
C SER S 94 -13.46 -17.77 -68.22
N GLU S 95 -14.59 -17.97 -68.88
CA GLU S 95 -14.51 -18.31 -70.31
C GLU S 95 -15.71 -17.84 -71.13
N LEU S 96 -15.50 -17.79 -72.45
CA LEU S 96 -16.53 -17.36 -73.35
C LEU S 96 -17.65 -18.33 -73.20
N SER S 97 -18.87 -17.81 -73.08
CA SER S 97 -20.07 -18.64 -72.89
C SER S 97 -21.10 -18.42 -73.98
N ALA S 98 -21.03 -17.28 -74.67
CA ALA S 98 -22.03 -16.96 -75.67
C ALA S 98 -21.63 -15.80 -76.57
N GLU S 99 -22.02 -15.91 -77.84
CA GLU S 99 -21.92 -14.82 -78.79
C GLU S 99 -23.33 -14.26 -78.93
N ILE S 100 -23.46 -12.93 -78.96
CA ILE S 100 -24.75 -12.26 -78.78
C ILE S 100 -25.10 -11.33 -79.94
N GLY S 101 -26.31 -11.46 -80.47
CA GLY S 101 -26.76 -10.59 -81.57
C GLY S 101 -28.15 -9.98 -81.39
N VAL S 102 -28.34 -8.77 -81.92
CA VAL S 102 -29.57 -8.04 -81.65
C VAL S 102 -30.39 -7.75 -82.91
N THR S 103 -31.71 -7.90 -82.75
CA THR S 103 -32.70 -7.61 -83.76
C THR S 103 -33.79 -6.72 -83.22
N ASP S 104 -34.76 -6.37 -84.06
CA ASP S 104 -35.86 -5.46 -83.70
C ASP S 104 -37.09 -6.15 -83.11
N SER S 105 -37.06 -7.48 -83.02
CA SER S 105 -38.13 -8.21 -82.36
C SER S 105 -37.49 -9.05 -81.28
N ILE S 106 -38.20 -9.29 -80.18
CA ILE S 106 -37.60 -9.98 -79.03
C ILE S 106 -37.20 -11.41 -79.38
N VAL S 107 -35.99 -11.79 -78.99
CA VAL S 107 -35.54 -13.17 -79.19
C VAL S 107 -35.09 -13.76 -77.88
N VAL S 108 -35.76 -14.81 -77.42
CA VAL S 108 -35.42 -15.37 -76.10
C VAL S 108 -34.67 -16.69 -76.20
N SER S 109 -33.45 -16.69 -75.68
CA SER S 109 -32.60 -17.86 -75.66
C SER S 109 -32.25 -18.21 -74.23
N SER S 110 -31.60 -19.35 -74.02
CA SER S 110 -31.29 -19.74 -72.66
C SER S 110 -30.04 -20.63 -72.53
N GLU S 111 -29.52 -20.77 -71.31
CA GLU S 111 -28.42 -21.71 -71.05
C GLU S 111 -28.49 -22.40 -69.68
N LEU S 112 -28.31 -23.71 -69.68
CA LEU S 112 -28.27 -24.44 -68.43
C LEU S 112 -27.00 -24.08 -67.70
N VAL S 113 -27.15 -23.79 -66.42
CA VAL S 113 -26.01 -23.46 -65.59
C VAL S 113 -25.41 -24.76 -65.08
N MET S 114 -24.73 -25.49 -65.97
CA MET S 114 -24.07 -26.73 -65.58
C MET S 114 -22.81 -26.88 -66.43
N PRO S 115 -21.75 -27.51 -65.85
CA PRO S 115 -20.42 -27.54 -66.45
C PRO S 115 -20.43 -27.87 -67.95
N TYR S 116 -21.25 -28.81 -68.35
CA TYR S 116 -21.27 -29.19 -69.75
C TYR S 116 -21.57 -28.02 -70.68
N THR S 117 -22.42 -27.09 -70.24
CA THR S 117 -22.90 -26.05 -71.15
C THR S 117 -22.50 -24.61 -70.85
N VAL S 118 -21.68 -24.36 -69.82
CA VAL S 118 -21.32 -22.95 -69.56
C VAL S 118 -20.22 -22.53 -70.52
N GLY S 119 -19.43 -23.49 -70.97
CA GLY S 119 -18.34 -23.17 -71.88
C GLY S 119 -17.61 -24.42 -72.33
N THR S 120 -16.97 -24.32 -73.47
CA THR S 120 -16.35 -25.49 -74.07
C THR S 120 -15.18 -26.02 -73.19
N TRP S 121 -14.41 -25.12 -72.58
CA TRP S 121 -13.27 -25.53 -71.75
C TRP S 121 -13.67 -26.24 -70.47
N LEU S 122 -14.54 -25.63 -69.67
CA LEU S 122 -15.00 -26.28 -68.43
C LEU S 122 -15.66 -27.61 -68.74
N ARG S 123 -16.33 -27.67 -69.88
CA ARG S 123 -16.97 -28.88 -70.30
C ARG S 123 -15.97 -30.03 -70.30
N GLY S 124 -14.80 -29.81 -70.90
CA GLY S 124 -13.77 -30.83 -70.98
C GLY S 124 -13.19 -31.19 -69.61
N VAL S 125 -12.95 -30.19 -68.78
CA VAL S 125 -12.36 -30.39 -67.45
C VAL S 125 -13.24 -31.19 -66.48
N ALA S 126 -14.46 -30.68 -66.25
CA ALA S 126 -15.36 -31.19 -65.20
C ALA S 126 -15.92 -32.57 -65.52
N ALA S 127 -15.75 -32.98 -66.76
CA ALA S 127 -16.20 -34.28 -67.20
C ALA S 127 -15.48 -35.41 -66.46
N ASN S 128 -14.27 -35.13 -65.98
CA ASN S 128 -13.46 -36.10 -65.28
C ASN S 128 -13.90 -36.37 -63.84
N TRP S 129 -14.89 -35.64 -63.34
CA TRP S 129 -15.44 -35.87 -62.02
C TRP S 129 -16.92 -36.21 -62.18
N SER S 130 -17.51 -36.88 -61.18
CA SER S 130 -18.91 -37.34 -61.26
C SER S 130 -19.87 -36.27 -60.81
N LYS S 131 -19.49 -35.57 -59.75
CA LYS S 131 -20.34 -34.58 -59.15
C LYS S 131 -19.59 -33.27 -58.99
N TYR S 132 -20.34 -32.18 -58.92
CA TYR S 132 -19.78 -30.84 -58.72
C TYR S 132 -20.68 -29.98 -57.82
N SER S 133 -20.15 -28.85 -57.41
CA SER S 133 -20.88 -27.87 -56.63
C SER S 133 -20.48 -26.48 -57.04
N TRP S 134 -21.47 -25.66 -57.37
CA TRP S 134 -21.19 -24.25 -57.63
C TRP S 134 -20.99 -23.51 -56.31
N LEU S 135 -19.85 -22.83 -56.21
CA LEU S 135 -19.60 -21.91 -55.11
C LEU S 135 -19.99 -20.51 -55.56
N SER S 136 -19.77 -20.25 -56.84
CA SER S 136 -20.16 -18.99 -57.47
C SER S 136 -20.25 -19.11 -58.97
N VAL S 137 -21.29 -18.54 -59.54
CA VAL S 137 -21.42 -18.46 -60.99
C VAL S 137 -21.83 -17.05 -61.33
N ARG S 138 -21.06 -16.43 -62.21
CA ARG S 138 -21.34 -15.07 -62.63
C ARG S 138 -21.40 -15.04 -64.15
N TYR S 139 -22.48 -14.51 -64.69
CA TYR S 139 -22.56 -14.27 -66.13
C TYR S 139 -22.44 -12.79 -66.39
N THR S 140 -21.51 -12.42 -67.27
CA THR S 140 -21.19 -11.01 -67.55
C THR S 140 -21.28 -10.71 -69.04
N TYR S 141 -22.10 -9.73 -69.42
CA TYR S 141 -22.19 -9.34 -70.83
C TYR S 141 -21.18 -8.26 -71.16
N ILE S 142 -20.38 -8.49 -72.18
CA ILE S 142 -19.44 -7.46 -72.64
C ILE S 142 -19.79 -7.04 -74.08
N PRO S 143 -19.95 -5.73 -74.32
CA PRO S 143 -20.32 -5.25 -75.65
C PRO S 143 -19.17 -5.25 -76.64
N SER S 144 -19.47 -5.30 -77.94
CA SER S 144 -18.43 -5.19 -78.96
C SER S 144 -18.89 -4.36 -80.17
N CYS S 145 -19.90 -3.52 -79.97
CA CYS S 145 -20.52 -2.78 -81.07
C CYS S 145 -20.29 -1.27 -80.90
N PRO S 146 -20.63 -0.48 -81.94
CA PRO S 146 -20.68 0.98 -81.79
C PRO S 146 -21.74 1.42 -80.79
N SER S 147 -21.52 2.58 -80.16
CA SER S 147 -22.43 3.18 -79.16
C SER S 147 -23.72 3.64 -79.78
N SER S 148 -23.72 3.56 -81.09
CA SER S 148 -24.81 3.98 -81.93
C SER S 148 -25.76 2.83 -82.28
N THR S 149 -25.47 1.67 -81.70
CA THR S 149 -26.21 0.44 -81.96
C THR S 149 -27.53 0.42 -81.20
N ALA S 150 -28.63 0.24 -81.92
CA ALA S 150 -29.93 0.13 -81.26
C ALA S 150 -30.07 -1.27 -80.71
N GLY S 151 -30.69 -1.39 -79.54
CA GLY S 151 -30.88 -2.70 -78.91
C GLY S 151 -30.62 -2.72 -77.42
N SER S 152 -31.22 -3.68 -76.73
CA SER S 152 -30.98 -3.91 -75.30
C SER S 152 -30.88 -5.40 -75.00
N ILE S 153 -30.17 -5.73 -73.93
CA ILE S 153 -30.05 -7.13 -73.54
C ILE S 153 -30.63 -7.33 -72.13
N HIS S 154 -31.20 -8.51 -71.89
CA HIS S 154 -31.79 -8.83 -70.60
C HIS S 154 -31.37 -10.22 -70.15
N MET S 155 -31.05 -10.38 -68.87
CA MET S 155 -30.67 -11.69 -68.32
C MET S 155 -31.32 -11.96 -66.96
N GLY S 156 -31.65 -13.22 -66.69
CA GLY S 156 -32.15 -13.60 -65.38
C GLY S 156 -32.04 -15.10 -65.14
N PHE S 157 -32.21 -15.53 -63.89
CA PHE S 157 -32.12 -16.96 -63.58
C PHE S 157 -33.48 -17.57 -63.28
N GLN S 158 -33.72 -18.76 -63.82
CA GLN S 158 -34.84 -19.59 -63.41
C GLN S 158 -34.31 -20.77 -62.67
N TYR S 159 -34.97 -21.12 -61.57
CA TYR S 159 -34.41 -22.16 -60.70
C TYR S 159 -35.20 -23.45 -60.67
N ASP S 160 -36.27 -23.47 -61.44
CA ASP S 160 -37.10 -24.67 -61.57
C ASP S 160 -37.18 -24.98 -63.04
N MET S 161 -36.63 -26.14 -63.41
CA MET S 161 -36.52 -26.54 -64.79
C MET S 161 -37.87 -26.68 -65.47
N ALA S 162 -38.91 -26.84 -64.67
CA ALA S 162 -40.26 -27.00 -65.19
C ALA S 162 -40.88 -25.68 -65.65
N ASP S 163 -40.38 -24.55 -65.13
CA ASP S 163 -40.86 -23.24 -65.54
C ASP S 163 -40.73 -23.05 -67.06
N THR S 164 -41.74 -22.44 -67.68
CA THR S 164 -41.70 -22.14 -69.11
C THR S 164 -40.79 -20.97 -69.34
N VAL S 165 -40.02 -21.02 -70.43
CA VAL S 165 -39.14 -19.92 -70.73
C VAL S 165 -39.94 -18.63 -71.01
N PRO S 166 -39.51 -17.50 -70.40
CA PRO S 166 -40.22 -16.20 -70.51
C PRO S 166 -40.42 -15.74 -71.96
N VAL S 167 -41.41 -14.89 -72.15
CA VAL S 167 -41.74 -14.46 -73.51
C VAL S 167 -41.68 -12.95 -73.69
N SER S 168 -41.62 -12.21 -72.58
CA SER S 168 -41.51 -10.75 -72.61
C SER S 168 -40.48 -10.23 -71.62
N VAL S 169 -39.97 -9.03 -71.87
CA VAL S 169 -39.14 -8.33 -70.92
C VAL S 169 -39.87 -8.16 -69.57
N ASN S 170 -41.19 -7.92 -69.60
CA ASN S 170 -41.98 -7.77 -68.38
C ASN S 170 -41.81 -8.95 -67.42
N GLN S 171 -42.02 -10.15 -67.96
CA GLN S 171 -41.80 -11.38 -67.20
C GLN S 171 -40.38 -11.53 -66.70
N LEU S 172 -39.42 -11.36 -67.61
CA LEU S 172 -38.02 -11.56 -67.27
C LEU S 172 -37.56 -10.69 -66.08
N SER S 173 -38.06 -9.45 -66.01
CA SER S 173 -37.62 -8.49 -65.00
C SER S 173 -37.87 -8.93 -63.55
N ASN S 174 -38.70 -9.94 -63.38
CA ASN S 174 -39.07 -10.43 -62.06
C ASN S 174 -38.15 -11.50 -61.50
N LEU S 175 -37.35 -12.08 -62.38
CA LEU S 175 -36.47 -13.17 -61.98
C LEU S 175 -35.38 -12.66 -61.07
N ARG S 176 -35.00 -13.50 -60.11
CA ARG S 176 -33.81 -13.26 -59.30
C ARG S 176 -32.59 -13.00 -60.15
N GLY S 177 -31.96 -11.86 -59.85
CA GLY S 177 -30.72 -11.48 -60.48
C GLY S 177 -30.90 -10.84 -61.83
N TYR S 178 -32.11 -10.35 -62.12
CA TYR S 178 -32.37 -9.69 -63.40
C TYR S 178 -31.52 -8.45 -63.59
N VAL S 179 -30.86 -8.38 -64.73
CA VAL S 179 -30.12 -7.18 -65.12
C VAL S 179 -30.43 -6.84 -66.58
N SER S 180 -30.20 -5.59 -66.96
CA SER S 180 -30.61 -5.12 -68.28
C SER S 180 -29.81 -3.88 -68.72
N GLY S 181 -29.49 -3.81 -70.00
CA GLY S 181 -28.81 -2.63 -70.48
C GLY S 181 -28.72 -2.52 -71.98
N GLN S 182 -28.33 -1.33 -72.44
CA GLN S 182 -28.07 -1.12 -73.86
C GLN S 182 -27.07 -2.14 -74.32
N VAL S 183 -27.22 -2.55 -75.57
CA VAL S 183 -26.40 -3.59 -76.15
C VAL S 183 -24.92 -3.14 -76.32
N TRP S 184 -24.70 -1.84 -76.13
CA TRP S 184 -23.36 -1.26 -76.18
C TRP S 184 -22.84 -0.84 -74.80
N SER S 185 -23.59 -1.13 -73.73
CA SER S 185 -23.15 -0.89 -72.34
C SER S 185 -22.46 -2.12 -71.71
N GLY S 186 -21.85 -1.93 -70.55
CA GLY S 186 -21.36 -3.08 -69.81
C GLY S 186 -19.87 -3.27 -69.63
N SER S 187 -19.08 -2.40 -70.25
CA SER S 187 -17.62 -2.49 -70.14
C SER S 187 -17.21 -2.59 -68.69
N ALA S 188 -17.91 -1.87 -67.81
CA ALA S 188 -17.52 -1.84 -66.40
C ALA S 188 -17.66 -3.23 -65.74
N GLY S 189 -18.23 -4.17 -66.48
CA GLY S 189 -18.33 -5.55 -66.03
C GLY S 189 -17.06 -6.36 -66.21
N LEU S 190 -16.11 -5.81 -66.96
CA LEU S 190 -14.87 -6.51 -67.32
C LEU S 190 -14.07 -6.97 -66.11
N CYS S 191 -14.01 -6.09 -65.12
CA CYS S 191 -13.17 -6.33 -63.95
C CYS S 191 -13.54 -7.60 -63.21
N PHE S 192 -14.78 -8.05 -63.38
CA PHE S 192 -15.22 -9.33 -62.81
C PHE S 192 -14.50 -10.48 -63.44
N ILE S 193 -14.20 -10.31 -64.73
CA ILE S 193 -13.77 -11.43 -65.55
C ILE S 193 -12.31 -11.80 -65.34
N ASN S 194 -11.45 -10.79 -65.20
CA ASN S 194 -10.04 -11.04 -64.92
C ASN S 194 -9.82 -10.89 -63.42
N GLY S 195 -10.93 -10.88 -62.70
CA GLY S 195 -10.94 -10.93 -61.25
C GLY S 195 -10.22 -9.79 -60.60
N THR S 196 -10.22 -8.62 -61.24
CA THR S 196 -9.45 -7.48 -60.74
C THR S 196 -10.23 -6.53 -59.83
N ARG S 197 -9.57 -5.46 -59.41
CA ARG S 197 -10.16 -4.47 -58.53
C ARG S 197 -11.37 -3.86 -59.21
N CYS S 198 -12.52 -4.09 -58.60
CA CYS S 198 -13.77 -3.55 -59.11
C CYS S 198 -14.09 -2.27 -58.33
N SER S 199 -14.34 -1.19 -59.07
CA SER S 199 -14.57 0.11 -58.48
C SER S 199 -15.91 0.64 -59.01
N ASP S 200 -15.87 1.24 -60.20
CA ASP S 200 -17.06 1.79 -60.82
C ASP S 200 -17.80 0.64 -61.47
N THR S 201 -18.41 -0.19 -60.65
CA THR S 201 -19.00 -1.42 -61.12
C THR S 201 -20.52 -1.30 -61.33
N SER S 202 -21.02 -0.08 -61.23
CA SER S 202 -22.47 0.19 -61.34
C SER S 202 -23.06 -0.08 -62.72
N THR S 203 -22.24 0.03 -63.75
CA THR S 203 -22.68 -0.14 -65.13
C THR S 203 -22.68 -1.58 -65.61
N ALA S 204 -22.14 -2.47 -64.80
CA ALA S 204 -21.98 -3.86 -65.20
C ALA S 204 -23.30 -4.57 -65.45
N ILE S 205 -23.41 -5.17 -66.63
CA ILE S 205 -24.51 -6.05 -67.00
C ILE S 205 -24.08 -7.48 -66.63
N SER S 206 -24.03 -7.72 -65.34
CA SER S 206 -23.48 -8.95 -64.79
C SER S 206 -24.38 -9.48 -63.70
N THR S 207 -24.54 -10.79 -63.62
CA THR S 207 -25.43 -11.32 -62.60
C THR S 207 -24.93 -12.65 -62.06
N THR S 208 -25.30 -12.97 -60.81
CA THR S 208 -24.75 -14.16 -60.14
C THR S 208 -25.83 -15.09 -59.65
N LEU S 209 -25.47 -16.37 -59.63
CA LEU S 209 -26.32 -17.48 -59.20
C LEU S 209 -26.41 -17.56 -57.68
N ASP S 210 -27.62 -17.76 -57.16
CA ASP S 210 -27.78 -17.97 -55.72
C ASP S 210 -27.44 -19.40 -55.36
N VAL S 211 -26.15 -19.65 -55.12
CA VAL S 211 -25.69 -20.99 -54.80
C VAL S 211 -26.33 -21.50 -53.50
N SER S 212 -26.57 -20.58 -52.58
CA SER S 212 -27.19 -20.85 -51.29
C SER S 212 -28.61 -21.38 -51.37
N LYS S 213 -29.25 -21.24 -52.52
CA LYS S 213 -30.67 -21.52 -52.61
C LYS S 213 -30.95 -22.68 -53.60
N LEU S 214 -29.89 -23.36 -54.05
CA LEU S 214 -30.05 -24.48 -54.98
C LEU S 214 -30.71 -25.68 -54.29
N GLY S 215 -31.30 -26.58 -55.07
CA GLY S 215 -31.97 -27.72 -54.50
C GLY S 215 -31.07 -28.51 -53.57
N LYS S 216 -29.90 -28.91 -54.07
CA LYS S 216 -28.93 -29.59 -53.22
C LYS S 216 -27.54 -28.99 -53.42
N LYS S 217 -26.52 -29.60 -52.81
CA LYS S 217 -25.17 -29.04 -52.95
C LYS S 217 -24.42 -29.75 -54.05
N TRP S 218 -24.47 -31.08 -54.06
CA TRP S 218 -23.68 -31.81 -55.04
C TRP S 218 -24.51 -32.29 -56.22
N TYR S 219 -24.23 -31.74 -57.40
CA TYR S 219 -24.96 -32.12 -58.61
C TYR S 219 -24.13 -33.07 -59.46
N PRO S 220 -24.78 -34.02 -60.12
CA PRO S 220 -24.09 -34.91 -61.06
C PRO S 220 -23.78 -34.18 -62.35
N TYR S 221 -22.61 -34.42 -62.91
CA TYR S 221 -22.26 -33.89 -64.23
C TYR S 221 -23.16 -34.50 -65.30
N LYS S 222 -23.91 -33.66 -66.02
CA LYS S 222 -24.78 -34.17 -67.05
C LYS S 222 -24.56 -33.43 -68.34
N THR S 223 -24.86 -34.10 -69.45
CA THR S 223 -24.74 -33.53 -70.79
C THR S 223 -26.06 -32.96 -71.26
N SER S 224 -26.06 -32.27 -72.40
CA SER S 224 -27.30 -31.83 -72.99
C SER S 224 -28.21 -33.01 -73.35
N ALA S 225 -27.58 -34.08 -73.85
CA ALA S 225 -28.28 -35.32 -74.18
C ALA S 225 -29.04 -35.88 -72.97
N ASP S 226 -28.33 -36.01 -71.86
CA ASP S 226 -28.88 -36.50 -70.61
C ASP S 226 -30.06 -35.64 -70.16
N TYR S 227 -29.93 -34.33 -70.36
CA TYR S 227 -30.99 -33.40 -69.99
C TYR S 227 -32.24 -33.68 -70.79
N ALA S 228 -32.06 -33.77 -72.11
CA ALA S 228 -33.16 -34.01 -73.05
C ALA S 228 -33.89 -35.30 -72.75
N THR S 229 -33.11 -36.38 -72.55
CA THR S 229 -33.69 -37.67 -72.23
C THR S 229 -34.50 -37.55 -70.96
N ALA S 230 -33.92 -36.87 -69.97
CA ALA S 230 -34.58 -36.73 -68.69
C ALA S 230 -35.95 -36.02 -68.82
N VAL S 231 -36.01 -34.96 -69.61
CA VAL S 231 -37.26 -34.19 -69.75
C VAL S 231 -38.37 -34.85 -70.59
N GLY S 232 -38.01 -35.82 -71.43
CA GLY S 232 -39.00 -36.59 -72.18
C GLY S 232 -39.87 -37.46 -71.29
N VAL S 233 -39.27 -37.98 -70.23
CA VAL S 233 -39.99 -38.78 -69.26
C VAL S 233 -40.76 -37.89 -68.28
N ASP S 234 -40.08 -36.89 -67.70
CA ASP S 234 -40.70 -35.93 -66.79
C ASP S 234 -39.77 -34.72 -66.53
N VAL S 235 -40.26 -33.50 -66.77
CA VAL S 235 -39.40 -32.32 -66.68
C VAL S 235 -38.74 -32.16 -65.31
N ASN S 236 -39.39 -32.73 -64.29
CA ASN S 236 -38.93 -32.63 -62.91
C ASN S 236 -37.75 -33.58 -62.58
N ILE S 237 -37.54 -34.60 -63.41
CA ILE S 237 -36.39 -35.49 -63.25
C ILE S 237 -35.11 -34.67 -63.44
N ALA S 238 -35.23 -33.58 -64.19
CA ALA S 238 -34.11 -32.69 -64.48
C ALA S 238 -33.74 -31.83 -63.25
N THR S 239 -34.70 -31.55 -62.37
CA THR S 239 -34.41 -30.67 -61.23
C THR S 239 -33.28 -31.20 -60.32
N PRO S 240 -33.25 -32.49 -60.00
CA PRO S 240 -32.03 -32.83 -59.25
C PRO S 240 -30.80 -32.95 -60.15
N LEU S 241 -30.93 -32.62 -61.44
CA LEU S 241 -29.81 -32.71 -62.38
C LEU S 241 -29.18 -31.36 -62.73
N VAL S 242 -30.00 -30.31 -62.81
CA VAL S 242 -29.49 -28.98 -63.18
C VAL S 242 -29.79 -27.93 -62.11
N PRO S 243 -28.78 -27.16 -61.70
CA PRO S 243 -29.06 -26.17 -60.64
C PRO S 243 -29.96 -25.00 -61.06
N ALA S 244 -29.81 -24.53 -62.30
CA ALA S 244 -30.61 -23.40 -62.78
C ALA S 244 -30.43 -23.20 -64.25
N ARG S 245 -31.26 -22.35 -64.85
CA ARG S 245 -31.06 -21.99 -66.25
C ARG S 245 -31.04 -20.48 -66.40
N LEU S 246 -30.13 -20.02 -67.25
CA LEU S 246 -29.99 -18.62 -67.55
C LEU S 246 -30.88 -18.28 -68.71
N VAL S 247 -31.75 -17.29 -68.53
CA VAL S 247 -32.65 -16.87 -69.59
C VAL S 247 -32.16 -15.54 -70.12
N ILE S 248 -32.17 -15.41 -71.44
CA ILE S 248 -31.65 -14.21 -72.09
C ILE S 248 -32.63 -13.65 -73.10
N ALA S 249 -32.88 -12.34 -73.04
CA ALA S 249 -33.70 -11.69 -74.06
C ALA S 249 -32.94 -10.54 -74.72
N LEU S 250 -33.05 -10.45 -76.04
CA LEU S 250 -32.56 -9.30 -76.80
C LEU S 250 -33.61 -8.76 -77.75
N LEU S 251 -33.80 -7.44 -77.71
CA LEU S 251 -34.82 -6.77 -78.49
C LEU S 251 -34.43 -5.31 -78.69
N ASP S 252 -35.34 -4.49 -79.23
CA ASP S 252 -35.11 -3.06 -79.41
C ASP S 252 -34.05 -2.75 -80.47
N GLY S 253 -33.72 -3.70 -81.32
CA GLY S 253 -32.74 -3.45 -82.37
C GLY S 253 -33.34 -2.66 -83.52
N SER S 254 -32.51 -2.25 -84.46
CA SER S 254 -32.96 -1.44 -85.59
C SER S 254 -33.06 -2.27 -86.86
N SER S 255 -32.57 -3.50 -86.81
CA SER S 255 -32.54 -4.37 -88.00
C SER S 255 -33.34 -5.67 -87.81
N SER S 256 -33.79 -6.24 -88.91
CA SER S 256 -34.48 -7.54 -88.86
C SER S 256 -33.43 -8.62 -88.89
N THR S 257 -32.23 -8.25 -89.35
CA THR S 257 -31.10 -9.17 -89.39
C THR S 257 -30.29 -8.96 -88.13
N ALA S 258 -29.85 -10.05 -87.50
CA ALA S 258 -29.12 -9.94 -86.26
C ALA S 258 -27.90 -9.07 -86.50
N VAL S 259 -27.75 -8.03 -85.66
CA VAL S 259 -26.56 -7.18 -85.71
C VAL S 259 -25.58 -7.61 -84.64
N ALA S 260 -24.30 -7.67 -84.99
CA ALA S 260 -23.26 -8.08 -84.04
C ALA S 260 -23.24 -7.17 -82.81
N ALA S 261 -23.50 -7.77 -81.65
CA ALA S 261 -23.70 -7.00 -80.43
C ALA S 261 -22.59 -7.14 -79.38
N GLY S 262 -22.45 -8.33 -78.81
CA GLY S 262 -21.46 -8.56 -77.79
C GLY S 262 -21.25 -10.02 -77.44
N ARG S 263 -20.75 -10.27 -76.24
CA ARG S 263 -20.50 -11.62 -75.79
C ARG S 263 -20.82 -11.77 -74.32
N ILE S 264 -21.24 -12.98 -73.96
CA ILE S 264 -21.48 -13.36 -72.57
C ILE S 264 -20.35 -14.27 -72.08
N TYR S 265 -19.70 -13.87 -70.98
CA TYR S 265 -18.67 -14.69 -70.35
C TYR S 265 -19.16 -15.26 -69.04
N CYS S 266 -18.64 -16.42 -68.66
CA CYS S 266 -18.95 -16.95 -67.36
C CYS S 266 -17.70 -17.02 -66.44
N THR S 267 -17.82 -16.45 -65.24
CA THR S 267 -16.78 -16.51 -64.22
C THR S 267 -17.32 -17.34 -63.04
N TYR S 268 -16.71 -18.50 -62.82
CA TYR S 268 -17.26 -19.46 -61.89
C TYR S 268 -16.23 -19.95 -60.89
N THR S 269 -16.71 -20.38 -59.72
CA THR S 269 -15.90 -21.18 -58.81
C THR S 269 -16.61 -22.51 -58.56
N ILE S 270 -15.98 -23.59 -59.02
CA ILE S 270 -16.60 -24.90 -58.97
C ILE S 270 -15.83 -25.87 -58.06
N GLN S 271 -16.58 -26.63 -57.26
CA GLN S 271 -15.99 -27.73 -56.51
C GLN S 271 -16.26 -29.04 -57.23
N MET S 272 -15.20 -29.72 -57.64
CA MET S 272 -15.37 -30.96 -58.38
C MET S 272 -14.90 -32.10 -57.49
N ILE S 273 -15.75 -33.12 -57.34
CA ILE S 273 -15.41 -34.25 -56.49
C ILE S 273 -15.68 -35.55 -57.22
N GLU S 274 -15.05 -36.62 -56.74
CA GLU S 274 -15.29 -37.99 -57.19
C GLU S 274 -15.04 -38.29 -58.68
N PRO S 275 -13.75 -38.49 -59.02
CA PRO S 275 -13.19 -38.78 -60.36
C PRO S 275 -13.82 -39.98 -61.08
N THR S 276 -13.73 -40.01 -62.41
CA THR S 276 -14.34 -41.06 -63.20
C THR S 276 -13.43 -41.35 -64.36
N ALA S 277 -13.43 -42.60 -64.82
CA ALA S 277 -12.55 -42.99 -65.91
C ALA S 277 -13.33 -43.30 -67.17
N GLY T 86 -46.53 -10.34 -34.93
CA GLY T 86 -46.90 -9.07 -35.54
C GLY T 86 -47.89 -9.14 -36.70
N GLY T 87 -47.58 -9.96 -37.70
CA GLY T 87 -48.42 -10.09 -38.89
C GLY T 87 -47.85 -9.50 -40.18
N ILE T 88 -46.68 -8.87 -40.10
CA ILE T 88 -46.08 -8.19 -41.25
C ILE T 88 -45.25 -9.10 -42.15
N THR T 89 -45.66 -9.19 -43.40
CA THR T 89 -44.87 -9.85 -44.41
C THR T 89 -44.07 -8.83 -45.20
N VAL T 90 -42.75 -8.84 -45.06
CA VAL T 90 -41.91 -7.86 -45.76
C VAL T 90 -41.39 -8.42 -47.08
N LEU T 91 -41.56 -7.63 -48.13
CA LEU T 91 -41.19 -8.03 -49.47
C LEU T 91 -40.29 -6.99 -50.14
N THR T 92 -39.17 -7.44 -50.71
CA THR T 92 -38.30 -6.55 -51.48
C THR T 92 -38.17 -7.12 -52.90
N HIS T 93 -38.39 -6.28 -53.91
CA HIS T 93 -38.44 -6.79 -55.27
C HIS T 93 -38.17 -5.69 -56.28
N SER T 94 -37.68 -6.08 -57.46
CA SER T 94 -37.56 -5.18 -58.60
C SER T 94 -38.38 -5.74 -59.75
N GLU T 95 -39.09 -4.87 -60.46
CA GLU T 95 -39.77 -5.33 -61.66
C GLU T 95 -40.01 -4.22 -62.69
N LEU T 96 -40.33 -4.61 -63.93
CA LEU T 96 -40.64 -3.63 -64.97
C LEU T 96 -41.92 -2.84 -64.60
N SER T 97 -41.87 -1.53 -64.75
CA SER T 97 -43.00 -0.69 -64.35
C SER T 97 -43.59 0.18 -65.46
N ALA T 98 -42.82 0.40 -66.51
CA ALA T 98 -43.26 1.23 -67.63
C ALA T 98 -42.28 1.10 -68.82
N GLU T 99 -42.79 1.14 -70.04
CA GLU T 99 -41.90 1.25 -71.20
C GLU T 99 -41.98 2.68 -71.79
N ILE T 100 -40.83 3.23 -72.20
CA ILE T 100 -40.68 4.65 -72.51
C ILE T 100 -40.20 4.99 -73.93
N GLY T 101 -40.89 5.92 -74.58
CA GLY T 101 -40.53 6.38 -75.91
C GLY T 101 -40.48 7.90 -76.00
N VAL T 102 -39.70 8.42 -76.95
CA VAL T 102 -39.52 9.87 -77.14
C VAL T 102 -39.98 10.43 -78.48
N THR T 103 -40.55 11.63 -78.38
CA THR T 103 -41.01 12.41 -79.50
C THR T 103 -40.44 13.83 -79.45
N ASP T 104 -40.76 14.65 -80.45
CA ASP T 104 -40.23 16.01 -80.52
C ASP T 104 -41.11 16.99 -79.76
N SER T 105 -42.18 16.48 -79.17
CA SER T 105 -43.02 17.29 -78.31
C SER T 105 -43.16 16.62 -76.96
N ILE T 106 -43.36 17.44 -75.92
CA ILE T 106 -43.45 16.95 -74.55
C ILE T 106 -44.68 16.05 -74.35
N VAL T 107 -44.47 14.90 -73.71
CA VAL T 107 -45.58 14.06 -73.35
C VAL T 107 -45.56 13.76 -71.85
N VAL T 108 -46.58 14.22 -71.16
CA VAL T 108 -46.62 14.07 -69.71
C VAL T 108 -47.60 12.99 -69.27
N SER T 109 -47.04 11.97 -68.65
CA SER T 109 -47.79 10.84 -68.11
C SER T 109 -47.59 10.65 -66.60
N SER T 110 -48.33 9.72 -66.00
CA SER T 110 -48.18 9.48 -64.56
C SER T 110 -48.47 8.05 -64.12
N GLU T 111 -48.02 7.71 -62.92
CA GLU T 111 -48.26 6.39 -62.35
C GLU T 111 -48.54 6.51 -60.86
N LEU T 112 -49.61 5.90 -60.41
CA LEU T 112 -49.94 5.92 -59.00
C LEU T 112 -48.87 5.11 -58.28
N VAL T 113 -48.34 5.66 -57.19
CA VAL T 113 -47.37 4.91 -56.39
C VAL T 113 -48.12 4.07 -55.38
N MET T 114 -48.76 3.01 -55.87
CA MET T 114 -49.49 2.03 -55.08
C MET T 114 -49.39 0.66 -55.78
N PRO T 115 -49.40 -0.44 -55.00
CA PRO T 115 -49.10 -1.79 -55.50
C PRO T 115 -49.77 -2.17 -56.83
N TYR T 116 -51.07 -1.91 -56.99
CA TYR T 116 -51.79 -2.27 -58.22
C TYR T 116 -51.16 -1.68 -59.50
N THR T 117 -50.55 -0.51 -59.39
CA THR T 117 -50.13 0.23 -60.55
C THR T 117 -48.64 0.30 -60.68
N VAL T 118 -47.94 -0.31 -59.74
CA VAL T 118 -46.49 -0.29 -59.72
C VAL T 118 -45.91 -1.31 -60.68
N GLY T 119 -46.56 -2.47 -60.79
CA GLY T 119 -46.09 -3.57 -61.62
C GLY T 119 -47.06 -4.75 -61.63
N THR T 120 -47.02 -5.56 -62.69
CA THR T 120 -48.04 -6.62 -62.80
C THR T 120 -47.84 -7.66 -61.73
N TRP T 121 -46.60 -7.99 -61.41
CA TRP T 121 -46.35 -9.02 -60.43
C TRP T 121 -46.82 -8.61 -59.03
N LEU T 122 -46.34 -7.46 -58.58
CA LEU T 122 -46.74 -6.94 -57.27
C LEU T 122 -48.25 -6.73 -57.22
N ARG T 123 -48.83 -6.31 -58.35
CA ARG T 123 -50.25 -6.09 -58.43
C ARG T 123 -50.95 -7.35 -57.95
N GLY T 124 -50.47 -8.48 -58.46
CA GLY T 124 -51.00 -9.76 -58.03
C GLY T 124 -50.64 -10.17 -56.61
N VAL T 125 -49.36 -10.00 -56.25
CA VAL T 125 -48.90 -10.46 -54.94
C VAL T 125 -49.65 -9.76 -53.81
N ALA T 126 -49.61 -8.43 -53.83
CA ALA T 126 -50.11 -7.58 -52.75
C ALA T 126 -51.63 -7.60 -52.62
N ALA T 127 -52.30 -8.10 -53.65
CA ALA T 127 -53.76 -8.20 -53.65
C ALA T 127 -54.26 -9.18 -52.58
N ASN T 128 -53.41 -10.13 -52.17
CA ASN T 128 -53.77 -11.09 -51.14
C ASN T 128 -53.77 -10.46 -49.74
N TRP T 129 -53.37 -9.19 -49.66
CA TRP T 129 -53.43 -8.44 -48.41
C TRP T 129 -54.34 -7.22 -48.56
N SER T 130 -54.81 -6.70 -47.42
CA SER T 130 -55.74 -5.58 -47.42
C SER T 130 -55.05 -4.21 -47.35
N LYS T 131 -53.98 -4.14 -46.55
CA LYS T 131 -53.23 -2.90 -46.34
C LYS T 131 -51.76 -3.17 -46.48
N TYR T 132 -51.02 -2.09 -46.72
CA TYR T 132 -49.55 -2.07 -46.85
C TYR T 132 -48.88 -0.80 -46.31
N SER T 133 -47.56 -0.85 -46.26
CA SER T 133 -46.75 0.30 -45.91
C SER T 133 -45.54 0.30 -46.82
N TRP T 134 -45.26 1.41 -47.49
CA TRP T 134 -44.01 1.51 -48.25
C TRP T 134 -42.89 1.76 -47.25
N LEU T 135 -41.92 0.88 -47.27
CA LEU T 135 -40.71 1.10 -46.50
C LEU T 135 -39.69 1.80 -47.41
N SER T 136 -39.76 1.50 -48.72
CA SER T 136 -38.97 2.18 -49.74
C SER T 136 -39.55 1.96 -51.14
N VAL T 137 -39.58 3.02 -51.94
CA VAL T 137 -39.97 2.88 -53.34
C VAL T 137 -39.01 3.67 -54.21
N ARG T 138 -38.41 3.00 -55.18
CA ARG T 138 -37.51 3.67 -56.11
C ARG T 138 -37.91 3.37 -57.56
N TYR T 139 -37.98 4.43 -58.35
CA TYR T 139 -38.22 4.32 -59.79
C TYR T 139 -36.89 4.59 -60.50
N THR T 140 -36.48 3.66 -61.35
CA THR T 140 -35.19 3.75 -62.02
C THR T 140 -35.34 3.63 -63.54
N TYR T 141 -34.90 4.64 -64.28
CA TYR T 141 -34.95 4.59 -65.75
C TYR T 141 -33.65 4.00 -66.30
N ILE T 142 -33.77 2.96 -67.12
CA ILE T 142 -32.65 2.32 -67.82
C ILE T 142 -32.84 2.47 -69.31
N PRO T 143 -31.82 2.98 -70.04
CA PRO T 143 -31.91 3.20 -71.48
C PRO T 143 -31.81 1.95 -72.35
N SER T 144 -32.32 2.03 -73.58
CA SER T 144 -32.24 0.93 -74.55
C SER T 144 -31.98 1.43 -75.97
N CYS T 145 -31.46 2.65 -76.06
CA CYS T 145 -31.23 3.34 -77.32
C CYS T 145 -29.75 3.68 -77.63
N PRO T 146 -29.47 4.02 -78.89
CA PRO T 146 -28.14 4.49 -79.31
C PRO T 146 -27.67 5.77 -78.59
N SER T 147 -26.36 5.98 -78.54
CA SER T 147 -25.82 7.18 -77.90
C SER T 147 -26.14 8.43 -78.71
N SER T 148 -26.62 8.22 -79.92
CA SER T 148 -26.93 9.30 -80.82
C SER T 148 -28.41 9.68 -80.82
N THR T 149 -29.18 9.06 -79.91
CA THR T 149 -30.62 9.28 -79.77
C THR T 149 -30.99 10.61 -79.09
N ALA T 150 -31.78 11.44 -79.77
CA ALA T 150 -32.26 12.70 -79.17
C ALA T 150 -33.42 12.48 -78.21
N GLY T 151 -33.45 13.28 -77.15
CA GLY T 151 -34.52 13.18 -76.15
C GLY T 151 -34.07 13.22 -74.69
N SER T 152 -34.99 13.59 -73.80
CA SER T 152 -34.73 13.54 -72.35
C SER T 152 -35.95 13.07 -71.57
N ILE T 153 -35.69 12.50 -70.40
CA ILE T 153 -36.75 12.04 -69.53
C ILE T 153 -36.69 12.80 -68.18
N HIS T 154 -37.85 13.02 -67.58
CA HIS T 154 -37.98 13.73 -66.31
C HIS T 154 -38.93 12.98 -65.39
N MET T 155 -38.57 12.85 -64.12
CA MET T 155 -39.42 12.16 -63.15
C MET T 155 -39.48 12.96 -61.86
N GLY T 156 -40.65 12.94 -61.23
CA GLY T 156 -40.85 13.57 -59.94
C GLY T 156 -42.09 13.05 -59.26
N PHE T 157 -42.26 13.37 -57.99
CA PHE T 157 -43.40 12.87 -57.23
C PHE T 157 -44.37 14.01 -56.91
N GLN T 158 -45.67 13.74 -57.02
CA GLN T 158 -46.68 14.63 -56.45
C GLN T 158 -47.24 13.84 -55.30
N TYR T 159 -47.44 14.50 -54.17
CA TYR T 159 -47.84 13.79 -52.96
C TYR T 159 -49.25 14.17 -52.55
N ASP T 160 -49.92 14.92 -53.41
CA ASP T 160 -51.35 15.24 -53.23
C ASP T 160 -52.12 14.90 -54.49
N MET T 161 -53.09 13.99 -54.39
CA MET T 161 -53.81 13.51 -55.56
C MET T 161 -54.57 14.62 -56.29
N ALA T 162 -54.87 15.71 -55.58
CA ALA T 162 -55.57 16.84 -56.19
C ALA T 162 -54.68 17.76 -57.01
N ASP T 163 -53.38 17.77 -56.73
CA ASP T 163 -52.41 18.59 -57.48
C ASP T 163 -52.55 18.24 -58.94
N THR T 164 -52.57 19.24 -59.82
CA THR T 164 -52.71 18.95 -61.25
C THR T 164 -51.45 18.41 -61.87
N VAL T 165 -51.63 17.58 -62.87
CA VAL T 165 -50.49 17.06 -63.61
C VAL T 165 -49.75 18.22 -64.29
N PRO T 166 -48.40 18.25 -64.12
CA PRO T 166 -47.49 19.25 -64.68
C PRO T 166 -47.55 19.31 -66.20
N VAL T 167 -47.25 20.47 -66.77
CA VAL T 167 -47.36 20.66 -68.20
C VAL T 167 -46.05 21.11 -68.82
N SER T 168 -45.11 21.54 -67.97
CA SER T 168 -43.81 22.02 -68.43
C SER T 168 -42.68 21.37 -67.63
N VAL T 169 -41.51 21.27 -68.27
CA VAL T 169 -40.31 20.78 -67.60
C VAL T 169 -40.01 21.68 -66.40
N ASN T 170 -40.26 22.97 -66.59
CA ASN T 170 -40.07 23.97 -65.54
C ASN T 170 -40.85 23.62 -64.27
N GLN T 171 -42.15 23.34 -64.43
CA GLN T 171 -42.97 22.90 -63.30
C GLN T 171 -42.46 21.64 -62.63
N LEU T 172 -42.23 20.62 -63.45
CA LEU T 172 -41.87 19.30 -62.97
C LEU T 172 -40.60 19.39 -62.10
N SER T 173 -39.67 20.25 -62.51
CA SER T 173 -38.37 20.39 -61.84
C SER T 173 -38.48 20.81 -60.39
N ASN T 174 -39.65 21.33 -60.01
CA ASN T 174 -39.84 21.83 -58.65
C ASN T 174 -40.25 20.71 -57.70
N LEU T 175 -40.55 19.55 -58.27
CA LEU T 175 -40.99 18.41 -57.48
C LEU T 175 -39.91 17.76 -56.58
N ARG T 176 -40.34 17.21 -55.45
CA ARG T 176 -39.51 16.31 -54.68
C ARG T 176 -39.03 15.15 -55.54
N GLY T 177 -37.72 14.92 -55.56
CA GLY T 177 -37.22 13.74 -56.22
C GLY T 177 -37.13 13.94 -57.70
N TYR T 178 -37.15 15.19 -58.13
CA TYR T 178 -36.99 15.46 -59.54
C TYR T 178 -35.63 14.99 -60.05
N VAL T 179 -35.65 14.25 -61.15
CA VAL T 179 -34.44 13.85 -61.84
C VAL T 179 -34.65 14.08 -63.34
N SER T 180 -33.57 14.15 -64.10
CA SER T 180 -33.69 14.48 -65.51
C SER T 180 -32.46 14.00 -66.26
N GLY T 181 -32.63 13.51 -67.50
CA GLY T 181 -31.48 13.09 -68.27
C GLY T 181 -31.68 12.66 -69.71
N GLN T 182 -30.56 12.52 -70.45
CA GLN T 182 -30.60 12.00 -71.82
C GLN T 182 -31.24 10.64 -71.83
N VAL T 183 -32.03 10.34 -72.86
CA VAL T 183 -32.77 9.07 -72.89
C VAL T 183 -31.81 7.90 -73.09
N TRP T 184 -30.55 8.24 -73.39
CA TRP T 184 -29.52 7.23 -73.53
C TRP T 184 -28.60 7.19 -72.32
N SER T 185 -28.87 8.04 -71.33
CA SER T 185 -28.16 7.95 -70.05
C SER T 185 -28.99 7.13 -69.06
N GLY T 186 -28.40 6.77 -67.93
CA GLY T 186 -29.14 6.13 -66.86
C GLY T 186 -28.68 4.71 -66.63
N SER T 187 -27.78 4.25 -67.50
CA SER T 187 -27.25 2.90 -67.42
C SER T 187 -26.72 2.62 -66.00
N ALA T 188 -26.07 3.60 -65.37
CA ALA T 188 -25.52 3.35 -64.03
C ALA T 188 -26.61 3.10 -62.98
N GLY T 189 -27.87 3.22 -63.36
CA GLY T 189 -28.94 3.00 -62.41
C GLY T 189 -29.18 1.54 -62.13
N LEU T 190 -28.57 0.69 -62.95
CA LEU T 190 -28.81 -0.75 -62.89
C LEU T 190 -28.54 -1.40 -61.54
N CYS T 191 -27.49 -0.96 -60.85
CA CYS T 191 -27.15 -1.62 -59.59
C CYS T 191 -28.25 -1.53 -58.51
N PHE T 192 -29.11 -0.53 -58.56
CA PHE T 192 -30.21 -0.48 -57.61
C PHE T 192 -31.15 -1.66 -57.84
N ILE T 193 -31.23 -2.09 -59.09
CA ILE T 193 -32.24 -3.04 -59.51
C ILE T 193 -31.91 -4.46 -59.13
N ASN T 194 -30.66 -4.89 -59.21
CA ASN T 194 -30.35 -6.24 -58.78
C ASN T 194 -29.87 -6.18 -57.34
N GLY T 195 -30.02 -5.00 -56.73
CA GLY T 195 -29.70 -4.73 -55.34
C GLY T 195 -28.24 -4.93 -54.92
N THR T 196 -27.32 -4.69 -55.85
CA THR T 196 -25.89 -4.91 -55.60
C THR T 196 -25.18 -3.65 -55.10
N ARG T 197 -23.86 -3.75 -54.92
CA ARG T 197 -23.03 -2.66 -54.42
C ARG T 197 -23.06 -1.44 -55.34
N CYS T 198 -23.56 -0.33 -54.82
CA CYS T 198 -23.61 0.89 -55.59
C CYS T 198 -22.48 1.87 -55.29
N SER T 199 -21.81 2.33 -56.35
CA SER T 199 -20.69 3.26 -56.27
C SER T 199 -20.94 4.50 -57.13
N ASP T 200 -20.68 4.39 -58.44
CA ASP T 200 -20.89 5.49 -59.38
C ASP T 200 -22.34 5.65 -59.86
N THR T 201 -23.20 6.11 -58.95
CA THR T 201 -24.62 6.25 -59.24
C THR T 201 -25.01 7.68 -59.59
N SER T 202 -24.01 8.52 -59.88
CA SER T 202 -24.23 9.95 -60.13
C SER T 202 -24.99 10.25 -61.41
N THR T 203 -24.79 9.39 -62.40
CA THR T 203 -25.43 9.56 -63.68
C THR T 203 -26.78 8.89 -63.71
N ALA T 204 -27.14 8.27 -62.59
CA ALA T 204 -28.39 7.54 -62.48
C ALA T 204 -29.63 8.45 -62.62
N ILE T 205 -30.57 8.03 -63.47
CA ILE T 205 -31.87 8.68 -63.54
C ILE T 205 -32.83 7.94 -62.59
N SER T 206 -32.61 8.08 -61.30
CA SER T 206 -33.33 7.28 -60.32
C SER T 206 -33.86 8.11 -59.15
N THR T 207 -35.05 7.78 -58.68
CA THR T 207 -35.65 8.59 -57.63
C THR T 207 -36.46 7.77 -56.64
N THR T 208 -36.55 8.26 -55.40
CA THR T 208 -37.19 7.51 -54.33
C THR T 208 -38.27 8.31 -53.60
N LEU T 209 -39.29 7.57 -53.14
CA LEU T 209 -40.45 8.13 -52.47
C LEU T 209 -40.14 8.53 -51.04
N ASP T 210 -40.67 9.67 -50.60
CA ASP T 210 -40.56 10.07 -49.21
C ASP T 210 -41.54 9.32 -48.36
N VAL T 211 -41.16 8.11 -48.00
CA VAL T 211 -42.05 7.25 -47.24
C VAL T 211 -42.37 7.88 -45.88
N SER T 212 -41.39 8.59 -45.32
CA SER T 212 -41.47 9.29 -44.04
C SER T 212 -42.45 10.46 -44.01
N LYS T 213 -42.86 10.93 -45.19
CA LYS T 213 -43.59 12.18 -45.26
C LYS T 213 -44.98 11.89 -45.76
N LEU T 214 -45.31 10.60 -45.87
CA LEU T 214 -46.61 10.19 -46.41
C LEU T 214 -47.69 10.56 -45.41
N GLY T 215 -48.92 10.73 -45.89
CA GLY T 215 -50.05 11.10 -45.05
C GLY T 215 -50.22 10.21 -43.84
N LYS T 216 -50.28 8.91 -44.11
CA LYS T 216 -50.30 7.90 -43.05
C LYS T 216 -49.32 6.76 -43.38
N LYS T 217 -49.25 5.75 -42.52
CA LYS T 217 -48.30 4.64 -42.69
C LYS T 217 -48.92 3.46 -43.42
N TRP T 218 -50.12 3.09 -43.01
CA TRP T 218 -50.77 1.95 -43.58
C TRP T 218 -51.83 2.40 -44.59
N TYR T 219 -51.62 2.07 -45.86
CA TYR T 219 -52.58 2.42 -46.91
C TYR T 219 -53.40 1.22 -47.30
N PRO T 220 -54.66 1.45 -47.71
CA PRO T 220 -55.47 0.35 -48.26
C PRO T 220 -55.08 0.00 -49.71
N TYR T 221 -55.04 -1.28 -50.02
CA TYR T 221 -54.84 -1.75 -51.39
C TYR T 221 -56.02 -1.35 -52.25
N LYS T 222 -55.77 -0.64 -53.34
CA LYS T 222 -56.85 -0.20 -54.20
C LYS T 222 -56.54 -0.49 -55.66
N THR T 223 -57.56 -0.60 -56.50
CA THR T 223 -57.34 -0.71 -57.95
C THR T 223 -57.46 0.66 -58.62
N SER T 224 -57.13 0.69 -59.89
CA SER T 224 -57.37 1.88 -60.68
C SER T 224 -58.85 2.19 -60.70
N ALA T 225 -59.66 1.13 -60.79
CA ALA T 225 -61.11 1.28 -60.76
C ALA T 225 -61.55 2.04 -59.53
N ASP T 226 -61.05 1.62 -58.38
CA ASP T 226 -61.36 2.26 -57.10
C ASP T 226 -60.92 3.72 -57.11
N TYR T 227 -59.75 3.97 -57.69
CA TYR T 227 -59.22 5.31 -57.77
C TYR T 227 -60.11 6.23 -58.59
N ALA T 228 -60.47 5.79 -59.79
CA ALA T 228 -61.26 6.61 -60.70
C ALA T 228 -62.56 7.00 -60.02
N THR T 229 -63.22 6.03 -59.41
CA THR T 229 -64.48 6.26 -58.73
C THR T 229 -64.35 7.29 -57.61
N ALA T 230 -63.30 7.17 -56.81
CA ALA T 230 -63.11 8.08 -55.70
C ALA T 230 -63.02 9.51 -56.19
N VAL T 231 -62.25 9.75 -57.24
CA VAL T 231 -62.09 11.12 -57.75
C VAL T 231 -63.32 11.64 -58.52
N GLY T 232 -64.17 10.75 -59.02
CA GLY T 232 -65.40 11.19 -59.66
C GLY T 232 -66.36 11.88 -58.71
N VAL T 233 -66.35 11.44 -57.46
CA VAL T 233 -67.17 12.02 -56.40
C VAL T 233 -66.51 13.27 -55.85
N ASP T 234 -65.23 13.15 -55.47
CA ASP T 234 -64.40 14.27 -55.01
C ASP T 234 -62.97 13.79 -55.02
N VAL T 235 -62.10 14.52 -55.71
CA VAL T 235 -60.72 14.08 -55.89
C VAL T 235 -59.98 13.88 -54.57
N ASN T 236 -60.42 14.59 -53.53
CA ASN T 236 -59.78 14.55 -52.24
C ASN T 236 -60.04 13.23 -51.52
N ILE T 237 -61.04 12.49 -51.98
CA ILE T 237 -61.30 11.15 -51.44
C ILE T 237 -60.11 10.22 -51.72
N ALA T 238 -59.33 10.51 -52.76
CA ALA T 238 -58.18 9.69 -53.12
C ALA T 238 -57.00 9.85 -52.13
N THR T 239 -56.92 10.99 -51.44
CA THR T 239 -55.79 11.27 -50.56
C THR T 239 -55.54 10.22 -49.46
N PRO T 240 -56.59 9.70 -48.80
CA PRO T 240 -56.17 8.63 -47.89
C PRO T 240 -55.98 7.29 -48.58
N LEU T 241 -56.17 7.23 -49.90
CA LEU T 241 -56.14 5.96 -50.62
C LEU T 241 -54.85 5.71 -51.41
N VAL T 242 -54.22 6.77 -51.91
CA VAL T 242 -52.95 6.63 -52.63
C VAL T 242 -51.89 7.50 -51.96
N PRO T 243 -50.73 6.91 -51.64
CA PRO T 243 -49.71 7.69 -50.92
C PRO T 243 -49.07 8.82 -51.76
N ALA T 244 -48.88 8.61 -53.07
CA ALA T 244 -48.29 9.60 -53.96
C ALA T 244 -48.45 9.17 -55.40
N ARG T 245 -48.12 10.05 -56.35
CA ARG T 245 -48.10 9.68 -57.77
C ARG T 245 -46.79 10.10 -58.42
N LEU T 246 -46.28 9.24 -59.29
CA LEU T 246 -45.07 9.54 -60.03
C LEU T 246 -45.37 10.25 -61.34
N VAL T 247 -44.73 11.39 -61.57
CA VAL T 247 -44.92 12.16 -62.80
C VAL T 247 -43.68 12.06 -63.73
N ILE T 248 -43.97 11.82 -65.01
CA ILE T 248 -42.97 11.56 -66.03
C ILE T 248 -43.15 12.48 -67.23
N ALA T 249 -42.04 13.05 -67.69
CA ALA T 249 -42.00 13.84 -68.91
C ALA T 249 -40.95 13.31 -69.88
N LEU T 250 -41.31 13.24 -71.17
CA LEU T 250 -40.37 12.90 -72.24
C LEU T 250 -40.44 13.98 -73.28
N LEU T 251 -39.30 14.46 -73.77
CA LEU T 251 -39.31 15.46 -74.82
C LEU T 251 -37.96 15.49 -75.49
N ASP T 252 -37.75 16.49 -76.35
CA ASP T 252 -36.46 16.78 -77.02
C ASP T 252 -36.03 15.73 -78.04
N GLY T 253 -36.97 14.90 -78.45
CA GLY T 253 -36.71 13.88 -79.45
C GLY T 253 -36.69 14.48 -80.83
N SER T 254 -36.31 13.68 -81.82
CA SER T 254 -36.17 14.14 -83.20
C SER T 254 -37.33 13.73 -84.12
N SER T 255 -38.25 12.92 -83.62
CA SER T 255 -39.38 12.43 -84.42
C SER T 255 -40.76 12.78 -83.86
N SER T 256 -41.76 12.80 -84.74
CA SER T 256 -43.16 13.00 -84.35
C SER T 256 -43.73 11.66 -83.90
N THR T 257 -43.09 10.59 -84.36
CA THR T 257 -43.46 9.24 -83.95
C THR T 257 -42.49 8.81 -82.86
N ALA T 258 -43.02 8.20 -81.79
CA ALA T 258 -42.24 7.80 -80.62
C ALA T 258 -41.11 6.87 -80.99
N VAL T 259 -39.90 7.19 -80.51
CA VAL T 259 -38.72 6.35 -80.66
C VAL T 259 -38.52 5.57 -79.38
N ALA T 260 -38.18 4.29 -79.47
CA ALA T 260 -37.88 3.51 -78.27
C ALA T 260 -36.68 4.07 -77.48
N ALA T 261 -36.91 4.42 -76.22
CA ALA T 261 -35.86 5.03 -75.39
C ALA T 261 -35.34 4.06 -74.34
N GLY T 262 -36.19 3.68 -73.40
CA GLY T 262 -35.78 2.78 -72.35
C GLY T 262 -36.94 2.29 -71.52
N ARG T 263 -36.66 1.91 -70.27
CA ARG T 263 -37.68 1.38 -69.40
C ARG T 263 -37.55 1.94 -67.98
N ILE T 264 -38.68 2.10 -67.29
CA ILE T 264 -38.64 2.47 -65.88
C ILE T 264 -38.94 1.23 -65.05
N TYR T 265 -38.04 0.89 -64.14
CA TYR T 265 -38.24 -0.23 -63.21
C TYR T 265 -38.54 0.31 -61.82
N CYS T 266 -39.34 -0.44 -61.08
CA CYS T 266 -39.65 -0.07 -59.72
C CYS T 266 -39.01 -1.08 -58.77
N THR T 267 -38.29 -0.54 -57.81
CA THR T 267 -37.65 -1.35 -56.80
C THR T 267 -38.25 -0.95 -55.48
N TYR T 268 -38.97 -1.86 -54.83
CA TYR T 268 -39.68 -1.47 -53.61
C TYR T 268 -39.39 -2.43 -52.49
N THR T 269 -39.55 -1.92 -51.28
CA THR T 269 -39.67 -2.70 -50.08
C THR T 269 -40.99 -2.39 -49.44
N ILE T 270 -41.88 -3.38 -49.40
CA ILE T 270 -43.26 -3.20 -48.93
C ILE T 270 -43.54 -4.07 -47.71
N GLN T 271 -44.25 -3.51 -46.73
CA GLN T 271 -44.78 -4.29 -45.61
C GLN T 271 -46.24 -4.58 -45.88
N MET T 272 -46.59 -5.85 -46.00
CA MET T 272 -47.98 -6.21 -46.32
C MET T 272 -48.60 -6.85 -45.09
N ILE T 273 -49.76 -6.35 -44.67
CA ILE T 273 -50.40 -6.88 -43.49
C ILE T 273 -51.88 -7.14 -43.72
N GLU T 274 -52.43 -7.99 -42.85
CA GLU T 274 -53.86 -8.27 -42.75
C GLU T 274 -54.43 -8.83 -44.06
N PRO T 275 -54.21 -10.14 -44.29
CA PRO T 275 -54.60 -10.96 -45.45
C PRO T 275 -56.08 -10.86 -45.79
N THR T 276 -56.41 -11.21 -47.01
CA THR T 276 -57.77 -11.16 -47.46
C THR T 276 -58.00 -12.27 -48.47
N ALA T 277 -59.22 -12.82 -48.48
CA ALA T 277 -59.64 -13.83 -49.42
C ALA T 277 -60.81 -13.32 -50.26
N GLY U 86 31.21 50.52 -9.68
CA GLY U 86 31.26 50.79 -8.24
C GLY U 86 32.18 51.95 -7.91
N GLY U 87 33.42 51.86 -8.39
CA GLY U 87 34.37 52.94 -8.21
C GLY U 87 35.45 52.69 -7.19
N ILE U 88 35.31 51.61 -6.43
CA ILE U 88 36.28 51.31 -5.37
C ILE U 88 37.43 50.48 -5.89
N THR U 89 38.62 51.05 -5.84
CA THR U 89 39.79 50.28 -6.18
C THR U 89 40.39 49.71 -4.89
N VAL U 90 40.35 48.39 -4.73
CA VAL U 90 40.85 47.79 -3.51
C VAL U 90 42.30 47.38 -3.70
N LEU U 91 43.14 47.77 -2.76
CA LEU U 91 44.58 47.56 -2.81
C LEU U 91 45.09 46.86 -1.54
N THR U 92 45.88 45.81 -1.72
CA THR U 92 46.54 45.13 -0.61
C THR U 92 48.04 45.06 -0.87
N HIS U 93 48.82 45.45 0.13
CA HIS U 93 50.24 45.57 -0.08
C HIS U 93 50.94 45.57 1.26
N SER U 94 52.22 45.20 1.23
CA SER U 94 53.12 45.35 2.38
C SER U 94 54.24 46.24 1.94
N GLU U 95 54.70 47.12 2.83
CA GLU U 95 55.92 47.91 2.57
C GLU U 95 56.59 48.35 3.87
N LEU U 96 57.84 48.79 3.74
CA LEU U 96 58.57 49.37 4.86
C LEU U 96 57.94 50.66 5.37
N SER U 97 57.80 50.78 6.70
CA SER U 97 57.20 51.95 7.32
C SER U 97 58.14 52.66 8.31
N ALA U 98 59.11 51.95 8.87
CA ALA U 98 59.98 52.56 9.86
C ALA U 98 61.22 51.72 10.16
N GLU U 99 62.36 52.38 10.34
CA GLU U 99 63.57 51.66 10.79
C GLU U 99 63.87 52.02 12.24
N ILE U 100 64.20 50.98 13.01
CA ILE U 100 64.15 51.06 14.45
C ILE U 100 65.50 50.81 15.12
N GLY U 101 65.83 51.65 16.09
CA GLY U 101 67.06 51.50 16.84
C GLY U 101 66.75 51.61 18.32
N VAL U 102 67.55 50.98 19.16
CA VAL U 102 67.26 50.96 20.58
C VAL U 102 68.42 51.59 21.39
N THR U 103 68.09 52.32 22.46
CA THR U 103 69.06 52.92 23.39
C THR U 103 68.74 52.48 24.82
N ASP U 104 69.52 52.95 25.78
CA ASP U 104 69.36 52.46 27.13
C ASP U 104 68.28 53.25 27.84
N SER U 105 67.77 54.27 27.17
CA SER U 105 66.63 54.97 27.73
C SER U 105 65.49 55.04 26.73
N ILE U 106 64.30 55.15 27.30
CA ILE U 106 63.09 55.13 26.52
C ILE U 106 62.98 56.28 25.55
N VAL U 107 62.61 55.94 24.33
CA VAL U 107 62.32 56.89 23.27
C VAL U 107 60.95 56.60 22.71
N VAL U 108 60.00 57.54 22.81
CA VAL U 108 58.66 57.27 22.31
C VAL U 108 58.37 58.04 21.04
N SER U 109 58.12 57.33 19.96
CA SER U 109 57.82 57.91 18.66
C SER U 109 56.42 57.49 18.20
N SER U 110 55.96 58.02 17.07
CA SER U 110 54.64 57.64 16.56
C SER U 110 54.55 57.79 15.06
N GLU U 111 53.52 57.19 14.49
CA GLU U 111 53.28 57.34 13.07
C GLU U 111 51.79 57.47 12.86
N LEU U 112 51.38 58.43 12.02
CA LEU U 112 49.97 58.55 11.67
C LEU U 112 49.54 57.39 10.76
N VAL U 113 48.45 56.73 11.09
CA VAL U 113 47.99 55.64 10.26
C VAL U 113 47.18 56.19 9.10
N MET U 114 47.89 56.78 8.15
CA MET U 114 47.25 57.32 6.96
C MET U 114 48.20 57.13 5.77
N PRO U 115 47.62 56.98 4.57
CA PRO U 115 48.35 56.59 3.35
C PRO U 115 49.63 57.37 3.20
N TYR U 116 49.60 58.67 3.48
CA TYR U 116 50.77 59.53 3.29
C TYR U 116 51.96 59.09 4.11
N THR U 117 51.72 58.56 5.30
CA THR U 117 52.80 58.30 6.23
C THR U 117 53.01 56.82 6.58
N VAL U 118 52.25 55.90 5.99
CA VAL U 118 52.54 54.51 6.31
C VAL U 118 53.75 54.09 5.48
N GLY U 119 53.93 54.67 4.30
CA GLY U 119 55.05 54.25 3.47
C GLY U 119 55.22 55.02 2.18
N THR U 120 56.44 55.05 1.65
CA THR U 120 56.68 55.89 0.48
C THR U 120 55.88 55.43 -0.74
N TRP U 121 55.70 54.12 -0.92
CA TRP U 121 54.96 53.63 -2.07
C TRP U 121 53.48 54.00 -2.02
N LEU U 122 52.79 53.62 -0.95
CA LEU U 122 51.35 53.88 -0.83
C LEU U 122 51.04 55.36 -0.88
N ARG U 123 51.95 56.17 -0.34
CA ARG U 123 51.78 57.62 -0.32
C ARG U 123 51.54 58.20 -1.71
N GLY U 124 52.39 57.78 -2.65
CA GLY U 124 52.29 58.18 -4.03
C GLY U 124 51.08 57.59 -4.72
N VAL U 125 50.81 56.33 -4.46
CA VAL U 125 49.68 55.63 -5.09
C VAL U 125 48.34 56.24 -4.71
N ALA U 126 48.08 56.31 -3.40
CA ALA U 126 46.79 56.75 -2.90
C ALA U 126 46.59 58.26 -3.18
N ALA U 127 47.68 58.94 -3.52
CA ALA U 127 47.61 60.36 -3.83
C ALA U 127 46.74 60.61 -5.06
N ASN U 128 46.61 59.64 -5.93
CA ASN U 128 45.77 59.80 -7.11
C ASN U 128 44.28 59.74 -6.79
N TRP U 129 43.92 59.45 -5.55
CA TRP U 129 42.53 59.43 -5.12
C TRP U 129 42.27 60.43 -3.96
N SER U 130 41.02 60.83 -3.79
CA SER U 130 40.66 61.84 -2.80
C SER U 130 40.33 61.26 -1.43
N LYS U 131 39.73 60.08 -1.44
CA LYS U 131 39.37 59.45 -0.19
C LYS U 131 39.82 58.00 -0.17
N TYR U 132 39.95 57.46 1.03
CA TYR U 132 40.34 56.06 1.20
C TYR U 132 39.55 55.51 2.39
N SER U 133 39.62 54.21 2.57
CA SER U 133 39.05 53.57 3.74
C SER U 133 39.95 52.42 4.14
N TRP U 134 40.30 52.32 5.43
CA TRP U 134 41.04 51.13 5.84
C TRP U 134 40.13 49.90 6.00
N LEU U 135 40.46 48.81 5.29
CA LEU U 135 39.80 47.52 5.54
C LEU U 135 40.64 46.75 6.55
N SER U 136 41.94 46.94 6.46
CA SER U 136 42.86 46.33 7.39
C SER U 136 44.19 47.03 7.40
N VAL U 137 44.72 47.27 8.59
CA VAL U 137 46.08 47.80 8.77
C VAL U 137 46.83 47.05 9.88
N ARG U 138 47.97 46.49 9.53
CA ARG U 138 48.81 45.77 10.47
C ARG U 138 50.25 46.30 10.49
N TYR U 139 50.74 46.61 11.67
CA TYR U 139 52.13 47.00 11.83
C TYR U 139 52.80 45.78 12.44
N THR U 140 53.88 45.31 11.80
CA THR U 140 54.59 44.10 12.19
C THR U 140 56.05 44.38 12.32
N TYR U 141 56.63 44.12 13.50
CA TYR U 141 58.07 44.35 13.72
C TYR U 141 58.85 43.10 13.35
N ILE U 142 59.85 43.26 12.48
CA ILE U 142 60.73 42.15 12.12
C ILE U 142 62.15 42.51 12.49
N PRO U 143 62.79 41.69 13.33
CA PRO U 143 64.14 42.01 13.81
C PRO U 143 65.29 41.82 12.82
N SER U 144 66.40 42.49 13.06
CA SER U 144 67.62 42.32 12.25
C SER U 144 68.88 42.30 13.13
N CYS U 145 68.69 42.08 14.43
CA CYS U 145 69.80 42.15 15.39
C CYS U 145 70.14 40.80 15.99
N PRO U 146 71.32 40.70 16.61
CA PRO U 146 71.64 39.45 17.29
C PRO U 146 70.72 39.10 18.46
N SER U 147 70.65 37.83 18.83
CA SER U 147 69.83 37.38 19.95
C SER U 147 70.33 37.87 21.28
N SER U 148 71.53 38.42 21.25
CA SER U 148 72.20 38.91 22.44
C SER U 148 71.98 40.41 22.63
N THR U 149 71.12 40.99 21.79
CA THR U 149 70.85 42.44 21.82
C THR U 149 69.93 42.84 22.95
N ALA U 150 70.36 43.76 23.79
CA ALA U 150 69.49 44.25 24.85
C ALA U 150 68.45 45.20 24.28
N GLY U 151 67.27 45.17 24.86
CA GLY U 151 66.20 46.04 24.40
C GLY U 151 64.86 45.36 24.24
N SER U 152 63.80 46.16 24.31
CA SER U 152 62.44 45.73 24.06
C SER U 152 61.74 46.80 23.25
N ILE U 153 60.71 46.38 22.53
CA ILE U 153 59.91 47.28 21.71
C ILE U 153 58.46 47.20 22.18
N HIS U 154 57.76 48.33 22.11
CA HIS U 154 56.35 48.41 22.51
C HIS U 154 55.57 49.22 21.47
N MET U 155 54.39 48.72 21.09
CA MET U 155 53.52 49.37 20.10
C MET U 155 52.06 49.31 20.53
N GLY U 156 51.32 50.35 20.21
CA GLY U 156 49.90 50.40 20.50
C GLY U 156 49.27 51.52 19.69
N PHE U 157 47.93 51.54 19.64
CA PHE U 157 47.22 52.56 18.87
C PHE U 157 46.50 53.59 19.74
N GLN U 158 46.54 54.84 19.32
CA GLN U 158 45.67 55.86 19.86
C GLN U 158 44.70 56.23 18.78
N TYR U 159 43.44 56.42 19.15
CA TYR U 159 42.40 56.68 18.16
C TYR U 159 41.82 58.09 18.28
N ASP U 160 42.36 58.90 19.19
CA ASP U 160 41.95 60.31 19.31
C ASP U 160 43.21 61.18 19.22
N MET U 161 43.26 62.04 18.21
CA MET U 161 44.46 62.83 17.96
C MET U 161 44.82 63.76 19.11
N ALA U 162 43.82 64.07 19.94
CA ALA U 162 43.99 64.95 21.08
C ALA U 162 44.62 64.24 22.29
N ASP U 163 44.61 62.91 22.27
CA ASP U 163 45.26 62.09 23.28
C ASP U 163 46.73 62.45 23.36
N THR U 164 47.30 62.58 24.56
CA THR U 164 48.74 62.82 24.65
C THR U 164 49.51 61.53 24.35
N VAL U 165 50.64 61.66 23.68
CA VAL U 165 51.49 60.50 23.45
C VAL U 165 52.02 60.00 24.80
N PRO U 166 51.93 58.68 25.02
CA PRO U 166 52.38 58.05 26.27
C PRO U 166 53.85 58.31 26.57
N VAL U 167 54.22 58.26 27.83
CA VAL U 167 55.58 58.59 28.20
C VAL U 167 56.25 57.41 28.89
N SER U 168 55.44 56.44 29.26
CA SER U 168 55.94 55.27 29.93
C SER U 168 55.35 54.01 29.31
N VAL U 169 56.09 52.91 29.46
CA VAL U 169 55.59 51.61 29.07
C VAL U 169 54.26 51.32 29.76
N ASN U 170 54.16 51.76 31.01
CA ASN U 170 52.95 51.57 31.79
C ASN U 170 51.73 52.13 31.10
N GLN U 171 51.85 53.39 30.69
CA GLN U 171 50.77 54.05 29.95
C GLN U 171 50.49 53.29 28.70
N LEU U 172 51.56 53.06 27.94
CA LEU U 172 51.47 52.37 26.66
C LEU U 172 50.76 51.02 26.76
N SER U 173 50.99 50.28 27.83
CA SER U 173 50.42 48.93 27.97
C SER U 173 48.88 48.88 28.03
N ASN U 174 48.23 50.00 28.31
CA ASN U 174 46.76 50.01 28.41
C ASN U 174 46.11 50.21 27.05
N LEU U 175 46.90 50.61 26.05
CA LEU U 175 46.39 50.93 24.73
C LEU U 175 45.88 49.72 23.95
N ARG U 176 44.82 49.94 23.17
CA ARG U 176 44.38 48.96 22.18
C ARG U 176 45.49 48.50 21.23
N GLY U 177 45.63 47.17 21.17
CA GLY U 177 46.54 46.54 20.25
C GLY U 177 47.93 46.56 20.81
N TYR U 178 48.06 46.80 22.11
CA TYR U 178 49.36 46.83 22.73
C TYR U 178 50.10 45.50 22.53
N VAL U 179 51.33 45.58 22.01
CA VAL U 179 52.18 44.39 21.89
C VAL U 179 53.60 44.70 22.33
N SER U 180 54.37 43.67 22.68
CA SER U 180 55.68 43.85 23.26
C SER U 180 56.62 42.67 23.12
N GLY U 181 57.89 42.96 22.88
CA GLY U 181 58.86 41.89 22.84
C GLY U 181 60.32 42.33 22.79
N GLN U 182 61.22 41.39 23.00
CA GLN U 182 62.63 41.63 22.85
C GLN U 182 62.86 42.16 21.46
N VAL U 183 63.85 43.05 21.26
CA VAL U 183 64.08 43.65 19.94
C VAL U 183 64.62 42.63 18.95
N TRP U 184 65.01 41.46 19.46
CA TRP U 184 65.46 40.38 18.61
C TRP U 184 64.41 39.29 18.44
N SER U 185 63.24 39.48 19.05
CA SER U 185 62.13 38.57 18.83
C SER U 185 61.32 39.13 17.66
N GLY U 186 60.37 38.35 17.15
CA GLY U 186 59.41 38.86 16.17
C GLY U 186 59.44 38.30 14.76
N SER U 187 60.41 37.46 14.44
CA SER U 187 60.54 36.88 13.11
C SER U 187 59.26 36.22 12.64
N ALA U 188 58.55 35.57 13.56
CA ALA U 188 57.34 34.80 13.24
C ALA U 188 56.23 35.71 12.70
N GLY U 189 56.47 37.01 12.69
CA GLY U 189 55.54 37.96 12.12
C GLY U 189 55.66 38.03 10.60
N LEU U 190 56.70 37.40 10.05
CA LEU U 190 56.99 37.48 8.62
C LEU U 190 55.85 36.92 7.79
N CYS U 191 55.20 35.89 8.30
CA CYS U 191 54.11 35.27 7.54
C CYS U 191 52.94 36.23 7.21
N PHE U 192 52.77 37.28 8.01
CA PHE U 192 51.79 38.34 7.72
C PHE U 192 52.15 39.21 6.54
N ILE U 193 53.44 39.40 6.34
CA ILE U 193 53.93 40.37 5.38
C ILE U 193 53.81 39.89 3.95
N ASN U 194 54.08 38.62 3.71
CA ASN U 194 53.90 38.10 2.37
C ASN U 194 52.55 37.39 2.25
N GLY U 195 51.72 37.53 3.26
CA GLY U 195 50.37 37.01 3.23
C GLY U 195 50.30 35.50 3.05
N THR U 196 51.27 34.79 3.62
CA THR U 196 51.29 33.33 3.50
C THR U 196 50.62 32.64 4.66
N ARG U 197 50.63 31.31 4.64
CA ARG U 197 49.99 30.51 5.69
C ARG U 197 50.67 30.77 7.03
N CYS U 198 49.87 31.31 7.95
CA CYS U 198 50.34 31.63 9.28
C CYS U 198 49.98 30.57 10.30
N SER U 199 50.95 30.12 11.06
CA SER U 199 50.73 29.04 12.01
C SER U 199 51.13 29.49 13.41
N ASP U 200 52.43 29.42 13.67
CA ASP U 200 53.03 29.77 14.94
C ASP U 200 53.24 31.27 15.11
N THR U 201 52.19 32.05 15.26
CA THR U 201 52.39 33.50 15.35
C THR U 201 52.34 34.07 16.76
N SER U 202 52.41 33.21 17.77
CA SER U 202 52.29 33.68 19.16
C SER U 202 53.42 34.62 19.55
N THR U 203 54.56 34.47 18.89
CA THR U 203 55.73 35.31 19.16
C THR U 203 55.78 36.60 18.33
N ALA U 204 54.82 36.76 17.44
CA ALA U 204 54.78 37.91 16.56
C ALA U 204 54.57 39.22 17.33
N ILE U 205 55.44 40.19 17.05
CA ILE U 205 55.23 41.54 17.54
C ILE U 205 54.43 42.30 16.45
N SER U 206 53.16 41.91 16.32
CA SER U 206 52.36 42.44 15.25
C SER U 206 51.03 42.89 15.82
N THR U 207 50.55 44.03 15.34
CA THR U 207 49.35 44.61 15.89
C THR U 207 48.52 45.27 14.80
N THR U 208 47.21 45.27 15.01
CA THR U 208 46.26 45.69 13.97
C THR U 208 45.26 46.78 14.39
N LEU U 209 44.88 47.58 13.41
CA LEU U 209 43.98 48.69 13.63
C LEU U 209 42.53 48.23 13.76
N ASP U 210 41.81 48.78 14.73
CA ASP U 210 40.39 48.51 14.87
C ASP U 210 39.63 49.34 13.89
N VAL U 211 39.52 48.85 12.68
CA VAL U 211 38.81 49.55 11.63
C VAL U 211 37.33 49.74 12.00
N SER U 212 36.75 48.76 12.70
CA SER U 212 35.35 48.82 13.13
C SER U 212 35.05 49.95 14.10
N LYS U 213 36.06 50.60 14.65
CA LYS U 213 35.79 51.57 15.70
C LYS U 213 36.19 52.98 15.27
N LEU U 214 36.52 53.14 13.99
CA LEU U 214 37.01 54.43 13.54
C LEU U 214 35.93 55.51 13.55
N GLY U 215 36.38 56.77 13.58
CA GLY U 215 35.47 57.91 13.62
C GLY U 215 34.47 57.84 12.50
N LYS U 216 34.98 57.75 11.28
CA LYS U 216 34.15 57.52 10.09
C LYS U 216 34.75 56.42 9.19
N LYS U 217 34.15 56.16 8.04
CA LYS U 217 34.67 55.12 7.15
C LYS U 217 35.56 55.70 6.05
N TRP U 218 35.11 56.78 5.41
CA TRP U 218 35.88 57.33 4.31
C TRP U 218 36.65 58.56 4.79
N TYR U 219 37.98 58.44 4.82
CA TYR U 219 38.83 59.55 5.24
C TYR U 219 39.44 60.19 4.01
N PRO U 220 39.68 61.51 4.07
CA PRO U 220 40.40 62.21 3.00
C PRO U 220 41.90 61.97 3.04
N TYR U 221 42.50 61.86 1.86
CA TYR U 221 43.95 61.82 1.75
C TYR U 221 44.44 63.21 2.17
N LYS U 222 45.30 63.24 3.19
CA LYS U 222 45.89 64.48 3.69
C LYS U 222 47.35 64.22 3.81
N THR U 223 48.18 65.27 3.76
CA THR U 223 49.61 65.10 3.98
C THR U 223 49.92 65.40 5.43
N SER U 224 51.17 65.18 5.83
CA SER U 224 51.63 65.59 7.16
C SER U 224 51.46 67.09 7.34
N ALA U 225 51.72 67.84 6.25
CA ALA U 225 51.53 69.28 6.19
C ALA U 225 50.10 69.67 6.56
N ASP U 226 49.13 69.01 5.92
CA ASP U 226 47.73 69.24 6.19
C ASP U 226 47.43 68.94 7.65
N TYR U 227 48.03 67.89 8.15
CA TYR U 227 47.84 67.53 9.54
C TYR U 227 48.35 68.64 10.47
N ALA U 228 49.55 69.14 10.17
CA ALA U 228 50.20 70.17 10.97
C ALA U 228 49.37 71.44 11.10
N THR U 229 48.88 71.92 9.96
CA THR U 229 48.08 73.14 9.91
C THR U 229 46.80 73.04 10.74
N ALA U 230 46.06 71.95 10.57
CA ALA U 230 44.82 71.76 11.32
C ALA U 230 45.07 71.72 12.82
N VAL U 231 46.15 71.04 13.21
CA VAL U 231 46.52 70.92 14.61
C VAL U 231 46.98 72.31 15.09
N GLY U 232 47.39 73.13 14.13
CA GLY U 232 47.75 74.51 14.40
C GLY U 232 46.54 75.30 14.86
N VAL U 233 45.38 74.96 14.32
CA VAL U 233 44.11 75.60 14.69
C VAL U 233 43.43 75.01 15.94
N ASP U 234 43.24 73.69 15.92
CA ASP U 234 42.63 72.94 17.02
C ASP U 234 42.92 71.48 16.74
N VAL U 235 43.45 70.75 17.73
CA VAL U 235 43.82 69.36 17.51
C VAL U 235 42.62 68.51 17.08
N ASN U 236 41.42 68.94 17.46
CA ASN U 236 40.22 68.17 17.16
C ASN U 236 39.80 68.26 15.69
N ILE U 237 40.29 69.27 14.97
CA ILE U 237 40.06 69.32 13.53
C ILE U 237 40.75 68.14 12.87
N ALA U 238 41.82 67.66 13.48
CA ALA U 238 42.61 66.57 12.91
C ALA U 238 41.90 65.22 13.03
N THR U 239 41.06 65.08 14.05
CA THR U 239 40.43 63.80 14.30
C THR U 239 39.57 63.28 13.14
N PRO U 240 38.78 64.15 12.49
CA PRO U 240 38.16 63.52 11.31
C PRO U 240 39.10 63.41 10.09
N LEU U 241 40.38 63.77 10.25
CA LEU U 241 41.35 63.77 9.15
C LEU U 241 42.27 62.53 9.17
N VAL U 242 42.63 62.06 10.35
CA VAL U 242 43.46 60.87 10.43
C VAL U 242 42.78 59.84 11.37
N PRO U 243 42.72 58.57 10.94
CA PRO U 243 42.03 57.50 11.68
C PRO U 243 42.59 57.04 13.04
N ALA U 244 43.90 57.01 13.23
CA ALA U 244 44.46 56.57 14.50
C ALA U 244 45.93 56.90 14.54
N ARG U 245 46.58 56.74 15.68
CA ARG U 245 48.02 56.93 15.68
C ARG U 245 48.77 55.73 16.24
N LEU U 246 49.85 55.34 15.57
CA LEU U 246 50.63 54.23 16.05
C LEU U 246 51.68 54.80 16.97
N VAL U 247 51.72 54.32 18.21
CA VAL U 247 52.71 54.77 19.16
C VAL U 247 53.73 53.66 19.37
N ILE U 248 55.00 54.04 19.39
CA ILE U 248 56.13 53.12 19.51
C ILE U 248 57.08 53.58 20.58
N ALA U 249 57.40 52.69 21.52
CA ALA U 249 58.40 53.00 22.53
C ALA U 249 59.51 51.96 22.47
N LEU U 250 60.74 52.44 22.58
CA LEU U 250 61.90 51.58 22.65
C LEU U 250 62.75 51.88 23.86
N LEU U 251 63.18 50.84 24.54
CA LEU U 251 64.02 51.01 25.71
C LEU U 251 64.76 49.74 26.03
N ASP U 252 65.42 49.74 27.19
CA ASP U 252 66.14 48.59 27.75
C ASP U 252 67.36 48.20 26.94
N GLY U 253 67.82 49.09 26.07
CA GLY U 253 68.99 48.78 25.26
C GLY U 253 70.22 48.90 26.10
N SER U 254 71.34 48.44 25.56
CA SER U 254 72.56 48.37 26.35
C SER U 254 73.47 49.54 26.06
N SER U 255 73.13 50.32 25.04
CA SER U 255 73.96 51.44 24.61
C SER U 255 73.24 52.78 24.79
N SER U 256 74.00 53.85 24.99
CA SER U 256 73.37 55.13 25.15
C SER U 256 73.05 55.68 23.78
N THR U 257 73.82 55.23 22.79
CA THR U 257 73.58 55.55 21.38
C THR U 257 72.86 54.38 20.65
N ALA U 258 71.91 54.74 19.78
CA ALA U 258 71.02 53.77 19.14
C ALA U 258 71.74 52.63 18.44
N VAL U 259 71.34 51.41 18.80
CA VAL U 259 71.81 50.21 18.13
C VAL U 259 70.74 49.78 17.17
N ALA U 260 71.12 49.42 15.95
CA ALA U 260 70.14 48.98 14.95
C ALA U 260 69.40 47.76 15.46
N ALA U 261 68.06 47.85 15.54
CA ALA U 261 67.21 46.79 16.09
C ALA U 261 66.39 46.05 15.02
N GLY U 262 65.54 46.78 14.31
CA GLY U 262 64.74 46.14 13.29
C GLY U 262 63.97 47.10 12.40
N ARG U 263 62.88 46.62 11.83
CA ARG U 263 62.04 47.42 10.95
C ARG U 263 60.59 47.14 11.25
N ILE U 264 59.76 48.15 11.04
CA ILE U 264 58.31 47.97 11.13
C ILE U 264 57.76 48.00 9.69
N TYR U 265 57.02 46.95 9.34
CA TYR U 265 56.36 46.89 8.04
C TYR U 265 54.87 47.16 8.20
N CYS U 266 54.26 47.70 7.15
CA CYS U 266 52.82 47.87 7.19
C CYS U 266 52.16 47.01 6.13
N THR U 267 51.19 46.20 6.53
CA THR U 267 50.43 45.37 5.61
C THR U 267 49.01 45.90 5.68
N TYR U 268 48.53 46.48 4.59
CA TYR U 268 47.27 47.18 4.64
C TYR U 268 46.35 46.67 3.54
N THR U 269 45.06 46.74 3.77
CA THR U 269 44.13 46.54 2.68
C THR U 269 43.31 47.79 2.60
N ILE U 270 43.48 48.54 1.52
CA ILE U 270 42.86 49.85 1.43
C ILE U 270 41.85 49.97 0.29
N GLN U 271 40.74 50.62 0.58
CA GLN U 271 39.78 50.99 -0.44
C GLN U 271 40.04 52.42 -0.82
N MET U 272 40.31 52.65 -2.11
CA MET U 272 40.54 54.01 -2.64
C MET U 272 39.42 54.46 -3.58
N ILE U 273 38.86 55.65 -3.34
CA ILE U 273 37.74 56.10 -4.15
C ILE U 273 37.91 57.54 -4.61
N GLU U 274 37.14 57.91 -5.64
CA GLU U 274 37.02 59.28 -6.15
C GLU U 274 38.36 59.83 -6.64
N PRO U 275 38.75 59.43 -7.85
CA PRO U 275 39.98 59.92 -8.48
C PRO U 275 40.10 61.41 -8.47
N THR U 276 41.34 61.89 -8.62
CA THR U 276 41.66 63.31 -8.58
C THR U 276 42.82 63.59 -9.51
N ALA U 277 42.84 64.78 -10.09
CA ALA U 277 43.86 65.16 -11.06
C ALA U 277 44.78 66.25 -10.53
N GLY V 86 20.48 43.70 35.26
CA GLY V 86 21.37 42.91 36.09
C GLY V 86 22.27 43.75 37.00
N GLY V 87 22.99 44.71 36.40
CA GLY V 87 23.86 45.62 37.14
C GLY V 87 25.35 45.35 37.01
N ILE V 88 25.69 44.25 36.33
CA ILE V 88 27.08 43.85 36.22
C ILE V 88 27.79 44.45 35.02
N THR V 89 28.82 45.24 35.30
CA THR V 89 29.69 45.79 34.29
C THR V 89 30.90 44.87 34.07
N VAL V 90 31.00 44.30 32.86
CA VAL V 90 32.10 43.40 32.50
C VAL V 90 33.28 44.09 31.79
N LEU V 91 34.49 43.84 32.28
CA LEU V 91 35.71 44.45 31.74
C LEU V 91 36.80 43.41 31.38
N THR V 92 37.36 43.52 30.20
CA THR V 92 38.49 42.67 29.79
C THR V 92 39.66 43.54 29.34
N HIS V 93 40.83 43.30 29.90
CA HIS V 93 41.92 44.24 29.67
C HIS V 93 43.30 43.66 30.01
N SER V 94 44.33 44.22 29.37
CA SER V 94 45.71 43.89 29.68
C SER V 94 46.44 45.14 30.11
N GLU V 95 47.25 45.05 31.16
CA GLU V 95 48.12 46.18 31.53
C GLU V 95 49.36 45.72 32.28
N LEU V 96 50.37 46.58 32.36
CA LEU V 96 51.57 46.26 33.11
C LEU V 96 51.22 46.09 34.58
N SER V 97 51.76 45.03 35.20
CA SER V 97 51.46 44.73 36.59
C SER V 97 52.72 44.74 37.47
N ALA V 98 53.88 44.56 36.85
CA ALA V 98 55.13 44.46 37.60
C ALA V 98 56.32 44.59 36.65
N GLU V 99 57.39 45.21 37.14
CA GLU V 99 58.64 45.27 36.41
C GLU V 99 59.59 44.30 37.05
N ILE V 100 60.37 43.59 36.24
CA ILE V 100 61.10 42.45 36.75
C ILE V 100 62.60 42.50 36.50
N GLY V 101 63.38 42.28 37.56
CA GLY V 101 64.83 42.23 37.44
C GLY V 101 65.38 41.04 38.19
N VAL V 102 66.51 40.50 37.74
CA VAL V 102 67.13 39.29 38.31
C VAL V 102 68.53 39.50 38.95
N THR V 103 68.76 38.85 40.09
CA THR V 103 70.07 38.88 40.76
C THR V 103 70.50 37.44 40.93
N ASP V 104 71.65 37.21 41.57
CA ASP V 104 72.20 35.85 41.69
C ASP V 104 71.74 35.07 42.93
N SER V 105 70.95 35.72 43.77
CA SER V 105 70.40 35.04 44.92
C SER V 105 68.91 35.20 44.82
N ILE V 106 68.15 34.27 45.41
CA ILE V 106 66.69 34.32 45.28
C ILE V 106 66.10 35.58 45.94
N VAL V 107 65.21 36.24 45.22
CA VAL V 107 64.45 37.36 45.75
C VAL V 107 62.97 37.03 45.54
N VAL V 108 62.24 36.95 46.65
CA VAL V 108 60.84 36.57 46.59
C VAL V 108 59.94 37.75 46.88
N SER V 109 59.11 38.08 45.90
CA SER V 109 58.15 39.17 45.98
C SER V 109 56.78 38.62 45.82
N SER V 110 55.76 39.44 46.03
CA SER V 110 54.38 39.03 45.78
C SER V 110 53.47 40.21 45.45
N GLU V 111 52.31 39.92 44.90
CA GLU V 111 51.33 40.94 44.57
C GLU V 111 49.94 40.43 44.90
N LEU V 112 49.13 41.24 45.58
CA LEU V 112 47.77 40.82 45.85
C LEU V 112 46.94 40.82 44.57
N VAL V 113 46.19 39.73 44.37
CA VAL V 113 45.30 39.61 43.23
C VAL V 113 43.98 40.31 43.53
N MET V 114 44.01 41.63 43.53
CA MET V 114 42.82 42.42 43.76
C MET V 114 42.98 43.71 42.97
N PRO V 115 41.84 44.26 42.49
CA PRO V 115 41.83 45.36 41.53
C PRO V 115 42.80 46.43 41.92
N TYR V 116 42.83 46.79 43.19
CA TYR V 116 43.70 47.86 43.64
C TYR V 116 45.17 47.65 43.30
N THR V 117 45.60 46.39 43.24
CA THR V 117 47.02 46.10 43.13
C THR V 117 47.46 45.37 41.86
N VAL V 118 46.54 45.02 40.97
CA VAL V 118 47.01 44.28 39.81
C VAL V 118 47.60 45.28 38.84
N GLY V 119 47.10 46.51 38.85
CA GLY V 119 47.56 47.51 37.90
C GLY V 119 46.97 48.85 38.28
N THR V 120 47.66 49.92 37.89
CA THR V 120 47.26 51.26 38.30
C THR V 120 45.98 51.67 37.60
N TRP V 121 45.83 51.26 36.33
CA TRP V 121 44.64 51.60 35.56
C TRP V 121 43.39 50.96 36.15
N LEU V 122 43.41 49.63 36.31
CA LEU V 122 42.28 48.94 36.93
C LEU V 122 42.01 49.45 38.34
N ARG V 123 43.05 49.82 39.05
CA ARG V 123 42.92 50.35 40.40
C ARG V 123 41.96 51.51 40.42
N GLY V 124 42.19 52.45 39.49
CA GLY V 124 41.38 53.64 39.37
C GLY V 124 39.98 53.36 38.90
N VAL V 125 39.88 52.51 37.87
CA VAL V 125 38.62 52.15 37.26
C VAL V 125 37.73 51.46 38.28
N ALA V 126 38.26 50.40 38.87
CA ALA V 126 37.50 49.54 39.76
C ALA V 126 37.16 50.20 41.10
N ALA V 127 37.80 51.33 41.38
CA ALA V 127 37.49 52.07 42.59
C ALA V 127 36.03 52.56 42.57
N ASN V 128 35.45 52.70 41.39
CA ASN V 128 34.08 53.20 41.25
C ASN V 128 32.97 52.22 41.63
N TRP V 129 33.36 51.00 42.01
CA TRP V 129 32.44 49.98 42.48
C TRP V 129 32.84 49.49 43.90
N SER V 130 31.89 48.91 44.64
CA SER V 130 32.16 48.41 46.00
C SER V 130 32.58 46.95 45.99
N LYS V 131 32.03 46.18 45.06
CA LYS V 131 32.36 44.76 44.95
C LYS V 131 32.71 44.35 43.53
N TYR V 132 33.44 43.24 43.42
CA TYR V 132 33.84 42.68 42.14
C TYR V 132 33.86 41.17 42.20
N SER V 133 34.03 40.56 41.05
CA SER V 133 34.28 39.14 40.98
C SER V 133 35.24 38.92 39.83
N TRP V 134 36.32 38.18 40.08
CA TRP V 134 37.24 37.80 39.00
C TRP V 134 36.64 36.68 38.16
N LEU V 135 36.51 36.89 36.84
CA LEU V 135 36.09 35.77 35.99
C LEU V 135 37.32 35.09 35.43
N SER V 136 38.36 35.89 35.25
CA SER V 136 39.61 35.37 34.75
C SER V 136 40.74 36.31 35.15
N VAL V 137 41.83 35.75 35.67
CA VAL V 137 43.02 36.55 35.94
C VAL V 137 44.22 35.78 35.42
N ARG V 138 44.96 36.42 34.53
CA ARG V 138 46.12 35.79 33.95
C ARG V 138 47.32 36.70 34.15
N TYR V 139 48.40 36.15 34.71
CA TYR V 139 49.67 36.85 34.80
C TYR V 139 50.62 36.28 33.75
N THR V 140 51.18 37.16 32.93
CA THR V 140 52.03 36.76 31.82
C THR V 140 53.36 37.48 31.86
N TYR V 141 54.43 36.73 31.81
CA TYR V 141 55.76 37.32 31.75
C TYR V 141 56.23 37.51 30.32
N ILE V 142 56.66 38.72 29.98
CA ILE V 142 57.26 38.97 28.68
C ILE V 142 58.71 39.44 28.90
N PRO V 143 59.69 38.77 28.27
CA PRO V 143 61.10 39.15 28.44
C PRO V 143 61.50 40.39 27.65
N SER V 144 62.57 41.04 28.07
CA SER V 144 63.10 42.20 27.37
C SER V 144 64.62 42.20 27.39
N CYS V 145 65.21 41.04 27.61
CA CYS V 145 66.66 40.97 27.74
C CYS V 145 67.30 40.16 26.65
N PRO V 146 68.63 40.23 26.54
CA PRO V 146 69.33 39.36 25.58
C PRO V 146 69.11 37.88 25.85
N SER V 147 69.30 37.06 24.82
CA SER V 147 69.16 35.60 24.93
C SER V 147 70.23 34.96 25.79
N SER V 148 71.22 35.78 26.14
CA SER V 148 72.38 35.38 26.91
C SER V 148 72.26 35.75 28.39
N THR V 149 71.09 36.24 28.79
CA THR V 149 70.87 36.69 30.16
C THR V 149 70.76 35.54 31.12
N ALA V 150 71.55 35.57 32.18
CA ALA V 150 71.42 34.54 33.19
C ALA V 150 70.19 34.84 34.04
N GLY V 151 69.49 33.81 34.48
CA GLY V 151 68.32 33.99 35.32
C GLY V 151 67.10 33.13 35.01
N SER V 152 66.26 32.94 36.01
CA SER V 152 64.96 32.31 35.82
C SER V 152 63.90 33.03 36.64
N ILE V 153 62.65 32.92 36.20
CA ILE V 153 61.52 33.50 36.91
C ILE V 153 60.53 32.39 37.32
N HIS V 154 59.92 32.58 38.49
CA HIS V 154 58.97 31.62 39.06
C HIS V 154 57.73 32.32 39.55
N MET V 155 56.56 31.74 39.25
CA MET V 155 55.30 32.33 39.66
C MET V 155 54.34 31.27 40.13
N GLY V 156 53.55 31.61 41.14
CA GLY V 156 52.54 30.71 41.62
C GLY V 156 51.51 31.45 42.46
N PHE V 157 50.41 30.77 42.77
CA PHE V 157 49.37 31.34 43.58
C PHE V 157 49.25 30.71 44.98
N GLN V 158 49.07 31.59 45.96
CA GLN V 158 48.64 31.21 47.30
C GLN V 158 47.23 31.72 47.52
N TYR V 159 46.38 30.89 48.12
CA TYR V 159 44.97 31.26 48.27
C TYR V 159 44.56 31.45 49.73
N ASP V 160 45.53 31.35 50.64
CA ASP V 160 45.27 31.61 52.04
C ASP V 160 46.28 32.65 52.45
N MET V 161 45.76 33.81 52.82
CA MET V 161 46.58 34.96 53.10
C MET V 161 47.46 34.73 54.28
N ALA V 162 47.04 33.78 55.12
CA ALA V 162 47.76 33.44 56.33
C ALA V 162 48.96 32.58 56.00
N ASP V 163 48.96 31.91 54.86
CA ASP V 163 50.11 31.11 54.46
C ASP V 163 51.35 31.98 54.34
N THR V 164 52.49 31.49 54.83
CA THR V 164 53.74 32.25 54.69
C THR V 164 54.26 32.24 53.27
N VAL V 165 54.78 33.37 52.85
CA VAL V 165 55.36 33.44 51.54
C VAL V 165 56.57 32.50 51.49
N PRO V 166 56.66 31.68 50.43
CA PRO V 166 57.73 30.71 50.23
C PRO V 166 59.11 31.32 50.20
N VAL V 167 60.12 30.49 50.47
CA VAL V 167 61.49 30.92 50.52
C VAL V 167 62.37 30.16 49.52
N SER V 168 61.85 29.08 48.95
CA SER V 168 62.65 28.33 47.99
C SER V 168 61.88 28.04 46.73
N VAL V 169 62.60 27.81 45.64
CA VAL V 169 61.96 27.37 44.40
C VAL V 169 61.20 26.06 44.65
N ASN V 170 61.76 25.21 45.50
CA ASN V 170 61.15 23.94 45.83
C ASN V 170 59.71 24.07 46.36
N GLN V 171 59.54 24.92 47.37
CA GLN V 171 58.20 25.22 47.91
C GLN V 171 57.28 25.83 46.88
N LEU V 172 57.76 26.91 46.25
CA LEU V 172 56.96 27.63 45.29
C LEU V 172 56.46 26.66 44.20
N SER V 173 57.31 25.70 43.83
CA SER V 173 56.99 24.78 42.75
C SER V 173 55.73 23.95 42.99
N ASN V 174 55.33 23.85 44.25
CA ASN V 174 54.20 23.02 44.63
C ASN V 174 52.85 23.72 44.52
N LEU V 175 52.88 25.03 44.32
CA LEU V 175 51.69 25.86 44.25
C LEU V 175 50.89 25.60 42.99
N ARG V 176 49.57 25.68 43.12
CA ARG V 176 48.68 25.70 41.97
C ARG V 176 49.16 26.73 40.98
N GLY V 177 49.32 26.29 39.74
CA GLY V 177 49.62 27.23 38.67
C GLY V 177 51.07 27.63 38.61
N TYR V 178 51.91 26.83 39.23
CA TYR V 178 53.34 27.10 39.18
C TYR V 178 53.84 27.05 37.77
N VAL V 179 54.60 28.06 37.39
CA VAL V 179 55.27 28.08 36.11
C VAL V 179 56.70 28.57 36.34
N SER V 180 57.58 28.30 35.38
CA SER V 180 59.02 28.55 35.52
C SER V 180 59.71 28.67 34.18
N GLY V 181 60.68 29.57 34.06
CA GLY V 181 61.38 29.66 32.79
C GLY V 181 62.60 30.53 32.75
N GLN V 182 63.40 30.42 31.68
CA GLN V 182 64.53 31.33 31.48
C GLN V 182 63.95 32.73 31.48
N VAL V 183 64.71 33.64 32.05
CA VAL V 183 64.24 34.97 32.25
C VAL V 183 64.18 35.70 30.88
N TRP V 184 64.73 35.06 29.85
CA TRP V 184 64.73 35.59 28.47
C TRP V 184 63.77 34.86 27.56
N SER V 185 63.07 33.87 28.12
CA SER V 185 62.00 33.10 27.47
C SER V 185 60.66 33.76 27.75
N GLY V 186 59.60 33.33 27.07
CA GLY V 186 58.25 33.77 27.41
C GLY V 186 57.49 34.58 26.37
N SER V 187 58.15 34.87 25.25
CA SER V 187 57.61 35.65 24.14
C SER V 187 56.25 35.15 23.70
N ALA V 188 56.10 33.82 23.69
CA ALA V 188 54.88 33.20 23.19
C ALA V 188 53.65 33.56 24.03
N GLY V 189 53.84 34.21 25.17
CA GLY V 189 52.71 34.62 25.93
C GLY V 189 52.05 35.85 25.33
N LEU V 190 52.71 36.50 24.36
CA LEU V 190 52.19 37.77 23.88
C LEU V 190 50.75 37.65 23.32
N CYS V 191 50.42 36.53 22.67
CA CYS V 191 49.09 36.38 22.09
C CYS V 191 47.99 36.42 23.16
N PHE V 192 48.35 36.10 24.40
CA PHE V 192 47.42 36.25 25.53
C PHE V 192 47.15 37.70 25.85
N ILE V 193 48.14 38.55 25.64
CA ILE V 193 48.05 39.92 26.10
C ILE V 193 47.23 40.76 25.13
N ASN V 194 47.37 40.53 23.83
CA ASN V 194 46.58 41.28 22.87
C ASN V 194 45.33 40.50 22.41
N GLY V 195 45.01 39.40 23.09
CA GLY V 195 43.81 38.62 22.83
C GLY V 195 43.68 38.04 21.43
N THR V 196 44.80 37.71 20.80
CA THR V 196 44.79 37.19 19.43
C THR V 196 44.77 35.67 19.41
N ARG V 197 44.82 35.08 18.21
CA ARG V 197 44.81 33.61 18.08
C ARG V 197 46.06 33.04 18.75
N CYS V 198 45.84 32.22 19.78
CA CYS V 198 46.95 31.63 20.49
C CYS V 198 47.22 30.25 19.90
N SER V 199 48.48 30.02 19.54
CA SER V 199 48.84 28.81 18.83
C SER V 199 49.92 28.06 19.58
N ASP V 200 51.14 28.46 19.31
CA ASP V 200 52.34 27.91 19.90
C ASP V 200 52.64 28.55 21.23
N THR V 201 51.80 28.29 22.23
CA THR V 201 52.00 28.94 23.54
C THR V 201 52.66 28.08 24.59
N SER V 202 53.27 26.96 24.18
CA SER V 202 53.79 26.02 25.17
C SER V 202 54.94 26.60 25.99
N THR V 203 55.70 27.53 25.41
CA THR V 203 56.84 28.12 26.13
C THR V 203 56.45 29.37 26.90
N ALA V 204 55.17 29.74 26.83
CA ALA V 204 54.69 30.94 27.50
C ALA V 204 54.83 30.79 29.02
N ILE V 205 55.43 31.79 29.67
CA ILE V 205 55.48 31.81 31.12
C ILE V 205 54.27 32.58 31.63
N SER V 206 53.13 31.93 31.54
CA SER V 206 51.84 32.55 31.85
C SER V 206 50.98 31.67 32.75
N THR V 207 50.27 32.29 33.68
CA THR V 207 49.53 31.53 34.67
C THR V 207 48.21 32.17 35.10
N THR V 208 47.33 31.32 35.61
CA THR V 208 45.94 31.65 35.83
C THR V 208 45.40 31.49 37.25
N LEU V 209 44.48 32.36 37.66
CA LEU V 209 43.84 32.20 38.94
C LEU V 209 42.70 31.17 38.84
N ASP V 210 42.58 30.26 39.81
CA ASP V 210 41.41 29.36 39.87
C ASP V 210 40.23 30.09 40.46
N VAL V 211 39.55 30.84 39.60
CA VAL V 211 38.44 31.68 39.99
C VAL V 211 37.29 30.86 40.60
N SER V 212 37.11 29.63 40.11
CA SER V 212 36.09 28.68 40.60
C SER V 212 36.33 28.20 42.03
N LYS V 213 37.53 28.40 42.56
CA LYS V 213 37.85 27.78 43.84
C LYS V 213 38.15 28.79 44.94
N LEU V 214 37.78 30.05 44.69
CA LEU V 214 37.94 31.10 45.66
C LEU V 214 36.96 30.90 46.83
N GLY V 215 37.25 31.51 47.98
CA GLY V 215 36.39 31.40 49.16
C GLY V 215 34.95 31.78 48.89
N LYS V 216 34.77 32.98 48.33
CA LYS V 216 33.46 33.45 47.90
C LYS V 216 33.55 33.98 46.46
N LYS V 217 32.45 34.52 45.93
CA LYS V 217 32.45 35.07 44.57
C LYS V 217 32.65 36.59 44.53
N TRP V 218 31.87 37.32 45.32
CA TRP V 218 31.91 38.77 45.29
C TRP V 218 32.78 39.29 46.42
N TYR V 219 33.90 39.86 46.03
CA TYR V 219 34.83 40.43 46.98
C TYR V 219 34.65 41.91 47.01
N PRO V 220 34.90 42.52 48.17
CA PRO V 220 34.92 43.98 48.29
C PRO V 220 36.23 44.58 47.75
N TYR V 221 36.12 45.74 47.10
CA TYR V 221 37.30 46.49 46.72
C TYR V 221 38.00 47.01 47.98
N LYS V 222 39.29 46.66 48.13
CA LYS V 222 40.07 47.12 49.27
C LYS V 222 41.38 47.66 48.74
N THR V 223 41.99 48.58 49.48
CA THR V 223 43.33 49.12 49.17
C THR V 223 44.37 48.33 49.94
N SER V 224 45.65 48.57 49.69
CA SER V 224 46.70 47.94 50.49
C SER V 224 46.59 48.30 51.96
N ALA V 225 46.22 49.55 52.22
CA ALA V 225 45.97 50.05 53.57
C ALA V 225 44.93 49.20 54.26
N ASP V 226 43.81 48.96 53.57
CA ASP V 226 42.71 48.16 54.14
C ASP V 226 43.19 46.78 54.52
N TYR V 227 44.00 46.19 53.65
CA TYR V 227 44.62 44.89 53.90
C TYR V 227 45.58 44.98 55.09
N ALA V 228 46.45 46.00 55.05
CA ALA V 228 47.48 46.14 56.05
C ALA V 228 46.94 46.24 57.47
N THR V 229 45.96 47.13 57.70
CA THR V 229 45.37 47.27 59.04
C THR V 229 44.70 45.96 59.47
N ALA V 230 43.95 45.37 58.54
CA ALA V 230 43.20 44.15 58.79
C ALA V 230 44.07 43.00 59.25
N VAL V 231 45.21 42.80 58.61
CA VAL V 231 46.08 41.69 59.01
C VAL V 231 46.75 42.05 60.32
N GLY V 232 46.79 43.35 60.62
CA GLY V 232 47.34 43.86 61.87
C GLY V 232 46.55 43.41 63.08
N VAL V 233 45.26 43.22 62.86
CA VAL V 233 44.37 42.71 63.90
C VAL V 233 44.43 41.18 64.00
N ASP V 234 44.30 40.53 62.85
CA ASP V 234 44.37 39.08 62.71
C ASP V 234 44.56 38.80 61.22
N VAL V 235 45.58 38.04 60.86
CA VAL V 235 45.88 37.81 59.44
C VAL V 235 44.68 37.21 58.70
N ASN V 236 43.85 36.49 59.44
CA ASN V 236 42.69 35.81 58.89
C ASN V 236 41.50 36.70 58.57
N ILE V 237 41.49 37.92 59.10
CA ILE V 237 40.45 38.88 58.74
C ILE V 237 40.58 39.15 57.25
N ALA V 238 41.81 38.99 56.76
CA ALA V 238 42.18 39.27 55.37
C ALA V 238 41.65 38.23 54.37
N THR V 239 41.42 37.00 54.84
CA THR V 239 40.98 35.91 53.96
C THR V 239 39.67 36.25 53.20
N PRO V 240 38.70 36.89 53.87
CA PRO V 240 37.60 37.31 52.99
C PRO V 240 37.83 38.62 52.16
N LEU V 241 39.00 39.25 52.25
CA LEU V 241 39.20 40.55 51.58
C LEU V 241 39.92 40.45 50.23
N VAL V 242 40.84 39.51 50.14
CA VAL V 242 41.60 39.34 48.92
C VAL V 242 41.46 37.91 48.44
N PRO V 243 41.21 37.70 47.13
CA PRO V 243 41.01 36.32 46.65
C PRO V 243 42.28 35.45 46.70
N ALA V 244 43.44 36.03 46.44
CA ALA V 244 44.67 35.26 46.40
C ALA V 244 45.88 36.17 46.34
N ARG V 245 47.07 35.60 46.48
CA ARG V 245 48.26 36.40 46.26
C ARG V 245 49.15 35.70 45.25
N LEU V 246 49.74 36.46 44.35
CA LEU V 246 50.65 35.90 43.38
C LEU V 246 52.01 35.93 43.99
N VAL V 247 52.71 34.80 44.01
CA VAL V 247 54.08 34.79 44.54
C VAL V 247 55.11 34.67 43.40
N ILE V 248 56.18 35.45 43.51
CA ILE V 248 57.19 35.51 42.47
C ILE V 248 58.61 35.31 43.01
N ALA V 249 59.36 34.41 42.39
CA ALA V 249 60.78 34.25 42.70
C ALA V 249 61.64 34.47 41.46
N LEU V 250 62.75 35.18 41.64
CA LEU V 250 63.76 35.33 40.62
C LEU V 250 65.10 34.93 41.20
N LEU V 251 65.87 34.16 40.44
CA LEU V 251 67.17 33.75 40.89
C LEU V 251 68.00 33.34 39.71
N ASP V 252 69.16 32.76 39.97
CA ASP V 252 70.05 32.23 38.94
C ASP V 252 70.70 33.31 38.06
N GLY V 253 70.68 34.56 38.52
CA GLY V 253 71.32 35.63 37.78
C GLY V 253 72.84 35.65 37.94
N SER V 254 73.49 36.47 37.14
CA SER V 254 74.93 36.54 37.12
C SER V 254 75.48 37.72 37.90
N SER V 255 74.61 38.58 38.38
CA SER V 255 75.02 39.78 39.10
C SER V 255 74.47 39.90 40.52
N SER V 256 75.13 40.69 41.37
CA SER V 256 74.61 40.93 42.71
C SER V 256 73.56 42.03 42.68
N THR V 257 73.68 42.90 41.70
CA THR V 257 72.69 43.96 41.51
C THR V 257 71.74 43.49 40.43
N ALA V 258 70.45 43.75 40.60
CA ALA V 258 69.43 43.29 39.66
C ALA V 258 69.72 43.79 38.26
N VAL V 259 69.66 42.85 37.30
CA VAL V 259 69.76 43.08 35.84
C VAL V 259 68.36 43.14 35.23
N ALA V 260 68.09 44.09 34.33
CA ALA V 260 66.75 44.19 33.73
C ALA V 260 66.33 42.93 32.95
N ALA V 261 65.24 42.30 33.37
CA ALA V 261 64.87 41.01 32.80
C ALA V 261 63.61 41.08 31.95
N GLY V 262 62.48 41.47 32.55
CA GLY V 262 61.24 41.58 31.81
C GLY V 262 60.11 42.26 32.56
N ARG V 263 58.88 41.96 32.13
CA ARG V 263 57.72 42.58 32.75
C ARG V 263 56.61 41.57 32.86
N ILE V 264 55.80 41.72 33.91
CA ILE V 264 54.63 40.89 34.08
C ILE V 264 53.39 41.72 33.76
N TYR V 265 52.60 41.23 32.81
CA TYR V 265 51.35 41.88 32.47
C TYR V 265 50.22 41.08 33.04
N CYS V 266 49.15 41.76 33.41
CA CYS V 266 47.97 41.08 33.90
C CYS V 266 46.84 41.28 32.91
N THR V 267 46.23 40.16 32.55
CA THR V 267 45.09 40.17 31.65
C THR V 267 43.90 39.65 32.42
N TYR V 268 42.90 40.49 32.60
CA TYR V 268 41.81 40.12 33.48
C TYR V 268 40.43 40.26 32.84
N THR V 269 39.49 39.46 33.32
CA THR V 269 38.09 39.72 33.08
C THR V 269 37.38 39.82 34.42
N ILE V 270 36.93 41.02 34.73
CA ILE V 270 36.35 41.34 36.01
C ILE V 270 34.88 41.76 35.85
N GLN V 271 34.04 41.27 36.76
CA GLN V 271 32.67 41.71 36.86
C GLN V 271 32.63 42.74 37.98
N MET V 272 32.22 43.96 37.65
CA MET V 272 32.17 45.02 38.64
C MET V 272 30.71 45.31 38.94
N ILE V 273 30.37 45.30 40.23
CA ILE V 273 29.00 45.52 40.69
C ILE V 273 28.95 46.50 41.86
N GLU V 274 27.75 47.03 42.08
CA GLU V 274 27.42 47.93 43.18
C GLU V 274 28.29 49.16 43.22
N PRO V 275 27.98 50.11 42.31
CA PRO V 275 28.65 51.39 42.11
C PRO V 275 28.70 52.18 43.39
N THR V 276 29.67 53.07 43.48
CA THR V 276 29.86 53.87 44.67
C THR V 276 30.40 55.25 44.34
N ALA V 277 29.98 56.26 45.09
CA ALA V 277 30.48 57.62 44.88
C ALA V 277 31.27 58.12 46.10
N GLY W 86 36.16 2.44 46.94
CA GLY W 86 37.37 1.88 46.37
C GLY W 86 38.54 1.83 47.35
N GLY W 87 38.84 2.97 47.95
CA GLY W 87 39.94 3.09 48.89
C GLY W 87 41.04 3.88 48.21
N ILE W 88 40.83 4.13 46.93
CA ILE W 88 41.83 4.81 46.16
C ILE W 88 41.67 6.33 46.22
N THR W 89 42.67 7.00 46.77
CA THR W 89 42.79 8.45 46.70
C THR W 89 43.74 8.75 45.56
N VAL W 90 43.23 9.37 44.49
CA VAL W 90 44.06 9.69 43.32
C VAL W 90 44.60 11.11 43.41
N LEU W 91 45.91 11.27 43.20
CA LEU W 91 46.55 12.58 43.33
C LEU W 91 47.30 12.95 42.08
N THR W 92 47.09 14.18 41.61
CA THR W 92 47.88 14.69 40.49
C THR W 92 48.57 15.99 40.86
N HIS W 93 49.88 16.03 40.67
CA HIS W 93 50.67 17.15 41.12
C HIS W 93 52.01 17.26 40.39
N SER W 94 52.57 18.47 40.38
CA SER W 94 53.91 18.72 39.87
C SER W 94 54.75 19.31 40.97
N GLU W 95 56.00 18.90 41.12
CA GLU W 95 56.89 19.55 42.07
C GLU W 95 58.36 19.48 41.64
N LEU W 96 59.20 20.30 42.27
CA LEU W 96 60.62 20.27 42.00
C LEU W 96 61.14 18.91 42.37
N SER W 97 61.94 18.32 41.49
CA SER W 97 62.44 16.96 41.74
C SER W 97 63.96 16.89 41.74
N ALA W 98 64.61 17.82 41.06
CA ALA W 98 66.05 17.77 40.91
C ALA W 98 66.57 19.11 40.39
N GLU W 99 67.72 19.54 40.88
CA GLU W 99 68.37 20.73 40.32
C GLU W 99 69.60 20.31 39.56
N ILE W 100 69.81 20.92 38.40
CA ILE W 100 70.75 20.35 37.45
C ILE W 100 71.89 21.30 37.04
N GLY W 101 73.13 20.81 37.12
CA GLY W 101 74.29 21.61 36.73
C GLY W 101 75.21 20.87 35.80
N VAL W 102 75.90 21.59 34.92
CA VAL W 102 76.70 20.92 33.89
C VAL W 102 78.20 21.26 33.92
N THR W 103 79.05 20.25 33.68
CA THR W 103 80.52 20.43 33.55
C THR W 103 81.01 19.82 32.24
N ASP W 104 82.31 19.85 31.98
CA ASP W 104 82.82 19.35 30.71
C ASP W 104 83.12 17.82 30.69
N SER W 105 82.80 17.11 31.76
CA SER W 105 82.91 15.65 31.72
C SER W 105 81.56 15.05 32.09
N ILE W 106 81.28 13.83 31.62
CA ILE W 106 79.99 13.23 31.89
C ILE W 106 79.86 13.02 33.40
N VAL W 107 78.71 13.41 33.93
CA VAL W 107 78.39 13.13 35.32
C VAL W 107 77.05 12.40 35.33
N VAL W 108 77.04 11.16 35.81
CA VAL W 108 75.77 10.43 35.77
C VAL W 108 75.16 10.30 37.17
N SER W 109 73.96 10.85 37.33
CA SER W 109 73.23 10.74 38.58
C SER W 109 71.93 9.97 38.31
N SER W 110 71.19 9.67 39.37
CA SER W 110 69.95 8.92 39.21
C SER W 110 68.92 9.19 40.30
N GLU W 111 67.66 8.83 40.04
CA GLU W 111 66.60 9.00 41.02
C GLU W 111 65.64 7.81 40.96
N LEU W 112 65.35 7.22 42.12
CA LEU W 112 64.38 6.14 42.18
C LEU W 112 62.99 6.68 41.93
N VAL W 113 62.24 6.05 41.04
CA VAL W 113 60.90 6.51 40.72
C VAL W 113 59.87 6.01 41.75
N MET W 114 59.92 6.57 42.94
CA MET W 114 59.01 6.18 43.98
C MET W 114 58.73 7.40 44.87
N PRO W 115 57.52 7.47 45.46
CA PRO W 115 57.12 8.70 46.16
C PRO W 115 58.19 9.27 47.09
N TYR W 116 58.86 8.45 47.90
CA TYR W 116 59.81 8.99 48.86
C TYR W 116 60.88 9.87 48.21
N THR W 117 61.27 9.53 46.99
CA THR W 117 62.40 10.19 46.36
C THR W 117 61.99 11.04 45.17
N VAL W 118 60.69 11.16 44.92
CA VAL W 118 60.27 11.99 43.80
C VAL W 118 60.25 13.48 44.20
N GLY W 119 59.94 13.78 45.44
CA GLY W 119 59.85 15.17 45.83
C GLY W 119 59.53 15.32 47.30
N THR W 120 59.91 16.46 47.89
CA THR W 120 59.78 16.61 49.33
C THR W 120 58.31 16.60 49.71
N TRP W 121 57.47 17.18 48.85
CA TRP W 121 56.04 17.24 49.10
C TRP W 121 55.39 15.86 49.03
N LEU W 122 55.55 15.17 47.90
CA LEU W 122 54.96 13.83 47.75
C LEU W 122 55.46 12.83 48.81
N ARG W 123 56.71 12.98 49.20
CA ARG W 123 57.26 12.13 50.23
C ARG W 123 56.42 12.18 51.50
N GLY W 124 56.09 13.37 51.95
CA GLY W 124 55.32 13.53 53.17
C GLY W 124 53.87 13.06 53.09
N VAL W 125 53.26 13.37 51.96
CA VAL W 125 51.88 13.03 51.68
C VAL W 125 51.70 11.52 51.59
N ALA W 126 52.40 10.89 50.65
CA ALA W 126 52.20 9.48 50.30
C ALA W 126 52.69 8.52 51.38
N ALA W 127 53.46 9.03 52.33
CA ALA W 127 53.94 8.23 53.44
C ALA W 127 52.74 7.80 54.27
N ASN W 128 51.66 8.57 54.15
CA ASN W 128 50.41 8.32 54.87
C ASN W 128 49.60 7.12 54.35
N TRP W 129 50.08 6.53 53.28
CA TRP W 129 49.49 5.29 52.76
C TRP W 129 50.53 4.16 52.74
N SER W 130 50.07 2.92 52.70
CA SER W 130 51.00 1.82 52.77
C SER W 130 51.50 1.51 51.35
N LYS W 131 50.60 1.63 50.38
CA LYS W 131 50.88 1.31 48.99
C LYS W 131 50.43 2.40 48.00
N TYR W 132 51.00 2.37 46.79
CA TYR W 132 50.63 3.29 45.73
C TYR W 132 50.71 2.64 44.34
N SER W 133 50.21 3.32 43.33
CA SER W 133 50.35 2.90 41.95
C SER W 133 50.55 4.11 41.06
N TRP W 134 51.54 4.07 40.18
CA TRP W 134 51.71 5.14 39.23
C TRP W 134 50.67 5.00 38.14
N LEU W 135 49.86 6.03 37.91
CA LEU W 135 48.99 6.03 36.74
C LEU W 135 49.73 6.74 35.61
N SER W 136 50.59 7.69 35.98
CA SER W 136 51.47 8.37 35.04
C SER W 136 52.65 9.00 35.71
N VAL W 137 53.82 8.91 35.11
CA VAL W 137 54.97 9.67 35.63
C VAL W 137 55.75 10.36 34.53
N ARG W 138 55.89 11.66 34.65
CA ARG W 138 56.63 12.45 33.68
C ARG W 138 57.69 13.33 34.32
N TYR W 139 58.92 13.21 33.83
CA TYR W 139 60.02 14.08 34.24
C TYR W 139 60.32 15.07 33.14
N THR W 140 60.27 16.35 33.47
CA THR W 140 60.48 17.42 32.49
C THR W 140 61.58 18.35 32.95
N TYR W 141 62.59 18.50 32.11
CA TYR W 141 63.69 19.40 32.39
C TYR W 141 63.32 20.77 31.87
N ILE W 142 63.45 21.78 32.73
CA ILE W 142 63.24 23.20 32.37
C ILE W 142 64.57 23.94 32.53
N PRO W 143 65.00 24.67 31.49
CA PRO W 143 66.28 25.40 31.63
C PRO W 143 66.20 26.70 32.45
N SER W 144 67.34 27.14 32.98
CA SER W 144 67.42 28.41 33.73
C SER W 144 68.73 29.16 33.42
N CYS W 145 69.36 28.81 32.30
CA CYS W 145 70.65 29.37 31.92
C CYS W 145 70.55 30.17 30.62
N PRO W 146 71.60 30.93 30.30
CA PRO W 146 71.65 31.62 29.01
C PRO W 146 71.68 30.67 27.82
N SER W 147 71.27 31.16 26.65
CA SER W 147 71.25 30.37 25.44
C SER W 147 72.63 30.02 24.98
N SER W 148 73.62 30.64 25.58
CA SER W 148 75.03 30.47 25.20
C SER W 148 75.79 29.48 26.10
N THR W 149 75.05 28.79 26.96
CA THR W 149 75.63 27.82 27.88
C THR W 149 75.99 26.52 27.20
N ALA W 150 77.23 26.09 27.29
CA ALA W 150 77.56 24.78 26.77
C ALA W 150 77.06 23.76 27.74
N GLY W 151 76.64 22.62 27.20
CA GLY W 151 76.12 21.51 27.98
C GLY W 151 74.88 20.87 27.34
N SER W 152 74.69 19.59 27.65
CA SER W 152 73.50 18.89 27.22
C SER W 152 73.02 17.98 28.34
N ILE W 153 71.73 17.67 28.33
CA ILE W 153 71.18 16.79 29.34
C ILE W 153 70.58 15.60 28.62
N HIS W 154 70.70 14.43 29.27
CA HIS W 154 70.19 13.17 28.78
C HIS W 154 69.45 12.44 29.93
N MET W 155 68.29 11.88 29.61
CA MET W 155 67.46 11.14 30.57
C MET W 155 66.84 9.86 29.96
N GLY W 156 66.75 8.82 30.78
CA GLY W 156 66.13 7.58 30.38
C GLY W 156 65.80 6.76 31.62
N PHE W 157 65.04 5.69 31.43
CA PHE W 157 64.64 4.86 32.54
C PHE W 157 65.30 3.49 32.60
N GLN W 158 65.65 3.06 33.80
CA GLN W 158 66.01 1.67 34.02
C GLN W 158 64.89 1.06 34.83
N TYR W 159 64.46 -0.14 34.44
CA TYR W 159 63.31 -0.78 35.07
C TYR W 159 63.72 -2.02 35.89
N ASP W 160 65.03 -2.29 35.95
CA ASP W 160 65.60 -3.37 36.74
C ASP W 160 66.69 -2.81 37.65
N MET W 161 66.48 -2.85 38.96
CA MET W 161 67.38 -2.20 39.92
C MET W 161 68.80 -2.74 39.88
N ALA W 162 68.93 -3.95 39.36
CA ALA W 162 70.21 -4.60 39.27
C ALA W 162 71.01 -4.12 38.07
N ASP W 163 70.36 -3.47 37.11
CA ASP W 163 71.06 -2.90 35.95
C ASP W 163 72.14 -1.96 36.47
N THR W 164 73.31 -1.97 35.88
CA THR W 164 74.39 -1.06 36.29
C THR W 164 74.02 0.33 35.83
N VAL W 165 74.33 1.37 36.60
CA VAL W 165 74.04 2.72 36.09
C VAL W 165 74.92 2.97 34.85
N PRO W 166 74.31 3.51 33.78
CA PRO W 166 75.03 3.78 32.52
C PRO W 166 76.19 4.70 32.72
N VAL W 167 77.19 4.63 31.84
CA VAL W 167 78.40 5.44 31.97
C VAL W 167 78.64 6.34 30.77
N SER W 168 77.94 6.08 29.68
CA SER W 168 78.13 6.90 28.50
C SER W 168 76.78 7.30 27.90
N VAL W 169 76.77 8.41 27.17
CA VAL W 169 75.59 8.83 26.44
C VAL W 169 75.14 7.70 25.50
N ASN W 170 76.10 7.00 24.91
CA ASN W 170 75.78 5.90 23.99
C ASN W 170 74.88 4.85 24.61
N GLN W 171 75.28 4.35 25.77
CA GLN W 171 74.48 3.40 26.53
C GLN W 171 73.13 4.03 26.83
N LEU W 172 73.17 5.23 27.40
CA LEU W 172 71.97 5.92 27.85
C LEU W 172 70.96 6.09 26.73
N SER W 173 71.47 6.32 25.52
CA SER W 173 70.62 6.56 24.36
C SER W 173 69.70 5.40 24.00
N ASN W 174 69.97 4.21 24.55
CA ASN W 174 69.17 3.00 24.29
C ASN W 174 67.98 2.77 25.23
N LEU W 175 67.97 3.50 26.34
CA LEU W 175 66.94 3.29 27.32
C LEU W 175 65.59 3.70 26.81
N ARG W 176 64.55 2.98 27.20
CA ARG W 176 63.19 3.44 27.01
C ARG W 176 63.02 4.85 27.53
N GLY W 177 62.49 5.71 26.67
CA GLY W 177 62.14 7.06 27.07
C GLY W 177 63.33 7.99 27.07
N TYR W 178 64.43 7.60 26.43
CA TYR W 178 65.62 8.44 26.32
C TYR W 178 65.29 9.73 25.61
N VAL W 179 65.70 10.84 26.22
CA VAL W 179 65.58 12.15 25.60
C VAL W 179 66.88 12.92 25.81
N SER W 180 67.13 13.94 25.00
CA SER W 180 68.42 14.63 25.02
C SER W 180 68.28 16.04 24.49
N GLY W 181 69.00 16.99 25.09
CA GLY W 181 68.97 18.36 24.59
C GLY W 181 69.97 19.31 25.19
N GLN W 182 70.12 20.48 24.56
CA GLN W 182 70.94 21.58 25.08
C GLN W 182 70.42 21.93 26.45
N VAL W 183 71.29 22.30 27.38
CA VAL W 183 70.83 22.56 28.74
C VAL W 183 70.02 23.83 28.76
N TRP W 184 70.08 24.59 27.67
CA TRP W 184 69.33 25.83 27.60
C TRP W 184 68.06 25.66 26.78
N SER W 185 67.87 24.46 26.25
CA SER W 185 66.62 24.12 25.59
C SER W 185 65.69 23.48 26.62
N GLY W 186 64.43 23.26 26.25
CA GLY W 186 63.53 22.48 27.07
C GLY W 186 62.36 23.27 27.62
N SER W 187 62.38 24.57 27.34
CA SER W 187 61.35 25.50 27.80
C SER W 187 59.95 25.01 27.47
N ALA W 188 59.80 24.40 26.30
CA ALA W 188 58.48 23.99 25.84
C ALA W 188 57.81 22.90 26.69
N GLY W 189 58.53 22.32 27.64
CA GLY W 189 57.98 21.33 28.54
C GLY W 189 57.14 21.91 29.67
N LEU W 190 57.17 23.23 29.77
CA LEU W 190 56.51 23.92 30.86
C LEU W 190 55.01 23.57 30.84
N CYS W 191 54.44 23.42 29.65
CA CYS W 191 53.02 23.16 29.54
C CYS W 191 52.61 21.85 30.21
N PHE W 192 53.53 20.88 30.28
CA PHE W 192 53.26 19.66 31.02
C PHE W 192 53.17 19.94 32.49
N ILE W 193 53.91 20.91 32.97
CA ILE W 193 54.04 21.12 34.40
C ILE W 193 52.78 21.76 35.00
N ASN W 194 52.15 22.68 34.29
CA ASN W 194 50.90 23.29 34.76
C ASN W 194 49.63 22.67 34.13
N GLY W 195 49.82 21.57 33.39
CA GLY W 195 48.72 20.83 32.80
C GLY W 195 47.85 21.62 31.84
N THR W 196 48.46 22.58 31.14
CA THR W 196 47.71 23.44 30.22
C THR W 196 47.71 22.85 28.83
N ARG W 197 47.09 23.54 27.87
CA ARG W 197 47.02 23.06 26.49
C ARG W 197 48.41 22.94 25.87
N CYS W 198 48.78 21.72 25.50
CA CYS W 198 50.05 21.48 24.86
C CYS W 198 49.91 21.38 23.36
N SER W 199 50.75 22.08 22.62
CA SER W 199 50.70 21.99 21.18
C SER W 199 52.10 21.65 20.67
N ASP W 200 52.93 22.68 20.61
CA ASP W 200 54.30 22.64 20.10
C ASP W 200 55.29 22.09 21.12
N THR W 201 55.22 20.80 21.39
CA THR W 201 56.08 20.22 22.40
C THR W 201 57.25 19.42 21.79
N SER W 202 57.54 19.64 20.50
CA SER W 202 58.57 18.85 19.81
C SER W 202 59.96 18.96 20.41
N THR W 203 60.23 20.11 21.01
CA THR W 203 61.52 20.40 21.65
C THR W 203 61.58 20.06 23.12
N ALA W 204 60.47 19.58 23.70
CA ALA W 204 60.43 19.33 25.14
C ALA W 204 61.43 18.25 25.59
N ILE W 205 62.23 18.59 26.58
CA ILE W 205 63.12 17.61 27.18
C ILE W 205 62.38 16.96 28.33
N SER W 206 61.41 16.15 27.95
CA SER W 206 60.51 15.51 28.88
C SER W 206 60.32 14.06 28.53
N THR W 207 60.21 13.21 29.53
CA THR W 207 60.13 11.79 29.28
C THR W 207 59.15 11.14 30.28
N THR W 208 58.52 10.04 29.88
CA THR W 208 57.46 9.45 30.71
C THR W 208 57.65 7.96 31.02
N LEU W 209 57.17 7.57 32.19
CA LEU W 209 57.26 6.20 32.68
C LEU W 209 56.26 5.21 32.07
N ASP W 210 56.70 4.00 31.72
CA ASP W 210 55.81 2.93 31.27
C ASP W 210 55.12 2.32 32.45
N VAL W 211 54.05 2.96 32.89
CA VAL W 211 53.32 2.51 34.05
C VAL W 211 52.77 1.11 33.77
N SER W 212 52.43 0.90 32.49
CA SER W 212 51.90 -0.34 31.93
C SER W 212 52.81 -1.57 31.92
N LYS W 213 54.11 -1.37 32.06
CA LYS W 213 55.07 -2.44 31.88
C LYS W 213 55.83 -2.70 33.18
N LEU W 214 55.38 -2.11 34.28
CA LEU W 214 56.05 -2.30 35.56
C LEU W 214 55.86 -3.73 36.04
N GLY W 215 56.70 -4.17 36.98
CA GLY W 215 56.62 -5.51 37.53
C GLY W 215 55.23 -5.85 38.05
N LYS W 216 54.70 -4.98 38.91
CA LYS W 216 53.34 -5.10 39.44
C LYS W 216 52.61 -3.75 39.40
N LYS W 217 51.38 -3.69 39.93
CA LYS W 217 50.65 -2.43 39.94
C LYS W 217 50.80 -1.75 41.29
N TRP W 218 50.62 -2.52 42.35
CA TRP W 218 50.66 -1.92 43.66
C TRP W 218 52.02 -2.14 44.31
N TYR W 219 52.75 -1.04 44.46
CA TYR W 219 54.05 -1.06 45.11
C TYR W 219 53.89 -0.56 46.53
N PRO W 220 54.73 -1.07 47.43
CA PRO W 220 54.77 -0.55 48.80
C PRO W 220 55.53 0.76 48.85
N TYR W 221 55.11 1.70 49.68
CA TYR W 221 55.88 2.90 49.98
C TYR W 221 57.16 2.53 50.76
N LYS W 222 58.32 2.91 50.24
CA LYS W 222 59.61 2.59 50.88
C LYS W 222 60.46 3.83 51.01
N THR W 223 61.36 3.85 51.98
CA THR W 223 62.29 4.97 52.13
C THR W 223 63.58 4.64 51.42
N SER W 224 64.46 5.64 51.30
CA SER W 224 65.82 5.42 50.77
C SER W 224 66.60 4.48 51.63
N ALA W 225 66.42 4.64 52.94
CA ALA W 225 67.02 3.75 53.90
C ALA W 225 66.61 2.30 53.61
N ASP W 226 65.30 2.09 53.44
CA ASP W 226 64.79 0.76 53.17
C ASP W 226 65.42 0.19 51.93
N TYR W 227 65.57 1.03 50.93
CA TYR W 227 66.17 0.60 49.68
C TYR W 227 67.60 0.16 49.95
N ALA W 228 68.36 1.01 50.64
CA ALA W 228 69.77 0.77 50.88
C ALA W 228 70.02 -0.55 51.58
N THR W 229 69.29 -0.77 52.66
CA THR W 229 69.38 -1.99 53.46
C THR W 229 69.02 -3.21 52.64
N ALA W 230 67.95 -3.09 51.86
CA ALA W 230 67.46 -4.19 51.04
C ALA W 230 68.48 -4.65 50.02
N VAL W 231 69.09 -3.73 49.28
CA VAL W 231 70.10 -4.11 48.30
C VAL W 231 71.38 -4.48 49.02
N GLY W 232 71.49 -4.07 50.28
CA GLY W 232 72.62 -4.46 51.11
C GLY W 232 72.60 -5.96 51.32
N VAL W 233 71.40 -6.52 51.37
CA VAL W 233 71.24 -7.97 51.50
C VAL W 233 71.37 -8.66 50.14
N ASP W 234 70.60 -8.18 49.17
CA ASP W 234 70.62 -8.68 47.79
C ASP W 234 69.88 -7.70 46.88
N VAL W 235 70.54 -7.22 45.83
CA VAL W 235 69.99 -6.14 45.00
C VAL W 235 68.62 -6.48 44.39
N ASN W 236 68.35 -7.77 44.20
CA ASN W 236 67.12 -8.19 43.56
C ASN W 236 65.90 -8.04 44.47
N ILE W 237 66.16 -7.92 45.77
CA ILE W 237 65.09 -7.66 46.73
C ILE W 237 64.43 -6.31 46.45
N ALA W 238 65.16 -5.41 45.81
CA ALA W 238 64.65 -4.08 45.54
C ALA W 238 63.60 -4.11 44.44
N THR W 239 63.68 -5.10 43.55
CA THR W 239 62.72 -5.14 42.42
C THR W 239 61.26 -5.12 42.82
N PRO W 240 60.88 -5.88 43.86
CA PRO W 240 59.48 -5.71 44.25
C PRO W 240 59.22 -4.42 45.05
N LEU W 241 60.24 -3.61 45.27
CA LEU W 241 60.07 -2.42 46.09
C LEU W 241 59.99 -1.13 45.28
N VAL W 242 60.79 -1.06 44.22
CA VAL W 242 60.89 0.13 43.40
C VAL W 242 60.56 -0.13 41.95
N PRO W 243 59.62 0.63 41.39
CA PRO W 243 59.13 0.38 40.03
C PRO W 243 60.15 0.67 38.93
N ALA W 244 60.97 1.71 39.08
CA ALA W 244 61.94 2.03 38.05
C ALA W 244 62.94 3.06 38.54
N ARG W 245 64.00 3.24 37.77
CA ARG W 245 64.98 4.27 38.06
C ARG W 245 65.22 5.18 36.87
N LEU W 246 65.26 6.47 37.15
CA LEU W 246 65.53 7.50 36.16
C LEU W 246 67.01 7.75 36.12
N VAL W 247 67.62 7.72 34.95
CA VAL W 247 69.04 7.98 34.86
C VAL W 247 69.22 9.34 34.22
N ILE W 248 70.16 10.13 34.73
CA ILE W 248 70.43 11.49 34.27
C ILE W 248 71.90 11.66 33.91
N ALA W 249 72.17 12.17 32.70
CA ALA W 249 73.55 12.47 32.34
C ALA W 249 73.72 13.93 31.91
N LEU W 250 74.80 14.54 32.40
CA LEU W 250 75.19 15.86 31.98
C LEU W 250 76.64 15.92 31.50
N LEU W 251 76.85 16.55 30.35
CA LEU W 251 78.18 16.69 29.77
C LEU W 251 78.11 17.84 28.79
N ASP W 252 79.19 18.03 28.01
CA ASP W 252 79.30 19.03 26.94
C ASP W 252 79.34 20.44 27.46
N GLY W 253 79.59 20.59 28.77
CA GLY W 253 79.72 21.90 29.40
C GLY W 253 81.08 22.51 29.07
N SER W 254 81.31 23.75 29.48
CA SER W 254 82.55 24.42 29.11
C SER W 254 83.53 24.49 30.26
N SER W 255 83.04 24.11 31.43
CA SER W 255 83.78 24.26 32.67
C SER W 255 84.01 22.95 33.45
N SER W 256 85.04 22.89 34.28
CA SER W 256 85.18 21.72 35.12
C SER W 256 84.33 21.97 36.35
N THR W 257 83.98 23.22 36.58
CA THR W 257 83.08 23.54 37.67
C THR W 257 81.62 23.63 37.20
N ALA W 258 80.73 23.09 38.02
CA ALA W 258 79.32 23.02 37.68
C ALA W 258 78.72 24.37 37.37
N VAL W 259 78.14 24.52 36.17
CA VAL W 259 77.40 25.74 35.81
C VAL W 259 75.91 25.48 35.94
N ALA W 260 75.18 26.41 36.54
CA ALA W 260 73.74 26.21 36.72
C ALA W 260 73.04 26.07 35.38
N ALA W 261 72.40 24.92 35.17
CA ALA W 261 71.80 24.59 33.87
C ALA W 261 70.27 24.69 33.92
N GLY W 262 69.63 23.90 34.77
CA GLY W 262 68.20 23.93 34.92
C GLY W 262 67.67 23.11 36.09
N ARG W 263 66.41 22.73 36.00
CA ARG W 263 65.75 21.96 37.04
C ARG W 263 64.86 20.88 36.41
N ILE W 264 64.72 19.75 37.10
CA ILE W 264 63.85 18.66 36.66
C ILE W 264 62.61 18.61 37.52
N TYR W 265 61.47 18.68 36.88
CA TYR W 265 60.24 18.59 37.61
C TYR W 265 59.60 17.22 37.37
N CYS W 266 58.85 16.75 38.36
CA CYS W 266 58.10 15.52 38.19
C CYS W 266 56.61 15.80 38.21
N THR W 267 55.92 15.36 37.17
CA THR W 267 54.48 15.52 37.06
C THR W 267 53.81 14.15 37.10
N TYR W 268 53.07 13.86 38.17
CA TYR W 268 52.56 12.51 38.36
C TYR W 268 51.08 12.45 38.67
N THR W 269 50.47 11.32 38.33
CA THR W 269 49.15 10.97 38.83
C THR W 269 49.33 9.66 39.58
N ILE W 270 49.10 9.72 40.89
CA ILE W 270 49.34 8.58 41.77
C ILE W 270 48.06 8.08 42.46
N GLN W 271 47.88 6.75 42.47
CA GLN W 271 46.82 6.13 43.25
C GLN W 271 47.37 5.62 44.55
N MET W 272 46.89 6.17 45.65
CA MET W 272 47.39 5.78 46.95
C MET W 272 46.32 5.04 47.72
N ILE W 273 46.66 3.86 48.25
CA ILE W 273 45.70 3.02 48.96
C ILE W 273 46.24 2.51 50.29
N GLU W 274 45.32 2.11 51.17
CA GLU W 274 45.64 1.46 52.44
C GLU W 274 46.44 2.33 53.40
N PRO W 275 45.73 3.19 54.14
CA PRO W 275 46.21 4.15 55.15
C PRO W 275 47.03 3.49 56.23
N THR W 276 47.85 4.27 56.92
CA THR W 276 48.73 3.75 57.97
C THR W 276 49.02 4.78 59.08
N ALA W 277 49.20 4.31 60.31
CA ALA W 277 49.49 5.22 61.41
C ALA W 277 50.89 5.04 61.99
N GLY X 86 55.16 -16.58 10.97
CA GLY X 86 55.82 -15.84 9.90
C GLY X 86 57.35 -15.99 9.84
N GLY X 87 58.03 -15.73 10.96
CA GLY X 87 59.49 -15.80 11.02
C GLY X 87 60.18 -14.45 11.13
N ILE X 88 59.40 -13.38 11.01
CA ILE X 88 59.89 -12.00 11.08
C ILE X 88 59.87 -11.36 12.45
N THR X 89 61.03 -11.00 13.00
CA THR X 89 61.04 -10.24 14.26
C THR X 89 61.14 -8.75 13.95
N VAL X 90 60.06 -8.03 14.24
CA VAL X 90 60.02 -6.60 13.98
C VAL X 90 60.42 -5.81 15.19
N LEU X 91 61.41 -4.94 14.99
CA LEU X 91 62.02 -4.15 16.04
C LEU X 91 62.02 -2.66 15.70
N THR X 92 61.57 -1.83 16.63
CA THR X 92 61.65 -0.37 16.45
C THR X 92 62.45 0.24 17.59
N HIS X 93 63.45 1.05 17.26
CA HIS X 93 64.36 1.53 18.30
C HIS X 93 65.06 2.79 17.87
N SER X 94 65.53 3.56 18.85
CA SER X 94 66.38 4.73 18.66
C SER X 94 67.70 4.52 19.41
N GLU X 95 68.82 4.88 18.80
CA GLU X 95 70.09 4.85 19.53
C GLU X 95 71.04 5.88 18.96
N LEU X 96 72.09 6.21 19.74
CA LEU X 96 73.14 7.12 19.30
C LEU X 96 73.79 6.50 18.09
N SER X 97 74.01 7.28 17.03
CA SER X 97 74.59 6.67 15.84
C SER X 97 75.93 7.30 15.46
N ALA X 98 76.15 8.54 15.87
CA ALA X 98 77.34 9.30 15.51
C ALA X 98 77.48 10.50 16.44
N GLU X 99 78.70 10.80 16.86
CA GLU X 99 78.95 12.03 17.62
C GLU X 99 79.65 13.05 16.74
N ILE X 100 79.22 14.30 16.86
CA ILE X 100 79.51 15.30 15.84
C ILE X 100 80.23 16.54 16.36
N GLY X 101 81.29 16.92 15.63
CA GLY X 101 82.05 18.12 15.92
C GLY X 101 82.25 18.93 14.65
N VAL X 102 82.38 20.25 14.78
CA VAL X 102 82.47 21.12 13.62
C VAL X 102 83.83 21.86 13.56
N THR X 103 84.36 22.00 12.35
CA THR X 103 85.58 22.74 12.17
C THR X 103 85.29 23.83 11.16
N ASP X 104 86.28 24.64 10.81
CA ASP X 104 86.10 25.78 9.92
C ASP X 104 86.28 25.43 8.45
N SER X 105 86.64 24.19 8.17
CA SER X 105 86.68 23.76 6.80
C SER X 105 85.84 22.48 6.71
N ILE X 106 85.31 22.20 5.52
CA ILE X 106 84.41 21.08 5.35
C ILE X 106 85.10 19.76 5.63
N VAL X 107 84.41 18.95 6.43
CA VAL X 107 84.82 17.61 6.74
C VAL X 107 83.65 16.71 6.34
N VAL X 108 83.91 15.80 5.41
CA VAL X 108 82.85 14.94 4.91
C VAL X 108 83.03 13.50 5.43
N SER X 109 82.07 13.00 6.21
CA SER X 109 82.08 11.62 6.67
C SER X 109 80.82 10.90 6.23
N SER X 110 80.79 9.59 6.40
CA SER X 110 79.64 8.83 5.97
C SER X 110 79.38 7.60 6.81
N GLU X 111 78.17 7.09 6.71
CA GLU X 111 77.81 5.92 7.48
C GLU X 111 76.97 4.99 6.61
N LEU X 112 77.35 3.71 6.58
CA LEU X 112 76.61 2.72 5.84
C LEU X 112 75.27 2.47 6.50
N VAL X 113 74.20 2.44 5.70
CA VAL X 113 72.87 2.20 6.26
C VAL X 113 72.64 0.69 6.39
N MET X 114 73.32 0.10 7.36
CA MET X 114 73.19 -1.32 7.66
C MET X 114 73.42 -1.50 9.15
N PRO X 115 72.74 -2.48 9.76
CA PRO X 115 72.69 -2.65 11.22
C PRO X 115 74.04 -2.58 11.90
N TYR X 116 75.07 -3.15 11.32
CA TYR X 116 76.39 -3.18 11.94
C TYR X 116 76.92 -1.79 12.29
N THR X 117 76.57 -0.80 11.48
CA THR X 117 77.14 0.54 11.61
C THR X 117 76.16 1.65 12.01
N VAL X 118 74.90 1.34 12.26
CA VAL X 118 74.00 2.41 12.66
C VAL X 118 74.21 2.64 14.15
N GLY X 119 74.56 1.58 14.88
CA GLY X 119 74.70 1.73 16.32
C GLY X 119 75.21 0.45 16.93
N THR X 120 75.83 0.55 18.10
CA THR X 120 76.44 -0.63 18.72
C THR X 120 75.37 -1.62 19.14
N TRP X 121 74.23 -1.11 19.62
CA TRP X 121 73.19 -1.97 20.13
C TRP X 121 72.59 -2.83 19.03
N LEU X 122 72.11 -2.18 17.97
CA LEU X 122 71.53 -2.91 16.86
C LEU X 122 72.53 -3.87 16.24
N ARG X 123 73.78 -3.46 16.16
CA ARG X 123 74.83 -4.31 15.62
C ARG X 123 74.84 -5.65 16.33
N GLY X 124 74.83 -5.63 17.67
CA GLY X 124 74.77 -6.85 18.45
C GLY X 124 73.43 -7.58 18.32
N VAL X 125 72.33 -6.84 18.36
CA VAL X 125 71.02 -7.47 18.22
C VAL X 125 70.88 -8.10 16.84
N ALA X 126 71.07 -7.30 15.79
CA ALA X 126 70.76 -7.78 14.45
C ALA X 126 71.75 -8.83 13.98
N ALA X 127 72.87 -8.98 14.66
CA ALA X 127 73.87 -9.98 14.29
C ALA X 127 73.31 -11.40 14.40
N ASN X 128 72.28 -11.56 15.25
CA ASN X 128 71.66 -12.86 15.47
C ASN X 128 70.78 -13.34 14.31
N TRP X 129 70.60 -12.50 13.29
CA TRP X 129 69.83 -12.91 12.13
C TRP X 129 70.66 -12.80 10.84
N SER X 130 70.27 -13.53 9.80
CA SER X 130 71.05 -13.53 8.55
C SER X 130 70.64 -12.42 7.60
N LYS X 131 69.36 -12.13 7.54
CA LYS X 131 68.90 -11.09 6.65
C LYS X 131 67.99 -10.12 7.40
N TYR X 132 67.87 -8.91 6.87
CA TYR X 132 67.02 -7.87 7.47
C TYR X 132 66.35 -7.07 6.37
N SER X 133 65.39 -6.26 6.77
CA SER X 133 64.79 -5.31 5.89
C SER X 133 64.44 -4.08 6.65
N TRP X 134 64.79 -2.93 6.10
CA TRP X 134 64.40 -1.64 6.68
C TRP X 134 62.96 -1.30 6.34
N LEU X 135 62.15 -1.05 7.35
CA LEU X 135 60.82 -0.53 7.12
C LEU X 135 60.89 0.98 7.18
N SER X 136 61.75 1.45 8.06
CA SER X 136 62.04 2.87 8.19
C SER X 136 63.41 3.11 8.79
N VAL X 137 64.18 4.02 8.20
CA VAL X 137 65.42 4.47 8.79
C VAL X 137 65.45 5.95 8.69
N ARG X 138 65.52 6.58 9.84
CA ARG X 138 65.55 8.02 10.01
C ARG X 138 66.76 8.44 10.83
N TYR X 139 67.53 9.39 10.30
CA TYR X 139 68.66 9.98 11.02
C TYR X 139 68.28 11.37 11.52
N THR X 140 68.44 11.61 12.82
CA THR X 140 68.05 12.87 13.42
C THR X 140 69.22 13.51 14.18
N TYR X 141 69.56 14.73 13.80
CA TYR X 141 70.62 15.46 14.47
C TYR X 141 70.05 16.26 15.64
N ILE X 142 70.64 16.04 16.81
CA ILE X 142 70.29 16.77 18.03
C ILE X 142 71.47 17.58 18.50
N PRO X 143 71.28 18.89 18.70
CA PRO X 143 72.36 19.80 19.10
C PRO X 143 72.76 19.69 20.57
N SER X 144 74.00 20.05 20.91
CA SER X 144 74.45 20.06 22.29
C SER X 144 75.35 21.26 22.53
N CYS X 145 75.25 22.25 21.65
CA CYS X 145 76.13 23.39 21.73
C CYS X 145 75.34 24.67 22.02
N PRO X 146 76.04 25.75 22.41
CA PRO X 146 75.40 27.05 22.60
C PRO X 146 74.77 27.61 21.33
N SER X 147 73.87 28.58 21.49
CA SER X 147 73.28 29.24 20.33
C SER X 147 74.29 30.09 19.59
N SER X 148 75.46 30.26 20.19
CA SER X 148 76.52 31.09 19.62
C SER X 148 77.60 30.30 18.89
N THR X 149 77.40 28.99 18.76
CA THR X 149 78.36 28.15 18.08
C THR X 149 78.29 28.33 16.57
N ALA X 150 79.41 28.67 15.92
CA ALA X 150 79.47 28.73 14.44
C ALA X 150 79.55 27.33 13.81
N GLY X 151 78.88 27.17 12.69
CA GLY X 151 78.83 25.86 12.04
C GLY X 151 77.45 25.48 11.54
N SER X 152 77.45 24.57 10.56
CA SER X 152 76.25 24.00 10.02
C SER X 152 76.49 22.51 9.76
N ILE X 153 75.39 21.76 9.74
CA ILE X 153 75.40 20.31 9.54
C ILE X 153 74.65 19.95 8.24
N HIS X 154 75.15 18.95 7.54
CA HIS X 154 74.52 18.49 6.30
C HIS X 154 74.42 17.00 6.17
N MET X 155 73.25 16.53 5.74
CA MET X 155 73.01 15.11 5.55
C MET X 155 72.26 14.83 4.28
N GLY X 156 72.58 13.71 3.66
CA GLY X 156 71.92 13.23 2.47
C GLY X 156 72.22 11.76 2.30
N PHE X 157 71.51 11.11 1.38
CA PHE X 157 71.69 9.69 1.11
C PHE X 157 72.27 9.46 -0.29
N GLN X 158 73.19 8.52 -0.40
CA GLN X 158 73.64 8.01 -1.68
C GLN X 158 73.11 6.61 -1.75
N TYR X 159 72.61 6.16 -2.89
CA TYR X 159 72.01 4.82 -2.91
C TYR X 159 72.87 3.86 -3.77
N ASP X 160 74.02 4.33 -4.23
CA ASP X 160 75.00 3.51 -4.96
C ASP X 160 76.39 3.55 -4.34
N MET X 161 76.92 2.41 -3.90
CA MET X 161 78.21 2.39 -3.21
C MET X 161 79.38 2.86 -4.08
N ALA X 162 79.16 2.81 -5.40
CA ALA X 162 80.17 3.19 -6.34
C ALA X 162 80.27 4.69 -6.48
N ASP X 163 79.20 5.40 -6.11
CA ASP X 163 79.20 6.88 -6.11
C ASP X 163 80.31 7.42 -5.22
N THR X 164 80.97 8.47 -5.68
CA THR X 164 81.96 9.14 -4.87
C THR X 164 81.32 9.97 -3.79
N VAL X 165 81.95 9.99 -2.63
CA VAL X 165 81.51 10.85 -1.57
C VAL X 165 81.65 12.29 -2.02
N PRO X 166 80.62 13.11 -1.75
CA PRO X 166 80.61 14.52 -2.13
C PRO X 166 81.78 15.27 -1.53
N VAL X 167 82.10 16.41 -2.14
CA VAL X 167 83.19 17.25 -1.69
C VAL X 167 82.67 18.64 -1.34
N SER X 168 81.46 18.93 -1.77
CA SER X 168 80.93 20.25 -1.54
C SER X 168 79.53 20.24 -1.00
N VAL X 169 79.20 21.28 -0.26
CA VAL X 169 77.82 21.47 0.08
C VAL X 169 76.98 21.57 -1.22
N ASN X 170 77.52 22.20 -2.27
CA ASN X 170 76.82 22.29 -3.55
C ASN X 170 76.42 20.91 -4.05
N GLN X 171 77.37 19.98 -4.11
CA GLN X 171 77.10 18.60 -4.51
C GLN X 171 76.14 17.88 -3.62
N LEU X 172 76.42 17.91 -2.31
CA LEU X 172 75.63 17.18 -1.36
C LEU X 172 74.17 17.57 -1.43
N SER X 173 73.91 18.85 -1.69
CA SER X 173 72.55 19.43 -1.69
C SER X 173 71.58 18.77 -2.66
N ASN X 174 72.12 18.01 -3.60
CA ASN X 174 71.30 17.37 -4.61
C ASN X 174 70.81 15.97 -4.21
N LEU X 175 71.39 15.41 -3.16
CA LEU X 175 71.08 14.04 -2.75
C LEU X 175 69.67 13.95 -2.19
N ARG X 176 69.02 12.82 -2.41
CA ARG X 176 67.75 12.54 -1.76
C ARG X 176 67.88 12.69 -0.26
N GLY X 177 66.98 13.46 0.31
CA GLY X 177 66.91 13.60 1.76
C GLY X 177 67.90 14.59 2.30
N TYR X 178 68.43 15.44 1.42
CA TYR X 178 69.34 16.48 1.83
C TYR X 178 68.67 17.41 2.82
N VAL X 179 69.30 17.61 3.98
CA VAL X 179 68.83 18.58 4.97
C VAL X 179 70.05 19.34 5.48
N SER X 180 69.83 20.50 6.08
CA SER X 180 70.94 21.34 6.48
C SER X 180 70.50 22.33 7.56
N GLY X 181 71.41 22.65 8.47
CA GLY X 181 71.04 23.63 9.47
C GLY X 181 72.16 24.11 10.34
N GLN X 182 71.89 25.16 11.11
CA GLN X 182 72.86 25.59 12.10
C GLN X 182 73.14 24.42 13.00
N VAL X 183 74.38 24.36 13.41
CA VAL X 183 74.87 23.22 14.13
C VAL X 183 74.26 23.23 15.53
N TRP X 184 73.60 24.33 15.88
CA TRP X 184 72.90 24.47 17.18
C TRP X 184 71.36 24.40 17.07
N SER X 185 70.88 24.17 15.86
CA SER X 185 69.47 23.92 15.61
C SER X 185 69.21 22.41 15.63
N GLY X 186 67.95 22.02 15.58
CA GLY X 186 67.60 20.62 15.41
C GLY X 186 66.86 19.99 16.56
N SER X 187 66.67 20.76 17.63
CA SER X 187 65.99 20.34 18.85
C SER X 187 64.62 19.73 18.61
N ALA X 188 63.86 20.29 17.68
CA ALA X 188 62.52 19.81 17.42
C ALA X 188 62.51 18.40 16.85
N GLY X 189 63.68 17.85 16.56
CA GLY X 189 63.74 16.48 16.09
C GLY X 189 63.63 15.48 17.22
N LEU X 190 63.70 15.97 18.46
CA LEU X 190 63.68 15.09 19.63
C LEU X 190 62.43 14.24 19.63
N CYS X 191 61.32 14.79 19.18
CA CYS X 191 60.11 13.99 19.22
C CYS X 191 60.21 12.74 18.35
N PHE X 192 61.01 12.77 17.29
CA PHE X 192 61.15 11.58 16.45
C PHE X 192 61.83 10.49 17.20
N ILE X 193 62.70 10.89 18.12
CA ILE X 193 63.57 9.97 18.80
C ILE X 193 62.84 9.22 19.89
N ASN X 194 61.97 9.89 20.64
CA ASN X 194 61.27 9.17 21.67
C ASN X 194 59.88 8.79 21.18
N GLY X 195 59.64 8.97 19.88
CA GLY X 195 58.41 8.55 19.26
C GLY X 195 57.15 9.17 19.85
N THR X 196 57.27 10.41 20.31
CA THR X 196 56.12 11.08 20.92
C THR X 196 55.38 11.88 19.81
N ARG X 197 54.28 12.55 20.15
CA ARG X 197 53.49 13.31 19.15
C ARG X 197 54.28 14.48 18.54
N CYS X 198 54.44 14.41 17.21
CA CYS X 198 55.18 15.43 16.48
C CYS X 198 54.29 16.50 15.88
N SER X 199 54.63 17.74 16.16
CA SER X 199 53.87 18.90 15.73
C SER X 199 54.79 19.90 15.00
N ASP X 200 55.50 20.71 15.78
CA ASP X 200 56.41 21.72 15.26
C ASP X 200 57.80 21.18 14.87
N THR X 201 57.86 20.41 13.80
CA THR X 201 59.11 19.82 13.35
C THR X 201 59.76 20.48 12.13
N SER X 202 59.42 21.73 11.81
CA SER X 202 59.97 22.35 10.59
C SER X 202 61.49 22.48 10.67
N THR X 203 61.99 22.69 11.88
CA THR X 203 63.41 22.85 12.12
C THR X 203 64.15 21.53 12.36
N ALA X 204 63.45 20.41 12.24
CA ALA X 204 64.09 19.13 12.46
C ALA X 204 65.18 18.93 11.44
N ILE X 205 66.38 18.67 11.92
CA ILE X 205 67.47 18.26 11.05
C ILE X 205 67.40 16.73 11.04
N SER X 206 66.37 16.23 10.40
CA SER X 206 66.09 14.80 10.43
C SER X 206 65.78 14.32 9.01
N THR X 207 66.27 13.14 8.65
CA THR X 207 66.07 12.68 7.29
C THR X 207 65.86 11.17 7.30
N THR X 208 65.15 10.68 6.27
CA THR X 208 64.71 9.29 6.22
C THR X 208 65.07 8.63 4.90
N LEU X 209 65.25 7.31 4.96
CA LEU X 209 65.62 6.48 3.83
C LEU X 209 64.46 6.13 2.87
N ASP X 210 64.68 6.17 1.56
CA ASP X 210 63.65 5.72 0.61
C ASP X 210 63.61 4.21 0.57
N VAL X 211 62.95 3.60 1.55
CA VAL X 211 62.95 2.16 1.65
C VAL X 211 62.31 1.54 0.40
N SER X 212 61.33 2.23 -0.17
CA SER X 212 60.64 1.77 -1.39
C SER X 212 61.50 1.72 -2.63
N LYS X 213 62.63 2.39 -2.63
CA LYS X 213 63.37 2.56 -3.88
C LYS X 213 64.71 1.86 -3.77
N LEU X 214 64.89 1.07 -2.73
CA LEU X 214 66.15 0.35 -2.56
C LEU X 214 66.27 -0.70 -3.66
N GLY X 215 67.48 -1.18 -3.91
CA GLY X 215 67.69 -2.23 -4.91
C GLY X 215 66.82 -3.46 -4.71
N LYS X 216 66.85 -4.02 -3.50
CA LYS X 216 65.99 -5.13 -3.12
C LYS X 216 65.37 -4.91 -1.74
N LYS X 217 64.65 -5.91 -1.24
CA LYS X 217 64.03 -5.80 0.08
C LYS X 217 64.85 -6.48 1.16
N TRP X 218 65.31 -7.71 0.91
CA TRP X 218 66.02 -8.43 1.95
C TRP X 218 67.55 -8.42 1.73
N TYR X 219 68.25 -7.75 2.66
CA TYR X 219 69.71 -7.62 2.63
C TYR X 219 70.40 -8.55 3.61
N PRO X 220 71.62 -9.02 3.25
CA PRO X 220 72.46 -9.79 4.18
C PRO X 220 73.09 -8.88 5.21
N TYR X 221 73.18 -9.33 6.46
CA TYR X 221 73.90 -8.65 7.55
C TYR X 221 75.37 -8.64 7.23
N LYS X 222 76.01 -7.48 7.19
CA LYS X 222 77.44 -7.45 6.89
C LYS X 222 78.22 -6.56 7.86
N THR X 223 79.52 -6.87 8.04
CA THR X 223 80.37 -6.04 8.87
C THR X 223 81.15 -5.06 8.02
N SER X 224 81.85 -4.12 8.66
CA SER X 224 82.69 -3.17 7.96
C SER X 224 83.75 -3.91 7.20
N ALA X 225 84.27 -4.96 7.85
CA ALA X 225 85.25 -5.88 7.26
C ALA X 225 84.72 -6.52 5.99
N ASP X 226 83.48 -7.03 6.05
CA ASP X 226 82.87 -7.63 4.88
C ASP X 226 82.80 -6.59 3.75
N TYR X 227 82.40 -5.38 4.11
CA TYR X 227 82.24 -4.32 3.11
C TYR X 227 83.55 -3.94 2.43
N ALA X 228 84.59 -3.70 3.24
CA ALA X 228 85.90 -3.29 2.75
C ALA X 228 86.46 -4.28 1.75
N THR X 229 86.35 -5.56 2.09
CA THR X 229 86.84 -6.64 1.25
C THR X 229 86.20 -6.65 -0.13
N ALA X 230 84.88 -6.49 -0.18
CA ALA X 230 84.17 -6.49 -1.44
C ALA X 230 84.59 -5.34 -2.37
N VAL X 231 84.67 -4.13 -1.85
CA VAL X 231 85.05 -2.98 -2.70
C VAL X 231 86.53 -3.07 -3.03
N GLY X 232 87.27 -3.84 -2.24
CA GLY X 232 88.68 -4.12 -2.49
C GLY X 232 88.81 -4.91 -3.78
N VAL X 233 87.80 -5.74 -4.02
CA VAL X 233 87.69 -6.51 -5.26
C VAL X 233 87.02 -5.72 -6.40
N ASP X 234 85.85 -5.16 -6.10
CA ASP X 234 85.07 -4.33 -7.02
C ASP X 234 83.97 -3.65 -6.23
N VAL X 235 83.92 -2.33 -6.29
CA VAL X 235 82.98 -1.57 -5.47
C VAL X 235 81.51 -1.94 -5.73
N ASN X 236 81.21 -2.45 -6.91
CA ASN X 236 79.83 -2.75 -7.30
C ASN X 236 79.33 -4.01 -6.62
N ILE X 237 80.26 -4.84 -6.15
CA ILE X 237 79.94 -6.06 -5.38
C ILE X 237 79.24 -5.67 -4.07
N ALA X 238 79.48 -4.45 -3.62
CA ALA X 238 78.92 -3.99 -2.37
C ALA X 238 77.44 -3.74 -2.52
N THR X 239 77.02 -3.40 -3.74
CA THR X 239 75.63 -3.01 -3.96
C THR X 239 74.56 -4.04 -3.57
N PRO X 240 74.75 -5.34 -3.85
CA PRO X 240 73.70 -6.21 -3.30
C PRO X 240 73.84 -6.45 -1.78
N LEU X 241 74.80 -5.79 -1.14
CA LEU X 241 75.04 -6.03 0.27
C LEU X 241 74.57 -4.90 1.15
N VAL X 242 74.70 -3.66 0.68
CA VAL X 242 74.35 -2.49 1.48
C VAL X 242 73.32 -1.65 0.75
N PRO X 243 72.23 -1.31 1.43
CA PRO X 243 71.12 -0.55 0.81
C PRO X 243 71.40 0.91 0.45
N ALA X 244 72.17 1.64 1.26
CA ALA X 244 72.47 3.05 0.97
C ALA X 244 73.58 3.54 1.91
N ARG X 245 74.08 4.74 1.63
CA ARG X 245 75.12 5.37 2.44
C ARG X 245 74.62 6.74 2.90
N LEU X 246 74.86 7.06 4.17
CA LEU X 246 74.47 8.36 4.68
C LEU X 246 75.66 9.32 4.54
N VAL X 247 75.44 10.46 3.93
CA VAL X 247 76.50 11.39 3.79
C VAL X 247 76.31 12.54 4.78
N ILE X 248 77.39 12.90 5.45
CA ILE X 248 77.40 13.94 6.49
C ILE X 248 78.47 14.97 6.16
N ALA X 249 78.10 16.25 6.16
CA ALA X 249 79.07 17.32 5.95
C ALA X 249 79.06 18.31 7.11
N LEU X 250 80.26 18.70 7.57
CA LEU X 250 80.33 19.77 8.55
C LEU X 250 81.30 20.86 8.20
N LEU X 251 80.86 22.11 8.31
CA LEU X 251 81.73 23.25 8.00
C LEU X 251 81.21 24.51 8.67
N ASP X 252 81.82 25.66 8.36
CA ASP X 252 81.39 27.00 8.85
C ASP X 252 81.64 27.22 10.34
N GLY X 253 82.46 26.37 10.92
CA GLY X 253 82.85 26.47 12.32
C GLY X 253 83.94 27.50 12.46
N SER X 254 84.36 27.80 13.67
CA SER X 254 85.35 28.87 13.80
C SER X 254 86.78 28.42 14.02
N SER X 255 86.97 27.16 14.39
CA SER X 255 88.30 26.65 14.70
C SER X 255 88.70 25.48 13.82
N SER X 256 90.00 25.21 13.71
CA SER X 256 90.48 24.07 12.94
C SER X 256 90.30 22.85 13.83
N THR X 257 90.15 23.10 15.12
CA THR X 257 89.85 22.06 16.08
C THR X 257 88.35 21.93 16.29
N ALA X 258 87.84 20.71 16.19
CA ALA X 258 86.41 20.49 16.30
C ALA X 258 85.88 20.93 17.64
N VAL X 259 84.83 21.73 17.61
CA VAL X 259 84.09 22.10 18.79
C VAL X 259 82.94 21.15 18.88
N ALA X 260 82.64 20.65 20.07
CA ALA X 260 81.50 19.74 20.23
C ALA X 260 80.26 20.43 19.75
N ALA X 261 79.54 19.80 18.81
CA ALA X 261 78.37 20.39 18.21
C ALA X 261 77.08 19.72 18.67
N GLY X 262 76.91 18.46 18.29
CA GLY X 262 75.75 17.68 18.66
C GLY X 262 75.88 16.19 18.33
N ARG X 263 74.75 15.51 18.19
CA ARG X 263 74.77 14.08 17.96
C ARG X 263 73.72 13.67 16.93
N ILE X 264 74.02 12.61 16.17
CA ILE X 264 73.03 12.04 15.26
C ILE X 264 72.47 10.74 15.84
N TYR X 265 71.15 10.70 15.98
CA TYR X 265 70.50 9.48 16.45
C TYR X 265 69.87 8.80 15.27
N CYS X 266 69.76 7.49 15.37
CA CYS X 266 69.05 6.72 14.35
C CYS X 266 67.80 6.11 14.95
N THR X 267 66.66 6.37 14.30
CA THR X 267 65.41 5.75 14.70
C THR X 267 65.00 4.88 13.54
N TYR X 268 64.95 3.59 13.80
CA TYR X 268 64.69 2.63 12.75
C TYR X 268 63.57 1.68 13.14
N THR X 269 62.91 1.14 12.12
CA THR X 269 62.06 -0.02 12.29
C THR X 269 62.57 -1.12 11.39
N ILE X 270 63.10 -2.18 11.98
CA ILE X 270 63.75 -3.23 11.20
C ILE X 270 62.99 -4.56 11.29
N GLN X 271 62.87 -5.24 10.15
CA GLN X 271 62.36 -6.59 10.12
C GLN X 271 63.54 -7.56 10.08
N MET X 272 63.68 -8.38 11.12
CA MET X 272 64.80 -9.31 11.19
C MET X 272 64.32 -10.74 11.05
N ILE X 273 64.96 -11.46 10.12
CA ILE X 273 64.59 -12.82 9.76
C ILE X 273 65.78 -13.77 9.65
N GLU X 274 65.50 -15.07 9.72
CA GLU X 274 66.46 -16.17 9.48
C GLU X 274 67.65 -16.14 10.41
N PRO X 275 67.45 -16.61 11.64
CA PRO X 275 68.45 -16.69 12.72
C PRO X 275 69.77 -17.40 12.38
N THR X 276 70.79 -17.10 13.19
CA THR X 276 72.12 -17.66 13.04
C THR X 276 72.70 -17.83 14.41
N ALA X 277 73.52 -18.86 14.60
CA ALA X 277 74.18 -19.04 15.86
C ALA X 277 75.70 -18.88 15.70
N SER X 278 76.46 -19.32 16.71
CA SER X 278 77.91 -19.27 16.66
C SER X 278 78.43 -20.57 17.28
N ALA X 279 79.73 -20.83 17.13
CA ALA X 279 80.32 -22.09 17.60
C ALA X 279 80.67 -22.08 19.09
N GLY Y 86 52.37 13.06 -24.84
CA GLY Y 86 52.40 14.45 -24.46
C GLY Y 86 53.74 15.15 -24.70
N GLY Y 87 54.84 14.59 -24.18
CA GLY Y 87 56.17 15.16 -24.42
C GLY Y 87 56.82 15.91 -23.28
N ILE Y 88 56.08 16.10 -22.18
CA ILE Y 88 56.52 16.84 -20.99
C ILE Y 88 57.21 15.97 -19.95
N THR Y 89 58.47 16.25 -19.67
CA THR Y 89 59.16 15.57 -18.60
C THR Y 89 59.09 16.45 -17.35
N VAL Y 90 58.38 16.02 -16.32
CA VAL Y 90 58.23 16.81 -15.10
C VAL Y 90 59.24 16.45 -14.01
N LEU Y 91 59.93 17.45 -13.45
CA LEU Y 91 60.98 17.21 -12.47
C LEU Y 91 60.80 18.11 -11.25
N THR Y 92 60.92 17.55 -10.06
CA THR Y 92 60.88 18.33 -8.82
C THR Y 92 62.14 18.10 -7.97
N HIS Y 93 62.80 19.18 -7.57
CA HIS Y 93 64.10 19.06 -6.90
C HIS Y 93 64.55 20.30 -6.11
N SER Y 94 65.44 20.07 -5.16
CA SER Y 94 66.06 21.12 -4.39
C SER Y 94 67.57 21.11 -4.61
N GLU Y 95 68.17 22.29 -4.76
CA GLU Y 95 69.64 22.35 -4.81
C GLU Y 95 70.13 23.68 -4.30
N LEU Y 96 71.41 23.72 -3.94
CA LEU Y 96 72.03 24.94 -3.50
C LEU Y 96 72.00 25.89 -4.69
N SER Y 97 71.58 27.13 -4.44
CA SER Y 97 71.45 28.13 -5.51
C SER Y 97 72.36 29.36 -5.33
N ALA Y 98 72.72 29.63 -4.08
CA ALA Y 98 73.54 30.78 -3.71
C ALA Y 98 74.06 30.61 -2.27
N GLU Y 99 75.30 31.02 -2.07
CA GLU Y 99 75.97 31.07 -0.79
C GLU Y 99 75.96 32.53 -0.31
N ILE Y 100 75.68 32.76 0.97
CA ILE Y 100 75.34 34.11 1.44
C ILE Y 100 76.22 34.64 2.58
N GLY Y 101 76.72 35.87 2.42
CA GLY Y 101 77.51 36.52 3.44
C GLY Y 101 77.16 37.97 3.79
N VAL Y 102 77.40 38.37 5.04
CA VAL Y 102 77.00 39.71 5.47
C VAL Y 102 78.10 40.69 5.85
N THR Y 103 77.84 41.94 5.47
CA THR Y 103 78.67 43.08 5.83
C THR Y 103 77.80 44.15 6.48
N ASP Y 104 78.43 45.23 6.87
CA ASP Y 104 77.75 46.30 7.60
C ASP Y 104 77.19 47.33 6.66
N SER Y 105 77.42 47.11 5.37
CA SER Y 105 76.86 47.98 4.37
C SER Y 105 76.04 47.17 3.38
N ILE Y 106 74.99 47.78 2.82
CA ILE Y 106 74.08 47.05 1.95
C ILE Y 106 74.78 46.59 0.67
N VAL Y 107 74.60 45.29 0.40
CA VAL Y 107 75.09 44.61 -0.80
C VAL Y 107 73.93 43.91 -1.50
N VAL Y 108 73.64 44.35 -2.72
CA VAL Y 108 72.49 43.84 -3.50
C VAL Y 108 72.92 42.94 -4.65
N SER Y 109 72.49 41.69 -4.63
CA SER Y 109 72.79 40.80 -5.72
C SER Y 109 71.49 40.30 -6.31
N SER Y 110 71.59 39.61 -7.44
CA SER Y 110 70.39 39.09 -8.04
C SER Y 110 70.71 37.81 -8.81
N GLU Y 111 69.66 37.04 -9.10
CA GLU Y 111 69.80 35.81 -9.83
C GLU Y 111 68.64 35.67 -10.78
N LEU Y 112 68.93 35.32 -12.02
CA LEU Y 112 67.89 35.10 -12.99
C LEU Y 112 67.12 33.83 -12.64
N VAL Y 113 65.80 33.90 -12.64
CA VAL Y 113 65.00 32.70 -12.36
C VAL Y 113 64.83 31.87 -13.62
N MET Y 114 65.92 31.22 -14.04
CA MET Y 114 65.91 30.35 -15.21
C MET Y 114 66.92 29.22 -14.96
N PRO Y 115 66.66 28.02 -15.49
CA PRO Y 115 67.43 26.81 -15.16
C PRO Y 115 68.91 27.01 -15.16
N TYR Y 116 69.45 27.73 -16.13
CA TYR Y 116 70.91 27.90 -16.23
C TYR Y 116 71.51 28.52 -14.96
N THR Y 117 70.72 29.38 -14.32
CA THR Y 117 71.20 30.19 -13.22
C THR Y 117 70.56 29.85 -11.88
N VAL Y 118 69.66 28.88 -11.83
CA VAL Y 118 69.10 28.56 -10.52
C VAL Y 118 70.07 27.63 -9.79
N GLY Y 119 70.81 26.81 -10.52
CA GLY Y 119 71.71 25.88 -9.86
C GLY Y 119 72.49 25.04 -10.82
N THR Y 120 73.65 24.53 -10.40
CA THR Y 120 74.55 23.83 -11.33
C THR Y 120 73.98 22.54 -11.84
N TRP Y 121 73.27 21.82 -10.98
CA TRP Y 121 72.70 20.53 -11.35
C TRP Y 121 71.64 20.67 -12.43
N LEU Y 122 70.64 21.53 -12.18
CA LEU Y 122 69.57 21.77 -13.14
C LEU Y 122 70.08 22.36 -14.46
N ARG Y 123 71.15 23.16 -14.34
CA ARG Y 123 71.78 23.80 -15.49
C ARG Y 123 72.14 22.77 -16.54
N GLY Y 124 72.82 21.70 -16.10
CA GLY Y 124 73.22 20.58 -16.95
C GLY Y 124 72.05 19.73 -17.43
N VAL Y 125 71.13 19.40 -16.53
CA VAL Y 125 69.97 18.57 -16.84
C VAL Y 125 69.04 19.20 -17.90
N ALA Y 126 68.55 20.41 -17.60
CA ALA Y 126 67.54 21.11 -18.41
C ALA Y 126 68.09 21.58 -19.76
N ALA Y 127 69.42 21.57 -19.90
CA ALA Y 127 70.06 21.91 -21.15
C ALA Y 127 69.71 20.90 -22.22
N ASN Y 128 69.29 19.70 -21.81
CA ASN Y 128 68.91 18.66 -22.77
C ASN Y 128 67.56 18.94 -23.40
N TRP Y 129 66.92 19.99 -22.94
CA TRP Y 129 65.66 20.42 -23.51
C TRP Y 129 65.78 21.84 -24.04
N SER Y 130 64.91 22.19 -25.00
CA SER Y 130 65.01 23.50 -25.61
C SER Y 130 64.16 24.47 -24.83
N LYS Y 131 62.99 24.03 -24.40
CA LYS Y 131 62.14 24.95 -23.64
C LYS Y 131 61.62 24.35 -22.34
N TYR Y 132 61.20 25.24 -21.44
CA TYR Y 132 60.69 24.84 -20.14
C TYR Y 132 59.51 25.70 -19.65
N SER Y 133 58.94 25.24 -18.55
CA SER Y 133 57.92 25.99 -17.85
C SER Y 133 58.10 25.80 -16.35
N TRP Y 134 58.12 26.90 -15.59
CA TRP Y 134 58.11 26.79 -14.14
C TRP Y 134 56.69 26.45 -13.68
N LEU Y 135 56.52 25.37 -12.94
CA LEU Y 135 55.22 25.10 -12.31
C LEU Y 135 55.24 25.66 -10.90
N SER Y 136 56.44 25.66 -10.30
CA SER Y 136 56.67 26.23 -8.98
C SER Y 136 58.15 26.56 -8.77
N VAL Y 137 58.43 27.71 -8.17
CA VAL Y 137 59.79 28.06 -7.78
C VAL Y 137 59.85 28.68 -6.39
N ARG Y 138 60.65 28.08 -5.50
CA ARG Y 138 60.79 28.58 -4.14
C ARG Y 138 62.26 28.81 -3.78
N TYR Y 139 62.60 30.02 -3.36
CA TYR Y 139 63.95 30.28 -2.88
C TYR Y 139 63.87 30.36 -1.38
N THR Y 140 64.62 29.51 -0.68
CA THR Y 140 64.49 29.39 0.76
C THR Y 140 65.85 29.65 1.38
N TYR Y 141 65.92 30.61 2.30
CA TYR Y 141 67.19 30.88 2.98
C TYR Y 141 67.32 30.03 4.23
N ILE Y 142 68.42 29.30 4.32
CA ILE Y 142 68.74 28.47 5.49
C ILE Y 142 70.01 29.02 6.10
N PRO Y 143 69.96 29.35 7.41
CA PRO Y 143 71.10 29.95 8.11
C PRO Y 143 72.17 28.97 8.48
N SER Y 144 73.40 29.46 8.66
CA SER Y 144 74.50 28.62 9.11
C SER Y 144 75.35 29.32 10.15
N CYS Y 145 74.85 30.41 10.73
CA CYS Y 145 75.69 31.20 11.63
C CYS Y 145 75.20 31.18 13.10
N PRO Y 146 76.04 31.64 14.03
CA PRO Y 146 75.54 31.76 15.40
C PRO Y 146 74.39 32.73 15.51
N SER Y 147 73.60 32.57 16.56
CA SER Y 147 72.46 33.43 16.84
C SER Y 147 72.89 34.83 17.16
N SER Y 148 74.19 35.00 17.32
CA SER Y 148 74.72 36.30 17.70
C SER Y 148 75.19 37.07 16.48
N THR Y 149 74.98 36.51 15.31
CA THR Y 149 75.45 37.15 14.09
C THR Y 149 74.59 38.33 13.71
N ALA Y 150 75.21 39.49 13.60
CA ALA Y 150 74.49 40.67 13.17
C ALA Y 150 74.29 40.58 11.67
N GLY Y 151 73.15 41.10 11.21
CA GLY Y 151 72.81 41.11 9.79
C GLY Y 151 71.36 40.73 9.53
N SER Y 152 70.84 41.13 8.38
CA SER Y 152 69.50 40.71 7.95
C SER Y 152 69.54 40.41 6.46
N ILE Y 153 68.63 39.54 6.01
CA ILE Y 153 68.56 39.20 4.61
C ILE Y 153 67.20 39.56 4.06
N HIS Y 154 67.17 40.03 2.80
CA HIS Y 154 65.94 40.48 2.15
C HIS Y 154 65.85 39.88 0.75
N MET Y 155 64.69 39.34 0.39
CA MET Y 155 64.50 38.76 -0.94
C MET Y 155 63.19 39.16 -1.58
N GLY Y 156 63.22 39.29 -2.90
CA GLY Y 156 62.03 39.60 -3.66
C GLY Y 156 62.19 39.30 -5.14
N PHE Y 157 61.08 39.34 -5.86
CA PHE Y 157 61.07 39.08 -7.29
C PHE Y 157 60.81 40.35 -8.10
N GLN Y 158 61.54 40.49 -9.19
CA GLN Y 158 61.22 41.46 -10.23
C GLN Y 158 60.81 40.68 -11.47
N TYR Y 159 59.75 41.14 -12.15
CA TYR Y 159 59.25 40.37 -13.27
C TYR Y 159 59.43 41.06 -14.63
N ASP Y 160 60.09 42.22 -14.64
CA ASP Y 160 60.40 42.94 -15.89
C ASP Y 160 61.90 43.18 -15.98
N MET Y 161 62.52 42.63 -17.01
CA MET Y 161 63.98 42.69 -17.09
C MET Y 161 64.51 44.10 -17.14
N ALA Y 162 63.68 45.05 -17.58
CA ALA Y 162 64.11 46.44 -17.70
C ALA Y 162 64.08 47.19 -16.36
N ASP Y 163 63.37 46.64 -15.37
CA ASP Y 163 63.36 47.22 -14.04
C ASP Y 163 64.80 47.35 -13.53
N THR Y 164 65.16 48.47 -12.91
CA THR Y 164 66.48 48.58 -12.27
C THR Y 164 66.51 47.82 -10.94
N VAL Y 165 67.60 47.13 -10.66
CA VAL Y 165 67.68 46.40 -9.42
C VAL Y 165 67.64 47.39 -8.25
N PRO Y 166 66.83 47.06 -7.22
CA PRO Y 166 66.67 47.98 -6.08
C PRO Y 166 67.99 48.29 -5.41
N VAL Y 167 68.04 49.41 -4.69
CA VAL Y 167 69.26 49.86 -4.03
C VAL Y 167 69.05 50.02 -2.52
N SER Y 168 67.80 50.01 -2.08
CA SER Y 168 67.52 50.13 -0.66
C SER Y 168 66.47 49.12 -0.25
N VAL Y 169 66.49 48.77 1.02
CA VAL Y 169 65.48 47.88 1.59
C VAL Y 169 64.07 48.48 1.37
N ASN Y 170 63.96 49.81 1.42
CA ASN Y 170 62.66 50.46 1.20
C ASN Y 170 62.02 50.03 -0.12
N GLN Y 171 62.80 50.13 -1.20
CA GLN Y 171 62.35 49.68 -2.52
C GLN Y 171 62.01 48.21 -2.55
N LEU Y 172 62.97 47.41 -2.13
CA LEU Y 172 62.89 45.96 -2.19
C LEU Y 172 61.66 45.48 -1.42
N SER Y 173 61.35 46.16 -0.32
CA SER Y 173 60.24 45.78 0.56
C SER Y 173 58.90 45.78 -0.18
N ASN Y 174 58.85 46.44 -1.34
CA ASN Y 174 57.63 46.53 -2.13
C ASN Y 174 57.42 45.40 -3.12
N LEU Y 175 58.47 44.63 -3.37
CA LEU Y 175 58.39 43.55 -4.35
C LEU Y 175 57.50 42.39 -3.91
N ARG Y 176 56.78 41.82 -4.89
CA ARG Y 176 56.08 40.55 -4.72
C ARG Y 176 57.00 39.51 -4.14
N GLY Y 177 56.57 38.91 -3.05
CA GLY Y 177 57.35 37.83 -2.47
C GLY Y 177 58.50 38.35 -1.62
N TYR Y 178 58.42 39.62 -1.22
CA TYR Y 178 59.40 40.18 -0.32
C TYR Y 178 59.39 39.44 1.01
N VAL Y 179 60.58 39.00 1.44
CA VAL Y 179 60.73 38.42 2.75
C VAL Y 179 61.97 39.01 3.39
N SER Y 180 62.05 38.91 4.71
CA SER Y 180 63.14 39.54 5.44
C SER Y 180 63.32 38.84 6.76
N GLY Y 181 64.58 38.73 7.19
CA GLY Y 181 64.86 38.20 8.50
C GLY Y 181 66.29 38.27 8.96
N GLN Y 182 66.50 38.06 10.27
CA GLN Y 182 67.84 37.97 10.82
C GLN Y 182 68.57 36.89 10.05
N VAL Y 183 69.85 37.12 9.87
CA VAL Y 183 70.71 36.27 9.09
C VAL Y 183 70.89 34.88 9.77
N TRP Y 184 70.46 34.80 11.03
CA TRP Y 184 70.47 33.54 11.80
C TRP Y 184 69.08 32.93 12.01
N SER Y 185 68.07 33.58 11.43
CA SER Y 185 66.73 33.06 11.43
C SER Y 185 66.51 32.25 10.18
N GLY Y 186 65.41 31.49 10.11
CA GLY Y 186 65.03 30.85 8.85
C GLY Y 186 65.11 29.34 8.82
N SER Y 187 65.54 28.76 9.94
CA SER Y 187 65.68 27.33 10.11
C SER Y 187 64.40 26.60 9.75
N ALA Y 188 63.27 27.21 10.09
CA ALA Y 188 61.95 26.61 9.88
C ALA Y 188 61.59 26.48 8.39
N GLY Y 189 62.44 27.00 7.52
CA GLY Y 189 62.23 26.84 6.09
C GLY Y 189 62.69 25.50 5.57
N LEU Y 190 63.38 24.75 6.41
CA LEU Y 190 63.99 23.50 5.98
C LEU Y 190 62.98 22.54 5.40
N CYS Y 191 61.80 22.48 6.00
CA CYS Y 191 60.83 21.52 5.56
C CYS Y 191 60.40 21.70 4.09
N PHE Y 192 60.48 22.92 3.56
CA PHE Y 192 60.16 23.15 2.16
C PHE Y 192 61.15 22.44 1.27
N ILE Y 193 62.38 22.29 1.76
CA ILE Y 193 63.47 21.82 0.92
C ILE Y 193 63.47 20.30 0.73
N ASN Y 194 63.16 19.53 1.77
CA ASN Y 194 63.09 18.08 1.62
C ASN Y 194 61.64 17.61 1.42
N GLY Y 195 60.75 18.58 1.22
CA GLY Y 195 59.35 18.32 0.92
C GLY Y 195 58.59 17.56 1.99
N THR Y 196 58.96 17.77 3.24
CA THR Y 196 58.34 17.03 4.31
C THR Y 196 57.17 17.82 4.86
N ARG Y 197 56.52 17.29 5.90
CA ARG Y 197 55.37 17.98 6.53
C ARG Y 197 55.77 19.34 7.10
N CYS Y 198 55.18 20.37 6.53
CA CYS Y 198 55.47 21.72 6.95
C CYS Y 198 54.37 22.17 7.91
N SER Y 199 54.77 22.69 9.06
CA SER Y 199 53.81 23.15 10.06
C SER Y 199 54.12 24.58 10.51
N ASP Y 200 55.09 24.72 11.42
CA ASP Y 200 55.47 26.02 11.97
C ASP Y 200 56.42 26.78 11.04
N THR Y 201 55.90 27.24 9.91
CA THR Y 201 56.73 27.92 8.92
C THR Y 201 56.59 29.44 8.94
N SER Y 202 56.11 30.01 10.05
CA SER Y 202 55.94 31.47 10.15
C SER Y 202 57.28 32.18 10.06
N THR Y 203 58.33 31.46 10.47
CA THR Y 203 59.67 31.98 10.57
C THR Y 203 60.50 31.89 9.31
N ALA Y 204 59.99 31.15 8.34
CA ALA Y 204 60.74 30.89 7.12
C ALA Y 204 61.04 32.12 6.28
N ILE Y 205 62.32 32.27 5.97
CA ILE Y 205 62.73 33.27 5.04
C ILE Y 205 62.66 32.58 3.69
N SER Y 206 61.42 32.33 3.24
CA SER Y 206 61.18 31.58 2.00
C SER Y 206 60.16 32.29 1.13
N THR Y 207 60.36 32.27 -0.18
CA THR Y 207 59.47 33.00 -1.07
C THR Y 207 59.32 32.24 -2.39
N THR Y 208 58.19 32.45 -3.07
CA THR Y 208 57.82 31.69 -4.29
C THR Y 208 57.45 32.56 -5.51
N LEU Y 209 57.73 32.04 -6.71
CA LEU Y 209 57.47 32.77 -7.96
C LEU Y 209 56.01 32.78 -8.37
N ASP Y 210 55.51 33.91 -8.88
CA ASP Y 210 54.14 33.96 -9.40
C ASP Y 210 54.07 33.34 -10.79
N VAL Y 211 54.00 32.02 -10.86
CA VAL Y 211 54.04 31.35 -12.14
C VAL Y 211 52.81 31.72 -12.99
N SER Y 212 51.69 31.97 -12.31
CA SER Y 212 50.44 32.36 -12.95
C SER Y 212 50.52 33.71 -13.65
N LYS Y 213 51.55 34.50 -13.35
CA LYS Y 213 51.65 35.88 -13.83
C LYS Y 213 52.86 36.08 -14.78
N LEU Y 214 53.50 34.98 -15.18
CA LEU Y 214 54.65 35.11 -16.05
C LEU Y 214 54.18 35.58 -17.43
N GLY Y 215 55.10 36.17 -18.20
CA GLY Y 215 54.77 36.64 -19.53
C GLY Y 215 54.15 35.57 -20.44
N LYS Y 216 54.85 34.45 -20.58
CA LYS Y 216 54.35 33.34 -21.37
C LYS Y 216 54.48 32.04 -20.59
N LYS Y 217 54.16 30.92 -21.21
CA LYS Y 217 54.21 29.66 -20.51
C LYS Y 217 55.51 28.90 -20.79
N TRP Y 218 55.85 28.78 -22.06
CA TRP Y 218 57.01 28.02 -22.40
C TRP Y 218 58.15 28.97 -22.75
N TYR Y 219 59.18 28.98 -21.92
CA TYR Y 219 60.35 29.83 -22.13
C TYR Y 219 61.48 28.99 -22.69
N PRO Y 220 62.34 29.59 -23.53
CA PRO Y 220 63.55 28.91 -24.04
C PRO Y 220 64.68 28.78 -23.02
N TYR Y 221 65.40 27.66 -23.08
CA TYR Y 221 66.61 27.51 -22.27
C TYR Y 221 67.60 28.53 -22.76
N LYS Y 222 68.08 29.38 -21.86
CA LYS Y 222 69.06 30.39 -22.26
C LYS Y 222 70.21 30.34 -21.30
N THR Y 223 71.39 30.71 -21.76
CA THR Y 223 72.54 30.79 -20.92
C THR Y 223 72.67 32.24 -20.48
N SER Y 224 73.58 32.55 -19.57
CA SER Y 224 73.84 33.93 -19.21
C SER Y 224 74.30 34.75 -20.40
N ALA Y 225 75.12 34.11 -21.23
CA ALA Y 225 75.66 34.71 -22.44
C ALA Y 225 74.52 35.24 -23.32
N ASP Y 226 73.52 34.41 -23.53
CA ASP Y 226 72.39 34.75 -24.36
C ASP Y 226 71.64 35.99 -23.83
N TYR Y 227 71.45 36.04 -22.52
CA TYR Y 227 70.81 37.19 -21.88
C TYR Y 227 71.67 38.43 -22.08
N ALA Y 228 72.98 38.28 -21.83
CA ALA Y 228 73.93 39.38 -21.91
C ALA Y 228 73.93 40.04 -23.30
N THR Y 229 74.04 39.21 -24.34
CA THR Y 229 74.01 39.69 -25.72
C THR Y 229 72.70 40.39 -26.01
N ALA Y 230 71.60 39.76 -25.58
CA ALA Y 230 70.27 40.29 -25.80
C ALA Y 230 70.11 41.68 -25.19
N VAL Y 231 70.58 41.90 -23.96
CA VAL Y 231 70.43 43.23 -23.34
C VAL Y 231 71.37 44.25 -23.98
N GLY Y 232 72.44 43.77 -24.61
CA GLY Y 232 73.36 44.63 -25.33
C GLY Y 232 72.67 45.26 -26.52
N VAL Y 233 71.75 44.52 -27.10
CA VAL Y 233 70.98 45.02 -28.24
C VAL Y 233 69.82 45.91 -27.77
N ASP Y 234 69.03 45.37 -26.85
CA ASP Y 234 67.89 46.04 -26.24
C ASP Y 234 67.45 45.21 -25.03
N VAL Y 235 67.38 45.83 -23.86
CA VAL Y 235 67.09 45.11 -22.62
C VAL Y 235 65.76 44.34 -22.71
N ASN Y 236 64.87 44.81 -23.58
CA ASN Y 236 63.55 44.22 -23.69
C ASN Y 236 63.55 42.88 -24.41
N ILE Y 237 64.61 42.60 -25.16
CA ILE Y 237 64.75 41.30 -25.83
C ILE Y 237 64.81 40.19 -24.81
N ALA Y 238 65.34 40.51 -23.63
CA ALA Y 238 65.52 39.52 -22.61
C ALA Y 238 64.19 39.13 -22.03
N THR Y 239 63.22 40.05 -22.03
CA THR Y 239 61.93 39.76 -21.38
C THR Y 239 61.26 38.53 -21.94
N PRO Y 240 61.32 38.32 -23.25
CA PRO Y 240 60.77 36.99 -23.58
C PRO Y 240 61.72 35.82 -23.34
N LEU Y 241 62.93 36.06 -22.81
CA LEU Y 241 63.90 34.98 -22.69
C LEU Y 241 63.93 34.41 -21.30
N VAL Y 242 63.71 35.26 -20.30
CA VAL Y 242 63.75 34.85 -18.90
C VAL Y 242 62.47 35.27 -18.18
N PRO Y 243 61.85 34.35 -17.43
CA PRO Y 243 60.57 34.67 -16.77
C PRO Y 243 60.63 35.71 -15.64
N ALA Y 244 61.68 35.74 -14.82
CA ALA Y 244 61.75 36.67 -13.69
C ALA Y 244 63.16 36.72 -13.15
N ARG Y 245 63.44 37.68 -12.26
CA ARG Y 245 64.73 37.70 -11.54
C ARG Y 245 64.50 37.82 -10.04
N LEU Y 246 65.30 37.08 -9.29
CA LEU Y 246 65.28 37.14 -7.83
C LEU Y 246 66.27 38.19 -7.39
N VAL Y 247 65.84 39.09 -6.53
CA VAL Y 247 66.72 40.14 -5.98
C VAL Y 247 67.07 39.87 -4.51
N ILE Y 248 68.34 40.04 -4.18
CA ILE Y 248 68.85 39.75 -2.84
C ILE Y 248 69.60 40.96 -2.25
N ALA Y 249 69.26 41.33 -1.01
CA ALA Y 249 69.98 42.38 -0.29
C ALA Y 249 70.52 41.87 1.04
N LEU Y 250 71.77 42.22 1.36
CA LEU Y 250 72.32 41.89 2.67
C LEU Y 250 72.93 43.12 3.34
N LEU Y 251 72.60 43.35 4.60
CA LEU Y 251 73.09 44.54 5.28
C LEU Y 251 73.01 44.29 6.77
N ASP Y 252 73.27 45.34 7.56
CA ASP Y 252 73.15 45.29 9.03
C ASP Y 252 74.18 44.40 9.76
N GLY Y 253 75.28 44.01 9.11
CA GLY Y 253 76.31 43.23 9.78
C GLY Y 253 77.28 44.04 10.65
N SER Y 254 78.11 43.33 11.41
CA SER Y 254 79.04 43.98 12.31
C SER Y 254 80.44 43.93 11.73
N SER Y 255 80.56 43.34 10.55
CA SER Y 255 81.86 43.22 9.87
C SER Y 255 81.85 43.94 8.52
N SER Y 256 82.98 44.47 8.08
CA SER Y 256 83.02 45.10 6.77
C SER Y 256 83.41 44.11 5.68
N THR Y 257 84.05 43.01 6.06
CA THR Y 257 84.31 41.92 5.12
C THR Y 257 83.23 40.83 5.35
N ALA Y 258 82.74 40.23 4.27
CA ALA Y 258 81.63 39.32 4.36
C ALA Y 258 81.84 38.16 5.31
N VAL Y 259 80.89 38.01 6.23
CA VAL Y 259 80.81 36.89 7.14
C VAL Y 259 79.80 35.84 6.63
N ALA Y 260 80.17 34.56 6.69
CA ALA Y 260 79.27 33.51 6.24
C ALA Y 260 78.01 33.52 7.07
N ALA Y 261 76.89 33.72 6.39
CA ALA Y 261 75.58 33.83 7.00
C ALA Y 261 74.78 32.58 6.71
N GLY Y 262 74.54 32.33 5.44
CA GLY Y 262 73.76 31.16 5.09
C GLY Y 262 73.79 30.81 3.62
N ARG Y 263 72.75 30.11 3.19
CA ARG Y 263 72.63 29.65 1.83
C ARG Y 263 71.17 29.74 1.36
N ILE Y 264 70.99 29.99 0.07
CA ILE Y 264 69.66 29.98 -0.54
C ILE Y 264 69.51 28.73 -1.39
N TYR Y 265 68.49 27.95 -1.12
CA TYR Y 265 68.19 26.79 -1.93
C TYR Y 265 67.00 27.10 -2.83
N CYS Y 266 66.95 26.46 -3.99
CA CYS Y 266 65.84 26.60 -4.89
C CYS Y 266 65.14 25.25 -4.96
N THR Y 267 63.86 25.26 -4.69
CA THR Y 267 63.05 24.06 -4.73
C THR Y 267 62.06 24.32 -5.86
N TYR Y 268 62.15 23.53 -6.92
CA TYR Y 268 61.38 23.81 -8.12
C TYR Y 268 60.64 22.62 -8.73
N THR Y 269 59.54 22.91 -9.44
CA THR Y 269 58.91 21.91 -10.31
C THR Y 269 58.91 22.47 -11.72
N ILE Y 270 59.62 21.79 -12.60
CA ILE Y 270 59.82 22.28 -13.96
C ILE Y 270 59.24 21.28 -14.95
N GLN Y 271 58.57 21.82 -15.96
CA GLN Y 271 58.16 21.00 -17.09
C GLN Y 271 59.14 21.19 -18.24
N MET Y 272 59.79 20.12 -18.63
CA MET Y 272 60.77 20.24 -19.69
C MET Y 272 60.27 19.51 -20.91
N ILE Y 273 60.27 20.21 -22.03
CA ILE Y 273 59.74 19.69 -23.28
C ILE Y 273 60.68 19.91 -24.44
N GLU Y 274 60.48 19.13 -25.49
CA GLU Y 274 61.19 19.30 -26.77
C GLU Y 274 62.70 19.15 -26.61
N PRO Y 275 63.18 17.90 -26.53
CA PRO Y 275 64.59 17.54 -26.39
C PRO Y 275 65.46 18.14 -27.49
N THR Y 276 66.75 18.24 -27.22
CA THR Y 276 67.66 18.83 -28.20
C THR Y 276 69.00 18.14 -28.12
N ALA Y 277 69.71 18.10 -29.22
CA ALA Y 277 71.03 17.49 -29.19
C ALA Y 277 72.12 18.52 -29.49
N GLY Z 86 47.08 37.62 -3.67
CA GLY Z 86 46.91 37.44 -5.11
C GLY Z 86 47.77 38.41 -5.90
N GLY Z 87 47.66 39.71 -5.58
CA GLY Z 87 48.48 40.72 -6.19
C GLY Z 87 47.83 41.61 -7.25
N ILE Z 88 46.61 41.26 -7.65
CA ILE Z 88 45.93 42.01 -8.69
C ILE Z 88 45.09 43.16 -8.17
N THR Z 89 45.48 44.38 -8.53
CA THR Z 89 44.68 45.56 -8.24
C THR Z 89 43.83 45.90 -9.47
N VAL Z 90 42.51 45.77 -9.36
CA VAL Z 90 41.65 46.03 -10.51
C VAL Z 90 41.14 47.46 -10.46
N LEU Z 91 41.28 48.16 -11.59
CA LEU Z 91 40.94 49.57 -11.72
C LEU Z 91 40.02 49.78 -12.90
N THR Z 92 38.93 50.49 -12.66
CA THR Z 92 38.05 50.81 -13.75
C THR Z 92 37.90 52.31 -13.77
N HIS Z 93 38.08 52.92 -14.93
CA HIS Z 93 38.08 54.36 -14.96
C HIS Z 93 37.76 54.91 -16.35
N SER Z 94 37.22 56.13 -16.36
CA SER Z 94 37.06 56.90 -17.59
C SER Z 94 37.83 58.15 -17.43
N GLU Z 95 38.57 58.54 -18.46
CA GLU Z 95 39.21 59.85 -18.48
C GLU Z 95 39.39 60.30 -19.91
N LEU Z 96 39.62 61.61 -20.08
CA LEU Z 96 39.82 62.17 -21.40
C LEU Z 96 41.04 61.57 -22.07
N SER Z 97 40.95 61.24 -23.36
CA SER Z 97 42.10 60.62 -24.00
C SER Z 97 42.63 61.41 -25.22
N ALA Z 98 41.80 62.23 -25.83
CA ALA Z 98 42.22 62.94 -27.04
C ALA Z 98 41.29 64.09 -27.38
N GLU Z 99 41.85 65.14 -27.95
CA GLU Z 99 41.08 66.27 -28.47
C GLU Z 99 41.06 66.19 -29.99
N ILE Z 100 39.90 66.47 -30.57
CA ILE Z 100 39.69 66.13 -31.98
C ILE Z 100 39.23 67.35 -32.80
N GLY Z 101 39.93 67.63 -33.89
CA GLY Z 101 39.56 68.72 -34.77
C GLY Z 101 39.59 68.28 -36.22
N VAL Z 102 38.74 68.85 -37.07
CA VAL Z 102 38.63 68.37 -38.44
C VAL Z 102 38.94 69.44 -39.49
N THR Z 103 39.57 69.01 -40.60
CA THR Z 103 39.87 69.87 -41.76
C THR Z 103 39.30 69.30 -43.07
N ASP Z 104 39.54 69.96 -44.20
CA ASP Z 104 38.98 69.55 -45.49
C ASP Z 104 39.86 68.52 -46.21
N SER Z 105 40.96 68.13 -45.58
CA SER Z 105 41.78 67.04 -46.08
C SER Z 105 42.00 66.03 -44.95
N ILE Z 106 42.22 64.75 -45.30
CA ILE Z 106 42.37 63.68 -44.30
C ILE Z 106 43.62 63.85 -43.40
N VAL Z 107 43.42 63.72 -42.10
CA VAL Z 107 44.54 63.71 -41.17
C VAL Z 107 44.42 62.44 -40.33
N VAL Z 108 45.42 61.59 -40.47
CA VAL Z 108 45.39 60.30 -39.80
C VAL Z 108 46.38 60.28 -38.64
N SER Z 109 45.88 60.10 -37.44
CA SER Z 109 46.72 60.03 -36.26
C SER Z 109 46.56 58.71 -35.49
N SER Z 110 47.37 58.51 -34.45
CA SER Z 110 47.23 57.28 -33.66
C SER Z 110 47.61 57.43 -32.18
N GLU Z 111 47.22 56.44 -31.41
CA GLU Z 111 47.55 56.40 -30.01
C GLU Z 111 47.86 54.96 -29.62
N LEU Z 112 48.98 54.74 -28.96
CA LEU Z 112 49.28 53.41 -28.49
C LEU Z 112 48.31 53.07 -27.36
N VAL Z 113 47.74 51.87 -27.42
CA VAL Z 113 46.84 51.44 -26.37
C VAL Z 113 47.58 50.82 -25.21
N MET Z 114 48.26 51.66 -24.44
CA MET Z 114 49.00 51.24 -23.26
C MET Z 114 48.89 52.36 -22.24
N PRO Z 115 48.88 52.00 -20.94
CA PRO Z 115 48.52 52.94 -19.85
C PRO Z 115 49.17 54.29 -19.98
N TYR Z 116 50.45 54.32 -20.35
CA TYR Z 116 51.17 55.57 -20.48
C TYR Z 116 50.51 56.53 -21.44
N THR Z 117 49.84 56.02 -22.48
CA THR Z 117 49.33 56.90 -23.52
C THR Z 117 47.81 56.98 -23.66
N VAL Z 118 47.04 56.29 -22.82
CA VAL Z 118 45.60 56.42 -22.96
C VAL Z 118 45.15 57.68 -22.26
N GLY Z 119 45.84 58.07 -21.20
CA GLY Z 119 45.43 59.23 -20.43
C GLY Z 119 46.42 59.57 -19.34
N THR Z 120 46.45 60.85 -18.94
CA THR Z 120 47.44 61.32 -17.98
C THR Z 120 47.27 60.75 -16.57
N TRP Z 121 46.02 60.54 -16.13
CA TRP Z 121 45.77 60.01 -14.81
C TRP Z 121 46.26 58.58 -14.71
N LEU Z 122 45.81 57.72 -15.61
CA LEU Z 122 46.19 56.30 -15.63
C LEU Z 122 47.68 56.17 -15.81
N ARG Z 123 48.27 57.07 -16.59
CA ARG Z 123 49.71 57.08 -16.77
C ARG Z 123 50.47 57.11 -15.45
N GLY Z 124 50.09 58.03 -14.56
CA GLY Z 124 50.68 58.16 -13.24
C GLY Z 124 50.37 57.01 -12.30
N VAL Z 125 49.12 56.55 -12.35
CA VAL Z 125 48.63 55.46 -11.50
C VAL Z 125 49.38 54.17 -11.80
N ALA Z 126 49.36 53.75 -13.07
CA ALA Z 126 49.90 52.45 -13.46
C ALA Z 126 51.42 52.40 -13.39
N ALA Z 127 52.07 53.56 -13.28
CA ALA Z 127 53.52 53.60 -13.19
C ALA Z 127 54.02 52.92 -11.93
N ASN Z 128 53.18 52.88 -10.90
CA ASN Z 128 53.54 52.25 -9.63
C ASN Z 128 53.51 50.73 -9.65
N TRP Z 129 53.12 50.17 -10.79
CA TRP Z 129 53.18 48.71 -11.01
C TRP Z 129 54.05 48.42 -12.24
N SER Z 130 54.60 47.22 -12.33
CA SER Z 130 55.51 46.91 -13.42
C SER Z 130 54.76 46.31 -14.61
N LYS Z 131 53.74 45.50 -14.35
CA LYS Z 131 53.01 44.88 -15.43
C LYS Z 131 51.52 45.12 -15.23
N TYR Z 132 50.76 45.02 -16.33
CA TYR Z 132 49.29 45.17 -16.33
C TYR Z 132 48.58 44.23 -17.30
N SER Z 133 47.27 44.17 -17.18
CA SER Z 133 46.47 43.41 -18.12
C SER Z 133 45.17 44.16 -18.43
N TRP Z 134 44.88 44.31 -19.71
CA TRP Z 134 43.63 44.89 -20.12
C TRP Z 134 42.49 43.88 -19.96
N LEU Z 135 41.45 44.24 -19.20
CA LEU Z 135 40.24 43.43 -19.15
C LEU Z 135 39.28 44.01 -20.14
N SER Z 136 39.31 45.33 -20.25
CA SER Z 136 38.49 46.05 -21.21
C SER Z 136 39.06 47.44 -21.51
N VAL Z 137 39.07 47.81 -22.79
CA VAL Z 137 39.45 49.15 -23.25
C VAL Z 137 38.50 49.68 -24.29
N ARG Z 138 37.91 50.83 -24.01
CA ARG Z 138 36.95 51.43 -24.92
C ARG Z 138 37.31 52.89 -25.27
N TYR Z 139 37.34 53.22 -26.55
CA TYR Z 139 37.52 54.59 -27.00
C TYR Z 139 36.19 55.09 -27.52
N THR Z 140 35.71 56.22 -26.99
CA THR Z 140 34.39 56.73 -27.36
C THR Z 140 34.53 58.16 -27.83
N TYR Z 141 34.03 58.46 -29.02
CA TYR Z 141 34.03 59.84 -29.50
C TYR Z 141 32.75 60.52 -29.07
N ILE Z 142 32.92 61.65 -28.39
CA ILE Z 142 31.83 62.53 -28.00
C ILE Z 142 32.06 63.87 -28.69
N PRO Z 143 31.05 64.37 -29.40
CA PRO Z 143 31.13 65.64 -30.14
C PRO Z 143 31.01 66.87 -29.23
N SER Z 144 31.47 68.01 -29.71
CA SER Z 144 31.31 69.25 -28.97
C SER Z 144 30.97 70.39 -29.91
N CYS Z 145 30.55 70.04 -31.11
CA CYS Z 145 30.30 71.01 -32.17
C CYS Z 145 28.81 71.11 -32.58
N PRO Z 146 28.45 72.14 -33.38
CA PRO Z 146 27.10 72.25 -33.95
C PRO Z 146 26.74 71.11 -34.90
N SER Z 147 25.44 70.87 -35.08
CA SER Z 147 24.96 69.84 -36.00
C SER Z 147 25.24 70.20 -37.46
N SER Z 148 25.65 71.44 -37.71
CA SER Z 148 25.88 71.94 -39.06
C SER Z 148 27.37 71.81 -39.44
N THR Z 149 28.13 71.13 -38.60
CA THR Z 149 29.55 70.97 -38.84
C THR Z 149 29.85 69.93 -39.93
N ALA Z 150 30.64 70.35 -40.92
CA ALA Z 150 31.11 69.41 -41.93
C ALA Z 150 32.17 68.55 -41.31
N GLY Z 151 32.23 67.29 -41.72
CA GLY Z 151 33.27 66.40 -41.22
C GLY Z 151 32.82 65.02 -40.77
N SER Z 152 33.73 64.06 -40.81
CA SER Z 152 33.48 62.73 -40.25
C SER Z 152 34.72 62.22 -39.57
N ILE Z 153 34.52 61.32 -38.63
CA ILE Z 153 35.60 60.70 -37.87
C ILE Z 153 35.62 59.19 -38.10
N HIS Z 154 36.82 58.61 -38.08
CA HIS Z 154 37.00 57.17 -38.27
C HIS Z 154 38.00 56.61 -37.26
N MET Z 155 37.69 55.47 -36.65
CA MET Z 155 38.61 54.82 -35.70
C MET Z 155 38.66 53.32 -35.92
N GLY Z 156 39.84 52.73 -35.73
CA GLY Z 156 40.01 51.30 -35.83
C GLY Z 156 41.30 50.90 -35.15
N PHE Z 157 41.49 49.60 -34.94
CA PHE Z 157 42.67 49.10 -34.27
C PHE Z 157 43.60 48.35 -35.16
N GLN Z 158 44.89 48.57 -34.94
CA GLN Z 158 45.92 47.71 -35.46
C GLN Z 158 46.55 46.97 -34.29
N TYR Z 159 46.84 45.69 -34.48
CA TYR Z 159 47.32 44.89 -33.37
C TYR Z 159 48.75 44.43 -33.62
N ASP Z 160 49.36 44.92 -34.71
CA ASP Z 160 50.78 44.64 -34.98
C ASP Z 160 51.52 45.94 -35.17
N MET Z 161 52.49 46.22 -34.31
CA MET Z 161 53.16 47.51 -34.38
C MET Z 161 53.82 47.66 -35.73
N ALA Z 162 54.10 46.54 -36.38
CA ALA Z 162 54.81 46.55 -37.63
C ALA Z 162 53.89 47.02 -38.73
N ASP Z 163 52.59 46.98 -38.47
CA ASP Z 163 51.60 47.49 -39.42
C ASP Z 163 51.95 48.92 -39.75
N THR Z 164 51.82 49.28 -41.02
CA THR Z 164 51.89 50.69 -41.39
C THR Z 164 50.57 51.37 -41.02
N VAL Z 165 50.63 52.60 -40.54
CA VAL Z 165 49.41 53.37 -40.22
C VAL Z 165 48.64 53.62 -41.50
N PRO Z 166 47.32 53.39 -41.49
CA PRO Z 166 46.44 53.53 -42.67
C PRO Z 166 46.49 54.92 -43.30
N VAL Z 167 46.19 55.03 -44.59
CA VAL Z 167 46.27 56.35 -45.23
C VAL Z 167 44.94 56.78 -45.87
N SER Z 168 44.01 55.85 -46.05
CA SER Z 168 42.70 56.12 -46.65
C SER Z 168 41.57 55.52 -45.82
N VAL Z 169 40.37 56.09 -45.91
CA VAL Z 169 39.21 55.53 -45.21
C VAL Z 169 39.01 54.08 -45.64
N ASN Z 170 39.22 53.79 -46.93
CA ASN Z 170 39.10 52.43 -47.46
C ASN Z 170 39.91 51.40 -46.66
N GLN Z 171 41.19 51.69 -46.49
CA GLN Z 171 42.11 50.85 -45.72
C GLN Z 171 41.67 50.72 -44.27
N LEU Z 172 41.40 51.85 -43.64
CA LEU Z 172 40.97 51.89 -42.24
C LEU Z 172 39.66 51.10 -42.03
N SER Z 173 38.77 51.16 -43.03
CA SER Z 173 37.46 50.52 -42.91
C SER Z 173 37.54 49.01 -42.68
N ASN Z 174 38.70 48.44 -43.01
CA ASN Z 174 38.95 47.01 -42.88
C ASN Z 174 39.42 46.65 -41.52
N LEU Z 175 39.80 47.65 -40.73
CA LEU Z 175 40.31 47.37 -39.40
C LEU Z 175 39.24 46.85 -38.45
N ARG Z 176 39.67 45.91 -37.60
CA ARG Z 176 38.87 45.43 -36.49
C ARG Z 176 38.38 46.63 -35.73
N GLY Z 177 37.08 46.68 -35.50
CA GLY Z 177 36.53 47.68 -34.61
C GLY Z 177 36.40 49.00 -35.27
N TYR Z 178 36.45 48.99 -36.60
CA TYR Z 178 36.21 50.21 -37.34
C TYR Z 178 34.81 50.72 -37.03
N VAL Z 179 34.74 52.00 -36.69
CA VAL Z 179 33.48 52.71 -36.52
C VAL Z 179 33.64 54.03 -37.22
N SER Z 180 32.54 54.68 -37.58
CA SER Z 180 32.66 55.89 -38.35
C SER Z 180 31.39 56.71 -38.16
N GLY Z 181 31.53 58.03 -38.10
CA GLY Z 181 30.37 58.89 -38.00
C GLY Z 181 30.67 60.36 -38.20
N GLN Z 182 29.61 61.16 -38.33
CA GLN Z 182 29.73 62.62 -38.40
C GLN Z 182 30.44 63.20 -37.17
N VAL Z 183 31.21 64.27 -37.35
CA VAL Z 183 31.91 64.79 -36.20
C VAL Z 183 30.93 65.41 -35.20
N TRP Z 184 29.66 65.52 -35.59
CA TRP Z 184 28.66 66.03 -34.66
C TRP Z 184 27.72 64.91 -34.15
N SER Z 185 27.95 63.67 -34.57
CA SER Z 185 27.25 62.50 -34.03
C SER Z 185 28.03 61.93 -32.83
N GLY Z 186 27.42 61.02 -32.09
CA GLY Z 186 28.15 60.32 -31.04
C GLY Z 186 27.70 60.61 -29.63
N SER Z 187 26.70 61.49 -29.48
CA SER Z 187 26.16 61.83 -28.17
C SER Z 187 25.80 60.56 -27.39
N ALA Z 188 25.27 59.57 -28.10
CA ALA Z 188 24.79 58.36 -27.44
C ALA Z 188 25.88 57.53 -26.79
N GLY Z 189 27.13 57.92 -26.97
CA GLY Z 189 28.23 57.20 -26.34
C GLY Z 189 28.49 57.52 -24.89
N LEU Z 190 27.90 58.61 -24.42
CA LEU Z 190 28.16 59.12 -23.08
C LEU Z 190 27.92 58.09 -21.98
N CYS Z 191 26.91 57.23 -22.15
CA CYS Z 191 26.55 56.26 -21.13
C CYS Z 191 27.68 55.27 -20.83
N PHE Z 192 28.56 55.03 -21.81
CA PHE Z 192 29.76 54.20 -21.59
C PHE Z 192 30.77 54.86 -20.67
N ILE Z 193 30.82 56.19 -20.71
CA ILE Z 193 31.86 56.96 -20.04
C ILE Z 193 31.62 57.07 -18.54
N ASN Z 194 30.37 57.27 -18.14
CA ASN Z 194 30.09 57.34 -16.72
C ASN Z 194 29.60 56.01 -16.21
N GLY Z 195 29.70 55.00 -17.08
CA GLY Z 195 29.33 53.63 -16.74
C GLY Z 195 27.87 53.43 -16.36
N THR Z 196 26.97 54.18 -16.99
CA THR Z 196 25.56 54.08 -16.66
C THR Z 196 24.88 53.04 -17.55
N ARG Z 197 23.57 52.87 -17.38
CA ARG Z 197 22.78 51.94 -18.16
C ARG Z 197 22.76 52.33 -19.64
N CYS Z 198 23.26 51.46 -20.50
CA CYS Z 198 23.28 51.77 -21.92
C CYS Z 198 22.06 51.19 -22.60
N SER Z 199 21.43 52.02 -23.42
CA SER Z 199 20.22 51.59 -24.08
C SER Z 199 20.47 51.72 -25.57
N ASP Z 200 20.19 52.93 -26.02
CA ASP Z 200 20.29 53.34 -27.40
C ASP Z 200 21.71 53.72 -27.82
N THR Z 201 22.61 52.74 -27.88
CA THR Z 201 23.98 53.03 -28.19
C THR Z 201 24.32 52.72 -29.62
N SER Z 202 23.31 52.55 -30.48
CA SER Z 202 23.59 52.19 -31.88
C SER Z 202 24.30 53.33 -32.64
N THR Z 203 24.08 54.58 -32.23
CA THR Z 203 24.75 55.73 -32.86
C THR Z 203 26.07 56.07 -32.16
N ALA Z 204 26.36 55.34 -31.11
CA ALA Z 204 27.56 55.58 -30.36
C ALA Z 204 28.73 55.37 -31.29
N ILE Z 205 29.63 56.34 -31.35
CA ILE Z 205 30.91 56.19 -32.04
C ILE Z 205 31.94 55.68 -31.04
N SER Z 206 31.82 54.42 -30.68
CA SER Z 206 32.64 53.85 -29.62
C SER Z 206 33.20 52.46 -30.03
N THR Z 207 34.43 52.18 -29.63
CA THR Z 207 35.05 50.94 -30.08
C THR Z 207 35.85 50.35 -28.94
N THR Z 208 36.04 49.04 -28.97
CA THR Z 208 36.65 48.32 -27.88
C THR Z 208 37.83 47.48 -28.37
N LEU Z 209 38.80 47.27 -27.49
CA LEU Z 209 39.95 46.46 -27.80
C LEU Z 209 39.66 44.94 -27.69
N ASP Z 210 40.13 44.12 -28.64
CA ASP Z 210 39.96 42.67 -28.53
C ASP Z 210 40.95 42.09 -27.54
N VAL Z 211 40.62 42.16 -26.26
CA VAL Z 211 41.51 41.73 -25.19
C VAL Z 211 41.85 40.24 -25.30
N SER Z 212 40.92 39.45 -25.83
CA SER Z 212 41.07 38.01 -26.05
C SER Z 212 42.14 37.63 -27.06
N LYS Z 213 42.57 38.62 -27.85
CA LYS Z 213 43.39 38.36 -29.02
C LYS Z 213 44.75 39.01 -28.90
N LEU Z 214 45.04 39.55 -27.73
CA LEU Z 214 46.30 40.26 -27.57
C LEU Z 214 47.42 39.20 -27.62
N GLY Z 215 48.65 39.63 -27.90
CA GLY Z 215 49.76 38.70 -27.96
C GLY Z 215 49.86 37.84 -26.70
N LYS Z 216 49.87 38.50 -25.55
CA LYS Z 216 49.85 37.85 -24.26
C LYS Z 216 48.87 38.53 -23.32
N LYS Z 217 48.82 38.10 -22.07
CA LYS Z 217 47.90 38.69 -21.08
C LYS Z 217 48.57 39.81 -20.28
N TRP Z 218 49.76 39.54 -19.77
CA TRP Z 218 50.41 40.51 -18.94
C TRP Z 218 51.46 41.29 -19.74
N TYR Z 219 51.20 42.58 -19.90
CA TYR Z 219 52.14 43.47 -20.59
C TYR Z 219 52.94 44.29 -19.58
N PRO Z 220 54.21 44.60 -19.91
CA PRO Z 220 55.04 45.48 -19.11
C PRO Z 220 54.65 46.93 -19.28
N TYR Z 221 54.64 47.73 -18.22
CA TYR Z 221 54.43 49.16 -18.36
C TYR Z 221 55.57 49.79 -19.15
N LYS Z 222 55.26 50.47 -20.24
CA LYS Z 222 56.30 51.12 -21.03
C LYS Z 222 55.87 52.56 -21.28
N THR Z 223 56.85 53.42 -21.50
CA THR Z 223 56.60 54.82 -21.86
C THR Z 223 56.69 54.98 -23.38
N SER Z 224 56.33 56.15 -23.89
CA SER Z 224 56.48 56.44 -25.32
C SER Z 224 57.95 56.33 -25.72
N ALA Z 225 58.79 56.85 -24.82
CA ALA Z 225 60.24 56.82 -24.93
C ALA Z 225 60.78 55.40 -25.07
N ASP Z 226 60.34 54.51 -24.18
CA ASP Z 226 60.76 53.11 -24.23
C ASP Z 226 60.31 52.50 -25.55
N TYR Z 227 59.10 52.83 -25.99
CA TYR Z 227 58.54 52.35 -27.26
C TYR Z 227 59.41 52.76 -28.45
N ALA Z 228 59.73 54.04 -28.51
CA ALA Z 228 60.53 54.62 -29.59
C ALA Z 228 61.88 53.92 -29.71
N THR Z 229 62.52 53.70 -28.57
CA THR Z 229 63.80 53.03 -28.50
C THR Z 229 63.77 51.62 -29.07
N ALA Z 230 62.77 50.86 -28.62
CA ALA Z 230 62.58 49.49 -29.08
C ALA Z 230 62.33 49.51 -30.58
N VAL Z 231 61.56 50.49 -31.03
CA VAL Z 231 61.27 50.62 -32.46
C VAL Z 231 62.51 51.08 -33.25
N GLY Z 232 63.42 51.80 -32.58
CA GLY Z 232 64.66 52.21 -33.22
C GLY Z 232 65.57 51.05 -33.61
N VAL Z 233 65.56 50.01 -32.78
CA VAL Z 233 66.34 48.83 -33.05
C VAL Z 233 65.62 47.90 -34.04
N ASP Z 234 64.35 47.61 -33.76
CA ASP Z 234 63.53 46.76 -34.62
C ASP Z 234 62.07 46.85 -34.23
N VAL Z 235 61.20 47.15 -35.21
CA VAL Z 235 59.77 47.37 -34.96
C VAL Z 235 59.08 46.17 -34.30
N ASN Z 236 59.59 44.99 -34.57
CA ASN Z 236 58.99 43.78 -34.05
C ASN Z 236 59.30 43.59 -32.55
N ILE Z 237 60.33 44.29 -32.07
CA ILE Z 237 60.64 44.32 -30.63
C ILE Z 237 59.52 44.98 -29.84
N ALA Z 238 58.81 45.90 -30.49
CA ALA Z 238 57.76 46.64 -29.83
C ALA Z 238 56.50 45.79 -29.62
N THR Z 239 56.28 44.80 -30.46
CA THR Z 239 55.05 44.03 -30.39
C THR Z 239 54.89 43.29 -29.02
N PRO Z 240 55.97 42.77 -28.42
CA PRO Z 240 55.63 42.25 -27.08
C PRO Z 240 55.49 43.33 -26.02
N LEU Z 241 55.58 44.61 -26.39
CA LEU Z 241 55.56 45.72 -25.43
C LEU Z 241 54.23 46.47 -25.33
N VAL Z 242 53.53 46.61 -26.45
CA VAL Z 242 52.26 47.32 -26.46
C VAL Z 242 51.18 46.43 -27.07
N PRO Z 243 50.02 46.34 -26.42
CA PRO Z 243 49.01 45.40 -26.94
C PRO Z 243 48.40 45.79 -28.32
N ALA Z 244 48.25 47.09 -28.60
CA ALA Z 244 47.64 47.51 -29.86
C ALA Z 244 47.83 48.98 -30.13
N ARG Z 245 47.42 49.40 -31.33
CA ARG Z 245 47.42 50.82 -31.69
C ARG Z 245 46.07 51.27 -32.14
N LEU Z 246 45.62 52.42 -31.66
CA LEU Z 246 44.37 52.99 -32.14
C LEU Z 246 44.66 53.95 -33.27
N VAL Z 247 43.99 53.77 -34.39
CA VAL Z 247 44.14 54.65 -35.57
C VAL Z 247 42.90 55.53 -35.74
N ILE Z 248 43.15 56.81 -36.04
CA ILE Z 248 42.11 57.82 -36.17
C ILE Z 248 42.26 58.58 -37.48
N ALA Z 249 41.19 58.69 -38.24
CA ALA Z 249 41.22 59.52 -39.42
C ALA Z 249 40.12 60.58 -39.35
N LEU Z 250 40.48 61.82 -39.70
CA LEU Z 250 39.48 62.88 -39.80
C LEU Z 250 39.54 63.57 -41.15
N LEU Z 251 38.37 63.76 -41.76
CA LEU Z 251 38.31 64.40 -43.07
C LEU Z 251 36.91 64.92 -43.33
N ASP Z 252 36.66 65.34 -44.57
CA ASP Z 252 35.34 65.80 -44.98
C ASP Z 252 34.95 67.13 -44.32
N GLY Z 253 35.94 67.82 -43.76
CA GLY Z 253 35.69 69.11 -43.13
C GLY Z 253 35.60 70.22 -44.15
N SER Z 254 35.17 71.40 -43.72
CA SER Z 254 34.94 72.49 -44.65
C SER Z 254 36.06 73.54 -44.68
N SER Z 255 37.02 73.43 -43.76
CA SER Z 255 38.11 74.41 -43.66
C SER Z 255 39.49 73.80 -43.86
N SER Z 256 40.47 74.62 -44.26
CA SER Z 256 41.85 74.14 -44.36
C SER Z 256 42.50 74.20 -43.00
N THR Z 257 41.97 75.09 -42.16
CA THR Z 257 42.40 75.20 -40.78
C THR Z 257 41.39 74.50 -39.85
N ALA Z 258 41.93 73.77 -38.86
CA ALA Z 258 41.16 72.88 -37.99
C ALA Z 258 40.00 73.50 -37.22
N VAL Z 259 38.81 72.89 -37.37
CA VAL Z 259 37.65 73.26 -36.55
C VAL Z 259 37.44 72.24 -35.43
N ALA Z 260 37.17 72.74 -34.22
CA ALA Z 260 36.89 71.91 -33.05
C ALA Z 260 35.66 71.01 -33.22
N ALA Z 261 35.87 69.70 -33.12
CA ALA Z 261 34.82 68.73 -33.34
C ALA Z 261 34.40 68.09 -32.02
N GLY Z 262 35.32 67.37 -31.38
CA GLY Z 262 35.00 66.69 -30.14
C GLY Z 262 36.20 66.10 -29.40
N ARG Z 263 35.94 65.07 -28.59
CA ARG Z 263 36.98 64.43 -27.79
C ARG Z 263 36.83 62.92 -27.75
N ILE Z 264 37.95 62.22 -27.63
CA ILE Z 264 37.92 60.78 -27.47
C ILE Z 264 38.23 60.42 -26.02
N TYR Z 265 37.32 59.67 -25.41
CA TYR Z 265 37.53 59.22 -24.05
C TYR Z 265 37.89 57.74 -24.01
N CYS Z 266 38.64 57.36 -23.00
CA CYS Z 266 39.00 55.97 -22.81
C CYS Z 266 38.38 55.44 -21.53
N THR Z 267 37.64 54.33 -21.65
CA THR Z 267 37.04 53.69 -20.49
C THR Z 267 37.66 52.30 -20.39
N TYR Z 268 38.39 52.05 -19.32
CA TYR Z 268 39.14 50.81 -19.26
C TYR Z 268 38.89 50.04 -17.98
N THR Z 269 39.09 48.73 -18.04
CA THR Z 269 39.26 47.98 -16.80
C THR Z 269 40.62 47.31 -16.86
N ILE Z 270 41.52 47.76 -15.98
CA ILE Z 270 42.89 47.31 -15.99
C ILE Z 270 43.24 46.54 -14.71
N GLN Z 271 43.97 45.46 -14.88
CA GLN Z 271 44.54 44.72 -13.76
C GLN Z 271 45.99 45.14 -13.63
N MET Z 272 46.38 45.64 -12.46
CA MET Z 272 47.75 46.08 -12.23
C MET Z 272 48.44 45.13 -11.24
N ILE Z 273 49.59 44.59 -11.62
CA ILE Z 273 50.27 43.67 -10.72
C ILE Z 273 51.76 43.97 -10.57
N GLU Z 274 52.29 43.49 -9.45
CA GLU Z 274 53.72 43.52 -9.15
C GLU Z 274 54.27 44.95 -9.09
N PRO Z 275 54.04 45.64 -7.96
CA PRO Z 275 54.49 47.01 -7.67
C PRO Z 275 55.97 47.29 -7.90
N THR Z 276 56.27 48.57 -7.98
CA THR Z 276 57.63 49.02 -8.21
C THR Z 276 57.87 50.34 -7.44
N ALA Z 277 59.10 50.55 -6.97
CA ALA Z 277 59.37 51.72 -6.14
C ALA Z 277 60.27 52.81 -6.76
N GLY AA 86 33.68 19.06 -45.47
CA GLY AA 86 34.35 20.34 -45.33
C GLY AA 86 34.77 21.04 -46.63
N GLY AA 87 35.68 22.00 -46.48
CA GLY AA 87 36.17 22.78 -47.59
C GLY AA 87 35.65 24.21 -47.60
N ILE AA 88 34.74 24.50 -46.68
CA ILE AA 88 34.13 25.81 -46.62
C ILE AA 88 34.87 26.76 -45.65
N THR AA 89 35.44 27.84 -46.19
CA THR AA 89 35.99 28.92 -45.39
C THR AA 89 35.00 30.06 -45.26
N VAL AA 90 34.48 30.24 -44.05
CA VAL AA 90 33.45 31.23 -43.79
C VAL AA 90 34.04 32.56 -43.27
N LEU AA 91 33.63 33.65 -43.92
CA LEU AA 91 34.18 34.97 -43.66
C LEU AA 91 33.09 36.02 -43.37
N THR AA 92 33.32 36.80 -42.32
CA THR AA 92 32.46 37.92 -42.02
C THR AA 92 33.37 39.15 -41.98
N HIS AA 93 32.97 40.21 -42.68
CA HIS AA 93 33.78 41.41 -42.73
C HIS AA 93 32.88 42.58 -43.11
N SER AA 94 33.31 43.77 -42.72
CA SER AA 94 32.69 44.99 -43.09
C SER AA 94 33.77 45.77 -43.80
N GLU AA 95 33.45 46.37 -44.93
CA GLU AA 95 34.44 47.25 -45.56
C GLU AA 95 33.73 48.29 -46.39
N LEU AA 96 34.44 49.37 -46.73
CA LEU AA 96 33.91 50.44 -47.57
C LEU AA 96 33.59 49.85 -48.94
N SER AA 97 32.45 50.25 -49.48
CA SER AA 97 31.97 49.75 -50.76
C SER AA 97 31.75 50.87 -51.77
N ALA AA 98 31.55 52.08 -51.28
CA ALA AA 98 31.19 53.20 -52.15
C ALA AA 98 31.31 54.56 -51.45
N GLU AA 99 31.74 55.57 -52.22
CA GLU AA 99 31.74 56.95 -51.76
C GLU AA 99 30.57 57.66 -52.40
N ILE AA 100 29.87 58.48 -51.63
CA ILE AA 100 28.58 58.95 -52.08
C ILE AA 100 28.51 60.48 -52.08
N GLY AA 101 28.07 61.05 -53.20
CA GLY AA 101 27.93 62.50 -53.33
C GLY AA 101 26.55 62.87 -53.88
N VAL AA 102 26.04 64.05 -53.52
CA VAL AA 102 24.66 64.45 -53.87
C VAL AA 102 24.52 65.72 -54.76
N THR AA 103 23.57 65.70 -55.70
CA THR AA 103 23.30 66.86 -56.55
C THR AA 103 21.84 67.22 -56.48
N ASP AA 104 21.43 68.25 -57.22
CA ASP AA 104 20.03 68.68 -57.23
C ASP AA 104 19.28 67.90 -58.32
N SER AA 105 19.98 67.01 -59.02
CA SER AA 105 19.31 66.11 -59.95
C SER AA 105 19.67 64.65 -59.66
N ILE AA 106 18.76 63.75 -60.02
CA ILE AA 106 18.92 62.34 -59.75
C ILE AA 106 20.13 61.75 -60.45
N VAL AA 107 20.88 60.97 -59.71
CA VAL AA 107 21.99 60.19 -60.24
C VAL AA 107 21.79 58.76 -59.83
N VAL AA 108 21.60 57.86 -60.81
CA VAL AA 108 21.39 56.47 -60.51
C VAL AA 108 22.58 55.61 -60.86
N SER AA 109 23.17 54.97 -59.87
CA SER AA 109 24.29 54.07 -60.09
C SER AA 109 23.99 52.68 -59.55
N SER AA 110 24.87 51.72 -59.85
CA SER AA 110 24.69 50.37 -59.35
C SER AA 110 26.02 49.68 -59.15
N GLU AA 111 25.98 48.61 -58.37
CA GLU AA 111 27.15 47.82 -58.02
C GLU AA 111 26.80 46.34 -58.10
N LEU AA 112 27.64 45.56 -58.76
CA LEU AA 112 27.39 44.12 -58.79
C LEU AA 112 27.61 43.53 -57.40
N VAL AA 113 26.66 42.75 -56.91
CA VAL AA 113 26.81 42.14 -55.59
C VAL AA 113 27.55 40.83 -55.73
N MET AA 114 28.85 40.96 -55.94
CA MET AA 114 29.71 39.82 -56.09
C MET AA 114 31.06 40.24 -55.52
N PRO AA 115 31.83 39.28 -54.96
CA PRO AA 115 33.03 39.56 -54.20
C PRO AA 115 33.93 40.57 -54.90
N TYR AA 116 34.10 40.41 -56.21
CA TYR AA 116 34.98 41.28 -56.97
C TYR AA 116 34.64 42.77 -56.80
N THR AA 117 33.36 43.08 -56.61
CA THR AA 117 32.96 44.49 -56.61
C THR AA 117 32.36 45.06 -55.31
N VAL AA 118 32.29 44.29 -54.22
CA VAL AA 118 31.73 44.85 -52.99
C VAL AA 118 32.81 45.66 -52.25
N GLY AA 119 34.07 45.32 -52.44
CA GLY AA 119 35.16 46.03 -51.77
C GLY AA 119 36.52 45.49 -52.18
N THR AA 120 37.55 46.33 -52.11
CA THR AA 120 38.89 45.91 -52.58
C THR AA 120 39.49 44.82 -51.72
N TRP AA 121 39.25 44.88 -50.41
CA TRP AA 121 39.82 43.85 -49.54
C TRP AA 121 39.27 42.48 -49.84
N LEU AA 122 37.93 42.34 -49.84
CA LEU AA 122 37.28 41.07 -50.15
C LEU AA 122 37.61 40.59 -51.55
N ARG AA 123 37.70 41.53 -52.48
CA ARG AA 123 38.03 41.21 -53.86
C ARG AA 123 39.29 40.37 -53.91
N GLY AA 124 40.33 40.83 -53.23
CA GLY AA 124 41.58 40.12 -53.23
C GLY AA 124 41.47 38.79 -52.52
N VAL AA 125 40.76 38.78 -51.39
CA VAL AA 125 40.65 37.55 -50.59
C VAL AA 125 39.95 36.45 -51.38
N ALA AA 126 38.73 36.71 -51.83
CA ALA AA 126 37.92 35.66 -52.45
C ALA AA 126 38.47 35.18 -53.80
N ALA AA 127 39.38 35.96 -54.38
CA ALA AA 127 39.96 35.60 -55.66
C ALA AA 127 40.73 34.30 -55.58
N ASN AA 128 41.21 33.96 -54.39
CA ASN AA 128 41.97 32.72 -54.17
C ASN AA 128 41.09 31.49 -54.16
N TRP AA 129 39.78 31.67 -54.27
CA TRP AA 129 38.85 30.55 -54.38
C TRP AA 129 38.10 30.64 -55.71
N SER AA 130 37.57 29.50 -56.15
CA SER AA 130 36.96 29.42 -57.48
C SER AA 130 35.50 29.81 -57.46
N LYS AA 131 34.81 29.43 -56.38
CA LYS AA 131 33.38 29.68 -56.21
C LYS AA 131 33.04 30.28 -54.83
N TYR AA 132 31.87 30.93 -54.73
CA TYR AA 132 31.43 31.46 -53.45
C TYR AA 132 29.89 31.35 -53.25
N SER AA 133 29.45 31.62 -52.03
CA SER AA 133 28.04 31.70 -51.73
C SER AA 133 27.82 32.76 -50.69
N TRP AA 134 26.89 33.67 -50.94
CA TRP AA 134 26.52 34.67 -49.93
C TRP AA 134 25.64 34.04 -48.87
N LEU AA 135 26.02 34.14 -47.61
CA LEU AA 135 25.12 33.76 -46.55
C LEU AA 135 24.35 34.99 -46.13
N SER AA 136 25.01 36.15 -46.19
CA SER AA 136 24.38 37.42 -45.90
C SER AA 136 25.14 38.63 -46.48
N VAL AA 137 24.40 39.57 -47.07
CA VAL AA 137 25.00 40.79 -47.55
C VAL AA 137 24.17 41.99 -47.11
N ARG AA 138 24.83 42.90 -46.42
CA ARG AA 138 24.17 44.11 -45.94
C ARG AA 138 24.94 45.36 -46.34
N TYR AA 139 24.25 46.26 -47.02
CA TYR AA 139 24.79 47.55 -47.44
C TYR AA 139 24.21 48.58 -46.51
N THR AA 140 25.08 49.35 -45.88
CA THR AA 140 24.66 50.26 -44.85
C THR AA 140 25.16 51.61 -45.20
N TYR AA 141 24.26 52.59 -45.28
CA TYR AA 141 24.69 53.96 -45.56
C TYR AA 141 25.04 54.69 -44.27
N ILE AA 142 26.24 55.27 -44.25
CA ILE AA 142 26.70 56.11 -43.13
C ILE AA 142 27.04 57.54 -43.63
N PRO AA 143 26.42 58.59 -43.02
CA PRO AA 143 26.60 59.99 -43.42
C PRO AA 143 27.89 60.60 -42.91
N SER AA 144 28.40 61.64 -43.58
CA SER AA 144 29.58 62.34 -43.12
C SER AA 144 29.41 63.84 -43.31
N CYS AA 145 28.16 64.26 -43.46
CA CYS AA 145 27.79 65.65 -43.78
C CYS AA 145 27.03 66.34 -42.65
N PRO AA 146 26.88 67.67 -42.74
CA PRO AA 146 26.07 68.42 -41.77
C PRO AA 146 24.59 68.07 -41.78
N SER AA 147 23.90 68.31 -40.67
CA SER AA 147 22.46 68.06 -40.63
C SER AA 147 21.72 69.05 -41.52
N SER AA 148 22.43 70.07 -42.02
CA SER AA 148 21.82 71.11 -42.87
C SER AA 148 22.04 70.79 -44.34
N THR AA 149 22.56 69.61 -44.58
CA THR AA 149 22.84 69.17 -45.93
C THR AA 149 21.60 68.72 -46.70
N ALA AA 150 21.42 69.28 -47.90
CA ALA AA 150 20.33 68.83 -48.77
C ALA AA 150 20.67 67.50 -49.44
N GLY AA 151 19.66 66.67 -49.66
CA GLY AA 151 19.87 65.39 -50.33
C GLY AA 151 19.12 64.22 -49.69
N SER AA 152 18.86 63.19 -50.47
CA SER AA 152 18.35 61.93 -49.94
C SER AA 152 18.99 60.76 -50.70
N ILE AA 153 19.10 59.61 -50.06
CA ILE AA 153 19.68 58.47 -50.72
C ILE AA 153 18.67 57.34 -50.80
N HIS AA 154 18.75 56.55 -51.86
CA HIS AA 154 17.85 55.43 -52.10
C HIS AA 154 18.62 54.18 -52.50
N MET AA 155 18.27 53.03 -51.94
CA MET AA 155 18.96 51.81 -52.31
C MET AA 155 18.02 50.64 -52.46
N GLY AA 156 18.31 49.76 -53.41
CA GLY AA 156 17.53 48.56 -53.61
C GLY AA 156 18.26 47.52 -54.42
N PHE AA 157 17.71 46.30 -54.45
CA PHE AA 157 18.34 45.22 -55.17
C PHE AA 157 17.55 44.83 -56.40
N GLN AA 158 18.27 44.57 -57.49
CA GLN AA 158 17.69 43.89 -58.64
C GLN AA 158 18.33 42.53 -58.66
N TYR AA 159 17.56 41.50 -59.00
CA TYR AA 159 18.05 40.13 -58.95
C TYR AA 159 18.17 39.50 -60.34
N ASP AA 160 17.92 40.30 -61.37
CA ASP AA 160 18.08 39.88 -62.77
C ASP AA 160 18.97 40.86 -63.52
N MET AA 161 20.09 40.38 -64.05
CA MET AA 161 21.04 41.27 -64.73
C MET AA 161 20.43 41.96 -65.96
N ALA AA 162 19.36 41.36 -66.48
CA ALA AA 162 18.67 41.84 -67.68
C ALA AA 162 17.76 43.01 -67.38
N ASP AA 163 17.44 43.19 -66.10
CA ASP AA 163 16.64 44.30 -65.62
C ASP AA 163 17.30 45.62 -66.01
N THR AA 164 16.55 46.59 -66.51
CA THR AA 164 17.10 47.93 -66.72
C THR AA 164 17.19 48.65 -65.38
N VAL AA 165 18.24 49.42 -65.16
CA VAL AA 165 18.36 50.17 -63.94
C VAL AA 165 17.24 51.24 -63.89
N PRO AA 166 16.57 51.37 -62.74
CA PRO AA 166 15.50 52.35 -62.55
C PRO AA 166 15.97 53.77 -62.84
N VAL AA 167 15.02 54.65 -63.15
CA VAL AA 167 15.35 56.01 -63.49
C VAL AA 167 14.64 57.01 -62.56
N SER AA 168 13.66 56.54 -61.80
CA SER AA 168 12.94 57.44 -60.90
C SER AA 168 12.91 56.82 -59.51
N VAL AA 169 12.75 57.65 -58.48
CA VAL AA 169 12.58 57.13 -57.13
C VAL AA 169 11.37 56.20 -57.10
N ASN AA 170 10.34 56.57 -57.86
CA ASN AA 170 9.11 55.79 -57.95
C ASN AA 170 9.34 54.32 -58.33
N GLN AA 171 10.09 54.11 -59.41
CA GLN AA 171 10.48 52.76 -59.80
C GLN AA 171 11.28 52.10 -58.71
N LEU AA 172 12.29 52.81 -58.22
CA LEU AA 172 13.19 52.31 -57.22
C LEU AA 172 12.45 51.84 -56.00
N SER AA 173 11.40 52.57 -55.63
CA SER AA 173 10.64 52.28 -54.40
C SER AA 173 10.02 50.85 -54.38
N ASN AA 174 9.94 50.21 -55.53
CA ASN AA 174 9.33 48.89 -55.63
C ASN AA 174 10.28 47.72 -55.38
N LEU AA 175 11.57 48.02 -55.37
CA LEU AA 175 12.56 46.96 -55.24
C LEU AA 175 12.58 46.37 -53.85
N ARG AA 176 12.87 45.07 -53.78
CA ARG AA 176 13.16 44.39 -52.52
C ARG AA 176 14.23 45.13 -51.74
N GLY AA 177 13.93 45.43 -50.48
CA GLY AA 177 14.93 46.03 -49.61
C GLY AA 177 15.11 47.49 -49.85
N TYR AA 178 14.16 48.13 -50.51
CA TYR AA 178 14.27 49.55 -50.76
C TYR AA 178 14.32 50.28 -49.42
N VAL AA 179 15.31 51.16 -49.27
CA VAL AA 179 15.43 52.00 -48.09
C VAL AA 179 15.73 53.45 -48.51
N SER AA 180 15.47 54.39 -47.62
CA SER AA 180 15.46 55.80 -47.99
C SER AA 180 15.68 56.70 -46.78
N GLY AA 181 16.39 57.82 -46.95
CA GLY AA 181 16.54 58.74 -45.83
C GLY AA 181 17.18 60.05 -46.19
N GLN AA 182 17.16 61.01 -45.27
CA GLN AA 182 17.93 62.23 -45.47
C GLN AA 182 19.39 61.88 -45.65
N VAL AA 183 20.10 62.64 -46.47
CA VAL AA 183 21.46 62.32 -46.82
C VAL AA 183 22.42 62.57 -45.62
N TRP AA 184 21.89 63.20 -44.57
CA TRP AA 184 22.61 63.42 -43.32
C TRP AA 184 22.12 62.49 -42.19
N SER AA 185 21.16 61.62 -42.52
CA SER AA 185 20.65 60.60 -41.62
C SER AA 185 21.35 59.22 -41.82
N GLY AA 186 21.11 58.27 -40.91
CA GLY AA 186 21.59 56.91 -41.09
C GLY AA 186 22.63 56.47 -40.07
N SER AA 187 22.99 57.38 -39.19
CA SER AA 187 24.00 57.17 -38.16
C SER AA 187 23.77 55.87 -37.43
N ALA AA 188 22.51 55.56 -37.16
CA ALA AA 188 22.14 54.40 -36.35
C ALA AA 188 22.47 53.06 -36.99
N GLY AA 189 22.93 53.09 -38.23
CA GLY AA 189 23.29 51.86 -38.90
C GLY AA 189 24.65 51.37 -38.47
N LEU AA 190 25.38 52.23 -37.78
CA LEU AA 190 26.77 51.94 -37.44
C LEU AA 190 26.90 50.63 -36.70
N CYS AA 191 25.94 50.33 -35.83
CA CYS AA 191 26.04 49.14 -35.00
C CYS AA 191 26.10 47.83 -35.84
N PHE AA 192 25.56 47.84 -37.05
CA PHE AA 192 25.67 46.67 -37.93
C PHE AA 192 27.10 46.48 -38.37
N ILE AA 193 27.77 47.59 -38.53
CA ILE AA 193 29.07 47.59 -39.17
C ILE AA 193 30.12 47.06 -38.20
N ASN AA 194 30.04 47.41 -36.92
CA ASN AA 194 31.02 46.82 -36.00
C ASN AA 194 30.38 45.61 -35.32
N GLY AA 195 29.24 45.17 -35.83
CA GLY AA 195 28.59 43.94 -35.41
C GLY AA 195 28.26 43.89 -33.93
N THR AA 196 27.96 45.04 -33.36
CA THR AA 196 27.69 45.13 -31.93
C THR AA 196 26.18 44.99 -31.64
N ARG AA 197 25.80 45.08 -30.36
CA ARG AA 197 24.39 44.96 -29.96
C ARG AA 197 23.60 46.09 -30.58
N CYS AA 198 22.64 45.71 -31.41
CA CYS AA 198 21.82 46.69 -32.09
C CYS AA 198 20.50 46.90 -31.37
N SER AA 199 20.15 48.16 -31.15
CA SER AA 199 18.90 48.48 -30.48
C SER AA 199 18.12 49.47 -31.32
N ASP AA 200 18.39 50.77 -31.18
CA ASP AA 200 17.58 51.73 -31.90
C ASP AA 200 18.00 51.93 -33.36
N THR AA 201 17.71 50.92 -34.19
CA THR AA 201 18.10 50.92 -35.60
C THR AA 201 16.98 51.30 -36.57
N SER AA 202 15.90 51.90 -36.07
CA SER AA 202 14.75 52.23 -36.91
C SER AA 202 15.12 53.22 -38.02
N THR AA 203 16.09 54.07 -37.71
CA THR AA 203 16.57 55.12 -38.61
C THR AA 203 17.71 54.72 -39.54
N ALA AA 204 18.19 53.48 -39.41
CA ALA AA 204 19.32 52.97 -40.20
C ALA AA 204 18.99 52.94 -41.68
N ILE AA 205 19.85 53.52 -42.52
CA ILE AA 205 19.63 53.38 -43.95
C ILE AA 205 20.36 52.15 -44.45
N SER AA 206 19.86 50.98 -44.06
CA SER AA 206 20.58 49.75 -44.34
C SER AA 206 19.66 48.69 -44.88
N THR AA 207 20.16 47.90 -45.80
CA THR AA 207 19.36 46.90 -46.46
C THR AA 207 20.16 45.60 -46.72
N THR AA 208 19.47 44.48 -46.78
CA THR AA 208 20.10 43.17 -46.83
C THR AA 208 19.62 42.32 -47.98
N LEU AA 209 20.52 41.48 -48.47
CA LEU AA 209 20.25 40.66 -49.63
C LEU AA 209 19.38 39.44 -49.35
N ASP AA 210 18.45 39.14 -50.26
CA ASP AA 210 17.66 37.93 -50.14
C ASP AA 210 18.51 36.78 -50.62
N VAL AA 211 19.38 36.30 -49.74
CA VAL AA 211 20.26 35.18 -50.09
C VAL AA 211 19.41 33.94 -50.38
N SER AA 212 18.29 33.85 -49.68
CA SER AA 212 17.38 32.72 -49.79
C SER AA 212 16.76 32.55 -51.16
N LYS AA 213 16.78 33.60 -51.97
CA LYS AA 213 15.98 33.58 -53.19
C LYS AA 213 16.85 33.69 -54.44
N LEU AA 214 18.15 33.53 -54.27
CA LEU AA 214 19.08 33.66 -55.38
C LEU AA 214 18.89 32.50 -56.40
N GLY AA 215 19.32 32.74 -57.64
CA GLY AA 215 19.18 31.74 -58.69
C GLY AA 215 19.75 30.38 -58.34
N LYS AA 216 21.02 30.34 -57.91
CA LYS AA 216 21.65 29.11 -57.42
C LYS AA 216 22.39 29.37 -56.11
N LYS AA 217 23.07 28.36 -55.56
CA LYS AA 217 23.78 28.58 -54.31
C LYS AA 217 25.25 28.87 -54.53
N TRP AA 218 25.91 28.08 -55.36
CA TRP AA 218 27.34 28.26 -55.53
C TRP AA 218 27.63 29.01 -56.82
N TYR AA 219 28.12 30.24 -56.64
CA TYR AA 219 28.44 31.12 -57.75
C TYR AA 219 29.93 31.18 -58.01
N PRO AA 220 30.31 31.34 -59.27
CA PRO AA 220 31.70 31.55 -59.66
C PRO AA 220 32.16 32.99 -59.41
N TYR AA 221 33.40 33.12 -58.95
CA TYR AA 221 34.09 34.40 -58.85
C TYR AA 221 34.38 34.90 -60.26
N LYS AA 222 33.89 36.09 -60.56
CA LYS AA 222 34.09 36.68 -61.87
C LYS AA 222 34.54 38.10 -61.62
N THR AA 223 35.22 38.70 -62.58
CA THR AA 223 35.57 40.13 -62.49
C THR AA 223 34.54 40.95 -63.26
N SER AA 224 34.65 42.28 -63.21
CA SER AA 224 33.81 43.15 -64.02
C SER AA 224 34.06 42.89 -65.50
N ALA AA 225 35.32 42.66 -65.84
CA ALA AA 225 35.74 42.29 -67.19
C ALA AA 225 34.95 41.06 -67.67
N ASP AA 226 34.90 40.03 -66.83
CA ASP AA 226 34.18 38.81 -67.14
C ASP AA 226 32.70 39.11 -67.38
N TYR AA 227 32.15 39.99 -66.57
CA TYR AA 227 30.74 40.38 -66.68
C TYR AA 227 30.48 41.07 -68.02
N ALA AA 228 31.31 42.05 -68.36
CA ALA AA 228 31.19 42.83 -69.58
C ALA AA 228 31.21 41.92 -70.82
N THR AA 229 32.15 40.99 -70.84
CA THR AA 229 32.29 40.02 -71.92
C THR AA 229 31.01 39.21 -72.05
N ALA AA 230 30.53 38.72 -70.90
CA ALA AA 230 29.31 37.90 -70.84
C ALA AA 230 28.09 38.66 -71.37
N VAL AA 231 27.93 39.92 -70.98
CA VAL AA 231 26.79 40.67 -71.50
C VAL AA 231 27.01 41.02 -72.97
N GLY AA 232 28.27 41.00 -73.42
CA GLY AA 232 28.59 41.24 -74.82
C GLY AA 232 27.98 40.19 -75.74
N VAL AA 233 27.89 38.96 -75.23
CA VAL AA 233 27.27 37.86 -75.95
C VAL AA 233 25.75 37.82 -75.83
N ASP AA 234 25.27 37.85 -74.58
CA ASP AA 234 23.85 37.83 -74.25
C ASP AA 234 23.72 38.17 -72.76
N VAL AA 235 22.90 39.17 -72.42
CA VAL AA 235 22.79 39.63 -71.03
C VAL AA 235 22.36 38.50 -70.09
N ASN AA 236 21.65 37.51 -70.61
CA ASN AA 236 21.14 36.40 -69.80
C ASN AA 236 22.21 35.38 -69.44
N ILE AA 237 23.29 35.32 -70.21
CA ILE AA 237 24.42 34.47 -69.84
C ILE AA 237 25.04 35.04 -68.56
N ALA AA 238 24.81 36.33 -68.31
CA ALA AA 238 25.34 37.02 -67.13
C ALA AA 238 24.62 36.64 -65.84
N THR AA 239 23.35 36.26 -65.95
CA THR AA 239 22.53 35.97 -64.77
C THR AA 239 23.06 34.85 -63.86
N PRO AA 240 23.58 33.75 -64.42
CA PRO AA 240 24.17 32.77 -63.48
C PRO AA 240 25.56 33.16 -62.92
N LEU AA 241 26.02 34.38 -63.21
CA LEU AA 241 27.35 34.85 -62.82
C LEU AA 241 27.34 35.79 -61.60
N VAL AA 242 26.26 36.56 -61.47
CA VAL AA 242 26.09 37.53 -60.40
C VAL AA 242 24.80 37.29 -59.61
N PRO AA 243 24.87 37.24 -58.28
CA PRO AA 243 23.60 36.94 -57.61
C PRO AA 243 22.53 38.06 -57.69
N ALA AA 244 22.94 39.32 -57.64
CA ALA AA 244 21.99 40.42 -57.68
C ALA AA 244 22.76 41.72 -57.87
N ARG AA 245 22.07 42.84 -58.11
CA ARG AA 245 22.78 44.12 -58.19
C ARG AA 245 22.17 45.18 -57.26
N LEU AA 246 23.03 46.00 -56.67
CA LEU AA 246 22.57 47.05 -55.79
C LEU AA 246 22.34 48.32 -56.58
N VAL AA 247 21.15 48.90 -56.47
CA VAL AA 247 20.83 50.14 -57.16
C VAL AA 247 20.77 51.29 -56.18
N ILE AA 248 21.31 52.42 -56.58
CA ILE AA 248 21.41 53.61 -55.72
C ILE AA 248 20.90 54.89 -56.43
N ALA AA 249 20.09 55.69 -55.73
CA ALA AA 249 19.70 56.97 -56.28
C ALA AA 249 20.09 58.15 -55.36
N LEU AA 250 20.69 59.18 -55.95
CA LEU AA 250 20.97 60.40 -55.20
C LEU AA 250 20.43 61.62 -55.90
N LEU AA 251 19.68 62.40 -55.14
CA LEU AA 251 19.00 63.58 -55.66
C LEU AA 251 18.65 64.48 -54.49
N ASP AA 252 17.84 65.51 -54.75
CA ASP AA 252 17.30 66.42 -53.73
C ASP AA 252 18.38 67.28 -53.04
N GLY AA 253 19.58 67.35 -53.65
CA GLY AA 253 20.68 68.16 -53.15
C GLY AA 253 20.53 69.62 -53.50
N SER AA 254 21.36 70.48 -52.93
CA SER AA 254 21.17 71.92 -53.17
C SER AA 254 22.10 72.55 -54.21
N SER AA 255 23.12 71.81 -54.68
CA SER AA 255 23.98 72.36 -55.73
C SER AA 255 24.00 71.39 -56.94
N SER AA 256 24.46 71.89 -58.08
CA SER AA 256 24.60 71.10 -59.30
C SER AA 256 25.90 70.29 -59.33
N THR AA 257 26.88 70.73 -58.54
CA THR AA 257 28.12 70.00 -58.39
C THR AA 257 28.00 69.16 -57.09
N ALA AA 258 28.43 67.90 -57.13
CA ALA AA 258 28.23 66.97 -56.00
C ALA AA 258 28.79 67.44 -54.64
N VAL AA 259 27.93 67.43 -53.61
CA VAL AA 259 28.32 67.75 -52.23
C VAL AA 259 28.64 66.44 -51.51
N ALA AA 260 29.77 66.40 -50.81
CA ALA AA 260 30.14 65.18 -50.10
C ALA AA 260 29.11 64.91 -49.02
N ALA AA 261 28.43 63.77 -49.17
CA ALA AA 261 27.29 63.40 -48.35
C ALA AA 261 27.63 62.24 -47.43
N GLY AA 262 27.99 61.10 -48.03
CA GLY AA 262 28.32 59.96 -47.21
C GLY AA 262 29.02 58.81 -47.89
N ARG AA 263 28.90 57.64 -47.28
CA ARG AA 263 29.61 56.47 -47.76
C ARG AA 263 28.73 55.25 -47.56
N ILE AA 264 28.92 54.24 -48.42
CA ILE AA 264 28.25 52.95 -48.27
C ILE AA 264 29.20 51.86 -47.83
N TYR AA 265 28.87 51.18 -46.75
CA TYR AA 265 29.66 50.04 -46.27
C TYR AA 265 28.96 48.74 -46.59
N CYS AA 266 29.76 47.70 -46.78
CA CYS AA 266 29.22 46.37 -46.98
C CYS AA 266 29.64 45.41 -45.86
N THR AA 267 28.67 44.77 -45.22
CA THR AA 267 28.90 43.78 -44.19
C THR AA 267 28.31 42.47 -44.65
N TYR AA 268 29.17 41.50 -44.93
CA TYR AA 268 28.74 40.28 -45.59
C TYR AA 268 29.22 39.04 -44.84
N THR AA 269 28.55 37.93 -45.05
CA THR AA 269 29.10 36.65 -44.65
C THR AA 269 29.22 35.77 -45.87
N ILE AA 270 30.44 35.42 -46.26
CA ILE AA 270 30.64 34.68 -47.50
C ILE AA 270 31.27 33.30 -47.24
N GLN AA 271 30.73 32.27 -47.91
CA GLN AA 271 31.34 30.94 -47.90
C GLN AA 271 32.19 30.72 -49.11
N MET AA 272 33.46 30.47 -48.88
CA MET AA 272 34.38 30.32 -49.98
C MET AA 272 34.84 28.85 -50.11
N ILE AA 273 34.69 28.28 -51.31
CA ILE AA 273 35.05 26.89 -51.50
C ILE AA 273 35.87 26.66 -52.78
N GLU AA 274 36.58 25.53 -52.81
CA GLU AA 274 37.36 25.03 -53.96
C GLU AA 274 38.44 25.98 -54.43
N PRO AA 275 39.58 26.01 -53.72
CA PRO AA 275 40.74 26.87 -53.94
C PRO AA 275 41.28 26.84 -55.35
N THR AA 276 42.03 27.88 -55.71
CA THR AA 276 42.57 28.04 -57.06
C THR AA 276 43.95 28.75 -57.07
N ALA AA 277 44.81 28.35 -58.00
CA ALA AA 277 46.13 28.93 -58.16
C ALA AA 277 46.33 29.59 -59.52
N GLY BA 87 -8.24 31.01 -53.84
CA GLY BA 87 -8.95 32.17 -54.39
C GLY BA 87 -8.30 33.50 -54.02
N ILE BA 88 -7.89 33.63 -52.76
CA ILE BA 88 -7.32 34.87 -52.26
C ILE BA 88 -5.83 34.92 -52.55
N THR BA 89 -5.44 35.93 -53.32
CA THR BA 89 -4.02 36.22 -53.54
C THR BA 89 -3.59 37.29 -52.55
N VAL BA 90 -2.71 36.94 -51.60
CA VAL BA 90 -2.22 37.92 -50.63
C VAL BA 90 -0.87 38.49 -51.04
N LEU BA 91 -0.82 39.82 -51.07
CA LEU BA 91 0.33 40.59 -51.52
C LEU BA 91 0.69 41.63 -50.44
N THR BA 92 1.96 41.72 -50.10
CA THR BA 92 2.43 42.74 -49.18
C THR BA 92 3.52 43.54 -49.87
N HIS BA 93 3.40 44.87 -49.82
CA HIS BA 93 4.32 45.67 -50.58
C HIS BA 93 4.37 47.09 -50.08
N SER BA 94 5.53 47.72 -50.33
CA SER BA 94 5.75 49.13 -50.11
C SER BA 94 6.15 49.78 -51.41
N GLU BA 95 5.57 50.95 -51.68
CA GLU BA 95 5.98 51.76 -52.82
C GLU BA 95 5.69 53.24 -52.59
N LEU BA 96 6.27 54.07 -53.45
CA LEU BA 96 6.02 55.50 -53.44
C LEU BA 96 4.56 55.87 -53.69
N SER BA 97 4.03 56.75 -52.86
CA SER BA 97 2.64 57.13 -52.97
C SER BA 97 2.45 58.64 -53.15
N ALA BA 98 3.44 59.43 -52.75
CA ALA BA 98 3.34 60.89 -52.84
C ALA BA 98 4.68 61.56 -52.67
N GLU BA 99 4.86 62.63 -53.44
CA GLU BA 99 6.00 63.53 -53.35
C GLU BA 99 5.54 64.80 -52.60
N ILE BA 100 6.35 65.30 -51.67
CA ILE BA 100 5.87 66.31 -50.71
C ILE BA 100 6.72 67.57 -50.61
N GLY BA 101 6.07 68.73 -50.74
CA GLY BA 101 6.73 70.01 -50.61
C GLY BA 101 5.97 70.99 -49.72
N VAL BA 102 6.71 71.91 -49.08
CA VAL BA 102 6.16 72.90 -48.13
C VAL BA 102 6.25 74.37 -48.54
N THR BA 103 5.18 75.08 -48.21
CA THR BA 103 5.09 76.52 -48.41
C THR BA 103 4.74 77.16 -47.08
N ASP BA 104 4.59 78.48 -47.07
CA ASP BA 104 4.37 79.24 -45.83
C ASP BA 104 2.89 79.39 -45.45
N SER BA 105 2.00 78.90 -46.30
CA SER BA 105 0.58 78.88 -46.02
C SER BA 105 0.05 77.45 -46.19
N ILE BA 106 -1.00 77.09 -45.46
CA ILE BA 106 -1.50 75.71 -45.49
C ILE BA 106 -2.02 75.23 -46.85
N VAL BA 107 -1.59 74.04 -47.24
CA VAL BA 107 -2.10 73.38 -48.43
C VAL BA 107 -2.60 72.00 -48.08
N VAL BA 108 -3.89 71.78 -48.30
CA VAL BA 108 -4.49 70.53 -47.89
C VAL BA 108 -4.76 69.68 -49.13
N SER BA 109 -4.14 68.52 -49.16
CA SER BA 109 -4.31 67.54 -50.23
C SER BA 109 -4.85 66.23 -49.69
N SER BA 110 -5.23 65.32 -50.58
CA SER BA 110 -5.75 64.05 -50.13
C SER BA 110 -5.49 62.98 -51.16
N GLU BA 111 -5.55 61.73 -50.72
CA GLU BA 111 -5.34 60.60 -51.57
C GLU BA 111 -6.38 59.55 -51.20
N LEU BA 112 -7.01 58.97 -52.19
CA LEU BA 112 -7.96 57.88 -51.95
C LEU BA 112 -7.22 56.60 -51.56
N VAL BA 113 -7.67 55.95 -50.49
CA VAL BA 113 -7.04 54.70 -50.06
C VAL BA 113 -7.64 53.49 -50.83
N MET BA 114 -7.27 53.41 -52.10
CA MET BA 114 -7.72 52.34 -52.97
C MET BA 114 -6.61 52.02 -53.97
N PRO BA 115 -6.51 50.75 -54.41
CA PRO BA 115 -5.43 50.27 -55.24
C PRO BA 115 -5.11 51.15 -56.42
N TYR BA 116 -6.12 51.68 -57.12
CA TYR BA 116 -5.84 52.52 -58.29
C TYR BA 116 -4.95 53.73 -57.99
N THR BA 117 -5.06 54.26 -56.77
CA THR BA 117 -4.43 55.52 -56.44
C THR BA 117 -3.33 55.51 -55.36
N VAL BA 118 -2.97 54.36 -54.79
CA VAL BA 118 -1.89 54.40 -53.80
C VAL BA 118 -0.54 54.33 -54.52
N GLY BA 119 -0.50 53.74 -55.71
CA GLY BA 119 0.76 53.62 -56.42
C GLY BA 119 0.64 53.03 -57.80
N THR BA 120 1.58 53.38 -58.68
CA THR BA 120 1.50 52.96 -60.08
C THR BA 120 1.67 51.46 -60.23
N TRP BA 121 2.51 50.85 -59.40
CA TRP BA 121 2.73 49.41 -59.44
C TRP BA 121 1.51 48.63 -58.97
N LEU BA 122 1.00 48.97 -57.78
CA LEU BA 122 -0.17 48.30 -57.25
C LEU BA 122 -1.32 48.48 -58.22
N ARG BA 123 -1.41 49.67 -58.82
CA ARG BA 123 -2.47 49.98 -59.78
C ARG BA 123 -2.56 48.96 -60.91
N GLY BA 124 -1.42 48.68 -61.54
CA GLY BA 124 -1.40 47.70 -62.61
C GLY BA 124 -1.66 46.30 -62.06
N VAL BA 125 -1.05 45.98 -60.92
CA VAL BA 125 -1.22 44.66 -60.34
C VAL BA 125 -2.66 44.42 -59.95
N ALA BA 126 -3.22 45.33 -59.16
CA ALA BA 126 -4.55 45.10 -58.57
C ALA BA 126 -5.63 45.14 -59.63
N ALA BA 127 -5.30 45.68 -60.79
CA ALA BA 127 -6.27 45.77 -61.86
C ALA BA 127 -6.68 44.40 -62.35
N ASN BA 128 -5.82 43.41 -62.13
CA ASN BA 128 -6.08 42.04 -62.59
C ASN BA 128 -7.12 41.23 -61.81
N TRP BA 129 -7.59 41.82 -60.72
CA TRP BA 129 -8.69 41.25 -59.94
C TRP BA 129 -9.79 42.30 -59.88
N SER BA 130 -11.01 41.86 -59.59
CA SER BA 130 -12.17 42.72 -59.59
C SER BA 130 -12.38 43.33 -58.23
N LYS BA 131 -12.04 42.56 -57.22
CA LYS BA 131 -12.22 43.02 -55.86
C LYS BA 131 -10.96 42.81 -55.02
N TYR BA 132 -10.84 43.59 -53.95
CA TYR BA 132 -9.71 43.48 -53.04
C TYR BA 132 -10.15 43.70 -51.59
N SER BA 133 -9.25 43.44 -50.67
CA SER BA 133 -9.50 43.75 -49.29
C SER BA 133 -8.21 44.22 -48.65
N TRP BA 134 -8.27 45.33 -47.93
CA TRP BA 134 -7.12 45.79 -47.18
C TRP BA 134 -6.99 44.94 -45.93
N LEU BA 135 -5.84 44.29 -45.75
CA LEU BA 135 -5.55 43.64 -44.47
C LEU BA 135 -4.80 44.60 -43.57
N SER BA 136 -3.96 45.41 -44.19
CA SER BA 136 -3.22 46.44 -43.48
C SER BA 136 -2.81 47.53 -44.45
N VAL BA 137 -3.02 48.79 -44.07
CA VAL BA 137 -2.54 49.92 -44.87
C VAL BA 137 -1.88 51.00 -44.03
N ARG BA 138 -0.63 51.28 -44.36
CA ARG BA 138 0.14 52.30 -43.67
C ARG BA 138 0.76 53.31 -44.63
N TYR BA 139 0.54 54.59 -44.30
CA TYR BA 139 1.14 55.73 -45.01
C TYR BA 139 2.29 56.26 -44.16
N THR BA 140 3.46 56.31 -44.77
CA THR BA 140 4.64 56.63 -44.02
C THR BA 140 5.35 57.80 -44.68
N TYR BA 141 5.49 58.88 -43.93
CA TYR BA 141 6.20 60.04 -44.45
C TYR BA 141 7.69 59.93 -44.11
N ILE BA 142 8.53 60.00 -45.13
CA ILE BA 142 9.97 60.01 -44.92
C ILE BA 142 10.53 61.32 -45.45
N PRO BA 143 11.30 62.04 -44.61
CA PRO BA 143 11.87 63.32 -45.02
C PRO BA 143 13.09 63.19 -45.97
N SER BA 144 13.37 64.26 -46.71
CA SER BA 144 14.54 64.34 -47.60
C SER BA 144 15.20 65.74 -47.55
N CYS BA 145 14.94 66.50 -46.50
CA CYS BA 145 15.40 67.88 -46.45
C CYS BA 145 16.40 68.11 -45.33
N PRO BA 146 17.06 69.27 -45.33
CA PRO BA 146 17.92 69.65 -44.20
C PRO BA 146 17.15 69.77 -42.91
N SER BA 147 17.86 69.70 -41.80
CA SER BA 147 17.25 69.86 -40.48
C SER BA 147 16.79 71.28 -40.25
N SER BA 148 17.20 72.19 -41.13
CA SER BA 148 16.90 73.62 -40.95
C SER BA 148 15.67 74.02 -41.77
N THR BA 149 15.03 73.02 -42.34
CA THR BA 149 13.85 73.24 -43.16
C THR BA 149 12.66 73.58 -42.29
N ALA BA 150 12.05 74.74 -42.52
CA ALA BA 150 10.83 75.10 -41.80
C ALA BA 150 9.66 74.37 -42.41
N GLY BA 151 8.72 73.98 -41.57
CA GLY BA 151 7.56 73.27 -42.07
C GLY BA 151 7.13 72.08 -41.24
N SER BA 152 5.85 71.74 -41.39
CA SER BA 152 5.28 70.55 -40.77
C SER BA 152 4.34 69.81 -41.71
N ILE BA 153 4.19 68.52 -41.44
CA ILE BA 153 3.34 67.63 -42.21
C ILE BA 153 2.22 67.08 -41.30
N HIS BA 154 1.03 66.93 -41.85
CA HIS BA 154 -0.11 66.39 -41.08
C HIS BA 154 -0.89 65.37 -41.88
N MET BA 155 -1.25 64.24 -41.26
CA MET BA 155 -2.00 63.20 -41.96
C MET BA 155 -3.10 62.65 -41.08
N GLY BA 156 -4.24 62.33 -41.68
CA GLY BA 156 -5.34 61.71 -40.98
C GLY BA 156 -6.28 61.05 -41.96
N PHE BA 157 -7.17 60.21 -41.45
CA PHE BA 157 -8.08 59.49 -42.32
C PHE BA 157 -9.52 59.97 -42.19
N GLN BA 158 -10.18 60.10 -43.34
CA GLN BA 158 -11.62 60.25 -43.42
C GLN BA 158 -12.16 58.95 -43.99
N TYR BA 159 -13.25 58.45 -43.42
CA TYR BA 159 -13.76 57.15 -43.82
C TYR BA 159 -15.10 57.28 -44.51
N ASP BA 160 -15.54 58.51 -44.68
CA ASP BA 160 -16.79 58.81 -45.35
C ASP BA 160 -16.54 59.79 -46.49
N MET BA 161 -16.78 59.35 -47.72
CA MET BA 161 -16.43 60.14 -48.91
C MET BA 161 -17.15 61.48 -49.01
N ALA BA 162 -18.29 61.58 -48.33
CA ALA BA 162 -19.08 62.81 -48.36
C ALA BA 162 -18.50 63.85 -47.41
N ASP BA 163 -17.65 63.42 -46.48
CA ASP BA 163 -17.01 64.35 -45.54
C ASP BA 163 -16.29 65.47 -46.29
N THR BA 164 -16.42 66.69 -45.79
CA THR BA 164 -15.68 67.79 -46.39
C THR BA 164 -14.22 67.63 -46.01
N VAL BA 165 -13.33 67.88 -46.96
CA VAL BA 165 -11.90 67.84 -46.69
C VAL BA 165 -11.58 68.95 -45.71
N PRO BA 166 -10.79 68.65 -44.65
CA PRO BA 166 -10.45 69.61 -43.61
C PRO BA 166 -9.78 70.83 -44.16
N VAL BA 167 -9.89 71.98 -43.49
CA VAL BA 167 -9.28 73.20 -44.00
C VAL BA 167 -8.24 73.76 -43.03
N SER BA 168 -8.25 73.28 -41.80
CA SER BA 168 -7.31 73.73 -40.79
C SER BA 168 -6.66 72.53 -40.08
N VAL BA 169 -5.46 72.77 -39.54
CA VAL BA 169 -4.76 71.79 -38.68
C VAL BA 169 -5.63 71.39 -37.51
N ASN BA 170 -6.37 72.35 -36.98
CA ASN BA 170 -7.27 72.10 -35.86
C ASN BA 170 -8.26 70.97 -36.16
N GLN BA 171 -8.92 71.09 -37.30
CA GLN BA 171 -9.84 70.06 -37.75
C GLN BA 171 -9.12 68.73 -37.88
N LEU BA 172 -8.00 68.74 -38.59
CA LEU BA 172 -7.24 67.54 -38.88
C LEU BA 172 -6.83 66.78 -37.62
N SER BA 173 -6.51 67.51 -36.56
CA SER BA 173 -6.03 66.91 -35.31
C SER BA 173 -7.03 65.96 -34.70
N ASN BA 174 -8.28 66.06 -35.12
CA ASN BA 174 -9.38 65.26 -34.59
C ASN BA 174 -9.61 63.94 -35.29
N LEU BA 175 -8.98 63.76 -36.45
CA LEU BA 175 -9.13 62.51 -37.21
C LEU BA 175 -8.44 61.32 -36.59
N ARG BA 176 -9.08 60.16 -36.73
CA ARG BA 176 -8.45 58.89 -36.46
C ARG BA 176 -7.13 58.81 -37.24
N GLY BA 177 -6.06 58.46 -36.54
CA GLY BA 177 -4.78 58.21 -37.18
C GLY BA 177 -4.01 59.49 -37.47
N TYR BA 178 -4.44 60.57 -36.84
CA TYR BA 178 -3.77 61.85 -37.01
C TYR BA 178 -2.30 61.73 -36.53
N VAL BA 179 -1.37 62.21 -37.34
CA VAL BA 179 0.04 62.31 -36.96
C VAL BA 179 0.56 63.67 -37.36
N SER BA 180 1.66 64.10 -36.78
CA SER BA 180 2.16 65.44 -37.05
C SER BA 180 3.66 65.53 -36.73
N GLY BA 181 4.41 66.28 -37.55
CA GLY BA 181 5.82 66.52 -37.29
C GLY BA 181 6.52 67.50 -38.23
N GLN BA 182 7.72 67.91 -37.86
CA GLN BA 182 8.61 68.71 -38.72
C GLN BA 182 8.89 67.98 -40.02
N VAL BA 183 9.05 68.73 -41.10
CA VAL BA 183 9.24 68.10 -42.41
C VAL BA 183 10.60 67.42 -42.57
N TRP BA 184 11.48 67.61 -41.59
CA TRP BA 184 12.78 66.93 -41.55
C TRP BA 184 12.80 65.83 -40.49
N SER BA 185 11.71 65.67 -39.76
CA SER BA 185 11.59 64.52 -38.87
C SER BA 185 10.89 63.39 -39.60
N GLY BA 186 10.86 62.21 -38.98
CA GLY BA 186 10.08 61.09 -39.49
C GLY BA 186 10.89 59.90 -39.94
N SER BA 187 12.20 60.04 -39.82
CA SER BA 187 13.15 59.03 -40.24
C SER BA 187 12.85 57.64 -39.70
N ALA BA 188 12.38 57.57 -38.46
CA ALA BA 188 12.17 56.29 -37.80
C ALA BA 188 11.09 55.42 -38.44
N GLY BA 189 10.37 55.96 -39.41
CA GLY BA 189 9.36 55.18 -40.08
C GLY BA 189 9.93 54.23 -41.09
N LEU BA 190 11.21 54.40 -41.43
CA LEU BA 190 11.82 53.63 -42.51
C LEU BA 190 11.70 52.12 -42.24
N CYS BA 191 11.83 51.75 -40.97
CA CYS BA 191 11.72 50.34 -40.64
C CYS BA 191 10.34 49.80 -41.00
N PHE BA 192 9.31 50.66 -41.00
CA PHE BA 192 7.99 50.17 -41.42
C PHE BA 192 8.01 49.82 -42.89
N ILE BA 193 8.80 50.56 -43.64
CA ILE BA 193 8.72 50.45 -45.07
C ILE BA 193 9.43 49.19 -45.56
N ASN BA 194 10.56 48.82 -44.97
CA ASN BA 194 11.18 47.58 -45.43
C ASN BA 194 10.86 46.38 -44.51
N GLY BA 195 9.92 46.58 -43.58
CA GLY BA 195 9.45 45.51 -42.71
C GLY BA 195 10.48 44.91 -41.77
N THR BA 196 11.39 45.75 -41.29
CA THR BA 196 12.46 45.31 -40.40
C THR BA 196 12.07 45.46 -38.93
N ARG BA 197 12.98 45.12 -38.03
CA ARG BA 197 12.73 45.23 -36.58
C ARG BA 197 12.51 46.69 -36.16
N CYS BA 198 11.33 46.97 -35.63
CA CYS BA 198 11.01 48.32 -35.16
C CYS BA 198 11.11 48.49 -33.64
N SER BA 199 11.87 49.48 -33.21
CA SER BA 199 12.06 49.76 -31.79
C SER BA 199 11.77 51.24 -31.49
N ASP BA 200 12.72 52.11 -31.81
CA ASP BA 200 12.55 53.53 -31.54
C ASP BA 200 11.68 54.16 -32.62
N THR BA 201 10.40 53.82 -32.65
CA THR BA 201 9.53 54.34 -33.68
C THR BA 201 8.65 55.46 -33.18
N SER BA 202 8.97 56.06 -32.04
CA SER BA 202 8.12 57.09 -31.47
C SER BA 202 8.02 58.36 -32.31
N THR BA 203 9.08 58.70 -33.03
CA THR BA 203 9.11 59.93 -33.82
C THR BA 203 8.58 59.73 -35.23
N ALA BA 204 8.21 58.48 -35.54
CA ALA BA 204 7.77 58.10 -36.90
C ALA BA 204 6.51 58.84 -37.29
N ILE BA 205 6.53 59.49 -38.44
CA ILE BA 205 5.32 60.13 -38.91
C ILE BA 205 4.57 59.17 -39.82
N SER BA 206 4.04 58.10 -39.22
CA SER BA 206 3.42 57.04 -39.99
C SER BA 206 2.08 56.67 -39.35
N THR BA 207 1.09 56.37 -40.17
CA THR BA 207 -0.21 56.09 -39.61
C THR BA 207 -0.93 55.03 -40.42
N THR BA 208 -1.82 54.31 -39.75
CA THR BA 208 -2.42 53.13 -40.35
C THR BA 208 -3.93 53.21 -40.35
N LEU BA 209 -4.50 52.55 -41.35
CA LEU BA 209 -5.92 52.51 -41.63
C LEU BA 209 -6.65 51.59 -40.67
N ASP BA 210 -7.79 52.02 -40.17
CA ASP BA 210 -8.58 51.13 -39.35
C ASP BA 210 -9.37 50.18 -40.25
N VAL BA 211 -8.72 49.11 -40.70
CA VAL BA 211 -9.32 48.13 -41.60
C VAL BA 211 -10.51 47.53 -40.91
N SER BA 212 -10.41 47.51 -39.59
CA SER BA 212 -11.36 46.93 -38.66
C SER BA 212 -12.73 47.59 -38.73
N LYS BA 213 -12.75 48.81 -39.23
CA LYS BA 213 -13.90 49.68 -39.11
C LYS BA 213 -14.41 50.12 -40.47
N LEU BA 214 -13.94 49.47 -41.53
CA LEU BA 214 -14.38 49.84 -42.87
C LEU BA 214 -15.86 49.49 -43.04
N GLY BA 215 -16.52 50.12 -44.02
CA GLY BA 215 -17.93 49.86 -44.26
C GLY BA 215 -18.26 48.40 -44.48
N LYS BA 216 -17.52 47.80 -45.41
CA LYS BA 216 -17.59 46.36 -45.71
C LYS BA 216 -16.17 45.77 -45.82
N LYS BA 217 -16.06 44.51 -46.22
CA LYS BA 217 -14.74 43.90 -46.38
C LYS BA 217 -14.26 43.88 -47.83
N TRP BA 218 -15.09 43.44 -48.77
CA TRP BA 218 -14.60 43.30 -50.13
C TRP BA 218 -15.07 44.46 -50.98
N TYR BA 219 -14.12 45.27 -51.44
CA TYR BA 219 -14.39 46.45 -52.27
C TYR BA 219 -14.11 46.19 -53.74
N PRO BA 220 -14.88 46.82 -54.63
CA PRO BA 220 -14.53 46.73 -56.05
C PRO BA 220 -13.34 47.61 -56.45
N TYR BA 221 -12.51 47.09 -57.36
CA TYR BA 221 -11.46 47.87 -57.99
C TYR BA 221 -12.06 48.92 -58.92
N LYS BA 222 -11.76 50.19 -58.67
CA LYS BA 222 -12.33 51.30 -59.42
C LYS BA 222 -11.25 52.29 -59.88
N THR BA 223 -11.54 53.05 -60.93
CA THR BA 223 -10.62 54.10 -61.35
C THR BA 223 -11.07 55.38 -60.66
N SER BA 224 -10.17 56.36 -60.56
CA SER BA 224 -10.51 57.69 -60.02
C SER BA 224 -11.62 58.30 -60.89
N ALA BA 225 -11.56 58.00 -62.18
CA ALA BA 225 -12.62 58.37 -63.12
C ALA BA 225 -13.96 57.83 -62.61
N ASP BA 226 -13.99 56.55 -62.23
CA ASP BA 226 -15.21 55.96 -61.71
C ASP BA 226 -15.64 56.72 -60.48
N TYR BA 227 -14.69 57.12 -59.65
CA TYR BA 227 -15.00 57.88 -58.45
C TYR BA 227 -15.66 59.20 -58.84
N ALA BA 228 -15.04 59.90 -59.78
CA ALA BA 228 -15.52 61.20 -60.26
C ALA BA 228 -16.94 61.11 -60.80
N THR BA 229 -17.17 60.10 -61.63
CA THR BA 229 -18.49 59.88 -62.21
C THR BA 229 -19.53 59.57 -61.16
N ALA BA 230 -19.22 58.63 -60.28
CA ALA BA 230 -20.15 58.20 -59.24
C ALA BA 230 -20.53 59.36 -58.33
N VAL BA 231 -19.55 60.16 -57.92
CA VAL BA 231 -19.82 61.30 -57.05
C VAL BA 231 -20.51 62.41 -57.84
N GLY BA 232 -20.34 62.40 -59.15
CA GLY BA 232 -21.01 63.34 -60.04
C GLY BA 232 -22.51 63.15 -60.01
N VAL BA 233 -22.93 61.90 -59.80
CA VAL BA 233 -24.33 61.53 -59.66
C VAL BA 233 -24.83 61.79 -58.24
N ASP BA 234 -24.08 61.29 -57.27
CA ASP BA 234 -24.33 61.46 -55.84
C ASP BA 234 -23.11 61.05 -55.04
N VAL BA 235 -22.62 61.94 -54.18
CA VAL BA 235 -21.39 61.67 -53.43
C VAL BA 235 -21.48 60.40 -52.58
N ASN BA 236 -22.68 60.04 -52.16
CA ASN BA 236 -22.84 58.90 -51.26
C ASN BA 236 -22.70 57.53 -51.94
N ILE BA 237 -22.86 57.49 -53.26
CA ILE BA 237 -22.69 56.23 -54.01
C ILE BA 237 -21.26 55.71 -53.90
N ALA BA 238 -20.34 56.66 -53.71
CA ALA BA 238 -18.92 56.38 -53.68
C ALA BA 238 -18.46 55.68 -52.40
N THR BA 239 -19.17 55.92 -51.30
CA THR BA 239 -18.74 55.36 -50.00
C THR BA 239 -18.65 53.83 -50.03
N PRO BA 240 -19.60 53.13 -50.73
CA PRO BA 240 -19.39 51.68 -50.90
C PRO BA 240 -18.34 51.31 -51.96
N LEU BA 241 -17.65 52.28 -52.55
CA LEU BA 241 -16.63 52.00 -53.56
C LEU BA 241 -15.18 52.13 -53.07
N VAL BA 242 -14.93 53.12 -52.19
CA VAL BA 242 -13.60 53.33 -51.67
C VAL BA 242 -13.71 53.34 -50.16
N PRO BA 243 -12.82 52.57 -49.48
CA PRO BA 243 -12.87 52.37 -48.03
C PRO BA 243 -12.55 53.62 -47.20
N ALA BA 244 -11.66 54.48 -47.68
CA ALA BA 244 -11.28 55.67 -46.94
C ALA BA 244 -10.53 56.66 -47.79
N ARG BA 245 -10.32 57.86 -47.26
CA ARG BA 245 -9.41 58.81 -47.88
C ARG BA 245 -8.37 59.32 -46.88
N LEU BA 246 -7.14 59.43 -47.34
CA LEU BA 246 -6.05 59.97 -46.55
C LEU BA 246 -6.01 61.47 -46.78
N VAL BA 247 -6.00 62.24 -45.71
CA VAL BA 247 -5.89 63.70 -45.80
C VAL BA 247 -4.50 64.18 -45.37
N ILE BA 248 -3.93 65.11 -46.12
CA ILE BA 248 -2.59 65.62 -45.87
C ILE BA 248 -2.52 67.14 -45.81
N ALA BA 249 -1.92 67.68 -44.75
CA ALA BA 249 -1.73 69.12 -44.68
C ALA BA 249 -0.26 69.46 -44.51
N LEU BA 250 0.15 70.48 -45.26
CA LEU BA 250 1.48 71.04 -45.14
C LEU BA 250 1.42 72.55 -44.99
N LEU BA 251 2.16 73.05 -44.01
CA LEU BA 251 2.18 74.47 -43.72
C LEU BA 251 3.47 74.77 -42.93
N ASP BA 252 3.58 75.97 -42.37
CA ASP BA 252 4.71 76.36 -41.51
C ASP BA 252 6.08 76.48 -42.22
N GLY BA 253 6.05 76.55 -43.54
CA GLY BA 253 7.23 76.74 -44.34
C GLY BA 253 7.74 78.17 -44.33
N SER BA 254 8.90 78.38 -44.94
CA SER BA 254 9.57 79.67 -44.95
C SER BA 254 9.43 80.49 -46.22
N SER BA 255 9.01 79.86 -47.31
CA SER BA 255 8.86 80.56 -48.59
C SER BA 255 7.44 80.39 -49.07
N SER BA 256 7.04 81.22 -50.02
CA SER BA 256 5.71 81.09 -50.62
C SER BA 256 5.78 80.02 -51.70
N THR BA 257 6.98 79.68 -52.13
CA THR BA 257 7.19 78.61 -53.11
C THR BA 257 7.53 77.29 -52.40
N ALA BA 258 6.98 76.18 -52.89
CA ALA BA 258 7.19 74.88 -52.28
C ALA BA 258 8.67 74.49 -52.22
N VAL BA 259 9.11 74.13 -51.02
CA VAL BA 259 10.44 73.59 -50.79
C VAL BA 259 10.30 72.07 -50.76
N ALA BA 260 11.17 71.34 -51.43
CA ALA BA 260 11.11 69.87 -51.43
C ALA BA 260 11.26 69.35 -50.01
N ALA BA 261 10.26 68.64 -49.53
CA ALA BA 261 10.26 68.25 -48.12
C ALA BA 261 10.59 66.77 -47.92
N GLY BA 262 9.76 65.88 -48.45
CA GLY BA 262 9.94 64.47 -48.31
C GLY BA 262 9.03 63.70 -49.25
N ARG BA 263 8.71 62.48 -48.89
CA ARG BA 263 7.85 61.61 -49.68
C ARG BA 263 6.92 60.78 -48.77
N ILE BA 264 5.75 60.43 -49.29
CA ILE BA 264 4.86 59.50 -48.60
C ILE BA 264 4.92 58.14 -49.30
N TYR BA 265 5.27 57.11 -48.54
CA TYR BA 265 5.27 55.74 -49.05
C TYR BA 265 4.05 54.99 -48.50
N CYS BA 266 3.56 54.01 -49.24
CA CYS BA 266 2.49 53.16 -48.73
C CYS BA 266 2.96 51.71 -48.52
N THR BA 267 2.67 51.20 -47.31
CA THR BA 267 2.98 49.83 -46.95
C THR BA 267 1.65 49.12 -46.70
N TYR BA 268 1.32 48.15 -47.56
CA TYR BA 268 0.03 47.51 -47.49
C TYR BA 268 0.13 45.99 -47.54
N THR BA 269 -0.90 45.36 -46.99
CA THR BA 269 -1.15 43.96 -47.18
C THR BA 269 -2.53 43.91 -47.80
N ILE BA 270 -2.59 43.40 -49.03
CA ILE BA 270 -3.83 43.38 -49.82
C ILE BA 270 -4.30 41.96 -50.14
N GLN BA 271 -5.60 41.72 -50.00
CA GLN BA 271 -6.21 40.50 -50.48
C GLN BA 271 -6.87 40.78 -51.80
N MET BA 272 -6.46 40.07 -52.84
CA MET BA 272 -7.05 40.25 -54.16
C MET BA 272 -7.78 38.97 -54.52
N ILE BA 273 -9.05 39.06 -54.92
CA ILE BA 273 -9.84 37.87 -55.25
C ILE BA 273 -10.57 38.06 -56.58
N GLU BA 274 -10.98 36.96 -57.20
CA GLU BA 274 -11.82 37.02 -58.42
C GLU BA 274 -11.18 37.69 -59.64
N PRO BA 275 -10.33 36.94 -60.36
CA PRO BA 275 -9.60 37.35 -61.57
C PRO BA 275 -10.50 37.94 -62.64
N THR BA 276 -9.94 38.72 -63.54
CA THR BA 276 -10.73 39.33 -64.61
C THR BA 276 -9.92 39.56 -65.89
N ALA BA 277 -10.59 39.47 -67.03
CA ALA BA 277 -9.95 39.73 -68.32
C ALA BA 277 -10.57 40.97 -68.98
N GLY CA 86 -24.78 52.14 -15.42
CA GLY CA 86 -23.94 53.15 -14.81
C GLY CA 86 -24.29 54.58 -15.19
N GLY CA 87 -24.35 54.86 -16.49
CA GLY CA 87 -24.67 56.18 -17.00
C GLY CA 87 -23.43 56.85 -17.57
N ILE CA 88 -22.28 56.18 -17.37
CA ILE CA 88 -20.98 56.73 -17.78
C ILE CA 88 -20.59 56.43 -19.22
N THR CA 89 -20.44 57.50 -19.97
CA THR CA 89 -19.91 57.44 -21.31
C THR CA 89 -18.42 57.77 -21.30
N VAL CA 90 -17.57 56.82 -21.66
CA VAL CA 90 -16.13 57.03 -21.67
C VAL CA 90 -15.58 57.46 -23.04
N LEU CA 91 -14.80 58.53 -23.05
CA LEU CA 91 -14.28 59.10 -24.28
C LEU CA 91 -12.76 59.26 -24.20
N THR CA 92 -12.07 58.78 -25.24
CA THR CA 92 -10.63 58.96 -25.36
C THR CA 92 -10.36 59.62 -26.69
N HIS CA 93 -9.58 60.68 -26.68
CA HIS CA 93 -9.38 61.46 -27.90
C HIS CA 93 -8.11 62.29 -27.75
N SER CA 94 -7.53 62.66 -28.90
CA SER CA 94 -6.43 63.63 -29.01
C SER CA 94 -6.89 64.78 -29.89
N GLU CA 95 -6.60 66.02 -29.49
CA GLU CA 95 -6.86 67.15 -30.39
C GLU CA 95 -5.96 68.34 -30.12
N LEU CA 96 -5.90 69.25 -31.10
CA LEU CA 96 -5.13 70.47 -30.98
C LEU CA 96 -5.69 71.31 -29.84
N SER CA 97 -4.81 71.80 -28.98
CA SER CA 97 -5.22 72.60 -27.82
C SER CA 97 -4.56 73.98 -27.81
N ALA CA 98 -3.44 74.13 -28.49
CA ALA CA 98 -2.69 75.38 -28.42
C ALA CA 98 -1.68 75.52 -29.54
N GLU CA 99 -1.53 76.74 -30.02
CA GLU CA 99 -0.51 77.07 -31.00
C GLU CA 99 0.62 77.81 -30.30
N ILE CA 100 1.86 77.47 -30.61
CA ILE CA 100 2.94 77.93 -29.78
C ILE CA 100 4.01 78.66 -30.59
N GLY CA 101 4.37 79.86 -30.17
CA GLY CA 101 5.41 80.64 -30.83
C GLY CA 101 6.38 81.22 -29.82
N VAL CA 102 7.63 81.40 -30.22
CA VAL CA 102 8.65 81.80 -29.25
C VAL CA 102 9.23 83.17 -29.55
N THR CA 103 9.46 83.95 -28.50
CA THR CA 103 10.15 85.25 -28.56
C THR CA 103 11.34 85.29 -27.60
N ASP CA 104 12.04 86.41 -27.58
CA ASP CA 104 13.26 86.54 -26.79
C ASP CA 104 13.03 86.99 -25.34
N SER CA 105 11.78 87.21 -24.97
CA SER CA 105 11.43 87.50 -23.60
C SER CA 105 10.40 86.48 -23.13
N ILE CA 106 10.36 86.19 -21.83
CA ILE CA 106 9.47 85.17 -21.31
C ILE CA 106 8.00 85.58 -21.51
N VAL CA 107 7.20 84.67 -22.05
CA VAL CA 107 5.76 84.90 -22.20
C VAL CA 107 5.00 83.76 -21.54
N VAL CA 108 4.28 84.06 -20.47
CA VAL CA 108 3.60 83.01 -19.73
C VAL CA 108 2.10 83.06 -19.94
N SER CA 109 1.57 81.98 -20.49
CA SER CA 109 0.14 81.83 -20.70
C SER CA 109 -0.32 80.65 -19.89
N SER CA 110 -1.62 80.43 -19.86
CA SER CA 110 -2.13 79.27 -19.15
C SER CA 110 -3.41 78.79 -19.81
N GLU CA 111 -3.81 77.56 -19.50
CA GLU CA 111 -5.05 76.99 -20.02
C GLU CA 111 -5.73 76.22 -18.91
N LEU CA 112 -7.04 76.42 -18.74
CA LEU CA 112 -7.84 75.67 -17.77
C LEU CA 112 -8.00 74.24 -18.24
N VAL CA 113 -7.78 73.29 -17.33
CA VAL CA 113 -7.97 71.87 -17.65
C VAL CA 113 -9.43 71.49 -17.41
N MET CA 114 -10.29 71.91 -18.30
CA MET CA 114 -11.69 71.60 -18.20
C MET CA 114 -12.19 71.49 -19.64
N PRO CA 115 -13.21 70.63 -19.86
CA PRO CA 115 -13.67 70.25 -21.19
C PRO CA 115 -13.81 71.42 -22.15
N TYR CA 116 -14.39 72.52 -21.67
CA TYR CA 116 -14.66 73.71 -22.50
C TYR CA 116 -13.42 74.32 -23.17
N THR CA 117 -12.29 74.23 -22.49
CA THR CA 117 -11.09 74.96 -22.91
C THR CA 117 -9.96 74.04 -23.35
N VAL CA 118 -10.21 72.74 -23.39
CA VAL CA 118 -9.20 71.81 -23.78
C VAL CA 118 -9.12 71.75 -25.30
N GLY CA 119 -10.25 71.94 -25.97
CA GLY CA 119 -10.30 71.83 -27.43
C GLY CA 119 -11.69 72.09 -27.98
N THR CA 120 -11.80 72.51 -29.24
CA THR CA 120 -13.12 72.87 -29.73
C THR CA 120 -14.03 71.64 -29.89
N TRP CA 121 -13.46 70.52 -30.29
CA TRP CA 121 -14.25 69.30 -30.47
C TRP CA 121 -14.81 68.81 -29.15
N LEU CA 122 -13.94 68.62 -28.17
CA LEU CA 122 -14.40 68.21 -26.87
C LEU CA 122 -15.37 69.24 -26.29
N ARG CA 123 -15.14 70.51 -26.58
CA ARG CA 123 -15.99 71.58 -26.06
C ARG CA 123 -17.44 71.36 -26.39
N GLY CA 124 -17.71 71.05 -27.66
CA GLY CA 124 -19.05 70.73 -28.11
C GLY CA 124 -19.56 69.41 -27.59
N VAL CA 125 -18.71 68.37 -27.63
CA VAL CA 125 -19.13 67.04 -27.20
C VAL CA 125 -19.56 67.01 -25.72
N ALA CA 126 -18.67 67.43 -24.84
CA ALA CA 126 -18.92 67.31 -23.42
C ALA CA 126 -20.00 68.23 -22.88
N ALA CA 127 -20.37 69.26 -23.63
CA ALA CA 127 -21.40 70.20 -23.18
C ALA CA 127 -22.74 69.51 -23.03
N ASN CA 128 -22.89 68.39 -23.74
CA ASN CA 128 -24.10 67.60 -23.73
C ASN CA 128 -24.28 66.82 -22.43
N TRP CA 129 -23.29 66.88 -21.55
CA TRP CA 129 -23.40 66.29 -20.23
C TRP CA 129 -23.14 67.34 -19.14
N SER CA 130 -23.63 67.08 -17.94
CA SER CA 130 -23.58 68.03 -16.83
C SER CA 130 -22.32 67.94 -15.99
N LYS CA 131 -21.86 66.72 -15.81
CA LYS CA 131 -20.67 66.47 -15.00
C LYS CA 131 -19.70 65.55 -15.75
N TYR CA 132 -18.44 65.60 -15.36
CA TYR CA 132 -17.42 64.75 -15.94
C TYR CA 132 -16.38 64.34 -14.92
N SER CA 133 -15.51 63.45 -15.33
CA SER CA 133 -14.36 63.10 -14.52
C SER CA 133 -13.20 62.86 -15.46
N TRP CA 134 -12.05 63.45 -15.14
CA TRP CA 134 -10.82 63.17 -15.87
C TRP CA 134 -10.28 61.80 -15.44
N LEU CA 135 -10.09 60.89 -16.36
CA LEU CA 135 -9.44 59.64 -15.99
C LEU CA 135 -7.97 59.75 -16.36
N SER CA 136 -7.73 60.51 -17.44
CA SER CA 136 -6.40 60.82 -17.96
C SER CA 136 -6.38 62.08 -18.84
N VAL CA 137 -5.39 62.94 -18.58
CA VAL CA 137 -5.14 64.13 -19.39
C VAL CA 137 -3.63 64.32 -19.64
N ARG CA 138 -3.24 64.34 -20.91
CA ARG CA 138 -1.83 64.54 -21.28
C ARG CA 138 -1.68 65.65 -22.32
N TYR CA 139 -0.87 66.65 -21.98
CA TYR CA 139 -0.59 67.75 -22.88
C TYR CA 139 0.77 67.48 -23.50
N THR CA 140 0.79 67.47 -24.83
CA THR CA 140 1.97 67.06 -25.55
C THR CA 140 2.36 68.15 -26.52
N TYR CA 141 3.61 68.62 -26.42
CA TYR CA 141 4.13 69.64 -27.33
C TYR CA 141 4.79 68.98 -28.53
N ILE CA 142 4.36 69.42 -29.72
CA ILE CA 142 4.95 68.96 -30.97
C ILE CA 142 5.58 70.12 -31.73
N PRO CA 143 6.85 69.98 -32.12
CA PRO CA 143 7.55 71.04 -32.84
C PRO CA 143 7.16 71.09 -34.31
N SER CA 144 7.36 72.24 -34.96
CA SER CA 144 7.12 72.38 -36.39
C SER CA 144 8.13 73.30 -37.08
N CYS CA 145 9.27 73.53 -36.42
CA CYS CA 145 10.30 74.50 -36.84
C CYS CA 145 11.63 73.87 -37.21
N PRO CA 146 12.54 74.64 -37.80
CA PRO CA 146 13.91 74.13 -38.01
C PRO CA 146 14.64 73.79 -36.72
N SER CA 147 15.63 72.91 -36.83
CA SER CA 147 16.44 72.49 -35.70
C SER CA 147 17.31 73.64 -35.25
N SER CA 148 17.32 74.69 -36.07
CA SER CA 148 18.15 75.87 -35.85
C SER CA 148 17.39 76.99 -35.15
N THR CA 149 16.16 76.68 -34.73
CA THR CA 149 15.30 77.63 -34.06
C THR CA 149 15.69 77.83 -32.62
N ALA CA 150 15.90 79.07 -32.23
CA ALA CA 150 16.14 79.37 -30.82
C ALA CA 150 14.81 79.33 -30.05
N GLY CA 151 14.88 78.94 -28.78
CA GLY CA 151 13.70 78.91 -27.93
C GLY CA 151 13.56 77.67 -27.07
N SER CA 152 12.81 77.78 -25.97
CA SER CA 152 12.46 76.59 -25.18
C SER CA 152 11.00 76.65 -24.65
N ILE CA 153 10.39 75.51 -24.38
CA ILE CA 153 9.04 75.54 -23.85
C ILE CA 153 9.02 74.89 -22.47
N HIS CA 154 8.16 75.38 -21.58
CA HIS CA 154 8.03 74.90 -20.20
C HIS CA 154 6.54 74.72 -19.85
N MET CA 155 6.21 73.62 -19.17
CA MET CA 155 4.83 73.35 -18.79
C MET CA 155 4.71 72.81 -17.37
N GLY CA 156 3.62 73.14 -16.70
CA GLY CA 156 3.34 72.58 -15.40
C GLY CA 156 1.89 72.77 -14.99
N PHE CA 157 1.46 72.07 -13.93
CA PHE CA 157 0.09 72.14 -13.47
C PHE CA 157 -0.02 72.88 -12.12
N GLN CA 158 -1.06 73.71 -12.00
CA GLN CA 158 -1.53 74.26 -10.72
C GLN CA 158 -2.88 73.67 -10.39
N TYR CA 159 -3.12 73.37 -9.12
CA TYR CA 159 -4.35 72.64 -8.74
C TYR CA 159 -5.26 73.52 -7.87
N ASP CA 160 -4.82 74.75 -7.61
CA ASP CA 160 -5.60 75.73 -6.87
C ASP CA 160 -5.75 76.98 -7.72
N MET CA 161 -6.98 77.33 -8.06
CA MET CA 161 -7.22 78.45 -8.97
C MET CA 161 -6.69 79.76 -8.39
N ALA CA 162 -6.58 79.81 -7.08
CA ALA CA 162 -6.13 81.00 -6.39
C ALA CA 162 -4.62 81.16 -6.51
N ASP CA 163 -3.90 80.09 -6.83
CA ASP CA 163 -2.45 80.16 -7.07
C ASP CA 163 -2.18 81.16 -8.18
N THR CA 164 -1.17 82.01 -8.00
CA THR CA 164 -0.83 82.97 -9.04
C THR CA 164 -0.11 82.31 -10.20
N VAL CA 165 -0.37 82.79 -11.41
CA VAL CA 165 0.37 82.29 -12.55
C VAL CA 165 1.82 82.68 -12.31
N PRO CA 166 2.73 81.71 -12.44
CA PRO CA 166 4.17 81.90 -12.24
C PRO CA 166 4.73 82.95 -13.18
N VAL CA 167 5.89 83.51 -12.84
CA VAL CA 167 6.51 84.53 -13.65
C VAL CA 167 7.90 84.14 -14.11
N SER CA 168 8.47 83.09 -13.53
CA SER CA 168 9.81 82.69 -13.96
C SER CA 168 9.92 81.20 -14.17
N VAL CA 169 10.88 80.79 -15.01
CA VAL CA 169 11.18 79.38 -15.18
C VAL CA 169 11.54 78.77 -13.82
N ASN CA 170 12.23 79.53 -12.96
CA ASN CA 170 12.61 79.02 -11.64
C ASN CA 170 11.39 78.55 -10.85
N GLN CA 171 10.39 79.40 -10.76
CA GLN CA 171 9.13 79.07 -10.12
C GLN CA 171 8.43 77.90 -10.78
N LEU CA 172 8.35 77.96 -12.10
CA LEU CA 172 7.63 76.97 -12.88
C LEU CA 172 8.20 75.59 -12.63
N SER CA 173 9.51 75.51 -12.47
CA SER CA 173 10.18 74.22 -12.31
C SER CA 173 9.69 73.46 -11.07
N ASN CA 174 9.04 74.16 -10.15
CA ASN CA 174 8.58 73.53 -8.93
C ASN CA 174 7.20 72.88 -9.03
N LEU CA 175 6.49 73.20 -10.11
CA LEU CA 175 5.16 72.68 -10.32
C LEU CA 175 5.20 71.19 -10.60
N ARG CA 176 4.19 70.47 -10.12
CA ARG CA 176 3.95 69.08 -10.49
C ARG CA 176 3.85 68.94 -12.01
N GLY CA 177 4.65 68.04 -12.57
CA GLY CA 177 4.57 67.77 -13.98
C GLY CA 177 5.37 68.74 -14.83
N TYR CA 178 6.29 69.45 -14.21
CA TYR CA 178 7.12 70.37 -14.96
C TYR CA 178 7.90 69.59 -16.02
N VAL CA 179 7.84 70.08 -17.25
CA VAL CA 179 8.68 69.56 -18.34
C VAL CA 179 9.26 70.72 -19.11
N SER CA 180 10.32 70.47 -19.84
CA SER CA 180 11.04 71.55 -20.47
C SER CA 180 11.82 71.02 -21.65
N GLY CA 181 11.92 71.79 -22.71
CA GLY CA 181 12.72 71.36 -23.83
C GLY CA 181 12.95 72.41 -24.89
N GLN CA 182 13.89 72.14 -25.80
CA GLN CA 182 14.12 73.02 -26.93
C GLN CA 182 12.83 73.13 -27.66
N VAL CA 183 12.58 74.32 -28.18
CA VAL CA 183 11.31 74.61 -28.81
C VAL CA 183 11.24 73.83 -30.15
N TRP CA 184 12.36 73.21 -30.56
CA TRP CA 184 12.39 72.31 -31.74
C TRP CA 184 12.48 70.82 -31.37
N SER CA 185 12.51 70.49 -30.07
CA SER CA 185 12.48 69.09 -29.61
C SER CA 185 11.06 68.62 -29.33
N GLY CA 186 10.89 67.33 -29.07
CA GLY CA 186 9.59 66.81 -28.62
C GLY CA 186 8.84 65.85 -29.53
N SER CA 187 9.39 65.60 -30.72
CA SER CA 187 8.78 64.72 -31.74
C SER CA 187 8.39 63.39 -31.20
N ALA CA 188 9.19 62.84 -30.29
CA ALA CA 188 8.91 61.52 -29.74
C ALA CA 188 7.61 61.49 -28.92
N GLY CA 189 7.00 62.64 -28.69
CA GLY CA 189 5.74 62.69 -27.96
C GLY CA 189 4.57 62.25 -28.82
N LEU CA 190 4.82 62.15 -30.12
CA LEU CA 190 3.78 61.83 -31.10
C LEU CA 190 3.05 60.54 -30.82
N CYS CA 191 3.76 59.54 -30.34
CA CYS CA 191 3.13 58.25 -30.13
C CYS CA 191 2.01 58.35 -29.09
N PHE CA 192 2.08 59.34 -28.22
CA PHE CA 192 1.00 59.58 -27.27
C PHE CA 192 -0.27 60.07 -27.96
N ILE CA 193 -0.12 60.78 -29.07
CA ILE CA 193 -1.23 61.45 -29.71
C ILE CA 193 -2.09 60.44 -30.45
N ASN CA 194 -1.44 59.51 -31.13
CA ASN CA 194 -2.14 58.43 -31.84
C ASN CA 194 -2.15 57.14 -31.05
N GLY CA 195 -1.65 57.20 -29.82
CA GLY CA 195 -1.70 56.06 -28.90
C GLY CA 195 -1.01 54.82 -29.40
N THR CA 196 0.05 54.95 -30.18
CA THR CA 196 0.69 53.78 -30.76
C THR CA 196 1.69 53.28 -29.74
N ARG CA 197 2.43 52.22 -30.06
CA ARG CA 197 3.42 51.68 -29.12
C ARG CA 197 4.48 52.74 -28.85
N CYS CA 198 4.60 53.12 -27.59
CA CYS CA 198 5.54 54.15 -27.20
C CYS CA 198 6.84 53.50 -26.72
N SER CA 199 7.98 53.96 -27.22
CA SER CA 199 9.25 53.35 -26.87
C SER CA 199 10.18 54.40 -26.28
N ASP CA 200 10.85 55.10 -27.18
CA ASP CA 200 11.79 56.16 -26.85
C ASP CA 200 11.08 57.52 -26.59
N THR CA 201 10.39 57.65 -25.46
CA THR CA 201 9.67 58.88 -25.18
C THR CA 201 10.39 59.75 -24.17
N SER CA 202 11.67 59.46 -23.94
CA SER CA 202 12.47 60.18 -22.94
C SER CA 202 12.64 61.64 -23.31
N THR CA 203 12.62 61.90 -24.62
CA THR CA 203 12.77 63.25 -25.17
C THR CA 203 11.45 64.03 -25.31
N ALA CA 204 10.35 63.35 -25.02
CA ALA CA 204 9.01 63.90 -25.19
C ALA CA 204 8.74 65.10 -24.29
N ILE CA 205 8.28 66.18 -24.87
CA ILE CA 205 7.86 67.29 -24.02
C ILE CA 205 6.37 67.08 -23.69
N SER CA 206 6.10 66.07 -22.86
CA SER CA 206 4.74 65.68 -22.56
C SER CA 206 4.52 65.53 -21.05
N THR CA 207 3.35 65.96 -20.60
CA THR CA 207 3.09 66.00 -19.18
C THR CA 207 1.62 65.61 -18.87
N THR CA 208 1.36 65.08 -17.67
CA THR CA 208 0.05 64.53 -17.29
C THR CA 208 -0.54 65.05 -15.99
N LEU CA 209 -1.86 65.09 -15.94
CA LEU CA 209 -2.61 65.58 -14.79
C LEU CA 209 -2.67 64.54 -13.65
N ASP CA 210 -2.52 64.98 -12.41
CA ASP CA 210 -2.68 64.06 -11.27
C ASP CA 210 -4.16 63.84 -10.98
N VAL CA 211 -4.78 62.92 -11.69
CA VAL CA 211 -6.21 62.72 -11.50
C VAL CA 211 -6.52 62.26 -10.09
N SER CA 212 -5.61 61.49 -9.49
CA SER CA 212 -5.75 60.98 -8.12
C SER CA 212 -5.79 62.08 -7.05
N LYS CA 213 -5.40 63.30 -7.42
CA LYS CA 213 -5.20 64.35 -6.42
C LYS CA 213 -6.16 65.52 -6.59
N LEU CA 214 -7.16 65.36 -7.44
CA LEU CA 214 -8.09 66.47 -7.66
C LEU CA 214 -8.98 66.70 -6.45
N GLY CA 215 -9.52 67.90 -6.35
CA GLY CA 215 -10.38 68.26 -5.24
C GLY CA 215 -11.50 67.27 -5.11
N LYS CA 216 -12.15 66.99 -6.24
CA LYS CA 216 -13.28 66.08 -6.34
C LYS CA 216 -13.11 65.04 -7.43
N LYS CA 217 -14.13 64.21 -7.63
CA LYS CA 217 -14.09 63.26 -8.74
C LYS CA 217 -14.95 63.77 -9.90
N TRP CA 218 -16.18 64.19 -9.60
CA TRP CA 218 -17.10 64.66 -10.63
C TRP CA 218 -17.21 66.20 -10.67
N TYR CA 219 -16.72 66.80 -11.74
CA TYR CA 219 -16.76 68.26 -11.86
C TYR CA 219 -17.88 68.69 -12.78
N PRO CA 220 -18.51 69.84 -12.50
CA PRO CA 220 -19.50 70.37 -13.44
C PRO CA 220 -18.88 70.98 -14.69
N TYR CA 221 -19.51 70.76 -15.84
CA TYR CA 221 -19.11 71.42 -17.08
C TYR CA 221 -19.38 72.92 -17.01
N LYS CA 222 -18.33 73.71 -17.19
CA LYS CA 222 -18.45 75.16 -17.13
C LYS CA 222 -17.78 75.77 -18.35
N THR CA 223 -18.20 76.97 -18.72
CA THR CA 223 -17.53 77.68 -19.78
C THR CA 223 -16.49 78.59 -19.13
N SER CA 224 -15.61 79.18 -19.93
CA SER CA 224 -14.68 80.17 -19.39
C SER CA 224 -15.48 81.35 -18.81
N ALA CA 225 -16.62 81.64 -19.41
CA ALA CA 225 -17.51 82.65 -18.87
C ALA CA 225 -17.90 82.33 -17.41
N ASP CA 226 -18.34 81.11 -17.15
CA ASP CA 226 -18.72 80.71 -15.79
C ASP CA 226 -17.57 80.90 -14.81
N TYR CA 227 -16.36 80.60 -15.28
CA TYR CA 227 -15.15 80.75 -14.49
C TYR CA 227 -14.88 82.21 -14.11
N ALA CA 228 -14.99 83.10 -15.09
CA ALA CA 228 -14.74 84.53 -14.92
C ALA CA 228 -15.66 85.07 -13.82
N THR CA 229 -16.92 84.69 -13.93
CA THR CA 229 -17.96 85.06 -12.98
C THR CA 229 -17.67 84.59 -11.56
N ALA CA 230 -17.31 83.31 -11.44
CA ALA CA 230 -17.03 82.71 -10.14
C ALA CA 230 -15.89 83.46 -9.48
N VAL CA 231 -14.91 83.83 -10.29
CA VAL CA 231 -13.75 84.53 -9.81
C VAL CA 231 -14.04 86.00 -9.44
N GLY CA 232 -15.04 86.60 -10.08
CA GLY CA 232 -15.44 87.96 -9.74
C GLY CA 232 -16.02 88.06 -8.34
N VAL CA 233 -16.68 86.99 -7.93
CA VAL CA 233 -17.26 86.89 -6.59
C VAL CA 233 -16.22 86.46 -5.54
N ASP CA 234 -15.47 85.38 -5.83
CA ASP CA 234 -14.38 84.89 -4.98
C ASP CA 234 -13.60 83.80 -5.72
N VAL CA 235 -12.28 83.94 -5.84
CA VAL CA 235 -11.48 82.97 -6.62
C VAL CA 235 -11.59 81.52 -6.10
N ASN CA 236 -11.87 81.37 -4.81
CA ASN CA 236 -11.89 80.04 -4.25
C ASN CA 236 -13.16 79.31 -4.65
N ILE CA 237 -14.18 80.06 -5.03
CA ILE CA 237 -15.39 79.45 -5.56
C ILE CA 237 -15.01 78.73 -6.85
N ALA CA 238 -13.96 79.22 -7.50
CA ALA CA 238 -13.57 78.66 -8.78
C ALA CA 238 -12.91 77.29 -8.62
N THR CA 239 -12.29 77.03 -7.47
CA THR CA 239 -11.60 75.77 -7.22
C THR CA 239 -12.50 74.51 -7.31
N PRO CA 240 -13.75 74.59 -6.80
CA PRO CA 240 -14.58 73.40 -7.07
C PRO CA 240 -15.13 73.30 -8.50
N LEU CA 241 -14.76 74.24 -9.38
CA LEU CA 241 -15.26 74.28 -10.75
C LEU CA 241 -14.27 73.77 -11.80
N VAL CA 242 -12.98 73.95 -11.54
CA VAL CA 242 -11.93 73.54 -12.45
C VAL CA 242 -10.98 72.62 -11.73
N PRO CA 243 -10.63 71.48 -12.32
CA PRO CA 243 -9.74 70.58 -11.56
C PRO CA 243 -8.30 71.12 -11.44
N ALA CA 244 -7.82 71.78 -12.49
CA ALA CA 244 -6.46 72.29 -12.49
C ALA CA 244 -6.26 73.26 -13.66
N ARG CA 245 -5.14 73.98 -13.67
CA ARG CA 245 -4.78 74.85 -14.80
C ARG CA 245 -3.39 74.51 -15.30
N LEU CA 246 -3.24 74.52 -16.61
CA LEU CA 246 -1.95 74.24 -17.22
C LEU CA 246 -1.18 75.52 -17.35
N VAL CA 247 0.06 75.54 -16.88
CA VAL CA 247 0.89 76.73 -17.03
C VAL CA 247 1.94 76.50 -18.12
N ILE CA 248 2.09 77.49 -18.99
CA ILE CA 248 2.99 77.41 -20.13
C ILE CA 248 3.91 78.64 -20.19
N ALA CA 249 5.21 78.41 -20.38
CA ALA CA 249 6.13 79.51 -20.58
C ALA CA 249 6.94 79.35 -21.85
N LEU CA 250 7.13 80.46 -22.57
CA LEU CA 250 8.05 80.47 -23.69
C LEU CA 250 9.03 81.62 -23.63
N LEU CA 251 10.30 81.30 -23.82
CA LEU CA 251 11.38 82.28 -23.78
C LEU CA 251 12.58 81.74 -24.56
N ASP CA 252 13.70 82.44 -24.48
CA ASP CA 252 14.95 81.99 -25.11
C ASP CA 252 14.90 82.01 -26.64
N GLY CA 253 13.95 82.73 -27.23
CA GLY CA 253 13.86 82.84 -28.68
C GLY CA 253 14.87 83.84 -29.15
N SER CA 254 15.08 83.93 -30.45
CA SER CA 254 16.12 84.82 -31.00
C SER CA 254 15.57 86.11 -31.61
N SER CA 255 14.26 86.23 -31.67
CA SER CA 255 13.61 87.36 -32.29
C SER CA 255 12.70 88.08 -31.30
N SER CA 256 12.37 89.33 -31.60
CA SER CA 256 11.45 90.12 -30.79
C SER CA 256 10.01 89.80 -31.17
N THR CA 257 9.84 89.35 -32.42
CA THR CA 257 8.55 88.96 -32.95
C THR CA 257 8.42 87.45 -32.91
N ALA CA 258 7.22 86.99 -32.54
CA ALA CA 258 6.95 85.58 -32.31
C ALA CA 258 7.34 84.76 -33.52
N VAL CA 259 8.16 83.74 -33.27
CA VAL CA 259 8.60 82.82 -34.30
C VAL CA 259 7.74 81.58 -34.20
N ALA CA 260 7.22 81.07 -35.32
CA ALA CA 260 6.39 79.86 -35.24
C ALA CA 260 7.19 78.67 -34.70
N ALA CA 261 6.75 78.12 -33.56
CA ALA CA 261 7.52 77.08 -32.87
C ALA CA 261 6.92 75.67 -32.96
N GLY CA 262 5.75 75.48 -32.37
CA GLY CA 262 5.10 74.18 -32.41
C GLY CA 262 3.67 74.21 -31.93
N ARG CA 263 3.16 73.06 -31.50
CA ARG CA 263 1.78 72.97 -31.01
C ARG CA 263 1.63 72.07 -29.79
N ILE CA 264 0.62 72.39 -28.98
CA ILE CA 264 0.23 71.57 -27.85
C ILE CA 264 -1.07 70.84 -28.20
N TYR CA 265 -1.03 69.53 -28.11
CA TYR CA 265 -2.20 68.70 -28.30
C TYR CA 265 -2.66 68.21 -26.94
N CYS CA 266 -3.94 67.94 -26.80
CA CYS CA 266 -4.41 67.34 -25.56
C CYS CA 266 -4.88 65.93 -25.82
N THR CA 267 -4.39 64.97 -25.04
CA THR CA 267 -4.82 63.57 -25.17
C THR CA 267 -5.50 63.23 -23.86
N TYR CA 268 -6.80 62.93 -23.93
CA TYR CA 268 -7.59 62.80 -22.70
C TYR CA 268 -8.47 61.56 -22.65
N THR CA 269 -8.76 61.09 -21.44
CA THR CA 269 -9.82 60.10 -21.24
C THR CA 269 -10.84 60.64 -20.25
N ILE CA 270 -12.04 60.92 -20.72
CA ILE CA 270 -13.05 61.56 -19.86
C ILE CA 270 -14.32 60.69 -19.61
N GLN CA 271 -14.77 60.64 -18.36
CA GLN CA 271 -16.04 60.00 -18.03
C GLN CA 271 -17.10 61.07 -17.96
N MET CA 272 -18.10 60.95 -18.82
CA MET CA 272 -19.15 61.95 -18.87
C MET CA 272 -20.43 61.34 -18.37
N ILE CA 273 -21.08 62.03 -17.44
CA ILE CA 273 -22.30 61.52 -16.87
C ILE CA 273 -23.36 62.60 -16.89
N GLU CA 274 -24.62 62.16 -16.77
CA GLU CA 274 -25.79 63.02 -16.62
C GLU CA 274 -26.06 63.96 -17.79
N PRO CA 275 -26.66 63.43 -18.86
CA PRO CA 275 -27.02 64.21 -20.04
C PRO CA 275 -27.89 65.42 -19.73
N THR CA 276 -27.88 66.40 -20.64
CA THR CA 276 -28.65 67.62 -20.49
C THR CA 276 -29.07 68.19 -21.83
N ALA CA 277 -30.23 68.83 -21.87
CA ALA CA 277 -30.72 69.43 -23.10
C ALA CA 277 -30.86 70.95 -22.96
N GLY DA 86 10.37 57.71 12.72
CA GLY DA 86 11.35 57.96 13.75
C GLY DA 86 11.93 59.37 13.68
N GLY DA 87 11.11 60.33 13.24
CA GLY DA 87 11.50 61.73 13.14
C GLY DA 87 11.75 62.18 11.70
N ILE DA 88 11.73 61.22 10.78
CA ILE DA 88 12.09 61.44 9.38
C ILE DA 88 10.98 61.86 8.45
N THR DA 89 11.05 63.08 7.92
CA THR DA 89 10.16 63.49 6.84
C THR DA 89 10.91 63.38 5.51
N VAL DA 90 10.46 62.46 4.65
CA VAL DA 90 11.12 62.17 3.36
C VAL DA 90 10.52 62.92 2.17
N LEU DA 91 11.36 63.59 1.40
CA LEU DA 91 10.86 64.45 0.33
C LEU DA 91 11.55 64.17 -0.97
N THR DA 92 10.78 64.10 -2.05
CA THR DA 92 11.33 63.97 -3.41
C THR DA 92 10.85 65.12 -4.29
N HIS DA 93 11.76 65.76 -5.00
CA HIS DA 93 11.41 66.93 -5.78
C HIS DA 93 12.43 67.24 -6.86
N SER DA 94 11.97 67.94 -7.91
CA SER DA 94 12.82 68.50 -8.94
C SER DA 94 12.61 69.99 -8.99
N GLU DA 95 13.71 70.74 -9.12
CA GLU DA 95 13.64 72.18 -9.33
C GLU DA 95 14.84 72.71 -10.07
N LEU DA 96 14.70 73.92 -10.60
CA LEU DA 96 15.79 74.60 -11.32
C LEU DA 96 16.95 74.84 -10.41
N SER DA 97 18.14 74.54 -10.89
CA SER DA 97 19.32 74.70 -10.04
C SER DA 97 20.34 75.66 -10.65
N ALA DA 98 20.30 75.88 -11.96
CA ALA DA 98 21.30 76.71 -12.61
C ALA DA 98 20.88 77.13 -14.02
N GLU DA 99 21.24 78.36 -14.42
CA GLU DA 99 21.08 78.76 -15.82
C GLU DA 99 22.46 78.83 -16.50
N ILE DA 100 22.54 78.33 -17.73
CA ILE DA 100 23.81 78.02 -18.33
C ILE DA 100 24.03 78.74 -19.66
N GLY DA 101 25.20 79.38 -19.78
CA GLY DA 101 25.60 80.08 -20.98
C GLY DA 101 26.99 79.68 -21.40
N VAL DA 102 27.27 79.72 -22.71
CA VAL DA 102 28.52 79.21 -23.23
C VAL DA 102 29.35 80.25 -23.98
N THR DA 103 30.68 80.19 -23.82
CA THR DA 103 31.62 81.06 -24.54
C THR DA 103 32.71 80.27 -25.27
N ASP DA 104 33.65 80.96 -25.94
CA ASP DA 104 34.67 80.25 -26.70
C ASP DA 104 35.91 79.87 -25.89
N SER DA 105 35.98 80.30 -24.64
CA SER DA 105 37.05 79.90 -23.75
C SER DA 105 36.43 79.30 -22.49
N ILE DA 106 37.15 78.38 -21.86
CA ILE DA 106 36.61 77.63 -20.73
C ILE DA 106 36.29 78.48 -19.48
N VAL DA 107 35.09 78.25 -18.95
CA VAL DA 107 34.60 78.83 -17.70
C VAL DA 107 34.22 77.72 -16.73
N VAL DA 108 34.89 77.64 -15.58
CA VAL DA 108 34.56 76.60 -14.60
C VAL DA 108 33.82 77.18 -13.38
N SER DA 109 32.60 76.71 -13.13
CA SER DA 109 31.84 77.16 -11.97
C SER DA 109 31.53 75.98 -11.06
N SER DA 110 30.97 76.22 -9.87
CA SER DA 110 30.62 75.12 -8.99
C SER DA 110 29.42 75.40 -8.09
N GLU DA 111 28.82 74.35 -7.56
CA GLU DA 111 27.66 74.48 -6.66
C GLU DA 111 27.74 73.47 -5.55
N LEU DA 112 27.61 73.93 -4.31
CA LEU DA 112 27.64 73.02 -3.18
C LEU DA 112 26.38 72.16 -3.17
N VAL DA 113 26.55 70.84 -3.02
CA VAL DA 113 25.40 69.94 -2.97
C VAL DA 113 24.84 69.89 -1.55
N MET DA 114 24.15 70.96 -1.17
CA MET DA 114 23.50 71.04 0.14
C MET DA 114 22.24 71.88 -0.07
N PRO DA 115 21.18 71.59 0.70
CA PRO DA 115 19.86 72.17 0.46
C PRO DA 115 19.88 73.66 0.15
N TYR DA 116 20.67 74.41 0.93
CA TYR DA 116 20.71 75.86 0.76
C TYR DA 116 21.05 76.27 -0.69
N THR DA 117 21.85 75.45 -1.37
CA THR DA 117 22.38 75.89 -2.66
C THR DA 117 21.94 75.10 -3.88
N VAL DA 118 21.07 74.10 -3.74
CA VAL DA 118 20.60 73.35 -4.92
C VAL DA 118 19.42 74.05 -5.62
N GLY DA 119 18.61 74.79 -4.88
CA GLY DA 119 17.47 75.46 -5.48
C GLY DA 119 16.78 76.29 -4.44
N THR DA 120 16.05 77.33 -4.87
CA THR DA 120 15.46 78.25 -3.91
C THR DA 120 14.38 77.56 -3.08
N TRP DA 121 13.61 76.65 -3.71
CA TRP DA 121 12.48 76.03 -3.00
C TRP DA 121 12.94 75.14 -1.86
N LEU DA 122 13.87 74.21 -2.14
CA LEU DA 122 14.42 73.31 -1.11
C LEU DA 122 15.07 74.13 -0.01
N ARG DA 123 15.71 75.22 -0.40
CA ARG DA 123 16.33 76.08 0.58
C ARG DA 123 15.35 76.48 1.68
N GLY DA 124 14.17 76.93 1.28
CA GLY DA 124 13.21 77.37 2.27
C GLY DA 124 12.66 76.23 3.11
N VAL DA 125 12.33 75.13 2.44
CA VAL DA 125 11.71 74.01 3.09
C VAL DA 125 12.65 73.38 4.11
N ALA DA 126 13.83 72.99 3.65
CA ALA DA 126 14.75 72.17 4.43
C ALA DA 126 15.32 72.93 5.63
N ALA DA 127 15.11 74.25 5.63
CA ALA DA 127 15.55 75.08 6.75
C ALA DA 127 14.78 74.80 8.05
N ASN DA 128 13.57 74.30 7.95
CA ASN DA 128 12.75 74.05 9.13
C ASN DA 128 13.22 72.87 9.95
N TRP DA 129 14.22 72.16 9.44
CA TRP DA 129 14.83 71.01 10.12
C TRP DA 129 16.30 71.31 10.35
N SER DA 130 16.90 70.65 11.34
CA SER DA 130 18.28 70.96 11.72
C SER DA 130 19.29 70.18 10.92
N LYS DA 131 18.95 68.93 10.63
CA LYS DA 131 19.83 68.05 9.88
C LYS DA 131 19.10 67.39 8.71
N TYR DA 132 19.86 66.91 7.73
CA TYR DA 132 19.29 66.20 6.59
C TYR DA 132 20.21 65.07 6.11
N SER DA 133 19.68 64.26 5.20
CA SER DA 133 20.43 63.23 4.49
C SER DA 133 19.94 63.09 3.03
N TRP DA 134 20.90 63.09 2.10
CA TRP DA 134 20.59 62.79 0.71
C TRP DA 134 20.40 61.28 0.55
N LEU DA 135 19.27 60.89 -0.01
CA LEU DA 135 19.03 59.50 -0.38
C LEU DA 135 19.43 59.37 -1.84
N SER DA 136 19.21 60.44 -2.59
CA SER DA 136 19.61 60.49 -4.00
C SER DA 136 19.69 61.93 -4.47
N VAL DA 137 20.72 62.26 -5.27
CA VAL DA 137 20.84 63.57 -5.92
C VAL DA 137 21.30 63.45 -7.37
N ARG DA 138 20.52 64.01 -8.27
CA ARG DA 138 20.84 63.98 -9.69
C ARG DA 138 20.75 65.36 -10.29
N TYR DA 139 21.79 65.75 -11.02
CA TYR DA 139 21.87 67.03 -11.75
C TYR DA 139 21.67 66.77 -13.24
N THR DA 140 20.71 67.47 -13.83
CA THR DA 140 20.39 67.19 -15.20
C THR DA 140 20.40 68.45 -16.05
N TYR DA 141 21.19 68.42 -17.11
CA TYR DA 141 21.25 69.53 -18.05
C TYR DA 141 20.20 69.38 -19.15
N ILE DA 142 19.41 70.41 -19.35
CA ILE DA 142 18.45 70.43 -20.42
C ILE DA 142 18.83 71.55 -21.38
N PRO DA 143 18.96 71.24 -22.68
CA PRO DA 143 19.33 72.32 -23.62
C PRO DA 143 18.16 73.26 -23.92
N SER DA 144 18.48 74.47 -24.35
CA SER DA 144 17.46 75.41 -24.76
C SER DA 144 17.93 76.22 -25.96
N CYS DA 145 18.96 75.71 -26.62
CA CYS DA 145 19.58 76.45 -27.73
C CYS DA 145 19.41 75.68 -29.04
N PRO DA 146 19.67 76.35 -30.19
CA PRO DA 146 19.66 75.70 -31.50
C PRO DA 146 20.68 74.57 -31.66
N SER DA 147 20.43 73.66 -32.59
CA SER DA 147 21.32 72.55 -32.87
C SER DA 147 22.62 73.04 -33.52
N SER DA 148 22.62 74.32 -33.89
CA SER DA 148 23.78 74.94 -34.53
C SER DA 148 24.64 75.71 -33.51
N THR DA 149 24.28 75.57 -32.24
CA THR DA 149 25.02 76.23 -31.18
C THR DA 149 26.33 75.52 -30.86
N ALA DA 150 27.43 76.26 -30.94
CA ALA DA 150 28.77 75.77 -30.58
C ALA DA 150 28.89 75.74 -29.08
N GLY DA 151 29.58 74.74 -28.55
CA GLY DA 151 29.75 74.64 -27.12
C GLY DA 151 29.55 73.23 -26.61
N SER DA 152 30.15 72.95 -25.46
CA SER DA 152 29.89 71.70 -24.77
C SER DA 152 29.84 71.95 -23.26
N ILE DA 153 29.09 71.12 -22.54
CA ILE DA 153 29.00 71.27 -21.10
C ILE DA 153 29.58 70.01 -20.44
N HIS DA 154 30.22 70.23 -19.29
CA HIS DA 154 30.89 69.16 -18.55
C HIS DA 154 30.52 69.25 -17.09
N MET DA 155 30.24 68.12 -16.46
CA MET DA 155 29.90 68.14 -15.04
C MET DA 155 30.56 66.99 -14.28
N GLY DA 156 30.94 67.24 -13.04
CA GLY DA 156 31.45 66.17 -12.19
C GLY DA 156 31.41 66.52 -10.71
N PHE DA 157 31.60 65.51 -9.88
CA PHE DA 157 31.53 65.75 -8.44
C PHE DA 157 32.91 65.72 -7.78
N GLN DA 158 33.11 66.66 -6.86
CA GLN DA 158 34.23 66.57 -5.97
C GLN DA 158 33.63 66.35 -4.60
N TYR DA 159 34.24 65.47 -3.80
CA TYR DA 159 33.67 65.12 -2.50
C TYR DA 159 34.49 65.59 -1.31
N ASP DA 160 35.56 66.33 -1.57
CA ASP DA 160 36.40 66.91 -0.50
C ASP DA 160 36.53 68.44 -0.66
N MET DA 161 36.07 69.19 0.33
CA MET DA 161 36.02 70.64 0.19
C MET DA 161 37.39 71.30 0.01
N ALA DA 162 38.45 70.59 0.40
CA ALA DA 162 39.81 71.10 0.27
C ALA DA 162 40.35 70.91 -1.16
N ASP DA 163 39.70 70.03 -1.92
CA ASP DA 163 40.05 69.76 -3.32
C ASP DA 163 40.09 71.04 -4.14
N THR DA 164 41.08 71.15 -5.03
CA THR DA 164 41.11 72.32 -5.91
C THR DA 164 40.05 72.18 -6.99
N VAL DA 165 39.37 73.28 -7.33
CA VAL DA 165 38.43 73.26 -8.45
C VAL DA 165 39.20 73.04 -9.75
N PRO DA 166 38.70 72.15 -10.62
CA PRO DA 166 39.40 71.85 -11.87
C PRO DA 166 39.59 73.07 -12.77
N VAL DA 167 40.61 73.01 -13.62
CA VAL DA 167 40.90 74.12 -14.51
C VAL DA 167 40.88 73.69 -15.96
N SER DA 168 40.88 72.39 -16.20
CA SER DA 168 40.75 71.89 -17.55
C SER DA 168 39.72 70.75 -17.64
N VAL DA 169 39.21 70.55 -18.85
CA VAL DA 169 38.39 69.40 -19.15
C VAL DA 169 39.19 68.11 -18.84
N ASN DA 170 40.48 68.11 -19.14
CA ASN DA 170 41.30 66.92 -18.91
C ASN DA 170 41.16 66.47 -17.47
N GLN DA 171 41.34 67.42 -16.55
CA GLN DA 171 41.18 67.17 -15.11
C GLN DA 171 39.80 66.73 -14.70
N LEU DA 172 38.82 67.50 -15.14
CA LEU DA 172 37.44 67.31 -14.77
C LEU DA 172 36.96 65.91 -15.15
N SER DA 173 37.41 65.43 -16.31
CA SER DA 173 37.01 64.13 -16.87
C SER DA 173 37.31 62.91 -16.00
N ASN DA 174 38.16 63.07 -15.00
CA ASN DA 174 38.52 61.97 -14.10
C ASN DA 174 37.55 61.86 -12.90
N LEU DA 175 36.73 62.87 -12.70
CA LEU DA 175 35.83 62.96 -11.55
C LEU DA 175 34.70 61.93 -11.61
N ARG DA 176 34.33 61.39 -10.45
CA ARG DA 176 33.13 60.56 -10.31
C ARG DA 176 31.90 61.24 -10.90
N GLY DA 177 31.20 60.53 -11.78
CA GLY DA 177 29.96 61.03 -12.33
C GLY DA 177 30.16 62.02 -13.46
N TYR DA 178 31.37 62.04 -14.03
CA TYR DA 178 31.67 62.94 -15.13
C TYR DA 178 30.78 62.70 -16.34
N VAL DA 179 30.20 63.76 -16.89
CA VAL DA 179 29.45 63.63 -18.12
C VAL DA 179 29.78 64.76 -19.10
N SER DA 180 29.43 64.58 -20.36
CA SER DA 180 29.80 65.54 -21.38
C SER DA 180 28.89 65.48 -22.61
N GLY DA 181 28.56 66.64 -23.15
CA GLY DA 181 27.81 66.68 -24.39
C GLY DA 181 27.73 68.07 -24.98
N GLN DA 182 27.29 68.16 -26.23
CA GLN DA 182 27.03 69.43 -26.91
C GLN DA 182 26.02 70.25 -26.10
N VAL DA 183 26.12 71.58 -26.13
CA VAL DA 183 25.23 72.38 -25.30
C VAL DA 183 23.79 72.30 -25.80
N TRP DA 184 23.60 71.68 -26.98
CA TRP DA 184 22.27 71.46 -27.55
C TRP DA 184 21.78 70.01 -27.47
N SER DA 185 22.60 69.11 -26.92
CA SER DA 185 22.21 67.73 -26.67
C SER DA 185 21.65 67.61 -25.24
N GLY DA 186 21.07 66.47 -24.86
CA GLY DA 186 20.71 66.24 -23.47
C GLY DA 186 19.23 66.15 -23.13
N SER DA 187 18.39 66.36 -24.15
CA SER DA 187 16.95 66.33 -24.04
C SER DA 187 16.46 65.05 -23.40
N ALA DA 188 17.07 63.92 -23.77
CA ALA DA 188 16.63 62.61 -23.27
C ALA DA 188 16.78 62.52 -21.77
N GLY DA 189 17.33 63.55 -21.16
CA GLY DA 189 17.43 63.58 -19.72
C GLY DA 189 16.14 64.01 -19.08
N LEU DA 190 15.19 64.49 -19.90
CA LEU DA 190 13.95 65.08 -19.34
C LEU DA 190 13.19 64.13 -18.43
N CYS DA 191 13.18 62.84 -18.77
CA CYS DA 191 12.41 61.87 -18.00
C CYS DA 191 12.85 61.76 -16.52
N PHE DA 192 14.09 62.09 -16.22
CA PHE DA 192 14.52 62.05 -14.83
C PHE DA 192 13.82 63.09 -13.99
N ILE DA 193 13.48 64.22 -14.60
CA ILE DA 193 13.01 65.37 -13.84
C ILE DA 193 11.56 65.21 -13.40
N ASN DA 194 10.73 64.70 -14.29
CA ASN DA 194 9.35 64.47 -13.91
C ASN DA 194 9.15 63.03 -13.46
N GLY DA 195 10.26 62.31 -13.25
CA GLY DA 195 10.21 60.97 -12.69
C GLY DA 195 9.39 59.97 -13.48
N THR DA 196 9.38 60.09 -14.80
CA THR DA 196 8.58 59.22 -15.65
C THR DA 196 9.37 57.98 -16.10
N ARG DA 197 8.79 57.14 -16.94
CA ARG DA 197 9.52 55.95 -17.44
C ARG DA 197 10.75 56.37 -18.22
N CYS DA 198 11.91 55.98 -17.73
CA CYS DA 198 13.14 56.29 -18.44
C CYS DA 198 13.54 55.12 -19.30
N SER DA 199 13.80 55.40 -20.57
CA SER DA 199 14.20 54.38 -21.54
C SER DA 199 15.49 54.78 -22.26
N ASP DA 200 15.35 55.57 -23.32
CA ASP DA 200 16.49 55.98 -24.15
C ASP DA 200 17.27 57.16 -23.55
N THR DA 201 18.00 56.88 -22.49
CA THR DA 201 18.73 57.92 -21.81
C THR DA 201 20.22 57.93 -22.10
N SER DA 202 20.68 57.30 -23.18
CA SER DA 202 22.13 57.23 -23.46
C SER DA 202 22.76 58.59 -23.68
N THR DA 203 21.97 59.50 -24.23
CA THR DA 203 22.39 60.86 -24.53
C THR DA 203 22.14 61.85 -23.41
N ALA DA 204 21.56 61.39 -22.31
CA ALA DA 204 21.25 62.29 -21.21
C ALA DA 204 22.52 62.84 -20.58
N ILE DA 205 22.62 64.17 -20.49
CA ILE DA 205 23.72 64.81 -19.78
C ILE DA 205 23.28 64.97 -18.32
N SER DA 206 23.23 63.83 -17.63
CA SER DA 206 22.64 63.77 -16.30
C SER DA 206 23.60 63.01 -15.41
N THR DA 207 23.72 63.42 -14.15
CA THR DA 207 24.69 62.78 -13.27
C THR DA 207 24.22 62.72 -11.81
N THR DA 208 24.72 61.75 -11.05
CA THR DA 208 24.25 61.54 -9.68
C THR DA 208 25.34 61.47 -8.61
N LEU DA 209 24.96 61.90 -7.40
CA LEU DA 209 25.82 61.91 -6.22
C LEU DA 209 25.96 60.49 -5.63
N ASP DA 210 27.17 60.08 -5.24
CA ASP DA 210 27.31 58.80 -4.54
C ASP DA 210 26.98 58.96 -3.06
N VAL DA 211 25.71 58.87 -2.70
CA VAL DA 211 25.29 59.06 -1.31
C VAL DA 211 25.93 58.02 -0.37
N SER DA 212 26.15 56.83 -0.91
CA SER DA 212 26.77 55.70 -0.21
C SER DA 212 28.19 55.96 0.26
N LYS DA 213 28.81 57.00 -0.29
CA LYS DA 213 30.23 57.24 -0.10
C LYS DA 213 30.52 58.58 0.61
N LEU DA 214 29.47 59.20 1.14
CA LEU DA 214 29.61 60.48 1.84
C LEU DA 214 30.33 60.38 3.19
N GLY DA 215 30.82 61.51 3.71
CA GLY DA 215 31.49 61.54 5.00
C GLY DA 215 30.69 60.93 6.15
N LYS DA 216 29.47 61.43 6.34
CA LYS DA 216 28.55 60.88 7.33
C LYS DA 216 27.18 60.69 6.71
N LYS DA 217 26.18 60.32 7.51
CA LYS DA 217 24.85 60.16 6.95
C LYS DA 217 24.06 61.42 7.17
N TRP DA 218 24.09 61.95 8.39
CA TRP DA 218 23.29 63.12 8.69
C TRP DA 218 24.12 64.41 8.67
N TYR DA 219 23.80 65.29 7.72
CA TYR DA 219 24.47 66.57 7.62
C TYR DA 219 23.63 67.65 8.24
N PRO DA 220 24.29 68.61 8.91
CA PRO DA 220 23.57 69.78 9.43
C PRO DA 220 23.23 70.76 8.32
N TYR DA 221 22.06 71.37 8.41
CA TYR DA 221 21.70 72.44 7.49
C TYR DA 221 22.58 73.62 7.77
N LYS DA 222 23.32 74.04 6.76
CA LYS DA 222 24.20 75.19 6.90
C LYS DA 222 23.92 76.04 5.68
N THR DA 223 24.14 77.34 5.82
CA THR DA 223 24.03 78.26 4.69
C THR DA 223 25.40 78.51 4.11
N SER DA 224 25.45 79.29 3.03
CA SER DA 224 26.72 79.70 2.41
C SER DA 224 27.64 80.47 3.36
N ALA DA 225 27.04 81.34 4.17
CA ALA DA 225 27.77 82.07 5.17
C ALA DA 225 28.49 81.10 6.08
N ASP DA 226 27.74 80.14 6.60
CA ASP DA 226 28.25 79.12 7.51
C ASP DA 226 29.38 78.37 6.83
N TYR DA 227 29.24 78.11 5.53
CA TYR DA 227 30.30 77.47 4.75
C TYR DA 227 31.54 78.35 4.62
N ALA DA 228 31.30 79.60 4.25
CA ALA DA 228 32.34 80.60 4.02
C ALA DA 228 33.22 80.85 5.26
N THR DA 229 32.56 81.03 6.41
CA THR DA 229 33.21 81.22 7.68
C THR DA 229 34.10 80.06 8.05
N ALA DA 230 33.59 78.84 7.87
CA ALA DA 230 34.34 77.65 8.21
C ALA DA 230 35.64 77.61 7.43
N VAL DA 231 35.57 77.90 6.14
CA VAL DA 231 36.76 77.85 5.29
C VAL DA 231 37.69 79.04 5.59
N GLY DA 232 37.14 80.12 6.12
CA GLY DA 232 37.96 81.22 6.56
C GLY DA 232 38.82 80.79 7.75
N VAL DA 233 38.26 79.93 8.58
CA VAL DA 233 39.00 79.40 9.73
C VAL DA 233 39.87 78.22 9.29
N ASP DA 234 39.26 77.27 8.59
CA ASP DA 234 40.00 76.11 8.08
C ASP DA 234 39.14 75.33 7.07
N VAL DA 235 39.65 75.16 5.85
CA VAL DA 235 38.87 74.53 4.79
C VAL DA 235 38.44 73.13 5.19
N ASN DA 236 39.20 72.48 6.07
CA ASN DA 236 38.90 71.11 6.44
C ASN DA 236 37.69 71.06 7.37
N ILE DA 237 37.39 72.19 8.02
CA ILE DA 237 36.21 72.28 8.86
C ILE DA 237 34.91 72.12 8.07
N ALA DA 238 34.93 72.60 6.83
CA ALA DA 238 33.72 72.64 6.01
C ALA DA 238 33.32 71.28 5.51
N THR DA 239 34.29 70.39 5.31
CA THR DA 239 34.02 69.08 4.71
C THR DA 239 32.96 68.30 5.53
N PRO DA 240 33.00 68.39 6.87
CA PRO DA 240 31.85 67.74 7.52
C PRO DA 240 30.54 68.55 7.48
N LEU DA 241 30.54 69.70 6.80
CA LEU DA 241 29.36 70.55 6.75
C LEU DA 241 28.60 70.41 5.43
N VAL DA 242 29.32 70.19 4.34
CA VAL DA 242 28.68 70.03 3.04
C VAL DA 242 29.12 68.70 2.45
N PRO DA 243 28.16 67.89 1.99
CA PRO DA 243 28.43 66.53 1.48
C PRO DA 243 29.27 66.44 0.20
N ALA DA 244 29.13 67.40 -0.72
CA ALA DA 244 29.93 67.39 -1.96
C ALA DA 244 29.77 68.68 -2.74
N ARG DA 245 30.58 68.85 -3.77
CA ARG DA 245 30.39 70.00 -4.64
C ARG DA 245 30.31 69.54 -6.08
N LEU DA 246 29.40 70.17 -6.80
CA LEU DA 246 29.21 69.88 -8.21
C LEU DA 246 30.06 70.85 -8.96
N VAL DA 247 30.87 70.35 -9.86
CA VAL DA 247 31.69 71.21 -10.69
C VAL DA 247 31.25 71.20 -12.16
N ILE DA 248 31.21 72.38 -12.76
CA ILE DA 248 30.73 72.57 -14.11
C ILE DA 248 31.72 73.36 -14.98
N ALA DA 249 32.02 72.86 -16.18
CA ALA DA 249 32.83 73.59 -17.17
C ALA DA 249 32.06 73.79 -18.48
N LEU DA 250 32.19 74.98 -19.06
CA LEU DA 250 31.67 75.27 -20.39
C LEU DA 250 32.71 75.89 -21.32
N LEU DA 251 32.80 75.37 -22.53
CA LEU DA 251 33.79 75.88 -23.47
C LEU DA 251 33.32 75.55 -24.87
N ASP DA 252 34.18 75.78 -25.86
CA ASP DA 252 33.92 75.44 -27.27
C ASP DA 252 32.82 76.25 -27.94
N GLY DA 253 32.44 77.38 -27.34
CA GLY DA 253 31.41 78.25 -27.90
C GLY DA 253 31.94 79.10 -29.05
N SER DA 254 31.08 79.81 -29.76
CA SER DA 254 31.57 80.50 -30.94
C SER DA 254 31.81 81.98 -30.71
N SER DA 255 31.34 82.51 -29.59
CA SER DA 255 31.55 83.92 -29.28
C SER DA 255 32.25 84.10 -27.92
N SER DA 256 32.85 85.26 -27.76
CA SER DA 256 33.46 85.63 -26.50
C SER DA 256 32.38 86.07 -25.53
N THR DA 257 31.18 86.37 -26.05
CA THR DA 257 30.04 86.69 -25.20
C THR DA 257 29.16 85.48 -24.97
N ALA DA 258 28.73 85.28 -23.72
CA ALA DA 258 27.95 84.09 -23.35
C ALA DA 258 26.67 83.93 -24.18
N VAL DA 259 26.53 82.76 -24.78
CA VAL DA 259 25.34 82.37 -25.52
C VAL DA 259 24.45 81.49 -24.65
N ALA DA 260 23.14 81.72 -24.65
CA ALA DA 260 22.22 80.89 -23.87
C ALA DA 260 22.28 79.42 -24.31
N ALA DA 261 22.67 78.54 -23.39
CA ALA DA 261 22.87 77.13 -23.74
C ALA DA 261 21.75 76.28 -23.15
N GLY DA 262 21.60 76.32 -21.84
CA GLY DA 262 20.56 75.57 -21.18
C GLY DA 262 20.40 75.89 -19.71
N ARG DA 263 19.90 74.90 -18.99
CA ARG DA 263 19.67 74.98 -17.57
C ARG DA 263 20.04 73.64 -16.91
N ILE DA 264 20.51 73.69 -15.66
CA ILE DA 264 20.74 72.48 -14.89
C ILE DA 264 19.68 72.33 -13.79
N TYR DA 265 18.97 71.19 -13.78
CA TYR DA 265 17.98 70.92 -12.73
C TYR DA 265 18.49 69.92 -11.70
N CYS DA 266 17.97 70.03 -10.50
CA CYS DA 266 18.29 69.08 -9.45
C CYS DA 266 17.05 68.29 -9.05
N THR DA 267 17.17 66.97 -9.11
CA THR DA 267 16.16 66.01 -8.70
C THR DA 267 16.71 65.23 -7.53
N TYR DA 268 16.13 65.43 -6.36
CA TYR DA 268 16.69 64.88 -5.14
C TYR DA 268 15.67 64.12 -4.29
N THR DA 269 16.15 63.18 -3.49
CA THR DA 269 15.32 62.65 -2.42
C THR DA 269 16.03 62.89 -1.10
N ILE DA 270 15.46 63.73 -0.25
CA ILE DA 270 16.11 64.16 0.97
C ILE DA 270 15.37 63.68 2.23
N GLN DA 271 16.15 63.22 3.22
CA GLN DA 271 15.57 62.91 4.52
C GLN DA 271 15.83 64.03 5.49
N MET DA 272 14.78 64.63 6.02
CA MET DA 272 14.92 65.76 6.94
C MET DA 272 14.45 65.39 8.34
N ILE DA 273 15.26 65.72 9.33
CA ILE DA 273 14.96 65.34 10.70
C ILE DA 273 15.15 66.46 11.70
N GLU DA 274 14.52 66.29 12.87
CA GLU DA 274 14.73 67.16 14.03
C GLU DA 274 14.40 68.62 13.72
N PRO DA 275 13.09 68.94 13.78
CA PRO DA 275 12.59 70.30 13.54
C PRO DA 275 13.28 71.37 14.38
N THR DA 276 13.21 72.62 13.93
CA THR DA 276 13.85 73.75 14.57
C THR DA 276 13.05 75.02 14.34
N ALA DA 277 13.10 75.93 15.31
CA ALA DA 277 12.42 77.22 15.18
C ALA DA 277 13.44 78.36 15.18
N GLY EA 86 -41.95 -42.75 -3.61
CA GLY EA 86 -41.06 -43.90 -3.79
C GLY EA 86 -41.76 -45.26 -3.80
N GLY EA 87 -42.58 -45.51 -2.78
CA GLY EA 87 -43.32 -46.75 -2.63
C GLY EA 87 -42.73 -47.66 -1.56
N ILE EA 88 -41.56 -47.27 -1.03
CA ILE EA 88 -40.85 -48.07 -0.04
C ILE EA 88 -41.21 -47.77 1.42
N THR EA 89 -41.75 -48.78 2.08
CA THR EA 89 -41.98 -48.75 3.52
C THR EA 89 -40.81 -49.44 4.22
N VAL EA 90 -40.05 -48.70 5.01
CA VAL EA 90 -38.93 -49.28 5.73
C VAL EA 90 -39.27 -49.63 7.19
N LEU EA 91 -38.98 -50.86 7.58
CA LEU EA 91 -39.31 -51.40 8.90
C LEU EA 91 -38.06 -51.94 9.60
N THR EA 92 -37.87 -51.57 10.87
CA THR EA 92 -36.80 -52.12 11.67
C THR EA 92 -37.44 -52.70 12.92
N HIS EA 93 -37.14 -53.95 13.23
CA HIS EA 93 -37.79 -54.65 14.32
C HIS EA 93 -36.94 -55.83 14.80
N SER EA 94 -37.15 -56.23 16.05
CA SER EA 94 -36.57 -57.43 16.59
C SER EA 94 -37.68 -58.34 17.02
N GLU EA 95 -37.57 -59.63 16.70
CA GLU EA 95 -38.51 -60.58 17.24
C GLU EA 95 -37.89 -61.98 17.35
N LEU EA 96 -38.54 -62.82 18.15
CA LEU EA 96 -38.14 -64.19 18.37
C LEU EA 96 -38.20 -65.01 17.09
N SER EA 97 -37.16 -65.79 16.83
CA SER EA 97 -37.08 -66.56 15.60
C SER EA 97 -36.96 -68.06 15.82
N ALA EA 98 -36.45 -68.47 16.98
CA ALA EA 98 -36.21 -69.88 17.24
C ALA EA 98 -35.97 -70.15 18.73
N GLU EA 99 -36.47 -71.26 19.23
CA GLU EA 99 -36.14 -71.66 20.59
C GLU EA 99 -35.17 -72.83 20.52
N ILE EA 100 -34.18 -72.81 21.39
CA ILE EA 100 -33.03 -73.66 21.19
C ILE EA 100 -32.81 -74.59 22.38
N GLY EA 101 -32.67 -75.89 22.10
CA GLY EA 101 -32.43 -76.86 23.15
C GLY EA 101 -31.27 -77.71 22.67
N VAL EA 102 -30.48 -78.22 23.62
CA VAL EA 102 -29.25 -78.93 23.28
C VAL EA 102 -29.21 -80.40 23.75
N THR EA 103 -28.64 -81.28 22.92
CA THR EA 103 -28.39 -82.67 23.31
C THR EA 103 -26.92 -83.05 23.10
N ASP EA 104 -26.57 -84.29 23.40
CA ASP EA 104 -25.19 -84.79 23.34
C ASP EA 104 -24.78 -85.32 21.96
N SER EA 105 -25.67 -85.24 21.00
CA SER EA 105 -25.31 -85.57 19.64
C SER EA 105 -25.68 -84.39 18.77
N ILE EA 106 -24.95 -84.20 17.68
CA ILE EA 106 -25.20 -83.03 16.85
C ILE EA 106 -26.61 -83.10 16.20
N VAL EA 107 -27.32 -81.98 16.25
CA VAL EA 107 -28.61 -81.79 15.60
C VAL EA 107 -28.53 -80.55 14.76
N VAL EA 108 -28.65 -80.68 13.45
CA VAL EA 108 -28.53 -79.53 12.58
C VAL EA 108 -29.86 -79.12 11.96
N SER EA 109 -30.33 -77.92 12.27
CA SER EA 109 -31.57 -77.41 11.70
C SER EA 109 -31.28 -76.15 10.90
N SER EA 110 -32.27 -75.64 10.18
CA SER EA 110 -32.04 -74.40 9.44
C SER EA 110 -33.30 -73.58 9.30
N GLU EA 111 -33.13 -72.32 8.95
CA GLU EA 111 -34.25 -71.41 8.78
C GLU EA 111 -34.00 -70.54 7.57
N LEU EA 112 -35.01 -70.44 6.71
CA LEU EA 112 -34.95 -69.59 5.55
C LEU EA 112 -34.97 -68.11 5.92
N VAL EA 113 -34.06 -67.33 5.34
CA VAL EA 113 -34.02 -65.90 5.60
C VAL EA 113 -34.96 -65.18 4.66
N MET EA 114 -36.24 -65.26 4.94
CA MET EA 114 -37.25 -64.58 4.16
C MET EA 114 -38.39 -64.21 5.12
N PRO EA 115 -39.09 -63.10 4.83
CA PRO EA 115 -40.04 -62.53 5.79
C PRO EA 115 -40.95 -63.56 6.48
N TYR EA 116 -41.51 -64.48 5.70
CA TYR EA 116 -42.47 -65.46 6.21
C TYR EA 116 -41.99 -66.30 7.40
N THR EA 117 -40.68 -66.59 7.41
CA THR EA 117 -40.14 -67.56 8.36
C THR EA 117 -39.15 -67.01 9.41
N VAL EA 118 -38.88 -65.70 9.42
CA VAL EA 118 -37.99 -65.21 10.45
C VAL EA 118 -38.84 -64.98 11.70
N GLY EA 119 -40.12 -64.77 11.53
CA GLY EA 119 -40.95 -64.53 12.69
C GLY EA 119 -42.43 -64.43 12.36
N THR EA 120 -43.28 -64.73 13.33
CA THR EA 120 -44.72 -64.75 13.09
C THR EA 120 -45.25 -63.33 12.85
N TRP EA 121 -44.71 -62.34 13.57
CA TRP EA 121 -45.13 -60.95 13.40
C TRP EA 121 -44.74 -60.43 12.01
N LEU EA 122 -43.47 -60.55 11.65
CA LEU EA 122 -43.03 -60.11 10.32
C LEU EA 122 -43.81 -60.87 9.24
N ARG EA 123 -44.13 -62.13 9.50
CA ARG EA 123 -44.90 -62.96 8.57
C ARG EA 123 -46.22 -62.32 8.18
N GLY EA 124 -46.97 -61.84 9.18
CA GLY EA 124 -48.23 -61.18 8.93
C GLY EA 124 -48.07 -59.82 8.25
N VAL EA 125 -47.08 -59.05 8.72
CA VAL EA 125 -46.87 -57.71 8.21
C VAL EA 125 -46.46 -57.70 6.73
N ALA EA 126 -45.39 -58.40 6.41
CA ALA EA 126 -44.81 -58.31 5.07
C ALA EA 126 -45.69 -58.94 3.99
N ALA EA 127 -46.70 -59.71 4.40
CA ALA EA 127 -47.61 -60.35 3.47
C ALA EA 127 -48.42 -59.32 2.71
N ASN EA 128 -48.60 -58.16 3.30
CA ASN EA 128 -49.40 -57.12 2.66
C ASN EA 128 -48.69 -56.43 1.49
N TRP EA 129 -47.42 -56.80 1.27
CA TRP EA 129 -46.63 -56.30 0.14
C TRP EA 129 -46.14 -57.49 -0.70
N SER EA 130 -45.82 -57.25 -1.97
CA SER EA 130 -45.45 -58.30 -2.93
C SER EA 130 -43.97 -58.62 -2.95
N LYS EA 131 -43.17 -57.58 -2.77
CA LYS EA 131 -41.72 -57.68 -2.82
C LYS EA 131 -41.09 -57.05 -1.59
N TYR EA 132 -39.85 -57.44 -1.30
CA TYR EA 132 -39.07 -56.89 -0.19
C TYR EA 132 -37.59 -56.80 -0.51
N SER EA 133 -36.86 -56.11 0.35
CA SER EA 133 -35.42 -56.11 0.25
C SER EA 133 -34.84 -56.05 1.65
N TRP EA 134 -33.92 -56.96 1.94
CA TRP EA 134 -33.21 -56.91 3.20
C TRP EA 134 -32.15 -55.81 3.18
N LEU EA 135 -32.22 -54.90 4.13
CA LEU EA 135 -31.16 -53.92 4.30
C LEU EA 135 -30.21 -54.43 5.38
N SER EA 136 -30.77 -55.14 6.34
CA SER EA 136 -30.00 -55.77 7.40
C SER EA 136 -30.78 -56.93 8.03
N VAL EA 137 -30.07 -58.03 8.28
CA VAL EA 137 -30.63 -59.16 9.00
C VAL EA 137 -29.64 -59.66 10.03
N ARG EA 138 -30.01 -59.67 11.30
CA ARG EA 138 -29.09 -60.14 12.31
C ARG EA 138 -29.73 -61.20 13.19
N TYR EA 139 -29.09 -62.36 13.27
CA TYR EA 139 -29.54 -63.43 14.13
C TYR EA 139 -28.65 -63.44 15.37
N THR EA 140 -29.32 -63.36 16.52
CA THR EA 140 -28.68 -63.23 17.83
C THR EA 140 -29.15 -64.31 18.78
N TYR EA 141 -28.23 -65.10 19.32
CA TYR EA 141 -28.58 -66.12 20.31
C TYR EA 141 -28.51 -65.53 21.72
N ILE EA 142 -29.56 -65.72 22.53
CA ILE EA 142 -29.56 -65.27 23.92
C ILE EA 142 -29.69 -66.48 24.82
N PRO EA 143 -28.79 -66.60 25.80
CA PRO EA 143 -28.85 -67.78 26.65
C PRO EA 143 -29.96 -67.70 27.69
N SER EA 144 -30.39 -68.86 28.16
CA SER EA 144 -31.39 -68.93 29.23
C SER EA 144 -31.15 -70.08 30.22
N CYS EA 145 -29.95 -70.64 30.22
CA CYS EA 145 -29.64 -71.84 31.01
C CYS EA 145 -28.61 -71.52 32.07
N PRO EA 146 -28.39 -72.43 33.00
CA PRO EA 146 -27.28 -72.23 33.94
C PRO EA 146 -25.92 -72.19 33.27
N SER EA 147 -24.95 -71.58 33.93
CA SER EA 147 -23.57 -71.49 33.47
C SER EA 147 -22.91 -72.85 33.50
N SER EA 148 -23.60 -73.82 34.10
CA SER EA 148 -23.08 -75.19 34.24
C SER EA 148 -23.61 -76.12 33.13
N THR EA 149 -24.35 -75.54 32.20
CA THR EA 149 -24.96 -76.28 31.11
C THR EA 149 -23.92 -76.62 30.06
N ALA EA 150 -23.82 -77.90 29.72
CA ALA EA 150 -22.94 -78.33 28.62
C ALA EA 150 -23.60 -78.05 27.28
N GLY EA 151 -22.80 -77.72 26.29
CA GLY EA 151 -23.33 -77.45 24.96
C GLY EA 151 -22.72 -76.23 24.32
N SER EA 152 -22.78 -76.18 23.00
CA SER EA 152 -22.38 -74.99 22.26
C SER EA 152 -23.31 -74.82 21.08
N ILE EA 153 -23.44 -73.60 20.57
CA ILE EA 153 -24.29 -73.38 19.42
C ILE EA 153 -23.46 -72.87 18.24
N HIS EA 154 -23.88 -73.21 17.03
CA HIS EA 154 -23.16 -72.82 15.82
C HIS EA 154 -24.10 -72.26 14.76
N MET EA 155 -23.72 -71.15 14.13
CA MET EA 155 -24.57 -70.57 13.10
C MET EA 155 -23.79 -70.05 11.89
N GLY EA 156 -24.38 -70.18 10.71
CA GLY EA 156 -23.79 -69.63 9.50
C GLY EA 156 -24.85 -69.52 8.41
N PHE EA 157 -24.52 -68.81 7.34
CA PHE EA 157 -25.44 -68.60 6.22
C PHE EA 157 -25.02 -69.40 5.00
N GLN EA 158 -26.02 -69.93 4.28
CA GLN EA 158 -25.83 -70.46 2.94
C GLN EA 158 -26.59 -69.55 2.02
N TYR EA 159 -26.02 -69.25 0.85
CA TYR EA 159 -26.63 -68.26 -0.04
C TYR EA 159 -27.14 -68.90 -1.35
N ASP EA 160 -26.98 -70.22 -1.45
CA ASP EA 160 -27.44 -71.01 -2.59
C ASP EA 160 -28.35 -72.13 -2.10
N MET EA 161 -29.61 -72.11 -2.52
CA MET EA 161 -30.59 -73.06 -1.99
C MET EA 161 -30.28 -74.52 -2.26
N ALA EA 162 -29.48 -74.77 -3.29
CA ALA EA 162 -29.10 -76.12 -3.68
C ALA EA 162 -27.95 -76.67 -2.85
N ASP EA 163 -27.22 -75.80 -2.17
CA ASP EA 163 -26.15 -76.23 -1.29
C ASP EA 163 -26.80 -77.19 -0.30
N THR EA 164 -26.19 -78.33 -0.02
CA THR EA 164 -26.75 -79.21 1.02
C THR EA 164 -26.43 -78.64 2.38
N VAL EA 165 -27.35 -78.85 3.32
CA VAL EA 165 -27.13 -78.42 4.69
C VAL EA 165 -25.94 -79.18 5.27
N PRO EA 166 -25.02 -78.47 5.92
CA PRO EA 166 -23.82 -79.05 6.51
C PRO EA 166 -24.17 -80.10 7.53
N VAL EA 167 -23.25 -81.02 7.79
CA VAL EA 167 -23.51 -82.09 8.71
C VAL EA 167 -22.46 -82.03 9.84
N SER EA 168 -21.43 -81.25 9.66
CA SER EA 168 -20.43 -81.15 10.71
C SER EA 168 -20.06 -79.70 11.09
N VAL EA 169 -19.61 -79.52 12.32
CA VAL EA 169 -19.11 -78.22 12.74
C VAL EA 169 -18.00 -77.79 11.77
N ASN EA 170 -17.17 -78.74 11.36
CA ASN EA 170 -16.07 -78.43 10.44
C ASN EA 170 -16.62 -77.74 9.16
N GLN EA 171 -17.63 -78.35 8.56
CA GLN EA 171 -18.30 -77.76 7.40
C GLN EA 171 -18.92 -76.43 7.76
N LEU EA 172 -19.62 -76.40 8.88
CA LEU EA 172 -20.26 -75.18 9.32
C LEU EA 172 -19.25 -74.04 9.47
N SER EA 173 -18.07 -74.34 9.98
CA SER EA 173 -17.09 -73.32 10.32
C SER EA 173 -16.66 -72.48 9.12
N ASN EA 174 -16.91 -72.99 7.92
CA ASN EA 174 -16.46 -72.30 6.73
C ASN EA 174 -17.45 -71.28 6.20
N LEU EA 175 -18.67 -71.36 6.71
CA LEU EA 175 -19.73 -70.50 6.21
C LEU EA 175 -19.52 -69.05 6.59
N ARG EA 176 -19.87 -68.15 5.67
CA ARG EA 176 -19.94 -66.72 5.95
C ARG EA 176 -20.74 -66.45 7.19
N GLY EA 177 -20.12 -65.72 8.12
CA GLY EA 177 -20.82 -65.32 9.32
C GLY EA 177 -20.87 -66.40 10.37
N TYR EA 178 -19.98 -67.37 10.27
CA TYR EA 178 -19.95 -68.45 11.23
C TYR EA 178 -19.73 -67.87 12.65
N VAL EA 179 -20.55 -68.32 13.60
CA VAL EA 179 -20.34 -67.99 15.01
C VAL EA 179 -20.51 -69.25 15.85
N SER EA 180 -19.96 -69.22 17.05
CA SER EA 180 -19.96 -70.40 17.88
C SER EA 180 -19.74 -69.95 19.30
N GLY EA 181 -20.46 -70.57 20.24
CA GLY EA 181 -20.22 -70.23 21.63
C GLY EA 181 -20.92 -71.17 22.55
N GLN EA 182 -20.56 -71.14 23.83
CA GLN EA 182 -21.23 -71.94 24.85
C GLN EA 182 -22.71 -71.64 24.87
N VAL EA 183 -23.54 -72.63 25.14
CA VAL EA 183 -25.00 -72.42 25.17
C VAL EA 183 -25.47 -71.53 26.34
N TRP EA 184 -24.58 -71.22 27.28
CA TRP EA 184 -24.86 -70.27 28.38
C TRP EA 184 -24.15 -68.92 28.18
N SER EA 185 -23.41 -68.80 27.07
CA SER EA 185 -22.80 -67.53 26.63
C SER EA 185 -23.73 -66.79 25.68
N GLY EA 186 -23.41 -65.55 25.35
CA GLY EA 186 -24.14 -64.83 24.31
C GLY EA 186 -24.97 -63.65 24.81
N SER EA 187 -24.98 -63.47 26.13
CA SER EA 187 -25.75 -62.42 26.81
C SER EA 187 -25.53 -61.04 26.21
N ALA EA 188 -24.28 -60.74 25.88
CA ALA EA 188 -23.88 -59.43 25.39
C ALA EA 188 -24.50 -59.10 24.03
N GLY EA 189 -25.16 -60.06 23.42
CA GLY EA 189 -25.83 -59.79 22.16
C GLY EA 189 -27.12 -59.01 22.38
N LEU EA 190 -27.55 -58.90 23.63
CA LEU EA 190 -28.84 -58.29 23.95
C LEU EA 190 -28.97 -56.89 23.39
N CYS EA 191 -27.89 -56.12 23.44
CA CYS EA 191 -27.97 -54.75 22.99
C CYS EA 191 -28.31 -54.64 21.52
N PHE EA 192 -27.98 -55.66 20.73
CA PHE EA 192 -28.35 -55.66 19.32
C PHE EA 192 -29.84 -55.70 19.14
N ILE EA 193 -30.51 -56.33 20.10
CA ILE EA 193 -31.92 -56.60 19.99
C ILE EA 193 -32.77 -55.38 20.28
N ASN EA 194 -32.41 -54.61 21.30
CA ASN EA 194 -33.16 -53.40 21.59
C ASN EA 194 -32.47 -52.17 20.97
N GLY EA 195 -31.50 -52.43 20.11
CA GLY EA 195 -30.82 -51.39 19.38
C GLY EA 195 -30.14 -50.36 20.26
N THR EA 196 -29.66 -50.78 21.42
CA THR EA 196 -29.07 -49.80 22.32
C THR EA 196 -27.59 -49.69 22.00
N ARG EA 197 -26.89 -48.82 22.73
CA ARG EA 197 -25.47 -48.62 22.52
C ARG EA 197 -24.77 -49.94 22.82
N CYS EA 198 -24.09 -50.45 21.80
CA CYS EA 198 -23.37 -51.71 21.92
C CYS EA 198 -21.93 -51.38 22.22
N SER EA 199 -21.39 -52.01 23.25
CA SER EA 199 -20.04 -51.69 23.66
C SER EA 199 -19.23 -53.00 23.67
N ASP EA 200 -19.36 -53.76 24.74
CA ASP EA 200 -18.67 -55.04 24.93
C ASP EA 200 -19.37 -56.24 24.26
N THR EA 201 -19.34 -56.30 22.94
CA THR EA 201 -20.06 -57.35 22.23
C THR EA 201 -19.19 -58.49 21.72
N SER EA 202 -17.97 -58.63 22.23
CA SER EA 202 -17.08 -59.65 21.67
C SER EA 202 -17.62 -61.05 21.91
N THR EA 203 -18.30 -61.20 23.04
CA THR EA 203 -18.78 -62.50 23.46
C THR EA 203 -20.14 -62.85 22.86
N ALA EA 204 -20.70 -61.89 22.12
CA ALA EA 204 -22.01 -62.02 21.49
C ALA EA 204 -22.03 -63.09 20.40
N ILE EA 205 -22.97 -64.02 20.50
CA ILE EA 205 -23.18 -65.01 19.47
C ILE EA 205 -24.21 -64.44 18.49
N SER EA 206 -23.77 -63.47 17.70
CA SER EA 206 -24.67 -62.75 16.82
C SER EA 206 -24.03 -62.65 15.42
N THR EA 207 -24.86 -62.78 14.39
CA THR EA 207 -24.36 -62.79 13.01
C THR EA 207 -25.33 -62.10 12.02
N THR EA 208 -24.80 -61.61 10.90
CA THR EA 208 -25.52 -60.78 9.93
C THR EA 208 -25.49 -61.29 8.49
N LEU EA 209 -26.53 -60.99 7.74
CA LEU EA 209 -26.64 -61.40 6.35
C LEU EA 209 -25.80 -60.50 5.43
N ASP EA 210 -25.11 -61.07 4.45
CA ASP EA 210 -24.39 -60.22 3.49
C ASP EA 210 -25.38 -59.68 2.47
N VAL EA 211 -26.09 -58.62 2.80
CA VAL EA 211 -27.11 -58.09 1.92
C VAL EA 211 -26.56 -57.61 0.59
N SER EA 212 -25.32 -57.13 0.58
CA SER EA 212 -24.64 -56.69 -0.65
C SER EA 212 -24.39 -57.82 -1.66
N LYS EA 213 -24.52 -59.07 -1.23
CA LYS EA 213 -24.10 -60.18 -2.07
C LYS EA 213 -25.27 -61.07 -2.48
N LEU EA 214 -26.49 -60.61 -2.23
CA LEU EA 214 -27.65 -61.42 -2.55
C LEU EA 214 -27.78 -61.51 -4.05
N GLY EA 215 -28.48 -62.52 -4.55
CA GLY EA 215 -28.63 -62.70 -5.98
C GLY EA 215 -29.16 -61.45 -6.67
N LYS EA 216 -30.27 -60.96 -6.15
CA LYS EA 216 -30.93 -59.77 -6.64
C LYS EA 216 -31.27 -58.81 -5.52
N LYS EA 217 -31.96 -57.72 -5.84
CA LYS EA 217 -32.33 -56.77 -4.80
C LYS EA 217 -33.76 -56.96 -4.32
N TRP EA 218 -34.69 -57.07 -5.26
CA TRP EA 218 -36.10 -57.19 -4.88
C TRP EA 218 -36.58 -58.64 -5.00
N TYR EA 219 -36.89 -59.24 -3.85
CA TYR EA 219 -37.39 -60.61 -3.75
C TYR EA 219 -38.89 -60.60 -3.51
N PRO EA 220 -39.63 -61.58 -4.08
CA PRO EA 220 -41.05 -61.74 -3.77
C PRO EA 220 -41.30 -62.39 -2.41
N TYR EA 221 -42.34 -61.94 -1.72
CA TYR EA 221 -42.79 -62.60 -0.51
C TYR EA 221 -43.33 -63.99 -0.85
N LYS EA 222 -42.74 -65.01 -0.24
CA LYS EA 222 -43.16 -66.38 -0.47
C LYS EA 222 -43.37 -67.07 0.87
N THR EA 223 -44.21 -68.11 0.84
CA THR EA 223 -44.43 -68.95 2.01
C THR EA 223 -43.54 -70.18 1.95
N SER EA 224 -43.57 -70.99 2.98
CA SER EA 224 -42.90 -72.29 2.94
C SER EA 224 -43.48 -73.21 1.85
N ALA EA 225 -44.80 -73.20 1.71
CA ALA EA 225 -45.47 -73.96 0.66
C ALA EA 225 -44.94 -73.55 -0.71
N ASP EA 226 -44.88 -72.24 -0.94
CA ASP EA 226 -44.37 -71.73 -2.20
C ASP EA 226 -42.93 -72.19 -2.40
N TYR EA 227 -42.15 -72.22 -1.32
CA TYR EA 227 -40.77 -72.71 -1.39
C TYR EA 227 -40.68 -74.18 -1.76
N ALA EA 228 -41.46 -74.99 -1.05
CA ALA EA 228 -41.50 -76.45 -1.18
C ALA EA 228 -41.88 -76.98 -2.58
N THR EA 229 -42.96 -76.43 -3.15
CA THR EA 229 -43.40 -76.83 -4.47
C THR EA 229 -42.34 -76.48 -5.52
N ALA EA 230 -41.77 -75.30 -5.42
CA ALA EA 230 -40.76 -74.85 -6.39
C ALA EA 230 -39.56 -75.80 -6.44
N VAL EA 231 -39.07 -76.24 -5.30
CA VAL EA 231 -37.92 -77.14 -5.28
C VAL EA 231 -38.36 -78.52 -5.76
N GLY EA 232 -39.67 -78.79 -5.71
CA GLY EA 232 -40.24 -80.02 -6.25
C GLY EA 232 -40.05 -80.10 -7.76
N VAL EA 233 -40.06 -78.96 -8.42
CA VAL EA 233 -39.80 -78.87 -9.87
C VAL EA 233 -38.30 -78.83 -10.19
N ASP EA 234 -37.58 -77.93 -9.54
CA ASP EA 234 -36.14 -77.78 -9.68
C ASP EA 234 -35.65 -76.86 -8.56
N VAL EA 235 -34.70 -77.34 -7.76
CA VAL EA 235 -34.27 -76.58 -6.58
C VAL EA 235 -33.74 -75.19 -6.91
N ASN EA 236 -33.15 -75.02 -8.09
CA ASN EA 236 -32.54 -73.74 -8.43
C ASN EA 236 -33.61 -72.69 -8.71
N ILE EA 237 -34.83 -73.14 -8.96
CA ILE EA 237 -35.94 -72.23 -9.12
C ILE EA 237 -36.14 -71.48 -7.82
N ALA EA 238 -35.78 -72.12 -6.73
CA ALA EA 238 -35.98 -71.55 -5.40
C ALA EA 238 -34.98 -70.45 -5.14
N THR EA 239 -33.82 -70.53 -5.78
CA THR EA 239 -32.73 -69.56 -5.54
C THR EA 239 -33.13 -68.10 -5.82
N PRO EA 240 -33.89 -67.84 -6.90
CA PRO EA 240 -34.28 -66.43 -6.97
C PRO EA 240 -35.43 -66.05 -6.03
N LEU EA 241 -35.92 -66.99 -5.21
CA LEU EA 241 -37.10 -66.76 -4.35
C LEU EA 241 -36.79 -66.49 -2.86
N VAL EA 242 -35.70 -67.06 -2.37
CA VAL EA 242 -35.23 -66.82 -1.00
C VAL EA 242 -33.79 -66.35 -1.05
N PRO EA 243 -33.47 -65.24 -0.35
CA PRO EA 243 -32.10 -64.70 -0.44
C PRO EA 243 -31.03 -65.58 0.22
N ALA EA 244 -31.35 -66.24 1.33
CA ALA EA 244 -30.35 -67.07 2.00
C ALA EA 244 -31.01 -67.96 3.03
N ARG EA 245 -30.25 -68.95 3.53
CA ARG EA 245 -30.73 -69.79 4.62
C ARG EA 245 -29.75 -69.78 5.78
N LEU EA 246 -30.30 -69.75 6.98
CA LEU EA 246 -29.51 -69.79 8.19
C LEU EA 246 -29.31 -71.22 8.59
N VAL EA 247 -28.07 -71.61 8.84
CA VAL EA 247 -27.77 -72.96 9.30
C VAL EA 247 -27.39 -72.90 10.79
N ILE EA 248 -27.94 -73.82 11.58
CA ILE EA 248 -27.76 -73.86 13.03
C ILE EA 248 -27.35 -75.25 13.50
N ALA EA 249 -26.32 -75.34 14.33
CA ALA EA 249 -25.96 -76.62 14.90
C ALA EA 249 -25.91 -76.61 16.42
N LEU EA 250 -26.42 -77.66 17.03
CA LEU EA 250 -26.30 -77.85 18.45
C LEU EA 250 -25.70 -79.20 18.82
N LEU EA 251 -24.72 -79.18 19.72
CA LEU EA 251 -24.07 -80.41 20.14
C LEU EA 251 -23.41 -80.17 21.47
N ASP EA 252 -22.65 -81.16 21.93
CA ASP EA 252 -21.85 -81.07 23.16
C ASP EA 252 -22.67 -81.01 24.45
N GLY EA 253 -23.94 -81.38 24.36
CA GLY EA 253 -24.81 -81.37 25.52
C GLY EA 253 -24.46 -82.56 26.39
N SER EA 254 -25.02 -82.62 27.59
CA SER EA 254 -24.68 -83.70 28.51
C SER EA 254 -25.77 -84.76 28.54
N SER EA 255 -26.89 -84.47 27.90
CA SER EA 255 -28.01 -85.37 27.93
C SER EA 255 -28.43 -85.81 26.54
N SER EA 256 -29.13 -86.95 26.47
CA SER EA 256 -29.71 -87.43 25.23
C SER EA 256 -31.06 -86.72 25.06
N THR EA 257 -31.58 -86.20 26.17
CA THR EA 257 -32.82 -85.42 26.15
C THR EA 257 -32.44 -83.96 26.10
N ALA EA 258 -33.09 -83.20 25.21
CA ALA EA 258 -32.76 -81.79 24.99
C ALA EA 258 -32.89 -80.95 26.25
N VAL EA 259 -31.83 -80.22 26.57
CA VAL EA 259 -31.86 -79.32 27.70
C VAL EA 259 -32.15 -77.96 27.13
N ALA EA 260 -33.04 -77.20 27.76
CA ALA EA 260 -33.35 -75.85 27.28
C ALA EA 260 -32.12 -74.94 27.34
N ALA EA 261 -31.72 -74.41 26.19
CA ALA EA 261 -30.51 -73.62 26.14
C ALA EA 261 -30.86 -72.15 26.02
N GLY EA 262 -31.44 -71.76 24.90
CA GLY EA 262 -31.77 -70.35 24.71
C GLY EA 262 -32.62 -70.11 23.51
N ARG EA 263 -32.55 -68.89 22.97
CA ARG EA 263 -33.36 -68.50 21.83
C ARG EA 263 -32.60 -67.69 20.81
N ILE EA 264 -33.02 -67.80 19.56
CA ILE EA 264 -32.48 -66.98 18.49
C ILE EA 264 -33.48 -65.87 18.15
N TYR EA 265 -33.04 -64.63 18.22
CA TYR EA 265 -33.87 -63.49 17.85
C TYR EA 265 -33.40 -62.98 16.50
N CYS EA 266 -34.31 -62.38 15.73
CA CYS EA 266 -33.92 -61.77 14.47
C CYS EA 266 -34.10 -60.26 14.55
N THR EA 267 -33.07 -59.50 14.20
CA THR EA 267 -33.18 -58.05 14.17
C THR EA 267 -32.99 -57.57 12.74
N TYR EA 268 -34.04 -57.02 12.15
CA TYR EA 268 -34.01 -56.76 10.73
C TYR EA 268 -34.41 -55.35 10.32
N THR EA 269 -33.88 -54.92 9.17
CA THR EA 269 -34.36 -53.74 8.49
C THR EA 269 -34.79 -54.14 7.09
N ILE EA 270 -36.09 -54.06 6.82
CA ILE EA 270 -36.67 -54.52 5.55
C ILE EA 270 -37.37 -53.38 4.76
N GLN EA 271 -37.11 -53.33 3.45
CA GLN EA 271 -37.81 -52.41 2.56
C GLN EA 271 -38.94 -53.15 1.91
N MET EA 272 -40.17 -52.71 2.15
CA MET EA 272 -41.31 -53.40 1.59
C MET EA 272 -41.93 -52.54 0.50
N ILE EA 273 -42.13 -53.11 -0.68
CA ILE EA 273 -42.68 -52.34 -1.78
C ILE EA 273 -43.79 -53.10 -2.47
N GLU EA 274 -44.60 -52.33 -3.21
CA GLU EA 274 -45.68 -52.81 -4.06
C GLU EA 274 -46.75 -53.59 -3.32
N PRO EA 275 -47.66 -52.86 -2.66
CA PRO EA 275 -48.78 -53.46 -1.90
C PRO EA 275 -49.59 -54.44 -2.72
N THR EA 276 -50.30 -55.32 -2.04
CA THR EA 276 -51.11 -56.33 -2.70
C THR EA 276 -52.35 -56.56 -1.87
N ALA EA 277 -53.45 -56.88 -2.54
CA ALA EA 277 -54.72 -57.11 -1.87
C ALA EA 277 -55.21 -58.57 -2.02
N GLY FA 86 -0.26 -58.81 -11.51
CA GLY FA 86 0.61 -59.11 -10.38
C GLY FA 86 0.92 -60.60 -10.19
N GLY FA 87 -0.12 -61.43 -10.11
CA GLY FA 87 0.03 -62.86 -9.95
C GLY FA 87 -0.36 -63.39 -8.57
N ILE FA 88 -0.64 -62.48 -7.63
CA ILE FA 88 -1.00 -62.82 -6.24
C ILE FA 88 -2.50 -62.98 -6.01
N THR FA 89 -2.97 -64.16 -5.61
CA THR FA 89 -4.37 -64.28 -5.18
C THR FA 89 -4.48 -64.19 -3.66
N VAL FA 90 -5.10 -63.13 -3.15
CA VAL FA 90 -5.23 -62.94 -1.70
C VAL FA 90 -6.58 -63.43 -1.14
N LEU FA 91 -6.48 -64.22 -0.08
CA LEU FA 91 -7.62 -64.89 0.56
C LEU FA 91 -7.66 -64.70 2.07
N THR FA 92 -8.82 -64.32 2.61
CA THR FA 92 -9.01 -64.24 4.07
C THR FA 92 -10.18 -65.10 4.51
N HIS FA 93 -9.95 -65.97 5.49
CA HIS FA 93 -10.96 -66.95 5.87
C HIS FA 93 -10.77 -67.47 7.30
N SER FA 94 -11.85 -67.96 7.90
CA SER FA 94 -11.80 -68.62 9.20
C SER FA 94 -12.33 -70.03 9.03
N GLU FA 95 -11.68 -71.01 9.67
CA GLU FA 95 -12.23 -72.36 9.69
C GLU FA 95 -11.78 -73.14 10.91
N LEU FA 96 -12.43 -74.26 11.17
CA LEU FA 96 -12.05 -75.13 12.28
C LEU FA 96 -10.65 -75.72 12.10
N SER FA 97 -9.85 -75.71 13.16
CA SER FA 97 -8.48 -76.21 13.04
C SER FA 97 -8.17 -77.39 13.99
N ALA FA 98 -8.94 -77.51 15.06
CA ALA FA 98 -8.65 -78.53 16.05
C ALA FA 98 -9.80 -78.67 17.05
N GLU FA 99 -10.09 -79.90 17.48
CA GLU FA 99 -11.08 -80.09 18.53
C GLU FA 99 -10.37 -80.43 19.85
N ILE FA 100 -10.86 -79.89 20.96
CA ILE FA 100 -10.06 -79.86 22.17
C ILE FA 100 -10.71 -80.52 23.37
N GLY FA 101 -9.97 -81.42 23.99
CA GLY FA 101 -10.43 -82.12 25.18
C GLY FA 101 -9.39 -82.08 26.28
N VAL FA 102 -9.86 -82.09 27.53
CA VAL FA 102 -9.00 -81.88 28.70
C VAL FA 102 -8.99 -83.05 29.68
N THR FA 103 -7.83 -83.36 30.26
CA THR FA 103 -7.69 -84.39 31.30
C THR FA 103 -6.98 -83.88 32.56
N ASP FA 104 -6.76 -84.75 33.54
CA ASP FA 104 -6.13 -84.31 34.80
C ASP FA 104 -4.61 -84.36 34.75
N SER FA 105 -4.04 -84.81 33.63
CA SER FA 105 -2.60 -84.73 33.40
C SER FA 105 -2.28 -84.04 32.08
N ILE FA 106 -1.12 -83.39 32.04
CA ILE FA 106 -0.75 -82.57 30.89
C ILE FA 106 -0.66 -83.39 29.62
N VAL FA 107 -1.28 -82.87 28.57
CA VAL FA 107 -1.24 -83.49 27.25
C VAL FA 107 -0.78 -82.48 26.22
N VAL FA 108 0.36 -82.73 25.58
CA VAL FA 108 0.90 -81.75 24.65
C VAL FA 108 0.80 -82.20 23.19
N SER FA 109 0.08 -81.43 22.37
CA SER FA 109 -0.05 -81.72 20.94
C SER FA 109 0.45 -80.54 20.13
N SER FA 110 0.59 -80.70 18.82
CA SER FA 110 1.02 -79.56 17.99
C SER FA 110 0.44 -79.58 16.57
N GLU FA 111 0.50 -78.44 15.88
CA GLU FA 111 0.02 -78.32 14.50
C GLU FA 111 0.96 -77.44 13.72
N LEU FA 112 1.39 -77.90 12.55
CA LEU FA 112 2.25 -77.13 11.66
C LEU FA 112 1.48 -75.97 11.08
N VAL FA 113 2.04 -74.78 11.12
CA VAL FA 113 1.36 -73.61 10.56
C VAL FA 113 1.60 -73.51 9.04
N MET FA 114 0.94 -74.39 8.31
CA MET FA 114 1.02 -74.41 6.87
C MET FA 114 -0.35 -74.81 6.34
N PRO FA 115 -0.72 -74.30 5.15
CA PRO FA 115 -2.06 -74.45 4.60
C PRO FA 115 -2.58 -75.84 4.77
N TYR FA 116 -1.74 -76.82 4.49
CA TYR FA 116 -2.17 -78.22 4.53
C TYR FA 116 -2.75 -78.64 5.89
N THR FA 117 -2.27 -78.04 6.97
CA THR FA 117 -2.62 -78.55 8.28
C THR FA 117 -3.46 -77.61 9.15
N VAL FA 118 -3.83 -76.43 8.63
CA VAL FA 118 -4.67 -75.55 9.44
C VAL FA 118 -6.15 -75.93 9.32
N GLY FA 119 -6.55 -76.46 8.17
CA GLY FA 119 -7.94 -76.82 8.00
C GLY FA 119 -8.14 -77.48 6.67
N THR FA 120 -9.18 -78.29 6.58
CA THR FA 120 -9.41 -79.06 5.37
C THR FA 120 -9.77 -78.17 4.21
N TRP FA 121 -10.48 -77.07 4.46
CA TRP FA 121 -10.89 -76.21 3.36
C TRP FA 121 -9.70 -75.54 2.70
N LEU FA 122 -8.87 -74.86 3.51
CA LEU FA 122 -7.68 -74.19 2.98
C LEU FA 122 -6.79 -75.22 2.31
N ARG FA 123 -6.77 -76.42 2.88
CA ARG FA 123 -5.96 -77.50 2.38
C ARG FA 123 -6.26 -77.72 0.90
N GLY FA 124 -7.54 -77.85 0.55
CA GLY FA 124 -7.92 -78.06 -0.83
C GLY FA 124 -7.66 -76.86 -1.71
N VAL FA 125 -8.00 -75.68 -1.20
CA VAL FA 125 -7.86 -74.45 -1.98
C VAL FA 125 -6.40 -74.15 -2.33
N ALA FA 126 -5.55 -74.07 -1.31
CA ALA FA 126 -4.18 -73.59 -1.50
C ALA FA 126 -3.35 -74.57 -2.30
N ALA FA 127 -3.85 -75.80 -2.40
CA ALA FA 127 -3.19 -76.86 -3.15
C ALA FA 127 -3.14 -76.54 -4.65
N ASN FA 128 -4.05 -75.70 -5.13
CA ASN FA 128 -4.07 -75.32 -6.54
C ASN FA 128 -2.98 -74.31 -6.90
N TRP FA 129 -2.23 -73.88 -5.90
CA TRP FA 129 -1.08 -73.00 -6.08
C TRP FA 129 0.18 -73.68 -5.52
N SER FA 130 1.37 -73.28 -6.01
CA SER FA 130 2.61 -73.94 -5.59
C SER FA 130 3.27 -73.31 -4.37
N LYS FA 131 3.15 -72.00 -4.26
CA LYS FA 131 3.78 -71.28 -3.17
C LYS FA 131 2.76 -70.41 -2.48
N TYR FA 132 3.04 -70.04 -1.24
CA TYR FA 132 2.19 -69.12 -0.50
C TYR FA 132 2.99 -68.25 0.47
N SER FA 133 2.29 -67.27 1.02
CA SER FA 133 2.82 -66.41 2.07
C SER FA 133 1.73 -66.08 3.09
N TRP FA 134 2.04 -66.24 4.37
CA TRP FA 134 1.10 -65.80 5.39
C TRP FA 134 1.17 -64.28 5.55
N LEU FA 135 0.06 -63.56 5.42
CA LEU FA 135 0.08 -62.15 5.76
C LEU FA 135 -0.37 -62.02 7.20
N SER FA 136 -1.19 -62.98 7.63
CA SER FA 136 -1.64 -63.02 9.01
C SER FA 136 -2.15 -64.41 9.37
N VAL FA 137 -1.80 -64.91 10.56
CA VAL FA 137 -2.38 -66.15 11.09
C VAL FA 137 -2.74 -66.05 12.56
N ARG FA 138 -4.01 -66.31 12.87
CA ARG FA 138 -4.47 -66.27 14.24
C ARG FA 138 -5.21 -67.55 14.60
N TYR FA 139 -4.82 -68.15 15.72
CA TYR FA 139 -5.46 -69.33 16.29
C TYR FA 139 -6.29 -68.91 17.49
N THR FA 140 -7.58 -69.20 17.46
CA THR FA 140 -8.46 -68.72 18.51
C THR FA 140 -9.19 -69.90 19.13
N TYR FA 141 -9.05 -70.02 20.43
CA TYR FA 141 -9.72 -71.07 21.19
C TYR FA 141 -11.06 -70.57 21.64
N ILE FA 142 -12.10 -71.33 21.31
CA ILE FA 142 -13.46 -71.04 21.76
C ILE FA 142 -13.97 -72.21 22.61
N PRO FA 143 -14.44 -71.94 23.84
CA PRO FA 143 -14.93 -72.99 24.73
C PRO FA 143 -16.31 -73.52 24.37
N SER FA 144 -16.64 -74.74 24.79
CA SER FA 144 -17.97 -75.30 24.57
C SER FA 144 -18.46 -76.12 25.78
N CYS FA 145 -17.85 -75.90 26.93
CA CYS FA 145 -18.08 -76.69 28.14
C CYS FA 145 -18.72 -75.84 29.25
N PRO FA 146 -19.23 -76.48 30.31
CA PRO FA 146 -19.74 -75.71 31.45
C PRO FA 146 -18.69 -74.89 32.17
N SER FA 147 -19.15 -73.83 32.84
CA SER FA 147 -18.25 -72.98 33.60
C SER FA 147 -17.68 -73.72 34.83
N SER FA 148 -18.20 -74.92 35.10
CA SER FA 148 -17.73 -75.74 36.22
C SER FA 148 -16.68 -76.79 35.75
N THR FA 149 -16.32 -76.71 34.48
CA THR FA 149 -15.37 -77.63 33.90
C THR FA 149 -13.96 -77.29 34.38
N ALA FA 150 -13.32 -78.26 35.00
CA ALA FA 150 -11.94 -78.10 35.45
C ALA FA 150 -11.01 -78.22 34.25
N GLY FA 151 -9.91 -77.46 34.27
CA GLY FA 151 -8.94 -77.53 33.19
C GLY FA 151 -8.40 -76.21 32.69
N SER FA 152 -7.23 -76.25 32.06
CA SER FA 152 -6.68 -75.07 31.36
C SER FA 152 -6.02 -75.44 30.04
N ILE FA 153 -6.02 -74.48 29.13
CA ILE FA 153 -5.40 -74.65 27.82
C ILE FA 153 -4.26 -73.62 27.66
N HIS FA 154 -3.19 -74.02 26.98
CA HIS FA 154 -2.02 -73.19 26.78
C HIS FA 154 -1.59 -73.29 25.33
N MET FA 155 -1.24 -72.17 24.71
CA MET FA 155 -0.83 -72.17 23.31
C MET FA 155 0.35 -71.28 23.03
N GLY FA 156 1.22 -71.69 22.11
CA GLY FA 156 2.33 -70.87 21.70
C GLY FA 156 2.95 -71.28 20.38
N PHE FA 157 3.85 -70.46 19.86
CA PHE FA 157 4.50 -70.77 18.60
C PHE FA 157 5.98 -71.15 18.72
N GLN FA 158 6.38 -72.15 17.95
CA GLN FA 158 7.79 -72.43 17.71
C GLN FA 158 8.11 -72.16 16.26
N TYR FA 159 9.25 -71.50 16.00
CA TYR FA 159 9.52 -71.07 14.63
C TYR FA 159 10.70 -71.81 13.99
N ASP FA 160 11.23 -72.77 14.74
CA ASP FA 160 12.34 -73.62 14.31
C ASP FA 160 11.88 -75.07 14.41
N MET FA 161 11.82 -75.78 13.27
CA MET FA 161 11.25 -77.13 13.29
C MET FA 161 12.03 -78.12 14.15
N ALA FA 162 13.28 -77.79 14.44
CA ALA FA 162 14.17 -78.61 15.28
C ALA FA 162 13.92 -78.45 16.77
N ASP FA 163 13.26 -77.36 17.17
CA ASP FA 163 12.96 -77.09 18.57
C ASP FA 163 12.28 -78.31 19.16
N THR FA 164 12.64 -78.68 20.39
CA THR FA 164 11.94 -79.78 21.05
C THR FA 164 10.59 -79.26 21.48
N VAL FA 165 9.56 -80.09 21.30
CA VAL FA 165 8.22 -79.76 21.78
C VAL FA 165 8.18 -79.74 23.30
N PRO FA 166 7.62 -78.67 23.87
CA PRO FA 166 7.58 -78.50 25.34
C PRO FA 166 6.89 -79.63 26.09
N VAL FA 167 7.28 -79.79 27.35
CA VAL FA 167 6.73 -80.82 28.20
C VAL FA 167 6.15 -80.25 29.50
N SER FA 168 6.42 -78.98 29.79
CA SER FA 168 5.84 -78.35 30.97
C SER FA 168 5.20 -77.02 30.57
N VAL FA 169 4.23 -76.58 31.34
CA VAL FA 169 3.65 -75.25 31.14
C VAL FA 169 4.75 -74.20 31.27
N ASN FA 170 5.67 -74.41 32.22
CA ASN FA 170 6.78 -73.49 32.43
C ASN FA 170 7.52 -73.20 31.13
N GLN FA 171 7.87 -74.26 30.41
CA GLN FA 171 8.52 -74.14 29.10
C GLN FA 171 7.72 -73.36 28.08
N LEU FA 172 6.46 -73.77 27.92
CA LEU FA 172 5.56 -73.22 26.95
C LEU FA 172 5.39 -71.73 27.17
N SER FA 173 5.35 -71.35 28.43
CA SER FA 173 5.06 -69.99 28.83
C SER FA 173 6.08 -68.99 28.30
N ASN FA 174 7.21 -69.51 27.85
CA ASN FA 174 8.31 -68.68 27.36
C ASN FA 174 8.18 -68.36 25.86
N LEU FA 175 7.29 -69.06 25.18
CA LEU FA 175 7.12 -68.89 23.73
C LEU FA 175 6.45 -67.58 23.31
N ARG FA 176 6.83 -67.03 22.15
CA ARG FA 176 6.09 -65.96 21.46
C ARG FA 176 4.62 -66.32 21.27
N GLY FA 177 3.74 -65.43 21.70
CA GLY FA 177 2.32 -65.61 21.51
C GLY FA 177 1.70 -66.54 22.53
N TYR FA 178 2.44 -66.80 23.60
CA TYR FA 178 1.91 -67.66 24.64
C TYR FA 178 0.64 -67.09 25.25
N VAL FA 179 -0.39 -67.91 25.28
CA VAL FA 179 -1.62 -67.56 25.97
C VAL FA 179 -2.12 -68.71 26.80
N SER FA 180 -2.98 -68.39 27.75
CA SER FA 180 -3.43 -69.39 28.70
C SER FA 180 -4.76 -68.95 29.30
N GLY FA 181 -5.64 -69.92 29.55
CA GLY FA 181 -6.89 -69.62 30.23
C GLY FA 181 -7.62 -70.88 30.62
N GLN FA 182 -8.64 -70.73 31.47
CA GLN FA 182 -9.55 -71.83 31.83
C GLN FA 182 -10.16 -72.41 30.53
N VAL FA 183 -10.42 -73.71 30.49
CA VAL FA 183 -10.93 -74.32 29.27
C VAL FA 183 -12.35 -73.85 28.97
N TRP FA 184 -12.96 -73.13 29.94
CA TRP FA 184 -14.30 -72.54 29.75
C TRP FA 184 -14.29 -71.01 29.55
N SER FA 185 -13.10 -70.42 29.55
CA SER FA 185 -12.90 -69.01 29.24
C SER FA 185 -12.59 -68.91 27.74
N GLY FA 186 -12.57 -67.69 27.18
CA GLY FA 186 -12.09 -67.54 25.82
C GLY FA 186 -13.14 -67.07 24.84
N SER FA 187 -14.36 -66.93 25.35
CA SER FA 187 -15.53 -66.52 24.60
C SER FA 187 -15.30 -65.24 23.80
N ALA FA 188 -14.57 -64.29 24.40
CA ALA FA 188 -14.34 -62.96 23.82
C ALA FA 188 -13.51 -62.99 22.55
N GLY FA 189 -13.00 -64.16 22.18
CA GLY FA 189 -12.23 -64.29 20.96
C GLY FA 189 -13.06 -64.40 19.71
N LEU FA 190 -14.37 -64.62 19.85
CA LEU FA 190 -15.25 -64.91 18.72
C LEU FA 190 -15.20 -63.82 17.64
N CYS FA 191 -15.09 -62.58 18.07
CA CYS FA 191 -15.10 -61.46 17.15
C CYS FA 191 -13.94 -61.51 16.13
N PHE FA 192 -12.84 -62.16 16.51
CA PHE FA 192 -11.73 -62.36 15.57
C PHE FA 192 -12.12 -63.30 14.47
N ILE FA 193 -13.00 -64.24 14.79
CA ILE FA 193 -13.31 -65.33 13.89
C ILE FA 193 -14.21 -64.89 12.74
N ASN FA 194 -15.22 -64.07 13.00
CA ASN FA 194 -16.00 -63.59 11.89
C ASN FA 194 -15.56 -62.15 11.53
N GLY FA 195 -14.44 -61.71 12.09
CA GLY FA 195 -13.88 -60.41 11.76
C GLY FA 195 -14.71 -59.17 12.08
N THR FA 196 -15.44 -59.22 13.19
CA THR FA 196 -16.30 -58.09 13.53
C THR FA 196 -15.51 -57.12 14.40
N ARG FA 197 -16.12 -56.02 14.84
CA ARG FA 197 -15.44 -55.05 15.72
C ARG FA 197 -15.08 -55.72 17.05
N CYS FA 198 -13.80 -55.77 17.35
CA CYS FA 198 -13.36 -56.39 18.56
C CYS FA 198 -13.23 -55.31 19.60
N SER FA 199 -13.74 -55.57 20.79
CA SER FA 199 -13.73 -54.58 21.84
C SER FA 199 -13.00 -55.11 23.06
N ASP FA 200 -13.75 -55.82 23.88
CA ASP FA 200 -13.34 -56.40 25.14
C ASP FA 200 -12.64 -57.76 24.94
N THR FA 201 -11.44 -57.74 24.37
CA THR FA 201 -10.77 -58.97 24.04
C THR FA 201 -9.73 -59.38 25.03
N SER FA 202 -9.77 -58.82 26.24
CA SER FA 202 -8.75 -59.10 27.24
C SER FA 202 -8.73 -60.57 27.62
N THR FA 203 -9.90 -61.21 27.58
CA THR FA 203 -9.99 -62.62 27.96
C THR FA 203 -9.78 -63.57 26.79
N ALA FA 204 -9.58 -63.03 25.59
CA ALA FA 204 -9.45 -63.86 24.42
C ALA FA 204 -8.23 -64.78 24.57
N ILE FA 205 -8.47 -66.07 24.41
CA ILE FA 205 -7.38 -67.04 24.34
C ILE FA 205 -7.02 -67.16 22.87
N SER FA 206 -6.42 -66.12 22.34
CA SER FA 206 -6.17 -66.03 20.93
C SER FA 206 -4.73 -65.62 20.71
N THR FA 207 -4.09 -66.18 19.71
CA THR FA 207 -2.67 -65.93 19.50
C THR FA 207 -2.35 -65.79 18.02
N THR FA 208 -1.32 -65.02 17.72
CA THR FA 208 -1.09 -64.70 16.33
C THR FA 208 0.37 -64.92 15.87
N LEU FA 209 0.56 -65.30 14.61
CA LEU FA 209 1.87 -65.60 14.04
C LEU FA 209 2.72 -64.35 13.66
N ASP FA 210 4.01 -64.37 13.99
CA ASP FA 210 4.94 -63.30 13.57
C ASP FA 210 5.31 -63.50 12.12
N VAL FA 211 4.50 -62.99 11.20
CA VAL FA 211 4.78 -63.19 9.79
C VAL FA 211 6.08 -62.53 9.38
N SER FA 212 6.38 -61.38 9.99
CA SER FA 212 7.59 -60.61 9.74
C SER FA 212 8.90 -61.30 10.13
N LYS FA 213 8.81 -62.35 10.93
CA LYS FA 213 10.00 -62.93 11.50
C LYS FA 213 10.21 -64.34 10.97
N LEU FA 214 9.44 -64.72 9.97
CA LEU FA 214 9.55 -66.04 9.39
C LEU FA 214 10.84 -66.15 8.58
N GLY FA 215 11.29 -67.38 8.36
CA GLY FA 215 12.49 -67.67 7.56
C GLY FA 215 12.51 -67.07 6.16
N LYS FA 216 11.43 -67.29 5.43
CA LYS FA 216 11.24 -66.80 4.07
C LYS FA 216 9.92 -66.02 3.96
N LYS FA 217 9.61 -65.53 2.75
CA LYS FA 217 8.31 -64.92 2.53
C LYS FA 217 7.46 -65.92 1.83
N TRP FA 218 7.98 -66.50 0.75
CA TRP FA 218 7.19 -67.44 -0.06
C TRP FA 218 7.57 -68.86 0.23
N TYR FA 219 6.64 -69.61 0.81
CA TYR FA 219 6.88 -71.00 1.14
C TYR FA 219 6.25 -71.92 0.13
N PRO FA 220 6.89 -73.05 -0.15
CA PRO FA 220 6.24 -74.01 -1.02
C PRO FA 220 5.13 -74.76 -0.28
N TYR FA 221 4.02 -75.02 -1.00
CA TYR FA 221 2.96 -75.84 -0.47
C TYR FA 221 3.50 -77.25 -0.33
N LYS FA 222 3.44 -77.77 0.89
CA LYS FA 222 3.94 -79.09 1.20
C LYS FA 222 2.89 -79.84 2.00
N THR FA 223 2.92 -81.17 1.91
CA THR FA 223 2.00 -81.98 2.69
C THR FA 223 2.71 -82.45 3.95
N SER FA 224 1.97 -83.10 4.85
CA SER FA 224 2.56 -83.72 6.03
C SER FA 224 3.56 -84.79 5.62
N ALA FA 225 3.19 -85.53 4.59
CA ALA FA 225 4.07 -86.53 4.03
C ALA FA 225 5.40 -85.93 3.58
N ASP FA 226 5.34 -84.83 2.83
CA ASP FA 226 6.55 -84.16 2.37
C ASP FA 226 7.40 -83.72 3.55
N TYR FA 227 6.75 -83.19 4.58
CA TYR FA 227 7.44 -82.81 5.80
C TYR FA 227 8.06 -83.99 6.49
N ALA FA 228 7.27 -85.03 6.69
CA ALA FA 228 7.71 -86.22 7.41
C ALA FA 228 8.97 -86.80 6.75
N THR FA 229 8.91 -86.94 5.43
CA THR FA 229 10.02 -87.45 4.64
C THR FA 229 11.25 -86.55 4.80
N ALA FA 230 11.04 -85.24 4.73
CA ALA FA 230 12.11 -84.24 4.87
C ALA FA 230 12.81 -84.31 6.22
N VAL FA 231 12.01 -84.46 7.27
CA VAL FA 231 12.53 -84.59 8.63
C VAL FA 231 13.16 -85.97 8.82
N GLY FA 232 12.74 -86.92 8.00
CA GLY FA 232 13.34 -88.24 8.03
C GLY FA 232 14.79 -88.17 7.60
N VAL FA 233 15.08 -87.26 6.67
CA VAL FA 233 16.46 -87.04 6.20
C VAL FA 233 17.28 -86.12 7.13
N ASP FA 234 16.72 -84.97 7.46
CA ASP FA 234 17.30 -84.02 8.41
C ASP FA 234 16.26 -83.00 8.79
N VAL FA 235 16.03 -82.84 10.10
CA VAL FA 235 14.97 -81.98 10.56
C VAL FA 235 15.13 -80.52 10.08
N ASN FA 236 16.36 -80.11 9.79
CA ASN FA 236 16.62 -78.72 9.37
C ASN FA 236 16.16 -78.43 7.92
N ILE FA 237 15.96 -79.51 7.16
CA ILE FA 237 15.38 -79.43 5.83
C ILE FA 237 13.94 -78.92 5.92
N ALA FA 238 13.30 -79.22 7.04
CA ALA FA 238 11.91 -78.85 7.22
C ALA FA 238 11.76 -77.35 7.48
N THR FA 239 12.78 -76.71 8.04
CA THR FA 239 12.63 -75.31 8.44
C THR FA 239 12.24 -74.37 7.28
N PRO FA 240 12.82 -74.55 6.07
CA PRO FA 240 12.30 -73.72 4.96
C PRO FA 240 10.99 -74.22 4.35
N LEU FA 241 10.39 -75.28 4.90
CA LEU FA 241 9.16 -75.90 4.38
C LEU FA 241 7.93 -75.50 5.19
N VAL FA 242 8.11 -75.33 6.48
CA VAL FA 242 7.04 -74.93 7.37
C VAL FA 242 7.46 -73.65 8.09
N PRO FA 243 6.61 -72.62 8.04
CA PRO FA 243 7.00 -71.35 8.66
C PRO FA 243 7.05 -71.41 10.19
N ALA FA 244 6.20 -72.24 10.80
CA ALA FA 244 6.14 -72.35 12.25
C ALA FA 244 5.30 -73.54 12.72
N ARG FA 245 5.36 -73.80 14.01
CA ARG FA 245 4.53 -74.83 14.63
C ARG FA 245 3.73 -74.22 15.78
N LEU FA 246 2.47 -74.56 15.88
CA LEU FA 246 1.68 -74.11 17.00
C LEU FA 246 1.77 -75.20 18.01
N VAL FA 247 2.05 -74.84 19.25
CA VAL FA 247 2.06 -75.81 20.34
C VAL FA 247 0.86 -75.61 21.30
N ILE FA 248 0.23 -76.72 21.66
CA ILE FA 248 -0.92 -76.74 22.54
C ILE FA 248 -0.70 -77.70 23.71
N ALA FA 249 -0.96 -77.21 24.93
CA ALA FA 249 -0.95 -78.06 26.13
C ALA FA 249 -2.28 -77.94 26.83
N LEU FA 250 -2.80 -79.07 27.30
CA LEU FA 250 -4.00 -79.09 28.14
C LEU FA 250 -3.76 -79.84 29.43
N LEU FA 251 -4.20 -79.26 30.54
CA LEU FA 251 -4.04 -79.93 31.83
C LEU FA 251 -5.04 -79.38 32.82
N ASP FA 252 -4.92 -79.80 34.08
CA ASP FA 252 -5.75 -79.32 35.16
C ASP FA 252 -7.22 -79.74 35.11
N GLY FA 253 -7.53 -80.75 34.31
CA GLY FA 253 -8.89 -81.27 34.22
C GLY FA 253 -9.21 -82.14 35.42
N SER FA 254 -10.47 -82.52 35.60
CA SER FA 254 -10.81 -83.28 36.81
C SER FA 254 -10.98 -84.79 36.52
N SER FA 255 -10.90 -85.18 35.25
CA SER FA 255 -11.08 -86.58 34.88
C SER FA 255 -9.81 -87.13 34.24
N SER FA 256 -9.61 -88.44 34.31
CA SER FA 256 -8.47 -89.09 33.67
C SER FA 256 -8.80 -89.37 32.22
N THR FA 257 -10.10 -89.38 31.92
CA THR FA 257 -10.57 -89.51 30.54
C THR FA 257 -10.97 -88.13 30.00
N ALA FA 258 -10.64 -87.89 28.73
CA ALA FA 258 -10.81 -86.59 28.10
C ALA FA 258 -12.22 -86.04 28.23
N VAL FA 259 -12.30 -84.82 28.74
CA VAL FA 259 -13.53 -84.05 28.81
C VAL FA 259 -13.55 -82.98 27.73
N ALA FA 260 -14.65 -82.87 27.02
CA ALA FA 260 -14.79 -81.88 25.95
C ALA FA 260 -14.65 -80.43 26.43
N ALA FA 261 -13.68 -79.72 25.88
CA ALA FA 261 -13.40 -78.37 26.36
C ALA FA 261 -13.88 -77.30 25.37
N GLY FA 262 -13.30 -77.31 24.17
CA GLY FA 262 -13.66 -76.34 23.15
C GLY FA 262 -13.07 -76.67 21.80
N ARG FA 263 -12.85 -75.65 20.97
CA ARG FA 263 -12.30 -75.82 19.64
C ARG FA 263 -11.30 -74.69 19.35
N ILE FA 264 -10.30 -74.99 18.53
CA ILE FA 264 -9.40 -73.96 18.03
C ILE FA 264 -9.70 -73.66 16.57
N TYR FA 265 -9.96 -72.40 16.27
CA TYR FA 265 -10.15 -72.03 14.88
C TYR FA 265 -8.93 -71.30 14.35
N CYS FA 266 -8.70 -71.39 13.05
CA CYS FA 266 -7.65 -70.62 12.45
C CYS FA 266 -8.26 -69.55 11.54
N THR FA 267 -7.88 -68.29 11.77
CA THR FA 267 -8.26 -67.16 10.92
C THR FA 267 -7.01 -66.61 10.30
N TYR FA 268 -6.89 -66.76 8.99
CA TYR FA 268 -5.64 -66.45 8.28
C TYR FA 268 -5.86 -65.51 7.10
N THR FA 269 -4.82 -64.77 6.72
CA THR FA 269 -4.81 -64.08 5.44
C THR FA 269 -3.61 -64.57 4.64
N ILE FA 270 -3.87 -65.23 3.53
CA ILE FA 270 -2.81 -65.90 2.77
C ILE FA 270 -2.61 -65.33 1.36
N GLN FA 271 -1.34 -65.19 0.95
CA GLN FA 271 -1.02 -64.85 -0.45
C GLN FA 271 -0.65 -66.10 -1.23
N MET FA 272 -1.41 -66.41 -2.26
CA MET FA 272 -1.16 -67.61 -3.07
C MET FA 272 -0.65 -67.22 -4.46
N ILE FA 273 0.46 -67.82 -4.89
CA ILE FA 273 1.02 -67.47 -6.18
C ILE FA 273 1.42 -68.70 -6.99
N GLU FA 274 1.53 -68.51 -8.31
CA GLU FA 274 2.02 -69.54 -9.22
C GLU FA 274 1.20 -70.83 -9.19
N PRO FA 275 0.04 -70.80 -9.90
CA PRO FA 275 -0.94 -71.87 -10.08
C PRO FA 275 -0.32 -73.17 -10.59
N THR FA 276 -1.03 -74.29 -10.42
CA THR FA 276 -0.57 -75.63 -10.80
C THR FA 276 -1.67 -76.55 -11.25
N ALA FA 277 -1.35 -77.44 -12.19
CA ALA FA 277 -2.34 -78.39 -12.65
C ALA FA 277 -1.91 -79.81 -12.25
N SER FA 278 -2.78 -80.78 -12.55
CA SER FA 278 -2.53 -82.19 -12.22
C SER FA 278 -2.96 -83.14 -13.32
N GLY GA 86 26.22 -47.21 24.64
CA GLY GA 86 25.59 -47.18 25.95
C GLY GA 86 25.87 -48.35 26.90
N GLY GA 87 25.62 -49.59 26.44
CA GLY GA 87 25.86 -50.78 27.23
C GLY GA 87 24.63 -51.49 27.80
N ILE GA 88 23.46 -50.87 27.64
CA ILE GA 88 22.24 -51.46 28.20
C ILE GA 88 21.57 -52.42 27.23
N THR GA 89 21.45 -53.68 27.62
CA THR GA 89 20.66 -54.63 26.85
C THR GA 89 19.24 -54.74 27.42
N VAL GA 90 18.24 -54.32 26.64
CA VAL GA 90 16.84 -54.29 27.11
C VAL GA 90 16.01 -55.52 26.72
N LEU GA 91 15.38 -56.13 27.72
CA LEU GA 91 14.61 -57.36 27.54
C LEU GA 91 13.19 -57.21 28.10
N THR GA 92 12.20 -57.59 27.31
CA THR GA 92 10.82 -57.63 27.79
C THR GA 92 10.33 -59.05 27.57
N HIS GA 93 9.77 -59.66 28.60
CA HIS GA 93 9.43 -61.08 28.49
C HIS GA 93 8.32 -61.43 29.46
N SER GA 94 7.58 -62.49 29.14
CA SER GA 94 6.58 -63.04 30.03
C SER GA 94 6.93 -64.48 30.28
N GLU GA 95 6.87 -64.93 31.53
CA GLU GA 95 7.07 -66.35 31.78
C GLU GA 95 6.39 -66.82 33.06
N LEU GA 96 6.23 -68.14 33.19
CA LEU GA 96 5.64 -68.72 34.38
C LEU GA 96 6.50 -68.40 35.60
N SER GA 97 5.87 -67.98 36.70
CA SER GA 97 6.58 -67.58 37.92
C SER GA 97 6.20 -68.36 39.19
N ALA GA 98 5.00 -68.93 39.21
CA ALA GA 98 4.50 -69.62 40.40
C ALA GA 98 3.26 -70.39 40.04
N GLU GA 99 3.11 -71.59 40.63
CA GLU GA 99 1.87 -72.34 40.53
C GLU GA 99 1.14 -72.25 41.86
N ILE GA 100 -0.18 -72.07 41.79
CA ILE GA 100 -0.93 -71.61 42.94
C ILE GA 100 -2.07 -72.58 43.32
N GLY GA 101 -2.12 -72.91 44.62
CA GLY GA 101 -3.15 -73.76 45.18
C GLY GA 101 -3.75 -73.17 46.45
N VAL GA 102 -5.02 -73.50 46.68
CA VAL GA 102 -5.77 -72.89 47.78
C VAL GA 102 -6.30 -73.89 48.82
N THR GA 103 -6.26 -73.53 50.12
CA THR GA 103 -6.83 -74.35 51.20
C THR GA 103 -7.84 -73.57 52.06
N ASP GA 104 -8.41 -74.23 53.07
CA ASP GA 104 -9.48 -73.59 53.85
C ASP GA 104 -8.94 -72.72 54.97
N SER GA 105 -7.62 -72.69 55.09
CA SER GA 105 -6.95 -71.80 56.02
C SER GA 105 -5.89 -70.97 55.27
N ILE GA 106 -5.58 -69.79 55.79
CA ILE GA 106 -4.63 -68.87 55.14
C ILE GA 106 -3.22 -69.46 55.03
N VAL GA 107 -2.65 -69.35 53.83
CA VAL GA 107 -1.25 -69.72 53.56
C VAL GA 107 -0.55 -68.54 52.90
N VAL GA 108 0.43 -67.99 53.59
CA VAL GA 108 1.13 -66.82 53.10
C VAL GA 108 2.52 -67.18 52.60
N SER GA 109 2.74 -66.92 51.31
CA SER GA 109 4.02 -67.15 50.66
C SER GA 109 4.62 -65.85 50.16
N SER GA 110 5.86 -65.89 49.70
CA SER GA 110 6.47 -64.69 49.13
C SER GA 110 7.52 -65.03 48.09
N GLU GA 111 7.85 -64.04 47.25
CA GLU GA 111 8.85 -64.24 46.23
C GLU GA 111 9.64 -62.97 46.09
N LEU GA 112 10.96 -63.10 46.06
CA LEU GA 112 11.82 -61.95 45.86
C LEU GA 112 11.71 -61.47 44.42
N VAL GA 113 11.60 -60.15 44.25
CA VAL GA 113 11.53 -59.55 42.93
C VAL GA 113 12.93 -59.29 42.33
N MET GA 114 13.60 -60.36 41.95
CA MET GA 114 14.93 -60.30 41.35
C MET GA 114 15.07 -61.44 40.34
N PRO GA 115 15.86 -61.21 39.27
CA PRO GA 115 15.89 -62.11 38.11
C PRO GA 115 15.94 -63.57 38.48
N TYR GA 116 16.78 -63.93 39.44
CA TYR GA 116 16.96 -65.33 39.86
C TYR GA 116 15.69 -66.03 40.30
N THR GA 117 14.76 -65.27 40.90
CA THR GA 117 13.61 -65.87 41.57
C THR GA 117 12.30 -65.53 40.86
N VAL GA 118 12.38 -64.79 39.78
CA VAL GA 118 11.17 -64.38 39.08
C VAL GA 118 10.67 -65.49 38.18
N GLY GA 119 11.61 -66.23 37.60
CA GLY GA 119 11.25 -67.31 36.70
C GLY GA 119 12.53 -67.95 36.24
N THR GA 120 12.48 -69.23 35.85
CA THR GA 120 13.72 -69.92 35.50
C THR GA 120 14.42 -69.44 34.24
N TRP GA 121 13.65 -69.03 33.22
CA TRP GA 121 14.30 -68.58 31.98
C TRP GA 121 15.13 -67.31 32.22
N LEU GA 122 14.50 -66.28 32.76
CA LEU GA 122 15.20 -65.04 33.09
C LEU GA 122 16.37 -65.29 34.02
N ARG GA 123 16.21 -66.27 34.92
CA ARG GA 123 17.28 -66.61 35.85
C ARG GA 123 18.64 -66.89 35.16
N GLY GA 124 18.65 -67.76 34.15
CA GLY GA 124 19.84 -68.10 33.38
C GLY GA 124 20.32 -66.95 32.50
N VAL GA 125 19.38 -66.21 31.91
CA VAL GA 125 19.68 -65.09 31.03
C VAL GA 125 20.38 -63.96 31.77
N ALA GA 126 19.75 -63.50 32.85
CA ALA GA 126 20.24 -62.33 33.58
C ALA GA 126 21.55 -62.68 34.31
N ALA GA 127 21.80 -63.97 34.46
CA ALA GA 127 23.02 -64.41 35.11
C ALA GA 127 24.22 -63.97 34.31
N ASN GA 128 24.05 -63.77 33.01
CA ASN GA 128 25.17 -63.34 32.18
C ASN GA 128 25.52 -61.87 32.33
N TRP GA 129 24.73 -61.14 33.12
CA TRP GA 129 25.08 -59.76 33.46
C TRP GA 129 25.24 -59.59 34.96
N SER GA 130 25.98 -58.57 35.35
CA SER GA 130 26.34 -58.36 36.75
C SER GA 130 25.27 -57.54 37.46
N LYS GA 131 24.70 -56.59 36.74
CA LYS GA 131 23.70 -55.73 37.32
C LYS GA 131 22.45 -55.71 36.45
N TYR GA 132 21.35 -55.28 37.05
CA TYR GA 132 20.13 -55.10 36.29
C TYR GA 132 19.33 -53.88 36.78
N SER GA 133 18.33 -53.54 36.00
CA SER GA 133 17.43 -52.49 36.39
C SER GA 133 16.04 -52.88 35.94
N TRP GA 134 15.09 -52.80 36.87
CA TRP GA 134 13.69 -53.00 36.53
C TRP GA 134 13.14 -51.76 35.85
N LEU GA 135 12.62 -51.93 34.66
CA LEU GA 135 11.88 -50.86 34.02
C LEU GA 135 10.39 -51.08 34.27
N SER GA 136 10.01 -52.34 34.36
CA SER GA 136 8.65 -52.71 34.69
C SER GA 136 8.65 -54.14 35.19
N VAL GA 137 7.88 -54.41 36.25
CA VAL GA 137 7.64 -55.77 36.70
C VAL GA 137 6.19 -55.94 36.97
N ARG GA 138 5.54 -56.89 36.30
CA ARG GA 138 4.12 -57.12 36.50
C ARG GA 138 3.83 -58.59 36.81
N TYR GA 139 3.15 -58.83 37.92
CA TYR GA 139 2.72 -60.17 38.29
C TYR GA 139 1.23 -60.31 38.03
N THR GA 140 0.87 -61.32 37.27
CA THR GA 140 -0.51 -61.50 36.87
C THR GA 140 -0.98 -62.91 37.22
N TYR GA 141 -2.05 -63.02 38.00
CA TYR GA 141 -2.65 -64.34 38.26
C TYR GA 141 -3.69 -64.67 37.20
N ILE GA 142 -3.53 -65.82 36.57
CA ILE GA 142 -4.48 -66.33 35.62
C ILE GA 142 -5.03 -67.62 36.22
N PRO GA 143 -6.35 -67.72 36.33
CA PRO GA 143 -6.97 -68.90 36.93
C PRO GA 143 -6.93 -70.14 36.02
N SER GA 144 -7.09 -71.33 36.61
CA SER GA 144 -7.17 -72.56 35.82
C SER GA 144 -8.23 -73.54 36.35
N CYS GA 145 -9.15 -73.03 37.16
CA CYS GA 145 -10.16 -73.82 37.86
C CYS GA 145 -11.59 -73.48 37.45
N PRO GA 146 -12.57 -74.30 37.87
CA PRO GA 146 -13.99 -74.01 37.65
C PRO GA 146 -14.46 -72.73 38.30
N SER GA 147 -15.56 -72.17 37.81
CA SER GA 147 -16.10 -70.95 38.39
C SER GA 147 -16.69 -71.22 39.76
N SER GA 148 -16.79 -72.51 40.10
CA SER GA 148 -17.41 -72.96 41.37
C SER GA 148 -16.39 -73.23 42.48
N THR GA 149 -15.12 -72.96 42.19
CA THR GA 149 -14.04 -73.21 43.11
C THR GA 149 -14.00 -72.20 44.24
N ALA GA 150 -14.02 -72.65 45.50
CA ALA GA 150 -13.89 -71.70 46.60
C ALA GA 150 -12.44 -71.27 46.78
N GLY GA 151 -12.26 -70.01 47.19
CA GLY GA 151 -10.95 -69.44 47.41
C GLY GA 151 -10.81 -68.04 46.86
N SER GA 152 -9.85 -67.31 47.43
CA SER GA 152 -9.43 -65.99 46.93
C SER GA 152 -7.92 -65.88 47.04
N ILE GA 153 -7.33 -65.04 46.19
CA ILE GA 153 -5.90 -64.83 46.17
C ILE GA 153 -5.60 -63.38 46.47
N HIS GA 154 -4.49 -63.14 47.16
CA HIS GA 154 -4.06 -61.80 47.52
C HIS GA 154 -2.58 -61.63 47.28
N MET GA 155 -2.21 -60.50 46.68
CA MET GA 155 -0.83 -60.16 46.38
C MET GA 155 -0.53 -58.71 46.76
N GLY GA 156 0.68 -58.46 47.23
CA GLY GA 156 1.12 -57.12 47.54
C GLY GA 156 2.63 -57.14 47.59
N PHE GA 157 3.23 -55.96 47.59
CA PHE GA 157 4.69 -55.81 47.61
C PHE GA 157 5.16 -55.25 48.93
N GLN GA 158 6.26 -55.79 49.42
CA GLN GA 158 7.02 -55.17 50.49
C GLN GA 158 8.33 -54.71 49.88
N TYR GA 159 8.82 -53.55 50.27
CA TYR GA 159 10.01 -53.00 49.63
C TYR GA 159 11.19 -52.92 50.61
N ASP GA 160 10.99 -53.44 51.82
CA ASP GA 160 12.03 -53.46 52.84
C ASP GA 160 12.22 -54.90 53.26
N MET GA 161 13.42 -55.43 53.07
CA MET GA 161 13.67 -56.83 53.37
C MET GA 161 13.47 -57.18 54.84
N ALA GA 162 13.56 -56.15 55.69
CA ALA GA 162 13.45 -56.33 57.14
C ALA GA 162 12.02 -56.43 57.66
N ASP GA 163 11.04 -55.96 56.88
CA ASP GA 163 9.63 -56.11 57.24
C ASP GA 163 9.28 -57.58 57.43
N THR GA 164 8.49 -57.88 58.44
CA THR GA 164 7.98 -59.25 58.57
C THR GA 164 6.84 -59.46 57.57
N VAL GA 165 6.80 -60.66 56.99
CA VAL GA 165 5.72 -61.02 56.07
C VAL GA 165 4.38 -61.09 56.79
N PRO GA 166 3.34 -60.47 56.20
CA PRO GA 166 1.99 -60.40 56.80
C PRO GA 166 1.37 -61.77 57.10
N VAL GA 167 0.48 -61.81 58.08
CA VAL GA 167 -0.14 -63.06 58.49
C VAL GA 167 -1.67 -63.01 58.33
N SER GA 168 -2.21 -61.83 58.05
CA SER GA 168 -3.65 -61.67 57.80
C SER GA 168 -3.90 -60.85 56.53
N VAL GA 169 -5.05 -61.07 55.88
CA VAL GA 169 -5.51 -60.27 54.73
C VAL GA 169 -5.59 -58.80 55.13
N ASN GA 170 -5.99 -58.51 56.36
CA ASN GA 170 -6.03 -57.13 56.85
C ASN GA 170 -4.68 -56.45 56.64
N GLN GA 171 -3.63 -57.11 57.11
CA GLN GA 171 -2.29 -56.60 56.92
C GLN GA 171 -1.92 -56.49 55.45
N LEU GA 172 -2.11 -57.58 54.71
CA LEU GA 172 -1.78 -57.57 53.29
C LEU GA 172 -2.55 -56.46 52.56
N SER GA 173 -3.78 -56.17 52.99
CA SER GA 173 -4.65 -55.19 52.33
C SER GA 173 -4.04 -53.78 52.33
N ASN GA 174 -3.07 -53.55 53.22
CA ASN GA 174 -2.43 -52.24 53.30
C ASN GA 174 -1.22 -52.06 52.38
N LEU GA 175 -0.72 -53.16 51.81
CA LEU GA 175 0.47 -53.10 50.95
C LEU GA 175 0.29 -52.41 49.62
N ARG GA 176 1.36 -51.72 49.21
CA ARG GA 176 1.45 -51.17 47.88
C ARG GA 176 1.15 -52.24 46.84
N GLY GA 177 0.22 -51.96 45.94
CA GLY GA 177 0.00 -52.85 44.82
C GLY GA 177 -0.83 -54.03 45.22
N TYR GA 178 -1.51 -53.89 46.35
CA TYR GA 178 -2.42 -54.94 46.80
C TYR GA 178 -3.55 -55.19 45.82
N VAL GA 179 -3.73 -56.46 45.46
CA VAL GA 179 -4.89 -56.86 44.67
C VAL GA 179 -5.49 -58.13 45.26
N SER GA 180 -6.74 -58.39 44.94
CA SER GA 180 -7.46 -59.49 45.54
C SER GA 180 -8.62 -59.89 44.64
N GLY GA 181 -8.86 -61.19 44.52
CA GLY GA 181 -9.97 -61.68 43.73
C GLY GA 181 -10.18 -63.16 43.94
N GLN GA 182 -11.31 -63.66 43.46
CA GLN GA 182 -11.60 -65.09 43.47
C GLN GA 182 -10.58 -65.92 42.73
N VAL GA 183 -10.34 -67.15 43.18
CA VAL GA 183 -9.29 -67.93 42.53
C VAL GA 183 -9.72 -68.32 41.11
N TRP GA 184 -10.96 -68.05 40.76
CA TRP GA 184 -11.41 -68.31 39.39
C TRP GA 184 -11.58 -67.02 38.58
N SER GA 185 -11.28 -65.88 39.19
CA SER GA 185 -11.25 -64.61 38.48
C SER GA 185 -9.82 -64.37 37.96
N GLY GA 186 -9.64 -63.38 37.09
CA GLY GA 186 -8.31 -62.97 36.65
C GLY GA 186 -8.03 -63.20 35.17
N SER GA 187 -8.97 -63.82 34.48
CA SER GA 187 -8.81 -64.11 33.05
C SER GA 187 -8.42 -62.87 32.23
N ALA GA 188 -9.01 -61.74 32.57
CA ALA GA 188 -8.75 -60.54 31.79
C ALA GA 188 -7.31 -60.09 31.93
N GLY GA 189 -6.56 -60.74 32.80
CA GLY GA 189 -5.17 -60.37 32.97
C GLY GA 189 -4.31 -60.89 31.84
N LEU GA 190 -4.85 -61.80 31.03
CA LEU GA 190 -4.08 -62.44 29.97
C LEU GA 190 -3.50 -61.43 28.98
N CYS GA 191 -4.23 -60.37 28.70
CA CYS GA 191 -3.78 -59.39 27.72
C CYS GA 191 -2.44 -58.72 28.09
N PHE GA 192 -2.07 -58.67 29.38
CA PHE GA 192 -0.75 -58.18 29.79
C PHE GA 192 0.42 -59.13 29.39
N ILE GA 193 0.14 -60.43 29.38
CA ILE GA 193 1.16 -61.45 29.17
C ILE GA 193 1.60 -61.64 27.73
N ASN GA 194 0.67 -61.55 26.80
CA ASN GA 194 1.05 -61.69 25.40
C ASN GA 194 1.24 -60.34 24.77
N GLY GA 195 1.20 -59.31 25.62
CA GLY GA 195 1.43 -57.92 25.25
C GLY GA 195 0.46 -57.32 24.23
N THR GA 196 -0.79 -57.76 24.26
CA THR GA 196 -1.75 -57.26 23.30
C THR GA 196 -2.51 -56.05 23.86
N ARG GA 197 -3.44 -55.53 23.08
CA ARG GA 197 -4.23 -54.37 23.47
C ARG GA 197 -5.05 -54.68 24.71
N CYS GA 198 -4.83 -53.93 25.79
CA CYS GA 198 -5.62 -54.13 26.99
C CYS GA 198 -6.73 -53.10 27.07
N SER GA 199 -7.95 -53.59 27.26
CA SER GA 199 -9.12 -52.75 27.33
C SER GA 199 -9.84 -53.06 28.63
N ASP GA 200 -10.61 -54.14 28.65
CA ASP GA 200 -11.39 -54.58 29.81
C ASP GA 200 -10.55 -55.33 30.86
N THR GA 201 -9.65 -54.62 31.53
CA THR GA 201 -8.76 -55.26 32.50
C THR GA 201 -9.12 -55.02 33.93
N SER GA 202 -10.32 -54.52 34.21
CA SER GA 202 -10.67 -54.16 35.56
C SER GA 202 -10.69 -55.34 36.53
N THR GA 203 -10.99 -56.53 36.03
CA THR GA 203 -11.06 -57.73 36.85
C THR GA 203 -9.73 -58.44 36.96
N ALA GA 204 -8.76 -57.94 36.20
CA ALA GA 204 -7.44 -58.55 36.13
C ALA GA 204 -6.74 -58.51 37.48
N ILE GA 205 -6.31 -59.68 37.97
CA ILE GA 205 -5.55 -59.75 39.21
C ILE GA 205 -4.07 -59.63 38.91
N SER GA 206 -3.69 -58.43 38.53
CA SER GA 206 -2.35 -58.17 38.09
C SER GA 206 -1.84 -56.90 38.78
N THR GA 207 -0.57 -56.88 39.14
CA THR GA 207 -0.07 -55.73 39.86
C THR GA 207 1.39 -55.46 39.46
N THR GA 208 1.83 -54.25 39.61
CA THR GA 208 3.13 -53.89 39.08
C THR GA 208 4.03 -53.32 40.13
N LEU GA 209 5.32 -53.48 39.91
CA LEU GA 209 6.30 -52.97 40.84
C LEU GA 209 6.45 -51.45 40.65
N ASP GA 210 6.53 -50.71 41.75
CA ASP GA 210 6.84 -49.28 41.71
C ASP GA 210 8.33 -49.05 41.49
N VAL GA 211 8.80 -49.13 40.25
CA VAL GA 211 10.22 -48.97 39.95
C VAL GA 211 10.69 -47.58 40.31
N SER GA 212 9.78 -46.63 40.27
CA SER GA 212 10.06 -45.23 40.60
C SER GA 212 10.58 -45.01 42.03
N LYS GA 213 10.33 -45.99 42.90
CA LYS GA 213 10.54 -45.82 44.32
C LYS GA 213 11.56 -46.80 44.87
N LEU GA 214 12.27 -47.50 43.99
CA LEU GA 214 13.25 -48.45 44.50
C LEU GA 214 14.45 -47.76 45.17
N GLY GA 215 15.16 -48.48 46.03
CA GLY GA 215 16.30 -47.92 46.75
C GLY GA 215 17.31 -47.26 45.82
N LYS GA 216 17.69 -48.01 44.80
CA LYS GA 216 18.55 -47.50 43.74
C LYS GA 216 17.99 -47.96 42.39
N LYS GA 217 18.72 -47.66 41.31
CA LYS GA 217 18.33 -48.06 39.95
C LYS GA 217 19.07 -49.34 39.53
N TRP GA 218 20.38 -49.39 39.80
CA TRP GA 218 21.13 -50.54 39.37
C TRP GA 218 21.35 -51.48 40.54
N TYR GA 219 20.72 -52.65 40.45
CA TYR GA 219 20.85 -53.69 41.46
C TYR GA 219 21.82 -54.76 40.99
N PRO GA 220 22.59 -55.32 41.92
CA PRO GA 220 23.42 -56.47 41.54
C PRO GA 220 22.58 -57.74 41.44
N TYR GA 221 22.89 -58.59 40.47
CA TYR GA 221 22.31 -59.93 40.37
C TYR GA 221 22.80 -60.85 41.49
N LYS GA 222 21.88 -61.37 42.31
CA LYS GA 222 22.22 -62.26 43.42
C LYS GA 222 21.34 -63.51 43.36
N THR GA 223 21.81 -64.59 43.99
CA THR GA 223 21.02 -65.82 44.08
C THR GA 223 20.20 -65.90 45.39
N SER GA 224 19.34 -66.91 45.48
CA SER GA 224 18.62 -67.16 46.72
C SER GA 224 19.64 -67.38 47.84
N ALA GA 225 20.71 -68.10 47.51
CA ALA GA 225 21.85 -68.33 48.40
C ALA GA 225 22.49 -67.02 48.89
N ASP GA 226 22.77 -66.11 47.98
CA ASP GA 226 23.36 -64.83 48.35
C ASP GA 226 22.45 -64.09 49.32
N TYR GA 227 21.14 -64.16 49.10
CA TYR GA 227 20.18 -63.49 49.99
C TYR GA 227 20.14 -64.09 51.41
N ALA GA 228 20.06 -65.43 51.49
CA ALA GA 228 20.00 -66.16 52.76
C ALA GA 228 21.22 -65.85 53.64
N THR GA 229 22.40 -65.87 53.03
CA THR GA 229 23.63 -65.55 53.73
C THR GA 229 23.61 -64.12 54.25
N ALA GA 230 23.21 -63.20 53.38
CA ALA GA 230 23.19 -61.80 53.76
C ALA GA 230 22.26 -61.55 54.96
N VAL GA 231 21.07 -62.14 54.97
CA VAL GA 231 20.19 -61.94 56.11
C VAL GA 231 20.72 -62.70 57.35
N GLY GA 232 21.56 -63.71 57.12
CA GLY GA 232 22.21 -64.44 58.19
C GLY GA 232 23.15 -63.57 59.00
N VAL GA 233 23.79 -62.63 58.33
CA VAL GA 233 24.68 -61.68 59.00
C VAL GA 233 23.83 -60.56 59.62
N ASP GA 234 22.98 -59.96 58.80
CA ASP GA 234 22.06 -58.89 59.20
C ASP GA 234 21.05 -58.66 58.08
N VAL GA 235 19.75 -58.71 58.39
CA VAL GA 235 18.74 -58.61 57.34
C VAL GA 235 18.88 -57.33 56.50
N ASN GA 236 19.47 -56.30 57.10
CA ASN GA 236 19.57 -55.01 56.42
C ASN GA 236 20.61 -55.00 55.31
N ILE GA 237 21.51 -55.98 55.31
CA ILE GA 237 22.48 -56.12 54.22
C ILE GA 237 21.69 -56.41 52.93
N ALA GA 238 20.55 -57.06 53.08
CA ALA GA 238 19.78 -57.52 51.95
C ALA GA 238 19.07 -56.40 51.20
N THR GA 239 18.76 -55.29 51.88
CA THR GA 239 18.01 -54.20 51.25
C THR GA 239 18.70 -53.58 50.02
N PRO GA 240 20.04 -53.38 50.06
CA PRO GA 240 20.61 -52.97 48.77
C PRO GA 240 20.77 -54.13 47.77
N LEU GA 241 20.32 -55.35 48.11
CA LEU GA 241 20.49 -56.53 47.25
C LEU GA 241 19.21 -56.92 46.50
N VAL GA 242 18.06 -56.66 47.11
CA VAL GA 242 16.78 -56.97 46.49
C VAL GA 242 15.88 -55.75 46.42
N PRO GA 243 15.30 -55.48 45.22
CA PRO GA 243 14.43 -54.28 45.12
C PRO GA 243 13.11 -54.45 45.88
N ALA GA 244 12.56 -55.66 45.90
CA ALA GA 244 11.30 -55.85 46.61
C ALA GA 244 10.97 -57.33 46.80
N ARG GA 245 9.92 -57.58 47.58
CA ARG GA 245 9.40 -58.91 47.81
C ARG GA 245 7.91 -58.97 47.47
N LEU GA 246 7.48 -60.01 46.78
CA LEU GA 246 6.07 -60.13 46.52
C LEU GA 246 5.44 -60.99 47.61
N VAL GA 247 4.38 -60.53 48.23
CA VAL GA 247 3.72 -61.32 49.25
C VAL GA 247 2.41 -61.85 48.70
N ILE GA 248 2.14 -63.14 48.93
CA ILE GA 248 0.96 -63.81 48.39
C ILE GA 248 0.18 -64.55 49.47
N ALA GA 249 -1.12 -64.29 49.53
CA ALA GA 249 -1.92 -65.04 50.47
C ALA GA 249 -3.03 -65.77 49.75
N LEU GA 250 -3.25 -67.01 50.18
CA LEU GA 250 -4.40 -67.79 49.71
C LEU GA 250 -5.19 -68.34 50.89
N LEU GA 251 -6.51 -68.19 50.81
CA LEU GA 251 -7.39 -68.67 51.87
C LEU GA 251 -8.76 -68.86 51.27
N ASP GA 252 -9.75 -69.09 52.12
CA ASP GA 252 -11.17 -69.18 51.75
C ASP GA 252 -11.50 -70.40 50.90
N GLY GA 253 -10.61 -71.39 50.89
CA GLY GA 253 -10.82 -72.60 50.12
C GLY GA 253 -11.76 -73.59 50.77
N SER GA 254 -12.13 -74.63 50.04
CA SER GA 254 -13.12 -75.61 50.52
C SER GA 254 -12.49 -76.89 51.05
N SER GA 255 -11.19 -77.04 50.87
CA SER GA 255 -10.55 -78.27 51.28
C SER GA 255 -9.48 -77.98 52.29
N SER GA 256 -9.14 -78.99 53.06
CA SER GA 256 -8.04 -78.85 53.99
C SER GA 256 -6.76 -79.13 53.23
N THR GA 257 -6.89 -79.85 52.12
CA THR GA 257 -5.80 -80.13 51.20
C THR GA 257 -5.90 -79.18 50.02
N ALA GA 258 -4.78 -78.68 49.53
CA ALA GA 258 -4.75 -77.70 48.43
C ALA GA 258 -5.45 -78.15 47.15
N VAL GA 259 -6.33 -77.29 46.65
CA VAL GA 259 -6.95 -77.46 45.34
C VAL GA 259 -6.20 -76.56 44.35
N ALA GA 260 -5.86 -77.08 43.18
CA ALA GA 260 -5.18 -76.28 42.15
C ALA GA 260 -6.03 -75.08 41.69
N ALA GA 261 -5.50 -73.87 41.81
CA ALA GA 261 -6.26 -72.66 41.51
C ALA GA 261 -5.81 -72.01 40.20
N GLY GA 262 -4.55 -71.58 40.16
CA GLY GA 262 -4.02 -70.92 38.98
C GLY GA 262 -2.51 -70.73 38.98
N ARG GA 263 -2.05 -69.74 38.22
CA ARG GA 263 -0.62 -69.54 38.11
C ARG GA 263 -0.32 -68.05 38.13
N ILE GA 264 0.84 -67.71 38.65
CA ILE GA 264 1.31 -66.35 38.61
C ILE GA 264 2.37 -66.28 37.52
N TYR GA 265 2.15 -65.38 36.57
CA TYR GA 265 3.11 -65.13 35.51
C TYR GA 265 3.80 -63.81 35.79
N CYS GA 266 5.06 -63.69 35.37
CA CYS GA 266 5.75 -62.41 35.51
C CYS GA 266 6.06 -61.79 34.15
N THR GA 267 5.67 -60.54 33.98
CA THR GA 267 5.91 -59.80 32.76
C THR GA 267 6.77 -58.61 33.07
N TYR GA 268 7.98 -58.60 32.58
CA TYR GA 268 8.94 -57.60 33.02
C TYR GA 268 9.64 -56.95 31.86
N THR GA 269 10.12 -55.75 32.10
CA THR GA 269 11.06 -55.17 31.17
C THR GA 269 12.37 -54.88 31.89
N ILE GA 270 13.44 -55.56 31.52
CA ILE GA 270 14.69 -55.43 32.27
C ILE GA 270 15.85 -54.79 31.48
N GLN GA 271 16.59 -53.93 32.16
CA GLN GA 271 17.86 -53.39 31.64
C GLN GA 271 19.02 -54.18 32.22
N MET GA 272 19.78 -54.80 31.34
CA MET GA 272 20.91 -55.60 31.77
C MET GA 272 22.19 -54.92 31.34
N ILE GA 273 23.08 -54.68 32.31
CA ILE GA 273 24.34 -54.05 31.98
C ILE GA 273 25.50 -54.79 32.63
N GLU GA 274 26.69 -54.56 32.06
CA GLU GA 274 27.97 -55.06 32.57
C GLU GA 274 28.04 -56.57 32.63
N PRO GA 275 28.29 -57.19 31.45
CA PRO GA 275 28.43 -58.63 31.29
C PRO GA 275 29.46 -59.25 32.25
N THR GA 276 29.33 -60.56 32.44
CA THR GA 276 30.19 -61.30 33.33
C THR GA 276 30.43 -62.67 32.71
N ALA GA 277 31.60 -63.24 32.94
CA ALA GA 277 31.94 -64.54 32.36
C ALA GA 277 32.09 -65.63 33.45
N SER GA 278 31.23 -65.57 34.46
CA SER GA 278 31.27 -66.54 35.54
C SER GA 278 29.86 -66.92 35.99
N GLY HA 87 -0.76 -26.59 56.30
CA GLY HA 87 -0.89 -27.43 57.47
C GLY HA 87 -1.56 -28.77 57.19
N ILE HA 88 -2.00 -28.94 55.94
CA ILE HA 88 -2.74 -30.12 55.55
C ILE HA 88 -1.89 -31.28 55.05
N THR HA 89 -1.98 -32.41 55.74
CA THR HA 89 -1.38 -33.65 55.25
C THR HA 89 -2.46 -34.48 54.53
N VAL HA 90 -2.34 -34.63 53.22
CA VAL HA 90 -3.30 -35.33 52.38
C VAL HA 90 -2.89 -36.80 52.11
N LEU HA 91 -3.80 -37.74 52.37
CA LEU HA 91 -3.43 -39.16 52.28
C LEU HA 91 -4.42 -39.97 51.45
N THR HA 92 -3.91 -40.79 50.55
CA THR HA 92 -4.77 -41.69 49.81
C THR HA 92 -4.31 -43.12 50.03
N HIS HA 93 -5.23 -43.97 50.44
CA HIS HA 93 -4.91 -45.33 50.82
C HIS HA 93 -6.19 -46.18 50.75
N SER HA 94 -5.97 -47.45 50.55
CA SER HA 94 -7.00 -48.44 50.58
C SER HA 94 -6.63 -49.46 51.66
N GLU HA 95 -7.62 -49.89 52.44
CA GLU HA 95 -7.40 -50.98 53.38
C GLU HA 95 -8.67 -51.76 53.62
N LEU HA 96 -8.51 -52.96 54.18
CA LEU HA 96 -9.62 -53.86 54.50
C LEU HA 96 -10.52 -53.17 55.51
N SER HA 97 -11.82 -53.21 55.29
CA SER HA 97 -12.77 -52.54 56.19
C SER HA 97 -13.81 -53.47 56.80
N ALA HA 98 -14.08 -54.60 56.14
CA ALA HA 98 -15.11 -55.51 56.59
C ALA HA 98 -14.99 -56.85 55.86
N GLU HA 99 -15.27 -57.92 56.59
CA GLU HA 99 -15.39 -59.24 55.97
C GLU HA 99 -16.86 -59.69 55.96
N ILE HA 100 -17.26 -60.35 54.88
CA ILE HA 100 -18.67 -60.52 54.63
C ILE HA 100 -19.08 -61.99 54.50
N GLY HA 101 -20.12 -62.37 55.23
CA GLY HA 101 -20.64 -63.72 55.17
C GLY HA 101 -22.14 -63.59 54.97
N VAL HA 102 -22.75 -64.57 54.29
CA VAL HA 102 -24.15 -64.47 53.95
C VAL HA 102 -24.98 -65.62 54.53
N THR HA 103 -26.22 -65.33 54.93
CA THR HA 103 -27.16 -66.34 55.43
C THR HA 103 -28.48 -66.27 54.65
N ASP HA 104 -29.46 -67.11 55.00
CA ASP HA 104 -30.75 -67.17 54.27
C ASP HA 104 -31.79 -66.20 54.84
N SER HA 105 -31.35 -65.40 55.80
CA SER HA 105 -32.16 -64.34 56.38
C SER HA 105 -31.44 -63.00 56.24
N ILE HA 106 -32.20 -61.92 56.18
CA ILE HA 106 -31.60 -60.61 56.05
C ILE HA 106 -30.81 -60.27 57.32
N VAL HA 107 -29.57 -59.79 57.13
CA VAL HA 107 -28.72 -59.29 58.22
C VAL HA 107 -28.19 -57.90 57.90
N VAL HA 108 -28.55 -56.92 58.72
CA VAL HA 108 -28.18 -55.53 58.45
C VAL HA 108 -27.10 -55.07 59.41
N SER HA 109 -25.96 -54.69 58.87
CA SER HA 109 -24.89 -54.16 59.68
C SER HA 109 -24.53 -52.78 59.19
N SER HA 110 -23.70 -52.07 59.94
CA SER HA 110 -23.30 -50.73 59.52
C SER HA 110 -21.93 -50.35 60.05
N GLU HA 111 -21.35 -49.32 59.47
CA GLU HA 111 -20.04 -48.87 59.90
C GLU HA 111 -19.98 -47.34 59.90
N LEU HA 112 -19.47 -46.75 60.98
CA LEU HA 112 -19.30 -45.29 61.01
C LEU HA 112 -18.21 -44.89 60.04
N VAL HA 113 -18.51 -43.92 59.17
CA VAL HA 113 -17.53 -43.44 58.21
C VAL HA 113 -16.63 -42.37 58.84
N MET HA 114 -15.72 -42.82 59.70
CA MET HA 114 -14.76 -41.94 60.36
C MET HA 114 -13.47 -42.76 60.52
N PRO HA 115 -12.31 -42.08 60.51
CA PRO HA 115 -11.01 -42.74 60.51
C PRO HA 115 -10.91 -43.88 61.49
N TYR HA 116 -11.44 -43.69 62.71
CA TYR HA 116 -11.31 -44.69 63.76
C TYR HA 116 -11.82 -46.07 63.36
N THR HA 117 -12.86 -46.07 62.51
CA THR HA 117 -13.57 -47.30 62.19
C THR HA 117 -13.61 -47.74 60.74
N VAL HA 118 -12.94 -47.03 59.83
CA VAL HA 118 -12.99 -47.50 58.45
C VAL HA 118 -11.97 -48.63 58.28
N GLY HA 119 -10.92 -48.62 59.08
CA GLY HA 119 -9.87 -49.63 59.02
C GLY HA 119 -8.83 -49.34 60.10
N THR HA 120 -8.13 -50.39 60.54
CA THR HA 120 -7.19 -50.25 61.66
C THR HA 120 -5.96 -49.41 61.32
N TRP HA 121 -5.50 -49.50 60.08
CA TRP HA 121 -4.31 -48.74 59.69
C TRP HA 121 -4.57 -47.24 59.74
N LEU HA 122 -5.61 -46.77 59.05
CA LEU HA 122 -5.96 -45.36 59.07
C LEU HA 122 -6.24 -44.90 60.48
N ARG HA 123 -6.85 -45.79 61.26
CA ARG HA 123 -7.19 -45.50 62.63
C ARG HA 123 -5.98 -45.02 63.41
N GLY HA 124 -4.91 -45.80 63.34
CA GLY HA 124 -3.70 -45.42 64.06
C GLY HA 124 -3.10 -44.16 63.46
N VAL HA 125 -3.08 -44.10 62.14
CA VAL HA 125 -2.47 -42.98 61.44
C VAL HA 125 -3.19 -41.69 61.80
N ALA HA 126 -4.50 -41.65 61.60
CA ALA HA 126 -5.26 -40.42 61.73
C ALA HA 126 -5.37 -39.93 63.18
N ALA HA 127 -5.06 -40.80 64.14
CA ALA HA 127 -5.07 -40.44 65.57
C ALA HA 127 -4.03 -39.38 65.95
N ASN HA 128 -2.97 -39.28 65.17
CA ASN HA 128 -1.92 -38.31 65.44
C ASN HA 128 -2.35 -36.90 65.07
N TRP HA 129 -3.54 -36.75 64.51
CA TRP HA 129 -4.13 -35.44 64.22
C TRP HA 129 -5.45 -35.27 64.98
N SER HA 130 -5.85 -34.01 65.18
CA SER HA 130 -7.05 -33.71 65.98
C SER HA 130 -8.29 -33.69 65.11
N LYS HA 131 -8.13 -33.19 63.90
CA LYS HA 131 -9.24 -33.04 62.96
C LYS HA 131 -8.90 -33.66 61.61
N TYR HA 132 -9.94 -34.01 60.85
CA TYR HA 132 -9.78 -34.53 59.49
C TYR HA 132 -10.92 -34.07 58.57
N SER HA 133 -10.72 -34.29 57.27
CA SER HA 133 -11.75 -34.03 56.28
C SER HA 133 -11.67 -35.07 55.19
N TRP HA 134 -12.81 -35.69 54.87
CA TRP HA 134 -12.87 -36.62 53.76
C TRP HA 134 -12.91 -35.87 52.44
N LEU HA 135 -11.96 -36.15 51.56
CA LEU HA 135 -12.03 -35.63 50.21
C LEU HA 135 -12.73 -36.66 49.36
N SER HA 136 -12.52 -37.93 49.71
CA SER HA 136 -13.20 -39.03 49.02
C SER HA 136 -13.24 -40.32 49.84
N VAL HA 137 -14.39 -40.98 49.87
CA VAL HA 137 -14.49 -42.26 50.52
C VAL HA 137 -15.25 -43.21 49.66
N ARG HA 138 -14.61 -44.32 49.33
CA ARG HA 138 -15.21 -45.32 48.49
C ARG HA 138 -15.11 -46.68 49.18
N TYR HA 139 -16.25 -47.34 49.25
CA TYR HA 139 -16.35 -48.71 49.76
C TYR HA 139 -16.57 -49.62 48.56
N THR HA 140 -15.75 -50.65 48.45
CA THR HA 140 -15.78 -51.56 47.33
C THR HA 140 -15.93 -52.97 47.83
N TYR HA 141 -16.97 -53.66 47.36
CA TYR HA 141 -17.14 -55.07 47.72
C TYR HA 141 -16.42 -55.93 46.68
N ILE HA 142 -15.53 -56.79 47.15
CA ILE HA 142 -14.82 -57.75 46.29
C ILE HA 142 -15.19 -59.17 46.75
N PRO HA 143 -15.65 -60.03 45.81
CA PRO HA 143 -16.09 -61.39 46.16
C PRO HA 143 -14.94 -62.36 46.40
N SER HA 144 -15.18 -63.45 47.14
CA SER HA 144 -14.17 -64.50 47.33
C SER HA 144 -14.77 -65.89 47.29
N CYS HA 145 -16.00 -65.99 46.78
CA CYS HA 145 -16.79 -67.22 46.80
C CYS HA 145 -17.00 -67.74 45.37
N PRO HA 146 -17.48 -69.00 45.24
CA PRO HA 146 -17.86 -69.57 43.93
C PRO HA 146 -19.00 -68.86 43.26
N SER HA 147 -19.11 -69.00 41.93
CA SER HA 147 -20.18 -68.39 41.14
C SER HA 147 -21.55 -69.03 41.45
N SER HA 148 -21.48 -70.13 42.17
CA SER HA 148 -22.64 -70.92 42.52
C SER HA 148 -23.12 -70.58 43.94
N THR HA 149 -22.51 -69.56 44.52
CA THR HA 149 -22.84 -69.14 45.86
C THR HA 149 -24.14 -68.35 45.89
N ALA HA 150 -25.12 -68.76 46.70
CA ALA HA 150 -26.35 -67.97 46.84
C ALA HA 150 -26.08 -66.80 47.76
N GLY HA 151 -26.73 -65.67 47.49
CA GLY HA 151 -26.55 -64.48 48.28
C GLY HA 151 -26.48 -63.21 47.46
N SER HA 152 -26.80 -62.09 48.06
CA SER HA 152 -26.60 -60.81 47.41
C SER HA 152 -26.12 -59.83 48.45
N ILE HA 153 -25.44 -58.76 48.04
CA ILE HA 153 -25.01 -57.75 48.98
C ILE HA 153 -25.65 -56.41 48.62
N HIS HA 154 -25.92 -55.62 49.65
CA HIS HA 154 -26.51 -54.29 49.51
C HIS HA 154 -25.77 -53.26 50.38
N MET HA 155 -25.51 -52.08 49.80
CA MET HA 155 -24.86 -51.00 50.52
C MET HA 155 -25.49 -49.64 50.22
N GLY HA 156 -25.50 -48.76 51.22
CA GLY HA 156 -25.96 -47.40 51.04
C GLY HA 156 -25.48 -46.54 52.18
N PHE HA 157 -25.59 -45.22 52.04
CA PHE HA 157 -25.14 -44.33 53.11
C PHE HA 157 -26.28 -43.62 53.84
N GLN HA 158 -26.15 -43.48 55.15
CA GLN HA 158 -26.99 -42.57 55.92
C GLN HA 158 -26.12 -41.45 56.40
N TYR HA 159 -26.65 -40.22 56.38
CA TYR HA 159 -25.88 -39.01 56.71
C TYR HA 159 -26.36 -38.29 57.96
N ASP HA 160 -27.33 -38.88 58.66
CA ASP HA 160 -27.78 -38.38 59.96
C ASP HA 160 -27.73 -39.52 60.95
N MET HA 161 -26.91 -39.39 61.98
CA MET HA 161 -26.71 -40.49 62.93
C MET HA 161 -27.99 -40.87 63.64
N ALA HA 162 -28.95 -39.95 63.67
CA ALA HA 162 -30.23 -40.16 64.32
C ALA HA 162 -31.16 -41.00 63.47
N ASP HA 163 -30.87 -41.10 62.18
CA ASP HA 163 -31.64 -41.94 61.26
C ASP HA 163 -31.61 -43.38 61.80
N THR HA 164 -32.75 -44.05 61.81
CA THR HA 164 -32.79 -45.46 62.23
C THR HA 164 -32.24 -46.34 61.12
N VAL HA 165 -31.51 -47.38 61.51
CA VAL HA 165 -30.95 -48.33 60.56
C VAL HA 165 -32.06 -49.11 59.82
N PRO HA 166 -31.93 -49.24 58.48
CA PRO HA 166 -32.90 -49.95 57.64
C PRO HA 166 -33.14 -51.40 58.03
N VAL HA 167 -34.32 -51.91 57.69
CA VAL HA 167 -34.70 -53.27 58.05
C VAL HA 167 -35.07 -54.10 56.80
N SER HA 168 -35.22 -53.43 55.67
CA SER HA 168 -35.59 -54.08 54.41
C SER HA 168 -34.74 -53.60 53.23
N VAL HA 169 -34.60 -54.44 52.20
CA VAL HA 169 -33.92 -54.02 50.97
C VAL HA 169 -34.61 -52.81 50.36
N ASN HA 170 -35.95 -52.80 50.41
CA ASN HA 170 -36.72 -51.68 49.89
C ASN HA 170 -36.32 -50.32 50.50
N GLN HA 171 -36.19 -50.26 51.82
CA GLN HA 171 -35.68 -49.06 52.47
C GLN HA 171 -34.29 -48.74 51.96
N LEU HA 172 -33.42 -49.76 51.97
CA LEU HA 172 -32.05 -49.59 51.57
C LEU HA 172 -31.91 -49.03 50.16
N SER HA 173 -32.79 -49.45 49.26
CA SER HA 173 -32.71 -49.04 47.84
C SER HA 173 -32.87 -47.52 47.65
N ASN HA 174 -33.40 -46.81 48.65
CA ASN HA 174 -33.65 -45.38 48.51
C ASN HA 174 -32.45 -44.52 48.86
N LEU HA 175 -31.46 -45.13 49.48
CA LEU HA 175 -30.29 -44.38 49.92
C LEU HA 175 -29.41 -43.90 48.76
N ARG HA 176 -28.83 -42.71 48.95
CA ARG HA 176 -27.75 -42.22 48.10
C ARG HA 176 -26.62 -43.24 48.00
N GLY HA 177 -26.30 -43.60 46.77
CA GLY HA 177 -25.16 -44.46 46.52
C GLY HA 177 -25.52 -45.91 46.76
N TYR HA 178 -26.80 -46.20 46.77
CA TYR HA 178 -27.25 -47.57 46.96
C TYR HA 178 -26.69 -48.45 45.87
N VAL HA 179 -26.06 -49.55 46.28
CA VAL HA 179 -25.57 -50.55 45.32
C VAL HA 179 -25.95 -51.94 45.79
N SER HA 180 -25.97 -52.86 44.85
CA SER HA 180 -26.51 -54.18 45.09
C SER HA 180 -25.97 -55.15 44.07
N GLY HA 181 -25.69 -56.38 44.48
CA GLY HA 181 -25.23 -57.34 43.51
C GLY HA 181 -25.15 -58.72 44.08
N GLN HA 182 -24.98 -59.71 43.22
CA GLN HA 182 -24.74 -61.09 43.66
C GLN HA 182 -23.53 -61.14 44.58
N VAL HA 183 -23.59 -62.05 45.55
CA VAL HA 183 -22.59 -62.11 46.60
C VAL HA 183 -21.24 -62.64 46.03
N TRP HA 184 -21.30 -63.18 44.82
CA TRP HA 184 -20.13 -63.68 44.11
C TRP HA 184 -19.73 -62.73 42.97
N SER HA 185 -20.46 -61.63 42.84
CA SER HA 185 -20.16 -60.62 41.84
C SER HA 185 -19.24 -59.51 42.39
N GLY HA 186 -18.73 -58.63 41.52
CA GLY HA 186 -18.07 -57.42 41.97
C GLY HA 186 -16.58 -57.31 41.76
N SER HA 187 -15.99 -58.37 41.22
CA SER HA 187 -14.55 -58.41 40.97
C SER HA 187 -14.12 -57.15 40.24
N ALA HA 188 -14.96 -56.64 39.36
CA ALA HA 188 -14.59 -55.47 38.55
C ALA HA 188 -14.38 -54.19 39.39
N GLY HA 189 -14.63 -54.25 40.69
CA GLY HA 189 -14.36 -53.09 41.52
C GLY HA 189 -12.88 -52.98 41.85
N LEU HA 190 -12.14 -54.04 41.58
CA LEU HA 190 -10.76 -54.16 42.03
C LEU HA 190 -9.91 -52.99 41.60
N CYS HA 191 -10.14 -52.49 40.40
CA CYS HA 191 -9.30 -51.44 39.86
C CYS HA 191 -9.37 -50.15 40.69
N PHE HA 192 -10.46 -49.95 41.41
CA PHE HA 192 -10.53 -48.80 42.28
C PHE HA 192 -9.57 -48.90 43.44
N ILE HA 193 -9.33 -50.13 43.90
CA ILE HA 193 -8.58 -50.39 45.13
C ILE HA 193 -7.08 -50.22 44.92
N ASN HA 194 -6.55 -50.66 43.78
CA ASN HA 194 -5.14 -50.43 43.54
C ASN HA 194 -4.97 -49.18 42.68
N GLY HA 195 -6.07 -48.47 42.45
CA GLY HA 195 -6.07 -47.19 41.74
C GLY HA 195 -5.56 -47.19 40.32
N THR HA 196 -5.76 -48.28 39.59
CA THR HA 196 -5.25 -48.37 38.24
C THR HA 196 -6.32 -47.89 37.24
N ARG HA 197 -6.02 -47.94 35.94
CA ARG HA 197 -6.95 -47.49 34.90
C ARG HA 197 -8.24 -48.30 34.91
N CYS HA 198 -9.34 -47.60 35.16
CA CYS HA 198 -10.64 -48.23 35.20
C CYS HA 198 -11.41 -48.10 33.88
N SER HA 199 -11.93 -49.22 33.40
CA SER HA 199 -12.68 -49.21 32.16
C SER HA 199 -14.05 -49.86 32.37
N ASP HA 200 -14.13 -51.19 32.33
CA ASP HA 200 -15.42 -51.88 32.44
C ASP HA 200 -15.89 -52.08 33.89
N THR HA 201 -16.31 -50.98 34.52
CA THR HA 201 -16.70 -50.99 35.93
C THR HA 201 -18.22 -51.01 36.16
N SER HA 202 -18.99 -51.41 35.16
CA SER HA 202 -20.45 -51.40 35.31
C SER HA 202 -20.92 -52.35 36.38
N THR HA 203 -20.17 -53.43 36.57
CA THR HA 203 -20.52 -54.48 37.50
C THR HA 203 -19.99 -54.33 38.94
N ALA HA 204 -19.17 -53.31 39.15
CA ALA HA 204 -18.52 -53.09 40.45
C ALA HA 204 -19.55 -52.84 41.53
N ILE HA 205 -19.49 -53.60 42.61
CA ILE HA 205 -20.36 -53.31 43.73
C ILE HA 205 -19.61 -52.35 44.66
N SER HA 206 -19.52 -51.10 44.20
CA SER HA 206 -18.75 -50.07 44.87
C SER HA 206 -19.54 -48.76 44.95
N THR HA 207 -19.38 -48.04 46.05
CA THR HA 207 -20.10 -46.78 46.26
C THR HA 207 -19.28 -45.71 46.96
N THR HA 208 -19.64 -44.46 46.69
CA THR HA 208 -18.85 -43.34 47.12
C THR HA 208 -19.66 -42.30 47.87
N LEU HA 209 -18.98 -41.63 48.81
CA LEU HA 209 -19.58 -40.66 49.71
C LEU HA 209 -19.81 -39.28 49.10
N ASP HA 210 -20.94 -38.67 49.42
CA ASP HA 210 -21.21 -37.30 49.01
C ASP HA 210 -20.40 -36.42 49.95
N VAL HA 211 -19.11 -36.26 49.68
CA VAL HA 211 -18.25 -35.45 50.55
C VAL HA 211 -18.75 -34.02 50.48
N SER HA 212 -19.26 -33.70 49.30
CA SER HA 212 -19.81 -32.39 48.96
C SER HA 212 -21.00 -32.00 49.80
N LYS HA 213 -21.62 -32.98 50.45
CA LYS HA 213 -22.91 -32.76 51.10
C LYS HA 213 -22.87 -32.94 52.63
N LEU HA 214 -21.67 -33.04 53.18
CA LEU HA 214 -21.51 -33.28 54.61
C LEU HA 214 -21.92 -32.08 55.44
N GLY HA 215 -22.24 -32.32 56.71
CA GLY HA 215 -22.65 -31.28 57.66
C GLY HA 215 -21.68 -30.12 57.79
N LYS HA 216 -20.39 -30.45 57.98
CA LYS HA 216 -19.30 -29.47 58.07
C LYS HA 216 -18.15 -29.92 57.17
N LYS HA 217 -17.04 -29.19 57.19
CA LYS HA 217 -15.87 -29.62 56.45
C LYS HA 217 -14.86 -30.32 57.33
N TRP HA 218 -14.53 -29.71 58.46
CA TRP HA 218 -13.51 -30.30 59.31
C TRP HA 218 -14.17 -30.98 60.49
N TYR HA 219 -14.04 -32.31 60.52
CA TYR HA 219 -14.58 -33.14 61.59
C TYR HA 219 -13.50 -33.51 62.58
N PRO HA 220 -13.86 -33.61 63.87
CA PRO HA 220 -12.94 -34.11 64.92
C PRO HA 220 -12.77 -35.63 64.96
N TYR HA 221 -11.55 -36.09 65.20
CA TYR HA 221 -11.27 -37.51 65.43
C TYR HA 221 -11.85 -37.93 66.75
N LYS HA 222 -12.76 -38.88 66.72
CA LYS HA 222 -13.33 -39.43 67.93
C LYS HA 222 -13.36 -40.94 67.72
N THR HA 223 -13.41 -41.71 68.82
CA THR HA 223 -13.51 -43.16 68.72
C THR HA 223 -14.94 -43.66 68.80
N SER HA 224 -15.11 -44.97 68.67
CA SER HA 224 -16.41 -45.61 68.85
C SER HA 224 -16.95 -45.35 70.26
N ALA HA 225 -16.06 -45.38 71.24
CA ALA HA 225 -16.41 -45.02 72.62
C ALA HA 225 -17.01 -43.61 72.70
N ASP HA 226 -16.32 -42.65 72.07
CA ASP HA 226 -16.75 -41.26 72.03
C ASP HA 226 -18.12 -41.12 71.40
N TYR HA 227 -18.38 -41.91 70.38
CA TYR HA 227 -19.69 -41.92 69.72
C TYR HA 227 -20.77 -42.39 70.70
N ALA HA 228 -20.51 -43.52 71.35
CA ALA HA 228 -21.47 -44.14 72.27
C ALA HA 228 -21.86 -43.26 73.47
N THR HA 229 -20.88 -42.74 74.17
CA THR HA 229 -21.17 -41.88 75.32
C THR HA 229 -21.93 -40.63 74.87
N ALA HA 230 -21.49 -40.02 73.78
CA ALA HA 230 -22.13 -38.82 73.26
C ALA HA 230 -23.60 -39.08 72.91
N VAL HA 231 -23.91 -40.23 72.31
CA VAL HA 231 -25.31 -40.56 71.96
C VAL HA 231 -26.12 -40.90 73.22
N GLY HA 232 -25.40 -41.18 74.31
CA GLY HA 232 -26.02 -41.40 75.61
C GLY HA 232 -26.72 -40.13 76.08
N VAL HA 233 -26.19 -38.98 75.68
CA VAL HA 233 -26.79 -37.69 76.03
C VAL HA 233 -27.94 -37.33 75.07
N ASP HA 234 -27.68 -37.43 73.77
CA ASP HA 234 -28.65 -37.15 72.69
C ASP HA 234 -28.10 -37.68 71.37
N VAL HA 235 -28.91 -38.43 70.61
CA VAL HA 235 -28.45 -39.05 69.37
C VAL HA 235 -27.89 -38.02 68.40
N ASN HA 236 -28.39 -36.79 68.51
CA ASN HA 236 -27.98 -35.71 67.60
C ASN HA 236 -26.59 -35.09 67.86
N ILE HA 237 -26.05 -35.29 69.06
CA ILE HA 237 -24.72 -34.81 69.36
C ILE HA 237 -23.72 -35.51 68.44
N ALA HA 238 -24.10 -36.69 67.98
CA ALA HA 238 -23.21 -37.48 67.14
C ALA HA 238 -23.08 -36.84 65.78
N THR HA 239 -24.12 -36.12 65.36
CA THR HA 239 -24.17 -35.57 64.01
C THR HA 239 -22.99 -34.65 63.59
N PRO HA 240 -22.56 -33.72 64.49
CA PRO HA 240 -21.36 -32.97 64.05
C PRO HA 240 -20.05 -33.72 64.25
N LEU HA 241 -20.12 -34.96 64.73
CA LEU HA 241 -18.93 -35.76 65.07
C LEU HA 241 -18.59 -36.85 64.03
N VAL HA 242 -19.61 -37.44 63.42
CA VAL HA 242 -19.44 -38.52 62.45
C VAL HA 242 -20.08 -38.07 61.15
N PRO HA 243 -19.33 -38.13 60.04
CA PRO HA 243 -19.91 -37.61 58.79
C PRO HA 243 -21.04 -38.46 58.18
N ALA HA 244 -20.97 -39.78 58.28
CA ALA HA 244 -22.02 -40.61 57.70
C ALA HA 244 -21.90 -42.05 58.17
N ARG HA 245 -22.91 -42.86 57.87
CA ARG HA 245 -22.81 -44.26 58.20
C ARG HA 245 -23.09 -45.13 56.98
N LEU HA 246 -22.26 -46.16 56.84
CA LEU HA 246 -22.40 -47.09 55.75
C LEU HA 246 -23.33 -48.19 56.19
N VAL HA 247 -24.39 -48.44 55.43
CA VAL HA 247 -25.32 -49.50 55.80
C VAL HA 247 -25.21 -50.67 54.84
N ILE HA 248 -25.18 -51.87 55.41
CA ILE HA 248 -24.97 -53.09 54.66
C ILE HA 248 -26.03 -54.14 54.94
N ALA HA 249 -26.61 -54.71 53.89
CA ALA HA 249 -27.51 -55.82 54.09
C ALA HA 249 -27.02 -57.05 53.34
N LEU HA 250 -27.12 -58.19 53.99
CA LEU HA 250 -26.87 -59.46 53.35
C LEU HA 250 -28.00 -60.44 53.51
N LEU HA 251 -28.41 -61.01 52.38
CA LEU HA 251 -29.50 -61.98 52.34
C LEU HA 251 -29.41 -62.84 51.07
N ASP HA 252 -30.45 -63.65 50.85
CA ASP HA 252 -30.56 -64.54 49.70
C ASP HA 252 -29.55 -65.69 49.76
N GLY HA 253 -28.97 -65.95 50.93
CA GLY HA 253 -28.07 -67.09 51.09
C GLY HA 253 -28.82 -68.41 51.25
N SER HA 254 -28.12 -69.53 51.17
CA SER HA 254 -28.80 -70.84 51.23
C SER HA 254 -28.63 -71.54 52.59
N SER HA 255 -27.83 -70.98 53.48
CA SER HA 255 -27.59 -71.60 54.77
C SER HA 255 -28.09 -70.73 55.90
N SER HA 256 -28.36 -71.32 57.05
CA SER HA 256 -28.74 -70.51 58.21
C SER HA 256 -27.49 -70.01 58.95
N THR HA 257 -26.36 -70.68 58.79
CA THR HA 257 -25.09 -70.17 59.34
C THR HA 257 -24.33 -69.51 58.20
N ALA HA 258 -23.68 -68.39 58.48
CA ALA HA 258 -23.06 -67.57 57.43
C ALA HA 258 -22.11 -68.31 56.50
N VAL HA 259 -22.33 -68.15 55.18
CA VAL HA 259 -21.42 -68.69 54.18
C VAL HA 259 -20.46 -67.58 53.74
N ALA HA 260 -19.16 -67.89 53.74
CA ALA HA 260 -18.15 -66.89 53.42
C ALA HA 260 -18.32 -66.36 51.99
N ALA HA 261 -18.56 -65.05 51.87
CA ALA HA 261 -18.90 -64.39 50.60
C ALA HA 261 -17.80 -63.53 50.00
N GLY HA 262 -17.43 -62.46 50.70
CA GLY HA 262 -16.39 -61.55 50.23
C GLY HA 262 -15.90 -60.59 51.29
N ARG HA 263 -15.38 -59.45 50.84
CA ARG HA 263 -14.84 -58.41 51.72
C ARG HA 263 -15.19 -57.02 51.17
N ILE HA 264 -15.31 -56.04 52.07
CA ILE HA 264 -15.47 -54.64 51.67
C ILE HA 264 -14.17 -53.89 51.93
N TYR HA 265 -13.64 -53.22 50.91
CA TYR HA 265 -12.45 -52.39 51.09
C TYR HA 265 -12.81 -50.92 51.08
N CYS HA 266 -12.03 -50.12 51.77
CA CYS HA 266 -12.24 -48.69 51.74
C CYS HA 266 -11.10 -47.93 51.08
N THR HA 267 -11.43 -47.12 50.08
CA THR HA 267 -10.49 -46.27 49.39
C THR HA 267 -10.86 -44.83 49.68
N TYR HA 268 -9.98 -44.15 50.42
CA TYR HA 268 -10.29 -42.83 50.91
C TYR HA 268 -9.17 -41.83 50.60
N THR HA 269 -9.53 -40.56 50.48
CA THR HA 269 -8.54 -39.49 50.53
C THR HA 269 -8.93 -38.56 51.65
N ILE HA 270 -8.08 -38.49 52.66
CA ILE HA 270 -8.36 -37.75 53.87
C ILE HA 270 -7.41 -36.56 54.05
N GLN HA 271 -7.97 -35.42 54.46
CA GLN HA 271 -7.16 -34.29 54.88
C GLN HA 271 -7.04 -34.25 56.38
N MET HA 272 -5.80 -34.35 56.86
CA MET HA 272 -5.54 -34.35 58.28
C MET HA 272 -4.88 -33.03 58.66
N ILE HA 273 -5.42 -32.40 59.69
CA ILE HA 273 -4.89 -31.12 60.15
C ILE HA 273 -4.75 -31.09 61.67
N GLU HA 274 -3.90 -30.17 62.13
CA GLU HA 274 -3.69 -29.84 63.55
C GLU HA 274 -3.21 -31.02 64.38
N PRO HA 275 -1.92 -31.37 64.25
CA PRO HA 275 -1.31 -32.49 64.96
C PRO HA 275 -1.52 -32.41 66.46
N THR HA 276 -1.43 -33.54 67.14
CA THR HA 276 -1.63 -33.61 68.59
C THR HA 276 -0.75 -34.67 69.22
N ALA HA 277 -0.31 -34.40 70.45
CA ALA HA 277 0.58 -35.30 71.16
C ALA HA 277 -0.08 -35.90 72.39
N SER HA 278 0.24 -37.15 72.67
CA SER HA 278 -0.34 -37.86 73.81
C SER HA 278 0.72 -38.72 74.50
N GLY IA 86 -41.12 -21.13 38.23
CA GLY IA 86 -41.23 -22.47 37.68
C GLY IA 86 -42.50 -23.22 38.05
N GLY IA 87 -42.44 -23.96 39.15
CA GLY IA 87 -43.55 -24.74 39.65
C GLY IA 87 -43.27 -26.20 39.40
N ILE IA 88 -42.24 -26.48 38.60
CA ILE IA 88 -41.84 -27.85 38.31
C ILE IA 88 -40.79 -28.33 39.33
N THR IA 89 -41.13 -29.36 40.10
CA THR IA 89 -40.14 -29.95 40.99
C THR IA 89 -39.51 -31.15 40.29
N VAL IA 90 -38.24 -31.06 39.89
CA VAL IA 90 -37.61 -32.17 39.18
C VAL IA 90 -36.84 -33.08 40.16
N LEU IA 91 -37.11 -34.37 40.05
CA LEU IA 91 -36.60 -35.40 40.95
C LEU IA 91 -35.90 -36.54 40.22
N THR IA 92 -34.73 -36.93 40.67
CA THR IA 92 -34.10 -38.11 40.11
C THR IA 92 -33.80 -39.08 41.24
N HIS IA 93 -34.21 -40.33 41.04
CA HIS IA 93 -34.14 -41.32 42.08
C HIS IA 93 -34.20 -42.75 41.49
N SER IA 94 -33.60 -43.69 42.24
CA SER IA 94 -33.68 -45.13 41.98
C SER IA 94 -34.25 -45.82 43.19
N GLU IA 95 -35.19 -46.75 42.98
CA GLU IA 95 -35.68 -47.54 44.11
C GLU IA 95 -36.20 -48.94 43.75
N LEU IA 96 -36.33 -49.78 44.77
CA LEU IA 96 -36.85 -51.14 44.59
C LEU IA 96 -38.28 -51.10 44.07
N SER IA 97 -38.53 -51.88 43.04
CA SER IA 97 -39.83 -51.82 42.39
C SER IA 97 -40.49 -53.20 42.35
N ALA IA 98 -39.69 -54.24 42.46
CA ALA IA 98 -40.20 -55.60 42.37
C ALA IA 98 -39.15 -56.65 42.81
N GLU IA 99 -39.62 -57.68 43.49
CA GLU IA 99 -38.79 -58.84 43.76
C GLU IA 99 -39.22 -59.95 42.81
N ILE IA 100 -38.24 -60.68 42.27
CA ILE IA 100 -38.44 -61.58 41.13
C ILE IA 100 -37.98 -63.01 41.42
N GLY IA 101 -38.85 -63.98 41.13
CA GLY IA 101 -38.56 -65.39 41.30
C GLY IA 101 -39.04 -66.24 40.14
N VAL IA 102 -38.33 -67.33 39.86
CA VAL IA 102 -38.61 -68.14 38.69
C VAL IA 102 -39.05 -69.55 38.95
N THR IA 103 -39.98 -70.00 38.12
CA THR IA 103 -40.43 -71.39 38.15
C THR IA 103 -40.25 -72.00 36.78
N ASP IA 104 -40.61 -73.28 36.66
CA ASP IA 104 -40.44 -74.03 35.41
C ASP IA 104 -41.66 -73.84 34.52
N SER IA 105 -42.57 -72.98 34.96
CA SER IA 105 -43.72 -72.59 34.17
C SER IA 105 -43.73 -71.07 33.96
N ILE IA 106 -44.15 -70.63 32.77
CA ILE IA 106 -44.13 -69.20 32.47
C ILE IA 106 -45.10 -68.49 33.39
N VAL IA 107 -44.62 -67.41 34.00
CA VAL IA 107 -45.46 -66.58 34.85
C VAL IA 107 -45.37 -65.15 34.39
N VAL IA 108 -46.49 -64.62 33.94
CA VAL IA 108 -46.45 -63.30 33.38
C VAL IA 108 -47.09 -62.29 34.32
N SER IA 109 -46.28 -61.34 34.75
CA SER IA 109 -46.71 -60.28 35.63
C SER IA 109 -46.52 -58.95 34.97
N SER IA 110 -47.02 -57.90 35.62
CA SER IA 110 -46.86 -56.57 35.07
C SER IA 110 -46.88 -55.48 36.15
N GLU IA 111 -46.44 -54.29 35.76
CA GLU IA 111 -46.45 -53.14 36.64
C GLU IA 111 -46.84 -51.93 35.83
N LEU IA 112 -47.72 -51.11 36.38
CA LEU IA 112 -48.09 -49.84 35.77
C LEU IA 112 -46.94 -48.85 35.94
N VAL IA 113 -46.54 -48.20 34.86
CA VAL IA 113 -45.49 -47.19 34.92
C VAL IA 113 -46.10 -45.83 35.31
N MET IA 114 -46.48 -45.71 36.56
CA MET IA 114 -47.06 -44.48 37.08
C MET IA 114 -46.63 -44.39 38.52
N PRO IA 115 -46.46 -43.16 39.04
CA PRO IA 115 -45.82 -42.94 40.35
C PRO IA 115 -46.28 -43.88 41.46
N TYR IA 116 -47.58 -44.11 41.56
CA TYR IA 116 -48.09 -44.90 42.67
C TYR IA 116 -47.45 -46.30 42.72
N THR IA 117 -47.15 -46.85 41.55
CA THR IA 117 -46.88 -48.27 41.47
C THR IA 117 -45.43 -48.64 41.14
N VAL IA 118 -44.54 -47.66 41.01
CA VAL IA 118 -43.13 -47.98 40.75
C VAL IA 118 -42.34 -48.22 42.06
N GLY IA 119 -42.81 -47.65 43.18
CA GLY IA 119 -42.09 -47.79 44.43
C GLY IA 119 -42.75 -47.16 45.63
N THR IA 120 -42.42 -47.61 46.83
CA THR IA 120 -43.11 -47.11 48.00
C THR IA 120 -42.81 -45.63 48.22
N TRP IA 121 -41.53 -45.27 48.06
CA TRP IA 121 -41.05 -43.91 48.33
C TRP IA 121 -41.63 -42.85 47.40
N LEU IA 122 -41.52 -43.10 46.10
CA LEU IA 122 -42.03 -42.17 45.13
C LEU IA 122 -43.51 -41.98 45.36
N ARG IA 123 -44.20 -43.06 45.73
CA ARG IA 123 -45.63 -43.02 45.99
C ARG IA 123 -45.98 -41.96 47.04
N GLY IA 124 -45.20 -41.91 48.12
CA GLY IA 124 -45.43 -40.89 49.13
C GLY IA 124 -45.07 -39.53 48.57
N VAL IA 125 -43.93 -39.46 47.88
CA VAL IA 125 -43.44 -38.20 47.34
C VAL IA 125 -44.38 -37.61 46.29
N ALA IA 126 -44.71 -38.38 45.24
CA ALA IA 126 -45.46 -37.84 44.10
C ALA IA 126 -46.95 -37.54 44.42
N ALA IA 127 -47.46 -38.12 45.51
CA ALA IA 127 -48.84 -37.90 45.91
C ALA IA 127 -49.08 -36.44 46.31
N ASN IA 128 -48.01 -35.72 46.66
CA ASN IA 128 -48.07 -34.31 47.07
C ASN IA 128 -48.29 -33.33 45.92
N TRP IA 129 -48.27 -33.87 44.70
CA TRP IA 129 -48.55 -33.10 43.48
C TRP IA 129 -49.76 -33.73 42.73
N SER IA 130 -50.42 -32.95 41.86
CA SER IA 130 -51.63 -33.44 41.19
C SER IA 130 -51.29 -34.17 39.91
N LYS IA 131 -50.31 -33.63 39.20
CA LYS IA 131 -49.86 -34.18 37.94
C LYS IA 131 -48.31 -34.29 37.92
N TYR IA 132 -47.81 -35.17 37.06
CA TYR IA 132 -46.38 -35.43 36.89
C TYR IA 132 -46.06 -35.68 35.41
N SER IA 133 -44.77 -35.75 35.13
CA SER IA 133 -44.34 -36.12 33.81
C SER IA 133 -43.11 -36.95 33.87
N TRP IA 134 -43.11 -38.07 33.16
CA TRP IA 134 -41.89 -38.87 33.03
C TRP IA 134 -40.93 -38.22 32.01
N LEU IA 135 -39.72 -37.90 32.46
CA LEU IA 135 -38.68 -37.50 31.52
C LEU IA 135 -37.87 -38.73 31.17
N SER IA 136 -37.75 -39.62 32.14
CA SER IA 136 -37.03 -40.86 31.95
C SER IA 136 -37.53 -41.85 32.97
N VAL IA 137 -37.74 -43.09 32.53
CA VAL IA 137 -38.09 -44.20 33.41
C VAL IA 137 -37.31 -45.41 32.99
N ARG IA 138 -36.54 -45.98 33.91
CA ARG IA 138 -35.80 -47.18 33.54
C ARG IA 138 -36.05 -48.32 34.53
N TYR IA 139 -36.42 -49.49 34.01
CA TYR IA 139 -36.60 -50.69 34.81
C TYR IA 139 -35.43 -51.61 34.63
N THR IA 140 -34.74 -51.92 35.73
CA THR IA 140 -33.47 -52.66 35.67
C THR IA 140 -33.48 -53.89 36.56
N TYR IA 141 -33.24 -55.04 35.93
CA TYR IA 141 -33.14 -56.30 36.62
C TYR IA 141 -31.71 -56.51 37.06
N ILE IA 142 -31.55 -56.76 38.36
CA ILE IA 142 -30.26 -57.10 38.96
C ILE IA 142 -30.37 -58.50 39.55
N PRO IA 143 -29.45 -59.41 39.18
CA PRO IA 143 -29.53 -60.78 39.71
C PRO IA 143 -29.08 -60.94 41.17
N SER IA 144 -29.58 -61.97 41.83
CA SER IA 144 -29.15 -62.24 43.20
C SER IA 144 -29.01 -63.72 43.47
N CYS IA 145 -28.92 -64.50 42.41
CA CYS IA 145 -28.90 -65.95 42.55
C CYS IA 145 -27.59 -66.52 42.09
N PRO IA 146 -27.33 -67.79 42.41
CA PRO IA 146 -26.12 -68.41 41.87
C PRO IA 146 -26.12 -68.45 40.36
N SER IA 147 -24.91 -68.57 39.82
CA SER IA 147 -24.73 -68.65 38.38
C SER IA 147 -25.29 -69.95 37.84
N SER IA 148 -25.65 -70.88 38.73
CA SER IA 148 -26.10 -72.21 38.31
C SER IA 148 -27.63 -72.28 38.26
N THR IA 149 -28.27 -71.13 38.45
CA THR IA 149 -29.71 -71.05 38.46
C THR IA 149 -30.35 -71.11 37.07
N ALA IA 150 -31.26 -72.05 36.85
CA ALA IA 150 -32.01 -72.08 35.59
C ALA IA 150 -33.09 -71.02 35.62
N GLY IA 151 -33.37 -70.44 34.47
CA GLY IA 151 -34.38 -69.40 34.35
C GLY IA 151 -34.00 -68.23 33.47
N SER IA 152 -35.02 -67.55 32.96
CA SER IA 152 -34.83 -66.31 32.21
C SER IA 152 -35.90 -65.33 32.63
N ILE IA 153 -35.60 -64.05 32.45
CA ILE IA 153 -36.57 -63.01 32.72
C ILE IA 153 -36.80 -62.25 31.42
N HIS IA 154 -38.03 -61.80 31.20
CA HIS IA 154 -38.35 -61.03 29.99
C HIS IA 154 -39.13 -59.78 30.39
N MET IA 155 -38.80 -58.66 29.76
CA MET IA 155 -39.47 -57.41 30.05
C MET IA 155 -39.75 -56.64 28.77
N GLY IA 156 -40.91 -55.97 28.73
CA GLY IA 156 -41.28 -55.11 27.61
C GLY IA 156 -42.40 -54.16 28.01
N PHE IA 157 -42.66 -53.15 27.20
CA PHE IA 157 -43.67 -52.15 27.53
C PHE IA 157 -44.90 -52.26 26.64
N GLN IA 158 -46.07 -52.09 27.25
CA GLN IA 158 -47.29 -51.86 26.50
C GLN IA 158 -47.75 -50.41 26.72
N TYR IA 159 -48.20 -49.74 25.65
CA TYR IA 159 -48.49 -48.32 25.75
C TYR IA 159 -49.98 -48.03 25.59
N ASP IA 160 -50.76 -49.10 25.43
CA ASP IA 160 -52.22 -49.01 25.38
C ASP IA 160 -52.81 -49.93 26.43
N MET IA 161 -53.48 -49.36 27.43
CA MET IA 161 -53.91 -50.15 28.57
C MET IA 161 -54.90 -51.24 28.20
N ALA IA 162 -55.56 -51.08 27.06
CA ALA IA 162 -56.54 -52.05 26.62
C ALA IA 162 -55.84 -53.27 26.04
N ASP IA 163 -54.55 -53.11 25.72
CA ASP IA 163 -53.77 -54.23 25.19
C ASP IA 163 -53.86 -55.42 26.14
N THR IA 164 -53.98 -56.59 25.56
CA THR IA 164 -54.02 -57.83 26.32
C THR IA 164 -52.63 -58.11 26.87
N VAL IA 165 -52.56 -58.62 28.09
CA VAL IA 165 -51.26 -59.03 28.64
C VAL IA 165 -50.68 -60.18 27.82
N PRO IA 166 -49.41 -60.08 27.44
CA PRO IA 166 -48.82 -61.16 26.66
C PRO IA 166 -48.84 -62.48 27.43
N VAL IA 167 -48.88 -63.59 26.70
CA VAL IA 167 -48.95 -64.89 27.34
C VAL IA 167 -47.72 -65.74 26.96
N SER IA 168 -46.99 -65.31 25.94
CA SER IA 168 -45.81 -66.03 25.51
C SER IA 168 -44.59 -65.13 25.31
N VAL IA 169 -43.42 -65.73 25.42
CA VAL IA 169 -42.18 -65.06 25.12
C VAL IA 169 -42.23 -64.51 23.69
N ASN IA 170 -42.85 -65.27 22.79
CA ASN IA 170 -42.93 -64.86 21.39
C ASN IA 170 -43.58 -63.50 21.21
N GLN IA 171 -44.75 -63.34 21.81
CA GLN IA 171 -45.47 -62.08 21.80
C GLN IA 171 -44.62 -61.01 22.45
N LEU IA 172 -44.13 -61.31 23.64
CA LEU IA 172 -43.37 -60.36 24.42
C LEU IA 172 -42.20 -59.81 23.62
N SER IA 173 -41.61 -60.64 22.79
CA SER IA 173 -40.43 -60.28 22.01
C SER IA 173 -40.70 -59.17 21.03
N ASN IA 174 -41.96 -58.92 20.73
CA ASN IA 174 -42.31 -57.89 19.75
C ASN IA 174 -42.49 -56.51 20.33
N LEU IA 175 -42.56 -56.41 21.66
CA LEU IA 175 -42.75 -55.13 22.33
C LEU IA 175 -41.56 -54.17 22.28
N ARG IA 176 -41.86 -52.89 22.17
CA ARG IA 176 -40.88 -51.84 22.36
C ARG IA 176 -40.17 -52.02 23.70
N GLY IA 177 -38.84 -52.01 23.66
CA GLY IA 177 -38.05 -52.06 24.87
C GLY IA 177 -37.92 -53.45 25.40
N TYR IA 178 -38.23 -54.44 24.57
CA TYR IA 178 -38.06 -55.83 25.00
C TYR IA 178 -36.59 -56.13 25.34
N VAL IA 179 -36.37 -56.71 26.50
CA VAL IA 179 -35.04 -57.19 26.86
C VAL IA 179 -35.19 -58.58 27.46
N SER IA 180 -34.11 -59.36 27.46
CA SER IA 180 -34.22 -60.76 27.87
C SER IA 180 -32.86 -61.33 28.30
N GLY IA 181 -32.86 -62.16 29.33
CA GLY IA 181 -31.62 -62.80 29.76
C GLY IA 181 -31.73 -63.87 30.83
N GLN IA 182 -30.60 -64.56 31.06
CA GLN IA 182 -30.47 -65.50 32.18
C GLN IA 182 -30.77 -64.82 33.49
N VAL IA 183 -31.35 -65.59 34.38
CA VAL IA 183 -31.81 -65.09 35.65
C VAL IA 183 -30.64 -64.71 36.60
N TRP IA 184 -29.43 -65.12 36.24
CA TRP IA 184 -28.22 -64.77 36.99
C TRP IA 184 -27.34 -63.69 36.28
N SER IA 185 -27.81 -63.20 35.13
CA SER IA 185 -27.19 -62.08 34.44
C SER IA 185 -27.82 -60.74 34.86
N GLY IA 186 -27.19 -59.63 34.46
CA GLY IA 186 -27.77 -58.32 34.66
C GLY IA 186 -27.01 -57.39 35.58
N SER IA 187 -25.90 -57.88 36.13
CA SER IA 187 -25.05 -57.09 37.02
C SER IA 187 -24.62 -55.77 36.44
N ALA IA 188 -24.34 -55.77 35.14
CA ALA IA 188 -23.83 -54.56 34.48
C ALA IA 188 -24.85 -53.43 34.48
N GLY IA 189 -26.09 -53.74 34.87
CA GLY IA 189 -27.10 -52.72 34.92
C GLY IA 189 -26.92 -51.89 36.18
N LEU IA 190 -26.08 -52.38 37.09
CA LEU IA 190 -25.91 -51.74 38.40
C LEU IA 190 -25.48 -50.28 38.27
N CYS IA 191 -24.65 -50.01 37.26
CA CYS IA 191 -24.19 -48.67 37.02
C CYS IA 191 -25.37 -47.73 36.68
N PHE IA 192 -26.46 -48.27 36.15
CA PHE IA 192 -27.62 -47.43 35.91
C PHE IA 192 -28.26 -46.97 37.19
N ILE IA 193 -28.23 -47.81 38.20
CA ILE IA 193 -29.01 -47.51 39.38
C ILE IA 193 -28.32 -46.44 40.22
N ASN IA 194 -27.01 -46.49 40.32
CA ASN IA 194 -26.32 -45.46 41.09
C ASN IA 194 -25.85 -44.35 40.14
N GLY IA 195 -26.29 -44.42 38.89
CA GLY IA 195 -26.05 -43.40 37.87
C GLY IA 195 -24.59 -43.09 37.62
N THR IA 196 -23.71 -44.09 37.76
CA THR IA 196 -22.27 -43.86 37.62
C THR IA 196 -21.81 -44.10 36.17
N ARG IA 197 -20.50 -44.00 35.92
CA ARG IA 197 -19.96 -44.16 34.56
C ARG IA 197 -20.28 -45.53 33.98
N CYS IA 198 -21.04 -45.53 32.90
CA CYS IA 198 -21.42 -46.78 32.23
C CYS IA 198 -20.55 -47.13 31.01
N SER IA 199 -20.03 -48.35 31.01
CA SER IA 199 -19.16 -48.84 29.95
C SER IA 199 -19.68 -50.17 29.39
N ASP IA 200 -19.36 -51.25 30.08
CA ASP IA 200 -19.74 -52.58 29.64
C ASP IA 200 -21.19 -52.91 29.97
N THR IA 201 -22.12 -52.17 29.37
CA THR IA 201 -23.52 -52.38 29.67
C THR IA 201 -24.23 -53.14 28.58
N SER IA 202 -23.49 -53.81 27.70
CA SER IA 202 -24.15 -54.54 26.60
C SER IA 202 -24.96 -55.71 27.16
N THR IA 203 -24.54 -56.22 28.32
CA THR IA 203 -25.20 -57.33 29.03
C THR IA 203 -26.30 -56.94 30.03
N ALA IA 204 -26.54 -55.64 30.20
CA ALA IA 204 -27.54 -55.13 31.14
C ALA IA 204 -28.96 -55.53 30.72
N ILE IA 205 -29.71 -56.13 31.65
CA ILE IA 205 -31.10 -56.40 31.38
C ILE IA 205 -31.88 -55.20 31.86
N SER IA 206 -31.76 -54.10 31.12
CA SER IA 206 -32.35 -52.82 31.48
C SER IA 206 -33.05 -52.23 30.27
N THR IA 207 -34.21 -51.63 30.51
CA THR IA 207 -34.99 -51.12 29.40
C THR IA 207 -35.69 -49.83 29.80
N THR IA 208 -35.93 -48.95 28.82
CA THR IA 208 -36.41 -47.59 29.14
C THR IA 208 -37.72 -47.24 28.45
N LEU IA 209 -38.49 -46.38 29.11
CA LEU IA 209 -39.79 -45.99 28.59
C LEU IA 209 -39.66 -44.96 27.46
N ASP IA 210 -40.41 -45.14 26.38
CA ASP IA 210 -40.42 -44.16 25.31
C ASP IA 210 -41.25 -42.97 25.69
N VAL IA 211 -40.63 -42.07 26.44
CA VAL IA 211 -41.29 -40.91 26.96
C VAL IA 211 -41.76 -40.06 25.81
N SER IA 212 -41.00 -40.15 24.72
CA SER IA 212 -41.24 -39.40 23.48
C SER IA 212 -42.54 -39.74 22.75
N LYS IA 213 -43.08 -40.91 23.03
CA LYS IA 213 -44.19 -41.44 22.23
C LYS IA 213 -45.43 -41.66 23.10
N LEU IA 214 -45.38 -41.13 24.31
CA LEU IA 214 -46.50 -41.30 25.23
C LEU IA 214 -47.68 -40.51 24.71
N GLY IA 215 -48.87 -40.89 25.14
CA GLY IA 215 -50.08 -40.23 24.66
C GLY IA 215 -50.09 -38.72 24.83
N LYS IA 216 -49.85 -38.26 26.06
CA LYS IA 216 -49.77 -36.84 26.36
C LYS IA 216 -48.51 -36.58 27.20
N LYS IA 217 -48.32 -35.33 27.63
CA LYS IA 217 -47.15 -35.03 28.44
C LYS IA 217 -47.49 -35.02 29.93
N TRP IA 218 -48.54 -34.32 30.32
CA TRP IA 218 -48.81 -34.25 31.75
C TRP IA 218 -49.94 -35.22 32.09
N TYR IA 219 -49.60 -36.22 32.89
CA TYR IA 219 -50.55 -37.22 33.38
C TYR IA 219 -50.96 -36.92 34.81
N PRO IA 220 -52.17 -37.31 35.17
CA PRO IA 220 -52.63 -37.23 36.56
C PRO IA 220 -52.10 -38.34 37.48
N TYR IA 221 -51.83 -38.01 38.73
CA TYR IA 221 -51.52 -39.00 39.76
C TYR IA 221 -52.75 -39.84 40.11
N LYS IA 222 -52.64 -41.16 39.99
CA LYS IA 222 -53.76 -42.04 40.30
C LYS IA 222 -53.30 -43.20 41.21
N THR IA 223 -54.26 -43.75 41.93
CA THR IA 223 -54.05 -44.89 42.78
C THR IA 223 -54.38 -46.13 41.96
N SER IA 224 -54.05 -47.33 42.45
CA SER IA 224 -54.46 -48.57 41.79
C SER IA 224 -55.98 -48.58 41.72
N ALA IA 225 -56.59 -48.11 42.81
CA ALA IA 225 -58.03 -47.96 42.92
C ALA IA 225 -58.59 -47.11 41.78
N ASP IA 226 -57.96 -45.96 41.51
CA ASP IA 226 -58.43 -45.09 40.43
C ASP IA 226 -58.44 -45.86 39.10
N TYR IA 227 -57.39 -46.66 38.90
CA TYR IA 227 -57.25 -47.47 37.70
C TYR IA 227 -58.35 -48.52 37.60
N ALA IA 228 -58.56 -49.26 38.68
CA ALA IA 228 -59.55 -50.34 38.74
C ALA IA 228 -60.96 -49.85 38.41
N THR IA 229 -61.33 -48.73 39.00
CA THR IA 229 -62.63 -48.11 38.79
C THR IA 229 -62.86 -47.72 37.34
N ALA IA 230 -61.91 -46.97 36.79
CA ALA IA 230 -61.99 -46.49 35.41
C ALA IA 230 -62.02 -47.66 34.44
N VAL IA 231 -61.17 -48.66 34.65
CA VAL IA 231 -61.21 -49.83 33.78
C VAL IA 231 -62.43 -50.67 34.12
N GLY IA 232 -62.96 -50.53 35.34
CA GLY IA 232 -64.18 -51.21 35.71
C GLY IA 232 -65.34 -50.67 34.88
N VAL IA 233 -65.27 -49.37 34.58
CA VAL IA 233 -66.26 -48.68 33.75
C VAL IA 233 -66.00 -48.88 32.25
N ASP IA 234 -64.77 -48.63 31.82
CA ASP IA 234 -64.32 -48.82 30.43
C ASP IA 234 -62.78 -48.75 30.35
N VAL IA 235 -62.16 -49.77 29.77
CA VAL IA 235 -60.70 -49.87 29.72
C VAL IA 235 -60.04 -48.68 29.01
N ASN IA 236 -60.74 -48.04 28.09
CA ASN IA 236 -60.16 -46.95 27.30
C ASN IA 236 -60.05 -45.62 28.07
N ILE IA 237 -60.84 -45.49 29.13
CA ILE IA 237 -60.74 -44.35 30.02
C ILE IA 237 -59.39 -44.37 30.71
N ALA IA 238 -58.81 -45.56 30.87
CA ALA IA 238 -57.58 -45.73 31.62
C ALA IA 238 -56.34 -45.20 30.91
N THR IA 239 -56.34 -45.23 29.57
CA THR IA 239 -55.16 -44.81 28.80
C THR IA 239 -54.76 -43.34 29.03
N PRO IA 240 -55.73 -42.41 29.15
CA PRO IA 240 -55.24 -41.07 29.51
C PRO IA 240 -54.84 -40.92 30.98
N LEU IA 241 -54.89 -42.00 31.78
CA LEU IA 241 -54.54 -41.92 33.19
C LEU IA 241 -53.17 -42.49 33.50
N VAL IA 242 -52.77 -43.54 32.80
CA VAL IA 242 -51.46 -44.12 33.01
C VAL IA 242 -50.70 -44.21 31.69
N PRO IA 243 -49.43 -43.75 31.67
CA PRO IA 243 -48.64 -43.68 30.44
C PRO IA 243 -48.27 -45.04 29.82
N ALA IA 244 -48.00 -46.05 30.63
CA ALA IA 244 -47.62 -47.35 30.08
C ALA IA 244 -47.70 -48.46 31.11
N ARG IA 245 -47.57 -49.70 30.64
CA ARG IA 245 -47.40 -50.81 31.56
C ARG IA 245 -46.16 -51.61 31.19
N LEU IA 246 -45.43 -51.98 32.22
CA LEU IA 246 -44.26 -52.81 32.07
C LEU IA 246 -44.73 -54.24 32.18
N VAL IA 247 -44.35 -55.07 31.23
CA VAL IA 247 -44.73 -56.49 31.29
C VAL IA 247 -43.51 -57.34 31.64
N ILE IA 248 -43.68 -58.29 32.54
CA ILE IA 248 -42.57 -59.14 32.94
C ILE IA 248 -42.95 -60.60 32.84
N ALA IA 249 -42.15 -61.38 32.14
CA ALA IA 249 -42.37 -62.82 32.09
C ALA IA 249 -41.14 -63.56 32.59
N LEU IA 250 -41.40 -64.59 33.39
CA LEU IA 250 -40.37 -65.49 33.89
C LEU IA 250 -40.70 -66.94 33.63
N LEU IA 251 -39.72 -67.70 33.14
CA LEU IA 251 -39.91 -69.13 32.85
C LEU IA 251 -38.53 -69.80 32.82
N ASP IA 252 -38.48 -71.05 32.38
CA ASP IA 252 -37.21 -71.78 32.18
C ASP IA 252 -36.48 -72.13 33.49
N GLY IA 253 -37.19 -72.05 34.61
CA GLY IA 253 -36.63 -72.44 35.90
C GLY IA 253 -36.60 -73.95 36.07
N SER IA 254 -35.96 -74.42 37.14
CA SER IA 254 -35.84 -75.86 37.38
C SER IA 254 -36.79 -76.35 38.46
N SER IA 255 -37.49 -75.43 39.11
CA SER IA 255 -38.34 -75.84 40.20
C SER IA 255 -39.79 -75.49 39.91
N SER IA 256 -40.69 -76.20 40.58
CA SER IA 256 -42.12 -75.94 40.45
C SER IA 256 -42.52 -74.82 41.39
N THR IA 257 -41.73 -74.68 42.46
CA THR IA 257 -41.91 -73.59 43.40
C THR IA 257 -40.84 -72.53 43.12
N ALA IA 258 -41.23 -71.27 43.19
CA ALA IA 258 -40.37 -70.15 42.83
C ALA IA 258 -39.05 -70.16 43.55
N VAL IA 259 -37.99 -70.06 42.77
CA VAL IA 259 -36.64 -69.90 43.28
C VAL IA 259 -36.30 -68.42 43.21
N ALA IA 260 -35.70 -67.88 44.27
CA ALA IA 260 -35.32 -66.46 44.32
C ALA IA 260 -34.34 -66.08 43.20
N ALA IA 261 -34.73 -65.14 42.37
CA ALA IA 261 -33.95 -64.78 41.18
C ALA IA 261 -33.25 -63.42 41.28
N GLY IA 262 -34.04 -62.35 41.40
CA GLY IA 262 -33.46 -61.04 41.46
C GLY IA 262 -34.48 -60.01 41.89
N ARG IA 263 -34.23 -58.77 41.52
CA ARG IA 263 -35.08 -57.66 41.85
C ARG IA 263 -35.13 -56.69 40.69
N ILE IA 264 -36.25 -56.00 40.54
CA ILE IA 264 -36.32 -54.93 39.55
C ILE IA 264 -36.28 -53.57 40.27
N TYR IA 265 -35.31 -52.74 39.91
CA TYR IA 265 -35.25 -51.39 40.43
C TYR IA 265 -35.74 -50.44 39.35
N CYS IA 266 -36.30 -49.31 39.75
CA CYS IA 266 -36.76 -48.30 38.80
C CYS IA 266 -35.89 -47.04 38.93
N THR IA 267 -35.40 -46.55 37.79
CA THR IA 267 -34.61 -45.36 37.80
C THR IA 267 -35.34 -44.29 37.03
N TYR IA 268 -35.78 -43.23 37.71
CA TYR IA 268 -36.60 -42.23 37.01
C TYR IA 268 -36.20 -40.77 37.21
N THR IA 269 -36.53 -39.97 36.21
CA THR IA 269 -36.53 -38.52 36.28
C THR IA 269 -37.93 -38.05 35.97
N ILE IA 270 -38.54 -37.48 36.99
CA ILE IA 270 -39.94 -37.06 36.98
C ILE IA 270 -40.09 -35.58 37.20
N GLN IA 271 -40.99 -34.97 36.45
CA GLN IA 271 -41.37 -33.57 36.67
C GLN IA 271 -42.69 -33.55 37.42
N MET IA 272 -42.69 -32.94 38.59
CA MET IA 272 -43.89 -32.91 39.38
C MET IA 272 -44.42 -31.48 39.38
N ILE IA 273 -45.68 -31.33 39.01
CA ILE IA 273 -46.26 -30.00 39.00
C ILE IA 273 -47.63 -29.97 39.67
N GLU IA 274 -48.02 -28.76 40.09
CA GLU IA 274 -49.34 -28.46 40.67
C GLU IA 274 -49.62 -29.19 41.99
N PRO IA 275 -49.05 -28.68 43.09
CA PRO IA 275 -49.13 -29.20 44.46
C PRO IA 275 -50.55 -29.38 44.91
N THR IA 276 -50.76 -30.22 45.91
CA THR IA 276 -52.09 -30.50 46.40
C THR IA 276 -51.99 -30.79 47.88
N ALA IA 277 -53.03 -30.45 48.63
CA ALA IA 277 -53.02 -30.67 50.06
C ALA IA 277 -54.04 -31.71 50.50
N SER IA 278 -54.14 -31.92 51.81
CA SER IA 278 -55.09 -32.87 52.38
C SER IA 278 -55.65 -32.33 53.70
N GLY JA 86 -35.43 -45.37 16.10
CA GLY JA 86 -36.62 -44.56 16.36
C GLY JA 86 -37.84 -45.39 16.71
N GLY JA 87 -38.16 -46.35 15.85
CA GLY JA 87 -39.29 -47.25 16.08
C GLY JA 87 -40.47 -46.95 15.19
N ILE JA 88 -40.37 -45.82 14.47
CA ILE JA 88 -41.46 -45.35 13.62
C ILE JA 88 -41.36 -45.89 12.20
N THR JA 89 -42.37 -46.66 11.82
CA THR JA 89 -42.53 -47.12 10.46
C THR JA 89 -43.48 -46.17 9.74
N VAL JA 90 -42.94 -45.46 8.74
CA VAL JA 90 -43.70 -44.49 7.96
C VAL JA 90 -44.22 -45.10 6.67
N LEU JA 91 -45.52 -44.93 6.42
CA LEU JA 91 -46.21 -45.51 5.26
C LEU JA 91 -47.02 -44.46 4.47
N THR JA 92 -46.88 -44.48 3.15
CA THR JA 92 -47.72 -43.64 2.26
C THR JA 92 -48.46 -44.48 1.20
N HIS JA 93 -49.77 -44.32 1.09
CA HIS JA 93 -50.56 -45.19 0.23
C HIS JA 93 -51.89 -44.58 -0.19
N SER JA 94 -52.42 -45.10 -1.30
CA SER JA 94 -53.73 -44.72 -1.78
C SER JA 94 -54.62 -45.94 -1.84
N GLU JA 95 -55.87 -45.85 -1.39
CA GLU JA 95 -56.78 -46.96 -1.64
C GLU JA 95 -58.22 -46.50 -1.67
N LEU JA 96 -59.08 -47.35 -2.23
CA LEU JA 96 -60.51 -47.13 -2.28
C LEU JA 96 -61.05 -47.08 -0.87
N SER JA 97 -61.89 -46.09 -0.58
CA SER JA 97 -62.41 -45.93 0.77
C SER JA 97 -63.95 -45.98 0.83
N ALA JA 98 -64.59 -45.69 -0.30
CA ALA JA 98 -66.03 -45.59 -0.36
C ALA JA 98 -66.49 -45.60 -1.82
N GLU JA 99 -67.63 -46.24 -2.08
CA GLU JA 99 -68.22 -46.13 -3.39
C GLU JA 99 -69.44 -45.27 -3.24
N ILE JA 100 -69.69 -44.41 -4.22
CA ILE JA 100 -70.64 -43.32 -4.06
C ILE JA 100 -71.78 -43.33 -5.07
N GLY JA 101 -73.02 -43.21 -4.59
CA GLY JA 101 -74.17 -43.15 -5.47
C GLY JA 101 -75.06 -41.99 -5.12
N VAL JA 102 -75.76 -41.43 -6.10
CA VAL JA 102 -76.56 -40.22 -5.85
C VAL JA 102 -78.07 -40.39 -6.09
N THR JA 103 -78.88 -39.76 -5.22
CA THR JA 103 -80.33 -39.76 -5.39
C THR JA 103 -80.83 -38.33 -5.39
N ASP JA 104 -82.14 -38.15 -5.54
CA ASP JA 104 -82.72 -36.81 -5.64
C ASP JA 104 -83.03 -36.22 -4.29
N SER JA 105 -82.75 -36.99 -3.24
CA SER JA 105 -82.95 -36.55 -1.88
C SER JA 105 -81.63 -36.62 -1.15
N ILE JA 106 -81.39 -35.73 -0.18
CA ILE JA 106 -80.08 -35.74 0.49
C ILE JA 106 -79.86 -37.00 1.34
N VAL JA 107 -78.70 -37.60 1.16
CA VAL JA 107 -78.27 -38.73 1.95
C VAL JA 107 -76.91 -38.40 2.58
N VAL JA 108 -76.86 -38.41 3.92
CA VAL JA 108 -75.64 -38.06 4.64
C VAL JA 108 -75.02 -39.26 5.31
N SER JA 109 -73.81 -39.58 4.89
CA SER JA 109 -73.03 -40.67 5.46
C SER JA 109 -71.74 -40.12 6.04
N SER JA 110 -71.00 -40.96 6.75
CA SER JA 110 -69.73 -40.55 7.31
C SER JA 110 -68.78 -41.74 7.44
N GLU JA 111 -67.50 -41.44 7.68
CA GLU JA 111 -66.45 -42.43 7.89
C GLU JA 111 -65.48 -41.95 8.96
N LEU JA 112 -65.15 -42.81 9.91
CA LEU JA 112 -64.15 -42.39 10.90
C LEU JA 112 -62.76 -42.32 10.27
N VAL JA 113 -62.06 -41.22 10.52
CA VAL JA 113 -60.71 -41.10 9.98
C VAL JA 113 -59.70 -41.81 10.90
N MET JA 114 -59.73 -43.15 10.84
CA MET JA 114 -58.83 -44.02 11.58
C MET JA 114 -58.58 -45.23 10.71
N PRO JA 115 -57.38 -45.85 10.83
CA PRO JA 115 -56.94 -46.89 9.89
C PRO JA 115 -58.00 -47.95 9.60
N TYR JA 116 -58.67 -48.43 10.65
CA TYR JA 116 -59.63 -49.54 10.52
C TYR JA 116 -60.68 -49.27 9.47
N THR JA 117 -60.99 -48.00 9.31
CA THR JA 117 -62.13 -47.60 8.50
C THR JA 117 -61.82 -46.78 7.28
N VAL JA 118 -60.55 -46.49 6.98
CA VAL JA 118 -60.29 -45.74 5.76
C VAL JA 118 -60.19 -46.73 4.60
N GLY JA 119 -59.75 -47.95 4.86
CA GLY JA 119 -59.60 -48.89 3.77
C GLY JA 119 -59.24 -50.27 4.24
N THR JA 120 -59.62 -51.27 3.45
CA THR JA 120 -59.48 -52.66 3.87
C THR JA 120 -58.01 -53.02 4.01
N TRP JA 121 -57.19 -52.45 3.13
CA TRP JA 121 -55.76 -52.74 3.15
C TRP JA 121 -55.06 -52.21 4.42
N LEU JA 122 -55.20 -50.91 4.67
CA LEU JA 122 -54.60 -50.26 5.85
C LEU JA 122 -55.12 -50.83 7.15
N ARG JA 123 -56.40 -51.21 7.16
CA ARG JA 123 -57.04 -51.80 8.32
C ARG JA 123 -56.21 -52.99 8.78
N GLY JA 124 -55.84 -53.85 7.83
CA GLY JA 124 -55.01 -54.99 8.13
C GLY JA 124 -53.56 -54.64 8.46
N VAL JA 125 -52.98 -53.74 7.68
CA VAL JA 125 -51.58 -53.40 7.89
C VAL JA 125 -51.42 -52.77 9.25
N ALA JA 126 -52.18 -51.71 9.53
CA ALA JA 126 -51.97 -50.91 10.73
C ALA JA 126 -52.37 -51.65 12.02
N ALA JA 127 -53.13 -52.72 11.88
CA ALA JA 127 -53.54 -53.50 13.04
C ALA JA 127 -52.33 -54.11 13.73
N ASN JA 128 -51.23 -54.26 13.01
CA ASN JA 128 -50.01 -54.82 13.59
C ASN JA 128 -49.26 -53.88 14.52
N TRP JA 129 -49.77 -52.65 14.64
CA TRP JA 129 -49.23 -51.69 15.59
C TRP JA 129 -50.31 -51.21 16.57
N SER JA 130 -49.90 -50.71 17.73
CA SER JA 130 -50.83 -50.26 18.76
C SER JA 130 -51.20 -48.78 18.58
N LYS JA 131 -50.26 -47.98 18.11
CA LYS JA 131 -50.52 -46.56 17.95
C LYS JA 131 -50.12 -45.99 16.57
N TYR JA 132 -50.73 -44.87 16.24
CA TYR JA 132 -50.42 -44.18 15.00
C TYR JA 132 -50.55 -42.67 15.10
N SER JA 133 -50.05 -42.01 14.08
CA SER JA 133 -50.18 -40.58 13.94
C SER JA 133 -50.35 -40.33 12.46
N TRP JA 134 -51.35 -39.53 12.11
CA TRP JA 134 -51.53 -39.11 10.73
C TRP JA 134 -50.51 -38.03 10.41
N LEU JA 135 -49.72 -38.23 9.36
CA LEU JA 135 -48.86 -37.17 8.87
C LEU JA 135 -49.60 -36.44 7.77
N SER JA 136 -50.43 -37.18 7.05
CA SER JA 136 -51.33 -36.59 6.09
C SER JA 136 -52.50 -37.52 5.75
N VAL JA 137 -53.70 -36.98 5.68
CA VAL JA 137 -54.86 -37.71 5.19
C VAL JA 137 -55.65 -36.83 4.23
N ARG JA 138 -55.82 -37.34 3.02
CA ARG JA 138 -56.54 -36.68 1.95
C ARG JA 138 -57.58 -37.62 1.37
N TYR JA 139 -58.81 -37.15 1.30
CA TYR JA 139 -59.90 -37.88 0.65
C TYR JA 139 -60.20 -37.24 -0.69
N THR JA 140 -60.24 -38.05 -1.75
CA THR JA 140 -60.45 -37.57 -3.12
C THR JA 140 -61.63 -38.26 -3.80
N TYR JA 141 -62.57 -37.48 -4.32
CA TYR JA 141 -63.66 -38.04 -5.10
C TYR JA 141 -63.23 -38.11 -6.56
N ILE JA 142 -63.38 -39.28 -7.17
CA ILE JA 142 -63.18 -39.44 -8.60
C ILE JA 142 -64.51 -39.95 -9.21
N PRO JA 143 -65.02 -39.25 -10.25
CA PRO JA 143 -66.27 -39.62 -10.89
C PRO JA 143 -66.10 -40.83 -11.79
N SER JA 144 -67.21 -41.51 -12.07
CA SER JA 144 -67.25 -42.64 -12.97
C SER JA 144 -68.53 -42.62 -13.80
N CYS JA 145 -69.16 -41.45 -13.86
CA CYS JA 145 -70.46 -41.31 -14.51
C CYS JA 145 -70.39 -40.41 -15.73
N PRO JA 146 -71.46 -40.42 -16.52
CA PRO JA 146 -71.54 -39.47 -17.62
C PRO JA 146 -71.55 -38.01 -17.19
N SER JA 147 -71.17 -37.15 -18.13
CA SER JA 147 -71.20 -35.70 -17.92
C SER JA 147 -72.60 -35.16 -17.81
N SER JA 148 -73.60 -36.01 -18.10
CA SER JA 148 -75.01 -35.64 -18.09
C SER JA 148 -75.72 -36.04 -16.78
N THR JA 149 -74.97 -36.55 -15.81
CA THR JA 149 -75.54 -37.06 -14.55
C THR JA 149 -75.97 -35.99 -13.55
N ALA JA 150 -77.19 -36.08 -13.06
CA ALA JA 150 -77.64 -35.15 -12.01
C ALA JA 150 -77.02 -35.49 -10.68
N GLY JA 151 -76.72 -34.48 -9.86
CA GLY JA 151 -76.16 -34.73 -8.55
C GLY JA 151 -74.95 -33.87 -8.14
N SER JA 152 -74.75 -33.74 -6.84
CA SER JA 152 -73.57 -33.08 -6.31
C SER JA 152 -73.05 -33.87 -5.11
N ILE JA 153 -71.76 -33.75 -4.83
CA ILE JA 153 -71.22 -34.42 -3.67
C ILE JA 153 -70.62 -33.35 -2.76
N HIS JA 154 -70.74 -33.57 -1.45
CA HIS JA 154 -70.22 -32.64 -0.45
C HIS JA 154 -69.45 -33.41 0.59
N MET JA 155 -68.28 -32.89 0.97
CA MET JA 155 -67.42 -33.53 1.97
C MET JA 155 -66.83 -32.52 2.94
N GLY JA 156 -66.71 -32.92 4.19
CA GLY JA 156 -66.06 -32.09 5.19
C GLY JA 156 -65.70 -32.88 6.40
N PHE JA 157 -64.88 -32.30 7.26
CA PHE JA 157 -64.43 -32.97 8.47
C PHE JA 157 -65.05 -32.38 9.71
N GLN JA 158 -65.42 -33.26 10.63
CA GLN JA 158 -65.74 -32.91 12.00
C GLN JA 158 -64.63 -33.47 12.86
N TYR JA 159 -64.24 -32.71 13.90
CA TYR JA 159 -63.13 -33.16 14.74
C TYR JA 159 -63.54 -33.50 16.19
N ASP JA 160 -64.84 -33.47 16.47
CA ASP JA 160 -65.36 -33.81 17.79
C ASP JA 160 -66.43 -34.89 17.68
N MET JA 161 -66.20 -36.05 18.29
CA MET JA 161 -67.16 -37.11 18.07
C MET JA 161 -68.57 -36.78 18.56
N ALA JA 162 -68.66 -35.85 19.51
CA ALA JA 162 -69.95 -35.49 20.08
C ALA JA 162 -70.74 -34.60 19.14
N ASP JA 163 -70.05 -33.99 18.18
CA ASP JA 163 -70.73 -33.19 17.18
C ASP JA 163 -71.73 -34.10 16.47
N THR JA 164 -72.95 -33.62 16.30
CA THR JA 164 -73.96 -34.34 15.56
C THR JA 164 -73.67 -34.27 14.06
N VAL JA 165 -73.93 -35.35 13.35
CA VAL JA 165 -73.74 -35.37 11.89
C VAL JA 165 -74.72 -34.37 11.22
N PRO JA 166 -74.23 -33.54 10.30
CA PRO JA 166 -75.03 -32.52 9.62
C PRO JA 166 -76.22 -33.07 8.85
N VAL JA 167 -77.20 -32.21 8.62
CA VAL JA 167 -78.43 -32.59 7.94
C VAL JA 167 -78.74 -31.75 6.69
N SER JA 168 -78.02 -30.64 6.51
CA SER JA 168 -78.22 -29.78 5.36
C SER JA 168 -76.86 -29.50 4.71
N VAL JA 169 -76.88 -29.17 3.42
CA VAL JA 169 -75.66 -28.71 2.78
C VAL JA 169 -75.15 -27.47 3.52
N ASN JA 170 -76.10 -26.63 3.97
CA ASN JA 170 -75.78 -25.38 4.63
C ASN JA 170 -74.85 -25.57 5.83
N GLN JA 171 -75.24 -26.50 6.72
CA GLN JA 171 -74.40 -26.85 7.85
C GLN JA 171 -73.05 -27.35 7.39
N LEU JA 172 -73.07 -28.33 6.49
CA LEU JA 172 -71.84 -28.97 6.04
C LEU JA 172 -70.86 -27.94 5.52
N SER JA 173 -71.38 -26.91 4.85
CA SER JA 173 -70.53 -25.93 4.17
C SER JA 173 -69.59 -25.22 5.13
N ASN JA 174 -69.92 -25.24 6.41
CA ASN JA 174 -69.11 -24.52 7.36
C ASN JA 174 -67.93 -25.31 7.88
N LEU JA 175 -67.90 -26.60 7.59
CA LEU JA 175 -66.84 -27.45 8.12
C LEU JA 175 -65.49 -27.12 7.51
N ARG JA 176 -64.46 -27.22 8.34
CA ARG JA 176 -63.08 -27.21 7.88
C ARG JA 176 -62.94 -28.22 6.76
N GLY JA 177 -62.41 -27.74 5.63
CA GLY JA 177 -62.11 -28.60 4.49
C GLY JA 177 -63.30 -28.96 3.61
N TYR JA 178 -64.39 -28.22 3.76
CA TYR JA 178 -65.55 -28.45 2.94
C TYR JA 178 -65.27 -28.28 1.46
N VAL JA 179 -65.72 -29.26 0.67
CA VAL JA 179 -65.68 -29.19 -0.78
C VAL JA 179 -66.98 -29.71 -1.39
N SER JA 180 -67.26 -29.32 -2.63
CA SER JA 180 -68.51 -29.71 -3.26
C SER JA 180 -68.37 -29.57 -4.76
N GLY JA 181 -68.97 -30.48 -5.49
CA GLY JA 181 -68.95 -30.41 -6.94
C GLY JA 181 -69.93 -31.36 -7.59
N GLN JA 182 -70.12 -31.19 -8.90
CA GLN JA 182 -70.93 -32.08 -9.69
C GLN JA 182 -70.41 -33.48 -9.52
N VAL JA 183 -71.31 -34.46 -9.53
CA VAL JA 183 -70.90 -35.83 -9.28
C VAL JA 183 -70.09 -36.35 -10.46
N TRP JA 184 -70.01 -35.58 -11.55
CA TRP JA 184 -69.14 -35.93 -12.68
C TRP JA 184 -67.86 -35.07 -12.83
N SER JA 185 -67.65 -34.11 -11.92
CA SER JA 185 -66.41 -33.34 -11.87
C SER JA 185 -65.48 -34.06 -10.91
N GLY JA 186 -64.22 -33.64 -10.82
CA GLY JA 186 -63.32 -34.15 -9.81
C GLY JA 186 -62.14 -34.95 -10.34
N SER JA 187 -62.16 -35.15 -11.67
CA SER JA 187 -61.15 -35.89 -12.43
C SER JA 187 -59.74 -35.40 -12.17
N ALA JA 188 -59.61 -34.09 -12.00
CA ALA JA 188 -58.31 -33.46 -11.79
C ALA JA 188 -57.67 -33.87 -10.46
N GLY JA 189 -58.43 -34.56 -9.62
CA GLY JA 189 -57.92 -35.01 -8.34
C GLY JA 189 -57.03 -36.23 -8.44
N LEU JA 190 -57.04 -36.85 -9.62
CA LEU JA 190 -56.33 -38.12 -9.85
C LEU JA 190 -54.84 -38.00 -9.54
N CYS JA 191 -54.26 -36.83 -9.81
CA CYS JA 191 -52.82 -36.67 -9.60
C CYS JA 191 -52.42 -36.85 -8.13
N PHE JA 192 -53.33 -36.54 -7.22
CA PHE JA 192 -53.08 -36.75 -5.80
C PHE JA 192 -52.99 -38.23 -5.52
N ILE JA 193 -53.74 -39.00 -6.28
CA ILE JA 193 -53.91 -40.43 -6.00
C ILE JA 193 -52.74 -41.26 -6.51
N ASN JA 194 -52.21 -40.94 -7.70
CA ASN JA 194 -51.06 -41.66 -8.21
C ASN JA 194 -49.78 -40.92 -7.84
N GLY JA 195 -49.93 -39.95 -6.94
CA GLY JA 195 -48.82 -39.22 -6.33
C GLY JA 195 -47.90 -38.51 -7.30
N THR JA 196 -48.44 -38.12 -8.44
CA THR JA 196 -47.64 -37.51 -9.50
C THR JA 196 -47.67 -35.99 -9.45
N ARG JA 197 -47.02 -35.36 -10.42
CA ARG JA 197 -46.99 -33.89 -10.51
C ARG JA 197 -48.39 -33.33 -10.69
N CYS JA 198 -48.81 -32.51 -9.74
CA CYS JA 198 -50.13 -31.91 -9.77
C CYS JA 198 -50.06 -30.51 -10.38
N SER JA 199 -50.95 -30.24 -11.34
CA SER JA 199 -50.90 -28.96 -12.03
C SER JA 199 -52.24 -28.28 -11.83
N ASP JA 200 -53.15 -28.62 -12.72
CA ASP JA 200 -54.48 -28.07 -12.73
C ASP JA 200 -55.37 -28.80 -11.75
N THR JA 201 -55.19 -28.58 -10.45
CA THR JA 201 -56.04 -29.28 -9.50
C THR JA 201 -57.16 -28.42 -8.93
N SER JA 202 -57.44 -27.28 -9.57
CA SER JA 202 -58.39 -26.33 -9.01
C SER JA 202 -59.79 -26.91 -8.91
N THR JA 203 -60.09 -27.85 -9.79
CA THR JA 203 -61.38 -28.53 -9.86
C THR JA 203 -61.50 -29.81 -9.00
N ALA JA 204 -60.44 -30.19 -8.33
CA ALA JA 204 -60.43 -31.41 -7.53
C ALA JA 204 -61.41 -31.41 -6.36
N ILE JA 205 -62.22 -32.44 -6.28
CA ILE JA 205 -63.07 -32.60 -5.12
C ILE JA 205 -62.30 -33.43 -4.11
N SER JA 206 -61.29 -32.79 -3.54
CA SER JA 206 -60.35 -33.42 -2.63
C SER JA 206 -60.15 -32.52 -1.42
N THR JA 207 -59.99 -33.14 -0.26
CA THR JA 207 -59.93 -32.40 0.98
C THR JA 207 -58.93 -33.07 1.94
N THR JA 208 -58.35 -32.31 2.85
CA THR JA 208 -57.30 -32.87 3.70
C THR JA 208 -57.58 -32.73 5.18
N LEU JA 209 -57.06 -33.65 5.96
CA LEU JA 209 -57.22 -33.63 7.39
C LEU JA 209 -56.23 -32.63 8.03
N ASP JA 210 -56.69 -31.85 9.01
CA ASP JA 210 -55.81 -30.99 9.80
C ASP JA 210 -55.09 -31.79 10.88
N VAL JA 211 -54.00 -32.44 10.50
CA VAL JA 211 -53.24 -33.29 11.40
C VAL JA 211 -52.69 -32.44 12.54
N SER JA 212 -52.43 -31.18 12.21
CA SER JA 212 -51.88 -30.20 13.13
C SER JA 212 -52.77 -29.83 14.31
N LYS JA 213 -54.07 -30.14 14.23
CA LYS JA 213 -55.02 -29.61 15.20
C LYS JA 213 -55.68 -30.69 16.01
N LEU JA 214 -55.19 -31.91 15.92
CA LEU JA 214 -55.81 -33.02 16.64
C LEU JA 214 -55.60 -32.95 18.15
N GLY JA 215 -56.43 -33.67 18.89
CA GLY JA 215 -56.34 -33.68 20.35
C GLY JA 215 -54.97 -34.02 20.88
N LYS JA 216 -54.44 -35.15 20.42
CA LYS JA 216 -53.10 -35.61 20.74
C LYS JA 216 -52.41 -36.05 19.45
N LYS JA 217 -51.20 -36.58 19.52
CA LYS JA 217 -50.46 -37.01 18.32
C LYS JA 217 -50.57 -38.51 18.07
N TRP JA 218 -50.38 -39.29 19.12
CA TRP JA 218 -50.37 -40.72 18.95
C TRP JA 218 -51.71 -41.26 19.39
N TYR JA 219 -52.45 -41.82 18.43
CA TYR JA 219 -53.75 -42.41 18.68
C TYR JA 219 -53.63 -43.90 18.74
N PRO JA 220 -54.46 -44.52 19.58
CA PRO JA 220 -54.56 -45.97 19.60
C PRO JA 220 -55.32 -46.54 18.39
N TYR JA 221 -54.90 -47.70 17.88
CA TYR JA 221 -55.68 -48.42 16.89
C TYR JA 221 -56.95 -48.97 17.53
N LYS JA 222 -58.09 -48.58 16.97
CA LYS JA 222 -59.35 -49.03 17.51
C LYS JA 222 -60.18 -49.51 16.36
N THR JA 223 -61.12 -50.41 16.65
CA THR JA 223 -62.08 -50.90 15.67
C THR JA 223 -63.42 -50.20 15.82
N SER JA 224 -64.35 -50.55 14.92
CA SER JA 224 -65.74 -50.10 14.98
C SER JA 224 -66.43 -50.51 16.26
N ALA JA 225 -66.12 -51.74 16.69
CA ALA JA 225 -66.56 -52.33 17.93
C ALA JA 225 -66.15 -51.50 19.12
N ASP JA 226 -64.85 -51.18 19.19
CA ASP JA 226 -64.30 -50.39 20.28
C ASP JA 226 -64.93 -49.01 20.35
N TYR JA 227 -65.12 -48.42 19.18
CA TYR JA 227 -65.72 -47.11 19.07
C TYR JA 227 -67.15 -47.15 19.59
N ALA JA 228 -67.93 -48.13 19.09
CA ALA JA 228 -69.34 -48.29 19.45
C ALA JA 228 -69.50 -48.46 20.95
N THR JA 229 -68.67 -49.34 21.51
CA THR JA 229 -68.68 -49.59 22.92
C THR JA 229 -68.41 -48.31 23.72
N ALA JA 230 -67.41 -47.56 23.29
CA ALA JA 230 -67.03 -46.33 23.98
C ALA JA 230 -68.16 -45.31 23.97
N VAL JA 231 -68.81 -45.17 22.83
CA VAL JA 231 -69.90 -44.22 22.68
C VAL JA 231 -71.16 -44.66 23.44
N GLY JA 232 -71.29 -45.97 23.66
CA GLY JA 232 -72.37 -46.51 24.47
C GLY JA 232 -72.26 -46.08 25.91
N VAL JA 233 -71.02 -45.94 26.39
CA VAL JA 233 -70.77 -45.49 27.73
C VAL JA 233 -70.86 -43.96 27.82
N ASP JA 234 -70.11 -43.29 26.92
CA ASP JA 234 -70.10 -41.82 26.79
C ASP JA 234 -69.38 -41.42 25.49
N VAL JA 235 -70.04 -40.66 24.62
CA VAL JA 235 -69.43 -40.31 23.34
C VAL JA 235 -68.11 -39.56 23.53
N ASN JA 236 -67.95 -38.88 24.65
CA ASN JA 236 -66.77 -38.05 24.86
C ASN JA 236 -65.54 -38.92 25.13
N ILE JA 237 -65.79 -40.16 25.53
CA ILE JA 237 -64.71 -41.13 25.68
C ILE JA 237 -64.07 -41.43 24.33
N ALA JA 238 -64.86 -41.27 23.26
CA ALA JA 238 -64.41 -41.60 21.91
C ALA JA 238 -63.43 -40.58 21.34
N THR JA 239 -63.49 -39.33 21.79
CA THR JA 239 -62.63 -38.29 21.21
C THR JA 239 -61.12 -38.60 21.35
N PRO JA 240 -60.69 -39.24 22.47
CA PRO JA 240 -59.28 -39.68 22.42
C PRO JA 240 -59.03 -40.98 21.61
N LEU JA 241 -60.06 -41.54 20.97
CA LEU JA 241 -59.90 -42.78 20.24
C LEU JA 241 -59.79 -42.56 18.74
N VAL JA 242 -60.52 -41.57 18.22
CA VAL JA 242 -60.52 -41.27 16.79
C VAL JA 242 -60.21 -39.80 16.54
N PRO JA 243 -59.30 -39.51 15.62
CA PRO JA 243 -58.91 -38.11 15.43
C PRO JA 243 -60.01 -37.23 14.82
N ALA JA 244 -60.81 -37.78 13.91
CA ALA JA 244 -61.83 -36.99 13.26
C ALA JA 244 -62.76 -37.86 12.48
N ARG JA 245 -63.87 -37.28 12.01
CA ARG JA 245 -64.78 -38.02 11.15
C ARG JA 245 -65.00 -37.24 9.88
N LEU JA 246 -65.06 -37.96 8.78
CA LEU JA 246 -65.37 -37.36 7.50
C LEU JA 246 -66.88 -37.41 7.30
N VAL JA 247 -67.46 -36.26 7.02
CA VAL JA 247 -68.89 -36.21 6.76
C VAL JA 247 -69.10 -36.05 5.26
N ILE JA 248 -70.04 -36.83 4.72
CA ILE JA 248 -70.32 -36.88 3.30
C ILE JA 248 -71.81 -36.67 3.03
N ALA JA 249 -72.14 -35.75 2.14
CA ALA JA 249 -73.54 -35.59 1.72
C ALA JA 249 -73.69 -35.70 0.20
N LEU JA 250 -74.72 -36.41 -0.27
CA LEU JA 250 -75.03 -36.42 -1.70
C LEU JA 250 -76.46 -36.05 -1.99
N LEU JA 251 -76.66 -35.17 -2.96
CA LEU JA 251 -78.02 -34.77 -3.31
C LEU JA 251 -78.07 -34.24 -4.72
N ASP JA 252 -79.21 -33.65 -5.09
CA ASP JA 252 -79.42 -33.03 -6.40
C ASP JA 252 -79.48 -34.06 -7.56
N GLY JA 253 -79.64 -35.33 -7.23
CA GLY JA 253 -79.75 -36.38 -8.24
C GLY JA 253 -81.12 -36.40 -8.89
N SER JA 254 -81.27 -37.18 -9.96
CA SER JA 254 -82.49 -37.20 -10.74
C SER JA 254 -83.39 -38.37 -10.43
N SER JA 255 -82.90 -39.29 -9.63
CA SER JA 255 -83.62 -40.50 -9.31
C SER JA 255 -83.85 -40.64 -7.80
N SER JA 256 -84.86 -41.41 -7.41
CA SER JA 256 -85.04 -41.70 -6.00
C SER JA 256 -84.21 -42.91 -5.67
N THR JA 257 -83.81 -43.64 -6.70
CA THR JA 257 -82.90 -44.77 -6.54
C THR JA 257 -81.49 -44.37 -6.90
N ALA JA 258 -80.51 -44.85 -6.13
CA ALA JA 258 -79.09 -44.46 -6.30
C ALA JA 258 -78.57 -44.71 -7.69
N VAL JA 259 -78.00 -43.66 -8.28
CA VAL JA 259 -77.35 -43.73 -9.58
C VAL JA 259 -75.87 -43.84 -9.35
N ALA JA 260 -75.20 -44.73 -10.07
CA ALA JA 260 -73.75 -44.89 -9.89
C ALA JA 260 -73.00 -43.58 -10.20
N ALA JA 261 -72.30 -43.04 -9.21
CA ALA JA 261 -71.67 -41.72 -9.38
C ALA JA 261 -70.15 -41.76 -9.47
N GLY JA 262 -69.51 -42.20 -8.40
CA GLY JA 262 -68.08 -42.28 -8.36
C GLY JA 262 -67.57 -43.03 -7.15
N ARG JA 263 -66.34 -42.75 -6.78
CA ARG JA 263 -65.70 -43.42 -5.68
C ARG JA 263 -64.86 -42.42 -4.92
N ILE JA 264 -64.71 -42.63 -3.61
CA ILE JA 264 -63.82 -41.81 -2.79
C ILE JA 264 -62.57 -42.61 -2.43
N TYR JA 265 -61.40 -42.06 -2.74
CA TYR JA 265 -60.15 -42.68 -2.36
C TYR JA 265 -59.52 -41.93 -1.22
N CYS JA 266 -58.76 -42.67 -0.43
CA CYS JA 266 -58.01 -42.06 0.66
C CYS JA 266 -56.52 -42.19 0.38
N THR JA 267 -55.82 -41.06 0.46
CA THR JA 267 -54.38 -41.01 0.32
C THR JA 267 -53.84 -40.54 1.65
N TYR JA 268 -53.11 -41.40 2.31
CA TYR JA 268 -52.66 -41.14 3.67
C TYR JA 268 -51.13 -41.33 3.86
N THR JA 269 -50.54 -40.61 4.80
CA THR JA 269 -49.20 -40.89 5.28
C THR JA 269 -49.30 -41.10 6.78
N ILE JA 270 -49.02 -42.32 7.21
CA ILE JA 270 -49.22 -42.71 8.60
C ILE JA 270 -47.88 -43.09 9.28
N GLN JA 271 -47.72 -42.67 10.54
CA GLN JA 271 -46.62 -43.15 11.35
C GLN JA 271 -47.08 -44.24 12.27
N MET JA 272 -46.50 -45.43 12.13
CA MET JA 272 -46.92 -46.55 12.95
C MET JA 272 -45.87 -46.91 13.97
N ILE JA 273 -46.28 -46.99 15.22
CA ILE JA 273 -45.35 -47.29 16.29
C ILE JA 273 -45.89 -48.36 17.23
N GLU JA 274 -44.99 -48.96 18.00
CA GLU JA 274 -45.33 -49.90 19.06
C GLU JA 274 -46.07 -51.13 18.54
N PRO JA 275 -45.33 -52.08 17.93
CA PRO JA 275 -45.80 -53.34 17.33
C PRO JA 275 -46.67 -54.14 18.30
N THR JA 276 -47.44 -55.09 17.78
CA THR JA 276 -48.34 -55.90 18.61
C THR JA 276 -48.44 -57.34 18.13
N ALA JA 277 -48.59 -58.24 19.10
CA ALA JA 277 -48.74 -59.66 18.85
C ALA JA 277 -50.12 -60.16 19.30
N GLY KA 86 -55.28 -5.01 20.28
CA GLY KA 86 -55.86 -4.34 19.13
C GLY KA 86 -57.35 -4.06 19.29
N GLY KA 87 -58.11 -5.11 19.63
CA GLY KA 87 -59.55 -5.06 19.82
C GLY KA 87 -60.20 -5.77 18.65
N ILE KA 88 -59.40 -6.10 17.66
CA ILE KA 88 -59.90 -6.75 16.45
C ILE KA 88 -59.84 -8.26 16.49
N THR KA 89 -60.98 -8.90 16.31
CA THR KA 89 -60.97 -10.34 16.06
C THR KA 89 -61.05 -10.58 14.55
N VAL KA 90 -60.00 -11.11 13.91
CA VAL KA 90 -60.05 -11.42 12.47
C VAL KA 90 -60.41 -12.88 12.17
N LEU KA 91 -61.41 -13.05 11.32
CA LEU KA 91 -61.99 -14.35 11.00
C LEU KA 91 -62.03 -14.61 9.49
N THR KA 92 -61.60 -15.80 9.06
CA THR KA 92 -61.71 -16.20 7.66
C THR KA 92 -62.55 -17.45 7.53
N HIS KA 93 -63.52 -17.43 6.64
CA HIS KA 93 -64.46 -18.54 6.55
C HIS KA 93 -65.18 -18.63 5.18
N SER KA 94 -65.64 -19.83 4.88
CA SER KA 94 -66.45 -20.11 3.69
C SER KA 94 -67.76 -20.72 4.17
N GLU KA 95 -68.88 -20.29 3.63
CA GLU KA 95 -70.15 -20.97 3.93
C GLU KA 95 -71.16 -20.82 2.81
N LEU KA 96 -72.20 -21.65 2.86
CA LEU KA 96 -73.27 -21.54 1.88
C LEU KA 96 -73.98 -20.18 1.98
N SER KA 97 -74.15 -19.51 0.85
CA SER KA 97 -74.77 -18.18 0.90
C SER KA 97 -76.08 -18.09 0.09
N ALA KA 98 -76.28 -18.98 -0.88
CA ALA KA 98 -77.48 -18.95 -1.70
C ALA KA 98 -77.57 -20.24 -2.56
N GLU KA 99 -78.80 -20.72 -2.77
CA GLU KA 99 -79.07 -21.83 -3.71
C GLU KA 99 -79.74 -21.31 -4.98
N ILE KA 100 -79.33 -21.84 -6.13
CA ILE KA 100 -79.60 -21.25 -7.44
C ILE KA 100 -80.33 -22.15 -8.44
N GLY KA 101 -81.41 -21.63 -9.05
CA GLY KA 101 -82.16 -22.36 -10.07
C GLY KA 101 -82.48 -21.57 -11.33
N VAL KA 102 -82.60 -22.24 -12.48
CA VAL KA 102 -82.82 -21.52 -13.74
C VAL KA 102 -84.08 -21.82 -14.53
N THR KA 103 -84.64 -20.75 -15.11
CA THR KA 103 -85.80 -20.83 -15.99
C THR KA 103 -85.47 -20.15 -17.30
N ASP KA 104 -86.42 -20.18 -18.23
CA ASP KA 104 -86.19 -19.66 -19.58
C ASP KA 104 -86.45 -18.15 -19.65
N SER KA 105 -86.74 -17.54 -18.51
CA SER KA 105 -86.88 -16.11 -18.45
C SER KA 105 -85.94 -15.51 -17.40
N ILE KA 106 -85.51 -14.27 -17.60
CA ILE KA 106 -84.56 -13.70 -16.65
C ILE KA 106 -85.23 -13.55 -15.28
N VAL KA 107 -84.50 -13.98 -14.25
CA VAL KA 107 -84.90 -13.79 -12.87
C VAL KA 107 -83.74 -13.11 -12.17
N VAL KA 108 -84.00 -11.92 -11.64
CA VAL KA 108 -82.95 -11.17 -10.97
C VAL KA 108 -83.18 -11.14 -9.46
N SER KA 109 -82.26 -11.68 -8.70
CA SER KA 109 -82.33 -11.64 -7.24
C SER KA 109 -81.12 -10.87 -6.73
N SER KA 110 -81.08 -10.61 -5.44
CA SER KA 110 -79.95 -9.89 -4.88
C SER KA 110 -79.70 -10.20 -3.41
N GLU KA 111 -78.50 -9.89 -2.94
CA GLU KA 111 -78.13 -10.13 -1.56
C GLU KA 111 -77.29 -8.97 -1.01
N LEU KA 112 -77.66 -8.47 0.16
CA LEU KA 112 -76.86 -7.43 0.79
C LEU KA 112 -75.53 -7.98 1.28
N VAL KA 113 -74.45 -7.30 0.95
CA VAL KA 113 -73.14 -7.76 1.37
C VAL KA 113 -72.84 -7.31 2.80
N MET KA 114 -73.52 -7.96 3.73
CA MET KA 114 -73.32 -7.71 5.13
C MET KA 114 -73.56 -9.00 5.89
N PRO KA 115 -72.87 -9.18 7.03
CA PRO KA 115 -72.87 -10.42 7.80
C PRO KA 115 -74.25 -11.04 8.02
N TYR KA 116 -75.28 -10.26 8.36
CA TYR KA 116 -76.60 -10.83 8.63
C TYR KA 116 -77.14 -11.68 7.48
N THR KA 117 -76.79 -11.31 6.25
CA THR KA 117 -77.35 -11.92 5.06
C THR KA 117 -76.34 -12.67 4.19
N VAL KA 118 -75.08 -12.72 4.62
CA VAL KA 118 -74.08 -13.39 3.82
C VAL KA 118 -74.20 -14.88 4.05
N GLY KA 119 -74.55 -15.28 5.27
CA GLY KA 119 -74.66 -16.69 5.57
C GLY KA 119 -75.13 -16.83 6.99
N THR KA 120 -75.83 -17.92 7.31
CA THR KA 120 -76.40 -18.05 8.65
C THR KA 120 -75.35 -18.25 9.72
N TRP KA 121 -74.22 -18.87 9.42
CA TRP KA 121 -73.18 -19.03 10.45
C TRP KA 121 -72.55 -17.71 10.90
N LEU KA 122 -72.09 -16.90 9.95
CA LEU KA 122 -71.52 -15.57 10.25
C LEU KA 122 -72.53 -14.66 10.90
N ARG KA 123 -73.78 -14.80 10.47
CA ARG KA 123 -74.86 -14.01 11.00
C ARG KA 123 -74.88 -14.14 12.52
N GLY KA 124 -74.80 -15.37 13.01
CA GLY KA 124 -74.81 -15.63 14.44
C GLY KA 124 -73.56 -15.13 15.14
N VAL KA 125 -72.42 -15.33 14.49
CA VAL KA 125 -71.11 -14.98 15.06
C VAL KA 125 -70.93 -13.47 15.22
N ALA KA 126 -71.08 -12.75 14.09
CA ALA KA 126 -70.75 -11.33 13.97
C ALA KA 126 -71.72 -10.44 14.76
N ALA KA 127 -72.83 -11.05 15.14
CA ALA KA 127 -73.84 -10.38 15.91
C ALA KA 127 -73.29 -9.99 17.25
N ASN KA 128 -72.27 -10.71 17.70
CA ASN KA 128 -71.63 -10.46 19.00
C ASN KA 128 -70.68 -9.25 19.00
N TRP KA 129 -70.51 -8.63 17.85
CA TRP KA 129 -69.73 -7.40 17.74
C TRP KA 129 -70.61 -6.28 17.17
N SER KA 130 -70.20 -5.03 17.39
CA SER KA 130 -71.01 -3.90 16.98
C SER KA 130 -70.71 -3.49 15.55
N LYS KA 131 -69.43 -3.55 15.20
CA LYS KA 131 -68.95 -3.12 13.90
C LYS KA 131 -68.01 -4.13 13.23
N TYR KA 132 -67.89 -4.03 11.91
CA TYR KA 132 -66.99 -4.89 11.18
C TYR KA 132 -66.34 -4.18 10.02
N SER KA 133 -65.36 -4.83 9.42
CA SER KA 133 -64.81 -4.34 8.19
C SER KA 133 -64.52 -5.54 7.29
N TRP KA 134 -64.92 -5.46 6.03
CA TRP KA 134 -64.54 -6.49 5.09
C TRP KA 134 -63.09 -6.28 4.71
N LEU KA 135 -62.23 -7.27 4.93
CA LEU KA 135 -60.87 -7.17 4.40
C LEU KA 135 -60.90 -7.75 3.01
N SER KA 136 -61.81 -8.71 2.82
CA SER KA 136 -62.07 -9.30 1.51
C SER KA 136 -63.41 -10.03 1.54
N VAL KA 137 -64.19 -9.95 0.45
CA VAL KA 137 -65.41 -10.75 0.24
C VAL KA 137 -65.45 -11.32 -1.18
N ARG KA 138 -65.60 -12.63 -1.28
CA ARG KA 138 -65.68 -13.32 -2.58
C ARG KA 138 -66.93 -14.21 -2.69
N TYR KA 139 -67.69 -14.04 -3.77
CA TYR KA 139 -68.86 -14.91 -4.08
C TYR KA 139 -68.50 -15.84 -5.20
N THR KA 140 -68.70 -17.14 -4.98
CA THR KA 140 -68.29 -18.17 -5.96
C THR KA 140 -69.44 -19.09 -6.29
N TYR KA 141 -69.76 -19.18 -7.58
CA TYR KA 141 -70.83 -20.09 -7.99
C TYR KA 141 -70.23 -21.46 -8.26
N ILE KA 142 -70.75 -22.48 -7.60
CA ILE KA 142 -70.34 -23.86 -7.86
C ILE KA 142 -71.54 -24.65 -8.38
N PRO KA 143 -71.38 -25.30 -9.54
CA PRO KA 143 -72.51 -26.04 -10.12
C PRO KA 143 -72.82 -27.40 -9.51
N SER KA 144 -74.05 -27.87 -9.68
CA SER KA 144 -74.50 -29.18 -9.19
C SER KA 144 -75.39 -29.88 -10.20
N CYS KA 145 -75.31 -29.44 -11.46
CA CYS KA 145 -76.18 -29.95 -12.51
C CYS KA 145 -75.42 -30.71 -13.63
N PRO KA 146 -76.16 -31.40 -14.51
CA PRO KA 146 -75.53 -31.97 -15.69
C PRO KA 146 -74.92 -30.96 -16.67
N SER KA 147 -73.99 -31.43 -17.50
CA SER KA 147 -73.34 -30.61 -18.51
C SER KA 147 -74.31 -30.22 -19.61
N SER KA 148 -75.49 -30.83 -19.59
CA SER KA 148 -76.50 -30.60 -20.63
C SER KA 148 -77.56 -29.59 -20.18
N THR KA 149 -77.39 -29.02 -18.99
CA THR KA 149 -78.39 -28.11 -18.46
C THR KA 149 -78.31 -26.74 -19.13
N ALA KA 150 -79.41 -26.28 -19.72
CA ALA KA 150 -79.43 -24.95 -20.30
C ALA KA 150 -79.57 -23.91 -19.22
N GLY KA 151 -78.92 -22.78 -19.44
CA GLY KA 151 -78.94 -21.68 -18.48
C GLY KA 151 -77.56 -21.04 -18.32
N SER KA 152 -77.57 -19.80 -17.84
CA SER KA 152 -76.36 -19.09 -17.47
C SER KA 152 -76.59 -18.30 -16.18
N ILE KA 153 -75.52 -18.04 -15.46
CA ILE KA 153 -75.62 -17.23 -14.24
C ILE KA 153 -74.82 -15.96 -14.48
N HIS KA 154 -75.32 -14.86 -13.92
CA HIS KA 154 -74.67 -13.57 -14.01
C HIS KA 154 -74.59 -12.93 -12.61
N MET KA 155 -73.42 -12.41 -12.25
CA MET KA 155 -73.21 -11.76 -10.95
C MET KA 155 -72.38 -10.49 -11.08
N GLY KA 156 -72.74 -9.50 -10.27
CA GLY KA 156 -72.03 -8.24 -10.20
C GLY KA 156 -72.42 -7.53 -8.94
N PHE KA 157 -71.69 -6.46 -8.61
CA PHE KA 157 -71.95 -5.67 -7.40
C PHE KA 157 -72.53 -4.27 -7.65
N GLN KA 158 -73.45 -3.87 -6.79
CA GLN KA 158 -73.86 -2.48 -6.73
C GLN KA 158 -73.32 -1.90 -5.44
N TYR KA 159 -72.76 -0.69 -5.52
CA TYR KA 159 -72.09 -0.07 -4.38
C TYR KA 159 -72.85 1.14 -3.87
N ASP KA 160 -74.02 1.38 -4.47
CA ASP KA 160 -74.94 2.42 -4.03
C ASP KA 160 -76.30 1.78 -3.81
N MET KA 161 -76.78 1.78 -2.57
CA MET KA 161 -78.05 1.10 -2.24
C MET KA 161 -79.26 1.66 -2.94
N ALA KA 162 -79.13 2.91 -3.40
CA ALA KA 162 -80.19 3.62 -4.09
C ALA KA 162 -80.32 3.21 -5.55
N ASP KA 163 -79.26 2.61 -6.12
CA ASP KA 163 -79.32 2.10 -7.49
C ASP KA 163 -80.47 1.11 -7.60
N THR KA 164 -81.27 1.20 -8.66
CA THR KA 164 -82.31 0.21 -8.87
C THR KA 164 -81.67 -1.07 -9.36
N VAL KA 165 -82.14 -2.21 -8.87
CA VAL KA 165 -81.60 -3.49 -9.33
C VAL KA 165 -81.88 -3.76 -10.80
N PRO KA 166 -80.86 -4.20 -11.55
CA PRO KA 166 -80.89 -4.42 -13.00
C PRO KA 166 -81.98 -5.36 -13.52
N VAL KA 167 -82.28 -5.20 -14.81
CA VAL KA 167 -83.35 -5.93 -15.45
C VAL KA 167 -82.90 -6.76 -16.66
N SER KA 168 -81.71 -6.47 -17.17
CA SER KA 168 -81.16 -7.21 -18.30
C SER KA 168 -79.69 -7.58 -18.12
N VAL KA 169 -79.26 -8.68 -18.76
CA VAL KA 169 -77.84 -9.02 -18.73
C VAL KA 169 -77.02 -7.83 -19.23
N ASN KA 170 -77.54 -7.12 -20.23
CA ASN KA 170 -76.83 -5.96 -20.77
C ASN KA 170 -76.43 -4.96 -19.68
N GLN KA 171 -77.38 -4.54 -18.85
CA GLN KA 171 -77.10 -3.66 -17.73
C GLN KA 171 -76.13 -4.29 -16.74
N LEU KA 172 -76.43 -5.50 -16.31
CA LEU KA 172 -75.65 -6.17 -15.27
C LEU KA 172 -74.18 -6.28 -15.69
N SER KA 173 -73.95 -6.47 -16.99
CA SER KA 173 -72.61 -6.67 -17.51
C SER KA 173 -71.69 -5.49 -17.26
N ASN KA 174 -72.25 -4.33 -16.93
CA ASN KA 174 -71.42 -3.14 -16.73
C ASN KA 174 -70.88 -2.97 -15.34
N LEU KA 175 -71.47 -3.70 -14.40
CA LEU KA 175 -71.12 -3.57 -13.02
C LEU KA 175 -69.70 -4.03 -12.79
N ARG KA 176 -69.02 -3.35 -11.88
CA ARG KA 176 -67.77 -3.85 -11.35
C ARG KA 176 -67.90 -5.27 -10.86
N GLY KA 177 -66.99 -6.10 -11.37
CA GLY KA 177 -66.85 -7.48 -10.96
C GLY KA 177 -67.82 -8.42 -11.63
N TYR KA 178 -68.43 -7.98 -12.73
CA TYR KA 178 -69.37 -8.80 -13.49
C TYR KA 178 -68.70 -10.07 -13.97
N VAL KA 179 -69.32 -11.20 -13.68
CA VAL KA 179 -68.82 -12.46 -14.16
C VAL KA 179 -70.03 -13.22 -14.68
N SER KA 180 -69.80 -14.19 -15.55
CA SER KA 180 -70.89 -14.90 -16.21
C SER KA 180 -70.41 -16.24 -16.73
N GLY KA 181 -71.28 -17.24 -16.69
CA GLY KA 181 -70.94 -18.54 -17.24
C GLY KA 181 -72.11 -19.51 -17.34
N GLN KA 182 -71.90 -20.63 -18.04
CA GLN KA 182 -72.91 -21.69 -18.06
C GLN KA 182 -73.21 -22.17 -16.66
N VAL KA 183 -74.45 -22.57 -16.43
CA VAL KA 183 -74.90 -22.95 -15.12
C VAL KA 183 -74.22 -24.26 -14.67
N TRP KA 184 -73.58 -24.95 -15.62
CA TRP KA 184 -72.81 -26.16 -15.34
C TRP KA 184 -71.28 -25.94 -15.37
N SER KA 185 -70.85 -24.70 -15.62
CA SER KA 185 -69.45 -24.31 -15.53
C SER KA 185 -69.19 -23.82 -14.10
N GLY KA 186 -67.93 -23.61 -13.71
CA GLY KA 186 -67.64 -22.96 -12.44
C GLY KA 186 -66.96 -23.79 -11.37
N SER KA 187 -66.77 -25.07 -11.68
CA SER KA 187 -66.11 -26.03 -10.83
C SER KA 187 -64.73 -25.56 -10.34
N ALA KA 188 -63.99 -24.85 -11.20
CA ALA KA 188 -62.66 -24.38 -10.85
C ALA KA 188 -62.66 -23.33 -9.73
N GLY KA 189 -63.85 -22.90 -9.32
CA GLY KA 189 -63.98 -21.94 -8.23
C GLY KA 189 -63.84 -22.57 -6.87
N LEU KA 190 -63.82 -23.90 -6.87
CA LEU KA 190 -63.75 -24.66 -5.66
C LEU KA 190 -62.51 -24.32 -4.85
N CYS KA 191 -61.40 -24.08 -5.53
CA CYS KA 191 -60.15 -23.83 -4.81
C CYS KA 191 -60.19 -22.57 -3.96
N PHE KA 192 -61.02 -21.60 -4.33
CA PHE KA 192 -61.19 -20.42 -3.50
C PHE KA 192 -61.91 -20.79 -2.18
N ILE KA 193 -62.81 -21.76 -2.27
CA ILE KA 193 -63.70 -22.05 -1.15
C ILE KA 193 -62.98 -22.79 -0.01
N ASN KA 194 -62.09 -23.71 -0.37
CA ASN KA 194 -61.32 -24.42 0.64
C ASN KA 194 -59.95 -23.75 0.84
N GLY KA 195 -59.81 -22.58 0.23
CA GLY KA 195 -58.61 -21.74 0.35
C GLY KA 195 -57.30 -22.40 -0.07
N THR KA 196 -57.36 -23.32 -1.04
CA THR KA 196 -56.18 -24.09 -1.46
C THR KA 196 -55.45 -23.43 -2.62
N ARG KA 197 -54.37 -24.07 -3.05
CA ARG KA 197 -53.54 -23.55 -4.14
C ARG KA 197 -54.37 -23.45 -5.41
N CYS KA 198 -54.55 -22.23 -5.88
CA CYS KA 198 -55.33 -21.98 -7.08
C CYS KA 198 -54.42 -21.85 -8.28
N SER KA 199 -54.77 -22.55 -9.35
CA SER KA 199 -53.95 -22.57 -10.56
C SER KA 199 -54.79 -22.14 -11.76
N ASP KA 200 -55.52 -23.10 -12.31
CA ASP KA 200 -56.39 -22.90 -13.47
C ASP KA 200 -57.78 -22.36 -13.08
N THR KA 201 -57.85 -21.10 -12.68
CA THR KA 201 -59.09 -20.54 -12.20
C THR KA 201 -59.80 -19.67 -13.27
N SER KA 202 -59.41 -19.83 -14.53
CA SER KA 202 -59.93 -18.97 -15.59
C SER KA 202 -61.42 -19.09 -15.82
N THR KA 203 -61.94 -20.30 -15.60
CA THR KA 203 -63.36 -20.57 -15.82
C THR KA 203 -64.21 -20.34 -14.58
N ALA KA 204 -63.59 -19.93 -13.48
CA ALA KA 204 -64.31 -19.73 -12.21
C ALA KA 204 -65.38 -18.65 -12.31
N ILE KA 205 -66.58 -19.00 -11.90
CA ILE KA 205 -67.59 -17.99 -11.82
C ILE KA 205 -67.58 -17.43 -10.42
N SER KA 206 -66.53 -16.65 -10.16
CA SER KA 206 -66.24 -16.10 -8.85
C SER KA 206 -65.92 -14.63 -9.01
N THR KA 207 -66.37 -13.84 -8.05
CA THR KA 207 -66.17 -12.41 -8.13
C THR KA 207 -65.94 -11.81 -6.72
N THR KA 208 -65.23 -10.70 -6.65
CA THR KA 208 -64.86 -10.10 -5.36
C THR KA 208 -65.26 -8.63 -5.23
N LEU KA 209 -65.50 -8.23 -3.99
CA LEU KA 209 -65.88 -6.89 -3.54
C LEU KA 209 -64.72 -5.88 -3.54
N ASP KA 210 -64.95 -4.65 -3.99
CA ASP KA 210 -63.94 -3.60 -3.87
C ASP KA 210 -63.90 -3.12 -2.45
N VAL KA 211 -63.20 -3.83 -1.58
CA VAL KA 211 -63.19 -3.43 -0.19
C VAL KA 211 -62.59 -2.05 -0.07
N SER KA 212 -61.62 -1.80 -0.95
CA SER KA 212 -60.87 -0.55 -1.01
C SER KA 212 -61.70 0.69 -1.38
N LYS KA 213 -62.87 0.48 -1.97
CA LYS KA 213 -63.62 1.58 -2.54
C LYS KA 213 -64.96 1.78 -1.83
N LEU KA 214 -65.14 1.14 -0.67
CA LEU KA 214 -66.39 1.26 0.06
C LEU KA 214 -66.52 2.68 0.64
N GLY KA 215 -67.73 3.08 1.02
CA GLY KA 215 -67.93 4.40 1.60
C GLY KA 215 -67.00 4.70 2.78
N LYS KA 216 -67.02 3.79 3.75
CA LYS KA 216 -66.14 3.84 4.93
C LYS KA 216 -65.52 2.46 5.22
N LYS KA 217 -64.77 2.33 6.31
CA LYS KA 217 -64.14 1.04 6.63
C LYS KA 217 -64.97 0.23 7.61
N TRP KA 218 -65.43 0.87 8.69
CA TRP KA 218 -66.14 0.19 9.77
C TRP KA 218 -67.63 0.42 9.65
N TYR KA 219 -68.36 -0.65 9.37
CA TYR KA 219 -69.81 -0.62 9.25
C TYR KA 219 -70.50 -1.17 10.47
N PRO KA 220 -71.68 -0.66 10.79
CA PRO KA 220 -72.45 -1.23 11.91
C PRO KA 220 -73.08 -2.55 11.52
N TYR KA 221 -73.13 -3.50 12.44
CA TYR KA 221 -73.88 -4.73 12.20
C TYR KA 221 -75.36 -4.37 12.16
N LYS KA 222 -76.01 -4.70 11.03
CA LYS KA 222 -77.41 -4.42 10.83
C LYS KA 222 -78.12 -5.64 10.30
N THR KA 223 -79.42 -5.75 10.58
CA THR KA 223 -80.23 -6.83 10.04
C THR KA 223 -81.02 -6.40 8.82
N SER KA 224 -81.69 -7.36 8.19
CA SER KA 224 -82.62 -7.06 7.09
C SER KA 224 -83.76 -6.17 7.55
N ALA KA 225 -84.25 -6.42 8.75
CA ALA KA 225 -85.27 -5.59 9.37
C ALA KA 225 -84.79 -4.14 9.44
N ASP KA 226 -83.58 -3.96 9.94
CA ASP KA 226 -82.97 -2.64 10.05
C ASP KA 226 -82.87 -1.98 8.69
N TYR KA 227 -82.48 -2.77 7.69
CA TYR KA 227 -82.34 -2.24 6.35
C TYR KA 227 -83.70 -1.79 5.88
N ALA KA 228 -84.69 -2.64 6.08
CA ALA KA 228 -86.04 -2.36 5.60
C ALA KA 228 -86.55 -1.04 6.16
N THR KA 229 -86.42 -0.89 7.47
CA THR KA 229 -86.85 0.31 8.15
C THR KA 229 -86.12 1.54 7.66
N ALA KA 230 -84.81 1.45 7.55
CA ALA KA 230 -84.02 2.59 7.12
C ALA KA 230 -84.43 3.04 5.75
N VAL KA 231 -84.55 2.11 4.82
CA VAL KA 231 -84.95 2.42 3.45
C VAL KA 231 -86.45 2.72 3.34
N GLY KA 232 -87.22 2.34 4.35
CA GLY KA 232 -88.62 2.72 4.39
C GLY KA 232 -88.73 4.24 4.53
N VAL KA 233 -87.76 4.82 5.25
CA VAL KA 233 -87.71 6.25 5.49
C VAL KA 233 -87.08 7.06 4.34
N ASP KA 234 -85.90 6.63 3.93
CA ASP KA 234 -85.16 7.22 2.81
C ASP KA 234 -84.04 6.25 2.47
N VAL KA 235 -84.00 5.78 1.22
CA VAL KA 235 -83.08 4.72 0.82
C VAL KA 235 -81.63 5.04 1.11
N ASN KA 236 -81.33 6.35 1.13
CA ASN KA 236 -79.97 6.83 1.27
C ASN KA 236 -79.45 6.65 2.71
N ILE KA 237 -80.35 6.38 3.64
CA ILE KA 237 -79.97 6.05 5.01
C ILE KA 237 -79.13 4.77 5.04
N ALA KA 238 -79.37 3.90 4.08
CA ALA KA 238 -78.71 2.61 4.05
C ALA KA 238 -77.26 2.74 3.63
N THR KA 239 -76.91 3.80 2.90
CA THR KA 239 -75.55 3.95 2.36
C THR KA 239 -74.49 3.85 3.48
N PRO KA 240 -74.74 4.45 4.65
CA PRO KA 240 -73.77 4.12 5.71
C PRO KA 240 -74.01 2.78 6.44
N LEU KA 241 -75.02 1.99 6.07
CA LEU KA 241 -75.30 0.77 6.82
C LEU KA 241 -74.84 -0.53 6.13
N VAL KA 242 -74.96 -0.57 4.81
CA VAL KA 242 -74.52 -1.75 4.10
C VAL KA 242 -73.53 -1.33 3.03
N PRO KA 243 -72.37 -2.00 2.98
CA PRO KA 243 -71.30 -1.59 2.06
C PRO KA 243 -71.62 -1.78 0.58
N ALA KA 244 -72.39 -2.80 0.18
CA ALA KA 244 -72.71 -3.00 -1.22
C ALA KA 244 -73.76 -4.09 -1.36
N ARG KA 245 -74.34 -4.26 -2.56
CA ARG KA 245 -75.25 -5.37 -2.76
C ARG KA 245 -74.85 -6.14 -4.00
N LEU KA 246 -74.94 -7.46 -3.89
CA LEU KA 246 -74.64 -8.38 -4.95
C LEU KA 246 -75.89 -8.65 -5.76
N VAL KA 247 -75.76 -8.49 -7.07
CA VAL KA 247 -76.87 -8.68 -7.97
C VAL KA 247 -76.70 -9.98 -8.72
N ILE KA 248 -77.78 -10.76 -8.85
CA ILE KA 248 -77.73 -12.07 -9.51
C ILE KA 248 -78.82 -12.18 -10.57
N ALA KA 249 -78.48 -12.57 -11.79
CA ALA KA 249 -79.50 -12.81 -12.80
C ALA KA 249 -79.33 -14.24 -13.33
N LEU KA 250 -80.46 -14.93 -13.55
CA LEU KA 250 -80.43 -16.25 -14.15
C LEU KA 250 -81.39 -16.28 -15.34
N LEU KA 251 -80.94 -16.83 -16.46
CA LEU KA 251 -81.77 -16.94 -17.65
C LEU KA 251 -81.17 -18.01 -18.56
N ASP KA 252 -81.69 -18.12 -19.78
CA ASP KA 252 -81.21 -19.05 -20.80
C ASP KA 252 -81.46 -20.51 -20.44
N GLY KA 253 -82.36 -20.72 -19.49
CA GLY KA 253 -82.78 -22.05 -19.05
C GLY KA 253 -83.75 -22.62 -20.06
N SER KA 254 -84.10 -23.89 -19.94
CA SER KA 254 -84.97 -24.46 -20.98
C SER KA 254 -86.41 -24.69 -20.56
N SER KA 255 -86.73 -24.58 -19.27
CA SER KA 255 -88.13 -24.78 -18.84
C SER KA 255 -88.62 -23.53 -18.13
N SER KA 256 -89.93 -23.38 -18.00
CA SER KA 256 -90.44 -22.22 -17.26
C SER KA 256 -90.34 -22.54 -15.80
N THR KA 257 -90.13 -23.81 -15.46
CA THR KA 257 -89.91 -24.16 -14.06
C THR KA 257 -88.41 -24.32 -13.69
N ALA KA 258 -88.06 -23.79 -12.52
CA ALA KA 258 -86.68 -23.77 -12.07
C ALA KA 258 -86.07 -25.14 -12.00
N VAL KA 259 -84.93 -25.28 -12.65
CA VAL KA 259 -84.11 -26.47 -12.60
C VAL KA 259 -82.99 -26.21 -11.63
N ALA KA 260 -82.67 -27.17 -10.77
CA ALA KA 260 -81.54 -26.95 -9.86
C ALA KA 260 -80.27 -26.71 -10.64
N ALA KA 261 -79.62 -25.57 -10.41
CA ALA KA 261 -78.43 -25.19 -11.18
C ALA KA 261 -77.18 -25.33 -10.31
N GLY KA 262 -77.14 -24.58 -9.22
CA GLY KA 262 -76.01 -24.62 -8.31
C GLY KA 262 -76.21 -23.91 -6.99
N ARG KA 263 -75.11 -23.51 -6.39
CA ARG KA 263 -75.11 -22.82 -5.09
C ARG KA 263 -74.04 -21.72 -5.16
N ILE KA 264 -74.28 -20.61 -4.49
CA ILE KA 264 -73.30 -19.53 -4.38
C ILE KA 264 -72.74 -19.55 -2.97
N TYR KA 265 -71.42 -19.63 -2.87
CA TYR KA 265 -70.72 -19.58 -1.57
C TYR KA 265 -70.07 -18.23 -1.34
N CYS KA 266 -69.94 -17.85 -0.08
CA CYS KA 266 -69.23 -16.62 0.21
C CYS KA 266 -67.94 -16.93 0.96
N THR KA 267 -66.82 -16.43 0.46
CA THR KA 267 -65.55 -16.62 1.12
C THR KA 267 -65.03 -15.28 1.57
N TYR KA 268 -64.96 -15.09 2.89
CA TYR KA 268 -64.63 -13.79 3.47
C TYR KA 268 -63.54 -13.76 4.54
N THR KA 269 -62.86 -12.62 4.65
CA THR KA 269 -62.03 -12.29 5.80
C THR KA 269 -62.62 -11.03 6.43
N ILE KA 270 -63.15 -11.17 7.64
CA ILE KA 270 -63.84 -10.08 8.28
C ILE KA 270 -63.13 -9.66 9.57
N GLN KA 271 -63.02 -8.35 9.77
CA GLN KA 271 -62.57 -7.84 11.04
C GLN KA 271 -63.76 -7.44 11.85
N MET KA 272 -63.95 -8.06 13.01
CA MET KA 272 -65.08 -7.77 13.87
C MET KA 272 -64.59 -7.04 15.12
N ILE KA 273 -65.19 -5.91 15.45
CA ILE KA 273 -64.76 -5.13 16.63
C ILE KA 273 -65.86 -4.63 17.58
N GLU KA 274 -65.44 -4.26 18.79
CA GLU KA 274 -66.29 -3.61 19.78
C GLU KA 274 -67.47 -4.47 20.12
N PRO KA 275 -67.22 -5.47 20.99
CA PRO KA 275 -68.19 -6.47 21.46
C PRO KA 275 -69.45 -5.85 22.03
N THR KA 276 -70.51 -6.64 22.09
CA THR KA 276 -71.80 -6.18 22.57
C THR KA 276 -72.49 -7.32 23.26
N ALA KA 277 -73.27 -7.00 24.29
CA ALA KA 277 -74.00 -8.02 25.00
C ALA KA 277 -75.47 -7.77 24.77
N SER KA 278 -76.25 -8.83 24.63
CA SER KA 278 -77.68 -8.64 24.43
C SER KA 278 -78.46 -9.69 25.20
N GLY LA 86 -52.94 16.73 -19.47
CA GLY LA 86 -52.89 16.17 -20.80
C GLY LA 86 -54.17 16.39 -21.60
N GLY LA 87 -55.30 16.02 -21.02
CA GLY LA 87 -56.60 16.12 -21.67
C GLY LA 87 -57.18 14.76 -22.07
N ILE LA 88 -56.37 13.72 -21.90
CA ILE LA 88 -56.76 12.35 -22.22
C ILE LA 88 -57.40 11.66 -21.01
N THR LA 89 -58.64 11.27 -21.15
CA THR LA 89 -59.29 10.45 -20.13
C THR LA 89 -59.16 8.97 -20.50
N VAL LA 90 -58.48 8.19 -19.66
CA VAL LA 90 -58.32 6.77 -19.95
C VAL LA 90 -59.36 5.92 -19.24
N LEU LA 91 -60.04 5.10 -20.02
CA LEU LA 91 -61.12 4.25 -19.59
C LEU LA 91 -60.88 2.80 -20.03
N THR LA 92 -61.01 1.89 -19.08
CA THR LA 92 -60.93 0.45 -19.34
C THR LA 92 -62.21 -0.18 -18.84
N HIS LA 93 -62.84 -0.95 -19.68
CA HIS LA 93 -64.12 -1.45 -19.27
C HIS LA 93 -64.50 -2.65 -20.11
N SER LA 94 -65.38 -3.47 -19.55
CA SER LA 94 -66.00 -4.55 -20.26
C SER LA 94 -67.51 -4.39 -20.28
N GLU LA 95 -68.16 -4.64 -21.40
CA GLU LA 95 -69.61 -4.68 -21.37
C GLU LA 95 -70.11 -5.62 -22.46
N LEU LA 96 -71.39 -5.99 -22.37
CA LEU LA 96 -72.05 -6.81 -23.37
C LEU LA 96 -72.05 -6.10 -24.71
N SER LA 97 -71.66 -6.81 -25.76
CA SER LA 97 -71.54 -6.23 -27.09
C SER LA 97 -72.48 -6.91 -28.12
N ALA LA 98 -72.86 -8.16 -27.87
CA ALA LA 98 -73.71 -8.92 -28.77
C ALA LA 98 -74.24 -10.14 -28.07
N GLU LA 99 -75.52 -10.46 -28.31
CA GLU LA 99 -76.15 -11.67 -27.80
C GLU LA 99 -76.14 -12.63 -28.98
N ILE LA 100 -75.79 -13.89 -28.78
CA ILE LA 100 -75.46 -14.74 -29.91
C ILE LA 100 -76.31 -16.02 -29.98
N GLY LA 101 -76.85 -16.31 -31.16
CA GLY LA 101 -77.63 -17.50 -31.35
C GLY LA 101 -77.16 -18.23 -32.61
N VAL LA 102 -77.36 -19.56 -32.65
CA VAL LA 102 -76.84 -20.38 -33.73
C VAL LA 102 -77.92 -21.11 -34.56
N THR LA 103 -77.71 -21.15 -35.87
CA THR LA 103 -78.59 -21.92 -36.76
C THR LA 103 -77.76 -22.88 -37.62
N ASP LA 104 -78.42 -23.67 -38.46
CA ASP LA 104 -77.77 -24.72 -39.26
C ASP LA 104 -77.17 -24.29 -40.61
N SER LA 105 -77.24 -23.01 -40.92
CA SER LA 105 -76.59 -22.49 -42.09
C SER LA 105 -75.74 -21.31 -41.64
N ILE LA 106 -74.69 -20.98 -42.40
CA ILE LA 106 -73.79 -19.92 -42.00
C ILE LA 106 -74.56 -18.62 -41.94
N VAL LA 107 -74.37 -17.88 -40.86
CA VAL LA 107 -74.95 -16.56 -40.72
C VAL LA 107 -73.79 -15.65 -40.34
N VAL LA 108 -73.50 -14.68 -41.19
CA VAL LA 108 -72.38 -13.79 -40.94
C VAL LA 108 -72.83 -12.39 -40.55
N SER LA 109 -72.46 -11.96 -39.35
CA SER LA 109 -72.78 -10.61 -38.91
C SER LA 109 -71.50 -9.88 -38.61
N SER LA 110 -71.63 -8.59 -38.36
CA SER LA 110 -70.47 -7.78 -38.09
C SER LA 110 -70.76 -6.61 -37.19
N GLU LA 111 -69.71 -6.07 -36.61
CA GLU LA 111 -69.88 -4.95 -35.74
C GLU LA 111 -68.73 -3.96 -35.98
N LEU LA 112 -69.07 -2.69 -36.16
CA LEU LA 112 -68.06 -1.68 -36.33
C LEU LA 112 -67.27 -1.52 -35.03
N VAL LA 113 -65.94 -1.51 -35.12
CA VAL LA 113 -65.13 -1.36 -33.93
C VAL LA 113 -64.96 0.11 -33.59
N MET LA 114 -66.03 0.70 -33.07
CA MET LA 114 -66.04 2.11 -32.65
C MET LA 114 -67.03 2.28 -31.51
N PRO LA 115 -66.75 3.23 -30.59
CA PRO LA 115 -67.50 3.35 -29.33
C PRO LA 115 -69.00 3.29 -29.53
N TYR LA 116 -69.54 3.91 -30.56
CA TYR LA 116 -71.00 3.91 -30.73
C TYR LA 116 -71.56 2.48 -30.76
N THR LA 117 -70.78 1.56 -31.32
CA THR LA 117 -71.30 0.22 -31.57
C THR LA 117 -70.65 -0.93 -30.80
N VAL LA 118 -69.73 -0.69 -29.89
CA VAL LA 118 -69.22 -1.85 -29.15
C VAL LA 118 -70.19 -2.15 -28.02
N GLY LA 119 -70.90 -1.14 -27.54
CA GLY LA 119 -71.80 -1.37 -26.43
C GLY LA 119 -72.60 -0.13 -26.12
N THR LA 120 -73.77 -0.30 -25.52
CA THR LA 120 -74.68 0.81 -25.29
C THR LA 120 -74.09 1.77 -24.28
N TRP LA 121 -73.34 1.25 -23.31
CA TRP LA 121 -72.75 2.09 -22.26
C TRP LA 121 -71.64 3.00 -22.79
N LEU LA 122 -70.65 2.42 -23.47
CA LEU LA 122 -69.57 3.22 -24.04
C LEU LA 122 -70.15 4.21 -25.03
N ARG LA 123 -71.20 3.82 -25.73
CA ARG LA 123 -71.82 4.74 -26.66
C ARG LA 123 -72.18 6.03 -25.95
N GLY LA 124 -72.88 5.90 -24.83
CA GLY LA 124 -73.32 7.05 -24.05
C GLY LA 124 -72.17 7.81 -23.44
N VAL LA 125 -71.19 7.08 -22.92
CA VAL LA 125 -70.03 7.69 -22.29
C VAL LA 125 -69.17 8.47 -23.28
N ALA LA 126 -68.75 7.80 -24.34
CA ALA LA 126 -67.79 8.37 -25.26
C ALA LA 126 -68.37 9.50 -26.11
N ALA LA 127 -69.70 9.61 -26.17
CA ALA LA 127 -70.31 10.66 -26.98
C ALA LA 127 -69.90 12.03 -26.45
N ASN LA 128 -69.52 12.08 -25.18
CA ASN LA 128 -69.13 13.32 -24.53
C ASN LA 128 -67.79 13.83 -24.98
N TRP LA 129 -67.10 13.03 -25.79
CA TRP LA 129 -65.84 13.43 -26.39
C TRP LA 129 -65.94 13.40 -27.91
N SER LA 130 -65.07 14.13 -28.60
CA SER LA 130 -65.13 14.24 -30.07
C SER LA 130 -64.26 13.19 -30.78
N LYS LA 131 -63.10 12.90 -30.19
CA LYS LA 131 -62.15 11.93 -30.72
C LYS LA 131 -61.73 10.89 -29.68
N TYR LA 132 -61.25 9.75 -30.15
CA TYR LA 132 -60.77 8.67 -29.27
C TYR LA 132 -59.58 7.91 -29.86
N SER LA 133 -58.97 7.08 -29.04
CA SER LA 133 -57.98 6.12 -29.52
C SER LA 133 -58.10 4.82 -28.76
N TRP LA 134 -58.10 3.73 -29.52
CA TRP LA 134 -58.08 2.40 -28.94
C TRP LA 134 -56.67 2.04 -28.49
N LEU LA 135 -56.51 1.75 -27.20
CA LEU LA 135 -55.24 1.22 -26.70
C LEU LA 135 -55.32 -0.30 -26.70
N SER LA 136 -56.52 -0.80 -26.43
CA SER LA 136 -56.78 -2.21 -26.50
C SER LA 136 -58.29 -2.47 -26.69
N VAL LA 137 -58.61 -3.37 -27.61
CA VAL LA 137 -59.98 -3.83 -27.81
C VAL LA 137 -59.97 -5.32 -27.93
N ARG LA 138 -60.68 -6.00 -27.02
CA ARG LA 138 -60.74 -7.45 -27.02
C ARG LA 138 -62.20 -7.91 -27.02
N TYR LA 139 -62.53 -8.79 -27.96
CA TYR LA 139 -63.84 -9.42 -28.04
C TYR LA 139 -63.75 -10.86 -27.54
N THR LA 140 -64.58 -11.18 -26.56
CA THR LA 140 -64.56 -12.47 -25.88
C THR LA 140 -65.94 -13.11 -25.91
N TYR LA 141 -66.02 -14.32 -26.44
CA TYR LA 141 -67.28 -15.08 -26.50
C TYR LA 141 -67.40 -15.90 -25.24
N ILE LA 142 -68.52 -15.71 -24.56
CA ILE LA 142 -68.84 -16.49 -23.38
C ILE LA 142 -70.15 -17.27 -23.61
N PRO LA 143 -70.11 -18.61 -23.43
CA PRO LA 143 -71.27 -19.47 -23.69
C PRO LA 143 -72.35 -19.48 -22.61
N SER LA 144 -73.56 -19.87 -23.03
CA SER LA 144 -74.70 -19.99 -22.14
C SER LA 144 -75.57 -21.20 -22.48
N CYS LA 145 -75.02 -22.14 -23.24
CA CYS LA 145 -75.80 -23.28 -23.72
C CYS LA 145 -75.26 -24.60 -23.17
N PRO LA 146 -76.03 -25.68 -23.28
CA PRO LA 146 -75.53 -26.99 -22.88
C PRO LA 146 -74.29 -27.45 -23.63
N SER LA 147 -73.55 -28.39 -23.04
CA SER LA 147 -72.37 -28.98 -23.67
C SER LA 147 -72.76 -29.81 -24.90
N SER LA 148 -74.07 -30.02 -25.05
CA SER LA 148 -74.62 -30.82 -26.13
C SER LA 148 -75.15 -29.99 -27.26
N THR LA 149 -74.92 -28.68 -27.21
CA THR LA 149 -75.42 -27.78 -28.23
C THR LA 149 -74.60 -27.87 -29.51
N ALA LA 150 -75.23 -28.14 -30.65
CA ALA LA 150 -74.50 -28.13 -31.92
C ALA LA 150 -74.28 -26.69 -32.38
N GLY LA 151 -73.13 -26.45 -32.99
CA GLY LA 151 -72.77 -25.14 -33.50
C GLY LA 151 -71.34 -24.71 -33.25
N SER LA 152 -70.84 -23.80 -34.08
CA SER LA 152 -69.53 -23.21 -33.90
C SER LA 152 -69.58 -21.70 -34.23
N ILE LA 153 -68.69 -20.95 -33.59
CA ILE LA 153 -68.60 -19.51 -33.77
C ILE LA 153 -67.25 -19.10 -34.31
N HIS LA 154 -67.23 -18.08 -35.17
CA HIS LA 154 -66.01 -17.59 -35.77
C HIS LA 154 -65.93 -16.08 -35.74
N MET LA 155 -64.80 -15.52 -35.33
CA MET LA 155 -64.63 -14.08 -35.23
C MET LA 155 -63.31 -13.71 -35.85
N GLY LA 156 -63.29 -12.56 -36.50
CA GLY LA 156 -62.05 -12.05 -37.08
C GLY LA 156 -62.22 -10.59 -37.39
N PHE LA 157 -61.11 -9.93 -37.70
CA PHE LA 157 -61.16 -8.50 -37.99
C PHE LA 157 -60.93 -8.19 -39.47
N GLN LA 158 -61.69 -7.23 -39.99
CA GLN LA 158 -61.40 -6.59 -41.26
C GLN LA 158 -60.94 -5.17 -40.96
N TYR LA 159 -59.93 -4.69 -41.67
CA TYR LA 159 -59.38 -3.38 -41.36
C TYR LA 159 -59.62 -2.37 -42.52
N ASP LA 160 -60.35 -2.80 -43.55
CA ASP LA 160 -60.73 -1.93 -44.64
C ASP LA 160 -62.24 -1.93 -44.83
N MET LA 161 -62.89 -0.79 -44.64
CA MET LA 161 -64.35 -0.76 -44.68
C MET LA 161 -64.93 -1.19 -46.03
N ALA LA 162 -64.11 -1.11 -47.07
CA ALA LA 162 -64.53 -1.45 -48.41
C ALA LA 162 -64.54 -2.95 -48.68
N ASP LA 163 -63.81 -3.75 -47.89
CA ASP LA 163 -63.83 -5.22 -48.07
C ASP LA 163 -65.27 -5.70 -47.99
N THR LA 164 -65.64 -6.59 -48.90
CA THR LA 164 -66.96 -7.22 -48.80
C THR LA 164 -66.84 -8.20 -47.68
N VAL LA 165 -67.92 -8.32 -46.91
CA VAL LA 165 -67.96 -9.25 -45.80
C VAL LA 165 -67.80 -10.69 -46.24
N PRO LA 166 -67.00 -11.47 -45.49
CA PRO LA 166 -66.75 -12.86 -45.85
C PRO LA 166 -68.04 -13.65 -45.90
N VAL LA 167 -68.04 -14.71 -46.68
CA VAL LA 167 -69.21 -15.56 -46.86
C VAL LA 167 -68.94 -17.02 -46.50
N SER LA 168 -67.67 -17.36 -46.28
CA SER LA 168 -67.38 -18.72 -45.89
C SER LA 168 -66.46 -18.75 -44.68
N VAL LA 169 -66.57 -19.79 -43.88
CA VAL LA 169 -65.61 -20.04 -42.81
C VAL LA 169 -64.22 -20.10 -43.45
N ASN LA 170 -64.13 -20.60 -44.67
CA ASN LA 170 -62.85 -20.59 -45.37
C ASN LA 170 -62.22 -19.18 -45.51
N GLN LA 171 -62.98 -18.25 -46.05
CA GLN LA 171 -62.52 -16.87 -46.19
C GLN LA 171 -62.16 -16.27 -44.85
N LEU LA 172 -63.11 -16.32 -43.93
CA LEU LA 172 -63.01 -15.70 -42.62
C LEU LA 172 -61.79 -16.17 -41.88
N SER LA 173 -61.40 -17.43 -42.07
CA SER LA 173 -60.27 -18.02 -41.35
C SER LA 173 -58.96 -17.31 -41.61
N ASN LA 174 -58.90 -16.55 -42.70
CA ASN LA 174 -57.66 -15.87 -43.06
C ASN LA 174 -57.46 -14.48 -42.42
N LEU LA 175 -58.52 -13.96 -41.82
CA LEU LA 175 -58.51 -12.61 -41.27
C LEU LA 175 -57.59 -12.56 -40.07
N ARG LA 176 -56.89 -11.45 -39.85
CA ARG LA 176 -56.17 -11.21 -38.60
C ARG LA 176 -57.09 -11.41 -37.41
N GLY LA 177 -56.64 -12.20 -36.44
CA GLY LA 177 -57.40 -12.35 -35.22
C GLY LA 177 -58.52 -13.37 -35.31
N TYR LA 178 -58.45 -14.25 -36.32
CA TYR LA 178 -59.41 -15.32 -36.46
C TYR LA 178 -59.37 -16.27 -35.28
N VAL LA 179 -60.54 -16.52 -34.69
CA VAL LA 179 -60.67 -17.54 -33.66
C VAL LA 179 -61.93 -18.34 -33.99
N SER LA 180 -62.04 -19.53 -33.40
CA SER LA 180 -63.10 -20.46 -33.78
C SER LA 180 -63.37 -21.47 -32.67
N GLY LA 181 -64.62 -21.82 -32.45
CA GLY LA 181 -64.88 -22.84 -31.45
C GLY LA 181 -66.29 -23.39 -31.31
N GLN LA 182 -66.42 -24.48 -30.55
CA GLN LA 182 -67.74 -24.97 -30.24
C GLN LA 182 -68.49 -23.83 -29.59
N VAL LA 183 -69.76 -23.78 -29.89
CA VAL LA 183 -70.61 -22.71 -29.45
C VAL LA 183 -70.82 -22.84 -27.95
N TRP LA 184 -70.38 -23.96 -27.37
CA TRP LA 184 -70.49 -24.18 -25.93
C TRP LA 184 -69.16 -24.11 -25.18
N SER LA 185 -68.08 -23.86 -25.92
CA SER LA 185 -66.77 -23.61 -25.36
C SER LA 185 -66.55 -22.11 -25.21
N GLY LA 186 -65.47 -21.73 -24.53
CA GLY LA 186 -65.08 -20.33 -24.43
C GLY LA 186 -65.09 -19.77 -23.01
N SER LA 187 -65.51 -20.62 -22.08
CA SER LA 187 -65.59 -20.29 -20.65
C SER LA 187 -64.30 -19.71 -20.10
N ALA LA 188 -63.16 -20.26 -20.50
CA ALA LA 188 -61.89 -19.81 -19.93
C ALA LA 188 -61.58 -18.36 -20.31
N GLY LA 189 -62.39 -17.78 -21.18
CA GLY LA 189 -62.22 -16.40 -21.55
C GLY LA 189 -62.73 -15.45 -20.49
N LEU LA 190 -63.44 -15.98 -19.49
CA LEU LA 190 -64.06 -15.10 -18.48
C LEU LA 190 -63.00 -14.27 -17.78
N CYS LA 191 -61.82 -14.83 -17.56
CA CYS LA 191 -60.81 -14.11 -16.81
C CYS LA 191 -60.44 -12.79 -17.49
N PHE LA 192 -60.55 -12.72 -18.81
CA PHE LA 192 -60.28 -11.48 -19.52
C PHE LA 192 -61.32 -10.44 -19.18
N ILE LA 193 -62.54 -10.88 -18.89
CA ILE LA 193 -63.60 -9.91 -18.79
C ILE LA 193 -63.56 -9.18 -17.46
N ASN LA 194 -63.31 -9.88 -16.37
CA ASN LA 194 -63.25 -9.15 -15.12
C ASN LA 194 -61.79 -8.81 -14.80
N GLY LA 195 -60.92 -8.95 -15.79
CA GLY LA 195 -59.54 -8.48 -15.68
C GLY LA 195 -58.74 -9.10 -14.55
N THR LA 196 -59.03 -10.36 -14.25
CA THR LA 196 -58.33 -11.07 -13.20
C THR LA 196 -57.15 -11.82 -13.79
N ARG LA 197 -56.42 -12.55 -12.96
CA ARG LA 197 -55.26 -13.32 -13.37
C ARG LA 197 -55.68 -14.39 -14.38
N CYS LA 198 -55.07 -14.34 -15.56
CA CYS LA 198 -55.37 -15.31 -16.60
C CYS LA 198 -54.36 -16.44 -16.59
N SER LA 199 -54.87 -17.66 -16.57
CA SER LA 199 -54.04 -18.85 -16.44
C SER LA 199 -54.29 -19.78 -17.61
N ASP LA 200 -55.29 -20.62 -17.46
CA ASP LA 200 -55.67 -21.58 -18.48
C ASP LA 200 -56.57 -20.92 -19.54
N THR LA 201 -55.97 -20.08 -20.38
CA THR LA 201 -56.74 -19.36 -21.37
C THR LA 201 -56.64 -19.96 -22.77
N SER LA 202 -56.20 -21.22 -22.88
CA SER LA 202 -55.95 -21.86 -24.18
C SER LA 202 -57.19 -22.03 -25.05
N THR LA 203 -58.32 -22.27 -24.41
CA THR LA 203 -59.59 -22.46 -25.07
C THR LA 203 -60.38 -21.17 -25.21
N ALA LA 204 -59.84 -20.07 -24.71
CA ALA LA 204 -60.61 -18.84 -24.75
C ALA LA 204 -60.89 -18.43 -26.19
N ILE LA 205 -62.18 -18.24 -26.49
CA ILE LA 205 -62.61 -17.72 -27.77
C ILE LA 205 -62.64 -16.20 -27.68
N SER LA 206 -61.44 -15.64 -27.66
CA SER LA 206 -61.23 -14.21 -27.45
C SER LA 206 -60.27 -13.66 -28.48
N THR LA 207 -60.55 -12.47 -28.99
CA THR LA 207 -59.69 -11.94 -30.02
C THR LA 207 -59.54 -10.43 -29.87
N THR LA 208 -58.37 -9.90 -30.30
CA THR LA 208 -58.01 -8.51 -30.07
C THR LA 208 -57.61 -7.77 -31.35
N LEU LA 209 -57.86 -6.47 -31.32
CA LEU LA 209 -57.58 -5.57 -32.43
C LEU LA 209 -56.09 -5.17 -32.56
N ASP LA 210 -55.56 -5.11 -33.78
CA ASP LA 210 -54.21 -4.59 -33.99
C ASP LA 210 -54.22 -3.08 -33.92
N VAL LA 211 -54.21 -2.53 -32.71
CA VAL LA 211 -54.27 -1.10 -32.48
C VAL LA 211 -53.03 -0.48 -33.08
N SER LA 212 -51.99 -1.30 -33.15
CA SER LA 212 -50.68 -0.97 -33.69
C SER LA 212 -50.70 -0.62 -35.16
N LYS LA 213 -51.69 -1.16 -35.87
CA LYS LA 213 -51.69 -1.20 -37.33
C LYS LA 213 -52.87 -0.46 -37.96
N LEU LA 214 -53.61 0.31 -37.15
CA LEU LA 214 -54.77 1.04 -37.66
C LEU LA 214 -54.31 2.17 -38.58
N GLY LA 215 -55.23 2.66 -39.41
CA GLY LA 215 -54.89 3.74 -40.33
C GLY LA 215 -54.28 4.96 -39.68
N LYS LA 216 -54.94 5.49 -38.66
CA LYS LA 216 -54.42 6.59 -37.87
C LYS LA 216 -54.63 6.31 -36.37
N LYS LA 217 -54.26 7.24 -35.49
CA LYS LA 217 -54.41 6.99 -34.05
C LYS LA 217 -55.69 7.52 -33.42
N TRP LA 218 -56.00 8.77 -33.72
CA TRP LA 218 -57.15 9.41 -33.13
C TRP LA 218 -58.27 9.43 -34.14
N TYR LA 219 -59.31 8.66 -33.85
CA TYR LA 219 -60.50 8.58 -34.70
C TYR LA 219 -61.62 9.41 -34.14
N PRO LA 220 -62.45 9.95 -35.02
CA PRO LA 220 -63.66 10.66 -34.59
C PRO LA 220 -64.80 9.74 -34.12
N TYR LA 221 -65.51 10.19 -33.08
CA TYR LA 221 -66.71 9.51 -32.63
C TYR LA 221 -67.72 9.66 -33.74
N LYS LA 222 -68.25 8.55 -34.25
CA LYS LA 222 -69.25 8.56 -35.32
C LYS LA 222 -70.41 7.67 -34.93
N THR LA 223 -71.60 7.92 -35.49
CA THR LA 223 -72.75 7.03 -35.24
C THR LA 223 -72.92 6.03 -36.40
N SER LA 224 -73.84 5.08 -36.23
CA SER LA 224 -74.16 4.19 -37.32
C SER LA 224 -74.69 4.97 -38.50
N ALA LA 225 -75.52 5.95 -38.20
CA ALA LA 225 -76.05 6.89 -39.19
C ALA LA 225 -74.93 7.62 -39.95
N ASP LA 226 -73.95 8.14 -39.20
CA ASP LA 226 -72.82 8.86 -39.80
C ASP LA 226 -72.11 7.94 -40.78
N TYR LA 227 -71.97 6.68 -40.36
CA TYR LA 227 -71.32 5.65 -41.16
C TYR LA 227 -72.05 5.35 -42.47
N ALA LA 228 -73.36 5.10 -42.32
CA ALA LA 228 -74.26 4.76 -43.43
C ALA LA 228 -74.28 5.84 -44.50
N THR LA 229 -74.40 7.09 -44.06
CA THR LA 229 -74.42 8.23 -44.96
C THR LA 229 -73.12 8.31 -45.76
N ALA LA 230 -72.01 8.16 -45.05
CA ALA LA 230 -70.68 8.22 -45.63
C ALA LA 230 -70.52 7.14 -46.69
N VAL LA 231 -70.99 5.93 -46.39
CA VAL LA 231 -70.83 4.81 -47.32
C VAL LA 231 -71.75 4.95 -48.53
N GLY LA 232 -72.88 5.65 -48.35
CA GLY LA 232 -73.82 5.92 -49.42
C GLY LA 232 -73.20 6.76 -50.52
N VAL LA 233 -72.24 7.60 -50.12
CA VAL LA 233 -71.51 8.46 -51.05
C VAL LA 233 -70.35 7.71 -51.73
N ASP LA 234 -69.52 7.06 -50.91
CA ASP LA 234 -68.37 6.24 -51.34
C ASP LA 234 -67.86 5.47 -50.14
N VAL LA 235 -67.74 4.15 -50.27
CA VAL LA 235 -67.35 3.35 -49.11
C VAL LA 235 -66.01 3.78 -48.48
N ASN LA 236 -65.13 4.38 -49.28
CA ASN LA 236 -63.80 4.73 -48.82
C ASN LA 236 -63.76 5.94 -47.89
N ILE LA 237 -64.81 6.75 -47.94
CA ILE LA 237 -64.97 7.88 -47.04
C ILE LA 237 -65.06 7.39 -45.61
N ALA LA 238 -65.49 6.15 -45.46
CA ALA LA 238 -65.72 5.56 -44.15
C ALA LA 238 -64.41 5.24 -43.46
N THR LA 239 -63.37 4.98 -44.25
CA THR LA 239 -62.07 4.55 -43.70
C THR LA 239 -61.43 5.50 -42.68
N PRO LA 240 -61.46 6.82 -42.92
CA PRO LA 240 -60.89 7.59 -41.81
C PRO LA 240 -61.83 7.73 -40.61
N LEU LA 241 -62.99 7.10 -40.62
CA LEU LA 241 -63.96 7.32 -39.55
C LEU LA 241 -64.02 6.17 -38.54
N VAL LA 242 -63.82 4.95 -39.04
CA VAL LA 242 -63.85 3.76 -38.20
C VAL LA 242 -62.60 2.91 -38.42
N PRO LA 243 -61.96 2.48 -37.34
CA PRO LA 243 -60.70 1.70 -37.39
C PRO LA 243 -60.77 0.26 -37.96
N ALA LA 244 -61.83 -0.50 -37.73
CA ALA LA 244 -61.93 -1.87 -38.25
C ALA LA 244 -63.34 -2.34 -38.06
N ARG LA 245 -63.66 -3.51 -38.62
CA ARG LA 245 -64.96 -4.15 -38.36
C ARG LA 245 -64.77 -5.60 -37.86
N LEU LA 246 -65.57 -5.99 -36.89
CA LEU LA 246 -65.50 -7.33 -36.34
C LEU LA 246 -66.43 -8.20 -37.12
N VAL LA 247 -65.91 -9.31 -37.63
CA VAL LA 247 -66.72 -10.24 -38.38
C VAL LA 247 -67.06 -11.47 -37.56
N ILE LA 248 -68.33 -11.86 -37.61
CA ILE LA 248 -68.83 -12.97 -36.82
C ILE LA 248 -69.53 -13.99 -37.69
N ALA LA 249 -69.19 -15.27 -37.55
CA ALA LA 249 -69.90 -16.33 -38.25
C ALA LA 249 -70.48 -17.37 -37.31
N LEU LA 250 -71.73 -17.74 -37.54
CA LEU LA 250 -72.34 -18.83 -36.82
C LEU LA 250 -72.96 -19.84 -37.76
N LEU LA 251 -72.64 -21.12 -37.53
CA LEU LA 251 -73.16 -22.20 -38.34
C LEU LA 251 -73.03 -23.50 -37.57
N ASP LA 252 -73.31 -24.63 -38.24
CA ASP LA 252 -73.15 -25.97 -37.66
C ASP LA 252 -74.17 -26.27 -36.56
N GLY LA 253 -75.22 -25.47 -36.53
CA GLY LA 253 -76.30 -25.66 -35.58
C GLY LA 253 -77.26 -26.77 -36.00
N SER LA 254 -78.19 -27.10 -35.13
CA SER LA 254 -79.07 -28.19 -35.47
C SER LA 254 -80.43 -27.70 -35.95
N SER LA 255 -80.70 -26.41 -35.74
CA SER LA 255 -81.99 -25.86 -36.19
C SER LA 255 -81.86 -24.64 -37.10
N SER LA 256 -82.88 -24.37 -37.91
CA SER LA 256 -82.89 -23.17 -38.73
C SER LA 256 -83.42 -22.04 -37.87
N THR LA 257 -83.98 -22.41 -36.72
CA THR LA 257 -84.42 -21.42 -35.74
C THR LA 257 -83.27 -21.23 -34.77
N ALA LA 258 -82.92 -19.97 -34.48
CA ALA LA 258 -81.76 -19.68 -33.65
C ALA LA 258 -81.91 -20.32 -32.31
N VAL LA 259 -80.89 -21.03 -31.87
CA VAL LA 259 -80.85 -21.59 -30.54
C VAL LA 259 -80.02 -20.64 -29.72
N ALA LA 260 -80.45 -20.30 -28.51
CA ALA LA 260 -79.64 -19.42 -27.68
C ALA LA 260 -78.26 -20.08 -27.45
N ALA LA 261 -77.20 -19.38 -27.86
CA ALA LA 261 -75.85 -19.93 -27.83
C ALA LA 261 -74.92 -19.29 -26.79
N GLY LA 262 -74.69 -17.99 -26.90
CA GLY LA 262 -73.83 -17.30 -25.94
C GLY LA 262 -73.81 -15.78 -26.06
N ARG LA 263 -72.75 -15.15 -25.57
CA ARG LA 263 -72.61 -13.71 -25.63
C ARG LA 263 -71.17 -13.26 -25.93
N ILE LA 264 -71.04 -12.16 -26.66
CA ILE LA 264 -69.74 -11.55 -26.88
C ILE LA 264 -69.61 -10.27 -26.04
N TYR LA 265 -68.60 -10.23 -25.21
CA TYR LA 265 -68.32 -9.08 -24.41
C TYR LA 265 -67.17 -8.35 -25.05
N CYS LA 266 -67.13 -7.04 -24.88
CA CYS LA 266 -66.00 -6.26 -25.34
C CYS LA 266 -65.21 -5.67 -24.18
N THR LA 267 -63.92 -5.94 -24.13
CA THR LA 267 -63.06 -5.35 -23.11
C THR LA 267 -62.07 -4.43 -23.76
N TYR LA 268 -62.20 -3.14 -23.45
CA TYR LA 268 -61.44 -2.14 -24.16
C TYR LA 268 -60.74 -1.24 -23.19
N THR LA 269 -59.63 -0.67 -23.66
CA THR LA 269 -58.99 0.47 -23.02
C THR LA 269 -58.99 1.57 -24.07
N ILE LA 270 -59.73 2.63 -23.78
CA ILE LA 270 -59.93 3.71 -24.73
C ILE LA 270 -59.41 5.02 -24.15
N GLN LA 271 -58.74 5.81 -25.00
CA GLN LA 271 -58.34 7.16 -24.65
C GLN LA 271 -59.35 8.14 -25.22
N MET LA 272 -59.98 8.92 -24.36
CA MET LA 272 -60.98 9.87 -24.84
C MET LA 272 -60.49 11.27 -24.65
N ILE LA 273 -60.51 12.05 -25.73
CA ILE LA 273 -59.97 13.43 -25.72
C ILE LA 273 -60.92 14.43 -26.34
N GLU LA 274 -60.71 15.71 -26.02
CA GLU LA 274 -61.45 16.84 -26.63
C GLU LA 274 -62.95 16.78 -26.40
N PRO LA 275 -63.41 17.13 -25.19
CA PRO LA 275 -64.85 17.10 -24.87
C PRO LA 275 -65.71 17.85 -25.86
N THR LA 276 -66.99 17.53 -25.85
CA THR LA 276 -67.96 18.15 -26.74
C THR LA 276 -69.25 18.22 -26.00
N ALA LA 277 -70.00 19.28 -26.24
CA ALA LA 277 -71.33 19.43 -25.64
C ALA LA 277 -72.37 19.47 -26.73
N GLY MA 86 -31.78 -11.28 -48.95
CA GLY MA 86 -31.26 -12.38 -49.75
C GLY MA 86 -32.26 -12.95 -50.75
N GLY MA 87 -33.43 -12.33 -50.86
CA GLY MA 87 -34.43 -12.79 -51.81
C GLY MA 87 -35.61 -13.51 -51.17
N ILE MA 88 -35.50 -13.74 -49.86
CA ILE MA 88 -36.49 -14.49 -49.10
C ILE MA 88 -37.65 -13.69 -48.54
N THR MA 89 -38.87 -14.00 -48.97
CA THR MA 89 -40.04 -13.42 -48.32
C THR MA 89 -40.61 -14.39 -47.29
N VAL MA 90 -40.50 -14.04 -46.01
CA VAL MA 90 -40.98 -14.91 -44.95
C VAL MA 90 -42.37 -14.53 -44.55
N LEU MA 91 -43.24 -15.53 -44.48
CA LEU MA 91 -44.65 -15.36 -44.21
C LEU MA 91 -45.18 -16.32 -43.13
N THR MA 92 -45.95 -15.78 -42.19
CA THR MA 92 -46.63 -16.60 -41.17
C THR MA 92 -48.14 -16.36 -41.09
N HIS MA 93 -48.88 -17.46 -41.16
CA HIS MA 93 -50.33 -17.38 -41.30
C HIS MA 93 -51.04 -18.66 -40.85
N SER MA 94 -52.30 -18.49 -40.49
CA SER MA 94 -53.20 -19.60 -40.22
C SER MA 94 -54.34 -19.53 -41.19
N GLU MA 95 -54.75 -20.69 -41.72
CA GLU MA 95 -55.96 -20.76 -42.54
C GLU MA 95 -56.63 -22.11 -42.47
N LEU MA 96 -57.89 -22.16 -42.88
CA LEU MA 96 -58.66 -23.39 -42.94
C LEU MA 96 -58.03 -24.37 -43.93
N SER MA 97 -57.88 -25.62 -43.55
CA SER MA 97 -57.23 -26.58 -44.44
C SER MA 97 -58.12 -27.80 -44.77
N ALA MA 98 -59.10 -28.09 -43.93
CA ALA MA 98 -59.95 -29.25 -44.17
C ALA MA 98 -61.21 -29.16 -43.28
N GLU MA 99 -62.37 -29.54 -43.84
CA GLU MA 99 -63.61 -29.58 -43.08
C GLU MA 99 -63.74 -31.05 -42.74
N ILE MA 100 -64.20 -31.38 -41.54
CA ILE MA 100 -64.14 -32.76 -41.09
C ILE MA 100 -65.49 -33.37 -40.64
N GLY MA 101 -65.79 -34.56 -41.13
CA GLY MA 101 -67.00 -35.23 -40.70
C GLY MA 101 -66.74 -36.67 -40.28
N VAL MA 102 -67.55 -37.15 -39.35
CA VAL MA 102 -67.29 -38.46 -38.82
C VAL MA 102 -68.44 -39.45 -39.09
N THR MA 103 -68.07 -40.69 -39.41
CA THR MA 103 -68.99 -41.83 -39.59
C THR MA 103 -68.59 -43.01 -38.70
N ASP MA 104 -69.36 -44.08 -38.77
CA ASP MA 104 -69.16 -45.22 -37.88
C ASP MA 104 -68.17 -46.22 -38.44
N SER MA 105 -67.64 -45.92 -39.61
CA SER MA 105 -66.61 -46.78 -40.17
C SER MA 105 -65.39 -45.94 -40.51
N ILE MA 106 -64.21 -46.54 -40.43
CA ILE MA 106 -63.00 -45.76 -40.66
C ILE MA 106 -62.91 -45.16 -42.07
N VAL MA 107 -62.62 -43.87 -42.15
CA VAL MA 107 -62.40 -43.19 -43.41
C VAL MA 107 -61.05 -42.44 -43.37
N VAL MA 108 -60.12 -42.86 -44.21
CA VAL MA 108 -58.77 -42.28 -44.19
C VAL MA 108 -58.53 -41.39 -45.39
N SER MA 109 -58.29 -40.13 -45.14
CA SER MA 109 -57.97 -39.21 -46.21
C SER MA 109 -56.59 -38.64 -45.93
N SER MA 110 -56.03 -37.91 -46.86
CA SER MA 110 -54.72 -37.38 -46.61
C SER MA 110 -54.51 -36.07 -47.33
N GLU MA 111 -53.50 -35.31 -46.93
CA GLU MA 111 -53.25 -34.03 -47.55
C GLU MA 111 -51.77 -33.79 -47.75
N LEU MA 112 -51.39 -33.38 -48.96
CA LEU MA 112 -49.99 -33.08 -49.24
C LEU MA 112 -49.57 -31.83 -48.49
N VAL MA 113 -48.45 -31.92 -47.77
CA VAL MA 113 -47.97 -30.77 -47.01
C VAL MA 113 -47.16 -29.90 -47.95
N MET MA 114 -47.86 -29.24 -48.88
CA MET MA 114 -47.24 -28.33 -49.84
C MET MA 114 -48.22 -27.18 -50.14
N PRO MA 115 -47.69 -25.97 -50.46
CA PRO MA 115 -48.51 -24.74 -50.53
C PRO MA 115 -49.81 -24.87 -51.28
N TYR MA 116 -49.80 -25.49 -52.44
CA TYR MA 116 -51.00 -25.62 -53.26
C TYR MA 116 -52.18 -26.31 -52.55
N THR MA 117 -51.88 -27.23 -51.63
CA THR MA 117 -52.90 -28.09 -51.02
C THR MA 117 -53.12 -27.80 -49.54
N VAL MA 118 -52.43 -26.79 -49.01
CA VAL MA 118 -52.61 -26.47 -47.60
C VAL MA 118 -53.86 -25.58 -47.42
N GLY MA 119 -54.14 -24.74 -48.40
CA GLY MA 119 -55.24 -23.81 -48.30
C GLY MA 119 -55.38 -22.96 -49.54
N THR MA 120 -56.56 -22.44 -49.79
CA THR MA 120 -56.77 -21.70 -51.01
C THR MA 120 -55.99 -20.42 -51.00
N TRP MA 121 -55.90 -19.78 -49.83
CA TRP MA 121 -55.19 -18.49 -49.73
C TRP MA 121 -53.72 -18.64 -49.99
N LEU MA 122 -53.07 -19.52 -49.24
CA LEU MA 122 -51.64 -19.78 -49.43
C LEU MA 122 -51.36 -20.24 -50.83
N ARG MA 123 -52.29 -21.02 -51.39
CA ARG MA 123 -52.16 -21.51 -52.75
C ARG MA 123 -51.97 -20.38 -53.74
N GLY MA 124 -52.82 -19.37 -53.62
CA GLY MA 124 -52.76 -18.23 -54.48
C GLY MA 124 -51.51 -17.40 -54.23
N VAL MA 125 -51.18 -17.17 -52.95
CA VAL MA 125 -50.01 -16.38 -52.55
C VAL MA 125 -48.70 -17.00 -52.98
N ALA MA 126 -48.46 -18.22 -52.55
CA ALA MA 126 -47.15 -18.84 -52.74
C ALA MA 126 -46.89 -19.20 -54.21
N ALA MA 127 -47.94 -19.18 -55.03
CA ALA MA 127 -47.85 -19.46 -56.47
C ALA MA 127 -47.01 -18.42 -57.20
N ASN MA 128 -46.89 -17.22 -56.63
CA ASN MA 128 -46.10 -16.17 -57.25
C ASN MA 128 -44.61 -16.37 -57.11
N TRP MA 129 -44.23 -17.41 -56.36
CA TRP MA 129 -42.83 -17.77 -56.16
C TRP MA 129 -42.61 -19.19 -56.69
N SER MA 130 -41.37 -19.48 -57.09
CA SER MA 130 -41.05 -20.75 -57.75
C SER MA 130 -40.66 -21.82 -56.76
N LYS MA 131 -40.01 -21.40 -55.67
CA LYS MA 131 -39.58 -22.33 -54.64
C LYS MA 131 -40.03 -21.83 -53.29
N TYR MA 132 -40.05 -22.74 -52.31
CA TYR MA 132 -40.39 -22.40 -50.93
C TYR MA 132 -39.62 -23.24 -49.92
N SER MA 133 -39.72 -22.87 -48.64
CA SER MA 133 -39.19 -23.70 -47.57
C SER MA 133 -40.09 -23.61 -46.35
N TRP MA 134 -40.47 -24.76 -45.78
CA TRP MA 134 -41.22 -24.77 -44.52
C TRP MA 134 -40.26 -24.51 -43.34
N LEU MA 135 -40.56 -23.47 -42.56
CA LEU MA 135 -39.82 -23.27 -41.32
C LEU MA 135 -40.61 -23.92 -40.19
N SER MA 136 -41.94 -23.91 -40.37
CA SER MA 136 -42.84 -24.57 -39.44
C SER MA 136 -44.18 -24.85 -40.12
N VAL MA 137 -44.73 -26.05 -39.90
CA VAL MA 137 -46.06 -26.39 -40.35
C VAL MA 137 -46.81 -27.12 -39.25
N ARG MA 138 -47.94 -26.58 -38.83
CA ARG MA 138 -48.76 -27.21 -37.79
C ARG MA 138 -50.20 -27.32 -38.22
N TYR MA 139 -50.73 -28.55 -38.11
CA TYR MA 139 -52.13 -28.83 -38.40
C TYR MA 139 -52.87 -29.01 -37.09
N THR MA 140 -53.93 -28.24 -36.91
CA THR MA 140 -54.67 -28.22 -35.64
C THR MA 140 -56.11 -28.54 -35.84
N TYR MA 141 -56.61 -29.54 -35.12
CA TYR MA 141 -58.05 -29.86 -35.19
C TYR MA 141 -58.79 -29.04 -34.14
N ILE MA 142 -59.80 -28.31 -34.61
CA ILE MA 142 -60.70 -27.54 -33.75
C ILE MA 142 -62.12 -28.03 -33.95
N PRO MA 143 -62.77 -28.47 -32.86
CA PRO MA 143 -64.14 -29.03 -32.94
C PRO MA 143 -65.30 -28.06 -33.14
N SER MA 144 -66.41 -28.56 -33.66
CA SER MA 144 -67.63 -27.74 -33.80
C SER MA 144 -68.89 -28.53 -33.45
N CYS MA 145 -68.73 -29.65 -32.74
CA CYS MA 145 -69.87 -30.54 -32.44
C CYS MA 145 -70.18 -30.65 -30.93
N PRO MA 146 -71.35 -31.18 -30.58
CA PRO MA 146 -71.63 -31.35 -29.16
C PRO MA 146 -70.72 -32.29 -28.43
N SER MA 147 -70.66 -32.18 -27.11
CA SER MA 147 -69.85 -33.08 -26.30
C SER MA 147 -70.39 -34.48 -26.35
N SER MA 148 -71.58 -34.62 -26.94
CA SER MA 148 -72.24 -35.92 -26.99
C SER MA 148 -72.03 -36.61 -28.33
N THR MA 149 -71.21 -36.01 -29.19
CA THR MA 149 -70.93 -36.57 -30.50
C THR MA 149 -69.96 -37.71 -30.40
N ALA MA 150 -70.35 -38.87 -30.91
CA ALA MA 150 -69.43 -39.99 -30.96
C ALA MA 150 -68.44 -39.78 -32.12
N GLY MA 151 -67.22 -40.26 -31.91
CA GLY MA 151 -66.17 -40.15 -32.92
C GLY MA 151 -64.81 -39.78 -32.37
N SER MA 152 -63.78 -40.15 -33.11
CA SER MA 152 -62.42 -39.76 -32.77
C SER MA 152 -61.70 -39.36 -34.04
N ILE MA 153 -60.68 -38.51 -33.89
CA ILE MA 153 -59.88 -38.11 -35.02
C ILE MA 153 -58.42 -38.55 -34.79
N HIS MA 154 -57.75 -38.94 -35.86
CA HIS MA 154 -56.35 -39.36 -35.82
C HIS MA 154 -55.56 -38.69 -36.96
N MET MA 155 -54.38 -38.17 -36.64
CA MET MA 155 -53.52 -37.50 -37.62
C MET MA 155 -52.09 -37.93 -37.44
N GLY MA 156 -51.38 -38.00 -38.56
CA GLY MA 156 -49.96 -38.28 -38.56
C GLY MA 156 -49.34 -37.91 -39.90
N PHE MA 157 -48.01 -37.90 -39.93
CA PHE MA 157 -47.27 -37.56 -41.13
C PHE MA 157 -46.58 -38.74 -41.78
N GLN MA 158 -46.66 -38.79 -43.10
CA GLN MA 158 -45.79 -39.66 -43.88
C GLN MA 158 -44.81 -38.79 -44.62
N TYR MA 159 -43.56 -39.21 -44.65
CA TYR MA 159 -42.52 -38.36 -45.22
C TYR MA 159 -41.93 -38.97 -46.51
N ASP MA 160 -42.52 -40.08 -46.96
CA ASP MA 160 -42.15 -40.74 -48.23
C ASP MA 160 -43.37 -40.92 -49.09
N MET MA 161 -43.36 -40.34 -50.28
CA MET MA 161 -44.58 -40.39 -51.08
C MET MA 161 -44.97 -41.80 -51.44
N ALA MA 162 -43.99 -42.70 -51.49
CA ALA MA 162 -44.23 -44.09 -51.85
C ALA MA 162 -44.82 -44.88 -50.70
N ASP MA 163 -44.72 -44.33 -49.48
CA ASP MA 163 -45.34 -44.97 -48.31
C ASP MA 163 -46.79 -45.18 -48.62
N THR MA 164 -47.30 -46.35 -48.29
CA THR MA 164 -48.72 -46.62 -48.48
C THR MA 164 -49.58 -45.93 -47.41
N VAL MA 165 -50.71 -45.36 -47.81
CA VAL MA 165 -51.57 -44.71 -46.83
C VAL MA 165 -52.14 -45.73 -45.85
N PRO MA 166 -52.10 -45.39 -44.55
CA PRO MA 166 -52.57 -46.30 -43.51
C PRO MA 166 -54.03 -46.71 -43.66
N VAL MA 167 -54.37 -47.85 -43.10
CA VAL MA 167 -55.73 -48.37 -43.17
C VAL MA 167 -56.32 -48.61 -41.78
N SER MA 168 -55.48 -48.58 -40.75
CA SER MA 168 -55.99 -48.77 -39.40
C SER MA 168 -55.41 -47.75 -38.43
N VAL MA 169 -56.13 -47.48 -37.34
CA VAL MA 169 -55.61 -46.62 -36.29
C VAL MA 169 -54.28 -47.21 -35.77
N ASN MA 170 -54.20 -48.53 -35.72
CA ASN MA 170 -52.96 -49.22 -35.32
C ASN MA 170 -51.75 -48.82 -36.13
N GLN MA 171 -51.91 -48.86 -37.46
CA GLN MA 171 -50.85 -48.44 -38.36
C GLN MA 171 -50.46 -47.01 -38.10
N LEU MA 172 -51.50 -46.17 -38.11
CA LEU MA 172 -51.39 -44.74 -37.97
C LEU MA 172 -50.71 -44.31 -36.68
N SER MA 173 -51.02 -45.02 -35.62
CA SER MA 173 -50.53 -44.64 -34.31
C SER MA 173 -49.01 -44.61 -34.23
N ASN MA 174 -48.35 -45.26 -35.19
CA ASN MA 174 -46.89 -45.33 -35.21
C ASN MA 174 -46.24 -44.15 -35.91
N LEU MA 175 -47.04 -43.36 -36.64
CA LEU MA 175 -46.48 -42.24 -37.37
C LEU MA 175 -45.95 -41.11 -36.48
N ARG MA 176 -44.85 -40.48 -36.91
CA ARG MA 176 -44.33 -39.25 -36.32
C ARG MA 176 -45.42 -38.22 -36.25
N GLY MA 177 -45.60 -37.65 -35.06
CA GLY MA 177 -46.56 -36.57 -34.93
C GLY MA 177 -47.99 -37.10 -34.86
N TYR MA 178 -48.15 -38.39 -34.57
CA TYR MA 178 -49.47 -38.94 -34.39
C TYR MA 178 -50.13 -38.25 -33.20
N VAL MA 179 -51.34 -37.77 -33.41
CA VAL MA 179 -52.12 -37.20 -32.34
C VAL MA 179 -53.48 -37.80 -32.51
N SER MA 180 -54.28 -37.80 -31.45
CA SER MA 180 -55.56 -38.49 -31.47
C SER MA 180 -56.49 -37.94 -30.41
N GLY MA 181 -57.77 -37.87 -30.72
CA GLY MA 181 -58.71 -37.45 -29.69
C GLY MA 181 -60.17 -37.61 -30.08
N GLN MA 182 -61.05 -37.46 -29.09
CA GLN MA 182 -62.48 -37.42 -29.34
C GLN MA 182 -62.74 -36.29 -30.31
N VAL MA 183 -63.70 -36.52 -31.16
CA VAL MA 183 -64.00 -35.62 -32.24
C VAL MA 183 -64.59 -34.29 -31.72
N TRP MA 184 -64.94 -34.24 -30.44
CA TRP MA 184 -65.45 -33.02 -29.80
C TRP MA 184 -64.43 -32.40 -28.85
N SER MA 185 -63.26 -33.03 -28.78
CA SER MA 185 -62.16 -32.52 -28.00
C SER MA 185 -61.31 -31.65 -28.92
N GLY MA 186 -60.30 -31.00 -28.37
CA GLY MA 186 -59.31 -30.31 -29.18
C GLY MA 186 -59.34 -28.79 -29.06
N SER MA 187 -60.34 -28.26 -28.36
CA SER MA 187 -60.53 -26.82 -28.22
C SER MA 187 -59.28 -26.09 -27.78
N ALA MA 188 -58.48 -26.72 -26.92
CA ALA MA 188 -57.31 -26.03 -26.38
C ALA MA 188 -56.24 -25.77 -27.44
N GLY MA 189 -56.39 -26.31 -28.64
CA GLY MA 189 -55.44 -26.06 -29.68
C GLY MA 189 -55.61 -24.69 -30.33
N LEU MA 190 -56.69 -23.99 -30.00
CA LEU MA 190 -57.00 -22.71 -30.62
C LEU MA 190 -55.87 -21.68 -30.44
N CYS MA 191 -55.20 -21.73 -29.30
CA CYS MA 191 -54.13 -20.77 -29.01
C CYS MA 191 -52.93 -20.82 -30.00
N PHE MA 192 -52.68 -21.99 -30.58
CA PHE MA 192 -51.68 -22.13 -31.65
C PHE MA 192 -52.12 -21.36 -32.90
N ILE MA 193 -53.43 -21.24 -33.11
CA ILE MA 193 -53.90 -20.71 -34.38
C ILE MA 193 -53.81 -19.19 -34.46
N ASN MA 194 -54.13 -18.44 -33.42
CA ASN MA 194 -53.93 -17.00 -33.54
C ASN MA 194 -52.60 -16.63 -32.87
N GLY MA 195 -51.82 -17.65 -32.53
CA GLY MA 195 -50.49 -17.50 -31.97
C GLY MA 195 -50.42 -16.77 -30.65
N THR MA 196 -51.42 -16.96 -29.80
CA THR MA 196 -51.45 -16.27 -28.52
C THR MA 196 -50.75 -17.11 -27.46
N ARG MA 197 -50.73 -16.64 -26.21
CA ARG MA 197 -50.08 -17.38 -25.11
C ARG MA 197 -50.71 -18.76 -24.90
N CYS MA 198 -49.89 -19.77 -25.08
CA CYS MA 198 -50.34 -21.13 -24.92
C CYS MA 198 -49.92 -21.67 -23.56
N SER MA 199 -50.87 -22.21 -22.81
CA SER MA 199 -50.57 -22.72 -21.48
C SER MA 199 -51.03 -24.17 -21.35
N ASP MA 200 -52.32 -24.35 -21.05
CA ASP MA 200 -52.91 -25.68 -20.86
C ASP MA 200 -53.26 -26.32 -22.19
N THR MA 201 -52.25 -26.70 -22.97
CA THR MA 201 -52.53 -27.25 -24.28
C THR MA 201 -52.35 -28.75 -24.39
N SER MA 202 -52.29 -29.45 -23.27
CA SER MA 202 -52.03 -30.89 -23.32
C SER MA 202 -53.15 -31.64 -24.08
N THR MA 203 -54.34 -31.03 -24.14
CA THR MA 203 -55.49 -31.64 -24.81
C THR MA 203 -55.63 -31.32 -26.30
N ALA MA 204 -54.76 -30.48 -26.82
CA ALA MA 204 -54.86 -30.08 -28.21
C ALA MA 204 -54.61 -31.22 -29.19
N ILE MA 205 -55.53 -31.40 -30.12
CA ILE MA 205 -55.31 -32.35 -31.20
C ILE MA 205 -54.58 -31.61 -32.34
N SER MA 206 -53.31 -31.28 -32.09
CA SER MA 206 -52.50 -30.47 -33.00
C SER MA 206 -51.13 -31.09 -33.18
N THR MA 207 -50.60 -31.00 -34.39
CA THR MA 207 -49.34 -31.67 -34.69
C THR MA 207 -48.47 -30.90 -35.65
N THR MA 208 -47.16 -31.12 -35.59
CA THR MA 208 -46.21 -30.32 -36.38
C THR MA 208 -45.29 -31.16 -37.26
N LEU MA 209 -44.92 -30.58 -38.38
CA LEU MA 209 -44.06 -31.18 -39.38
C LEU MA 209 -42.57 -31.16 -38.96
N ASP MA 210 -41.84 -32.24 -39.17
CA ASP MA 210 -40.41 -32.19 -38.88
C ASP MA 210 -39.64 -31.52 -40.00
N VAL MA 211 -39.59 -30.19 -40.00
CA VAL MA 211 -38.92 -29.45 -41.08
C VAL MA 211 -37.43 -29.80 -41.08
N SER MA 212 -36.93 -30.12 -39.90
CA SER MA 212 -35.55 -30.50 -39.67
C SER MA 212 -35.11 -31.77 -40.40
N LYS MA 213 -36.07 -32.58 -40.80
CA LYS MA 213 -35.78 -33.92 -41.31
C LYS MA 213 -36.24 -34.14 -42.76
N LEU MA 214 -36.63 -33.07 -43.45
CA LEU MA 214 -37.13 -33.22 -44.81
C LEU MA 214 -36.01 -33.63 -45.75
N GLY MA 215 -36.36 -34.17 -46.90
CA GLY MA 215 -35.39 -34.56 -47.90
C GLY MA 215 -34.49 -33.39 -48.25
N LYS MA 216 -35.12 -32.27 -48.61
CA LYS MA 216 -34.38 -31.06 -48.88
C LYS MA 216 -34.97 -29.83 -48.21
N LYS MA 217 -34.39 -28.68 -48.47
CA LYS MA 217 -34.90 -27.46 -47.86
C LYS MA 217 -35.82 -26.68 -48.79
N TRP MA 218 -35.38 -26.49 -50.02
CA TRP MA 218 -36.12 -25.68 -50.95
C TRP MA 218 -36.88 -26.60 -51.93
N TYR MA 219 -38.21 -26.55 -51.87
CA TYR MA 219 -39.07 -27.34 -52.74
C TYR MA 219 -39.66 -26.44 -53.82
N PRO MA 220 -39.88 -26.98 -55.01
CA PRO MA 220 -40.58 -26.23 -56.05
C PRO MA 220 -42.09 -26.18 -55.77
N TYR MA 221 -42.74 -25.07 -56.11
CA TYR MA 221 -44.19 -25.00 -56.02
C TYR MA 221 -44.72 -25.96 -57.06
N LYS MA 222 -45.55 -26.91 -56.63
CA LYS MA 222 -46.14 -27.85 -57.56
C LYS MA 222 -47.64 -27.93 -57.30
N THR MA 223 -48.42 -28.24 -58.34
CA THR MA 223 -49.85 -28.42 -58.20
C THR MA 223 -50.18 -29.90 -58.03
N SER MA 224 -51.43 -30.22 -57.70
CA SER MA 224 -51.89 -31.61 -57.64
C SER MA 224 -51.74 -32.28 -59.01
N ALA MA 225 -52.01 -31.51 -60.05
CA ALA MA 225 -51.85 -31.96 -61.42
C ALA MA 225 -50.42 -32.46 -61.68
N ASP MA 226 -49.45 -31.62 -61.32
CA ASP MA 226 -48.03 -31.96 -61.45
C ASP MA 226 -47.72 -33.19 -60.61
N TYR MA 227 -48.30 -33.23 -59.42
CA TYR MA 227 -48.10 -34.35 -58.52
C TYR MA 227 -48.57 -35.62 -59.18
N ALA MA 228 -49.79 -35.55 -59.70
CA ALA MA 228 -50.45 -36.68 -60.34
C ALA MA 228 -49.64 -37.27 -61.49
N THR MA 229 -49.17 -36.38 -62.36
CA THR MA 229 -48.39 -36.78 -63.52
C THR MA 229 -47.14 -37.51 -63.11
N ALA MA 230 -46.41 -36.97 -62.14
CA ALA MA 230 -45.18 -37.59 -61.66
C ALA MA 230 -45.43 -38.97 -61.07
N VAL MA 231 -46.51 -39.12 -60.30
CA VAL MA 231 -46.84 -40.41 -59.67
C VAL MA 231 -47.31 -41.40 -60.74
N GLY MA 232 -47.84 -40.85 -61.84
CA GLY MA 232 -48.21 -41.66 -62.99
C GLY MA 232 -46.99 -42.27 -63.66
N VAL MA 233 -45.89 -41.53 -63.68
CA VAL MA 233 -44.63 -41.99 -64.27
C VAL MA 233 -43.86 -42.88 -63.31
N ASP MA 234 -43.69 -42.41 -62.07
CA ASP MA 234 -43.03 -43.17 -61.00
C ASP MA 234 -43.25 -42.45 -59.67
N VAL MA 235 -43.77 -43.15 -58.66
CA VAL MA 235 -44.08 -42.51 -57.38
C VAL MA 235 -42.86 -41.82 -56.74
N ASN MA 236 -41.67 -42.31 -57.06
CA ASN MA 236 -40.45 -41.82 -56.45
C ASN MA 236 -40.04 -40.46 -56.98
N ILE MA 237 -40.55 -40.12 -58.16
CA ILE MA 237 -40.34 -38.78 -58.73
C ILE MA 237 -41.05 -37.73 -57.87
N ALA MA 238 -42.08 -38.19 -57.15
CA ALA MA 238 -42.88 -37.29 -56.34
C ALA MA 238 -42.11 -36.83 -55.11
N THR MA 239 -41.18 -37.66 -54.62
CA THR MA 239 -40.46 -37.32 -53.40
C THR MA 239 -39.72 -35.99 -53.43
N PRO MA 240 -39.05 -35.65 -54.55
CA PRO MA 240 -38.50 -34.29 -54.56
C PRO MA 240 -39.50 -33.17 -54.88
N LEU MA 241 -40.78 -33.49 -55.04
CA LEU MA 241 -41.73 -32.45 -55.39
C LEU MA 241 -42.50 -32.01 -54.16
N VAL MA 242 -42.76 -32.95 -53.25
CA VAL MA 242 -43.53 -32.62 -52.07
C VAL MA 242 -42.79 -33.04 -50.82
N PRO MA 243 -42.75 -32.15 -49.83
CA PRO MA 243 -42.02 -32.43 -48.58
C PRO MA 243 -42.64 -33.51 -47.67
N ALA MA 244 -43.96 -33.60 -47.61
CA ALA MA 244 -44.59 -34.58 -46.74
C ALA MA 244 -46.06 -34.76 -47.05
N ARG MA 245 -46.65 -35.76 -46.40
CA ARG MA 245 -48.07 -36.01 -46.50
C ARG MA 245 -48.67 -36.09 -45.11
N LEU MA 246 -49.80 -35.39 -44.91
CA LEU MA 246 -50.57 -35.49 -43.67
C LEU MA 246 -51.63 -36.55 -43.88
N VAL MA 247 -51.71 -37.53 -42.98
CA VAL MA 247 -52.71 -38.58 -43.05
C VAL MA 247 -53.76 -38.39 -41.95
N ILE MA 248 -55.02 -38.58 -42.31
CA ILE MA 248 -56.13 -38.34 -41.41
C ILE MA 248 -57.04 -39.56 -41.27
N ALA MA 249 -57.34 -39.94 -40.04
CA ALA MA 249 -58.31 -41.00 -39.88
C ALA MA 249 -59.48 -40.50 -39.04
N LEU MA 250 -60.70 -40.83 -39.48
CA LEU MA 250 -61.90 -40.58 -38.68
C LEU MA 250 -62.76 -41.81 -38.55
N LEU MA 251 -63.19 -42.09 -37.32
CA LEU MA 251 -64.00 -43.27 -37.09
C LEU MA 251 -64.78 -43.16 -35.77
N ASP MA 252 -65.39 -44.25 -35.34
CA ASP MA 252 -66.05 -44.31 -34.03
C ASP MA 252 -67.30 -43.43 -33.90
N GLY MA 253 -67.87 -43.01 -35.03
CA GLY MA 253 -69.10 -42.23 -35.04
C GLY MA 253 -70.40 -43.02 -34.90
N SER MA 254 -71.53 -42.33 -34.72
CA SER MA 254 -72.81 -43.02 -34.50
C SER MA 254 -73.71 -42.95 -35.74
N SER MA 255 -73.22 -42.30 -36.80
CA SER MA 255 -73.98 -42.12 -38.04
C SER MA 255 -73.29 -42.83 -39.20
N SER MA 256 -74.02 -43.30 -40.21
CA SER MA 256 -73.36 -43.91 -41.36
C SER MA 256 -73.00 -42.89 -42.44
N THR MA 257 -73.71 -41.77 -42.43
CA THR MA 257 -73.41 -40.60 -43.28
C THR MA 257 -72.64 -39.58 -42.43
N ALA MA 258 -71.68 -38.87 -43.02
CA ALA MA 258 -70.82 -37.97 -42.24
C ALA MA 258 -71.53 -36.87 -41.41
N VAL MA 259 -71.19 -36.81 -40.13
CA VAL MA 259 -71.69 -35.75 -39.25
C VAL MA 259 -70.64 -34.64 -39.11
N ALA MA 260 -71.09 -33.39 -39.20
CA ALA MA 260 -70.15 -32.27 -39.10
C ALA MA 260 -69.47 -32.34 -37.76
N ALA MA 261 -68.15 -32.50 -37.80
CA ALA MA 261 -67.33 -32.73 -36.63
C ALA MA 261 -66.46 -31.53 -36.28
N GLY MA 262 -65.57 -31.15 -37.17
CA GLY MA 262 -64.71 -30.01 -36.94
C GLY MA 262 -63.94 -29.58 -38.17
N ARG MA 263 -62.84 -28.87 -37.95
CA ARG MA 263 -62.03 -28.37 -39.04
C ARG MA 263 -60.55 -28.48 -38.70
N ILE MA 264 -59.73 -28.70 -39.72
CA ILE MA 264 -58.28 -28.68 -39.50
C ILE MA 264 -57.74 -27.36 -40.04
N TYR MA 265 -57.05 -26.61 -39.20
CA TYR MA 265 -56.40 -25.38 -39.65
C TYR MA 265 -54.92 -25.62 -39.80
N CYS MA 266 -54.31 -24.91 -40.75
CA CYS MA 266 -52.88 -25.00 -40.89
C CYS MA 266 -52.27 -23.66 -40.54
N THR MA 267 -51.31 -23.71 -39.62
CA THR MA 267 -50.53 -22.56 -39.16
C THR MA 267 -49.10 -22.79 -39.63
N TYR MA 268 -48.62 -21.94 -40.51
CA TYR MA 268 -47.32 -22.18 -41.12
C TYR MA 268 -46.41 -20.96 -41.13
N THR MA 269 -45.11 -21.22 -41.12
CA THR MA 269 -44.18 -20.17 -41.45
C THR MA 269 -43.43 -20.68 -42.66
N ILE MA 270 -43.61 -19.98 -43.78
CA ILE MA 270 -43.04 -20.41 -45.04
C ILE MA 270 -42.04 -19.39 -45.52
N GLN MA 271 -40.92 -19.87 -46.07
CA GLN MA 271 -39.99 -19.02 -46.79
C GLN MA 271 -40.24 -19.13 -48.27
N MET MA 272 -40.58 -18.01 -48.90
CA MET MA 272 -40.86 -18.01 -50.33
C MET MA 272 -39.77 -17.25 -51.10
N ILE MA 273 -39.20 -17.88 -52.12
CA ILE MA 273 -38.11 -17.26 -52.87
C ILE MA 273 -38.30 -17.37 -54.36
N GLU MA 274 -37.54 -16.55 -55.09
CA GLU MA 274 -37.42 -16.61 -56.56
C GLU MA 274 -38.73 -16.45 -57.31
N PRO MA 275 -39.21 -15.19 -57.43
CA PRO MA 275 -40.47 -14.82 -58.09
C PRO MA 275 -40.63 -15.34 -59.49
N THR MA 276 -41.89 -15.38 -59.92
CA THR MA 276 -42.27 -15.89 -61.24
C THR MA 276 -43.47 -15.16 -61.79
N ALA MA 277 -43.53 -15.06 -63.11
CA ALA MA 277 -44.63 -14.36 -63.75
C ALA MA 277 -45.55 -15.28 -64.58
N GLY NA 86 -20.51 -49.15 -27.73
CA GLY NA 86 -21.21 -49.54 -26.52
C GLY NA 86 -22.11 -50.75 -26.74
N GLY NA 87 -22.96 -50.67 -27.77
CA GLY NA 87 -23.85 -51.75 -28.16
C GLY NA 87 -25.34 -51.56 -27.87
N ILE NA 88 -25.67 -50.51 -27.11
CA ILE NA 88 -27.05 -50.23 -26.75
C ILE NA 88 -27.75 -49.33 -27.76
N THR NA 89 -28.81 -49.85 -28.36
CA THR NA 89 -29.69 -49.04 -29.19
C THR NA 89 -30.90 -48.53 -28.41
N VAL NA 90 -30.99 -47.22 -28.26
CA VAL NA 90 -32.07 -46.63 -27.52
C VAL NA 90 -33.21 -46.21 -28.45
N LEU NA 91 -34.41 -46.61 -28.10
CA LEU NA 91 -35.60 -46.37 -28.90
C LEU NA 91 -36.70 -45.71 -28.08
N THR NA 92 -37.26 -44.64 -28.61
CA THR NA 92 -38.41 -44.01 -27.99
C THR NA 92 -39.54 -43.97 -29.03
N HIS NA 93 -40.73 -44.45 -28.65
CA HIS NA 93 -41.81 -44.60 -29.62
C HIS NA 93 -43.14 -44.63 -28.87
N SER NA 94 -44.21 -44.28 -29.58
CA SER NA 94 -45.58 -44.43 -29.09
C SER NA 94 -46.35 -45.29 -30.07
N GLU NA 95 -47.18 -46.21 -29.57
CA GLU NA 95 -48.08 -46.90 -30.48
C GLU NA 95 -49.33 -47.42 -29.76
N LEU NA 96 -50.35 -47.79 -30.53
CA LEU NA 96 -51.54 -48.40 -29.97
C LEU NA 96 -51.22 -49.73 -29.31
N SER NA 97 -51.75 -49.92 -28.10
CA SER NA 97 -51.47 -51.13 -27.34
C SER NA 97 -52.70 -51.94 -27.02
N ALA NA 98 -53.87 -51.33 -27.01
CA ALA NA 98 -55.11 -52.03 -26.70
C ALA NA 98 -56.33 -51.15 -27.01
N GLU NA 99 -57.38 -51.77 -27.55
CA GLU NA 99 -58.63 -51.05 -27.78
C GLU NA 99 -59.60 -51.45 -26.67
N ILE NA 100 -60.32 -50.46 -26.18
CA ILE NA 100 -61.01 -50.58 -24.89
C ILE NA 100 -62.51 -50.38 -25.00
N GLY NA 101 -63.29 -51.30 -24.43
CA GLY NA 101 -64.75 -51.20 -24.46
C GLY NA 101 -65.38 -51.46 -23.11
N VAL NA 102 -66.52 -50.84 -22.85
CA VAL NA 102 -67.08 -50.93 -21.51
C VAL NA 102 -68.49 -51.55 -21.46
N THR NA 103 -68.76 -52.37 -20.44
CA THR NA 103 -70.10 -52.95 -20.21
C THR NA 103 -70.53 -52.58 -18.82
N ASP NA 104 -71.71 -53.05 -18.41
CA ASP NA 104 -72.25 -52.67 -17.12
C ASP NA 104 -71.77 -53.61 -16.03
N SER NA 105 -70.90 -54.55 -16.39
CA SER NA 105 -70.24 -55.43 -15.43
C SER NA 105 -68.72 -55.36 -15.53
N ILE NA 106 -68.03 -55.59 -14.41
CA ILE NA 106 -66.58 -55.45 -14.35
C ILE NA 106 -65.90 -56.46 -15.24
N VAL NA 107 -64.94 -56.02 -16.04
CA VAL NA 107 -64.11 -56.95 -16.79
C VAL NA 107 -62.63 -56.65 -16.55
N VAL NA 108 -61.91 -57.59 -15.97
CA VAL NA 108 -60.51 -57.34 -15.66
C VAL NA 108 -59.64 -58.12 -16.63
N SER NA 109 -58.88 -57.40 -17.44
CA SER NA 109 -57.99 -57.96 -18.41
C SER NA 109 -56.59 -57.50 -18.07
N SER NA 110 -55.61 -57.99 -18.81
CA SER NA 110 -54.24 -57.60 -18.51
C SER NA 110 -53.32 -57.65 -19.72
N GLU NA 111 -52.17 -57.02 -19.57
CA GLU NA 111 -51.17 -57.04 -20.62
C GLU NA 111 -49.78 -57.20 -20.01
N LEU NA 112 -48.98 -58.12 -20.55
CA LEU NA 112 -47.61 -58.28 -20.12
C LEU NA 112 -46.79 -57.09 -20.59
N VAL NA 113 -46.03 -56.47 -19.70
CA VAL NA 113 -45.22 -55.31 -20.11
C VAL NA 113 -43.90 -55.78 -20.66
N MET NA 114 -43.98 -56.32 -21.87
CA MET NA 114 -42.81 -56.84 -22.57
C MET NA 114 -42.99 -56.55 -24.06
N PRO NA 115 -41.87 -56.37 -24.79
CA PRO NA 115 -41.91 -55.94 -26.18
C PRO NA 115 -42.93 -56.68 -27.04
N TYR NA 116 -43.03 -57.99 -26.90
CA TYR NA 116 -43.91 -58.80 -27.74
C TYR NA 116 -45.37 -58.35 -27.66
N THR NA 117 -45.77 -57.87 -26.49
CA THR NA 117 -47.19 -57.62 -26.26
C THR NA 117 -47.59 -56.18 -26.00
N VAL NA 118 -46.66 -55.24 -26.04
CA VAL NA 118 -47.09 -53.85 -25.84
C VAL NA 118 -47.64 -53.32 -27.14
N GLY NA 119 -47.15 -53.82 -28.28
CA GLY NA 119 -47.63 -53.27 -29.55
C GLY NA 119 -47.07 -54.01 -30.74
N THR NA 120 -47.77 -53.95 -31.86
CA THR NA 120 -47.35 -54.78 -32.97
C THR NA 120 -46.05 -54.25 -33.55
N TRP NA 121 -45.84 -52.94 -33.52
CA TRP NA 121 -44.62 -52.39 -34.09
C TRP NA 121 -43.38 -52.79 -33.29
N LEU NA 122 -43.37 -52.47 -32.01
CA LEU NA 122 -42.22 -52.81 -31.15
C LEU NA 122 -41.99 -54.31 -31.13
N ARG NA 123 -43.05 -55.08 -31.21
CA ARG NA 123 -42.91 -56.54 -31.25
C ARG NA 123 -41.99 -56.99 -32.36
N GLY NA 124 -42.21 -56.45 -33.55
CA GLY NA 124 -41.40 -56.80 -34.70
C GLY NA 124 -39.97 -56.30 -34.56
N VAL NA 125 -39.83 -55.06 -34.09
CA VAL NA 125 -38.54 -54.40 -33.98
C VAL NA 125 -37.61 -55.09 -32.99
N ALA NA 126 -38.04 -55.17 -31.73
CA ALA NA 126 -37.18 -55.62 -30.64
C ALA NA 126 -36.83 -57.11 -30.76
N ALA NA 127 -37.56 -57.80 -31.64
CA ALA NA 127 -37.34 -59.22 -31.84
C ALA NA 127 -35.96 -59.46 -32.39
N ASN NA 128 -35.41 -58.44 -33.06
CA ASN NA 128 -34.06 -58.51 -33.62
C ASN NA 128 -32.96 -58.40 -32.58
N TRP NA 129 -33.31 -58.14 -31.33
CA TRP NA 129 -32.33 -58.17 -30.26
C TRP NA 129 -32.76 -59.25 -29.25
N SER NA 130 -31.81 -59.76 -28.47
CA SER NA 130 -32.07 -60.86 -27.53
C SER NA 130 -32.50 -60.33 -26.17
N LYS NA 131 -31.97 -59.17 -25.81
CA LYS NA 131 -32.33 -58.58 -24.54
C LYS NA 131 -32.73 -57.12 -24.71
N TYR NA 132 -33.48 -56.63 -23.74
CA TYR NA 132 -33.90 -55.24 -23.71
C TYR NA 132 -33.94 -54.80 -22.26
N SER NA 133 -34.11 -53.51 -22.04
CA SER NA 133 -34.31 -52.98 -20.71
C SER NA 133 -35.35 -51.85 -20.81
N TRP NA 134 -36.37 -51.87 -19.95
CA TRP NA 134 -37.26 -50.72 -19.93
C TRP NA 134 -36.59 -49.50 -19.21
N LEU NA 135 -36.45 -48.38 -19.90
CA LEU NA 135 -36.01 -47.16 -19.23
C LEU NA 135 -37.24 -46.40 -18.77
N SER NA 136 -38.28 -46.51 -19.58
CA SER NA 136 -39.56 -45.89 -19.27
C SER NA 136 -40.70 -46.60 -19.97
N VAL NA 137 -41.77 -46.90 -19.23
CA VAL NA 137 -42.97 -47.43 -19.83
C VAL NA 137 -44.17 -46.73 -19.26
N ARG NA 138 -44.90 -46.06 -20.15
CA ARG NA 138 -46.12 -45.34 -19.79
C ARG NA 138 -47.27 -45.77 -20.69
N TYR NA 139 -48.33 -46.23 -20.04
CA TYR NA 139 -49.59 -46.60 -20.68
C TYR NA 139 -50.58 -45.46 -20.46
N THR NA 140 -51.12 -44.94 -21.55
CA THR NA 140 -51.99 -43.76 -21.52
C THR NA 140 -53.29 -44.04 -22.21
N TYR NA 141 -54.41 -43.84 -21.51
CA TYR NA 141 -55.74 -44.03 -22.09
C TYR NA 141 -56.26 -42.77 -22.74
N ILE NA 142 -56.67 -42.86 -23.99
CA ILE NA 142 -57.25 -41.73 -24.70
C ILE NA 142 -58.69 -42.08 -25.05
N PRO NA 143 -59.65 -41.23 -24.65
CA PRO NA 143 -61.06 -41.53 -24.90
C PRO NA 143 -61.47 -41.27 -26.35
N SER NA 144 -62.54 -41.94 -26.77
CA SER NA 144 -63.10 -41.77 -28.12
C SER NA 144 -64.61 -41.80 -28.04
N CYS NA 145 -65.17 -41.56 -26.87
CA CYS NA 145 -66.60 -41.67 -26.72
C CYS NA 145 -67.29 -40.35 -26.39
N PRO NA 146 -68.61 -40.32 -26.52
CA PRO NA 146 -69.29 -39.11 -26.04
C PRO NA 146 -69.12 -38.85 -24.53
N SER NA 147 -69.29 -37.60 -24.14
CA SER NA 147 -69.15 -37.20 -22.76
C SER NA 147 -70.22 -37.79 -21.89
N SER NA 148 -71.22 -38.36 -22.54
CA SER NA 148 -72.37 -38.94 -21.86
C SER NA 148 -72.24 -40.45 -21.70
N THR NA 149 -71.08 -41.00 -22.03
CA THR NA 149 -70.90 -42.43 -21.90
C THR NA 149 -70.75 -42.83 -20.45
N ALA NA 150 -71.58 -43.74 -19.98
CA ALA NA 150 -71.35 -44.27 -18.63
C ALA NA 150 -70.16 -45.22 -18.66
N GLY NA 151 -69.41 -45.28 -17.57
CA GLY NA 151 -68.28 -46.18 -17.49
C GLY NA 151 -67.05 -45.55 -16.89
N SER NA 152 -66.19 -46.40 -16.34
CA SER NA 152 -64.91 -45.98 -15.79
C SER NA 152 -63.81 -46.97 -16.19
N ILE NA 153 -62.58 -46.48 -16.20
CA ILE NA 153 -61.43 -47.33 -16.52
C ILE NA 153 -60.49 -47.32 -15.34
N HIS NA 154 -59.87 -48.46 -15.06
CA HIS NA 154 -58.92 -48.60 -13.94
C HIS NA 154 -57.69 -49.37 -14.38
N MET NA 155 -56.50 -48.87 -14.06
CA MET NA 155 -55.25 -49.53 -14.47
C MET NA 155 -54.23 -49.54 -13.35
N GLY NA 156 -53.44 -50.60 -13.28
CA GLY NA 156 -52.40 -50.67 -12.28
C GLY NA 156 -51.37 -51.70 -12.67
N PHE NA 157 -50.26 -51.73 -11.93
CA PHE NA 157 -49.21 -52.69 -12.22
C PHE NA 157 -49.08 -53.78 -11.14
N GLN NA 158 -48.84 -55.00 -11.61
CA GLN NA 158 -48.34 -56.07 -10.77
C GLN NA 158 -46.93 -56.39 -11.18
N TYR NA 159 -46.05 -56.59 -10.19
CA TYR NA 159 -44.64 -56.77 -10.48
C TYR NA 159 -44.20 -58.19 -10.13
N ASP NA 160 -45.14 -59.03 -9.71
CA ASP NA 160 -44.84 -60.43 -9.43
C ASP NA 160 -45.82 -61.31 -10.20
N MET NA 161 -45.29 -62.11 -11.11
CA MET NA 161 -46.13 -62.92 -12.00
C MET NA 161 -47.04 -63.92 -11.29
N ALA NA 162 -46.68 -64.27 -10.06
CA ALA NA 162 -47.43 -65.22 -9.24
C ALA NA 162 -48.66 -64.58 -8.59
N ASP NA 163 -48.68 -63.25 -8.52
CA ASP NA 163 -49.85 -62.53 -8.01
C ASP NA 163 -51.07 -62.90 -8.83
N THR NA 164 -52.21 -63.18 -8.19
CA THR NA 164 -53.44 -63.39 -8.96
C THR NA 164 -54.02 -62.03 -9.43
N VAL NA 165 -54.54 -62.01 -10.64
CA VAL NA 165 -55.13 -60.79 -11.17
C VAL NA 165 -56.36 -60.36 -10.32
N PRO NA 166 -56.42 -59.08 -9.93
CA PRO NA 166 -57.50 -58.62 -9.05
C PRO NA 166 -58.87 -58.88 -9.63
N VAL NA 167 -59.87 -58.91 -8.77
CA VAL NA 167 -61.22 -59.24 -9.17
C VAL NA 167 -62.13 -58.04 -8.91
N SER NA 168 -61.61 -57.08 -8.15
CA SER NA 168 -62.35 -55.89 -7.82
C SER NA 168 -61.52 -54.61 -7.92
N VAL NA 169 -62.21 -53.50 -8.15
CA VAL NA 169 -61.61 -52.17 -8.11
C VAL NA 169 -60.92 -51.93 -6.77
N ASN NA 170 -61.51 -52.43 -5.70
CA ASN NA 170 -60.95 -52.30 -4.36
C ASN NA 170 -59.50 -52.78 -4.29
N GLN NA 171 -59.29 -54.01 -4.74
CA GLN NA 171 -57.97 -54.61 -4.83
C GLN NA 171 -57.07 -53.80 -5.72
N LEU NA 172 -57.60 -53.56 -6.91
CA LEU NA 172 -56.87 -52.90 -7.96
C LEU NA 172 -56.37 -51.55 -7.47
N SER NA 173 -57.19 -50.85 -6.67
CA SER NA 173 -56.86 -49.50 -6.21
C SER NA 173 -55.60 -49.46 -5.35
N ASN NA 174 -55.18 -50.60 -4.83
CA ASN NA 174 -53.99 -50.65 -3.98
C ASN NA 174 -52.71 -50.79 -4.80
N LEU NA 175 -52.85 -51.13 -6.08
CA LEU NA 175 -51.71 -51.39 -6.95
C LEU NA 175 -50.93 -50.13 -7.24
N ARG NA 176 -49.62 -50.28 -7.32
CA ARG NA 176 -48.70 -49.24 -7.78
C ARG NA 176 -49.06 -48.67 -9.13
N GLY NA 177 -49.18 -47.35 -9.19
CA GLY NA 177 -49.43 -46.67 -10.44
C GLY NA 177 -50.88 -46.70 -10.81
N TYR NA 178 -51.71 -47.02 -9.81
CA TYR NA 178 -53.14 -47.06 -9.99
C TYR NA 178 -53.65 -45.73 -10.46
N VAL NA 179 -54.47 -45.75 -11.50
CA VAL NA 179 -55.15 -44.56 -11.98
C VAL NA 179 -56.60 -44.91 -12.29
N SER NA 180 -57.46 -43.90 -12.38
CA SER NA 180 -58.87 -44.16 -12.56
C SER NA 180 -59.57 -42.97 -13.17
N GLY NA 181 -60.53 -43.24 -14.03
CA GLY NA 181 -61.31 -42.14 -14.54
C GLY NA 181 -62.54 -42.49 -15.36
N GLN NA 182 -63.38 -41.49 -15.57
CA GLN NA 182 -64.50 -41.63 -16.47
C GLN NA 182 -63.94 -42.08 -17.80
N VAL NA 183 -64.70 -42.93 -18.46
CA VAL NA 183 -64.27 -43.57 -19.69
C VAL NA 183 -64.22 -42.55 -20.86
N TRP NA 184 -64.77 -41.37 -20.62
CA TRP NA 184 -64.73 -40.25 -21.56
C TRP NA 184 -63.75 -39.14 -21.12
N SER NA 185 -63.06 -39.36 -20.00
CA SER NA 185 -62.00 -38.48 -19.54
C SER NA 185 -60.71 -38.99 -20.13
N GLY NA 186 -59.62 -38.23 -20.00
CA GLY NA 186 -58.30 -38.74 -20.36
C GLY NA 186 -57.59 -38.09 -21.54
N SER NA 187 -58.26 -37.15 -22.22
CA SER NA 187 -57.71 -36.43 -23.37
C SER NA 187 -56.35 -35.82 -23.07
N ALA NA 188 -56.19 -35.29 -21.87
CA ALA NA 188 -54.96 -34.60 -21.49
C ALA NA 188 -53.76 -35.53 -21.44
N GLY NA 189 -53.99 -36.82 -21.63
CA GLY NA 189 -52.88 -37.75 -21.68
C GLY NA 189 -52.20 -37.66 -23.03
N LEU NA 190 -52.86 -36.99 -23.98
CA LEU NA 190 -52.35 -36.95 -25.36
C LEU NA 190 -50.94 -36.39 -25.44
N CYS NA 191 -50.61 -35.40 -24.63
CA CYS NA 191 -49.26 -34.81 -24.71
C CYS NA 191 -48.11 -35.78 -24.37
N PHE NA 192 -48.36 -36.81 -23.56
CA PHE NA 192 -47.34 -37.80 -23.28
C PHE NA 192 -47.03 -38.57 -24.52
N ILE NA 193 -48.04 -38.73 -25.35
CA ILE NA 193 -47.96 -39.65 -26.45
C ILE NA 193 -47.14 -39.09 -27.59
N ASN NA 194 -47.30 -37.81 -27.89
CA ASN NA 194 -46.47 -37.24 -28.94
C ASN NA 194 -45.28 -36.45 -28.34
N GLY NA 195 -45.06 -36.63 -27.04
CA GLY NA 195 -43.90 -36.06 -26.38
C GLY NA 195 -43.80 -34.55 -26.44
N THR NA 196 -44.93 -33.87 -26.40
CA THR NA 196 -44.93 -32.40 -26.47
C THR NA 196 -44.94 -31.78 -25.07
N ARG NA 197 -44.99 -30.46 -24.98
CA ARG NA 197 -44.97 -29.80 -23.68
C ARG NA 197 -46.21 -30.18 -22.87
N CYS NA 198 -45.99 -30.86 -21.75
CA CYS NA 198 -47.09 -31.28 -20.92
C CYS NA 198 -47.31 -30.32 -19.76
N SER NA 199 -48.54 -29.86 -19.59
CA SER NA 199 -48.88 -28.91 -18.53
C SER NA 199 -50.01 -29.42 -17.66
N ASP NA 200 -51.24 -29.27 -18.13
CA ASP NA 200 -52.44 -29.67 -17.40
C ASP NA 200 -52.77 -31.16 -17.52
N THR NA 201 -51.93 -32.01 -16.96
CA THR NA 201 -52.12 -33.44 -17.11
C THR NA 201 -52.79 -34.09 -15.91
N SER NA 202 -53.43 -33.31 -15.05
CA SER NA 202 -54.04 -33.88 -13.86
C SER NA 202 -55.18 -34.82 -14.18
N THR NA 203 -55.87 -34.57 -15.29
CA THR NA 203 -56.99 -35.43 -15.64
C THR NA 203 -56.56 -36.64 -16.47
N ALA NA 204 -55.27 -36.73 -16.75
CA ALA NA 204 -54.71 -37.79 -17.56
C ALA NA 204 -54.91 -39.15 -16.92
N ILE NA 205 -55.47 -40.09 -17.68
CA ILE NA 205 -55.53 -41.46 -17.19
C ILE NA 205 -54.26 -42.16 -17.69
N SER NA 206 -53.14 -41.78 -17.09
CA SER NA 206 -51.86 -42.23 -17.57
C SER NA 206 -51.04 -42.74 -16.40
N THR NA 207 -50.28 -43.81 -16.63
CA THR NA 207 -49.50 -44.40 -15.56
C THR NA 207 -48.19 -44.98 -16.07
N THR NA 208 -47.20 -45.05 -15.19
CA THR NA 208 -45.85 -45.45 -15.57
C THR NA 208 -45.27 -46.58 -14.73
N LEU NA 209 -44.42 -47.38 -15.35
CA LEU NA 209 -43.78 -48.52 -14.71
C LEU NA 209 -42.62 -48.13 -13.77
N ASP NA 210 -42.53 -48.76 -12.61
CA ASP NA 210 -41.40 -48.56 -11.69
C ASP NA 210 -40.15 -49.35 -12.14
N VAL NA 211 -39.41 -48.76 -13.06
CA VAL NA 211 -38.21 -49.39 -13.62
C VAL NA 211 -37.12 -49.61 -12.57
N SER NA 212 -37.05 -48.73 -11.57
CA SER NA 212 -36.08 -48.82 -10.46
C SER NA 212 -36.29 -50.03 -9.57
N LYS NA 213 -37.44 -50.67 -9.65
CA LYS NA 213 -37.77 -51.71 -8.68
C LYS NA 213 -37.98 -53.05 -9.36
N LEU NA 214 -37.63 -53.15 -10.64
CA LEU NA 214 -37.83 -54.40 -11.36
C LEU NA 214 -36.90 -55.46 -10.80
N GLY NA 215 -37.21 -56.73 -11.08
CA GLY NA 215 -36.36 -57.80 -10.61
C GLY NA 215 -34.94 -57.55 -11.07
N LYS NA 216 -34.77 -57.37 -12.38
CA LYS NA 216 -33.46 -57.06 -12.98
C LYS NA 216 -33.46 -55.93 -14.03
N LYS NA 217 -32.34 -55.69 -14.68
CA LYS NA 217 -32.29 -54.62 -15.67
C LYS NA 217 -32.46 -55.19 -17.07
N TRP NA 218 -31.72 -56.26 -17.37
CA TRP NA 218 -31.79 -56.83 -18.71
C TRP NA 218 -32.68 -58.08 -18.78
N TYR NA 219 -33.80 -57.94 -19.48
CA TYR NA 219 -34.75 -59.03 -19.66
C TYR NA 219 -34.59 -59.63 -21.04
N PRO NA 220 -34.85 -60.92 -21.16
CA PRO NA 220 -34.88 -61.56 -22.47
C PRO NA 220 -36.16 -61.27 -23.25
N TYR NA 221 -36.04 -61.11 -24.57
CA TYR NA 221 -37.21 -61.04 -25.44
C TYR NA 221 -37.87 -62.42 -25.44
N LYS NA 222 -39.13 -62.47 -25.06
CA LYS NA 222 -39.88 -63.71 -25.02
C LYS NA 222 -41.21 -63.49 -25.70
N THR NA 223 -41.82 -64.57 -26.19
CA THR NA 223 -43.16 -64.42 -26.75
C THR NA 223 -44.21 -64.77 -25.71
N SER NA 224 -45.49 -64.54 -26.07
CA SER NA 224 -46.59 -64.97 -25.22
C SER NA 224 -46.52 -66.47 -25.10
N ALA NA 225 -46.20 -67.13 -26.21
CA ALA NA 225 -46.03 -68.58 -26.27
C ALA NA 225 -45.00 -69.03 -25.24
N ASP NA 226 -43.86 -68.36 -25.22
CA ASP NA 226 -42.81 -68.64 -24.24
C ASP NA 226 -43.29 -68.44 -22.80
N TYR NA 227 -44.08 -67.40 -22.59
CA TYR NA 227 -44.63 -67.15 -21.26
C TYR NA 227 -45.54 -68.30 -20.78
N ALA NA 228 -46.45 -68.73 -21.65
CA ALA NA 228 -47.42 -69.78 -21.37
C ALA NA 228 -46.74 -71.09 -20.99
N THR NA 229 -45.72 -71.44 -21.77
CA THR NA 229 -44.97 -72.66 -21.53
C THR NA 229 -44.31 -72.64 -20.15
N ALA NA 230 -43.67 -71.52 -19.84
CA ALA NA 230 -42.97 -71.34 -18.58
C ALA NA 230 -43.91 -71.46 -17.39
N VAL NA 231 -45.08 -70.85 -17.47
CA VAL NA 231 -46.03 -70.93 -16.35
C VAL NA 231 -46.65 -72.32 -16.31
N GLY NA 232 -46.54 -73.07 -17.41
CA GLY NA 232 -46.96 -74.46 -17.39
C GLY NA 232 -46.10 -75.27 -16.45
N VAL NA 233 -44.81 -74.94 -16.37
CA VAL NA 233 -43.89 -75.62 -15.46
C VAL NA 233 -43.95 -75.05 -14.04
N ASP NA 234 -43.79 -73.73 -13.90
CA ASP NA 234 -43.95 -73.06 -12.61
C ASP NA 234 -44.03 -71.55 -12.86
N VAL NA 235 -45.07 -70.93 -12.31
CA VAL NA 235 -45.34 -69.52 -12.57
C VAL NA 235 -44.14 -68.65 -12.21
N ASN NA 236 -43.34 -69.14 -11.26
CA ASN NA 236 -42.18 -68.39 -10.77
C ASN NA 236 -41.00 -68.39 -11.76
N ILE NA 237 -41.01 -69.32 -12.70
CA ILE NA 237 -40.01 -69.29 -13.76
C ILE NA 237 -40.15 -68.02 -14.58
N ALA NA 238 -41.38 -67.50 -14.64
CA ALA NA 238 -41.71 -66.34 -15.46
C ALA NA 238 -41.27 -64.98 -14.91
N THR NA 239 -41.16 -64.82 -13.59
CA THR NA 239 -40.85 -63.49 -13.05
C THR NA 239 -39.53 -62.95 -13.64
N PRO NA 240 -38.51 -63.81 -13.86
CA PRO NA 240 -37.39 -63.18 -14.58
C PRO NA 240 -37.62 -63.05 -16.10
N LEU NA 241 -38.79 -63.40 -16.61
CA LEU NA 241 -39.03 -63.34 -18.05
C LEU NA 241 -39.83 -62.08 -18.42
N VAL NA 242 -40.70 -61.68 -17.54
CA VAL NA 242 -41.48 -60.50 -17.82
C VAL NA 242 -41.28 -59.51 -16.68
N PRO NA 243 -41.00 -58.25 -17.00
CA PRO NA 243 -40.77 -57.24 -15.96
C PRO NA 243 -41.99 -56.86 -15.10
N ALA NA 244 -43.20 -56.87 -15.64
CA ALA NA 244 -44.41 -56.55 -14.85
C ALA NA 244 -45.66 -56.86 -15.67
N ARG NA 245 -46.85 -56.79 -15.07
CA ARG NA 245 -48.04 -56.89 -15.90
C ARG NA 245 -48.97 -55.73 -15.63
N LEU NA 246 -49.56 -55.20 -16.70
CA LEU NA 246 -50.51 -54.12 -16.54
C LEU NA 246 -51.85 -54.78 -16.38
N VAL NA 247 -52.58 -54.39 -15.34
CA VAL NA 247 -53.90 -54.93 -15.07
C VAL NA 247 -54.95 -53.90 -15.42
N ILE NA 248 -56.02 -54.31 -16.09
CA ILE NA 248 -57.05 -53.36 -16.52
C ILE NA 248 -58.48 -53.76 -16.15
N ALA NA 249 -59.22 -52.86 -15.51
CA ALA NA 249 -60.62 -53.12 -15.19
C ALA NA 249 -61.54 -52.07 -15.80
N LEU NA 250 -62.65 -52.53 -16.35
CA LEU NA 250 -63.70 -51.65 -16.87
C LEU NA 250 -65.05 -52.04 -16.33
N LEU NA 251 -65.82 -51.07 -15.85
CA LEU NA 251 -67.13 -51.33 -15.27
C LEU NA 251 -67.94 -50.04 -15.36
N ASP NA 252 -69.11 -50.00 -14.72
CA ASP NA 252 -69.93 -48.78 -14.64
C ASP NA 252 -70.53 -48.30 -15.98
N GLY NA 253 -70.49 -49.17 -16.98
CA GLY NA 253 -71.08 -48.87 -18.28
C GLY NA 253 -72.58 -49.04 -18.24
N SER NA 254 -73.22 -48.64 -19.32
CA SER NA 254 -74.68 -48.67 -19.38
C SER NA 254 -75.27 -49.82 -20.19
N SER NA 255 -74.43 -50.60 -20.87
CA SER NA 255 -74.92 -51.65 -21.75
C SER NA 255 -74.53 -53.08 -21.34
N SER NA 256 -75.25 -54.07 -21.87
CA SER NA 256 -74.95 -55.46 -21.59
C SER NA 256 -73.78 -55.78 -22.47
N THR NA 257 -73.78 -55.12 -23.63
CA THR NA 257 -72.77 -55.26 -24.66
C THR NA 257 -71.73 -54.15 -24.65
N ALA NA 258 -70.48 -54.50 -24.91
CA ALA NA 258 -69.39 -53.55 -24.91
C ALA NA 258 -69.68 -52.33 -25.81
N VAL NA 259 -69.51 -51.13 -25.26
CA VAL NA 259 -69.61 -49.86 -26.00
C VAL NA 259 -68.19 -49.38 -26.30
N ALA NA 260 -67.92 -48.90 -27.51
CA ALA NA 260 -66.56 -48.40 -27.78
C ALA NA 260 -66.25 -47.23 -26.86
N ALA NA 261 -65.21 -47.40 -26.06
CA ALA NA 261 -64.84 -46.43 -25.03
C ALA NA 261 -63.53 -45.68 -25.39
N GLY NA 262 -62.42 -46.38 -25.58
CA GLY NA 262 -61.19 -45.71 -25.95
C GLY NA 262 -60.04 -46.60 -26.38
N ARG NA 263 -58.83 -46.08 -26.23
CA ARG NA 263 -57.61 -46.79 -26.60
C ARG NA 263 -56.52 -46.60 -25.59
N ILE NA 264 -55.71 -47.62 -25.41
CA ILE NA 264 -54.53 -47.51 -24.56
C ILE NA 264 -53.31 -47.46 -25.45
N TYR NA 265 -52.52 -46.43 -25.28
CA TYR NA 265 -51.26 -46.32 -26.01
C TYR NA 265 -50.08 -46.58 -25.09
N CYS NA 266 -49.00 -47.08 -25.67
CA CYS NA 266 -47.78 -47.34 -24.90
C CYS NA 266 -46.73 -46.37 -25.38
N THR NA 267 -46.16 -45.63 -24.44
CA THR NA 267 -45.10 -44.69 -24.76
C THR NA 267 -43.87 -45.12 -23.98
N TYR NA 268 -42.86 -45.61 -24.68
CA TYR NA 268 -41.75 -46.25 -24.01
C TYR NA 268 -40.38 -45.73 -24.44
N THR NA 269 -39.41 -45.91 -23.58
CA THR NA 269 -38.02 -45.80 -23.97
C THR NA 269 -37.37 -47.14 -23.66
N ILE NA 270 -36.93 -47.84 -24.69
CA ILE NA 270 -36.37 -49.18 -24.49
C ILE NA 270 -34.89 -49.20 -24.91
N GLN NA 271 -34.06 -49.88 -24.10
CA GLN NA 271 -32.67 -50.13 -24.47
C GLN NA 271 -32.58 -51.52 -25.05
N MET NA 272 -32.19 -51.65 -26.31
CA MET NA 272 -32.09 -52.97 -26.93
C MET NA 272 -30.66 -53.38 -27.21
N ILE NA 273 -30.27 -54.57 -26.73
CA ILE NA 273 -28.89 -55.05 -26.89
C ILE NA 273 -28.80 -56.49 -27.32
N GLU NA 274 -27.61 -56.85 -27.80
CA GLU NA 274 -27.24 -58.22 -28.16
C GLU NA 274 -28.15 -58.77 -29.25
N PRO NA 275 -27.91 -58.33 -30.49
CA PRO NA 275 -28.61 -58.69 -31.73
C PRO NA 275 -28.72 -60.18 -31.99
N THR NA 276 -29.67 -60.55 -32.84
CA THR NA 276 -29.94 -61.96 -33.13
C THR NA 276 -30.41 -62.12 -34.58
N ALA NA 277 -30.09 -63.26 -35.18
CA ALA NA 277 -30.49 -63.56 -36.55
C ALA NA 277 -31.47 -64.74 -36.68
N GLY OA 86 -29.86 21.20 47.59
CA GLY OA 86 -28.79 21.56 48.51
C GLY OA 86 -29.20 22.32 49.76
N GLY OA 87 -29.93 23.43 49.58
CA GLY OA 87 -30.36 24.21 50.72
C GLY OA 87 -29.59 25.52 50.87
N ILE OA 88 -28.57 25.70 50.03
CA ILE OA 88 -27.73 26.89 50.12
C ILE OA 88 -28.24 28.06 49.28
N THR OA 89 -28.52 29.19 49.95
CA THR OA 89 -28.72 30.44 49.23
C THR OA 89 -27.40 31.24 49.26
N VAL OA 90 -26.79 31.41 48.10
CA VAL OA 90 -25.52 32.14 47.97
C VAL OA 90 -25.85 33.59 47.59
N LEU OA 91 -25.31 34.52 48.36
CA LEU OA 91 -25.64 35.92 48.20
C LEU OA 91 -24.37 36.76 48.08
N THR OA 92 -24.36 37.67 47.10
CA THR OA 92 -23.25 38.61 46.91
C THR OA 92 -23.76 40.07 46.97
N HIS OA 93 -23.11 40.90 47.76
CA HIS OA 93 -23.59 42.24 48.05
C HIS OA 93 -22.47 43.14 48.60
N SER OA 94 -22.65 44.45 48.40
CA SER OA 94 -21.80 45.46 49.03
C SER OA 94 -22.70 46.41 49.80
N GLU OA 95 -22.28 46.79 51.02
CA GLU OA 95 -23.00 47.80 51.79
C GLU OA 95 -22.10 48.55 52.74
N LEU OA 96 -22.56 49.70 53.21
CA LEU OA 96 -21.78 50.52 54.15
C LEU OA 96 -21.58 49.78 55.44
N SER OA 97 -20.34 49.78 55.95
CA SER OA 97 -20.05 49.02 57.14
C SER OA 97 -19.51 49.93 58.24
N ALA OA 98 -18.95 51.06 57.86
CA ALA OA 98 -18.33 51.94 58.83
C ALA OA 98 -18.05 53.33 58.26
N GLU OA 99 -18.27 54.37 59.06
CA GLU OA 99 -17.86 55.71 58.68
C GLU OA 99 -16.65 56.10 59.52
N ILE OA 100 -15.69 56.79 58.90
CA ILE OA 100 -14.34 56.91 59.45
C ILE OA 100 -13.86 58.34 59.68
N GLY OA 101 -13.37 58.63 60.89
CA GLY OA 101 -12.85 59.96 61.19
C GLY OA 101 -11.50 59.87 61.86
N VAL OA 102 -10.64 60.88 61.64
CA VAL OA 102 -9.26 60.85 62.12
C VAL OA 102 -8.87 61.97 63.08
N THR OA 103 -8.07 61.63 64.09
CA THR OA 103 -7.58 62.61 65.07
C THR OA 103 -6.05 62.55 65.10
N ASP OA 104 -5.43 63.40 65.92
CA ASP OA 104 -3.97 63.50 65.95
C ASP OA 104 -3.32 62.50 66.90
N SER OA 105 -4.13 61.68 67.55
CA SER OA 105 -3.62 60.62 68.39
C SER OA 105 -4.24 59.30 67.94
N ILE OA 106 -3.56 58.18 68.16
CA ILE OA 106 -4.08 56.90 67.65
C ILE OA 106 -5.43 56.50 68.25
N VAL OA 107 -6.36 56.11 67.38
CA VAL OA 107 -7.64 55.58 67.83
C VAL OA 107 -7.91 54.22 67.18
N VAL OA 108 -8.01 53.18 68.00
CA VAL OA 108 -8.21 51.80 67.51
C VAL OA 108 -9.62 51.22 67.76
N SER OA 109 -10.32 50.88 66.68
CA SER OA 109 -11.62 50.25 66.81
C SER OA 109 -11.67 48.90 66.09
N SER OA 110 -12.74 48.15 66.29
CA SER OA 110 -12.85 46.83 65.69
C SER OA 110 -14.29 46.42 65.33
N GLU OA 111 -14.40 45.43 64.46
CA GLU OA 111 -15.69 44.94 64.04
C GLU OA 111 -15.70 43.44 63.85
N LEU OA 112 -16.71 42.79 64.43
CA LEU OA 112 -16.85 41.36 64.27
C LEU OA 112 -17.22 41.03 62.83
N VAL OA 113 -16.53 40.08 62.23
CA VAL OA 113 -16.82 39.71 60.86
C VAL OA 113 -17.90 38.65 60.83
N MET OA 114 -19.12 39.09 61.11
CA MET OA 114 -20.27 38.20 61.12
C MET OA 114 -21.47 39.00 60.64
N PRO OA 115 -22.46 38.33 60.00
CA PRO OA 115 -23.57 38.98 59.32
C PRO OA 115 -24.21 40.07 60.19
N TYR OA 116 -24.39 39.80 61.48
CA TYR OA 116 -25.05 40.78 62.36
C TYR OA 116 -24.36 42.14 62.41
N THR OA 117 -23.04 42.15 62.25
CA THR OA 117 -22.26 43.36 62.48
C THR OA 117 -21.57 43.89 61.24
N VAL OA 118 -21.80 43.26 60.09
CA VAL OA 118 -21.17 43.72 58.86
C VAL OA 118 -21.93 44.88 58.23
N GLY OA 119 -23.25 44.89 58.39
CA GLY OA 119 -24.06 45.94 57.82
C GLY OA 119 -25.50 45.71 58.16
N THR OA 120 -26.30 46.77 58.19
CA THR OA 120 -27.68 46.65 58.65
C THR OA 120 -28.58 45.83 57.74
N TRP OA 121 -28.33 45.91 56.44
CA TRP OA 121 -29.13 45.16 55.48
C TRP OA 121 -28.94 43.66 55.60
N LEU OA 122 -27.66 43.24 55.53
CA LEU OA 122 -27.27 41.85 55.69
C LEU OA 122 -27.69 41.35 57.06
N ARG OA 123 -27.62 42.22 58.07
CA ARG OA 123 -28.04 41.85 59.42
C ARG OA 123 -29.47 41.33 59.39
N GLY OA 124 -30.33 42.08 58.72
CA GLY OA 124 -31.72 41.69 58.58
C GLY OA 124 -31.90 40.47 57.70
N VAL OA 125 -31.17 40.41 56.58
CA VAL OA 125 -31.30 39.31 55.62
C VAL OA 125 -30.91 37.96 56.18
N ALA OA 126 -29.68 37.83 56.67
CA ALA OA 126 -29.14 36.55 57.13
C ALA OA 126 -29.81 36.08 58.42
N ALA OA 127 -30.54 36.98 59.06
CA ALA OA 127 -31.22 36.63 60.29
C ALA OA 127 -32.27 35.58 60.02
N ASN OA 128 -32.74 35.50 58.78
CA ASN OA 128 -33.75 34.50 58.38
C ASN OA 128 -33.17 33.10 58.23
N TRP OA 129 -31.84 32.98 58.37
CA TRP OA 129 -31.18 31.67 58.33
C TRP OA 129 -30.43 31.40 59.65
N SER OA 130 -30.17 30.12 59.95
CA SER OA 130 -29.56 29.75 61.23
C SER OA 130 -28.05 29.77 61.18
N LYS OA 131 -27.51 29.27 60.08
CA LYS OA 131 -26.08 29.19 59.95
C LYS OA 131 -25.65 29.80 58.61
N TYR OA 132 -24.39 30.18 58.52
CA TYR OA 132 -23.79 30.73 57.30
C TYR OA 132 -22.35 30.28 57.08
N SER OA 133 -21.84 30.56 55.89
CA SER OA 133 -20.45 30.35 55.60
C SER OA 133 -20.01 31.49 54.71
N TRP OA 134 -18.90 32.12 55.10
CA TRP OA 134 -18.31 33.13 54.27
C TRP OA 134 -17.57 32.49 53.10
N LEU OA 135 -17.91 32.86 51.87
CA LEU OA 135 -17.09 32.46 50.73
C LEU OA 135 -16.07 33.56 50.45
N SER OA 136 -16.47 34.80 50.68
CA SER OA 136 -15.57 35.94 50.55
C SER OA 136 -16.07 37.17 51.31
N VAL OA 137 -15.18 37.84 52.02
CA VAL OA 137 -15.48 39.11 52.67
C VAL OA 137 -14.31 40.05 52.43
N ARG OA 138 -14.60 41.21 51.86
CA ARG OA 138 -13.56 42.18 51.55
C ARG OA 138 -14.01 43.51 52.17
N TYR OA 139 -13.13 44.15 52.92
CA TYR OA 139 -13.36 45.46 53.49
C TYR OA 139 -12.56 46.47 52.71
N THR OA 140 -13.25 47.51 52.26
CA THR OA 140 -12.67 48.56 51.43
C THR OA 140 -12.95 49.92 52.01
N TYR OA 141 -11.89 50.68 52.25
CA TYR OA 141 -11.96 52.09 52.68
C TYR OA 141 -12.02 52.99 51.49
N ILE OA 142 -12.99 53.90 51.47
CA ILE OA 142 -13.08 54.89 50.41
C ILE OA 142 -12.93 56.28 51.02
N PRO OA 143 -12.03 57.11 50.48
CA PRO OA 143 -11.92 58.44 51.07
C PRO OA 143 -13.06 59.37 50.63
N SER OA 144 -13.27 60.41 51.43
CA SER OA 144 -14.25 61.46 51.13
C SER OA 144 -13.69 62.84 51.51
N CYS OA 145 -12.39 62.92 51.65
CA CYS OA 145 -11.76 64.14 52.13
C CYS OA 145 -10.87 64.80 51.09
N PRO OA 146 -10.47 66.05 51.37
CA PRO OA 146 -9.44 66.68 50.52
C PRO OA 146 -8.10 65.97 50.58
N SER OA 147 -7.34 66.11 49.51
CA SER OA 147 -6.01 65.53 49.37
C SER OA 147 -5.00 66.15 50.32
N SER OA 148 -5.41 67.24 50.95
CA SER OA 148 -4.60 67.97 51.89
C SER OA 148 -4.90 67.57 53.33
N THR OA 149 -5.72 66.52 53.48
CA THR OA 149 -6.11 66.01 54.79
C THR OA 149 -5.02 65.20 55.45
N ALA OA 150 -4.60 65.57 56.65
CA ALA OA 150 -3.61 64.77 57.42
C ALA OA 150 -4.29 63.60 58.09
N GLY OA 151 -3.60 62.46 58.15
CA GLY OA 151 -4.16 61.27 58.76
C GLY OA 151 -3.87 60.00 57.97
N SER OA 152 -3.90 58.85 58.64
CA SER OA 152 -3.78 57.57 57.95
C SER OA 152 -4.65 56.52 58.61
N ILE OA 153 -5.07 55.53 57.82
CA ILE OA 153 -5.91 54.44 58.30
C ILE OA 153 -5.18 53.12 58.13
N HIS OA 154 -5.43 52.21 59.06
CA HIS OA 154 -4.80 50.90 59.04
C HIS OA 154 -5.86 49.85 59.33
N MET OA 155 -5.79 48.73 58.61
CA MET OA 155 -6.74 47.63 58.83
C MET OA 155 -6.04 46.28 58.80
N GLY OA 156 -6.56 45.37 59.63
CA GLY OA 156 -6.07 44.01 59.69
C GLY OA 156 -7.08 43.09 60.33
N PHE OA 157 -6.81 41.79 60.23
CA PHE OA 157 -7.68 40.76 60.78
C PHE OA 157 -7.09 40.02 61.98
N GLN OA 158 -7.90 39.78 62.98
CA GLN OA 158 -7.58 38.83 64.03
C GLN OA 158 -8.51 37.65 63.87
N TYR OA 159 -7.99 36.44 64.01
CA TYR OA 159 -8.80 35.26 63.80
C TYR OA 159 -9.01 34.48 65.09
N ASP OA 160 -8.53 35.03 66.20
CA ASP OA 160 -8.77 34.43 67.50
C ASP OA 160 -9.41 35.46 68.40
N MET OA 161 -10.64 35.19 68.84
CA MET OA 161 -11.41 36.19 69.57
C MET OA 161 -10.74 36.58 70.87
N ALA OA 162 -9.90 35.69 71.38
CA ALA OA 162 -9.19 35.89 72.63
C ALA OA 162 -7.95 36.79 72.47
N ASP OA 163 -7.48 36.97 71.24
CA ASP OA 163 -6.37 37.88 70.99
C ASP OA 163 -6.77 39.27 71.47
N THR OA 164 -5.89 39.94 72.22
CA THR OA 164 -6.15 41.30 72.70
C THR OA 164 -6.02 42.29 71.55
N VAL OA 165 -6.83 43.35 71.60
CA VAL OA 165 -6.80 44.37 70.57
C VAL OA 165 -5.44 45.10 70.45
N PRO OA 166 -4.94 45.25 69.22
CA PRO OA 166 -3.68 45.97 68.99
C PRO OA 166 -3.75 47.37 69.53
N VAL OA 167 -2.60 47.95 69.84
CA VAL OA 167 -2.60 49.29 70.35
C VAL OA 167 -1.71 50.19 69.50
N SER OA 168 -0.84 49.59 68.69
CA SER OA 168 0.08 50.38 67.88
C SER OA 168 0.10 49.94 66.42
N VAL OA 169 0.49 50.86 65.54
CA VAL OA 169 0.64 50.54 64.14
C VAL OA 169 1.64 49.38 63.98
N ASN OA 170 2.68 49.38 64.79
CA ASN OA 170 3.64 48.29 64.72
C ASN OA 170 2.96 46.92 64.93
N GLN OA 171 2.16 46.78 65.99
CA GLN OA 171 1.41 45.54 66.24
C GLN OA 171 0.48 45.18 65.10
N LEU OA 172 -0.29 46.19 64.68
CA LEU OA 172 -1.28 46.03 63.63
C LEU OA 172 -0.64 45.56 62.32
N SER OA 173 0.55 46.06 62.00
CA SER OA 173 1.23 45.73 60.74
C SER OA 173 1.56 44.25 60.56
N ASN OA 174 1.53 43.48 61.64
CA ASN OA 174 1.88 42.09 61.54
C ASN OA 174 0.69 41.20 61.17
N LEU OA 175 -0.51 41.77 61.21
CA LEU OA 175 -1.73 41.00 60.97
C LEU OA 175 -1.86 40.55 59.52
N ARG OA 176 -2.48 39.39 59.32
CA ARG OA 176 -2.88 38.96 57.97
C ARG OA 176 -3.70 40.01 57.24
N GLY OA 177 -3.24 40.42 56.08
CA GLY OA 177 -4.05 41.33 55.30
C GLY OA 177 -3.94 42.76 55.78
N TYR OA 178 -2.87 43.05 56.50
CA TYR OA 178 -2.64 44.41 56.96
C TYR OA 178 -2.55 45.34 55.78
N VAL OA 179 -3.29 46.44 55.83
CA VAL OA 179 -3.16 47.47 54.80
C VAL OA 179 -3.07 48.85 55.46
N SER OA 180 -2.54 49.82 54.73
CA SER OA 180 -2.28 51.13 55.31
C SER OA 180 -2.18 52.22 54.26
N GLY OA 181 -2.69 53.42 54.56
CA GLY OA 181 -2.56 54.49 53.60
C GLY OA 181 -3.06 55.81 54.12
N GLN OA 182 -2.85 56.87 53.36
CA GLN OA 182 -3.48 58.17 53.61
C GLN OA 182 -5.03 58.13 53.66
N VAL OA 183 -5.62 58.96 54.51
CA VAL OA 183 -7.08 59.00 54.69
C VAL OA 183 -7.80 59.58 53.46
N TRP OA 184 -7.02 60.14 52.55
CA TRP OA 184 -7.54 60.71 51.31
C TRP OA 184 -7.21 59.83 50.11
N SER OA 185 -6.51 58.73 50.35
CA SER OA 185 -6.23 57.75 49.31
C SER OA 185 -7.23 56.60 49.31
N GLY OA 186 -7.22 55.80 48.25
CA GLY OA 186 -8.05 54.61 48.25
C GLY OA 186 -9.20 54.57 47.25
N SER OA 187 -9.35 55.64 46.47
CA SER OA 187 -10.36 55.71 45.44
C SER OA 187 -10.31 54.47 44.56
N ALA OA 188 -9.10 53.95 44.32
CA ALA OA 188 -8.93 52.83 43.40
C ALA OA 188 -9.60 51.53 43.84
N GLY OA 189 -10.06 51.46 45.07
CA GLY OA 189 -10.74 50.29 45.53
C GLY OA 189 -12.18 50.23 45.08
N LEU OA 190 -12.70 51.32 44.52
CA LEU OA 190 -14.13 51.42 44.21
C LEU OA 190 -14.61 50.30 43.30
N CYS OA 191 -13.77 49.89 42.37
CA CYS OA 191 -14.13 48.84 41.40
C CYS OA 191 -14.47 47.51 42.05
N PHE OA 192 -13.92 47.27 43.25
CA PHE OA 192 -14.24 46.09 44.04
C PHE OA 192 -15.67 46.17 44.56
N ILE OA 193 -16.12 47.38 44.86
CA ILE OA 193 -17.40 47.56 45.51
C ILE OA 193 -18.56 47.40 44.53
N ASN OA 194 -18.41 47.91 43.31
CA ASN OA 194 -19.48 47.75 42.32
C ASN OA 194 -19.17 46.53 41.46
N GLY OA 195 -18.13 45.80 41.85
CA GLY OA 195 -17.76 44.57 41.16
C GLY OA 195 -17.39 44.73 39.69
N THR OA 196 -16.78 45.85 39.34
CA THR OA 196 -16.47 46.11 37.93
C THR OA 196 -15.06 45.66 37.57
N ARG OA 197 -14.66 45.89 36.30
CA ARG OA 197 -13.34 45.50 35.80
C ARG OA 197 -12.27 46.23 36.59
N CYS OA 198 -11.43 45.44 37.27
CA CYS OA 198 -10.37 46.02 38.06
C CYS OA 198 -9.05 46.02 37.30
N SER OA 199 -8.41 47.17 37.34
CA SER OA 199 -7.19 47.40 36.61
C SER OA 199 -6.09 47.87 37.53
N ASP OA 200 -6.09 49.17 37.77
CA ASP OA 200 -5.12 49.85 38.63
C ASP OA 200 -5.46 49.87 40.13
N THR OA 201 -5.40 48.71 40.79
CA THR OA 201 -5.81 48.65 42.20
C THR OA 201 -4.67 48.60 43.23
N SER OA 202 -3.44 48.95 42.82
CA SER OA 202 -2.28 48.87 43.69
C SER OA 202 -2.38 49.81 44.88
N THR OA 203 -3.12 50.89 44.65
CA THR OA 203 -3.35 51.94 45.63
C THR OA 203 -4.56 51.73 46.55
N ALA OA 204 -5.33 50.68 46.29
CA ALA OA 204 -6.56 50.39 47.03
C ALA OA 204 -6.32 50.08 48.48
N ILE OA 205 -7.03 50.77 49.37
CA ILE OA 205 -6.96 50.39 50.77
C ILE OA 205 -8.05 49.34 51.04
N SER OA 206 -7.81 48.13 50.53
CA SER OA 206 -8.81 47.07 50.59
C SER OA 206 -8.19 45.76 51.09
N THR OA 207 -8.91 45.02 51.92
CA THR OA 207 -8.33 43.80 52.48
C THR OA 207 -9.40 42.71 52.62
N THR OA 208 -8.98 41.45 52.55
CA THR OA 208 -9.90 40.34 52.47
C THR OA 208 -9.64 39.26 53.51
N LEU OA 209 -10.70 38.55 53.89
CA LEU OA 209 -10.67 37.50 54.88
C LEU OA 209 -10.10 36.18 54.36
N ASP OA 210 -9.28 35.50 55.17
CA ASP OA 210 -8.84 34.15 54.79
C ASP OA 210 -9.94 33.15 55.08
N VAL OA 211 -10.91 33.00 54.18
CA VAL OA 211 -12.03 32.08 54.42
C VAL OA 211 -11.54 30.67 54.57
N SER OA 212 -10.45 30.37 53.87
CA SER OA 212 -9.78 29.06 53.86
C SER OA 212 -9.18 28.61 55.19
N LYS OA 213 -8.99 29.53 56.12
CA LYS OA 213 -8.26 29.23 57.34
C LYS OA 213 -9.13 29.38 58.57
N LEU OA 214 -10.43 29.50 58.36
CA LEU OA 214 -11.35 29.71 59.47
C LEU OA 214 -11.46 28.48 60.36
N GLY OA 215 -11.87 28.69 61.61
CA GLY OA 215 -11.99 27.61 62.57
C GLY OA 215 -12.86 26.48 62.04
N LYS OA 216 -14.08 26.81 61.62
CA LYS OA 216 -14.95 25.83 60.99
C LYS OA 216 -15.59 26.42 59.73
N LYS OA 217 -16.47 25.68 59.07
CA LYS OA 217 -17.09 26.21 57.87
C LYS OA 217 -18.46 26.80 58.13
N TRP OA 218 -19.32 26.09 58.82
CA TRP OA 218 -20.67 26.61 59.02
C TRP OA 218 -20.74 27.23 60.41
N TYR OA 219 -20.88 28.55 60.41
CA TYR OA 219 -20.95 29.34 61.62
C TYR OA 219 -22.39 29.69 61.87
N PRO OA 220 -22.78 29.75 63.15
CA PRO OA 220 -24.12 30.20 63.57
C PRO OA 220 -24.30 31.73 63.56
N TYR OA 221 -25.48 32.16 63.15
CA TYR OA 221 -25.85 33.57 63.23
C TYR OA 221 -25.99 33.96 64.69
N LYS OA 222 -25.20 34.93 65.14
CA LYS OA 222 -25.25 35.37 66.52
C LYS OA 222 -25.32 36.89 66.47
N THR OA 223 -25.87 37.50 67.52
CA THR OA 223 -25.90 38.95 67.63
C THR OA 223 -24.75 39.46 68.48
N SER OA 224 -24.63 40.77 68.61
CA SER OA 224 -23.67 41.37 69.55
C SER OA 224 -23.97 40.88 70.98
N ALA OA 225 -25.26 40.73 71.29
CA ALA OA 225 -25.69 40.16 72.58
C ALA OA 225 -25.14 38.75 72.82
N ASP OA 226 -25.31 37.85 71.85
CA ASP OA 226 -24.84 36.48 72.00
C ASP OA 226 -23.33 36.44 72.24
N TYR OA 227 -22.59 37.24 71.49
CA TYR OA 227 -21.14 37.32 71.63
C TYR OA 227 -20.77 37.84 73.02
N ALA OA 228 -21.40 38.94 73.44
CA ALA OA 228 -21.09 39.60 74.71
C ALA OA 228 -21.27 38.67 75.92
N THR OA 229 -22.42 38.01 76.00
CA THR OA 229 -22.68 37.09 77.11
C THR OA 229 -21.70 35.93 77.12
N ALA OA 230 -21.46 35.36 75.94
CA ALA OA 230 -20.59 34.19 75.78
C ALA OA 230 -19.18 34.46 76.31
N VAL OA 231 -18.62 35.64 76.03
CA VAL OA 231 -17.29 35.98 76.52
C VAL OA 231 -17.30 36.24 78.03
N GLY OA 232 -18.49 36.53 78.58
CA GLY OA 232 -18.67 36.68 80.01
C GLY OA 232 -18.46 35.36 80.75
N VAL OA 233 -18.84 34.26 80.11
CA VAL OA 233 -18.64 32.92 80.69
C VAL OA 233 -17.20 32.48 80.41
N ASP OA 234 -16.78 32.59 79.14
CA ASP OA 234 -15.41 32.32 78.70
C ASP OA 234 -15.16 32.84 77.28
N VAL OA 235 -14.13 33.67 77.10
CA VAL OA 235 -13.86 34.28 75.79
C VAL OA 235 -13.62 33.20 74.73
N ASN OA 236 -13.20 32.02 75.19
CA ASN OA 236 -12.86 30.93 74.28
C ASN OA 236 -14.12 30.29 73.72
N ILE OA 237 -15.25 30.50 74.42
CA ILE OA 237 -16.57 30.06 73.95
C ILE OA 237 -16.97 30.83 72.70
N ALA OA 238 -16.45 32.04 72.59
CA ALA OA 238 -16.80 32.93 71.48
C ALA OA 238 -16.16 32.55 70.13
N THR OA 239 -15.01 31.87 70.14
CA THR OA 239 -14.30 31.52 68.90
C THR OA 239 -15.12 30.67 67.93
N PRO OA 240 -15.90 29.72 68.45
CA PRO OA 240 -16.75 29.10 67.42
C PRO OA 240 -17.96 29.95 66.98
N LEU OA 241 -18.11 31.16 67.50
CA LEU OA 241 -19.28 32.00 67.20
C LEU OA 241 -19.03 33.13 66.18
N VAL OA 242 -17.82 33.68 66.17
CA VAL OA 242 -17.44 34.73 65.23
C VAL OA 242 -16.24 34.24 64.43
N PRO OA 243 -16.31 34.31 63.09
CA PRO OA 243 -15.18 33.81 62.29
C PRO OA 243 -13.91 34.69 62.39
N ALA OA 244 -14.04 36.01 62.54
CA ALA OA 244 -12.88 36.87 62.66
C ALA OA 244 -13.22 38.30 63.14
N ARG OA 245 -12.20 39.09 63.45
CA ARG OA 245 -12.39 40.49 63.83
C ARG OA 245 -11.60 41.41 62.92
N LEU OA 246 -12.23 42.50 62.49
CA LEU OA 246 -11.52 43.47 61.69
C LEU OA 246 -10.97 44.48 62.66
N VAL OA 247 -9.67 44.79 62.55
CA VAL OA 247 -9.07 45.76 63.42
C VAL OA 247 -8.79 47.03 62.62
N ILE OA 248 -9.17 48.19 63.16
CA ILE OA 248 -9.01 49.45 62.47
C ILE OA 248 -8.29 50.49 63.33
N ALA OA 249 -7.28 51.13 62.76
CA ALA OA 249 -6.61 52.20 63.44
C ALA OA 249 -6.65 53.51 62.66
N LEU OA 250 -6.89 54.60 63.38
CA LEU OA 250 -6.75 55.89 62.76
C LEU OA 250 -5.86 56.82 63.58
N LEU OA 251 -4.93 57.46 62.88
CA LEU OA 251 -3.97 58.35 63.52
C LEU OA 251 -3.39 59.35 62.52
N ASP OA 252 -2.33 60.06 62.95
CA ASP OA 252 -1.57 60.97 62.09
C ASP OA 252 -2.37 62.20 61.64
N GLY OA 253 -3.48 62.49 62.31
CA GLY OA 253 -4.29 63.65 61.97
C GLY OA 253 -3.74 64.94 62.53
N SER OA 254 -4.31 66.03 62.10
CA SER OA 254 -3.87 67.36 62.50
C SER OA 254 -4.78 67.97 63.57
N SER OA 255 -5.89 67.33 63.86
CA SER OA 255 -6.80 67.90 64.83
C SER OA 255 -7.02 66.95 66.00
N SER OA 256 -7.38 67.50 67.16
CA SER OA 256 -7.74 66.69 68.31
C SER OA 256 -9.23 66.30 68.20
N THR OA 257 -9.98 67.04 67.39
CA THR OA 257 -11.38 66.68 67.13
C THR OA 257 -11.40 65.87 65.82
N ALA OA 258 -12.19 64.79 65.81
CA ALA OA 258 -12.24 63.88 64.67
C ALA OA 258 -12.63 64.61 63.40
N VAL OA 259 -11.83 64.45 62.36
CA VAL OA 259 -12.12 65.01 61.04
C VAL OA 259 -12.82 63.99 60.14
N ALA OA 260 -13.84 64.41 59.41
CA ALA OA 260 -14.44 63.46 58.49
C ALA OA 260 -13.41 63.00 57.43
N ALA OA 261 -13.11 61.70 57.40
CA ALA OA 261 -12.07 61.15 56.52
C ALA OA 261 -12.65 60.30 55.39
N GLY OA 262 -13.31 59.20 55.73
CA GLY OA 262 -13.88 58.33 54.72
C GLY OA 262 -14.84 57.26 55.21
N ARG OA 263 -14.98 56.19 54.46
CA ARG OA 263 -15.90 55.12 54.79
C ARG OA 263 -15.34 53.73 54.44
N ILE OA 264 -15.76 52.73 55.21
CA ILE OA 264 -15.44 51.33 54.92
C ILE OA 264 -16.67 50.57 54.40
N TYR OA 265 -16.56 49.98 53.22
CA TYR OA 265 -17.66 49.21 52.66
C TYR OA 265 -17.30 47.74 52.75
N CYS OA 266 -18.30 46.90 52.89
CA CYS OA 266 -18.04 45.49 52.92
C CYS OA 266 -18.68 44.83 51.72
N THR OA 267 -17.88 44.07 50.99
CA THR OA 267 -18.33 43.31 49.86
C THR OA 267 -18.15 41.87 50.18
N TYR OA 268 -19.25 41.15 50.26
CA TYR OA 268 -19.18 39.78 50.75
C TYR OA 268 -19.89 38.82 49.79
N THR OA 269 -19.49 37.55 49.82
CA THR OA 269 -20.29 36.48 49.26
C THR OA 269 -20.54 35.50 50.40
N ILE OA 270 -21.81 35.36 50.77
CA ILE OA 270 -22.19 34.57 51.91
C ILE OA 270 -23.08 33.38 51.49
N GLN OA 271 -22.79 32.20 52.04
CA GLN OA 271 -23.66 31.04 51.86
C GLN OA 271 -24.58 30.87 53.06
N MET OA 272 -25.87 30.97 52.84
CA MET OA 272 -26.80 30.91 53.96
C MET OA 272 -27.60 29.63 53.90
N ILE OA 273 -27.66 28.92 55.02
CA ILE OA 273 -28.41 27.66 55.03
C ILE OA 273 -29.33 27.48 56.22
N GLU OA 274 -30.33 26.60 56.03
CA GLU OA 274 -31.26 26.13 57.06
C GLU OA 274 -32.13 27.23 57.67
N PRO OA 275 -33.21 27.62 56.96
CA PRO OA 275 -34.17 28.65 57.36
C PRO OA 275 -34.80 28.41 58.73
N THR OA 276 -35.25 29.48 59.39
CA THR OA 276 -35.90 29.41 60.71
C THR OA 276 -36.91 30.51 60.84
N ALA OA 277 -37.97 30.22 61.58
CA ALA OA 277 -39.07 31.16 61.78
C ALA OA 277 -39.14 31.59 63.23
N GLY PA 86 15.15 18.34 54.96
CA GLY PA 86 15.96 19.51 54.67
C GLY PA 86 16.40 20.36 55.86
N GLY PA 87 15.46 20.81 56.70
CA GLY PA 87 15.76 21.61 57.87
C GLY PA 87 15.41 23.08 57.70
N ILE PA 88 15.02 23.48 56.49
CA ILE PA 88 14.73 24.89 56.21
C ILE PA 88 13.28 25.23 56.49
N THR PA 89 13.08 26.14 57.43
CA THR PA 89 11.77 26.72 57.73
C THR PA 89 11.62 28.03 56.97
N VAL PA 90 10.77 28.02 55.93
CA VAL PA 90 10.57 29.21 55.09
C VAL PA 90 9.36 30.04 55.49
N LEU PA 91 9.60 31.34 55.69
CA LEU PA 91 8.60 32.28 56.18
C LEU PA 91 8.52 33.50 55.29
N THR PA 92 7.30 33.93 54.98
CA THR PA 92 7.07 35.17 54.23
C THR PA 92 6.20 36.16 55.02
N HIS PA 93 6.63 37.41 55.12
CA HIS PA 93 5.95 38.33 56.00
C HIS PA 93 6.22 39.81 55.64
N SER PA 94 5.30 40.67 56.06
CA SER PA 94 5.45 42.13 56.00
C SER PA 94 5.28 42.70 57.40
N GLU PA 95 6.10 43.67 57.78
CA GLU PA 95 5.84 44.38 59.04
C GLU PA 95 6.46 45.77 59.04
N LEU PA 96 6.02 46.62 59.96
CA LEU PA 96 6.60 47.95 60.09
C LEU PA 96 8.08 47.91 60.46
N SER PA 97 8.86 48.70 59.74
CA SER PA 97 10.30 48.70 59.91
C SER PA 97 10.91 50.05 60.34
N ALA PA 98 10.19 51.14 60.11
CA ALA PA 98 10.65 52.50 60.42
C ALA PA 98 9.51 53.50 60.31
N GLU PA 99 9.56 54.51 61.17
CA GLU PA 99 8.68 55.66 61.03
C GLU PA 99 9.48 56.86 60.53
N ILE PA 100 8.90 57.59 59.59
CA ILE PA 100 9.68 58.52 58.78
C ILE PA 100 9.14 59.93 58.88
N GLY PA 101 10.02 60.89 59.18
CA GLY PA 101 9.62 62.28 59.31
C GLY PA 101 10.53 63.15 58.48
N VAL PA 102 10.03 64.31 58.05
CA VAL PA 102 10.78 65.21 57.19
C VAL PA 102 11.06 66.56 57.81
N THR PA 103 12.26 67.06 57.55
CA THR PA 103 12.65 68.42 57.92
C THR PA 103 13.14 69.10 56.66
N ASP PA 104 13.53 70.37 56.77
CA ASP PA 104 13.93 71.16 55.60
C ASP PA 104 15.42 71.05 55.30
N SER PA 105 16.15 70.35 56.16
CA SER PA 105 17.54 70.10 55.89
C SER PA 105 17.79 68.59 55.95
N ILE PA 106 18.75 68.11 55.17
CA ILE PA 106 18.95 66.66 55.01
C ILE PA 106 19.32 65.91 56.28
N VAL PA 107 18.62 64.80 56.51
CA VAL PA 107 18.90 63.89 57.62
C VAL PA 107 19.10 62.51 57.05
N VAL PA 108 20.27 61.92 57.23
CA VAL PA 108 20.48 60.61 56.62
C VAL PA 108 20.53 59.51 57.69
N SER PA 109 19.64 58.52 57.62
CA SER PA 109 19.70 57.39 58.54
C SER PA 109 19.88 56.09 57.77
N SER PA 110 20.09 55.00 58.51
CA SER PA 110 20.27 53.72 57.86
C SER PA 110 19.81 52.58 58.72
N GLU PA 111 19.57 51.44 58.09
CA GLU PA 111 19.10 50.26 58.79
C GLU PA 111 19.78 49.02 58.23
N LEU PA 112 20.29 48.20 59.13
CA LEU PA 112 20.95 46.96 58.78
C LEU PA 112 19.92 45.98 58.25
N VAL PA 113 20.20 45.33 57.13
CA VAL PA 113 19.28 44.33 56.57
C VAL PA 113 19.51 42.91 57.18
N MET PA 114 19.12 42.75 58.42
CA MET PA 114 19.24 41.48 59.13
C MET PA 114 18.06 41.38 60.09
N PRO PA 115 17.59 40.16 60.36
CA PRO PA 115 16.35 39.93 61.11
C PRO PA 115 16.24 40.77 62.37
N TYR PA 116 17.33 40.90 63.09
CA TYR PA 116 17.31 41.64 64.34
C TYR PA 116 16.79 43.06 64.17
N THR PA 117 17.06 43.67 63.01
CA THR PA 117 16.81 45.10 62.85
C THR PA 117 15.73 45.47 61.83
N VAL PA 118 15.10 44.49 61.18
CA VAL PA 118 14.07 44.81 60.20
C VAL PA 118 12.71 45.02 60.85
N GLY PA 119 12.51 44.38 61.99
CA GLY PA 119 11.22 44.50 62.65
C GLY PA 119 11.23 43.74 63.97
N THR PA 120 10.34 44.14 64.86
CA THR PA 120 10.29 43.55 66.19
C THR PA 120 9.85 42.09 66.13
N TRP PA 121 8.92 41.81 65.24
CA TRP PA 121 8.38 40.46 65.14
C TRP PA 121 9.45 39.47 64.62
N LEU PA 122 10.04 39.75 63.47
CA LEU PA 122 11.04 38.85 62.91
C LEU PA 122 12.18 38.69 63.88
N ARG PA 123 12.51 39.78 64.58
CA ARG PA 123 13.59 39.75 65.54
C ARG PA 123 13.39 38.61 66.53
N GLY PA 124 12.20 38.55 67.10
CA GLY PA 124 11.85 37.51 68.04
C GLY PA 124 11.73 36.13 67.40
N VAL PA 125 11.12 36.08 66.23
CA VAL PA 125 10.93 34.81 65.52
C VAL PA 125 12.26 34.19 65.07
N ALA PA 126 13.03 34.94 64.29
CA ALA PA 126 14.22 34.39 63.66
C ALA PA 126 15.30 34.09 64.68
N ALA PA 127 15.15 34.67 65.86
CA ALA PA 127 16.10 34.50 66.95
C ALA PA 127 16.16 33.05 67.40
N ASN PA 128 15.10 32.29 67.14
CA ASN PA 128 15.07 30.87 67.50
C ASN PA 128 15.89 30.00 66.56
N TRP PA 129 16.44 30.61 65.51
CA TRP PA 129 17.36 29.91 64.61
C TRP PA 129 18.72 30.65 64.63
N SER PA 130 19.80 29.94 64.33
CA SER PA 130 21.14 30.53 64.40
C SER PA 130 21.59 31.15 63.07
N LYS PA 131 21.07 30.61 61.97
CA LYS PA 131 21.43 31.09 60.65
C LYS PA 131 20.17 31.42 59.85
N TYR PA 132 20.29 32.29 58.83
CA TYR PA 132 19.17 32.60 57.94
C TYR PA 132 19.62 32.90 56.50
N SER PA 133 18.67 32.95 55.58
CA SER PA 133 18.96 33.37 54.23
C SER PA 133 17.83 34.20 53.67
N TRP PA 134 18.19 35.34 53.11
CA TRP PA 134 17.21 36.16 52.41
C TRP PA 134 16.88 35.59 51.04
N LEU PA 135 15.61 35.29 50.79
CA LEU PA 135 15.19 34.95 49.42
C LEU PA 135 14.70 36.19 48.73
N SER PA 136 14.10 37.08 49.49
CA SER PA 136 13.69 38.36 48.95
C SER PA 136 13.56 39.38 50.05
N VAL PA 137 14.02 40.60 49.81
CA VAL PA 137 13.81 41.66 50.78
C VAL PA 137 13.38 42.92 50.13
N ARG PA 138 12.24 43.43 50.55
CA ARG PA 138 11.74 44.68 50.00
C ARG PA 138 11.40 45.69 51.08
N TYR PA 139 11.93 46.90 50.95
CA TYR PA 139 11.60 48.02 51.84
C TYR PA 139 10.69 48.92 51.04
N THR PA 140 9.51 49.18 51.57
CA THR PA 140 8.51 49.91 50.81
C THR PA 140 8.08 51.10 51.64
N TYR PA 141 8.20 52.28 51.05
CA TYR PA 141 7.75 53.50 51.72
C TYR PA 141 6.28 53.75 51.37
N ILE PA 142 5.46 53.91 52.41
CA ILE PA 142 4.04 54.27 52.29
C ILE PA 142 3.77 55.58 53.04
N PRO PA 143 3.21 56.61 52.36
CA PRO PA 143 2.95 57.92 52.96
C PRO PA 143 1.74 57.98 53.89
N SER PA 144 1.70 58.97 54.78
CA SER PA 144 0.55 59.16 55.66
C SER PA 144 0.25 60.65 55.85
N CYS PA 145 0.75 61.47 54.94
CA CYS PA 145 0.69 62.91 55.07
C CYS PA 145 -0.20 63.57 54.02
N PRO PA 146 -0.49 64.86 54.18
CA PRO PA 146 -1.20 65.58 53.11
C PRO PA 146 -0.41 65.66 51.82
N SER PA 147 -1.12 65.88 50.72
CA SER PA 147 -0.55 66.09 49.40
C SER PA 147 0.21 67.42 49.32
N SER PA 148 0.04 68.24 50.35
CA SER PA 148 0.66 69.56 50.36
C SER PA 148 1.99 69.55 51.13
N THR PA 149 2.41 68.36 51.51
CA THR PA 149 3.63 68.22 52.31
C THR PA 149 4.90 68.38 51.52
N ALA PA 150 5.76 69.31 51.94
CA ALA PA 150 7.06 69.43 51.29
C ALA PA 150 7.95 68.29 51.77
N GLY PA 151 8.81 67.81 50.89
CA GLY PA 151 9.69 66.74 51.27
C GLY PA 151 9.85 65.67 50.20
N SER PA 152 10.97 64.96 50.30
CA SER PA 152 11.24 63.79 49.48
C SER PA 152 11.95 62.74 50.31
N ILE PA 153 11.84 61.47 49.93
CA ILE PA 153 12.56 60.43 50.64
C ILE PA 153 13.49 59.69 49.68
N HIS PA 154 14.64 59.25 50.18
CA HIS PA 154 15.58 58.53 49.35
C HIS PA 154 16.01 57.26 50.05
N MET PA 155 16.07 56.18 49.28
CA MET PA 155 16.47 54.86 49.79
C MET PA 155 17.39 54.18 48.80
N GLY PA 156 18.35 53.43 49.33
CA GLY PA 156 19.25 52.63 48.52
C GLY PA 156 19.96 51.63 49.40
N PHE PA 157 20.63 50.68 48.77
CA PHE PA 157 21.35 49.65 49.49
C PHE PA 157 22.86 49.81 49.37
N GLN PA 158 23.56 49.60 50.48
CA GLN PA 158 25.00 49.42 50.48
C GLN PA 158 25.24 47.99 50.89
N TYR PA 159 26.19 47.32 50.23
CA TYR PA 159 26.41 45.89 50.45
C TYR PA 159 27.75 45.62 51.12
N ASP PA 160 28.44 46.70 51.45
CA ASP PA 160 29.73 46.64 52.16
C ASP PA 160 29.70 47.52 53.44
N MET PA 161 29.85 46.88 54.60
CA MET PA 161 29.68 47.59 55.87
C MET PA 161 30.71 48.68 56.10
N ALA PA 162 31.84 48.58 55.40
CA ALA PA 162 32.90 49.55 55.56
C ALA PA 162 32.61 50.82 54.79
N ASP PA 163 31.68 50.73 53.83
CA ASP PA 163 31.26 51.90 53.05
C ASP PA 163 30.83 53.04 53.96
N THR PA 164 31.20 54.26 53.60
CA THR PA 164 30.75 55.42 54.34
C THR PA 164 29.29 55.64 54.06
N VAL PA 165 28.54 56.06 55.07
CA VAL PA 165 27.16 56.46 54.83
C VAL PA 165 27.14 57.67 53.90
N PRO PA 166 26.26 57.64 52.89
CA PRO PA 166 26.13 58.77 51.97
C PRO PA 166 25.78 60.06 52.72
N VAL PA 167 26.14 61.20 52.15
CA VAL PA 167 25.88 62.45 52.82
C VAL PA 167 25.04 63.36 51.95
N SER PA 168 24.92 63.02 50.66
CA SER PA 168 24.12 63.81 49.73
C SER PA 168 23.19 62.94 48.86
N VAL PA 169 22.09 63.53 48.39
CA VAL PA 169 21.22 62.84 47.45
C VAL PA 169 22.02 62.37 46.25
N ASN PA 170 22.97 63.19 45.79
CA ASN PA 170 23.81 62.83 44.66
C ASN PA 170 24.55 61.51 44.84
N GLN PA 171 25.24 61.36 45.97
CA GLN PA 171 25.93 60.12 46.26
C GLN PA 171 24.97 58.96 46.25
N LEU PA 172 23.89 59.11 47.02
CA LEU PA 172 22.89 58.06 47.15
C LEU PA 172 22.32 57.64 45.79
N SER PA 173 22.12 58.59 44.88
CA SER PA 173 21.50 58.30 43.58
C SER PA 173 22.27 57.28 42.78
N ASN PA 174 23.50 57.00 43.19
CA ASN PA 174 24.33 56.03 42.47
C ASN PA 174 24.12 54.64 43.00
N LEU PA 175 23.49 54.52 44.17
CA LEU PA 175 23.32 53.19 44.77
C LEU PA 175 22.35 52.31 44.02
N ARG PA 176 22.67 51.03 44.01
CA ARG PA 176 21.75 49.96 43.62
C ARG PA 176 20.45 50.06 44.39
N GLY PA 177 19.33 50.07 43.68
CA GLY PA 177 18.04 50.06 44.33
C GLY PA 177 17.63 51.44 44.76
N TYR PA 178 18.30 52.44 44.21
CA TYR PA 178 17.94 53.81 44.52
C TYR PA 178 16.51 54.06 44.05
N VAL PA 179 15.70 54.64 44.93
CA VAL PA 179 14.37 55.13 44.59
C VAL PA 179 14.20 56.51 45.23
N SER PA 180 13.26 57.31 44.74
CA SER PA 180 13.08 58.67 45.22
C SER PA 180 11.67 59.17 44.92
N GLY PA 181 11.11 59.93 45.85
CA GLY PA 181 9.81 60.54 45.63
C GLY PA 181 9.30 61.50 46.68
N GLN PA 182 8.24 62.20 46.34
CA GLN PA 182 7.51 63.06 47.27
C GLN PA 182 7.10 62.26 48.49
N VAL PA 183 7.10 62.89 49.66
CA VAL PA 183 6.77 62.17 50.86
C VAL PA 183 5.28 61.85 50.91
N TRP PA 184 4.52 62.42 49.98
CA TRP PA 184 3.08 62.14 49.89
C TRP PA 184 2.78 61.18 48.74
N SER PA 185 3.82 60.81 48.02
CA SER PA 185 3.78 59.79 46.99
C SER PA 185 4.15 58.44 47.63
N GLY PA 186 3.99 57.36 46.86
CA GLY PA 186 4.47 56.05 47.26
C GLY PA 186 3.34 55.07 47.52
N SER PA 187 2.11 55.56 47.39
CA SER PA 187 0.93 54.76 47.67
C SER PA 187 0.87 53.43 46.93
N ALA PA 188 1.26 53.43 45.66
CA ALA PA 188 1.08 52.25 44.82
C ALA PA 188 1.90 51.05 45.31
N GLY PA 189 2.73 51.26 46.33
CA GLY PA 189 3.51 50.20 46.92
C GLY PA 189 2.74 49.30 47.87
N LEU PA 190 1.54 49.70 48.25
CA LEU PA 190 0.78 48.92 49.23
C LEU PA 190 0.54 47.46 48.77
N CYS PA 191 0.30 47.28 47.46
CA CYS PA 191 0.01 45.95 46.92
C CYS PA 191 1.20 45.00 47.14
N PHE PA 192 2.41 45.55 47.28
CA PHE PA 192 3.56 44.74 47.69
C PHE PA 192 3.43 44.23 49.10
N ILE PA 193 2.80 45.02 49.94
CA ILE PA 193 2.86 44.71 51.35
C ILE PA 193 1.94 43.56 51.69
N ASN PA 194 0.77 43.50 51.09
CA ASN PA 194 -0.11 42.37 51.37
C ASN PA 194 -0.05 41.30 50.28
N GLY PA 195 0.94 41.40 49.39
CA GLY PA 195 1.13 40.41 48.35
C GLY PA 195 -0.03 40.25 47.39
N THR PA 196 -0.72 41.35 47.08
CA THR PA 196 -1.86 41.26 46.19
C THR PA 196 -1.37 41.49 44.75
N ARG PA 197 -2.29 41.47 43.78
CA ARG PA 197 -1.92 41.69 42.37
C ARG PA 197 -1.38 43.10 42.17
N CYS PA 198 -0.11 43.20 41.76
CA CYS PA 198 0.47 44.51 41.55
C CYS PA 198 0.40 44.88 40.08
N SER PA 199 -0.13 46.06 39.80
CA SER PA 199 -0.37 46.50 38.43
C SER PA 199 0.27 47.87 38.17
N ASP PA 200 -0.40 48.92 38.60
CA ASP PA 200 0.08 50.28 38.37
C ASP PA 200 1.11 50.65 39.42
N THR PA 201 2.27 50.03 39.35
CA THR PA 201 3.28 50.25 40.36
C THR PA 201 4.45 51.15 39.97
N SER PA 202 4.32 51.95 38.92
CA SER PA 202 5.45 52.80 38.46
C SER PA 202 5.87 53.82 39.50
N THR PA 203 4.88 54.24 40.27
CA THR PA 203 5.03 55.27 41.29
C THR PA 203 5.41 54.79 42.70
N ALA PA 204 5.57 53.49 42.89
CA ALA PA 204 5.91 52.91 44.19
C ALA PA 204 7.30 53.35 44.63
N ILE PA 205 7.43 53.87 45.86
CA ILE PA 205 8.76 54.15 46.37
C ILE PA 205 9.21 52.92 47.14
N SER PA 206 9.48 51.86 46.38
CA SER PA 206 9.78 50.52 46.91
C SER PA 206 11.05 49.95 46.28
N THR PA 207 11.85 49.25 47.07
CA THR PA 207 13.11 48.76 46.57
C THR PA 207 13.48 47.39 47.12
N THR PA 208 14.26 46.62 46.36
CA THR PA 208 14.55 45.21 46.72
C THR PA 208 16.06 44.89 46.81
N LEU PA 209 16.38 43.95 47.67
CA LEU PA 209 17.74 43.53 47.91
C LEU PA 209 18.26 42.63 46.79
N ASP PA 210 19.48 42.84 46.33
CA ASP PA 210 20.07 41.92 45.37
C ASP PA 210 20.59 40.70 46.11
N VAL PA 211 19.72 39.73 46.37
CA VAL PA 211 20.11 38.54 47.11
C VAL PA 211 21.16 37.70 46.41
N SER PA 212 21.11 37.67 45.08
CA SER PA 212 22.07 36.96 44.25
C SER PA 212 23.50 37.50 44.34
N LYS PA 213 23.64 38.70 44.87
CA LYS PA 213 24.91 39.41 44.81
C LYS PA 213 25.50 39.61 46.21
N LEU PA 214 24.88 38.96 47.20
CA LEU PA 214 25.32 39.06 48.58
C LEU PA 214 26.65 38.35 48.76
N GLY PA 215 27.37 38.67 49.84
CA GLY PA 215 28.64 38.04 50.10
C GLY PA 215 28.53 36.51 50.10
N LYS PA 216 27.63 35.96 50.93
CA LYS PA 216 27.38 34.52 50.94
C LYS PA 216 25.88 34.23 50.98
N LYS PA 217 25.52 32.97 51.16
CA LYS PA 217 24.09 32.63 51.26
C LYS PA 217 23.60 32.52 52.72
N TRP PA 218 24.31 31.79 53.57
CA TRP PA 218 23.82 31.59 54.92
C TRP PA 218 24.53 32.52 55.90
N TYR PA 219 23.76 33.43 56.49
CA TYR PA 219 24.24 34.40 57.49
C TYR PA 219 23.87 34.02 58.92
N PRO PA 220 24.73 34.36 59.88
CA PRO PA 220 24.35 34.16 61.29
C PRO PA 220 23.37 35.23 61.78
N TYR PA 221 22.43 34.83 62.63
CA TYR PA 221 21.56 35.77 63.33
C TYR PA 221 22.44 36.56 64.27
N LYS PA 222 22.43 37.88 64.12
CA LYS PA 222 23.26 38.74 64.96
C LYS PA 222 22.47 39.92 65.49
N THR PA 223 22.93 40.48 66.61
CA THR PA 223 22.34 41.63 67.28
C THR PA 223 22.97 42.95 66.81
N SER PA 224 22.39 44.07 67.19
CA SER PA 224 23.02 45.36 67.01
C SER PA 224 24.29 45.35 67.84
N ALA PA 225 24.20 44.74 69.03
CA ALA PA 225 25.33 44.54 69.93
C ALA PA 225 26.47 43.76 69.29
N ASP PA 226 26.14 42.59 68.73
CA ASP PA 226 27.15 41.74 68.10
C ASP PA 226 27.84 42.52 66.99
N TYR PA 227 27.06 43.30 66.24
CA TYR PA 227 27.59 44.16 65.18
C TYR PA 227 28.47 45.28 65.74
N ALA PA 228 28.00 45.91 66.80
CA ALA PA 228 28.71 47.04 67.43
C ALA PA 228 30.10 46.60 67.88
N THR PA 229 30.15 45.46 68.59
CA THR PA 229 31.38 44.87 69.10
C THR PA 229 32.34 44.50 68.00
N ALA PA 230 31.82 43.79 66.99
CA ALA PA 230 32.61 43.34 65.86
C ALA PA 230 33.21 44.51 65.08
N VAL PA 231 32.41 45.56 64.87
CA VAL PA 231 32.85 46.75 64.15
C VAL PA 231 33.81 47.58 64.99
N GLY PA 232 33.74 47.44 66.31
CA GLY PA 232 34.67 48.08 67.22
C GLY PA 232 36.10 47.54 67.07
N VAL PA 233 36.20 46.26 66.74
CA VAL PA 233 37.46 45.56 66.54
C VAL PA 233 38.03 45.85 65.14
N ASP PA 234 37.18 45.66 64.12
CA ASP PA 234 37.50 45.98 62.75
C ASP PA 234 36.21 45.98 61.94
N VAL PA 235 35.97 47.06 61.21
CA VAL PA 235 34.73 47.22 60.46
C VAL PA 235 34.51 46.04 59.50
N ASN PA 236 35.60 45.42 59.09
CA ASN PA 236 35.55 44.35 58.10
C ASN PA 236 35.06 43.01 58.66
N ILE PA 237 35.09 42.86 59.99
CA ILE PA 237 34.51 41.70 60.65
C ILE PA 237 32.99 41.66 60.39
N ALA PA 238 32.42 42.84 60.13
CA ALA PA 238 30.98 42.94 59.93
C ALA PA 238 30.52 42.31 58.60
N THR PA 239 31.39 42.31 57.58
CA THR PA 239 30.97 41.86 56.25
C THR PA 239 30.40 40.43 56.20
N PRO PA 240 31.00 39.48 56.94
CA PRO PA 240 30.29 38.19 56.94
C PRO PA 240 29.09 38.09 57.90
N LEU PA 241 28.73 39.17 58.58
CA LEU PA 241 27.62 39.10 59.55
C LEU PA 241 26.33 39.72 59.06
N VAL PA 242 26.46 40.79 58.29
CA VAL PA 242 25.29 41.50 57.80
C VAL PA 242 25.33 41.57 56.30
N PRO PA 243 24.25 41.11 55.65
CA PRO PA 243 24.22 41.08 54.20
C PRO PA 243 24.21 42.46 53.52
N ALA PA 244 23.60 43.46 54.14
CA ALA PA 244 23.54 44.78 53.51
C ALA PA 244 23.10 45.86 54.47
N ARG PA 245 23.15 47.10 54.00
CA ARG PA 245 22.64 48.23 54.77
C ARG PA 245 21.62 49.00 53.94
N LEU PA 246 20.47 49.32 54.52
CA LEU PA 246 19.53 50.18 53.82
C LEU PA 246 19.83 51.60 54.22
N VAL PA 247 20.02 52.48 53.24
CA VAL PA 247 20.30 53.88 53.53
C VAL PA 247 19.08 54.75 53.23
N ILE PA 248 18.76 55.66 54.14
CA ILE PA 248 17.59 56.50 53.96
C ILE PA 248 17.96 57.96 54.16
N ALA PA 249 17.59 58.78 53.19
CA ALA PA 249 17.79 60.22 53.29
C ALA PA 249 16.46 60.91 53.14
N LEU PA 250 16.25 61.90 54.00
CA LEU PA 250 15.09 62.79 53.89
C LEU PA 250 15.45 64.27 53.90
N LEU PA 251 14.89 65.02 52.97
CA LEU PA 251 15.19 66.43 52.88
C LEU PA 251 14.05 67.11 52.11
N ASP PA 252 14.22 68.40 51.79
CA ASP PA 252 13.24 69.16 51.00
C ASP PA 252 11.92 69.44 51.73
N GLY PA 253 11.94 69.29 53.05
CA GLY PA 253 10.76 69.57 53.86
C GLY PA 253 10.58 71.06 54.03
N SER PA 254 9.45 71.44 54.64
CA SER PA 254 9.11 72.86 54.79
C SER PA 254 9.32 73.46 56.17
N SER PA 255 9.56 72.61 57.17
CA SER PA 255 9.76 73.06 58.54
C SER PA 255 11.13 72.58 59.00
N SER PA 256 11.71 73.24 59.99
CA SER PA 256 12.99 72.79 60.53
C SER PA 256 12.72 71.67 61.52
N THR PA 257 11.46 71.59 61.96
CA THR PA 257 11.01 70.54 62.86
C THR PA 257 10.37 69.42 62.06
N ALA PA 258 10.68 68.17 62.43
CA ALA PA 258 10.22 67.03 61.67
C ALA PA 258 8.72 66.98 61.53
N VAL PA 259 8.28 66.92 60.28
CA VAL PA 259 6.87 66.73 59.95
C VAL PA 259 6.68 65.26 59.64
N ALA PA 260 5.64 64.64 60.18
CA ALA PA 260 5.37 63.24 59.96
C ALA PA 260 5.11 62.95 58.46
N ALA PA 261 5.93 62.10 57.87
CA ALA PA 261 5.85 61.87 56.43
C ALA PA 261 5.23 60.52 56.17
N GLY PA 262 5.90 59.45 56.60
CA GLY PA 262 5.38 58.13 56.36
C GLY PA 262 6.04 57.03 57.15
N ARG PA 263 5.97 55.80 56.63
CA ARG PA 263 6.50 54.63 57.31
C ARG PA 263 7.15 53.73 56.27
N ILE PA 264 8.17 53.00 56.69
CA ILE PA 264 8.78 52.02 55.82
C ILE PA 264 8.41 50.60 56.26
N TYR PA 265 7.87 49.81 55.35
CA TYR PA 265 7.58 48.42 55.66
C TYR PA 265 8.61 47.51 55.00
N CYS PA 266 8.91 46.40 55.66
CA CYS PA 266 9.80 45.39 55.08
C CYS PA 266 9.00 44.13 54.78
N THR PA 267 9.09 43.67 53.53
CA THR PA 267 8.40 42.48 53.08
C THR PA 267 9.42 41.45 52.68
N TYR PA 268 9.45 40.35 53.43
CA TYR PA 268 10.53 39.40 53.28
C TYR PA 268 10.05 37.98 53.12
N THR PA 269 10.90 37.21 52.46
CA THR PA 269 10.83 35.76 52.47
C THR PA 269 12.16 35.28 53.00
N ILE PA 270 12.14 34.66 54.19
CA ILE PA 270 13.37 34.26 54.85
C ILE PA 270 13.48 32.74 55.04
N GLN PA 271 14.65 32.19 54.77
CA GLN PA 271 14.92 30.79 55.08
C GLN PA 271 15.69 30.70 56.38
N MET PA 272 15.12 30.03 57.37
CA MET PA 272 15.72 29.91 58.69
C MET PA 272 16.18 28.48 58.94
N ILE PA 273 17.43 28.31 59.35
CA ILE PA 273 17.95 26.97 59.61
C ILE PA 273 18.70 26.87 60.94
N GLU PA 274 18.84 25.64 61.41
CA GLU PA 274 19.65 25.28 62.58
C GLU PA 274 19.21 25.93 63.89
N PRO PA 275 18.14 25.37 64.49
CA PRO PA 275 17.53 25.76 65.76
C PRO PA 275 18.50 25.81 66.95
N THR PA 276 18.15 26.59 67.98
CA THR PA 276 18.92 26.71 69.22
C THR PA 276 18.07 27.08 70.41
N ALA PA 277 18.50 26.62 71.58
CA ALA PA 277 17.86 26.94 72.85
C ALA PA 277 18.80 27.79 73.73
N GLY QA 86 36.41 41.89 22.14
CA GLY QA 86 35.79 43.04 21.52
C GLY QA 86 36.44 44.37 21.88
N GLY QA 87 36.57 44.64 23.18
CA GLY QA 87 37.19 45.87 23.63
C GLY QA 87 36.13 46.82 24.17
N ILE QA 88 34.87 46.45 23.97
CA ILE QA 88 33.74 47.25 24.39
C ILE QA 88 33.28 46.92 25.80
N THR QA 89 33.36 47.91 26.68
CA THR QA 89 32.76 47.81 28.00
C THR QA 89 31.36 48.44 28.04
N VAL QA 90 30.36 47.60 28.32
CA VAL QA 90 29.01 48.07 28.39
C VAL QA 90 28.61 48.40 29.82
N LEU QA 91 28.09 49.61 30.02
CA LEU QA 91 27.73 50.13 31.34
C LEU QA 91 26.30 50.68 31.38
N THR QA 92 25.52 50.25 32.36
CA THR QA 92 24.16 50.76 32.55
C THR QA 92 24.00 51.32 33.97
N HIS QA 93 23.48 52.54 34.05
CA HIS QA 93 23.44 53.20 35.33
C HIS QA 93 22.45 54.35 35.33
N SER QA 94 21.98 54.67 36.54
CA SER QA 94 21.16 55.85 36.81
C SER QA 94 21.92 56.69 37.81
N GLU QA 95 21.93 58.00 37.61
CA GLU QA 95 22.46 58.86 38.66
C GLU QA 95 21.84 60.26 38.55
N LEU QA 96 21.92 61.04 39.63
CA LEU QA 96 21.42 62.39 39.64
C LEU QA 96 22.16 63.26 38.61
N SER QA 97 21.44 64.05 37.84
CA SER QA 97 22.06 64.86 36.80
C SER QA 97 21.81 66.37 36.92
N ALA QA 98 20.76 66.77 37.63
CA ALA QA 98 20.41 68.17 37.73
C ALA QA 98 19.36 68.40 38.82
N GLU QA 99 19.51 69.48 39.61
CA GLU QA 99 18.45 69.80 40.57
C GLU QA 99 17.67 71.00 40.08
N ILE QA 100 16.36 70.92 40.24
CA ILE QA 100 15.47 71.79 39.51
C ILE QA 100 14.56 72.58 40.44
N GLY QA 101 14.46 73.89 40.20
CA GLY QA 101 13.61 74.81 40.95
C GLY QA 101 12.83 75.76 40.06
N VAL QA 102 11.69 76.28 40.54
CA VAL QA 102 10.82 77.18 39.76
C VAL QA 102 10.65 78.59 40.25
N THR QA 103 10.61 79.51 39.29
CA THR QA 103 10.31 80.91 39.51
C THR QA 103 9.13 81.28 38.64
N ASP QA 104 8.67 82.51 38.73
CA ASP QA 104 7.48 82.91 38.00
C ASP QA 104 7.74 83.43 36.59
N SER QA 105 9.01 83.49 36.19
CA SER QA 105 9.34 83.80 34.81
C SER QA 105 10.29 82.70 34.28
N ILE QA 106 10.28 82.49 32.97
CA ILE QA 106 11.00 81.39 32.34
C ILE QA 106 12.53 81.47 32.53
N VAL QA 107 13.12 80.34 32.86
CA VAL QA 107 14.56 80.19 32.95
C VAL QA 107 14.97 79.02 32.08
N VAL QA 108 15.75 79.25 31.03
CA VAL QA 108 16.10 78.13 30.16
C VAL QA 108 17.56 77.75 30.32
N SER QA 109 17.79 76.52 30.77
CA SER QA 109 19.14 76.02 30.95
C SER QA 109 19.40 74.82 30.05
N SER QA 110 20.62 74.33 30.08
CA SER QA 110 20.96 73.20 29.25
C SER QA 110 22.06 72.36 29.85
N GLU QA 111 22.19 71.13 29.32
CA GLU QA 111 23.22 70.19 29.73
C GLU QA 111 23.68 69.42 28.48
N LEU QA 112 25.01 69.33 28.29
CA LEU QA 112 25.54 68.55 27.17
C LEU QA 112 25.30 67.08 27.41
N VAL QA 113 24.84 66.37 26.39
CA VAL QA 113 24.62 64.93 26.54
C VAL QA 113 25.91 64.18 26.19
N MET QA 114 26.88 64.29 27.08
CA MET QA 114 28.18 63.63 26.94
C MET QA 114 28.62 63.27 28.35
N PRO QA 115 29.40 62.17 28.51
CA PRO QA 115 29.70 61.58 29.83
C PRO QA 115 30.11 62.56 30.92
N TYR QA 116 30.98 63.51 30.61
CA TYR QA 116 31.52 64.47 31.60
C TYR QA 116 30.45 65.25 32.36
N THR QA 117 29.32 65.52 31.69
CA THR QA 117 28.32 66.42 32.23
C THR QA 117 26.96 65.78 32.56
N VAL QA 118 26.80 64.48 32.33
CA VAL QA 118 25.52 63.84 32.65
C VAL QA 118 25.54 63.51 34.14
N GLY QA 119 26.72 63.32 34.71
CA GLY QA 119 26.79 62.98 36.12
C GLY QA 119 28.21 62.93 36.65
N THR QA 120 28.38 63.11 37.96
CA THR QA 120 29.75 63.08 38.47
C THR QA 120 30.31 61.65 38.42
N TRP QA 121 29.48 60.65 38.71
CA TRP QA 121 29.96 59.27 38.75
C TRP QA 121 30.40 58.84 37.39
N LEU QA 122 29.51 58.97 36.41
CA LEU QA 122 29.87 58.60 35.06
C LEU QA 122 31.07 59.42 34.60
N ARG QA 123 31.13 60.69 35.01
CA ARG QA 123 32.22 61.59 34.62
C ARG QA 123 33.58 61.00 34.94
N GLY QA 124 33.73 60.53 36.17
CA GLY QA 124 34.98 59.91 36.59
C GLY QA 124 35.24 58.59 35.90
N VAL QA 125 34.20 57.77 35.81
CA VAL QA 125 34.32 56.44 35.26
C VAL QA 125 34.77 56.45 33.80
N ALA QA 126 34.05 57.17 32.98
CA ALA QA 126 34.28 57.10 31.54
C ALA QA 126 35.58 57.76 31.06
N ALA QA 127 36.18 58.59 31.91
CA ALA QA 127 37.41 59.29 31.56
C ALA QA 127 38.55 58.31 31.31
N ASN QA 128 38.42 57.11 31.87
CA ASN QA 128 39.42 56.06 31.70
C ASN QA 128 39.39 55.43 30.30
N TRP QA 129 38.41 55.85 29.49
CA TRP QA 129 38.37 55.44 28.09
C TRP QA 129 38.41 56.70 27.20
N SER QA 130 38.84 56.54 25.95
CA SER QA 130 39.03 57.69 25.07
C SER QA 130 37.76 58.02 24.30
N LYS QA 131 37.02 56.99 23.91
CA LYS QA 131 35.80 57.18 23.12
C LYS QA 131 34.66 56.43 23.76
N TYR QA 132 33.44 56.83 23.42
CA TYR QA 132 32.22 56.17 23.89
C TYR QA 132 31.13 56.16 22.83
N SER QA 133 30.07 55.42 23.08
CA SER QA 133 28.89 55.48 22.22
C SER QA 133 27.64 55.35 23.07
N TRP QA 134 26.70 56.24 22.84
CA TRP QA 134 25.43 56.13 23.53
C TRP QA 134 24.56 55.03 22.93
N LEU QA 135 24.17 54.07 23.75
CA LEU QA 135 23.20 53.08 23.32
C LEU QA 135 21.82 53.52 23.80
N SER QA 136 21.78 54.22 24.94
CA SER QA 136 20.55 54.81 25.49
C SER QA 136 20.83 55.95 26.48
N VAL QA 137 20.05 57.01 26.37
CA VAL QA 137 20.09 58.10 27.34
C VAL QA 137 18.69 58.56 27.70
N ARG QA 138 18.33 58.46 28.97
CA ARG QA 138 17.01 58.91 29.36
C ARG QA 138 17.07 59.84 30.55
N TYR QA 139 16.47 61.02 30.37
CA TYR QA 139 16.40 62.02 31.42
C TYR QA 139 15.00 61.97 32.01
N THR QA 140 14.99 61.77 33.34
CA THR QA 140 13.76 61.57 34.06
C THR QA 140 13.66 62.58 35.17
N TYR QA 141 12.63 63.42 35.13
CA TYR QA 141 12.37 64.39 36.18
C TYR QA 141 11.51 63.75 37.23
N ILE QA 142 11.97 63.77 38.48
CA ILE QA 142 11.18 63.26 39.59
C ILE QA 142 10.88 64.44 40.53
N PRO QA 143 9.59 64.65 40.89
CA PRO QA 143 9.20 65.76 41.76
C PRO QA 143 9.51 65.56 43.26
N SER QA 144 9.61 66.67 43.98
CA SER QA 144 9.83 66.65 45.43
C SER QA 144 9.07 67.73 46.20
N CYS QA 145 8.07 68.31 45.55
CA CYS QA 145 7.32 69.44 46.10
C CYS QA 145 5.88 69.08 46.36
N PRO QA 146 5.17 69.92 47.13
CA PRO QA 146 3.74 69.68 47.32
C PRO QA 146 2.93 69.73 46.03
N SER QA 147 1.78 69.09 46.06
CA SER QA 147 0.89 69.05 44.91
C SER QA 147 0.29 70.40 44.61
N SER QA 148 0.49 71.34 45.54
CA SER QA 148 -0.01 72.71 45.46
C SER QA 148 1.05 73.72 44.92
N THR QA 149 2.19 73.19 44.47
CA THR QA 149 3.29 73.97 43.89
C THR QA 149 2.98 74.40 42.47
N ALA QA 150 3.03 75.70 42.23
CA ALA QA 150 2.88 76.21 40.87
C ALA QA 150 4.20 75.99 40.13
N GLY QA 151 4.12 75.83 38.82
CA GLY QA 151 5.31 75.67 38.01
C GLY QA 151 5.13 74.54 37.03
N SER QA 152 5.88 74.58 35.93
CA SER QA 152 5.92 73.43 35.01
C SER QA 152 7.35 73.23 34.49
N ILE QA 153 7.67 72.01 34.04
CA ILE QA 153 9.00 71.75 33.49
C ILE QA 153 8.89 71.30 32.03
N HIS QA 154 9.87 71.67 31.20
CA HIS QA 154 9.91 71.32 29.77
C HIS QA 154 11.31 70.85 29.37
N MET QA 155 11.39 69.80 28.57
CA MET QA 155 12.69 69.27 28.13
C MET QA 155 12.68 68.89 26.66
N GLY QA 156 13.80 69.05 25.98
CA GLY QA 156 13.95 68.60 24.61
C GLY QA 156 15.41 68.52 24.20
N PHE QA 157 15.67 67.86 23.07
CA PHE QA 157 17.02 67.66 22.56
C PHE QA 157 17.34 68.48 21.31
N GLN QA 158 18.55 69.01 21.27
CA GLN QA 158 19.14 69.57 20.05
C GLN QA 158 20.30 68.72 19.62
N TYR QA 159 20.46 68.50 18.33
CA TYR QA 159 21.49 67.57 17.87
C TYR QA 159 22.60 68.31 17.09
N ASP QA 160 22.49 69.64 17.08
CA ASP QA 160 23.46 70.52 16.44
C ASP QA 160 23.96 71.56 17.44
N MET QA 161 25.25 71.54 17.77
CA MET QA 161 25.77 72.43 18.79
C MET QA 161 25.62 73.89 18.43
N ALA QA 162 25.50 74.15 17.13
CA ALA QA 162 25.41 75.52 16.66
C ALA QA 162 24.03 76.14 16.85
N ASP QA 163 22.99 75.32 17.01
CA ASP QA 163 21.62 75.79 17.25
C ASP QA 163 21.58 76.74 18.44
N THR QA 164 20.79 77.81 18.37
CA THR QA 164 20.60 78.68 19.55
C THR QA 164 19.70 77.98 20.54
N VAL QA 165 20.00 78.15 21.82
CA VAL QA 165 19.12 77.61 22.84
C VAL QA 165 17.80 78.36 22.77
N PRO QA 166 16.68 77.63 22.77
CA PRO QA 166 15.34 78.20 22.67
C PRO QA 166 15.08 79.18 23.78
N VAL QA 167 14.13 80.06 23.53
CA VAL QA 167 13.81 81.11 24.48
C VAL QA 167 12.36 81.03 24.89
N SER QA 168 11.57 80.26 24.15
CA SER QA 168 10.16 80.10 24.50
C SER QA 168 9.72 78.64 24.50
N VAL QA 169 8.69 78.36 25.30
CA VAL QA 169 8.04 77.06 25.33
C VAL QA 169 7.55 76.69 23.94
N ASN QA 170 7.09 77.68 23.19
CA ASN QA 170 6.64 77.45 21.83
C ASN QA 170 7.76 76.78 21.01
N GLN QA 171 8.94 77.37 21.02
CA GLN QA 171 10.11 76.81 20.34
C GLN QA 171 10.50 75.43 20.88
N LEU QA 172 10.60 75.35 22.20
CA LEU QA 172 11.05 74.13 22.85
C LEU QA 172 10.13 72.98 22.41
N SER QA 173 8.83 73.29 22.26
CA SER QA 173 7.81 72.28 21.94
C SER QA 173 8.06 71.60 20.61
N ASN QA 174 8.85 72.24 19.77
CA ASN QA 174 9.14 71.71 18.45
C ASN QA 174 10.31 70.75 18.44
N LEU QA 175 11.06 70.71 19.54
CA LEU QA 175 12.23 69.88 19.64
C LEU QA 175 11.86 68.40 19.70
N ARG QA 176 12.67 67.56 19.08
CA ARG QA 176 12.61 66.10 19.24
C ARG QA 176 12.67 65.68 20.72
N GLY QA 177 11.70 64.90 21.14
CA GLY QA 177 11.74 64.38 22.50
C GLY QA 177 11.19 65.37 23.50
N TYR QA 178 10.42 66.32 23.02
CA TYR QA 178 9.81 67.31 23.90
C TYR QA 178 8.90 66.67 24.93
N VAL QA 179 9.08 67.04 26.19
CA VAL QA 179 8.14 66.68 27.25
C VAL QA 179 7.85 67.88 28.17
N SER QA 180 6.74 67.84 28.90
CA SER QA 180 6.39 68.95 29.78
C SER QA 180 5.38 68.51 30.81
N GLY QA 181 5.48 69.03 32.02
CA GLY QA 181 4.50 68.66 33.03
C GLY QA 181 4.47 69.52 34.28
N GLN QA 182 3.41 69.36 35.08
CA GLN QA 182 3.33 70.09 36.34
C GLN QA 182 4.59 69.74 37.07
N VAL QA 183 5.08 70.74 37.77
CA VAL QA 183 6.37 70.65 38.43
C VAL QA 183 6.23 69.70 39.66
N TRP QA 184 4.99 69.32 39.97
CA TRP QA 184 4.71 68.33 41.00
C TRP QA 184 4.25 66.97 40.40
N SER QA 185 4.18 66.88 39.08
CA SER QA 185 3.91 65.61 38.38
C SER QA 185 5.23 64.93 38.04
N GLY QA 186 5.17 63.66 37.61
CA GLY QA 186 6.34 62.95 37.09
C GLY QA 186 6.83 61.75 37.90
N SER QA 187 6.16 61.50 39.02
CA SER QA 187 6.47 60.42 39.95
C SER QA 187 6.64 59.10 39.23
N ALA QA 188 5.77 58.90 38.23
CA ALA QA 188 5.68 57.67 37.46
C ALA QA 188 6.90 57.38 36.59
N GLY QA 189 7.81 58.33 36.49
CA GLY QA 189 9.03 58.08 35.74
C GLY QA 189 10.02 57.22 36.52
N LEU QA 190 9.74 57.01 37.81
CA LEU QA 190 10.67 56.35 38.71
C LEU QA 190 11.06 54.96 38.24
N CYS QA 191 10.15 54.23 37.64
CA CYS QA 191 10.48 52.87 37.28
C CYS QA 191 11.64 52.84 36.29
N PHE QA 192 11.83 53.92 35.54
CA PHE QA 192 12.94 53.98 34.60
C PHE QA 192 14.27 54.02 35.31
N ILE QA 193 14.29 54.61 36.49
CA ILE QA 193 15.53 54.91 37.17
C ILE QA 193 16.09 53.68 37.82
N ASN QA 194 15.22 52.88 38.42
CA ASN QA 194 15.67 51.64 39.04
C ASN QA 194 15.44 50.43 38.13
N GLY QA 195 15.09 50.71 36.88
CA GLY QA 195 14.93 49.67 35.87
C GLY QA 195 13.85 48.64 36.18
N THR QA 196 12.76 49.04 36.82
CA THR QA 196 11.73 48.09 37.25
C THR QA 196 10.73 47.91 36.12
N ARG QA 197 9.71 47.10 36.37
CA ARG QA 197 8.62 46.89 35.41
C ARG QA 197 7.87 48.20 35.21
N CYS QA 198 7.86 48.69 33.98
CA CYS QA 198 7.16 49.93 33.69
C CYS QA 198 5.78 49.60 33.12
N SER QA 199 4.75 50.18 33.71
CA SER QA 199 3.38 49.95 33.29
C SER QA 199 2.73 51.30 33.01
N ASP QA 200 2.28 51.97 34.07
CA ASP QA 200 1.63 53.27 34.02
C ASP QA 200 2.64 54.45 33.98
N THR QA 201 3.30 54.61 32.85
CA THR QA 201 4.28 55.66 32.67
C THR QA 201 3.76 56.80 31.81
N SER QA 202 2.46 56.88 31.60
CA SER QA 202 1.92 57.89 30.68
C SER QA 202 2.12 59.30 31.20
N THR QA 203 2.17 59.43 32.52
CA THR QA 203 2.31 60.73 33.16
C THR QA 203 3.77 61.12 33.34
N ALA QA 204 4.66 60.23 32.94
CA ALA QA 204 6.08 60.39 33.13
C ALA QA 204 6.65 61.56 32.36
N ILE QA 205 7.37 62.41 33.06
CA ILE QA 205 8.13 63.47 32.42
C ILE QA 205 9.54 62.94 32.17
N SER QA 206 9.63 62.02 31.22
CA SER QA 206 10.91 61.37 30.98
C SER QA 206 11.16 61.35 29.46
N THR QA 207 12.42 61.53 29.06
CA THR QA 207 12.69 61.65 27.64
C THR QA 207 14.01 60.97 27.21
N THR QA 208 14.07 60.55 25.94
CA THR QA 208 15.17 59.74 25.41
C THR QA 208 15.83 60.28 24.15
N LEU QA 209 17.13 60.03 24.03
CA LEU QA 209 17.97 60.50 22.93
C LEU QA 209 17.80 59.72 21.63
N ASP QA 210 17.85 60.37 20.48
CA ASP QA 210 17.86 59.62 19.24
C ASP QA 210 19.25 59.08 18.98
N VAL QA 211 19.58 57.97 19.62
CA VAL QA 211 20.90 57.39 19.47
C VAL QA 211 21.09 57.01 18.00
N SER QA 212 19.98 56.69 17.33
CA SER QA 212 19.97 56.32 15.92
C SER QA 212 20.43 57.45 15.00
N LYS QA 213 20.39 58.68 15.49
CA LYS QA 213 20.52 59.83 14.60
C LYS QA 213 21.72 60.74 14.89
N LEU QA 214 22.66 60.29 15.72
CA LEU QA 214 23.81 61.10 16.05
C LEU QA 214 24.68 61.25 14.82
N GLY QA 215 25.52 62.27 14.79
CA GLY QA 215 26.40 62.51 13.66
C GLY QA 215 27.21 61.26 13.35
N LYS QA 216 27.82 60.69 14.38
CA LYS QA 216 28.58 59.45 14.26
C LYS QA 216 28.28 58.44 15.37
N LYS QA 217 29.03 57.34 15.41
CA LYS QA 217 28.80 56.32 16.44
C LYS QA 217 29.69 56.46 17.67
N TRP QA 218 30.99 56.65 17.45
CA TRP QA 218 31.96 56.76 18.54
C TRP QA 218 32.40 58.22 18.76
N TYR QA 219 32.04 58.79 19.90
CA TYR QA 219 32.46 60.13 20.21
C TYR QA 219 33.57 60.06 21.22
N PRO QA 220 34.51 61.01 21.18
CA PRO QA 220 35.56 61.14 22.18
C PRO QA 220 35.07 61.74 23.51
N TYR QA 221 35.63 61.26 24.62
CA TYR QA 221 35.41 61.86 25.94
C TYR QA 221 36.04 63.26 25.95
N LYS QA 222 35.22 64.26 26.28
CA LYS QA 222 35.67 65.65 26.36
C LYS QA 222 35.18 66.27 27.66
N THR QA 223 35.86 67.31 28.15
CA THR QA 223 35.35 68.06 29.28
C THR QA 223 34.64 69.31 28.77
N SER QA 224 34.03 70.04 29.70
CA SER QA 224 33.46 71.35 29.40
C SER QA 224 34.55 72.30 28.94
N ALA QA 225 35.69 72.22 29.61
CA ALA QA 225 36.85 73.00 29.23
C ALA QA 225 37.18 72.75 27.76
N ASP QA 226 37.26 71.49 27.36
CA ASP QA 226 37.53 71.12 25.97
C ASP QA 226 36.49 71.66 25.01
N TYR QA 227 35.23 71.61 25.42
CA TYR QA 227 34.14 72.12 24.60
C TYR QA 227 34.22 73.63 24.34
N ALA QA 228 34.42 74.42 25.40
CA ALA QA 228 34.46 75.87 25.31
C ALA QA 228 35.52 76.33 24.32
N THR QA 229 36.70 75.70 24.42
CA THR QA 229 37.83 75.97 23.56
C THR QA 229 37.48 75.74 22.08
N ALA QA 230 36.84 74.62 21.80
CA ALA QA 230 36.42 74.25 20.46
C ALA QA 230 35.44 75.28 19.89
N VAL QA 231 34.53 75.76 20.74
CA VAL QA 231 33.53 76.75 20.34
C VAL QA 231 34.14 78.15 20.14
N GLY QA 232 35.27 78.40 20.80
CA GLY QA 232 35.99 79.65 20.60
C GLY QA 232 36.52 79.76 19.19
N VAL QA 233 36.89 78.62 18.61
CA VAL QA 233 37.41 78.55 17.25
C VAL QA 233 36.33 78.55 16.19
N ASP QA 234 35.36 77.65 16.35
CA ASP QA 234 34.20 77.56 15.47
C ASP QA 234 33.19 76.63 16.14
N VAL QA 235 31.95 77.09 16.31
CA VAL QA 235 30.93 76.31 17.01
C VAL QA 235 30.72 74.95 16.34
N ASN QA 236 31.02 74.88 15.05
CA ASN QA 236 30.78 73.67 14.29
C ASN QA 236 31.82 72.59 14.59
N ILE QA 237 32.98 72.99 15.11
CA ILE QA 237 33.99 72.03 15.52
C ILE QA 237 33.42 71.17 16.64
N ALA QA 238 32.47 71.75 17.37
CA ALA QA 238 31.90 71.10 18.54
C ALA QA 238 30.96 69.97 18.18
N THR QA 239 30.31 70.03 17.02
CA THR QA 239 29.34 69.00 16.64
C THR QA 239 29.95 67.57 16.58
N PRO QA 240 31.18 67.43 16.06
CA PRO QA 240 31.74 66.07 16.20
C PRO QA 240 32.29 65.75 17.61
N LEU QA 241 32.12 66.66 18.57
CA LEU QA 241 32.60 66.45 19.94
C LEU QA 241 31.47 66.09 20.92
N VAL QA 242 30.27 66.57 20.63
CA VAL QA 242 29.10 66.30 21.46
C VAL QA 242 27.95 65.72 20.63
N PRO QA 243 27.33 64.62 21.10
CA PRO QA 243 26.22 64.08 20.30
C PRO QA 243 24.97 64.98 20.29
N ALA QA 244 24.64 65.62 21.41
CA ALA QA 244 23.46 66.45 21.50
C ALA QA 244 23.48 67.27 22.78
N ARG QA 245 22.54 68.22 22.93
CA ARG QA 245 22.40 68.96 24.18
C ARG QA 245 20.96 68.87 24.68
N LEU QA 246 20.79 68.74 25.98
CA LEU QA 246 19.45 68.69 26.56
C LEU QA 246 19.04 70.10 26.87
N VAL QA 247 17.84 70.47 26.42
CA VAL QA 247 17.30 71.79 26.72
C VAL QA 247 16.22 71.68 27.79
N ILE QA 248 16.28 72.59 28.75
CA ILE QA 248 15.39 72.60 29.91
C ILE QA 248 14.77 73.97 30.13
N ALA QA 249 13.45 74.04 30.30
CA ALA QA 249 12.82 75.32 30.68
C ALA QA 249 11.92 75.18 31.91
N LEU QA 250 12.00 76.16 32.82
CA LEU QA 250 11.09 76.21 33.95
C LEU QA 250 10.42 77.55 34.08
N LEU QA 251 9.13 77.51 34.31
CA LEU QA 251 8.30 78.71 34.40
C LEU QA 251 7.03 78.40 35.12
N ASP QA 252 6.10 79.36 35.12
CA ASP QA 252 4.75 79.18 35.68
C ASP QA 252 4.73 79.02 37.21
N GLY QA 253 5.80 79.44 37.88
CA GLY QA 253 5.91 79.37 39.34
C GLY QA 253 5.15 80.49 40.00
N SER QA 254 5.00 80.44 41.32
CA SER QA 254 4.16 81.44 41.98
C SER QA 254 5.02 82.50 42.63
N SER QA 255 6.32 82.24 42.65
CA SER QA 255 7.28 83.14 43.28
C SER QA 255 8.39 83.57 42.31
N SER QA 256 9.03 84.69 42.60
CA SER QA 256 10.18 85.17 41.84
C SER QA 256 11.50 84.58 42.35
N THR QA 257 11.52 84.11 43.59
CA THR QA 257 12.71 83.42 44.09
C THR QA 257 12.42 81.94 43.96
N ALA QA 258 13.42 81.18 43.51
CA ALA QA 258 13.26 79.75 43.17
C ALA QA 258 12.70 78.90 44.31
N VAL QA 259 11.66 78.14 43.96
CA VAL QA 259 11.04 77.18 44.85
C VAL QA 259 11.57 75.81 44.52
N ALA QA 260 11.90 75.01 45.54
CA ALA QA 260 12.38 73.65 45.31
C ALA QA 260 11.31 72.81 44.59
N ALA QA 261 11.64 72.36 43.39
CA ALA QA 261 10.68 71.65 42.57
C ALA QA 261 10.99 70.16 42.54
N GLY QA 262 12.12 69.81 41.94
CA GLY QA 262 12.48 68.41 41.84
C GLY QA 262 13.89 68.21 41.33
N ARG QA 263 14.13 67.03 40.75
CA ARG QA 263 15.45 66.68 40.24
C ARG QA 263 15.35 65.93 38.91
N ILE QA 264 16.38 66.08 38.08
CA ILE QA 264 16.51 65.34 36.82
C ILE QA 264 17.61 64.25 36.92
N TYR QA 265 17.24 63.00 36.66
CA TYR QA 265 18.19 61.88 36.67
C TYR QA 265 18.50 61.41 35.27
N CYS QA 266 19.67 60.86 35.07
CA CYS QA 266 20.02 60.30 33.78
C CYS QA 266 20.15 58.79 33.88
N THR QA 267 19.43 58.05 33.02
CA THR QA 267 19.57 56.60 32.98
C THR QA 267 20.12 56.25 31.62
N TYR QA 268 21.34 55.72 31.58
CA TYR QA 268 22.05 55.58 30.33
C TYR QA 268 22.61 54.19 30.10
N THR QA 269 22.77 53.82 28.85
CA THR QA 269 23.59 52.66 28.51
C THR QA 269 24.73 53.08 27.59
N ILE QA 270 25.96 53.01 28.08
CA ILE QA 270 27.11 53.49 27.32
C ILE QA 270 28.13 52.37 26.96
N GLN QA 271 28.61 52.39 25.72
CA GLN QA 271 29.71 51.53 25.30
C GLN QA 271 31.03 52.30 25.38
N MET QA 272 31.94 51.87 26.24
CA MET QA 272 33.19 52.59 26.41
C MET QA 272 34.32 51.79 25.82
N ILE QA 273 35.10 52.42 24.97
CA ILE QA 273 36.19 51.74 24.27
C ILE QA 273 37.50 52.51 24.32
N GLU QA 274 38.59 51.80 24.02
CA GLU QA 274 39.94 52.37 23.86
C GLU QA 274 40.48 53.09 25.09
N PRO QA 275 40.93 52.31 26.09
CA PRO QA 275 41.46 52.80 27.36
C PRO QA 275 42.60 53.80 27.23
N THR QA 276 42.80 54.53 28.31
CA THR QA 276 43.81 55.56 28.38
C THR QA 276 44.37 55.63 29.78
N ALA QA 277 45.64 55.94 29.90
CA ALA QA 277 46.22 56.21 31.20
C ALA QA 277 46.63 57.67 31.11
N SER QA 278 45.69 58.57 31.41
CA SER QA 278 45.95 60.01 31.34
C SER QA 278 44.84 60.82 32.00
N GLY RA 86 2.33 58.91 -5.16
CA GLY RA 86 3.61 59.48 -5.59
C GLY RA 86 3.53 60.99 -5.64
N GLY RA 87 4.45 61.66 -4.95
CA GLY RA 87 4.44 63.11 -4.91
C GLY RA 87 4.02 63.66 -3.56
N ILE RA 88 3.66 62.74 -2.65
CA ILE RA 88 3.19 63.10 -1.32
C ILE RA 88 4.33 63.15 -0.29
N THR RA 89 4.53 64.31 0.33
CA THR RA 89 5.45 64.41 1.47
C THR RA 89 4.69 64.29 2.80
N VAL RA 90 4.97 63.22 3.55
CA VAL RA 90 4.32 63.01 4.85
C VAL RA 90 5.16 63.41 6.09
N LEU RA 91 4.53 64.20 6.96
CA LEU RA 91 5.11 64.80 8.15
C LEU RA 91 4.33 64.44 9.42
N THR RA 92 5.03 64.06 10.48
CA THR RA 92 4.38 63.84 11.76
C THR RA 92 5.09 64.71 12.80
N HIS RA 93 4.33 65.48 13.57
CA HIS RA 93 4.95 66.44 14.47
C HIS RA 93 4.01 66.83 15.63
N SER RA 94 4.61 67.24 16.74
CA SER RA 94 3.89 67.81 17.85
C SER RA 94 4.42 69.19 18.09
N GLU RA 95 3.53 70.15 18.33
CA GLU RA 95 3.95 71.48 18.72
C GLU RA 95 2.86 72.17 19.52
N LEU RA 96 3.25 73.23 20.22
CA LEU RA 96 2.35 74.02 21.03
C LEU RA 96 1.33 74.65 20.12
N SER RA 97 0.07 74.60 20.52
CA SER RA 97 -1.01 75.13 19.70
C SER RA 97 -1.79 76.25 20.40
N ALA RA 98 -1.75 76.27 21.74
CA ALA RA 98 -2.51 77.23 22.52
C ALA RA 98 -2.06 77.31 23.98
N GLU RA 99 -2.04 78.52 24.56
CA GLU RA 99 -1.78 78.68 25.99
C GLU RA 99 -3.05 79.03 26.73
N ILE RA 100 -3.26 78.40 27.88
CA ILE RA 100 -4.55 78.42 28.52
C ILE RA 100 -4.63 78.83 30.00
N GLY RA 101 -5.57 79.74 30.29
CA GLY RA 101 -5.86 80.24 31.64
C GLY RA 101 -7.34 80.25 32.00
N VAL RA 102 -7.66 80.17 33.30
CA VAL RA 102 -9.03 80.10 33.78
C VAL RA 102 -9.58 81.23 34.63
N THR RA 103 -10.84 81.53 34.40
CA THR RA 103 -11.53 82.54 35.17
C THR RA 103 -12.74 81.87 35.79
N ASP RA 104 -13.49 82.60 36.60
CA ASP RA 104 -14.58 81.96 37.30
C ASP RA 104 -15.83 82.03 36.49
N SER RA 105 -15.76 82.72 35.36
CA SER RA 105 -16.89 82.80 34.45
C SER RA 105 -16.44 82.26 33.08
N ILE RA 106 -17.37 81.63 32.36
CA ILE RA 106 -17.05 80.90 31.12
C ILE RA 106 -16.48 81.73 29.96
N VAL RA 107 -15.41 81.22 29.36
CA VAL RA 107 -14.79 81.80 28.16
C VAL RA 107 -14.63 80.80 27.02
N VAL RA 108 -15.29 81.06 25.88
CA VAL RA 108 -15.21 80.12 24.75
C VAL RA 108 -14.34 80.66 23.59
N SER RA 109 -13.28 79.92 23.26
CA SER RA 109 -12.41 80.31 22.19
C SER RA 109 -12.38 79.23 21.13
N SER RA 110 -11.76 79.48 19.98
CA SER RA 110 -11.69 78.45 18.95
C SER RA 110 -10.46 78.55 18.07
N GLU RA 111 -10.17 77.45 17.37
CA GLU RA 111 -9.02 77.42 16.49
C GLU RA 111 -9.38 76.61 15.24
N LEU RA 112 -9.10 77.17 14.08
CA LEU RA 112 -9.36 76.48 12.84
C LEU RA 112 -8.38 75.36 12.70
N VAL RA 113 -8.86 74.16 12.38
CA VAL RA 113 -7.96 73.02 12.23
C VAL RA 113 -7.36 73.01 10.83
N MET RA 114 -6.41 73.91 10.60
CA MET RA 114 -5.67 74.00 9.34
C MET RA 114 -4.24 74.45 9.65
N PRO RA 115 -3.25 74.03 8.83
CA PRO RA 115 -1.83 74.23 9.13
C PRO RA 115 -1.53 75.63 9.62
N TYR RA 116 -2.13 76.63 8.97
CA TYR RA 116 -1.84 78.01 9.32
C TYR RA 116 -2.10 78.29 10.79
N THR RA 117 -3.09 77.63 11.38
CA THR RA 117 -3.46 78.03 12.72
C THR RA 117 -3.21 77.01 13.81
N VAL RA 118 -2.63 75.85 13.47
CA VAL RA 118 -2.35 74.87 14.51
C VAL RA 118 -1.02 75.18 15.21
N GLY RA 119 -0.09 75.78 14.49
CA GLY RA 119 1.18 76.08 15.11
C GLY RA 119 2.07 76.86 14.19
N THR RA 120 2.98 77.63 14.77
CA THR RA 120 3.83 78.49 13.96
C THR RA 120 4.78 77.68 13.07
N TRP RA 121 5.30 76.55 13.56
CA TRP RA 121 6.26 75.78 12.77
C TRP RA 121 5.57 75.21 11.54
N LEU RA 122 4.48 74.49 11.75
CA LEU RA 122 3.71 73.89 10.66
C LEU RA 122 3.19 74.95 9.68
N ARG RA 123 2.82 76.11 10.20
CA ARG RA 123 2.36 77.19 9.35
C ARG RA 123 3.37 77.50 8.27
N GLY RA 124 4.61 77.71 8.70
CA GLY RA 124 5.68 78.04 7.77
C GLY RA 124 6.03 76.88 6.86
N VAL RA 125 6.09 75.68 7.41
CA VAL RA 125 6.46 74.50 6.64
C VAL RA 125 5.45 74.23 5.54
N ALA RA 126 4.19 74.07 5.95
CA ALA RA 126 3.13 73.61 5.03
C ALA RA 126 2.79 74.65 3.99
N ALA RA 127 3.24 75.89 4.19
CA ALA RA 127 3.00 76.95 3.22
C ALA RA 127 3.76 76.67 1.91
N ASN RA 128 4.81 75.86 1.97
CA ASN RA 128 5.59 75.54 0.78
C ASN RA 128 4.90 74.57 -0.19
N TRP RA 129 3.74 74.05 0.21
CA TRP RA 129 2.92 73.18 -0.64
C TRP RA 129 1.56 73.86 -0.83
N SER RA 130 0.84 73.48 -1.88
CA SER RA 130 -0.40 74.16 -2.22
C SER RA 130 -1.61 73.59 -1.52
N LYS RA 131 -1.59 72.27 -1.37
CA LYS RA 131 -2.70 71.53 -0.78
C LYS RA 131 -2.20 70.60 0.30
N TYR RA 132 -3.08 70.18 1.20
CA TYR RA 132 -2.71 69.21 2.22
C TYR RA 132 -3.87 68.27 2.56
N SER RA 133 -3.57 67.23 3.33
CA SER RA 133 -4.60 66.35 3.88
C SER RA 133 -4.20 65.88 5.25
N TRP RA 134 -5.09 66.01 6.21
CA TRP RA 134 -4.87 65.49 7.54
C TRP RA 134 -5.01 63.97 7.56
N LEU RA 135 -4.01 63.23 8.03
CA LEU RA 135 -4.16 61.79 8.26
C LEU RA 135 -4.53 61.54 9.71
N SER RA 136 -4.08 62.44 10.57
CA SER RA 136 -4.41 62.39 11.99
C SER RA 136 -4.19 63.76 12.63
N VAL RA 137 -5.15 64.20 13.47
CA VAL RA 137 -4.94 65.41 14.28
C VAL RA 137 -5.47 65.26 15.71
N ARG RA 138 -4.57 65.46 16.68
CA ARG RA 138 -4.91 65.37 18.09
C ARG RA 138 -4.47 66.59 18.88
N TYR RA 139 -5.40 67.16 19.64
CA TYR RA 139 -5.13 68.27 20.53
C TYR RA 139 -5.10 67.76 21.96
N THR RA 140 -4.02 68.04 22.67
CA THR RA 140 -3.85 67.50 24.01
C THR RA 140 -3.54 68.62 25.01
N TYR RA 141 -4.34 68.68 26.07
CA TYR RA 141 -4.13 69.65 27.15
C TYR RA 141 -3.17 69.14 28.24
N ILE RA 142 -2.13 69.91 28.53
CA ILE RA 142 -1.21 69.55 29.60
C ILE RA 142 -1.28 70.61 30.67
N PRO RA 143 -1.56 70.21 31.93
CA PRO RA 143 -1.71 71.19 33.00
C PRO RA 143 -0.38 71.73 33.47
N SER RA 144 -0.37 72.94 34.05
CA SER RA 144 0.85 73.54 34.56
C SER RA 144 0.57 74.25 35.86
N CYS RA 145 -0.54 73.88 36.49
CA CYS RA 145 -1.03 74.54 37.70
C CYS RA 145 -1.00 73.61 38.91
N PRO RA 146 -1.08 74.18 40.13
CA PRO RA 146 -1.21 73.37 41.35
C PRO RA 146 -2.48 72.49 41.38
N SER RA 147 -2.44 71.42 42.19
CA SER RA 147 -3.59 70.52 42.28
C SER RA 147 -4.77 71.20 42.93
N SER RA 148 -4.53 72.38 43.49
CA SER RA 148 -5.55 73.13 44.22
C SER RA 148 -6.24 74.21 43.35
N THR RA 149 -5.93 74.22 42.06
CA THR RA 149 -6.47 75.19 41.13
C THR RA 149 -7.91 74.90 40.72
N ALA RA 150 -8.79 75.86 40.94
CA ALA RA 150 -10.19 75.74 40.55
C ALA RA 150 -10.31 75.95 39.06
N GLY RA 151 -11.21 75.22 38.43
CA GLY RA 151 -11.39 75.36 37.01
C GLY RA 151 -11.50 74.03 36.29
N SER RA 152 -12.14 74.06 35.13
CA SER RA 152 -12.22 72.92 34.24
C SER RA 152 -12.10 73.36 32.79
N ILE RA 153 -11.60 72.47 31.93
CA ILE RA 153 -11.46 72.78 30.52
C ILE RA 153 -12.31 71.83 29.67
N HIS RA 154 -12.83 72.36 28.55
CA HIS RA 154 -13.65 71.59 27.65
C HIS RA 154 -13.19 71.79 26.21
N MET RA 155 -13.14 70.70 25.45
CA MET RA 155 -12.75 70.73 24.04
C MET RA 155 -13.64 69.83 23.19
N GLY RA 156 -13.94 70.29 21.97
CA GLY RA 156 -14.69 69.52 20.99
C GLY RA 156 -14.60 70.08 19.58
N PHE RA 157 -15.00 69.28 18.59
CA PHE RA 157 -14.88 69.71 17.22
C PHE RA 157 -16.19 70.08 16.58
N GLN RA 158 -16.16 71.14 15.79
CA GLN RA 158 -17.24 71.48 14.87
C GLN RA 158 -16.71 71.28 13.47
N TYR RA 159 -17.52 70.69 12.59
CA TYR RA 159 -17.04 70.35 11.25
C TYR RA 159 -17.70 71.17 10.15
N ASP RA 160 -18.55 72.13 10.52
CA ASP RA 160 -19.24 73.02 9.59
C ASP RA 160 -18.96 74.48 9.95
N MET RA 161 -18.34 75.23 9.06
CA MET RA 161 -17.88 76.57 9.44
C MET RA 161 -19.02 77.49 9.82
N ALA RA 162 -20.22 77.17 9.33
CA ALA RA 162 -21.40 77.96 9.62
C ALA RA 162 -21.98 77.65 10.99
N ASP RA 163 -21.65 76.49 11.57
CA ASP RA 163 -22.14 76.11 12.89
C ASP RA 163 -21.85 77.24 13.83
N THR RA 164 -22.81 77.57 14.69
CA THR RA 164 -22.55 78.62 15.66
C THR RA 164 -21.66 78.06 16.78
N VAL RA 165 -20.68 78.86 17.22
CA VAL RA 165 -19.81 78.47 18.32
C VAL RA 165 -20.61 78.37 19.61
N PRO RA 166 -20.44 77.27 20.37
CA PRO RA 166 -21.19 77.01 21.61
C PRO RA 166 -21.02 78.10 22.66
N VAL RA 167 -22.00 78.20 23.55
CA VAL RA 167 -21.98 79.21 24.59
C VAL RA 167 -22.10 78.58 25.98
N SER RA 168 -22.45 77.30 26.02
CA SER RA 168 -22.56 76.58 27.26
C SER RA 168 -21.85 75.22 27.18
N VAL RA 169 -21.45 74.70 28.33
CA VAL RA 169 -20.89 73.35 28.42
C VAL RA 169 -21.87 72.30 27.92
N ASN RA 170 -23.13 72.52 28.24
CA ASN RA 170 -24.20 71.63 27.83
C ASN RA 170 -24.14 71.39 26.33
N GLN RA 171 -24.08 72.51 25.59
CA GLN RA 171 -23.92 72.47 24.14
C GLN RA 171 -22.65 71.79 23.69
N LEU RA 172 -21.53 72.23 24.25
CA LEU RA 172 -20.25 71.70 23.90
C LEU RA 172 -20.19 70.20 24.07
N SER RA 173 -20.81 69.70 25.14
CA SER RA 173 -20.77 68.28 25.48
C SER RA 173 -21.32 67.39 24.37
N ASN RA 174 -22.05 67.97 23.43
CA ASN RA 174 -22.63 67.19 22.36
C ASN RA 174 -21.71 67.01 21.16
N LEU RA 175 -20.66 67.81 21.05
CA LEU RA 175 -19.78 67.69 19.90
C LEU RA 175 -18.94 66.41 19.93
N ARG RA 176 -18.68 65.86 18.74
CA ARG RA 176 -17.72 64.76 18.52
C ARG RA 176 -16.36 65.01 19.16
N GLY RA 177 -15.89 64.05 19.95
CA GLY RA 177 -14.55 64.15 20.49
C GLY RA 177 -14.49 65.06 21.69
N TYR RA 178 -15.66 65.32 22.27
CA TYR RA 178 -15.76 66.13 23.47
C TYR RA 178 -14.97 65.49 24.61
N VAL RA 179 -14.15 66.30 25.26
CA VAL RA 179 -13.45 65.85 26.45
C VAL RA 179 -13.49 66.92 27.53
N SER RA 180 -13.27 66.52 28.77
CA SER RA 180 -13.46 67.45 29.87
C SER RA 180 -12.68 66.99 31.10
N GLY RA 181 -12.11 67.94 31.84
CA GLY RA 181 -11.43 67.60 33.08
C GLY RA 181 -11.02 68.79 33.92
N GLN RA 182 -10.60 68.52 35.15
CA GLN RA 182 -10.03 69.56 35.99
C GLN RA 182 -8.90 70.24 35.23
N VAL RA 183 -8.68 71.50 35.55
CA VAL RA 183 -7.71 72.31 34.88
C VAL RA 183 -6.31 71.85 35.22
N TRP RA 184 -6.21 71.07 36.28
CA TRP RA 184 -4.94 70.51 36.74
C TRP RA 184 -4.77 69.02 36.42
N SER RA 185 -5.75 68.43 35.75
CA SER RA 185 -5.67 67.06 35.25
C SER RA 185 -5.12 67.07 33.84
N GLY RA 186 -4.82 65.91 33.29
CA GLY RA 186 -4.45 65.82 31.89
C GLY RA 186 -3.01 65.38 31.64
N SER RA 187 -2.26 65.23 32.73
CA SER RA 187 -0.85 64.81 32.70
C SER RA 187 -0.65 63.54 31.89
N ALA RA 188 -1.63 62.63 32.01
CA ALA RA 188 -1.59 61.32 31.36
C ALA RA 188 -1.64 61.41 29.85
N GLY RA 189 -1.86 62.61 29.34
CA GLY RA 189 -1.86 62.85 27.91
C GLY RA 189 -0.49 63.03 27.29
N LEU RA 190 0.53 63.18 28.12
CA LEU RA 190 1.87 63.54 27.64
C LEU RA 190 2.40 62.56 26.61
N CYS RA 191 2.11 61.28 26.83
CA CYS RA 191 2.62 60.21 25.98
C CYS RA 191 2.20 60.30 24.51
N PHE RA 192 1.04 60.92 24.24
CA PHE RA 192 0.55 61.16 22.88
C PHE RA 192 1.44 62.15 22.14
N ILE RA 193 2.01 63.09 22.88
CA ILE RA 193 2.75 64.21 22.32
C ILE RA 193 4.14 63.76 21.86
N ASN RA 194 4.80 62.94 22.67
CA ASN RA 194 6.12 62.46 22.26
C ASN RA 194 6.05 61.07 21.62
N GLY RA 195 4.82 60.61 21.34
CA GLY RA 195 4.61 59.37 20.63
C GLY RA 195 5.17 58.12 21.26
N THR RA 196 5.18 58.04 22.59
CA THR RA 196 5.71 56.86 23.27
C THR RA 196 4.56 55.85 23.57
N ARG RA 197 4.86 54.72 24.23
CA ARG RA 197 3.84 53.72 24.58
C ARG RA 197 2.78 54.30 25.53
N CYS RA 198 1.54 54.36 25.08
CA CYS RA 198 0.49 54.91 25.92
C CYS RA 198 -0.24 53.82 26.68
N SER RA 199 -0.34 54.00 27.99
CA SER RA 199 -0.88 52.96 28.85
C SER RA 199 -2.12 53.48 29.57
N ASP RA 200 -1.89 54.17 30.69
CA ASP RA 200 -2.96 54.72 31.51
C ASP RA 200 -3.47 56.06 30.98
N THR RA 201 -4.15 56.06 29.85
CA THR RA 201 -4.55 57.33 29.27
C THR RA 201 -5.97 57.70 29.60
N SER RA 202 -6.56 57.06 30.61
CA SER RA 202 -7.96 57.31 30.97
C SER RA 202 -8.19 58.74 31.40
N THR RA 203 -7.14 59.32 31.94
CA THR RA 203 -7.18 60.64 32.50
C THR RA 203 -6.88 61.73 31.48
N ALA RA 204 -6.49 61.32 30.28
CA ALA RA 204 -6.05 62.24 29.26
C ALA RA 204 -7.15 63.17 28.77
N ILE RA 205 -6.87 64.47 28.82
CA ILE RA 205 -7.74 65.46 28.21
C ILE RA 205 -7.25 65.64 26.77
N SER RA 206 -7.49 64.62 25.98
CA SER RA 206 -6.94 64.61 24.63
C SER RA 206 -8.03 64.17 23.65
N THR RA 207 -8.06 64.80 22.47
CA THR RA 207 -9.11 64.55 21.51
C THR RA 207 -8.63 64.59 20.06
N THR RA 208 -9.28 63.82 19.19
CA THR RA 208 -8.83 63.66 17.80
C THR RA 208 -9.88 63.94 16.72
N LEU RA 209 -9.39 64.42 15.59
CA LEU RA 209 -10.19 64.74 14.41
C LEU RA 209 -10.68 63.51 13.60
N ASP RA 210 -11.92 63.57 13.14
CA ASP RA 210 -12.48 62.56 12.24
C ASP RA 210 -12.02 62.80 10.82
N VAL RA 211 -10.88 62.23 10.47
CA VAL RA 211 -10.32 62.41 9.14
C VAL RA 211 -11.24 61.85 8.04
N SER RA 212 -11.86 60.72 8.36
CA SER RA 212 -12.79 60.04 7.48
C SER RA 212 -14.08 60.83 7.17
N LYS RA 213 -14.37 61.88 7.94
CA LYS RA 213 -15.67 62.53 7.85
C LYS RA 213 -15.54 63.96 7.33
N LEU RA 214 -14.34 64.33 6.88
CA LEU RA 214 -14.12 65.67 6.38
C LEU RA 214 -14.82 65.85 5.03
N GLY RA 215 -15.04 67.11 4.60
CA GLY RA 215 -15.66 67.36 3.31
C GLY RA 215 -14.99 66.68 2.11
N LYS RA 216 -13.69 66.91 1.98
CA LYS RA 216 -12.85 66.29 0.94
C LYS RA 216 -11.54 65.79 1.52
N LYS RA 217 -10.64 65.33 0.68
CA LYS RA 217 -9.36 64.85 1.19
C LYS RA 217 -8.29 65.93 1.08
N TRP RA 218 -8.18 66.57 -0.07
CA TRP RA 218 -7.12 67.54 -0.28
C TRP RA 218 -7.64 68.97 -0.13
N TYR RA 219 -7.17 69.63 0.93
CA TYR RA 219 -7.56 71.00 1.20
C TYR RA 219 -6.51 71.96 0.72
N PRO RA 220 -6.96 73.12 0.27
CA PRO RA 220 -5.97 74.14 -0.06
C PRO RA 220 -5.36 74.75 1.19
N TYR RA 221 -4.07 75.03 1.14
CA TYR RA 221 -3.45 75.78 2.21
C TYR RA 221 -4.03 77.19 2.15
N LYS RA 222 -4.63 77.64 3.25
CA LYS RA 222 -5.25 78.94 3.31
C LYS RA 222 -4.82 79.67 4.59
N THR RA 223 -4.87 80.99 4.54
CA THR RA 223 -4.52 81.85 5.65
C THR RA 223 -5.76 82.24 6.43
N SER RA 224 -5.58 82.79 7.62
CA SER RA 224 -6.67 83.37 8.39
C SER RA 224 -7.29 84.48 7.58
N ALA RA 225 -6.42 85.23 6.90
CA ALA RA 225 -6.81 86.28 5.99
C ALA RA 225 -7.73 85.74 4.90
N ASP RA 226 -7.34 84.65 4.26
CA ASP RA 226 -8.17 84.05 3.21
C ASP RA 226 -9.53 83.63 3.75
N TYR RA 227 -9.52 83.02 4.94
CA TYR RA 227 -10.73 82.60 5.64
C TYR RA 227 -11.62 83.76 6.01
N ALA RA 228 -11.01 84.81 6.58
CA ALA RA 228 -11.75 85.99 7.03
C ALA RA 228 -12.52 86.59 5.86
N THR RA 229 -11.84 86.72 4.72
CA THR RA 229 -12.42 87.20 3.47
C THR RA 229 -13.58 86.33 2.96
N ALA RA 230 -13.36 85.01 2.95
CA ALA RA 230 -14.33 84.06 2.43
C ALA RA 230 -15.65 84.14 3.18
N VAL RA 231 -15.57 84.17 4.51
CA VAL RA 231 -16.77 84.24 5.33
C VAL RA 231 -17.40 85.63 5.23
N GLY RA 232 -16.58 86.62 4.85
CA GLY RA 232 -17.10 87.94 4.61
C GLY RA 232 -18.02 87.91 3.42
N VAL RA 233 -17.70 87.08 2.42
CA VAL RA 233 -18.55 86.96 1.24
C VAL RA 233 -19.72 86.01 1.47
N ASP RA 234 -19.41 84.81 1.96
CA ASP RA 234 -20.40 83.81 2.34
C ASP RA 234 -19.70 82.76 3.17
N VAL RA 235 -20.24 82.53 4.36
CA VAL RA 235 -19.65 81.61 5.32
C VAL RA 235 -19.51 80.22 4.73
N ASN RA 236 -20.39 79.86 3.80
CA ASN RA 236 -20.38 78.51 3.25
C ASN RA 236 -19.24 78.28 2.24
N ILE RA 237 -18.74 79.38 1.66
CA ILE RA 237 -17.60 79.36 0.77
C ILE RA 237 -16.35 78.89 1.52
N ALA RA 238 -16.34 79.15 2.82
CA ALA RA 238 -15.21 78.81 3.69
C ALA RA 238 -15.13 77.32 4.00
N THR RA 239 -16.26 76.63 3.97
CA THR RA 239 -16.30 75.21 4.35
C THR RA 239 -15.38 74.30 3.52
N PRO RA 240 -15.27 74.52 2.20
CA PRO RA 240 -14.30 73.64 1.54
C PRO RA 240 -12.84 74.07 1.77
N LEU RA 241 -12.65 75.11 2.57
CA LEU RA 241 -11.33 75.69 2.84
C LEU RA 241 -10.76 75.22 4.16
N VAL RA 242 -11.62 74.98 5.14
CA VAL RA 242 -11.17 74.57 6.46
C VAL RA 242 -11.80 73.24 6.83
N PRO RA 243 -10.99 72.27 7.25
CA PRO RA 243 -11.59 70.96 7.55
C PRO RA 243 -12.45 70.94 8.82
N ALA RA 244 -12.11 71.74 9.83
CA ALA RA 244 -12.86 71.76 11.10
C ALA RA 244 -12.46 72.93 11.99
N ARG RA 245 -13.18 73.14 13.08
CA ARG RA 245 -12.74 74.12 14.06
C ARG RA 245 -12.74 73.48 15.45
N LEU RA 246 -11.71 73.76 16.22
CA LEU RA 246 -11.65 73.23 17.57
C LEU RA 246 -12.28 74.26 18.47
N VAL RA 247 -13.21 73.83 19.31
CA VAL RA 247 -13.84 74.73 20.27
C VAL RA 247 -13.37 74.44 21.69
N ILE RA 248 -13.06 75.51 22.42
CA ILE RA 248 -12.55 75.38 23.79
C ILE RA 248 -13.34 76.26 24.76
N ALA RA 249 -13.79 75.70 25.88
CA ALA RA 249 -14.41 76.52 26.92
C ALA RA 249 -13.67 76.29 28.23
N LEU RA 250 -13.43 77.38 28.95
CA LEU RA 250 -12.86 77.31 30.28
C LEU RA 250 -13.69 78.05 31.31
N LEU RA 251 -13.96 77.38 32.42
CA LEU RA 251 -14.78 77.97 33.47
C LEU RA 251 -14.49 77.29 34.81
N ASP RA 252 -15.32 77.58 35.81
CA ASP RA 252 -15.26 76.96 37.14
C ASP RA 252 -14.01 77.37 37.95
N GLY RA 253 -13.37 78.45 37.52
CA GLY RA 253 -12.22 79.03 38.18
C GLY RA 253 -12.59 79.87 39.41
N SER RA 254 -11.58 80.32 40.15
CA SER RA 254 -11.80 81.06 41.38
C SER RA 254 -11.54 82.56 41.27
N SER RA 255 -11.00 82.99 40.13
CA SER RA 255 -10.61 84.38 39.95
C SER RA 255 -11.34 85.09 38.83
N SER RA 256 -11.38 86.41 38.89
CA SER RA 256 -11.94 87.22 37.82
C SER RA 256 -10.85 87.44 36.77
N THR RA 257 -9.60 87.32 37.22
CA THR RA 257 -8.43 87.39 36.34
C THR RA 257 -7.93 86.00 36.04
N ALA RA 258 -7.58 85.78 34.77
CA ALA RA 258 -7.15 84.48 34.30
C ALA RA 258 -5.98 83.97 35.12
N VAL RA 259 -6.13 82.74 35.61
CA VAL RA 259 -5.06 82.03 36.30
C VAL RA 259 -4.42 81.09 35.31
N ALA RA 260 -3.08 81.08 35.24
CA ALA RA 260 -2.38 80.18 34.31
C ALA RA 260 -2.70 78.73 34.62
N ALA RA 261 -3.29 78.03 33.65
CA ALA RA 261 -3.81 76.68 33.87
C ALA RA 261 -2.96 75.62 33.20
N GLY RA 262 -2.89 75.70 31.87
CA GLY RA 262 -2.13 74.75 31.08
C GLY RA 262 -1.91 75.18 29.63
N ARG RA 263 -1.66 74.20 28.79
CA ARG RA 263 -1.38 74.43 27.38
C ARG RA 263 -1.99 73.34 26.50
N ILE RA 264 -2.38 73.70 25.28
CA ILE RA 264 -2.83 72.73 24.30
C ILE RA 264 -1.78 72.52 23.22
N TYR RA 265 -1.38 71.27 23.04
CA TYR RA 265 -0.42 70.93 21.98
C TYR RA 265 -1.18 70.26 20.86
N CYS RA 266 -0.65 70.38 19.65
CA CYS RA 266 -1.23 69.67 18.54
C CYS RA 266 -0.27 68.60 18.03
N THR RA 267 -0.78 67.38 17.95
CA THR RA 267 -0.02 66.25 17.41
C THR RA 267 -0.72 65.84 16.14
N TYR RA 268 -0.08 66.05 15.01
CA TYR RA 268 -0.71 65.87 13.71
C TYR RA 268 0.14 65.01 12.79
N THR RA 269 -0.52 64.34 11.86
CA THR RA 269 0.18 63.76 10.73
C THR RA 269 -0.43 64.32 9.44
N ILE RA 270 0.35 65.07 8.68
CA ILE RA 270 -0.14 65.78 7.51
C ILE RA 270 0.48 65.27 6.20
N GLN RA 271 -0.35 65.16 5.17
CA GLN RA 271 0.12 64.90 3.82
C GLN RA 271 0.19 66.19 3.03
N MET RA 272 1.37 66.54 2.57
CA MET RA 272 1.56 67.77 1.82
C MET RA 272 1.85 67.45 0.34
N ILE RA 273 1.12 68.08 -0.58
CA ILE RA 273 1.32 67.80 -2.00
C ILE RA 273 1.39 69.06 -2.85
N GLU RA 274 1.97 68.91 -4.04
CA GLU RA 274 2.01 69.94 -5.07
C GLU RA 274 2.65 71.22 -4.57
N PRO RA 275 4.01 71.24 -4.54
CA PRO RA 275 4.85 72.37 -4.11
C PRO RA 275 4.50 73.66 -4.81
N THR RA 276 4.89 74.79 -4.21
CA THR RA 276 4.53 76.11 -4.74
C THR RA 276 5.61 77.14 -4.41
N ALA RA 277 5.79 78.14 -5.27
CA ALA RA 277 6.78 79.20 -5.01
C ALA RA 277 6.13 80.58 -4.82
N GLY SA 86 -35.65 47.08 8.97
CA GLY SA 86 -36.08 46.75 10.32
C GLY SA 86 -36.91 47.81 11.02
N GLY SA 87 -36.39 49.04 11.03
CA GLY SA 87 -37.05 50.16 11.68
C GLY SA 87 -36.36 50.67 12.94
N ILE SA 88 -35.33 49.98 13.39
CA ILE SA 88 -34.62 50.43 14.58
C ILE SA 88 -33.52 51.40 14.22
N THR SA 89 -33.64 52.62 14.74
CA THR SA 89 -32.57 53.59 14.63
C THR SA 89 -31.69 53.52 15.90
N VAL SA 90 -30.46 53.08 15.75
CA VAL SA 90 -29.57 52.92 16.89
C VAL SA 90 -28.70 54.17 17.04
N LEU SA 91 -28.68 54.71 18.26
CA LEU SA 91 -27.98 55.95 18.54
C LEU SA 91 -27.04 55.77 19.75
N THR SA 92 -25.81 56.23 19.61
CA THR SA 92 -24.88 56.24 20.73
C THR SA 92 -24.40 57.69 20.91
N HIS SA 93 -24.46 58.20 22.14
CA HIS SA 93 -24.14 59.60 22.33
C HIS SA 93 -23.79 59.86 23.78
N SER SA 94 -22.97 60.88 24.02
CA SER SA 94 -22.63 61.37 25.35
C SER SA 94 -23.06 62.82 25.43
N GLU SA 95 -23.71 63.21 26.54
CA GLU SA 95 -24.01 64.62 26.72
C GLU SA 95 -24.12 64.97 28.19
N LEU SA 96 -24.08 66.27 28.49
CA LEU SA 96 -24.20 66.74 29.87
C LEU SA 96 -25.56 66.39 30.46
N SER SA 97 -25.58 65.88 31.68
CA SER SA 97 -26.80 65.41 32.31
C SER SA 97 -27.17 66.11 33.63
N ALA SA 98 -26.18 66.68 34.31
CA ALA SA 98 -26.42 67.25 35.63
C ALA SA 98 -25.23 68.11 36.12
N GLU SA 99 -25.54 69.17 36.85
CA GLU SA 99 -24.50 69.97 37.51
C GLU SA 99 -24.49 69.67 39.02
N ILE SA 100 -23.29 69.57 39.59
CA ILE SA 100 -23.15 69.03 40.93
C ILE SA 100 -22.43 70.00 41.89
N GLY SA 101 -23.04 70.25 43.04
CA GLY SA 101 -22.44 71.11 44.06
C GLY SA 101 -22.52 70.46 45.44
N VAL SA 102 -21.55 70.75 46.31
CA VAL SA 102 -21.51 70.06 47.60
C VAL SA 102 -21.57 70.98 48.82
N THR SA 103 -22.32 70.53 49.84
CA THR SA 103 -22.44 71.23 51.12
C THR SA 103 -22.08 70.31 52.30
N ASP SA 104 -22.18 70.84 53.51
CA ASP SA 104 -21.78 70.10 54.70
C ASP SA 104 -22.85 69.17 55.25
N SER SA 105 -24.03 69.18 54.64
CA SER SA 105 -25.10 68.24 54.97
C SER SA 105 -25.59 67.55 53.71
N ILE SA 106 -26.09 66.32 53.86
CA ILE SA 106 -26.47 65.50 52.69
C ILE SA 106 -27.59 66.13 51.88
N VAL SA 107 -27.40 66.14 50.56
CA VAL SA 107 -28.44 66.58 49.63
C VAL SA 107 -28.68 65.48 48.59
N VAL SA 108 -29.89 64.92 48.61
CA VAL SA 108 -30.23 63.79 47.76
C VAL SA 108 -31.13 64.22 46.62
N SER SA 109 -30.64 64.02 45.41
CA SER SA 109 -31.33 64.35 44.18
C SER SA 109 -31.55 63.08 43.38
N SER SA 110 -32.30 63.16 42.28
CA SER SA 110 -32.53 61.98 41.43
C SER SA 110 -32.79 62.34 39.97
N GLU SA 111 -32.72 61.36 39.08
CA GLU SA 111 -33.06 61.64 37.70
C GLU SA 111 -33.78 60.42 37.13
N LEU SA 112 -34.92 60.61 36.48
CA LEU SA 112 -35.55 59.47 35.88
C LEU SA 112 -34.67 59.07 34.70
N VAL SA 113 -34.38 57.77 34.59
CA VAL SA 113 -33.56 57.26 33.49
C VAL SA 113 -34.40 57.00 32.24
N MET SA 114 -34.79 58.09 31.59
CA MET SA 114 -35.56 58.07 30.35
C MET SA 114 -35.17 59.28 29.49
N PRO SA 115 -35.25 59.15 28.15
CA PRO SA 115 -34.74 60.14 27.19
C PRO SA 115 -35.08 61.58 27.55
N TYR SA 116 -36.31 61.83 27.98
CA TYR SA 116 -36.76 63.18 28.26
C TYR SA 116 -35.87 63.86 29.29
N THR SA 117 -35.35 63.09 30.23
CA THR SA 117 -34.67 63.68 31.36
C THR SA 117 -33.19 63.39 31.47
N VAL SA 118 -32.60 62.65 30.53
CA VAL SA 118 -31.17 62.37 30.64
C VAL SA 118 -30.36 63.50 30.06
N GLY SA 119 -30.88 64.21 29.06
CA GLY SA 119 -30.10 65.27 28.45
C GLY SA 119 -30.95 66.03 27.45
N THR SA 120 -30.64 67.32 27.23
CA THR SA 120 -31.51 68.15 26.40
C THR SA 120 -31.46 67.71 24.95
N TRP SA 121 -30.29 67.26 24.50
CA TRP SA 121 -30.15 66.85 23.12
C TRP SA 121 -30.99 65.62 22.82
N LEU SA 122 -30.82 64.58 23.62
CA LEU SA 122 -31.56 63.34 23.42
C LEU SA 122 -33.05 63.58 23.54
N ARG SA 123 -33.44 64.48 24.44
CA ARG SA 123 -34.84 64.82 24.65
C ARG SA 123 -35.48 65.22 23.33
N GLY SA 124 -34.81 66.10 22.59
CA GLY SA 124 -35.30 66.54 21.31
C GLY SA 124 -35.30 65.45 20.24
N VAL SA 125 -34.24 64.65 20.17
CA VAL SA 125 -34.08 63.58 19.17
C VAL SA 125 -35.09 62.44 19.35
N ALA SA 126 -35.14 61.86 20.55
CA ALA SA 126 -35.96 60.66 20.80
C ALA SA 126 -37.48 60.98 20.80
N ALA SA 127 -37.82 62.26 20.88
CA ALA SA 127 -39.22 62.68 20.84
C ALA SA 127 -39.86 62.36 19.50
N ASN SA 128 -39.05 62.21 18.46
CA ASN SA 128 -39.52 61.88 17.11
C ASN SA 128 -39.91 60.40 16.96
N TRP SA 129 -39.70 59.64 18.03
CA TRP SA 129 -40.13 58.24 18.07
C TRP SA 129 -41.09 57.95 19.25
N SER SA 130 -41.86 56.87 19.17
CA SER SA 130 -42.83 56.57 20.23
C SER SA 130 -42.18 55.73 21.34
N LYS SA 131 -41.29 54.84 20.92
CA LYS SA 131 -40.69 53.90 21.83
C LYS SA 131 -39.16 53.91 21.74
N TYR SA 132 -38.55 53.42 22.80
CA TYR SA 132 -37.11 53.26 22.81
C TYR SA 132 -36.75 52.02 23.58
N SER SA 133 -35.49 51.64 23.46
CA SER SA 133 -34.97 50.57 24.25
C SER SA 133 -33.55 50.98 24.61
N TRP SA 134 -33.24 50.91 25.91
CA TRP SA 134 -31.87 51.11 26.36
C TRP SA 134 -31.10 49.83 26.04
N LEU SA 135 -30.02 49.99 25.29
CA LEU SA 135 -29.07 48.92 25.08
C LEU SA 135 -27.94 49.12 26.08
N SER SA 136 -27.67 50.39 26.37
CA SER SA 136 -26.68 50.78 27.38
C SER SA 136 -26.89 52.18 27.91
N VAL SA 137 -26.86 52.33 29.24
CA VAL SA 137 -26.92 53.64 29.84
C VAL SA 137 -25.89 53.78 30.94
N ARG SA 138 -24.98 54.76 30.80
CA ARG SA 138 -23.95 55.00 31.80
C ARG SA 138 -23.92 56.46 32.29
N TYR SA 139 -23.91 56.62 33.61
CA TYR SA 139 -23.78 57.93 34.23
C TYR SA 139 -22.37 58.04 34.78
N THR SA 140 -21.66 59.10 34.42
CA THR SA 140 -20.26 59.30 34.79
C THR SA 140 -20.05 60.66 35.47
N TYR SA 141 -19.52 60.66 36.68
CA TYR SA 141 -19.18 61.94 37.35
C TYR SA 141 -17.76 62.40 37.00
N ILE SA 142 -17.62 63.61 36.47
CA ILE SA 142 -16.31 64.20 36.19
C ILE SA 142 -16.14 65.49 37.00
N PRO SA 143 -15.05 65.58 37.77
CA PRO SA 143 -14.78 66.73 38.64
C PRO SA 143 -14.30 68.00 37.93
N SER SA 144 -14.50 69.15 38.58
CA SER SA 144 -14.05 70.44 38.06
C SER SA 144 -13.52 71.32 39.18
N CYS SA 145 -13.16 70.68 40.28
CA CYS SA 145 -12.75 71.39 41.48
C CYS SA 145 -11.29 71.17 41.88
N PRO SA 146 -10.77 71.98 42.82
CA PRO SA 146 -9.44 71.72 43.36
C PRO SA 146 -9.38 70.38 44.06
N SER SA 147 -8.18 69.81 44.18
CA SER SA 147 -8.02 68.55 44.89
C SER SA 147 -8.24 68.71 46.38
N SER SA 148 -8.35 69.96 46.83
CA SER SA 148 -8.50 70.29 48.26
C SER SA 148 -9.96 70.49 48.64
N THR SA 149 -10.84 70.21 47.69
CA THR SA 149 -12.26 70.38 47.90
C THR SA 149 -12.80 69.31 48.86
N ALA SA 150 -13.49 69.74 49.92
CA ALA SA 150 -14.15 68.77 50.78
C ALA SA 150 -15.45 68.31 50.13
N GLY SA 151 -15.81 67.05 50.30
CA GLY SA 151 -17.03 66.55 49.72
C GLY SA 151 -16.89 65.19 49.06
N SER SA 152 -18.00 64.47 48.98
CA SER SA 152 -18.04 63.19 48.29
C SER SA 152 -19.34 63.07 47.49
N ILE SA 153 -19.32 62.22 46.48
CA ILE SA 153 -20.51 62.01 45.68
C ILE SA 153 -20.95 60.56 45.75
N HIS SA 154 -22.27 60.31 45.69
CA HIS SA 154 -22.82 58.95 45.69
C HIS SA 154 -23.89 58.76 44.64
N MET SA 155 -23.81 57.65 43.90
CA MET SA 155 -24.81 57.35 42.86
C MET SA 155 -25.24 55.89 42.90
N GLY SA 156 -26.52 55.66 42.63
CA GLY SA 156 -27.08 54.32 42.54
C GLY SA 156 -28.42 54.32 41.80
N PHE SA 157 -28.88 53.12 41.45
CA PHE SA 157 -30.13 53.01 40.73
C PHE SA 157 -31.23 52.36 41.55
N GLN SA 158 -32.44 52.90 41.41
CA GLN SA 158 -33.64 52.25 41.88
C GLN SA 158 -34.43 51.80 40.67
N TYR SA 159 -35.00 50.61 40.76
CA TYR SA 159 -35.66 50.04 39.60
C TYR SA 159 -37.17 49.93 39.82
N ASP SA 160 -37.63 50.43 40.96
CA ASP SA 160 -39.06 50.44 41.27
C ASP SA 160 -39.45 51.87 41.61
N MET SA 161 -40.34 52.47 40.82
CA MET SA 161 -40.68 53.87 41.01
C MET SA 161 -41.30 54.11 42.39
N ALA SA 162 -41.84 53.05 43.01
CA ALA SA 162 -42.49 53.16 44.30
C ALA SA 162 -41.52 53.27 45.46
N ASP SA 163 -40.27 52.85 45.24
CA ASP SA 163 -39.21 52.98 46.25
C ASP SA 163 -39.08 54.43 46.67
N THR SA 164 -38.94 54.66 47.98
CA THR SA 164 -38.69 56.02 48.43
C THR SA 164 -37.25 56.33 48.08
N VAL SA 165 -36.99 57.56 47.64
CA VAL SA 165 -35.62 57.94 47.38
C VAL SA 165 -34.94 57.92 48.75
N PRO SA 166 -33.79 57.25 48.84
CA PRO SA 166 -33.01 57.04 50.07
C PRO SA 166 -32.64 58.33 50.77
N VAL SA 167 -32.37 58.25 52.08
CA VAL SA 167 -32.12 59.42 52.92
C VAL SA 167 -30.73 59.45 53.61
N SER SA 168 -30.01 58.33 53.58
CA SER SA 168 -28.67 58.26 54.16
C SER SA 168 -27.75 57.56 53.18
N VAL SA 169 -26.44 57.80 53.28
CA VAL SA 169 -25.48 57.04 52.45
C VAL SA 169 -25.67 55.53 52.66
N ASN SA 170 -25.92 55.11 53.90
CA ASN SA 170 -26.11 53.68 54.20
C ASN SA 170 -27.18 53.00 53.32
N GLN SA 171 -28.35 53.62 53.24
CA GLN SA 171 -29.38 53.12 52.36
C GLN SA 171 -28.81 53.11 50.97
N LEU SA 172 -28.25 54.24 50.55
CA LEU SA 172 -27.74 54.37 49.20
C LEU SA 172 -26.74 53.29 48.88
N SER SA 173 -25.93 52.93 49.87
CA SER SA 173 -24.84 51.96 49.67
C SER SA 173 -25.33 50.58 49.25
N ASN SA 174 -26.62 50.30 49.47
CA ASN SA 174 -27.20 48.99 49.12
C ASN SA 174 -27.72 48.87 47.69
N LEU SA 175 -27.87 50.00 46.99
CA LEU SA 175 -28.40 49.96 45.63
C LEU SA 175 -27.46 49.37 44.55
N ARG SA 176 -28.06 48.68 43.58
CA ARG SA 176 -27.37 48.23 42.37
C ARG SA 176 -26.64 49.38 41.66
N GLY SA 177 -25.34 49.16 41.44
CA GLY SA 177 -24.51 50.09 40.71
C GLY SA 177 -24.03 51.21 41.59
N TYR SA 178 -24.14 51.02 42.88
CA TYR SA 178 -23.67 52.04 43.79
C TYR SA 178 -22.18 52.31 43.57
N VAL SA 179 -21.85 53.58 43.41
CA VAL SA 179 -20.46 54.04 43.38
C VAL SA 179 -20.36 55.27 44.24
N SER SA 180 -19.14 55.61 44.65
CA SER SA 180 -18.91 56.69 45.61
C SER SA 180 -17.49 57.22 45.44
N GLY SA 181 -17.31 58.52 45.65
CA GLY SA 181 -15.98 59.09 45.59
C GLY SA 181 -15.89 60.52 46.06
N GLN SA 182 -14.66 60.97 46.27
CA GLN SA 182 -14.36 62.37 46.56
C GLN SA 182 -14.89 63.23 45.43
N VAL SA 183 -15.38 64.42 45.74
CA VAL SA 183 -15.94 65.23 44.68
C VAL SA 183 -14.82 65.76 43.76
N TRP SA 184 -13.57 65.58 44.17
CA TRP SA 184 -12.46 66.00 43.30
C TRP SA 184 -11.84 64.79 42.64
N SER SA 185 -12.39 63.62 42.92
CA SER SA 185 -11.98 62.40 42.22
C SER SA 185 -12.89 62.17 41.00
N GLY SA 186 -12.52 61.23 40.12
CA GLY SA 186 -13.37 60.81 39.03
C GLY SA 186 -12.87 61.07 37.62
N SER SA 187 -11.71 61.69 37.48
CA SER SA 187 -11.14 62.02 36.16
C SER SA 187 -11.05 60.86 35.18
N ALA SA 188 -10.67 59.68 35.65
CA ALA SA 188 -10.47 58.52 34.79
C ALA SA 188 -11.77 58.02 34.13
N GLY SA 189 -12.90 58.61 34.47
CA GLY SA 189 -14.14 58.25 33.85
C GLY SA 189 -14.28 58.86 32.47
N LEU SA 190 -13.39 59.80 32.13
CA LEU SA 190 -13.47 60.53 30.87
C LEU SA 190 -13.43 59.63 29.64
N CYS SA 191 -12.67 58.54 29.71
CA CYS SA 191 -12.54 57.66 28.56
C CYS SA 191 -13.88 57.02 28.15
N PHE SA 192 -14.79 56.86 29.10
CA PHE SA 192 -16.12 56.38 28.76
C PHE SA 192 -16.90 57.40 27.92
N ILE SA 193 -16.65 58.68 28.18
CA ILE SA 193 -17.48 59.72 27.61
C ILE SA 193 -17.13 59.97 26.16
N ASN SA 194 -15.85 59.92 25.84
CA ASN SA 194 -15.43 60.18 24.47
C ASN SA 194 -15.23 58.91 23.72
N GLY SA 195 -15.70 57.81 24.33
CA GLY SA 195 -15.68 56.51 23.71
C GLY SA 195 -14.32 55.96 23.33
N THR SA 196 -13.30 56.29 24.11
CA THR SA 196 -11.96 55.85 23.80
C THR SA 196 -11.64 54.52 24.49
N ARG SA 197 -10.42 54.01 24.27
CA ARG SA 197 -9.94 52.78 24.90
C ARG SA 197 -9.85 52.99 26.40
N CYS SA 198 -10.59 52.21 27.18
CA CYS SA 198 -10.53 52.37 28.64
C CYS SA 198 -9.62 51.35 29.30
N SER SA 199 -8.72 51.83 30.14
CA SER SA 199 -7.76 50.98 30.83
C SER SA 199 -7.83 51.20 32.35
N ASP SA 200 -7.19 52.26 32.84
CA ASP SA 200 -7.16 52.56 34.25
C ASP SA 200 -8.42 53.26 34.76
N THR SA 201 -9.54 52.55 34.82
CA THR SA 201 -10.79 53.15 35.26
C THR SA 201 -11.25 52.78 36.67
N SER SA 202 -10.37 52.27 37.52
CA SER SA 202 -10.76 51.85 38.87
C SER SA 202 -11.24 53.02 39.73
N THR SA 203 -10.73 54.20 39.40
CA THR SA 203 -11.06 55.41 40.13
C THR SA 203 -12.28 56.14 39.59
N ALA SA 204 -12.82 55.61 38.50
CA ALA SA 204 -13.96 56.22 37.83
C ALA SA 204 -15.21 56.24 38.70
N ILE SA 205 -15.84 57.40 38.83
CA ILE SA 205 -17.14 57.46 39.50
C ILE SA 205 -18.21 57.35 38.44
N SER SA 206 -18.31 56.16 37.87
CA SER SA 206 -19.18 55.91 36.72
C SER SA 206 -19.99 54.65 36.92
N THR SA 207 -21.27 54.68 36.56
CA THR SA 207 -22.10 53.51 36.82
C THR SA 207 -23.09 53.29 35.69
N THR SA 208 -23.53 52.05 35.57
CA THR SA 208 -24.29 51.58 34.44
C THR SA 208 -25.62 50.95 34.81
N LEU SA 209 -26.59 51.12 33.92
CA LEU SA 209 -27.94 50.60 34.09
C LEU SA 209 -28.08 49.13 33.73
N ASP SA 210 -28.78 48.35 34.54
CA ASP SA 210 -29.02 46.95 34.22
C ASP SA 210 -30.11 46.74 33.17
N VAL SA 211 -29.74 46.88 31.89
CA VAL SA 211 -30.73 46.79 30.82
C VAL SA 211 -31.37 45.42 30.81
N SER SA 212 -30.59 44.41 31.21
CA SER SA 212 -31.04 43.02 31.27
C SER SA 212 -32.17 42.77 32.26
N LYS SA 213 -32.35 43.68 33.21
CA LYS SA 213 -33.20 43.41 34.35
C LYS SA 213 -34.37 44.37 34.38
N LEU SA 214 -34.53 45.10 33.29
CA LEU SA 214 -35.65 46.03 33.19
C LEU SA 214 -36.95 45.24 33.02
N GLY SA 215 -38.07 45.86 33.39
CA GLY SA 215 -39.37 45.21 33.32
C GLY SA 215 -39.74 44.64 31.96
N LYS SA 216 -39.62 45.49 30.95
CA LYS SA 216 -39.82 45.10 29.55
C LYS SA 216 -38.67 45.65 28.72
N LYS SA 217 -38.72 45.46 27.40
CA LYS SA 217 -37.65 45.96 26.53
C LYS SA 217 -38.04 47.32 25.97
N TRP SA 218 -39.25 47.41 25.44
CA TRP SA 218 -39.66 48.62 24.78
C TRP SA 218 -40.53 49.49 25.68
N TYR SA 219 -39.96 50.63 26.04
CA TYR SA 219 -40.62 51.66 26.85
C TYR SA 219 -41.12 52.83 25.99
N PRO SA 220 -42.23 53.46 26.41
CA PRO SA 220 -42.73 54.67 25.76
C PRO SA 220 -41.92 55.93 26.09
N TYR SA 221 -41.79 56.82 25.09
CA TYR SA 221 -41.23 58.14 25.34
C TYR SA 221 -42.25 58.87 26.21
N LYS SA 222 -41.84 59.34 27.36
CA LYS SA 222 -42.75 60.06 28.23
C LYS SA 222 -42.07 61.34 28.68
N THR SA 223 -42.86 62.37 29.02
CA THR SA 223 -42.30 63.58 29.60
C THR SA 223 -42.41 63.55 31.11
N SER SA 224 -41.79 64.54 31.77
CA SER SA 224 -41.87 64.71 33.21
C SER SA 224 -43.32 64.91 33.64
N ALA SA 225 -44.04 65.66 32.82
CA ALA SA 225 -45.47 65.88 32.96
C ALA SA 225 -46.21 64.54 32.91
N ASP SA 226 -45.89 63.72 31.91
CA ASP SA 226 -46.55 62.43 31.79
C ASP SA 226 -46.33 61.59 33.04
N TYR SA 227 -45.10 61.58 33.55
CA TYR SA 227 -44.75 60.84 34.75
C TYR SA 227 -45.46 61.32 36.04
N ALA SA 228 -45.46 62.62 36.28
CA ALA SA 228 -46.11 63.25 37.45
C ALA SA 228 -47.61 62.90 37.48
N THR SA 229 -48.24 63.03 36.32
CA THR SA 229 -49.63 62.72 36.18
C THR SA 229 -49.86 61.25 36.52
N ALA SA 230 -49.01 60.38 35.98
CA ALA SA 230 -49.19 58.97 36.20
C ALA SA 230 -49.10 58.63 37.69
N VAL SA 231 -48.11 59.19 38.39
CA VAL SA 231 -47.95 58.95 39.85
C VAL SA 231 -48.98 59.73 40.67
N GLY SA 232 -49.55 60.77 40.07
CA GLY SA 232 -50.62 61.50 40.69
C GLY SA 232 -51.82 60.60 40.92
N VAL SA 233 -52.03 59.65 40.00
CA VAL SA 233 -53.06 58.63 40.15
C VAL SA 233 -52.61 57.43 40.99
N ASP SA 234 -51.44 56.88 40.66
CA ASP SA 234 -50.84 55.75 41.36
C ASP SA 234 -49.38 55.59 40.95
N VAL SA 235 -48.46 55.54 41.92
CA VAL SA 235 -47.02 55.45 41.65
C VAL SA 235 -46.66 54.21 40.81
N ASN SA 236 -47.47 53.17 40.94
CA ASN SA 236 -47.25 51.92 40.25
C ASN SA 236 -47.65 51.98 38.77
N ILE SA 237 -48.42 52.99 38.40
CA ILE SA 237 -48.67 53.26 36.99
C ILE SA 237 -47.39 53.67 36.26
N ALA SA 238 -46.50 54.36 36.98
CA ALA SA 238 -45.29 54.92 36.41
C ALA SA 238 -44.25 53.86 36.09
N THR SA 239 -44.29 52.73 36.81
CA THR SA 239 -43.29 51.67 36.63
C THR SA 239 -43.22 51.10 35.19
N PRO SA 240 -44.37 50.87 34.52
CA PRO SA 240 -44.20 50.48 33.12
C PRO SA 240 -43.85 51.65 32.20
N LEU SA 241 -43.65 52.84 32.75
CA LEU SA 241 -43.37 54.04 31.96
C LEU SA 241 -41.91 54.46 31.96
N VAL SA 242 -41.23 54.25 33.07
CA VAL SA 242 -39.83 54.62 33.17
C VAL SA 242 -39.06 53.41 33.62
N PRO SA 243 -37.93 53.13 32.96
CA PRO SA 243 -37.12 51.94 33.27
C PRO SA 243 -36.42 51.95 34.65
N ALA SA 244 -35.99 53.10 35.13
CA ALA SA 244 -35.32 53.19 36.42
C ALA SA 244 -35.12 54.65 36.84
N ARG SA 245 -34.63 54.88 38.05
CA ARG SA 245 -34.23 56.23 38.48
C ARG SA 245 -32.82 56.24 39.04
N LEU SA 246 -32.06 57.28 38.72
CA LEU SA 246 -30.71 57.46 39.24
C LEU SA 246 -30.77 58.24 40.53
N VAL SA 247 -30.14 57.73 41.57
CA VAL SA 247 -30.10 58.46 42.83
C VAL SA 247 -28.72 59.06 43.11
N ILE SA 248 -28.72 60.30 43.57
CA ILE SA 248 -27.50 61.05 43.82
C ILE SA 248 -27.53 61.61 45.22
N ALA SA 249 -26.50 61.37 46.00
CA ALA SA 249 -26.40 62.02 47.29
C ALA SA 249 -25.03 62.72 47.36
N LEU SA 250 -25.03 63.95 47.87
CA LEU SA 250 -23.79 64.70 48.14
C LEU SA 250 -23.76 65.17 49.57
N LEU SA 251 -22.60 65.00 50.21
CA LEU SA 251 -22.43 65.39 51.59
C LEU SA 251 -20.93 65.56 51.85
N ASP SA 252 -20.58 65.69 53.13
CA ASP SA 252 -19.18 65.74 53.59
C ASP SA 252 -18.44 67.01 53.13
N GLY SA 253 -19.20 68.01 52.68
CA GLY SA 253 -18.61 69.26 52.23
C GLY SA 253 -18.18 70.20 53.35
N SER SA 254 -17.47 71.26 53.01
CA SER SA 254 -16.94 72.15 54.03
C SER SA 254 -17.75 73.44 54.22
N SER SA 255 -18.68 73.69 53.31
CA SER SA 255 -19.47 74.91 53.40
C SER SA 255 -20.95 74.58 53.52
N SER SA 256 -21.72 75.49 54.10
CA SER SA 256 -23.16 75.31 54.19
C SER SA 256 -23.73 75.75 52.86
N THR SA 257 -22.93 76.54 52.14
CA THR SA 257 -23.25 76.99 50.80
C THR SA 257 -22.57 76.04 49.80
N ALA SA 258 -23.32 75.65 48.76
CA ALA SA 258 -22.82 74.71 47.78
C ALA SA 258 -21.54 75.17 47.10
N VAL SA 259 -20.53 74.31 47.12
CA VAL SA 259 -19.31 74.55 46.36
C VAL SA 259 -19.37 73.80 45.05
N ALA SA 260 -19.03 74.45 43.95
CA ALA SA 260 -19.03 73.81 42.63
C ALA SA 260 -18.09 72.60 42.62
N ALA SA 261 -18.65 71.42 42.31
CA ALA SA 261 -17.91 70.18 42.38
C ALA SA 261 -17.59 69.59 41.02
N GLY SA 262 -18.62 69.20 40.28
CA GLY SA 262 -18.44 68.60 38.98
C GLY SA 262 -19.70 68.46 38.16
N ARG SA 263 -19.69 67.53 37.22
CA ARG SA 263 -20.83 67.32 36.35
C ARG SA 263 -21.03 65.83 36.14
N ILE SA 264 -22.27 65.43 35.91
CA ILE SA 264 -22.58 64.05 35.54
C ILE SA 264 -22.92 63.99 34.05
N TYR SA 265 -22.22 63.13 33.32
CA TYR SA 265 -22.53 62.93 31.93
C TYR SA 265 -23.23 61.60 31.73
N CYS SA 266 -24.07 61.54 30.72
CA CYS SA 266 -24.74 60.30 30.39
C CYS SA 266 -24.25 59.84 29.03
N THR SA 267 -23.79 58.59 28.99
CA THR SA 267 -23.35 57.93 27.78
C THR SA 267 -24.28 56.77 27.56
N TYR SA 268 -25.06 56.85 26.48
CA TYR SA 268 -26.13 55.88 26.25
C TYR SA 268 -26.05 55.30 24.84
N THR SA 269 -26.56 54.09 24.67
CA THR SA 269 -26.82 53.55 23.34
C THR SA 269 -28.28 53.19 23.27
N ILE SA 270 -29.05 53.94 22.47
CA ILE SA 270 -30.51 53.80 22.47
C ILE SA 270 -31.05 53.27 21.15
N GLN SA 271 -31.99 52.34 21.26
CA GLN SA 271 -32.73 51.88 20.09
C GLN SA 271 -34.01 52.65 20.04
N MET SA 272 -34.24 53.34 18.93
CA MET SA 272 -35.46 54.11 18.74
C MET SA 272 -36.30 53.50 17.64
N ILE SA 273 -37.57 53.23 17.96
CA ILE SA 273 -38.49 52.66 16.99
C ILE SA 273 -39.84 53.38 16.97
N GLU SA 274 -40.54 53.20 15.85
CA GLU SA 274 -41.93 53.64 15.67
C GLU SA 274 -42.12 55.14 15.85
N PRO SA 275 -41.78 55.94 14.81
CA PRO SA 275 -41.87 57.39 14.64
C PRO SA 275 -43.26 58.01 14.84
N THR SA 276 -43.31 59.31 15.07
CA THR SA 276 -44.56 60.06 15.18
C THR SA 276 -44.37 61.46 14.64
N ALA SA 277 -45.45 62.01 14.08
CA ALA SA 277 -45.40 63.34 13.50
C ALA SA 277 -46.26 64.32 14.29
N GLY TA 87 -26.21 39.87 40.12
CA GLY TA 87 -27.04 40.58 41.07
C GLY TA 87 -28.18 39.75 41.62
N ILE TA 88 -28.32 38.54 41.08
CA ILE TA 88 -29.41 37.61 41.43
C ILE TA 88 -29.12 36.69 42.62
N THR TA 89 -29.93 36.83 43.66
CA THR TA 89 -29.86 35.87 44.76
C THR TA 89 -30.98 34.83 44.55
N VAL TA 90 -30.61 33.58 44.27
CA VAL TA 90 -31.58 32.52 44.01
C VAL TA 90 -31.93 31.67 45.24
N LEU TA 91 -33.24 31.52 45.50
CA LEU TA 91 -33.76 30.85 46.70
C LEU TA 91 -34.77 29.75 46.39
N THR TA 92 -34.58 28.57 46.99
CA THR TA 92 -35.55 27.47 46.92
C THR TA 92 -35.94 27.06 48.35
N HIS TA 93 -37.24 26.93 48.58
CA HIS TA 93 -37.76 26.67 49.91
C HIS TA 93 -39.17 26.09 49.83
N SER TA 94 -39.57 25.39 50.88
CA SER TA 94 -40.96 24.95 51.01
C SER TA 94 -41.48 25.50 52.33
N GLU TA 95 -42.72 25.97 52.34
CA GLU TA 95 -43.31 26.38 53.60
C GLU TA 95 -44.84 26.28 53.68
N LEU TA 96 -45.36 26.32 54.90
CA LEU TA 96 -46.77 26.31 55.12
C LEU TA 96 -47.31 27.51 54.40
N SER TA 97 -48.38 27.33 53.64
CA SER TA 97 -48.97 28.43 52.89
C SER TA 97 -50.43 28.71 53.23
N ALA TA 98 -51.13 27.72 53.78
CA ALA TA 98 -52.56 27.83 54.07
C ALA TA 98 -53.04 26.65 54.92
N GLU TA 99 -53.95 26.88 55.86
CA GLU TA 99 -54.54 25.75 56.57
C GLU TA 99 -55.97 25.54 56.00
N ILE TA 100 -56.38 24.29 55.82
CA ILE TA 100 -57.56 23.98 54.99
C ILE TA 100 -58.68 23.23 55.71
N GLY TA 101 -59.93 23.70 55.55
CA GLY TA 101 -61.11 23.01 56.10
C GLY TA 101 -62.34 22.81 55.18
N VAL TA 102 -63.08 21.72 55.39
CA VAL TA 102 -64.19 21.39 54.49
C VAL TA 102 -65.57 21.39 55.18
N THR TA 103 -66.56 21.90 54.44
CA THR TA 103 -67.96 21.91 54.88
C THR TA 103 -68.78 21.27 53.80
N ASP TA 104 -70.09 21.21 54.00
CA ASP TA 104 -71.00 20.52 53.06
C ASP TA 104 -71.40 21.44 51.91
N SER TA 105 -70.90 22.68 51.98
CA SER TA 105 -71.12 23.66 50.92
C SER TA 105 -69.80 24.22 50.36
N ILE TA 106 -69.81 24.59 49.08
CA ILE TA 106 -68.61 25.06 48.41
C ILE TA 106 -68.12 26.37 49.02
N VAL TA 107 -66.83 26.44 49.36
CA VAL TA 107 -66.20 27.68 49.84
C VAL TA 107 -64.95 27.99 49.02
N VAL TA 108 -64.98 29.11 48.30
CA VAL TA 108 -63.89 29.42 47.40
C VAL TA 108 -63.01 30.48 48.00
N SER TA 109 -61.75 30.11 48.18
CA SER TA 109 -60.78 31.04 48.69
C SER TA 109 -59.69 31.21 47.64
N SER TA 110 -58.79 32.15 47.89
CA SER TA 110 -57.74 32.39 46.95
C SER TA 110 -56.48 32.96 47.62
N GLU TA 111 -55.36 32.89 46.91
CA GLU TA 111 -54.08 33.40 47.40
C GLU TA 111 -53.27 34.06 46.27
N LEU TA 112 -52.70 35.21 46.56
CA LEU TA 112 -51.86 35.87 45.59
C LEU TA 112 -50.54 35.07 45.41
N VAL TA 113 -50.14 34.83 44.18
CA VAL TA 113 -48.89 34.14 43.93
C VAL TA 113 -47.76 35.19 43.95
N MET TA 114 -47.47 35.71 45.14
CA MET TA 114 -46.40 36.69 45.30
C MET TA 114 -45.79 36.57 46.69
N PRO TA 115 -44.48 36.90 46.83
CA PRO TA 115 -43.72 36.63 48.06
C PRO TA 115 -44.48 37.06 49.32
N TYR TA 116 -45.12 38.23 49.31
CA TYR TA 116 -45.82 38.72 50.49
C TYR TA 116 -46.86 37.74 51.01
N THR TA 117 -47.53 37.02 50.11
CA THR TA 117 -48.65 36.18 50.51
C THR TA 117 -48.46 34.67 50.38
N VAL TA 118 -47.27 34.25 49.98
CA VAL TA 118 -46.98 32.84 49.73
C VAL TA 118 -46.69 32.05 51.03
N GLY TA 119 -46.15 32.73 52.03
CA GLY TA 119 -45.81 32.12 53.31
C GLY TA 119 -45.18 33.20 54.18
N THR TA 120 -45.21 33.07 55.51
CA THR TA 120 -44.70 34.16 56.37
C THR TA 120 -43.21 34.34 56.21
N TRP TA 121 -42.49 33.22 56.06
CA TRP TA 121 -41.03 33.23 55.99
C TRP TA 121 -40.51 33.95 54.76
N LEU TA 122 -40.96 33.56 53.56
CA LEU TA 122 -40.58 34.24 52.33
C LEU TA 122 -40.96 35.72 52.33
N ARG TA 123 -42.07 36.04 52.97
CA ARG TA 123 -42.51 37.42 53.08
C ARG TA 123 -41.42 38.30 53.71
N GLY TA 124 -40.85 37.85 54.82
CA GLY TA 124 -39.80 38.59 55.49
C GLY TA 124 -38.54 38.67 54.66
N VAL TA 125 -38.15 37.55 54.05
CA VAL TA 125 -36.91 37.49 53.28
C VAL TA 125 -36.94 38.42 52.08
N ALA TA 126 -37.93 38.25 51.22
CA ALA TA 126 -37.97 38.95 49.94
C ALA TA 126 -38.23 40.45 50.11
N ALA TA 127 -38.62 40.86 51.31
CA ALA TA 127 -38.88 42.27 51.58
C ALA TA 127 -37.60 43.07 51.43
N ASN TA 128 -36.47 42.38 51.58
CA ASN TA 128 -35.16 42.98 51.41
C ASN TA 128 -34.79 43.22 49.97
N TRP TA 129 -35.63 42.77 49.05
CA TRP TA 129 -35.40 43.06 47.65
C TRP TA 129 -36.59 43.82 47.06
N SER TA 130 -36.33 44.55 45.96
CA SER TA 130 -37.38 45.35 45.32
C SER TA 130 -38.09 44.54 44.22
N LYS TA 131 -37.34 43.69 43.54
CA LYS TA 131 -37.88 42.88 42.45
C LYS TA 131 -37.55 41.41 42.62
N TYR TA 132 -38.40 40.58 42.01
CA TYR TA 132 -38.22 39.12 41.97
C TYR TA 132 -38.73 38.55 40.67
N SER TA 133 -38.41 37.28 40.46
CA SER TA 133 -39.01 36.49 39.38
C SER TA 133 -39.21 35.06 39.82
N TRP TA 134 -40.42 34.54 39.60
CA TRP TA 134 -40.68 33.13 39.86
C TRP TA 134 -40.03 32.28 38.77
N LEU TA 135 -39.15 31.36 39.19
CA LEU TA 135 -38.58 30.36 38.30
C LEU TA 135 -39.41 29.11 38.37
N SER TA 136 -40.01 28.88 39.54
CA SER TA 136 -40.89 27.75 39.84
C SER TA 136 -41.81 28.05 41.03
N VAL TA 137 -43.10 27.74 40.90
CA VAL TA 137 -44.04 27.82 42.03
C VAL TA 137 -44.91 26.58 42.05
N ARG TA 138 -44.91 25.88 43.18
CA ARG TA 138 -45.74 24.69 43.36
C ARG TA 138 -46.56 24.72 44.63
N TYR TA 139 -47.86 24.50 44.51
CA TYR TA 139 -48.73 24.38 45.67
C TYR TA 139 -49.16 22.94 45.86
N THR TA 140 -48.89 22.38 47.04
CA THR TA 140 -49.20 20.97 47.32
C THR TA 140 -50.07 20.80 48.54
N TYR TA 141 -51.19 20.10 48.34
CA TYR TA 141 -52.10 19.81 49.43
C TYR TA 141 -51.69 18.50 50.09
N ILE TA 142 -51.52 18.54 51.40
CA ILE TA 142 -51.23 17.37 52.21
C ILE TA 142 -52.37 17.20 53.21
N PRO TA 143 -52.99 16.00 53.23
CA PRO TA 143 -54.13 15.78 54.14
C PRO TA 143 -53.71 15.57 55.60
N SER TA 144 -54.61 15.80 56.54
CA SER TA 144 -54.32 15.56 57.95
C SER TA 144 -55.52 14.93 58.64
N CYS TA 145 -56.41 14.35 57.85
CA CYS TA 145 -57.66 13.84 58.38
C CYS TA 145 -57.77 12.31 58.22
N PRO TA 146 -58.76 11.71 58.87
CA PRO TA 146 -59.01 10.29 58.62
C PRO TA 146 -59.35 9.98 57.16
N SER TA 147 -59.23 8.71 56.78
CA SER TA 147 -59.58 8.27 55.44
C SER TA 147 -61.07 8.36 55.26
N SER TA 148 -61.76 8.58 56.37
CA SER TA 148 -63.23 8.58 56.43
C SER TA 148 -63.86 9.96 56.32
N THR TA 149 -63.03 10.96 56.07
CA THR TA 149 -63.53 12.30 55.97
C THR TA 149 -64.24 12.56 54.64
N ALA TA 150 -65.49 13.03 54.72
CA ALA TA 150 -66.18 13.45 53.50
C ALA TA 150 -65.68 14.81 53.10
N GLY TA 151 -65.49 15.03 51.81
CA GLY TA 151 -65.00 16.30 51.32
C GLY TA 151 -63.94 16.18 50.25
N SER TA 152 -63.80 17.23 49.43
CA SER TA 152 -62.75 17.29 48.41
C SER TA 152 -62.12 18.68 48.31
N ILE TA 153 -60.89 18.74 47.80
CA ILE TA 153 -60.24 20.02 47.62
C ILE TA 153 -59.98 20.19 46.13
N HIS TA 154 -60.07 21.42 45.63
CA HIS TA 154 -59.84 21.75 44.22
C HIS TA 154 -58.96 22.98 44.13
N MET TA 155 -57.97 22.96 43.24
CA MET TA 155 -57.07 24.07 43.12
C MET TA 155 -56.80 24.41 41.66
N GLY TA 156 -56.61 25.69 41.36
CA GLY TA 156 -56.25 26.12 40.02
C GLY TA 156 -55.67 27.51 39.98
N PHE TA 157 -55.10 27.91 38.84
CA PHE TA 157 -54.52 29.24 38.75
C PHE TA 157 -55.31 30.20 37.88
N GLN TA 158 -55.43 31.45 38.34
CA GLN TA 158 -55.86 32.52 37.45
C GLN TA 158 -54.69 33.43 37.20
N TYR TA 159 -54.55 33.88 35.96
CA TYR TA 159 -53.39 34.66 35.56
C TYR TA 159 -53.75 36.10 35.25
N ASP TA 160 -55.02 36.43 35.41
CA ASP TA 160 -55.48 37.81 35.25
C ASP TA 160 -56.34 38.24 36.44
N MET TA 161 -55.88 39.25 37.15
CA MET TA 161 -56.53 39.68 38.39
C MET TA 161 -57.95 40.18 38.18
N ALA TA 162 -58.26 40.57 36.94
CA ALA TA 162 -59.57 41.11 36.67
C ALA TA 162 -60.61 39.99 36.61
N ASP TA 163 -60.16 38.76 36.40
CA ASP TA 163 -61.08 37.62 36.40
C ASP TA 163 -61.83 37.48 37.74
N THR TA 164 -63.12 37.21 37.67
CA THR TA 164 -63.90 36.98 38.89
C THR TA 164 -63.49 35.63 39.43
N VAL TA 165 -63.42 35.49 40.74
CA VAL TA 165 -63.11 34.19 41.33
C VAL TA 165 -64.23 33.22 41.01
N PRO TA 166 -63.89 31.99 40.61
CA PRO TA 166 -64.89 31.00 40.20
C PRO TA 166 -65.89 30.75 41.31
N VAL TA 167 -67.07 30.28 40.95
CA VAL TA 167 -68.10 30.05 41.95
C VAL TA 167 -68.52 28.60 41.93
N SER TA 168 -68.13 27.87 40.90
CA SER TA 168 -68.48 26.45 40.85
C SER TA 168 -67.26 25.61 40.51
N VAL TA 169 -67.29 24.36 40.93
CA VAL TA 169 -66.26 23.40 40.54
C VAL TA 169 -66.15 23.29 39.01
N ASN TA 170 -67.28 23.39 38.31
CA ASN TA 170 -67.32 23.37 36.84
C ASN TA 170 -66.44 24.47 36.19
N GLN TA 171 -66.58 25.70 36.68
CA GLN TA 171 -65.71 26.78 36.23
C GLN TA 171 -64.26 26.45 36.55
N LEU TA 172 -64.02 26.12 37.81
CA LEU TA 172 -62.67 25.91 38.31
C LEU TA 172 -61.92 24.84 37.50
N SER TA 173 -62.62 23.78 37.08
CA SER TA 173 -61.97 22.66 36.39
C SER TA 173 -61.28 23.06 35.08
N ASN TA 174 -61.63 24.23 34.56
CA ASN TA 174 -61.07 24.69 33.29
C ASN TA 174 -59.73 25.44 33.38
N LEU TA 175 -59.36 25.84 34.59
CA LEU TA 175 -58.14 26.61 34.83
C LEU TA 175 -56.90 25.75 34.59
N ARG TA 176 -55.84 26.35 34.08
CA ARG TA 176 -54.54 25.69 34.02
C ARG TA 176 -54.09 25.15 35.37
N GLY TA 177 -53.76 23.85 35.35
CA GLY TA 177 -53.19 23.22 36.53
C GLY TA 177 -54.25 22.84 37.53
N TYR TA 178 -55.50 22.78 37.08
CA TYR TA 178 -56.60 22.36 37.94
C TYR TA 178 -56.27 20.99 38.43
N VAL TA 179 -56.37 20.84 39.74
CA VAL TA 179 -56.24 19.54 40.36
C VAL TA 179 -57.34 19.37 41.41
N SER TA 180 -57.60 18.14 41.78
CA SER TA 180 -58.74 17.82 42.62
C SER TA 180 -58.50 16.49 43.34
N GLY TA 181 -58.95 16.37 44.58
CA GLY TA 181 -58.84 15.09 45.25
C GLY TA 181 -59.61 15.02 46.56
N GLN TA 182 -59.82 13.80 47.03
CA GLN TA 182 -60.45 13.60 48.32
C GLN TA 182 -59.65 14.35 49.34
N VAL TA 183 -60.32 14.85 50.35
CA VAL TA 183 -59.67 15.72 51.31
C VAL TA 183 -58.67 14.89 52.14
N TRP TA 184 -58.70 13.57 51.96
CA TRP TA 184 -57.76 12.65 52.60
C TRP TA 184 -56.69 12.09 51.64
N SER TA 185 -56.70 12.52 50.37
CA SER TA 185 -55.64 12.16 49.41
C SER TA 185 -54.53 13.19 49.44
N GLY TA 186 -53.41 12.88 48.80
CA GLY TA 186 -52.35 13.86 48.62
C GLY TA 186 -51.03 13.59 49.34
N SER TA 187 -50.99 12.53 50.15
CA SER TA 187 -49.77 12.17 50.85
C SER TA 187 -48.65 12.06 49.83
N ALA TA 188 -48.99 11.57 48.65
CA ALA TA 188 -48.02 11.31 47.60
C ALA TA 188 -47.34 12.57 47.06
N GLY TA 189 -47.86 13.73 47.47
CA GLY TA 189 -47.27 15.01 47.12
C GLY TA 189 -46.11 15.38 48.02
N LEU TA 190 -45.92 14.62 49.12
CA LEU TA 190 -44.93 14.95 50.15
C LEU TA 190 -43.50 15.07 49.61
N CYS TA 191 -43.15 14.21 48.65
CA CYS TA 191 -41.81 14.24 48.09
C CYS TA 191 -41.48 15.57 47.38
N PHE TA 192 -42.48 16.29 46.88
CA PHE TA 192 -42.22 17.61 46.26
C PHE TA 192 -41.72 18.63 47.26
N ILE TA 193 -42.18 18.50 48.50
CA ILE TA 193 -41.99 19.55 49.49
C ILE TA 193 -40.56 19.54 50.03
N ASN TA 194 -40.04 18.34 50.26
CA ASN TA 194 -38.66 18.17 50.71
C ASN TA 194 -37.69 17.79 49.58
N GLY TA 195 -38.14 17.94 48.33
CA GLY TA 195 -37.28 17.71 47.18
C GLY TA 195 -36.69 16.31 47.01
N THR TA 196 -37.47 15.27 47.35
CA THR TA 196 -36.98 13.89 47.29
C THR TA 196 -37.24 13.25 45.91
N ARG TA 197 -36.82 12.00 45.73
CA ARG TA 197 -37.08 11.27 44.50
C ARG TA 197 -38.58 11.11 44.40
N CYS TA 198 -39.18 11.72 43.39
CA CYS TA 198 -40.62 11.60 43.27
C CYS TA 198 -40.89 10.46 42.31
N SER TA 199 -41.73 9.54 42.76
CA SER TA 199 -42.05 8.38 41.96
C SER TA 199 -43.57 8.21 41.81
N ASP TA 200 -44.23 7.57 42.77
CA ASP TA 200 -45.66 7.35 42.61
C ASP TA 200 -46.46 8.61 42.99
N THR TA 201 -46.35 9.63 42.15
CA THR TA 201 -46.99 10.91 42.44
C THR TA 201 -48.28 11.09 41.67
N SER TA 202 -48.83 10.00 41.15
CA SER TA 202 -50.04 10.06 40.32
C SER TA 202 -51.20 10.62 41.10
N THR TA 203 -51.17 10.37 42.42
CA THR TA 203 -52.22 10.79 43.34
C THR TA 203 -51.98 12.16 44.00
N ALA TA 204 -50.85 12.78 43.71
CA ALA TA 204 -50.47 14.03 44.32
C ALA TA 204 -51.47 15.14 43.97
N ILE TA 205 -51.95 15.85 44.99
CA ILE TA 205 -52.77 17.03 44.78
C ILE TA 205 -51.85 18.25 44.75
N SER TA 206 -51.12 18.36 43.66
CA SER TA 206 -50.10 19.35 43.57
C SER TA 206 -50.20 20.07 42.25
N THR TA 207 -49.90 21.35 42.25
CA THR TA 207 -50.00 22.08 41.01
C THR TA 207 -48.90 23.13 40.88
N THR TA 208 -48.49 23.44 39.64
CA THR TA 208 -47.36 24.33 39.39
C THR TA 208 -47.68 25.49 38.46
N LEU TA 209 -47.02 26.62 38.69
CA LEU TA 209 -47.24 27.86 37.95
C LEU TA 209 -46.58 27.86 36.58
N ASP TA 210 -47.29 28.34 35.55
CA ASP TA 210 -46.68 28.53 34.23
C ASP TA 210 -45.83 29.77 34.26
N VAL TA 211 -44.62 29.62 34.76
CA VAL TA 211 -43.73 30.76 34.86
C VAL TA 211 -43.41 31.27 33.46
N SER TA 212 -43.37 30.32 32.52
CA SER TA 212 -43.00 30.64 31.15
C SER TA 212 -43.98 31.61 30.47
N LYS TA 213 -45.18 31.75 31.02
CA LYS TA 213 -46.21 32.52 30.34
C LYS TA 213 -46.75 33.71 31.14
N LEU TA 214 -46.05 34.13 32.19
CA LEU TA 214 -46.49 35.27 33.00
C LEU TA 214 -46.38 36.52 32.11
N GLY TA 215 -47.06 37.59 32.49
CA GLY TA 215 -47.03 38.80 31.69
C GLY TA 215 -45.63 39.28 31.39
N LYS TA 216 -44.85 39.38 32.46
CA LYS TA 216 -43.44 39.76 32.40
C LYS TA 216 -42.56 38.85 33.27
N LYS TA 217 -41.27 39.16 33.38
CA LYS TA 217 -40.37 38.34 34.18
C LYS TA 217 -40.12 38.89 35.57
N TRP TA 218 -39.80 40.17 35.64
CA TRP TA 218 -39.42 40.77 36.91
C TRP TA 218 -40.57 41.55 37.50
N TYR TA 219 -41.09 41.02 38.60
CA TYR TA 219 -42.19 41.66 39.29
C TYR TA 219 -41.68 42.42 40.48
N PRO TA 220 -42.34 43.53 40.81
CA PRO TA 220 -41.98 44.24 42.03
C PRO TA 220 -42.53 43.49 43.23
N TYR TA 221 -41.79 43.48 44.33
CA TYR TA 221 -42.33 43.02 45.60
C TYR TA 221 -43.39 44.03 46.03
N LYS TA 222 -44.64 43.59 46.19
CA LYS TA 222 -45.70 44.47 46.62
C LYS TA 222 -46.38 43.69 47.72
N THR TA 223 -47.03 44.42 48.63
CA THR TA 223 -47.78 43.82 49.74
C THR TA 223 -49.26 43.71 49.42
N SER TA 224 -50.01 43.14 50.35
CA SER TA 224 -51.47 43.09 50.25
C SER TA 224 -52.07 44.49 50.16
N ALA TA 225 -51.51 45.40 50.97
CA ALA TA 225 -51.89 46.81 51.00
C ALA TA 225 -51.73 47.45 49.63
N ASP TA 226 -50.58 47.23 49.00
CA ASP TA 226 -50.30 47.74 47.65
C ASP TA 226 -51.29 47.18 46.63
N TYR TA 227 -51.61 45.89 46.74
CA TYR TA 227 -52.56 45.25 45.82
C TYR TA 227 -53.95 45.86 45.94
N ALA TA 228 -54.41 45.97 47.20
CA ALA TA 228 -55.75 46.47 47.54
C ALA TA 228 -56.02 47.88 47.04
N THR TA 229 -55.13 48.80 47.36
CA THR TA 229 -55.27 50.19 46.94
C THR TA 229 -55.28 50.22 45.42
N ALA TA 230 -54.37 49.46 44.83
CA ALA TA 230 -54.24 49.38 43.37
C ALA TA 230 -55.55 48.92 42.74
N VAL TA 231 -56.23 47.99 43.38
CA VAL TA 231 -57.47 47.47 42.82
C VAL TA 231 -58.56 48.56 42.84
N GLY TA 232 -58.43 49.50 43.78
CA GLY TA 232 -59.34 50.63 43.87
C GLY TA 232 -59.27 51.63 42.72
N VAL TA 233 -58.07 51.79 42.18
CA VAL TA 233 -57.91 52.69 41.06
C VAL TA 233 -58.30 51.95 39.79
N ASP TA 234 -57.76 50.74 39.62
CA ASP TA 234 -58.15 49.87 38.50
C ASP TA 234 -57.61 48.47 38.76
N VAL TA 235 -58.46 47.46 38.65
CA VAL TA 235 -58.07 46.09 38.93
C VAL TA 235 -56.89 45.69 38.03
N ASN TA 236 -56.81 46.32 36.85
CA ASN TA 236 -55.76 46.07 35.86
C ASN TA 236 -54.40 46.66 36.15
N ILE TA 237 -54.34 47.65 37.03
CA ILE TA 237 -53.05 48.18 37.47
C ILE TA 237 -52.35 47.04 38.23
N ALA TA 238 -53.15 46.11 38.75
CA ALA TA 238 -52.66 44.96 39.52
C ALA TA 238 -51.97 43.92 38.63
N THR TA 239 -52.37 43.84 37.36
CA THR TA 239 -51.81 42.83 36.46
C THR TA 239 -50.28 42.96 36.34
N PRO TA 240 -49.76 44.19 36.23
CA PRO TA 240 -48.30 44.21 36.25
C PRO TA 240 -47.67 44.07 37.65
N LEU TA 241 -48.45 43.85 38.70
CA LEU TA 241 -47.87 43.72 40.04
C LEU TA 241 -47.80 42.27 40.52
N VAL TA 242 -48.83 41.49 40.20
CA VAL TA 242 -48.92 40.08 40.64
C VAL TA 242 -49.07 39.09 39.46
N PRO TA 243 -48.25 38.02 39.46
CA PRO TA 243 -48.18 37.05 38.34
C PRO TA 243 -49.42 36.16 38.15
N ALA TA 244 -50.07 35.78 39.25
CA ALA TA 244 -51.22 34.91 39.18
C ALA TA 244 -51.95 34.90 40.50
N ARG TA 245 -53.12 34.28 40.52
CA ARG TA 245 -53.87 34.05 41.73
C ARG TA 245 -54.17 32.56 41.85
N LEU TA 246 -53.97 32.01 43.03
CA LEU TA 246 -54.28 30.61 43.29
C LEU TA 246 -55.72 30.55 43.75
N VAL TA 247 -56.53 29.71 43.12
CA VAL TA 247 -57.94 29.56 43.47
C VAL TA 247 -58.22 28.23 44.17
N ILE TA 248 -58.98 28.25 45.26
CA ILE TA 248 -59.22 27.04 46.03
C ILE TA 248 -60.67 26.83 46.32
N ALA TA 249 -61.17 25.63 46.08
CA ALA TA 249 -62.53 25.28 46.46
C ALA TA 249 -62.60 24.04 47.37
N LEU TA 250 -63.43 24.10 48.42
CA LEU TA 250 -63.71 22.91 49.22
C LEU TA 250 -65.19 22.71 49.42
N LEU TA 251 -65.64 21.49 49.16
CA LEU TA 251 -67.03 21.14 49.21
C LEU TA 251 -67.10 19.63 49.47
N ASP TA 252 -68.31 19.07 49.39
CA ASP TA 252 -68.52 17.63 49.54
C ASP TA 252 -68.23 17.16 50.95
N GLY TA 253 -68.15 18.08 51.91
CA GLY TA 253 -67.96 17.73 53.31
C GLY TA 253 -69.28 17.26 53.91
N SER TA 254 -69.22 16.72 55.13
CA SER TA 254 -70.40 16.16 55.77
C SER TA 254 -71.00 17.11 56.79
N SER TA 255 -70.28 18.17 57.11
CA SER TA 255 -70.74 19.09 58.13
C SER TA 255 -70.89 20.53 57.57
N SER TA 256 -71.70 21.34 58.23
CA SER TA 256 -71.82 22.74 57.86
C SER TA 256 -70.67 23.46 58.53
N THR TA 257 -70.09 22.76 59.49
CA THR TA 257 -68.95 23.24 60.26
C THR TA 257 -67.60 22.73 59.75
N ALA TA 258 -66.58 23.61 59.76
CA ALA TA 258 -65.26 23.24 59.24
C ALA TA 258 -64.73 22.04 59.98
N VAL TA 259 -64.38 21.01 59.23
CA VAL TA 259 -63.71 19.85 59.79
C VAL TA 259 -62.24 19.96 59.40
N ALA TA 260 -61.32 19.70 60.34
CA ALA TA 260 -59.89 19.79 60.00
C ALA TA 260 -59.56 18.84 58.85
N ALA TA 261 -59.09 19.43 57.77
CA ALA TA 261 -58.91 18.69 56.54
C ALA TA 261 -57.45 18.47 56.19
N GLY TA 262 -56.73 19.55 55.91
CA GLY TA 262 -55.33 19.43 55.56
C GLY TA 262 -54.60 20.75 55.53
N ARG TA 263 -53.51 20.78 54.77
CA ARG TA 263 -52.69 21.96 54.64
C ARG TA 263 -52.19 22.12 53.22
N ILE TA 264 -52.02 23.37 52.80
CA ILE TA 264 -51.37 23.67 51.53
C ILE TA 264 -49.98 24.23 51.76
N TYR TA 265 -48.98 23.58 51.16
CA TYR TA 265 -47.61 24.06 51.22
C TYR TA 265 -47.17 24.64 49.87
N CYS TA 266 -46.23 25.58 49.92
CA CYS TA 266 -45.69 26.14 48.70
C CYS TA 266 -44.20 25.83 48.57
N THR TA 267 -43.81 25.29 47.41
CA THR TA 267 -42.42 25.01 47.09
C THR TA 267 -42.01 25.87 45.90
N TYR TA 268 -41.10 26.80 46.15
CA TYR TA 268 -40.81 27.80 45.16
C TYR TA 268 -39.31 27.93 44.93
N THR TA 269 -38.95 28.38 43.72
CA THR TA 269 -37.60 28.86 43.43
C THR TA 269 -37.73 30.30 42.94
N ILE TA 270 -37.22 31.22 43.73
CA ILE TA 270 -37.37 32.63 43.41
C ILE TA 270 -36.01 33.30 43.14
N GLN TA 271 -35.98 34.14 42.11
CA GLN TA 271 -34.82 34.98 41.85
C GLN TA 271 -35.11 36.34 42.44
N MET TA 272 -34.31 36.73 43.42
CA MET TA 272 -34.51 37.99 44.10
C MET TA 272 -33.41 38.97 43.73
N ILE TA 273 -33.81 40.12 43.20
CA ILE TA 273 -32.82 41.09 42.74
C ILE TA 273 -33.07 42.51 43.18
N GLU TA 274 -32.01 43.30 43.08
CA GLU TA 274 -32.00 44.75 43.31
C GLU TA 274 -32.43 45.04 44.75
N PRO TA 275 -31.51 44.83 45.70
CA PRO TA 275 -31.75 45.01 47.13
C PRO TA 275 -32.27 46.38 47.48
N THR TA 276 -32.88 46.49 48.65
CA THR TA 276 -33.45 47.74 49.09
C THR TA 276 -33.34 47.84 50.62
N ALA TA 277 -33.23 49.03 51.15
CA ALA TA 277 -33.10 49.18 52.58
C ALA TA 277 -34.44 49.57 53.20
N SER TA 278 -35.51 49.20 52.51
CA SER TA 278 -36.87 49.47 52.95
C SER TA 278 -37.80 48.31 52.61
N GLY UA 86 -53.18 24.76 6.57
CA GLY UA 86 -54.05 23.62 6.82
C GLY UA 86 -55.46 23.98 7.24
N GLY UA 87 -55.59 24.81 8.29
CA GLY UA 87 -56.89 25.22 8.78
C GLY UA 87 -57.26 24.53 10.10
N ILE UA 88 -56.42 23.61 10.54
CA ILE UA 88 -56.70 22.81 11.73
C ILE UA 88 -56.28 23.54 13.00
N THR UA 89 -57.23 23.80 13.85
CA THR UA 89 -56.91 24.31 15.18
C THR UA 89 -56.93 23.17 16.21
N VAL UA 90 -55.76 22.84 16.76
CA VAL UA 90 -55.64 21.76 17.74
C VAL UA 90 -55.75 22.26 19.16
N LEU UA 91 -56.63 21.62 19.91
CA LEU UA 91 -56.91 21.99 21.28
C LEU UA 91 -56.77 20.79 22.19
N THR UA 92 -56.03 20.99 23.27
CA THR UA 92 -55.95 19.98 24.31
C THR UA 92 -56.43 20.61 25.61
N HIS UA 93 -57.36 19.95 26.28
CA HIS UA 93 -58.01 20.51 27.46
C HIS UA 93 -58.62 19.47 28.39
N SER UA 94 -58.75 19.82 29.66
CA SER UA 94 -59.49 19.04 30.64
C SER UA 94 -60.58 19.92 31.21
N GLU UA 95 -61.77 19.37 31.38
CA GLU UA 95 -62.82 20.10 32.07
C GLU UA 95 -63.78 19.10 32.72
N LEU UA 96 -64.59 19.58 33.65
CA LEU UA 96 -65.62 18.73 34.29
C LEU UA 96 -66.62 18.24 33.24
N SER UA 97 -66.94 16.95 33.29
CA SER UA 97 -67.82 16.40 32.27
C SER UA 97 -69.12 15.81 32.82
N ALA UA 98 -69.12 15.41 34.09
CA ALA UA 98 -70.28 14.79 34.71
C ALA UA 98 -70.05 14.69 36.22
N GLU UA 99 -71.08 14.92 37.03
CA GLU UA 99 -70.94 14.70 38.47
C GLU UA 99 -71.68 13.43 38.89
N ILE UA 100 -71.08 12.70 39.82
CA ILE UA 100 -71.50 11.32 40.05
C ILE UA 100 -71.95 11.03 41.48
N GLY UA 101 -73.13 10.41 41.60
CA GLY UA 101 -73.67 10.02 42.89
C GLY UA 101 -74.15 8.57 42.84
N VAL UA 102 -74.07 7.88 43.99
CA VAL UA 102 -74.32 6.43 44.03
C VAL UA 102 -75.51 6.00 44.92
N THR UA 103 -76.25 4.99 44.47
CA THR UA 103 -77.37 4.39 45.22
C THR UA 103 -77.27 2.86 45.32
N ASP UA 104 -78.26 2.23 45.96
CA ASP UA 104 -78.20 0.78 46.20
C ASP UA 104 -78.80 -0.04 45.06
N SER UA 105 -79.33 0.62 44.05
CA SER UA 105 -79.76 -0.10 42.87
C SER UA 105 -79.04 0.51 41.68
N ILE UA 106 -78.81 -0.30 40.66
CA ILE UA 106 -78.03 0.15 39.53
C ILE UA 106 -78.73 1.33 38.86
N VAL UA 107 -77.95 2.33 38.50
CA VAL UA 107 -78.42 3.45 37.70
C VAL UA 107 -77.55 3.62 36.47
N VAL UA 108 -78.13 3.47 35.29
CA VAL UA 108 -77.35 3.60 34.06
C VAL UA 108 -77.67 4.91 33.35
N SER UA 109 -76.65 5.75 33.23
CA SER UA 109 -76.75 7.00 32.50
C SER UA 109 -75.70 7.00 31.39
N SER UA 110 -75.76 7.98 30.50
CA SER UA 110 -74.83 8.01 29.39
C SER UA 110 -74.51 9.44 28.90
N GLU UA 111 -73.43 9.55 28.14
CA GLU UA 111 -73.01 10.82 27.61
C GLU UA 111 -72.49 10.64 26.19
N LEU UA 112 -72.98 11.48 25.28
CA LEU UA 112 -72.53 11.44 23.90
C LEU UA 112 -71.09 11.92 23.81
N VAL UA 113 -70.23 11.19 23.14
CA VAL UA 113 -68.87 11.65 23.03
C VAL UA 113 -68.78 12.60 21.83
N MET UA 114 -69.31 13.80 22.03
CA MET UA 114 -69.24 14.88 21.04
C MET UA 114 -69.16 16.25 21.77
N PRO UA 115 -68.46 17.25 21.17
CA PRO UA 115 -68.10 18.49 21.85
C PRO UA 115 -69.25 19.10 22.62
N TYR UA 116 -70.44 19.13 22.05
CA TYR UA 116 -71.58 19.74 22.74
C TYR UA 116 -71.88 19.14 24.12
N THR UA 117 -71.62 17.85 24.27
CA THR UA 117 -72.06 17.12 25.44
C THR UA 117 -70.95 16.66 26.34
N VAL UA 118 -69.72 17.01 25.95
CA VAL UA 118 -68.55 16.64 26.71
C VAL UA 118 -68.32 17.59 27.89
N GLY UA 119 -68.64 18.86 27.71
CA GLY UA 119 -68.44 19.86 28.75
C GLY UA 119 -68.94 21.23 28.32
N THR UA 120 -69.34 22.09 29.25
CA THR UA 120 -69.90 23.37 28.83
C THR UA 120 -68.82 24.22 28.21
N TRP UA 121 -67.59 24.13 28.68
CA TRP UA 121 -66.55 24.95 28.08
C TRP UA 121 -66.29 24.54 26.61
N LEU UA 122 -65.98 23.26 26.35
CA LEU UA 122 -65.76 22.83 24.95
C LEU UA 122 -67.00 23.05 24.10
N ARG UA 123 -68.18 22.89 24.70
CA ARG UA 123 -69.42 23.11 23.98
C ARG UA 123 -69.41 24.47 23.33
N GLY UA 124 -69.02 25.47 24.11
CA GLY UA 124 -68.93 26.83 23.61
C GLY UA 124 -67.84 27.03 22.59
N VAL UA 125 -66.66 26.49 22.86
CA VAL UA 125 -65.51 26.70 21.97
C VAL UA 125 -65.79 26.09 20.61
N ALA UA 126 -66.14 24.81 20.60
CA ALA UA 126 -66.22 24.05 19.36
C ALA UA 126 -67.35 24.46 18.44
N ALA UA 127 -68.32 25.20 18.98
CA ALA UA 127 -69.47 25.70 18.19
C ALA UA 127 -69.02 26.68 17.09
N ASN UA 128 -67.88 27.32 17.31
CA ASN UA 128 -67.34 28.26 16.36
C ASN UA 128 -66.71 27.56 15.14
N TRP UA 129 -66.68 26.23 15.17
CA TRP UA 129 -66.26 25.43 14.01
C TRP UA 129 -67.40 24.48 13.63
N SER UA 130 -67.46 24.08 12.36
CA SER UA 130 -68.56 23.25 11.90
C SER UA 130 -68.21 21.76 12.00
N LYS UA 131 -66.93 21.42 11.80
CA LYS UA 131 -66.49 20.04 11.86
C LYS UA 131 -65.30 19.88 12.81
N TYR UA 132 -65.15 18.67 13.34
CA TYR UA 132 -64.05 18.31 14.23
C TYR UA 132 -63.58 16.87 14.08
N SER UA 133 -62.48 16.55 14.72
CA SER UA 133 -61.98 15.18 14.77
C SER UA 133 -61.38 14.89 16.13
N TRP UA 134 -61.74 13.74 16.72
CA TRP UA 134 -61.08 13.33 17.96
C TRP UA 134 -59.70 12.73 17.67
N LEU UA 135 -58.66 13.31 18.26
CA LEU UA 135 -57.34 12.71 18.24
C LEU UA 135 -57.19 11.90 19.50
N SER UA 136 -57.82 12.37 20.57
CA SER UA 136 -57.87 11.65 21.84
C SER UA 136 -58.99 12.12 22.78
N VAL UA 137 -59.68 11.17 23.40
CA VAL UA 137 -60.66 11.48 24.43
C VAL UA 137 -60.54 10.54 25.61
N ARG UA 138 -60.35 11.08 26.81
CA ARG UA 138 -60.27 10.26 28.01
C ARG UA 138 -61.27 10.70 29.10
N TYR UA 139 -62.02 9.73 29.63
CA TYR UA 139 -62.92 9.94 30.75
C TYR UA 139 -62.30 9.37 32.03
N THR UA 140 -62.17 10.23 33.04
CA THR UA 140 -61.48 9.85 34.27
C THR UA 140 -62.37 10.14 35.50
N TYR UA 141 -62.65 9.12 36.29
CA TYR UA 141 -63.46 9.28 37.50
C TYR UA 141 -62.55 9.60 38.66
N ILE UA 142 -62.84 10.70 39.35
CA ILE UA 142 -62.09 11.10 40.53
C ILE UA 142 -62.98 11.05 41.76
N PRO UA 143 -62.53 10.38 42.83
CA PRO UA 143 -63.38 10.24 44.02
C PRO UA 143 -63.51 11.54 44.84
N SER UA 144 -64.59 11.67 45.59
CA SER UA 144 -64.77 12.82 46.48
C SER UA 144 -65.45 12.41 47.78
N CYS UA 145 -65.44 11.11 48.06
CA CYS UA 145 -66.15 10.53 49.19
C CYS UA 145 -65.17 9.89 50.18
N PRO UA 146 -65.65 9.57 51.41
CA PRO UA 146 -64.85 8.84 52.40
C PRO UA 146 -64.42 7.45 51.93
N SER UA 147 -63.39 6.89 52.57
CA SER UA 147 -62.92 5.56 52.21
C SER UA 147 -63.94 4.51 52.59
N SER UA 148 -64.90 4.92 53.41
CA SER UA 148 -65.90 3.99 53.91
C SER UA 148 -67.22 4.01 53.10
N THR UA 149 -67.23 4.74 51.99
CA THR UA 149 -68.41 4.86 51.15
C THR UA 149 -68.64 3.60 50.30
N ALA UA 150 -69.84 3.03 50.46
CA ALA UA 150 -70.25 1.87 49.67
C ALA UA 150 -70.63 2.31 48.28
N GLY UA 151 -70.36 1.47 47.29
CA GLY UA 151 -70.73 1.76 45.92
C GLY UA 151 -69.62 1.49 44.91
N SER UA 152 -70.00 1.30 43.65
CA SER UA 152 -68.99 1.19 42.60
C SER UA 152 -69.42 1.90 41.31
N ILE UA 153 -68.45 2.32 40.51
CA ILE UA 153 -68.74 2.96 39.22
C ILE UA 153 -68.18 2.12 38.07
N HIS UA 154 -68.88 2.13 36.95
CA HIS UA 154 -68.50 1.36 35.78
C HIS UA 154 -68.63 2.21 34.51
N MET UA 155 -67.65 2.12 33.62
CA MET UA 155 -67.69 2.92 32.37
C MET UA 155 -67.29 2.12 31.15
N GLY UA 156 -67.94 2.42 30.02
CA GLY UA 156 -67.60 1.80 28.75
C GLY UA 156 -68.13 2.60 27.57
N PHE UA 157 -67.67 2.25 26.37
CA PHE UA 157 -68.12 2.96 25.17
C PHE UA 157 -69.00 2.06 24.32
N GLN UA 158 -70.05 2.64 23.77
CA GLN UA 158 -70.82 1.99 22.72
C GLN UA 158 -70.46 2.74 21.47
N TYR UA 159 -70.24 2.03 20.38
CA TYR UA 159 -69.79 2.70 19.18
C TYR UA 159 -70.85 2.71 18.08
N ASP UA 160 -72.04 2.23 18.41
CA ASP UA 160 -73.20 2.29 17.52
C ASP UA 160 -74.36 2.95 18.23
N MET UA 161 -74.82 4.09 17.72
CA MET UA 161 -75.88 4.81 18.40
C MET UA 161 -77.18 4.02 18.50
N ALA UA 162 -77.33 3.01 17.65
CA ALA UA 162 -78.53 2.20 17.65
C ALA UA 162 -78.52 1.15 18.79
N ASP UA 163 -77.33 0.84 19.32
CA ASP UA 163 -77.21 -0.07 20.47
C ASP UA 163 -78.04 0.46 21.59
N THR UA 164 -78.80 -0.41 22.26
CA THR UA 164 -79.57 0.01 23.42
C THR UA 164 -78.64 0.17 24.59
N VAL UA 165 -78.92 1.17 25.41
CA VAL UA 165 -78.11 1.41 26.60
C VAL UA 165 -78.26 0.21 27.55
N PRO UA 166 -77.12 -0.27 28.07
CA PRO UA 166 -76.98 -1.43 28.94
C PRO UA 166 -77.79 -1.34 30.20
N VAL UA 167 -78.10 -2.49 30.76
CA VAL UA 167 -78.92 -2.56 31.96
C VAL UA 167 -78.22 -3.30 33.11
N SER UA 168 -77.18 -4.05 32.80
CA SER UA 168 -76.51 -4.82 33.83
C SER UA 168 -75.00 -4.63 33.75
N VAL UA 169 -74.34 -4.80 34.89
CA VAL UA 169 -72.90 -4.75 34.93
C VAL UA 169 -72.33 -5.78 33.98
N ASN UA 170 -72.98 -6.92 33.93
CA ASN UA 170 -72.59 -8.03 33.05
C ASN UA 170 -72.41 -7.61 31.60
N GLN UA 171 -73.43 -6.94 31.06
CA GLN UA 171 -73.40 -6.41 29.70
C GLN UA 171 -72.30 -5.39 29.52
N LEU UA 172 -72.29 -4.39 30.40
CA LEU UA 172 -71.39 -3.27 30.32
C LEU UA 172 -69.91 -3.76 30.32
N SER UA 173 -69.64 -4.82 31.06
CA SER UA 173 -68.28 -5.36 31.19
C SER UA 173 -67.69 -5.82 29.85
N ASN UA 174 -68.57 -5.99 28.86
CA ASN UA 174 -68.17 -6.45 27.54
C ASN UA 174 -67.76 -5.31 26.60
N LEU UA 175 -68.05 -4.07 26.99
CA LEU UA 175 -67.75 -2.93 26.14
C LEU UA 175 -66.26 -2.60 26.00
N ARG UA 176 -65.84 -2.14 24.83
CA ARG UA 176 -64.51 -1.53 24.67
C ARG UA 176 -64.27 -0.46 25.72
N GLY UA 177 -63.17 -0.57 26.46
CA GLY UA 177 -62.80 0.44 27.43
C GLY UA 177 -63.54 0.30 28.75
N TYR UA 178 -64.07 -0.88 29.00
CA TYR UA 178 -64.74 -1.12 30.27
C TYR UA 178 -63.76 -0.97 31.43
N VAL UA 179 -64.15 -0.17 32.42
CA VAL UA 179 -63.41 -0.01 33.67
C VAL UA 179 -64.37 -0.04 34.86
N SER UA 180 -63.86 -0.30 36.05
CA SER UA 180 -64.72 -0.49 37.20
C SER UA 180 -63.98 -0.26 38.52
N GLY UA 181 -64.64 0.34 39.50
CA GLY UA 181 -63.99 0.52 40.80
C GLY UA 181 -64.85 1.05 41.93
N GLN UA 182 -64.31 0.98 43.16
CA GLN UA 182 -64.97 1.56 44.34
C GLN UA 182 -65.16 3.04 44.13
N VAL UA 183 -66.26 3.59 44.63
CA VAL UA 183 -66.56 5.00 44.37
C VAL UA 183 -65.58 5.88 45.12
N TRP UA 184 -64.79 5.27 46.01
CA TRP UA 184 -63.78 5.99 46.77
C TRP UA 184 -62.34 5.73 46.28
N SER UA 185 -62.23 4.89 45.25
CA SER UA 185 -60.97 4.66 44.56
C SER UA 185 -60.87 5.60 43.36
N GLY UA 186 -59.72 5.67 42.70
CA GLY UA 186 -59.60 6.38 41.44
C GLY UA 186 -58.73 7.62 41.50
N SER UA 187 -58.25 7.92 42.69
CA SER UA 187 -57.41 9.07 42.96
C SER UA 187 -56.23 9.16 41.96
N ALA UA 188 -55.70 8.00 41.57
CA ALA UA 188 -54.52 7.94 40.70
C ALA UA 188 -54.80 8.43 39.30
N GLY UA 189 -56.04 8.72 38.99
CA GLY UA 189 -56.33 9.21 37.64
C GLY UA 189 -55.98 10.66 37.47
N LEU UA 190 -55.72 11.34 38.58
CA LEU UA 190 -55.54 12.79 38.60
C LEU UA 190 -54.48 13.29 37.66
N CYS UA 191 -53.40 12.54 37.59
CA CYS UA 191 -52.26 12.92 36.77
C CYS UA 191 -52.58 13.06 35.29
N PHE UA 192 -53.62 12.36 34.81
CA PHE UA 192 -54.06 12.52 33.41
C PHE UA 192 -54.66 13.89 33.19
N ILE UA 193 -55.29 14.44 34.22
CA ILE UA 193 -56.07 15.66 34.07
C ILE UA 193 -55.19 16.90 33.97
N ASN UA 194 -54.15 16.96 34.79
CA ASN UA 194 -53.28 18.10 34.68
C ASN UA 194 -52.15 17.70 33.76
N GLY UA 195 -52.32 16.54 33.14
CA GLY UA 195 -51.42 16.04 32.12
C GLY UA 195 -49.99 15.90 32.58
N THR UA 196 -49.79 15.57 33.85
CA THR UA 196 -48.44 15.48 34.36
C THR UA 196 -47.94 14.05 34.23
N ARG UA 197 -46.73 13.79 34.70
CA ARG UA 197 -46.12 12.46 34.60
C ARG UA 197 -46.94 11.39 35.34
N CYS UA 198 -47.45 10.45 34.57
CA CYS UA 198 -48.23 9.36 35.13
C CYS UA 198 -47.38 8.13 35.36
N SER UA 199 -47.49 7.57 36.57
CA SER UA 199 -46.67 6.45 36.99
C SER UA 199 -47.55 5.30 37.38
N ASP UA 200 -48.01 5.38 38.63
CA ASP UA 200 -48.88 4.44 39.29
C ASP UA 200 -50.35 4.69 38.93
N THR UA 201 -50.69 4.34 37.70
CA THR UA 201 -52.01 4.57 37.18
C THR UA 201 -52.87 3.31 37.20
N SER UA 202 -52.45 2.30 37.96
CA SER UA 202 -53.16 1.03 37.95
C SER UA 202 -54.55 1.12 38.59
N THR UA 203 -54.68 1.99 39.58
CA THR UA 203 -55.94 2.08 40.26
C THR UA 203 -56.88 3.06 39.56
N ALA UA 204 -56.39 3.65 38.47
CA ALA UA 204 -57.14 4.64 37.73
C ALA UA 204 -58.42 4.10 37.09
N ILE UA 205 -59.52 4.76 37.42
CA ILE UA 205 -60.80 4.50 36.81
C ILE UA 205 -60.88 5.43 35.61
N SER UA 206 -60.10 5.11 34.60
CA SER UA 206 -59.92 5.97 33.45
C SER UA 206 -60.04 5.19 32.14
N THR UA 207 -60.67 5.81 31.16
CA THR UA 207 -60.94 5.12 29.91
C THR UA 207 -60.86 6.05 28.72
N THR UA 208 -60.50 5.49 27.56
CA THR UA 208 -60.27 6.28 26.36
C THR UA 208 -61.00 5.76 25.11
N LEU UA 209 -61.32 6.69 24.23
CA LEU UA 209 -62.03 6.40 23.00
C LEU UA 209 -61.12 5.80 21.93
N ASP UA 210 -61.61 4.82 21.17
CA ASP UA 210 -60.84 4.33 20.02
C ASP UA 210 -60.97 5.32 18.91
N VAL UA 211 -60.16 6.37 18.92
CA VAL UA 211 -60.28 7.34 17.85
C VAL UA 211 -59.95 6.63 16.56
N SER UA 212 -59.05 5.66 16.69
CA SER UA 212 -58.56 4.84 15.60
C SER UA 212 -59.58 3.97 14.87
N LYS UA 213 -60.71 3.71 15.51
CA LYS UA 213 -61.68 2.76 14.97
C LYS UA 213 -63.03 3.45 14.69
N LEU UA 214 -63.06 4.79 14.74
CA LEU UA 214 -64.33 5.48 14.53
C LEU UA 214 -64.81 5.31 13.10
N GLY UA 215 -66.10 5.53 12.90
CA GLY UA 215 -66.70 5.40 11.58
C GLY UA 215 -66.01 6.25 10.52
N LYS UA 216 -65.87 7.55 10.78
CA LYS UA 216 -65.13 8.44 9.90
C LYS UA 216 -64.19 9.30 10.75
N LYS UA 217 -63.50 10.26 10.13
CA LYS UA 217 -62.59 11.12 10.89
C LYS UA 217 -63.25 12.44 11.27
N TRP UA 218 -63.89 13.08 10.30
CA TRP UA 218 -64.44 14.40 10.54
C TRP UA 218 -65.92 14.34 10.80
N TYR UA 219 -66.30 14.73 12.01
CA TYR UA 219 -67.68 14.74 12.45
C TYR UA 219 -68.26 16.15 12.42
N PRO UA 220 -69.56 16.28 12.07
CA PRO UA 220 -70.17 17.60 12.18
C PRO UA 220 -70.47 17.93 13.64
N TYR UA 221 -70.29 19.18 14.02
CA TYR UA 221 -70.69 19.65 15.35
C TYR UA 221 -72.20 19.55 15.44
N LYS UA 222 -72.70 18.87 16.46
CA LYS UA 222 -74.13 18.70 16.61
C LYS UA 222 -74.58 19.03 18.03
N THR UA 223 -75.83 19.43 18.20
CA THR UA 223 -76.35 19.60 19.56
C THR UA 223 -77.17 18.39 19.95
N SER UA 224 -77.56 18.34 21.22
CA SER UA 224 -78.45 17.30 21.69
C SER UA 224 -79.76 17.34 20.92
N ALA UA 225 -80.25 18.56 20.67
CA ALA UA 225 -81.45 18.80 19.88
C ALA UA 225 -81.30 18.16 18.51
N ASP UA 226 -80.16 18.38 17.87
CA ASP UA 226 -79.88 17.76 16.59
C ASP UA 226 -79.90 16.25 16.70
N TYR UA 227 -79.30 15.73 17.76
CA TYR UA 227 -79.27 14.29 17.98
C TYR UA 227 -80.67 13.75 18.17
N ALA UA 228 -81.42 14.43 19.04
CA ALA UA 228 -82.78 14.01 19.36
C ALA UA 228 -83.67 13.94 18.13
N THR UA 229 -83.65 15.00 17.31
CA THR UA 229 -84.47 15.11 16.12
C THR UA 229 -84.19 14.01 15.12
N ALA UA 230 -82.90 13.78 14.88
CA ALA UA 230 -82.46 12.75 13.92
C ALA UA 230 -82.93 11.36 14.30
N VAL UA 231 -82.83 11.04 15.59
CA VAL UA 231 -83.21 9.73 16.11
C VAL UA 231 -84.73 9.58 16.07
N GLY UA 232 -85.43 10.71 16.07
CA GLY UA 232 -86.88 10.72 15.96
C GLY UA 232 -87.33 10.17 14.62
N VAL UA 233 -86.50 10.39 13.62
CA VAL UA 233 -86.77 9.89 12.29
C VAL UA 233 -86.34 8.44 12.17
N ASP UA 234 -85.09 8.18 12.50
CA ASP UA 234 -84.47 6.86 12.43
C ASP UA 234 -83.15 6.95 13.18
N VAL UA 235 -82.94 6.08 14.18
CA VAL UA 235 -81.76 6.18 15.02
C VAL UA 235 -80.47 6.11 14.22
N ASN UA 236 -80.53 5.47 13.06
CA ASN UA 236 -79.34 5.24 12.24
C ASN UA 236 -78.84 6.52 11.58
N ILE UA 237 -79.69 7.55 11.54
CA ILE UA 237 -79.27 8.85 11.03
C ILE UA 237 -78.17 9.44 11.91
N ALA UA 238 -78.15 9.04 13.18
CA ALA UA 238 -77.19 9.58 14.14
C ALA UA 238 -75.78 9.07 13.87
N THR UA 239 -75.65 7.89 13.25
CA THR UA 239 -74.35 7.26 13.06
C THR UA 239 -73.33 8.14 12.33
N PRO UA 240 -73.73 8.84 11.27
CA PRO UA 240 -72.64 9.70 10.78
C PRO UA 240 -72.47 10.97 11.61
N LEU UA 241 -73.24 11.13 12.68
CA LEU UA 241 -73.20 12.37 13.45
C LEU UA 241 -72.42 12.30 14.77
N VAL UA 242 -72.43 11.16 15.44
CA VAL UA 242 -71.73 11.03 16.71
C VAL UA 242 -70.73 9.86 16.70
N PRO UA 243 -69.49 10.13 17.10
CA PRO UA 243 -68.45 9.09 17.06
C PRO UA 243 -68.67 7.95 18.08
N ALA UA 244 -69.25 8.22 19.24
CA ALA UA 244 -69.49 7.15 20.21
C ALA UA 244 -70.39 7.60 21.36
N ARG UA 245 -70.79 6.65 22.22
CA ARG UA 245 -71.55 6.98 23.42
C ARG UA 245 -70.84 6.45 24.64
N LEU UA 246 -70.75 7.27 25.69
CA LEU UA 246 -70.14 6.82 26.93
C LEU UA 246 -71.23 6.29 27.84
N VAL UA 247 -71.08 5.06 28.31
CA VAL UA 247 -72.09 4.49 29.20
C VAL UA 247 -71.58 4.42 30.65
N ILE UA 248 -72.43 4.81 31.58
CA ILE UA 248 -72.07 4.90 32.98
C ILE UA 248 -73.07 4.14 33.85
N ALA UA 249 -72.57 3.27 34.73
CA ALA UA 249 -73.41 2.58 35.68
C ALA UA 249 -72.93 2.80 37.12
N LEU UA 250 -73.87 3.04 38.03
CA LEU UA 250 -73.58 3.15 39.46
C LEU UA 250 -74.45 2.26 40.33
N LEU UA 251 -73.83 1.53 41.25
CA LEU UA 251 -74.59 0.63 42.10
C LEU UA 251 -73.82 0.31 43.37
N ASP UA 252 -74.36 -0.63 44.14
CA ASP UA 252 -73.71 -1.14 45.35
C ASP UA 252 -73.61 -0.12 46.48
N GLY UA 253 -74.37 0.97 46.39
CA GLY UA 253 -74.42 2.00 47.43
C GLY UA 253 -75.27 1.52 48.59
N SER UA 254 -75.32 2.26 49.70
CA SER UA 254 -76.07 1.78 50.86
C SER UA 254 -77.43 2.45 51.02
N SER UA 255 -77.69 3.48 50.22
CA SER UA 255 -78.97 4.20 50.26
C SER UA 255 -79.68 4.25 48.88
N SER UA 256 -80.99 4.46 48.88
CA SER UA 256 -81.71 4.64 47.63
C SER UA 256 -81.62 6.11 47.24
N THR UA 257 -81.29 6.97 48.19
CA THR UA 257 -81.05 8.34 47.81
C THR UA 257 -79.55 8.43 47.55
N ALA UA 258 -79.21 8.99 46.40
CA ALA UA 258 -77.84 9.04 45.90
C ALA UA 258 -76.89 9.73 46.84
N VAL UA 259 -75.76 9.08 47.10
CA VAL UA 259 -74.69 9.66 47.89
C VAL UA 259 -73.67 10.21 46.93
N ALA UA 260 -73.12 11.38 47.22
CA ALA UA 260 -72.07 11.97 46.40
C ALA UA 260 -70.83 11.07 46.37
N ALA UA 261 -70.44 10.66 45.17
CA ALA UA 261 -69.33 9.72 44.99
C ALA UA 261 -68.07 10.39 44.43
N GLY UA 262 -68.20 10.94 43.23
CA GLY UA 262 -67.10 11.62 42.59
C GLY UA 262 -67.53 12.38 41.36
N ARG UA 263 -66.58 12.59 40.45
CA ARG UA 263 -66.82 13.33 39.23
C ARG UA 263 -66.10 12.71 38.06
N ILE UA 264 -66.67 12.84 36.86
CA ILE UA 264 -65.96 12.45 35.65
C ILE UA 264 -65.45 13.69 34.94
N TYR UA 265 -64.14 13.75 34.69
CA TYR UA 265 -63.57 14.83 33.91
C TYR UA 265 -63.21 14.27 32.55
N CYS UA 266 -63.27 15.10 31.52
CA CYS UA 266 -62.90 14.67 30.17
C CYS UA 266 -61.65 15.37 29.71
N THR UA 267 -60.67 14.58 29.31
CA THR UA 267 -59.43 15.14 28.82
C THR UA 267 -59.38 14.76 27.37
N TYR UA 268 -59.42 15.77 26.50
CA TYR UA 268 -59.49 15.54 25.06
C TYR UA 268 -58.44 16.31 24.28
N THR UA 269 -58.10 15.79 23.11
CA THR UA 269 -57.39 16.55 22.09
C THR UA 269 -58.23 16.54 20.83
N ILE UA 270 -58.72 17.73 20.49
CA ILE UA 270 -59.67 17.84 19.41
C ILE UA 270 -59.06 18.67 18.26
N GLN UA 271 -59.27 18.21 17.03
CA GLN UA 271 -58.97 19.00 15.83
C GLN UA 271 -60.23 19.66 15.32
N MET UA 272 -60.26 20.98 15.32
CA MET UA 272 -61.43 21.74 14.93
C MET UA 272 -61.12 22.38 13.60
N ILE UA 273 -62.00 22.20 12.61
CA ILE UA 273 -61.81 22.80 11.29
C ILE UA 273 -63.09 23.43 10.76
N GLU UA 274 -62.90 24.29 9.76
CA GLU UA 274 -63.98 24.91 8.98
C GLU UA 274 -64.93 25.75 9.82
N PRO UA 275 -64.47 26.97 10.17
CA PRO UA 275 -65.17 27.97 10.97
C PRO UA 275 -66.56 28.28 10.45
N THR UA 276 -67.37 28.87 11.32
CA THR UA 276 -68.75 29.20 11.04
C THR UA 276 -69.13 30.43 11.82
N ALA UA 277 -70.04 31.25 11.32
CA ALA UA 277 -70.46 32.43 12.06
C ALA UA 277 -71.94 32.37 12.48
N GLY VA 86 -55.20 -20.38 7.98
CA GLY VA 86 -54.82 -21.15 9.15
C GLY VA 86 -56.00 -21.94 9.69
N GLY VA 87 -57.10 -21.22 9.90
CA GLY VA 87 -58.35 -21.77 10.43
C GLY VA 87 -58.64 -21.28 11.84
N ILE VA 88 -57.67 -20.59 12.42
CA ILE VA 88 -57.73 -20.12 13.80
C ILE VA 88 -58.32 -18.71 13.97
N THR VA 89 -59.41 -18.59 14.70
CA THR VA 89 -59.88 -17.27 15.06
C THR VA 89 -59.39 -16.90 16.47
N VAL VA 90 -58.52 -15.89 16.57
CA VAL VA 90 -57.97 -15.50 17.87
C VAL VA 90 -58.73 -14.35 18.50
N LEU VA 91 -59.11 -14.55 19.75
CA LEU VA 91 -59.95 -13.58 20.46
C LEU VA 91 -59.34 -13.17 21.82
N THR VA 92 -59.28 -11.87 22.05
CA THR VA 92 -58.83 -11.36 23.35
C THR VA 92 -59.95 -10.51 23.89
N HIS VA 93 -60.33 -10.75 25.14
CA HIS VA 93 -61.49 -10.11 25.71
C HIS VA 93 -61.51 -10.20 27.22
N SER VA 94 -62.21 -9.25 27.83
CA SER VA 94 -62.48 -9.28 29.25
C SER VA 94 -63.97 -9.29 29.46
N GLU VA 95 -64.45 -10.05 30.43
CA GLU VA 95 -65.85 -9.95 30.79
C GLU VA 95 -66.07 -10.35 32.23
N LEU VA 96 -67.22 -9.97 32.75
CA LEU VA 96 -67.62 -10.34 34.10
C LEU VA 96 -67.73 -11.83 34.19
N SER VA 97 -67.18 -12.39 35.27
CA SER VA 97 -67.14 -13.84 35.43
C SER VA 97 -67.81 -14.38 36.69
N ALA VA 98 -67.95 -13.55 37.72
CA ALA VA 98 -68.51 -14.00 38.98
C ALA VA 98 -68.82 -12.80 39.83
N GLU VA 99 -69.91 -12.88 40.58
CA GLU VA 99 -70.20 -11.84 41.58
C GLU VA 99 -69.97 -12.37 42.97
N ILE VA 100 -69.39 -11.54 43.81
CA ILE VA 100 -68.80 -12.00 45.05
C ILE VA 100 -69.39 -11.36 46.30
N GLY VA 101 -69.77 -12.19 47.26
CA GLY VA 101 -70.27 -11.68 48.53
C GLY VA 101 -69.58 -12.37 49.70
N VAL VA 102 -69.40 -11.67 50.81
CA VAL VA 102 -68.61 -12.25 51.89
C VAL VA 102 -69.39 -12.42 53.22
N THR VA 103 -69.13 -13.57 53.85
CA THR VA 103 -69.71 -13.93 55.15
C THR VA 103 -68.65 -14.23 56.20
N ASP VA 104 -69.07 -14.58 57.41
CA ASP VA 104 -68.16 -14.79 58.54
C ASP VA 104 -67.63 -16.22 58.65
N SER VA 105 -68.10 -17.11 57.80
CA SER VA 105 -67.59 -18.47 57.77
C SER VA 105 -67.21 -18.80 56.35
N ILE VA 106 -66.27 -19.73 56.17
CA ILE VA 106 -65.75 -20.01 54.85
C ILE VA 106 -66.83 -20.55 53.88
N VAL VA 107 -66.86 -19.99 52.69
CA VAL VA 107 -67.72 -20.45 51.61
C VAL VA 107 -66.88 -20.72 50.38
N VAL VA 108 -66.80 -21.97 49.93
CA VAL VA 108 -65.91 -22.33 48.84
C VAL VA 108 -66.65 -22.59 47.55
N SER VA 109 -66.38 -21.79 46.53
CA SER VA 109 -67.03 -21.97 45.25
C SER VA 109 -66.04 -22.22 44.16
N SER VA 110 -66.53 -22.59 42.98
CA SER VA 110 -65.63 -22.84 41.87
C SER VA 110 -66.27 -22.54 40.55
N GLU VA 111 -65.43 -22.41 39.53
CA GLU VA 111 -65.85 -22.14 38.17
C GLU VA 111 -64.96 -22.92 37.20
N LEU VA 112 -65.57 -23.62 36.26
CA LEU VA 112 -64.82 -24.34 35.25
C LEU VA 112 -64.15 -23.34 34.33
N VAL VA 113 -62.86 -23.51 34.11
CA VAL VA 113 -62.13 -22.62 33.21
C VAL VA 113 -62.28 -23.12 31.76
N MET VA 114 -63.48 -22.97 31.23
CA MET VA 114 -63.80 -23.33 29.86
C MET VA 114 -64.87 -22.33 29.33
N PRO VA 115 -64.86 -22.07 28.00
CA PRO VA 115 -65.67 -21.02 27.37
C PRO VA 115 -67.13 -20.95 27.85
N TYR VA 116 -67.79 -22.09 27.98
CA TYR VA 116 -69.17 -22.07 28.41
C TYR VA 116 -69.33 -21.38 29.78
N THR VA 117 -68.32 -21.43 30.65
CA THR VA 117 -68.52 -20.97 32.03
C THR VA 117 -67.74 -19.74 32.52
N VAL VA 118 -66.91 -19.12 31.67
CA VAL VA 118 -66.12 -17.99 32.16
C VAL VA 118 -67.01 -16.77 32.17
N GLY VA 119 -67.95 -16.72 31.24
CA GLY VA 119 -68.84 -15.58 31.09
C GLY VA 119 -69.82 -15.81 29.96
N THR VA 120 -70.99 -15.17 30.06
CA THR VA 120 -72.06 -15.41 29.11
C THR VA 120 -71.70 -14.93 27.73
N TRP VA 121 -70.87 -13.89 27.62
CA TRP VA 121 -70.58 -13.39 26.28
C TRP VA 121 -69.79 -14.40 25.48
N LEU VA 122 -68.66 -14.83 26.04
CA LEU VA 122 -67.82 -15.83 25.39
C LEU VA 122 -68.56 -17.15 25.15
N ARG VA 123 -69.46 -17.49 26.08
CA ARG VA 123 -70.25 -18.70 25.95
C ARG VA 123 -70.97 -18.72 24.62
N GLY VA 124 -71.60 -17.60 24.28
CA GLY VA 124 -72.29 -17.47 23.01
C GLY VA 124 -71.38 -17.44 21.80
N VAL VA 125 -70.28 -16.69 21.91
CA VAL VA 125 -69.33 -16.54 20.83
C VAL VA 125 -68.72 -17.89 20.47
N ALA VA 126 -68.06 -18.53 21.42
CA ALA VA 126 -67.26 -19.70 21.07
C ALA VA 126 -68.06 -20.95 20.67
N ALA VA 127 -69.36 -20.98 20.98
CA ALA VA 127 -70.21 -22.15 20.67
C ALA VA 127 -70.26 -22.34 19.19
N ASN VA 128 -69.88 -21.32 18.43
CA ASN VA 128 -69.84 -21.41 16.98
C ASN VA 128 -68.61 -22.20 16.46
N TRP VA 129 -67.73 -22.57 17.40
CA TRP VA 129 -66.59 -23.40 17.07
C TRP VA 129 -66.64 -24.69 17.90
N SER VA 130 -65.98 -25.73 17.38
CA SER VA 130 -66.01 -27.05 17.99
C SER VA 130 -64.92 -27.19 19.02
N LYS VA 131 -63.76 -26.63 18.70
CA LYS VA 131 -62.61 -26.71 19.58
C LYS VA 131 -61.97 -25.35 19.84
N TYR VA 132 -61.26 -25.24 20.95
CA TYR VA 132 -60.52 -24.03 21.33
C TYR VA 132 -59.20 -24.38 22.03
N SER VA 133 -58.37 -23.37 22.22
CA SER VA 133 -57.18 -23.55 23.00
C SER VA 133 -56.94 -22.27 23.76
N TRP VA 134 -56.67 -22.37 25.07
CA TRP VA 134 -56.30 -21.19 25.86
C TRP VA 134 -54.85 -20.74 25.62
N LEU VA 135 -54.69 -19.49 25.19
CA LEU VA 135 -53.38 -18.88 25.12
C LEU VA 135 -53.17 -18.11 26.41
N SER VA 136 -54.26 -17.57 26.95
CA SER VA 136 -54.19 -16.87 28.24
C SER VA 136 -55.54 -16.79 28.95
N VAL VA 137 -55.54 -17.05 30.25
CA VAL VA 137 -56.73 -16.85 31.07
C VAL VA 137 -56.27 -16.15 32.34
N ARG VA 138 -56.85 -14.99 32.62
CA ARG VA 138 -56.50 -14.25 33.82
C ARG VA 138 -57.81 -13.92 34.52
N TYR VA 139 -57.92 -14.30 35.78
CA TYR VA 139 -59.08 -13.97 36.59
C TYR VA 139 -58.66 -12.85 37.54
N THR VA 140 -59.40 -11.75 37.54
CA THR VA 140 -58.98 -10.56 38.31
C THR VA 140 -60.07 -10.14 39.29
N TYR VA 141 -59.72 -10.00 40.58
CA TYR VA 141 -60.69 -9.56 41.57
C TYR VA 141 -60.67 -8.05 41.71
N ILE VA 142 -61.83 -7.42 41.52
CA ILE VA 142 -61.97 -5.97 41.70
C ILE VA 142 -63.00 -5.69 42.82
N PRO VA 143 -62.63 -4.91 43.85
CA PRO VA 143 -63.55 -4.65 44.97
C PRO VA 143 -64.64 -3.63 44.61
N SER VA 144 -65.73 -3.60 45.36
CA SER VA 144 -66.75 -2.60 45.13
C SER VA 144 -67.33 -2.14 46.47
N CYS VA 145 -66.61 -2.43 47.54
CA CYS VA 145 -67.09 -2.18 48.89
C CYS VA 145 -66.24 -1.15 49.61
N PRO VA 146 -66.73 -0.66 50.75
CA PRO VA 146 -65.90 0.22 51.60
C PRO VA 146 -64.59 -0.41 52.11
N SER VA 147 -63.64 0.44 52.45
CA SER VA 147 -62.33 0.02 53.00
C SER VA 147 -62.48 -0.56 54.42
N SER VA 148 -63.67 -0.39 54.98
CA SER VA 148 -63.98 -0.83 56.32
C SER VA 148 -64.67 -2.19 56.36
N THR VA 149 -64.78 -2.83 55.22
CA THR VA 149 -65.43 -4.14 55.09
C THR VA 149 -64.56 -5.29 55.59
N ALA VA 150 -65.08 -6.05 56.55
CA ALA VA 150 -64.38 -7.24 57.03
C ALA VA 150 -64.54 -8.31 55.99
N GLY VA 151 -63.47 -9.08 55.78
CA GLY VA 151 -63.49 -10.14 54.79
C GLY VA 151 -62.23 -10.21 53.93
N SER VA 152 -61.96 -11.41 53.41
CA SER VA 152 -60.89 -11.64 52.47
C SER VA 152 -61.31 -12.63 51.38
N ILE VA 153 -60.67 -12.54 50.22
CA ILE VA 153 -60.95 -13.45 49.12
C ILE VA 153 -59.69 -14.22 48.78
N HIS VA 154 -59.85 -15.49 48.40
CA HIS VA 154 -58.73 -16.38 48.10
C HIS VA 154 -58.98 -17.09 46.78
N MET VA 155 -57.98 -17.15 45.92
CA MET VA 155 -58.17 -17.84 44.66
C MET VA 155 -56.99 -18.72 44.24
N GLY VA 156 -57.30 -19.85 43.63
CA GLY VA 156 -56.32 -20.74 43.05
C GLY VA 156 -56.96 -21.69 42.05
N PHE VA 157 -56.12 -22.36 41.27
CA PHE VA 157 -56.55 -23.27 40.24
C PHE VA 157 -56.33 -24.71 40.61
N GLN VA 158 -57.27 -25.57 40.24
CA GLN VA 158 -57.05 -27.01 40.22
C GLN VA 158 -57.06 -27.48 38.78
N TYR VA 159 -56.17 -28.40 38.44
CA TYR VA 159 -56.02 -28.82 37.05
C TYR VA 159 -56.44 -30.28 36.87
N ASP VA 160 -56.92 -30.92 37.93
CA ASP VA 160 -57.44 -32.29 37.82
C ASP VA 160 -58.88 -32.33 38.36
N MET VA 161 -59.82 -32.67 37.48
CA MET VA 161 -61.23 -32.62 37.82
C MET VA 161 -61.57 -33.53 39.00
N ALA VA 162 -60.74 -34.55 39.18
CA ALA VA 162 -60.90 -35.55 40.24
C ALA VA 162 -60.37 -35.04 41.55
N ASP VA 163 -59.49 -34.04 41.49
CA ASP VA 163 -59.02 -33.41 42.71
C ASP VA 163 -60.28 -32.91 43.39
N THR VA 164 -60.42 -33.16 44.69
CA THR VA 164 -61.57 -32.65 45.43
C THR VA 164 -61.42 -31.17 45.76
N VAL VA 165 -62.54 -30.46 45.79
CA VAL VA 165 -62.53 -29.04 46.14
C VAL VA 165 -62.05 -28.75 47.57
N PRO VA 166 -61.14 -27.77 47.71
CA PRO VA 166 -60.54 -27.37 48.98
C PRO VA 166 -61.56 -26.98 50.03
N VAL VA 167 -61.22 -27.12 51.30
CA VAL VA 167 -62.16 -26.82 52.37
C VAL VA 167 -61.61 -25.80 53.37
N SER VA 168 -60.31 -25.52 53.26
CA SER VA 168 -59.64 -24.53 54.11
C SER VA 168 -58.69 -23.60 53.34
N VAL VA 169 -58.46 -22.41 53.90
CA VAL VA 169 -57.46 -21.48 53.36
C VAL VA 169 -56.10 -22.17 53.29
N ASN VA 170 -55.81 -22.96 54.32
CA ASN VA 170 -54.59 -23.72 54.36
C ASN VA 170 -54.38 -24.59 53.13
N GLN VA 171 -55.39 -25.42 52.82
CA GLN VA 171 -55.37 -26.25 51.61
C GLN VA 171 -55.25 -25.40 50.37
N LEU VA 172 -56.13 -24.40 50.27
CA LEU VA 172 -56.16 -23.51 49.13
C LEU VA 172 -54.80 -22.87 48.85
N SER VA 173 -54.07 -22.51 49.91
CA SER VA 173 -52.81 -21.78 49.79
C SER VA 173 -51.77 -22.51 48.97
N ASN VA 174 -51.94 -23.81 48.84
CA ASN VA 174 -50.97 -24.64 48.14
C ASN VA 174 -51.20 -24.72 46.65
N LEU VA 175 -52.36 -24.26 46.21
CA LEU VA 175 -52.68 -24.32 44.80
C LEU VA 175 -51.82 -23.37 44.01
N ARG VA 176 -51.44 -23.81 42.81
CA ARG VA 176 -50.86 -22.96 41.80
C ARG VA 176 -51.73 -21.76 41.57
N GLY VA 177 -51.13 -20.57 41.67
CA GLY VA 177 -51.83 -19.33 41.41
C GLY VA 177 -52.60 -18.84 42.61
N TYR VA 178 -52.25 -19.33 43.79
CA TYR VA 178 -52.90 -18.85 45.00
C TYR VA 178 -52.58 -17.38 45.18
N VAL VA 179 -53.64 -16.60 45.36
CA VAL VA 179 -53.54 -15.20 45.72
C VAL VA 179 -54.61 -14.95 46.79
N SER VA 180 -54.47 -13.88 47.56
CA SER VA 180 -55.46 -13.57 48.58
C SER VA 180 -55.33 -12.11 49.00
N GLY VA 181 -56.46 -11.51 49.38
CA GLY VA 181 -56.39 -10.16 49.87
C GLY VA 181 -57.65 -9.72 50.56
N GLN VA 182 -57.56 -8.57 51.22
CA GLN VA 182 -58.70 -7.93 51.86
C GLN VA 182 -59.75 -7.78 50.78
N VAL VA 183 -61.00 -7.93 51.18
CA VAL VA 183 -62.11 -7.93 50.26
C VAL VA 183 -62.31 -6.54 49.65
N TRP VA 184 -61.69 -5.55 50.26
CA TRP VA 184 -61.73 -4.18 49.78
C TRP VA 184 -60.41 -3.80 49.12
N SER VA 185 -59.49 -4.75 49.04
CA SER VA 185 -58.23 -4.56 48.33
C SER VA 185 -58.41 -5.04 46.88
N GLY VA 186 -57.47 -4.73 46.00
CA GLY VA 186 -57.48 -5.28 44.66
C GLY VA 186 -57.66 -4.33 43.49
N SER VA 187 -57.83 -3.05 43.79
CA SER VA 187 -58.05 -2.02 42.77
C SER VA 187 -56.99 -2.07 41.66
N ALA VA 188 -55.74 -2.29 42.05
CA ALA VA 188 -54.62 -2.22 41.11
C ALA VA 188 -54.69 -3.30 40.02
N GLY VA 189 -55.67 -4.19 40.11
CA GLY VA 189 -55.84 -5.17 39.06
C GLY VA 189 -56.61 -4.67 37.84
N LEU VA 190 -57.24 -3.51 37.93
CA LEU VA 190 -58.08 -3.03 36.82
C LEU VA 190 -57.30 -2.95 35.52
N CYS VA 191 -56.05 -2.55 35.58
CA CYS VA 191 -55.28 -2.34 34.36
C CYS VA 191 -55.12 -3.59 33.49
N PHE VA 192 -55.19 -4.78 34.08
CA PHE VA 192 -55.16 -6.05 33.32
C PHE VA 192 -56.42 -6.20 32.48
N ILE VA 193 -57.50 -5.63 33.00
CA ILE VA 193 -58.82 -5.83 32.43
C ILE VA 193 -59.04 -5.00 31.17
N ASN VA 194 -58.61 -3.74 31.17
CA ASN VA 194 -58.76 -2.91 29.97
C ASN VA 194 -57.47 -2.85 29.17
N GLY VA 195 -56.52 -3.70 29.56
CA GLY VA 195 -55.27 -3.87 28.85
C GLY VA 195 -54.34 -2.67 28.75
N THR VA 196 -54.31 -1.82 29.76
CA THR VA 196 -53.48 -0.62 29.72
C THR VA 196 -52.10 -0.86 30.34
N ARG VA 197 -51.25 0.17 30.39
CA ARG VA 197 -49.91 0.04 30.97
C ARG VA 197 -50.02 -0.34 32.44
N CYS VA 198 -49.58 -1.55 32.76
CA CYS VA 198 -49.63 -2.02 34.13
C CYS VA 198 -48.27 -1.85 34.78
N SER VA 199 -48.26 -1.19 35.93
CA SER VA 199 -47.04 -0.91 36.67
C SER VA 199 -47.13 -1.41 38.12
N ASP VA 200 -47.79 -0.62 38.97
CA ASP VA 200 -47.89 -0.92 40.39
C ASP VA 200 -49.00 -1.93 40.71
N THR VA 201 -48.78 -3.16 40.28
CA THR VA 201 -49.79 -4.19 40.39
C THR VA 201 -49.55 -5.15 41.56
N SER VA 202 -48.70 -4.74 42.51
CA SER VA 202 -48.30 -5.63 43.59
C SER VA 202 -49.48 -6.10 44.42
N THR VA 203 -50.49 -5.23 44.50
CA THR VA 203 -51.69 -5.49 45.28
C THR VA 203 -52.84 -6.15 44.52
N ALA VA 204 -52.64 -6.38 43.23
CA ALA VA 204 -53.68 -6.94 42.40
C ALA VA 204 -54.03 -8.33 42.90
N ILE VA 205 -55.30 -8.57 43.13
CA ILE VA 205 -55.74 -9.90 43.46
C ILE VA 205 -56.09 -10.58 42.14
N SER VA 206 -55.05 -10.91 41.38
CA SER VA 206 -55.21 -11.41 40.03
C SER VA 206 -54.34 -12.65 39.81
N THR VA 207 -54.88 -13.61 39.07
CA THR VA 207 -54.20 -14.87 38.84
C THR VA 207 -54.46 -15.42 37.44
N THR VA 208 -53.50 -16.20 36.94
CA THR VA 208 -53.54 -16.69 35.56
C THR VA 208 -53.36 -18.20 35.50
N LEU VA 209 -53.95 -18.79 34.45
CA LEU VA 209 -53.92 -20.24 34.21
C LEU VA 209 -52.56 -20.67 33.67
N ASP VA 210 -52.04 -21.80 34.13
CA ASP VA 210 -50.79 -22.33 33.57
C ASP VA 210 -51.08 -22.98 32.25
N VAL VA 211 -51.18 -22.18 31.20
CA VAL VA 211 -51.59 -22.71 29.92
C VAL VA 211 -50.56 -23.70 29.38
N SER VA 212 -49.30 -23.46 29.68
CA SER VA 212 -48.20 -24.33 29.24
C SER VA 212 -48.27 -25.77 29.78
N LYS VA 213 -49.10 -26.01 30.79
CA LYS VA 213 -49.06 -27.27 31.50
C LYS VA 213 -50.35 -28.06 31.35
N LEU VA 214 -51.22 -27.64 30.44
CA LEU VA 214 -52.52 -28.31 30.32
C LEU VA 214 -52.41 -29.73 29.74
N GLY VA 215 -53.44 -30.54 29.99
CA GLY VA 215 -53.43 -31.92 29.53
C GLY VA 215 -53.14 -32.06 28.05
N LYS VA 216 -53.91 -31.34 27.24
CA LYS VA 216 -53.72 -31.27 25.77
C LYS VA 216 -53.80 -29.81 25.30
N LYS VA 217 -53.75 -29.58 23.99
CA LYS VA 217 -53.83 -28.19 23.52
C LYS VA 217 -55.21 -27.78 23.11
N TRP VA 218 -55.84 -28.63 22.32
CA TRP VA 218 -57.13 -28.28 21.77
C TRP VA 218 -58.22 -28.95 22.55
N TYR VA 219 -59.04 -28.14 23.21
CA TYR VA 219 -60.15 -28.68 23.98
C TYR VA 219 -61.44 -28.53 23.20
N PRO VA 220 -62.32 -29.54 23.29
CA PRO VA 220 -63.65 -29.36 22.70
C PRO VA 220 -64.52 -28.48 23.59
N TYR VA 221 -65.32 -27.63 22.94
CA TYR VA 221 -66.32 -26.81 23.62
C TYR VA 221 -67.38 -27.70 24.24
N LYS VA 222 -67.60 -27.54 25.53
CA LYS VA 222 -68.55 -28.37 26.27
C LYS VA 222 -69.50 -27.52 27.10
N THR VA 223 -70.66 -28.07 27.44
CA THR VA 223 -71.60 -27.38 28.33
C THR VA 223 -71.30 -27.82 29.75
N SER VA 224 -71.78 -27.08 30.74
CA SER VA 224 -71.69 -27.51 32.13
C SER VA 224 -72.48 -28.83 32.27
N ALA VA 225 -73.58 -28.88 31.52
CA ALA VA 225 -74.40 -30.09 31.37
C ALA VA 225 -73.59 -31.28 30.87
N ASP VA 226 -72.78 -31.10 29.82
CA ASP VA 226 -71.95 -32.19 29.32
C ASP VA 226 -71.01 -32.70 30.42
N TYR VA 227 -70.46 -31.76 31.18
CA TYR VA 227 -69.59 -32.04 32.30
C TYR VA 227 -70.32 -32.82 33.39
N ALA VA 228 -71.53 -32.40 33.72
CA ALA VA 228 -72.26 -33.10 34.76
C ALA VA 228 -72.37 -34.58 34.40
N THR VA 229 -72.78 -34.85 33.15
CA THR VA 229 -72.96 -36.19 32.62
C THR VA 229 -71.67 -36.99 32.67
N ALA VA 230 -70.59 -36.37 32.24
CA ALA VA 230 -69.28 -37.01 32.19
C ALA VA 230 -68.86 -37.45 33.57
N VAL VA 231 -69.05 -36.58 34.55
CA VAL VA 231 -68.65 -36.90 35.91
C VAL VA 231 -69.61 -37.95 36.45
N GLY VA 232 -70.82 -37.99 35.91
CA GLY VA 232 -71.78 -39.02 36.31
C GLY VA 232 -71.36 -40.46 35.99
N VAL VA 233 -70.67 -40.65 34.88
CA VAL VA 233 -70.16 -41.97 34.53
C VAL VA 233 -68.80 -42.25 35.19
N ASP VA 234 -67.86 -41.32 35.05
CA ASP VA 234 -66.54 -41.40 35.68
C ASP VA 234 -65.88 -40.04 35.58
N VAL VA 235 -65.43 -39.51 36.73
CA VAL VA 235 -64.88 -38.16 36.81
C VAL VA 235 -63.69 -37.97 35.88
N ASN VA 236 -63.00 -39.06 35.59
CA ASN VA 236 -61.78 -38.96 34.80
C ASN VA 236 -62.08 -38.70 33.34
N ILE VA 237 -63.30 -39.06 32.95
CA ILE VA 237 -63.81 -38.75 31.61
C ILE VA 237 -63.93 -37.24 31.42
N ALA VA 238 -64.12 -36.52 32.52
CA ALA VA 238 -64.30 -35.06 32.50
C ALA VA 238 -62.96 -34.39 32.21
N THR VA 239 -61.87 -35.03 32.58
CA THR VA 239 -60.55 -34.44 32.41
C THR VA 239 -60.14 -34.09 30.98
N PRO VA 240 -60.42 -34.96 30.00
CA PRO VA 240 -60.04 -34.45 28.69
C PRO VA 240 -61.02 -33.41 28.13
N LEU VA 241 -62.02 -33.02 28.93
CA LEU VA 241 -63.01 -32.05 28.48
C LEU VA 241 -62.83 -30.66 29.11
N VAL VA 242 -62.27 -30.61 30.32
CA VAL VA 242 -62.03 -29.36 31.02
C VAL VA 242 -60.54 -29.18 31.39
N PRO VA 243 -59.97 -28.02 31.04
CA PRO VA 243 -58.55 -27.72 31.31
C PRO VA 243 -58.23 -27.49 32.78
N ALA VA 244 -59.13 -26.83 33.53
CA ALA VA 244 -58.88 -26.57 34.96
C ALA VA 244 -60.12 -26.04 35.66
N ARG VA 245 -60.08 -25.97 36.97
CA ARG VA 245 -61.16 -25.33 37.67
C ARG VA 245 -60.56 -24.24 38.56
N LEU VA 246 -61.23 -23.09 38.62
CA LEU VA 246 -60.81 -22.00 39.48
C LEU VA 246 -61.49 -22.19 40.83
N VAL VA 247 -60.73 -22.19 41.93
CA VAL VA 247 -61.35 -22.36 43.25
C VAL VA 247 -61.34 -21.02 44.01
N ILE VA 248 -62.46 -20.71 44.66
CA ILE VA 248 -62.67 -19.45 45.35
C ILE VA 248 -63.13 -19.63 46.80
N ALA VA 249 -62.47 -18.95 47.74
CA ALA VA 249 -62.95 -18.98 49.10
C ALA VA 249 -63.17 -17.56 49.62
N LEU VA 250 -64.28 -17.37 50.31
CA LEU VA 250 -64.52 -16.12 51.01
C LEU VA 250 -64.89 -16.37 52.46
N LEU VA 251 -64.30 -15.59 53.35
CA LEU VA 251 -64.56 -15.76 54.77
C LEU VA 251 -64.18 -14.47 55.47
N ASP VA 252 -64.12 -14.51 56.79
CA ASP VA 252 -63.64 -13.36 57.57
C ASP VA 252 -64.55 -12.15 57.51
N GLY VA 253 -65.79 -12.34 57.05
CA GLY VA 253 -66.75 -11.26 57.00
C GLY VA 253 -67.33 -10.98 58.37
N SER VA 254 -68.07 -9.89 58.53
CA SER VA 254 -68.62 -9.60 59.85
C SER VA 254 -70.10 -9.97 59.86
N SER VA 255 -70.63 -10.30 58.69
CA SER VA 255 -72.03 -10.68 58.56
C SER VA 255 -72.13 -12.11 58.03
N SER VA 256 -73.15 -12.84 58.50
CA SER VA 256 -73.47 -14.20 58.05
C SER VA 256 -74.34 -14.19 56.83
N THR VA 257 -74.95 -13.04 56.56
CA THR VA 257 -75.71 -12.84 55.33
C THR VA 257 -74.68 -12.19 54.42
N ALA VA 258 -74.62 -12.63 53.15
CA ALA VA 258 -73.58 -12.18 52.22
C ALA VA 258 -73.56 -10.68 52.02
N VAL VA 259 -72.38 -10.09 52.24
CA VAL VA 259 -72.16 -8.68 52.00
C VAL VA 259 -71.47 -8.50 50.66
N ALA VA 260 -71.95 -7.56 49.85
CA ALA VA 260 -71.38 -7.30 48.55
C ALA VA 260 -69.90 -6.93 48.72
N ALA VA 261 -69.02 -7.72 48.10
CA ALA VA 261 -67.59 -7.54 48.27
C ALA VA 261 -67.03 -6.93 47.01
N GLY VA 262 -67.12 -7.68 45.93
CA GLY VA 262 -66.61 -7.19 44.66
C GLY VA 262 -67.01 -8.12 43.54
N ARG VA 263 -66.22 -8.13 42.47
CA ARG VA 263 -66.49 -8.97 41.30
C ARG VA 263 -65.20 -9.57 40.73
N ILE VA 264 -65.30 -10.78 40.18
CA ILE VA 264 -64.18 -11.42 39.50
C ILE VA 264 -64.39 -11.39 37.99
N TYR VA 265 -63.45 -10.77 37.29
CA TYR VA 265 -63.50 -10.66 35.85
C TYR VA 265 -62.56 -11.65 35.21
N CYS VA 266 -62.89 -12.09 34.00
CA CYS VA 266 -61.99 -12.94 33.29
C CYS VA 266 -61.45 -12.21 32.06
N THR VA 267 -60.12 -12.19 31.93
CA THR VA 267 -59.42 -11.63 30.77
C THR VA 267 -58.72 -12.78 30.06
N TYR VA 268 -59.16 -13.12 28.87
CA TYR VA 268 -58.64 -14.32 28.25
C TYR VA 268 -58.21 -14.03 26.82
N THR VA 269 -57.28 -14.84 26.32
CA THR VA 269 -56.98 -14.87 24.90
C THR VA 269 -57.17 -16.29 24.39
N ILE VA 270 -58.19 -16.50 23.55
CA ILE VA 270 -58.59 -17.84 23.11
C ILE VA 270 -58.46 -18.02 21.60
N GLN VA 271 -57.97 -19.19 21.19
CA GLN VA 271 -57.96 -19.61 19.79
C GLN VA 271 -59.13 -20.49 19.51
N MET VA 272 -59.99 -20.08 18.59
CA MET VA 272 -61.14 -20.86 18.27
C MET VA 272 -60.95 -21.42 16.88
N ILE VA 273 -61.13 -22.73 16.72
CA ILE VA 273 -60.97 -23.40 15.43
C ILE VA 273 -62.14 -24.35 15.11
N GLU VA 274 -62.28 -24.66 13.83
CA GLU VA 274 -63.22 -25.66 13.33
C GLU VA 274 -64.68 -25.37 13.65
N PRO VA 275 -65.29 -24.46 12.88
CA PRO VA 275 -66.68 -24.07 13.02
C PRO VA 275 -67.61 -25.25 13.05
N THR VA 276 -68.80 -24.98 13.57
CA THR VA 276 -69.87 -25.96 13.75
C THR VA 276 -71.16 -25.21 13.50
N ALA VA 277 -72.20 -25.91 13.04
CA ALA VA 277 -73.44 -25.22 12.80
C ALA VA 277 -74.58 -25.64 13.72
N SER VA 278 -75.79 -25.19 13.39
CA SER VA 278 -76.99 -25.53 14.12
C SER VA 278 -78.13 -25.81 13.11
N ALA VA 279 -79.24 -26.41 13.56
CA ALA VA 279 -80.35 -26.74 12.67
C ALA VA 279 -81.66 -26.19 13.23
N GLY WA 86 -26.16 -35.21 41.37
CA GLY WA 86 -26.04 -34.31 42.49
C GLY WA 86 -26.78 -34.83 43.72
N GLY WA 87 -28.04 -35.18 43.51
CA GLY WA 87 -28.89 -35.69 44.57
C GLY WA 87 -29.90 -34.64 45.01
N ILE WA 88 -29.77 -33.44 44.46
CA ILE WA 88 -30.60 -32.32 44.86
C ILE WA 88 -31.93 -32.19 44.08
N THR WA 89 -33.02 -32.28 44.82
CA THR WA 89 -34.32 -31.91 44.34
C THR WA 89 -34.62 -30.50 44.89
N VAL WA 90 -34.73 -29.51 44.00
CA VAL WA 90 -35.04 -28.13 44.41
C VAL WA 90 -36.53 -27.82 44.31
N LEU WA 91 -37.09 -27.26 45.38
CA LEU WA 91 -38.52 -27.00 45.47
C LEU WA 91 -38.82 -25.54 45.81
N THR WA 92 -39.71 -24.91 45.05
CA THR WA 92 -40.13 -23.55 45.36
C THR WA 92 -41.65 -23.51 45.52
N HIS WA 93 -42.10 -22.95 46.62
CA HIS WA 93 -43.52 -23.04 46.94
C HIS WA 93 -43.93 -21.95 47.91
N SER WA 94 -45.21 -21.61 47.90
CA SER WA 94 -45.78 -20.73 48.90
C SER WA 94 -46.91 -21.47 49.60
N GLU WA 95 -46.99 -21.32 50.92
CA GLU WA 95 -48.12 -21.85 51.65
C GLU WA 95 -48.39 -21.08 52.91
N LEU WA 96 -49.57 -21.29 53.46
CA LEU WA 96 -49.97 -20.67 54.72
C LEU WA 96 -49.06 -21.17 55.82
N SER WA 97 -48.62 -20.25 56.67
CA SER WA 97 -47.74 -20.61 57.76
C SER WA 97 -48.31 -20.19 59.16
N ALA WA 98 -49.24 -19.25 59.19
CA ALA WA 98 -49.76 -18.70 60.43
C ALA WA 98 -51.04 -17.88 60.26
N GLU WA 99 -51.93 -17.99 61.25
CA GLU WA 99 -53.14 -17.17 61.28
C GLU WA 99 -52.90 -16.10 62.33
N ILE WA 100 -53.30 -14.87 62.06
CA ILE WA 100 -52.88 -13.79 62.92
C ILE WA 100 -54.07 -13.02 63.49
N GLY WA 101 -54.09 -12.83 64.80
CA GLY WA 101 -55.14 -12.08 65.46
C GLY WA 101 -54.48 -11.08 66.39
N VAL WA 102 -55.14 -9.96 66.61
CA VAL WA 102 -54.55 -8.87 67.40
C VAL WA 102 -55.34 -8.56 68.69
N THR WA 103 -54.62 -8.21 69.75
CA THR WA 103 -55.21 -7.81 71.03
C THR WA 103 -54.73 -6.43 71.43
N ASP WA 104 -55.19 -5.92 72.58
CA ASP WA 104 -54.77 -4.58 72.97
C ASP WA 104 -53.50 -4.63 73.82
N SER WA 105 -53.02 -5.82 74.11
CA SER WA 105 -51.73 -5.97 74.78
C SER WA 105 -50.83 -6.86 73.95
N ILE WA 106 -49.52 -6.64 74.06
CA ILE WA 106 -48.58 -7.32 73.21
C ILE WA 106 -48.63 -8.83 73.42
N VAL WA 107 -48.68 -9.54 72.30
CA VAL WA 107 -48.62 -10.99 72.27
C VAL WA 107 -47.49 -11.41 71.35
N VAL WA 108 -46.45 -12.03 71.93
CA VAL WA 108 -45.28 -12.42 71.14
C VAL WA 108 -45.22 -13.92 70.93
N SER WA 109 -45.28 -14.34 69.68
CA SER WA 109 -45.16 -15.76 69.36
C SER WA 109 -43.93 -15.96 68.47
N SER WA 110 -43.62 -17.21 68.15
CA SER WA 110 -42.50 -17.47 67.29
C SER WA 110 -42.69 -18.73 66.44
N GLU WA 111 -41.89 -18.86 65.40
CA GLU WA 111 -41.96 -20.04 64.55
C GLU WA 111 -40.55 -20.44 64.17
N LEU WA 112 -40.25 -21.74 64.32
CA LEU WA 112 -38.95 -22.30 63.94
C LEU WA 112 -38.86 -22.27 62.43
N VAL WA 113 -37.77 -21.75 61.87
CA VAL WA 113 -37.66 -21.73 60.41
C VAL WA 113 -37.11 -23.04 59.88
N MET WA 114 -37.95 -24.08 59.91
CA MET WA 114 -37.59 -25.43 59.43
C MET WA 114 -38.80 -26.14 58.82
N PRO WA 115 -38.55 -27.04 57.84
CA PRO WA 115 -39.63 -27.62 57.05
C PRO WA 115 -40.79 -28.09 57.90
N TYR WA 116 -40.49 -28.73 59.01
CA TYR WA 116 -41.54 -29.28 59.86
C TYR WA 116 -42.54 -28.22 60.29
N THR WA 117 -42.08 -26.99 60.50
CA THR WA 117 -42.92 -25.99 61.13
C THR WA 117 -43.31 -24.77 60.28
N VAL WA 118 -42.94 -24.74 59.00
CA VAL WA 118 -43.37 -23.63 58.18
C VAL WA 118 -44.78 -23.87 57.62
N GLY WA 119 -45.15 -25.12 57.38
CA GLY WA 119 -46.45 -25.38 56.79
C GLY WA 119 -46.74 -26.86 56.69
N THR WA 120 -48.02 -27.20 56.65
CA THR WA 120 -48.38 -28.61 56.73
C THR WA 120 -47.93 -29.36 55.50
N TRP WA 121 -48.00 -28.69 54.35
CA TRP WA 121 -47.65 -29.33 53.09
C TRP WA 121 -46.15 -29.65 53.03
N LEU WA 122 -45.31 -28.62 53.22
CA LEU WA 122 -43.86 -28.83 53.20
C LEU WA 122 -43.45 -29.82 54.26
N ARG WA 123 -44.13 -29.78 55.41
CA ARG WA 123 -43.81 -30.68 56.51
C ARG WA 123 -43.82 -32.09 56.01
N GLY WA 124 -44.90 -32.42 55.30
CA GLY WA 124 -45.08 -33.73 54.74
C GLY WA 124 -44.11 -34.02 53.64
N VAL WA 125 -43.90 -33.05 52.78
CA VAL WA 125 -43.02 -33.25 51.63
C VAL WA 125 -41.56 -33.50 52.01
N ALA WA 126 -40.95 -32.58 52.76
CA ALA WA 126 -39.51 -32.63 53.05
C ALA WA 126 -39.14 -33.79 53.99
N ALA WA 127 -40.16 -34.38 54.61
CA ALA WA 127 -39.97 -35.51 55.52
C ALA WA 127 -39.41 -36.74 54.80
N ASN WA 128 -39.63 -36.81 53.49
CA ASN WA 128 -39.14 -37.93 52.70
C ASN WA 128 -37.67 -37.85 52.46
N TRP WA 129 -37.06 -36.75 52.91
CA TRP WA 129 -35.63 -36.56 52.82
C TRP WA 129 -35.02 -36.37 54.21
N SER WA 130 -33.71 -36.61 54.32
CA SER WA 130 -33.04 -36.57 55.61
C SER WA 130 -32.50 -35.20 55.97
N LYS WA 131 -32.01 -34.50 54.95
CA LYS WA 131 -31.45 -33.16 55.14
C LYS WA 131 -32.04 -32.15 54.13
N TYR WA 132 -31.93 -30.88 54.50
CA TYR WA 132 -32.38 -29.80 53.65
C TYR WA 132 -31.45 -28.60 53.75
N SER WA 133 -31.61 -27.67 52.81
CA SER WA 133 -30.88 -26.41 52.84
C SER WA 133 -31.77 -25.29 52.30
N TRP WA 134 -31.83 -24.19 53.04
CA TRP WA 134 -32.57 -23.04 52.58
C TRP WA 134 -31.82 -22.23 51.51
N LEU WA 135 -32.43 -22.05 50.34
CA LEU WA 135 -31.87 -21.13 49.35
C LEU WA 135 -32.47 -19.76 49.51
N SER WA 136 -33.75 -19.75 49.86
CA SER WA 136 -34.43 -18.52 50.12
C SER WA 136 -35.62 -18.87 50.99
N VAL WA 137 -35.84 -18.06 52.03
CA VAL WA 137 -37.00 -18.19 52.90
C VAL WA 137 -37.57 -16.81 53.13
N ARG WA 138 -38.84 -16.65 52.76
CA ARG WA 138 -39.55 -15.39 52.92
C ARG WA 138 -40.88 -15.57 53.66
N TYR WA 139 -41.07 -14.76 54.71
CA TYR WA 139 -42.32 -14.71 55.44
C TYR WA 139 -43.08 -13.44 55.07
N THR WA 140 -44.32 -13.60 54.62
CA THR WA 140 -45.06 -12.45 54.12
C THR WA 140 -46.42 -12.30 54.80
N TYR WA 141 -46.68 -11.15 55.44
CA TYR WA 141 -47.97 -10.94 56.09
C TYR WA 141 -48.98 -10.29 55.15
N ILE WA 142 -50.14 -10.92 55.05
CA ILE WA 142 -51.24 -10.41 54.26
C ILE WA 142 -52.46 -10.12 55.12
N PRO WA 143 -53.03 -8.90 55.02
CA PRO WA 143 -54.19 -8.55 55.85
C PRO WA 143 -55.51 -9.16 55.36
N SER WA 144 -56.46 -9.31 56.29
CA SER WA 144 -57.79 -9.81 56.00
C SER WA 144 -58.84 -9.02 56.79
N CYS WA 145 -58.43 -7.84 57.24
CA CYS WA 145 -59.27 -6.98 58.08
C CYS WA 145 -59.63 -5.63 57.41
N PRO WA 146 -60.63 -4.93 57.96
CA PRO WA 146 -60.97 -3.56 57.53
C PRO WA 146 -59.85 -2.57 57.75
N SER WA 147 -59.89 -1.46 57.02
CA SER WA 147 -58.88 -0.41 57.15
C SER WA 147 -58.95 0.28 58.48
N SER WA 148 -60.03 0.02 59.21
CA SER WA 148 -60.29 0.64 60.50
C SER WA 148 -59.90 -0.23 61.69
N THR WA 149 -59.27 -1.37 61.41
CA THR WA 149 -58.88 -2.32 62.41
C THR WA 149 -57.66 -1.82 63.17
N ALA WA 150 -57.73 -1.72 64.49
CA ALA WA 150 -56.56 -1.31 65.28
C ALA WA 150 -55.57 -2.46 65.40
N GLY WA 151 -54.29 -2.14 65.47
CA GLY WA 151 -53.27 -3.17 65.61
C GLY WA 151 -52.03 -2.99 64.72
N SER WA 152 -50.91 -3.55 65.18
CA SER WA 152 -49.69 -3.58 64.39
C SER WA 152 -49.01 -4.92 64.54
N ILE WA 153 -48.27 -5.32 63.52
CA ILE WA 153 -47.56 -6.59 63.54
C ILE WA 153 -46.08 -6.32 63.42
N HIS WA 154 -45.27 -7.13 64.10
CA HIS WA 154 -43.83 -6.96 64.05
C HIS WA 154 -43.19 -8.33 63.84
N MET WA 155 -42.19 -8.42 62.97
CA MET WA 155 -41.51 -9.69 62.70
C MET WA 155 -40.01 -9.52 62.59
N GLY WA 156 -39.28 -10.49 63.12
CA GLY WA 156 -37.82 -10.50 63.02
C GLY WA 156 -37.31 -11.89 63.27
N PHE WA 157 -36.05 -12.14 62.94
CA PHE WA 157 -35.43 -13.46 63.10
C PHE WA 157 -34.43 -13.48 64.22
N GLN WA 158 -34.41 -14.56 64.97
CA GLN WA 158 -33.28 -14.79 65.86
C GLN WA 158 -32.53 -15.96 65.25
N TYR WA 159 -31.20 -15.93 65.30
CA TYR WA 159 -30.43 -16.97 64.63
C TYR WA 159 -29.66 -17.90 65.58
N ASP WA 160 -29.85 -17.70 66.87
CA ASP WA 160 -29.27 -18.55 67.90
C ASP WA 160 -30.37 -19.03 68.81
N MET WA 161 -30.57 -20.34 68.86
CA MET WA 161 -31.69 -20.91 69.60
C MET WA 161 -31.68 -20.57 71.10
N ALA WA 162 -30.53 -20.16 71.62
CA ALA WA 162 -30.38 -19.81 73.03
C ALA WA 162 -30.90 -18.41 73.35
N ASP WA 163 -31.12 -17.60 72.30
CA ASP WA 163 -31.65 -16.23 72.44
C ASP WA 163 -32.98 -16.19 73.20
N THR WA 164 -33.16 -15.23 74.10
CA THR WA 164 -34.47 -15.10 74.74
C THR WA 164 -35.42 -14.51 73.72
N VAL WA 165 -36.63 -15.03 73.64
CA VAL WA 165 -37.59 -14.43 72.73
C VAL WA 165 -37.90 -13.06 73.31
N PRO WA 166 -37.87 -12.01 72.46
CA PRO WA 166 -38.10 -10.63 72.89
C PRO WA 166 -39.45 -10.43 73.55
N VAL WA 167 -39.51 -9.42 74.41
CA VAL WA 167 -40.70 -9.14 75.18
C VAL WA 167 -41.21 -7.72 74.86
N SER WA 168 -40.38 -6.94 74.17
CA SER WA 168 -40.80 -5.61 73.77
C SER WA 168 -40.51 -5.37 72.30
N VAL WA 169 -41.36 -4.56 71.67
CA VAL WA 169 -41.20 -4.11 70.29
C VAL WA 169 -39.83 -3.43 70.12
N ASN WA 170 -39.42 -2.71 71.16
CA ASN WA 170 -38.11 -2.08 71.18
C ASN WA 170 -37.01 -3.08 70.92
N GLN WA 171 -37.07 -4.19 71.67
CA GLN WA 171 -36.15 -5.29 71.45
C GLN WA 171 -36.28 -5.82 70.04
N LEU WA 172 -37.50 -6.14 69.63
CA LEU WA 172 -37.70 -6.73 68.31
C LEU WA 172 -37.09 -5.85 67.21
N SER WA 173 -37.19 -4.53 67.38
CA SER WA 173 -36.82 -3.57 66.34
C SER WA 173 -35.37 -3.71 65.92
N ASN WA 174 -34.57 -4.38 66.76
CA ASN WA 174 -33.16 -4.53 66.45
C ASN WA 174 -32.81 -5.77 65.61
N LEU WA 175 -33.74 -6.73 65.52
CA LEU WA 175 -33.47 -7.98 64.83
C LEU WA 175 -33.34 -7.79 63.34
N ARG WA 176 -32.44 -8.56 62.73
CA ARG WA 176 -32.30 -8.69 61.28
C ARG WA 176 -33.63 -9.01 60.62
N GLY WA 177 -33.96 -8.22 59.62
CA GLY WA 177 -35.14 -8.48 58.84
C GLY WA 177 -36.35 -7.97 59.58
N TYR WA 178 -36.13 -7.11 60.58
CA TYR WA 178 -37.24 -6.53 61.33
C TYR WA 178 -38.12 -5.70 60.41
N VAL WA 179 -39.43 -5.99 60.48
CA VAL WA 179 -40.43 -5.21 59.77
C VAL WA 179 -41.61 -4.96 60.71
N SER WA 180 -42.43 -3.97 60.35
CA SER WA 180 -43.50 -3.50 61.20
C SER WA 180 -44.55 -2.84 60.33
N GLY WA 181 -45.83 -3.01 60.65
CA GLY WA 181 -46.88 -2.32 59.91
C GLY WA 181 -48.24 -2.44 60.55
N GLN WA 182 -49.21 -1.64 60.10
CA GLN WA 182 -50.61 -1.74 60.52
C GLN WA 182 -51.14 -3.12 60.14
N VAL WA 183 -52.05 -3.64 60.95
CA VAL WA 183 -52.56 -4.99 60.73
C VAL WA 183 -53.42 -5.06 59.49
N TRP WA 184 -53.78 -3.90 58.96
CA TRP WA 184 -54.56 -3.82 57.73
C TRP WA 184 -53.74 -3.45 56.49
N SER WA 185 -52.45 -3.25 56.70
CA SER WA 185 -51.51 -3.00 55.61
C SER WA 185 -50.84 -4.31 55.15
N GLY WA 186 -50.11 -4.28 54.03
CA GLY WA 186 -49.32 -5.43 53.63
C GLY WA 186 -49.72 -6.11 52.34
N SER WA 187 -50.83 -5.68 51.75
CA SER WA 187 -51.32 -6.23 50.50
C SER WA 187 -50.23 -6.27 49.42
N ALA WA 188 -49.33 -5.28 49.41
CA ALA WA 188 -48.31 -5.18 48.35
C ALA WA 188 -47.34 -6.34 48.40
N GLY WA 189 -47.45 -7.13 49.46
CA GLY WA 189 -46.66 -8.33 49.58
C GLY WA 189 -47.20 -9.48 48.77
N LEU WA 190 -48.39 -9.36 48.24
CA LEU WA 190 -48.99 -10.48 47.52
C LEU WA 190 -48.12 -10.91 46.34
N CYS WA 191 -47.51 -9.95 45.68
CA CYS WA 191 -46.76 -10.23 44.47
C CYS WA 191 -45.60 -11.19 44.75
N PHE WA 192 -45.09 -11.18 45.98
CA PHE WA 192 -44.04 -12.14 46.35
C PHE WA 192 -44.57 -13.58 46.42
N ILE WA 193 -45.82 -13.72 46.82
CA ILE WA 193 -46.38 -15.04 47.08
C ILE WA 193 -46.73 -15.83 45.82
N ASN WA 194 -47.29 -15.17 44.81
CA ASN WA 194 -47.53 -15.88 43.56
C ASN WA 194 -46.39 -15.63 42.57
N GLY WA 195 -45.32 -15.00 43.07
CA GLY WA 195 -44.10 -14.81 42.31
C GLY WA 195 -44.19 -14.02 41.01
N THR WA 196 -45.05 -13.00 40.99
CA THR WA 196 -45.23 -12.16 39.80
C THR WA 196 -44.31 -10.92 39.85
N ARG WA 197 -44.34 -10.05 38.84
CA ARG WA 197 -43.47 -8.85 38.81
C ARG WA 197 -43.73 -7.93 39.99
N CYS WA 198 -42.72 -7.77 40.83
CA CYS WA 198 -42.89 -6.94 42.01
C CYS WA 198 -42.35 -5.54 41.75
N SER WA 199 -43.20 -4.55 41.98
CA SER WA 199 -42.90 -3.15 41.72
C SER WA 199 -43.13 -2.32 42.98
N ASP WA 200 -44.40 -1.98 43.25
CA ASP WA 200 -44.73 -1.15 44.40
C ASP WA 200 -44.78 -1.97 45.67
N THR WA 201 -43.62 -2.44 46.12
CA THR WA 201 -43.56 -3.28 47.31
C THR WA 201 -43.06 -2.55 48.55
N SER WA 202 -43.08 -1.23 48.54
CA SER WA 202 -42.57 -0.45 49.66
C SER WA 202 -43.33 -0.70 50.95
N THR WA 203 -44.62 -1.00 50.83
CA THR WA 203 -45.47 -1.19 52.01
C THR WA 203 -45.52 -2.63 52.47
N ALA WA 204 -44.84 -3.51 51.74
CA ALA WA 204 -44.91 -4.95 52.02
C ALA WA 204 -44.41 -5.26 53.41
N ILE WA 205 -45.24 -5.96 54.17
CA ILE WA 205 -44.85 -6.43 55.47
C ILE WA 205 -44.28 -7.81 55.25
N SER WA 206 -43.09 -7.84 54.65
CA SER WA 206 -42.49 -9.09 54.21
C SER WA 206 -41.04 -9.13 54.65
N THR WA 207 -40.56 -10.31 55.04
CA THR WA 207 -39.19 -10.39 55.53
C THR WA 207 -38.51 -11.68 55.08
N THR WA 208 -37.20 -11.62 54.91
CA THR WA 208 -36.44 -12.71 54.33
C THR WA 208 -35.26 -13.13 55.20
N LEU WA 209 -34.95 -14.42 55.16
CA LEU WA 209 -33.88 -15.04 55.92
C LEU WA 209 -32.45 -14.85 55.37
N ASP WA 210 -31.48 -14.60 56.23
CA ASP WA 210 -30.08 -14.60 55.81
C ASP WA 210 -29.62 -16.02 55.61
N VAL WA 211 -29.86 -16.56 54.42
CA VAL WA 211 -29.44 -17.91 54.16
C VAL WA 211 -27.89 -17.93 54.30
N SER WA 212 -27.28 -16.82 53.92
CA SER WA 212 -25.83 -16.61 53.96
C SER WA 212 -25.10 -16.60 55.32
N LYS WA 213 -25.82 -16.35 56.42
CA LYS WA 213 -25.19 -16.14 57.73
C LYS WA 213 -25.60 -17.26 58.68
N LEU WA 214 -26.19 -18.31 58.12
CA LEU WA 214 -26.65 -19.44 58.89
C LEU WA 214 -25.47 -20.27 59.43
N GLY WA 215 -25.74 -21.07 60.46
CA GLY WA 215 -24.75 -21.94 61.05
C GLY WA 215 -24.12 -22.88 60.03
N LYS WA 216 -24.97 -23.63 59.32
CA LYS WA 216 -24.51 -24.49 58.23
C LYS WA 216 -25.38 -24.45 56.97
N LYS WA 217 -25.05 -25.27 55.99
CA LYS WA 217 -25.84 -25.31 54.78
C LYS WA 217 -26.80 -26.49 54.87
N TRP WA 218 -26.30 -27.65 55.24
CA TRP WA 218 -27.17 -28.79 55.24
C TRP WA 218 -27.67 -29.09 56.63
N TYR WA 219 -28.97 -28.86 56.83
CA TYR WA 219 -29.63 -29.14 58.09
C TYR WA 219 -30.44 -30.42 58.00
N PRO WA 220 -30.47 -31.17 59.10
CA PRO WA 220 -31.32 -32.37 59.20
C PRO WA 220 -32.80 -32.03 59.42
N TYR WA 221 -33.68 -32.81 58.81
CA TYR WA 221 -35.11 -32.72 59.09
C TYR WA 221 -35.36 -33.23 60.51
N LYS WA 222 -35.93 -32.37 61.34
CA LYS WA 222 -36.24 -32.72 62.71
C LYS WA 222 -37.67 -32.28 62.96
N THR WA 223 -38.34 -32.88 63.95
CA THR WA 223 -39.67 -32.42 64.36
C THR WA 223 -39.57 -31.47 65.56
N SER WA 224 -40.70 -30.90 65.94
CA SER WA 224 -40.76 -30.11 67.18
C SER WA 224 -40.40 -30.98 68.38
N ALA WA 225 -40.83 -32.24 68.35
CA ALA WA 225 -40.48 -33.22 69.37
C ALA WA 225 -38.96 -33.31 69.50
N ASP WA 226 -38.29 -33.45 68.37
CA ASP WA 226 -36.83 -33.54 68.34
C ASP WA 226 -36.25 -32.28 68.96
N TYR WA 227 -36.84 -31.13 68.62
CA TYR WA 227 -36.39 -29.84 69.13
C TYR WA 227 -36.54 -29.73 70.66
N ALA WA 228 -37.72 -30.11 71.15
CA ALA WA 228 -38.05 -30.06 72.57
C ALA WA 228 -37.09 -30.92 73.37
N THR WA 229 -36.84 -32.12 72.85
CA THR WA 229 -35.92 -33.06 73.48
C THR WA 229 -34.52 -32.46 73.60
N ALA WA 230 -34.01 -31.95 72.48
CA ALA WA 230 -32.67 -31.36 72.40
C ALA WA 230 -32.48 -30.15 73.31
N VAL WA 231 -33.49 -29.29 73.38
CA VAL WA 231 -33.46 -28.09 74.22
C VAL WA 231 -33.67 -28.47 75.72
N GLY WA 232 -34.28 -29.63 75.96
CA GLY WA 232 -34.42 -30.19 77.31
C GLY WA 232 -33.12 -30.61 77.98
N VAL WA 233 -32.17 -31.10 77.19
CA VAL WA 233 -30.84 -31.51 77.66
C VAL WA 233 -29.89 -30.31 77.81
N ASP WA 234 -29.80 -29.49 76.76
CA ASP WA 234 -28.98 -28.28 76.75
C ASP WA 234 -29.45 -27.44 75.57
N VAL WA 235 -29.79 -26.18 75.82
CA VAL WA 235 -30.41 -25.37 74.76
C VAL WA 235 -29.56 -25.28 73.49
N ASN WA 236 -28.24 -25.37 73.64
CA ASN WA 236 -27.32 -25.18 72.52
C ASN WA 236 -27.21 -26.37 71.56
N ILE WA 237 -27.64 -27.55 72.00
CA ILE WA 237 -27.68 -28.72 71.13
C ILE WA 237 -28.64 -28.46 69.97
N ALA WA 238 -29.62 -27.60 70.22
CA ALA WA 238 -30.67 -27.26 69.27
C ALA WA 238 -30.21 -26.34 68.12
N THR WA 239 -29.22 -25.48 68.39
CA THR WA 239 -28.75 -24.51 67.39
C THR WA 239 -28.24 -25.15 66.08
N PRO WA 240 -27.53 -26.29 66.15
CA PRO WA 240 -27.25 -26.94 64.86
C PRO WA 240 -28.43 -27.73 64.28
N LEU WA 241 -29.59 -27.70 64.91
CA LEU WA 241 -30.75 -28.47 64.42
C LEU WA 241 -31.74 -27.56 63.69
N VAL WA 242 -31.87 -26.31 64.15
CA VAL WA 242 -32.77 -25.35 63.53
C VAL WA 242 -32.02 -24.10 63.11
N PRO WA 243 -32.18 -23.67 61.84
CA PRO WA 243 -31.43 -22.53 61.28
C PRO WA 243 -31.80 -21.19 61.90
N ALA WA 244 -33.06 -20.99 62.25
CA ALA WA 244 -33.48 -19.75 62.87
C ALA WA 244 -34.91 -19.86 63.41
N ARG WA 245 -35.32 -18.85 64.17
CA ARG WA 245 -36.70 -18.75 64.61
C ARG WA 245 -37.21 -17.38 64.24
N LEU WA 246 -38.45 -17.37 63.76
CA LEU WA 246 -39.15 -16.15 63.39
C LEU WA 246 -39.88 -15.65 64.64
N VAL WA 247 -39.66 -14.41 65.04
CA VAL WA 247 -40.34 -13.87 66.22
C VAL WA 247 -41.40 -12.87 65.81
N ILE WA 248 -42.56 -13.00 66.43
CA ILE WA 248 -43.73 -12.24 66.06
C ILE WA 248 -44.35 -11.51 67.26
N ALA WA 249 -44.67 -10.24 67.08
CA ALA WA 249 -45.41 -9.52 68.09
C ALA WA 249 -46.70 -8.87 67.48
N LEU WA 250 -47.79 -8.99 68.21
CA LEU WA 250 -49.01 -8.26 67.88
C LEU WA 250 -49.50 -7.48 69.05
N LEU WA 251 -49.81 -6.22 68.82
CA LEU WA 251 -50.29 -5.35 69.89
C LEU WA 251 -51.03 -4.21 69.25
N ASP WA 252 -51.41 -3.22 70.04
CA ASP WA 252 -52.06 -2.00 69.56
C ASP WA 252 -53.46 -2.23 68.97
N GLY WA 253 -54.05 -3.38 69.27
CA GLY WA 253 -55.41 -3.69 68.88
C GLY WA 253 -56.32 -3.02 69.89
N SER WA 254 -57.63 -3.02 69.63
CA SER WA 254 -58.58 -2.32 70.49
C SER WA 254 -59.36 -3.18 71.49
N SER WA 255 -59.28 -4.50 71.34
CA SER WA 255 -60.06 -5.43 72.14
C SER WA 255 -59.18 -6.37 72.96
N SER WA 256 -59.74 -6.92 74.05
CA SER WA 256 -59.00 -7.85 74.88
C SER WA 256 -59.03 -9.28 74.34
N THR WA 257 -60.03 -9.58 73.52
CA THR WA 257 -60.15 -10.88 72.85
C THR WA 257 -59.64 -10.76 71.41
N ALA WA 258 -58.91 -11.76 70.92
CA ALA WA 258 -58.26 -11.67 69.61
C ALA WA 258 -59.20 -11.33 68.46
N VAL WA 259 -58.84 -10.27 67.73
CA VAL WA 259 -59.55 -9.88 66.52
C VAL WA 259 -58.78 -10.36 65.31
N ALA WA 260 -59.47 -10.99 64.36
CA ALA WA 260 -58.81 -11.51 63.16
C ALA WA 260 -58.14 -10.43 62.31
N ALA WA 261 -56.82 -10.53 62.15
CA ALA WA 261 -56.05 -9.51 61.45
C ALA WA 261 -55.62 -10.00 60.08
N GLY WA 262 -54.82 -11.07 60.05
CA GLY WA 262 -54.36 -11.60 58.78
C GLY WA 262 -53.69 -12.96 58.85
N ARG WA 263 -52.86 -13.23 57.84
CA ARG WA 263 -52.20 -14.52 57.70
C ARG WA 263 -50.75 -14.30 57.28
N ILE WA 264 -49.87 -15.20 57.70
CA ILE WA 264 -48.49 -15.16 57.24
C ILE WA 264 -48.27 -16.32 56.29
N TYR WA 265 -47.82 -16.04 55.08
CA TYR WA 265 -47.51 -17.09 54.11
C TYR WA 265 -46.00 -17.29 54.06
N CYS WA 266 -45.56 -18.50 53.73
CA CYS WA 266 -44.12 -18.73 53.59
C CYS WA 266 -43.78 -19.05 52.16
N THR WA 267 -42.84 -18.29 51.60
CA THR WA 267 -42.35 -18.52 50.24
C THR WA 267 -40.88 -18.89 50.36
N TYR WA 268 -40.60 -20.14 49.99
CA TYR WA 268 -39.28 -20.69 50.21
C TYR WA 268 -38.73 -21.34 48.93
N THR WA 269 -37.41 -21.36 48.80
CA THR WA 269 -36.80 -22.25 47.83
C THR WA 269 -35.86 -23.18 48.57
N ILE WA 270 -36.22 -24.46 48.60
CA ILE WA 270 -35.54 -25.45 49.43
C ILE WA 270 -34.81 -26.49 48.60
N GLN WA 271 -33.60 -26.82 49.06
CA GLN WA 271 -32.85 -27.93 48.52
C GLN WA 271 -33.02 -29.14 49.39
N MET WA 272 -33.62 -30.18 48.85
CA MET WA 272 -33.85 -31.40 49.63
C MET WA 272 -32.99 -32.54 49.16
N ILE WA 273 -32.24 -33.14 50.08
CA ILE WA 273 -31.31 -34.21 49.70
C ILE WA 273 -31.36 -35.44 50.59
N GLU WA 274 -30.83 -36.54 50.04
CA GLU WA 274 -30.60 -37.82 50.73
C GLU WA 274 -31.88 -38.42 51.30
N PRO WA 275 -32.69 -39.04 50.42
CA PRO WA 275 -33.99 -39.65 50.74
C PRO WA 275 -33.99 -40.64 51.92
N THR WA 276 -35.17 -40.90 52.46
CA THR WA 276 -35.36 -41.78 53.60
C THR WA 276 -36.68 -42.52 53.56
N ALA WA 277 -36.73 -43.72 54.13
CA ALA WA 277 -37.98 -44.46 54.18
C ALA WA 277 -38.47 -44.64 55.63
N GLY XA 86 -7.09 2.13 59.36
CA GLY XA 86 -7.82 3.37 59.55
C GLY XA 86 -8.23 3.62 61.00
N GLY XA 87 -8.89 2.64 61.62
CA GLY XA 87 -9.34 2.76 62.99
C GLY XA 87 -10.85 2.94 63.11
N ILE XA 88 -11.51 3.05 61.95
CA ILE XA 88 -12.96 3.30 61.87
C ILE XA 88 -13.82 2.04 61.79
N THR XA 89 -14.67 1.86 62.79
CA THR XA 89 -15.68 0.81 62.75
C THR XA 89 -16.99 1.36 62.21
N VAL XA 90 -17.39 0.88 61.03
CA VAL XA 90 -18.63 1.37 60.41
C VAL XA 90 -19.84 0.47 60.69
N LEU XA 91 -20.91 1.10 61.15
CA LEU XA 91 -22.12 0.38 61.56
C LEU XA 91 -23.38 0.93 60.90
N THR XA 92 -24.20 0.04 60.38
CA THR XA 92 -25.50 0.44 59.84
C THR XA 92 -26.62 -0.34 60.54
N HIS XA 93 -27.62 0.37 61.05
CA HIS XA 93 -28.62 -0.29 61.88
C HIS XA 93 -29.95 0.48 62.01
N SER XA 94 -31.02 -0.25 62.29
CA SER XA 94 -32.32 0.34 62.61
C SER XA 94 -32.85 -0.08 63.99
N GLU XA 95 -33.44 0.87 64.71
CA GLU XA 95 -34.10 0.52 65.97
C GLU XA 95 -35.23 1.47 66.34
N LEU XA 96 -36.10 1.06 67.26
CA LEU XA 96 -37.15 1.95 67.74
C LEU XA 96 -36.49 3.16 68.39
N SER XA 97 -36.99 4.35 68.05
CA SER XA 97 -36.45 5.62 68.54
C SER XA 97 -37.49 6.44 69.32
N ALA XA 98 -38.77 6.19 69.08
CA ALA XA 98 -39.82 6.96 69.73
C ALA XA 98 -41.23 6.31 69.54
N GLU XA 99 -42.05 6.35 70.60
CA GLU XA 99 -43.42 5.86 70.55
C GLU XA 99 -44.29 7.10 70.44
N ILE XA 100 -45.33 7.04 69.61
CA ILE XA 100 -45.99 8.27 69.18
C ILE XA 100 -47.49 8.31 69.50
N GLY XA 101 -47.93 9.40 70.11
CA GLY XA 101 -49.34 9.58 70.40
C GLY XA 101 -49.92 10.93 70.01
N VAL XA 102 -51.22 10.94 69.71
CA VAL XA 102 -51.89 12.17 69.28
C VAL XA 102 -52.99 12.66 70.20
N THR XA 103 -53.04 13.98 70.37
CA THR XA 103 -54.12 14.69 71.07
C THR XA 103 -54.65 15.77 70.11
N ASP XA 104 -55.66 16.52 70.56
CA ASP XA 104 -56.33 17.52 69.70
C ASP XA 104 -55.68 18.89 69.72
N SER XA 105 -54.63 19.05 70.52
CA SER XA 105 -53.83 20.27 70.56
C SER XA 105 -52.39 19.88 70.27
N ILE XA 106 -51.61 20.82 69.75
CA ILE XA 106 -50.24 20.54 69.31
C ILE XA 106 -49.38 20.13 70.50
N VAL XA 107 -48.58 19.08 70.32
CA VAL XA 107 -47.61 18.67 71.33
C VAL XA 107 -46.22 18.62 70.72
N VAL XA 108 -45.29 19.43 71.23
CA VAL XA 108 -43.97 19.48 70.62
C VAL XA 108 -42.90 18.83 71.50
N SER XA 109 -42.27 17.81 70.94
CA SER XA 109 -41.18 17.10 71.59
C SER XA 109 -39.97 17.18 70.69
N SER XA 110 -38.84 16.66 71.16
CA SER XA 110 -37.63 16.64 70.33
C SER XA 110 -36.72 15.49 70.74
N GLU XA 111 -35.74 15.18 69.89
CA GLU XA 111 -34.81 14.12 70.19
C GLU XA 111 -33.44 14.60 69.78
N LEU XA 112 -32.45 14.44 70.66
CA LEU XA 112 -31.09 14.80 70.29
C LEU XA 112 -30.60 13.79 69.26
N VAL XA 113 -30.06 14.27 68.15
CA VAL XA 113 -29.56 13.36 67.12
C VAL XA 113 -28.10 13.01 67.43
N MET XA 114 -27.93 12.17 68.44
CA MET XA 114 -26.65 11.68 68.92
C MET XA 114 -26.87 10.27 69.44
N PRO XA 115 -25.84 9.41 69.37
CA PRO XA 115 -25.97 7.99 69.72
C PRO XA 115 -26.72 7.73 71.02
N TYR XA 116 -26.42 8.49 72.06
CA TYR XA 116 -27.04 8.27 73.36
C TYR XA 116 -28.57 8.29 73.34
N THR XA 117 -29.15 9.07 72.43
CA THR XA 117 -30.60 9.30 72.41
C THR XA 117 -31.32 8.81 71.17
N VAL XA 118 -30.65 8.16 70.22
CA VAL XA 118 -31.38 7.69 69.03
C VAL XA 118 -32.06 6.36 69.34
N GLY XA 119 -31.50 5.58 70.25
CA GLY XA 119 -32.05 4.27 70.54
C GLY XA 119 -31.28 3.64 71.68
N THR XA 120 -31.90 2.69 72.38
CA THR XA 120 -31.25 2.10 73.55
C THR XA 120 -30.07 1.25 73.15
N TRP XA 121 -30.18 0.54 72.01
CA TRP XA 121 -29.11 -0.35 71.52
C TRP XA 121 -27.86 0.40 71.09
N LEU XA 122 -28.04 1.35 70.18
CA LEU XA 122 -26.94 2.15 69.68
C LEU XA 122 -26.28 2.85 70.83
N ARG XA 123 -27.09 3.28 71.79
CA ARG XA 123 -26.60 3.99 72.98
C ARG XA 123 -25.53 3.18 73.64
N GLY XA 124 -25.85 1.92 73.88
CA GLY XA 124 -24.91 1.05 74.52
C GLY XA 124 -23.72 0.77 73.63
N VAL XA 125 -23.98 0.49 72.36
CA VAL XA 125 -22.92 0.13 71.43
C VAL XA 125 -21.89 1.28 71.31
N ALA XA 126 -22.40 2.46 70.99
CA ALA XA 126 -21.56 3.60 70.68
C ALA XA 126 -20.83 4.14 71.91
N ALA XA 127 -21.22 3.71 73.10
CA ALA XA 127 -20.53 4.21 74.30
C ALA XA 127 -19.07 3.75 74.35
N ASN XA 128 -18.79 2.63 73.67
CA ASN XA 128 -17.46 2.01 73.64
C ASN XA 128 -16.44 2.79 72.84
N TRP XA 129 -16.92 3.86 72.20
CA TRP XA 129 -16.07 4.78 71.46
C TRP XA 129 -16.18 6.22 72.03
N SER XA 130 -15.14 7.02 71.75
CA SER XA 130 -15.04 8.38 72.28
C SER XA 130 -15.72 9.36 71.35
N LYS XA 131 -15.56 9.09 70.05
CA LYS XA 131 -16.05 9.97 68.99
C LYS XA 131 -16.84 9.19 67.97
N TYR XA 132 -17.67 9.91 67.23
CA TYR XA 132 -18.46 9.32 66.17
C TYR XA 132 -18.63 10.29 65.00
N SER XA 133 -19.14 9.77 63.90
CA SER XA 133 -19.55 10.62 62.80
C SER XA 133 -20.77 9.99 62.13
N TRP XA 134 -21.81 10.80 61.94
CA TRP XA 134 -22.97 10.36 61.19
C TRP XA 134 -22.64 10.37 59.71
N LEU XA 135 -22.77 9.24 59.04
CA LEU XA 135 -22.68 9.23 57.59
C LEU XA 135 -24.08 9.39 57.04
N SER XA 136 -25.02 8.89 57.82
CA SER XA 136 -26.44 9.00 57.53
C SER XA 136 -27.28 8.82 58.80
N VAL XA 137 -28.31 9.65 58.92
CA VAL XA 137 -29.34 9.48 59.94
C VAL XA 137 -30.71 9.69 59.30
N ARG XA 138 -31.56 8.67 59.37
CA ARG XA 138 -32.89 8.80 58.81
C ARG XA 138 -33.94 8.45 59.86
N TYR XA 139 -34.90 9.37 60.01
CA TYR XA 139 -36.04 9.16 60.90
C TYR XA 139 -37.25 8.81 60.05
N THR XA 140 -37.85 7.68 60.37
CA THR XA 140 -38.92 7.15 59.56
C THR XA 140 -40.15 6.95 60.46
N TYR XA 141 -41.28 7.57 60.13
CA TYR XA 141 -42.49 7.37 60.92
C TYR XA 141 -43.24 6.18 60.35
N ILE XA 142 -43.55 5.19 61.19
CA ILE XA 142 -44.36 4.05 60.74
C ILE XA 142 -45.65 4.02 61.56
N PRO XA 143 -46.81 4.03 60.89
CA PRO XA 143 -48.10 4.09 61.59
C PRO XA 143 -48.51 2.74 62.17
N SER XA 144 -49.37 2.73 63.20
CA SER XA 144 -49.92 1.51 63.79
C SER XA 144 -51.41 1.66 64.19
N CYS XA 145 -52.06 2.65 63.59
CA CYS XA 145 -53.44 2.99 63.95
C CYS XA 145 -54.43 2.73 62.80
N PRO XA 146 -55.74 2.78 63.09
CA PRO XA 146 -56.74 2.65 62.02
C PRO XA 146 -56.68 3.77 60.98
N SER XA 147 -57.21 3.50 59.78
CA SER XA 147 -57.30 4.47 58.68
C SER XA 147 -58.26 5.60 59.01
N SER XA 148 -59.00 5.42 60.09
CA SER XA 148 -60.00 6.37 60.49
C SER XA 148 -59.50 7.31 61.58
N THR XA 149 -58.21 7.22 61.91
CA THR XA 149 -57.62 8.05 62.97
C THR XA 149 -57.28 9.48 62.58
N ALA XA 150 -57.87 10.43 63.30
CA ALA XA 150 -57.59 11.83 63.04
C ALA XA 150 -56.24 12.16 63.59
N GLY XA 151 -55.54 13.03 62.89
CA GLY XA 151 -54.22 13.44 63.32
C GLY XA 151 -53.14 13.52 62.25
N SER XA 152 -52.14 14.35 62.56
CA SER XA 152 -50.96 14.46 61.72
C SER XA 152 -49.73 14.54 62.59
N ILE XA 153 -48.62 14.11 62.01
CA ILE XA 153 -47.29 14.19 62.62
C ILE XA 153 -46.41 15.09 61.77
N HIS XA 154 -45.53 15.85 62.43
CA HIS XA 154 -44.61 16.76 61.77
C HIS XA 154 -43.21 16.57 62.32
N MET XA 155 -42.23 16.55 61.43
CA MET XA 155 -40.82 16.40 61.82
C MET XA 155 -39.91 17.32 61.02
N GLY XA 156 -38.87 17.83 61.66
CA GLY XA 156 -37.87 18.62 60.97
C GLY XA 156 -36.61 18.68 61.83
N PHE XA 157 -35.51 19.13 61.23
CA PHE XA 157 -34.25 19.17 61.94
C PHE XA 157 -33.84 20.58 62.27
N GLN XA 158 -33.32 20.76 63.49
CA GLN XA 158 -32.60 21.97 63.90
C GLN XA 158 -31.13 21.65 64.07
N TYR XA 159 -30.28 22.55 63.59
CA TYR XA 159 -28.85 22.31 63.58
C TYR XA 159 -28.11 23.26 64.53
N ASP XA 160 -28.87 24.05 65.28
CA ASP XA 160 -28.27 24.93 66.27
C ASP XA 160 -28.93 24.65 67.62
N MET XA 161 -28.15 24.17 68.59
CA MET XA 161 -28.71 23.80 69.90
C MET XA 161 -29.28 25.03 70.58
N ALA XA 162 -28.87 26.20 70.12
CA ALA XA 162 -29.35 27.46 70.67
C ALA XA 162 -30.72 27.84 70.09
N ASP XA 163 -31.12 27.25 68.96
CA ASP XA 163 -32.42 27.49 68.34
C ASP XA 163 -33.58 27.21 69.30
N THR XA 164 -34.62 28.05 69.27
CA THR XA 164 -35.80 27.79 70.08
C THR XA 164 -36.56 26.62 69.48
N VAL XA 165 -37.07 25.72 70.31
CA VAL XA 165 -37.88 24.64 69.79
C VAL XA 165 -39.16 25.27 69.24
N PRO XA 166 -39.57 24.85 68.03
CA PRO XA 166 -40.77 25.37 67.35
C PRO XA 166 -42.06 25.19 68.16
N VAL XA 167 -43.05 26.05 67.90
CA VAL XA 167 -44.33 26.04 68.62
C VAL XA 167 -45.56 25.89 67.71
N SER XA 168 -45.37 26.04 66.40
CA SER XA 168 -46.45 25.87 65.45
C SER XA 168 -46.03 25.00 64.23
N VAL XA 169 -47.01 24.39 63.57
CA VAL XA 169 -46.75 23.67 62.34
C VAL XA 169 -46.10 24.62 61.37
N ASN XA 170 -46.57 25.86 61.39
CA ASN XA 170 -46.05 26.90 60.53
C ASN XA 170 -44.52 27.08 60.63
N GLN XA 171 -44.03 27.26 61.85
CA GLN XA 171 -42.60 27.38 62.11
C GLN XA 171 -41.81 26.15 61.70
N LEU XA 172 -42.25 24.99 62.18
CA LEU XA 172 -41.56 23.73 61.93
C LEU XA 172 -41.42 23.48 60.42
N SER XA 173 -42.42 23.87 59.65
CA SER XA 173 -42.43 23.60 58.21
C SER XA 173 -41.26 24.26 57.46
N ASN XA 174 -40.66 25.27 58.07
CA ASN XA 174 -39.60 25.99 57.39
C ASN XA 174 -38.28 25.28 57.54
N LEU XA 175 -38.27 24.31 58.43
CA LEU XA 175 -37.08 23.57 58.75
C LEU XA 175 -36.64 22.70 57.60
N ARG XA 176 -35.33 22.55 57.46
CA ARG XA 176 -34.74 21.55 56.58
C ARG XA 176 -35.29 20.17 56.90
N GLY XA 177 -35.73 19.47 55.87
CA GLY XA 177 -36.12 18.08 56.05
C GLY XA 177 -37.49 17.93 56.63
N TYR XA 178 -38.26 18.99 56.59
CA TYR XA 178 -39.63 18.96 57.07
C TYR XA 178 -40.44 17.93 56.34
N VAL XA 179 -41.14 17.11 57.11
CA VAL XA 179 -42.08 16.16 56.54
C VAL XA 179 -43.38 16.19 57.35
N SER XA 180 -44.46 15.74 56.73
CA SER XA 180 -45.77 15.86 57.33
C SER XA 180 -46.74 14.86 56.71
N GLY XA 181 -47.60 14.27 57.52
CA GLY XA 181 -48.57 13.35 56.96
C GLY XA 181 -49.63 12.90 57.94
N GLN XA 182 -50.66 12.24 57.42
CA GLN XA 182 -51.69 11.64 58.27
C GLN XA 182 -51.04 10.68 59.23
N VAL XA 183 -51.57 10.65 60.44
CA VAL XA 183 -50.94 9.90 61.52
C VAL XA 183 -51.09 8.38 61.24
N TRP XA 184 -51.94 8.05 60.27
CA TRP XA 184 -52.15 6.66 59.84
C TRP XA 184 -51.50 6.37 58.49
N SER XA 185 -50.81 7.39 57.94
CA SER XA 185 -50.02 7.25 56.72
C SER XA 185 -48.57 6.87 57.02
N GLY XA 186 -47.80 6.52 56.00
CA GLY XA 186 -46.37 6.35 56.17
C GLY XA 186 -45.79 4.96 56.00
N SER XA 187 -46.65 3.96 55.80
CA SER XA 187 -46.22 2.58 55.63
C SER XA 187 -45.15 2.41 54.55
N ALA XA 188 -45.21 3.21 53.49
CA ALA XA 188 -44.25 3.09 52.39
C ALA XA 188 -42.84 3.42 52.87
N GLY XA 189 -42.73 3.87 54.12
CA GLY XA 189 -41.45 4.17 54.74
C GLY XA 189 -40.72 2.94 55.23
N LEU XA 190 -41.40 1.81 55.24
CA LEU XA 190 -40.83 0.56 55.76
C LEU XA 190 -39.54 0.09 55.05
N CYS XA 191 -39.49 0.26 53.74
CA CYS XA 191 -38.35 -0.25 52.97
C CYS XA 191 -37.02 0.38 53.40
N PHE XA 192 -37.07 1.58 53.98
CA PHE XA 192 -35.87 2.22 54.51
C PHE XA 192 -35.33 1.47 55.72
N ILE XA 193 -36.22 0.86 56.49
CA ILE XA 193 -35.83 0.29 57.78
C ILE XA 193 -35.12 -1.06 57.62
N ASN XA 194 -35.60 -1.91 56.72
CA ASN XA 194 -34.91 -3.18 56.51
C ASN XA 194 -33.98 -3.14 55.29
N GLY XA 195 -33.80 -1.92 54.78
CA GLY XA 195 -32.89 -1.66 53.68
C GLY XA 195 -33.23 -2.41 52.41
N THR XA 196 -34.52 -2.63 52.15
CA THR XA 196 -34.94 -3.40 50.97
C THR XA 196 -35.18 -2.50 49.75
N ARG XA 197 -35.63 -3.10 48.64
CA ARG XA 197 -35.85 -2.37 47.39
C ARG XA 197 -36.90 -1.27 47.54
N CYS XA 198 -36.47 -0.03 47.35
CA CYS XA 198 -37.39 1.10 47.47
C CYS XA 198 -37.97 1.55 46.12
N SER XA 199 -39.29 1.64 46.05
CA SER XA 199 -39.97 1.97 44.80
C SER XA 199 -40.89 3.15 45.01
N ASP XA 200 -42.07 2.81 45.50
CA ASP XA 200 -43.11 3.77 45.79
C ASP XA 200 -42.91 4.38 47.17
N THR XA 201 -41.92 5.25 47.30
CA THR XA 201 -41.66 5.87 48.58
C THR XA 201 -42.21 7.31 48.69
N SER XA 202 -43.08 7.70 47.77
CA SER XA 202 -43.56 9.08 47.74
C SER XA 202 -44.37 9.44 48.97
N THR XA 203 -45.05 8.47 49.55
CA THR XA 203 -45.88 8.71 50.71
C THR XA 203 -45.13 8.54 52.04
N ALA XA 204 -43.87 8.13 51.97
CA ALA XA 204 -43.08 7.86 53.17
C ALA XA 204 -42.90 9.10 54.00
N ILE XA 205 -43.28 9.01 55.25
CA ILE XA 205 -43.08 10.10 56.16
C ILE XA 205 -41.71 9.87 56.79
N SER XA 206 -40.67 10.09 56.00
CA SER XA 206 -39.31 9.78 56.42
C SER XA 206 -38.39 10.95 56.05
N THR XA 207 -37.44 11.29 56.91
CA THR XA 207 -36.58 12.44 56.68
C THR XA 207 -35.13 12.21 57.09
N THR XA 208 -34.22 12.94 56.45
CA THR XA 208 -32.78 12.71 56.54
C THR XA 208 -31.90 13.87 57.02
N LEU XA 209 -30.85 13.55 57.78
CA LEU XA 209 -29.97 14.55 58.35
C LEU XA 209 -28.98 15.11 57.31
N ASP XA 210 -28.75 16.41 57.29
CA ASP XA 210 -27.74 16.99 56.40
C ASP XA 210 -26.36 16.80 56.98
N VAL XA 211 -25.81 15.61 56.83
CA VAL XA 211 -24.49 15.32 57.40
C VAL XA 211 -23.40 16.18 56.77
N SER XA 212 -23.59 16.54 55.52
CA SER XA 212 -22.65 17.38 54.79
C SER XA 212 -22.54 18.78 55.37
N LYS XA 213 -23.53 19.17 56.17
CA LYS XA 213 -23.62 20.57 56.58
C LYS XA 213 -23.44 20.76 58.05
N LEU XA 214 -23.01 19.70 58.75
CA LEU XA 214 -22.81 19.78 60.19
C LEU XA 214 -21.61 20.66 60.48
N GLY XA 215 -21.56 21.23 61.69
CA GLY XA 215 -20.47 22.11 62.10
C GLY XA 215 -19.07 21.54 61.93
N LYS XA 216 -18.89 20.33 62.45
CA LYS XA 216 -17.66 19.57 62.29
C LYS XA 216 -18.02 18.14 61.89
N LYS XA 217 -17.03 17.27 61.73
CA LYS XA 217 -17.29 15.89 61.33
C LYS XA 217 -17.30 14.91 62.48
N TRP XA 218 -16.33 15.03 63.37
CA TRP XA 218 -16.24 14.06 64.44
C TRP XA 218 -16.84 14.64 65.70
N TYR XA 219 -17.94 14.08 66.19
CA TYR XA 219 -18.51 14.58 67.42
C TYR XA 219 -18.13 13.67 68.56
N PRO XA 220 -17.91 14.24 69.73
CA PRO XA 220 -17.67 13.39 70.89
C PRO XA 220 -18.95 12.72 71.37
N TYR XA 221 -18.87 11.47 71.80
CA TYR XA 221 -20.00 10.79 72.41
C TYR XA 221 -20.30 11.42 73.76
N LYS XA 222 -21.52 11.90 73.94
CA LYS XA 222 -21.94 12.55 75.17
C LYS XA 222 -23.25 11.92 75.58
N THR XA 223 -23.55 11.97 76.88
CA THR XA 223 -24.84 11.50 77.40
C THR XA 223 -25.79 12.69 77.54
N SER XA 224 -27.06 12.42 77.83
CA SER XA 224 -28.05 13.49 78.08
C SER XA 224 -27.62 14.36 79.25
N ALA XA 225 -27.03 13.70 80.26
CA ALA XA 225 -26.44 14.38 81.41
C ALA XA 225 -25.40 15.41 80.95
N ASP XA 226 -24.48 15.01 80.07
CA ASP XA 226 -23.45 15.90 79.55
C ASP XA 226 -24.05 17.12 78.85
N TYR XA 227 -25.11 16.88 78.09
CA TYR XA 227 -25.82 17.93 77.38
C TYR XA 227 -26.47 18.91 78.35
N ALA XA 228 -27.17 18.35 79.32
CA ALA XA 228 -27.87 19.17 80.30
C ALA XA 228 -26.91 20.09 81.04
N THR XA 229 -25.80 19.54 81.55
CA THR XA 229 -24.83 20.35 82.29
C THR XA 229 -24.22 21.45 81.44
N ALA XA 230 -23.80 21.09 80.23
CA ALA XA 230 -23.12 22.01 79.33
C ALA XA 230 -23.97 23.24 79.02
N VAL XA 231 -25.24 23.03 78.71
CA VAL XA 231 -26.14 24.15 78.42
C VAL XA 231 -26.52 24.91 79.69
N GLY XA 232 -26.35 24.29 80.85
CA GLY XA 232 -26.57 24.98 82.11
C GLY XA 232 -25.56 26.11 82.22
N VAL XA 233 -24.38 25.89 81.66
CA VAL XA 233 -23.30 26.87 81.65
C VAL XA 233 -23.49 27.90 80.53
N ASP XA 234 -23.72 27.39 79.33
CA ASP XA 234 -24.00 28.22 78.15
C ASP XA 234 -24.53 27.29 77.06
N VAL XA 235 -25.71 27.62 76.52
CA VAL XA 235 -26.37 26.74 75.55
C VAL XA 235 -25.51 26.49 74.30
N ASN XA 236 -24.62 27.42 73.95
CA ASN XA 236 -23.79 27.31 72.74
C ASN XA 236 -22.67 26.28 72.86
N ILE XA 237 -22.34 25.95 74.10
CA ILE XA 237 -21.35 24.93 74.36
C ILE XA 237 -21.86 23.62 73.81
N ALA XA 238 -23.18 23.48 73.73
CA ALA XA 238 -23.79 22.24 73.28
C ALA XA 238 -23.69 22.03 71.78
N THR XA 239 -23.68 23.11 70.99
CA THR XA 239 -23.66 22.94 69.54
C THR XA 239 -22.43 22.16 69.05
N PRO XA 240 -21.24 22.40 69.65
CA PRO XA 240 -20.15 21.50 69.23
C PRO XA 240 -20.23 20.08 69.85
N LEU XA 241 -21.29 19.79 70.62
CA LEU XA 241 -21.47 18.47 71.21
C LEU XA 241 -22.53 17.61 70.50
N VAL XA 242 -23.61 18.24 70.02
CA VAL XA 242 -24.70 17.52 69.38
C VAL XA 242 -24.87 18.03 67.96
N PRO XA 243 -24.90 17.11 66.98
CA PRO XA 243 -24.92 17.61 65.59
C PRO XA 243 -26.20 18.32 65.23
N ALA XA 244 -27.32 17.88 65.79
CA ALA XA 244 -28.60 18.49 65.48
C ALA XA 244 -29.65 17.95 66.43
N ARG XA 245 -30.85 18.52 66.36
CA ARG XA 245 -31.97 17.93 67.08
C ARG XA 245 -33.17 17.72 66.14
N LEU XA 246 -33.84 16.59 66.30
CA LEU XA 246 -35.02 16.34 65.51
C LEU XA 246 -36.20 16.93 66.27
N VAL XA 247 -37.00 17.74 65.59
CA VAL XA 247 -38.17 18.34 66.21
C VAL XA 247 -39.44 17.66 65.70
N ILE XA 248 -40.34 17.37 66.62
CA ILE XA 248 -41.59 16.67 66.31
C ILE XA 248 -42.84 17.35 66.90
N ALA XA 249 -43.83 17.62 66.07
CA ALA XA 249 -45.11 18.15 66.57
C ALA XA 249 -46.24 17.19 66.22
N LEU XA 250 -47.15 16.98 67.16
CA LEU XA 250 -48.34 16.21 66.85
C LEU XA 250 -49.64 16.92 67.22
N LEU XA 251 -50.59 16.94 66.30
CA LEU XA 251 -51.87 17.61 66.52
C LEU XA 251 -52.95 17.07 65.58
N ASP XA 252 -54.09 17.75 65.56
CA ASP XA 252 -55.20 17.42 64.66
C ASP XA 252 -55.87 16.10 65.03
N GLY XA 253 -55.64 15.65 66.27
CA GLY XA 253 -56.26 14.44 66.79
C GLY XA 253 -57.69 14.66 67.25
N SER XA 254 -58.41 13.58 67.53
CA SER XA 254 -59.81 13.69 67.90
C SER XA 254 -60.04 13.54 69.41
N SER XA 255 -58.99 13.19 70.15
CA SER XA 255 -59.14 13.01 71.59
C SER XA 255 -58.26 13.95 72.39
N SER XA 256 -58.68 14.21 73.63
CA SER XA 256 -57.88 15.01 74.54
C SER XA 256 -56.83 14.14 75.22
N THR XA 257 -57.13 12.84 75.27
CA THR XA 257 -56.21 11.87 75.80
C THR XA 257 -55.49 11.19 74.66
N ALA XA 258 -54.16 11.09 74.76
CA ALA XA 258 -53.30 10.58 73.69
C ALA XA 258 -53.66 9.18 73.19
N VAL XA 259 -53.83 9.07 71.88
CA VAL XA 259 -54.13 7.81 71.17
C VAL XA 259 -52.88 7.20 70.49
N ALA XA 260 -52.70 5.88 70.61
CA ALA XA 260 -51.56 5.22 69.95
C ALA XA 260 -51.65 5.44 68.43
N ALA XA 261 -50.62 6.08 67.89
CA ALA XA 261 -50.56 6.48 66.48
C ALA XA 261 -49.56 5.64 65.70
N GLY XA 262 -48.30 5.74 66.10
CA GLY XA 262 -47.26 4.99 65.44
C GLY XA 262 -45.92 5.06 66.15
N ARG XA 263 -44.87 4.84 65.37
CA ARG XA 263 -43.51 4.85 65.87
C ARG XA 263 -42.55 5.51 64.89
N ILE XA 264 -41.52 6.13 65.43
CA ILE XA 264 -40.45 6.66 64.63
C ILE XA 264 -39.26 5.72 64.85
N TYR XA 265 -38.73 5.20 63.75
CA TYR XA 265 -37.53 4.39 63.80
C TYR XA 265 -36.34 5.23 63.31
N CYS XA 266 -35.15 4.89 63.78
CA CYS XA 266 -33.97 5.56 63.29
C CYS XA 266 -33.11 4.57 62.50
N THR XA 267 -32.76 4.96 61.27
CA THR XA 267 -31.91 4.16 60.40
C THR XA 267 -30.64 4.95 60.19
N TYR XA 268 -29.52 4.45 60.69
CA TYR XA 268 -28.29 5.24 60.69
C TYR XA 268 -27.11 4.50 60.10
N THR XA 269 -26.17 5.25 59.56
CA THR XA 269 -24.85 4.72 59.26
C THR XA 269 -23.86 5.53 60.05
N ILE XA 270 -23.22 4.89 61.02
CA ILE XA 270 -22.34 5.59 61.92
C ILE XA 270 -20.87 5.12 61.80
N GLN XA 271 -19.96 6.09 61.81
CA GLN XA 271 -18.53 5.84 61.93
C GLN XA 271 -18.11 6.03 63.37
N MET XA 272 -17.61 4.96 63.97
CA MET XA 272 -17.20 5.02 65.36
C MET XA 272 -15.69 4.91 65.45
N ILE XA 273 -15.08 5.85 66.17
CA ILE XA 273 -13.62 5.85 66.28
C ILE XA 273 -13.16 6.01 67.73
N GLU XA 274 -11.92 5.61 67.99
CA GLU XA 274 -11.22 5.81 69.28
C GLU XA 274 -11.92 5.18 70.52
N PRO XA 275 -11.72 3.86 70.72
CA PRO XA 275 -12.23 3.00 71.79
C PRO XA 275 -11.98 3.56 73.18
N THR XA 276 -12.72 3.06 74.16
CA THR XA 276 -12.60 3.52 75.54
C THR XA 276 -12.86 2.37 76.50
N ALA XA 277 -12.18 2.36 77.64
CA ALA XA 277 -12.43 1.35 78.65
C ALA XA 277 -12.98 1.99 79.93
N GLY YA 86 18.24 -34.32 -44.88
CA GLY YA 86 18.15 -33.47 -46.06
C GLY YA 86 18.41 -34.16 -47.39
N GLY YA 87 19.55 -34.85 -47.50
CA GLY YA 87 19.96 -35.54 -48.72
C GLY YA 87 21.13 -34.80 -49.38
N ILE YA 88 21.45 -33.64 -48.82
CA ILE YA 88 22.51 -32.75 -49.27
C ILE YA 88 23.84 -33.01 -48.58
N THR YA 89 24.88 -33.31 -49.35
CA THR YA 89 26.24 -33.34 -48.80
C THR YA 89 26.94 -31.99 -49.07
N VAL YA 90 27.23 -31.22 -48.02
CA VAL YA 90 27.87 -29.88 -48.20
C VAL YA 90 29.41 -29.83 -48.06
N LEU YA 91 30.09 -29.28 -49.05
CA LEU YA 91 31.54 -29.29 -49.07
C LEU YA 91 32.15 -27.91 -49.33
N THR YA 92 33.16 -27.57 -48.54
CA THR YA 92 33.90 -26.31 -48.72
C THR YA 92 35.39 -26.61 -48.95
N HIS YA 93 35.97 -26.07 -50.00
CA HIS YA 93 37.33 -26.48 -50.36
C HIS YA 93 38.02 -25.44 -51.23
N SER YA 94 39.35 -25.46 -51.19
CA SER YA 94 40.16 -24.61 -52.06
C SER YA 94 41.07 -25.47 -52.90
N GLU YA 95 41.19 -25.15 -54.19
CA GLU YA 95 42.18 -25.87 -55.00
C GLU YA 95 42.70 -25.06 -56.16
N LEU YA 96 43.84 -25.50 -56.70
CA LEU YA 96 44.44 -24.82 -57.84
C LEU YA 96 43.46 -24.91 -58.98
N SER YA 97 43.26 -23.79 -59.66
CA SER YA 97 42.31 -23.75 -60.75
C SER YA 97 42.93 -23.34 -62.08
N ALA YA 98 44.05 -22.64 -62.04
CA ALA YA 98 44.64 -22.16 -63.29
C ALA YA 98 46.08 -21.69 -63.07
N GLU YA 99 46.94 -21.95 -64.06
CA GLU YA 99 48.31 -21.45 -64.01
C GLU YA 99 48.37 -20.23 -64.94
N ILE YA 100 49.04 -19.17 -64.49
CA ILE YA 100 48.90 -17.89 -65.16
C ILE YA 100 50.26 -17.29 -65.61
N GLY YA 101 50.31 -16.91 -66.89
CA GLY YA 101 51.50 -16.30 -67.45
C GLY YA 101 51.14 -15.03 -68.18
N VAL YA 102 52.08 -14.08 -68.24
CA VAL YA 102 51.80 -12.81 -68.89
C VAL YA 102 52.74 -12.52 -70.07
N THR YA 103 52.19 -11.95 -71.15
CA THR YA 103 52.96 -11.48 -72.31
C THR YA 103 52.60 -10.02 -72.53
N ASP YA 104 53.17 -9.41 -73.56
CA ASP YA 104 53.01 -7.98 -73.82
C ASP YA 104 51.78 -7.70 -74.66
N SER YA 105 51.06 -8.73 -75.06
CA SER YA 105 49.80 -8.54 -75.75
C SER YA 105 48.70 -9.31 -75.04
N ILE YA 106 47.49 -8.77 -75.15
CA ILE YA 106 46.36 -9.30 -74.42
C ILE YA 106 46.03 -10.73 -74.85
N VAL YA 107 45.86 -11.59 -73.84
CA VAL YA 107 45.35 -12.95 -74.03
C VAL YA 107 44.15 -13.12 -73.13
N VAL YA 108 43.01 -13.40 -73.73
CA VAL YA 108 41.75 -13.52 -73.03
C VAL YA 108 41.39 -15.01 -72.94
N SER YA 109 41.31 -15.54 -71.72
CA SER YA 109 40.92 -16.91 -71.50
C SER YA 109 39.64 -16.92 -70.68
N SER YA 110 39.04 -18.09 -70.53
CA SER YA 110 37.87 -18.18 -69.68
C SER YA 110 37.75 -19.58 -69.10
N GLU YA 111 36.94 -19.72 -68.07
CA GLU YA 111 36.77 -21.00 -67.43
C GLU YA 111 35.30 -21.19 -67.09
N LEU YA 112 34.74 -22.33 -67.43
CA LEU YA 112 33.34 -22.56 -67.08
C LEU YA 112 33.24 -22.71 -65.57
N VAL YA 113 32.33 -21.98 -64.91
CA VAL YA 113 32.24 -22.07 -63.45
C VAL YA 113 31.34 -23.25 -63.05
N MET YA 114 31.84 -24.47 -63.24
CA MET YA 114 31.12 -25.69 -62.90
C MET YA 114 32.11 -26.74 -62.42
N PRO YA 115 31.68 -27.64 -61.51
CA PRO YA 115 32.60 -28.55 -60.80
C PRO YA 115 33.66 -29.19 -61.69
N TYR YA 116 33.28 -29.61 -62.89
CA TYR YA 116 34.18 -30.29 -63.82
C TYR YA 116 35.44 -29.50 -64.22
N THR YA 117 35.30 -28.19 -64.32
CA THR YA 117 36.33 -27.35 -64.90
C THR YA 117 36.92 -26.43 -63.84
N VAL YA 118 36.42 -26.57 -62.62
CA VAL YA 118 36.85 -25.71 -61.54
C VAL YA 118 38.17 -26.19 -60.96
N GLY YA 119 38.38 -27.49 -60.98
CA GLY YA 119 39.59 -28.09 -60.42
C GLY YA 119 39.59 -29.61 -60.59
N THR YA 120 40.76 -30.21 -60.60
CA THR YA 120 40.81 -31.65 -60.85
C THR YA 120 40.19 -32.42 -59.69
N TRP YA 121 40.40 -31.95 -58.46
CA TRP YA 121 39.86 -32.63 -57.28
C TRP YA 121 38.35 -32.57 -57.22
N LEU YA 122 37.80 -31.36 -57.29
CA LEU YA 122 36.34 -31.18 -57.26
C LEU YA 122 35.70 -31.90 -58.42
N ARG YA 123 36.38 -31.90 -59.56
CA ARG YA 123 35.86 -32.59 -60.73
C ARG YA 123 35.51 -34.05 -60.40
N GLY YA 124 36.46 -34.74 -59.77
CA GLY YA 124 36.29 -36.12 -59.38
C GLY YA 124 35.28 -36.34 -58.26
N VAL YA 125 35.32 -35.48 -57.24
CA VAL YA 125 34.43 -35.64 -56.11
C VAL YA 125 32.98 -35.44 -56.58
N ALA YA 126 32.71 -34.28 -57.18
CA ALA YA 126 31.33 -33.89 -57.49
C ALA YA 126 30.73 -34.76 -58.60
N ALA YA 127 31.56 -35.54 -59.26
CA ALA YA 127 31.11 -36.46 -60.31
C ALA YA 127 30.21 -37.55 -59.75
N ASN YA 128 30.36 -37.85 -58.46
CA ASN YA 128 29.55 -38.87 -57.81
C ASN YA 128 28.13 -38.46 -57.51
N TRP YA 129 27.81 -37.20 -57.76
CA TRP YA 129 26.45 -36.68 -57.59
C TRP YA 129 25.90 -36.18 -58.92
N SER YA 130 24.57 -36.11 -59.03
CA SER YA 130 23.92 -35.77 -60.30
C SER YA 130 23.73 -34.28 -60.46
N LYS YA 131 23.46 -33.63 -59.34
CA LYS YA 131 23.23 -32.21 -59.33
C LYS YA 131 24.06 -31.54 -58.23
N TYR YA 132 24.28 -30.24 -58.36
CA TYR YA 132 24.98 -29.46 -57.36
C TYR YA 132 24.40 -28.05 -57.28
N SER YA 133 24.78 -27.32 -56.25
CA SER YA 133 24.46 -25.91 -56.19
C SER YA 133 25.58 -25.12 -55.53
N TRP YA 134 25.98 -24.03 -56.16
CA TRP YA 134 26.97 -23.14 -55.57
C TRP YA 134 26.34 -22.30 -54.43
N LEU YA 135 26.90 -22.38 -53.24
CA LEU YA 135 26.49 -21.47 -52.20
C LEU YA 135 27.44 -20.30 -52.22
N SER YA 136 28.69 -20.58 -52.60
CA SER YA 136 29.68 -19.54 -52.72
C SER YA 136 30.79 -20.01 -53.66
N VAL YA 137 31.23 -19.14 -54.55
CA VAL YA 137 32.37 -19.43 -55.40
C VAL YA 137 33.30 -18.25 -55.47
N ARG YA 138 34.57 -18.46 -55.15
CA ARG YA 138 35.56 -17.38 -55.15
C ARG YA 138 36.79 -17.72 -55.97
N TYR YA 139 37.19 -16.83 -56.87
CA TYR YA 139 38.44 -17.00 -57.60
C TYR YA 139 39.48 -16.00 -57.09
N THR YA 140 40.64 -16.48 -56.66
CA THR YA 140 41.65 -15.59 -56.09
C THR YA 140 42.96 -15.74 -56.81
N TYR YA 141 43.50 -14.63 -57.31
CA TYR YA 141 44.81 -14.66 -57.94
C TYR YA 141 45.87 -14.42 -56.88
N ILE YA 142 46.81 -15.34 -56.83
CA ILE YA 142 47.96 -15.23 -55.95
C ILE YA 142 49.17 -15.19 -56.85
N PRO YA 143 50.01 -14.17 -56.68
CA PRO YA 143 51.23 -13.97 -57.48
C PRO YA 143 52.40 -14.89 -57.11
N SER YA 144 53.34 -15.10 -58.03
CA SER YA 144 54.54 -15.89 -57.72
C SER YA 144 55.80 -15.28 -58.31
N CYS YA 145 55.70 -14.01 -58.69
CA CYS YA 145 56.74 -13.32 -59.42
C CYS YA 145 57.37 -12.19 -58.60
N PRO YA 146 58.52 -11.68 -59.06
CA PRO YA 146 59.16 -10.53 -58.43
C PRO YA 146 58.31 -9.26 -58.45
N SER YA 147 58.64 -8.32 -57.58
CA SER YA 147 57.95 -7.05 -57.54
C SER YA 147 58.21 -6.25 -58.80
N SER YA 148 59.20 -6.67 -59.56
CA SER YA 148 59.60 -5.92 -60.72
C SER YA 148 58.98 -6.45 -61.98
N THR YA 149 58.05 -7.39 -61.84
CA THR YA 149 57.44 -8.03 -62.99
C THR YA 149 56.40 -7.16 -63.67
N ALA YA 150 56.57 -6.91 -64.97
CA ALA YA 150 55.59 -6.15 -65.72
C ALA YA 150 54.36 -6.99 -66.00
N GLY YA 151 53.19 -6.36 -65.98
CA GLY YA 151 51.95 -7.08 -66.22
C GLY YA 151 50.78 -6.75 -65.33
N SER YA 152 49.59 -7.04 -65.86
CA SER YA 152 48.36 -6.92 -65.09
C SER YA 152 47.43 -8.08 -65.43
N ILE YA 153 46.54 -8.40 -64.49
CA ILE YA 153 45.53 -9.43 -64.68
C ILE YA 153 44.14 -8.81 -64.48
N HIS YA 154 43.15 -9.29 -65.22
CA HIS YA 154 41.78 -8.79 -65.09
C HIS YA 154 40.83 -9.96 -65.06
N MET YA 155 39.83 -9.91 -64.18
CA MET YA 155 38.87 -11.01 -64.09
C MET YA 155 37.46 -10.49 -63.95
N GLY YA 156 36.51 -11.20 -64.53
CA GLY YA 156 35.11 -10.86 -64.38
C GLY YA 156 34.24 -12.03 -64.81
N PHE YA 157 32.95 -11.95 -64.48
CA PHE YA 157 32.03 -13.03 -64.81
C PHE YA 157 31.12 -12.66 -65.94
N GLN YA 158 30.88 -13.63 -66.81
CA GLN YA 158 29.77 -13.56 -67.75
C GLN YA 158 28.75 -14.57 -67.28
N TYR YA 159 27.48 -14.19 -67.31
CA TYR YA 159 26.46 -15.06 -66.74
C TYR YA 159 25.54 -15.64 -67.82
N ASP YA 160 25.85 -15.33 -69.07
CA ASP YA 160 25.14 -15.90 -70.21
C ASP YA 160 26.14 -16.55 -71.17
N MET YA 161 25.97 -17.85 -71.41
CA MET YA 161 26.90 -18.61 -72.22
C MET YA 161 26.97 -18.09 -73.66
N ALA YA 162 25.95 -17.34 -74.06
CA ALA YA 162 25.86 -16.78 -75.41
C ALA YA 162 26.70 -15.51 -75.60
N ASP YA 163 27.06 -14.85 -74.50
CA ASP YA 163 27.88 -13.64 -74.51
C ASP YA 163 29.22 -13.85 -75.23
N THR YA 164 29.67 -12.85 -75.99
CA THR YA 164 31.01 -12.97 -76.59
C THR YA 164 32.05 -12.81 -75.49
N VAL YA 165 33.11 -13.60 -75.56
CA VAL YA 165 34.21 -13.44 -74.62
C VAL YA 165 34.81 -12.07 -74.97
N PRO YA 166 35.08 -11.22 -73.96
CA PRO YA 166 35.59 -9.86 -74.18
C PRO YA 166 36.89 -9.82 -74.97
N VAL YA 167 37.15 -8.70 -75.61
CA VAL YA 167 38.38 -8.58 -76.39
C VAL YA 167 39.28 -7.45 -75.87
N SER YA 168 38.76 -6.58 -75.00
CA SER YA 168 39.56 -5.51 -74.43
C SER YA 168 39.38 -5.43 -72.93
N VAL YA 169 40.35 -4.85 -72.24
CA VAL YA 169 40.21 -4.53 -70.83
C VAL YA 169 38.98 -3.61 -70.68
N ASN YA 170 38.78 -2.72 -71.64
CA ASN YA 170 37.63 -1.81 -71.60
C ASN YA 170 36.28 -2.52 -71.49
N GLN YA 171 36.05 -3.49 -72.37
CA GLN YA 171 34.84 -4.28 -72.31
C GLN YA 171 34.76 -5.00 -70.98
N LEU YA 172 35.83 -5.72 -70.67
CA LEU YA 172 35.87 -6.56 -69.49
C LEU YA 172 35.59 -5.77 -68.22
N SER YA 173 36.04 -4.52 -68.19
CA SER YA 173 35.90 -3.70 -66.99
C SER YA 173 34.43 -3.53 -66.54
N ASN YA 174 33.48 -3.83 -67.44
CA ASN YA 174 32.04 -3.70 -67.18
C ASN YA 174 31.41 -4.93 -66.49
N LEU YA 175 32.13 -6.04 -66.46
CA LEU YA 175 31.61 -7.29 -65.91
C LEU YA 175 31.38 -7.22 -64.41
N ARG YA 176 30.33 -7.91 -63.96
CA ARG YA 176 30.14 -8.16 -62.53
C ARG YA 176 31.36 -8.79 -61.90
N GLY YA 177 31.86 -8.17 -60.84
CA GLY YA 177 32.97 -8.76 -60.12
C GLY YA 177 34.29 -8.48 -60.80
N TYR YA 178 34.33 -7.47 -61.67
CA TYR YA 178 35.59 -7.09 -62.29
C TYR YA 178 36.58 -6.63 -61.23
N VAL YA 179 37.78 -7.19 -61.31
CA VAL YA 179 38.91 -6.78 -60.50
C VAL YA 179 40.16 -6.71 -61.39
N SER YA 180 41.21 -6.03 -60.93
CA SER YA 180 42.38 -5.80 -61.76
C SER YA 180 43.62 -5.47 -60.94
N GLY YA 181 44.78 -5.93 -61.37
CA GLY YA 181 45.96 -5.55 -60.62
C GLY YA 181 47.30 -5.91 -61.22
N GLN YA 182 48.35 -5.36 -60.63
CA GLN YA 182 49.68 -5.75 -61.03
C GLN YA 182 49.79 -7.26 -60.83
N VAL YA 183 50.52 -7.93 -61.73
CA VAL YA 183 50.63 -9.38 -61.71
C VAL YA 183 51.46 -9.84 -60.51
N TRP YA 184 52.08 -8.88 -59.82
CA TRP YA 184 52.89 -9.18 -58.63
C TRP YA 184 52.11 -8.76 -57.37
N SER YA 185 50.92 -8.23 -57.59
CA SER YA 185 49.98 -7.91 -56.52
C SER YA 185 48.99 -9.09 -56.28
N GLY YA 186 48.27 -9.04 -55.17
CA GLY YA 186 47.22 -10.00 -54.88
C GLY YA 186 47.41 -10.89 -53.65
N SER YA 187 48.59 -10.79 -53.02
CA SER YA 187 48.94 -11.59 -51.85
C SER YA 187 47.86 -11.59 -50.76
N ALA YA 188 47.20 -10.46 -50.56
CA ALA YA 188 46.20 -10.32 -49.48
C ALA YA 188 45.01 -11.23 -49.68
N GLY YA 189 44.97 -11.89 -50.83
CA GLY YA 189 43.92 -12.85 -51.09
C GLY YA 189 44.18 -14.18 -50.42
N LEU YA 190 45.39 -14.37 -49.89
CA LEU YA 190 45.70 -15.67 -49.34
C LEU YA 190 44.74 -16.06 -48.23
N CYS YA 191 44.37 -15.10 -47.40
CA CYS YA 191 43.53 -15.43 -46.27
C CYS YA 191 42.16 -15.99 -46.70
N PHE YA 192 41.67 -15.63 -47.89
CA PHE YA 192 40.40 -16.22 -48.39
C PHE YA 192 40.57 -17.72 -48.65
N ILE YA 193 41.79 -18.12 -49.01
CA ILE YA 193 42.05 -19.48 -49.46
C ILE YA 193 42.10 -20.44 -48.30
N ASN YA 194 42.73 -20.06 -47.20
CA ASN YA 194 42.72 -20.97 -46.09
C ASN YA 194 41.64 -20.62 -45.07
N GLY YA 195 40.74 -19.71 -45.44
CA GLY YA 195 39.60 -19.36 -44.61
C GLY YA 195 39.93 -18.79 -43.24
N THR YA 196 41.01 -18.03 -43.14
CA THR YA 196 41.43 -17.46 -41.88
C THR YA 196 40.82 -16.07 -41.72
N ARG YA 197 41.10 -15.39 -40.61
CA ARG YA 197 40.57 -14.05 -40.38
C ARG YA 197 41.12 -13.10 -41.43
N CYS YA 198 40.22 -12.55 -42.24
CA CYS YA 198 40.63 -11.63 -43.28
C CYS YA 198 40.51 -10.20 -42.79
N SER YA 199 41.57 -9.42 -42.98
CA SER YA 199 41.62 -8.05 -42.48
C SER YA 199 41.90 -7.07 -43.61
N ASP YA 200 43.19 -6.89 -43.91
CA ASP YA 200 43.65 -5.95 -44.92
C ASP YA 200 43.54 -6.56 -46.30
N THR YA 201 42.30 -6.73 -46.74
CA THR YA 201 42.02 -7.41 -47.99
C THR YA 201 41.73 -6.51 -49.16
N SER YA 202 42.02 -5.22 -49.06
CA SER YA 202 41.68 -4.30 -50.14
C SER YA 202 42.45 -4.59 -51.43
N THR YA 203 43.68 -5.08 -51.29
CA THR YA 203 44.52 -5.32 -52.45
C THR YA 203 44.35 -6.70 -53.04
N ALA YA 204 43.47 -7.51 -52.45
CA ALA YA 204 43.25 -8.85 -52.93
C ALA YA 204 42.67 -8.78 -54.33
N ILE YA 205 43.26 -9.52 -55.26
CA ILE YA 205 42.71 -9.70 -56.59
C ILE YA 205 41.77 -10.91 -56.55
N SER YA 206 40.62 -10.71 -55.91
CA SER YA 206 39.69 -11.81 -55.64
C SER YA 206 38.25 -11.44 -55.99
N THR YA 207 37.53 -12.40 -56.56
CA THR YA 207 36.16 -12.14 -57.00
C THR YA 207 35.20 -13.33 -56.87
N THR YA 208 33.93 -13.00 -56.65
CA THR YA 208 32.95 -14.01 -56.28
C THR YA 208 31.74 -14.05 -57.19
N LEU YA 209 31.16 -15.23 -57.29
CA LEU YA 209 30.02 -15.48 -58.14
C LEU YA 209 28.74 -14.95 -57.51
N ASP YA 210 27.86 -14.36 -58.32
CA ASP YA 210 26.54 -13.96 -57.84
C ASP YA 210 25.61 -15.16 -57.77
N VAL YA 211 25.67 -15.90 -56.68
CA VAL YA 211 24.85 -17.09 -56.58
C VAL YA 211 23.35 -16.74 -56.56
N SER YA 212 22.98 -15.59 -56.00
CA SER YA 212 21.56 -15.18 -55.98
C SER YA 212 21.00 -14.88 -57.36
N LYS YA 213 21.89 -14.70 -58.33
CA LYS YA 213 21.52 -14.16 -59.63
C LYS YA 213 21.71 -15.22 -60.72
N LEU YA 214 21.98 -16.45 -60.30
CA LEU YA 214 22.15 -17.54 -61.25
C LEU YA 214 20.81 -17.88 -61.81
N GLY YA 215 20.76 -18.53 -62.97
CA GLY YA 215 19.51 -18.92 -63.58
C GLY YA 215 18.58 -19.77 -62.72
N LYS YA 216 19.17 -20.80 -62.14
CA LYS YA 216 18.50 -21.71 -61.24
C LYS YA 216 19.33 -22.01 -59.99
N LYS YA 217 18.86 -22.93 -59.14
CA LYS YA 217 19.63 -23.32 -57.96
C LYS YA 217 20.37 -24.61 -58.24
N TRP YA 218 19.67 -25.62 -58.76
CA TRP YA 218 20.29 -26.92 -58.96
C TRP YA 218 20.69 -27.13 -60.42
N TYR YA 219 22.00 -27.15 -60.64
CA TYR YA 219 22.59 -27.40 -61.95
C TYR YA 219 23.08 -28.82 -62.00
N PRO YA 220 22.97 -29.46 -63.17
CA PRO YA 220 23.54 -30.80 -63.36
C PRO YA 220 25.05 -30.76 -63.57
N TYR YA 221 25.74 -31.77 -63.03
CA TYR YA 221 27.15 -31.97 -63.29
C TYR YA 221 27.25 -32.32 -64.77
N LYS YA 222 28.06 -31.56 -65.49
CA LYS YA 222 28.25 -31.75 -66.92
C LYS YA 222 29.74 -31.76 -67.21
N THR YA 223 30.12 -32.34 -68.34
CA THR YA 223 31.52 -32.35 -68.79
C THR YA 223 31.76 -31.19 -69.75
N SER YA 224 33.02 -30.88 -70.02
CA SER YA 224 33.38 -29.93 -71.07
C SER YA 224 32.86 -30.43 -72.40
N ALA YA 225 32.94 -31.76 -72.57
CA ALA YA 225 32.39 -32.44 -73.74
C ALA YA 225 30.91 -32.11 -73.91
N ASP YA 226 30.16 -32.27 -72.82
CA ASP YA 226 28.73 -31.99 -72.81
C ASP YA 226 28.46 -30.54 -73.19
N TYR YA 227 29.33 -29.66 -72.70
CA TYR YA 227 29.27 -28.23 -73.01
C TYR YA 227 29.49 -27.99 -74.49
N ALA YA 228 30.52 -28.66 -75.03
CA ALA YA 228 30.87 -28.57 -76.44
C ALA YA 228 29.73 -29.05 -77.34
N THR YA 229 29.16 -30.21 -77.02
CA THR YA 229 28.06 -30.81 -77.79
C THR YA 229 26.85 -29.90 -77.83
N ALA YA 230 26.45 -29.39 -76.67
CA ALA YA 230 25.29 -28.50 -76.56
C ALA YA 230 25.46 -27.22 -77.37
N VAL YA 231 26.65 -26.63 -77.32
CA VAL YA 231 26.93 -25.39 -78.06
C VAL YA 231 26.96 -25.65 -79.58
N GLY YA 232 27.23 -26.90 -79.95
CA GLY YA 232 27.19 -27.34 -81.34
C GLY YA 232 25.78 -27.32 -81.93
N VAL YA 233 24.77 -27.59 -81.10
CA VAL YA 233 23.38 -27.54 -81.53
C VAL YA 233 22.81 -26.12 -81.51
N ASP YA 234 22.95 -25.46 -80.36
CA ASP YA 234 22.51 -24.07 -80.16
C ASP YA 234 23.14 -23.60 -78.86
N VAL YA 235 23.87 -22.50 -78.90
CA VAL YA 235 24.63 -22.05 -77.74
C VAL YA 235 23.75 -21.84 -76.51
N ASN YA 236 22.47 -21.55 -76.73
CA ASN YA 236 21.57 -21.22 -75.64
C ASN YA 236 21.18 -22.44 -74.81
N ILE YA 237 21.31 -23.64 -75.38
CA ILE YA 237 21.09 -24.89 -74.63
C ILE YA 237 22.12 -25.03 -73.50
N ALA YA 238 23.29 -24.41 -73.69
CA ALA YA 238 24.38 -24.52 -72.73
C ALA YA 238 24.10 -23.71 -71.48
N THR YA 239 23.32 -22.64 -71.60
CA THR YA 239 23.06 -21.75 -70.47
C THR YA 239 22.36 -22.42 -69.27
N PRO YA 240 21.40 -23.34 -69.49
CA PRO YA 240 20.95 -24.01 -68.26
C PRO YA 240 21.90 -25.12 -67.77
N LEU YA 241 23.04 -25.29 -68.45
CA LEU YA 241 23.97 -26.36 -68.09
C LEU YA 241 25.13 -25.82 -67.27
N VAL YA 242 25.54 -24.59 -67.58
CA VAL YA 242 26.66 -23.99 -66.88
C VAL YA 242 26.20 -22.70 -66.25
N PRO YA 243 26.47 -22.55 -64.94
CA PRO YA 243 25.99 -21.40 -64.16
C PRO YA 243 26.61 -20.08 -64.56
N ALA YA 244 27.88 -20.09 -64.93
CA ALA YA 244 28.57 -18.87 -65.35
C ALA YA 244 29.95 -19.13 -65.98
N ARG YA 245 30.53 -18.09 -66.56
CA ARG YA 245 31.88 -18.21 -67.04
C ARG YA 245 32.80 -17.10 -66.50
N LEU YA 246 33.98 -17.51 -66.06
CA LEU YA 246 35.02 -16.61 -65.59
C LEU YA 246 35.94 -16.20 -66.72
N VAL YA 247 36.06 -14.90 -66.97
CA VAL YA 247 36.87 -14.36 -68.05
C VAL YA 247 38.16 -13.75 -67.52
N ILE YA 248 39.28 -14.08 -68.15
CA ILE YA 248 40.58 -13.63 -67.66
C ILE YA 248 41.39 -12.96 -68.74
N ALA YA 249 41.90 -11.78 -68.45
CA ALA YA 249 42.76 -11.13 -69.39
C ALA YA 249 44.12 -10.85 -68.73
N LEU YA 250 45.17 -11.10 -69.50
CA LEU YA 250 46.51 -10.75 -69.10
C LEU YA 250 47.18 -9.95 -70.20
N LEU YA 251 47.82 -8.85 -69.81
CA LEU YA 251 48.49 -7.98 -70.76
C LEU YA 251 49.54 -7.14 -70.04
N ASP YA 252 50.12 -6.16 -70.73
CA ASP YA 252 51.04 -5.20 -70.12
C ASP YA 252 52.35 -5.82 -69.67
N GLY YA 253 52.65 -7.02 -70.18
CA GLY YA 253 53.90 -7.69 -69.83
C GLY YA 253 55.08 -7.14 -70.58
N SER YA 254 56.27 -7.49 -70.11
CA SER YA 254 57.50 -6.95 -70.67
C SER YA 254 58.11 -7.97 -71.57
N SER YA 255 57.46 -9.13 -71.68
CA SER YA 255 57.97 -10.18 -72.57
C SER YA 255 56.99 -10.54 -73.66
N SER YA 256 57.49 -11.05 -74.78
CA SER YA 256 56.61 -11.49 -75.85
C SER YA 256 56.16 -12.96 -75.67
N THR YA 257 56.98 -13.72 -74.94
CA THR YA 257 56.71 -15.11 -74.56
C THR YA 257 56.22 -15.15 -73.11
N ALA YA 258 55.27 -16.03 -72.79
CA ALA YA 258 54.64 -16.03 -71.46
C ALA YA 258 55.63 -16.14 -70.29
N VAL YA 259 55.58 -15.15 -69.41
CA VAL YA 259 56.37 -15.12 -68.19
C VAL YA 259 55.53 -15.53 -67.00
N ALA YA 260 56.10 -16.35 -66.13
CA ALA YA 260 55.38 -16.84 -64.95
C ALA YA 260 54.90 -15.71 -64.03
N ALA YA 261 53.58 -15.66 -63.86
CA ALA YA 261 52.90 -14.60 -63.10
C ALA YA 261 52.31 -15.12 -61.78
N GLY YA 262 51.33 -15.99 -61.90
CA GLY YA 262 50.70 -16.52 -60.72
C GLY YA 262 49.78 -17.66 -61.00
N ARG YA 263 48.87 -17.87 -60.09
CA ARG YA 263 47.95 -18.98 -60.18
C ARG YA 263 46.62 -18.49 -59.68
N ILE YA 264 45.55 -19.03 -60.23
CA ILE YA 264 44.21 -18.70 -59.75
C ILE YA 264 43.69 -19.84 -58.92
N TYR YA 265 43.34 -19.57 -57.68
CA TYR YA 265 42.76 -20.61 -56.84
C TYR YA 265 41.26 -20.46 -56.76
N CYS YA 266 40.58 -21.58 -56.57
CA CYS YA 266 39.14 -21.50 -56.37
C CYS YA 266 38.75 -21.96 -54.98
N THR YA 267 37.94 -21.13 -54.32
CA THR YA 267 37.34 -21.42 -53.03
C THR YA 267 35.85 -21.50 -53.14
N TYR YA 268 35.30 -22.68 -52.91
CA TYR YA 268 33.88 -22.87 -53.15
C TYR YA 268 33.22 -23.51 -51.94
N THR YA 269 31.92 -23.23 -51.79
CA THR YA 269 31.06 -24.00 -50.90
C THR YA 269 30.00 -24.57 -51.80
N ILE YA 270 30.01 -25.88 -51.93
CA ILE YA 270 29.11 -26.54 -52.87
C ILE YA 270 28.14 -27.52 -52.18
N GLN YA 271 26.87 -27.47 -52.62
CA GLN YA 271 25.86 -28.44 -52.20
C GLN YA 271 25.73 -29.52 -53.24
N MET YA 272 26.00 -30.75 -52.85
CA MET YA 272 25.93 -31.87 -53.77
C MET YA 272 24.77 -32.80 -53.41
N ILE YA 273 23.90 -33.09 -54.38
CA ILE YA 273 22.72 -33.91 -54.11
C ILE YA 273 22.49 -35.00 -55.16
N GLU YA 274 21.71 -36.02 -54.78
CA GLU YA 274 21.23 -37.10 -55.67
C GLU YA 274 22.36 -37.91 -56.31
N PRO YA 275 22.98 -38.82 -55.53
CA PRO YA 275 24.11 -39.67 -55.91
C PRO YA 275 23.95 -40.47 -57.21
N THR YA 276 25.06 -40.90 -57.81
CA THR YA 276 25.12 -41.62 -59.08
C THR YA 276 26.21 -42.65 -59.13
N ALA YA 277 25.98 -43.75 -59.86
CA ALA YA 277 26.97 -44.83 -59.99
C ALA YA 277 27.50 -44.95 -61.42
N GLY ZA 86 8.07 7.52 -59.30
CA GLY ZA 86 9.05 8.55 -59.01
C GLY ZA 86 9.66 9.18 -60.25
N GLY ZA 87 10.16 8.32 -61.14
CA GLY ZA 87 10.76 8.74 -62.40
C GLY ZA 87 12.27 8.65 -62.48
N ILE ZA 88 12.92 8.38 -61.33
CA ILE ZA 88 14.37 8.28 -61.24
C ILE ZA 88 14.90 6.84 -61.39
N THR ZA 89 15.68 6.58 -62.43
CA THR ZA 89 16.33 5.29 -62.56
C THR ZA 89 17.77 5.34 -61.97
N VAL ZA 90 18.02 4.66 -60.86
CA VAL ZA 90 19.32 4.73 -60.23
C VAL ZA 90 20.30 3.60 -60.60
N LEU ZA 91 21.47 3.99 -61.02
CA LEU ZA 91 22.48 3.07 -61.52
C LEU ZA 91 23.82 3.23 -60.80
N THR ZA 92 24.41 2.11 -60.38
CA THR ZA 92 25.75 2.09 -59.80
C THR ZA 92 26.66 1.12 -60.56
N HIS ZA 93 27.83 1.59 -60.99
CA HIS ZA 93 28.64 0.80 -61.91
C HIS ZA 93 30.08 1.25 -61.86
N SER ZA 94 30.99 0.37 -62.28
CA SER ZA 94 32.40 0.70 -62.45
C SER ZA 94 32.85 0.42 -63.88
N GLU ZA 95 33.63 1.32 -64.47
CA GLU ZA 95 34.20 1.00 -65.79
C GLU ZA 95 35.51 1.72 -66.06
N LEU ZA 96 36.23 1.23 -67.06
CA LEU ZA 96 37.46 1.87 -67.49
C LEU ZA 96 37.16 3.28 -68.01
N SER ZA 97 37.95 4.26 -67.59
CA SER ZA 97 37.74 5.65 -68.01
C SER ZA 97 38.93 6.28 -68.71
N ALA ZA 98 40.11 5.71 -68.50
CA ALA ZA 98 41.36 6.23 -69.05
C ALA ZA 98 42.51 5.23 -68.96
N GLU ZA 99 43.36 5.23 -69.98
CA GLU ZA 99 44.58 4.44 -69.96
C GLU ZA 99 45.73 5.42 -69.67
N ILE ZA 100 46.69 5.02 -68.86
CA ILE ZA 100 47.63 5.97 -68.29
C ILE ZA 100 49.10 5.63 -68.58
N GLY ZA 101 49.82 6.60 -69.14
CA GLY ZA 101 51.25 6.44 -69.41
C GLY ZA 101 52.04 7.64 -68.90
N VAL ZA 102 53.26 7.38 -68.47
CA VAL ZA 102 54.10 8.40 -67.83
C VAL ZA 102 55.39 8.65 -68.64
N THR ZA 103 55.82 9.91 -68.67
CA THR ZA 103 57.09 10.31 -69.27
C THR ZA 103 57.92 11.10 -68.27
N ASP ZA 104 59.08 11.57 -68.69
CA ASP ZA 104 59.97 12.27 -67.77
C ASP ZA 104 59.67 13.75 -67.68
N SER ZA 105 58.70 14.21 -68.46
CA SER ZA 105 58.24 15.58 -68.41
C SER ZA 105 56.75 15.60 -68.11
N ILE ZA 106 56.29 16.66 -67.44
CA ILE ZA 106 54.90 16.67 -67.03
C ILE ZA 106 53.96 16.74 -68.23
N VAL ZA 107 52.94 15.89 -68.23
CA VAL ZA 107 51.88 15.92 -69.21
C VAL ZA 107 50.55 16.02 -68.47
N VAL ZA 108 49.84 17.12 -68.69
CA VAL ZA 108 48.59 17.36 -67.99
C VAL ZA 108 47.40 17.17 -68.92
N SER ZA 109 46.53 16.24 -68.57
CA SER ZA 109 45.30 15.96 -69.33
C SER ZA 109 44.07 16.16 -68.44
N SER ZA 110 42.89 16.05 -69.03
CA SER ZA 110 41.70 16.18 -68.21
C SER ZA 110 40.51 15.39 -68.76
N GLU ZA 111 39.51 15.15 -67.91
CA GLU ZA 111 38.31 14.46 -68.34
C GLU ZA 111 37.13 15.21 -67.74
N LEU ZA 112 36.11 15.44 -68.56
CA LEU ZA 112 34.86 16.06 -68.13
C LEU ZA 112 34.09 15.09 -67.25
N VAL ZA 113 33.64 15.53 -66.07
CA VAL ZA 113 32.89 14.62 -65.21
C VAL ZA 113 31.41 14.61 -65.59
N MET ZA 114 31.12 13.98 -66.72
CA MET ZA 114 29.76 13.82 -67.23
C MET ZA 114 29.63 12.51 -68.00
N PRO ZA 115 28.43 11.92 -68.00
CA PRO ZA 115 28.23 10.58 -68.55
C PRO ZA 115 28.89 10.36 -69.92
N TYR ZA 116 28.76 11.30 -70.87
CA TYR ZA 116 29.28 11.08 -72.21
C TYR ZA 116 30.76 10.75 -72.23
N THR ZA 117 31.51 11.29 -71.28
CA THR ZA 117 32.96 11.20 -71.28
C THR ZA 117 33.53 10.42 -70.12
N VAL ZA 118 32.66 9.81 -69.32
CA VAL ZA 118 33.15 9.05 -68.18
C VAL ZA 118 33.62 7.65 -68.59
N GLY ZA 119 32.98 7.04 -69.57
CA GLY ZA 119 33.32 5.69 -69.97
C GLY ZA 119 32.43 5.31 -71.13
N THR ZA 120 32.82 4.35 -71.96
CA THR ZA 120 32.02 4.07 -73.16
C THR ZA 120 30.65 3.50 -72.81
N TRP ZA 121 30.59 2.66 -71.77
CA TRP ZA 121 29.32 2.04 -71.41
C TRP ZA 121 28.33 3.09 -70.92
N LEU ZA 122 28.74 3.83 -69.88
CA LEU ZA 122 27.88 4.86 -69.30
C LEU ZA 122 27.43 5.84 -70.32
N ARG ZA 123 28.31 6.14 -71.28
CA ARG ZA 123 27.98 7.06 -72.36
C ARG ZA 123 26.73 6.61 -73.09
N GLY ZA 124 26.72 5.34 -73.48
CA GLY ZA 124 25.59 4.81 -74.21
C GLY ZA 124 24.32 4.70 -73.39
N VAL ZA 125 24.45 4.19 -72.18
CA VAL ZA 125 23.27 3.94 -71.36
C VAL ZA 125 22.55 5.25 -71.04
N ALA ZA 126 23.30 6.19 -70.46
CA ALA ZA 126 22.73 7.44 -69.94
C ALA ZA 126 22.29 8.40 -71.05
N ALA ZA 127 22.67 8.09 -72.28
CA ALA ZA 127 22.24 8.90 -73.40
C ALA ZA 127 20.72 8.80 -73.59
N ASN ZA 128 20.14 7.72 -73.05
CA ASN ZA 128 18.71 7.40 -73.09
C ASN ZA 128 17.84 8.20 -72.14
N TRP ZA 129 18.47 9.04 -71.35
CA TRP ZA 129 17.75 9.98 -70.52
C TRP ZA 129 18.18 11.41 -70.88
N SER ZA 130 17.37 12.41 -70.57
CA SER ZA 130 17.68 13.79 -70.95
C SER ZA 130 18.58 14.45 -69.90
N LYS ZA 131 18.34 14.13 -68.64
CA LYS ZA 131 19.08 14.72 -67.54
C LYS ZA 131 19.61 13.66 -66.60
N TYR ZA 132 20.59 14.04 -65.80
CA TYR ZA 132 21.13 13.16 -64.78
C TYR ZA 132 21.54 13.95 -63.53
N SER ZA 133 21.85 13.23 -62.46
CA SER ZA 133 22.48 13.83 -61.29
C SER ZA 133 23.48 12.84 -60.71
N TRP ZA 134 24.70 13.31 -60.48
CA TRP ZA 134 25.69 12.48 -59.82
C TRP ZA 134 25.34 12.39 -58.34
N LEU ZA 135 25.20 11.17 -57.81
CA LEU ZA 135 25.05 10.98 -56.37
C LEU ZA 135 26.43 10.74 -55.72
N SER ZA 136 27.27 10.05 -56.46
CA SER ZA 136 28.64 9.78 -56.08
C SER ZA 136 29.47 9.49 -57.32
N VAL ZA 137 30.66 10.08 -57.38
CA VAL ZA 137 31.63 9.81 -58.44
C VAL ZA 137 33.02 9.66 -57.89
N ARG ZA 138 33.62 8.51 -58.17
CA ARG ZA 138 34.97 8.23 -57.73
C ARG ZA 138 35.87 7.81 -58.88
N TYR ZA 139 37.01 8.48 -58.99
CA TYR ZA 139 38.05 8.12 -59.94
C TYR ZA 139 39.18 7.37 -59.19
N THR ZA 140 39.47 6.15 -59.65
CA THR ZA 140 40.45 5.30 -58.98
C THR ZA 140 41.53 4.79 -59.94
N TYR ZA 141 42.77 5.15 -59.64
CA TYR ZA 141 43.91 4.70 -60.41
C TYR ZA 141 44.42 3.38 -59.84
N ILE ZA 142 44.53 2.40 -60.74
CA ILE ZA 142 45.08 1.08 -60.44
C ILE ZA 142 46.32 0.91 -61.27
N PRO ZA 143 47.44 0.57 -60.63
CA PRO ZA 143 48.71 0.39 -61.36
C PRO ZA 143 48.76 -0.93 -62.12
N SER ZA 144 49.61 -1.00 -63.15
CA SER ZA 144 49.84 -2.23 -63.91
C SER ZA 144 51.32 -2.38 -64.25
N CYS ZA 145 52.18 -1.67 -63.53
CA CYS ZA 145 53.62 -1.60 -63.80
C CYS ZA 145 54.47 -2.21 -62.70
N PRO ZA 146 55.78 -2.42 -62.98
CA PRO ZA 146 56.71 -2.89 -61.94
C PRO ZA 146 56.89 -1.91 -60.77
N SER ZA 147 57.25 -2.44 -59.60
CA SER ZA 147 57.42 -1.63 -58.40
C SER ZA 147 58.62 -0.75 -58.56
N SER ZA 148 59.40 -1.05 -59.59
CA SER ZA 148 60.62 -0.36 -59.91
C SER ZA 148 60.39 0.70 -61.01
N THR ZA 149 59.12 0.92 -61.37
CA THR ZA 149 58.77 1.89 -62.40
C THR ZA 149 58.84 3.33 -61.91
N ALA ZA 150 59.62 4.15 -62.60
CA ALA ZA 150 59.67 5.54 -62.21
C ALA ZA 150 58.42 6.28 -62.67
N GLY ZA 151 58.01 7.29 -61.91
CA GLY ZA 151 56.85 8.10 -62.26
C GLY ZA 151 55.91 8.39 -61.11
N SER ZA 152 55.13 9.47 -61.24
CA SER ZA 152 54.04 9.74 -60.28
C SER ZA 152 52.77 10.22 -60.99
N ILE ZA 153 51.64 10.02 -60.33
CA ILE ZA 153 50.33 10.43 -60.85
C ILE ZA 153 49.70 11.45 -59.90
N HIS ZA 154 48.95 12.40 -60.46
CA HIS ZA 154 48.27 13.42 -59.67
C HIS ZA 154 46.85 13.62 -60.19
N MET ZA 155 45.89 13.71 -59.29
CA MET ZA 155 44.52 13.95 -59.70
C MET ZA 155 43.85 14.95 -58.78
N GLY ZA 156 43.01 15.81 -59.36
CA GLY ZA 156 42.22 16.76 -58.60
C GLY ZA 156 41.08 17.30 -59.46
N PHE ZA 157 40.13 17.97 -58.82
CA PHE ZA 157 38.96 18.48 -59.53
C PHE ZA 157 38.93 19.99 -59.70
N GLN ZA 158 38.48 20.41 -60.88
CA GLN ZA 158 38.04 21.77 -61.12
C GLN ZA 158 36.52 21.76 -61.30
N TYR ZA 159 35.83 22.71 -60.68
CA TYR ZA 159 34.37 22.74 -60.68
C TYR ZA 159 33.82 23.94 -61.47
N ASP ZA 160 34.73 24.70 -62.08
CA ASP ZA 160 34.37 25.85 -62.92
C ASP ZA 160 35.05 25.73 -64.27
N MET ZA 161 34.26 25.59 -65.33
CA MET ZA 161 34.85 25.36 -66.65
C MET ZA 161 35.72 26.48 -67.16
N ALA ZA 162 35.55 27.67 -66.61
CA ALA ZA 162 36.35 28.78 -67.06
C ALA ZA 162 37.75 28.69 -66.46
N ASP ZA 163 37.91 27.89 -65.41
CA ASP ZA 163 39.22 27.69 -64.77
C ASP ZA 163 40.23 27.20 -65.78
N THR ZA 164 41.42 27.79 -65.82
CA THR ZA 164 42.45 27.26 -66.70
C THR ZA 164 43.01 26.01 -66.06
N VAL ZA 165 43.27 25.00 -66.88
CA VAL ZA 165 43.83 23.74 -66.42
C VAL ZA 165 45.23 23.96 -65.85
N PRO ZA 166 45.53 23.35 -64.68
CA PRO ZA 166 46.82 23.51 -64.02
C PRO ZA 166 47.98 23.13 -64.91
N VAL ZA 167 49.15 23.73 -64.63
CA VAL ZA 167 50.35 23.52 -65.43
C VAL ZA 167 51.49 22.97 -64.54
N SER ZA 168 51.31 23.04 -63.22
CA SER ZA 168 52.31 22.54 -62.32
C SER ZA 168 51.67 21.67 -61.24
N VAL ZA 169 52.43 20.72 -60.70
CA VAL ZA 169 51.97 19.93 -59.56
C VAL ZA 169 51.62 20.86 -58.41
N ASN ZA 170 52.40 21.91 -58.24
CA ASN ZA 170 52.13 22.87 -57.19
C ASN ZA 170 50.70 23.40 -57.26
N GLN ZA 171 50.28 23.81 -58.45
CA GLN ZA 171 48.89 24.25 -58.67
C GLN ZA 171 47.90 23.15 -58.37
N LEU ZA 172 48.16 22.00 -58.95
CA LEU ZA 172 47.27 20.88 -58.88
C LEU ZA 172 46.98 20.52 -57.42
N SER ZA 173 48.01 20.65 -56.57
CA SER ZA 173 47.92 20.24 -55.16
C SER ZA 173 46.88 21.00 -54.32
N ASN ZA 174 46.46 22.18 -54.77
CA ASN ZA 174 45.52 23.03 -54.03
C ASN ZA 174 44.06 22.71 -54.29
N LEU ZA 175 43.82 21.94 -55.34
CA LEU ZA 175 42.48 21.58 -55.78
C LEU ZA 175 41.78 20.65 -54.80
N ARG ZA 176 40.48 20.82 -54.66
CA ARG ZA 176 39.65 19.82 -53.97
C ARG ZA 176 39.90 18.42 -54.53
N GLY ZA 177 40.22 17.51 -53.61
CA GLY ZA 177 40.34 16.10 -53.91
C GLY ZA 177 41.65 15.71 -54.51
N TYR ZA 178 42.65 16.57 -54.36
CA TYR ZA 178 43.97 16.25 -54.87
C TYR ZA 178 44.51 14.98 -54.25
N VAL ZA 179 44.94 14.04 -55.09
CA VAL ZA 179 45.63 12.83 -54.65
C VAL ZA 179 46.82 12.56 -55.56
N SER ZA 180 47.77 11.77 -55.07
CA SER ZA 180 49.00 11.56 -55.81
C SER ZA 180 49.76 10.36 -55.28
N GLY ZA 181 50.44 9.67 -56.18
CA GLY ZA 181 51.24 8.54 -55.73
C GLY ZA 181 52.16 8.02 -56.79
N GLN ZA 182 53.04 7.12 -56.38
CA GLN ZA 182 53.93 6.42 -57.32
C GLN ZA 182 53.06 5.73 -58.36
N VAL ZA 183 53.52 5.66 -59.60
CA VAL ZA 183 52.70 5.08 -60.65
C VAL ZA 183 52.50 3.57 -60.45
N TRP ZA 184 53.23 2.97 -59.51
CA TRP ZA 184 53.04 1.56 -59.20
C TRP ZA 184 52.27 1.31 -57.90
N SER ZA 185 51.87 2.40 -57.25
CA SER ZA 185 50.99 2.35 -56.09
C SER ZA 185 49.55 2.47 -56.54
N GLY ZA 186 48.61 2.19 -55.62
CA GLY ZA 186 47.19 2.39 -55.87
C GLY ZA 186 46.32 1.14 -55.88
N SER ZA 187 46.97 -0.01 -55.74
CA SER ZA 187 46.28 -1.30 -55.74
C SER ZA 187 45.14 -1.29 -54.73
N ALA ZA 188 45.36 -0.68 -53.58
CA ALA ZA 188 44.40 -0.73 -52.49
C ALA ZA 188 43.09 -0.02 -52.84
N GLY ZA 189 43.08 0.69 -53.95
CA GLY ZA 189 41.88 1.36 -54.39
C GLY ZA 189 40.89 0.37 -54.99
N LEU ZA 190 41.33 -0.87 -55.20
CA LEU ZA 190 40.52 -1.87 -55.89
C LEU ZA 190 39.16 -2.13 -55.25
N CYS ZA 191 39.13 -2.15 -53.93
CA CYS ZA 191 37.90 -2.51 -53.23
C CYS ZA 191 36.75 -1.56 -53.58
N PHE ZA 192 37.09 -0.33 -53.97
CA PHE ZA 192 36.09 0.64 -54.41
C PHE ZA 192 35.45 0.21 -55.73
N ILE ZA 193 36.21 -0.49 -56.57
CA ILE ZA 193 35.78 -0.77 -57.93
C ILE ZA 193 34.78 -1.94 -57.99
N ASN ZA 194 35.01 -2.99 -57.20
CA ASN ZA 194 34.05 -4.10 -57.15
C ASN ZA 194 33.11 -3.96 -55.94
N GLY ZA 195 33.14 -2.81 -55.28
CA GLY ZA 195 32.25 -2.52 -54.16
C GLY ZA 195 32.35 -3.44 -52.94
N THR ZA 196 33.54 -3.96 -52.66
CA THR ZA 196 33.70 -4.89 -51.55
C THR ZA 196 34.10 -4.17 -50.23
N ARG ZA 197 34.30 -4.95 -49.17
CA ARG ZA 197 34.68 -4.40 -47.87
C ARG ZA 197 36.02 -3.67 -47.94
N CYS ZA 198 36.00 -2.38 -47.64
CA CYS ZA 198 37.22 -1.59 -47.68
C CYS ZA 198 37.87 -1.48 -46.30
N SER ZA 199 39.16 -1.77 -46.25
CA SER ZA 199 39.88 -1.83 -45.00
C SER ZA 199 41.04 -0.86 -45.04
N ASP ZA 200 42.13 -1.36 -45.61
CA ASP ZA 200 43.39 -0.64 -45.80
C ASP ZA 200 43.36 0.21 -47.07
N THR ZA 201 42.60 1.30 -47.05
CA THR ZA 201 42.51 2.13 -48.24
C THR ZA 201 43.37 3.38 -48.17
N SER ZA 202 44.29 3.45 -47.20
CA SER ZA 202 45.10 4.66 -46.98
C SER ZA 202 46.04 4.98 -48.12
N THR ZA 203 46.51 3.95 -48.82
CA THR ZA 203 47.45 4.10 -49.93
C THR ZA 203 46.75 4.29 -51.27
N ALA ZA 204 45.43 4.23 -51.26
CA ALA ZA 204 44.63 4.30 -52.47
C ALA ZA 204 44.76 5.63 -53.19
N ILE ZA 205 45.09 5.57 -54.47
CA ILE ZA 205 45.13 6.78 -55.26
C ILE ZA 205 43.75 7.00 -55.86
N SER ZA 206 42.80 7.36 -54.98
CA SER ZA 206 41.43 7.49 -55.41
C SER ZA 206 40.83 8.78 -54.87
N THR ZA 207 40.01 9.45 -55.66
CA THR ZA 207 39.42 10.68 -55.17
C THR ZA 207 37.99 10.83 -55.69
N THR ZA 208 37.16 11.56 -54.94
CA THR ZA 208 35.74 11.62 -55.21
C THR ZA 208 35.21 13.05 -55.37
N LEU ZA 209 34.16 13.18 -56.17
CA LEU ZA 209 33.57 14.48 -56.49
C LEU ZA 209 32.71 15.04 -55.33
N ASP ZA 210 32.77 16.35 -55.07
CA ASP ZA 210 31.90 16.99 -54.07
C ASP ZA 210 30.52 17.11 -54.64
N VAL ZA 211 29.70 16.08 -54.55
CA VAL ZA 211 28.37 16.17 -55.13
C VAL ZA 211 27.58 17.28 -54.45
N SER ZA 212 27.83 17.52 -53.17
CA SER ZA 212 27.12 18.53 -52.40
C SER ZA 212 27.31 19.95 -52.88
N LYS ZA 213 28.34 20.20 -53.67
CA LYS ZA 213 28.70 21.58 -53.92
C LYS ZA 213 28.54 21.95 -55.38
N LEU ZA 214 27.89 21.09 -56.16
CA LEU ZA 214 27.72 21.37 -57.59
C LEU ZA 214 26.79 22.57 -57.79
N GLY ZA 215 26.87 23.20 -58.95
CA GLY ZA 215 26.07 24.37 -59.26
C GLY ZA 215 24.58 24.11 -59.06
N LYS ZA 216 24.13 23.04 -59.68
CA LYS ZA 216 22.76 22.56 -59.57
C LYS ZA 216 22.71 21.04 -59.34
N LYS ZA 217 21.51 20.47 -59.32
CA LYS ZA 217 21.40 19.03 -59.11
C LYS ZA 217 21.20 18.29 -60.42
N TRP ZA 218 20.28 18.76 -61.25
CA TRP ZA 218 19.97 18.01 -62.46
C TRP ZA 218 20.66 18.62 -63.66
N TYR ZA 219 21.64 17.91 -64.19
CA TYR ZA 219 22.36 18.39 -65.36
C TYR ZA 219 21.82 17.69 -66.57
N PRO ZA 220 21.81 18.39 -67.71
CA PRO ZA 220 21.48 17.77 -69.00
C PRO ZA 220 22.61 16.90 -69.55
N TYR ZA 221 22.24 15.79 -70.20
CA TYR ZA 221 23.20 14.99 -70.94
C TYR ZA 221 23.66 15.75 -72.18
N LYS ZA 222 24.97 15.97 -72.28
CA LYS ZA 222 25.57 16.68 -73.41
C LYS ZA 222 26.72 15.83 -73.92
N THR ZA 223 27.08 15.98 -75.19
CA THR ZA 223 28.23 15.29 -75.76
C THR ZA 223 29.44 16.20 -75.75
N SER ZA 224 30.60 15.68 -76.11
CA SER ZA 224 31.79 16.50 -76.32
C SER ZA 224 31.52 17.51 -77.45
N ALA ZA 225 30.76 17.08 -78.46
CA ALA ZA 225 30.30 18.00 -79.51
C ALA ZA 225 29.54 19.18 -78.90
N ASP ZA 226 28.60 18.87 -78.01
CA ASP ZA 226 27.82 19.89 -77.31
C ASP ZA 226 28.71 20.82 -76.46
N TYR ZA 227 29.68 20.25 -75.78
CA TYR ZA 227 30.59 21.02 -74.95
C TYR ZA 227 31.41 22.02 -75.79
N ALA ZA 228 31.94 21.51 -76.90
CA ALA ZA 228 32.80 22.28 -77.80
C ALA ZA 228 32.14 23.55 -78.35
N THR ZA 229 30.93 23.40 -78.86
CA THR ZA 229 30.17 24.51 -79.41
C THR ZA 229 29.86 25.56 -78.34
N ALA ZA 230 29.48 25.09 -77.15
CA ALA ZA 230 29.12 25.98 -76.05
C ALA ZA 230 30.26 26.92 -75.64
N VAL ZA 231 31.47 26.38 -75.51
CA VAL ZA 231 32.61 27.22 -75.14
C VAL ZA 231 33.06 28.10 -76.30
N GLY ZA 232 32.68 27.72 -77.52
CA GLY ZA 232 32.98 28.54 -78.69
C GLY ZA 232 32.28 29.89 -78.60
N VAL ZA 233 31.12 29.91 -77.97
CA VAL ZA 233 30.37 31.15 -77.77
C VAL ZA 233 30.88 31.95 -76.58
N ASP ZA 234 30.94 31.28 -75.43
CA ASP ZA 234 31.44 31.84 -74.18
C ASP ZA 234 31.69 30.68 -73.24
N VAL ZA 235 32.89 30.66 -72.65
CA VAL ZA 235 33.28 29.54 -71.80
C VAL ZA 235 32.30 29.34 -70.64
N ASN ZA 236 31.63 30.42 -70.23
CA ASN ZA 236 30.76 30.35 -69.06
C ASN ZA 236 29.46 29.58 -69.33
N ILE ZA 237 29.07 29.48 -70.61
CA ILE ZA 237 27.85 28.74 -70.97
C ILE ZA 237 28.04 27.27 -70.62
N ALA ZA 238 29.29 26.83 -70.59
CA ALA ZA 238 29.61 25.43 -70.31
C ALA ZA 238 29.41 25.09 -68.85
N THR ZA 239 29.55 26.06 -67.96
CA THR ZA 239 29.44 25.80 -66.52
C THR ZA 239 28.09 25.16 -66.12
N PRO ZA 240 26.97 25.64 -66.68
CA PRO ZA 240 25.75 24.90 -66.33
C PRO ZA 240 25.61 23.56 -67.08
N LEU ZA 241 26.64 23.17 -67.84
CA LEU ZA 241 26.53 21.97 -68.63
C LEU ZA 241 27.24 20.78 -68.01
N VAL ZA 242 28.41 21.01 -67.43
CA VAL ZA 242 29.16 19.91 -66.86
C VAL ZA 242 29.48 20.21 -65.40
N PRO ZA 243 29.30 19.23 -64.53
CA PRO ZA 243 29.50 19.42 -63.08
C PRO ZA 243 30.95 19.69 -62.64
N ALA ZA 244 31.93 19.12 -63.33
CA ALA ZA 244 33.32 19.35 -62.99
C ALA ZA 244 34.20 18.80 -64.08
N ARG ZA 245 35.50 19.08 -63.99
CA ARG ZA 245 36.43 18.43 -64.88
C ARG ZA 245 37.46 17.80 -63.98
N LEU ZA 246 37.88 16.59 -64.35
CA LEU ZA 246 38.92 15.92 -63.62
C LEU ZA 246 40.23 16.33 -64.25
N VAL ZA 247 41.17 16.79 -63.45
CA VAL ZA 247 42.47 17.17 -63.94
C VAL ZA 247 43.51 16.14 -63.54
N ILE ZA 248 44.36 15.77 -64.49
CA ILE ZA 248 45.39 14.74 -64.30
C ILE ZA 248 46.82 15.18 -64.74
N ALA ZA 249 47.82 14.97 -63.88
CA ALA ZA 249 49.21 15.18 -64.32
C ALA ZA 249 50.03 13.92 -64.11
N LEU ZA 250 50.86 13.60 -65.10
CA LEU ZA 250 51.82 12.52 -64.99
C LEU ZA 250 53.20 13.05 -65.30
N LEU ZA 251 54.15 12.73 -64.42
CA LEU ZA 251 55.50 13.20 -64.56
C LEU ZA 251 56.44 12.30 -63.79
N ASP ZA 252 57.71 12.69 -63.70
CA ASP ZA 252 58.74 11.99 -62.91
C ASP ZA 252 59.06 10.60 -63.49
N GLY ZA 253 58.67 10.37 -64.74
CA GLY ZA 253 58.93 9.10 -65.40
C GLY ZA 253 60.37 9.01 -65.87
N SER ZA 254 60.78 7.83 -66.33
CA SER ZA 254 62.17 7.61 -66.69
C SER ZA 254 62.43 7.67 -68.19
N SER ZA 255 61.38 7.74 -68.98
CA SER ZA 255 61.56 7.69 -70.42
C SER ZA 255 61.02 8.94 -71.09
N SER ZA 256 61.54 9.25 -72.27
CA SER ZA 256 61.04 10.37 -73.04
C SER ZA 256 59.81 9.94 -73.82
N THR ZA 257 59.69 8.63 -74.03
CA THR ZA 257 58.52 8.03 -74.63
C THR ZA 257 57.64 7.42 -73.53
N ALA ZA 258 56.33 7.56 -73.66
CA ALA ZA 258 55.39 7.12 -72.61
C ALA ZA 258 55.54 5.64 -72.22
N VAL ZA 259 55.69 5.40 -70.92
CA VAL ZA 259 55.71 4.04 -70.36
C VAL ZA 259 54.37 3.65 -69.74
N ALA ZA 260 53.89 2.44 -70.01
CA ALA ZA 260 52.62 2.00 -69.43
C ALA ZA 260 52.67 1.98 -67.92
N ALA ZA 261 51.78 2.75 -67.30
CA ALA ZA 261 51.74 2.88 -65.84
C ALA ZA 261 50.51 2.15 -65.28
N GLY ZA 262 49.32 2.59 -65.70
CA GLY ZA 262 48.11 1.98 -65.20
C GLY ZA 262 46.85 2.40 -65.94
N ARG ZA 263 45.74 2.36 -65.20
CA ARG ZA 263 44.41 2.71 -65.68
C ARG ZA 263 43.64 3.48 -64.60
N ILE ZA 264 42.75 4.37 -65.05
CA ILE ZA 264 41.79 5.04 -64.17
C ILE ZA 264 40.37 4.50 -64.37
N TYR ZA 265 39.73 4.05 -63.29
CA TYR ZA 265 38.34 3.57 -63.37
C TYR ZA 265 37.37 4.57 -62.75
N CYS ZA 266 36.15 4.57 -63.23
CA CYS ZA 266 35.13 5.42 -62.63
C CYS ZA 266 34.05 4.56 -61.96
N THR ZA 267 33.80 4.85 -60.69
CA THR ZA 267 32.77 4.17 -59.93
C THR ZA 267 31.78 5.23 -59.57
N TYR ZA 268 30.57 5.08 -60.08
CA TYR ZA 268 29.59 6.14 -59.97
C TYR ZA 268 28.27 5.60 -59.44
N THR ZA 269 27.48 6.50 -58.84
CA THR ZA 269 26.06 6.25 -58.59
C THR ZA 269 25.31 7.36 -59.32
N ILE ZA 270 24.57 7.00 -60.37
CA ILE ZA 270 23.95 8.05 -61.16
C ILE ZA 270 22.42 7.98 -61.14
N GLN ZA 271 21.80 9.14 -61.00
CA GLN ZA 271 20.36 9.28 -61.15
C GLN ZA 271 20.01 9.76 -62.53
N MET ZA 272 19.31 8.92 -63.28
CA MET ZA 272 18.94 9.26 -64.64
C MET ZA 272 17.44 9.50 -64.65
N ILE ZA 273 17.02 10.65 -65.17
CA ILE ZA 273 15.61 10.93 -65.23
C ILE ZA 273 15.22 11.47 -66.58
N GLU ZA 274 13.92 11.38 -66.88
CA GLU ZA 274 13.29 11.96 -68.06
C GLU ZA 274 13.83 11.37 -69.39
N PRO ZA 275 13.34 10.19 -69.73
CA PRO ZA 275 13.66 9.47 -70.96
C PRO ZA 275 13.44 10.27 -72.26
N THR ZA 276 14.15 9.85 -73.31
CA THR ZA 276 14.07 10.50 -74.61
C THR ZA 276 14.32 9.47 -75.72
N ALA ZA 277 13.63 9.64 -76.85
CA ALA ZA 277 13.77 8.76 -78.00
C ALA ZA 277 14.34 9.47 -79.24
N GLY AB 86 32.86 37.17 -33.92
CA GLY AB 86 34.13 36.80 -33.33
C GLY AB 86 35.32 37.44 -34.00
N GLY AB 87 35.41 37.27 -35.33
CA GLY AB 87 36.50 37.83 -36.11
C GLY AB 87 37.49 36.80 -36.62
N ILE AB 88 37.35 35.56 -36.17
CA ILE AB 88 38.26 34.48 -36.57
C ILE AB 88 37.76 33.76 -37.80
N THR AB 89 38.55 33.82 -38.86
CA THR AB 89 38.28 33.06 -40.07
C THR AB 89 39.07 31.73 -40.06
N VAL AB 90 38.36 30.61 -40.02
CA VAL AB 90 39.01 29.31 -40.00
C VAL AB 90 39.17 28.71 -41.40
N LEU AB 91 40.40 28.28 -41.72
CA LEU AB 91 40.77 27.73 -43.03
C LEU AB 91 41.47 26.38 -42.90
N THR AB 92 41.01 25.40 -43.69
CA THR AB 92 41.69 24.10 -43.79
C THR AB 92 42.01 23.75 -45.24
N HIS AB 93 43.27 23.40 -45.48
CA HIS AB 93 43.75 23.19 -46.82
C HIS AB 93 45.01 22.34 -46.82
N SER AB 94 45.23 21.68 -47.95
CA SER AB 94 46.47 20.98 -48.18
C SER AB 94 47.07 21.52 -49.48
N GLU AB 95 48.39 21.71 -49.49
CA GLU AB 95 49.09 22.14 -50.70
C GLU AB 95 50.56 21.64 -50.75
N LEU AB 96 51.17 21.73 -51.92
CA LEU AB 96 52.58 21.37 -52.05
C LEU AB 96 53.48 22.28 -51.20
N SER AB 97 54.41 21.68 -50.48
CA SER AB 97 55.26 22.45 -49.57
C SER AB 97 56.75 22.34 -49.93
N ALA AB 98 57.14 21.25 -50.58
CA ALA AB 98 58.55 21.00 -50.86
C ALA AB 98 58.72 19.92 -51.90
N GLU AB 99 59.72 20.11 -52.75
CA GLU AB 99 60.09 19.08 -53.71
C GLU AB 99 61.32 18.41 -53.12
N ILE AB 100 61.40 17.09 -53.19
CA ILE AB 100 62.41 16.39 -52.43
C ILE AB 100 63.26 15.53 -53.34
N GLY AB 101 64.57 15.65 -53.20
CA GLY AB 101 65.50 14.84 -53.99
C GLY AB 101 66.54 14.18 -53.11
N VAL AB 102 67.06 13.02 -53.52
CA VAL AB 102 67.99 12.32 -52.64
C VAL AB 102 69.40 12.18 -53.26
N THR AB 103 70.43 12.34 -52.43
CA THR AB 103 71.83 12.14 -52.84
C THR AB 103 72.48 11.15 -51.90
N ASP AB 104 73.76 10.83 -52.11
CA ASP AB 104 74.43 9.82 -51.29
C ASP AB 104 75.08 10.39 -50.03
N SER AB 105 75.03 11.71 -49.90
CA SER AB 105 75.56 12.36 -48.71
C SER AB 105 74.48 13.18 -48.06
N ILE AB 106 74.52 13.31 -46.73
CA ILE AB 106 73.45 13.98 -46.01
C ILE AB 106 73.29 15.43 -46.43
N VAL AB 107 72.05 15.81 -46.68
CA VAL AB 107 71.70 17.18 -46.99
C VAL AB 107 70.63 17.60 -46.00
N VAL AB 108 70.92 18.63 -45.21
CA VAL AB 108 69.95 19.12 -44.24
C VAL AB 108 69.37 20.50 -44.67
N SER AB 109 68.05 20.51 -44.87
CA SER AB 109 67.33 21.71 -45.23
C SER AB 109 66.28 22.00 -44.17
N SER AB 110 65.63 23.15 -44.30
CA SER AB 110 64.59 23.48 -43.34
C SER AB 110 63.53 24.41 -43.91
N GLU AB 111 62.39 24.47 -43.23
CA GLU AB 111 61.31 25.35 -43.61
C GLU AB 111 60.71 25.93 -42.35
N LEU AB 112 60.50 27.24 -42.37
CA LEU AB 112 59.83 27.95 -41.28
C LEU AB 112 58.34 27.57 -41.33
N VAL AB 113 57.78 27.21 -40.18
CA VAL AB 113 56.38 26.84 -40.10
C VAL AB 113 55.53 28.12 -39.95
N MET AB 114 55.40 28.88 -41.03
CA MET AB 114 54.59 30.12 -41.04
C MET AB 114 53.99 30.31 -42.44
N PRO AB 115 52.80 30.96 -42.51
CA PRO AB 115 51.99 31.00 -43.73
C PRO AB 115 52.82 31.34 -44.93
N TYR AB 116 53.72 32.30 -44.77
CA TYR AB 116 54.56 32.77 -45.85
C TYR AB 116 55.43 31.67 -46.47
N THR AB 117 55.91 30.72 -45.67
CA THR AB 117 56.89 29.77 -46.17
C THR AB 117 56.37 28.34 -46.22
N VAL AB 118 55.09 28.17 -45.88
CA VAL AB 118 54.46 26.88 -45.88
C VAL AB 118 53.96 26.47 -47.28
N GLY AB 119 53.53 27.46 -48.06
CA GLY AB 119 53.02 27.15 -49.40
C GLY AB 119 52.69 28.42 -50.13
N THR AB 120 52.74 28.37 -51.47
CA THR AB 120 52.55 29.58 -52.28
C THR AB 120 51.11 30.10 -52.18
N TRP AB 121 50.14 29.18 -52.15
CA TRP AB 121 48.73 29.53 -52.06
C TRP AB 121 48.35 30.16 -50.73
N LEU AB 122 48.68 29.48 -49.63
CA LEU AB 122 48.37 30.03 -48.30
C LEU AB 122 49.06 31.36 -48.09
N ARG AB 123 50.27 31.48 -48.63
CA ARG AB 123 51.08 32.70 -48.53
C ARG AB 123 50.28 33.89 -49.00
N GLY AB 124 49.62 33.72 -50.14
CA GLY AB 124 48.78 34.76 -50.69
C GLY AB 124 47.59 35.01 -49.78
N VAL AB 125 46.96 33.96 -49.25
CA VAL AB 125 45.75 34.13 -48.43
C VAL AB 125 45.99 34.87 -47.13
N ALA AB 126 46.91 34.37 -46.32
CA ALA AB 126 47.09 34.88 -44.97
C ALA AB 126 47.70 36.28 -45.00
N ALA AB 127 48.18 36.68 -46.17
CA ALA AB 127 48.76 38.01 -46.32
C ALA AB 127 47.68 39.06 -46.07
N ASN AB 128 46.44 38.69 -46.29
CA ASN AB 128 45.34 39.62 -46.10
C ASN AB 128 44.95 39.82 -44.64
N TRP AB 129 45.56 39.05 -43.75
CA TRP AB 129 45.36 39.23 -42.31
C TRP AB 129 46.70 39.56 -41.59
N SER AB 130 46.61 40.18 -40.42
CA SER AB 130 47.82 40.53 -39.68
C SER AB 130 48.27 39.36 -38.82
N LYS AB 131 47.31 38.61 -38.28
CA LYS AB 131 47.65 37.53 -37.37
C LYS AB 131 47.03 36.17 -37.76
N TYR AB 132 47.65 35.11 -37.26
CA TYR AB 132 47.17 33.76 -37.47
C TYR AB 132 47.41 32.91 -36.22
N SER AB 133 46.83 31.72 -36.20
CA SER AB 133 47.07 30.77 -35.16
C SER AB 133 47.07 29.36 -35.78
N TRP AB 134 48.12 28.57 -35.54
CA TRP AB 134 48.07 27.20 -36.00
C TRP AB 134 47.17 26.40 -35.06
N LEU AB 135 46.14 25.78 -35.62
CA LEU AB 135 45.33 24.81 -34.89
C LEU AB 135 45.86 23.40 -35.15
N SER AB 136 46.39 23.22 -36.34
CA SER AB 136 47.02 21.98 -36.75
C SER AB 136 47.96 22.21 -37.92
N VAL AB 137 49.17 21.64 -37.84
CA VAL AB 137 50.10 21.64 -38.95
C VAL AB 137 50.76 20.30 -39.08
N ARG AB 138 50.57 19.68 -40.24
CA ARG AB 138 51.12 18.38 -40.57
C ARG AB 138 51.92 18.39 -41.88
N TYR AB 139 53.15 17.87 -41.82
CA TYR AB 139 53.99 17.73 -43.01
C TYR AB 139 53.99 16.26 -43.38
N THR AB 140 53.60 15.95 -44.62
CA THR AB 140 53.50 14.55 -45.05
C THR AB 140 54.34 14.34 -46.30
N TYR AB 141 55.21 13.35 -46.22
CA TYR AB 141 56.05 13.00 -47.35
C TYR AB 141 55.34 11.97 -48.21
N ILE AB 142 55.20 12.26 -49.50
CA ILE AB 142 54.62 11.31 -50.45
C ILE AB 142 55.68 10.95 -51.47
N PRO AB 143 55.96 9.65 -51.66
CA PRO AB 143 57.01 9.27 -52.62
C PRO AB 143 56.56 9.37 -54.08
N SER AB 144 57.52 9.46 -55.00
CA SER AB 144 57.22 9.43 -56.43
C SER AB 144 58.28 8.63 -57.24
N CYS AB 145 59.07 7.81 -56.54
CA CYS AB 145 60.20 7.12 -57.16
C CYS AB 145 59.94 5.61 -57.15
N PRO AB 146 60.75 4.84 -57.90
CA PRO AB 146 60.69 3.37 -57.86
C PRO AB 146 60.99 2.78 -56.49
N SER AB 147 60.59 1.53 -56.29
CA SER AB 147 60.85 0.80 -55.04
C SER AB 147 62.32 0.46 -54.79
N SER AB 148 63.13 0.59 -55.84
CA SER AB 148 64.55 0.29 -55.82
C SER AB 148 65.39 1.55 -55.60
N THR AB 149 64.72 2.65 -55.29
CA THR AB 149 65.38 3.92 -55.09
C THR AB 149 66.11 3.91 -53.77
N ALA AB 150 67.40 4.20 -53.78
CA ALA AB 150 68.14 4.32 -52.52
C ALA AB 150 67.88 5.64 -51.87
N GLY AB 151 67.83 5.64 -50.54
CA GLY AB 151 67.65 6.88 -49.80
C GLY AB 151 66.68 6.86 -48.64
N SER AB 152 66.89 7.76 -47.68
CA SER AB 152 65.95 7.92 -46.60
C SER AB 152 65.76 9.37 -46.30
N ILE AB 153 64.59 9.69 -45.75
CA ILE AB 153 64.26 11.06 -45.42
C ILE AB 153 63.94 11.12 -43.94
N HIS AB 154 64.30 12.23 -43.30
CA HIS AB 154 64.06 12.38 -41.88
C HIS AB 154 63.51 13.75 -41.67
N MET AB 155 62.53 13.89 -40.80
CA MET AB 155 61.91 15.17 -40.51
C MET AB 155 61.67 15.36 -39.00
N GLY AB 156 61.76 16.59 -38.54
CA GLY AB 156 61.47 16.91 -37.16
C GLY AB 156 61.27 18.39 -36.99
N PHE AB 157 60.78 18.80 -35.82
CA PHE AB 157 60.54 20.22 -35.56
C PHE AB 157 61.52 20.80 -34.54
N GLN AB 158 61.96 22.01 -34.81
CA GLN AB 158 62.69 22.81 -33.84
C GLN AB 158 61.78 23.91 -33.35
N TYR AB 159 61.84 24.19 -32.05
CA TYR AB 159 60.93 25.16 -31.47
C TYR AB 159 61.59 26.44 -30.96
N ASP AB 160 62.89 26.56 -31.19
CA ASP AB 160 63.60 27.80 -30.92
C ASP AB 160 64.45 28.16 -32.16
N MET AB 161 64.21 29.34 -32.71
CA MET AB 161 64.88 29.75 -33.94
C MET AB 161 66.39 29.87 -33.75
N ALA AB 162 66.82 29.97 -32.50
CA ALA AB 162 68.23 30.04 -32.13
C ALA AB 162 68.89 28.67 -32.14
N ASP AB 163 68.09 27.60 -32.14
CA ASP AB 163 68.62 26.24 -32.24
C ASP AB 163 69.47 26.12 -33.48
N THR AB 164 70.59 25.42 -33.38
CA THR AB 164 71.39 25.17 -34.58
C THR AB 164 70.66 24.11 -35.37
N VAL AB 165 70.68 24.25 -36.69
CA VAL AB 165 70.10 23.24 -37.55
C VAL AB 165 70.97 21.98 -37.41
N PRO AB 166 70.33 20.81 -37.24
CA PRO AB 166 71.07 19.54 -37.05
C PRO AB 166 72.04 19.21 -38.16
N VAL AB 167 73.02 18.37 -37.84
CA VAL AB 167 74.05 18.00 -38.80
C VAL AB 167 74.10 16.49 -39.01
N SER AB 168 73.46 15.75 -38.12
CA SER AB 168 73.45 14.29 -38.23
C SER AB 168 72.06 13.73 -38.04
N VAL AB 169 71.83 12.55 -38.61
CA VAL AB 169 70.62 11.84 -38.32
C VAL AB 169 70.50 11.58 -36.82
N ASN AB 170 71.63 11.30 -36.19
CA ASN AB 170 71.63 11.03 -34.76
C ASN AB 170 70.96 12.15 -34.03
N GLN AB 171 71.38 13.38 -34.31
CA GLN AB 171 70.72 14.54 -33.70
C GLN AB 171 69.22 14.64 -34.03
N LEU AB 172 68.93 14.53 -35.32
CA LEU AB 172 67.58 14.77 -35.82
C LEU AB 172 66.56 13.84 -35.12
N SER AB 173 66.97 12.61 -34.85
CA SER AB 173 66.08 11.60 -34.26
C SER AB 173 65.51 11.98 -32.87
N ASN AB 174 66.14 12.96 -32.22
CA ASN AB 174 65.72 13.38 -30.88
C ASN AB 174 64.62 14.41 -30.82
N LEU AB 175 64.32 15.00 -31.97
CA LEU AB 175 63.36 16.08 -32.11
C LEU AB 175 61.93 15.59 -31.85
N ARG AB 176 61.09 16.45 -31.27
CA ARG AB 176 59.64 16.22 -31.23
C ARG AB 176 59.05 15.99 -32.59
N GLY AB 177 58.36 14.85 -32.74
CA GLY AB 177 57.68 14.56 -33.97
C GLY AB 177 58.62 14.04 -35.05
N TYR AB 178 59.78 13.55 -34.67
CA TYR AB 178 60.71 12.97 -35.61
C TYR AB 178 60.11 11.79 -36.33
N VAL AB 179 60.27 11.77 -37.65
CA VAL AB 179 59.86 10.63 -38.48
C VAL AB 179 60.91 10.27 -39.54
N SER AB 180 60.88 9.03 -40.06
CA SER AB 180 61.90 8.60 -41.01
C SER AB 180 61.52 7.37 -41.83
N GLY AB 181 61.95 7.36 -43.08
CA GLY AB 181 61.71 6.20 -43.92
C GLY AB 181 62.43 6.20 -45.25
N GLN AB 182 62.37 5.06 -45.93
CA GLN AB 182 62.90 4.96 -47.28
C GLN AB 182 62.24 6.03 -48.12
N VAL AB 183 62.96 6.59 -49.08
CA VAL AB 183 62.39 7.67 -49.89
C VAL AB 183 61.28 7.17 -50.83
N TRP AB 184 61.11 5.85 -50.94
CA TRP AB 184 60.07 5.28 -51.79
C TRP AB 184 58.91 4.78 -50.92
N SER AB 185 59.04 5.00 -49.62
CA SER AB 185 57.98 4.73 -48.66
C SER AB 185 57.12 5.99 -48.42
N GLY AB 186 55.97 5.80 -47.76
CA GLY AB 186 55.18 6.92 -47.30
C GLY AB 186 53.79 7.11 -47.89
N SER AB 187 53.39 6.27 -48.84
CA SER AB 187 52.09 6.39 -49.50
C SER AB 187 50.88 6.45 -48.58
N ALA AB 188 50.89 5.68 -47.49
CA ALA AB 188 49.72 5.63 -46.61
C ALA AB 188 49.44 6.97 -45.94
N GLY AB 189 50.31 7.95 -46.15
CA GLY AB 189 50.10 9.29 -45.63
C GLY AB 189 49.13 10.12 -46.45
N LEU AB 190 48.78 9.63 -47.64
CA LEU AB 190 47.92 10.34 -48.59
C LEU AB 190 46.55 10.66 -48.01
N CYS AB 191 46.03 9.75 -47.22
CA CYS AB 191 44.73 9.96 -46.62
C CYS AB 191 44.68 11.21 -45.70
N PHE AB 192 45.83 11.64 -45.17
CA PHE AB 192 45.91 12.89 -44.39
C PHE AB 192 45.69 14.12 -45.24
N ILE AB 193 46.10 14.04 -46.49
CA ILE AB 193 46.11 15.21 -47.34
C ILE AB 193 44.73 15.55 -47.86
N ASN AB 194 44.01 14.53 -48.29
CA ASN AB 194 42.65 14.72 -48.80
C ASN AB 194 41.62 14.44 -47.71
N GLY AB 195 42.11 14.31 -46.48
CA GLY AB 195 41.24 14.19 -45.32
C GLY AB 195 40.30 13.00 -45.31
N THR AB 196 40.73 11.84 -45.82
CA THR AB 196 39.82 10.70 -45.87
C THR AB 196 39.94 9.85 -44.58
N ARG AB 197 39.13 8.79 -44.49
CA ARG AB 197 39.21 7.91 -43.32
C ARG AB 197 40.59 7.26 -43.33
N CYS AB 198 41.38 7.54 -42.30
CA CYS AB 198 42.70 6.97 -42.21
C CYS AB 198 42.70 5.72 -41.34
N SER AB 199 43.28 4.65 -41.88
CA SER AB 199 43.30 3.37 -41.18
C SER AB 199 44.73 2.88 -40.98
N ASP AB 200 45.28 2.29 -42.02
CA ASP AB 200 46.63 1.76 -41.97
C ASP AB 200 47.69 2.85 -42.17
N THR AB 201 47.83 3.74 -41.20
CA THR AB 201 48.75 4.82 -41.43
C THR AB 201 50.09 4.59 -40.73
N SER AB 202 50.36 3.35 -40.32
CA SER AB 202 51.57 3.06 -39.53
C SER AB 202 52.84 3.38 -40.30
N THR AB 203 52.75 3.24 -41.61
CA THR AB 203 53.87 3.48 -42.50
C THR AB 203 53.92 4.93 -42.96
N ALA AB 204 52.96 5.74 -42.52
CA ALA AB 204 52.92 7.13 -42.95
C ALA AB 204 54.14 7.90 -42.45
N ILE AB 205 54.84 8.55 -43.39
CA ILE AB 205 55.94 9.44 -43.06
C ILE AB 205 55.35 10.83 -42.94
N SER AB 206 54.63 11.03 -41.84
CA SER AB 206 53.87 12.24 -41.60
C SER AB 206 54.16 12.69 -40.17
N THR AB 207 54.24 14.00 -39.94
CA THR AB 207 54.48 14.49 -38.58
C THR AB 207 53.75 15.80 -38.30
N THR AB 208 53.44 16.07 -37.04
CA THR AB 208 52.62 17.23 -36.69
C THR AB 208 53.21 18.13 -35.62
N LEU AB 209 52.91 19.41 -35.73
CA LEU AB 209 53.42 20.45 -34.84
C LEU AB 209 52.69 20.52 -33.49
N ASP AB 210 53.42 20.71 -32.39
CA ASP AB 210 52.80 20.88 -31.07
C ASP AB 210 52.21 22.24 -30.90
N VAL AB 211 50.98 22.42 -31.36
CA VAL AB 211 50.33 23.71 -31.31
C VAL AB 211 50.15 24.15 -29.84
N SER AB 212 49.96 23.15 -28.98
CA SER AB 212 49.78 23.31 -27.54
C SER AB 212 50.99 23.86 -26.81
N LYS AB 213 52.13 23.81 -27.48
CA LYS AB 213 53.40 24.11 -26.87
C LYS AB 213 54.08 25.32 -27.51
N LEU AB 214 53.36 26.04 -28.36
CA LEU AB 214 53.98 27.20 -28.99
C LEU AB 214 54.15 28.30 -27.95
N GLY AB 215 55.07 29.23 -28.17
CA GLY AB 215 55.31 30.31 -27.21
C GLY AB 215 54.11 31.16 -26.85
N LYS AB 216 53.47 31.71 -27.86
CA LYS AB 216 52.24 32.44 -27.63
C LYS AB 216 51.25 31.85 -28.63
N LYS AB 217 50.05 32.40 -28.70
CA LYS AB 217 49.05 31.85 -29.61
C LYS AB 217 48.99 32.60 -30.93
N TRP AB 218 48.96 33.93 -30.88
CA TRP AB 218 48.73 34.71 -32.09
C TRP AB 218 50.03 35.28 -32.64
N TYR AB 219 50.41 34.75 -33.80
CA TYR AB 219 51.64 35.15 -34.43
C TYR AB 219 51.32 36.15 -35.53
N PRO AB 220 52.21 37.12 -35.73
CA PRO AB 220 52.05 38.07 -36.82
C PRO AB 220 52.42 37.41 -38.12
N TYR AB 221 51.74 37.75 -39.20
CA TYR AB 221 52.15 37.31 -40.52
C TYR AB 221 53.49 37.98 -40.81
N LYS AB 222 54.50 37.19 -41.13
CA LYS AB 222 55.80 37.76 -41.42
C LYS AB 222 56.33 37.16 -42.71
N THR AB 223 57.18 37.90 -43.40
CA THR AB 223 57.83 37.31 -44.55
C THR AB 223 59.20 36.81 -44.12
N SER AB 224 59.90 36.07 -45.00
CA SER AB 224 61.29 35.65 -44.76
C SER AB 224 62.22 36.85 -44.66
N ALA AB 225 61.89 37.89 -45.42
CA ALA AB 225 62.60 39.16 -45.33
C ALA AB 225 62.62 39.64 -43.87
N ASP AB 226 61.44 39.67 -43.24
CA ASP AB 226 61.33 40.04 -41.83
C ASP AB 226 62.14 39.09 -40.94
N TYR AB 227 62.10 37.80 -41.24
CA TYR AB 227 62.91 36.83 -40.49
C TYR AB 227 64.41 37.11 -40.69
N ALA AB 228 64.80 37.35 -41.94
CA ALA AB 228 66.20 37.61 -42.27
C ALA AB 228 66.73 38.81 -41.50
N THR AB 229 66.01 39.92 -41.61
CA THR AB 229 66.42 41.13 -40.90
C THR AB 229 66.39 40.91 -39.41
N ALA AB 230 65.30 40.33 -38.90
CA ALA AB 230 65.14 40.15 -37.46
C ALA AB 230 66.24 39.31 -36.83
N VAL AB 231 66.64 38.22 -37.48
CA VAL AB 231 67.68 37.37 -36.91
C VAL AB 231 69.05 38.07 -36.98
N GLY AB 232 69.18 39.03 -37.90
CA GLY AB 232 70.40 39.82 -38.03
C GLY AB 232 70.73 40.74 -36.85
N VAL AB 233 69.69 41.26 -36.21
CA VAL AB 233 69.84 42.09 -35.04
C VAL AB 233 70.07 41.17 -33.85
N ASP AB 234 69.21 40.17 -33.72
CA ASP AB 234 69.33 39.14 -32.68
C ASP AB 234 68.35 38.01 -33.01
N VAL AB 235 68.85 36.77 -33.13
CA VAL AB 235 68.01 35.64 -33.51
C VAL AB 235 66.84 35.42 -32.56
N ASN AB 236 66.96 35.89 -31.32
CA ASN AB 236 65.93 35.69 -30.32
C ASN AB 236 64.72 36.57 -30.60
N ILE AB 237 64.95 37.66 -31.34
CA ILE AB 237 63.88 38.57 -31.76
C ILE AB 237 62.90 37.80 -32.65
N ALA AB 238 63.42 36.75 -33.28
CA ALA AB 238 62.64 35.93 -34.19
C ALA AB 238 61.66 35.05 -33.42
N THR AB 239 61.99 34.70 -32.19
CA THR AB 239 61.17 33.75 -31.43
C THR AB 239 59.73 34.23 -31.32
N PRO AB 240 59.51 35.53 -31.10
CA PRO AB 240 58.07 35.85 -31.16
C PRO AB 240 57.46 35.98 -32.56
N LEU AB 241 58.20 35.74 -33.64
CA LEU AB 241 57.66 35.92 -35.01
C LEU AB 241 57.24 34.66 -35.77
N VAL AB 242 58.00 33.58 -35.58
CA VAL AB 242 57.71 32.33 -36.26
C VAL AB 242 57.59 31.22 -35.20
N PRO AB 243 56.53 30.40 -35.30
CA PRO AB 243 56.27 29.40 -34.26
C PRO AB 243 57.28 28.27 -34.21
N ALA AB 244 57.75 27.82 -35.38
CA ALA AB 244 58.68 26.71 -35.43
C ALA AB 244 59.33 26.59 -36.78
N ARG AB 245 60.36 25.77 -36.85
CA ARG AB 245 60.98 25.43 -38.11
C ARG AB 245 61.01 23.92 -38.23
N LEU AB 246 60.72 23.46 -39.43
CA LEU AB 246 60.72 22.05 -39.78
C LEU AB 246 62.06 21.73 -40.31
N VAL AB 247 62.68 20.66 -39.80
CA VAL AB 247 64.00 20.24 -40.28
C VAL AB 247 63.88 18.98 -41.16
N ILE AB 248 64.60 18.96 -42.28
CA ILE AB 248 64.49 17.86 -43.24
C ILE AB 248 65.85 17.34 -43.65
N ALA AB 249 66.08 16.05 -43.49
CA ALA AB 249 67.35 15.47 -43.96
C ALA AB 249 67.15 14.34 -44.94
N LEU AB 250 67.98 14.35 -45.98
CA LEU AB 250 68.02 13.26 -46.93
C LEU AB 250 69.45 12.74 -47.11
N LEU AB 251 69.58 11.43 -47.06
CA LEU AB 251 70.87 10.78 -47.19
C LEU AB 251 70.63 9.36 -47.68
N ASP AB 252 71.68 8.53 -47.67
CA ASP AB 252 71.57 7.13 -48.01
C ASP AB 252 71.21 6.89 -49.48
N GLY AB 253 71.37 7.91 -50.33
CA GLY AB 253 71.13 7.77 -51.76
C GLY AB 253 72.27 7.07 -52.48
N SER AB 254 72.04 6.73 -53.74
CA SER AB 254 73.01 5.95 -54.54
C SER AB 254 73.82 6.83 -55.48
N SER AB 255 73.39 8.08 -55.61
CA SER AB 255 74.05 9.02 -56.49
C SER AB 255 74.58 10.26 -55.72
N SER AB 256 75.59 10.92 -56.29
CA SER AB 256 76.14 12.14 -55.70
C SER AB 256 75.37 13.37 -56.12
N THR AB 257 74.67 13.26 -57.25
CA THR AB 257 73.75 14.29 -57.73
C THR AB 257 72.31 13.86 -57.43
N ALA AB 258 71.47 14.82 -57.04
CA ALA AB 258 70.11 14.55 -56.57
C ALA AB 258 69.22 13.79 -57.55
N VAL AB 259 68.67 12.68 -57.04
CA VAL AB 259 67.69 11.87 -57.76
C VAL AB 259 66.33 12.22 -57.21
N ALA AB 260 65.34 12.42 -58.09
CA ALA AB 260 63.97 12.76 -57.65
C ALA AB 260 63.32 11.64 -56.82
N ALA AB 261 62.94 11.97 -55.59
CA ALA AB 261 62.39 11.01 -54.61
C ALA AB 261 60.90 11.21 -54.32
N GLY AB 262 60.54 12.38 -53.83
CA GLY AB 262 59.17 12.66 -53.49
C GLY AB 262 58.83 14.12 -53.24
N ARG AB 263 57.79 14.33 -52.46
CA ARG AB 263 57.30 15.66 -52.17
C ARG AB 263 56.80 15.80 -50.74
N ILE AB 264 56.96 17.00 -50.18
CA ILE AB 264 56.36 17.26 -48.89
C ILE AB 264 55.13 18.12 -49.10
N TYR AB 265 54.00 17.63 -48.60
CA TYR AB 265 52.78 18.40 -48.63
C TYR AB 265 52.46 18.91 -47.23
N CYS AB 266 51.80 20.06 -47.15
CA CYS AB 266 51.37 20.57 -45.85
C CYS AB 266 49.82 20.64 -45.71
N THR AB 267 49.34 20.02 -44.63
CA THR AB 267 47.93 20.00 -44.22
C THR AB 267 47.77 20.78 -42.95
N TYR AB 268 47.07 21.89 -43.03
CA TYR AB 268 47.01 22.82 -41.91
C TYR AB 268 45.60 23.25 -41.63
N THR AB 269 45.34 23.60 -40.37
CA THR AB 269 44.12 24.32 -40.04
C THR AB 269 44.49 25.63 -39.36
N ILE AB 270 44.20 26.73 -40.05
CA ILE AB 270 44.64 28.02 -39.57
C ILE AB 270 43.48 28.98 -39.26
N GLN AB 271 43.65 29.67 -38.12
CA GLN AB 271 42.79 30.75 -37.67
C GLN AB 271 43.43 32.08 -38.01
N MET AB 272 42.73 32.85 -38.82
CA MET AB 272 43.24 34.14 -39.23
C MET AB 272 42.38 35.24 -38.60
N ILE AB 273 43.02 36.20 -37.94
CA ILE AB 273 42.25 37.26 -37.31
C ILE AB 273 42.86 38.58 -37.69
N GLU AB 274 42.06 39.63 -37.56
CA GLU AB 274 42.47 41.02 -37.75
C GLU AB 274 42.95 41.32 -39.17
N PRO AB 275 41.97 41.48 -40.09
CA PRO AB 275 42.18 41.79 -41.50
C PRO AB 275 43.04 43.02 -41.67
N THR AB 276 43.66 43.14 -42.83
CA THR AB 276 44.56 44.25 -43.16
C THR AB 276 44.53 44.55 -44.66
N ALA AB 277 44.76 45.82 -45.04
CA ALA AB 277 44.84 46.21 -46.44
C ALA AB 277 46.26 46.67 -46.78
N GLY BB 86 57.21 11.48 -3.88
CA GLY BB 86 57.66 11.40 -5.26
C GLY BB 86 59.16 11.19 -5.38
N GLY BB 87 59.79 11.95 -6.29
CA GLY BB 87 61.22 11.88 -6.50
C GLY BB 87 61.57 11.19 -7.81
N ILE BB 88 60.55 10.62 -8.45
CA ILE BB 88 60.72 9.92 -9.71
C ILE BB 88 60.48 10.90 -10.86
N THR BB 89 61.47 11.03 -11.72
CA THR BB 89 61.30 11.77 -12.95
C THR BB 89 60.95 10.80 -14.09
N VAL BB 90 59.73 10.86 -14.63
CA VAL BB 90 59.34 9.98 -15.73
C VAL BB 90 59.61 10.64 -17.08
N LEU BB 91 60.29 9.89 -17.94
CA LEU BB 91 60.73 10.35 -19.24
C LEU BB 91 60.35 9.40 -20.35
N THR BB 92 59.78 9.92 -21.43
CA THR BB 92 59.52 9.10 -22.63
C THR BB 92 60.17 9.74 -23.85
N HIS BB 93 60.88 8.94 -24.64
CA HIS BB 93 61.67 9.47 -25.73
C HIS BB 93 61.98 8.40 -26.78
N SER BB 94 62.20 8.84 -28.01
CA SER BB 94 62.71 8.00 -29.10
C SER BB 94 63.97 8.64 -29.61
N GLU BB 95 64.99 7.85 -29.89
CA GLU BB 95 66.17 8.37 -30.52
C GLU BB 95 66.89 7.29 -31.29
N LEU BB 96 67.81 7.70 -32.17
CA LEU BB 96 68.67 6.76 -32.89
C LEU BB 96 69.53 5.99 -31.90
N SER BB 97 69.59 4.68 -32.09
CA SER BB 97 70.36 3.80 -31.21
C SER BB 97 71.48 3.03 -31.90
N ALA BB 98 71.37 2.83 -33.21
CA ALA BB 98 72.36 2.04 -33.93
C ALA BB 98 72.16 2.19 -35.41
N GLU BB 99 73.25 2.25 -36.18
CA GLU BB 99 73.15 2.19 -37.64
C GLU BB 99 73.60 0.83 -38.18
N ILE BB 100 72.88 0.37 -39.20
CA ILE BB 100 72.91 -1.02 -39.63
C ILE BB 100 73.23 -1.28 -41.13
N GLY BB 101 74.16 -2.20 -41.37
CA GLY BB 101 74.53 -2.60 -42.73
C GLY BB 101 74.61 -4.10 -42.91
N VAL BB 102 74.41 -4.61 -44.14
CA VAL BB 102 74.35 -6.05 -44.42
C VAL BB 102 75.44 -6.62 -45.32
N THR BB 103 75.97 -7.78 -44.94
CA THR BB 103 76.89 -8.53 -45.79
C THR BB 103 76.40 -9.94 -45.93
N ASP BB 104 77.14 -10.76 -46.65
CA ASP BB 104 76.69 -12.12 -46.93
C ASP BB 104 77.07 -13.12 -45.84
N SER BB 105 77.76 -12.66 -44.81
CA SER BB 105 78.06 -13.54 -43.71
C SER BB 105 77.46 -13.00 -42.46
N ILE BB 106 77.07 -13.90 -41.57
CA ILE BB 106 76.39 -13.48 -40.37
C ILE BB 106 77.36 -12.62 -39.57
N VAL BB 107 76.85 -11.49 -39.10
CA VAL BB 107 77.58 -10.61 -38.22
C VAL BB 107 76.72 -10.35 -36.98
N VAL BB 108 77.20 -10.76 -35.81
CA VAL BB 108 76.43 -10.60 -34.58
C VAL BB 108 77.01 -9.48 -33.74
N SER BB 109 76.17 -8.49 -33.44
CA SER BB 109 76.53 -7.37 -32.58
C SER BB 109 75.61 -7.36 -31.37
N SER BB 110 75.85 -6.50 -30.39
CA SER BB 110 74.96 -6.47 -29.25
C SER BB 110 74.95 -5.09 -28.61
N GLU BB 111 73.95 -4.83 -27.75
CA GLU BB 111 73.84 -3.58 -27.03
C GLU BB 111 73.31 -3.80 -25.61
N LEU BB 112 73.96 -3.21 -24.62
CA LEU BB 112 73.47 -3.27 -23.25
C LEU BB 112 72.18 -2.43 -23.12
N VAL BB 113 71.12 -3.00 -22.55
CA VAL BB 113 69.91 -2.22 -22.35
C VAL BB 113 70.01 -1.43 -21.03
N MET BB 114 70.82 -0.38 -21.08
CA MET BB 114 71.02 0.53 -19.97
C MET BB 114 71.22 1.91 -20.58
N PRO BB 115 70.80 2.98 -19.87
CA PRO BB 115 70.73 4.32 -20.45
C PRO BB 115 71.97 4.71 -21.23
N TYR BB 116 73.15 4.43 -20.66
CA TYR BB 116 74.43 4.82 -21.23
C TYR BB 116 74.61 4.33 -22.65
N THR BB 117 74.04 3.18 -22.95
CA THR BB 117 74.28 2.51 -24.23
C THR BB 117 73.02 2.46 -25.09
N VAL BB 118 71.94 3.05 -24.60
CA VAL BB 118 70.69 3.04 -25.36
C VAL BB 118 70.73 4.13 -26.45
N GLY BB 119 71.37 5.26 -26.16
CA GLY BB 119 71.42 6.41 -27.08
C GLY BB 119 72.26 7.57 -26.53
N THR BB 120 72.82 8.42 -27.40
CA THR BB 120 73.73 9.45 -26.90
C THR BB 120 72.98 10.47 -26.05
N TRP BB 121 71.76 10.79 -26.45
CA TRP BB 121 70.97 11.78 -25.74
C TRP BB 121 70.65 11.29 -24.36
N LEU BB 122 70.05 10.11 -24.27
CA LEU BB 122 69.69 9.53 -22.96
C LEU BB 122 70.90 9.34 -22.04
N ARG BB 123 72.05 8.99 -22.62
CA ARG BB 123 73.27 8.81 -21.86
C ARG BB 123 73.56 10.04 -20.98
N GLY BB 124 73.47 11.22 -21.59
CA GLY BB 124 73.69 12.46 -20.89
C GLY BB 124 72.61 12.76 -19.87
N VAL BB 125 71.37 12.49 -20.23
CA VAL BB 125 70.25 12.80 -19.36
C VAL BB 125 70.33 11.97 -18.08
N ALA BB 126 70.37 10.64 -18.23
CA ALA BB 126 70.30 9.72 -17.08
C ALA BB 126 71.58 9.73 -16.22
N ALA BB 127 72.65 10.31 -16.75
CA ALA BB 127 73.89 10.42 -15.99
C ALA BB 127 73.66 11.30 -14.76
N ASN BB 128 72.68 12.18 -14.83
CA ASN BB 128 72.32 13.07 -13.72
C ASN BB 128 71.55 12.37 -12.59
N TRP BB 129 71.19 11.11 -12.78
CA TRP BB 129 70.58 10.34 -11.71
C TRP BB 129 71.41 9.09 -11.41
N SER BB 130 71.24 8.56 -10.19
CA SER BB 130 72.06 7.44 -9.73
C SER BB 130 71.46 6.10 -10.12
N LYS BB 131 70.14 6.02 -10.01
CA LYS BB 131 69.45 4.78 -10.29
C LYS BB 131 68.29 5.04 -11.28
N TYR BB 132 67.87 3.99 -11.98
CA TYR BB 132 66.74 4.13 -12.89
C TYR BB 132 65.89 2.85 -12.92
N SER BB 133 64.73 2.94 -13.56
CA SER BB 133 63.91 1.76 -13.78
C SER BB 133 63.23 1.80 -15.13
N TRP BB 134 63.35 0.73 -15.90
CA TRP BB 134 62.63 0.65 -17.18
C TRP BB 134 61.15 0.38 -16.94
N LEU BB 135 60.30 1.24 -17.48
CA LEU BB 135 58.88 0.96 -17.51
C LEU BB 135 58.57 0.29 -18.85
N SER BB 136 59.33 0.68 -19.88
CA SER BB 136 59.23 0.11 -21.22
C SER BB 136 60.43 0.35 -22.06
N VAL BB 137 60.89 -0.66 -22.79
CA VAL BB 137 61.97 -0.42 -23.75
C VAL BB 137 61.68 -1.14 -25.05
N ARG BB 138 61.62 -0.40 -26.15
CA ARG BB 138 61.36 -1.00 -27.47
C ARG BB 138 62.42 -0.60 -28.49
N TYR BB 139 62.97 -1.62 -29.16
CA TYR BB 139 63.96 -1.47 -30.23
C TYR BB 139 63.31 -1.69 -31.59
N THR BB 140 63.46 -0.72 -32.48
CA THR BB 140 62.73 -0.77 -33.74
C THR BB 140 63.64 -0.54 -34.95
N TYR BB 141 63.63 -1.50 -35.89
CA TYR BB 141 64.38 -1.38 -37.13
C TYR BB 141 63.54 -0.76 -38.26
N ILE BB 142 64.04 0.33 -38.84
CA ILE BB 142 63.49 0.97 -40.03
C ILE BB 142 64.54 0.94 -41.12
N PRO BB 143 64.15 0.46 -42.31
CA PRO BB 143 65.03 0.31 -43.48
C PRO BB 143 65.32 1.65 -44.16
N SER BB 144 66.40 1.72 -44.92
CA SER BB 144 66.73 2.93 -45.69
C SER BB 144 67.24 2.56 -47.08
N CYS BB 145 66.96 1.33 -47.46
CA CYS BB 145 67.51 0.73 -48.67
C CYS BB 145 66.41 0.48 -49.70
N PRO BB 146 66.81 0.15 -50.93
CA PRO BB 146 65.88 -0.27 -51.98
C PRO BB 146 65.13 -1.55 -51.65
N SER BB 147 63.98 -1.78 -52.28
CA SER BB 147 63.21 -3.01 -52.04
C SER BB 147 63.97 -4.20 -52.61
N SER BB 148 65.01 -3.89 -53.38
CA SER BB 148 65.78 -4.90 -54.06
C SER BB 148 67.03 -5.29 -53.25
N THR BB 149 67.12 -4.77 -52.04
CA THR BB 149 68.26 -5.07 -51.20
C THR BB 149 68.18 -6.46 -50.61
N ALA BB 150 69.24 -7.24 -50.84
CA ALA BB 150 69.35 -8.58 -50.24
C ALA BB 150 69.75 -8.47 -48.78
N GLY BB 151 69.20 -9.34 -47.94
CA GLY BB 151 69.52 -9.28 -46.54
C GLY BB 151 68.32 -9.42 -45.63
N SER BB 152 68.62 -9.82 -44.39
CA SER BB 152 67.64 -9.86 -43.31
C SER BB 152 68.25 -9.40 -41.97
N ILE BB 153 67.41 -8.92 -41.07
CA ILE BB 153 67.87 -8.51 -39.75
C ILE BB 153 67.15 -9.39 -38.69
N HIS BB 154 67.88 -9.67 -37.61
CA HIS BB 154 67.40 -10.48 -36.50
C HIS BB 154 67.73 -9.78 -35.17
N MET BB 155 66.76 -9.72 -34.26
CA MET BB 155 67.00 -9.08 -32.96
C MET BB 155 66.35 -9.89 -31.83
N GLY BB 156 67.01 -9.94 -30.67
CA GLY BB 156 66.46 -10.60 -29.51
C GLY BB 156 67.15 -10.22 -28.22
N PHE BB 157 66.55 -10.56 -27.08
CA PHE BB 157 67.10 -10.19 -25.79
C PHE BB 157 67.72 -11.35 -25.01
N GLN BB 158 68.88 -11.10 -24.41
CA GLN BB 158 69.47 -11.99 -23.41
C GLN BB 158 69.39 -11.31 -22.05
N TYR BB 159 69.02 -12.07 -21.04
CA TYR BB 159 68.74 -11.50 -19.73
C TYR BB 159 69.73 -11.92 -18.67
N ASP BB 160 70.76 -12.66 -19.10
CA ASP BB 160 71.85 -13.07 -18.21
C ASP BB 160 73.14 -12.60 -18.85
N MET BB 161 73.83 -11.70 -18.16
CA MET BB 161 75.00 -11.04 -18.73
C MET BB 161 76.09 -12.03 -19.06
N ALA BB 162 76.03 -13.21 -18.42
CA ALA BB 162 76.98 -14.28 -18.62
C ALA BB 162 76.72 -15.11 -19.86
N ASP BB 163 75.49 -15.02 -20.39
CA ASP BB 163 75.11 -15.75 -21.61
C ASP BB 163 76.06 -15.47 -22.75
N THR BB 164 76.34 -16.51 -23.54
CA THR BB 164 77.21 -16.33 -24.72
C THR BB 164 76.47 -15.54 -25.76
N VAL BB 165 77.15 -14.63 -26.44
CA VAL BB 165 76.49 -13.94 -27.53
C VAL BB 165 76.28 -15.00 -28.62
N PRO BB 166 75.07 -15.06 -29.19
CA PRO BB 166 74.71 -16.04 -30.22
C PRO BB 166 75.56 -15.99 -31.50
N VAL BB 167 75.62 -17.12 -32.20
CA VAL BB 167 76.43 -17.23 -33.40
C VAL BB 167 75.59 -17.59 -34.61
N SER BB 168 74.38 -18.10 -34.37
CA SER BB 168 73.53 -18.47 -35.49
C SER BB 168 72.11 -17.92 -35.35
N VAL BB 169 71.46 -17.72 -36.50
CA VAL BB 169 70.06 -17.33 -36.52
C VAL BB 169 69.24 -18.33 -35.72
N ASN BB 170 69.63 -19.61 -35.82
CA ASN BB 170 68.96 -20.70 -35.13
C ASN BB 170 68.92 -20.49 -33.61
N GLN BB 171 70.09 -20.21 -33.02
CA GLN BB 171 70.18 -19.89 -31.60
C GLN BB 171 69.36 -18.65 -31.28
N LEU BB 172 69.58 -17.58 -32.04
CA LEU BB 172 68.93 -16.30 -31.77
C LEU BB 172 67.40 -16.44 -31.72
N SER BB 173 66.86 -17.30 -32.58
CA SER BB 173 65.41 -17.45 -32.73
C SER BB 173 64.70 -17.88 -31.49
N ASN BB 174 65.44 -18.43 -30.54
CA ASN BB 174 64.85 -18.98 -29.32
C ASN BB 174 64.71 -17.96 -28.22
N LEU BB 175 65.36 -16.81 -28.39
CA LEU BB 175 65.30 -15.76 -27.36
C LEU BB 175 63.94 -15.06 -27.25
N ARG BB 176 63.60 -14.68 -26.01
CA ARG BB 176 62.48 -13.78 -25.74
C ARG BB 176 62.59 -12.56 -26.60
N GLY BB 177 61.52 -12.26 -27.33
CA GLY BB 177 61.43 -11.04 -28.11
C GLY BB 177 62.14 -11.13 -29.44
N TYR BB 178 62.42 -12.34 -29.87
CA TYR BB 178 63.02 -12.56 -31.18
C TYR BB 178 62.11 -12.07 -32.30
N VAL BB 179 62.70 -11.28 -33.19
CA VAL BB 179 62.00 -10.85 -34.40
C VAL BB 179 62.96 -10.95 -35.58
N SER BB 180 62.41 -10.98 -36.79
CA SER BB 180 63.20 -11.18 -37.98
C SER BB 180 62.44 -10.66 -39.20
N GLY BB 181 63.14 -10.05 -40.15
CA GLY BB 181 62.49 -9.59 -41.36
C GLY BB 181 63.46 -9.09 -42.43
N GLN BB 182 62.95 -8.94 -43.65
CA GLN BB 182 63.75 -8.40 -44.74
C GLN BB 182 64.33 -7.06 -44.35
N VAL BB 183 65.54 -6.83 -44.81
CA VAL BB 183 66.30 -5.67 -44.42
C VAL BB 183 65.69 -4.38 -45.06
N TRP BB 184 64.78 -4.57 -46.02
CA TRP BB 184 64.06 -3.48 -46.66
C TRP BB 184 62.61 -3.40 -46.16
N SER BB 185 62.28 -4.28 -45.22
CA SER BB 185 60.99 -4.26 -44.52
C SER BB 185 61.18 -3.48 -43.21
N GLY BB 186 60.09 -3.18 -42.51
CA GLY BB 186 60.15 -2.59 -41.18
C GLY BB 186 59.55 -1.19 -41.03
N SER BB 187 59.12 -0.62 -42.15
CA SER BB 187 58.55 0.72 -42.17
C SER BB 187 57.41 0.92 -41.16
N ALA BB 188 56.55 -0.09 -41.01
CA ALA BB 188 55.39 0.03 -40.14
C ALA BB 188 55.79 0.18 -38.67
N GLY BB 189 57.08 0.09 -38.40
CA GLY BB 189 57.50 0.29 -37.04
C GLY BB 189 57.53 1.77 -36.71
N LEU BB 190 57.42 2.61 -37.74
CA LEU BB 190 57.59 4.05 -37.58
C LEU BB 190 56.60 4.63 -36.56
N CYS BB 191 55.40 4.11 -36.54
CA CYS BB 191 54.40 4.63 -35.64
C CYS BB 191 54.78 4.44 -34.18
N PHE BB 192 55.63 3.45 -33.88
CA PHE BB 192 56.10 3.24 -32.50
C PHE BB 192 56.99 4.35 -32.04
N ILE BB 193 57.73 4.94 -32.98
CA ILE BB 193 58.78 5.92 -32.68
C ILE BB 193 58.30 7.32 -32.35
N ASN BB 194 57.31 7.81 -33.09
CA ASN BB 194 56.76 9.11 -32.78
C ASN BB 194 55.48 8.94 -31.95
N GLY BB 195 55.25 7.71 -31.51
CA GLY BB 195 54.15 7.34 -30.61
C GLY BB 195 52.73 7.61 -31.08
N THR BB 196 52.49 7.50 -32.38
CA THR BB 196 51.17 7.80 -32.92
C THR BB 196 50.32 6.53 -32.97
N ARG BB 197 49.10 6.64 -33.48
CA ARG BB 197 48.19 5.50 -33.53
C ARG BB 197 48.77 4.35 -34.35
N CYS BB 198 48.99 3.23 -33.68
CA CYS BB 198 49.51 2.05 -34.33
C CYS BB 198 48.38 1.08 -34.65
N SER BB 199 48.32 0.65 -35.91
CA SER BB 199 47.30 -0.28 -36.39
C SER BB 199 47.95 -1.46 -37.10
N ASP BB 200 48.35 -1.25 -38.34
CA ASP BB 200 48.98 -2.28 -39.16
C ASP BB 200 50.47 -2.43 -38.83
N THR BB 201 50.75 -2.98 -37.67
CA THR BB 201 52.11 -3.14 -37.21
C THR BB 201 52.60 -4.57 -37.38
N SER BB 202 51.88 -5.39 -38.15
CA SER BB 202 52.24 -6.83 -38.22
C SER BB 202 53.59 -7.05 -38.84
N THR BB 203 53.97 -6.13 -39.71
CA THR BB 203 55.24 -6.17 -40.42
C THR BB 203 56.33 -5.48 -39.65
N ALA BB 204 55.99 -4.94 -38.49
CA ALA BB 204 56.95 -4.21 -37.70
C ALA BB 204 58.07 -5.14 -37.23
N ILE BB 205 59.31 -4.73 -37.51
CA ILE BB 205 60.50 -5.37 -36.95
C ILE BB 205 60.83 -4.66 -35.65
N SER BB 206 59.98 -4.89 -34.65
CA SER BB 206 60.08 -4.17 -33.40
C SER BB 206 60.01 -5.15 -32.23
N THR BB 207 60.80 -4.90 -31.20
CA THR BB 207 60.85 -5.83 -30.07
C THR BB 207 61.02 -5.08 -28.76
N THR BB 208 60.53 -5.67 -27.69
CA THR BB 208 60.46 -5.00 -26.41
C THR BB 208 61.07 -5.81 -25.27
N LEU BB 209 61.54 -5.07 -24.27
CA LEU BB 209 62.17 -5.63 -23.08
C LEU BB 209 61.10 -6.18 -22.13
N ASP BB 210 61.35 -7.35 -21.56
CA ASP BB 210 60.43 -7.90 -20.54
C ASP BB 210 60.68 -7.21 -19.23
N VAL BB 211 60.07 -6.04 -19.04
CA VAL BB 211 60.32 -5.24 -17.85
C VAL BB 211 59.87 -5.96 -16.58
N SER BB 212 58.79 -6.72 -16.69
CA SER BB 212 58.25 -7.47 -15.56
C SER BB 212 59.16 -8.61 -15.04
N LYS BB 213 60.13 -9.02 -15.85
CA LYS BB 213 60.89 -10.23 -15.53
C LYS BB 213 62.34 -9.95 -15.23
N LEU BB 214 62.70 -8.67 -15.11
CA LEU BB 214 64.09 -8.31 -14.87
C LEU BB 214 64.50 -8.73 -13.47
N GLY BB 215 65.81 -8.86 -13.23
CA GLY BB 215 66.28 -9.25 -11.91
C GLY BB 215 65.72 -8.41 -10.77
N LYS BB 216 65.88 -7.09 -10.88
CA LYS BB 216 65.30 -6.15 -9.94
C LYS BB 216 64.61 -4.98 -10.64
N LYS BB 217 64.11 -4.01 -9.87
CA LYS BB 217 63.42 -2.88 -10.48
C LYS BB 217 64.33 -1.71 -10.68
N TRP BB 218 65.08 -1.37 -9.63
CA TRP BB 218 65.94 -0.21 -9.66
C TRP BB 218 67.37 -0.61 -9.88
N TYR BB 219 67.89 -0.23 -11.04
CA TYR BB 219 69.27 -0.50 -11.42
C TYR BB 219 70.14 0.75 -11.30
N PRO BB 220 71.42 0.59 -10.99
CA PRO BB 220 72.33 1.74 -11.03
C PRO BB 220 72.74 2.12 -12.45
N TYR BB 221 72.86 3.43 -12.70
CA TYR BB 221 73.42 3.94 -13.96
C TYR BB 221 74.89 3.57 -14.06
N LYS BB 222 75.26 2.91 -15.16
CA LYS BB 222 76.63 2.44 -15.30
C LYS BB 222 77.27 2.83 -16.63
N THR BB 223 78.60 2.83 -16.67
CA THR BB 223 79.34 3.09 -17.90
C THR BB 223 79.70 1.77 -18.57
N SER BB 224 80.10 1.83 -19.83
CA SER BB 224 80.66 0.68 -20.50
C SER BB 224 81.94 0.34 -19.75
N ALA BB 225 82.67 1.38 -19.35
CA ALA BB 225 83.88 1.26 -18.54
C ALA BB 225 83.58 0.46 -17.30
N ASP BB 226 82.48 0.83 -16.63
CA ASP BB 226 82.00 0.11 -15.47
C ASP BB 226 81.67 -1.33 -15.81
N TYR BB 227 81.03 -1.53 -16.95
CA TYR BB 227 80.69 -2.88 -17.36
C TYR BB 227 81.96 -3.70 -17.59
N ALA BB 228 82.86 -3.11 -18.38
CA ALA BB 228 84.07 -3.79 -18.79
C ALA BB 228 84.93 -4.27 -17.61
N THR BB 229 85.21 -3.38 -16.65
CA THR BB 229 86.04 -3.72 -15.49
C THR BB 229 85.38 -4.78 -14.65
N ALA BB 230 84.08 -4.61 -14.43
CA ALA BB 230 83.30 -5.53 -13.61
C ALA BB 230 83.37 -6.96 -14.17
N VAL BB 231 83.26 -7.09 -15.49
CA VAL BB 231 83.32 -8.38 -16.14
C VAL BB 231 84.73 -8.95 -16.11
N GLY BB 232 85.72 -8.07 -15.99
CA GLY BB 232 87.11 -8.49 -15.90
C GLY BB 232 87.36 -9.33 -14.67
N VAL BB 233 86.61 -9.03 -13.61
CA VAL BB 233 86.71 -9.76 -12.36
C VAL BB 233 85.91 -11.07 -12.38
N ASP BB 234 84.63 -10.93 -12.73
CA ASP BB 234 83.69 -12.04 -12.83
C ASP BB 234 82.46 -11.50 -13.57
N VAL BB 235 82.08 -12.16 -14.66
CA VAL BB 235 80.98 -11.68 -15.49
C VAL BB 235 79.65 -11.54 -14.71
N ASN BB 236 79.54 -12.27 -13.60
CA ASN BB 236 78.32 -12.28 -12.78
C ASN BB 236 78.11 -11.00 -11.97
N ILE BB 237 79.16 -10.22 -11.79
CA ILE BB 237 79.05 -8.94 -11.11
C ILE BB 237 78.12 -8.02 -11.92
N ALA BB 238 78.06 -8.27 -13.22
CA ALA BB 238 77.26 -7.45 -14.12
C ALA BB 238 75.78 -7.75 -13.93
N THR BB 239 75.44 -8.93 -13.41
CA THR BB 239 74.05 -9.32 -13.27
C THR BB 239 73.21 -8.30 -12.46
N PRO BB 240 73.73 -7.76 -11.32
CA PRO BB 240 72.92 -6.70 -10.72
C PRO BB 240 73.09 -5.32 -11.37
N LEU BB 241 73.88 -5.23 -12.42
CA LEU BB 241 74.22 -3.92 -12.98
C LEU BB 241 73.46 -3.57 -14.24
N VAL BB 242 73.17 -4.58 -15.07
CA VAL BB 242 72.47 -4.40 -16.33
C VAL BB 242 71.24 -5.28 -16.41
N PRO BB 243 70.07 -4.70 -16.75
CA PRO BB 243 68.84 -5.50 -16.79
C PRO BB 243 68.78 -6.54 -17.93
N ALA BB 244 69.35 -6.22 -19.09
CA ALA BB 244 69.32 -7.15 -20.22
C ALA BB 244 70.23 -6.70 -21.34
N ARG BB 245 70.43 -7.58 -22.30
CA ARG BB 245 71.20 -7.24 -23.50
C ARG BB 245 70.47 -7.54 -24.77
N LEU BB 246 70.59 -6.62 -25.71
CA LEU BB 246 70.00 -6.75 -27.02
C LEU BB 246 71.00 -7.43 -27.93
N VAL BB 247 70.61 -8.51 -28.59
CA VAL BB 247 71.50 -9.20 -29.51
C VAL BB 247 71.07 -8.89 -30.95
N ILE BB 248 72.03 -8.56 -31.82
CA ILE BB 248 71.67 -8.22 -33.19
C ILE BB 248 72.47 -9.02 -34.20
N ALA BB 249 71.79 -9.66 -35.15
CA ALA BB 249 72.48 -10.36 -36.24
C ALA BB 249 72.00 -9.93 -37.63
N LEU BB 250 72.96 -9.72 -38.53
CA LEU BB 250 72.68 -9.39 -39.92
C LEU BB 250 73.39 -10.30 -40.91
N LEU BB 251 72.64 -10.80 -41.88
CA LEU BB 251 73.20 -11.71 -42.86
C LEU BB 251 72.37 -11.68 -44.13
N ASP BB 252 72.62 -12.65 -45.02
CA ASP BB 252 71.87 -12.85 -46.25
C ASP BB 252 72.04 -11.69 -47.25
N GLY BB 253 73.05 -10.85 -47.04
CA GLY BB 253 73.33 -9.75 -47.96
C GLY BB 253 74.04 -10.26 -49.20
N SER BB 254 74.19 -9.43 -50.21
CA SER BB 254 74.76 -9.87 -51.48
C SER BB 254 76.22 -9.44 -51.66
N SER BB 255 76.73 -8.64 -50.74
CA SER BB 255 78.09 -8.10 -50.82
C SER BB 255 78.97 -8.51 -49.62
N SER BB 256 80.28 -8.51 -49.81
CA SER BB 256 81.20 -8.79 -48.71
C SER BB 256 81.48 -7.50 -47.96
N THR BB 257 81.22 -6.38 -48.63
CA THR BB 257 81.30 -5.07 -47.99
C THR BB 257 79.89 -4.68 -47.59
N ALA BB 258 79.74 -4.15 -46.38
CA ALA BB 258 78.43 -3.80 -45.80
C ALA BB 258 77.66 -2.84 -46.69
N VAL BB 259 76.42 -3.19 -47.01
CA VAL BB 259 75.54 -2.32 -47.77
C VAL BB 259 74.63 -1.61 -46.81
N ALA BB 260 74.41 -0.32 -47.02
CA ALA BB 260 73.54 0.44 -46.11
C ALA BB 260 72.12 -0.15 -46.06
N ALA BB 261 71.75 -0.60 -44.88
CA ALA BB 261 70.50 -1.34 -44.71
C ALA BB 261 69.42 -0.51 -44.02
N GLY BB 262 69.65 -0.18 -42.75
CA GLY BB 262 68.68 0.60 -42.01
C GLY BB 262 69.21 1.06 -40.68
N ARG BB 263 68.27 1.36 -39.77
CA ARG BB 263 68.61 1.85 -38.43
C ARG BB 263 67.72 1.30 -37.35
N ILE BB 264 68.31 1.14 -36.17
CA ILE BB 264 67.58 0.75 -34.96
C ILE BB 264 67.42 1.96 -34.03
N TYR BB 265 66.17 2.28 -33.70
CA TYR BB 265 65.85 3.35 -32.75
C TYR BB 265 65.40 2.72 -31.45
N CYS BB 266 65.62 3.41 -30.33
CA CYS BB 266 65.09 2.90 -29.07
C CYS BB 266 64.00 3.82 -28.57
N THR BB 267 62.88 3.22 -28.22
CA THR BB 267 61.76 3.97 -27.70
C THR BB 267 61.55 3.50 -26.29
N TYR BB 268 61.78 4.40 -25.35
CA TYR BB 268 61.82 4.02 -23.94
C TYR BB 268 60.96 4.90 -23.04
N THR BB 269 60.54 4.32 -21.93
CA THR BB 269 59.98 5.04 -20.81
C THR BB 269 60.78 4.69 -19.57
N ILE BB 270 61.52 5.66 -19.04
CA ILE BB 270 62.43 5.40 -17.93
C ILE BB 270 62.04 6.19 -16.66
N GLN BB 271 62.09 5.52 -15.52
CA GLN BB 271 61.95 6.21 -14.24
C GLN BB 271 63.32 6.46 -13.68
N MET BB 272 63.68 7.73 -13.50
CA MET BB 272 65.00 8.08 -12.99
C MET BB 272 64.87 8.66 -11.61
N ILE BB 273 65.63 8.11 -10.67
CA ILE BB 273 65.59 8.56 -9.28
C ILE BB 273 66.97 8.84 -8.67
N GLU BB 274 66.93 9.63 -7.60
CA GLU BB 274 68.09 9.87 -6.76
C GLU BB 274 69.22 10.53 -7.54
N PRO BB 275 69.11 11.84 -7.79
CA PRO BB 275 70.08 12.65 -8.53
C PRO BB 275 71.51 12.56 -7.98
N THR BB 276 72.46 12.99 -8.80
CA THR BB 276 73.88 13.03 -8.47
C THR BB 276 74.50 14.25 -9.08
N ALA BB 277 75.45 14.84 -8.35
CA ALA BB 277 76.18 15.97 -8.85
C ALA BB 277 77.64 15.56 -8.98
N SER BB 278 78.32 16.03 -10.02
CA SER BB 278 79.73 15.68 -10.18
C SER BB 278 80.52 16.89 -10.66
N GLY CB 86 47.95 -32.33 -11.74
CA GLY CB 86 47.75 -32.86 -13.08
C GLY CB 86 48.97 -33.59 -13.59
N GLY CB 87 50.11 -32.91 -13.55
CA GLY CB 87 51.35 -33.51 -14.03
C GLY CB 87 51.76 -32.88 -15.34
N ILE CB 88 50.90 -32.00 -15.86
CA ILE CB 88 51.07 -31.38 -17.18
C ILE CB 88 51.94 -30.13 -17.20
N THR CB 89 53.05 -30.22 -17.91
CA THR CB 89 53.93 -29.08 -18.13
C THR CB 89 53.64 -28.42 -19.49
N VAL CB 90 53.16 -27.18 -19.44
CA VAL CB 90 52.79 -26.46 -20.65
C VAL CB 90 53.87 -25.52 -21.16
N LEU CB 91 54.19 -25.60 -22.45
CA LEU CB 91 55.26 -24.81 -23.07
C LEU CB 91 54.77 -24.02 -24.29
N THR CB 92 55.07 -22.73 -24.35
CA THR CB 92 54.75 -21.97 -25.55
C THR CB 92 56.04 -21.34 -26.05
N HIS CB 93 56.36 -21.52 -27.33
CA HIS CB 93 57.65 -21.08 -27.81
C HIS CB 93 57.66 -20.98 -29.34
N SER CB 94 58.53 -20.14 -29.87
CA SER CB 94 58.79 -20.01 -31.30
C SER CB 94 60.25 -20.26 -31.55
N GLU CB 95 60.56 -20.99 -32.62
CA GLU CB 95 61.96 -21.13 -33.02
C GLU CB 95 62.10 -21.39 -34.50
N LEU CB 96 63.32 -21.23 -35.01
CA LEU CB 96 63.62 -21.51 -36.40
C LEU CB 96 63.36 -22.99 -36.66
N SER CB 97 62.72 -23.30 -37.78
CA SER CB 97 62.37 -24.70 -38.07
C SER CB 97 62.93 -25.27 -39.40
N ALA CB 98 63.21 -24.40 -40.35
CA ALA CB 98 63.63 -24.83 -41.67
C ALA CB 98 64.20 -23.63 -42.35
N GLU CB 99 65.27 -23.81 -43.10
CA GLU CB 99 65.78 -22.70 -43.88
C GLU CB 99 65.45 -22.96 -45.31
N ILE CB 100 65.03 -21.92 -46.02
CA ILE CB 100 64.38 -22.13 -47.31
C ILE CB 100 65.09 -21.39 -48.44
N GLY CB 101 65.33 -22.10 -49.52
CA GLY CB 101 65.95 -21.54 -50.71
C GLY CB 101 65.14 -21.92 -51.93
N VAL CB 102 65.15 -21.11 -52.98
CA VAL CB 102 64.28 -21.33 -54.15
C VAL CB 102 65.02 -21.60 -55.47
N THR CB 103 64.51 -22.56 -56.26
CA THR CB 103 65.09 -22.88 -57.56
C THR CB 103 64.03 -22.79 -58.65
N ASP CB 104 64.42 -23.06 -59.89
CA ASP CB 104 63.50 -22.90 -61.00
C ASP CB 104 62.62 -24.10 -61.36
N SER CB 105 62.78 -25.22 -60.67
CA SER CB 105 61.89 -26.36 -60.84
C SER CB 105 61.38 -26.76 -59.47
N ILE CB 106 60.21 -27.40 -59.41
CA ILE CB 106 59.61 -27.72 -58.11
C ILE CB 106 60.49 -28.64 -57.25
N VAL CB 107 60.68 -28.27 -55.99
CA VAL CB 107 61.43 -29.07 -55.03
C VAL CB 107 60.59 -29.27 -53.79
N VAL CB 108 60.19 -30.51 -53.49
CA VAL CB 108 59.30 -30.74 -52.36
C VAL CB 108 59.95 -31.40 -51.16
N SER CB 109 59.90 -30.71 -50.02
CA SER CB 109 60.40 -31.29 -48.79
C SER CB 109 59.29 -31.39 -47.72
N SER CB 110 59.61 -32.09 -46.63
CA SER CB 110 58.64 -32.24 -45.56
C SER CB 110 59.34 -32.36 -44.21
N GLU CB 111 58.58 -32.15 -43.15
CA GLU CB 111 59.11 -32.20 -41.81
C GLU CB 111 58.05 -32.89 -40.92
N LEU CB 112 58.47 -33.86 -40.14
CA LEU CB 112 57.53 -34.48 -39.24
C LEU CB 112 57.14 -33.46 -38.20
N VAL CB 113 55.84 -33.33 -37.95
CA VAL CB 113 55.36 -32.39 -36.95
C VAL CB 113 55.39 -33.03 -35.56
N MET CB 114 56.60 -33.16 -35.01
CA MET CB 114 56.81 -33.75 -33.70
C MET CB 114 58.06 -33.16 -33.05
N PRO CB 115 58.10 -33.09 -31.70
CA PRO CB 115 59.15 -32.39 -30.98
C PRO CB 115 60.53 -32.66 -31.50
N TYR CB 116 60.86 -33.91 -31.83
CA TYR CB 116 62.21 -34.22 -32.30
C TYR CB 116 62.60 -33.37 -33.52
N THR CB 117 61.60 -33.01 -34.34
CA THR CB 117 61.91 -32.38 -35.61
C THR CB 117 61.41 -30.94 -35.88
N VAL CB 118 60.71 -30.30 -34.94
CA VAL CB 118 60.24 -28.95 -35.26
C VAL CB 118 61.33 -27.93 -35.06
N GLY CB 119 62.25 -28.22 -34.16
CA GLY CB 119 63.35 -27.31 -33.87
C GLY CB 119 64.30 -27.93 -32.87
N THR CB 120 65.56 -27.49 -32.94
CA THR CB 120 66.62 -28.08 -32.13
C THR CB 120 66.37 -27.79 -30.66
N TRP CB 121 65.81 -26.63 -30.34
CA TRP CB 121 65.61 -26.27 -28.94
C TRP CB 121 64.60 -27.17 -28.29
N LEU CB 122 63.41 -27.23 -28.91
CA LEU CB 122 62.31 -28.05 -28.40
C LEU CB 122 62.68 -29.51 -28.31
N ARG CB 123 63.44 -29.98 -29.30
CA ARG CB 123 63.88 -31.35 -29.32
C ARG CB 123 64.58 -31.74 -28.02
N GLY CB 124 65.49 -30.88 -27.57
CA GLY CB 124 66.24 -31.09 -26.34
C GLY CB 124 65.37 -31.01 -25.10
N VAL CB 125 64.46 -30.04 -25.10
CA VAL CB 125 63.54 -29.85 -23.98
C VAL CB 125 62.59 -31.05 -23.79
N ALA CB 126 61.91 -31.44 -24.86
CA ALA CB 126 60.85 -32.45 -24.75
C ALA CB 126 61.37 -33.85 -24.48
N ALA CB 127 62.66 -34.09 -24.72
CA ALA CB 127 63.17 -35.44 -24.55
C ALA CB 127 63.05 -35.89 -23.10
N ASN CB 128 62.91 -34.92 -22.19
CA ASN CB 128 62.76 -35.18 -20.75
C ASN CB 128 61.40 -35.72 -20.33
N TRP CB 129 60.45 -35.71 -21.25
CA TRP CB 129 59.12 -36.25 -20.99
C TRP CB 129 58.83 -37.38 -22.00
N SER CB 130 57.95 -38.31 -21.63
CA SER CB 130 57.69 -39.49 -22.46
C SER CB 130 56.59 -39.24 -23.48
N LYS CB 131 55.62 -38.44 -23.09
CA LYS CB 131 54.49 -38.15 -23.95
C LYS CB 131 54.30 -36.64 -24.05
N TYR CB 132 53.61 -36.20 -25.11
CA TYR CB 132 53.23 -34.80 -25.32
C TYR CB 132 51.87 -34.69 -25.98
N SER CB 133 51.34 -33.47 -26.08
CA SER CB 133 50.11 -33.19 -26.82
C SER CB 133 50.22 -31.80 -27.48
N TRP CB 134 49.92 -31.70 -28.77
CA TRP CB 134 49.89 -30.38 -29.40
C TRP CB 134 48.59 -29.63 -29.03
N LEU CB 135 48.70 -28.45 -28.40
CA LEU CB 135 47.54 -27.59 -28.16
C LEU CB 135 47.41 -26.62 -29.31
N SER CB 136 48.54 -26.24 -29.90
CA SER CB 136 48.54 -25.44 -31.12
C SER CB 136 49.90 -25.55 -31.82
N VAL CB 137 49.88 -25.69 -33.13
CA VAL CB 137 51.11 -25.71 -33.91
C VAL CB 137 50.90 -24.84 -35.13
N ARG CB 138 51.77 -23.86 -35.30
CA ARG CB 138 51.78 -22.96 -36.45
C ARG CB 138 53.18 -22.87 -37.09
N TYR CB 139 53.25 -23.07 -38.40
CA TYR CB 139 54.47 -22.88 -39.18
C TYR CB 139 54.38 -21.56 -39.92
N THR CB 140 55.36 -20.68 -39.76
CA THR CB 140 55.25 -19.35 -40.36
C THR CB 140 56.46 -19.09 -41.27
N TYR CB 141 56.23 -18.82 -42.55
CA TYR CB 141 57.34 -18.45 -43.44
C TYR CB 141 57.56 -16.94 -43.47
N ILE CB 142 58.80 -16.56 -43.15
CA ILE CB 142 59.27 -15.18 -43.19
C ILE CB 142 60.39 -15.01 -44.21
N PRO CB 143 60.27 -14.03 -45.10
CA PRO CB 143 61.28 -13.86 -46.15
C PRO CB 143 62.62 -13.21 -45.69
N SER CB 144 63.65 -13.39 -46.49
CA SER CB 144 64.92 -12.72 -46.26
C SER CB 144 65.49 -12.27 -47.60
N CYS CB 145 64.66 -12.21 -48.64
CA CYS CB 145 65.16 -11.92 -49.97
C CYS CB 145 64.66 -10.58 -50.52
N PRO CB 146 65.27 -10.09 -51.62
CA PRO CB 146 64.80 -8.89 -52.33
C PRO CB 146 63.40 -9.03 -52.88
N SER CB 147 62.73 -7.91 -53.10
CA SER CB 147 61.38 -7.92 -53.64
C SER CB 147 61.35 -8.39 -55.09
N SER CB 148 62.54 -8.47 -55.67
CA SER CB 148 62.74 -8.82 -57.06
C SER CB 148 63.10 -10.28 -57.26
N THR CB 149 63.04 -11.04 -56.18
CA THR CB 149 63.37 -12.45 -56.21
C THR CB 149 62.26 -13.28 -56.84
N ALA CB 150 62.59 -14.02 -57.88
CA ALA CB 150 61.61 -14.93 -58.46
C ALA CB 150 61.49 -16.16 -57.58
N GLY CB 151 60.27 -16.69 -57.49
CA GLY CB 151 59.99 -17.86 -56.72
C GLY CB 151 58.72 -17.75 -55.89
N SER CB 152 58.12 -18.91 -55.59
CA SER CB 152 56.99 -18.94 -54.69
C SER CB 152 57.10 -20.14 -53.77
N ILE CB 153 56.47 -20.04 -52.60
CA ILE CB 153 56.53 -21.09 -51.62
C ILE CB 153 55.12 -21.64 -51.38
N HIS CB 154 55.03 -22.93 -51.12
CA HIS CB 154 53.75 -23.57 -50.85
C HIS CB 154 53.89 -24.52 -49.67
N MET CB 155 52.89 -24.52 -48.79
CA MET CB 155 52.89 -25.38 -47.61
C MET CB 155 51.53 -26.03 -47.37
N GLY CB 156 51.54 -27.25 -46.85
CA GLY CB 156 50.33 -27.94 -46.48
C GLY CB 156 50.63 -29.08 -45.50
N PHE CB 157 49.58 -29.62 -44.89
CA PHE CB 157 49.72 -30.71 -43.94
C PHE CB 157 49.20 -32.05 -44.50
N GLN CB 158 49.91 -33.12 -44.19
CA GLN CB 158 49.42 -34.47 -44.36
C GLN CB 158 49.21 -35.07 -42.99
N TYR CB 159 48.10 -35.77 -42.79
CA TYR CB 159 47.79 -36.28 -41.45
C TYR CB 159 47.84 -37.80 -41.39
N ASP CB 160 48.21 -38.42 -42.52
CA ASP CB 160 48.40 -39.87 -42.63
C ASP CB 160 49.76 -40.14 -43.21
N MET CB 161 50.60 -40.83 -42.45
CA MET CB 161 52.00 -41.05 -42.83
C MET CB 161 52.18 -41.81 -44.14
N ALA CB 162 51.14 -42.57 -44.51
CA ALA CB 162 51.13 -43.37 -45.73
C ALA CB 162 50.76 -42.57 -46.98
N ASP CB 163 50.11 -41.41 -46.81
CA ASP CB 163 49.79 -40.55 -47.96
C ASP CB 163 51.12 -40.29 -48.63
N THR CB 164 51.25 -40.44 -49.95
CA THR CB 164 52.56 -40.09 -50.52
C THR CB 164 52.70 -38.58 -50.59
N VAL CB 165 53.91 -38.10 -50.41
CA VAL CB 165 54.17 -36.68 -50.51
C VAL CB 165 53.86 -36.19 -51.94
N PRO CB 166 53.08 -35.08 -52.07
CA PRO CB 166 52.67 -34.50 -53.36
C PRO CB 166 53.85 -34.13 -54.25
N VAL CB 167 53.58 -34.06 -55.55
CA VAL CB 167 54.60 -33.84 -56.56
C VAL CB 167 54.31 -32.59 -57.37
N SER CB 168 53.12 -32.04 -57.16
CA SER CB 168 52.72 -30.87 -57.87
C SER CB 168 52.10 -29.81 -56.96
N VAL CB 169 52.15 -28.55 -57.41
CA VAL CB 169 51.45 -27.46 -56.74
C VAL CB 169 49.95 -27.79 -56.73
N ASN CB 170 49.50 -28.39 -57.82
CA ASN CB 170 48.11 -28.80 -57.96
C ASN CB 170 47.68 -29.72 -56.83
N GLN CB 171 48.45 -30.78 -56.63
CA GLN CB 171 48.16 -31.71 -55.54
C GLN CB 171 48.23 -31.03 -54.18
N LEU CB 172 49.34 -30.34 -53.93
CA LEU CB 172 49.59 -29.72 -52.64
C LEU CB 172 48.46 -28.78 -52.27
N SER CB 173 47.92 -28.10 -53.27
CA SER CB 173 46.89 -27.08 -53.08
C SER CB 173 45.60 -27.61 -52.44
N ASN CB 174 45.40 -28.92 -52.45
CA ASN CB 174 44.20 -29.49 -51.84
C ASN CB 174 44.35 -29.78 -50.33
N LEU CB 175 45.58 -29.72 -49.81
CA LEU CB 175 45.83 -30.04 -48.42
C LEU CB 175 45.23 -29.03 -47.47
N ARG CB 176 44.77 -29.53 -46.31
CA ARG CB 176 44.42 -28.69 -45.16
C ARG CB 176 45.57 -27.78 -44.80
N GLY CB 177 45.27 -26.49 -44.70
CA GLY CB 177 46.25 -25.52 -44.30
C GLY CB 177 47.13 -25.13 -45.47
N TYR CB 178 46.70 -25.44 -46.69
CA TYR CB 178 47.49 -25.04 -47.84
C TYR CB 178 47.58 -23.53 -47.90
N VAL CB 179 48.82 -23.06 -48.01
CA VAL CB 179 49.10 -21.65 -48.21
C VAL CB 179 50.16 -21.50 -49.31
N SER CB 180 50.22 -20.31 -49.91
CA SER CB 180 51.10 -20.05 -51.03
C SER CB 180 51.38 -18.56 -51.21
N GLY CB 181 52.61 -18.21 -51.60
CA GLY CB 181 52.94 -16.82 -51.85
C GLY CB 181 54.28 -16.59 -52.51
N GLN CB 182 54.53 -15.37 -52.96
CA GLN CB 182 55.86 -14.98 -53.47
C GLN CB 182 56.88 -15.24 -52.36
N VAL CB 183 58.09 -15.67 -52.72
CA VAL CB 183 59.11 -16.00 -51.73
C VAL CB 183 59.65 -14.77 -50.98
N TRP CB 184 59.29 -13.59 -51.47
CA TRP CB 184 59.71 -12.36 -50.82
C TRP CB 184 58.57 -11.72 -50.04
N SER CB 185 57.42 -12.37 -50.08
CA SER CB 185 56.29 -11.95 -49.26
C SER CB 185 56.31 -12.75 -47.94
N GLY CB 186 55.44 -12.37 -47.00
CA GLY CB 186 55.25 -13.14 -45.79
C GLY CB 186 55.60 -12.43 -44.50
N SER CB 187 56.10 -11.20 -44.65
CA SER CB 187 56.51 -10.39 -43.53
C SER CB 187 55.45 -10.32 -42.45
N ALA CB 188 54.19 -10.19 -42.87
CA ALA CB 188 53.11 -9.96 -41.91
C ALA CB 188 52.92 -11.12 -40.94
N GLY CB 189 53.63 -12.22 -41.15
CA GLY CB 189 53.53 -13.31 -40.22
C GLY CB 189 54.33 -13.12 -38.94
N LEU CB 190 55.21 -12.13 -38.94
CA LEU CB 190 56.14 -11.96 -37.84
C LEU CB 190 55.44 -11.83 -36.51
N CYS CB 191 54.28 -11.18 -36.50
CA CYS CB 191 53.54 -10.97 -35.26
C CYS CB 191 53.11 -12.27 -34.56
N PHE CB 192 52.96 -13.34 -35.35
CA PHE CB 192 52.67 -14.69 -34.83
C PHE CB 192 53.81 -15.25 -34.04
N ILE CB 193 55.01 -14.86 -34.46
CA ILE CB 193 56.22 -15.46 -33.93
C ILE CB 193 56.52 -14.92 -32.56
N ASN CB 194 56.40 -13.59 -32.39
CA ASN CB 194 56.66 -12.98 -31.10
C ASN CB 194 55.38 -12.69 -30.32
N GLY CB 195 54.27 -13.21 -30.83
CA GLY CB 195 52.99 -13.16 -30.15
C GLY CB 195 52.48 -11.77 -29.81
N THR CB 196 52.79 -10.81 -30.67
CA THR CB 196 52.37 -9.45 -30.41
C THR CB 196 51.00 -9.25 -31.06
N ARG CB 197 50.43 -8.05 -31.00
CA ARG CB 197 49.11 -7.82 -31.59
C ARG CB 197 49.13 -8.05 -33.10
N CYS CB 198 48.36 -9.05 -33.52
CA CYS CB 198 48.28 -9.36 -34.94
C CYS CB 198 47.05 -8.69 -35.47
N SER CB 199 47.23 -7.95 -36.57
CA SER CB 199 46.14 -7.22 -37.18
C SER CB 199 46.05 -7.57 -38.67
N ASP CB 200 46.90 -6.92 -39.44
CA ASP CB 200 46.96 -7.08 -40.89
C ASP CB 200 47.74 -8.33 -41.33
N THR CB 201 47.14 -9.50 -41.09
CA THR CB 201 47.81 -10.76 -41.37
C THR CB 201 47.35 -11.41 -42.67
N SER CB 202 46.73 -10.64 -43.55
CA SER CB 202 46.17 -11.22 -44.77
C SER CB 202 47.19 -11.82 -45.70
N THR CB 203 48.38 -11.23 -45.73
CA THR CB 203 49.47 -11.66 -46.61
C THR CB 203 50.37 -12.71 -45.99
N ALA CB 204 50.08 -13.06 -44.74
CA ALA CB 204 50.90 -13.99 -44.01
C ALA CB 204 50.90 -15.39 -44.64
N ILE CB 205 52.10 -15.88 -44.90
CA ILE CB 205 52.27 -17.23 -45.38
C ILE CB 205 52.43 -18.14 -44.16
N SER CB 206 51.33 -18.31 -43.44
CA SER CB 206 51.35 -19.02 -42.17
C SER CB 206 50.18 -20.02 -42.09
N THR CB 207 50.43 -21.16 -41.47
CA THR CB 207 49.45 -22.25 -41.40
C THR CB 207 49.49 -23.02 -40.07
N THR CB 208 48.35 -23.59 -39.69
CA THR CB 208 48.26 -24.22 -38.38
C THR CB 208 47.76 -25.65 -38.46
N LEU CB 209 48.24 -26.46 -37.53
CA LEU CB 209 47.89 -27.87 -37.44
C LEU CB 209 46.51 -28.04 -36.85
N ASP CB 210 45.72 -28.96 -37.40
CA ASP CB 210 44.40 -29.22 -36.85
C ASP CB 210 44.50 -30.11 -35.64
N VAL CB 211 44.71 -29.54 -34.46
CA VAL CB 211 44.89 -30.37 -33.28
C VAL CB 211 43.65 -31.18 -32.97
N SER CB 212 42.47 -30.63 -33.26
CA SER CB 212 41.20 -31.28 -32.98
C SER CB 212 40.99 -32.58 -33.75
N LYS CB 213 41.78 -32.81 -34.79
CA LYS CB 213 41.49 -33.89 -35.72
C LYS CB 213 42.58 -34.96 -35.71
N LEU CB 214 43.45 -34.90 -34.72
CA LEU CB 214 44.55 -35.86 -34.65
C LEU CB 214 44.07 -37.28 -34.30
N GLY CB 215 44.90 -38.28 -34.62
CA GLY CB 215 44.60 -39.67 -34.32
C GLY CB 215 44.31 -39.91 -32.84
N LYS CB 216 45.24 -39.45 -32.00
CA LYS CB 216 45.10 -39.50 -30.54
C LYS CB 216 45.45 -38.14 -29.91
N LYS CB 217 45.47 -38.08 -28.59
CA LYS CB 217 45.82 -36.84 -27.90
C LYS CB 217 47.28 -36.86 -27.48
N TRP CB 218 47.65 -37.98 -26.86
CA TRP CB 218 48.96 -38.10 -26.29
C TRP CB 218 49.85 -38.94 -27.17
N TYR CB 219 50.87 -38.30 -27.72
CA TYR CB 219 51.82 -38.97 -28.59
C TYR CB 219 53.10 -39.25 -27.85
N PRO CB 220 53.78 -40.34 -28.19
CA PRO CB 220 55.12 -40.55 -27.64
C PRO CB 220 56.19 -39.71 -28.35
N TYR CB 221 57.18 -39.25 -27.58
CA TYR CB 221 58.36 -38.61 -28.13
C TYR CB 221 59.11 -39.65 -28.95
N LYS CB 222 59.35 -39.39 -30.21
CA LYS CB 222 60.07 -40.35 -31.03
C LYS CB 222 61.15 -39.62 -31.77
N THR CB 223 62.22 -40.29 -32.13
CA THR CB 223 63.23 -39.64 -32.97
C THR CB 223 62.96 -39.96 -34.40
N SER CB 224 63.70 -39.33 -35.29
CA SER CB 224 63.64 -39.66 -36.70
C SER CB 224 64.08 -41.12 -36.85
N ALA CB 225 65.08 -41.49 -36.07
CA ALA CB 225 65.57 -42.86 -36.05
C ALA CB 225 64.44 -43.84 -35.76
N ASP CB 226 63.64 -43.57 -34.71
CA ASP CB 226 62.50 -44.41 -34.36
C ASP CB 226 61.48 -44.45 -35.50
N TYR CB 227 61.24 -43.29 -36.09
CA TYR CB 227 60.29 -43.22 -37.19
C TYR CB 227 60.76 -44.10 -38.33
N ALA CB 228 62.04 -44.02 -38.67
CA ALA CB 228 62.61 -44.77 -39.78
C ALA CB 228 62.45 -46.29 -39.64
N THR CB 229 62.81 -46.82 -38.47
CA THR CB 229 62.71 -48.26 -38.25
C THR CB 229 61.23 -48.70 -38.39
N ALA CB 230 60.32 -47.93 -37.80
CA ALA CB 230 58.90 -48.24 -37.84
C ALA CB 230 58.36 -48.29 -39.26
N VAL CB 231 58.74 -47.36 -40.12
CA VAL CB 231 58.25 -47.41 -41.49
C VAL CB 231 58.95 -48.55 -42.23
N GLY CB 232 60.11 -48.96 -41.73
CA GLY CB 232 60.82 -50.10 -42.29
C GLY CB 232 60.05 -51.40 -42.12
N VAL CB 233 59.33 -51.52 -41.00
CA VAL CB 233 58.51 -52.69 -40.75
C VAL CB 233 57.13 -52.56 -41.42
N ASP CB 234 56.45 -51.42 -41.22
CA ASP CB 234 55.13 -51.12 -41.83
C ASP CB 234 54.80 -49.62 -41.65
N VAL CB 235 54.49 -48.94 -42.75
CA VAL CB 235 54.31 -47.49 -42.73
C VAL CB 235 53.22 -47.04 -41.77
N ASN CB 236 52.18 -47.86 -41.61
CA ASN CB 236 51.05 -47.49 -40.78
C ASN CB 236 51.32 -47.62 -39.30
N ILE CB 237 52.40 -48.30 -38.95
CA ILE CB 237 52.86 -48.35 -37.57
C ILE CB 237 53.23 -46.96 -37.10
N ALA CB 238 53.64 -46.12 -38.05
CA ALA CB 238 54.16 -44.80 -37.72
C ALA CB 238 53.08 -43.81 -37.31
N THR CB 239 51.89 -43.96 -37.86
CA THR CB 239 50.85 -42.97 -37.60
C THR CB 239 50.48 -42.85 -36.13
N PRO CB 240 50.46 -43.96 -35.37
CA PRO CB 240 50.18 -43.66 -33.96
C PRO CB 240 51.35 -43.00 -33.21
N LEU CB 241 52.45 -42.72 -33.92
CA LEU CB 241 53.69 -42.12 -33.37
C LEU CB 241 53.90 -40.64 -33.76
N VAL CB 242 53.40 -40.28 -34.94
CA VAL CB 242 53.50 -38.93 -35.48
C VAL CB 242 52.12 -38.41 -35.83
N PRO CB 243 51.79 -37.21 -35.37
CA PRO CB 243 50.47 -36.58 -35.60
C PRO CB 243 50.23 -36.13 -37.04
N ALA CB 244 51.27 -35.64 -37.72
CA ALA CB 244 51.13 -35.15 -39.09
C ALA CB 244 52.48 -34.87 -39.71
N ARG CB 245 52.48 -34.56 -41.01
CA ARG CB 245 53.69 -34.07 -41.67
C ARG CB 245 53.41 -32.75 -42.41
N LEU CB 246 54.34 -31.82 -42.31
CA LEU CB 246 54.23 -30.53 -43.01
C LEU CB 246 54.87 -30.69 -44.35
N VAL CB 247 54.13 -30.39 -45.43
CA VAL CB 247 54.68 -30.51 -46.77
C VAL CB 247 54.96 -29.15 -47.34
N ILE CB 248 56.12 -29.02 -47.98
CA ILE CB 248 56.62 -27.76 -48.54
C ILE CB 248 57.06 -27.87 -50.01
N ALA CB 249 56.57 -26.98 -50.88
CA ALA CB 249 57.08 -27.00 -52.23
C ALA CB 249 57.62 -25.63 -52.57
N LEU CB 250 58.76 -25.60 -53.26
CA LEU CB 250 59.30 -24.36 -53.82
C LEU CB 250 59.62 -24.45 -55.29
N LEU CB 251 59.21 -23.44 -56.02
CA LEU CB 251 59.48 -23.39 -57.44
C LEU CB 251 59.36 -21.95 -57.91
N ASP CB 252 59.38 -21.76 -59.23
CA ASP CB 252 59.19 -20.47 -59.87
C ASP CB 252 60.40 -19.52 -59.64
N GLY CB 253 61.53 -20.10 -59.22
CA GLY CB 253 62.79 -19.40 -59.04
C GLY CB 253 63.57 -19.18 -60.34
N SER CB 254 64.66 -18.41 -60.28
CA SER CB 254 65.44 -18.11 -61.51
C SER CB 254 66.74 -18.90 -61.65
N SER CB 255 67.13 -19.59 -60.59
CA SER CB 255 68.37 -20.32 -60.51
C SER CB 255 68.18 -21.81 -60.23
N SER CB 256 69.17 -22.64 -60.54
CA SER CB 256 69.18 -24.04 -60.09
C SER CB 256 69.86 -24.20 -58.76
N THR CB 257 70.67 -23.21 -58.44
CA THR CB 257 71.37 -23.22 -57.20
C THR CB 257 70.44 -22.45 -56.31
N ALA CB 258 70.19 -22.99 -55.12
CA ALA CB 258 69.20 -22.41 -54.23
C ALA CB 258 69.57 -20.96 -53.98
N VAL CB 259 68.58 -20.10 -54.22
CA VAL CB 259 68.71 -18.69 -53.94
C VAL CB 259 68.13 -18.52 -52.55
N ALA CB 260 68.77 -17.76 -51.67
CA ALA CB 260 68.22 -17.55 -50.35
C ALA CB 260 66.82 -16.93 -50.46
N ALA CB 261 65.83 -17.61 -49.92
CA ALA CB 261 64.45 -17.16 -50.03
C ALA CB 261 63.98 -16.68 -48.67
N GLY CB 262 63.93 -17.59 -47.70
CA GLY CB 262 63.49 -17.23 -46.36
C GLY CB 262 63.69 -18.35 -45.37
N ARG CB 263 62.88 -18.33 -44.31
CA ARG CB 263 62.92 -19.30 -43.22
C ARG CB 263 61.50 -19.67 -42.77
N ILE CB 264 61.31 -20.90 -42.30
CA ILE CB 264 60.04 -21.26 -41.69
C ILE CB 264 60.18 -21.40 -40.16
N TYR CB 265 59.39 -20.62 -39.42
CA TYR CB 265 59.45 -20.74 -37.97
C TYR CB 265 58.24 -21.49 -37.42
N CYS CB 266 58.44 -22.19 -36.31
CA CYS CB 266 57.36 -22.94 -35.69
C CYS CB 266 56.98 -22.30 -34.37
N THR CB 267 55.70 -22.01 -34.23
CA THR CB 267 55.18 -21.44 -33.01
C THR CB 267 54.19 -22.47 -32.44
N TYR CB 268 54.53 -23.05 -31.30
CA TYR CB 268 53.75 -24.16 -30.76
C TYR CB 268 53.40 -23.96 -29.27
N THR CB 269 52.29 -24.58 -28.86
CA THR CB 269 51.97 -24.78 -27.46
C THR CB 269 51.83 -26.24 -27.17
N ILE CB 270 52.75 -26.79 -26.39
CA ILE CB 270 52.81 -28.23 -26.18
C ILE CB 270 52.56 -28.58 -24.72
N GLN CB 271 51.77 -29.62 -24.47
CA GLN CB 271 51.60 -30.15 -23.11
C GLN CB 271 52.53 -31.32 -22.96
N MET CB 272 53.45 -31.24 -22.01
CA MET CB 272 54.38 -32.34 -21.87
C MET CB 272 54.12 -33.06 -20.55
N ILE CB 273 53.96 -34.37 -20.59
CA ILE CB 273 53.69 -35.10 -19.36
C ILE CB 273 54.55 -36.35 -19.22
N GLU CB 274 54.65 -36.82 -17.98
CA GLU CB 274 55.33 -38.07 -17.59
C GLU CB 274 56.82 -38.12 -17.93
N PRO CB 275 57.63 -37.44 -17.10
CA PRO CB 275 59.08 -37.36 -17.22
C PRO CB 275 59.73 -38.71 -17.35
N THR CB 276 60.97 -38.68 -17.82
CA THR CB 276 61.80 -39.85 -18.09
C THR CB 276 63.23 -39.48 -17.77
N ALA CB 277 64.03 -40.45 -17.34
CA ALA CB 277 65.44 -40.17 -17.06
C ALA CB 277 66.36 -40.94 -18.02
N SER CB 278 65.82 -41.31 -19.18
CA SER CB 278 66.60 -42.00 -20.23
C SER CB 278 66.18 -41.54 -21.64
N GLY DB 86 35.56 -25.15 -41.30
CA GLY DB 86 35.67 -26.29 -40.41
C GLY DB 86 36.50 -27.46 -40.93
N GLY DB 87 36.16 -27.95 -42.13
CA GLY DB 87 36.88 -29.04 -42.76
C GLY DB 87 36.14 -30.37 -42.79
N ILE DB 88 35.06 -30.49 -42.03
CA ILE DB 88 34.30 -31.74 -42.04
C ILE DB 88 33.21 -31.74 -43.12
N THR DB 89 33.30 -32.70 -44.05
CA THR DB 89 32.20 -32.97 -44.99
C THR DB 89 31.37 -34.12 -44.46
N VAL DB 90 30.12 -33.85 -44.08
CA VAL DB 90 29.24 -34.87 -43.52
C VAL DB 90 28.33 -35.47 -44.62
N LEU DB 91 28.31 -36.79 -44.70
CA LEU DB 91 27.58 -37.51 -45.73
C LEU DB 91 26.67 -38.57 -45.14
N THR DB 92 25.42 -38.59 -45.58
CA THR DB 92 24.51 -39.64 -45.15
C THR DB 92 23.98 -40.38 -46.35
N HIS DB 93 24.09 -41.71 -46.33
CA HIS DB 93 23.79 -42.47 -47.53
C HIS DB 93 23.48 -43.90 -47.16
N SER DB 94 22.72 -44.54 -48.03
CA SER DB 94 22.41 -45.96 -47.97
C SER DB 94 22.86 -46.60 -49.27
N GLU DB 95 23.51 -47.77 -49.21
CA GLU DB 95 23.79 -48.48 -50.46
C GLU DB 95 23.93 -49.98 -50.27
N LEU DB 96 23.84 -50.74 -51.36
CA LEU DB 96 24.00 -52.19 -51.31
C LEU DB 96 25.41 -52.58 -50.86
N SER DB 97 25.49 -53.52 -49.93
CA SER DB 97 26.77 -53.91 -49.34
C SER DB 97 27.13 -55.39 -49.49
N ALA DB 98 26.12 -56.21 -49.69
CA ALA DB 98 26.34 -57.64 -49.75
C ALA DB 98 25.11 -58.34 -50.32
N GLU DB 99 25.32 -59.36 -51.14
CA GLU DB 99 24.21 -60.19 -51.59
C GLU DB 99 24.25 -61.54 -50.87
N ILE DB 100 23.07 -62.06 -50.51
CA ILE DB 100 22.99 -63.17 -49.58
C ILE DB 100 22.22 -64.36 -50.13
N GLY DB 101 22.85 -65.53 -50.02
CA GLY DB 101 22.28 -66.79 -50.41
C GLY DB 101 22.48 -67.76 -49.26
N VAL DB 102 21.55 -68.71 -49.11
CA VAL DB 102 21.53 -69.61 -47.96
C VAL DB 102 21.64 -71.08 -48.35
N THR DB 103 22.39 -71.84 -47.55
CA THR DB 103 22.52 -73.29 -47.74
C THR DB 103 22.16 -73.98 -46.46
N ASP DB 104 22.25 -75.32 -46.47
CA ASP DB 104 21.83 -76.13 -45.32
C ASP DB 104 22.91 -76.36 -44.25
N SER DB 105 24.12 -75.84 -44.48
CA SER DB 105 25.16 -75.90 -43.47
C SER DB 105 25.66 -74.47 -43.20
N ILE DB 106 26.18 -74.22 -42.00
CA ILE DB 106 26.57 -72.87 -41.64
C ILE DB 106 27.67 -72.38 -42.58
N VAL DB 107 27.49 -71.16 -43.04
CA VAL DB 107 28.46 -70.46 -43.86
C VAL DB 107 28.73 -69.10 -43.24
N VAL DB 108 29.97 -68.87 -42.82
CA VAL DB 108 30.26 -67.61 -42.15
C VAL DB 108 31.13 -66.69 -43.02
N SER DB 109 30.63 -65.49 -43.31
CA SER DB 109 31.44 -64.49 -44.03
C SER DB 109 31.61 -63.24 -43.16
N SER DB 110 32.48 -62.31 -43.58
CA SER DB 110 32.64 -61.09 -42.79
C SER DB 110 32.98 -59.92 -43.69
N GLU DB 111 32.76 -58.72 -43.17
CA GLU DB 111 33.02 -57.53 -43.95
C GLU DB 111 33.61 -56.49 -43.06
N LEU DB 112 34.69 -55.88 -43.53
CA LEU DB 112 35.31 -54.80 -42.78
C LEU DB 112 34.41 -53.58 -42.85
N VAL DB 113 34.07 -53.01 -41.70
CA VAL DB 113 33.21 -51.82 -41.66
C VAL DB 113 34.04 -50.54 -41.85
N MET DB 114 34.49 -50.33 -43.09
CA MET DB 114 35.29 -49.17 -43.44
C MET DB 114 34.93 -48.81 -44.86
N PRO DB 115 34.98 -47.51 -45.20
CA PRO DB 115 34.47 -47.01 -46.48
C PRO DB 115 34.90 -47.86 -47.66
N TYR DB 116 36.11 -48.36 -47.68
CA TYR DB 116 36.51 -49.15 -48.84
C TYR DB 116 35.62 -50.39 -49.06
N THR DB 117 35.11 -50.99 -47.99
CA THR DB 117 34.48 -52.31 -48.12
C THR DB 117 32.97 -52.37 -47.86
N VAL DB 118 32.34 -51.23 -47.54
CA VAL DB 118 30.90 -51.17 -47.28
C VAL DB 118 30.07 -51.02 -48.56
N GLY DB 119 30.67 -50.45 -49.59
CA GLY DB 119 29.96 -50.28 -50.84
C GLY DB 119 30.87 -49.68 -51.88
N THR DB 120 30.58 -49.97 -53.14
CA THR DB 120 31.42 -49.50 -54.23
C THR DB 120 31.31 -48.00 -54.38
N TRP DB 121 30.13 -47.45 -54.13
CA TRP DB 121 29.96 -46.02 -54.26
C TRP DB 121 30.74 -45.24 -53.17
N LEU DB 122 30.54 -45.58 -51.89
CA LEU DB 122 31.24 -44.90 -50.81
C LEU DB 122 32.73 -45.09 -51.04
N ARG DB 123 33.06 -46.24 -51.61
CA ARG DB 123 34.44 -46.52 -51.91
C ARG DB 123 35.04 -45.40 -52.75
N GLY DB 124 34.35 -45.01 -53.82
CA GLY DB 124 34.86 -43.93 -54.64
C GLY DB 124 34.87 -42.57 -53.97
N VAL DB 125 33.78 -42.23 -53.27
CA VAL DB 125 33.66 -40.92 -52.62
C VAL DB 125 34.69 -40.72 -51.51
N ALA DB 126 34.70 -41.63 -50.54
CA ALA DB 126 35.49 -41.45 -49.33
C ALA DB 126 37.01 -41.51 -49.62
N ALA DB 127 37.35 -42.02 -50.81
CA ALA DB 127 38.74 -42.13 -51.25
C ALA DB 127 39.40 -40.76 -51.47
N ASN DB 128 38.61 -39.72 -51.71
CA ASN DB 128 39.10 -38.34 -51.89
C ASN DB 128 39.49 -37.62 -50.59
N TRP DB 129 39.31 -38.29 -49.45
CA TRP DB 129 39.75 -37.77 -48.17
C TRP DB 129 40.72 -38.80 -47.59
N SER DB 130 41.59 -38.38 -46.68
CA SER DB 130 42.57 -39.32 -46.16
C SER DB 130 41.99 -40.04 -44.92
N LYS DB 131 41.19 -39.32 -44.17
CA LYS DB 131 40.63 -39.87 -42.95
C LYS DB 131 39.12 -39.71 -42.88
N TYR DB 132 38.47 -40.54 -42.06
CA TYR DB 132 37.03 -40.46 -41.86
C TYR DB 132 36.64 -40.78 -40.41
N SER DB 133 35.37 -40.55 -40.09
CA SER DB 133 34.82 -40.92 -38.81
C SER DB 133 33.39 -41.41 -38.98
N TRP DB 134 33.10 -42.56 -38.40
CA TRP DB 134 31.73 -43.03 -38.41
C TRP DB 134 30.90 -42.26 -37.39
N LEU DB 135 29.82 -41.64 -37.83
CA LEU DB 135 28.88 -41.08 -36.87
C LEU DB 135 27.80 -42.10 -36.54
N SER DB 136 27.45 -42.90 -37.54
CA SER DB 136 26.48 -44.01 -37.41
C SER DB 136 26.69 -45.02 -38.55
N VAL DB 137 26.66 -46.31 -38.21
CA VAL DB 137 26.69 -47.33 -39.25
C VAL DB 137 25.66 -48.39 -38.94
N ARG DB 138 24.76 -48.62 -39.90
CA ARG DB 138 23.71 -49.63 -39.79
C ARG DB 138 23.71 -50.57 -41.01
N TYR DB 139 23.78 -51.89 -40.73
CA TYR DB 139 23.69 -52.96 -41.74
C TYR DB 139 22.30 -53.57 -41.69
N THR DB 140 21.57 -53.52 -42.79
CA THR DB 140 20.18 -53.93 -42.72
C THR DB 140 19.93 -55.01 -43.77
N TYR DB 141 19.46 -56.15 -43.28
CA TYR DB 141 19.13 -57.26 -44.12
C TYR DB 141 17.69 -57.10 -44.55
N ILE DB 142 17.50 -57.10 -45.86
CA ILE DB 142 16.20 -57.05 -46.49
C ILE DB 142 16.01 -58.32 -47.29
N PRO DB 143 14.92 -59.07 -47.02
CA PRO DB 143 14.70 -60.32 -47.77
C PRO DB 143 14.17 -60.14 -49.20
N SER DB 144 14.41 -61.13 -50.04
CA SER DB 144 13.90 -61.10 -51.40
C SER DB 144 13.38 -62.46 -51.88
N CYS DB 145 13.09 -63.34 -50.92
CA CYS DB 145 12.68 -64.72 -51.22
C CYS DB 145 11.24 -64.97 -50.80
N PRO DB 146 10.68 -66.10 -51.22
CA PRO DB 146 9.37 -66.49 -50.75
C PRO DB 146 9.30 -66.75 -49.27
N SER DB 147 8.07 -66.69 -48.74
CA SER DB 147 7.80 -66.97 -47.35
C SER DB 147 8.05 -68.43 -46.99
N SER DB 148 8.26 -69.28 -47.98
CA SER DB 148 8.46 -70.73 -47.74
C SER DB 148 9.93 -71.16 -47.73
N THR DB 149 10.82 -70.18 -47.76
CA THR DB 149 12.25 -70.47 -47.83
C THR DB 149 12.86 -70.86 -46.49
N ALA DB 150 13.51 -72.02 -46.42
CA ALA DB 150 14.24 -72.39 -45.19
C ALA DB 150 15.57 -71.67 -45.15
N GLY DB 151 15.96 -71.31 -43.94
CA GLY DB 151 17.18 -70.59 -43.73
C GLY DB 151 16.96 -69.49 -42.72
N SER DB 152 18.06 -69.11 -42.07
CA SER DB 152 18.11 -68.02 -41.11
C SER DB 152 19.39 -67.29 -41.31
N ILE DB 153 19.41 -66.01 -40.93
CA ILE DB 153 20.63 -65.20 -41.04
C ILE DB 153 21.07 -64.60 -39.69
N HIS DB 154 22.38 -64.51 -39.48
CA HIS DB 154 22.91 -63.97 -38.23
C HIS DB 154 24.01 -62.94 -38.49
N MET DB 155 23.94 -61.82 -37.78
CA MET DB 155 24.90 -60.75 -37.95
C MET DB 155 25.33 -60.21 -36.61
N GLY DB 156 26.60 -59.87 -36.50
CA GLY DB 156 27.10 -59.26 -35.29
C GLY DB 156 28.41 -58.59 -35.60
N PHE DB 157 28.88 -57.77 -34.66
CA PHE DB 157 30.13 -57.04 -34.84
C PHE DB 157 31.25 -57.56 -33.96
N GLN DB 158 32.44 -57.64 -34.53
CA GLN DB 158 33.64 -57.81 -33.74
C GLN DB 158 34.42 -56.51 -33.81
N TYR DB 159 34.99 -56.08 -32.69
CA TYR DB 159 35.64 -54.79 -32.64
C TYR DB 159 37.16 -54.93 -32.47
N ASP DB 160 37.65 -56.17 -32.45
CA ASP DB 160 39.09 -56.43 -32.40
C ASP DB 160 39.48 -57.32 -33.57
N MET DB 161 40.29 -56.78 -34.47
CA MET DB 161 40.64 -57.45 -35.72
C MET DB 161 41.36 -58.76 -35.48
N ALA DB 162 41.92 -58.88 -34.28
CA ALA DB 162 42.67 -60.07 -33.92
C ALA DB 162 41.75 -61.22 -33.56
N ASP DB 163 40.51 -60.93 -33.19
CA ASP DB 163 39.54 -61.97 -32.87
C ASP DB 163 39.43 -62.98 -34.01
N THR DB 164 39.39 -64.27 -33.68
CA THR DB 164 39.17 -65.27 -34.71
C THR DB 164 37.71 -65.16 -35.08
N VAL DB 165 37.42 -65.33 -36.36
CA VAL DB 165 36.03 -65.26 -36.85
C VAL DB 165 35.22 -66.42 -36.25
N PRO DB 166 34.00 -66.13 -35.78
CA PRO DB 166 33.11 -67.11 -35.15
C PRO DB 166 32.80 -68.29 -36.04
N VAL DB 167 32.47 -69.43 -35.45
CA VAL DB 167 32.22 -70.64 -36.21
C VAL DB 167 30.80 -71.19 -35.98
N SER DB 168 30.12 -70.74 -34.93
CA SER DB 168 28.77 -71.23 -34.61
C SER DB 168 27.77 -70.10 -34.34
N VAL DB 169 26.48 -70.39 -34.50
CA VAL DB 169 25.48 -69.42 -34.07
C VAL DB 169 25.68 -69.12 -32.59
N ASN DB 170 26.03 -70.14 -31.80
CA ASN DB 170 26.21 -69.97 -30.36
C ASN DB 170 27.18 -68.85 -29.99
N GLN DB 171 28.38 -68.91 -30.56
CA GLN DB 171 29.39 -67.89 -30.35
C GLN DB 171 28.91 -66.56 -30.78
N LEU DB 172 28.45 -66.55 -32.03
CA LEU DB 172 28.05 -65.35 -32.72
C LEU DB 172 26.99 -64.63 -31.88
N SER DB 173 26.14 -65.40 -31.20
CA SER DB 173 25.04 -64.80 -30.45
C SER DB 173 25.52 -63.92 -29.33
N ASN DB 174 26.80 -63.97 -28.94
CA ASN DB 174 27.17 -63.10 -27.84
C ASN DB 174 27.74 -61.80 -28.34
N LEU DB 175 27.94 -61.67 -29.65
CA LEU DB 175 28.53 -60.42 -30.16
C LEU DB 175 27.61 -59.24 -29.94
N ARG DB 176 28.18 -58.08 -29.65
CA ARG DB 176 27.43 -56.83 -29.68
C ARG DB 176 26.73 -56.61 -31.02
N GLY DB 177 25.44 -56.34 -30.94
CA GLY DB 177 24.67 -55.99 -32.12
C GLY DB 177 24.23 -57.22 -32.86
N TYR DB 178 24.30 -58.36 -32.17
CA TYR DB 178 23.81 -59.61 -32.73
C TYR DB 178 22.30 -59.52 -33.02
N VAL DB 179 21.91 -59.89 -34.23
CA VAL DB 179 20.49 -60.01 -34.60
C VAL DB 179 20.35 -61.30 -35.36
N SER DB 180 19.12 -61.78 -35.49
CA SER DB 180 18.90 -63.06 -36.12
C SER DB 180 17.44 -63.17 -36.66
N GLY DB 181 17.27 -63.81 -37.80
CA GLY DB 181 15.93 -64.03 -38.31
C GLY DB 181 15.86 -64.93 -39.51
N GLN DB 182 14.63 -65.32 -39.85
CA GLN DB 182 14.33 -66.07 -41.07
C GLN DB 182 14.84 -65.30 -42.28
N VAL DB 183 15.29 -66.04 -43.29
CA VAL DB 183 15.82 -65.39 -44.47
C VAL DB 183 14.70 -64.71 -45.27
N TRP DB 184 13.44 -65.01 -44.90
CA TRP DB 184 12.32 -64.35 -45.58
C TRP DB 184 11.68 -63.28 -44.69
N SER DB 185 12.19 -63.13 -43.48
CA SER DB 185 11.74 -62.04 -42.62
C SER DB 185 12.68 -60.85 -42.81
N GLY DB 186 12.29 -59.69 -42.28
CA GLY DB 186 13.16 -58.52 -42.31
C GLY DB 186 12.64 -57.32 -43.11
N SER DB 187 11.47 -57.46 -43.72
CA SER DB 187 10.90 -56.40 -44.54
C SER DB 187 10.88 -55.05 -43.82
N ALA DB 188 10.60 -55.06 -42.52
CA ALA DB 188 10.43 -53.83 -41.73
C ALA DB 188 11.67 -52.97 -41.60
N GLY DB 189 12.80 -53.46 -42.05
CA GLY DB 189 14.00 -52.67 -41.99
C GLY DB 189 14.02 -51.65 -43.10
N LEU DB 190 13.12 -51.77 -44.07
CA LEU DB 190 13.16 -50.92 -45.24
C LEU DB 190 13.12 -49.45 -44.85
N CYS DB 191 12.40 -49.11 -43.79
CA CYS DB 191 12.31 -47.71 -43.37
C CYS DB 191 13.66 -47.10 -42.92
N PHE DB 192 14.59 -47.92 -42.43
CA PHE DB 192 15.91 -47.41 -42.05
C PHE DB 192 16.70 -46.94 -43.25
N ILE DB 193 16.44 -47.59 -44.37
CA ILE DB 193 17.24 -47.42 -45.57
C ILE DB 193 16.92 -46.14 -46.35
N ASN DB 194 15.64 -45.82 -46.50
CA ASN DB 194 15.30 -44.57 -47.15
C ASN DB 194 14.98 -43.50 -46.11
N GLY DB 195 15.31 -43.78 -44.85
CA GLY DB 195 15.17 -42.83 -43.76
C GLY DB 195 13.77 -42.29 -43.48
N THR DB 196 12.76 -43.12 -43.68
CA THR DB 196 11.41 -42.67 -43.49
C THR DB 196 10.95 -42.87 -42.02
N ARG DB 197 9.70 -42.51 -41.71
CA ARG DB 197 9.19 -42.64 -40.34
C ARG DB 197 9.14 -44.11 -39.89
N CYS DB 198 9.92 -44.43 -38.86
CA CYS DB 198 9.97 -45.80 -38.37
C CYS DB 198 9.08 -46.05 -37.16
N SER DB 199 8.31 -47.11 -37.26
CA SER DB 199 7.34 -47.45 -36.24
C SER DB 199 7.53 -48.85 -35.73
N ASP DB 200 6.90 -49.75 -36.45
CA ASP DB 200 6.87 -51.15 -36.12
C ASP DB 200 8.12 -51.85 -36.59
N THR DB 201 9.27 -51.54 -36.01
CA THR DB 201 10.47 -52.18 -36.50
C THR DB 201 10.97 -53.31 -35.62
N SER DB 202 10.12 -53.91 -34.82
CA SER DB 202 10.58 -54.97 -33.91
C SER DB 202 11.14 -56.14 -34.68
N THR DB 203 10.61 -56.38 -35.87
CA THR DB 203 11.03 -57.51 -36.68
C THR DB 203 12.19 -57.24 -37.60
N ALA DB 204 12.67 -56.00 -37.64
CA ALA DB 204 13.75 -55.62 -38.55
C ALA DB 204 15.05 -56.35 -38.25
N ILE DB 205 15.64 -56.99 -39.25
CA ILE DB 205 16.92 -57.63 -39.05
C ILE DB 205 18.00 -56.61 -39.32
N SER DB 206 18.12 -55.64 -38.40
CA SER DB 206 19.02 -54.50 -38.55
C SER DB 206 19.86 -54.32 -37.33
N THR DB 207 21.09 -53.91 -37.53
CA THR DB 207 22.02 -53.82 -36.42
C THR DB 207 22.92 -52.61 -36.57
N THR DB 208 23.41 -52.11 -35.44
CA THR DB 208 24.11 -50.84 -35.39
C THR DB 208 25.49 -50.93 -34.76
N LEU DB 209 26.43 -50.14 -35.28
CA LEU DB 209 27.80 -50.10 -34.78
C LEU DB 209 27.88 -49.25 -33.53
N ASP DB 210 28.61 -49.69 -32.53
CA ASP DB 210 28.82 -48.84 -31.36
C ASP DB 210 29.92 -47.82 -31.61
N VAL DB 211 29.58 -46.72 -32.28
CA VAL DB 211 30.54 -45.69 -32.62
C VAL DB 211 31.17 -45.10 -31.36
N SER DB 212 30.40 -45.10 -30.29
CA SER DB 212 30.80 -44.60 -28.98
C SER DB 212 31.94 -45.39 -28.35
N LYS DB 213 32.17 -46.61 -28.82
CA LYS DB 213 33.12 -47.46 -28.15
C LYS DB 213 34.28 -47.83 -29.07
N LEU DB 214 34.37 -47.17 -30.22
CA LEU DB 214 35.43 -47.46 -31.18
C LEU DB 214 36.79 -47.14 -30.56
N GLY DB 215 37.85 -47.73 -31.09
CA GLY DB 215 39.18 -47.49 -30.57
C GLY DB 215 39.54 -46.02 -30.50
N LYS DB 216 39.39 -45.36 -31.65
CA LYS DB 216 39.56 -43.91 -31.81
C LYS DB 216 38.40 -43.29 -32.60
N LYS DB 217 38.51 -42.00 -32.91
CA LYS DB 217 37.51 -41.30 -33.71
C LYS DB 217 37.93 -41.17 -35.18
N TRP DB 218 39.16 -40.72 -35.41
CA TRP DB 218 39.55 -40.47 -36.79
C TRP DB 218 40.41 -41.61 -37.34
N TYR DB 219 39.82 -42.36 -38.27
CA TYR DB 219 40.47 -43.50 -38.91
C TYR DB 219 40.95 -43.12 -40.28
N PRO DB 220 42.06 -43.73 -40.71
CA PRO DB 220 42.61 -43.61 -42.06
C PRO DB 220 41.87 -44.46 -43.09
N TYR DB 221 41.76 -43.91 -44.28
CA TYR DB 221 41.22 -44.64 -45.40
C TYR DB 221 42.21 -45.71 -45.81
N LYS DB 222 41.78 -46.97 -45.79
CA LYS DB 222 42.63 -48.07 -46.19
C LYS DB 222 41.86 -48.97 -47.14
N THR DB 223 42.58 -49.73 -47.95
CA THR DB 223 42.03 -50.72 -48.86
C THR DB 223 42.04 -52.09 -48.20
N SER DB 224 41.38 -53.07 -48.82
CA SER DB 224 41.47 -54.46 -48.39
C SER DB 224 42.94 -54.84 -48.50
N ALA DB 225 43.58 -54.34 -49.55
CA ALA DB 225 45.02 -54.50 -49.76
C ALA DB 225 45.84 -53.96 -48.58
N ASP DB 226 45.53 -52.75 -48.15
CA ASP DB 226 46.22 -52.15 -47.03
C ASP DB 226 46.02 -53.06 -45.81
N TYR DB 227 44.79 -53.55 -45.67
CA TYR DB 227 44.44 -54.43 -44.56
C TYR DB 227 45.22 -55.74 -44.60
N ALA DB 228 45.24 -56.39 -45.77
CA ALA DB 228 45.88 -57.69 -45.98
C ALA DB 228 47.34 -57.65 -45.61
N THR DB 229 47.99 -56.57 -46.04
CA THR DB 229 49.40 -56.30 -45.79
C THR DB 229 49.77 -56.12 -44.33
N ALA DB 230 49.05 -55.23 -43.66
CA ALA DB 230 49.31 -54.92 -42.27
C ALA DB 230 49.18 -56.16 -41.41
N VAL DB 231 48.14 -56.96 -41.68
CA VAL DB 231 47.92 -58.19 -40.92
C VAL DB 231 48.91 -59.27 -41.32
N GLY DB 232 49.48 -59.16 -42.51
CA GLY DB 232 50.51 -60.11 -42.92
C GLY DB 232 51.73 -59.99 -42.02
N VAL DB 233 51.96 -58.75 -41.58
CA VAL DB 233 53.08 -58.36 -40.70
C VAL DB 233 52.81 -58.63 -39.21
N ASP DB 234 51.66 -58.17 -38.72
CA ASP DB 234 51.19 -58.37 -37.36
C ASP DB 234 49.70 -57.99 -37.33
N VAL DB 235 48.85 -58.90 -36.88
CA VAL DB 235 47.40 -58.68 -36.91
C VAL DB 235 46.95 -57.45 -36.12
N ASN DB 236 47.71 -57.07 -35.10
CA ASN DB 236 47.32 -55.96 -34.23
C ASN DB 236 47.52 -54.58 -34.84
N ILE DB 237 48.37 -54.47 -35.87
CA ILE DB 237 48.56 -53.21 -36.57
C ILE DB 237 47.25 -52.76 -37.21
N ALA DB 238 46.39 -53.73 -37.54
CA ALA DB 238 45.14 -53.45 -38.25
C ALA DB 238 44.09 -52.76 -37.37
N THR DB 239 44.12 -53.01 -36.06
CA THR DB 239 43.08 -52.45 -35.18
C THR DB 239 43.03 -50.91 -35.27
N PRO DB 240 44.20 -50.24 -35.34
CA PRO DB 240 44.01 -48.81 -35.58
C PRO DB 240 43.63 -48.46 -37.02
N LEU DB 241 43.47 -49.46 -37.90
CA LEU DB 241 43.15 -49.18 -39.31
C LEU DB 241 41.69 -49.36 -39.67
N VAL DB 242 41.05 -50.35 -39.07
CA VAL DB 242 39.66 -50.56 -39.32
C VAL DB 242 38.95 -50.60 -37.98
N PRO DB 243 37.84 -49.85 -37.84
CA PRO DB 243 37.10 -49.73 -36.58
C PRO DB 243 36.41 -51.01 -36.09
N ALA DB 244 35.91 -51.86 -36.99
CA ALA DB 244 35.19 -53.06 -36.57
C ALA DB 244 35.01 -54.06 -37.71
N ARG DB 245 34.50 -55.24 -37.40
CA ARG DB 245 34.19 -56.23 -38.42
C ARG DB 245 32.77 -56.68 -38.35
N LEU DB 246 32.11 -56.75 -39.49
CA LEU DB 246 30.77 -57.28 -39.48
C LEU DB 246 30.85 -58.78 -39.75
N VAL DB 247 30.26 -59.59 -38.89
CA VAL DB 247 30.21 -61.03 -39.10
C VAL DB 247 28.82 -61.43 -39.52
N ILE DB 248 28.74 -62.29 -40.53
CA ILE DB 248 27.47 -62.76 -41.07
C ILE DB 248 27.47 -64.29 -41.10
N ALA DB 249 26.43 -64.89 -40.56
CA ALA DB 249 26.31 -66.34 -40.65
C ALA DB 249 24.99 -66.72 -41.27
N LEU DB 250 25.06 -67.70 -42.16
CA LEU DB 250 23.88 -68.31 -42.78
C LEU DB 250 23.81 -69.82 -42.64
N LEU DB 251 22.65 -70.32 -42.26
CA LEU DB 251 22.48 -71.75 -42.08
C LEU DB 251 21.00 -72.07 -42.15
N ASP DB 252 20.64 -73.32 -41.86
CA ASP DB 252 19.23 -73.75 -41.79
C ASP DB 252 18.50 -73.73 -43.12
N GLY DB 253 19.25 -73.68 -44.22
CA GLY DB 253 18.66 -73.73 -45.55
C GLY DB 253 18.28 -75.17 -45.88
N SER DB 254 17.57 -75.35 -46.98
CA SER DB 254 17.10 -76.69 -47.33
C SER DB 254 17.94 -77.31 -48.41
N SER DB 255 18.83 -76.51 -49.00
CA SER DB 255 19.63 -76.96 -50.11
C SER DB 255 21.13 -76.93 -49.82
N SER DB 256 21.88 -77.77 -50.54
CA SER DB 256 23.32 -77.74 -50.47
C SER DB 256 23.81 -76.68 -51.45
N THR DB 257 22.95 -76.37 -52.42
CA THR DB 257 23.24 -75.29 -53.36
C THR DB 257 22.55 -74.04 -52.83
N ALA DB 258 23.29 -72.94 -52.75
CA ALA DB 258 22.79 -71.71 -52.15
C ALA DB 258 21.54 -71.20 -52.82
N VAL DB 259 20.54 -70.92 -52.00
CA VAL DB 259 19.29 -70.34 -52.45
C VAL DB 259 19.33 -68.84 -52.20
N ALA DB 260 18.90 -68.06 -53.20
CA ALA DB 260 18.93 -66.62 -53.08
C ALA DB 260 18.09 -66.18 -51.89
N ALA DB 261 18.71 -65.50 -50.94
CA ALA DB 261 17.99 -65.20 -49.72
C ALA DB 261 17.56 -63.74 -49.67
N GLY DB 262 18.52 -62.82 -49.64
CA GLY DB 262 18.19 -61.41 -49.55
C GLY DB 262 19.41 -60.56 -49.77
N ARG DB 263 19.39 -59.35 -49.24
CA ARG DB 263 20.48 -58.42 -49.40
C ARG DB 263 20.77 -57.63 -48.14
N ILE DB 264 22.05 -57.29 -47.94
CA ILE DB 264 22.43 -56.42 -46.86
C ILE DB 264 22.78 -55.04 -47.41
N TYR DB 265 22.08 -54.03 -46.89
CA TYR DB 265 22.36 -52.62 -47.17
C TYR DB 265 23.03 -51.95 -45.97
N CYS DB 266 23.83 -50.92 -46.25
CA CYS DB 266 24.48 -50.13 -45.21
C CYS DB 266 23.96 -48.68 -45.22
N THR DB 267 23.53 -48.18 -44.08
CA THR DB 267 23.07 -46.80 -43.95
C THR DB 267 23.99 -46.10 -42.99
N TYR DB 268 24.74 -45.13 -43.50
CA TYR DB 268 25.79 -44.52 -42.68
C TYR DB 268 25.76 -42.98 -42.65
N THR DB 269 26.30 -42.41 -41.58
CA THR DB 269 26.62 -41.00 -41.57
C THR DB 269 28.12 -40.94 -41.33
N ILE DB 270 28.86 -40.47 -42.33
CA ILE DB 270 30.32 -40.46 -42.27
C ILE DB 270 30.85 -39.03 -42.29
N GLN DB 271 31.83 -38.74 -41.45
CA GLN DB 271 32.55 -37.46 -41.50
C GLN DB 271 33.86 -37.68 -42.22
N MET DB 272 34.07 -36.95 -43.29
CA MET DB 272 35.28 -37.12 -44.08
C MET DB 272 36.15 -35.88 -43.93
N ILE DB 273 37.42 -36.07 -43.62
CA ILE DB 273 38.28 -34.91 -43.44
C ILE DB 273 39.61 -35.09 -44.13
N GLU DB 274 40.29 -33.96 -44.33
CA GLU DB 274 41.66 -33.92 -44.85
C GLU DB 274 41.76 -34.52 -46.26
N PRO DB 275 41.35 -33.75 -47.29
CA PRO DB 275 41.39 -34.12 -48.71
C PRO DB 275 42.78 -34.55 -49.23
N THR DB 276 42.79 -35.27 -50.35
CA THR DB 276 44.03 -35.76 -50.95
C THR DB 276 43.97 -35.76 -52.46
N ALA DB 277 45.09 -35.47 -53.09
CA ALA DB 277 45.14 -35.46 -54.54
C ALA DB 277 46.07 -36.56 -55.06
N GLY EB 86 30.41 -51.31 -2.60
CA GLY EB 86 29.22 -52.15 -2.58
C GLY EB 86 29.57 -53.62 -2.79
N GLY EB 87 30.29 -53.91 -3.87
CA GLY EB 87 30.73 -55.25 -4.17
C GLY EB 87 29.98 -55.92 -5.31
N ILE EB 88 28.93 -55.29 -5.83
CA ILE EB 88 28.07 -55.85 -6.88
C ILE EB 88 28.47 -55.52 -8.32
N THR EB 89 28.75 -56.58 -9.08
CA THR EB 89 28.97 -56.49 -10.52
C THR EB 89 27.68 -56.78 -11.27
N VAL EB 90 27.14 -55.77 -11.94
CA VAL EB 90 25.90 -55.92 -12.69
C VAL EB 90 26.20 -56.19 -14.17
N LEU EB 91 25.57 -57.24 -14.72
CA LEU EB 91 25.79 -57.70 -16.10
C LEU EB 91 24.49 -57.85 -16.89
N THR EB 92 24.43 -57.31 -18.10
CA THR EB 92 23.27 -57.48 -18.98
C THR EB 92 23.72 -58.10 -20.31
N HIS EB 93 23.07 -59.16 -20.74
CA HIS EB 93 23.54 -59.88 -21.91
C HIS EB 93 22.46 -60.74 -22.49
N SER EB 94 22.61 -61.02 -23.78
CA SER EB 94 21.79 -61.96 -24.53
C SER EB 94 22.67 -63.05 -25.07
N GLU EB 95 22.24 -64.30 -24.99
CA GLU EB 95 22.98 -65.34 -25.68
C GLU EB 95 22.08 -66.53 -26.06
N LEU EB 96 22.60 -67.36 -26.95
CA LEU EB 96 21.90 -68.57 -27.36
C LEU EB 96 21.71 -69.49 -26.18
N SER EB 97 20.48 -69.98 -26.01
CA SER EB 97 20.16 -70.81 -24.85
C SER EB 97 19.65 -72.19 -25.23
N ALA EB 98 19.11 -72.31 -26.43
CA ALA EB 98 18.52 -73.57 -26.85
C ALA EB 98 18.22 -73.58 -28.36
N GLU EB 99 18.46 -74.74 -28.98
CA GLU EB 99 18.06 -74.94 -30.36
C GLU EB 99 16.83 -75.87 -30.39
N ILE EB 100 15.90 -75.56 -31.29
CA ILE EB 100 14.56 -76.10 -31.19
C ILE EB 100 14.10 -76.84 -32.46
N GLY EB 101 13.60 -78.07 -32.29
CA GLY EB 101 13.12 -78.84 -33.43
C GLY EB 101 11.71 -79.34 -33.13
N VAL EB 102 10.90 -79.48 -34.17
CA VAL EB 102 9.51 -79.83 -33.90
C VAL EB 102 9.15 -81.17 -34.55
N THR EB 103 8.40 -82.00 -33.81
CA THR EB 103 7.88 -83.24 -34.31
C THR EB 103 6.37 -83.29 -34.11
N ASP EB 104 5.73 -84.36 -34.57
CA ASP EB 104 4.27 -84.47 -34.57
C ASP EB 104 3.66 -85.00 -33.29
N SER EB 105 4.50 -85.35 -32.32
CA SER EB 105 4.00 -85.73 -31.02
C SER EB 105 4.71 -84.83 -30.03
N ILE EB 106 4.07 -84.57 -28.89
CA ILE EB 106 4.57 -83.60 -27.93
C ILE EB 106 5.91 -84.04 -27.31
N VAL EB 107 6.82 -83.07 -27.21
CA VAL EB 107 8.11 -83.26 -26.55
C VAL EB 107 8.28 -82.19 -25.46
N VAL EB 108 8.38 -82.59 -24.20
CA VAL EB 108 8.52 -81.57 -23.16
C VAL EB 108 9.92 -81.59 -22.58
N SER EB 109 10.63 -80.48 -22.70
CA SER EB 109 11.95 -80.34 -22.12
C SER EB 109 12.00 -79.18 -21.12
N SER EB 110 13.11 -79.07 -20.41
CA SER EB 110 13.24 -77.96 -19.46
C SER EB 110 14.69 -77.55 -19.28
N GLU EB 111 14.88 -76.35 -18.72
CA GLU EB 111 16.20 -75.77 -18.47
C GLU EB 111 16.22 -75.08 -17.10
N LEU EB 112 17.21 -75.36 -16.27
CA LEU EB 112 17.26 -74.68 -14.99
C LEU EB 112 17.56 -73.20 -15.18
N VAL EB 113 16.78 -72.34 -14.55
CA VAL EB 113 17.05 -70.91 -14.68
C VAL EB 113 18.11 -70.49 -13.66
N MET EB 114 19.34 -70.90 -13.95
CA MET EB 114 20.50 -70.55 -13.13
C MET EB 114 21.69 -70.44 -14.10
N PRO EB 115 22.66 -69.58 -13.77
CA PRO EB 115 23.78 -69.20 -14.65
C PRO EB 115 24.46 -70.36 -15.38
N TYR EB 116 24.71 -71.46 -14.69
CA TYR EB 116 25.43 -72.58 -15.32
C TYR EB 116 24.74 -73.08 -16.58
N THR EB 117 23.41 -72.98 -16.56
CA THR EB 117 22.58 -73.63 -17.55
C THR EB 117 21.79 -72.66 -18.44
N VAL EB 118 22.03 -71.37 -18.25
CA VAL EB 118 21.35 -70.37 -19.04
C VAL EB 118 22.05 -70.22 -20.39
N GLY EB 119 23.36 -70.38 -20.40
CA GLY EB 119 24.14 -70.23 -21.61
C GLY EB 119 25.60 -70.50 -21.33
N THR EB 120 26.38 -70.90 -22.34
CA THR EB 120 27.76 -71.27 -22.07
C THR EB 120 28.58 -70.06 -21.65
N TRP EB 121 28.30 -68.91 -22.23
CA TRP EB 121 29.08 -67.74 -21.87
C TRP EB 121 28.79 -67.32 -20.45
N LEU EB 122 27.53 -67.17 -20.12
CA LEU EB 122 27.18 -66.76 -18.77
C LEU EB 122 27.72 -67.79 -17.81
N ARG EB 123 27.73 -69.05 -18.22
CA ARG EB 123 28.26 -70.14 -17.40
C ARG EB 123 29.67 -69.92 -16.95
N GLY EB 124 30.56 -69.59 -17.89
CA GLY EB 124 31.95 -69.32 -17.57
C GLY EB 124 32.15 -68.04 -16.78
N VAL EB 125 31.46 -66.97 -17.17
CA VAL EB 125 31.59 -65.66 -16.51
C VAL EB 125 31.20 -65.73 -15.03
N ALA EB 126 29.97 -66.21 -14.76
CA ALA EB 126 29.39 -66.16 -13.43
C ALA EB 126 30.06 -67.10 -12.42
N ALA EB 127 30.84 -68.06 -12.92
CA ALA EB 127 31.53 -68.99 -12.04
C ALA EB 127 32.57 -68.29 -11.17
N ASN EB 128 33.04 -67.14 -11.65
CA ASN EB 128 34.08 -66.39 -10.96
C ASN EB 128 33.53 -65.67 -9.71
N TRP EB 129 32.22 -65.81 -9.48
CA TRP EB 129 31.57 -65.33 -8.25
C TRP EB 129 30.88 -66.51 -7.54
N SER EB 130 30.59 -66.36 -6.25
CA SER EB 130 29.99 -67.43 -5.44
C SER EB 130 28.45 -67.39 -5.43
N LYS EB 131 27.91 -66.17 -5.40
CA LYS EB 131 26.47 -65.96 -5.35
C LYS EB 131 26.00 -64.99 -6.44
N TYR EB 132 24.72 -65.04 -6.80
CA TYR EB 132 24.16 -64.11 -7.79
C TYR EB 132 22.71 -63.76 -7.50
N SER EB 133 22.19 -62.76 -8.19
CA SER EB 133 20.77 -62.52 -8.09
C SER EB 133 20.24 -62.07 -9.44
N TRP EB 134 19.15 -62.68 -9.90
CA TRP EB 134 18.52 -62.28 -11.15
C TRP EB 134 17.77 -60.95 -10.94
N LEU EB 135 18.08 -59.95 -11.75
CA LEU EB 135 17.27 -58.74 -11.72
C LEU EB 135 16.25 -58.87 -12.82
N SER EB 136 16.64 -59.55 -13.88
CA SER EB 136 15.79 -59.82 -15.02
C SER EB 136 16.23 -61.05 -15.81
N VAL EB 137 15.27 -61.90 -16.17
CA VAL EB 137 15.52 -63.02 -17.06
C VAL EB 137 14.41 -63.16 -18.08
N ARG EB 138 14.77 -63.06 -19.35
CA ARG EB 138 13.80 -63.18 -20.43
C ARG EB 138 14.22 -64.22 -21.46
N TYR EB 139 13.33 -65.18 -21.70
CA TYR EB 139 13.55 -66.23 -22.70
C TYR EB 139 12.72 -65.89 -23.93
N THR EB 140 13.40 -65.82 -25.07
CA THR EB 140 12.79 -65.39 -26.33
C THR EB 140 13.00 -66.40 -27.46
N TYR EB 141 11.91 -66.84 -28.06
CA TYR EB 141 11.97 -67.76 -29.18
C TYR EB 141 12.04 -66.98 -30.49
N ILE EB 142 13.07 -67.27 -31.30
CA ILE EB 142 13.20 -66.71 -32.66
C ILE EB 142 13.19 -67.83 -33.69
N PRO EB 143 12.30 -67.73 -34.71
CA PRO EB 143 12.14 -68.75 -35.76
C PRO EB 143 13.22 -68.76 -36.86
N SER EB 144 13.43 -69.92 -37.50
CA SER EB 144 14.38 -70.05 -38.62
C SER EB 144 13.86 -70.98 -39.74
N CYS EB 145 12.55 -71.21 -39.74
CA CYS EB 145 11.90 -72.14 -40.66
C CYS EB 145 10.99 -71.41 -41.61
N PRO EB 146 10.57 -72.08 -42.70
CA PRO EB 146 9.54 -71.47 -43.58
C PRO EB 146 8.18 -71.31 -42.91
N SER EB 147 7.38 -70.38 -43.39
CA SER EB 147 6.06 -70.07 -42.85
C SER EB 147 5.06 -71.19 -43.04
N SER EB 148 5.48 -72.20 -43.80
CA SER EB 148 4.65 -73.36 -44.15
C SER EB 148 4.92 -74.55 -43.20
N THR EB 149 5.72 -74.28 -42.17
CA THR EB 149 6.06 -75.26 -41.16
C THR EB 149 4.97 -75.43 -40.12
N ALA EB 150 4.56 -76.68 -39.94
CA ALA EB 150 3.64 -77.04 -38.88
C ALA EB 150 4.39 -77.13 -37.56
N GLY EB 151 3.72 -76.79 -36.47
CA GLY EB 151 4.31 -76.90 -35.16
C GLY EB 151 4.03 -75.69 -34.30
N SER EB 152 4.04 -75.90 -32.98
CA SER EB 152 3.92 -74.80 -32.03
C SER EB 152 4.86 -75.00 -30.84
N ILE EB 153 5.24 -73.90 -30.21
CA ILE EB 153 6.12 -73.94 -29.06
C ILE EB 153 5.40 -73.32 -27.88
N HIS EB 154 5.69 -73.85 -26.69
CA HIS EB 154 5.08 -73.41 -25.44
C HIS EB 154 6.14 -73.26 -24.34
N MET EB 155 6.05 -72.20 -23.55
CA MET EB 155 7.03 -71.97 -22.50
C MET EB 155 6.37 -71.49 -21.21
N GLY EB 156 6.91 -71.90 -20.08
CA GLY EB 156 6.43 -71.42 -18.79
C GLY EB 156 7.42 -71.71 -17.67
N PHE EB 157 7.22 -71.05 -16.52
CA PHE EB 157 8.13 -71.17 -15.40
C PHE EB 157 7.53 -71.96 -14.24
N GLN EB 158 8.35 -72.81 -13.63
CA GLN EB 158 8.04 -73.46 -12.36
C GLN EB 158 8.97 -72.88 -11.31
N TYR EB 159 8.46 -72.62 -10.12
CA TYR EB 159 9.26 -71.95 -9.10
C TYR EB 159 9.54 -72.87 -7.92
N ASP EB 160 9.12 -74.14 -8.04
CA ASP EB 160 9.36 -75.18 -7.06
C ASP EB 160 10.01 -76.39 -7.71
N MET EB 161 11.23 -76.73 -7.30
CA MET EB 161 11.93 -77.82 -8.00
C MET EB 161 11.20 -79.14 -7.89
N ALA EB 162 10.38 -79.30 -6.85
CA ALA EB 162 9.69 -80.55 -6.63
C ALA EB 162 8.50 -80.70 -7.57
N ASP EB 163 8.00 -79.60 -8.12
CA ASP EB 163 6.91 -79.67 -9.07
C ASP EB 163 7.39 -80.57 -10.19
N THR EB 164 6.61 -81.58 -10.58
CA THR EB 164 7.00 -82.39 -11.74
C THR EB 164 6.68 -81.64 -13.03
N VAL EB 165 7.54 -81.82 -14.01
CA VAL EB 165 7.39 -81.19 -15.31
C VAL EB 165 6.09 -81.60 -16.00
N PRO EB 166 5.34 -80.61 -16.54
CA PRO EB 166 4.04 -80.80 -17.20
C PRO EB 166 4.13 -81.77 -18.35
N VAL EB 167 3.00 -82.39 -18.68
CA VAL EB 167 2.97 -83.39 -19.73
C VAL EB 167 1.98 -82.99 -20.82
N SER EB 168 1.17 -81.98 -20.55
CA SER EB 168 0.21 -81.51 -21.55
C SER EB 168 0.28 -79.99 -21.73
N VAL EB 169 -0.07 -79.52 -22.93
CA VAL EB 169 -0.17 -78.08 -23.18
C VAL EB 169 -1.16 -77.48 -22.18
N ASN EB 170 -2.24 -78.21 -21.90
CA ASN EB 170 -3.25 -77.76 -20.95
C ASN EB 170 -2.63 -77.42 -19.59
N GLN EB 171 -1.87 -78.36 -19.03
CA GLN EB 171 -1.15 -78.13 -17.80
C GLN EB 171 -0.20 -76.94 -17.94
N LEU EB 172 0.57 -76.97 -19.01
CA LEU EB 172 1.59 -75.97 -19.24
C LEU EB 172 0.97 -74.58 -19.25
N SER EB 173 -0.24 -74.46 -19.79
CA SER EB 173 -0.91 -73.19 -19.95
C SER EB 173 -1.17 -72.49 -18.62
N ASN EB 174 -1.12 -73.24 -17.53
CA ASN EB 174 -1.44 -72.67 -16.22
C ASN EB 174 -0.24 -72.03 -15.56
N LEU EB 175 0.93 -72.28 -16.13
CA LEU EB 175 2.19 -71.79 -15.60
C LEU EB 175 2.29 -70.29 -15.79
N ARG EB 176 2.89 -69.61 -14.81
CA ARG EB 176 3.30 -68.21 -14.92
C ARG EB 176 4.14 -67.94 -16.17
N GLY EB 177 3.71 -66.97 -16.96
CA GLY EB 177 4.54 -66.57 -18.08
C GLY EB 177 4.38 -67.51 -19.24
N TYR EB 178 3.26 -68.20 -19.26
CA TYR EB 178 2.98 -69.11 -20.36
C TYR EB 178 2.94 -68.34 -21.69
N VAL EB 179 3.67 -68.84 -22.69
CA VAL EB 179 3.56 -68.30 -24.03
C VAL EB 179 3.43 -69.44 -25.03
N SER EB 180 2.91 -69.13 -26.20
CA SER EB 180 2.58 -70.13 -27.17
C SER EB 180 2.52 -69.48 -28.54
N GLY EB 181 3.03 -70.16 -29.57
CA GLY EB 181 2.92 -69.65 -30.94
C GLY EB 181 3.37 -70.60 -32.02
N GLN EB 182 3.02 -70.30 -33.28
CA GLN EB 182 3.50 -71.08 -34.42
C GLN EB 182 5.02 -71.11 -34.41
N VAL EB 183 5.64 -72.22 -34.83
CA VAL EB 183 7.09 -72.29 -34.75
C VAL EB 183 7.73 -71.36 -35.78
N TRP EB 184 6.93 -70.80 -36.68
CA TRP EB 184 7.45 -69.84 -37.66
C TRP EB 184 7.07 -68.43 -37.24
N SER EB 185 6.40 -68.29 -36.08
CA SER EB 185 6.13 -66.98 -35.49
C SER EB 185 7.23 -66.56 -34.47
N GLY EB 186 7.25 -65.30 -34.03
CA GLY EB 186 8.14 -64.91 -32.96
C GLY EB 186 9.25 -63.94 -33.34
N SER EB 187 9.29 -63.59 -34.63
CA SER EB 187 10.24 -62.66 -35.21
C SER EB 187 10.31 -61.36 -34.43
N ALA EB 188 9.14 -60.94 -33.94
CA ALA EB 188 8.98 -59.67 -33.26
C ALA EB 188 9.69 -59.61 -31.92
N GLY EB 189 10.16 -60.76 -31.46
CA GLY EB 189 10.87 -60.80 -30.20
C GLY EB 189 12.30 -60.33 -30.30
N LEU EB 190 12.78 -60.17 -31.53
CA LEU EB 190 14.19 -59.85 -31.80
C LEU EB 190 14.67 -58.59 -31.12
N CYS EB 191 13.82 -57.59 -31.08
CA CYS EB 191 14.22 -56.34 -30.49
C CYS EB 191 14.58 -56.50 -29.00
N PHE EB 192 13.99 -57.49 -28.35
CA PHE EB 192 14.34 -57.77 -26.94
C PHE EB 192 15.79 -58.20 -26.80
N ILE EB 193 16.33 -58.85 -27.82
CA ILE EB 193 17.62 -59.46 -27.70
C ILE EB 193 18.74 -58.43 -27.87
N ASN EB 194 18.58 -57.49 -28.79
CA ASN EB 194 19.61 -56.46 -28.97
C ASN EB 194 19.23 -55.21 -28.18
N GLY EB 195 18.20 -55.35 -27.36
CA GLY EB 195 17.78 -54.28 -26.47
C GLY EB 195 17.39 -53.01 -27.20
N THR EB 196 16.87 -53.13 -28.41
CA THR EB 196 16.55 -51.91 -29.15
C THR EB 196 15.13 -51.48 -28.81
N ARG EB 197 14.67 -50.38 -29.42
CA ARG EB 197 13.33 -49.86 -29.17
C ARG EB 197 12.28 -50.89 -29.58
N CYS EB 198 11.50 -51.34 -28.61
CA CYS EB 198 10.47 -52.32 -28.90
C CYS EB 198 9.11 -51.66 -29.07
N SER EB 199 8.44 -52.00 -30.16
CA SER EB 199 7.16 -51.41 -30.45
C SER EB 199 6.09 -52.52 -30.63
N ASP EB 200 6.02 -53.12 -31.82
CA ASP EB 200 5.03 -54.16 -32.12
C ASP EB 200 5.44 -55.57 -31.65
N THR EB 201 5.47 -55.78 -30.35
CA THR EB 201 5.94 -57.06 -29.83
C THR EB 201 4.82 -57.97 -29.42
N SER EB 202 3.61 -57.66 -29.87
CA SER EB 202 2.44 -58.43 -29.44
C SER EB 202 2.50 -59.87 -29.87
N THR EB 203 3.18 -60.11 -30.99
CA THR EB 203 3.28 -61.45 -31.57
C THR EB 203 4.48 -62.24 -31.04
N ALA EB 204 5.31 -61.55 -30.28
CA ALA EB 204 6.55 -62.12 -29.79
C ALA EB 204 6.34 -63.30 -28.87
N ILE EB 205 7.03 -64.39 -29.15
CA ILE EB 205 7.01 -65.52 -28.24
C ILE EB 205 8.13 -65.36 -27.19
N SER EB 206 7.93 -64.44 -26.26
CA SER EB 206 8.93 -64.09 -25.25
C SER EB 206 8.34 -64.05 -23.83
N THR EB 207 9.07 -64.52 -22.84
CA THR EB 207 8.52 -64.51 -21.48
C THR EB 207 9.60 -64.26 -20.41
N THR EB 208 9.20 -63.68 -19.27
CA THR EB 208 10.14 -63.21 -18.24
C THR EB 208 9.85 -63.81 -16.89
N LEU EB 209 10.92 -63.94 -16.09
CA LEU EB 209 10.89 -64.56 -14.76
C LEU EB 209 10.32 -63.64 -13.68
N ASP EB 210 9.54 -64.18 -12.75
CA ASP EB 210 9.10 -63.34 -11.63
C ASP EB 210 10.19 -63.19 -10.58
N VAL EB 211 11.13 -62.29 -10.82
CA VAL EB 211 12.27 -62.13 -9.93
C VAL EB 211 11.85 -61.71 -8.52
N SER EB 212 10.80 -60.90 -8.45
CA SER EB 212 10.25 -60.43 -7.18
C SER EB 212 9.66 -61.55 -6.30
N LYS EB 213 9.43 -62.73 -6.86
CA LYS EB 213 8.69 -63.76 -6.14
C LYS EB 213 9.55 -64.98 -5.90
N LEU EB 214 10.85 -64.82 -6.11
CA LEU EB 214 11.76 -65.93 -5.86
C LEU EB 214 11.86 -66.18 -4.38
N GLY EB 215 12.33 -67.38 -4.00
CA GLY EB 215 12.45 -67.75 -2.60
C GLY EB 215 13.26 -66.76 -1.78
N LYS EB 216 14.48 -66.47 -2.25
CA LYS EB 216 15.38 -65.51 -1.65
C LYS EB 216 16.00 -64.60 -2.69
N LYS EB 217 16.95 -63.77 -2.29
CA LYS EB 217 17.57 -62.88 -3.25
C LYS EB 217 18.89 -63.42 -3.77
N TRP EB 218 19.76 -63.84 -2.86
CA TRP EB 218 21.08 -64.26 -3.26
C TRP EB 218 21.17 -65.78 -3.30
N TYR EB 219 21.35 -66.32 -4.50
CA TYR EB 219 21.46 -67.75 -4.70
C TYR EB 219 22.91 -68.10 -4.91
N PRO EB 220 23.33 -69.30 -4.47
CA PRO EB 220 24.67 -69.77 -4.78
C PRO EB 220 24.81 -70.27 -6.21
N TYR EB 221 25.95 -70.00 -6.84
CA TYR EB 221 26.26 -70.57 -8.14
C TYR EB 221 26.49 -72.07 -7.99
N LYS EB 222 25.70 -72.84 -8.72
CA LYS EB 222 25.78 -74.28 -8.69
C LYS EB 222 25.81 -74.81 -10.10
N THR EB 223 26.40 -75.98 -10.26
CA THR EB 223 26.43 -76.65 -11.55
C THR EB 223 25.30 -77.69 -11.65
N SER EB 224 25.17 -78.28 -12.84
CA SER EB 224 24.23 -79.36 -13.04
C SER EB 224 24.53 -80.56 -12.14
N ALA EB 225 25.82 -80.86 -11.99
CA ALA EB 225 26.24 -81.90 -11.07
C ALA EB 225 25.73 -81.59 -9.66
N ASP EB 226 25.94 -80.36 -9.22
CA ASP EB 226 25.48 -79.94 -7.90
C ASP EB 226 23.98 -80.11 -7.77
N TYR EB 227 23.26 -79.81 -8.84
CA TYR EB 227 21.81 -79.94 -8.83
C TYR EB 227 21.37 -81.38 -8.63
N ALA EB 228 21.94 -82.27 -9.45
CA ALA EB 228 21.58 -83.68 -9.46
C ALA EB 228 21.81 -84.36 -8.10
N THR EB 229 22.99 -84.16 -7.53
CA THR EB 229 23.32 -84.73 -6.23
C THR EB 229 22.37 -84.23 -5.14
N ALA EB 230 22.12 -82.93 -5.13
CA ALA EB 230 21.25 -82.34 -4.10
C ALA EB 230 19.87 -82.97 -4.13
N VAL EB 231 19.28 -83.15 -5.31
CA VAL EB 231 17.96 -83.77 -5.39
C VAL EB 231 18.03 -85.28 -5.13
N GLY EB 232 19.21 -85.88 -5.34
CA GLY EB 232 19.43 -87.28 -5.02
C GLY EB 232 19.29 -87.54 -3.53
N VAL EB 233 19.62 -86.54 -2.71
CA VAL EB 233 19.46 -86.64 -1.27
C VAL EB 233 18.01 -86.35 -0.85
N ASP EB 234 17.48 -85.23 -1.35
CA ASP EB 234 16.09 -84.81 -1.13
C ASP EB 234 15.78 -83.66 -2.08
N VAL EB 235 14.71 -83.78 -2.85
CA VAL EB 235 14.41 -82.79 -3.88
C VAL EB 235 14.27 -81.34 -3.36
N ASN EB 236 13.83 -81.19 -2.12
CA ASN EB 236 13.57 -79.87 -1.58
C ASN EB 236 14.87 -79.14 -1.28
N ILE EB 237 15.96 -79.88 -1.18
CA ILE EB 237 17.25 -79.27 -0.95
C ILE EB 237 17.57 -78.38 -2.13
N ALA EB 238 17.06 -78.75 -3.30
CA ALA EB 238 17.39 -78.03 -4.51
C ALA EB 238 16.71 -76.66 -4.58
N THR EB 239 15.61 -76.50 -3.85
CA THR EB 239 14.85 -75.25 -3.86
C THR EB 239 15.65 -74.01 -3.41
N PRO EB 240 16.46 -74.13 -2.34
CA PRO EB 240 17.27 -72.93 -2.13
C PRO EB 240 18.47 -72.84 -3.09
N LEU EB 241 18.59 -73.78 -4.04
CA LEU EB 241 19.71 -73.82 -4.97
C LEU EB 241 19.37 -73.32 -6.39
N VAL EB 242 18.11 -73.46 -6.80
CA VAL EB 242 17.67 -72.97 -8.11
C VAL EB 242 16.48 -72.05 -7.95
N PRO EB 243 16.50 -70.87 -8.60
CA PRO EB 243 15.33 -69.98 -8.43
C PRO EB 243 14.07 -70.49 -9.11
N ALA EB 244 14.22 -71.08 -10.30
CA ALA EB 244 13.08 -71.56 -11.07
C ALA EB 244 13.56 -72.46 -12.20
N ARG EB 245 12.62 -73.14 -12.87
CA ARG EB 245 12.94 -73.89 -14.08
C ARG EB 245 11.99 -73.48 -15.22
N LEU EB 246 12.55 -73.40 -16.42
CA LEU EB 246 11.81 -73.10 -17.62
C LEU EB 246 11.30 -74.38 -18.22
N VAL EB 247 10.02 -74.45 -18.52
CA VAL EB 247 9.44 -75.61 -19.17
C VAL EB 247 9.15 -75.26 -20.63
N ILE EB 248 9.53 -76.17 -21.54
CA ILE EB 248 9.40 -75.94 -22.97
C ILE EB 248 8.71 -77.13 -23.63
N ALA EB 249 7.68 -76.88 -24.42
CA ALA EB 249 7.02 -77.98 -25.12
C ALA EB 249 6.97 -77.75 -26.62
N LEU EB 250 7.23 -78.81 -27.38
CA LEU EB 250 7.04 -78.77 -28.83
C LEU EB 250 6.14 -79.90 -29.34
N LEU EB 251 5.19 -79.54 -30.20
CA LEU EB 251 4.24 -80.49 -30.76
C LEU EB 251 3.66 -79.91 -32.04
N ASP EB 252 2.64 -80.57 -32.60
CA ASP EB 252 1.88 -80.08 -33.78
C ASP EB 252 2.69 -80.00 -35.06
N GLY EB 253 3.83 -80.68 -35.10
CA GLY EB 253 4.69 -80.73 -36.28
C GLY EB 253 4.10 -81.73 -37.25
N SER EB 254 4.62 -81.74 -38.48
CA SER EB 254 4.04 -82.58 -39.53
C SER EB 254 4.84 -83.85 -39.78
N SER EB 255 5.98 -83.95 -39.12
CA SER EB 255 6.87 -85.07 -39.28
C SER EB 255 7.07 -85.76 -37.93
N SER EB 256 7.46 -87.03 -37.94
CA SER EB 256 7.80 -87.72 -36.70
C SER EB 256 9.25 -87.49 -36.36
N THR EB 257 10.04 -87.16 -37.39
CA THR EB 257 11.44 -86.80 -37.18
C THR EB 257 11.56 -85.27 -37.17
N ALA EB 258 12.35 -84.76 -36.23
CA ALA EB 258 12.43 -83.32 -35.93
C ALA EB 258 12.80 -82.41 -37.09
N VAL EB 259 11.95 -81.42 -37.31
CA VAL EB 259 12.16 -80.39 -38.30
C VAL EB 259 12.73 -79.21 -37.54
N ALA EB 260 13.77 -78.60 -38.09
CA ALA EB 260 14.39 -77.44 -37.46
C ALA EB 260 13.39 -76.29 -37.36
N ALA EB 261 13.14 -75.81 -36.15
CA ALA EB 261 12.14 -74.78 -35.98
C ALA EB 261 12.79 -73.45 -35.69
N GLY EB 262 13.45 -73.32 -34.53
CA GLY EB 262 14.07 -72.06 -34.19
C GLY EB 262 15.00 -72.16 -33.01
N ARG EB 263 15.19 -71.05 -32.30
CA ARG EB 263 16.11 -71.07 -31.16
C ARG EB 263 15.55 -70.26 -30.02
N ILE EB 264 15.96 -70.64 -28.81
CA ILE EB 264 15.63 -69.86 -27.63
C ILE EB 264 16.87 -69.09 -27.20
N TYR EB 265 16.73 -67.76 -27.07
CA TYR EB 265 17.76 -66.89 -26.56
C TYR EB 265 17.43 -66.46 -25.13
N CYS EB 266 18.45 -66.17 -24.35
CA CYS EB 266 18.22 -65.64 -23.01
C CYS EB 266 18.73 -64.21 -22.92
N THR EB 267 17.89 -63.30 -22.43
CA THR EB 267 18.32 -61.92 -22.19
C THR EB 267 18.17 -61.65 -20.70
N TYR EB 268 19.30 -61.45 -20.02
CA TYR EB 268 19.34 -61.39 -18.55
C TYR EB 268 20.09 -60.17 -17.99
N THR EB 269 19.69 -59.73 -16.81
CA THR EB 269 20.46 -58.78 -16.03
C THR EB 269 20.78 -59.39 -14.69
N ILE EB 270 22.04 -59.75 -14.47
CA ILE EB 270 22.40 -60.49 -13.27
C ILE EB 270 23.32 -59.68 -12.37
N GLN EB 271 23.05 -59.75 -11.07
CA GLN EB 271 23.94 -59.19 -10.08
C GLN EB 271 24.80 -60.29 -9.52
N MET EB 272 26.11 -60.15 -9.69
CA MET EB 272 27.05 -61.13 -9.22
C MET EB 272 27.86 -60.58 -8.07
N ILE EB 273 27.94 -61.34 -6.97
CA ILE EB 273 28.69 -60.89 -5.79
C ILE EB 273 29.59 -61.97 -5.24
N GLU EB 274 30.56 -61.55 -4.42
CA GLU EB 274 31.48 -62.41 -3.69
C GLU EB 274 32.37 -63.29 -4.58
N PRO EB 275 33.44 -62.70 -5.15
CA PRO EB 275 34.40 -63.41 -6.00
C PRO EB 275 35.00 -64.63 -5.31
N THR EB 276 35.52 -65.56 -6.11
CA THR EB 276 36.08 -66.80 -5.61
C THR EB 276 37.17 -67.22 -6.56
N ALA EB 277 38.17 -67.94 -6.08
CA ALA EB 277 39.27 -68.37 -6.93
C ALA EB 277 39.37 -69.90 -7.14
N SER EB 278 40.47 -70.31 -7.78
CA SER EB 278 40.78 -71.72 -8.07
C SER EB 278 42.30 -72.01 -7.92
N ALA EB 279 42.68 -73.29 -8.01
CA ALA EB 279 44.07 -73.77 -7.91
C ALA EB 279 44.77 -73.45 -6.59
N GLY FB 87 -15.11 -60.57 1.84
CA GLY FB 87 -15.45 -61.96 1.57
C GLY FB 87 -15.05 -62.39 0.16
N ILE FB 88 -14.59 -61.41 -0.63
CA ILE FB 88 -14.23 -61.64 -2.04
C ILE FB 88 -12.78 -62.05 -2.30
N THR FB 89 -12.57 -63.23 -2.84
CA THR FB 89 -11.24 -63.57 -3.33
C THR FB 89 -11.18 -63.25 -4.84
N VAL FB 90 -10.35 -62.30 -5.22
CA VAL FB 90 -10.22 -61.91 -6.63
C VAL FB 90 -9.08 -62.67 -7.32
N LEU FB 91 -9.37 -63.22 -8.51
CA LEU FB 91 -8.43 -64.06 -9.24
C LEU FB 91 -8.25 -63.68 -10.72
N THR FB 92 -7.00 -63.60 -11.21
CA THR FB 92 -6.75 -63.44 -12.65
C THR FB 92 -5.83 -64.54 -13.18
N HIS FB 93 -6.25 -65.17 -14.25
CA HIS FB 93 -5.52 -66.30 -14.77
C HIS FB 93 -5.87 -66.58 -16.24
N SER FB 94 -4.95 -67.19 -16.96
CA SER FB 94 -5.16 -67.63 -18.33
C SER FB 94 -4.95 -69.13 -18.39
N GLU FB 95 -5.82 -69.83 -19.11
CA GLU FB 95 -5.57 -71.25 -19.32
C GLU FB 95 -6.21 -71.75 -20.59
N LEU FB 96 -5.80 -72.95 -21.00
CA LEU FB 96 -6.34 -73.57 -22.21
C LEU FB 96 -7.82 -73.85 -21.99
N SER FB 97 -8.62 -73.48 -22.98
CA SER FB 97 -10.05 -73.65 -22.85
C SER FB 97 -10.59 -74.54 -23.98
N ALA FB 98 -9.86 -74.62 -25.09
CA ALA FB 98 -10.32 -75.35 -26.27
C ALA FB 98 -9.22 -75.59 -27.30
N GLU FB 99 -9.26 -76.75 -27.94
CA GLU FB 99 -8.38 -77.10 -29.05
C GLU FB 99 -9.15 -77.09 -30.36
N ILE FB 100 -8.57 -76.58 -31.43
CA ILE FB 100 -9.31 -76.27 -32.64
C ILE FB 100 -8.79 -76.91 -33.92
N GLY FB 101 -9.70 -77.51 -34.69
CA GLY FB 101 -9.38 -78.12 -35.98
C GLY FB 101 -10.33 -77.74 -37.10
N VAL FB 102 -9.87 -77.76 -38.35
CA VAL FB 102 -10.71 -77.35 -39.50
C VAL FB 102 -11.01 -78.34 -40.59
N THR FB 103 -12.22 -78.23 -41.12
CA THR FB 103 -12.66 -79.00 -42.27
C THR FB 103 -13.21 -78.10 -43.39
N ASP FB 104 -13.60 -78.73 -44.49
CA ASP FB 104 -14.06 -78.00 -45.68
C ASP FB 104 -15.53 -77.70 -45.59
N SER FB 105 -16.15 -78.16 -44.53
CA SER FB 105 -17.54 -77.81 -44.25
C SER FB 105 -17.64 -77.18 -42.86
N ILE FB 106 -18.58 -76.27 -42.70
CA ILE FB 106 -18.73 -75.53 -41.45
C ILE FB 106 -19.04 -76.44 -40.28
N VAL FB 107 -18.34 -76.25 -39.18
CA VAL FB 107 -18.61 -76.99 -37.95
C VAL FB 107 -18.83 -76.03 -36.77
N VAL FB 108 -20.05 -76.02 -36.20
CA VAL FB 108 -20.34 -75.06 -35.14
C VAL FB 108 -20.42 -75.72 -33.76
N SER FB 109 -19.54 -75.28 -32.86
CA SER FB 109 -19.46 -75.76 -31.49
C SER FB 109 -19.64 -74.61 -30.49
N SER FB 110 -19.74 -74.91 -29.20
CA SER FB 110 -19.90 -73.86 -28.18
C SER FB 110 -19.34 -74.23 -26.80
N GLU FB 111 -19.18 -73.22 -25.95
CA GLU FB 111 -18.70 -73.44 -24.59
C GLU FB 111 -19.42 -72.47 -23.68
N LEU FB 112 -19.97 -72.98 -22.58
CA LEU FB 112 -20.66 -72.13 -21.62
C LEU FB 112 -19.63 -71.30 -20.88
N VAL FB 113 -19.87 -70.00 -20.77
CA VAL FB 113 -18.93 -69.12 -20.09
C VAL FB 113 -19.13 -69.18 -18.59
N MET FB 114 -18.69 -70.29 -18.00
CA MET FB 114 -18.79 -70.47 -16.55
C MET FB 114 -17.61 -71.29 -16.04
N PRO FB 115 -17.22 -71.03 -14.77
CA PRO FB 115 -16.02 -71.63 -14.17
C PRO FB 115 -15.87 -73.11 -14.48
N TYR FB 116 -16.96 -73.86 -14.39
CA TYR FB 116 -16.87 -75.29 -14.63
C TYR FB 116 -16.33 -75.64 -16.02
N THR FB 117 -16.68 -74.85 -17.03
CA THR FB 117 -16.40 -75.28 -18.40
C THR FB 117 -15.38 -74.43 -19.12
N VAL FB 118 -14.83 -73.46 -18.38
CA VAL FB 118 -13.84 -72.55 -18.93
C VAL FB 118 -12.44 -73.17 -18.97
N GLY FB 119 -12.09 -74.00 -18.00
CA GLY FB 119 -10.76 -74.60 -17.98
C GLY FB 119 -10.67 -75.57 -16.84
N THR FB 120 -9.81 -76.57 -16.92
CA THR FB 120 -9.79 -77.60 -15.88
C THR FB 120 -9.39 -77.00 -14.56
N TRP FB 121 -8.43 -76.08 -14.60
CA TRP FB 121 -7.89 -75.48 -13.37
C TRP FB 121 -8.94 -74.64 -12.63
N LEU FB 122 -9.56 -73.68 -13.32
CA LEU FB 122 -10.59 -72.85 -12.70
C LEU FB 122 -11.72 -73.72 -12.21
N ARG FB 123 -12.03 -74.76 -12.98
CA ARG FB 123 -13.09 -75.65 -12.60
C ARG FB 123 -12.87 -76.13 -11.18
N GLY FB 124 -11.68 -76.64 -10.90
CA GLY FB 124 -11.41 -77.14 -9.58
C GLY FB 124 -11.37 -76.05 -8.54
N VAL FB 125 -10.69 -74.95 -8.86
CA VAL FB 125 -10.49 -73.87 -7.91
C VAL FB 125 -11.81 -73.27 -7.45
N ALA FB 126 -12.64 -72.86 -8.41
CA ALA FB 126 -13.86 -72.12 -8.10
C ALA FB 126 -14.90 -72.97 -7.37
N ALA FB 127 -14.73 -74.29 -7.42
CA ALA FB 127 -15.66 -75.20 -6.78
C ALA FB 127 -15.66 -75.04 -5.25
N ASN FB 128 -14.59 -74.50 -4.69
CA ASN FB 128 -14.52 -74.27 -3.26
C ASN FB 128 -15.35 -73.09 -2.84
N TRP FB 129 -15.90 -72.36 -3.80
CA TRP FB 129 -16.76 -71.25 -3.47
C TRP FB 129 -18.16 -71.49 -3.99
N SER FB 130 -19.12 -70.80 -3.41
CA SER FB 130 -20.52 -71.04 -3.72
C SER FB 130 -20.98 -70.19 -4.89
N LYS FB 131 -20.49 -68.98 -4.93
CA LYS FB 131 -20.90 -68.05 -5.96
C LYS FB 131 -19.68 -67.40 -6.58
N TYR FB 132 -19.84 -66.84 -7.78
CA TYR FB 132 -18.76 -66.10 -8.42
C TYR FB 132 -19.31 -64.91 -9.21
N SER FB 133 -18.42 -64.05 -9.69
CA SER FB 133 -18.78 -63.00 -10.63
C SER FB 133 -17.66 -62.76 -11.61
N TRP FB 134 -17.99 -62.66 -12.88
CA TRP FB 134 -17.01 -62.30 -13.89
C TRP FB 134 -16.71 -60.80 -13.92
N LEU FB 135 -15.43 -60.42 -13.73
CA LEU FB 135 -15.00 -59.02 -13.93
C LEU FB 135 -14.49 -58.85 -15.34
N SER FB 136 -13.91 -59.92 -15.86
CA SER FB 136 -13.45 -59.94 -17.24
C SER FB 136 -13.34 -61.37 -17.74
N VAL FB 137 -13.80 -61.61 -18.96
CA VAL FB 137 -13.58 -62.88 -19.64
C VAL FB 137 -13.18 -62.60 -21.07
N ARG FB 138 -12.04 -63.14 -21.46
CA ARG FB 138 -11.54 -63.02 -22.81
C ARG FB 138 -11.15 -64.37 -23.37
N TYR FB 139 -11.67 -64.67 -24.56
CA TYR FB 139 -11.32 -65.88 -25.32
C TYR FB 139 -10.38 -65.48 -26.44
N THR FB 140 -9.22 -66.10 -26.49
CA THR FB 140 -8.23 -65.68 -27.45
C THR FB 140 -7.80 -66.90 -28.24
N TYR FB 141 -7.89 -66.82 -29.57
CA TYR FB 141 -7.43 -67.90 -30.45
C TYR FB 141 -5.98 -67.68 -30.87
N ILE FB 142 -5.17 -68.70 -30.64
CA ILE FB 142 -3.77 -68.69 -31.05
C ILE FB 142 -3.58 -69.81 -32.08
N PRO FB 143 -3.02 -69.51 -33.26
CA PRO FB 143 -2.83 -70.50 -34.33
C PRO FB 143 -1.67 -71.42 -34.06
N SER FB 144 -1.65 -72.60 -34.67
CA SER FB 144 -0.52 -73.53 -34.51
C SER FB 144 -0.19 -74.20 -35.83
N CYS FB 145 -0.71 -73.63 -36.92
CA CYS FB 145 -0.60 -74.26 -38.24
C CYS FB 145 0.20 -73.39 -39.19
N PRO FB 146 0.64 -73.98 -40.32
CA PRO FB 146 1.31 -73.21 -41.37
C PRO FB 146 0.45 -72.13 -41.96
N SER FB 147 1.13 -71.13 -42.51
CA SER FB 147 0.50 -69.99 -43.15
C SER FB 147 -0.27 -70.40 -44.39
N SER FB 148 -0.04 -71.63 -44.80
CA SER FB 148 -0.67 -72.20 -45.99
C SER FB 148 -1.90 -73.05 -45.65
N THR FB 149 -2.30 -73.01 -44.38
CA THR FB 149 -3.43 -73.78 -43.91
C THR FB 149 -4.75 -73.11 -44.31
N ALA FB 150 -5.58 -73.82 -45.05
CA ALA FB 150 -6.88 -73.28 -45.45
C ALA FB 150 -7.85 -73.36 -44.30
N GLY FB 151 -8.71 -72.36 -44.18
CA GLY FB 151 -9.67 -72.33 -43.10
C GLY FB 151 -9.80 -70.98 -42.43
N SER FB 152 -10.94 -70.77 -41.77
CA SER FB 152 -11.16 -69.57 -40.97
C SER FB 152 -11.88 -69.94 -39.67
N ILE FB 153 -11.70 -69.12 -38.64
CA ILE FB 153 -12.34 -69.37 -37.35
C ILE FB 153 -13.24 -68.20 -37.01
N HIS FB 154 -14.37 -68.48 -36.35
CA HIS FB 154 -15.35 -67.48 -35.97
C HIS FB 154 -15.78 -67.68 -34.55
N MET FB 155 -15.91 -66.58 -33.81
CA MET FB 155 -16.36 -66.61 -32.41
C MET FB 155 -17.32 -65.46 -32.10
N GLY FB 156 -18.31 -65.71 -31.25
CA GLY FB 156 -19.20 -64.66 -30.78
C GLY FB 156 -19.94 -65.12 -29.55
N PHE FB 157 -20.58 -64.20 -28.83
CA PHE FB 157 -21.28 -64.57 -27.60
C PHE FB 157 -22.80 -64.55 -27.68
N GLN FB 158 -23.45 -65.52 -27.06
CA GLN FB 158 -24.89 -65.46 -26.82
C GLN FB 158 -25.16 -65.32 -25.33
N TYR FB 159 -26.11 -64.46 -24.96
CA TYR FB 159 -26.32 -64.16 -23.56
C TYR FB 159 -27.66 -64.67 -23.02
N ASP FB 160 -28.39 -65.36 -23.89
CA ASP FB 160 -29.66 -66.01 -23.55
C ASP FB 160 -29.60 -67.50 -23.88
N MET FB 161 -29.69 -68.35 -22.88
CA MET FB 161 -29.50 -69.78 -23.13
C MET FB 161 -30.53 -70.40 -24.04
N ALA FB 162 -31.68 -69.73 -24.20
CA ALA FB 162 -32.77 -70.27 -25.02
C ALA FB 162 -32.53 -70.09 -26.49
N ASP FB 163 -31.66 -69.14 -26.84
CA ASP FB 163 -31.27 -68.86 -28.23
C ASP FB 163 -30.70 -70.12 -28.89
N THR FB 164 -31.11 -70.38 -30.14
CA THR FB 164 -30.54 -71.52 -30.89
C THR FB 164 -29.13 -71.21 -31.37
N VAL FB 165 -28.26 -72.23 -31.34
CA VAL FB 165 -26.91 -72.05 -31.84
C VAL FB 165 -26.92 -71.78 -33.33
N PRO FB 166 -26.11 -70.81 -33.77
CA PRO FB 166 -26.02 -70.41 -35.18
C PRO FB 166 -25.65 -71.54 -36.12
N VAL FB 167 -26.03 -71.38 -37.39
CA VAL FB 167 -25.76 -72.38 -38.39
C VAL FB 167 -24.97 -71.79 -39.56
N SER FB 168 -24.89 -70.47 -39.63
CA SER FB 168 -24.09 -69.85 -40.68
C SER FB 168 -23.15 -68.75 -40.09
N VAL FB 169 -22.07 -68.47 -40.81
CA VAL FB 169 -21.20 -67.36 -40.48
C VAL FB 169 -22.03 -66.11 -40.48
N ASN FB 170 -22.95 -66.07 -41.43
CA ASN FB 170 -23.87 -64.96 -41.61
C ASN FB 170 -24.58 -64.63 -40.32
N GLN FB 171 -25.17 -65.64 -39.68
CA GLN FB 171 -25.81 -65.47 -38.38
C GLN FB 171 -24.86 -65.00 -37.31
N LEU FB 172 -23.77 -65.73 -37.21
CA LEU FB 172 -22.76 -65.56 -36.18
C LEU FB 172 -22.22 -64.14 -36.25
N SER FB 173 -22.05 -63.60 -37.47
CA SER FB 173 -21.41 -62.28 -37.66
C SER FB 173 -22.18 -61.14 -36.96
N ASN FB 174 -23.40 -61.39 -36.54
CA ASN FB 174 -24.16 -60.35 -35.86
C ASN FB 174 -23.94 -60.32 -34.35
N LEU FB 175 -23.36 -61.37 -33.81
CA LEU FB 175 -23.21 -61.53 -32.38
C LEU FB 175 -22.21 -60.51 -31.79
N ARG FB 176 -22.51 -60.01 -30.58
CA ARG FB 176 -21.54 -59.24 -29.78
C ARG FB 176 -20.23 -59.97 -29.67
N GLY FB 177 -19.16 -59.25 -30.01
CA GLY FB 177 -17.80 -59.74 -29.87
C GLY FB 177 -17.41 -60.63 -31.02
N TYR FB 178 -18.19 -60.59 -32.09
CA TYR FB 178 -17.89 -61.39 -33.26
C TYR FB 178 -16.54 -61.04 -33.81
N VAL FB 179 -15.70 -62.04 -33.96
CA VAL FB 179 -14.41 -61.86 -34.60
C VAL FB 179 -14.16 -62.98 -35.57
N SER FB 180 -13.23 -62.74 -36.48
CA SER FB 180 -12.99 -63.67 -37.56
C SER FB 180 -11.59 -63.50 -38.12
N GLY FB 181 -11.00 -64.63 -38.49
CA GLY FB 181 -9.70 -64.62 -39.12
C GLY FB 181 -9.29 -65.98 -39.68
N GLN FB 182 -8.21 -65.99 -40.45
CA GLN FB 182 -7.59 -67.22 -40.90
C GLN FB 182 -7.16 -68.12 -39.73
N VAL FB 183 -7.23 -69.42 -39.94
CA VAL FB 183 -6.92 -70.36 -38.87
C VAL FB 183 -5.44 -70.35 -38.56
N TRP FB 184 -4.66 -69.67 -39.40
CA TRP FB 184 -3.23 -69.51 -39.18
C TRP FB 184 -2.85 -68.08 -38.72
N SER FB 185 -3.86 -67.23 -38.53
CA SER FB 185 -3.70 -65.88 -37.98
C SER FB 185 -3.92 -65.84 -36.46
N GLY FB 186 -3.65 -64.72 -35.82
CA GLY FB 186 -4.06 -64.55 -34.44
C GLY FB 186 -2.93 -64.42 -33.42
N SER FB 187 -1.69 -64.53 -33.86
CA SER FB 187 -0.51 -64.45 -33.00
C SER FB 187 -0.48 -63.22 -32.13
N ALA FB 188 -1.00 -62.10 -32.65
CA ALA FB 188 -1.01 -60.85 -31.91
C ALA FB 188 -1.89 -60.90 -30.64
N GLY FB 189 -2.64 -61.98 -30.47
CA GLY FB 189 -3.45 -62.15 -29.28
C GLY FB 189 -2.66 -62.63 -28.08
N LEU FB 190 -1.43 -63.06 -28.29
CA LEU FB 190 -0.61 -63.63 -27.22
C LEU FB 190 -0.41 -62.69 -26.04
N CYS FB 191 -0.25 -61.40 -26.31
CA CYS FB 191 0.02 -60.44 -25.24
C CYS FB 191 -1.11 -60.39 -24.22
N PHE FB 192 -2.32 -60.69 -24.67
CA PHE FB 192 -3.46 -60.71 -23.75
C PHE FB 192 -3.34 -61.80 -22.74
N ILE FB 193 -2.72 -62.91 -23.15
CA ILE FB 193 -2.73 -64.12 -22.36
C ILE FB 193 -1.72 -64.03 -21.21
N ASN FB 194 -0.55 -63.48 -21.48
CA ASN FB 194 0.43 -63.31 -20.42
C ASN FB 194 0.40 -61.89 -19.82
N GLY FB 195 -0.63 -61.12 -20.14
CA GLY FB 195 -0.84 -59.82 -19.52
C GLY FB 195 0.28 -58.81 -19.71
N THR FB 196 0.95 -58.84 -20.86
CA THR FB 196 2.05 -57.90 -21.13
C THR FB 196 1.54 -56.66 -21.89
N ARG FB 197 2.44 -55.76 -22.26
CA ARG FB 197 2.08 -54.54 -23.01
C ARG FB 197 1.48 -54.91 -24.34
N CYS FB 198 0.23 -54.50 -24.55
CA CYS FB 198 -0.42 -54.77 -25.81
C CYS FB 198 -0.30 -53.59 -26.78
N SER FB 199 0.18 -53.85 -28.00
CA SER FB 199 0.38 -52.79 -28.97
C SER FB 199 -0.34 -53.06 -30.27
N ASP FB 200 0.31 -53.82 -31.16
CA ASP FB 200 -0.23 -54.15 -32.48
C ASP FB 200 -1.22 -55.34 -32.45
N THR FB 201 -2.37 -55.13 -31.84
CA THR FB 201 -3.32 -56.19 -31.62
C THR FB 201 -4.43 -56.17 -32.62
N SER FB 202 -4.26 -55.47 -33.75
CA SER FB 202 -5.37 -55.32 -34.71
C SER FB 202 -5.81 -56.64 -35.34
N THR FB 203 -4.88 -57.57 -35.45
CA THR FB 203 -5.13 -58.89 -36.04
C THR FB 203 -5.57 -59.94 -35.05
N ALA FB 204 -5.63 -59.56 -33.77
CA ALA FB 204 -5.95 -60.52 -32.73
C ALA FB 204 -7.36 -61.06 -32.92
N ILE FB 205 -7.45 -62.39 -32.94
CA ILE FB 205 -8.73 -63.09 -32.96
C ILE FB 205 -9.13 -63.32 -31.51
N SER FB 206 -9.47 -62.24 -30.84
CA SER FB 206 -9.71 -62.32 -29.40
C SER FB 206 -10.99 -61.56 -29.08
N THR FB 207 -11.79 -62.09 -28.16
CA THR FB 207 -13.07 -61.46 -27.88
C THR FB 207 -13.38 -61.47 -26.41
N THR FB 208 -14.18 -60.51 -25.98
CA THR FB 208 -14.41 -60.31 -24.57
C THR FB 208 -15.90 -60.27 -24.16
N LEU FB 209 -16.20 -60.80 -22.97
CA LEU FB 209 -17.57 -60.85 -22.45
C LEU FB 209 -18.06 -59.48 -21.94
N ASP FB 210 -19.29 -59.13 -22.25
CA ASP FB 210 -19.87 -57.88 -21.73
C ASP FB 210 -20.29 -58.11 -20.30
N VAL FB 211 -19.38 -57.97 -19.35
CA VAL FB 211 -19.72 -58.25 -17.97
C VAL FB 211 -20.85 -57.31 -17.49
N SER FB 212 -20.84 -56.09 -18.01
CA SER FB 212 -21.80 -55.05 -17.66
C SER FB 212 -23.25 -55.39 -18.05
N LYS FB 213 -23.45 -56.38 -18.91
CA LYS FB 213 -24.78 -56.61 -19.47
C LYS FB 213 -25.39 -57.97 -19.09
N LEU FB 214 -24.76 -58.67 -18.14
CA LEU FB 214 -25.22 -59.99 -17.72
C LEU FB 214 -26.54 -59.98 -16.95
N GLY FB 215 -27.19 -61.14 -16.85
CA GLY FB 215 -28.45 -61.22 -16.15
C GLY FB 215 -28.40 -60.64 -14.75
N LYS FB 216 -27.45 -61.13 -13.95
CA LYS FB 216 -27.16 -60.62 -12.60
C LYS FB 216 -25.64 -60.46 -12.36
N LYS FB 217 -25.23 -60.16 -11.13
CA LYS FB 217 -23.80 -60.05 -10.87
C LYS FB 217 -23.24 -61.34 -10.31
N TRP FB 218 -23.88 -61.88 -9.28
CA TRP FB 218 -23.35 -63.08 -8.62
C TRP FB 218 -24.08 -64.34 -9.05
N TYR FB 219 -23.37 -65.23 -9.74
CA TYR FB 219 -23.93 -66.49 -10.20
C TYR FB 219 -23.52 -67.64 -9.31
N PRO FB 220 -24.41 -68.64 -9.20
CA PRO FB 220 -24.01 -69.85 -8.50
C PRO FB 220 -23.06 -70.71 -9.33
N TYR FB 221 -22.10 -71.32 -8.65
CA TYR FB 221 -21.24 -72.28 -9.27
C TYR FB 221 -22.10 -73.49 -9.64
N LYS FB 222 -22.11 -73.83 -10.93
CA LYS FB 222 -22.89 -74.96 -11.39
C LYS FB 222 -22.03 -75.82 -12.30
N THR FB 223 -22.37 -77.10 -12.41
CA THR FB 223 -21.66 -77.99 -13.31
C THR FB 223 -22.39 -78.12 -14.64
N SER FB 224 -21.80 -78.85 -15.58
CA SER FB 224 -22.47 -79.17 -16.84
C SER FB 224 -23.73 -79.97 -16.55
N ALA FB 225 -23.61 -80.88 -15.58
CA ALA FB 225 -24.73 -81.67 -15.10
C ALA FB 225 -25.87 -80.79 -14.60
N ASP FB 226 -25.54 -79.82 -13.75
CA ASP FB 226 -26.52 -78.92 -13.14
C ASP FB 226 -27.28 -78.21 -14.23
N TYR FB 227 -26.53 -77.77 -15.23
CA TYR FB 227 -27.06 -77.10 -16.40
C TYR FB 227 -27.99 -77.99 -17.21
N ALA FB 228 -27.54 -79.22 -17.47
CA ALA FB 228 -28.30 -80.19 -18.26
C ALA FB 228 -29.69 -80.46 -17.66
N THR FB 229 -29.71 -80.67 -16.35
CA THR FB 229 -30.93 -80.88 -15.59
C THR FB 229 -31.86 -79.69 -15.71
N ALA FB 230 -31.30 -78.50 -15.54
CA ALA FB 230 -32.05 -77.25 -15.59
C ALA FB 230 -32.70 -77.06 -16.95
N VAL FB 231 -31.95 -77.36 -18.00
CA VAL FB 231 -32.48 -77.22 -19.35
C VAL FB 231 -33.45 -78.37 -19.68
N GLY FB 232 -33.30 -79.51 -18.98
CA GLY FB 232 -34.23 -80.60 -19.17
C GLY FB 232 -35.61 -80.21 -18.71
N VAL FB 233 -35.67 -79.39 -17.66
CA VAL FB 233 -36.95 -78.90 -17.17
C VAL FB 233 -37.46 -77.68 -17.96
N ASP FB 234 -36.62 -76.67 -18.14
CA ASP FB 234 -36.93 -75.50 -18.95
C ASP FB 234 -35.65 -74.72 -19.19
N VAL FB 235 -35.33 -74.48 -20.46
CA VAL FB 235 -34.06 -73.83 -20.82
C VAL FB 235 -33.90 -72.45 -20.19
N ASN FB 236 -35.02 -71.80 -19.90
CA ASN FB 236 -34.99 -70.46 -19.33
C ASN FB 236 -34.60 -70.49 -17.86
N ILE FB 237 -34.74 -71.65 -17.24
CA ILE FB 237 -34.26 -71.86 -15.89
C ILE FB 237 -32.73 -71.76 -15.90
N ALA FB 238 -32.13 -72.11 -17.04
CA ALA FB 238 -30.67 -72.13 -17.13
C ALA FB 238 -30.10 -70.73 -17.23
N THR FB 239 -30.87 -69.77 -17.73
CA THR FB 239 -30.34 -68.41 -17.91
C THR FB 239 -29.83 -67.78 -16.61
N PRO FB 240 -30.54 -67.99 -15.50
CA PRO FB 240 -29.88 -67.46 -14.30
C PRO FB 240 -28.71 -68.32 -13.77
N LEU FB 241 -28.37 -69.41 -14.47
CA LEU FB 241 -27.31 -70.31 -14.03
C LEU FB 241 -26.01 -70.12 -14.77
N VAL FB 242 -26.10 -69.82 -16.05
CA VAL FB 242 -24.90 -69.58 -16.82
C VAL FB 242 -25.04 -68.21 -17.45
N PRO FB 243 -24.02 -67.37 -17.26
CA PRO FB 243 -23.99 -65.97 -17.70
C PRO FB 243 -23.97 -65.76 -19.20
N ALA FB 244 -23.37 -66.66 -19.96
CA ALA FB 244 -23.33 -66.53 -21.43
C ALA FB 244 -22.79 -67.79 -22.11
N ARG FB 245 -22.88 -67.83 -23.43
CA ARG FB 245 -22.26 -68.93 -24.15
C ARG FB 245 -21.35 -68.44 -25.27
N LEU FB 246 -20.18 -69.06 -25.39
CA LEU FB 246 -19.30 -68.75 -26.49
C LEU FB 246 -19.57 -69.70 -27.63
N VAL FB 247 -19.83 -69.11 -28.78
CA VAL FB 247 -20.08 -69.88 -29.97
C VAL FB 247 -18.88 -69.77 -30.91
N ILE FB 248 -18.51 -70.90 -31.51
CA ILE FB 248 -17.34 -71.03 -32.37
C ILE FB 248 -17.68 -71.71 -33.67
N ALA FB 249 -17.21 -71.17 -34.78
CA ALA FB 249 -17.39 -71.84 -36.07
C ALA FB 249 -16.04 -72.04 -36.76
N LEU FB 250 -15.85 -73.21 -37.35
CA LEU FB 250 -14.68 -73.49 -38.18
C LEU FB 250 -15.15 -73.98 -39.55
N LEU FB 251 -14.62 -73.40 -40.62
CA LEU FB 251 -15.01 -73.81 -41.97
C LEU FB 251 -13.93 -73.38 -42.96
N ASP FB 252 -14.23 -73.50 -44.26
CA ASP FB 252 -13.32 -73.04 -45.33
C ASP FB 252 -12.00 -73.82 -45.41
N GLY FB 253 -11.93 -74.98 -44.74
CA GLY FB 253 -10.75 -75.82 -44.73
C GLY FB 253 -10.60 -76.63 -46.01
N SER FB 254 -9.48 -77.33 -46.17
CA SER FB 254 -9.24 -78.04 -47.42
C SER FB 254 -9.48 -79.56 -47.33
N SER FB 255 -9.71 -80.07 -46.13
CA SER FB 255 -9.92 -81.49 -45.96
C SER FB 255 -11.28 -81.76 -45.33
N SER FB 256 -11.81 -82.96 -45.53
CA SER FB 256 -13.06 -83.34 -44.88
C SER FB 256 -12.77 -83.80 -43.44
N THR FB 257 -11.50 -84.15 -43.20
CA THR FB 257 -10.99 -84.52 -41.87
C THR FB 257 -10.27 -83.34 -41.20
N ALA FB 258 -10.49 -83.20 -39.89
CA ALA FB 258 -9.99 -82.07 -39.14
C ALA FB 258 -8.49 -81.92 -39.29
N VAL FB 259 -8.10 -80.71 -39.65
CA VAL FB 259 -6.71 -80.29 -39.70
C VAL FB 259 -6.44 -79.44 -38.48
N ALA FB 260 -5.37 -79.71 -37.76
CA ALA FB 260 -5.03 -78.90 -36.58
C ALA FB 260 -4.80 -77.44 -36.95
N ALA FB 261 -5.58 -76.54 -36.35
CA ALA FB 261 -5.50 -75.11 -36.65
C ALA FB 261 -4.88 -74.38 -35.46
N GLY FB 262 -5.51 -74.46 -34.30
CA GLY FB 262 -5.03 -73.79 -33.12
C GLY FB 262 -5.70 -74.19 -31.81
N ARG FB 263 -5.70 -73.26 -30.87
CA ARG FB 263 -6.25 -73.45 -29.53
C ARG FB 263 -6.93 -72.16 -29.05
N ILE FB 264 -7.95 -72.30 -28.20
CA ILE FB 264 -8.56 -71.14 -27.59
C ILE FB 264 -8.22 -71.04 -26.12
N TYR FB 265 -7.69 -69.90 -25.71
CA TYR FB 265 -7.39 -69.68 -24.31
C TYR FB 265 -8.41 -68.76 -23.69
N CYS FB 266 -8.64 -68.95 -22.39
CA CYS FB 266 -9.50 -68.07 -21.65
C CYS FB 266 -8.68 -67.29 -20.65
N THR FB 267 -8.83 -65.97 -20.69
CA THR FB 267 -8.19 -65.10 -19.72
C THR FB 267 -9.33 -64.45 -18.97
N TYR FB 268 -9.39 -64.73 -17.67
CA TYR FB 268 -10.49 -64.28 -16.85
C TYR FB 268 -10.05 -63.55 -15.59
N THR FB 269 -10.90 -62.67 -15.11
CA THR FB 269 -10.78 -62.15 -13.77
C THR FB 269 -12.09 -62.42 -13.05
N ILE FB 270 -12.04 -63.27 -12.03
CA ILE FB 270 -13.24 -63.74 -11.35
C ILE FB 270 -13.28 -63.31 -9.88
N GLN FB 271 -14.46 -62.91 -9.41
CA GLN FB 271 -14.67 -62.68 -7.98
C GLN FB 271 -15.35 -63.88 -7.37
N MET FB 272 -14.69 -64.50 -6.38
CA MET FB 272 -15.24 -65.68 -5.73
C MET FB 272 -15.63 -65.36 -4.29
N ILE FB 273 -16.84 -65.75 -3.94
CA ILE FB 273 -17.38 -65.45 -2.64
C ILE FB 273 -18.01 -66.66 -1.99
N GLU FB 274 -18.16 -66.59 -0.67
CA GLU FB 274 -18.92 -67.53 0.13
C GLU FB 274 -18.44 -68.98 0.03
N PRO FB 275 -17.37 -69.32 0.75
CA PRO FB 275 -16.81 -70.67 0.77
C PRO FB 275 -17.86 -71.76 1.04
N THR FB 276 -17.50 -72.99 0.70
CA THR FB 276 -18.37 -74.13 0.87
C THR FB 276 -17.51 -75.35 1.14
N ALA FB 277 -18.03 -76.28 1.93
CA ALA FB 277 -17.24 -77.46 2.27
C ALA FB 277 -17.78 -78.76 1.66
N SER FB 278 -17.08 -79.86 1.95
CA SER FB 278 -17.48 -81.18 1.46
C SER FB 278 -17.24 -82.27 2.51
N GLY GB 86 -36.86 -36.25 -30.34
CA GLY GB 86 -36.26 -36.09 -31.66
C GLY GB 86 -36.81 -37.05 -32.70
N GLY GB 87 -36.77 -38.35 -32.39
CA GLY GB 87 -37.28 -39.37 -33.28
C GLY GB 87 -36.22 -40.22 -33.95
N ILE GB 88 -34.95 -39.87 -33.74
CA ILE GB 88 -33.85 -40.59 -34.36
C ILE GB 88 -33.35 -41.74 -33.48
N THR GB 89 -33.48 -42.95 -34.01
CA THR GB 89 -32.89 -44.14 -33.42
C THR GB 89 -31.52 -44.45 -34.07
N VAL GB 90 -30.45 -44.35 -33.27
CA VAL GB 90 -29.09 -44.57 -33.74
C VAL GB 90 -28.61 -45.99 -33.47
N LEU GB 91 -28.07 -46.62 -34.51
CA LEU GB 91 -27.63 -48.02 -34.44
C LEU GB 91 -26.20 -48.19 -34.98
N THR GB 92 -25.35 -48.91 -34.26
CA THR GB 92 -24.03 -49.21 -34.80
C THR GB 92 -23.87 -50.71 -34.79
N HIS GB 93 -23.47 -51.29 -35.91
CA HIS GB 93 -23.46 -52.72 -36.00
C HIS GB 93 -22.52 -53.17 -37.09
N SER GB 94 -22.06 -54.39 -36.93
CA SER GB 94 -21.23 -55.06 -37.92
C SER GB 94 -21.93 -56.33 -38.34
N GLU GB 95 -21.92 -56.63 -39.64
CA GLU GB 95 -22.40 -57.94 -40.11
C GLU GB 95 -21.78 -58.34 -41.44
N LEU GB 96 -21.92 -59.62 -41.77
CA LEU GB 96 -21.44 -60.13 -43.04
C LEU GB 96 -22.14 -59.44 -44.20
N SER GB 97 -21.40 -59.06 -45.24
CA SER GB 97 -22.04 -58.38 -46.35
C SER GB 97 -21.82 -59.10 -47.69
N ALA GB 98 -20.82 -59.97 -47.76
CA ALA GB 98 -20.49 -60.65 -49.02
C ALA GB 98 -19.51 -61.81 -48.81
N GLU GB 99 -19.66 -62.86 -49.64
CA GLU GB 99 -18.70 -63.95 -49.67
C GLU GB 99 -17.86 -63.75 -50.94
N ILE GB 100 -16.55 -63.96 -50.87
CA ILE GB 100 -15.69 -63.50 -51.95
C ILE GB 100 -14.85 -64.64 -52.55
N GLY GB 101 -14.87 -64.78 -53.88
CA GLY GB 101 -14.07 -65.79 -54.53
C GLY GB 101 -13.26 -65.22 -55.68
N VAL GB 102 -12.11 -65.83 -55.93
CA VAL GB 102 -11.20 -65.27 -56.92
C VAL GB 102 -10.91 -66.23 -58.07
N THR GB 103 -10.85 -65.68 -59.29
CA THR GB 103 -10.48 -66.45 -60.49
C THR GB 103 -9.32 -65.79 -61.23
N ASP GB 104 -8.89 -66.37 -62.35
CA ASP GB 104 -7.75 -65.84 -63.12
C ASP GB 104 -8.15 -64.78 -64.15
N SER GB 105 -9.45 -64.46 -64.23
CA SER GB 105 -9.92 -63.37 -65.07
C SER GB 105 -10.73 -62.40 -64.22
N ILE GB 106 -10.75 -61.12 -64.59
CA ILE GB 106 -11.44 -60.09 -63.79
C ILE GB 106 -12.95 -60.34 -63.74
N VAL GB 107 -13.50 -60.30 -62.52
CA VAL GB 107 -14.94 -60.39 -62.28
C VAL GB 107 -15.35 -59.16 -61.48
N VAL GB 108 -16.20 -58.32 -62.06
CA VAL GB 108 -16.55 -57.08 -61.38
C VAL GB 108 -17.98 -57.20 -60.85
N SER GB 109 -18.12 -57.07 -59.54
CA SER GB 109 -19.39 -57.13 -58.87
C SER GB 109 -19.69 -55.84 -58.10
N SER GB 110 -20.91 -55.67 -57.62
CA SER GB 110 -21.22 -54.44 -56.89
C SER GB 110 -22.33 -54.59 -55.86
N GLU GB 111 -22.44 -53.60 -54.98
CA GLU GB 111 -23.49 -53.59 -53.98
C GLU GB 111 -23.98 -52.17 -53.73
N LEU GB 112 -25.30 -52.00 -53.74
CA LEU GB 112 -25.87 -50.71 -53.43
C LEU GB 112 -25.63 -50.45 -51.96
N VAL GB 113 -25.17 -49.24 -51.64
CA VAL GB 113 -24.96 -48.89 -50.25
C VAL GB 113 -26.25 -48.34 -49.60
N MET GB 114 -27.19 -49.25 -49.36
CA MET GB 114 -28.48 -48.93 -48.73
C MET GB 114 -28.90 -50.14 -47.89
N PRO GB 115 -29.62 -49.90 -46.76
CA PRO GB 115 -29.85 -50.90 -45.72
C PRO GB 115 -30.27 -52.24 -46.27
N TYR GB 116 -31.15 -52.23 -47.26
CA TYR GB 116 -31.68 -53.46 -47.79
C TYR GB 116 -30.59 -54.42 -48.29
N THR GB 117 -29.50 -53.87 -48.78
CA THR GB 117 -28.52 -54.71 -49.46
C THR GB 117 -27.18 -54.79 -48.76
N VAL GB 118 -27.02 -54.12 -47.61
CA VAL GB 118 -25.71 -54.17 -46.96
C VAL GB 118 -25.63 -55.45 -46.17
N GLY GB 119 -26.78 -55.95 -45.71
CA GLY GB 119 -26.81 -57.15 -44.91
C GLY GB 119 -28.24 -57.57 -44.61
N THR GB 120 -28.44 -58.86 -44.35
CA THR GB 120 -29.81 -59.34 -44.15
C THR GB 120 -30.35 -58.83 -42.84
N TRP GB 121 -29.50 -58.74 -41.83
CA TRP GB 121 -29.97 -58.29 -40.53
C TRP GB 121 -30.43 -56.84 -40.58
N LEU GB 122 -29.57 -55.95 -41.08
CA LEU GB 122 -29.95 -54.54 -41.15
C LEU GB 122 -31.17 -54.39 -42.06
N ARG GB 123 -31.25 -55.22 -43.10
CA ARG GB 123 -32.38 -55.18 -44.02
C ARG GB 123 -33.72 -55.31 -43.28
N GLY GB 124 -33.83 -56.33 -42.43
CA GLY GB 124 -35.03 -56.56 -41.66
C GLY GB 124 -35.25 -55.45 -40.65
N VAL GB 125 -34.18 -55.00 -40.02
CA VAL GB 125 -34.25 -53.94 -39.00
C VAL GB 125 -34.73 -52.61 -39.55
N ALA GB 126 -34.06 -52.11 -40.59
CA ALA GB 126 -34.33 -50.76 -41.09
C ALA GB 126 -35.70 -50.68 -41.78
N ALA GB 127 -36.28 -51.84 -42.06
CA ALA GB 127 -37.58 -51.91 -42.73
C ALA GB 127 -38.66 -51.27 -41.88
N ASN GB 128 -38.44 -51.23 -40.57
CA ASN GB 128 -39.40 -50.65 -39.63
C ASN GB 128 -39.42 -49.16 -39.62
N TRP GB 129 -38.48 -48.57 -40.39
CA TRP GB 129 -38.44 -47.12 -40.56
C TRP GB 129 -38.56 -46.76 -42.04
N SER GB 130 -39.00 -45.54 -42.30
CA SER GB 130 -39.20 -45.10 -43.67
C SER GB 130 -37.93 -44.41 -44.23
N LYS GB 131 -37.20 -43.71 -43.37
CA LYS GB 131 -36.02 -43.00 -43.84
C LYS GB 131 -34.87 -43.41 -43.00
N TYR GB 132 -33.66 -43.20 -43.54
CA TYR GB 132 -32.43 -43.42 -42.80
C TYR GB 132 -31.40 -42.37 -43.23
N SER GB 133 -30.31 -42.31 -42.48
CA SER GB 133 -29.16 -41.50 -42.80
C SER GB 133 -27.94 -42.26 -42.36
N TRP GB 134 -26.95 -42.37 -43.25
CA TRP GB 134 -25.63 -42.92 -42.93
C TRP GB 134 -24.77 -41.92 -42.15
N LEU GB 135 -24.30 -42.32 -40.97
CA LEU GB 135 -23.33 -41.52 -40.24
C LEU GB 135 -21.93 -42.03 -40.53
N SER GB 136 -21.84 -43.33 -40.75
CA SER GB 136 -20.59 -43.99 -41.09
C SER GB 136 -20.92 -45.31 -41.80
N VAL GB 137 -20.22 -45.60 -42.90
CA VAL GB 137 -20.36 -46.88 -43.58
C VAL GB 137 -19.00 -47.43 -43.94
N ARG GB 138 -18.67 -48.62 -43.42
CA ARG GB 138 -17.36 -49.22 -43.66
C ARG GB 138 -17.46 -50.63 -44.24
N TYR GB 139 -16.77 -50.87 -45.35
CA TYR GB 139 -16.64 -52.21 -45.89
C TYR GB 139 -15.24 -52.72 -45.62
N THR GB 140 -15.13 -53.86 -44.96
CA THR GB 140 -13.84 -54.42 -44.57
C THR GB 140 -13.71 -55.85 -45.08
N TYR GB 141 -12.67 -56.13 -45.85
CA TYR GB 141 -12.41 -57.49 -46.32
C TYR GB 141 -11.54 -58.22 -45.32
N ILE GB 142 -11.97 -59.39 -44.89
CA ILE GB 142 -11.13 -60.21 -44.02
C ILE GB 142 -10.82 -61.51 -44.74
N PRO GB 143 -9.55 -61.85 -44.85
CA PRO GB 143 -9.24 -63.06 -45.61
C PRO GB 143 -9.60 -64.34 -44.85
N SER GB 144 -9.76 -65.43 -45.58
CA SER GB 144 -10.00 -66.74 -44.99
C SER GB 144 -9.25 -67.85 -45.75
N CYS GB 145 -8.25 -67.46 -46.52
CA CYS GB 145 -7.50 -68.38 -47.38
C CYS GB 145 -6.05 -68.55 -46.97
N PRO GB 146 -5.34 -69.57 -47.52
CA PRO GB 146 -3.90 -69.66 -47.26
C PRO GB 146 -3.14 -68.46 -47.77
N SER GB 147 -1.96 -68.21 -47.18
CA SER GB 147 -1.11 -67.08 -47.56
C SER GB 147 -0.52 -67.29 -48.93
N SER GB 148 -0.66 -68.53 -49.39
CA SER GB 148 -0.09 -68.95 -50.64
C SER GB 148 -1.10 -68.81 -51.79
N THR GB 149 -2.25 -68.21 -51.48
CA THR GB 149 -3.34 -68.04 -52.42
C THR GB 149 -3.05 -66.93 -53.42
N ALA GB 150 -3.11 -67.23 -54.71
CA ALA GB 150 -2.96 -66.18 -55.70
C ALA GB 150 -4.25 -65.41 -55.82
N GLY GB 151 -4.15 -64.11 -56.10
CA GLY GB 151 -5.33 -63.26 -56.25
C GLY GB 151 -5.22 -61.90 -55.57
N SER GB 152 -6.02 -60.95 -56.04
CA SER GB 152 -6.13 -59.66 -55.35
C SER GB 152 -7.58 -59.19 -55.34
N ILE GB 153 -7.94 -58.35 -54.36
CA ILE GB 153 -9.29 -57.80 -54.27
C ILE GB 153 -9.20 -56.29 -54.37
N HIS GB 154 -10.21 -55.67 -54.99
CA HIS GB 154 -10.27 -54.21 -55.17
C HIS GB 154 -11.66 -53.67 -54.85
N MET GB 155 -11.73 -52.54 -54.16
CA MET GB 155 -13.03 -51.93 -53.84
C MET GB 155 -12.98 -50.41 -53.99
N GLY GB 156 -14.08 -49.80 -54.42
CA GLY GB 156 -14.14 -48.36 -54.50
C GLY GB 156 -15.59 -47.93 -54.58
N PHE GB 157 -15.85 -46.63 -54.43
CA PHE GB 157 -17.23 -46.13 -54.47
C PHE GB 157 -17.58 -45.29 -55.71
N GLN GB 158 -18.78 -45.54 -56.24
CA GLN GB 158 -19.38 -44.68 -57.24
C GLN GB 158 -20.53 -44.02 -56.57
N TYR GB 159 -20.70 -42.73 -56.84
CA TYR GB 159 -21.72 -41.97 -56.12
C TYR GB 159 -22.82 -41.50 -57.05
N ASP GB 160 -22.74 -41.89 -58.32
CA ASP GB 160 -23.79 -41.55 -59.27
C ASP GB 160 -24.27 -42.88 -59.86
N MET GB 161 -25.54 -43.21 -59.62
CA MET GB 161 -26.12 -44.50 -60.01
C MET GB 161 -26.06 -44.71 -61.51
N ALA GB 162 -25.94 -43.62 -62.25
CA ALA GB 162 -25.91 -43.66 -63.69
C ALA GB 162 -24.57 -44.11 -64.24
N ASP GB 163 -23.50 -44.00 -63.43
CA ASP GB 163 -22.15 -44.45 -63.82
C ASP GB 163 -22.17 -45.92 -64.24
N THR GB 164 -21.41 -46.24 -65.29
CA THR GB 164 -21.23 -47.63 -65.69
C THR GB 164 -20.25 -48.28 -64.70
N VAL GB 165 -20.46 -49.55 -64.39
CA VAL GB 165 -19.53 -50.27 -63.52
C VAL GB 165 -18.17 -50.37 -64.23
N PRO GB 166 -17.07 -50.08 -63.49
CA PRO GB 166 -15.73 -50.19 -64.10
C PRO GB 166 -15.44 -51.60 -64.59
N VAL GB 167 -14.54 -51.71 -65.55
CA VAL GB 167 -14.21 -52.99 -66.16
C VAL GB 167 -12.73 -53.35 -65.99
N SER GB 168 -11.94 -52.36 -65.58
CA SER GB 168 -10.52 -52.57 -65.38
C SER GB 168 -10.07 -52.03 -64.03
N VAL GB 169 -9.02 -52.63 -63.47
CA VAL GB 169 -8.46 -52.14 -62.21
C VAL GB 169 -8.08 -50.68 -62.39
N ASN GB 170 -7.59 -50.33 -63.57
CA ASN GB 170 -7.23 -48.96 -63.89
C ASN GB 170 -8.38 -48.00 -63.61
N GLN GB 171 -9.55 -48.33 -64.15
CA GLN GB 171 -10.73 -47.53 -63.92
C GLN GB 171 -11.03 -47.52 -62.43
N LEU GB 172 -11.08 -48.71 -61.84
CA LEU GB 172 -11.39 -48.82 -60.42
C LEU GB 172 -10.44 -47.99 -59.54
N SER GB 173 -9.15 -47.93 -59.88
CA SER GB 173 -8.13 -47.25 -59.07
C SER GB 173 -8.35 -45.75 -58.89
N ASN GB 174 -9.16 -45.15 -59.75
CA ASN GB 174 -9.41 -43.72 -59.68
C ASN GB 174 -10.54 -43.36 -58.73
N LEU GB 175 -11.31 -44.35 -58.32
CA LEU GB 175 -12.44 -44.11 -57.44
C LEU GB 175 -12.06 -43.69 -56.02
N ARG GB 176 -12.86 -42.81 -55.46
CA ARG GB 176 -12.80 -42.48 -54.04
C ARG GB 176 -12.87 -43.71 -53.14
N GLY GB 177 -11.91 -43.84 -52.25
CA GLY GB 177 -11.96 -44.90 -51.27
C GLY GB 177 -11.48 -46.17 -51.90
N TYR GB 178 -10.79 -46.04 -53.02
CA TYR GB 178 -10.22 -47.21 -53.66
C TYR GB 178 -9.20 -47.89 -52.75
N VAL GB 179 -9.36 -49.19 -52.56
CA VAL GB 179 -8.34 -49.97 -51.86
C VAL GB 179 -8.10 -51.31 -52.57
N SER GB 180 -6.96 -51.92 -52.30
CA SER GB 180 -6.60 -53.14 -53.00
C SER GB 180 -5.59 -53.95 -52.21
N GLY GB 181 -5.68 -55.27 -52.29
CA GLY GB 181 -4.72 -56.10 -51.60
C GLY GB 181 -4.79 -57.55 -52.03
N GLN GB 182 -3.80 -58.33 -51.61
CA GLN GB 182 -3.81 -59.77 -51.82
C GLN GB 182 -5.05 -60.37 -51.25
N VAL GB 183 -5.59 -61.41 -51.88
CA VAL GB 183 -6.82 -61.95 -51.36
C VAL GB 183 -6.61 -62.61 -49.99
N TRP GB 184 -5.34 -62.73 -49.60
CA TRP GB 184 -4.97 -63.27 -48.30
C TRP GB 184 -4.44 -62.20 -47.35
N SER GB 185 -4.45 -60.94 -47.76
CA SER GB 185 -4.10 -59.83 -46.89
C SER GB 185 -5.36 -59.35 -46.18
N GLY GB 186 -5.22 -58.50 -45.16
CA GLY GB 186 -6.38 -57.81 -44.60
C GLY GB 186 -6.79 -58.13 -43.18
N SER GB 187 -6.12 -59.09 -42.55
CA SER GB 187 -6.44 -59.48 -41.19
C SER GB 187 -6.49 -58.26 -40.26
N ALA GB 188 -5.60 -57.30 -40.48
CA ALA GB 188 -5.54 -56.14 -39.61
C ALA GB 188 -6.84 -55.31 -39.69
N GLY GB 189 -7.75 -55.66 -40.58
CA GLY GB 189 -8.99 -54.94 -40.63
C GLY GB 189 -9.97 -55.34 -39.53
N LEU GB 190 -9.69 -56.44 -38.86
CA LEU GB 190 -10.62 -57.00 -37.87
C LEU GB 190 -11.02 -56.04 -36.75
N CYS GB 191 -10.08 -55.21 -36.27
CA CYS GB 191 -10.39 -54.33 -35.16
C CYS GB 191 -11.54 -53.31 -35.46
N PHE GB 192 -11.76 -53.04 -36.75
CA PHE GB 192 -12.89 -52.18 -37.13
C PHE GB 192 -14.22 -52.89 -36.87
N ILE GB 193 -14.21 -54.20 -37.01
CA ILE GB 193 -15.43 -54.99 -37.00
C ILE GB 193 -15.99 -55.24 -35.61
N ASN GB 194 -15.13 -55.50 -34.64
CA ASN GB 194 -15.61 -55.72 -33.30
C ASN GB 194 -15.55 -54.40 -32.57
N GLY GB 195 -15.25 -53.37 -33.35
CA GLY GB 195 -15.22 -51.98 -32.89
C GLY GB 195 -14.22 -51.72 -31.78
N THR GB 196 -13.15 -52.51 -31.75
CA THR GB 196 -12.16 -52.42 -30.69
C THR GB 196 -11.04 -51.46 -31.10
N ARG GB 197 -10.05 -51.31 -30.21
CA ARG GB 197 -8.95 -50.37 -30.40
C ARG GB 197 -8.14 -50.67 -31.66
N CYS GB 198 -8.14 -49.71 -32.59
CA CYS GB 198 -7.40 -49.87 -33.83
C CYS GB 198 -6.06 -49.19 -33.77
N SER GB 199 -5.01 -49.94 -34.12
CA SER GB 199 -3.66 -49.45 -34.03
C SER GB 199 -2.98 -49.58 -35.39
N ASP GB 200 -2.47 -50.78 -35.63
CA ASP GB 200 -1.77 -51.13 -36.86
C ASP GB 200 -2.73 -51.52 -37.98
N THR GB 201 -3.45 -50.54 -38.50
CA THR GB 201 -4.45 -50.84 -39.52
C THR GB 201 -3.99 -50.48 -40.92
N SER GB 202 -2.69 -50.25 -41.10
CA SER GB 202 -2.18 -49.81 -42.39
C SER GB 202 -2.39 -50.85 -43.52
N THR GB 203 -2.40 -52.14 -43.17
CA THR GB 203 -2.60 -53.20 -44.17
C THR GB 203 -4.08 -53.54 -44.32
N ALA GB 204 -4.91 -52.85 -43.55
CA ALA GB 204 -6.32 -53.16 -43.58
C ALA GB 204 -6.88 -52.85 -44.98
N ILE GB 205 -7.56 -53.84 -45.54
CA ILE GB 205 -8.31 -53.69 -46.79
C ILE GB 205 -9.74 -53.30 -46.43
N SER GB 206 -9.86 -52.05 -45.99
CA SER GB 206 -11.12 -51.51 -45.52
C SER GB 206 -11.32 -50.11 -46.11
N THR GB 207 -12.54 -49.75 -46.45
CA THR GB 207 -12.77 -48.43 -47.02
C THR GB 207 -14.10 -47.89 -46.50
N THR GB 208 -14.23 -46.57 -46.47
CA THR GB 208 -15.38 -45.92 -45.85
C THR GB 208 -16.11 -44.96 -46.77
N LEU GB 209 -17.41 -44.83 -46.58
CA LEU GB 209 -18.22 -43.98 -47.40
C LEU GB 209 -18.08 -42.50 -47.03
N ASP GB 210 -17.98 -41.61 -48.02
CA ASP GB 210 -17.97 -40.17 -47.76
C ASP GB 210 -19.37 -39.67 -47.46
N VAL GB 211 -19.79 -39.83 -46.22
CA VAL GB 211 -21.13 -39.45 -45.84
C VAL GB 211 -21.35 -37.94 -46.00
N SER GB 212 -20.29 -37.15 -45.82
CA SER GB 212 -20.37 -35.69 -45.89
C SER GB 212 -20.73 -35.15 -47.26
N LYS GB 213 -20.53 -35.95 -48.29
CA LYS GB 213 -20.65 -35.45 -49.66
C LYS GB 213 -21.72 -36.21 -50.45
N LEU GB 214 -22.64 -36.84 -49.70
CA LEU GB 214 -23.78 -37.55 -50.29
C LEU GB 214 -24.82 -36.59 -50.91
N GLY GB 215 -25.68 -37.12 -51.79
CA GLY GB 215 -26.69 -36.30 -52.45
C GLY GB 215 -27.57 -35.49 -51.53
N LYS GB 216 -28.21 -36.16 -50.58
CA LYS GB 216 -28.98 -35.50 -49.53
C LYS GB 216 -28.60 -36.20 -48.23
N LYS GB 217 -29.27 -35.88 -47.13
CA LYS GB 217 -28.93 -36.53 -45.86
C LYS GB 217 -29.83 -37.71 -45.56
N TRP GB 218 -31.13 -37.50 -45.70
CA TRP GB 218 -32.09 -38.52 -45.35
C TRP GB 218 -32.59 -39.25 -46.60
N TYR GB 219 -32.25 -40.54 -46.68
CA TYR GB 219 -32.68 -41.38 -47.80
C TYR GB 219 -33.86 -42.27 -47.41
N PRO GB 220 -34.76 -42.53 -48.38
CA PRO GB 220 -35.84 -43.49 -48.11
C PRO GB 220 -35.33 -44.92 -48.10
N TYR GB 221 -35.92 -45.76 -47.25
CA TYR GB 221 -35.65 -47.18 -47.28
C TYR GB 221 -36.19 -47.70 -48.59
N LYS GB 222 -35.34 -48.31 -49.40
CA LYS GB 222 -35.82 -48.83 -50.66
C LYS GB 222 -35.35 -50.25 -50.79
N THR GB 223 -36.09 -51.06 -51.55
CA THR GB 223 -35.69 -52.44 -51.81
C THR GB 223 -34.92 -52.54 -53.14
N SER GB 224 -34.36 -53.72 -53.42
CA SER GB 224 -33.70 -53.98 -54.70
C SER GB 224 -34.69 -53.80 -55.87
N ALA GB 225 -35.90 -54.31 -55.67
CA ALA GB 225 -37.01 -54.17 -56.60
C ALA GB 225 -37.31 -52.70 -56.92
N ASP GB 226 -37.40 -51.87 -55.89
CA ASP GB 226 -37.63 -50.43 -56.06
C ASP GB 226 -36.53 -49.76 -56.88
N TYR GB 227 -35.28 -50.14 -56.65
CA TYR GB 227 -34.19 -49.59 -57.46
C TYR GB 227 -34.34 -49.96 -58.97
N ALA GB 228 -34.55 -51.24 -59.24
CA ALA GB 228 -34.66 -51.79 -60.61
C ALA GB 228 -35.79 -51.11 -61.39
N THR GB 229 -36.93 -50.95 -60.74
CA THR GB 229 -38.07 -50.27 -61.33
C THR GB 229 -37.71 -48.83 -61.68
N ALA GB 230 -37.06 -48.13 -60.75
CA ALA GB 230 -36.69 -46.75 -60.98
C ALA GB 230 -35.74 -46.60 -62.18
N VAL GB 231 -34.71 -47.46 -62.26
CA VAL GB 231 -33.75 -47.40 -63.36
C VAL GB 231 -34.37 -47.86 -64.71
N GLY GB 232 -35.40 -48.69 -64.63
CA GLY GB 232 -36.14 -49.08 -65.83
C GLY GB 232 -36.85 -47.88 -66.46
N VAL GB 233 -37.32 -46.96 -65.62
CA VAL GB 233 -37.94 -45.73 -66.10
C VAL GB 233 -36.88 -44.69 -66.46
N ASP GB 234 -35.96 -44.41 -65.54
CA ASP GB 234 -34.82 -43.51 -65.80
C ASP GB 234 -33.79 -43.66 -64.67
N VAL GB 235 -32.55 -43.99 -65.05
CA VAL GB 235 -31.48 -44.33 -64.10
C VAL GB 235 -31.27 -43.21 -63.08
N ASN GB 236 -31.64 -42.01 -63.48
CA ASN GB 236 -31.47 -40.83 -62.63
C ASN GB 236 -32.53 -40.73 -61.53
N ILE GB 237 -33.63 -41.48 -61.68
CA ILE GB 237 -34.63 -41.54 -60.62
C ILE GB 237 -33.99 -42.16 -59.40
N ALA GB 238 -33.04 -43.05 -59.64
CA ALA GB 238 -32.39 -43.82 -58.58
C ALA GB 238 -31.42 -42.98 -57.77
N THR GB 239 -30.88 -41.94 -58.37
CA THR GB 239 -29.88 -41.11 -57.70
C THR GB 239 -30.40 -40.53 -56.37
N PRO GB 240 -31.66 -40.08 -56.32
CA PRO GB 240 -32.16 -39.76 -54.98
C PRO GB 240 -32.60 -41.00 -54.14
N LEU GB 241 -32.41 -42.22 -54.63
CA LEU GB 241 -32.84 -43.42 -53.90
C LEU GB 241 -31.74 -44.17 -53.18
N VAL GB 242 -30.53 -44.11 -53.73
CA VAL GB 242 -29.39 -44.82 -53.17
C VAL GB 242 -28.28 -43.83 -52.91
N PRO GB 243 -27.67 -43.86 -51.72
CA PRO GB 243 -26.59 -42.88 -51.53
C PRO GB 243 -25.36 -43.16 -52.38
N ALA GB 244 -25.02 -44.42 -52.59
CA ALA GB 244 -23.81 -44.76 -53.35
C ALA GB 244 -23.79 -46.22 -53.75
N ARG GB 245 -22.81 -46.59 -54.57
CA ARG GB 245 -22.59 -47.98 -54.92
C ARG GB 245 -21.16 -48.41 -54.66
N LEU GB 246 -21.00 -49.61 -54.08
CA LEU GB 246 -19.68 -50.18 -53.85
C LEU GB 246 -19.32 -51.05 -55.03
N VAL GB 247 -18.14 -50.81 -55.60
CA VAL GB 247 -17.67 -51.60 -56.71
C VAL GB 247 -16.57 -52.54 -56.20
N ILE GB 248 -16.60 -53.78 -56.66
CA ILE GB 248 -15.65 -54.80 -56.25
C ILE GB 248 -15.10 -55.51 -57.46
N ALA GB 249 -13.79 -55.64 -57.55
CA ALA GB 249 -13.20 -56.44 -58.61
C ALA GB 249 -12.30 -57.52 -58.01
N LEU GB 250 -12.37 -58.73 -58.57
CA LEU GB 250 -11.48 -59.81 -58.17
C LEU GB 250 -10.78 -60.35 -59.40
N LEU GB 251 -9.46 -60.53 -59.33
CA LEU GB 251 -8.70 -61.04 -60.47
C LEU GB 251 -7.40 -61.63 -59.95
N ASP GB 252 -6.48 -61.99 -60.85
CA ASP GB 252 -5.14 -62.48 -60.49
C ASP GB 252 -5.11 -63.85 -59.79
N GLY GB 253 -6.20 -64.61 -59.91
CA GLY GB 253 -6.26 -65.94 -59.34
C GLY GB 253 -5.56 -66.94 -60.22
N SER GB 254 -5.38 -68.15 -59.73
CA SER GB 254 -4.64 -69.13 -60.49
C SER GB 254 -5.60 -70.09 -61.15
N SER GB 255 -6.88 -69.98 -60.83
CA SER GB 255 -7.87 -70.92 -61.32
C SER GB 255 -8.93 -70.28 -62.19
N SER GB 256 -9.55 -71.08 -63.05
CA SER GB 256 -10.63 -70.58 -63.89
C SER GB 256 -11.92 -70.65 -63.09
N THR GB 257 -11.94 -71.55 -62.12
CA THR GB 257 -13.06 -71.67 -61.19
C THR GB 257 -12.71 -71.01 -59.86
N ALA GB 258 -13.68 -70.29 -59.30
CA ALA GB 258 -13.49 -69.47 -58.11
C ALA GB 258 -12.96 -70.20 -56.88
N VAL GB 259 -11.92 -69.63 -56.29
CA VAL GB 259 -11.35 -70.09 -55.03
C VAL GB 259 -11.82 -69.25 -53.85
N ALA GB 260 -12.13 -69.90 -52.73
CA ALA GB 260 -12.48 -69.20 -51.50
C ALA GB 260 -11.33 -68.31 -50.97
N ALA GB 261 -11.61 -67.00 -50.92
CA ALA GB 261 -10.65 -65.99 -50.52
C ALA GB 261 -11.05 -65.41 -49.18
N GLY GB 262 -12.18 -64.72 -49.15
CA GLY GB 262 -12.62 -64.13 -47.89
C GLY GB 262 -14.04 -63.60 -47.87
N ARG GB 263 -14.32 -62.67 -46.97
CA ARG GB 263 -15.67 -62.16 -46.83
C ARG GB 263 -15.59 -60.67 -46.60
N ILE GB 264 -16.59 -59.95 -47.10
CA ILE GB 264 -16.70 -58.53 -46.85
C ILE GB 264 -17.76 -58.28 -45.78
N TYR GB 265 -17.33 -57.61 -44.70
CA TYR GB 265 -18.23 -57.23 -43.64
C TYR GB 265 -18.49 -55.74 -43.74
N CYS GB 266 -19.67 -55.33 -43.31
CA CYS GB 266 -20.03 -53.92 -43.29
C CYS GB 266 -20.21 -53.44 -41.87
N THR GB 267 -19.51 -52.36 -41.52
CA THR GB 267 -19.66 -51.76 -40.21
C THR GB 267 -20.20 -50.37 -40.35
N TYR GB 268 -21.44 -50.18 -39.91
CA TYR GB 268 -22.16 -48.96 -40.18
C TYR GB 268 -22.75 -48.33 -38.92
N THR GB 269 -22.93 -47.02 -38.99
CA THR GB 269 -23.75 -46.30 -38.01
C THR GB 269 -24.89 -45.62 -38.74
N ILE GB 270 -26.10 -46.04 -38.43
CA ILE GB 270 -27.26 -45.56 -39.15
C ILE GB 270 -28.19 -44.77 -38.25
N GLN GB 271 -28.69 -43.66 -38.79
CA GLN GB 271 -29.76 -42.93 -38.13
C GLN GB 271 -31.08 -43.32 -38.77
N MET GB 272 -31.98 -43.88 -37.98
CA MET GB 272 -33.27 -44.29 -38.51
C MET GB 272 -34.37 -43.40 -37.94
N ILE GB 273 -35.19 -42.84 -38.81
CA ILE GB 273 -36.28 -41.97 -38.39
C ILE GB 273 -37.61 -42.35 -39.04
N GLU GB 274 -38.70 -41.89 -38.41
CA GLU GB 274 -40.05 -42.01 -38.95
C GLU GB 274 -40.51 -43.43 -39.18
N PRO GB 275 -40.92 -44.10 -38.10
CA PRO GB 275 -41.41 -45.49 -38.13
C PRO GB 275 -42.54 -45.72 -39.14
N THR GB 276 -42.74 -46.99 -39.52
CA THR GB 276 -43.78 -47.37 -40.47
C THR GB 276 -44.33 -48.79 -40.17
N ALA GB 277 -45.64 -48.96 -40.33
CA ALA GB 277 -46.30 -50.23 -40.03
C ALA GB 277 -46.89 -50.94 -41.25
N GLY HB 86 -5.78 -16.34 -57.51
CA GLY HB 86 -4.49 -17.00 -57.70
C GLY HB 86 -4.23 -17.64 -59.07
N GLY HB 87 -5.14 -18.51 -59.52
CA GLY HB 87 -4.99 -19.17 -60.81
C GLY HB 87 -4.57 -20.63 -60.68
N ILE HB 88 -4.26 -21.04 -59.45
CA ILE HB 88 -3.82 -22.38 -59.17
C ILE HB 88 -4.98 -23.31 -58.82
N THR HB 89 -5.17 -24.36 -59.62
CA THR HB 89 -6.10 -25.44 -59.28
C THR HB 89 -5.32 -26.58 -58.67
N VAL HB 90 -5.55 -26.83 -57.39
CA VAL HB 90 -4.79 -27.88 -56.69
C VAL HB 90 -5.54 -29.21 -56.70
N LEU HB 91 -4.84 -30.26 -57.09
CA LEU HB 91 -5.41 -31.57 -57.27
C LEU HB 91 -4.69 -32.62 -56.44
N THR HB 92 -5.43 -33.45 -55.72
CA THR HB 92 -4.83 -34.58 -55.01
C THR HB 92 -5.51 -35.86 -55.43
N HIS HB 93 -4.74 -36.88 -55.80
CA HIS HB 93 -5.33 -38.09 -56.35
C HIS HB 93 -4.42 -39.32 -56.29
N SER HB 94 -5.03 -40.49 -56.32
CA SER HB 94 -4.32 -41.74 -56.47
C SER HB 94 -4.82 -42.47 -57.71
N GLU HB 95 -3.92 -43.04 -58.52
CA GLU HB 95 -4.36 -43.91 -59.61
C GLU HB 95 -3.31 -44.95 -60.00
N LEU HB 96 -3.76 -46.00 -60.70
CA LEU HB 96 -2.86 -47.04 -61.15
C LEU HB 96 -1.83 -46.43 -62.09
N SER HB 97 -0.56 -46.81 -61.94
CA SER HB 97 0.49 -46.25 -62.78
C SER HB 97 1.25 -47.29 -63.60
N ALA HB 98 1.28 -48.53 -63.12
CA ALA HB 98 2.08 -49.57 -63.77
C ALA HB 98 1.66 -50.96 -63.26
N GLU HB 99 1.68 -51.94 -64.15
CA GLU HB 99 1.39 -53.33 -63.79
C GLU HB 99 2.72 -54.09 -63.72
N ILE HB 100 2.87 -54.98 -62.75
CA ILE HB 100 4.20 -55.52 -62.44
C ILE HB 100 4.30 -57.05 -62.48
N GLY HB 101 5.30 -57.56 -63.22
CA GLY HB 101 5.54 -58.99 -63.28
C GLY HB 101 7.02 -59.30 -63.04
N VAL HB 102 7.31 -60.46 -62.48
CA VAL HB 102 8.69 -60.77 -62.12
C VAL HB 102 9.22 -62.00 -62.88
N THR HB 103 10.48 -61.92 -63.27
CA THR HB 103 11.14 -63.03 -63.94
C THR HB 103 12.39 -63.34 -63.16
N ASP HB 104 13.13 -64.35 -63.63
CA ASP HB 104 14.32 -64.85 -62.93
C ASP HB 104 15.60 -64.12 -63.35
N SER HB 105 15.47 -63.17 -64.27
CA SER HB 105 16.58 -62.35 -64.68
C SER HB 105 16.19 -60.86 -64.53
N ILE HB 106 17.17 -59.99 -64.27
CA ILE HB 106 16.83 -58.58 -64.06
C ILE HB 106 16.20 -57.91 -65.32
N VAL HB 107 15.05 -57.29 -65.09
CA VAL HB 107 14.35 -56.52 -66.11
C VAL HB 107 14.10 -55.13 -65.58
N VAL HB 108 14.69 -54.14 -66.27
CA VAL HB 108 14.64 -52.73 -65.83
C VAL HB 108 13.73 -51.84 -66.70
N SER HB 109 12.75 -51.22 -66.08
CA SER HB 109 11.87 -50.29 -66.77
C SER HB 109 11.89 -48.91 -66.11
N SER HB 110 11.24 -47.94 -66.73
CA SER HB 110 11.21 -46.62 -66.13
C SER HB 110 9.94 -45.86 -66.48
N GLU HB 111 9.69 -44.80 -65.73
CA GLU HB 111 8.54 -43.97 -66.01
C GLU HB 111 8.90 -42.49 -65.81
N LEU HB 112 8.55 -41.67 -66.80
CA LEU HB 112 8.74 -40.24 -66.66
C LEU HB 112 7.78 -39.72 -65.61
N VAL HB 113 8.29 -38.93 -64.67
CA VAL HB 113 7.46 -38.36 -63.62
C VAL HB 113 6.85 -37.05 -64.06
N MET HB 114 5.86 -37.14 -64.93
CA MET HB 114 5.14 -36.00 -65.46
C MET HB 114 3.71 -36.43 -65.72
N PRO HB 115 2.74 -35.50 -65.63
CA PRO HB 115 1.32 -35.82 -65.68
C PRO HB 115 0.97 -36.79 -66.81
N TYR HB 116 1.53 -36.57 -67.99
CA TYR HB 116 1.20 -37.40 -69.15
C TYR HB 116 1.39 -38.91 -68.93
N THR HB 117 2.36 -39.28 -68.10
CA THR HB 117 2.74 -40.69 -67.97
C THR HB 117 2.54 -41.32 -66.60
N VAL HB 118 1.97 -40.59 -65.63
CA VAL HB 118 1.78 -41.23 -64.33
C VAL HB 118 0.52 -42.07 -64.34
N GLY HB 119 -0.46 -41.69 -65.15
CA GLY HB 119 -1.73 -42.41 -65.20
C GLY HB 119 -2.62 -41.80 -66.25
N THR HB 120 -3.55 -42.59 -66.77
CA THR HB 120 -4.39 -42.14 -67.89
C THR HB 120 -5.36 -41.02 -67.51
N TRP HB 121 -5.90 -41.07 -66.30
CA TRP HB 121 -6.86 -40.08 -65.83
C TRP HB 121 -6.20 -38.72 -65.73
N LEU HB 122 -5.10 -38.65 -64.97
CA LEU HB 122 -4.33 -37.41 -64.82
C LEU HB 122 -3.80 -36.90 -66.16
N ARG HB 123 -3.44 -37.82 -67.05
CA ARG HB 123 -2.97 -37.42 -68.36
C ARG HB 123 -4.01 -36.50 -69.00
N GLY HB 124 -5.26 -36.95 -69.03
CA GLY HB 124 -6.33 -36.19 -69.65
C GLY HB 124 -6.67 -34.91 -68.93
N VAL HB 125 -6.74 -35.00 -67.60
CA VAL HB 125 -7.11 -33.87 -66.76
C VAL HB 125 -6.12 -32.71 -66.92
N ALA HB 126 -4.83 -32.98 -66.70
CA ALA HB 126 -3.77 -31.96 -66.65
C ALA HB 126 -3.49 -31.38 -68.05
N ALA HB 127 -3.99 -32.07 -69.06
CA ALA HB 127 -3.88 -31.61 -70.45
C ALA HB 127 -4.64 -30.30 -70.63
N ASN HB 128 -5.62 -30.04 -69.76
CA ASN HB 128 -6.37 -28.79 -69.82
C ASN HB 128 -5.60 -27.59 -69.30
N TRP HB 129 -4.41 -27.81 -68.76
CA TRP HB 129 -3.54 -26.72 -68.33
C TRP HB 129 -2.18 -26.77 -69.08
N SER HB 130 -1.49 -25.64 -69.14
CA SER HB 130 -0.24 -25.52 -69.90
C SER HB 130 0.96 -25.89 -69.04
N LYS HB 131 0.90 -25.54 -67.76
CA LYS HB 131 1.98 -25.79 -66.86
C LYS HB 131 1.51 -26.45 -65.55
N TYR HB 132 2.45 -27.10 -64.85
CA TYR HB 132 2.17 -27.69 -63.54
C TYR HB 132 3.37 -27.60 -62.56
N SER HB 133 3.09 -27.94 -61.31
CA SER HB 133 4.10 -28.07 -60.29
C SER HB 133 3.69 -29.21 -59.41
N TRP HB 134 4.60 -30.12 -59.17
CA TRP HB 134 4.37 -31.21 -58.22
C TRP HB 134 4.49 -30.65 -56.82
N LEU HB 135 3.48 -30.84 -55.97
CA LEU HB 135 3.66 -30.53 -54.56
C LEU HB 135 4.10 -31.78 -53.82
N SER HB 136 3.57 -32.91 -54.28
CA SER HB 136 3.94 -34.21 -53.76
C SER HB 136 3.65 -35.30 -54.77
N VAL HB 137 4.60 -36.20 -54.97
CA VAL HB 137 4.39 -37.37 -55.84
C VAL HB 137 4.94 -38.61 -55.16
N ARG HB 138 4.05 -39.58 -54.97
CA ARG HB 138 4.42 -40.83 -54.34
C ARG HB 138 4.01 -42.04 -55.17
N TYR HB 139 4.97 -42.92 -55.39
CA TYR HB 139 4.78 -44.18 -56.09
C TYR HB 139 4.82 -45.31 -55.08
N THR HB 140 3.77 -46.12 -55.08
CA THR HB 140 3.64 -47.19 -54.10
C THR HB 140 3.36 -48.52 -54.77
N TYR HB 141 4.19 -49.51 -54.45
CA TYR HB 141 3.99 -50.87 -54.92
C TYR HB 141 3.12 -51.57 -53.90
N ILE HB 142 2.05 -52.16 -54.43
CA ILE HB 142 1.10 -53.00 -53.72
C ILE HB 142 1.16 -54.39 -54.36
N PRO HB 143 1.36 -55.45 -53.55
CA PRO HB 143 1.50 -56.82 -54.07
C PRO HB 143 0.17 -57.48 -54.37
N SER HB 144 0.16 -58.48 -55.24
CA SER HB 144 -1.07 -59.21 -55.52
C SER HB 144 -0.85 -60.70 -55.71
N CYS HB 145 0.28 -61.21 -55.27
CA CYS HB 145 0.66 -62.59 -55.54
C CYS HB 145 0.73 -63.38 -54.25
N PRO HB 146 0.88 -64.71 -54.35
CA PRO HB 146 1.10 -65.49 -53.12
C PRO HB 146 2.36 -65.10 -52.34
N SER HB 147 2.36 -65.40 -51.04
CA SER HB 147 3.50 -65.15 -50.15
C SER HB 147 4.65 -66.09 -50.47
N SER HB 148 4.36 -67.06 -51.33
CA SER HB 148 5.30 -68.10 -51.75
C SER HB 148 5.97 -67.72 -53.09
N THR HB 149 5.74 -66.48 -53.52
CA THR HB 149 6.30 -65.98 -54.76
C THR HB 149 7.76 -65.53 -54.68
N ALA HB 150 8.66 -66.07 -55.52
CA ALA HB 150 10.06 -65.59 -55.55
C ALA HB 150 10.12 -64.28 -56.32
N GLY HB 151 10.98 -63.39 -55.87
CA GLY HB 151 11.09 -62.10 -56.52
C GLY HB 151 11.18 -60.91 -55.57
N SER HB 152 11.79 -59.86 -56.08
CA SER HB 152 11.84 -58.60 -55.38
C SER HB 152 11.68 -57.45 -56.40
N ILE HB 153 11.21 -56.30 -55.90
CA ILE HB 153 11.03 -55.11 -56.72
C ILE HB 153 11.93 -54.01 -56.15
N HIS HB 154 12.43 -53.16 -57.04
CA HIS HB 154 13.32 -52.07 -56.71
C HIS HB 154 12.86 -50.78 -57.39
N MET HB 155 12.87 -49.66 -56.66
CA MET HB 155 12.47 -48.34 -57.17
C MET HB 155 13.40 -47.21 -56.67
N GLY HB 156 13.62 -46.22 -57.53
CA GLY HB 156 14.37 -45.03 -57.19
C GLY HB 156 14.10 -43.91 -58.19
N PHE HB 157 14.55 -42.69 -57.89
CA PHE HB 157 14.35 -41.59 -58.81
C PHE HB 157 15.67 -41.10 -59.45
N GLN HB 158 15.61 -40.78 -60.73
CA GLN HB 158 16.66 -40.00 -61.38
C GLN HB 158 16.08 -38.64 -61.73
N TYR HB 159 16.86 -37.58 -61.51
CA TYR HB 159 16.40 -36.20 -61.69
C TYR HB 159 17.10 -35.50 -62.86
N ASP HB 160 17.92 -36.24 -63.60
CA ASP HB 160 18.59 -35.73 -64.80
C ASP HB 160 18.32 -36.64 -65.99
N MET HB 161 17.67 -36.12 -67.03
CA MET HB 161 17.28 -37.00 -68.13
C MET HB 161 18.45 -37.61 -68.90
N ALA HB 162 19.60 -36.96 -68.88
CA ALA HB 162 20.71 -37.46 -69.65
C ALA HB 162 21.39 -38.61 -68.95
N ASP HB 163 21.14 -38.75 -67.65
CA ASP HB 163 21.68 -39.85 -66.86
C ASP HB 163 21.27 -41.19 -67.48
N THR HB 164 22.21 -42.13 -67.55
CA THR HB 164 21.92 -43.47 -68.08
C THR HB 164 21.10 -44.29 -67.11
N VAL HB 165 20.15 -45.02 -67.64
CA VAL HB 165 19.33 -45.92 -66.84
C VAL HB 165 20.18 -47.08 -66.27
N PRO HB 166 19.99 -47.39 -64.98
CA PRO HB 166 20.71 -48.44 -64.25
C PRO HB 166 20.60 -49.82 -64.89
N VAL HB 167 21.59 -50.66 -64.59
CA VAL HB 167 21.61 -52.01 -65.12
C VAL HB 167 21.72 -53.04 -63.99
N SER HB 168 22.05 -52.58 -62.78
CA SER HB 168 22.17 -53.48 -61.63
C SER HB 168 21.45 -52.95 -60.38
N VAL HB 169 21.12 -53.85 -59.47
CA VAL HB 169 20.61 -53.43 -58.17
C VAL HB 169 21.64 -52.55 -57.40
N ASN HB 170 22.92 -52.89 -57.49
CA ASN HB 170 23.97 -52.12 -56.79
C ASN HB 170 23.92 -50.61 -57.11
N GLN HB 171 23.86 -50.31 -58.41
CA GLN HB 171 23.70 -48.93 -58.89
C GLN HB 171 22.41 -48.28 -58.41
N LEU HB 172 21.30 -48.97 -58.62
CA LEU HB 172 19.97 -48.44 -58.31
C LEU HB 172 19.90 -48.08 -56.82
N SER HB 173 20.54 -48.88 -56.00
CA SER HB 173 20.48 -48.75 -54.54
C SER HB 173 20.98 -47.38 -54.07
N ASN HB 174 21.69 -46.68 -54.94
CA ASN HB 174 22.26 -45.38 -54.61
C ASN HB 174 21.35 -44.20 -54.85
N LEU HB 175 20.25 -44.46 -55.54
CA LEU HB 175 19.34 -43.39 -55.92
C LEU HB 175 18.59 -42.79 -54.72
N ARG HB 176 18.31 -41.48 -54.75
CA ARG HB 176 17.38 -40.90 -53.80
C ARG HB 176 16.04 -41.63 -53.80
N GLY HB 177 15.64 -42.06 -52.61
CA GLY HB 177 14.35 -42.69 -52.43
C GLY HB 177 14.35 -44.14 -52.86
N TYR HB 178 15.53 -44.72 -53.02
CA TYR HB 178 15.64 -46.12 -53.39
C TYR HB 178 14.98 -46.97 -52.34
N VAL HB 179 14.06 -47.83 -52.77
CA VAL HB 179 13.42 -48.78 -51.87
C VAL HB 179 13.39 -50.16 -52.52
N SER HB 180 13.19 -51.20 -51.72
CA SER HB 180 13.33 -52.59 -52.18
C SER HB 180 12.56 -53.59 -51.29
N GLY HB 181 12.00 -54.64 -51.88
CA GLY HB 181 11.32 -55.60 -51.04
C GLY HB 181 10.90 -56.82 -51.81
N GLN HB 182 10.44 -57.85 -51.11
CA GLN HB 182 9.83 -59.03 -51.74
C GLN HB 182 8.60 -58.68 -52.60
N VAL HB 183 8.37 -59.40 -53.68
CA VAL HB 183 7.24 -59.08 -54.57
C VAL HB 183 5.89 -59.41 -53.92
N TRP HB 184 5.91 -60.10 -52.78
CA TRP HB 184 4.67 -60.37 -52.04
C TRP HB 184 4.54 -59.48 -50.78
N SER HB 185 5.53 -58.61 -50.57
CA SER HB 185 5.50 -57.62 -49.51
C SER HB 185 4.94 -56.30 -50.03
N GLY HB 186 4.64 -55.37 -49.13
CA GLY HB 186 4.25 -54.04 -49.55
C GLY HB 186 2.82 -53.66 -49.24
N SER HB 187 2.08 -54.60 -48.69
CA SER HB 187 0.68 -54.40 -48.33
C SER HB 187 0.48 -53.14 -47.49
N ALA HB 188 1.41 -52.86 -46.60
CA ALA HB 188 1.28 -51.75 -45.66
C ALA HB 188 1.32 -50.37 -46.29
N GLY HB 189 1.61 -50.30 -47.57
CA GLY HB 189 1.64 -49.01 -48.22
C GLY HB 189 0.24 -48.52 -48.55
N LEU HB 190 -0.75 -49.39 -48.39
CA LEU HB 190 -2.10 -49.08 -48.84
C LEU HB 190 -2.62 -47.78 -48.22
N CYS HB 191 -2.24 -47.51 -46.99
CA CYS HB 191 -2.74 -46.33 -46.31
C CYS HB 191 -2.34 -45.04 -47.02
N PHE HB 192 -1.23 -45.09 -47.74
CA PHE HB 192 -0.80 -43.92 -48.51
C PHE HB 192 -1.77 -43.66 -49.64
N ILE HB 193 -2.33 -44.72 -50.20
CA ILE HB 193 -3.14 -44.60 -51.40
C ILE HB 193 -4.54 -44.06 -51.13
N ASN HB 194 -5.20 -44.52 -50.07
CA ASN HB 194 -6.52 -43.97 -49.77
C ASN HB 194 -6.45 -42.89 -48.70
N GLY HB 195 -5.22 -42.47 -48.38
CA GLY HB 195 -4.98 -41.35 -47.47
C GLY HB 195 -5.54 -41.54 -46.07
N THR HB 196 -5.52 -42.77 -45.57
CA THR HB 196 -6.06 -43.01 -44.24
C THR HB 196 -4.92 -42.89 -43.20
N ARG HB 197 -5.24 -43.09 -41.92
CA ARG HB 197 -4.26 -42.99 -40.82
C ARG HB 197 -3.14 -44.02 -40.96
N CYS HB 198 -1.91 -43.54 -41.07
CA CYS HB 198 -0.78 -44.43 -41.26
C CYS HB 198 -0.15 -44.78 -39.93
N SER HB 199 0.07 -46.06 -39.73
CA SER HB 199 0.51 -46.55 -38.46
C SER HB 199 1.81 -47.28 -38.63
N ASP HB 200 1.68 -48.57 -38.93
CA ASP HB 200 2.79 -49.47 -39.10
C ASP HB 200 3.31 -49.53 -40.53
N THR HB 201 3.92 -48.45 -41.02
CA THR HB 201 4.32 -48.41 -42.43
C THR HB 201 5.78 -48.74 -42.70
N SER HB 202 6.47 -49.36 -41.75
CA SER HB 202 7.91 -49.59 -41.91
C SER HB 202 8.22 -50.49 -43.11
N THR HB 203 7.25 -51.33 -43.45
CA THR HB 203 7.33 -52.31 -44.55
C THR HB 203 6.87 -51.85 -45.94
N ALA HB 204 6.33 -50.63 -46.02
CA ALA HB 204 5.80 -50.12 -47.27
C ALA HB 204 6.87 -49.95 -48.30
N ILE HB 205 6.63 -50.52 -49.48
CA ILE HB 205 7.52 -50.30 -50.64
C ILE HB 205 7.04 -49.05 -51.38
N SER HB 206 7.28 -47.90 -50.77
CA SER HB 206 6.78 -46.62 -51.25
C SER HB 206 7.87 -45.56 -51.30
N THR HB 207 7.85 -44.72 -52.32
CA THR HB 207 8.89 -43.72 -52.47
C THR HB 207 8.34 -42.41 -53.00
N THR HB 208 8.99 -41.31 -52.65
CA THR HB 208 8.47 -39.98 -52.93
C THR HB 208 9.48 -39.08 -53.66
N LEU HB 209 8.96 -38.18 -54.47
CA LEU HB 209 9.79 -37.29 -55.25
C LEU HB 209 10.36 -36.16 -54.39
N ASP HB 210 11.62 -35.78 -54.57
CA ASP HB 210 12.13 -34.60 -53.89
C ASP HB 210 11.65 -33.36 -54.63
N VAL HB 211 10.42 -32.91 -54.36
CA VAL HB 211 9.88 -31.73 -55.05
C VAL HB 211 10.71 -30.47 -54.75
N SER HB 212 11.29 -30.44 -53.55
CA SER HB 212 12.14 -29.34 -53.08
C SER HB 212 13.44 -29.11 -53.88
N LYS HB 213 13.83 -30.08 -54.68
CA LYS HB 213 15.14 -30.07 -55.33
C LYS HB 213 15.03 -30.04 -56.85
N LEU HB 214 13.84 -29.82 -57.39
CA LEU HB 214 13.67 -29.87 -58.83
C LEU HB 214 14.35 -28.70 -59.52
N GLY HB 215 14.66 -28.85 -60.81
CA GLY HB 215 15.29 -27.82 -61.60
C GLY HB 215 14.55 -26.50 -61.57
N LYS HB 216 13.26 -26.55 -61.89
CA LYS HB 216 12.41 -25.35 -61.79
C LYS HB 216 11.13 -25.66 -61.03
N LYS HB 217 10.25 -24.67 -60.92
CA LYS HB 217 9.00 -24.91 -60.24
C LYS HB 217 7.88 -25.21 -61.23
N TRP HB 218 7.72 -24.39 -62.24
CA TRP HB 218 6.59 -24.60 -63.12
C TRP HB 218 7.09 -25.30 -64.38
N TYR HB 219 6.63 -26.54 -64.56
CA TYR HB 219 7.01 -27.37 -65.70
C TYR HB 219 5.94 -27.32 -66.76
N PRO HB 220 6.35 -27.34 -68.03
CA PRO HB 220 5.33 -27.43 -69.07
C PRO HB 220 4.77 -28.83 -69.17
N TYR HB 221 3.47 -28.94 -69.41
CA TYR HB 221 2.85 -30.20 -69.73
C TYR HB 221 3.34 -30.68 -71.10
N LYS HB 222 3.98 -31.85 -71.14
CA LYS HB 222 4.48 -32.37 -72.40
C LYS HB 222 4.06 -33.83 -72.52
N THR HB 223 3.99 -34.36 -73.74
CA THR HB 223 3.68 -35.78 -73.98
C THR HB 223 4.93 -36.64 -74.17
N SER HB 224 4.72 -37.95 -74.30
CA SER HB 224 5.80 -38.87 -74.67
C SER HB 224 6.37 -38.56 -76.04
N ALA HB 225 5.51 -38.19 -76.98
CA ALA HB 225 5.93 -37.76 -78.30
C ALA HB 225 6.90 -36.59 -78.22
N ASP HB 226 6.49 -35.58 -77.46
CA ASP HB 226 7.28 -34.35 -77.27
C ASP HB 226 8.64 -34.61 -76.65
N TYR HB 227 8.70 -35.53 -75.70
CA TYR HB 227 9.94 -35.90 -75.01
C TYR HB 227 10.95 -36.47 -76.00
N ALA HB 228 10.50 -37.40 -76.83
CA ALA HB 228 11.33 -38.07 -77.84
C ALA HB 228 11.97 -37.03 -78.76
N THR HB 229 11.17 -36.08 -79.21
CA THR HB 229 11.64 -35.01 -80.07
C THR HB 229 12.74 -34.20 -79.41
N ALA HB 230 12.50 -33.80 -78.16
CA ALA HB 230 13.46 -32.99 -77.41
C ALA HB 230 14.78 -33.73 -77.26
N VAL HB 231 14.73 -35.04 -76.97
CA VAL HB 231 15.93 -35.86 -76.82
C VAL HB 231 16.58 -36.15 -78.18
N GLY HB 232 15.80 -36.05 -79.25
CA GLY HB 232 16.32 -36.21 -80.59
C GLY HB 232 17.30 -35.11 -81.01
N VAL HB 233 17.06 -33.89 -80.53
CA VAL HB 233 17.96 -32.77 -80.82
C VAL HB 233 19.15 -32.81 -79.85
N ASP HB 234 18.84 -32.92 -78.57
CA ASP HB 234 19.85 -32.98 -77.51
C ASP HB 234 19.20 -33.45 -76.20
N VAL HB 235 19.73 -34.51 -75.59
CA VAL HB 235 19.13 -35.09 -74.38
C VAL HB 235 18.98 -34.08 -73.25
N ASN HB 236 19.81 -33.04 -73.28
CA ASN HB 236 19.81 -32.02 -72.24
C ASN HB 236 18.62 -31.04 -72.36
N ILE HB 237 18.02 -30.97 -73.55
CA ILE HB 237 16.80 -30.20 -73.78
C ILE HB 237 15.66 -30.79 -72.96
N ALA HB 238 15.74 -32.08 -72.70
CA ALA HB 238 14.67 -32.78 -71.99
C ALA HB 238 14.63 -32.42 -70.51
N THR HB 239 15.77 -32.04 -69.95
CA THR HB 239 15.83 -31.77 -68.51
C THR HB 239 14.88 -30.64 -68.03
N PRO HB 240 14.76 -29.52 -68.77
CA PRO HB 240 13.80 -28.54 -68.23
C PRO HB 240 12.33 -28.87 -68.50
N LEU HB 241 12.07 -30.00 -69.14
CA LEU HB 241 10.72 -30.40 -69.53
C LEU HB 241 10.08 -31.43 -68.61
N VAL HB 242 10.89 -32.35 -68.08
CA VAL HB 242 10.35 -33.38 -67.20
C VAL HB 242 11.15 -33.35 -65.91
N PRO HB 243 10.47 -33.34 -64.75
CA PRO HB 243 11.09 -33.20 -63.42
C PRO HB 243 11.92 -34.41 -62.96
N ALA HB 244 11.51 -35.62 -63.32
CA ALA HB 244 12.26 -36.80 -62.92
C ALA HB 244 11.78 -38.03 -63.66
N ARG HB 245 12.52 -39.12 -63.53
CA ARG HB 245 12.06 -40.38 -64.06
C ARG HB 245 12.17 -41.41 -62.95
N LEU HB 246 11.20 -42.30 -62.88
CA LEU HB 246 11.22 -43.39 -61.92
C LEU HB 246 11.88 -44.59 -62.57
N VAL HB 247 12.80 -45.20 -61.85
CA VAL HB 247 13.50 -46.39 -62.33
C VAL HB 247 12.97 -47.63 -61.58
N ILE HB 248 12.70 -48.70 -62.32
CA ILE HB 248 12.14 -49.91 -61.76
C ILE HB 248 12.92 -51.19 -62.15
N ALA HB 249 13.24 -52.00 -61.13
CA ALA HB 249 13.91 -53.26 -61.37
C ALA HB 249 13.10 -54.43 -60.85
N LEU HB 250 13.02 -55.49 -61.66
CA LEU HB 250 12.39 -56.71 -61.20
C LEU HB 250 13.23 -57.95 -61.45
N LEU HB 251 13.45 -58.73 -60.40
CA LEU HB 251 14.28 -59.94 -60.48
C LEU HB 251 13.96 -60.87 -59.30
N ASP HB 252 14.80 -61.92 -59.14
CA ASP HB 252 14.74 -62.90 -58.06
C ASP HB 252 13.54 -63.86 -58.12
N GLY HB 253 12.93 -63.95 -59.30
CA GLY HB 253 11.81 -64.84 -59.56
C GLY HB 253 12.20 -66.27 -59.85
N SER HB 254 11.22 -67.17 -59.94
CA SER HB 254 11.50 -68.58 -60.20
C SER HB 254 11.28 -68.95 -61.66
N SER HB 255 10.70 -68.03 -62.43
CA SER HB 255 10.37 -68.31 -63.82
C SER HB 255 11.06 -67.42 -64.86
N SER HB 256 11.15 -67.94 -66.08
CA SER HB 256 11.63 -67.19 -67.23
C SER HB 256 10.45 -66.43 -67.84
N THR HB 257 9.24 -66.87 -67.51
CA THR HB 257 8.03 -66.21 -67.96
C THR HB 257 7.52 -65.27 -66.87
N ALA HB 258 7.07 -64.06 -67.25
CA ALA HB 258 6.65 -63.05 -66.29
C ALA HB 258 5.57 -63.60 -65.39
N VAL HB 259 5.77 -63.53 -64.08
CA VAL HB 259 4.75 -63.95 -63.13
C VAL HB 259 4.04 -62.74 -62.54
N ALA HB 260 2.72 -62.77 -62.47
CA ALA HB 260 1.99 -61.64 -61.88
C ALA HB 260 2.39 -61.42 -60.43
N ALA HB 261 2.96 -60.24 -60.16
CA ALA HB 261 3.52 -59.89 -58.86
C ALA HB 261 2.67 -58.82 -58.14
N GLY HB 262 2.59 -57.64 -58.74
CA GLY HB 262 1.83 -56.56 -58.16
C GLY HB 262 1.57 -55.36 -59.07
N ARG HB 263 1.31 -54.21 -58.45
CA ARG HB 263 0.98 -52.98 -59.14
C ARG HB 263 1.60 -51.80 -58.45
N ILE HB 264 1.94 -50.78 -59.23
CA ILE HB 264 2.43 -49.54 -58.70
C ILE HB 264 1.35 -48.47 -58.85
N TYR HB 265 0.96 -47.85 -57.75
CA TYR HB 265 -0.03 -46.78 -57.78
C TYR HB 265 0.72 -45.46 -57.59
N CYS HB 266 0.17 -44.39 -58.14
CA CYS HB 266 0.75 -43.07 -57.95
C CYS HB 266 -0.18 -42.14 -57.18
N THR HB 267 0.33 -41.59 -56.09
CA THR HB 267 -0.42 -40.65 -55.27
C THR HB 267 0.28 -39.30 -55.33
N TYR HB 268 -0.39 -38.33 -55.92
CA TYR HB 268 0.26 -37.04 -56.17
C TYR HB 268 -0.60 -35.88 -55.68
N THR HB 269 0.06 -34.76 -55.41
CA THR HB 269 -0.60 -33.47 -55.27
C THR HB 269 0.00 -32.54 -56.33
N ILE HB 270 -0.82 -32.13 -57.29
CA ILE HB 270 -0.34 -31.30 -58.38
C ILE HB 270 -1.01 -29.92 -58.38
N GLN HB 271 -0.21 -28.88 -58.62
CA GLN HB 271 -0.75 -27.55 -58.84
C GLN HB 271 -0.82 -27.30 -60.34
N MET HB 272 -2.02 -27.04 -60.83
CA MET HB 272 -2.16 -26.84 -62.26
C MET HB 272 -2.50 -25.39 -62.55
N ILE HB 273 -1.76 -24.77 -63.45
CA ILE HB 273 -1.98 -23.35 -63.72
C ILE HB 273 -2.03 -23.00 -65.20
N GLU HB 274 -2.64 -21.85 -65.47
CA GLU HB 274 -2.70 -21.21 -66.79
C GLU HB 274 -3.37 -22.10 -67.83
N PRO HB 275 -4.71 -22.16 -67.80
CA PRO HB 275 -5.53 -22.98 -68.67
C PRO HB 275 -5.22 -22.77 -70.14
N THR HB 276 -5.62 -23.72 -70.98
CA THR HB 276 -5.38 -23.61 -72.41
C THR HB 276 -6.52 -24.28 -73.14
N ALA HB 277 -6.87 -23.74 -74.31
CA ALA HB 277 -7.98 -24.27 -75.10
C ALA HB 277 -7.50 -24.85 -76.43
#